data_6QN1
#
_entry.id   6QN1
#
_cell.length_a   1.00
_cell.length_b   1.00
_cell.length_c   1.00
_cell.angle_alpha   90.00
_cell.angle_beta   90.00
_cell.angle_gamma   90.00
#
_symmetry.space_group_name_H-M   'P 1'
#
loop_
_entity.id
_entity.type
_entity.pdbx_description
1 polymer 'Carbon dioxide concentrating mechanism protein CcmL'
2 polymer 'BMC domain-containing protein'
#
loop_
_entity_poly.entity_id
_entity_poly.type
_entity_poly.pdbx_seq_one_letter_code
_entity_poly.pdbx_strand_id
1 'polypeptide(L)'
;MILAKVTGHVVATQKCDELRGSNLLLITRLDDKQQPMKDQTWVAVDNVGAGMHDIVLAEEYFALNKDRYKAMSVVAIVEK
VFRDTEQE
;
AA,AE,AI,AM,AQ,AU,AY,BC,BG,BK,BO,BS,BW,CA,CE,CI,CM,CQ,CU,CY,DC,DG,DK,DO,DS,DW,EA,EE,EI,EM,EQ,EU,EY,FC,FG,FK,FO,FS,FW,GA,GE,GI,GM,GQ,GU,GY,HC,HG,HK,HO,HS,HW,IA,IE,II,IM,IQ,IU,IY,JC
2 'polypeptide(L)'
;MKEALGLIETKGLVACIEAADAMCKAANVELIGYENVGSGLVTAMVKGDVGAVNAAVDSGVEAAKRIGKVVSSRVIARPH
NDIEKIAGSTKHKSLRPHNA
;
AB,AC,AD,AF,AG,AH,AJ,AK,AL,AN,AO,AP,AR,AS,AT,AV,AW,AX,AZ,BA,BB,BD,BE,BF,BH,BI,BJ,BL,BM,BN,BP,BQ,BR,BT,BU,BV,BX,BY,BZ,CB,CC,CD,CF,CG,CH,CJ,CK,CL,CN,CO,CP,CR,CS,CT,CV,CW,CX,CZ,DA,DB,DD,DE,DF,DH,DI,DJ,DL,DM,DN,DP,DQ,DR,DT,DU,DV,DX,DY,DZ,EB,EC,ED,EF,EG,EH,EJ,EK,EL,EN,EO,EP,ER,ES,ET,EV,EW,EX,EZ,FA,FB,FD,FE,FF,FH,FI,FJ,FL,FM,FN,FP,FQ,FR,FT,FU,FV,FX,FY,FZ,GB,GC,GD,GF,GG,GH,GJ,GK,GL,GN,GO,GP,GR,GS,GT,GV,GW,GX,GZ,HA,HB,HD,HE,HF,HH,HI,HJ,HL,HM,HN,HP,HQ,HR,HT,HU,HV,HX,HY,HZ,IB,IC,ID,IF,IG,IH,IJ,IK,IL,IN,IO,IP,IR,IS,IT,IV,IW,IX,IZ,JA,JB,JD,JE,JF
#
# COMPACT_ATOMS: atom_id res chain seq x y z
N MET A 1 -83.08 14.49 69.87
CA MET A 1 -83.35 13.37 70.76
C MET A 1 -84.59 13.63 71.58
N ILE A 2 -85.13 12.58 72.18
CA ILE A 2 -86.24 12.69 73.12
C ILE A 2 -85.99 11.76 74.29
N LEU A 3 -86.46 12.16 75.47
CA LEU A 3 -86.46 11.26 76.61
C LEU A 3 -87.58 10.25 76.48
N ALA A 4 -87.24 8.98 76.66
CA ALA A 4 -88.21 7.91 76.52
C ALA A 4 -87.85 6.79 77.46
N LYS A 5 -88.77 5.85 77.62
CA LYS A 5 -88.60 4.72 78.51
C LYS A 5 -88.87 3.44 77.74
N VAL A 6 -87.99 2.46 77.90
CA VAL A 6 -88.20 1.18 77.22
C VAL A 6 -89.33 0.43 77.92
N THR A 7 -90.32 0.01 77.14
CA THR A 7 -91.52 -0.61 77.68
C THR A 7 -91.81 -1.99 77.11
N GLY A 8 -90.94 -2.54 76.26
CA GLY A 8 -91.18 -3.85 75.69
C GLY A 8 -90.18 -4.15 74.60
N HIS A 9 -90.52 -5.12 73.77
CA HIS A 9 -89.69 -5.45 72.61
C HIS A 9 -90.58 -6.09 71.55
N VAL A 10 -90.02 -6.20 70.35
CA VAL A 10 -90.73 -6.71 69.20
C VAL A 10 -89.90 -7.84 68.58
N VAL A 11 -90.56 -8.96 68.30
CA VAL A 11 -89.91 -10.11 67.68
C VAL A 11 -90.41 -10.21 66.25
N ALA A 12 -89.53 -9.94 65.29
CA ALA A 12 -89.87 -9.96 63.87
C ALA A 12 -88.91 -10.90 63.17
N THR A 13 -89.45 -11.90 62.47
CA THR A 13 -88.66 -12.90 61.78
C THR A 13 -88.44 -12.56 60.32
N GLN A 14 -89.50 -12.21 59.61
CA GLN A 14 -89.44 -11.83 58.20
C GLN A 14 -89.19 -10.33 58.13
N LYS A 15 -87.94 -9.95 57.82
CA LYS A 15 -87.59 -8.55 57.79
C LYS A 15 -86.43 -8.34 56.83
N CYS A 16 -86.11 -7.08 56.60
CA CYS A 16 -85.06 -6.73 55.66
C CYS A 16 -83.70 -7.15 56.21
N ASP A 17 -82.66 -6.89 55.43
CA ASP A 17 -81.32 -7.26 55.79
C ASP A 17 -80.56 -6.17 56.53
N GLU A 18 -80.98 -4.91 56.38
CA GLU A 18 -80.38 -3.83 57.13
C GLU A 18 -80.69 -3.91 58.62
N LEU A 19 -81.56 -4.84 59.03
CA LEU A 19 -81.95 -4.98 60.41
C LEU A 19 -81.54 -6.30 61.04
N ARG A 20 -80.72 -7.10 60.36
CA ARG A 20 -80.33 -8.40 60.88
C ARG A 20 -79.39 -8.24 62.07
N GLY A 21 -79.68 -8.94 63.15
CA GLY A 21 -78.80 -8.93 64.31
C GLY A 21 -78.86 -7.65 65.11
N SER A 22 -80.06 -7.26 65.52
CA SER A 22 -80.24 -6.05 66.32
C SER A 22 -81.52 -6.19 67.12
N ASN A 23 -81.59 -5.45 68.21
CA ASN A 23 -82.75 -5.48 69.07
C ASN A 23 -83.79 -4.49 68.54
N LEU A 24 -85.05 -4.73 68.87
CA LEU A 24 -86.13 -3.83 68.48
C LEU A 24 -86.99 -3.56 69.71
N LEU A 25 -86.81 -2.40 70.31
CA LEU A 25 -87.45 -2.06 71.56
C LEU A 25 -88.65 -1.14 71.34
N LEU A 26 -89.66 -1.29 72.17
CA LEU A 26 -90.75 -0.33 72.21
C LEU A 26 -90.34 0.82 73.10
N ILE A 27 -90.52 2.04 72.62
CA ILE A 27 -89.94 3.23 73.20
C ILE A 27 -91.08 4.22 73.41
N THR A 28 -91.42 4.49 74.66
CA THR A 28 -92.55 5.36 74.97
C THR A 28 -92.05 6.72 75.45
N ARG A 29 -92.49 7.77 74.80
CA ARG A 29 -92.11 9.11 75.20
C ARG A 29 -92.77 9.47 76.53
N LEU A 30 -91.97 10.03 77.45
CA LEU A 30 -92.46 10.35 78.78
C LEU A 30 -92.49 11.85 78.99
N ASP A 31 -93.45 12.29 79.82
CA ASP A 31 -93.75 13.71 79.98
C ASP A 31 -92.86 14.38 81.03
N ASP A 32 -93.20 15.62 81.41
CA ASP A 32 -92.33 16.42 82.28
C ASP A 32 -92.39 15.99 83.74
N LYS A 33 -93.10 14.91 84.07
CA LYS A 33 -93.02 14.31 85.39
C LYS A 33 -92.33 12.97 85.35
N GLN A 34 -91.61 12.68 84.28
CA GLN A 34 -90.99 11.38 84.04
C GLN A 34 -92.03 10.26 84.13
N GLN A 35 -93.06 10.38 83.31
CA GLN A 35 -94.16 9.44 83.29
C GLN A 35 -94.57 9.21 81.85
N PRO A 36 -94.72 7.96 81.41
CA PRO A 36 -95.04 7.69 80.01
C PRO A 36 -96.37 8.31 79.60
N MET A 37 -96.44 8.69 78.32
CA MET A 37 -97.64 9.28 77.75
C MET A 37 -98.47 8.21 77.05
N LYS A 38 -99.57 8.64 76.43
CA LYS A 38 -100.49 7.75 75.75
C LYS A 38 -100.32 7.90 74.25
N ASP A 39 -100.29 6.77 73.54
CA ASP A 39 -100.19 6.75 72.08
C ASP A 39 -98.93 7.47 71.60
N GLN A 40 -97.80 7.14 72.20
CA GLN A 40 -96.54 7.79 71.87
C GLN A 40 -95.41 6.78 71.79
N THR A 41 -95.66 5.63 71.15
CA THR A 41 -94.71 4.54 71.13
C THR A 41 -94.10 4.37 69.75
N TRP A 42 -92.78 4.26 69.71
CA TRP A 42 -92.05 3.97 68.49
C TRP A 42 -91.23 2.71 68.70
N VAL A 43 -90.68 2.19 67.61
CA VAL A 43 -89.81 1.03 67.65
C VAL A 43 -88.40 1.48 67.33
N ALA A 44 -87.46 1.20 68.21
CA ALA A 44 -86.11 1.71 68.09
C ALA A 44 -85.13 0.55 68.08
N VAL A 45 -84.12 0.66 67.21
CA VAL A 45 -83.06 -0.34 67.14
C VAL A 45 -82.06 -0.02 68.24
N ASP A 46 -82.04 -0.85 69.27
CA ASP A 46 -81.10 -0.64 70.37
C ASP A 46 -79.68 -0.61 69.84
N ASN A 47 -78.84 0.23 70.46
CA ASN A 47 -77.47 0.40 70.00
C ASN A 47 -76.45 0.38 71.13
N VAL A 48 -76.85 0.59 72.38
CA VAL A 48 -75.92 0.64 73.50
C VAL A 48 -76.23 -0.39 74.58
N GLY A 49 -77.28 -1.18 74.41
CA GLY A 49 -77.57 -2.21 75.39
C GLY A 49 -78.53 -1.78 76.47
N ALA A 50 -79.71 -1.30 76.07
CA ALA A 50 -80.75 -0.93 77.00
C ALA A 50 -81.75 -2.06 77.16
N GLY A 51 -82.36 -2.14 78.34
CA GLY A 51 -83.33 -3.17 78.61
C GLY A 51 -84.62 -2.58 79.14
N MET A 52 -85.45 -3.40 79.78
CA MET A 52 -86.74 -2.91 80.22
C MET A 52 -86.60 -1.88 81.33
N HIS A 53 -87.56 -0.95 81.37
CA HIS A 53 -87.72 0.04 82.44
C HIS A 53 -86.63 1.10 82.45
N ASP A 54 -85.72 1.09 81.50
CA ASP A 54 -84.60 2.03 81.50
C ASP A 54 -84.98 3.28 80.74
N ILE A 55 -84.59 4.43 81.29
CA ILE A 55 -84.83 5.71 80.62
C ILE A 55 -83.70 5.96 79.63
N VAL A 56 -84.04 6.08 78.36
CA VAL A 56 -83.04 6.17 77.30
C VAL A 56 -83.23 7.45 76.52
N LEU A 57 -82.39 7.66 75.50
CA LEU A 57 -82.35 8.89 74.72
C LEU A 57 -82.45 8.48 73.26
N ALA A 58 -83.67 8.44 72.73
CA ALA A 58 -83.92 7.91 71.40
C ALA A 58 -83.74 8.99 70.36
N GLU A 59 -82.97 8.69 69.32
CA GLU A 59 -82.64 9.65 68.28
C GLU A 59 -83.43 9.34 67.02
N GLU A 60 -83.68 10.39 66.24
CA GLU A 60 -84.48 10.28 65.02
C GLU A 60 -83.63 9.75 63.87
N TYR A 61 -84.11 9.95 62.64
CA TYR A 61 -83.80 9.13 61.49
C TYR A 61 -82.38 8.62 61.40
N PHE A 62 -81.39 9.49 61.27
CA PHE A 62 -80.07 9.07 60.80
C PHE A 62 -79.16 8.77 62.00
N ALA A 63 -78.88 7.48 62.20
CA ALA A 63 -77.86 7.05 63.15
C ALA A 63 -77.05 5.87 62.63
N LEU A 64 -77.07 5.63 61.32
CA LEU A 64 -76.29 4.57 60.68
C LEU A 64 -76.63 3.19 61.26
N ASN A 65 -77.89 2.80 61.07
CA ASN A 65 -78.37 1.53 61.61
C ASN A 65 -79.31 0.82 60.65
N TYR A 69 -78.50 4.29 55.61
CA TYR A 69 -79.05 3.73 56.85
C TYR A 69 -79.67 4.82 57.70
N LYS A 70 -80.98 4.71 57.96
CA LYS A 70 -81.69 5.76 58.67
C LYS A 70 -82.67 5.23 59.71
N ALA A 71 -82.33 4.15 60.42
CA ALA A 71 -83.23 3.62 61.42
C ALA A 71 -83.16 4.44 62.70
N MET A 72 -84.30 4.54 63.38
CA MET A 72 -84.41 5.27 64.64
C MET A 72 -83.81 4.40 65.73
N SER A 73 -82.74 4.87 66.36
CA SER A 73 -82.01 4.07 67.32
C SER A 73 -81.89 4.79 68.66
N VAL A 74 -81.48 4.02 69.66
CA VAL A 74 -81.19 4.53 70.99
C VAL A 74 -79.70 4.82 71.06
N VAL A 75 -79.34 6.00 71.58
CA VAL A 75 -77.96 6.45 71.52
C VAL A 75 -77.38 6.76 72.89
N ALA A 76 -78.16 6.65 73.96
CA ALA A 76 -77.64 6.98 75.29
C ALA A 76 -78.57 6.44 76.35
N ILE A 77 -77.99 5.97 77.44
CA ILE A 77 -78.75 5.58 78.63
C ILE A 77 -78.55 6.67 79.67
N VAL A 78 -79.64 7.17 80.20
CA VAL A 78 -79.63 8.41 80.98
C VAL A 78 -79.51 8.08 82.47
N GLU A 79 -78.55 8.72 83.13
CA GLU A 79 -78.35 8.57 84.56
C GLU A 79 -79.20 9.54 85.36
N LYS A 80 -79.07 10.84 85.10
CA LYS A 80 -79.75 11.88 85.86
C LYS A 80 -80.41 12.86 84.90
N VAL A 81 -81.62 13.28 85.24
CA VAL A 81 -82.35 14.31 84.50
C VAL A 81 -82.62 15.43 85.50
N PHE A 82 -81.74 16.42 85.52
CA PHE A 82 -81.95 17.59 86.36
C PHE A 82 -82.84 18.58 85.64
N ARG A 83 -83.95 18.95 86.26
CA ARG A 83 -84.97 19.74 85.57
C ARG A 83 -85.64 20.67 86.58
N ASP A 84 -85.44 21.98 86.41
CA ASP A 84 -86.17 22.95 87.20
C ASP A 84 -86.08 24.33 86.56
N GLU B 3 -74.95 -55.04 72.36
CA GLU B 3 -75.17 -54.07 71.30
C GLU B 3 -73.88 -53.38 70.94
N ALA B 4 -73.83 -52.81 69.73
CA ALA B 4 -72.63 -52.17 69.26
C ALA B 4 -72.41 -50.85 69.98
N LEU B 5 -71.38 -50.12 69.57
CA LEU B 5 -71.00 -48.89 70.25
C LEU B 5 -70.43 -47.92 69.23
N GLY B 6 -70.89 -46.69 69.25
CA GLY B 6 -70.44 -45.69 68.30
C GLY B 6 -69.91 -44.46 69.01
N LEU B 7 -68.86 -43.88 68.44
CA LEU B 7 -68.12 -42.81 69.10
C LEU B 7 -67.76 -41.72 68.09
N ILE B 8 -67.99 -40.46 68.47
CA ILE B 8 -67.52 -39.32 67.70
C ILE B 8 -66.82 -38.39 68.67
N GLU B 9 -65.72 -37.79 68.21
CA GLU B 9 -64.94 -36.85 69.01
C GLU B 9 -64.77 -35.55 68.23
N THR B 10 -65.06 -34.44 68.88
CA THR B 10 -65.01 -33.13 68.23
C THR B 10 -64.29 -32.15 69.13
N LYS B 11 -63.87 -31.04 68.53
CA LYS B 11 -63.33 -29.90 69.26
C LYS B 11 -64.45 -28.92 69.55
N GLY B 12 -64.74 -28.70 70.82
CA GLY B 12 -65.80 -27.79 71.17
C GLY B 12 -67.09 -28.53 71.49
N LEU B 13 -67.93 -27.89 72.31
CA LEU B 13 -69.17 -28.54 72.73
C LEU B 13 -70.27 -28.38 71.70
N VAL B 14 -70.28 -27.27 70.98
CA VAL B 14 -71.36 -27.03 70.03
C VAL B 14 -71.34 -28.07 68.93
N ALA B 15 -70.18 -28.33 68.35
CA ALA B 15 -70.09 -29.30 67.27
C ALA B 15 -70.51 -30.69 67.73
N CYS B 16 -70.38 -30.97 69.02
CA CYS B 16 -70.74 -32.29 69.51
C CYS B 16 -72.24 -32.43 69.73
N ILE B 17 -72.90 -31.37 70.18
CA ILE B 17 -74.34 -31.45 70.37
C ILE B 17 -75.06 -31.56 69.04
N GLU B 18 -74.53 -30.89 68.02
CA GLU B 18 -75.06 -31.07 66.67
C GLU B 18 -74.88 -32.52 66.22
N ALA B 19 -73.71 -33.08 66.44
CA ALA B 19 -73.45 -34.46 66.05
C ALA B 19 -74.35 -35.43 66.79
N ALA B 20 -74.52 -35.23 68.09
CA ALA B 20 -75.32 -36.16 68.87
C ALA B 20 -76.80 -36.03 68.56
N ASP B 21 -77.22 -34.91 68.00
CA ASP B 21 -78.62 -34.77 67.59
C ASP B 21 -78.85 -35.45 66.24
N ALA B 22 -77.92 -35.28 65.31
CA ALA B 22 -78.04 -35.96 64.03
C ALA B 22 -78.01 -37.47 64.21
N MET B 23 -77.15 -37.96 65.09
CA MET B 23 -77.08 -39.41 65.34
C MET B 23 -78.43 -39.93 65.84
N CYS B 24 -79.04 -39.24 66.78
CA CYS B 24 -80.26 -39.75 67.39
C CYS B 24 -81.44 -39.71 66.42
N LYS B 25 -81.43 -38.80 65.46
CA LYS B 25 -82.53 -38.72 64.51
C LYS B 25 -82.37 -39.71 63.37
N ALA B 26 -81.14 -39.99 62.95
CA ALA B 26 -80.88 -40.72 61.73
C ALA B 26 -81.08 -42.22 61.84
N ALA B 27 -81.20 -42.77 63.04
CA ALA B 27 -81.37 -44.21 63.18
C ALA B 27 -81.83 -44.52 64.60
N ASN B 28 -82.16 -45.78 64.84
CA ASN B 28 -82.69 -46.21 66.13
C ASN B 28 -81.52 -46.55 67.06
N VAL B 29 -80.90 -45.50 67.59
CA VAL B 29 -79.81 -45.63 68.55
C VAL B 29 -80.13 -44.78 69.77
N GLU B 30 -79.54 -45.16 70.90
CA GLU B 30 -79.78 -44.49 72.17
C GLU B 30 -78.50 -43.80 72.63
N LEU B 31 -78.64 -42.61 73.18
CA LEU B 31 -77.49 -41.81 73.59
C LEU B 31 -77.04 -42.20 74.98
N ILE B 32 -75.77 -42.56 75.12
CA ILE B 32 -75.25 -42.97 76.41
C ILE B 32 -74.87 -41.76 77.25
N GLY B 33 -74.03 -40.88 76.72
CA GLY B 33 -73.68 -39.67 77.42
C GLY B 33 -72.51 -38.99 76.76
N TYR B 34 -72.15 -37.84 77.34
CA TYR B 34 -70.99 -37.08 76.92
C TYR B 34 -69.84 -37.31 77.89
N GLU B 35 -68.63 -37.02 77.41
CA GLU B 35 -67.45 -37.15 78.26
C GLU B 35 -66.34 -36.31 77.64
N ASN B 36 -66.01 -35.18 78.26
CA ASN B 36 -64.93 -34.34 77.77
C ASN B 36 -63.68 -34.58 78.61
N VAL B 37 -62.56 -34.75 77.93
CA VAL B 37 -61.29 -35.08 78.57
C VAL B 37 -60.33 -33.94 78.26
N GLY B 38 -60.32 -32.94 79.13
CA GLY B 38 -59.32 -31.90 78.98
C GLY B 38 -59.55 -31.04 77.75
N SER B 39 -58.48 -30.85 76.98
CA SER B 39 -58.38 -29.69 76.11
C SER B 39 -59.38 -29.73 74.96
N GLY B 40 -60.51 -29.05 75.15
CA GLY B 40 -61.55 -28.89 74.16
C GLY B 40 -61.89 -30.13 73.37
N LEU B 41 -62.05 -31.27 74.02
CA LEU B 41 -62.37 -32.50 73.31
C LEU B 41 -63.57 -33.13 74.00
N VAL B 42 -64.71 -33.15 73.31
CA VAL B 42 -65.92 -33.76 73.82
C VAL B 42 -66.25 -34.97 72.96
N THR B 43 -66.79 -36.01 73.58
CA THR B 43 -67.09 -37.27 72.92
C THR B 43 -68.49 -37.70 73.27
N ALA B 44 -69.28 -38.07 72.26
CA ALA B 44 -70.61 -38.61 72.43
C ALA B 44 -70.60 -40.09 72.11
N MET B 45 -71.37 -40.87 72.86
CA MET B 45 -71.40 -42.32 72.71
C MET B 45 -72.85 -42.77 72.52
N VAL B 46 -73.08 -43.58 71.49
CA VAL B 46 -74.39 -44.14 71.20
C VAL B 46 -74.27 -45.65 71.14
N LYS B 47 -75.38 -46.33 71.34
CA LYS B 47 -75.40 -47.79 71.29
C LYS B 47 -76.67 -48.29 70.63
N GLY B 48 -76.55 -49.41 69.95
CA GLY B 48 -77.66 -49.99 69.22
C GLY B 48 -77.17 -51.14 68.37
N ASP B 49 -78.02 -51.60 67.46
CA ASP B 49 -77.62 -52.67 66.57
C ASP B 49 -76.50 -52.22 65.64
N VAL B 50 -75.82 -53.18 65.03
CA VAL B 50 -74.62 -52.87 64.26
C VAL B 50 -74.97 -52.10 62.99
N GLY B 51 -76.07 -52.47 62.34
CA GLY B 51 -76.47 -51.74 61.15
C GLY B 51 -77.00 -50.36 61.46
N ALA B 52 -77.71 -50.21 62.57
CA ALA B 52 -78.20 -48.91 62.96
C ALA B 52 -77.05 -48.02 63.40
N VAL B 53 -76.18 -48.50 64.29
CA VAL B 53 -75.09 -47.68 64.81
C VAL B 53 -74.17 -47.24 63.68
N ASN B 54 -73.93 -48.12 62.71
CA ASN B 54 -73.09 -47.75 61.58
C ASN B 54 -73.75 -46.63 60.77
N ALA B 55 -75.08 -46.62 60.72
CA ALA B 55 -75.78 -45.60 59.96
C ALA B 55 -75.89 -44.30 60.74
N ALA B 56 -75.81 -44.36 62.06
CA ALA B 56 -75.88 -43.14 62.85
C ALA B 56 -74.56 -42.40 62.86
N VAL B 57 -73.45 -43.14 62.84
CA VAL B 57 -72.15 -42.49 62.99
C VAL B 57 -71.75 -41.72 61.74
N ASP B 58 -72.06 -42.26 60.56
CA ASP B 58 -71.67 -41.55 59.36
C ASP B 58 -72.56 -40.34 59.08
N SER B 59 -73.76 -40.33 59.64
CA SER B 59 -74.59 -39.13 59.55
C SER B 59 -74.15 -38.09 60.56
N GLY B 60 -73.84 -38.51 61.78
CA GLY B 60 -73.38 -37.58 62.80
C GLY B 60 -72.04 -36.96 62.48
N VAL B 61 -71.14 -37.72 61.86
CA VAL B 61 -69.87 -37.16 61.43
C VAL B 61 -70.10 -36.11 60.38
N GLU B 62 -71.10 -36.32 59.53
CA GLU B 62 -71.35 -35.44 58.41
C GLU B 62 -71.92 -34.10 58.87
N ALA B 63 -72.69 -34.10 59.95
CA ALA B 63 -73.27 -32.86 60.47
C ALA B 63 -72.24 -32.05 61.24
N ALA B 64 -71.50 -32.68 62.14
CA ALA B 64 -70.53 -31.95 62.93
C ALA B 64 -69.38 -31.45 62.08
N LYS B 65 -69.04 -32.17 61.03
CA LYS B 65 -68.01 -31.71 60.09
C LYS B 65 -68.41 -30.40 59.41
N ARG B 66 -69.70 -30.08 59.43
CA ARG B 66 -70.18 -28.89 58.74
C ARG B 66 -69.79 -27.62 59.47
N ILE B 67 -69.86 -27.63 60.80
CA ILE B 67 -69.67 -26.43 61.60
C ILE B 67 -68.47 -26.51 62.51
N GLY B 68 -67.84 -27.67 62.64
CA GLY B 68 -66.70 -27.78 63.53
C GLY B 68 -65.68 -28.79 63.03
N LYS B 69 -64.83 -29.25 63.93
CA LYS B 69 -63.81 -30.24 63.59
C LYS B 69 -64.20 -31.57 64.21
N VAL B 70 -64.33 -32.58 63.37
CA VAL B 70 -64.50 -33.95 63.84
C VAL B 70 -63.12 -34.59 63.90
N VAL B 71 -62.71 -34.97 65.10
CA VAL B 71 -61.36 -35.49 65.29
C VAL B 71 -61.29 -36.98 64.96
N SER B 72 -62.23 -37.77 65.46
CA SER B 72 -62.20 -39.21 65.23
C SER B 72 -63.60 -39.78 65.35
N SER B 73 -63.83 -40.89 64.67
CA SER B 73 -65.06 -41.66 64.77
C SER B 73 -64.73 -43.13 64.70
N ARG B 74 -65.58 -43.95 65.31
CA ARG B 74 -65.27 -45.37 65.41
C ARG B 74 -66.51 -46.13 65.84
N VAL B 75 -66.72 -47.30 65.24
CA VAL B 75 -67.79 -48.20 65.62
C VAL B 75 -67.16 -49.50 66.12
N ILE B 76 -67.61 -49.96 67.28
CA ILE B 76 -67.15 -51.23 67.85
C ILE B 76 -68.30 -52.21 67.76
N ALA B 77 -68.12 -53.26 66.97
CA ALA B 77 -69.24 -54.13 66.63
C ALA B 77 -69.66 -55.00 67.81
N ARG B 78 -68.71 -55.42 68.63
CA ARG B 78 -69.02 -56.16 69.86
C ARG B 78 -68.06 -55.69 70.93
N PRO B 79 -68.47 -54.75 71.78
CA PRO B 79 -67.59 -54.31 72.86
C PRO B 79 -67.43 -55.40 73.90
N HIS B 80 -66.22 -55.53 74.43
CA HIS B 80 -65.95 -56.53 75.44
C HIS B 80 -66.70 -56.20 76.72
N ASN B 81 -67.11 -57.26 77.42
CA ASN B 81 -67.97 -57.09 78.59
C ASN B 81 -67.31 -56.20 79.63
N ASP B 82 -65.99 -56.30 79.79
CA ASP B 82 -65.28 -55.49 80.76
C ASP B 82 -65.47 -54.00 80.48
N ILE B 83 -65.48 -53.62 79.21
CA ILE B 83 -65.61 -52.23 78.83
C ILE B 83 -67.06 -51.78 78.93
N GLU C 3 -89.01 -27.17 73.60
CA GLU C 3 -88.72 -25.85 73.08
C GLU C 3 -87.36 -25.83 72.42
N ALA C 4 -87.11 -24.82 71.59
CA ALA C 4 -85.89 -24.76 70.82
C ALA C 4 -84.68 -24.58 71.74
N LEU C 5 -83.51 -24.53 71.13
CA LEU C 5 -82.27 -24.50 71.90
C LEU C 5 -81.21 -23.78 71.07
N GLY C 6 -80.56 -22.80 71.67
CA GLY C 6 -79.53 -22.04 70.97
C GLY C 6 -78.23 -22.06 71.72
N LEU C 7 -77.13 -22.06 70.97
CA LEU C 7 -75.79 -22.16 71.53
C LEU C 7 -74.87 -21.15 70.88
N ILE C 8 -74.05 -20.49 71.70
CA ILE C 8 -72.95 -19.67 71.22
C ILE C 8 -71.69 -20.12 71.94
N GLU C 9 -70.61 -20.28 71.20
CA GLU C 9 -69.33 -20.69 71.76
C GLU C 9 -68.29 -19.62 71.52
N THR C 10 -67.66 -19.17 72.60
CA THR C 10 -66.73 -18.06 72.54
C THR C 10 -65.43 -18.43 73.23
N LYS C 11 -64.36 -17.76 72.83
CA LYS C 11 -63.05 -17.93 73.44
C LYS C 11 -62.91 -16.92 74.57
N GLY C 12 -62.94 -17.39 75.80
CA GLY C 12 -62.86 -16.52 76.95
C GLY C 12 -64.22 -16.27 77.55
N LEU C 13 -64.24 -15.99 78.86
CA LEU C 13 -65.50 -15.82 79.56
C LEU C 13 -66.12 -14.45 79.35
N VAL C 14 -65.30 -13.41 79.20
CA VAL C 14 -65.85 -12.07 79.04
C VAL C 14 -66.73 -11.99 77.80
N ALA C 15 -66.25 -12.50 76.67
CA ALA C 15 -67.04 -12.47 75.45
C ALA C 15 -68.33 -13.27 75.61
N CYS C 16 -68.34 -14.24 76.52
CA CYS C 16 -69.54 -15.05 76.71
C CYS C 16 -70.59 -14.33 77.56
N ILE C 17 -70.18 -13.44 78.46
CA ILE C 17 -71.17 -12.70 79.23
C ILE C 17 -71.75 -11.56 78.42
N GLU C 18 -70.97 -10.96 77.52
CA GLU C 18 -71.55 -10.00 76.60
C GLU C 18 -72.54 -10.69 75.66
N ALA C 19 -72.20 -11.88 75.18
CA ALA C 19 -73.12 -12.62 74.33
C ALA C 19 -74.41 -12.97 75.05
N ALA C 20 -74.30 -13.44 76.30
CA ALA C 20 -75.50 -13.84 77.02
C ALA C 20 -76.33 -12.65 77.44
N ASP C 21 -75.72 -11.47 77.57
CA ASP C 21 -76.50 -10.29 77.92
C ASP C 21 -77.31 -9.81 76.73
N ALA C 22 -76.72 -9.83 75.54
CA ALA C 22 -77.47 -9.47 74.34
C ALA C 22 -78.58 -10.47 74.06
N MET C 23 -78.31 -11.76 74.29
CA MET C 23 -79.32 -12.78 74.04
C MET C 23 -80.53 -12.59 74.93
N CYS C 24 -80.31 -12.29 76.20
CA CYS C 24 -81.41 -12.20 77.15
C CYS C 24 -82.22 -10.93 77.01
N LYS C 25 -81.66 -9.89 76.40
CA LYS C 25 -82.40 -8.66 76.15
C LYS C 25 -83.15 -8.68 74.84
N ALA C 26 -82.72 -9.52 73.90
CA ALA C 26 -83.27 -9.48 72.54
C ALA C 26 -84.63 -10.14 72.43
N ALA C 27 -84.94 -11.10 73.29
CA ALA C 27 -86.21 -11.79 73.21
C ALA C 27 -86.51 -12.44 74.56
N ASN C 28 -87.61 -13.18 74.60
CA ASN C 28 -88.10 -13.78 75.84
C ASN C 28 -87.62 -15.23 75.92
N VAL C 29 -86.35 -15.39 76.25
CA VAL C 29 -85.72 -16.69 76.40
C VAL C 29 -85.16 -16.80 77.81
N GLU C 30 -85.15 -18.01 78.35
CA GLU C 30 -84.57 -18.28 79.65
C GLU C 30 -83.18 -18.84 79.46
N LEU C 31 -82.23 -18.30 80.21
CA LEU C 31 -80.83 -18.70 80.07
C LEU C 31 -80.56 -19.89 80.98
N ILE C 32 -79.99 -20.95 80.40
CA ILE C 32 -79.79 -22.19 81.14
C ILE C 32 -78.50 -22.16 81.95
N GLY C 33 -77.39 -21.88 81.33
CA GLY C 33 -76.14 -21.76 82.06
C GLY C 33 -74.94 -21.97 81.16
N TYR C 34 -73.78 -21.68 81.72
CA TYR C 34 -72.52 -21.79 81.02
C TYR C 34 -71.93 -23.18 81.17
N GLU C 35 -70.95 -23.48 80.31
CA GLU C 35 -70.27 -24.78 80.37
C GLU C 35 -68.96 -24.63 79.62
N ASN C 36 -67.84 -24.69 80.33
CA ASN C 36 -66.53 -24.63 79.68
C ASN C 36 -65.94 -26.02 79.59
N VAL C 37 -65.29 -26.29 78.46
CA VAL C 37 -64.73 -27.59 78.16
C VAL C 37 -63.22 -27.56 78.10
N GLY C 38 -62.60 -26.47 78.51
CA GLY C 38 -61.17 -26.32 78.46
C GLY C 38 -60.69 -25.71 77.17
N SER C 39 -59.43 -25.30 77.16
CA SER C 39 -58.79 -24.59 76.07
C SER C 39 -59.37 -23.19 75.86
N GLY C 40 -60.05 -22.65 76.86
CA GLY C 40 -60.61 -21.32 76.78
C GLY C 40 -61.96 -21.22 76.13
N LEU C 41 -62.60 -22.34 75.81
CA LEU C 41 -63.89 -22.34 75.14
C LEU C 41 -65.00 -22.36 76.17
N VAL C 42 -65.86 -21.34 76.13
CA VAL C 42 -67.02 -21.24 77.00
C VAL C 42 -68.26 -21.17 76.13
N THR C 43 -69.34 -21.79 76.58
CA THR C 43 -70.57 -21.93 75.81
C THR C 43 -71.76 -21.49 76.64
N ALA C 44 -72.62 -20.67 76.05
CA ALA C 44 -73.87 -20.25 76.69
C ALA C 44 -75.04 -20.91 75.97
N MET C 45 -76.06 -21.30 76.74
CA MET C 45 -77.18 -22.06 76.21
C MET C 45 -78.48 -21.41 76.67
N VAL C 46 -79.35 -21.09 75.71
CA VAL C 46 -80.66 -20.53 75.99
C VAL C 46 -81.72 -21.48 75.46
N LYS C 47 -82.96 -21.26 75.88
CA LYS C 47 -84.05 -22.09 75.39
C LYS C 47 -85.34 -21.31 75.44
N GLY C 48 -86.16 -21.50 74.41
CA GLY C 48 -87.43 -20.81 74.29
C GLY C 48 -88.08 -21.19 72.98
N ASP C 49 -89.10 -20.42 72.60
CA ASP C 49 -89.73 -20.66 71.31
C ASP C 49 -88.74 -20.38 70.19
N VAL C 50 -89.00 -20.99 69.02
CA VAL C 50 -88.02 -20.98 67.95
C VAL C 50 -87.93 -19.63 67.25
N GLY C 51 -88.96 -18.79 67.34
CA GLY C 51 -88.84 -17.45 66.82
C GLY C 51 -88.03 -16.55 67.74
N ALA C 52 -88.13 -16.77 69.05
CA ALA C 52 -87.37 -15.99 69.99
C ALA C 52 -85.91 -16.44 70.03
N VAL C 53 -85.67 -17.75 70.03
CA VAL C 53 -84.31 -18.25 70.11
C VAL C 53 -83.53 -17.89 68.85
N ASN C 54 -84.20 -17.88 67.70
CA ASN C 54 -83.53 -17.47 66.47
C ASN C 54 -83.11 -16.02 66.55
N ALA C 55 -83.94 -15.17 67.14
CA ALA C 55 -83.63 -13.75 67.23
C ALA C 55 -82.53 -13.49 68.25
N ALA C 56 -82.53 -14.25 69.35
CA ALA C 56 -81.54 -14.05 70.40
C ALA C 56 -80.15 -14.45 69.92
N VAL C 57 -80.03 -15.59 69.27
CA VAL C 57 -78.72 -16.09 68.87
C VAL C 57 -78.10 -15.16 67.83
N ASP C 58 -78.90 -14.62 66.92
CA ASP C 58 -78.36 -13.69 65.94
C ASP C 58 -77.87 -12.42 66.60
N SER C 59 -78.58 -11.96 67.63
CA SER C 59 -78.15 -10.75 68.33
C SER C 59 -76.92 -11.02 69.18
N GLY C 60 -76.91 -12.13 69.92
CA GLY C 60 -75.76 -12.45 70.75
C GLY C 60 -74.49 -12.67 69.96
N VAL C 61 -74.61 -13.22 68.75
CA VAL C 61 -73.42 -13.45 67.95
C VAL C 61 -72.79 -12.14 67.53
N GLU C 62 -73.62 -11.17 67.16
CA GLU C 62 -73.07 -9.90 66.69
C GLU C 62 -72.45 -9.09 67.81
N ALA C 63 -73.00 -9.16 69.02
CA ALA C 63 -72.45 -8.40 70.13
C ALA C 63 -71.13 -8.99 70.61
N ALA C 64 -71.06 -10.32 70.76
CA ALA C 64 -69.82 -10.95 71.18
C ALA C 64 -68.75 -10.84 70.12
N LYS C 65 -69.14 -10.86 68.84
CA LYS C 65 -68.17 -10.69 67.76
C LYS C 65 -67.46 -9.36 67.86
N ARG C 66 -68.12 -8.37 68.46
CA ARG C 66 -67.57 -7.02 68.50
C ARG C 66 -66.38 -6.91 69.44
N ILE C 67 -66.36 -7.69 70.51
CA ILE C 67 -65.38 -7.54 71.58
C ILE C 67 -64.57 -8.81 71.81
N GLY C 68 -64.79 -9.85 71.05
CA GLY C 68 -64.05 -11.07 71.23
C GLY C 68 -64.14 -11.95 70.01
N LYS C 69 -63.84 -13.22 70.19
CA LYS C 69 -63.91 -14.19 69.11
C LYS C 69 -65.08 -15.12 69.35
N VAL C 70 -65.99 -15.18 68.39
CA VAL C 70 -67.07 -16.15 68.42
C VAL C 70 -66.62 -17.35 67.59
N VAL C 71 -66.62 -18.52 68.20
CA VAL C 71 -66.13 -19.73 67.55
C VAL C 71 -67.23 -20.39 66.74
N SER C 72 -68.43 -20.47 67.29
CA SER C 72 -69.51 -21.24 66.68
C SER C 72 -70.84 -20.81 67.27
N SER C 73 -71.90 -20.99 66.49
CA SER C 73 -73.25 -20.73 66.94
C SER C 73 -74.19 -21.71 66.24
N ARG C 74 -75.36 -21.92 66.85
CA ARG C 74 -76.23 -22.95 66.34
C ARG C 74 -77.59 -22.85 67.01
N VAL C 75 -78.65 -23.04 66.23
CA VAL C 75 -80.01 -23.16 66.75
C VAL C 75 -80.50 -24.56 66.43
N ILE C 76 -81.11 -25.22 67.40
CA ILE C 76 -81.69 -26.53 67.24
C ILE C 76 -83.19 -26.39 67.46
N ALA C 77 -83.96 -26.49 66.39
CA ALA C 77 -85.38 -26.15 66.46
C ALA C 77 -86.17 -27.20 67.22
N ARG C 78 -86.04 -28.47 66.86
CA ARG C 78 -86.68 -29.55 67.60
C ARG C 78 -85.61 -30.46 68.16
N PRO C 79 -85.18 -30.25 69.40
CA PRO C 79 -84.15 -31.11 69.98
C PRO C 79 -84.75 -32.44 70.42
N HIS C 80 -83.95 -33.49 70.27
CA HIS C 80 -84.39 -34.81 70.65
C HIS C 80 -84.52 -34.92 72.17
N ASN C 81 -85.41 -35.82 72.60
CA ASN C 81 -85.67 -35.94 74.04
C ASN C 81 -84.49 -36.57 74.77
N ASP C 82 -83.69 -37.38 74.09
CA ASP C 82 -82.46 -37.88 74.69
C ASP C 82 -81.48 -36.76 74.97
N ILE C 83 -81.54 -35.69 74.20
CA ILE C 83 -80.66 -34.55 74.39
C ILE C 83 -81.22 -33.63 75.48
N GLU D 3 -100.89 -20.12 58.12
CA GLU D 3 -99.51 -20.30 58.55
C GLU D 3 -98.56 -20.23 57.37
N ALA D 4 -97.27 -20.16 57.64
CA ALA D 4 -96.29 -19.93 56.60
C ALA D 4 -96.25 -21.11 55.63
N LEU D 5 -95.47 -20.94 54.57
CA LEU D 5 -95.41 -21.93 53.50
C LEU D 5 -93.99 -22.01 52.98
N GLY D 6 -93.44 -23.22 52.93
CA GLY D 6 -92.08 -23.40 52.46
C GLY D 6 -91.98 -24.35 51.29
N LEU D 7 -91.21 -23.97 50.28
CA LEU D 7 -91.11 -24.75 49.05
C LEU D 7 -89.66 -25.03 48.71
N ILE D 8 -89.40 -26.26 48.26
CA ILE D 8 -88.11 -26.63 47.69
C ILE D 8 -88.39 -27.32 46.36
N GLU D 9 -87.55 -27.02 45.37
CA GLU D 9 -87.71 -27.59 44.04
C GLU D 9 -86.40 -28.21 43.59
N THR D 10 -86.47 -29.46 43.17
CA THR D 10 -85.29 -30.24 42.83
C THR D 10 -85.48 -30.92 41.48
N LYS D 11 -84.39 -31.40 40.92
CA LYS D 11 -84.44 -32.25 39.74
C LYS D 11 -84.44 -33.70 40.19
N GLY D 12 -85.51 -34.42 39.89
CA GLY D 12 -85.53 -35.82 40.28
C GLY D 12 -86.21 -36.03 41.60
N LEU D 13 -86.73 -37.24 41.79
CA LEU D 13 -87.51 -37.54 42.97
C LEU D 13 -86.65 -37.90 44.17
N VAL D 14 -85.46 -38.44 43.94
CA VAL D 14 -84.64 -38.86 45.07
C VAL D 14 -84.16 -37.67 45.87
N ALA D 15 -83.70 -36.61 45.20
CA ALA D 15 -83.29 -35.42 45.92
C ALA D 15 -84.45 -34.75 46.65
N CYS D 16 -85.68 -35.02 46.23
CA CYS D 16 -86.82 -34.41 46.90
C CYS D 16 -87.28 -35.21 48.10
N ILE D 17 -87.09 -36.53 48.09
CA ILE D 17 -87.42 -37.29 49.28
C ILE D 17 -86.41 -37.05 50.38
N GLU D 18 -85.16 -36.76 50.02
CA GLU D 18 -84.18 -36.42 51.03
C GLU D 18 -84.44 -35.03 51.60
N ALA D 19 -84.85 -34.09 50.76
CA ALA D 19 -85.22 -32.77 51.25
C ALA D 19 -86.45 -32.85 52.15
N ALA D 20 -87.44 -33.65 51.77
CA ALA D 20 -88.66 -33.75 52.56
C ALA D 20 -88.41 -34.47 53.87
N ASP D 21 -87.46 -35.39 53.90
CA ASP D 21 -87.15 -36.09 55.14
C ASP D 21 -86.40 -35.19 56.10
N ALA D 22 -85.43 -34.42 55.59
CA ALA D 22 -84.68 -33.52 56.44
C ALA D 22 -85.56 -32.41 56.99
N MET D 23 -86.46 -31.87 56.16
CA MET D 23 -87.35 -30.81 56.61
C MET D 23 -88.23 -31.28 57.75
N CYS D 24 -88.81 -32.48 57.63
CA CYS D 24 -89.73 -32.94 58.65
C CYS D 24 -89.02 -33.32 59.94
N LYS D 25 -87.72 -33.59 59.91
CA LYS D 25 -86.99 -33.93 61.11
C LYS D 25 -86.56 -32.69 61.88
N ALA D 26 -86.23 -31.62 61.17
CA ALA D 26 -85.51 -30.50 61.74
C ALA D 26 -86.40 -29.38 62.24
N ALA D 27 -87.72 -29.58 62.29
CA ALA D 27 -88.63 -28.55 62.80
C ALA D 27 -90.01 -29.16 62.91
N ASN D 28 -90.89 -28.45 63.60
CA ASN D 28 -92.27 -28.89 63.78
C ASN D 28 -93.12 -28.35 62.62
N VAL D 29 -93.07 -29.05 61.50
CA VAL D 29 -93.79 -28.66 60.30
C VAL D 29 -94.64 -29.83 59.84
N GLU D 30 -95.59 -29.54 58.97
CA GLU D 30 -96.46 -30.53 58.37
C GLU D 30 -96.18 -30.61 56.88
N LEU D 31 -95.99 -31.81 56.38
CA LEU D 31 -95.75 -32.01 54.96
C LEU D 31 -97.08 -32.07 54.22
N ILE D 32 -97.24 -31.22 53.22
CA ILE D 32 -98.47 -31.20 52.44
C ILE D 32 -98.45 -32.21 51.30
N GLY D 33 -97.37 -32.23 50.54
CA GLY D 33 -97.23 -33.22 49.50
C GLY D 33 -96.26 -32.78 48.43
N TYR D 34 -96.09 -33.66 47.45
CA TYR D 34 -95.26 -33.40 46.29
C TYR D 34 -96.13 -32.99 45.12
N GLU D 35 -95.50 -32.30 44.15
CA GLU D 35 -96.23 -31.85 42.97
C GLU D 35 -95.20 -31.64 41.86
N ASN D 36 -95.13 -32.57 40.93
CA ASN D 36 -94.19 -32.48 39.82
C ASN D 36 -94.87 -31.92 38.58
N VAL D 37 -94.08 -31.28 37.73
CA VAL D 37 -94.60 -30.61 36.54
C VAL D 37 -93.85 -31.05 35.30
N GLY D 38 -93.32 -32.27 35.30
CA GLY D 38 -92.55 -32.75 34.18
C GLY D 38 -91.19 -32.08 34.09
N SER D 39 -90.38 -32.57 33.16
CA SER D 39 -88.98 -32.22 33.02
C SER D 39 -88.15 -32.62 34.23
N GLY D 40 -88.69 -33.47 35.10
CA GLY D 40 -87.96 -33.91 36.25
C GLY D 40 -88.00 -32.98 37.43
N LEU D 41 -88.72 -31.86 37.34
CA LEU D 41 -88.84 -30.93 38.45
C LEU D 41 -89.90 -31.45 39.41
N VAL D 42 -89.51 -31.67 40.66
CA VAL D 42 -90.43 -32.07 41.71
C VAL D 42 -90.32 -31.06 42.84
N THR D 43 -91.44 -30.78 43.50
CA THR D 43 -91.51 -29.73 44.51
C THR D 43 -92.15 -30.27 45.78
N ALA D 44 -91.56 -29.96 46.92
CA ALA D 44 -92.08 -30.32 48.23
C ALA D 44 -92.65 -29.08 48.90
N MET D 45 -93.76 -29.25 49.61
CA MET D 45 -94.42 -28.14 50.29
C MET D 45 -94.63 -28.50 51.75
N VAL D 46 -94.05 -27.70 52.64
CA VAL D 46 -94.27 -27.85 54.07
C VAL D 46 -95.07 -26.65 54.57
N LYS D 47 -95.64 -26.79 55.76
CA LYS D 47 -96.53 -25.78 56.29
C LYS D 47 -96.45 -25.75 57.80
N GLY D 48 -96.25 -24.56 58.37
CA GLY D 48 -96.18 -24.43 59.81
C GLY D 48 -95.95 -22.99 60.19
N ASP D 49 -95.59 -22.77 61.45
CA ASP D 49 -95.28 -21.42 61.90
C ASP D 49 -94.06 -20.88 61.17
N VAL D 50 -93.92 -19.55 61.16
CA VAL D 50 -92.92 -18.91 60.32
C VAL D 50 -91.52 -19.30 60.76
N GLY D 51 -91.27 -19.32 62.07
CA GLY D 51 -89.94 -19.65 62.55
C GLY D 51 -89.58 -21.08 62.27
N ALA D 52 -90.51 -22.00 62.49
CA ALA D 52 -90.28 -23.40 62.17
C ALA D 52 -90.04 -23.60 60.69
N VAL D 53 -90.96 -23.09 59.86
CA VAL D 53 -90.87 -23.27 58.43
C VAL D 53 -89.57 -22.67 57.89
N ASN D 54 -89.16 -21.54 58.43
CA ASN D 54 -87.88 -20.97 58.02
C ASN D 54 -86.76 -21.97 58.25
N ALA D 55 -86.65 -22.46 59.50
CA ALA D 55 -85.59 -23.41 59.85
C ALA D 55 -85.65 -24.67 59.00
N ALA D 56 -86.85 -25.19 58.75
CA ALA D 56 -86.99 -26.42 57.98
C ALA D 56 -86.40 -26.25 56.58
N VAL D 57 -86.73 -25.15 55.91
CA VAL D 57 -86.31 -24.99 54.52
C VAL D 57 -84.79 -24.87 54.43
N ASP D 58 -84.16 -24.25 55.43
CA ASP D 58 -82.69 -24.16 55.42
C ASP D 58 -82.06 -25.53 55.54
N SER D 59 -82.58 -26.36 56.44
CA SER D 59 -82.04 -27.70 56.60
C SER D 59 -82.35 -28.57 55.40
N GLY D 60 -83.57 -28.46 54.85
CA GLY D 60 -83.95 -29.30 53.74
C GLY D 60 -83.15 -29.02 52.48
N VAL D 61 -82.80 -27.76 52.26
CA VAL D 61 -81.99 -27.43 51.09
C VAL D 61 -80.57 -27.93 51.27
N GLU D 62 -80.09 -27.91 52.50
CA GLU D 62 -78.72 -28.33 52.78
C GLU D 62 -78.55 -29.83 52.58
N ALA D 63 -79.56 -30.62 52.94
CA ALA D 63 -79.49 -32.06 52.73
C ALA D 63 -79.67 -32.43 51.26
N ALA D 64 -80.60 -31.77 50.58
CA ALA D 64 -80.90 -32.14 49.20
C ALA D 64 -79.79 -31.72 48.25
N LYS D 65 -79.23 -30.54 48.47
CA LYS D 65 -78.12 -30.08 47.62
C LYS D 65 -76.93 -31.00 47.67
N ARG D 66 -76.89 -31.88 48.65
CA ARG D 66 -75.71 -32.70 48.90
C ARG D 66 -75.65 -33.91 47.99
N ILE D 67 -76.80 -34.40 47.53
CA ILE D 67 -76.86 -35.55 46.64
C ILE D 67 -77.43 -35.20 45.28
N GLY D 68 -78.13 -34.09 45.12
CA GLY D 68 -78.72 -33.75 43.85
C GLY D 68 -78.72 -32.27 43.60
N LYS D 69 -79.67 -31.78 42.82
CA LYS D 69 -79.72 -30.36 42.47
C LYS D 69 -80.95 -29.72 43.06
N VAL D 70 -80.74 -28.67 43.83
CA VAL D 70 -81.81 -27.85 44.35
C VAL D 70 -82.00 -26.66 43.42
N VAL D 71 -83.16 -26.59 42.78
CA VAL D 71 -83.38 -25.57 41.77
C VAL D 71 -83.75 -24.25 42.41
N SER D 72 -84.63 -24.27 43.40
CA SER D 72 -85.05 -23.05 44.07
C SER D 72 -85.70 -23.38 45.39
N SER D 73 -85.67 -22.42 46.31
CA SER D 73 -86.33 -22.53 47.60
C SER D 73 -86.95 -21.18 47.94
N ARG D 74 -87.96 -21.21 48.80
CA ARG D 74 -88.72 -20.00 49.07
C ARG D 74 -89.61 -20.21 50.28
N VAL D 75 -89.74 -19.18 51.11
CA VAL D 75 -90.66 -19.18 52.24
C VAL D 75 -91.62 -18.02 52.07
N ILE D 76 -92.91 -18.31 52.13
CA ILE D 76 -93.95 -17.29 52.13
C ILE D 76 -94.48 -17.18 53.55
N ALA D 77 -94.25 -16.04 54.19
CA ALA D 77 -94.59 -15.92 55.61
C ALA D 77 -96.08 -15.90 55.83
N ARG D 78 -96.85 -15.38 54.89
CA ARG D 78 -98.31 -15.31 55.04
C ARG D 78 -98.92 -15.35 53.65
N PRO D 79 -99.29 -16.53 53.16
CA PRO D 79 -99.84 -16.63 51.82
C PRO D 79 -101.25 -16.09 51.76
N HIS D 80 -101.63 -15.60 50.59
CA HIS D 80 -103.00 -15.19 50.36
C HIS D 80 -103.91 -16.40 50.41
N ASN D 81 -105.17 -16.18 50.77
CA ASN D 81 -106.11 -17.29 50.87
C ASN D 81 -106.35 -17.95 49.53
N ASP D 82 -106.22 -17.20 48.43
CA ASP D 82 -106.35 -17.80 47.11
C ASP D 82 -105.24 -18.81 46.85
N ILE D 83 -104.03 -18.53 47.35
CA ILE D 83 -102.92 -19.45 47.16
C ILE D 83 -103.18 -20.78 47.86
N GLU D 84 -104.00 -20.80 48.90
CA GLU D 84 -104.34 -22.06 49.54
C GLU D 84 -105.54 -22.71 48.89
N LYS D 85 -105.53 -22.72 47.57
CA LYS D 85 -106.39 -23.54 46.72
C LYS D 85 -105.62 -24.10 45.55
N ILE D 86 -104.41 -23.61 45.32
CA ILE D 86 -103.52 -24.16 44.30
C ILE D 86 -102.63 -25.25 44.87
N ALA D 87 -102.09 -25.01 46.07
CA ALA D 87 -101.28 -26.02 46.73
C ALA D 87 -102.16 -27.19 47.17
N GLY D 88 -103.11 -26.94 48.05
CA GLY D 88 -104.02 -27.97 48.51
C GLY D 88 -105.25 -28.11 47.63
N MET E 1 6.42 37.37 102.67
CA MET E 1 5.19 37.88 103.24
C MET E 1 5.44 38.49 104.60
N ILE E 2 4.48 39.26 105.09
CA ILE E 2 4.53 39.81 106.44
C ILE E 2 3.13 39.72 107.04
N LEU E 3 3.07 39.53 108.35
CA LEU E 3 1.81 39.62 109.06
C LEU E 3 1.42 41.07 109.22
N ALA E 4 0.18 41.39 108.88
CA ALA E 4 -0.29 42.76 108.96
C ALA E 4 -1.77 42.75 109.27
N LYS E 5 -2.29 43.92 109.59
CA LYS E 5 -3.69 44.09 109.95
C LYS E 5 -4.30 45.20 109.11
N VAL E 6 -5.47 44.95 108.55
CA VAL E 6 -6.13 45.97 107.76
C VAL E 6 -6.68 47.04 108.69
N THR E 7 -6.32 48.30 108.42
CA THR E 7 -6.68 49.40 109.29
C THR E 7 -7.44 50.52 108.59
N GLY E 8 -7.79 50.37 107.32
CA GLY E 8 -8.51 51.41 106.63
C GLY E 8 -8.59 51.10 105.14
N HIS E 9 -8.88 52.13 104.36
CA HIS E 9 -8.90 52.00 102.92
C HIS E 9 -8.63 53.36 102.30
N VAL E 10 -8.36 53.35 101.00
CA VAL E 10 -8.00 54.54 100.25
C VAL E 10 -8.92 54.65 99.04
N VAL E 11 -9.48 55.83 98.82
CA VAL E 11 -10.36 56.09 97.69
C VAL E 11 -9.60 56.99 96.73
N ALA E 12 -9.23 56.45 95.57
CA ALA E 12 -8.48 57.18 94.55
C ALA E 12 -9.25 57.11 93.25
N THR E 13 -9.56 58.27 92.68
CA THR E 13 -10.32 58.36 91.44
C THR E 13 -9.44 58.46 90.21
N GLN E 14 -8.46 59.36 90.25
CA GLN E 14 -7.53 59.55 89.14
C GLN E 14 -6.35 58.61 89.35
N LYS E 15 -6.33 57.51 88.60
CA LYS E 15 -5.28 56.53 88.76
C LYS E 15 -5.07 55.79 87.46
N CYS E 16 -4.02 54.96 87.43
CA CYS E 16 -3.67 54.23 86.23
C CYS E 16 -4.73 53.19 85.91
N ASP E 17 -4.50 52.46 84.82
CA ASP E 17 -5.45 51.46 84.36
C ASP E 17 -5.15 50.07 84.89
N GLU E 18 -3.91 49.81 85.30
CA GLU E 18 -3.57 48.54 85.92
C GLU E 18 -4.23 48.37 87.28
N LEU E 19 -4.88 49.41 87.80
CA LEU E 19 -5.51 49.37 89.11
C LEU E 19 -7.01 49.52 89.07
N ARG E 20 -7.63 49.48 87.89
CA ARG E 20 -9.07 49.67 87.79
C ARG E 20 -9.81 48.46 88.35
N GLY E 21 -10.79 48.71 89.20
CA GLY E 21 -11.60 47.65 89.74
C GLY E 21 -10.92 46.79 90.77
N SER E 22 -10.37 47.42 91.80
CA SER E 22 -9.69 46.70 92.88
C SER E 22 -9.75 47.54 94.13
N ASN E 23 -9.63 46.88 95.27
CA ASN E 23 -9.65 47.56 96.55
C ASN E 23 -8.24 48.04 96.87
N LEU E 24 -8.16 49.08 97.71
CA LEU E 24 -6.88 49.61 98.16
C LEU E 24 -6.93 49.77 99.68
N LEU E 25 -6.32 48.84 100.39
CA LEU E 25 -6.41 48.80 101.84
C LEU E 25 -5.15 49.35 102.48
N LEU E 26 -5.31 49.98 103.63
CA LEU E 26 -4.17 50.36 104.46
C LEU E 26 -3.78 49.16 105.30
N ILE E 27 -2.50 48.84 105.31
CA ILE E 27 -2.00 47.57 105.82
C ILE E 27 -0.89 47.91 106.81
N THR E 28 -1.13 47.65 108.09
CA THR E 28 -0.18 48.01 109.13
C THR E 28 0.53 46.78 109.64
N ARG E 29 1.85 46.80 109.60
CA ARG E 29 2.63 45.68 110.10
C ARG E 29 2.54 45.60 111.62
N LEU E 30 2.29 44.41 112.14
CA LEU E 30 2.10 44.21 113.57
C LEU E 30 3.24 43.40 114.16
N ASP E 31 3.55 43.69 115.43
CA ASP E 31 4.74 43.16 116.08
C ASP E 31 4.50 41.79 116.70
N ASP E 32 5.44 41.30 117.51
CA ASP E 32 5.40 39.92 118.02
C ASP E 32 4.39 39.72 119.15
N LYS E 33 3.60 40.74 119.48
CA LYS E 33 2.47 40.58 120.38
C LYS E 33 1.15 40.72 119.65
N GLN E 34 1.17 40.63 118.33
CA GLN E 34 0.01 40.87 117.48
C GLN E 34 -0.60 42.24 117.78
N GLN E 35 0.24 43.27 117.63
CA GLN E 35 -0.16 44.63 117.91
C GLN E 35 0.46 45.53 116.85
N PRO E 36 -0.30 46.43 116.23
CA PRO E 36 0.24 47.25 115.15
C PRO E 36 1.39 48.13 115.62
N MET E 37 2.32 48.39 114.71
CA MET E 37 3.48 49.23 114.98
C MET E 37 3.21 50.66 114.53
N LYS E 38 4.22 51.51 114.68
CA LYS E 38 4.12 52.92 114.32
C LYS E 38 4.88 53.18 113.03
N ASP E 39 4.28 53.94 112.13
CA ASP E 39 4.91 54.33 110.87
C ASP E 39 5.28 53.12 110.03
N GLN E 40 4.35 52.18 109.89
CA GLN E 40 4.60 50.94 109.17
C GLN E 40 3.42 50.59 108.28
N THR E 41 2.87 51.56 107.57
CA THR E 41 1.65 51.38 106.80
C THR E 41 1.96 51.40 105.31
N TRP E 42 1.44 50.42 104.60
CA TRP E 42 1.52 50.37 103.15
C TRP E 42 0.11 50.28 102.58
N VAL E 43 0.00 50.44 101.27
CA VAL E 43 -1.27 50.33 100.57
C VAL E 43 -1.22 49.07 99.72
N ALA E 44 -2.18 48.18 99.93
CA ALA E 44 -2.18 46.88 99.30
C ALA E 44 -3.44 46.69 98.49
N VAL E 45 -3.29 46.10 97.30
CA VAL E 45 -4.44 45.79 96.46
C VAL E 45 -5.04 44.47 96.97
N ASP E 46 -6.20 44.56 97.59
CA ASP E 46 -6.85 43.35 98.09
C ASP E 46 -7.07 42.37 96.97
N ASN E 47 -6.96 41.08 97.29
CA ASN E 47 -7.08 40.04 96.29
C ASN E 47 -7.96 38.87 96.71
N VAL E 48 -8.24 38.70 97.99
CA VAL E 48 -9.03 37.58 98.48
C VAL E 48 -10.27 38.01 99.26
N GLY E 49 -10.48 39.31 99.43
CA GLY E 49 -11.68 39.76 100.11
C GLY E 49 -11.50 39.98 101.60
N ALA E 50 -10.52 40.80 101.97
CA ALA E 50 -10.29 41.15 103.35
C ALA E 50 -10.95 42.48 103.67
N GLY E 51 -11.36 42.64 104.93
CA GLY E 51 -11.98 43.87 105.36
C GLY E 51 -11.31 44.43 106.59
N MET E 52 -11.99 45.31 107.31
CA MET E 52 -11.36 45.97 108.43
C MET E 52 -11.08 44.98 109.57
N HIS E 53 -10.01 45.26 110.31
CA HIS E 53 -9.64 44.55 111.53
C HIS E 53 -9.15 43.13 111.30
N ASP E 54 -9.02 42.70 110.05
CA ASP E 54 -8.65 41.32 109.75
C ASP E 54 -7.14 41.21 109.64
N ILE E 55 -6.58 40.15 110.21
CA ILE E 55 -5.15 39.90 110.11
C ILE E 55 -4.87 39.18 108.80
N VAL E 56 -4.05 39.78 107.95
CA VAL E 56 -3.84 39.26 106.60
C VAL E 56 -2.37 39.01 106.39
N LEU E 57 -2.01 38.55 105.19
CA LEU E 57 -0.66 38.13 104.84
C LEU E 57 -0.28 38.89 103.57
N ALA E 58 0.35 40.04 103.72
CA ALA E 58 0.61 40.93 102.61
C ALA E 58 1.92 40.55 101.93
N GLU E 59 1.89 40.40 100.62
CA GLU E 59 3.04 39.99 99.85
C GLU E 59 3.66 41.17 99.11
N GLU E 60 4.95 41.07 98.86
CA GLU E 60 5.70 42.15 98.21
C GLU E 60 5.52 42.10 96.70
N TYR E 61 6.42 42.77 95.98
CA TYR E 61 6.17 43.30 94.64
C TYR E 61 5.30 42.44 93.74
N PHE E 62 5.75 41.25 93.38
CA PHE E 62 5.16 40.56 92.22
C PHE E 62 4.06 39.62 92.69
N ALA E 63 2.81 39.98 92.38
CA ALA E 63 1.67 39.08 92.55
C ALA E 63 0.67 39.20 91.41
N LEU E 64 1.09 39.75 90.26
CA LEU E 64 0.25 39.86 89.07
C LEU E 64 -1.02 40.66 89.36
N ASN E 65 -0.83 41.93 89.71
CA ASN E 65 -1.96 42.80 90.05
C ASN E 65 -1.76 44.22 89.54
N TYR E 69 3.12 43.37 85.88
CA TYR E 69 2.28 43.70 87.03
C TYR E 69 2.99 43.37 88.34
N LYS E 70 3.23 44.40 89.16
CA LYS E 70 4.00 44.22 90.37
C LYS E 70 3.41 44.95 91.58
N ALA E 71 2.09 44.99 91.71
CA ALA E 71 1.50 45.68 92.85
C ALA E 71 1.56 44.81 94.10
N MET E 72 1.70 45.45 95.24
CA MET E 72 1.76 44.78 96.54
C MET E 72 0.33 44.40 96.92
N SER E 73 0.07 43.11 97.03
CA SER E 73 -1.28 42.63 97.26
C SER E 73 -1.36 41.75 98.50
N VAL E 74 -2.59 41.51 98.93
CA VAL E 74 -2.89 40.59 100.03
C VAL E 74 -3.19 39.23 99.43
N VAL E 75 -2.59 38.18 99.98
CA VAL E 75 -2.66 36.85 99.39
C VAL E 75 -3.25 35.81 100.31
N ALA E 76 -3.57 36.16 101.56
CA ALA E 76 -4.09 35.15 102.48
C ALA E 76 -4.71 35.85 103.68
N ILE E 77 -5.80 35.29 104.19
CA ILE E 77 -6.41 35.71 105.43
C ILE E 77 -6.07 34.67 106.48
N VAL E 78 -5.53 35.13 107.60
CA VAL E 78 -4.89 34.25 108.56
C VAL E 78 -5.88 33.85 109.65
N GLU E 79 -5.98 32.55 109.90
CA GLU E 79 -6.84 32.01 110.95
C GLU E 79 -6.13 31.96 112.29
N LYS E 80 -5.00 31.26 112.35
CA LYS E 80 -4.26 31.04 113.59
C LYS E 80 -2.80 31.37 113.38
N VAL E 81 -2.19 32.02 114.37
CA VAL E 81 -0.77 32.30 114.38
C VAL E 81 -0.21 31.64 115.65
N PHE E 82 0.29 30.43 115.49
CA PHE E 82 0.91 29.73 116.60
C PHE E 82 2.37 30.16 116.69
N ARG E 83 2.77 30.66 117.86
CA ARG E 83 4.09 31.29 118.00
C ARG E 83 4.60 31.04 119.41
N ASP E 84 5.67 30.27 119.53
CA ASP E 84 6.35 30.10 120.80
C ASP E 84 7.75 29.54 120.58
N GLU F 3 -54.42 64.83 82.04
CA GLU F 3 -53.10 64.89 81.45
C GLU F 3 -52.77 63.61 80.71
N ALA F 4 -51.75 63.64 79.86
CA ALA F 4 -51.41 62.50 79.05
C ALA F 4 -50.74 61.42 79.89
N LEU F 5 -50.27 60.36 79.24
CA LEU F 5 -49.71 59.21 79.92
C LEU F 5 -48.62 58.59 79.05
N GLY F 6 -47.46 58.38 79.64
CA GLY F 6 -46.34 57.80 78.90
C GLY F 6 -45.85 56.53 79.55
N LEU F 7 -45.42 55.58 78.72
CA LEU F 7 -45.11 54.23 79.16
C LEU F 7 -43.86 53.72 78.46
N ILE F 8 -42.91 53.22 79.22
CA ILE F 8 -41.76 52.50 78.69
C ILE F 8 -41.70 51.15 79.38
N GLU F 9 -41.31 50.12 78.62
CA GLU F 9 -41.17 48.77 79.16
C GLU F 9 -39.82 48.22 78.77
N THR F 10 -39.10 47.67 79.76
CA THR F 10 -37.75 47.19 79.54
C THR F 10 -37.60 45.82 80.19
N LYS F 11 -36.55 45.12 79.76
CA LYS F 11 -36.15 43.87 80.38
C LYS F 11 -35.08 44.16 81.42
N GLY F 12 -35.41 43.91 82.68
CA GLY F 12 -34.47 44.20 83.74
C GLY F 12 -34.81 45.48 84.46
N LEU F 13 -34.37 45.58 85.72
CA LEU F 13 -34.70 46.75 86.52
C LEU F 13 -33.74 47.90 86.27
N VAL F 14 -32.47 47.60 86.02
CA VAL F 14 -31.49 48.67 85.85
C VAL F 14 -31.85 49.53 84.65
N ALA F 15 -32.20 48.90 83.53
CA ALA F 15 -32.53 49.66 82.33
C ALA F 15 -33.75 50.53 82.54
N CYS F 16 -34.62 50.18 83.48
CA CYS F 16 -35.82 50.98 83.70
C CYS F 16 -35.54 52.18 84.59
N ILE F 17 -34.64 52.04 85.56
CA ILE F 17 -34.31 53.17 86.42
C ILE F 17 -33.54 54.22 85.64
N GLU F 18 -32.71 53.80 84.70
CA GLU F 18 -32.06 54.74 83.80
C GLU F 18 -33.08 55.47 82.95
N ALA F 19 -34.07 54.74 82.42
CA ALA F 19 -35.09 55.37 81.59
C ALA F 19 -35.95 56.32 82.38
N ALA F 20 -36.34 55.95 83.59
CA ALA F 20 -37.20 56.81 84.38
C ALA F 20 -36.48 58.03 84.91
N ASP F 21 -35.15 57.98 84.97
CA ASP F 21 -34.39 59.17 85.37
C ASP F 21 -34.24 60.12 84.19
N ALA F 22 -33.96 59.58 83.01
CA ALA F 22 -33.88 60.42 81.82
C ALA F 22 -35.20 61.12 81.54
N MET F 23 -36.31 60.39 81.67
CA MET F 23 -37.63 61.00 81.46
C MET F 23 -37.85 62.17 82.41
N CYS F 24 -37.56 61.98 83.69
CA CYS F 24 -37.86 63.03 84.66
C CYS F 24 -36.99 64.26 84.46
N LYS F 25 -35.80 64.11 83.91
CA LYS F 25 -34.91 65.25 83.70
C LYS F 25 -35.23 66.00 82.43
N ALA F 26 -35.73 65.30 81.40
CA ALA F 26 -35.84 65.86 80.06
C ALA F 26 -37.06 66.73 79.86
N ALA F 27 -38.04 66.71 80.75
CA ALA F 27 -39.24 67.52 80.56
C ALA F 27 -39.98 67.60 81.88
N ASN F 28 -41.04 68.42 81.90
CA ASN F 28 -41.82 68.63 83.11
C ASN F 28 -42.92 67.57 83.20
N VAL F 29 -42.49 66.36 83.60
CA VAL F 29 -43.40 65.25 83.83
C VAL F 29 -43.14 64.70 85.22
N GLU F 30 -44.15 64.07 85.79
CA GLU F 30 -44.03 63.49 87.12
C GLU F 30 -44.14 61.97 87.02
N LEU F 31 -43.41 61.27 87.88
CA LEU F 31 -43.31 59.82 87.83
C LEU F 31 -44.45 59.21 88.65
N ILE F 32 -45.24 58.33 88.02
CA ILE F 32 -46.34 57.69 88.71
C ILE F 32 -45.85 56.52 89.54
N GLY F 33 -45.14 55.59 88.92
CA GLY F 33 -44.58 54.47 89.65
C GLY F 33 -44.07 53.40 88.70
N TYR F 34 -43.56 52.34 89.31
CA TYR F 34 -43.11 51.16 88.58
C TYR F 34 -44.12 50.04 88.75
N GLU F 35 -44.05 49.05 87.86
CA GLU F 35 -44.92 47.89 87.96
C GLU F 35 -44.29 46.77 87.12
N ASN F 36 -43.79 45.74 87.78
CA ASN F 36 -43.26 44.59 87.06
C ASN F 36 -44.28 43.47 87.02
N VAL F 37 -44.43 42.87 85.86
CA VAL F 37 -45.40 41.80 85.63
C VAL F 37 -44.61 40.57 85.22
N GLY F 38 -44.20 39.78 86.20
CA GLY F 38 -43.57 38.52 85.87
C GLY F 38 -42.23 38.70 85.18
N SER F 39 -42.05 37.96 84.10
CA SER F 39 -40.72 37.62 83.62
C SER F 39 -39.94 38.83 83.16
N GLY F 40 -39.04 39.30 84.01
CA GLY F 40 -38.12 40.39 83.74
C GLY F 40 -38.66 41.61 83.03
N LEU F 41 -39.93 41.96 83.24
CA LEU F 41 -40.52 43.10 82.55
C LEU F 41 -40.93 44.14 83.58
N VAL F 42 -40.28 45.29 83.55
CA VAL F 42 -40.60 46.41 84.42
C VAL F 42 -41.07 47.56 83.55
N THR F 43 -42.04 48.33 84.06
CA THR F 43 -42.65 49.42 83.31
C THR F 43 -42.74 50.65 84.19
N ALA F 44 -42.30 51.78 83.65
CA ALA F 44 -42.41 53.07 84.32
C ALA F 44 -43.48 53.91 83.64
N MET F 45 -44.22 54.67 84.43
CA MET F 45 -45.33 55.48 83.94
C MET F 45 -45.14 56.92 84.37
N VAL F 46 -45.23 57.85 83.41
CA VAL F 46 -45.13 59.27 83.68
C VAL F 46 -46.38 59.95 83.16
N LYS F 47 -46.68 61.11 83.72
CA LYS F 47 -47.85 61.87 83.26
C LYS F 47 -47.51 63.35 83.23
N GLY F 48 -48.21 64.07 82.35
CA GLY F 48 -47.97 65.47 82.14
C GLY F 48 -48.69 65.92 80.88
N ASP F 49 -48.34 67.12 80.42
CA ASP F 49 -48.96 67.61 79.20
C ASP F 49 -48.49 66.79 78.00
N VAL F 50 -49.22 66.93 76.89
CA VAL F 50 -49.00 66.06 75.73
C VAL F 50 -47.68 66.38 75.05
N GLY F 51 -47.32 67.66 74.95
CA GLY F 51 -46.05 68.00 74.35
C GLY F 51 -44.87 67.65 75.24
N ALA F 52 -45.05 67.76 76.55
CA ALA F 52 -44.00 67.37 77.48
C ALA F 52 -43.83 65.86 77.51
N VAL F 53 -44.94 65.14 77.69
CA VAL F 53 -44.86 63.69 77.81
C VAL F 53 -44.28 63.08 76.55
N ASN F 54 -44.63 63.63 75.39
CA ASN F 54 -44.05 63.14 74.15
C ASN F 54 -42.55 63.35 74.12
N ALA F 55 -42.08 64.43 74.73
CA ALA F 55 -40.65 64.74 74.74
C ALA F 55 -39.91 63.93 75.79
N ALA F 56 -40.62 63.48 76.82
CA ALA F 56 -39.96 62.66 77.84
C ALA F 56 -39.77 61.23 77.35
N VAL F 57 -40.73 60.71 76.58
CA VAL F 57 -40.69 59.29 76.23
C VAL F 57 -39.59 59.01 75.21
N ASP F 58 -39.40 59.89 74.24
CA ASP F 58 -38.36 59.63 73.26
C ASP F 58 -36.97 59.83 73.85
N SER F 59 -36.86 60.61 74.92
CA SER F 59 -35.58 60.74 75.61
C SER F 59 -35.33 59.52 76.48
N GLY F 60 -36.35 59.07 77.21
CA GLY F 60 -36.18 57.90 78.06
C GLY F 60 -35.95 56.62 77.29
N VAL F 61 -36.56 56.48 76.11
CA VAL F 61 -36.31 55.31 75.29
C VAL F 61 -34.87 55.30 74.81
N GLU F 62 -34.33 56.49 74.54
CA GLU F 62 -33.00 56.60 73.98
C GLU F 62 -31.93 56.24 75.00
N ALA F 63 -32.18 56.52 76.27
CA ALA F 63 -31.23 56.20 77.32
C ALA F 63 -31.25 54.72 77.66
N ALA F 64 -32.44 54.15 77.88
CA ALA F 64 -32.51 52.74 78.24
C ALA F 64 -32.07 51.84 77.11
N LYS F 65 -32.29 52.26 75.87
CA LYS F 65 -31.80 51.50 74.71
C LYS F 65 -30.30 51.39 74.70
N ARG F 66 -29.61 52.26 75.45
CA ARG F 66 -28.16 52.28 75.45
C ARG F 66 -27.58 51.10 76.21
N ILE F 67 -28.17 50.75 77.35
CA ILE F 67 -27.61 49.74 78.24
C ILE F 67 -28.49 48.50 78.35
N GLY F 68 -29.72 48.54 77.83
CA GLY F 68 -30.59 47.40 77.96
C GLY F 68 -31.51 47.24 76.77
N LYS F 69 -32.59 46.49 76.95
CA LYS F 69 -33.58 46.28 75.90
C LYS F 69 -34.83 47.06 76.24
N VAL F 70 -35.24 47.96 75.36
CA VAL F 70 -36.53 48.61 75.45
C VAL F 70 -37.51 47.79 74.65
N VAL F 71 -38.54 47.29 75.30
CA VAL F 71 -39.50 46.39 74.66
C VAL F 71 -40.59 47.17 73.93
N SER F 72 -41.17 48.17 74.59
CA SER F 72 -42.25 48.93 74.00
C SER F 72 -42.34 50.30 74.64
N SER F 73 -42.87 51.26 73.90
CA SER F 73 -43.13 52.59 74.42
C SER F 73 -44.41 53.09 73.77
N ARG F 74 -45.10 54.00 74.48
CA ARG F 74 -46.42 54.41 74.02
C ARG F 74 -46.84 55.65 74.80
N VAL F 75 -47.46 56.60 74.09
CA VAL F 75 -48.03 57.79 74.69
C VAL F 75 -49.53 57.77 74.45
N ILE F 76 -50.31 58.03 75.49
CA ILE F 76 -51.77 58.08 75.40
C ILE F 76 -52.17 59.52 75.64
N ALA F 77 -52.73 60.16 74.60
CA ALA F 77 -52.93 61.61 74.65
C ALA F 77 -54.05 61.99 75.61
N ARG F 78 -55.11 61.19 75.68
CA ARG F 78 -56.18 61.41 76.65
C ARG F 78 -56.60 60.06 77.20
N PRO F 79 -56.09 59.66 78.36
CA PRO F 79 -56.49 58.38 78.94
C PRO F 79 -57.92 58.46 79.42
N HIS F 80 -58.66 57.38 79.21
CA HIS F 80 -60.05 57.34 79.62
C HIS F 80 -60.14 57.36 81.13
N ASN F 81 -61.21 57.99 81.63
CA ASN F 81 -61.35 58.21 83.07
C ASN F 81 -61.31 56.90 83.83
N ASP F 82 -61.89 55.84 83.26
CA ASP F 82 -61.90 54.54 83.93
C ASP F 82 -60.49 54.05 84.20
N ILE F 83 -59.58 54.27 83.27
CA ILE F 83 -58.20 53.80 83.40
C ILE F 83 -57.42 54.71 84.32
N GLU G 3 -27.47 61.84 97.34
CA GLU G 3 -26.25 61.06 97.17
C GLU G 3 -26.36 60.15 95.96
N ALA G 4 -25.21 59.74 95.42
CA ALA G 4 -25.19 58.96 94.19
C ALA G 4 -25.86 57.61 94.41
N LEU G 5 -25.94 56.82 93.35
CA LEU G 5 -26.66 55.57 93.40
C LEU G 5 -26.07 54.61 92.38
N GLY G 6 -25.76 53.40 92.80
CA GLY G 6 -25.15 52.42 91.93
C GLY G 6 -25.94 51.14 91.91
N LEU G 7 -25.97 50.50 90.75
CA LEU G 7 -26.74 49.29 90.55
C LEU G 7 -25.90 48.24 89.84
N ILE G 8 -26.03 47.00 90.29
CA ILE G 8 -25.48 45.85 89.59
C ILE G 8 -26.61 44.84 89.42
N GLU G 9 -26.72 44.27 88.23
CA GLU G 9 -27.74 43.28 87.94
C GLU G 9 -27.08 41.98 87.53
N THR G 10 -27.43 40.90 88.23
CA THR G 10 -26.79 39.61 88.03
C THR G 10 -27.85 38.54 87.84
N LYS G 11 -27.46 37.46 87.18
CA LYS G 11 -28.33 36.30 87.00
C LYS G 11 -28.08 35.32 88.13
N GLY G 12 -29.03 35.20 89.03
CA GLY G 12 -28.86 34.34 90.17
C GLY G 12 -28.51 35.12 91.42
N LEU G 13 -28.88 34.57 92.57
CA LEU G 13 -28.68 35.30 93.83
C LEU G 13 -27.25 35.20 94.33
N VAL G 14 -26.57 34.08 94.09
CA VAL G 14 -25.23 33.90 94.64
C VAL G 14 -24.28 34.94 94.07
N ALA G 15 -24.31 35.14 92.74
CA ALA G 15 -23.46 36.15 92.12
C ALA G 15 -23.77 37.54 92.64
N CYS G 16 -24.97 37.75 93.18
CA CYS G 16 -25.33 39.07 93.68
C CYS G 16 -24.82 39.30 95.10
N ILE G 17 -24.68 38.25 95.90
CA ILE G 17 -24.12 38.43 97.23
C ILE G 17 -22.61 38.59 97.15
N GLU G 18 -21.95 37.93 96.20
CA GLU G 18 -20.54 38.19 95.98
C GLU G 18 -20.33 39.63 95.51
N ALA G 19 -21.18 40.10 94.60
CA ALA G 19 -21.08 41.49 94.14
C ALA G 19 -21.28 42.47 95.27
N ALA G 20 -22.26 42.23 96.14
CA ALA G 20 -22.53 43.17 97.22
C ALA G 20 -21.50 43.10 98.32
N ASP G 21 -20.80 41.97 98.46
CA ASP G 21 -19.74 41.91 99.45
C ASP G 21 -18.53 42.71 99.00
N ALA G 22 -18.20 42.62 97.70
CA ALA G 22 -17.09 43.42 97.18
C ALA G 22 -17.41 44.90 97.19
N MET G 23 -18.68 45.26 96.95
CA MET G 23 -19.05 46.67 96.96
C MET G 23 -18.91 47.26 98.35
N CYS G 24 -19.33 46.53 99.38
CA CYS G 24 -19.35 47.08 100.72
C CYS G 24 -17.97 47.14 101.36
N LYS G 25 -17.01 46.37 100.86
CA LYS G 25 -15.65 46.43 101.35
C LYS G 25 -14.80 47.45 100.62
N ALA G 26 -15.21 47.84 99.42
CA ALA G 26 -14.38 48.68 98.56
C ALA G 26 -14.41 50.14 98.94
N ALA G 27 -15.49 50.61 99.55
CA ALA G 27 -15.61 52.01 99.90
C ALA G 27 -16.65 52.14 101.00
N ASN G 28 -16.93 53.39 101.37
CA ASN G 28 -17.84 53.68 102.47
C ASN G 28 -19.23 53.99 101.91
N VAL G 29 -19.91 52.92 101.50
CA VAL G 29 -21.26 53.02 100.97
C VAL G 29 -22.18 52.19 101.83
N GLU G 30 -23.44 52.62 101.93
CA GLU G 30 -24.46 51.87 102.63
C GLU G 30 -25.29 51.10 101.62
N LEU G 31 -25.54 49.83 101.92
CA LEU G 31 -26.27 48.96 101.02
C LEU G 31 -27.76 49.07 101.29
N ILE G 32 -28.55 49.27 100.24
CA ILE G 32 -29.98 49.50 100.40
C ILE G 32 -30.74 48.19 100.45
N GLY G 33 -30.58 47.33 99.46
CA GLY G 33 -31.22 46.04 99.50
C GLY G 33 -31.39 45.47 98.10
N TYR G 34 -31.77 44.20 98.08
CA TYR G 34 -31.95 43.46 96.84
C TYR G 34 -33.37 43.62 96.32
N GLU G 35 -33.54 43.34 95.02
CA GLU G 35 -34.84 43.39 94.38
C GLU G 35 -34.78 42.48 93.16
N ASN G 36 -35.51 41.37 93.17
CA ASN G 36 -35.58 40.51 92.01
C ASN G 36 -36.88 40.75 91.24
N VAL G 37 -36.78 40.70 89.92
CA VAL G 37 -37.89 40.98 89.04
C VAL G 37 -38.31 39.76 88.25
N GLY G 38 -37.78 38.60 88.58
CA GLY G 38 -38.12 37.38 87.88
C GLY G 38 -37.17 37.10 86.73
N SER G 39 -37.26 35.86 86.24
CA SER G 39 -36.37 35.33 85.22
C SER G 39 -34.94 35.18 85.71
N GLY G 40 -34.74 35.18 87.03
CA GLY G 40 -33.43 34.99 87.60
C GLY G 40 -32.60 36.24 87.77
N LEU G 41 -33.18 37.41 87.52
CA LEU G 41 -32.44 38.66 87.60
C LEU G 41 -32.58 39.25 88.99
N VAL G 42 -31.45 39.43 89.67
CA VAL G 42 -31.40 40.04 90.99
C VAL G 42 -30.53 41.28 90.91
N THR G 43 -30.92 42.33 91.63
CA THR G 43 -30.26 43.62 91.54
C THR G 43 -29.91 44.11 92.94
N ALA G 44 -28.68 44.58 93.11
CA ALA G 44 -28.22 45.18 94.36
C ALA G 44 -28.05 46.66 94.17
N MET G 45 -28.37 47.45 95.20
CA MET G 45 -28.40 48.89 95.11
C MET G 45 -27.66 49.48 96.30
N VAL G 46 -26.65 50.31 96.04
CA VAL G 46 -25.90 51.00 97.07
C VAL G 46 -26.07 52.50 96.88
N LYS G 47 -25.71 53.25 97.91
CA LYS G 47 -25.80 54.70 97.81
C LYS G 47 -24.73 55.34 98.70
N GLY G 48 -24.18 56.44 98.22
CA GLY G 48 -23.14 57.15 98.92
C GLY G 48 -22.62 58.28 98.06
N ASP G 49 -21.47 58.80 98.44
CA ASP G 49 -20.84 59.84 97.64
C ASP G 49 -20.39 59.27 96.30
N VAL G 50 -20.29 60.15 95.31
CA VAL G 50 -20.10 59.68 93.93
C VAL G 50 -18.70 59.16 93.68
N GLY G 51 -17.72 59.54 94.50
CA GLY G 51 -16.41 58.96 94.37
C GLY G 51 -16.35 57.58 94.97
N ALA G 52 -17.10 57.38 96.05
CA ALA G 52 -17.15 56.07 96.68
C ALA G 52 -18.00 55.11 95.87
N VAL G 53 -19.15 55.57 95.38
CA VAL G 53 -20.05 54.70 94.64
C VAL G 53 -19.42 54.27 93.33
N ASN G 54 -18.65 55.15 92.71
CA ASN G 54 -17.97 54.78 91.48
C ASN G 54 -16.94 53.69 91.72
N ALA G 55 -16.24 53.76 92.85
CA ALA G 55 -15.23 52.75 93.17
C ALA G 55 -15.89 51.43 93.54
N ALA G 56 -17.03 51.47 94.23
CA ALA G 56 -17.68 50.24 94.66
C ALA G 56 -18.23 49.46 93.49
N VAL G 57 -18.89 50.13 92.54
CA VAL G 57 -19.52 49.42 91.44
C VAL G 57 -18.48 48.81 90.52
N ASP G 58 -17.31 49.45 90.39
CA ASP G 58 -16.27 48.87 89.55
C ASP G 58 -15.70 47.60 90.17
N SER G 59 -15.58 47.58 91.50
CA SER G 59 -15.07 46.40 92.17
C SER G 59 -16.11 45.29 92.21
N GLY G 60 -17.36 45.65 92.50
CA GLY G 60 -18.41 44.66 92.54
C GLY G 60 -18.63 43.98 91.20
N VAL G 61 -18.46 44.71 90.10
CA VAL G 61 -18.64 44.11 88.79
C VAL G 61 -17.57 43.09 88.52
N GLU G 62 -16.32 43.38 88.86
CA GLU G 62 -15.23 42.46 88.57
C GLU G 62 -15.32 41.20 89.42
N ALA G 63 -15.78 41.32 90.66
CA ALA G 63 -15.87 40.15 91.53
C ALA G 63 -17.01 39.23 91.12
N ALA G 64 -18.19 39.79 90.84
CA ALA G 64 -19.31 38.97 90.40
C ALA G 64 -19.07 38.39 89.02
N LYS G 65 -18.36 39.12 88.16
CA LYS G 65 -18.02 38.60 86.84
C LYS G 65 -17.21 37.32 86.94
N ARG G 66 -16.45 37.17 88.02
CA ARG G 66 -15.55 36.04 88.17
C ARG G 66 -16.31 34.74 88.38
N ILE G 67 -17.45 34.77 89.06
CA ILE G 67 -18.16 33.58 89.49
C ILE G 67 -19.57 33.48 88.94
N GLY G 68 -20.00 34.43 88.13
CA GLY G 68 -21.32 34.39 87.57
C GLY G 68 -21.42 35.29 86.36
N LYS G 69 -22.65 35.59 85.97
CA LYS G 69 -22.89 36.48 84.85
C LYS G 69 -23.40 37.82 85.40
N VAL G 70 -22.71 38.89 85.02
CA VAL G 70 -23.16 40.24 85.32
C VAL G 70 -23.90 40.75 84.10
N VAL G 71 -25.17 41.12 84.28
CA VAL G 71 -26.00 41.53 83.16
C VAL G 71 -25.81 43.02 82.85
N SER G 72 -25.78 43.85 83.88
CA SER G 72 -25.73 45.29 83.68
C SER G 72 -25.25 45.96 84.95
N SER G 73 -24.65 47.14 84.78
CA SER G 73 -24.21 47.97 85.89
C SER G 73 -24.39 49.42 85.52
N ARG G 74 -24.48 50.29 86.53
CA ARG G 74 -24.81 51.68 86.25
C ARG G 74 -24.59 52.50 87.51
N VAL G 75 -24.04 53.70 87.33
CA VAL G 75 -23.95 54.69 88.39
C VAL G 75 -24.77 55.90 87.99
N ILE G 76 -25.56 56.41 88.92
CA ILE G 76 -26.38 57.59 88.70
C ILE G 76 -25.88 58.65 89.68
N ALA G 77 -25.23 59.68 89.16
CA ALA G 77 -24.50 60.62 90.01
C ALA G 77 -25.44 61.56 90.74
N ARG G 78 -26.38 62.18 90.03
CA ARG G 78 -27.40 63.03 90.64
C ARG G 78 -28.76 62.45 90.32
N PRO G 79 -29.30 61.58 91.17
CA PRO G 79 -30.61 60.99 90.90
C PRO G 79 -31.70 61.99 91.19
N HIS G 80 -32.76 61.94 90.39
CA HIS G 80 -33.87 62.85 90.54
C HIS G 80 -34.64 62.53 91.82
N ASN G 81 -35.29 63.56 92.38
CA ASN G 81 -35.97 63.38 93.65
C ASN G 81 -37.22 62.52 93.51
N ASP G 82 -37.81 62.47 92.32
CA ASP G 82 -38.91 61.55 92.07
C ASP G 82 -38.44 60.10 92.15
N ILE G 83 -37.18 59.86 91.82
CA ILE G 83 -36.63 58.51 91.87
C ILE G 83 -36.21 58.17 93.28
N GLU H 3 -10.61 72.77 92.43
CA GLU H 3 -11.43 71.63 92.03
C GLU H 3 -11.13 71.21 90.60
N ALA H 4 -11.67 70.07 90.20
CA ALA H 4 -11.30 69.50 88.92
C ALA H 4 -11.81 70.37 87.78
N LEU H 5 -11.48 69.96 86.55
CA LEU H 5 -11.79 70.74 85.37
C LEU H 5 -12.07 69.82 84.21
N GLY H 6 -13.23 69.97 83.59
CA GLY H 6 -13.63 69.12 82.48
C GLY H 6 -13.85 69.93 81.22
N LEU H 7 -13.37 69.40 80.10
CA LEU H 7 -13.40 70.11 78.82
C LEU H 7 -13.96 69.21 77.74
N ILE H 8 -14.84 69.76 76.91
CA ILE H 8 -15.33 69.09 75.72
C ILE H 8 -15.20 70.05 74.56
N GLU H 9 -14.73 69.55 73.42
CA GLU H 9 -14.52 70.39 72.25
C GLU H 9 -15.24 69.78 71.06
N THR H 10 -16.04 70.60 70.38
CA THR H 10 -16.91 70.14 69.31
C THR H 10 -16.78 71.06 68.11
N LYS H 11 -17.24 70.57 66.97
CA LYS H 11 -17.39 71.39 65.78
C LYS H 11 -18.80 71.98 65.76
N GLY H 12 -18.88 73.30 65.84
CA GLY H 12 -20.20 73.90 65.80
C GLY H 12 -20.77 74.14 67.18
N LEU H 13 -21.70 75.10 67.26
CA LEU H 13 -22.23 75.51 68.55
C LEU H 13 -23.35 74.61 69.02
N VAL H 14 -24.11 74.02 68.11
CA VAL H 14 -25.27 73.24 68.54
C VAL H 14 -24.81 71.98 69.28
N ALA H 15 -23.79 71.30 68.78
CA ALA H 15 -23.29 70.13 69.48
C ALA H 15 -22.73 70.49 70.85
N CYS H 16 -22.35 71.74 71.05
CA CYS H 16 -21.76 72.14 72.32
C CYS H 16 -22.82 72.57 73.32
N ILE H 17 -23.96 73.06 72.86
CA ILE H 17 -25.05 73.36 73.80
C ILE H 17 -25.71 72.08 74.27
N GLU H 18 -25.68 71.04 73.43
CA GLU H 18 -26.21 69.76 73.88
C GLU H 18 -25.25 69.09 74.87
N ALA H 19 -23.94 69.20 74.63
CA ALA H 19 -22.98 68.67 75.57
C ALA H 19 -23.05 69.42 76.90
N ALA H 20 -23.18 70.74 76.85
CA ALA H 20 -23.22 71.52 78.08
C ALA H 20 -24.50 71.27 78.86
N ASP H 21 -25.60 70.99 78.15
CA ASP H 21 -26.86 70.70 78.83
C ASP H 21 -26.80 69.34 79.53
N ALA H 22 -26.28 68.33 78.83
CA ALA H 22 -26.17 67.01 79.43
C ALA H 22 -25.24 67.01 80.63
N MET H 23 -24.12 67.73 80.53
CA MET H 23 -23.17 67.78 81.62
C MET H 23 -23.81 68.35 82.88
N CYS H 24 -24.51 69.47 82.75
CA CYS H 24 -25.08 70.12 83.92
C CYS H 24 -26.21 69.32 84.54
N LYS H 25 -26.84 68.42 83.78
CA LYS H 25 -27.94 67.61 84.31
C LYS H 25 -27.42 66.40 85.06
N ALA H 26 -26.32 65.82 84.62
CA ALA H 26 -25.91 64.49 85.03
C ALA H 26 -24.94 64.49 86.19
N ALA H 27 -24.68 65.63 86.83
CA ALA H 27 -23.77 65.68 87.96
C ALA H 27 -23.83 67.08 88.55
N ASN H 28 -23.30 67.20 89.77
CA ASN H 28 -23.28 68.49 90.46
C ASN H 28 -22.01 69.24 90.07
N VAL H 29 -22.08 69.93 88.94
CA VAL H 29 -20.97 70.70 88.40
C VAL H 29 -21.43 72.11 88.11
N GLU H 30 -20.48 72.99 87.93
CA GLU H 30 -20.73 74.39 87.60
C GLU H 30 -20.20 74.68 86.21
N LEU H 31 -21.01 75.31 85.37
CA LEU H 31 -20.58 75.65 84.03
C LEU H 31 -19.86 76.99 84.04
N ILE H 32 -18.64 77.00 83.54
CA ILE H 32 -17.83 78.22 83.51
C ILE H 32 -18.15 79.06 82.29
N GLY H 33 -18.19 78.46 81.11
CA GLY H 33 -18.56 79.18 79.92
C GLY H 33 -18.03 78.51 78.68
N TYR H 34 -18.30 79.14 77.55
CA TYR H 34 -17.84 78.71 76.25
C TYR H 34 -16.65 79.55 75.81
N GLU H 35 -15.87 79.01 74.89
CA GLU H 35 -14.69 79.71 74.39
C GLU H 35 -14.34 79.13 73.02
N ASN H 36 -14.68 79.84 71.96
CA ASN H 36 -14.39 79.39 70.61
C ASN H 36 -13.13 80.04 70.07
N VAL H 37 -12.49 79.34 69.13
CA VAL H 37 -11.20 79.78 68.60
C VAL H 37 -11.23 79.79 67.08
N GLY H 38 -12.41 79.96 66.49
CA GLY H 38 -12.53 79.95 65.05
C GLY H 38 -12.39 78.55 64.49
N SER H 39 -12.59 78.44 63.18
CA SER H 39 -12.71 77.17 62.47
C SER H 39 -13.91 76.35 62.95
N GLY H 40 -14.81 76.96 63.71
CA GLY H 40 -15.96 76.26 64.21
C GLY H 40 -15.73 75.43 65.44
N LEU H 41 -14.55 75.47 66.03
CA LEU H 41 -14.28 74.73 67.25
C LEU H 41 -14.79 75.53 68.44
N VAL H 42 -15.70 74.93 69.21
CA VAL H 42 -16.22 75.53 70.42
C VAL H 42 -15.93 74.58 71.58
N THR H 43 -15.67 75.14 72.75
CA THR H 43 -15.24 74.37 73.91
C THR H 43 -16.07 74.76 75.12
N ALA H 44 -16.53 73.77 75.87
CA ALA H 44 -17.27 73.97 77.11
C ALA H 44 -16.39 73.56 78.29
N MET H 45 -16.50 74.31 79.39
CA MET H 45 -15.68 74.07 80.56
C MET H 45 -16.57 73.97 81.79
N VAL H 46 -16.54 72.82 82.46
CA VAL H 46 -17.26 72.63 83.71
C VAL H 46 -16.24 72.51 84.83
N LYS H 47 -16.73 72.69 86.06
CA LYS H 47 -15.85 72.73 87.22
C LYS H 47 -16.56 72.15 88.43
N GLY H 48 -15.90 71.26 89.14
CA GLY H 48 -16.48 70.66 90.33
C GLY H 48 -15.54 69.63 90.91
N ASP H 49 -16.07 68.84 91.84
CA ASP H 49 -15.28 67.77 92.43
C ASP H 49 -14.90 66.74 91.37
N VAL H 50 -13.87 65.96 91.66
CA VAL H 50 -13.29 65.09 90.64
C VAL H 50 -14.27 64.02 90.22
N GLY H 51 -14.98 63.42 91.17
CA GLY H 51 -15.91 62.36 90.82
C GLY H 51 -17.08 62.88 90.02
N ALA H 52 -17.62 64.04 90.41
CA ALA H 52 -18.70 64.65 89.65
C ALA H 52 -18.23 65.03 88.25
N VAL H 53 -17.12 65.76 88.16
CA VAL H 53 -16.64 66.23 86.88
C VAL H 53 -16.31 65.06 85.97
N ASN H 54 -15.75 63.99 86.51
CA ASN H 54 -15.52 62.80 85.71
C ASN H 54 -16.82 62.33 85.08
N ALA H 55 -17.84 62.10 85.91
CA ALA H 55 -19.13 61.60 85.44
C ALA H 55 -19.75 62.53 84.40
N ALA H 56 -19.69 63.84 84.65
CA ALA H 56 -20.30 64.79 83.74
C ALA H 56 -19.70 64.68 82.34
N VAL H 57 -18.37 64.64 82.25
CA VAL H 57 -17.71 64.65 80.94
C VAL H 57 -18.08 63.39 80.17
N ASP H 58 -18.31 62.27 80.85
CA ASP H 58 -18.68 61.05 80.15
C ASP H 58 -20.06 61.17 79.53
N SER H 59 -21.02 61.72 80.28
CA SER H 59 -22.36 61.90 79.74
C SER H 59 -22.40 62.98 78.68
N GLY H 60 -21.65 64.07 78.90
CA GLY H 60 -21.66 65.16 77.94
C GLY H 60 -21.11 64.77 76.59
N VAL H 61 -20.11 63.91 76.57
CA VAL H 61 -19.56 63.46 75.29
C VAL H 61 -20.52 62.50 74.62
N GLU H 62 -21.26 61.73 75.41
CA GLU H 62 -22.18 60.76 74.84
C GLU H 62 -23.37 61.43 74.19
N ALA H 63 -23.83 62.55 74.77
CA ALA H 63 -24.94 63.28 74.16
C ALA H 63 -24.49 64.07 72.95
N ALA H 64 -23.33 64.72 73.03
CA ALA H 64 -22.87 65.56 71.92
C ALA H 64 -22.47 64.74 70.72
N LYS H 65 -21.78 63.62 70.93
CA LYS H 65 -21.37 62.76 69.82
C LYS H 65 -22.55 62.27 69.01
N ARG H 66 -23.75 62.37 69.56
CA ARG H 66 -24.91 61.75 68.96
C ARG H 66 -25.51 62.59 67.85
N ILE H 67 -25.34 63.91 67.91
CA ILE H 67 -25.84 64.81 66.88
C ILE H 67 -24.73 65.51 66.12
N GLY H 68 -23.52 65.61 66.67
CA GLY H 68 -22.45 66.34 66.02
C GLY H 68 -21.13 65.64 66.23
N LYS H 69 -20.03 66.40 66.18
CA LYS H 69 -18.70 65.82 66.26
C LYS H 69 -18.00 66.30 67.52
N VAL H 70 -17.59 65.36 68.35
CA VAL H 70 -16.80 65.65 69.53
C VAL H 70 -15.33 65.51 69.18
N VAL H 71 -14.60 66.61 69.23
CA VAL H 71 -13.22 66.60 68.79
C VAL H 71 -12.31 66.02 69.87
N SER H 72 -12.48 66.47 71.11
CA SER H 72 -11.66 65.94 72.20
C SER H 72 -12.34 66.24 73.52
N SER H 73 -12.01 65.44 74.53
CA SER H 73 -12.47 65.64 75.89
C SER H 73 -11.31 65.35 76.84
N ARG H 74 -11.42 65.90 78.05
CA ARG H 74 -10.30 65.81 78.98
C ARG H 74 -10.76 66.24 80.36
N VAL H 75 -10.24 65.58 81.39
CA VAL H 75 -10.47 65.96 82.78
C VAL H 75 -9.12 66.20 83.44
N ILE H 76 -8.96 67.37 84.04
CA ILE H 76 -7.78 67.70 84.82
C ILE H 76 -8.20 67.64 86.29
N ALA H 77 -7.62 66.69 87.03
CA ALA H 77 -8.07 66.46 88.39
C ALA H 77 -7.67 67.58 89.32
N ARG H 78 -6.49 68.17 89.10
CA ARG H 78 -5.99 69.24 89.95
C ARG H 78 -5.22 70.21 89.07
N PRO H 79 -5.87 71.24 88.55
CA PRO H 79 -5.17 72.18 87.68
C PRO H 79 -4.23 73.08 88.47
N HIS H 80 -3.15 73.48 87.81
CA HIS H 80 -2.25 74.46 88.39
C HIS H 80 -2.98 75.79 88.55
N ASN H 81 -2.53 76.59 89.52
CA ASN H 81 -3.17 77.87 89.75
C ASN H 81 -3.01 78.80 88.56
N ASP H 82 -1.92 78.68 87.80
CA ASP H 82 -1.75 79.49 86.61
C ASP H 82 -2.82 79.18 85.57
N ILE H 83 -3.22 77.91 85.48
CA ILE H 83 -4.26 77.53 84.52
C ILE H 83 -5.58 78.19 84.85
N GLU H 84 -5.83 78.53 86.11
CA GLU H 84 -7.05 79.25 86.44
C GLU H 84 -6.89 80.75 86.31
N LYS H 85 -6.28 81.16 85.20
CA LYS H 85 -6.28 82.53 84.71
C LYS H 85 -6.44 82.56 83.20
N ILE H 86 -6.29 81.42 82.53
CA ILE H 86 -6.55 81.27 81.12
C ILE H 86 -8.01 80.92 80.87
N ALA H 87 -8.56 80.02 81.67
CA ALA H 87 -9.97 79.68 81.54
C ALA H 87 -10.85 80.83 82.02
N GLY H 88 -10.74 81.18 83.29
CA GLY H 88 -11.51 82.29 83.84
C GLY H 88 -10.80 83.63 83.67
N MET I 1 -18.97 -56.85 91.70
CA MET I 1 -18.44 -56.25 92.91
C MET I 1 -18.67 -57.17 94.10
N ILE I 2 -17.96 -56.91 95.20
CA ILE I 2 -18.17 -57.61 96.46
C ILE I 2 -18.10 -56.61 97.59
N LEU I 3 -18.87 -56.86 98.65
CA LEU I 3 -18.73 -56.09 99.86
C LEU I 3 -17.50 -56.52 100.62
N ALA I 4 -16.69 -55.56 101.02
CA ALA I 4 -15.45 -55.86 101.72
C ALA I 4 -15.14 -54.73 102.68
N LYS I 5 -14.17 -54.97 103.54
CA LYS I 5 -13.77 -54.02 104.56
C LYS I 5 -12.28 -53.82 104.49
N VAL I 6 -11.84 -52.55 104.51
CA VAL I 6 -10.41 -52.27 104.48
C VAL I 6 -9.80 -52.62 105.83
N THR I 7 -8.76 -53.45 105.80
CA THR I 7 -8.15 -53.96 107.03
C THR I 7 -6.66 -53.67 107.15
N GLY I 8 -6.08 -52.93 106.22
CA GLY I 8 -4.66 -52.63 106.30
C GLY I 8 -4.19 -51.96 105.03
N HIS I 9 -2.88 -52.00 104.83
CA HIS I 9 -2.29 -51.47 103.60
C HIS I 9 -0.97 -52.18 103.36
N VAL I 10 -0.43 -52.00 102.16
CA VAL I 10 0.80 -52.65 101.72
C VAL I 10 1.74 -51.59 101.20
N VAL I 11 2.99 -51.63 101.64
CA VAL I 11 4.02 -50.70 101.20
C VAL I 11 4.98 -51.47 100.31
N ALA I 12 4.97 -51.15 99.02
CA ALA I 12 5.82 -51.81 98.04
C ALA I 12 6.63 -50.76 97.30
N THR I 13 7.96 -50.90 97.33
CA THR I 13 8.85 -49.94 96.71
C THR I 13 9.26 -50.35 95.30
N GLN I 14 9.67 -51.60 95.11
CA GLN I 14 10.06 -52.12 93.82
C GLN I 14 8.82 -52.68 93.15
N LYS I 15 8.28 -51.95 92.18
CA LYS I 15 7.04 -52.38 91.53
C LYS I 15 7.00 -51.80 90.13
N CYS I 16 6.00 -52.24 89.37
CA CYS I 16 5.86 -51.82 87.98
C CYS I 16 5.50 -50.34 87.92
N ASP I 17 5.35 -49.84 86.69
CA ASP I 17 5.04 -48.45 86.46
C ASP I 17 3.55 -48.18 86.35
N GLU I 18 2.76 -49.20 86.01
CA GLU I 18 1.32 -49.04 85.99
C GLU I 18 0.73 -48.82 87.38
N LEU I 19 1.54 -48.95 88.43
CA LEU I 19 1.07 -48.81 89.80
C LEU I 19 1.68 -47.64 90.53
N ARG I 20 2.41 -46.76 89.85
CA ARG I 20 3.06 -45.64 90.51
C ARG I 20 2.03 -44.62 90.97
N GLY I 21 2.14 -44.19 92.22
CA GLY I 21 1.27 -43.16 92.74
C GLY I 21 -0.15 -43.62 93.00
N SER I 22 -0.29 -44.69 93.78
CA SER I 22 -1.61 -45.22 94.12
C SER I 22 -1.50 -45.96 95.44
N ASN I 23 -2.63 -46.08 96.12
CA ASN I 23 -2.68 -46.78 97.39
C ASN I 23 -2.86 -48.27 97.13
N LEU I 24 -2.44 -49.09 98.08
CA LEU I 24 -2.62 -50.53 98.00
C LEU I 24 -3.18 -51.02 99.32
N LEU I 25 -4.48 -51.30 99.35
CA LEU I 25 -5.19 -51.64 100.57
C LEU I 25 -5.43 -53.13 100.65
N LEU I 26 -5.41 -53.66 101.87
CA LEU I 26 -5.85 -55.02 102.12
C LEU I 26 -7.36 -55.01 102.27
N ILE I 27 -8.03 -55.91 101.57
CA ILE I 27 -9.46 -55.87 101.37
C ILE I 27 -10.01 -57.23 101.76
N THR I 28 -10.75 -57.30 102.86
CA THR I 28 -11.25 -58.57 103.37
C THR I 28 -12.73 -58.70 103.09
N ARG I 29 -13.11 -59.78 102.42
CA ARG I 29 -14.51 -60.03 102.13
C ARG I 29 -15.27 -60.37 103.40
N LEU I 30 -16.42 -59.74 103.60
CA LEU I 30 -17.20 -59.91 104.80
C LEU I 30 -18.51 -60.64 104.51
N ASP I 31 -18.97 -61.42 105.49
CA ASP I 31 -20.09 -62.33 105.31
C ASP I 31 -21.45 -61.65 105.52
N ASP I 32 -22.52 -62.43 105.60
CA ASP I 32 -23.87 -61.87 105.62
C ASP I 32 -24.26 -61.30 106.98
N LYS I 33 -23.34 -61.25 107.94
CA LYS I 33 -23.54 -60.51 109.17
C LYS I 33 -22.67 -59.28 109.24
N GLN I 34 -22.12 -58.85 108.11
CA GLN I 34 -21.16 -57.76 108.04
C GLN I 34 -19.99 -58.01 108.99
N GLN I 35 -19.33 -59.15 108.78
CA GLN I 35 -18.22 -59.59 109.60
C GLN I 35 -17.17 -60.21 108.69
N PRO I 36 -15.90 -59.83 108.82
CA PRO I 36 -14.88 -60.36 107.91
C PRO I 36 -14.74 -61.86 108.01
N MET I 37 -14.37 -62.48 106.89
CA MET I 37 -14.18 -63.91 106.79
C MET I 37 -12.71 -64.25 106.99
N LYS I 38 -12.39 -65.54 106.87
CA LYS I 38 -11.04 -66.04 107.04
C LYS I 38 -10.45 -66.40 105.69
N ASP I 39 -9.20 -66.00 105.46
CA ASP I 39 -8.47 -66.33 104.24
C ASP I 39 -9.19 -65.80 103.01
N GLN I 40 -9.60 -64.53 103.06
CA GLN I 40 -10.35 -63.92 101.97
C GLN I 40 -9.85 -62.51 101.70
N THR I 41 -8.54 -62.33 101.67
CA THR I 41 -7.94 -61.01 101.56
C THR I 41 -7.31 -60.82 100.19
N TRP I 42 -7.62 -59.69 99.56
CA TRP I 42 -6.99 -59.29 98.31
C TRP I 42 -6.35 -57.93 98.49
N VAL I 43 -5.55 -57.53 97.51
CA VAL I 43 -4.92 -56.22 97.51
C VAL I 43 -5.58 -55.38 96.42
N ALA I 44 -6.10 -54.23 96.78
CA ALA I 44 -6.86 -53.41 95.87
C ALA I 44 -6.25 -52.03 95.76
N VAL I 45 -6.20 -51.50 94.53
CA VAL I 45 -5.71 -50.16 94.29
C VAL I 45 -6.84 -49.20 94.60
N ASP I 46 -6.71 -48.46 95.71
CA ASP I 46 -7.73 -47.50 96.07
C ASP I 46 -7.93 -46.49 94.96
N ASN I 47 -9.18 -46.07 94.79
CA ASN I 47 -9.52 -45.14 93.70
C ASN I 47 -10.41 -43.98 94.13
N VAL I 48 -11.07 -44.06 95.28
CA VAL I 48 -11.99 -43.01 95.73
C VAL I 48 -11.60 -42.45 97.08
N GLY I 49 -10.56 -42.95 97.72
CA GLY I 49 -10.14 -42.40 98.98
C GLY I 49 -10.72 -43.10 100.19
N ALA I 50 -10.53 -44.42 100.27
CA ALA I 50 -10.97 -45.19 101.41
C ALA I 50 -9.83 -45.40 102.38
N GLY I 51 -10.17 -45.52 103.66
CA GLY I 51 -9.18 -45.73 104.69
C GLY I 51 -9.51 -46.92 105.55
N MET I 52 -8.91 -47.02 106.73
CA MET I 52 -9.11 -48.19 107.55
C MET I 52 -10.55 -48.28 108.05
N HIS I 53 -11.01 -49.52 108.24
CA HIS I 53 -12.29 -49.85 108.86
C HIS I 53 -13.50 -49.48 108.01
N ASP I 54 -13.30 -49.00 106.80
CA ASP I 54 -14.39 -48.55 105.96
C ASP I 54 -14.91 -49.71 105.11
N ILE I 55 -16.22 -49.82 104.99
CA ILE I 55 -16.83 -50.84 104.15
C ILE I 55 -16.89 -50.31 102.72
N VAL I 56 -16.23 -51.02 101.81
CA VAL I 56 -16.09 -50.54 100.44
C VAL I 56 -16.66 -51.57 99.47
N LEU I 57 -16.57 -51.26 98.18
CA LEU I 57 -17.17 -52.07 97.12
C LEU I 57 -16.07 -52.36 96.11
N ALA I 58 -15.39 -53.49 96.28
CA ALA I 58 -14.21 -53.80 95.49
C ALA I 58 -14.60 -54.49 94.20
N GLU I 59 -14.08 -54.00 93.09
CA GLU I 59 -14.42 -54.50 91.77
C GLU I 59 -13.29 -55.35 91.23
N GLU I 60 -13.65 -56.30 90.36
CA GLU I 60 -12.70 -57.24 89.79
C GLU I 60 -11.96 -56.61 88.62
N TYR I 61 -11.35 -57.45 87.79
CA TYR I 61 -10.20 -57.11 86.96
C TYR I 61 -10.20 -55.70 86.38
N PHE I 62 -11.14 -55.38 85.51
CA PHE I 62 -10.98 -54.21 84.64
C PHE I 62 -11.64 -52.99 85.26
N ALA I 63 -10.79 -52.05 85.72
CA ALA I 63 -11.26 -50.74 86.14
C ALA I 63 -10.30 -49.63 85.71
N LEU I 64 -9.44 -49.89 84.73
CA LEU I 64 -8.51 -48.90 84.18
C LEU I 64 -7.60 -48.33 85.27
N ASN I 65 -6.78 -49.21 85.85
CA ASN I 65 -5.89 -48.81 86.92
C ASN I 65 -4.53 -49.50 86.83
N TYR I 69 -5.01 -52.00 81.21
CA TYR I 69 -5.02 -51.81 82.66
C TYR I 69 -6.13 -52.63 83.30
N LYS I 70 -5.75 -53.57 84.17
CA LYS I 70 -6.73 -54.48 84.75
C LYS I 70 -6.52 -54.72 86.24
N ALA I 71 -6.14 -53.70 87.00
CA ALA I 71 -5.93 -53.90 88.42
C ALA I 71 -7.25 -53.89 89.17
N MET I 72 -7.32 -54.67 90.24
CA MET I 72 -8.51 -54.78 91.08
C MET I 72 -8.55 -53.54 91.97
N SER I 73 -9.59 -52.72 91.80
CA SER I 73 -9.66 -51.45 92.50
C SER I 73 -10.95 -51.34 93.30
N VAL I 74 -10.98 -50.35 94.16
CA VAL I 74 -12.16 -49.98 94.95
C VAL I 74 -12.90 -48.89 94.20
N VAL I 75 -14.21 -49.04 94.05
CA VAL I 75 -14.99 -48.16 93.20
C VAL I 75 -16.12 -47.45 93.94
N ALA I 76 -16.33 -47.72 95.22
CA ALA I 76 -17.42 -47.10 95.93
C ALA I 76 -17.24 -47.29 97.43
N ILE I 77 -17.59 -46.28 98.20
CA ILE I 77 -17.65 -46.36 99.66
C ILE I 77 -19.10 -46.45 100.05
N VAL I 78 -19.44 -47.45 100.84
CA VAL I 78 -20.82 -47.84 101.07
C VAL I 78 -21.35 -47.15 102.32
N GLU I 79 -22.51 -46.51 102.20
CA GLU I 79 -23.18 -45.86 103.31
C GLU I 79 -24.09 -46.83 104.07
N LYS I 80 -25.05 -47.43 103.36
CA LYS I 80 -26.04 -48.31 103.97
C LYS I 80 -26.13 -49.61 103.19
N VAL I 81 -26.27 -50.71 103.91
CA VAL I 81 -26.48 -52.03 103.32
C VAL I 81 -27.80 -52.53 103.90
N PHE I 82 -28.88 -52.31 103.17
CA PHE I 82 -30.18 -52.82 103.58
C PHE I 82 -30.31 -54.25 103.09
N ARG I 83 -30.58 -55.18 104.01
CA ARG I 83 -30.55 -56.60 103.68
C ARG I 83 -31.59 -57.32 104.53
N ASP I 84 -32.61 -57.87 103.87
CA ASP I 84 -33.57 -58.73 104.55
C ASP I 84 -34.37 -59.53 103.52
N GLU J 3 33.00 -14.55 112.14
CA GLU J 3 32.86 -15.52 111.07
C GLU J 3 32.06 -14.93 109.93
N ALA J 4 32.18 -15.52 108.74
CA ALA J 4 31.50 -14.98 107.58
C ALA J 4 30.00 -15.25 107.67
N LEU J 5 29.28 -14.89 106.61
CA LEU J 5 27.84 -15.00 106.61
C LEU J 5 27.36 -15.28 105.19
N GLY J 6 26.49 -16.25 105.04
CA GLY J 6 26.02 -16.66 103.72
C GLY J 6 24.51 -16.65 103.65
N LEU J 7 23.99 -16.20 102.52
CA LEU J 7 22.56 -15.97 102.36
C LEU J 7 22.07 -16.50 101.03
N ILE J 8 20.97 -17.23 101.05
CA ILE J 8 20.26 -17.63 99.84
C ILE J 8 18.81 -17.25 100.01
N GLU J 9 18.19 -16.81 98.91
CA GLU J 9 16.79 -16.42 98.92
C GLU J 9 16.06 -17.11 97.78
N THR J 10 14.92 -17.72 98.09
CA THR J 10 14.18 -18.51 97.12
C THR J 10 12.72 -18.16 97.19
N LYS J 11 11.99 -18.54 96.15
CA LYS J 11 10.54 -18.46 96.13
C LYS J 11 9.96 -19.80 96.60
N GLY J 12 9.24 -19.78 97.70
CA GLY J 12 8.68 -21.02 98.22
C GLY J 12 9.55 -21.60 99.31
N LEU J 13 8.92 -22.40 100.18
CA LEU J 13 9.64 -22.95 101.31
C LEU J 13 10.38 -24.23 100.94
N VAL J 14 9.84 -25.01 100.00
CA VAL J 14 10.47 -26.28 99.66
C VAL J 14 11.85 -26.05 99.07
N ALA J 15 11.96 -25.12 98.14
CA ALA J 15 13.25 -24.84 97.51
C ALA J 15 14.26 -24.37 98.53
N CYS J 16 13.81 -23.79 99.63
CA CYS J 16 14.74 -23.28 100.62
C CYS J 16 15.24 -24.37 101.56
N ILE J 17 14.37 -25.33 101.91
CA ILE J 17 14.81 -26.43 102.76
C ILE J 17 15.79 -27.32 102.02
N GLU J 18 15.58 -27.51 100.72
CA GLU J 18 16.57 -28.21 99.92
C GLU J 18 17.90 -27.46 99.91
N ALA J 19 17.85 -26.15 99.67
CA ALA J 19 19.07 -25.35 99.67
C ALA J 19 19.77 -25.40 101.02
N ALA J 20 19.02 -25.28 102.10
CA ALA J 20 19.64 -25.27 103.42
C ALA J 20 20.21 -26.63 103.77
N ASP J 21 19.66 -27.71 103.24
CA ASP J 21 20.23 -29.03 103.51
C ASP J 21 21.53 -29.23 102.76
N ALA J 22 21.57 -28.83 101.49
CA ALA J 22 22.80 -28.95 100.72
C ALA J 22 23.92 -28.12 101.34
N MET J 23 23.60 -26.92 101.80
CA MET J 23 24.60 -26.08 102.44
C MET J 23 25.21 -26.76 103.66
N CYS J 24 24.38 -27.37 104.49
CA CYS J 24 24.89 -27.97 105.72
C CYS J 24 25.75 -29.19 105.44
N LYS J 25 25.49 -29.90 104.35
CA LYS J 25 26.24 -31.11 104.04
C LYS J 25 27.55 -30.80 103.34
N ALA J 26 27.59 -29.75 102.54
CA ALA J 26 28.70 -29.50 101.63
C ALA J 26 29.92 -28.90 102.30
N ALA J 27 29.80 -28.37 103.51
CA ALA J 27 30.96 -27.76 104.16
C ALA J 27 30.65 -27.59 105.64
N ASN J 28 31.66 -27.21 106.40
CA ASN J 28 31.53 -27.06 107.85
C ASN J 28 30.97 -25.67 108.16
N VAL J 29 29.65 -25.54 107.99
CA VAL J 29 28.93 -24.31 108.31
C VAL J 29 27.76 -24.67 109.19
N GLU J 30 27.29 -23.69 109.97
CA GLU J 30 26.19 -23.87 110.90
C GLU J 30 25.01 -23.03 110.47
N LEU J 31 23.81 -23.57 110.62
CA LEU J 31 22.58 -22.92 110.15
C LEU J 31 22.07 -21.96 111.22
N ILE J 32 21.92 -20.70 110.85
CA ILE J 32 21.42 -19.70 111.79
C ILE J 32 19.91 -19.78 111.92
N GLY J 33 19.20 -19.68 110.82
CA GLY J 33 17.76 -19.81 110.85
C GLY J 33 17.14 -19.38 109.54
N TYR J 34 15.82 -19.48 109.50
CA TYR J 34 15.03 -19.04 108.36
C TYR J 34 14.37 -17.70 108.69
N GLU J 35 13.99 -16.98 107.64
CA GLU J 35 13.28 -15.71 107.82
C GLU J 35 12.55 -15.40 106.52
N ASN J 36 11.23 -15.53 106.53
CA ASN J 36 10.44 -15.21 105.35
C ASN J 36 9.80 -13.85 105.52
N VAL J 37 9.92 -13.02 104.50
CA VAL J 37 9.44 -11.64 104.52
C VAL J 37 8.35 -11.52 103.46
N GLY J 38 7.12 -11.79 103.85
CA GLY J 38 6.03 -11.52 102.94
C GLY J 38 6.02 -12.45 101.74
N SER J 39 5.88 -11.87 100.55
CA SER J 39 5.37 -12.61 99.40
C SER J 39 6.32 -13.70 98.95
N GLY J 40 6.02 -14.93 99.35
CA GLY J 40 6.72 -16.14 98.95
C GLY J 40 8.23 -16.04 98.88
N LEU J 41 8.86 -15.39 99.85
CA LEU J 41 10.31 -15.23 99.86
C LEU J 41 10.84 -15.73 101.18
N VAL J 42 11.58 -16.83 101.16
CA VAL J 42 12.22 -17.37 102.35
C VAL J 42 13.72 -17.29 102.17
N THR J 43 14.42 -17.05 103.27
CA THR J 43 15.87 -16.84 103.26
C THR J 43 16.50 -17.68 104.36
N ALA J 44 17.57 -18.39 104.02
CA ALA J 44 18.33 -19.18 104.97
C ALA J 44 19.70 -18.53 105.16
N MET J 45 20.20 -18.55 106.40
CA MET J 45 21.46 -17.91 106.75
C MET J 45 22.38 -18.92 107.40
N VAL J 46 23.63 -18.99 106.91
CA VAL J 46 24.65 -19.87 107.46
C VAL J 46 25.86 -19.02 107.83
N LYS J 47 26.67 -19.54 108.75
CA LYS J 47 27.87 -18.83 109.14
C LYS J 47 29.01 -19.82 109.37
N GLY J 48 30.23 -19.35 109.13
CA GLY J 48 31.41 -20.18 109.23
C GLY J 48 32.59 -19.43 108.65
N ASP J 49 33.69 -20.16 108.46
CA ASP J 49 34.87 -19.53 107.88
C ASP J 49 34.60 -19.13 106.43
N VAL J 50 35.46 -18.25 105.92
CA VAL J 50 35.17 -17.62 104.63
C VAL J 50 35.30 -18.63 103.49
N GLY J 51 36.27 -19.54 103.57
CA GLY J 51 36.42 -20.54 102.53
C GLY J 51 35.33 -21.60 102.60
N ALA J 52 34.89 -21.93 103.81
CA ALA J 52 33.79 -22.88 103.96
C ALA J 52 32.47 -22.26 103.49
N VAL J 53 32.15 -21.07 103.98
CA VAL J 53 30.89 -20.44 103.66
C VAL J 53 30.79 -20.19 102.16
N ASN J 54 31.90 -19.84 101.53
CA ASN J 54 31.88 -19.65 100.08
C ASN J 54 31.59 -20.96 99.37
N ALA J 55 32.04 -22.08 99.95
CA ALA J 55 31.84 -23.38 99.33
C ALA J 55 30.43 -23.91 99.61
N ALA J 56 29.80 -23.45 100.69
CA ALA J 56 28.45 -23.91 100.98
C ALA J 56 27.43 -23.19 100.10
N VAL J 57 27.66 -21.92 99.81
CA VAL J 57 26.64 -21.14 99.12
C VAL J 57 26.53 -21.55 97.66
N ASP J 58 27.64 -21.86 97.00
CA ASP J 58 27.55 -22.23 95.59
C ASP J 58 26.97 -23.62 95.42
N SER J 59 27.09 -24.47 96.44
CA SER J 59 26.43 -25.78 96.37
C SER J 59 24.95 -25.65 96.67
N GLY J 60 24.60 -24.84 97.66
CA GLY J 60 23.21 -24.64 98.00
C GLY J 60 22.42 -23.95 96.90
N VAL J 61 23.04 -23.03 96.18
CA VAL J 61 22.37 -22.40 95.05
C VAL J 61 22.16 -23.43 93.95
N GLU J 62 23.12 -24.34 93.80
CA GLU J 62 23.04 -25.35 92.75
C GLU J 62 21.86 -26.30 92.96
N ALA J 63 21.59 -26.63 94.22
CA ALA J 63 20.52 -27.57 94.53
C ALA J 63 19.14 -26.93 94.43
N ALA J 64 18.98 -25.75 95.01
CA ALA J 64 17.68 -25.09 94.98
C ALA J 64 17.30 -24.63 93.59
N LYS J 65 18.30 -24.28 92.77
CA LYS J 65 18.05 -23.93 91.38
C LYS J 65 17.46 -25.09 90.60
N ARG J 66 17.62 -26.30 91.11
CA ARG J 66 17.15 -27.50 90.40
C ARG J 66 15.65 -27.61 90.42
N ILE J 67 15.03 -27.32 91.56
CA ILE J 67 13.60 -27.53 91.75
C ILE J 67 12.82 -26.25 91.95
N GLY J 68 13.48 -25.11 92.12
CA GLY J 68 12.77 -23.88 92.34
C GLY J 68 13.48 -22.68 91.78
N LYS J 69 13.15 -21.49 92.27
CA LYS J 69 13.77 -20.26 91.81
C LYS J 69 14.66 -19.73 92.93
N VAL J 70 15.93 -19.57 92.63
CA VAL J 70 16.87 -18.88 93.52
C VAL J 70 16.88 -17.43 93.12
N VAL J 71 16.48 -16.56 94.03
CA VAL J 71 16.38 -15.13 93.72
C VAL J 71 17.71 -14.42 93.90
N SER J 72 18.39 -14.65 95.02
CA SER J 72 19.65 -13.97 95.28
C SER J 72 20.51 -14.83 96.20
N SER J 73 21.82 -14.63 96.09
CA SER J 73 22.78 -15.25 97.00
C SER J 73 23.91 -14.27 97.24
N ARG J 74 24.55 -14.39 98.40
CA ARG J 74 25.55 -13.40 98.78
C ARG J 74 26.35 -13.90 99.96
N VAL J 75 27.65 -13.64 99.94
CA VAL J 75 28.54 -13.96 101.05
C VAL J 75 29.11 -12.65 101.57
N ILE J 76 29.11 -12.49 102.89
CA ILE J 76 29.68 -11.31 103.54
C ILE J 76 30.89 -11.77 104.33
N ALA J 77 32.08 -11.34 103.91
CA ALA J 77 33.30 -11.91 104.44
C ALA J 77 33.53 -11.49 105.89
N ARG J 78 33.16 -10.27 106.25
CA ARG J 78 33.24 -9.81 107.64
C ARG J 78 32.02 -8.96 107.93
N PRO J 79 30.98 -9.54 108.52
CA PRO J 79 29.80 -8.74 108.85
C PRO J 79 30.10 -7.79 109.99
N HIS J 80 29.59 -6.57 109.86
CA HIS J 80 29.81 -5.56 110.88
C HIS J 80 29.17 -5.99 112.19
N ASN J 81 29.81 -5.59 113.29
CA ASN J 81 29.36 -6.04 114.61
C ASN J 81 27.91 -5.66 114.87
N ASP J 82 27.50 -4.49 114.41
CA ASP J 82 26.11 -4.04 114.61
C ASP J 82 25.13 -5.03 114.02
N ILE J 83 25.46 -5.60 112.87
CA ILE J 83 24.57 -6.50 112.16
C ILE J 83 24.63 -7.89 112.78
N GLU K 3 14.59 -39.70 110.76
CA GLU K 3 13.64 -40.24 109.81
C GLU K 3 13.50 -39.33 108.61
N ALA K 4 13.05 -39.88 107.49
CA ALA K 4 12.96 -39.12 106.25
C ALA K 4 11.95 -37.98 106.40
N LEU K 5 11.81 -37.19 105.34
CA LEU K 5 11.00 -35.99 105.40
C LEU K 5 10.49 -35.67 104.00
N GLY K 6 9.19 -35.49 103.87
CA GLY K 6 8.59 -35.22 102.57
C GLY K 6 7.82 -33.91 102.58
N LEU K 7 7.85 -33.22 101.46
CA LEU K 7 7.22 -31.91 101.33
C LEU K 7 6.41 -31.84 100.06
N ILE K 8 5.22 -31.27 100.16
CA ILE K 8 4.42 -30.89 99.00
C ILE K 8 4.03 -29.43 99.16
N GLU K 9 4.16 -28.67 98.08
CA GLU K 9 3.83 -27.25 98.09
C GLU K 9 2.75 -26.98 97.06
N THR K 10 1.66 -26.38 97.49
CA THR K 10 0.49 -26.18 96.65
C THR K 10 0.02 -24.74 96.72
N LYS K 11 -0.67 -24.32 95.67
CA LYS K 11 -1.26 -22.99 95.60
C LYS K 11 -2.68 -23.06 96.15
N GLY K 12 -2.88 -22.52 97.33
CA GLY K 12 -4.18 -22.58 97.96
C GLY K 12 -4.24 -23.67 99.04
N LEU K 13 -5.11 -23.46 100.02
CA LEU K 13 -5.16 -24.37 101.16
C LEU K 13 -5.97 -25.63 100.85
N VAL K 14 -7.00 -25.54 100.03
CA VAL K 14 -7.84 -26.70 99.78
C VAL K 14 -7.03 -27.80 99.10
N ALA K 15 -6.24 -27.45 98.09
CA ALA K 15 -5.41 -28.45 97.43
C ALA K 15 -4.41 -29.07 98.38
N CYS K 16 -4.10 -28.40 99.49
CA CYS K 16 -3.12 -28.94 100.42
C CYS K 16 -3.74 -29.89 101.42
N ILE K 17 -5.03 -29.76 101.71
CA ILE K 17 -5.70 -30.72 102.58
C ILE K 17 -6.03 -31.99 101.84
N GLU K 18 -6.31 -31.89 100.54
CA GLU K 18 -6.45 -33.10 99.74
C GLU K 18 -5.12 -33.84 99.63
N ALA K 19 -4.03 -33.10 99.42
CA ALA K 19 -2.72 -33.72 99.37
C ALA K 19 -2.36 -34.37 100.70
N ALA K 20 -2.63 -33.69 101.81
CA ALA K 20 -2.28 -34.26 103.10
C ALA K 20 -3.18 -35.44 103.46
N ASP K 21 -4.39 -35.48 102.93
CA ASP K 21 -5.25 -36.62 103.20
C ASP K 21 -4.80 -37.85 102.44
N ALA K 22 -4.39 -37.68 101.19
CA ALA K 22 -3.87 -38.80 100.42
C ALA K 22 -2.56 -39.31 101.00
N MET K 23 -1.71 -38.39 101.46
CA MET K 23 -0.45 -38.79 102.07
C MET K 23 -0.67 -39.64 103.30
N CYS K 24 -1.60 -39.23 104.16
CA CYS K 24 -1.76 -39.90 105.44
C CYS K 24 -2.44 -41.26 105.31
N LYS K 25 -3.17 -41.49 104.22
CA LYS K 25 -3.81 -42.78 103.99
C LYS K 25 -2.92 -43.75 103.24
N ALA K 26 -1.90 -43.26 102.55
CA ALA K 26 -1.10 -44.09 101.66
C ALA K 26 -0.06 -44.92 102.39
N ALA K 27 0.39 -44.47 103.56
CA ALA K 27 1.40 -45.20 104.31
C ALA K 27 1.36 -44.77 105.75
N ASN K 28 2.30 -45.28 106.54
CA ASN K 28 2.33 -45.04 107.97
C ASN K 28 3.31 -43.90 108.27
N VAL K 29 2.87 -42.68 107.99
CA VAL K 29 3.64 -41.48 108.23
C VAL K 29 2.85 -40.59 109.18
N GLU K 30 3.56 -39.81 109.98
CA GLU K 30 2.94 -38.84 110.87
C GLU K 30 3.04 -37.45 110.25
N LEU K 31 1.94 -36.72 110.30
CA LEU K 31 1.85 -35.41 109.67
C LEU K 31 2.30 -34.34 110.65
N ILE K 32 3.23 -33.50 110.23
CA ILE K 32 3.82 -32.50 111.11
C ILE K 32 2.98 -31.23 111.17
N GLY K 33 2.65 -30.65 110.04
CA GLY K 33 1.79 -29.49 110.03
C GLY K 33 2.04 -28.62 108.81
N TYR K 34 1.15 -27.65 108.63
CA TYR K 34 1.19 -26.74 107.50
C TYR K 34 2.04 -25.52 107.83
N GLU K 35 2.49 -24.84 106.77
CA GLU K 35 3.25 -23.60 106.90
C GLU K 35 3.04 -22.82 105.62
N ASN K 36 2.34 -21.70 105.70
CA ASN K 36 2.14 -20.85 104.54
C ASN K 36 3.08 -19.64 104.62
N VAL K 37 3.69 -19.32 103.48
CA VAL K 37 4.71 -18.29 103.40
C VAL K 37 4.23 -17.07 102.63
N GLY K 38 2.94 -17.00 102.31
CA GLY K 38 2.40 -15.90 101.56
C GLY K 38 2.40 -16.16 100.08
N SER K 39 1.67 -15.32 99.36
CA SER K 39 1.41 -15.45 97.92
C SER K 39 0.57 -16.67 97.60
N GLY K 40 -0.09 -17.24 98.59
CA GLY K 40 -0.96 -18.37 98.38
C GLY K 40 -0.28 -19.72 98.41
N LEU K 41 1.00 -19.78 98.78
CA LEU K 41 1.74 -21.02 98.81
C LEU K 41 1.61 -21.65 100.19
N VAL K 42 1.08 -22.87 100.23
CA VAL K 42 0.94 -23.64 101.46
C VAL K 42 1.71 -24.94 101.30
N THR K 43 2.34 -25.39 102.39
CA THR K 43 3.23 -26.54 102.35
C THR K 43 2.85 -27.50 103.47
N ALA K 44 2.75 -28.78 103.14
CA ALA K 44 2.50 -29.84 104.10
C ALA K 44 3.76 -30.67 104.27
N MET K 45 4.03 -31.12 105.49
CA MET K 45 5.26 -31.81 105.83
C MET K 45 4.94 -33.07 106.60
N VAL K 46 5.44 -34.21 106.12
CA VAL K 46 5.28 -35.49 106.80
C VAL K 46 6.67 -36.04 107.12
N LYS K 47 6.70 -37.03 107.99
CA LYS K 47 7.96 -37.66 108.35
C LYS K 47 7.72 -39.11 108.75
N GLY K 48 8.68 -39.95 108.38
CA GLY K 48 8.58 -41.37 108.63
C GLY K 48 9.73 -42.07 107.94
N ASP K 49 9.63 -43.40 107.86
CA ASP K 49 10.64 -44.18 107.16
C ASP K 49 10.64 -43.82 105.69
N VAL K 50 11.79 -44.04 105.03
CA VAL K 50 11.98 -43.52 103.68
C VAL K 50 11.21 -44.31 102.63
N GLY K 51 10.85 -45.56 102.91
CA GLY K 51 9.97 -46.28 101.99
C GLY K 51 8.54 -45.81 102.10
N ALA K 52 8.10 -45.45 103.30
CA ALA K 52 6.76 -44.91 103.48
C ALA K 52 6.65 -43.49 102.97
N VAL K 53 7.63 -42.65 103.31
CA VAL K 53 7.57 -41.26 102.90
C VAL K 53 7.62 -41.14 101.38
N ASN K 54 8.39 -42.01 100.74
CA ASN K 54 8.45 -41.99 99.28
C ASN K 54 7.10 -42.35 98.67
N ALA K 55 6.40 -43.30 99.29
CA ALA K 55 5.10 -43.72 98.76
C ALA K 55 4.04 -42.66 99.01
N ALA K 56 4.10 -41.98 100.15
CA ALA K 56 3.11 -40.97 100.48
C ALA K 56 3.21 -39.77 99.57
N VAL K 57 4.42 -39.28 99.35
CA VAL K 57 4.59 -38.06 98.56
C VAL K 57 4.15 -38.28 97.12
N ASP K 58 4.41 -39.47 96.57
CA ASP K 58 3.96 -39.74 95.22
C ASP K 58 2.45 -39.80 95.14
N SER K 59 1.80 -40.31 96.19
CA SER K 59 0.35 -40.37 96.22
C SER K 59 -0.25 -38.99 96.40
N GLY K 60 0.28 -38.22 97.36
CA GLY K 60 -0.24 -36.90 97.60
C GLY K 60 -0.09 -35.96 96.43
N VAL K 61 0.96 -36.13 95.64
CA VAL K 61 1.15 -35.26 94.48
C VAL K 61 0.07 -35.50 93.44
N GLU K 62 -0.26 -36.77 93.20
CA GLU K 62 -1.23 -37.08 92.16
C GLU K 62 -2.64 -36.67 92.54
N ALA K 63 -2.97 -36.73 93.84
CA ALA K 63 -4.30 -36.34 94.27
C ALA K 63 -4.48 -34.83 94.25
N ALA K 64 -3.50 -34.08 94.75
CA ALA K 64 -3.59 -32.63 94.71
C ALA K 64 -3.50 -32.11 93.29
N LYS K 65 -2.73 -32.77 92.43
CA LYS K 65 -2.66 -32.36 91.03
C LYS K 65 -4.01 -32.42 90.36
N ARG K 66 -4.91 -33.26 90.85
CA ARG K 66 -6.19 -33.47 90.21
C ARG K 66 -7.11 -32.27 90.38
N ILE K 67 -7.02 -31.57 91.50
CA ILE K 67 -7.98 -30.53 91.88
C ILE K 67 -7.32 -29.18 92.10
N GLY K 68 -6.03 -29.07 91.92
CA GLY K 68 -5.36 -27.81 92.12
C GLY K 68 -4.03 -27.79 91.42
N LYS K 69 -3.20 -26.84 91.82
CA LYS K 69 -1.86 -26.71 91.27
C LYS K 69 -0.86 -27.16 92.32
N VAL K 70 -0.02 -28.14 91.96
CA VAL K 70 1.09 -28.55 92.80
C VAL K 70 2.33 -27.82 92.30
N VAL K 71 2.94 -27.04 93.19
CA VAL K 71 4.08 -26.23 92.78
C VAL K 71 5.37 -27.03 92.83
N SER K 72 5.56 -27.82 93.87
CA SER K 72 6.83 -28.50 94.08
C SER K 72 6.63 -29.63 95.07
N SER K 73 7.47 -30.65 94.97
CA SER K 73 7.48 -31.77 95.90
C SER K 73 8.92 -32.24 96.07
N ARG K 74 9.18 -32.92 97.18
CA ARG K 74 10.56 -33.25 97.51
C ARG K 74 10.57 -34.26 98.65
N VAL K 75 11.47 -35.24 98.56
CA VAL K 75 11.76 -36.16 99.65
C VAL K 75 13.21 -35.97 100.06
N ILE K 76 13.45 -35.87 101.35
CA ILE K 76 14.79 -35.74 101.91
C ILE K 76 15.04 -36.99 102.75
N ALA K 77 15.92 -37.86 102.25
CA ALA K 77 16.06 -39.17 102.87
C ALA K 77 16.78 -39.11 104.20
N ARG K 78 17.95 -38.48 104.25
CA ARG K 78 18.66 -38.28 105.51
C ARG K 78 18.77 -36.78 105.77
N PRO K 79 17.85 -36.20 106.50
CA PRO K 79 17.93 -34.76 106.79
C PRO K 79 18.97 -34.47 107.84
N HIS K 80 19.64 -33.34 107.68
CA HIS K 80 20.67 -32.94 108.62
C HIS K 80 20.06 -32.57 109.96
N ASN K 81 20.84 -32.73 111.03
CA ASN K 81 20.32 -32.48 112.37
C ASN K 81 20.08 -31.01 112.63
N ASP K 82 20.80 -30.12 111.93
CA ASP K 82 20.52 -28.70 112.02
C ASP K 82 19.15 -28.37 111.44
N ILE K 83 18.68 -29.16 110.49
CA ILE K 83 17.38 -28.95 109.88
C ILE K 83 16.30 -29.57 110.75
N GLU L 3 20.35 -57.34 101.26
CA GLU L 3 19.96 -55.94 101.07
C GLU L 3 20.16 -55.53 99.62
N ALA L 4 19.57 -54.40 99.24
CA ALA L 4 19.58 -53.99 97.85
C ALA L 4 20.98 -53.62 97.40
N LEU L 5 21.11 -53.32 96.11
CA LEU L 5 22.40 -53.06 95.50
C LEU L 5 22.25 -52.01 94.41
N GLY L 6 23.04 -50.95 94.51
CA GLY L 6 22.97 -49.85 93.55
C GLY L 6 24.30 -49.66 92.85
N LEU L 7 24.25 -49.46 91.54
CA LEU L 7 25.43 -49.36 90.70
C LEU L 7 25.36 -48.11 89.84
N ILE L 8 26.47 -47.40 89.76
CA ILE L 8 26.64 -46.30 88.81
C ILE L 8 27.94 -46.52 88.07
N GLU L 9 27.93 -46.25 86.76
CA GLU L 9 29.09 -46.46 85.92
C GLU L 9 29.38 -45.19 85.13
N THR L 10 30.62 -44.75 85.17
CA THR L 10 31.03 -43.48 84.58
C THR L 10 32.31 -43.66 83.78
N LYS L 11 32.59 -42.69 82.93
CA LYS L 11 33.87 -42.59 82.24
C LYS L 11 34.81 -41.74 83.09
N GLY L 12 35.89 -42.34 83.56
CA GLY L 12 36.85 -41.60 84.35
C GLY L 12 36.58 -41.68 85.84
N LEU L 13 37.63 -41.42 86.63
CA LEU L 13 37.52 -41.60 88.06
C LEU L 13 36.93 -40.39 88.76
N VAL L 14 37.10 -39.19 88.21
CA VAL L 14 36.61 -38.01 88.91
C VAL L 14 35.09 -38.01 88.98
N ALA L 15 34.43 -38.34 87.88
CA ALA L 15 32.97 -38.40 87.91
C ALA L 15 32.45 -39.49 88.82
N CYS L 16 33.28 -40.48 89.16
CA CYS L 16 32.83 -41.55 90.02
C CYS L 16 33.06 -41.23 91.50
N ILE L 17 34.01 -40.35 91.80
CA ILE L 17 34.16 -39.91 93.19
C ILE L 17 33.09 -38.89 93.54
N GLU L 18 32.64 -38.11 92.56
CA GLU L 18 31.53 -37.21 92.82
C GLU L 18 30.23 -37.98 92.98
N ALA L 19 30.05 -39.04 92.18
CA ALA L 19 28.86 -39.88 92.35
C ALA L 19 28.89 -40.60 93.68
N ALA L 20 30.05 -41.12 94.08
CA ALA L 20 30.12 -41.86 95.32
C ALA L 20 29.94 -40.94 96.52
N ASP L 21 30.40 -39.70 96.41
CA ASP L 21 30.24 -38.76 97.52
C ASP L 21 28.78 -38.34 97.67
N ALA L 22 28.10 -38.06 96.56
CA ALA L 22 26.70 -37.67 96.62
C ALA L 22 25.83 -38.80 97.15
N MET L 23 26.15 -40.04 96.76
CA MET L 23 25.35 -41.18 97.20
C MET L 23 25.44 -41.35 98.72
N CYS L 24 26.64 -41.29 99.27
CA CYS L 24 26.80 -41.53 100.71
C CYS L 24 26.22 -40.41 101.55
N LYS L 25 26.04 -39.22 100.98
CA LYS L 25 25.47 -38.11 101.73
C LYS L 25 23.95 -38.17 101.75
N ALA L 26 23.34 -38.63 100.67
CA ALA L 26 21.92 -38.44 100.43
C ALA L 26 21.06 -39.59 100.92
N ALA L 27 21.64 -40.56 101.64
CA ALA L 27 20.86 -41.68 102.17
C ALA L 27 21.75 -42.50 103.08
N ASN L 28 21.13 -43.40 103.82
CA ASN L 28 21.86 -44.27 104.74
C ASN L 28 22.24 -45.56 104.01
N VAL L 29 23.35 -45.47 103.27
CA VAL L 29 23.87 -46.60 102.50
C VAL L 29 25.32 -46.82 102.89
N GLU L 30 25.85 -47.96 102.49
CA GLU L 30 27.25 -48.31 102.71
C GLU L 30 27.95 -48.43 101.38
N LEU L 31 29.11 -47.80 101.26
CA LEU L 31 29.90 -47.90 100.04
C LEU L 31 30.75 -49.15 100.08
N ILE L 32 30.63 -49.98 99.05
CA ILE L 32 31.38 -51.23 98.99
C ILE L 32 32.74 -51.01 98.35
N GLY L 33 32.79 -50.31 97.23
CA GLY L 33 34.06 -49.98 96.62
C GLY L 33 33.91 -49.68 95.15
N TYR L 34 35.04 -49.39 94.54
CA TYR L 34 35.13 -49.14 93.11
C TYR L 34 35.66 -50.38 92.41
N GLU L 35 35.39 -50.47 91.12
CA GLU L 35 35.87 -51.60 90.33
C GLU L 35 35.90 -51.16 88.86
N ASN L 36 37.10 -50.90 88.36
CA ASN L 36 37.26 -50.46 86.97
C ASN L 36 37.65 -51.64 86.08
N VAL L 37 37.30 -51.52 84.80
CA VAL L 37 37.48 -52.61 83.86
C VAL L 37 38.22 -52.12 82.62
N GLY L 38 39.02 -51.06 82.76
CA GLY L 38 39.71 -50.50 81.63
C GLY L 38 38.77 -49.76 80.70
N SER L 39 39.35 -49.09 79.72
CA SER L 39 38.69 -48.14 78.84
C SER L 39 38.13 -46.94 79.59
N GLY L 40 38.56 -46.72 80.82
CA GLY L 40 38.11 -45.60 81.59
C GLY L 40 36.77 -45.77 82.28
N LEU L 41 36.16 -46.95 82.17
CA LEU L 41 34.91 -47.21 82.86
C LEU L 41 35.19 -47.57 84.30
N VAL L 42 34.62 -46.82 85.23
CA VAL L 42 34.73 -47.09 86.65
C VAL L 42 33.32 -47.20 87.22
N THR L 43 33.15 -48.08 88.20
CA THR L 43 31.83 -48.40 88.74
C THR L 43 31.85 -48.32 90.25
N ALA L 44 30.84 -47.67 90.82
CA ALA L 44 30.67 -47.57 92.27
C ALA L 44 29.52 -48.46 92.69
N MET L 45 29.65 -49.08 93.87
CA MET L 45 28.66 -50.01 94.37
C MET L 45 28.28 -49.64 95.79
N VAL L 46 27.01 -49.32 96.00
CA VAL L 46 26.48 -49.03 97.33
C VAL L 46 25.53 -50.15 97.72
N LYS L 47 25.26 -50.24 99.03
CA LYS L 47 24.47 -51.34 99.56
C LYS L 47 23.67 -50.87 100.76
N GLY L 48 22.37 -51.14 100.74
CA GLY L 48 21.53 -50.75 101.85
C GLY L 48 20.11 -51.20 101.61
N ASP L 49 19.19 -50.68 102.41
CA ASP L 49 17.78 -50.97 102.23
C ASP L 49 17.31 -50.47 100.88
N VAL L 50 16.18 -51.02 100.41
CA VAL L 50 15.74 -50.75 99.04
C VAL L 50 15.35 -49.29 98.88
N GLY L 51 14.65 -48.73 99.86
CA GLY L 51 14.24 -47.34 99.74
C GLY L 51 15.40 -46.39 99.78
N ALA L 52 16.38 -46.65 100.65
CA ALA L 52 17.58 -45.83 100.72
C ALA L 52 18.38 -45.94 99.44
N VAL L 53 18.70 -47.17 99.04
CA VAL L 53 19.52 -47.40 97.86
C VAL L 53 18.89 -46.77 96.64
N ASN L 54 17.57 -46.87 96.52
CA ASN L 54 16.89 -46.20 95.41
C ASN L 54 17.21 -44.72 95.42
N ALA L 55 16.95 -44.05 96.54
CA ALA L 55 17.17 -42.61 96.65
C ALA L 55 18.62 -42.23 96.37
N ALA L 56 19.56 -43.03 96.87
CA ALA L 56 20.98 -42.71 96.69
C ALA L 56 21.34 -42.68 95.20
N VAL L 57 20.95 -43.71 94.46
CA VAL L 57 21.34 -43.81 93.06
C VAL L 57 20.78 -42.64 92.26
N ASP L 58 19.59 -42.16 92.61
CA ASP L 58 19.03 -41.01 91.88
C ASP L 58 19.87 -39.76 92.10
N SER L 59 20.27 -39.51 93.33
CA SER L 59 21.09 -38.33 93.61
C SER L 59 22.50 -38.50 93.05
N GLY L 60 23.07 -39.69 93.15
CA GLY L 60 24.42 -39.91 92.67
C GLY L 60 24.55 -39.74 91.18
N VAL L 61 23.54 -40.16 90.42
CA VAL L 61 23.58 -39.97 88.98
C VAL L 61 23.40 -38.50 88.64
N GLU L 62 22.64 -37.78 89.46
CA GLU L 62 22.39 -36.37 89.17
C GLU L 62 23.63 -35.52 89.41
N ALA L 63 24.43 -35.86 90.42
CA ALA L 63 25.67 -35.13 90.67
C ALA L 63 26.74 -35.49 89.66
N ALA L 64 26.86 -36.78 89.32
CA ALA L 64 27.93 -37.22 88.43
C ALA L 64 27.69 -36.75 87.00
N LYS L 65 26.46 -36.83 86.53
CA LYS L 65 26.13 -36.37 85.19
C LYS L 65 26.45 -34.91 85.00
N ARG L 66 26.63 -34.18 86.10
CA ARG L 66 26.80 -32.73 86.05
C ARG L 66 28.20 -32.35 85.59
N ILE L 67 29.19 -33.18 85.88
CA ILE L 67 30.57 -32.87 85.51
C ILE L 67 31.17 -33.86 84.53
N GLY L 68 30.62 -35.07 84.41
CA GLY L 68 31.17 -36.06 83.51
C GLY L 68 30.07 -36.82 82.79
N LYS L 69 30.36 -38.05 82.40
CA LYS L 69 29.41 -38.88 81.68
C LYS L 69 29.02 -40.07 82.54
N VAL L 70 27.72 -40.23 82.77
CA VAL L 70 27.20 -41.40 83.48
C VAL L 70 26.76 -42.42 82.43
N VAL L 71 27.42 -43.57 82.43
CA VAL L 71 27.18 -44.55 81.38
C VAL L 71 25.91 -45.34 81.66
N SER L 72 25.72 -45.80 82.89
CA SER L 72 24.53 -46.56 83.24
C SER L 72 24.38 -46.59 84.74
N SER L 73 23.14 -46.81 85.19
CA SER L 73 22.81 -46.96 86.59
C SER L 73 21.76 -48.05 86.74
N ARG L 74 21.68 -48.62 87.93
CA ARG L 74 20.83 -49.78 88.11
C ARG L 74 20.68 -50.08 89.60
N VAL L 75 19.49 -50.48 90.01
CA VAL L 75 19.23 -50.93 91.37
C VAL L 75 18.69 -52.36 91.30
N ILE L 76 19.34 -53.26 92.03
CA ILE L 76 18.86 -54.63 92.20
C ILE L 76 18.26 -54.72 93.59
N ALA L 77 16.95 -54.93 93.66
CA ALA L 77 16.27 -54.88 94.95
C ALA L 77 16.62 -56.06 95.84
N ARG L 78 16.89 -57.22 95.25
CA ARG L 78 17.24 -58.41 96.01
C ARG L 78 18.16 -59.26 95.16
N PRO L 79 19.48 -59.11 95.33
CA PRO L 79 20.41 -59.87 94.50
C PRO L 79 20.48 -61.31 94.95
N HIS L 80 20.77 -62.19 93.98
CA HIS L 80 21.02 -63.58 94.29
C HIS L 80 22.28 -63.70 95.13
N ASN L 81 22.35 -64.75 95.95
CA ASN L 81 23.50 -64.93 96.81
C ASN L 81 24.78 -65.15 96.01
N ASP L 82 24.68 -65.73 94.82
CA ASP L 82 25.86 -65.88 93.97
C ASP L 82 26.42 -64.54 93.56
N ILE L 83 25.55 -63.55 93.32
CA ILE L 83 26.00 -62.23 92.94
C ILE L 83 26.83 -61.58 94.04
N GLU L 84 26.62 -61.96 95.30
CA GLU L 84 27.42 -61.41 96.38
C GLU L 84 28.67 -62.26 96.61
N LYS L 85 29.32 -62.58 95.50
CA LYS L 85 30.68 -63.11 95.47
C LYS L 85 31.47 -62.51 94.32
N ILE L 86 30.79 -61.83 93.40
CA ILE L 86 31.44 -61.11 92.31
C ILE L 86 31.73 -59.67 92.71
N ALA L 87 30.78 -59.03 93.40
CA ALA L 87 30.99 -57.69 93.90
C ALA L 87 32.00 -57.70 95.05
N GLY L 88 31.67 -58.39 96.13
CA GLY L 88 32.57 -58.50 97.26
C GLY L 88 33.54 -59.66 97.14
N MET M 1 -23.82 -66.96 83.35
CA MET M 1 -24.84 -66.48 84.28
C MET M 1 -25.00 -67.42 85.44
N ILE M 2 -25.64 -66.96 86.51
CA ILE M 2 -25.99 -67.79 87.64
C ILE M 2 -27.39 -67.42 88.10
N LEU M 3 -28.11 -68.41 88.62
CA LEU M 3 -29.39 -68.13 89.26
C LEU M 3 -29.15 -67.55 90.64
N ALA M 4 -29.83 -66.45 90.93
CA ALA M 4 -29.65 -65.78 92.20
C ALA M 4 -30.96 -65.12 92.59
N LYS M 5 -31.00 -64.67 93.83
CA LYS M 5 -32.19 -64.04 94.39
C LYS M 5 -31.80 -62.70 95.00
N VAL M 6 -32.57 -61.66 94.69
CA VAL M 6 -32.31 -60.35 95.26
C VAL M 6 -32.70 -60.35 96.74
N THR M 7 -31.76 -59.96 97.59
CA THR M 7 -31.97 -60.02 99.03
C THR M 7 -31.76 -58.70 99.74
N GLY M 8 -31.53 -57.61 99.02
CA GLY M 8 -31.33 -56.33 99.66
C GLY M 8 -30.86 -55.30 98.66
N HIS M 9 -30.29 -54.22 99.18
CA HIS M 9 -29.71 -53.19 98.34
C HIS M 9 -28.63 -52.46 99.12
N VAL M 10 -27.84 -51.68 98.41
CA VAL M 10 -26.71 -50.96 98.98
C VAL M 10 -26.84 -49.49 98.60
N VAL M 11 -26.67 -48.61 99.57
CA VAL M 11 -26.73 -47.17 99.36
C VAL M 11 -25.32 -46.63 99.51
N ALA M 12 -24.74 -46.17 98.40
CA ALA M 12 -23.38 -45.66 98.37
C ALA M 12 -23.42 -44.26 97.77
N THR M 13 -22.91 -43.28 98.52
CA THR M 13 -22.91 -41.88 98.09
C THR M 13 -21.61 -41.49 97.40
N GLN M 14 -20.48 -41.81 98.02
CA GLN M 14 -19.16 -41.49 97.46
C GLN M 14 -18.74 -42.67 96.58
N LYS M 15 -18.84 -42.48 95.27
CA LYS M 15 -18.52 -43.56 94.35
C LYS M 15 -18.07 -42.97 93.02
N CYS M 16 -17.61 -43.85 92.14
CA CYS M 16 -17.09 -43.42 90.85
C CYS M 16 -18.22 -42.88 89.98
N ASP M 17 -17.86 -42.46 88.78
CA ASP M 17 -18.81 -41.87 87.85
C ASP M 17 -19.40 -42.90 86.90
N GLU M 18 -18.73 -44.03 86.70
CA GLU M 18 -19.29 -45.10 85.87
C GLU M 18 -20.50 -45.75 86.53
N LEU M 19 -20.81 -45.40 87.78
CA LEU M 19 -21.90 -46.00 88.52
C LEU M 19 -23.00 -45.02 88.87
N ARG M 20 -22.96 -43.80 88.34
CA ARG M 20 -23.97 -42.80 88.68
C ARG M 20 -25.31 -43.16 88.07
N GLY M 21 -26.36 -43.11 88.87
CA GLY M 21 -27.70 -43.35 88.39
C GLY M 21 -27.99 -44.81 88.08
N SER M 22 -27.77 -45.68 89.04
CA SER M 22 -28.02 -47.10 88.87
C SER M 22 -28.28 -47.71 90.24
N ASN M 23 -28.99 -48.83 90.23
CA ASN M 23 -29.29 -49.54 91.45
C ASN M 23 -28.13 -50.45 91.81
N LEU M 24 -28.01 -50.78 93.09
CA LEU M 24 -26.98 -51.71 93.56
C LEU M 24 -27.64 -52.72 94.48
N LEU M 25 -27.89 -53.92 93.96
CA LEU M 25 -28.63 -54.94 94.68
C LEU M 25 -27.70 -55.99 95.26
N LEU M 26 -28.08 -56.53 96.41
CA LEU M 26 -27.41 -57.69 96.96
C LEU M 26 -28.00 -58.93 96.31
N ILE M 27 -27.13 -59.82 95.84
CA ILE M 27 -27.50 -60.90 94.95
C ILE M 27 -26.95 -62.17 95.57
N THR M 28 -27.82 -63.05 96.04
CA THR M 28 -27.39 -64.26 96.72
C THR M 28 -27.61 -65.46 95.82
N ARG M 29 -26.54 -66.22 95.59
CA ARG M 29 -26.63 -67.42 94.78
C ARG M 29 -27.42 -68.50 95.51
N LEU M 30 -28.37 -69.12 94.79
CA LEU M 30 -29.25 -70.11 95.39
C LEU M 30 -28.96 -71.49 94.83
N ASP M 31 -29.18 -72.51 95.66
CA ASP M 31 -28.78 -73.88 95.36
C ASP M 31 -29.83 -74.63 94.55
N ASP M 32 -29.66 -75.95 94.40
CA ASP M 32 -30.52 -76.73 93.51
C ASP M 32 -31.90 -77.02 94.08
N LYS M 33 -32.23 -76.46 95.23
CA LYS M 33 -33.60 -76.49 95.75
C LYS M 33 -34.25 -75.12 95.70
N GLN M 34 -33.66 -74.19 94.95
CA GLN M 34 -34.08 -72.79 94.91
C GLN M 34 -34.11 -72.20 96.32
N GLN M 35 -32.95 -72.26 96.98
CA GLN M 35 -32.81 -71.80 98.34
C GLN M 35 -31.45 -71.10 98.45
N PRO M 36 -31.39 -69.89 99.02
CA PRO M 36 -30.12 -69.17 99.07
C PRO M 36 -29.07 -69.91 99.87
N MET M 37 -27.81 -69.72 99.47
CA MET M 37 -26.67 -70.34 100.12
C MET M 37 -26.08 -69.39 101.15
N LYS M 38 -24.98 -69.82 101.77
CA LYS M 38 -24.31 -69.04 102.80
C LYS M 38 -23.01 -68.48 102.24
N ASP M 39 -22.75 -67.21 102.52
CA ASP M 39 -21.52 -66.53 102.10
C ASP M 39 -21.36 -66.55 100.59
N GLN M 40 -22.43 -66.18 99.89
CA GLN M 40 -22.43 -66.21 98.42
C GLN M 40 -23.09 -64.97 97.86
N THR M 41 -22.79 -63.81 98.42
CA THR M 41 -23.47 -62.57 98.07
C THR M 41 -22.55 -61.66 97.27
N TRP M 42 -23.05 -61.14 96.16
CA TRP M 42 -22.35 -60.14 95.37
C TRP M 42 -23.23 -58.92 95.25
N VAL M 43 -22.65 -57.84 94.73
CA VAL M 43 -23.38 -56.61 94.48
C VAL M 43 -23.50 -56.42 92.98
N ALA M 44 -24.72 -56.29 92.49
CA ALA M 44 -24.97 -56.25 91.07
C ALA M 44 -25.69 -54.96 90.70
N VAL M 45 -25.29 -54.37 89.58
CA VAL M 45 -25.93 -53.18 89.06
C VAL M 45 -27.18 -53.61 88.31
N ASP M 46 -28.35 -53.34 88.90
CA ASP M 46 -29.60 -53.71 88.24
C ASP M 46 -29.67 -53.07 86.86
N ASN M 47 -30.28 -53.80 85.92
CA ASN M 47 -30.36 -53.33 84.55
C ASN M 47 -31.74 -53.49 83.93
N VAL M 48 -32.62 -54.32 84.49
CA VAL M 48 -33.94 -54.56 83.91
C VAL M 48 -35.07 -54.24 84.88
N GLY M 49 -34.76 -53.82 86.10
CA GLY M 49 -35.82 -53.46 87.02
C GLY M 49 -36.26 -54.58 87.94
N ALA M 50 -35.31 -55.17 88.65
CA ALA M 50 -35.61 -56.20 89.62
C ALA M 50 -35.70 -55.61 91.01
N GLY M 51 -36.52 -56.23 91.86
CA GLY M 51 -36.70 -55.77 93.22
C GLY M 51 -36.49 -56.88 94.21
N MET M 52 -36.97 -56.72 95.44
CA MET M 52 -36.70 -57.71 96.46
C MET M 52 -37.42 -59.02 96.16
N HIS M 53 -36.81 -60.13 96.59
CA HIS M 53 -37.37 -61.47 96.56
C HIS M 53 -37.48 -62.05 95.15
N ASP M 54 -37.00 -61.35 94.14
CA ASP M 54 -37.16 -61.81 92.77
C ASP M 54 -35.97 -62.67 92.37
N ILE M 55 -36.25 -63.77 91.67
CA ILE M 55 -35.18 -64.63 91.17
C ILE M 55 -34.69 -64.08 89.85
N VAL M 56 -33.40 -63.75 89.79
CA VAL M 56 -32.84 -63.06 88.63
C VAL M 56 -31.69 -63.88 88.07
N LEU M 57 -31.07 -63.36 87.01
CA LEU M 57 -30.03 -64.06 86.26
C LEU M 57 -28.84 -63.11 86.18
N ALA M 58 -27.92 -63.23 87.14
CA ALA M 58 -26.83 -62.28 87.27
C ALA M 58 -25.66 -62.70 86.40
N GLU M 59 -25.15 -61.76 85.61
CA GLU M 59 -24.07 -62.03 84.68
C GLU M 59 -22.76 -61.47 85.20
N GLU M 60 -21.67 -62.10 84.77
CA GLU M 60 -20.33 -61.73 85.24
C GLU M 60 -19.81 -60.53 84.45
N TYR M 61 -18.50 -60.32 84.50
CA TYR M 61 -17.86 -59.02 84.31
C TYR M 61 -18.49 -58.12 83.27
N PHE M 62 -18.49 -58.51 82.00
CA PHE M 62 -18.72 -57.55 80.93
C PHE M 62 -20.19 -57.53 80.54
N ALA M 63 -20.87 -56.43 80.89
CA ALA M 63 -22.22 -56.17 80.41
C ALA M 63 -22.44 -54.70 80.09
N LEU M 64 -21.36 -53.93 79.90
CA LEU M 64 -21.42 -52.52 79.53
C LEU M 64 -22.22 -51.70 80.55
N ASN M 65 -21.69 -51.66 81.77
CA ASN M 65 -22.35 -50.96 82.87
C ASN M 65 -21.37 -50.23 83.78
N TYR M 69 -16.24 -50.78 80.39
CA TYR M 69 -17.27 -51.00 81.40
C TYR M 69 -17.45 -52.48 81.67
N LYS M 70 -17.20 -52.89 82.91
CA LYS M 70 -17.23 -54.31 83.26
C LYS M 70 -17.92 -54.60 84.59
N ALA M 71 -19.00 -53.88 84.92
CA ALA M 71 -19.68 -54.14 86.17
C ALA M 71 -20.59 -55.37 86.05
N MET M 72 -20.71 -56.08 87.16
CA MET M 72 -21.54 -57.28 87.25
C MET M 72 -22.99 -56.82 87.35
N SER M 73 -23.80 -57.16 86.35
CA SER M 73 -25.17 -56.69 86.30
C SER M 73 -26.16 -57.83 86.20
N VAL M 74 -27.42 -57.48 86.40
CA VAL M 74 -28.54 -58.39 86.24
C VAL M 74 -29.09 -58.22 84.84
N VAL M 75 -29.32 -59.33 84.14
CA VAL M 75 -29.67 -59.28 82.73
C VAL M 75 -30.99 -59.95 82.41
N ALA M 76 -31.66 -60.55 83.39
CA ALA M 76 -32.91 -61.24 83.10
C ALA M 76 -33.64 -61.52 84.39
N ILE M 77 -34.96 -61.42 84.36
CA ILE M 77 -35.84 -61.82 85.46
C ILE M 77 -36.49 -63.13 85.06
N VAL M 78 -36.37 -64.13 85.93
CA VAL M 78 -36.68 -65.50 85.57
C VAL M 78 -38.12 -65.82 85.95
N GLU M 79 -38.88 -66.36 85.00
CA GLU M 79 -40.26 -66.79 85.22
C GLU M 79 -40.32 -68.22 85.74
N LYS M 80 -39.77 -69.17 85.00
CA LYS M 80 -39.84 -70.58 85.32
C LYS M 80 -38.46 -71.21 85.26
N VAL M 81 -38.16 -72.08 86.21
CA VAL M 81 -36.93 -72.86 86.23
C VAL M 81 -37.35 -74.32 86.21
N PHE M 82 -37.41 -74.91 85.03
CA PHE M 82 -37.71 -76.33 84.90
C PHE M 82 -36.43 -77.12 85.08
N ARG M 83 -36.44 -78.05 86.04
CA ARG M 83 -35.21 -78.74 86.42
C ARG M 83 -35.55 -80.17 86.85
N ASP M 84 -35.09 -81.14 86.08
CA ASP M 84 -35.21 -82.53 86.48
C ASP M 84 -34.26 -83.40 85.65
N GLU N 3 -50.05 -6.24 106.50
CA GLU N 3 -48.75 -6.69 106.02
C GLU N 3 -48.72 -6.73 104.51
N ALA N 4 -47.53 -6.69 103.94
CA ALA N 4 -47.39 -6.68 102.49
C ALA N 4 -47.71 -8.05 101.91
N LEU N 5 -47.54 -8.19 100.60
CA LEU N 5 -47.91 -9.41 99.91
C LEU N 5 -46.97 -9.64 98.75
N GLY N 6 -46.43 -10.83 98.63
CA GLY N 6 -45.48 -11.15 97.58
C GLY N 6 -45.93 -12.34 96.77
N LEU N 7 -45.68 -12.28 95.47
CA LEU N 7 -46.22 -13.25 94.53
C LEU N 7 -45.17 -13.64 93.51
N ILE N 8 -45.03 -14.94 93.26
CA ILE N 8 -44.22 -15.45 92.17
C ILE N 8 -45.04 -16.45 91.39
N GLU N 9 -44.90 -16.44 90.08
CA GLU N 9 -45.62 -17.34 89.20
C GLU N 9 -44.63 -18.07 88.30
N THR N 10 -44.74 -19.39 88.23
CA THR N 10 -43.81 -20.20 87.47
C THR N 10 -44.58 -21.21 86.64
N LYS N 11 -43.88 -21.78 85.65
CA LYS N 11 -44.40 -22.89 84.87
C LYS N 11 -43.91 -24.19 85.50
N GLY N 12 -44.84 -25.01 85.96
CA GLY N 12 -44.45 -26.25 86.59
C GLY N 12 -44.44 -26.15 88.10
N LEU N 13 -44.64 -27.29 88.76
CA LEU N 13 -44.71 -27.28 90.22
C LEU N 13 -43.33 -27.31 90.86
N VAL N 14 -42.36 -27.96 90.21
CA VAL N 14 -41.05 -28.08 90.82
C VAL N 14 -40.41 -26.72 90.99
N ALA N 15 -40.44 -25.89 89.94
CA ALA N 15 -39.82 -24.58 90.01
C ALA N 15 -40.47 -23.71 91.07
N CYS N 16 -41.73 -23.99 91.40
CA CYS N 16 -42.42 -23.18 92.40
C CYS N 16 -42.07 -23.60 93.83
N ILE N 17 -41.88 -24.89 94.06
CA ILE N 17 -41.50 -25.35 95.39
C ILE N 17 -40.10 -24.90 95.73
N GLU N 18 -39.21 -24.87 94.74
CA GLU N 18 -37.88 -24.29 94.95
C GLU N 18 -37.99 -22.81 95.29
N ALA N 19 -38.82 -22.07 94.56
CA ALA N 19 -38.98 -20.65 94.83
C ALA N 19 -39.58 -20.41 96.21
N ALA N 20 -40.58 -21.19 96.60
CA ALA N 20 -41.23 -20.96 97.89
C ALA N 20 -40.33 -21.38 99.04
N ASP N 21 -39.34 -22.23 98.78
CA ASP N 21 -38.40 -22.58 99.84
C ASP N 21 -37.33 -21.51 100.00
N ALA N 22 -36.83 -20.98 98.89
CA ALA N 22 -35.88 -19.88 98.98
C ALA N 22 -36.50 -18.65 99.64
N MET N 23 -37.75 -18.36 99.32
CA MET N 23 -38.43 -17.22 99.93
C MET N 23 -38.49 -17.37 101.45
N CYS N 24 -38.86 -18.56 101.93
CA CYS N 24 -39.06 -18.74 103.35
C CYS N 24 -37.75 -18.71 104.13
N LYS N 25 -36.65 -19.08 103.49
CA LYS N 25 -35.36 -19.07 104.17
C LYS N 25 -34.72 -17.70 104.19
N ALA N 26 -34.93 -16.91 103.13
CA ALA N 26 -34.18 -15.68 102.92
C ALA N 26 -34.65 -14.50 103.76
N ALA N 27 -35.81 -14.59 104.40
CA ALA N 27 -36.30 -13.48 105.20
C ALA N 27 -37.44 -13.97 106.07
N ASN N 28 -37.89 -13.08 106.96
CA ASN N 28 -38.95 -13.43 107.92
C ASN N 28 -40.31 -13.19 107.27
N VAL N 29 -40.71 -14.13 106.42
CA VAL N 29 -42.00 -14.10 105.76
C VAL N 29 -42.69 -15.43 105.98
N GLU N 30 -44.01 -15.43 105.91
CA GLU N 30 -44.83 -16.61 106.14
C GLU N 30 -45.52 -17.01 104.83
N LEU N 31 -45.60 -18.31 104.59
CA LEU N 31 -46.16 -18.82 103.34
C LEU N 31 -47.67 -18.94 103.47
N ILE N 32 -48.40 -18.32 102.55
CA ILE N 32 -49.85 -18.36 102.59
C ILE N 32 -50.37 -19.64 101.95
N GLY N 33 -49.96 -19.92 100.72
CA GLY N 33 -50.35 -21.15 100.06
C GLY N 33 -50.03 -21.10 98.59
N TYR N 34 -50.33 -22.21 97.92
CA TYR N 34 -50.20 -22.34 96.49
C TYR N 34 -51.55 -22.21 95.83
N GLU N 35 -51.54 -21.89 94.53
CA GLU N 35 -52.78 -21.80 93.77
C GLU N 35 -52.42 -21.91 92.29
N ASN N 36 -52.74 -23.04 91.68
CA ASN N 36 -52.49 -23.23 90.26
C ASN N 36 -53.78 -23.01 89.48
N VAL N 37 -53.68 -22.23 88.40
CA VAL N 37 -54.85 -21.86 87.61
C VAL N 37 -54.62 -22.41 86.21
N GLY N 38 -55.07 -23.64 85.98
CA GLY N 38 -55.02 -24.16 84.63
C GLY N 38 -53.60 -24.43 84.16
N SER N 39 -53.31 -23.95 82.96
CA SER N 39 -52.24 -24.54 82.16
C SER N 39 -50.86 -24.30 82.76
N GLY N 40 -50.38 -25.31 83.50
CA GLY N 40 -49.04 -25.33 84.07
C GLY N 40 -48.56 -24.03 84.67
N LEU N 41 -49.39 -23.39 85.49
CA LEU N 41 -49.04 -22.13 86.14
C LEU N 41 -49.36 -22.25 87.62
N VAL N 42 -48.33 -22.27 88.46
CA VAL N 42 -48.49 -22.33 89.90
C VAL N 42 -47.97 -21.03 90.49
N THR N 43 -48.62 -20.57 91.56
CA THR N 43 -48.30 -19.31 92.18
C THR N 43 -48.19 -19.50 93.68
N ALA N 44 -47.11 -18.99 94.27
CA ALA N 44 -46.90 -19.00 95.71
C ALA N 44 -47.06 -17.59 96.26
N MET N 45 -47.64 -17.48 97.45
CA MET N 45 -47.93 -16.19 98.06
C MET N 45 -47.34 -16.15 99.46
N VAL N 46 -46.58 -15.10 99.75
CA VAL N 46 -45.99 -14.89 101.06
C VAL N 46 -46.43 -13.54 101.58
N LYS N 47 -46.39 -13.37 102.90
CA LYS N 47 -46.77 -12.11 103.51
C LYS N 47 -45.84 -11.79 104.68
N GLY N 48 -45.62 -10.50 104.88
CA GLY N 48 -44.74 -10.02 105.91
C GLY N 48 -44.53 -8.53 105.77
N ASP N 49 -43.55 -8.00 106.48
CA ASP N 49 -43.25 -6.59 106.38
C ASP N 49 -42.74 -6.25 104.98
N VAL N 50 -42.77 -4.96 104.65
CA VAL N 50 -42.48 -4.54 103.29
C VAL N 50 -41.01 -4.75 102.95
N GLY N 51 -40.11 -4.49 103.90
CA GLY N 51 -38.70 -4.71 103.65
C GLY N 51 -38.35 -6.18 103.60
N ALA N 52 -38.99 -6.99 104.43
CA ALA N 52 -38.76 -8.43 104.38
C ALA N 52 -39.32 -9.04 103.11
N VAL N 53 -40.57 -8.73 102.78
CA VAL N 53 -41.21 -9.33 101.61
C VAL N 53 -40.46 -8.95 100.35
N ASN N 54 -39.97 -7.72 100.28
CA ASN N 54 -39.20 -7.30 99.11
C ASN N 54 -37.91 -8.10 99.00
N ALA N 55 -37.35 -8.49 100.13
CA ALA N 55 -36.10 -9.25 100.12
C ALA N 55 -36.34 -10.73 99.85
N ALA N 56 -37.55 -11.21 100.14
CA ALA N 56 -37.84 -12.62 99.88
C ALA N 56 -38.16 -12.85 98.41
N VAL N 57 -38.79 -11.89 97.76
CA VAL N 57 -39.26 -12.11 96.39
C VAL N 57 -38.08 -12.11 95.42
N ASP N 58 -37.10 -11.24 95.62
CA ASP N 58 -35.99 -11.20 94.67
C ASP N 58 -35.04 -12.38 94.87
N SER N 59 -35.06 -13.00 96.04
CA SER N 59 -34.29 -14.23 96.22
C SER N 59 -35.03 -15.42 95.64
N GLY N 60 -36.34 -15.50 95.86
CA GLY N 60 -37.11 -16.58 95.31
C GLY N 60 -37.17 -16.57 93.80
N VAL N 61 -37.22 -15.39 93.19
CA VAL N 61 -37.18 -15.30 91.74
C VAL N 61 -35.85 -15.81 91.23
N GLU N 62 -34.79 -15.57 91.99
CA GLU N 62 -33.45 -15.92 91.56
C GLU N 62 -33.23 -17.43 91.58
N ALA N 63 -33.88 -18.13 92.51
CA ALA N 63 -33.73 -19.58 92.63
C ALA N 63 -34.55 -20.29 91.57
N ALA N 64 -35.83 -19.92 91.42
CA ALA N 64 -36.68 -20.60 90.45
C ALA N 64 -36.24 -20.31 89.02
N LYS N 65 -35.66 -19.14 88.78
CA LYS N 65 -35.12 -18.82 87.47
C LYS N 65 -33.98 -19.76 87.09
N ARG N 66 -33.39 -20.44 88.07
CA ARG N 66 -32.25 -21.30 87.81
C ARG N 66 -32.66 -22.58 87.11
N ILE N 67 -33.79 -23.16 87.50
CA ILE N 67 -34.20 -24.47 87.02
C ILE N 67 -35.51 -24.43 86.22
N GLY N 68 -36.21 -23.31 86.20
CA GLY N 68 -37.46 -23.25 85.48
C GLY N 68 -37.73 -21.88 84.91
N LYS N 69 -38.98 -21.61 84.58
CA LYS N 69 -39.39 -20.33 84.03
C LYS N 69 -40.16 -19.57 85.09
N VAL N 70 -39.69 -18.38 85.44
CA VAL N 70 -40.44 -17.46 86.29
C VAL N 70 -41.23 -16.55 85.38
N VAL N 71 -42.56 -16.60 85.49
CA VAL N 71 -43.40 -15.85 84.58
C VAL N 71 -43.56 -14.41 85.06
N SER N 72 -43.84 -14.23 86.34
CA SER N 72 -44.09 -12.90 86.87
C SER N 72 -43.82 -12.88 88.36
N SER N 73 -43.48 -11.70 88.87
CA SER N 73 -43.33 -11.47 90.30
C SER N 73 -43.84 -10.08 90.63
N ARG N 74 -44.27 -9.89 91.86
CA ARG N 74 -44.90 -8.63 92.23
C ARG N 74 -45.02 -8.54 93.74
N VAL N 75 -44.76 -7.35 94.28
CA VAL N 75 -44.94 -7.06 95.70
C VAL N 75 -46.01 -5.98 95.81
N ILE N 76 -46.98 -6.21 96.69
CA ILE N 76 -48.04 -5.25 96.97
C ILE N 76 -47.81 -4.71 98.38
N ALA N 77 -47.50 -3.42 98.48
CA ALA N 77 -47.03 -2.86 99.73
C ALA N 77 -48.15 -2.75 100.76
N ARG N 78 -49.36 -2.45 100.32
CA ARG N 78 -50.53 -2.44 101.19
C ARG N 78 -51.71 -3.02 100.43
N PRO N 79 -52.00 -4.30 100.59
CA PRO N 79 -53.15 -4.88 99.89
C PRO N 79 -54.44 -4.36 100.49
N HIS N 80 -55.41 -4.11 99.62
CA HIS N 80 -56.69 -3.60 100.06
C HIS N 80 -57.42 -4.66 100.89
N ASN N 81 -58.19 -4.17 101.87
CA ASN N 81 -58.82 -5.07 102.82
C ASN N 81 -59.71 -6.08 102.13
N ASP N 82 -60.40 -5.67 101.06
CA ASP N 82 -61.28 -6.57 100.34
C ASP N 82 -60.52 -7.77 99.80
N ILE N 83 -59.29 -7.56 99.33
CA ILE N 83 -58.50 -8.61 98.74
C ILE N 83 -57.88 -9.47 99.84
N GLU O 3 -37.18 -34.70 107.06
CA GLU O 3 -36.44 -35.53 106.11
C GLU O 3 -36.41 -34.86 104.76
N ALA O 4 -35.49 -35.31 103.90
CA ALA O 4 -35.29 -34.69 102.61
C ALA O 4 -36.51 -34.86 101.73
N LEU O 5 -36.45 -34.30 100.53
CA LEU O 5 -37.60 -34.28 99.63
C LEU O 5 -37.10 -34.24 98.20
N GLY O 6 -37.60 -35.13 97.37
CA GLY O 6 -37.17 -35.19 95.98
C GLY O 6 -38.36 -35.09 95.05
N LEU O 7 -38.13 -34.45 93.91
CA LEU O 7 -39.17 -34.20 92.93
C LEU O 7 -38.68 -34.52 91.54
N ILE O 8 -39.52 -35.16 90.75
CA ILE O 8 -39.31 -35.34 89.32
C ILE O 8 -40.56 -34.89 88.60
N GLU O 9 -40.39 -34.12 87.53
CA GLU O 9 -41.51 -33.62 86.75
C GLU O 9 -41.41 -34.13 85.32
N THR O 10 -42.46 -34.78 84.86
CA THR O 10 -42.46 -35.44 83.57
C THR O 10 -43.68 -35.03 82.77
N LYS O 11 -43.57 -35.11 81.45
CA LYS O 11 -44.68 -34.85 80.55
C LYS O 11 -45.41 -36.15 80.29
N GLY O 12 -46.61 -36.28 80.84
CA GLY O 12 -47.37 -37.49 80.69
C GLY O 12 -47.29 -38.36 81.93
N LEU O 13 -48.35 -39.15 82.15
CA LEU O 13 -48.42 -39.96 83.36
C LEU O 13 -47.59 -41.23 83.26
N VAL O 14 -47.47 -41.81 82.07
CA VAL O 14 -46.73 -43.06 81.93
C VAL O 14 -45.28 -42.87 82.34
N ALA O 15 -44.63 -41.81 81.85
CA ALA O 15 -43.25 -41.55 82.22
C ALA O 15 -43.09 -41.31 83.70
N CYS O 16 -44.16 -40.86 84.36
CA CYS O 16 -44.07 -40.61 85.80
C CYS O 16 -44.19 -41.89 86.62
N ILE O 17 -44.89 -42.90 86.11
CA ILE O 17 -44.96 -44.15 86.85
C ILE O 17 -43.68 -44.97 86.66
N GLU O 18 -43.04 -44.88 85.51
CA GLU O 18 -41.73 -45.48 85.36
C GLU O 18 -40.70 -44.80 86.27
N ALA O 19 -40.77 -43.47 86.36
CA ALA O 19 -39.86 -42.76 87.25
C ALA O 19 -40.09 -43.15 88.71
N ALA O 20 -41.35 -43.22 89.12
CA ALA O 20 -41.63 -43.53 90.52
C ALA O 20 -41.31 -44.98 90.85
N ASP O 21 -41.34 -45.86 89.86
CA ASP O 21 -40.98 -47.26 90.11
C ASP O 21 -39.48 -47.41 90.31
N ALA O 22 -38.69 -46.70 89.50
CA ALA O 22 -37.25 -46.74 89.68
C ALA O 22 -36.85 -46.10 91.00
N MET O 23 -37.51 -45.00 91.37
CA MET O 23 -37.20 -44.33 92.63
C MET O 23 -37.44 -45.24 93.82
N CYS O 24 -38.56 -45.95 93.84
CA CYS O 24 -38.92 -46.76 94.99
C CYS O 24 -38.10 -48.03 95.12
N LYS O 25 -37.49 -48.49 94.02
CA LYS O 25 -36.63 -49.67 94.08
C LYS O 25 -35.19 -49.32 94.40
N ALA O 26 -34.78 -48.08 94.16
CA ALA O 26 -33.38 -47.70 94.25
C ALA O 26 -32.93 -47.49 95.69
N ALA O 27 -33.83 -47.14 96.59
CA ALA O 27 -33.45 -46.89 97.97
C ALA O 27 -34.69 -46.99 98.85
N ASN O 28 -34.51 -46.69 100.13
CA ASN O 28 -35.57 -46.85 101.12
C ASN O 28 -36.24 -45.50 101.35
N VAL O 29 -37.08 -45.12 100.39
CA VAL O 29 -37.84 -43.89 100.44
C VAL O 29 -39.32 -44.24 100.36
N GLU O 30 -40.14 -43.42 101.02
CA GLU O 30 -41.58 -43.58 100.95
C GLU O 30 -42.14 -42.59 99.95
N LEU O 31 -43.03 -43.06 99.09
CA LEU O 31 -43.59 -42.25 98.01
C LEU O 31 -44.83 -41.54 98.50
N ILE O 32 -44.86 -40.22 98.34
CA ILE O 32 -45.96 -39.42 98.87
C ILE O 32 -47.16 -39.41 97.95
N GLY O 33 -46.97 -39.05 96.70
CA GLY O 33 -48.07 -39.10 95.75
C GLY O 33 -47.83 -38.18 94.57
N TYR O 34 -48.70 -38.31 93.59
CA TYR O 34 -48.62 -37.54 92.36
C TYR O 34 -49.38 -36.23 92.49
N GLU O 35 -49.13 -35.32 91.55
CA GLU O 35 -49.82 -34.05 91.51
C GLU O 35 -49.64 -33.47 90.11
N ASN O 36 -50.73 -33.40 89.34
CA ASN O 36 -50.66 -32.79 88.02
C ASN O 36 -51.23 -31.38 88.08
N VAL O 37 -50.58 -30.48 87.35
CA VAL O 37 -50.91 -29.07 87.36
C VAL O 37 -51.47 -28.63 86.01
N GLY O 38 -51.74 -29.56 85.11
CA GLY O 38 -52.24 -29.22 83.80
C GLY O 38 -51.11 -29.05 82.80
N SER O 39 -51.51 -29.03 81.52
CA SER O 39 -50.60 -28.99 80.39
C SER O 39 -49.78 -30.26 80.24
N GLY O 40 -50.22 -31.34 80.86
CA GLY O 40 -49.53 -32.61 80.74
C GLY O 40 -48.40 -32.83 81.71
N LEU O 41 -48.19 -31.93 82.66
CA LEU O 41 -47.08 -32.03 83.60
C LEU O 41 -47.55 -32.80 84.84
N VAL O 42 -46.88 -33.90 85.13
CA VAL O 42 -47.14 -34.70 86.32
C VAL O 42 -45.87 -34.76 87.15
N THR O 43 -46.02 -34.73 88.46
CA THR O 43 -44.89 -34.65 89.38
C THR O 43 -45.03 -35.72 90.45
N ALA O 44 -43.94 -36.45 90.70
CA ALA O 44 -43.86 -37.44 91.75
C ALA O 44 -42.97 -36.92 92.87
N MET O 45 -43.34 -37.21 94.12
CA MET O 45 -42.66 -36.68 95.29
C MET O 45 -42.35 -37.81 96.24
N VAL O 46 -41.08 -37.95 96.62
CA VAL O 46 -40.65 -38.94 97.59
C VAL O 46 -40.03 -38.21 98.78
N LYS O 47 -39.83 -38.94 99.87
CA LYS O 47 -39.21 -38.34 101.04
C LYS O 47 -38.51 -39.42 101.86
N GLY O 48 -37.35 -39.06 102.39
CA GLY O 48 -36.55 -39.97 103.17
C GLY O 48 -35.26 -39.28 103.56
N ASP O 49 -34.29 -40.08 104.00
CA ASP O 49 -32.98 -39.52 104.32
C ASP O 49 -32.33 -38.98 103.05
N VAL O 50 -31.38 -38.06 103.24
CA VAL O 50 -30.84 -37.32 102.11
C VAL O 50 -29.87 -38.15 101.29
N GLY O 51 -29.29 -39.21 101.86
CA GLY O 51 -28.50 -40.12 101.05
C GLY O 51 -29.36 -41.04 100.21
N ALA O 52 -30.53 -41.42 100.72
CA ALA O 52 -31.44 -42.25 99.97
C ALA O 52 -32.15 -41.46 98.90
N VAL O 53 -32.64 -40.26 99.25
CA VAL O 53 -33.40 -39.45 98.30
C VAL O 53 -32.50 -39.02 97.15
N ASN O 54 -31.24 -38.73 97.43
CA ASN O 54 -30.32 -38.37 96.36
C ASN O 54 -30.12 -39.53 95.40
N ALA O 55 -30.06 -40.75 95.92
CA ALA O 55 -29.85 -41.91 95.06
C ALA O 55 -31.10 -42.23 94.27
N ALA O 56 -32.28 -42.05 94.88
CA ALA O 56 -33.52 -42.36 94.19
C ALA O 56 -33.78 -41.40 93.03
N VAL O 57 -33.58 -40.11 93.25
CA VAL O 57 -33.89 -39.13 92.21
C VAL O 57 -32.98 -39.31 91.01
N ASP O 58 -31.72 -39.67 91.24
CA ASP O 58 -30.81 -39.86 90.11
C ASP O 58 -31.20 -41.07 89.28
N SER O 59 -31.68 -42.13 89.93
CA SER O 59 -32.09 -43.31 89.19
C SER O 59 -33.42 -43.07 88.49
N GLY O 60 -34.36 -42.44 89.19
CA GLY O 60 -35.65 -42.15 88.58
C GLY O 60 -35.54 -41.25 87.37
N VAL O 61 -34.58 -40.33 87.37
CA VAL O 61 -34.43 -39.44 86.23
C VAL O 61 -33.94 -40.21 85.01
N GLU O 62 -33.01 -41.14 85.21
CA GLU O 62 -32.46 -41.87 84.07
C GLU O 62 -33.46 -42.84 83.48
N ALA O 63 -34.30 -43.46 84.31
CA ALA O 63 -35.28 -44.39 83.80
C ALA O 63 -36.39 -43.69 83.03
N ALA O 64 -36.92 -42.60 83.60
CA ALA O 64 -37.97 -41.85 82.89
C ALA O 64 -37.44 -41.18 81.64
N LYS O 65 -36.18 -40.75 81.66
CA LYS O 65 -35.57 -40.16 80.47
C LYS O 65 -35.58 -41.12 79.30
N ARG O 66 -35.55 -42.42 79.60
CA ARG O 66 -35.41 -43.43 78.55
C ARG O 66 -36.69 -43.54 77.71
N ILE O 67 -37.85 -43.35 78.32
CA ILE O 67 -39.13 -43.63 77.68
C ILE O 67 -40.02 -42.40 77.57
N GLY O 68 -39.57 -41.24 78.03
CA GLY O 68 -40.38 -40.05 77.96
C GLY O 68 -39.52 -38.83 78.09
N LYS O 69 -40.17 -37.71 78.40
CA LYS O 69 -39.48 -36.44 78.59
C LYS O 69 -39.49 -36.10 80.07
N VAL O 70 -38.32 -35.91 80.64
CA VAL O 70 -38.18 -35.41 82.00
C VAL O 70 -38.00 -33.91 81.92
N VAL O 71 -38.89 -33.17 82.56
CA VAL O 71 -38.85 -31.72 82.49
C VAL O 71 -37.91 -31.13 83.53
N SER O 72 -37.93 -31.66 84.74
CA SER O 72 -37.18 -31.06 85.84
C SER O 72 -37.05 -32.06 86.97
N SER O 73 -36.00 -31.90 87.76
CA SER O 73 -35.78 -32.72 88.94
C SER O 73 -35.08 -31.88 90.00
N ARG O 74 -35.22 -32.29 91.25
CA ARG O 74 -34.72 -31.46 92.32
C ARG O 74 -34.74 -32.23 93.63
N VAL O 75 -33.69 -32.05 94.43
CA VAL O 75 -33.64 -32.58 95.80
C VAL O 75 -33.56 -31.39 96.75
N ILE O 76 -34.37 -31.42 97.80
CA ILE O 76 -34.37 -30.39 98.82
C ILE O 76 -33.93 -31.05 100.12
N ALA O 77 -32.71 -30.75 100.55
CA ALA O 77 -32.11 -31.49 101.65
C ALA O 77 -32.77 -31.15 102.98
N ARG O 78 -32.86 -29.88 103.32
CA ARG O 78 -33.56 -29.45 104.54
C ARG O 78 -34.75 -28.60 104.14
N PRO O 79 -35.93 -29.17 103.98
CA PRO O 79 -37.10 -28.37 103.61
C PRO O 79 -37.62 -27.60 104.80
N HIS O 80 -38.11 -26.39 104.52
CA HIS O 80 -38.64 -25.54 105.56
C HIS O 80 -39.94 -26.13 106.11
N ASN O 81 -40.22 -25.81 107.37
CA ASN O 81 -41.40 -26.39 108.02
C ASN O 81 -42.69 -25.80 107.46
N ASP O 82 -42.65 -24.59 106.93
CA ASP O 82 -43.82 -24.04 106.23
C ASP O 82 -44.13 -24.84 104.98
N ILE O 83 -43.12 -25.44 104.37
CA ILE O 83 -43.31 -26.23 103.16
C ILE O 83 -43.77 -27.65 103.54
N GLU P 3 -17.00 -37.73 110.60
CA GLU P 3 -17.98 -37.35 109.60
C GLU P 3 -17.30 -36.61 108.46
N ALA P 4 -18.04 -36.40 107.37
CA ALA P 4 -17.46 -35.85 106.16
C ALA P 4 -16.98 -34.42 106.39
N LEU P 5 -16.31 -33.87 105.39
CA LEU P 5 -15.70 -32.56 105.51
C LEU P 5 -15.82 -31.84 104.17
N GLY P 6 -16.35 -30.63 104.19
CA GLY P 6 -16.52 -29.87 102.97
C GLY P 6 -15.84 -28.52 103.00
N LEU P 7 -15.15 -28.18 101.93
CA LEU P 7 -14.34 -26.97 101.87
C LEU P 7 -14.70 -26.14 100.65
N ILE P 8 -14.76 -24.82 100.83
CA ILE P 8 -14.89 -23.88 99.75
C ILE P 8 -13.84 -22.81 99.93
N GLU P 9 -13.20 -22.39 98.85
CA GLU P 9 -12.14 -21.39 98.90
C GLU P 9 -12.46 -20.28 97.91
N THR P 10 -12.43 -19.05 98.40
CA THR P 10 -12.82 -17.89 97.62
C THR P 10 -11.78 -16.80 97.74
N LYS P 11 -11.85 -15.83 96.84
CA LYS P 11 -11.06 -14.60 96.95
C LYS P 11 -11.89 -13.56 97.68
N GLY P 12 -11.44 -13.15 98.85
CA GLY P 12 -12.18 -12.13 99.57
C GLY P 12 -13.12 -12.72 100.58
N LEU P 13 -13.45 -11.91 101.60
CA LEU P 13 -14.26 -12.40 102.70
C LEU P 13 -15.75 -12.35 102.40
N VAL P 14 -16.18 -11.44 101.54
CA VAL P 14 -17.61 -11.31 101.29
C VAL P 14 -18.13 -12.54 100.57
N ALA P 15 -17.42 -13.01 99.55
CA ALA P 15 -17.86 -14.21 98.84
C ALA P 15 -17.86 -15.43 99.74
N CYS P 16 -17.08 -15.39 100.82
CA CYS P 16 -17.01 -16.53 101.72
C CYS P 16 -18.12 -16.51 102.76
N ILE P 17 -18.59 -15.32 103.15
CA ILE P 17 -19.72 -15.28 104.07
C ILE P 17 -21.00 -15.64 103.35
N GLU P 18 -21.09 -15.35 102.06
CA GLU P 18 -22.26 -15.79 101.30
C GLU P 18 -22.24 -17.29 101.07
N ALA P 19 -21.06 -17.86 100.80
CA ALA P 19 -20.95 -19.30 100.70
C ALA P 19 -21.27 -19.99 102.02
N ALA P 20 -20.79 -19.44 103.13
CA ALA P 20 -21.04 -20.08 104.42
C ALA P 20 -22.48 -19.94 104.83
N ASP P 21 -23.16 -18.88 104.41
CA ASP P 21 -24.57 -18.72 104.75
C ASP P 21 -25.42 -19.69 103.94
N ALA P 22 -25.15 -19.82 102.65
CA ALA P 22 -25.91 -20.74 101.82
C ALA P 22 -25.70 -22.18 102.26
N MET P 23 -24.47 -22.53 102.61
CA MET P 23 -24.18 -23.90 103.04
C MET P 23 -24.98 -24.25 104.29
N CYS P 24 -25.01 -23.35 105.26
CA CYS P 24 -25.68 -23.68 106.51
C CYS P 24 -27.19 -23.69 106.38
N LYS P 25 -27.74 -23.07 105.35
CA LYS P 25 -29.18 -23.08 105.16
C LYS P 25 -29.65 -24.32 104.44
N ALA P 26 -28.85 -24.82 103.50
CA ALA P 26 -29.29 -25.81 102.53
C ALA P 26 -29.06 -27.24 102.96
N ALA P 27 -28.65 -27.50 104.20
CA ALA P 27 -28.44 -28.85 104.68
C ALA P 27 -28.16 -28.79 106.17
N ASN P 28 -28.19 -29.97 106.80
CA ASN P 28 -27.95 -30.07 108.24
C ASN P 28 -26.45 -30.30 108.46
N VAL P 29 -25.70 -29.20 108.45
CA VAL P 29 -24.26 -29.25 108.62
C VAL P 29 -23.86 -28.30 109.74
N GLU P 30 -22.65 -28.47 110.23
CA GLU P 30 -22.08 -27.62 111.27
C GLU P 30 -20.92 -26.83 110.69
N LEU P 31 -20.91 -25.53 110.93
CA LEU P 31 -19.82 -24.69 110.46
C LEU P 31 -18.68 -24.71 111.46
N ILE P 32 -17.49 -25.06 110.99
CA ILE P 32 -16.31 -25.12 111.86
C ILE P 32 -15.65 -23.77 111.98
N GLY P 33 -15.41 -23.10 110.87
CA GLY P 33 -14.87 -21.76 110.92
C GLY P 33 -14.17 -21.39 109.63
N TYR P 34 -13.63 -20.18 109.62
CA TYR P 34 -12.87 -19.66 108.51
C TYR P 34 -11.38 -19.76 108.79
N GLU P 35 -10.59 -19.75 107.72
CA GLU P 35 -9.15 -19.85 107.85
C GLU P 35 -8.52 -19.24 106.60
N ASN P 36 -8.00 -18.03 106.71
CA ASN P 36 -7.39 -17.36 105.58
C ASN P 36 -5.87 -17.51 105.63
N VAL P 37 -5.25 -17.45 104.45
CA VAL P 37 -3.82 -17.69 104.33
C VAL P 37 -3.15 -16.55 103.57
N GLY P 38 -3.74 -15.36 103.61
CA GLY P 38 -3.21 -14.23 102.88
C GLY P 38 -3.47 -14.37 101.40
N SER P 39 -3.11 -13.31 100.67
CA SER P 39 -3.43 -13.12 99.26
C SER P 39 -4.93 -13.05 99.01
N GLY P 40 -5.72 -12.85 100.06
CA GLY P 40 -7.15 -12.75 99.92
C GLY P 40 -7.88 -14.07 99.83
N LEU P 41 -7.19 -15.19 99.95
CA LEU P 41 -7.84 -16.49 99.93
C LEU P 41 -8.41 -16.78 101.31
N VAL P 42 -9.72 -17.01 101.37
CA VAL P 42 -10.40 -17.39 102.60
C VAL P 42 -11.13 -18.71 102.35
N THR P 43 -11.16 -19.56 103.36
CA THR P 43 -11.70 -20.91 103.23
C THR P 43 -12.72 -21.18 104.33
N ALA P 44 -13.85 -21.75 103.96
CA ALA P 44 -14.89 -22.15 104.90
C ALA P 44 -14.90 -23.67 105.02
N MET P 45 -15.14 -24.16 106.23
CA MET P 45 -15.13 -25.60 106.50
C MET P 45 -16.42 -25.98 107.19
N VAL P 46 -17.19 -26.86 106.56
CA VAL P 46 -18.40 -27.41 107.17
C VAL P 46 -18.17 -28.88 107.48
N LYS P 47 -19.02 -29.44 108.32
CA LYS P 47 -18.83 -30.80 108.80
C LYS P 47 -20.18 -31.45 109.08
N GLY P 48 -20.38 -32.64 108.54
CA GLY P 48 -21.62 -33.36 108.76
C GLY P 48 -21.60 -34.68 108.04
N ASP P 49 -22.78 -35.30 107.93
CA ASP P 49 -22.88 -36.55 107.20
C ASP P 49 -22.56 -36.33 105.73
N VAL P 50 -22.21 -37.43 105.05
CA VAL P 50 -21.69 -37.32 103.69
C VAL P 50 -22.74 -36.76 102.74
N GLY P 51 -23.99 -37.22 102.87
CA GLY P 51 -25.02 -36.76 101.98
C GLY P 51 -25.36 -35.30 102.19
N ALA P 52 -25.44 -34.88 103.45
CA ALA P 52 -25.69 -33.48 103.76
C ALA P 52 -24.54 -32.60 103.28
N VAL P 53 -23.31 -32.97 103.65
CA VAL P 53 -22.15 -32.17 103.30
C VAL P 53 -22.01 -32.06 101.80
N ASN P 54 -22.29 -33.14 101.08
CA ASN P 54 -22.27 -33.07 99.62
C ASN P 54 -23.21 -31.98 99.14
N ALA P 55 -24.48 -32.05 99.54
CA ALA P 55 -25.49 -31.07 99.11
C ALA P 55 -25.10 -29.65 99.50
N ALA P 56 -24.57 -29.46 100.70
CA ALA P 56 -24.21 -28.13 101.15
C ALA P 56 -23.17 -27.50 100.24
N VAL P 57 -22.13 -28.25 99.89
CA VAL P 57 -21.04 -27.68 99.10
C VAL P 57 -21.52 -27.29 97.72
N ASP P 58 -22.45 -28.07 97.15
CA ASP P 58 -22.98 -27.70 95.83
C ASP P 58 -23.74 -26.39 95.89
N SER P 59 -24.56 -26.20 96.93
CA SER P 59 -25.31 -24.96 97.07
C SER P 59 -24.40 -23.80 97.41
N GLY P 60 -23.44 -24.01 98.31
CA GLY P 60 -22.56 -22.95 98.72
C GLY P 60 -21.69 -22.41 97.60
N VAL P 61 -21.26 -23.30 96.69
CA VAL P 61 -20.46 -22.84 95.56
C VAL P 61 -21.33 -22.07 94.59
N GLU P 62 -22.59 -22.46 94.47
CA GLU P 62 -23.48 -21.81 93.52
C GLU P 62 -23.83 -20.39 93.95
N ALA P 63 -23.98 -20.17 95.27
CA ALA P 63 -24.26 -18.83 95.76
C ALA P 63 -23.03 -17.95 95.72
N ALA P 64 -21.86 -18.49 96.08
CA ALA P 64 -20.66 -17.68 96.15
C ALA P 64 -20.15 -17.31 94.77
N LYS P 65 -20.20 -18.24 93.82
CA LYS P 65 -19.76 -17.96 92.47
C LYS P 65 -20.56 -16.82 91.84
N ARG P 66 -21.69 -16.49 92.43
CA ARG P 66 -22.61 -15.54 91.83
C ARG P 66 -22.17 -14.10 92.05
N ILE P 67 -21.47 -13.83 93.14
CA ILE P 67 -21.01 -12.49 93.46
C ILE P 67 -19.50 -12.37 93.47
N GLY P 68 -18.76 -13.46 93.59
CA GLY P 68 -17.32 -13.38 93.66
C GLY P 68 -16.66 -14.53 92.94
N LYS P 69 -15.45 -14.90 93.37
CA LYS P 69 -14.71 -15.97 92.72
C LYS P 69 -14.55 -17.16 93.67
N VAL P 70 -15.00 -18.31 93.22
CA VAL P 70 -14.80 -19.56 93.95
C VAL P 70 -13.55 -20.22 93.38
N VAL P 71 -12.52 -20.33 94.20
CA VAL P 71 -11.24 -20.85 93.71
C VAL P 71 -11.28 -22.37 93.62
N SER P 72 -11.80 -23.04 94.64
CA SER P 72 -11.87 -24.49 94.62
C SER P 72 -12.87 -24.97 95.68
N SER P 73 -13.39 -26.16 95.46
CA SER P 73 -14.28 -26.82 96.41
C SER P 73 -13.93 -28.30 96.45
N ARG P 74 -14.29 -28.94 97.55
CA ARG P 74 -13.87 -30.33 97.77
C ARG P 74 -14.64 -30.92 98.93
N VAL P 75 -15.00 -32.19 98.81
CA VAL P 75 -15.63 -32.96 99.88
C VAL P 75 -14.77 -34.17 100.18
N ILE P 76 -14.39 -34.32 101.44
CA ILE P 76 -13.67 -35.49 101.92
C ILE P 76 -14.67 -36.36 102.68
N ALA P 77 -14.99 -37.52 102.13
CA ALA P 77 -16.05 -38.34 102.71
C ALA P 77 -15.66 -38.90 104.06
N ARG P 78 -14.37 -39.15 104.28
CA ARG P 78 -13.90 -39.70 105.54
C ARG P 78 -12.46 -39.27 105.76
N PRO P 79 -12.24 -38.18 106.48
CA PRO P 79 -10.89 -37.69 106.68
C PRO P 79 -10.13 -38.56 107.66
N HIS P 80 -8.82 -38.60 107.48
CA HIS P 80 -7.96 -39.25 108.44
C HIS P 80 -8.01 -38.51 109.77
N ASN P 81 -7.76 -39.23 110.86
CA ASN P 81 -7.82 -38.60 112.17
C ASN P 81 -6.75 -37.53 112.33
N ASP P 82 -5.62 -37.67 111.64
CA ASP P 82 -4.59 -36.64 111.68
C ASP P 82 -5.11 -35.34 111.08
N ILE P 83 -5.93 -35.43 110.03
CA ILE P 83 -6.48 -34.24 109.41
C ILE P 83 -7.38 -33.48 110.36
N GLU P 84 -7.96 -34.14 111.35
CA GLU P 84 -8.77 -33.43 112.33
C GLU P 84 -7.93 -32.96 113.51
N LYS P 85 -6.78 -32.39 113.17
CA LYS P 85 -5.96 -31.59 114.05
C LYS P 85 -5.41 -30.38 113.33
N ILE P 86 -5.53 -30.33 112.01
CA ILE P 86 -5.15 -29.18 111.21
C ILE P 86 -6.31 -28.22 111.03
N ALA P 87 -7.50 -28.77 110.76
CA ALA P 87 -8.70 -27.94 110.67
C ALA P 87 -9.09 -27.39 112.04
N GLY P 88 -9.40 -28.27 112.97
CA GLY P 88 -9.75 -27.87 114.32
C GLY P 88 -8.55 -27.73 115.24
N MET Q 1 -85.98 26.17 62.52
CA MET Q 1 -85.69 26.43 63.92
C MET Q 1 -86.95 26.65 64.71
N ILE Q 2 -86.86 26.58 66.03
CA ILE Q 2 -87.96 26.89 66.92
C ILE Q 2 -87.43 27.69 68.10
N LEU Q 3 -88.24 28.59 68.63
CA LEU Q 3 -87.91 29.26 69.88
C LEU Q 3 -88.14 28.33 71.04
N ALA Q 4 -87.15 28.22 71.91
CA ALA Q 4 -87.25 27.33 73.04
C ALA Q 4 -86.46 27.92 74.20
N LYS Q 5 -86.65 27.33 75.38
CA LYS Q 5 -86.01 27.79 76.59
C LYS Q 5 -85.31 26.61 77.26
N VAL Q 6 -84.06 26.81 77.67
CA VAL Q 6 -83.33 25.75 78.35
C VAL Q 6 -83.89 25.59 79.75
N THR Q 7 -84.27 24.36 80.09
CA THR Q 7 -84.93 24.08 81.36
C THR Q 7 -84.23 23.02 82.20
N GLY Q 8 -83.07 22.53 81.78
CA GLY Q 8 -82.37 21.52 82.55
C GLY Q 8 -81.20 20.97 81.77
N HIS Q 9 -80.74 19.80 82.19
CA HIS Q 9 -79.68 19.10 81.47
C HIS Q 9 -79.79 17.61 81.78
N VAL Q 10 -79.07 16.82 81.00
CA VAL Q 10 -79.10 15.37 81.09
C VAL Q 10 -77.67 14.86 81.24
N VAL Q 11 -77.45 13.98 82.19
CA VAL Q 11 -76.14 13.38 82.43
C VAL Q 11 -76.22 11.93 81.98
N ALA Q 12 -75.51 11.60 80.91
CA ALA Q 12 -75.50 10.26 80.33
C ALA Q 12 -74.06 9.79 80.23
N THR Q 13 -73.77 8.65 80.84
CA THR Q 13 -72.41 8.10 80.87
C THR Q 13 -72.18 7.09 79.76
N GLN Q 14 -73.09 6.14 79.61
CA GLN Q 14 -73.00 5.11 78.57
C GLN Q 14 -73.69 5.64 77.32
N LYS Q 15 -72.90 6.07 76.34
CA LYS Q 15 -73.46 6.64 75.14
C LYS Q 15 -72.51 6.43 73.98
N CYS Q 16 -72.97 6.78 72.79
CA CYS Q 16 -72.19 6.58 71.58
C CYS Q 16 -70.98 7.51 71.58
N ASP Q 17 -70.18 7.40 70.52
CA ASP Q 17 -68.97 8.19 70.39
C ASP Q 17 -69.18 9.49 69.64
N GLU Q 18 -70.23 9.58 68.83
CA GLU Q 18 -70.55 10.83 68.15
C GLU Q 18 -71.01 11.91 69.12
N LEU Q 19 -71.20 11.56 70.39
CA LEU Q 19 -71.69 12.49 71.40
C LEU Q 19 -70.69 12.78 72.50
N ARG Q 20 -69.45 12.32 72.37
CA ARG Q 20 -68.47 12.51 73.43
C ARG Q 20 -68.05 13.97 73.50
N GLY Q 21 -68.05 14.52 74.70
CA GLY Q 21 -67.58 15.88 74.91
C GLY Q 21 -68.55 16.94 74.42
N SER Q 22 -69.79 16.88 74.87
CA SER Q 22 -70.80 17.85 74.47
C SER Q 22 -71.85 17.90 75.56
N ASN Q 23 -72.56 19.03 75.62
CA ASN Q 23 -73.61 19.22 76.59
C ASN Q 23 -74.91 18.62 76.05
N LEU Q 24 -75.80 18.27 76.95
CA LEU Q 24 -77.12 17.75 76.57
C LEU Q 24 -78.17 18.49 77.39
N LEU Q 25 -78.84 19.44 76.77
CA LEU Q 25 -79.78 20.32 77.46
C LEU Q 25 -81.20 19.88 77.19
N LEU Q 26 -82.06 20.08 78.18
CA LEU Q 26 -83.50 19.93 77.99
C LEU Q 26 -84.04 21.24 77.42
N ILE Q 27 -84.82 21.14 76.37
CA ILE Q 27 -85.18 22.27 75.52
C ILE Q 27 -86.69 22.26 75.41
N THR Q 28 -87.36 23.24 76.02
CA THR Q 28 -88.81 23.28 76.03
C THR Q 28 -89.32 24.34 75.07
N ARG Q 29 -90.19 23.94 74.15
CA ARG Q 29 -90.77 24.88 73.21
C ARG Q 29 -91.74 25.81 73.92
N LEU Q 30 -91.62 27.11 73.64
CA LEU Q 30 -92.43 28.11 74.32
C LEU Q 30 -93.40 28.76 73.34
N ASP Q 31 -94.56 29.16 73.86
CA ASP Q 31 -95.68 29.61 73.04
C ASP Q 31 -95.58 31.10 72.71
N ASP Q 32 -96.66 31.68 72.14
CA ASP Q 32 -96.62 33.04 71.63
C ASP Q 32 -96.68 34.10 72.72
N LYS Q 33 -96.64 33.72 73.99
CA LYS Q 33 -96.47 34.66 75.09
C LYS Q 33 -95.11 34.51 75.74
N GLN Q 34 -94.18 33.82 75.08
CA GLN Q 34 -92.88 33.48 75.63
C GLN Q 34 -93.03 32.75 76.96
N GLN Q 35 -93.76 31.63 76.90
CA GLN Q 35 -94.04 30.83 78.08
C GLN Q 35 -93.96 29.36 77.67
N PRO Q 36 -93.25 28.53 78.43
CA PRO Q 36 -93.08 27.13 78.02
C PRO Q 36 -94.41 26.39 77.96
N MET Q 37 -94.47 25.42 77.05
CA MET Q 37 -95.64 24.60 76.84
C MET Q 37 -95.53 23.31 77.64
N LYS Q 38 -96.52 22.44 77.48
CA LYS Q 38 -96.58 21.17 78.20
C LYS Q 38 -96.27 20.04 77.24
N ASP Q 39 -95.43 19.09 77.68
CA ASP Q 39 -95.08 17.92 76.90
C ASP Q 39 -94.43 18.30 75.56
N GLN Q 40 -93.46 19.20 75.62
CA GLN Q 40 -92.81 19.69 74.41
C GLN Q 40 -91.31 19.81 74.62
N THR Q 41 -90.70 18.80 75.24
CA THR Q 41 -89.30 18.85 75.61
C THR Q 41 -88.47 17.91 74.74
N TRP Q 42 -87.37 18.43 74.22
CA TRP Q 42 -86.41 17.63 73.48
C TRP Q 42 -85.05 17.77 74.16
N VAL Q 43 -84.11 16.94 73.73
CA VAL Q 43 -82.74 16.98 74.21
C VAL Q 43 -81.86 17.49 73.09
N ALA Q 44 -81.13 18.56 73.34
CA ALA Q 44 -80.35 19.22 72.30
C ALA Q 44 -78.89 19.28 72.71
N VAL Q 45 -78.01 19.02 71.74
CA VAL Q 45 -76.58 19.12 71.96
C VAL Q 45 -76.18 20.59 71.85
N ASP Q 46 -75.86 21.20 72.99
CA ASP Q 46 -75.46 22.60 72.98
C ASP Q 46 -74.27 22.80 72.06
N ASN Q 47 -74.24 23.95 71.40
CA ASN Q 47 -73.19 24.24 70.45
C ASN Q 47 -72.59 25.62 70.58
N VAL Q 48 -73.25 26.57 71.26
CA VAL Q 48 -72.77 27.93 71.39
C VAL Q 48 -72.59 28.36 72.83
N GLY Q 49 -72.90 27.50 73.80
CA GLY Q 49 -72.69 27.86 75.18
C GLY Q 49 -73.90 28.47 75.85
N ALA Q 50 -75.02 27.77 75.81
CA ALA Q 50 -76.23 28.21 76.48
C ALA Q 50 -76.36 27.52 77.83
N GLY Q 51 -77.01 28.22 78.77
CA GLY Q 51 -77.20 27.68 80.10
C GLY Q 51 -78.65 27.74 80.52
N MET Q 52 -78.93 27.64 81.81
CA MET Q 52 -80.30 27.58 82.26
C MET Q 52 -81.02 28.91 82.01
N HIS Q 53 -82.32 28.81 81.77
CA HIS Q 53 -83.24 29.95 81.66
C HIS Q 53 -83.03 30.79 80.41
N ASP Q 54 -82.14 30.39 79.52
CA ASP Q 54 -81.82 31.20 78.34
C ASP Q 54 -82.73 30.80 77.19
N ILE Q 55 -83.22 31.80 76.47
CA ILE Q 55 -84.05 31.54 75.29
C ILE Q 55 -83.14 31.30 74.10
N VAL Q 56 -83.24 30.13 73.50
CA VAL Q 56 -82.33 29.72 72.45
C VAL Q 56 -83.10 29.39 71.19
N LEU Q 57 -82.39 28.99 70.14
CA LEU Q 57 -82.95 28.74 68.82
C LEU Q 57 -82.51 27.35 68.41
N ALA Q 58 -83.34 26.35 68.70
CA ALA Q 58 -82.97 24.96 68.51
C ALA Q 58 -83.29 24.52 67.09
N GLU Q 59 -82.31 23.90 66.44
CA GLU Q 59 -82.44 23.48 65.05
C GLU Q 59 -82.65 21.98 64.97
N GLU Q 60 -83.31 21.55 63.91
CA GLU Q 60 -83.65 20.14 63.71
C GLU Q 60 -82.47 19.39 63.13
N TYR Q 61 -82.74 18.21 62.56
CA TYR Q 61 -81.79 17.12 62.43
C TYR Q 61 -80.35 17.52 62.13
N PHE Q 62 -80.08 18.13 60.99
CA PHE Q 62 -78.72 18.19 60.48
C PHE Q 62 -78.05 19.49 60.91
N ALA Q 63 -77.10 19.38 61.83
CA ALA Q 63 -76.22 20.48 62.19
C ALA Q 63 -74.79 20.03 62.42
N LEU Q 64 -74.41 18.85 61.93
CA LEU Q 64 -73.05 18.32 62.04
C LEU Q 64 -72.60 18.21 63.49
N ASN Q 65 -73.30 17.36 64.23
CA ASN Q 65 -73.02 17.20 65.66
C ASN Q 65 -73.16 15.74 66.10
N TYR Q 69 -73.67 13.01 60.59
CA TYR Q 69 -73.99 13.61 61.89
C TYR Q 69 -75.30 14.41 61.80
N LYS Q 70 -76.28 14.00 62.59
CA LYS Q 70 -77.60 14.61 62.51
C LYS Q 70 -78.23 14.88 63.87
N ALA Q 71 -77.46 15.29 64.87
CA ALA Q 71 -78.03 15.54 66.17
C ALA Q 71 -78.70 16.91 66.21
N MET Q 72 -79.77 17.00 66.99
CA MET Q 72 -80.53 18.24 67.16
C MET Q 72 -79.74 19.13 68.10
N SER Q 73 -79.30 20.29 67.60
CA SER Q 73 -78.43 21.16 68.37
C SER Q 73 -79.01 22.56 68.49
N VAL Q 74 -78.42 23.33 69.38
CA VAL Q 74 -78.73 24.74 69.57
C VAL Q 74 -77.77 25.56 68.74
N VAL Q 75 -78.28 26.52 67.97
CA VAL Q 75 -77.48 27.24 67.01
C VAL Q 75 -77.46 28.75 67.23
N ALA Q 76 -78.20 29.26 68.21
CA ALA Q 76 -78.24 30.69 68.42
C ALA Q 76 -78.83 30.99 69.78
N ILE Q 77 -78.30 32.02 70.44
CA ILE Q 77 -78.87 32.56 71.67
C ILE Q 77 -79.56 33.86 71.33
N VAL Q 78 -80.81 33.98 71.71
CA VAL Q 78 -81.68 35.03 71.21
C VAL Q 78 -81.67 36.21 72.16
N GLU Q 79 -81.43 37.40 71.61
CA GLU Q 79 -81.44 38.65 72.37
C GLU Q 79 -82.84 39.24 72.45
N LYS Q 80 -83.46 39.51 71.30
CA LYS Q 80 -84.76 40.17 71.24
C LYS Q 80 -85.69 39.39 70.32
N VAL Q 81 -86.94 39.27 70.73
CA VAL Q 81 -87.99 38.66 69.92
C VAL Q 81 -89.06 39.73 69.72
N PHE Q 82 -88.98 40.47 68.62
CA PHE Q 82 -89.98 41.45 68.30
C PHE Q 82 -91.13 40.77 67.59
N ARG Q 83 -92.34 40.91 68.12
CA ARG Q 83 -93.49 40.14 67.64
C ARG Q 83 -94.74 40.98 67.78
N ASP Q 84 -95.34 41.36 66.65
CA ASP Q 84 -96.65 42.01 66.67
C ASP Q 84 -97.28 41.95 65.28
N GLU R 3 -38.36 9.52 111.01
CA GLU R 3 -38.86 8.77 109.87
C GLU R 3 -38.21 9.26 108.59
N ALA R 4 -38.32 8.48 107.52
CA ALA R 4 -37.68 8.82 106.27
C ALA R 4 -38.43 9.97 105.60
N LEU R 5 -38.00 10.30 104.39
CA LEU R 5 -38.57 11.43 103.67
C LEU R 5 -38.50 11.16 102.18
N GLY R 6 -39.60 11.40 101.49
CA GLY R 6 -39.68 11.13 100.06
C GLY R 6 -40.16 12.34 99.30
N LEU R 7 -39.57 12.56 98.12
CA LEU R 7 -39.78 13.77 97.35
C LEU R 7 -39.96 13.43 95.88
N ILE R 8 -40.99 13.98 95.26
CA ILE R 8 -41.17 13.92 93.82
C ILE R 8 -41.33 15.34 93.31
N GLU R 9 -40.79 15.62 92.14
CA GLU R 9 -40.87 16.94 91.52
C GLU R 9 -41.34 16.81 90.09
N THR R 10 -42.38 17.56 89.74
CA THR R 10 -43.00 17.47 88.44
C THR R 10 -43.17 18.85 87.84
N LYS R 11 -43.42 18.88 86.53
CA LYS R 11 -43.79 20.10 85.84
C LYS R 11 -45.31 20.17 85.76
N GLY R 12 -45.88 21.18 86.40
CA GLY R 12 -47.32 21.32 86.40
C GLY R 12 -47.94 20.78 87.67
N LEU R 13 -49.12 21.31 88.00
CA LEU R 13 -49.76 20.92 89.25
C LEU R 13 -50.54 19.63 89.10
N VAL R 14 -51.10 19.38 87.93
CA VAL R 14 -51.94 18.19 87.76
C VAL R 14 -51.10 16.93 87.95
N ALA R 15 -49.93 16.88 87.32
CA ALA R 15 -49.09 15.70 87.44
C ALA R 15 -48.65 15.47 88.88
N CYS R 16 -48.64 16.50 89.71
CA CYS R 16 -48.20 16.34 91.08
C CYS R 16 -49.32 15.83 91.98
N ILE R 17 -50.56 16.25 91.72
CA ILE R 17 -51.67 15.77 92.52
C ILE R 17 -51.93 14.29 92.22
N GLU R 18 -51.73 13.89 90.98
CA GLU R 18 -51.80 12.47 90.65
C GLU R 18 -50.73 11.69 91.39
N ALA R 19 -49.50 12.20 91.39
CA ALA R 19 -48.40 11.52 92.08
C ALA R 19 -48.64 11.46 93.58
N ALA R 20 -49.13 12.54 94.17
CA ALA R 20 -49.34 12.54 95.61
C ALA R 20 -50.51 11.66 96.02
N ASP R 21 -51.46 11.42 95.12
CA ASP R 21 -52.54 10.50 95.44
C ASP R 21 -52.07 9.06 95.36
N ALA R 22 -51.28 8.73 94.35
CA ALA R 22 -50.75 7.37 94.23
C ALA R 22 -49.86 7.02 95.41
N MET R 23 -49.02 7.96 95.84
CA MET R 23 -48.16 7.71 96.99
C MET R 23 -48.97 7.39 98.22
N CYS R 24 -50.02 8.18 98.50
CA CYS R 24 -50.77 7.99 99.72
C CYS R 24 -51.54 6.68 99.72
N LYS R 25 -51.90 6.17 98.54
CA LYS R 25 -52.66 4.93 98.48
C LYS R 25 -51.77 3.71 98.54
N ALA R 26 -50.54 3.81 98.04
CA ALA R 26 -49.69 2.65 97.81
C ALA R 26 -48.94 2.18 99.03
N ALA R 27 -48.91 2.94 100.12
CA ALA R 27 -48.21 2.52 101.32
C ALA R 27 -48.62 3.41 102.48
N ASN R 28 -48.18 3.05 103.68
CA ASN R 28 -48.54 3.79 104.88
C ASN R 28 -47.59 4.97 105.06
N VAL R 29 -47.88 6.06 104.35
CA VAL R 29 -47.10 7.28 104.42
C VAL R 29 -48.06 8.45 104.60
N GLU R 30 -47.56 9.53 105.18
CA GLU R 30 -48.34 10.73 105.45
C GLU R 30 -47.84 11.86 104.56
N LEU R 31 -48.77 12.66 104.03
CA LEU R 31 -48.43 13.73 103.12
C LEU R 31 -48.09 14.99 103.92
N ILE R 32 -46.89 15.52 103.71
CA ILE R 32 -46.45 16.71 104.43
C ILE R 32 -47.03 17.97 103.81
N GLY R 33 -46.84 18.15 102.51
CA GLY R 33 -47.42 19.29 101.84
C GLY R 33 -46.83 19.46 100.46
N TYR R 34 -47.27 20.51 99.79
CA TYR R 34 -46.77 20.92 98.49
C TYR R 34 -45.91 22.15 98.63
N GLU R 35 -45.06 22.38 97.63
CA GLU R 35 -44.21 23.57 97.62
C GLU R 35 -43.74 23.80 96.18
N ASN R 36 -44.27 24.83 95.53
CA ASN R 36 -43.81 25.17 94.20
C ASN R 36 -42.80 26.32 94.27
N VAL R 37 -41.73 26.17 93.53
CA VAL R 37 -40.65 27.16 93.52
C VAL R 37 -40.55 27.67 92.09
N GLY R 38 -41.31 28.71 91.78
CA GLY R 38 -41.16 29.36 90.49
C GLY R 38 -41.64 28.51 89.34
N SER R 39 -40.81 28.38 88.33
CA SER R 39 -41.27 28.05 86.99
C SER R 39 -41.82 26.65 86.90
N GLY R 40 -43.14 26.54 87.00
CA GLY R 40 -43.88 25.30 86.82
C GLY R 40 -43.33 24.07 87.52
N LEU R 41 -42.73 24.22 88.68
CA LEU R 41 -42.16 23.10 89.41
C LEU R 41 -42.87 22.98 90.75
N VAL R 42 -43.61 21.89 90.93
CA VAL R 42 -44.28 21.59 92.19
C VAL R 42 -43.67 20.33 92.76
N THR R 43 -43.57 20.28 94.09
CA THR R 43 -42.93 19.17 94.79
C THR R 43 -43.83 18.70 95.92
N ALA R 44 -44.02 17.40 96.03
CA ALA R 44 -44.78 16.79 97.12
C ALA R 44 -43.82 16.02 98.03
N MET R 45 -44.08 16.06 99.33
CA MET R 45 -43.22 15.47 100.34
C MET R 45 -44.03 14.53 101.21
N VAL R 46 -43.56 13.30 101.37
CA VAL R 46 -44.20 12.31 102.22
C VAL R 46 -43.20 11.83 103.26
N LYS R 47 -43.72 11.29 104.36
CA LYS R 47 -42.86 10.80 105.42
C LYS R 47 -43.44 9.51 106.00
N GLY R 48 -42.54 8.63 106.43
CA GLY R 48 -42.92 7.34 106.97
C GLY R 48 -41.69 6.48 107.17
N ASP R 49 -41.92 5.20 107.34
CA ASP R 49 -40.81 4.28 107.50
C ASP R 49 -40.06 4.11 106.18
N VAL R 50 -38.84 3.60 106.26
CA VAL R 50 -37.96 3.57 105.09
C VAL R 50 -38.49 2.59 104.04
N GLY R 51 -39.00 1.44 104.48
CA GLY R 51 -39.55 0.48 103.53
C GLY R 51 -40.85 0.96 102.92
N ALA R 52 -41.66 1.66 103.71
CA ALA R 52 -42.89 2.21 103.18
C ALA R 52 -42.60 3.36 102.22
N VAL R 53 -41.76 4.31 102.64
CA VAL R 53 -41.50 5.49 101.83
C VAL R 53 -40.85 5.11 100.51
N ASN R 54 -39.99 4.10 100.54
CA ASN R 54 -39.37 3.64 99.30
C ASN R 54 -40.41 3.06 98.35
N ALA R 55 -41.46 2.43 98.91
CA ALA R 55 -42.49 1.83 98.09
C ALA R 55 -43.49 2.86 97.61
N ALA R 56 -43.62 3.99 98.32
CA ALA R 56 -44.54 5.01 97.89
C ALA R 56 -43.96 5.83 96.76
N VAL R 57 -42.66 6.06 96.77
CA VAL R 57 -42.05 6.95 95.79
C VAL R 57 -42.00 6.30 94.41
N ASP R 58 -41.72 5.00 94.34
CA ASP R 58 -41.65 4.37 93.03
C ASP R 58 -43.03 4.18 92.42
N SER R 59 -44.07 4.13 93.25
CA SER R 59 -45.43 4.11 92.73
C SER R 59 -45.85 5.48 92.25
N GLY R 60 -45.56 6.51 93.04
CA GLY R 60 -45.94 7.86 92.66
C GLY R 60 -45.22 8.37 91.44
N VAL R 61 -43.96 7.98 91.26
CA VAL R 61 -43.23 8.35 90.06
C VAL R 61 -43.85 7.70 88.84
N GLU R 62 -44.35 6.48 89.02
CA GLU R 62 -44.89 5.71 87.92
C GLU R 62 -46.22 6.28 87.44
N ALA R 63 -47.00 6.85 88.35
CA ALA R 63 -48.28 7.44 88.00
C ALA R 63 -48.10 8.79 87.33
N ALA R 64 -47.28 9.65 87.90
CA ALA R 64 -47.11 10.99 87.35
C ALA R 64 -46.38 10.95 86.02
N LYS R 65 -45.49 9.98 85.83
CA LYS R 65 -44.81 9.81 84.55
C LYS R 65 -45.78 9.48 83.44
N ARG R 66 -46.99 9.03 83.79
CA ARG R 66 -47.98 8.62 82.79
C ARG R 66 -48.56 9.82 82.07
N ILE R 67 -48.85 10.90 82.81
CA ILE R 67 -49.56 12.04 82.26
C ILE R 67 -48.73 13.30 82.23
N GLY R 68 -47.56 13.32 82.85
CA GLY R 68 -46.76 14.52 82.88
C GLY R 68 -45.27 14.22 82.90
N LYS R 69 -44.48 15.19 83.32
CA LYS R 69 -43.03 15.03 83.41
C LYS R 69 -42.63 14.95 84.87
N VAL R 70 -42.00 13.85 85.25
CA VAL R 70 -41.38 13.73 86.56
C VAL R 70 -39.93 14.18 86.42
N VAL R 71 -39.56 15.23 87.14
CA VAL R 71 -38.24 15.81 87.01
C VAL R 71 -37.22 15.08 87.88
N SER R 72 -37.58 14.80 89.13
CA SER R 72 -36.65 14.16 90.05
C SER R 72 -37.42 13.49 91.16
N SER R 73 -36.81 12.44 91.73
CA SER R 73 -37.33 11.78 92.91
C SER R 73 -36.16 11.39 93.80
N ARG R 74 -36.43 11.26 95.09
CA ARG R 74 -35.34 11.03 96.03
C ARG R 74 -35.92 10.61 97.37
N VAL R 75 -35.31 9.62 98.01
CA VAL R 75 -35.65 9.19 99.35
C VAL R 75 -34.47 9.47 100.26
N ILE R 76 -34.74 10.07 101.41
CA ILE R 76 -33.72 10.36 102.40
C ILE R 76 -34.01 9.47 103.60
N ALA R 77 -33.10 8.53 103.88
CA ALA R 77 -33.40 7.47 104.84
C ALA R 77 -33.41 8.00 106.27
N ARG R 78 -32.55 8.96 106.58
CA ARG R 78 -32.56 9.61 107.88
C ARG R 78 -32.27 11.08 107.67
N PRO R 79 -33.30 11.93 107.61
CA PRO R 79 -33.08 13.35 107.43
C PRO R 79 -32.48 13.95 108.69
N HIS R 80 -31.54 14.87 108.50
CA HIS R 80 -30.89 15.50 109.63
C HIS R 80 -31.87 16.36 110.40
N ASN R 81 -31.68 16.43 111.71
CA ASN R 81 -32.63 17.10 112.58
C ASN R 81 -32.84 18.54 112.17
N ASP R 82 -31.76 19.22 111.74
CA ASP R 82 -31.87 20.61 111.33
C ASP R 82 -32.87 20.77 110.19
N ILE R 83 -32.88 19.83 109.26
CA ILE R 83 -33.75 19.90 108.09
C ILE R 83 -35.17 19.50 108.47
N GLU S 3 -66.22 13.16 97.47
CA GLU S 3 -66.71 13.33 96.11
C GLU S 3 -65.55 13.42 95.14
N ALA S 4 -65.81 13.13 93.87
CA ALA S 4 -64.76 13.05 92.88
C ALA S 4 -64.11 14.40 92.68
N LEU S 5 -63.09 14.44 91.84
CA LEU S 5 -62.29 15.63 91.65
C LEU S 5 -61.76 15.66 90.23
N GLY S 6 -61.92 16.79 89.57
CA GLY S 6 -61.47 16.93 88.20
C GLY S 6 -60.56 18.12 88.02
N LEU S 7 -59.57 17.97 87.17
CA LEU S 7 -58.56 19.01 86.94
C LEU S 7 -58.36 19.20 85.45
N ILE S 8 -58.26 20.45 85.03
CA ILE S 8 -57.81 20.81 83.69
C ILE S 8 -56.69 21.81 83.84
N GLU S 9 -55.61 21.63 83.08
CA GLU S 9 -54.47 22.51 83.12
C GLU S 9 -54.27 23.12 81.74
N THR S 10 -54.19 24.45 81.69
CA THR S 10 -54.13 25.18 80.44
C THR S 10 -53.02 26.21 80.50
N LYS S 11 -52.52 26.57 79.33
CA LYS S 11 -51.51 27.61 79.19
C LYS S 11 -52.20 28.95 78.97
N GLY S 12 -52.17 29.81 79.97
CA GLY S 12 -52.85 31.08 79.88
C GLY S 12 -54.16 31.08 80.64
N LEU S 13 -54.56 32.24 81.12
CA LEU S 13 -55.77 32.33 81.94
C LEU S 13 -57.04 32.32 81.11
N VAL S 14 -57.00 32.88 79.89
CA VAL S 14 -58.22 32.95 79.09
C VAL S 14 -58.75 31.57 78.77
N ALA S 15 -57.87 30.68 78.30
CA ALA S 15 -58.29 29.32 78.00
C ALA S 15 -58.82 28.60 79.24
N CYS S 16 -58.43 29.04 80.43
CA CYS S 16 -58.90 28.40 81.64
C CYS S 16 -60.30 28.88 82.03
N ILE S 17 -60.68 30.10 81.68
CA ILE S 17 -62.03 30.56 81.99
C ILE S 17 -63.02 30.00 81.00
N GLU S 18 -62.61 29.78 79.75
CA GLU S 18 -63.47 29.05 78.83
C GLU S 18 -63.65 27.60 79.27
N ALA S 19 -62.58 26.97 79.75
CA ALA S 19 -62.69 25.61 80.25
C ALA S 19 -63.62 25.54 81.45
N ALA S 20 -63.49 26.48 82.38
CA ALA S 20 -64.31 26.43 83.58
C ALA S 20 -65.75 26.80 83.30
N ASP S 21 -66.01 27.57 82.25
CA ASP S 21 -67.38 27.88 81.90
C ASP S 21 -68.09 26.68 81.29
N ALA S 22 -67.39 25.94 80.43
CA ALA S 22 -67.97 24.74 79.85
C ALA S 22 -68.20 23.67 80.91
N MET S 23 -67.27 23.55 81.86
CA MET S 23 -67.43 22.58 82.93
C MET S 23 -68.67 22.87 83.77
N CYS S 24 -68.85 24.13 84.15
CA CYS S 24 -69.93 24.47 85.07
C CYS S 24 -71.30 24.40 84.43
N LYS S 25 -71.38 24.47 83.10
CA LYS S 25 -72.65 24.36 82.41
C LYS S 25 -73.01 22.93 82.06
N ALA S 26 -72.02 22.03 82.02
CA ALA S 26 -72.23 20.69 81.51
C ALA S 26 -72.85 19.76 82.53
N ALA S 27 -72.67 20.03 83.81
CA ALA S 27 -73.22 19.16 84.84
C ALA S 27 -73.32 19.94 86.14
N ASN S 28 -73.74 19.24 87.19
CA ASN S 28 -73.97 19.88 88.49
C ASN S 28 -72.75 19.68 89.37
N VAL S 29 -71.71 20.46 89.08
CA VAL S 29 -70.47 20.44 89.83
C VAL S 29 -70.24 21.82 90.41
N GLU S 30 -69.60 21.88 91.57
CA GLU S 30 -69.23 23.14 92.18
C GLU S 30 -67.76 23.41 91.88
N LEU S 31 -67.46 24.64 91.45
CA LEU S 31 -66.13 25.02 91.07
C LEU S 31 -65.35 25.49 92.29
N ILE S 32 -64.17 24.94 92.51
CA ILE S 32 -63.40 25.23 93.72
C ILE S 32 -62.55 26.48 93.55
N GLY S 33 -61.74 26.55 92.51
CA GLY S 33 -60.97 27.75 92.26
C GLY S 33 -59.74 27.46 91.44
N TYR S 34 -59.12 28.54 90.98
CA TYR S 34 -57.93 28.48 90.14
C TYR S 34 -56.67 28.43 91.00
N GLU S 35 -55.59 27.97 90.38
CA GLU S 35 -54.29 27.91 91.04
C GLU S 35 -53.23 27.92 89.94
N ASN S 36 -52.47 29.01 89.84
CA ASN S 36 -51.41 29.08 88.85
C ASN S 36 -50.06 28.89 89.53
N VAL S 37 -49.20 28.10 88.88
CA VAL S 37 -47.93 27.68 89.43
C VAL S 37 -46.76 28.31 88.71
N GLY S 38 -47.02 29.26 87.82
CA GLY S 38 -45.96 29.89 87.07
C GLY S 38 -45.70 29.20 85.75
N SER S 39 -44.94 29.90 84.89
CA SER S 39 -44.66 29.50 83.52
C SER S 39 -45.90 29.54 82.64
N GLY S 40 -46.95 30.22 83.09
CA GLY S 40 -48.17 30.35 82.32
C GLY S 40 -49.18 29.25 82.52
N LEU S 41 -48.94 28.33 83.45
CA LEU S 41 -49.83 27.20 83.67
C LEU S 41 -50.88 27.56 84.71
N VAL S 42 -52.15 27.46 84.33
CA VAL S 42 -53.27 27.71 85.23
C VAL S 42 -54.13 26.46 85.28
N THR S 43 -54.64 26.14 86.46
CA THR S 43 -55.40 24.92 86.68
C THR S 43 -56.74 25.26 87.31
N ALA S 44 -57.80 24.65 86.79
CA ALA S 44 -59.14 24.78 87.35
C ALA S 44 -59.55 23.45 87.99
N MET S 45 -60.25 23.52 89.11
CA MET S 45 -60.56 22.36 89.91
C MET S 45 -62.04 22.35 90.24
N VAL S 46 -62.74 21.28 89.89
CA VAL S 46 -64.15 21.11 90.21
C VAL S 46 -64.31 19.88 91.09
N LYS S 47 -65.48 19.75 91.70
CA LYS S 47 -65.75 18.58 92.53
C LYS S 47 -67.23 18.30 92.54
N GLY S 48 -67.56 17.02 92.56
CA GLY S 48 -68.94 16.57 92.54
C GLY S 48 -68.98 15.06 92.39
N ASP S 49 -70.16 14.55 92.09
CA ASP S 49 -70.28 13.12 91.87
C ASP S 49 -69.51 12.71 90.62
N VAL S 50 -69.12 11.42 90.58
CA VAL S 50 -68.16 10.98 89.58
C VAL S 50 -68.77 10.87 88.19
N GLY S 51 -70.08 10.72 88.09
CA GLY S 51 -70.71 10.79 86.78
C GLY S 51 -70.80 12.21 86.27
N ALA S 52 -71.04 13.16 87.16
CA ALA S 52 -71.08 14.56 86.77
C ALA S 52 -69.68 15.09 86.48
N VAL S 53 -68.73 14.79 87.36
CA VAL S 53 -67.38 15.31 87.20
C VAL S 53 -66.74 14.77 85.93
N ASN S 54 -66.98 13.50 85.63
CA ASN S 54 -66.53 12.96 84.35
C ASN S 54 -67.05 13.81 83.21
N ALA S 55 -68.37 13.91 83.08
CA ALA S 55 -68.99 14.63 81.98
C ALA S 55 -68.45 16.06 81.87
N ALA S 56 -68.21 16.72 83.00
CA ALA S 56 -67.75 18.10 82.95
C ALA S 56 -66.35 18.22 82.39
N VAL S 57 -65.45 17.33 82.79
CA VAL S 57 -64.06 17.45 82.36
C VAL S 57 -63.93 17.14 80.87
N ASP S 58 -64.71 16.18 80.36
CA ASP S 58 -64.68 15.91 78.94
C ASP S 58 -65.15 17.11 78.13
N SER S 59 -66.15 17.83 78.66
CA SER S 59 -66.67 18.98 77.94
C SER S 59 -65.73 20.17 78.05
N GLY S 60 -65.18 20.41 79.23
CA GLY S 60 -64.25 21.51 79.41
C GLY S 60 -62.99 21.36 78.59
N VAL S 61 -62.53 20.13 78.37
CA VAL S 61 -61.33 19.93 77.60
C VAL S 61 -61.56 20.28 76.14
N GLU S 62 -62.70 19.91 75.59
CA GLU S 62 -62.96 20.16 74.18
C GLU S 62 -63.16 21.64 73.90
N ALA S 63 -63.74 22.38 74.84
CA ALA S 63 -63.96 23.81 74.63
C ALA S 63 -62.68 24.60 74.75
N ALA S 64 -61.87 24.32 75.78
CA ALA S 64 -60.59 25.01 75.92
C ALA S 64 -59.62 24.62 74.82
N LYS S 65 -59.69 23.37 74.34
CA LYS S 65 -58.85 22.96 73.22
C LYS S 65 -59.11 23.80 71.99
N ARG S 66 -60.32 24.34 71.86
CA ARG S 66 -60.69 25.06 70.66
C ARG S 66 -59.98 26.41 70.54
N ILE S 67 -59.70 27.06 71.67
CA ILE S 67 -59.19 28.42 71.67
C ILE S 67 -57.84 28.55 72.36
N GLY S 68 -57.27 27.48 72.83
CA GLY S 68 -55.99 27.54 73.50
C GLY S 68 -55.33 26.19 73.53
N LYS S 69 -54.34 26.06 74.40
CA LYS S 69 -53.64 24.80 74.58
C LYS S 69 -54.06 24.19 75.90
N VAL S 70 -54.56 22.97 75.85
CA VAL S 70 -54.83 22.18 77.05
C VAL S 70 -53.62 21.29 77.30
N VAL S 71 -53.01 21.45 78.47
CA VAL S 71 -51.80 20.71 78.79
C VAL S 71 -52.11 19.34 79.35
N SER S 72 -53.11 19.24 80.22
CA SER S 72 -53.37 17.99 80.93
C SER S 72 -54.76 18.05 81.52
N SER S 73 -55.36 16.88 81.69
CA SER S 73 -56.65 16.74 82.35
C SER S 73 -56.67 15.44 83.12
N ARG S 74 -57.55 15.36 84.11
CA ARG S 74 -57.52 14.22 85.01
C ARG S 74 -58.78 14.20 85.86
N VAL S 75 -59.33 13.01 86.08
CA VAL S 75 -60.42 12.81 87.03
C VAL S 75 -59.91 11.85 88.10
N ILE S 76 -60.14 12.20 89.35
CA ILE S 76 -59.79 11.37 90.49
C ILE S 76 -61.09 10.93 91.14
N ALA S 77 -61.42 9.64 91.02
CA ALA S 77 -62.73 9.18 91.42
C ALA S 77 -62.88 9.13 92.93
N ARG S 78 -61.95 8.47 93.63
CA ARG S 78 -61.95 8.46 95.08
C ARG S 78 -60.66 9.10 95.57
N PRO S 79 -60.67 10.40 95.83
CA PRO S 79 -59.46 11.05 96.32
C PRO S 79 -59.21 10.73 97.78
N HIS S 80 -57.93 10.60 98.12
CA HIS S 80 -57.56 10.27 99.49
C HIS S 80 -57.87 11.44 100.41
N ASN S 81 -58.10 11.12 101.69
CA ASN S 81 -58.50 12.15 102.64
C ASN S 81 -57.34 13.08 102.97
N ASP S 82 -56.11 12.60 102.83
CA ASP S 82 -54.96 13.49 102.99
C ASP S 82 -54.90 14.52 101.88
N ILE S 83 -55.44 14.20 100.71
CA ILE S 83 -55.45 15.13 99.59
C ILE S 83 -56.62 16.09 99.74
N GLU T 3 -76.95 -2.73 89.62
CA GLU T 3 -75.86 -1.82 89.36
C GLU T 3 -74.94 -2.36 88.27
N ALA T 4 -74.01 -1.54 87.81
CA ALA T 4 -73.19 -1.90 86.67
C ALA T 4 -72.27 -3.06 87.02
N LEU T 5 -71.54 -3.53 86.01
CA LEU T 5 -70.70 -4.70 86.15
C LEU T 5 -69.47 -4.55 85.28
N GLY T 6 -68.30 -4.70 85.88
CA GLY T 6 -67.04 -4.54 85.17
C GLY T 6 -66.21 -5.80 85.24
N LEU T 7 -65.63 -6.17 84.10
CA LEU T 7 -64.89 -7.43 83.97
C LEU T 7 -63.53 -7.16 83.37
N ILE T 8 -62.49 -7.79 83.93
CA ILE T 8 -61.17 -7.81 83.34
C ILE T 8 -60.71 -9.26 83.27
N GLU T 9 -60.07 -9.63 82.18
CA GLU T 9 -59.62 -11.00 81.97
C GLU T 9 -58.14 -11.01 81.60
N THR T 10 -57.36 -11.79 82.34
CA THR T 10 -55.92 -11.80 82.21
C THR T 10 -55.41 -13.24 82.10
N LYS T 11 -54.18 -13.38 81.65
CA LYS T 11 -53.46 -14.64 81.70
C LYS T 11 -52.68 -14.72 83.01
N GLY T 12 -53.02 -15.68 83.85
CA GLY T 12 -52.32 -15.85 85.10
C GLY T 12 -52.97 -15.09 86.24
N LEU T 13 -52.64 -15.53 87.46
CA LEU T 13 -53.29 -14.98 88.64
C LEU T 13 -52.64 -13.70 89.12
N VAL T 14 -51.33 -13.54 88.90
CA VAL T 14 -50.65 -12.36 89.42
C VAL T 14 -51.15 -11.10 88.74
N ALA T 15 -51.28 -11.12 87.42
CA ALA T 15 -51.79 -9.95 86.73
C ALA T 15 -53.23 -9.64 87.12
N CYS T 16 -53.96 -10.61 87.64
CA CYS T 16 -55.33 -10.39 88.04
C CYS T 16 -55.45 -9.86 89.46
N ILE T 17 -54.49 -10.17 90.33
CA ILE T 17 -54.50 -9.57 91.65
C ILE T 17 -54.05 -8.13 91.59
N GLU T 18 -53.18 -7.78 90.64
CA GLU T 18 -52.83 -6.39 90.47
C GLU T 18 -53.98 -5.60 89.86
N ALA T 19 -54.71 -6.20 88.93
CA ALA T 19 -55.89 -5.53 88.39
C ALA T 19 -56.96 -5.35 89.45
N ALA T 20 -57.17 -6.36 90.29
CA ALA T 20 -58.21 -6.27 91.30
C ALA T 20 -57.83 -5.28 92.39
N ASP T 21 -56.54 -5.15 92.67
CA ASP T 21 -56.10 -4.19 93.68
C ASP T 21 -56.24 -2.77 93.18
N ALA T 22 -55.88 -2.52 91.93
CA ALA T 22 -55.99 -1.17 91.37
C ALA T 22 -57.45 -0.76 91.25
N MET T 23 -58.33 -1.70 90.88
CA MET T 23 -59.74 -1.37 90.73
C MET T 23 -60.36 -0.95 92.06
N CYS T 24 -60.07 -1.70 93.12
CA CYS T 24 -60.68 -1.39 94.41
C CYS T 24 -60.16 -0.10 95.01
N LYS T 25 -58.99 0.36 94.58
CA LYS T 25 -58.42 1.59 95.12
C LYS T 25 -58.96 2.82 94.39
N ALA T 26 -59.24 2.70 93.10
CA ALA T 26 -59.46 3.84 92.24
C ALA T 26 -60.92 4.24 92.10
N ALA T 27 -61.82 3.62 92.85
CA ALA T 27 -63.24 3.97 92.78
C ALA T 27 -63.98 3.25 93.88
N ASN T 28 -65.21 3.67 94.11
CA ASN T 28 -66.05 3.06 95.14
C ASN T 28 -66.83 1.90 94.52
N VAL T 29 -66.15 0.77 94.40
CA VAL T 29 -66.72 -0.45 93.83
C VAL T 29 -66.58 -1.57 94.84
N GLU T 30 -67.31 -2.65 94.59
CA GLU T 30 -67.28 -3.84 95.40
C GLU T 30 -66.74 -5.00 94.57
N LEU T 31 -65.79 -5.74 95.12
CA LEU T 31 -65.23 -6.88 94.42
C LEU T 31 -66.08 -8.11 94.68
N ILE T 32 -66.53 -8.75 93.61
CA ILE T 32 -67.37 -9.93 93.75
C ILE T 32 -66.54 -11.19 93.89
N GLY T 33 -65.54 -11.37 93.04
CA GLY T 33 -64.64 -12.50 93.18
C GLY T 33 -63.95 -12.81 91.87
N TYR T 34 -63.12 -13.84 91.94
CA TYR T 34 -62.39 -14.35 90.78
C TYR T 34 -63.10 -15.59 90.24
N GLU T 35 -62.84 -15.89 88.98
CA GLU T 35 -63.45 -17.06 88.35
C GLU T 35 -62.58 -17.46 87.17
N ASN T 36 -61.79 -18.52 87.34
CA ASN T 36 -60.91 -18.99 86.29
C ASN T 36 -61.55 -20.15 85.54
N VAL T 37 -61.14 -20.31 84.28
CA VAL T 37 -61.75 -21.29 83.39
C VAL T 37 -60.68 -22.16 82.75
N GLY T 38 -59.54 -22.32 83.40
CA GLY T 38 -58.45 -23.08 82.83
C GLY T 38 -57.76 -22.33 81.71
N SER T 39 -56.68 -22.92 81.22
CA SER T 39 -55.76 -22.29 80.27
C SER T 39 -55.10 -21.03 80.83
N GLY T 40 -55.17 -20.82 82.13
CA GLY T 40 -54.55 -19.67 82.74
C GLY T 40 -55.37 -18.40 82.67
N LEU T 41 -56.58 -18.46 82.13
CA LEU T 41 -57.43 -17.27 82.07
C LEU T 41 -58.13 -17.10 83.41
N VAL T 42 -57.94 -15.94 84.02
CA VAL T 42 -58.59 -15.60 85.28
C VAL T 42 -59.33 -14.29 85.06
N THR T 43 -60.49 -14.16 85.70
CA THR T 43 -61.37 -13.01 85.48
C THR T 43 -61.77 -12.41 86.81
N ALA T 44 -61.71 -11.08 86.91
CA ALA T 44 -62.13 -10.34 88.08
C ALA T 44 -63.43 -9.62 87.77
N MET T 45 -64.33 -9.56 88.75
CA MET T 45 -65.63 -8.95 88.59
C MET T 45 -65.86 -7.93 89.69
N VAL T 46 -66.07 -6.68 89.32
CA VAL T 46 -66.42 -5.63 90.26
C VAL T 46 -67.86 -5.19 89.99
N LYS T 47 -68.42 -4.48 90.96
CA LYS T 47 -69.83 -4.12 90.90
C LYS T 47 -70.05 -2.80 91.62
N GLY T 48 -70.70 -1.86 90.94
CA GLY T 48 -70.98 -0.57 91.55
C GLY T 48 -71.75 0.30 90.58
N ASP T 49 -71.84 1.59 90.92
CA ASP T 49 -72.49 2.54 90.03
C ASP T 49 -71.74 2.64 88.72
N VAL T 50 -72.44 3.13 87.69
CA VAL T 50 -71.88 3.07 86.34
C VAL T 50 -70.64 3.94 86.22
N GLY T 51 -70.69 5.14 86.79
CA GLY T 51 -69.54 6.04 86.68
C GLY T 51 -68.34 5.52 87.43
N ALA T 52 -68.56 4.96 88.62
CA ALA T 52 -67.46 4.36 89.38
C ALA T 52 -66.91 3.15 88.66
N VAL T 53 -67.77 2.22 88.27
CA VAL T 53 -67.32 0.99 87.62
C VAL T 53 -66.58 1.31 86.33
N ASN T 54 -67.04 2.32 85.61
CA ASN T 54 -66.31 2.74 84.41
C ASN T 54 -64.88 3.11 84.78
N ALA T 55 -64.72 4.05 85.71
CA ALA T 55 -63.40 4.51 86.13
C ALA T 55 -62.52 3.37 86.63
N ALA T 56 -63.11 2.45 87.40
CA ALA T 56 -62.32 1.35 87.97
C ALA T 56 -61.72 0.49 86.88
N VAL T 57 -62.51 0.13 85.87
CA VAL T 57 -62.02 -0.77 84.83
C VAL T 57 -60.90 -0.14 84.04
N ASP T 58 -60.98 1.17 83.80
CA ASP T 58 -59.89 1.84 83.09
C ASP T 58 -58.60 1.79 83.88
N SER T 59 -58.67 2.01 85.18
CA SER T 59 -57.46 1.98 86.01
C SER T 59 -56.95 0.56 86.18
N GLY T 60 -57.85 -0.41 86.35
CA GLY T 60 -57.41 -1.78 86.56
C GLY T 60 -56.73 -2.37 85.35
N VAL T 61 -57.21 -2.05 84.15
CA VAL T 61 -56.56 -2.54 82.95
C VAL T 61 -55.19 -1.91 82.78
N GLU T 62 -55.07 -0.66 83.21
CA GLU T 62 -53.80 0.05 83.03
C GLU T 62 -52.72 -0.50 83.95
N ALA T 63 -53.09 -0.91 85.17
CA ALA T 63 -52.12 -1.52 86.08
C ALA T 63 -51.78 -2.94 85.66
N ALA T 64 -52.78 -3.72 85.27
CA ALA T 64 -52.54 -5.12 84.94
C ALA T 64 -51.75 -5.27 83.66
N LYS T 65 -52.07 -4.47 82.64
CA LYS T 65 -51.35 -4.54 81.37
C LYS T 65 -49.86 -4.28 81.55
N ARG T 66 -49.48 -3.72 82.68
CA ARG T 66 -48.13 -3.24 82.88
C ARG T 66 -47.18 -4.37 83.26
N ILE T 67 -47.70 -5.41 83.91
CA ILE T 67 -46.87 -6.54 84.31
C ILE T 67 -47.25 -7.83 83.61
N GLY T 68 -48.45 -7.94 83.05
CA GLY T 68 -48.87 -9.16 82.41
C GLY T 68 -49.70 -8.87 81.18
N LYS T 69 -50.62 -9.77 80.84
CA LYS T 69 -51.42 -9.64 79.64
C LYS T 69 -52.89 -9.48 80.02
N VAL T 70 -53.51 -8.41 79.55
CA VAL T 70 -54.94 -8.20 79.72
C VAL T 70 -55.63 -8.69 78.45
N VAL T 71 -56.44 -9.73 78.60
CA VAL T 71 -57.05 -10.34 77.41
C VAL T 71 -58.26 -9.54 76.96
N SER T 72 -59.15 -9.18 77.88
CA SER T 72 -60.34 -8.43 77.52
C SER T 72 -60.86 -7.68 78.73
N SER T 73 -61.57 -6.59 78.48
CA SER T 73 -62.24 -5.82 79.50
C SER T 73 -63.60 -5.37 78.96
N ARG T 74 -64.52 -5.09 79.87
CA ARG T 74 -65.89 -4.82 79.45
C ARG T 74 -66.67 -4.26 80.63
N VAL T 75 -67.57 -3.32 80.35
CA VAL T 75 -68.50 -2.78 81.34
C VAL T 75 -69.92 -2.98 80.84
N ILE T 76 -70.75 -3.63 81.65
CA ILE T 76 -72.17 -3.77 81.38
C ILE T 76 -72.90 -2.79 82.28
N ALA T 77 -73.53 -1.78 81.68
CA ALA T 77 -74.12 -0.72 82.48
C ALA T 77 -75.32 -1.21 83.27
N ARG T 78 -76.15 -2.06 82.67
CA ARG T 78 -77.31 -2.63 83.35
C ARG T 78 -77.43 -4.09 82.93
N PRO T 79 -76.95 -5.02 83.75
CA PRO T 79 -77.06 -6.43 83.38
C PRO T 79 -78.49 -6.92 83.58
N HIS T 80 -78.86 -7.91 82.78
CA HIS T 80 -80.12 -8.59 82.96
C HIS T 80 -80.11 -9.34 84.28
N ASN T 81 -81.30 -9.54 84.84
CA ASN T 81 -81.38 -10.24 86.13
C ASN T 81 -80.91 -11.67 86.02
N ASP T 82 -81.04 -12.29 84.85
CA ASP T 82 -80.55 -13.65 84.67
C ASP T 82 -79.03 -13.69 84.78
N ILE T 83 -78.36 -12.65 84.29
CA ILE T 83 -76.91 -12.59 84.37
C ILE T 83 -76.43 -12.56 85.81
N GLU T 84 -77.24 -12.03 86.73
CA GLU T 84 -76.86 -12.07 88.14
C GLU T 84 -77.27 -13.37 88.81
N LYS T 85 -77.01 -14.48 88.11
CA LYS T 85 -77.01 -15.82 88.68
C LYS T 85 -75.87 -16.65 88.14
N ILE T 86 -75.20 -16.19 87.10
CA ILE T 86 -73.99 -16.82 86.57
C ILE T 86 -72.75 -16.27 87.25
N ALA T 87 -72.73 -14.96 87.49
CA ALA T 87 -71.62 -14.36 88.22
C ALA T 87 -71.66 -14.74 89.70
N GLY T 88 -72.71 -14.34 90.39
CA GLY T 88 -72.89 -14.69 91.78
C GLY T 88 -73.58 -16.02 91.98
N MET U 1 20.57 36.21 101.14
CA MET U 1 20.04 35.40 102.22
C MET U 1 20.27 36.08 103.55
N ILE U 2 19.57 35.62 104.58
CA ILE U 2 19.80 36.07 105.96
C ILE U 2 19.72 34.89 106.89
N LEU U 3 20.50 34.93 107.96
CA LEU U 3 20.37 33.94 109.01
C LEU U 3 19.14 34.23 109.84
N ALA U 4 18.33 33.21 110.07
CA ALA U 4 17.10 33.37 110.82
C ALA U 4 16.80 32.08 111.56
N LYS U 5 15.83 32.16 112.45
CA LYS U 5 15.43 31.04 113.28
C LYS U 5 13.94 30.85 113.17
N VAL U 6 13.50 29.60 112.96
CA VAL U 6 12.07 29.33 112.88
C VAL U 6 11.47 29.43 114.29
N THR U 7 10.43 30.24 114.42
CA THR U 7 9.83 30.51 115.71
C THR U 7 8.34 30.20 115.79
N GLY U 8 7.75 29.65 114.75
CA GLY U 8 6.33 29.34 114.78
C GLY U 8 5.85 28.92 113.40
N HIS U 9 4.54 28.99 113.22
CA HIS U 9 3.94 28.70 111.92
C HIS U 9 2.62 29.43 111.82
N VAL U 10 2.08 29.49 110.62
CA VAL U 10 0.86 30.21 110.32
C VAL U 10 -0.09 29.26 109.60
N VAL U 11 -1.34 29.22 110.05
CA VAL U 11 -2.38 28.39 109.46
C VAL U 11 -3.35 29.31 108.73
N ALA U 12 -3.35 29.23 107.40
CA ALA U 12 -4.20 30.07 106.56
C ALA U 12 -5.01 29.17 105.65
N THR U 13 -6.33 29.31 105.71
CA THR U 13 -7.24 28.48 104.92
C THR U 13 -7.65 29.14 103.61
N GLN U 14 -8.06 30.41 103.67
CA GLN U 14 -8.46 31.16 102.50
C GLN U 14 -7.22 31.84 101.94
N LYS U 15 -6.68 31.30 100.85
CA LYS U 15 -5.46 31.84 100.28
C LYS U 15 -5.42 31.54 98.79
N CYS U 16 -4.43 32.11 98.11
CA CYS U 16 -4.29 31.95 96.68
C CYS U 16 -3.93 30.52 96.34
N ASP U 17 -3.79 30.26 95.05
CA ASP U 17 -3.48 28.92 94.56
C ASP U 17 -2.00 28.68 94.39
N GLU U 18 -1.20 29.74 94.25
CA GLU U 18 0.25 29.60 94.18
C GLU U 18 0.83 29.12 95.50
N LEU U 19 0.04 29.06 96.56
CA LEU U 19 0.50 28.68 97.88
C LEU U 19 -0.10 27.37 98.38
N ARG U 20 -0.83 26.64 97.55
CA ARG U 20 -1.48 25.42 98.00
C ARG U 20 -0.45 24.33 98.25
N GLY U 21 -0.54 23.67 99.40
CA GLY U 21 0.33 22.56 99.71
C GLY U 21 1.75 22.97 100.06
N SER U 22 1.89 23.87 101.01
CA SER U 22 3.21 24.32 101.45
C SER U 22 3.11 24.81 102.88
N ASN U 23 4.24 24.80 103.57
CA ASN U 23 4.30 25.26 104.94
C ASN U 23 4.48 26.77 104.96
N LEU U 24 4.06 27.40 106.05
CA LEU U 24 4.24 28.84 106.24
C LEU U 24 4.82 29.07 107.63
N LEU U 25 6.11 29.32 107.69
CA LEU U 25 6.82 29.43 108.96
C LEU U 25 7.07 30.90 109.32
N LEU U 26 7.05 31.18 110.60
CA LEU U 26 7.49 32.46 111.10
C LEU U 26 9.01 32.43 111.25
N ILE U 27 9.68 33.44 110.72
CA ILE U 27 11.11 33.44 110.51
C ILE U 27 11.64 34.71 111.15
N THR U 28 12.40 34.57 112.24
CA THR U 28 12.90 35.72 112.97
C THR U 28 14.39 35.90 112.70
N ARG U 29 14.76 37.09 112.25
CA ARG U 29 16.16 37.38 112.00
C ARG U 29 16.92 37.49 113.32
N LEU U 30 18.07 36.84 113.38
CA LEU U 30 18.87 36.78 114.60
C LEU U 30 20.17 37.55 114.43
N ASP U 31 20.64 38.13 115.54
CA ASP U 31 21.76 39.06 115.53
C ASP U 31 23.11 38.36 115.61
N ASP U 32 24.19 39.11 115.81
CA ASP U 32 25.54 38.56 115.73
C ASP U 32 25.94 37.74 116.95
N LYS U 33 25.02 37.51 117.88
CA LYS U 33 25.24 36.55 118.96
C LYS U 33 24.37 35.33 118.81
N GLN U 34 23.80 35.12 117.62
CA GLN U 34 22.84 34.06 117.36
C GLN U 34 21.67 34.13 118.34
N GLN U 35 21.01 35.30 118.34
CA GLN U 35 19.91 35.56 119.24
C GLN U 35 18.86 36.35 118.47
N PRO U 36 17.59 35.95 118.53
CA PRO U 36 16.56 36.64 117.74
C PRO U 36 16.43 38.10 118.12
N MET U 37 16.05 38.92 117.14
CA MET U 37 15.86 40.34 117.32
C MET U 37 14.39 40.64 117.57
N LYS U 38 14.07 41.92 117.70
CA LYS U 38 12.72 42.38 117.98
C LYS U 38 12.12 42.99 116.71
N ASP U 39 10.87 42.64 116.42
CA ASP U 39 10.14 43.18 115.28
C ASP U 39 10.85 42.89 113.97
N GLN U 40 11.26 41.64 113.78
CA GLN U 40 12.00 41.25 112.60
C GLN U 40 11.50 39.91 112.07
N THR U 41 10.19 39.73 112.02
CA THR U 41 9.60 38.45 111.66
C THR U 41 8.95 38.52 110.28
N TRP U 42 9.25 37.54 109.45
CA TRP U 42 8.62 37.37 108.16
C TRP U 42 7.98 36.00 108.09
N VAL U 43 7.18 35.79 107.05
CA VAL U 43 6.55 34.50 106.81
C VAL U 43 7.19 33.89 105.58
N ALA U 44 7.71 32.68 105.72
CA ALA U 44 8.48 32.04 104.65
C ALA U 44 7.85 30.72 104.29
N VAL U 45 7.81 30.43 102.99
CA VAL U 45 7.32 29.16 102.51
C VAL U 45 8.44 28.14 102.63
N ASP U 46 8.31 27.22 103.58
CA ASP U 46 9.35 26.20 103.75
C ASP U 46 9.53 25.43 102.46
N ASN U 47 10.78 25.03 102.21
CA ASN U 47 11.12 24.33 100.98
C ASN U 47 12.01 23.13 101.17
N VAL U 48 12.68 22.97 102.31
CA VAL U 48 13.59 21.87 102.55
C VAL U 48 13.23 21.06 103.79
N GLY U 49 12.18 21.44 104.50
CA GLY U 49 11.77 20.66 105.65
C GLY U 49 12.35 21.12 106.96
N ALA U 50 12.16 22.39 107.29
CA ALA U 50 12.62 22.95 108.55
C ALA U 50 11.47 22.97 109.55
N GLY U 51 11.83 22.85 110.82
CA GLY U 51 10.84 22.86 111.88
C GLY U 51 11.17 23.87 112.94
N MET U 52 10.59 23.74 114.13
CA MET U 52 10.79 24.75 115.16
C MET U 52 12.23 24.74 115.65
N HIS U 53 12.69 25.93 116.07
CA HIS U 53 13.97 26.13 116.73
C HIS U 53 15.17 25.93 115.82
N ASP U 54 14.96 25.70 114.54
CA ASP U 54 16.06 25.41 113.62
C ASP U 54 16.57 26.69 113.00
N ILE U 55 17.89 26.83 112.90
CA ILE U 55 18.49 27.99 112.26
C ILE U 55 18.54 27.74 110.77
N VAL U 56 17.88 28.60 109.99
CA VAL U 56 17.73 28.39 108.57
C VAL U 56 18.29 29.57 107.81
N LEU U 57 18.20 29.52 106.49
CA LEU U 57 18.80 30.51 105.58
C LEU U 57 17.69 30.98 104.65
N ALA U 58 17.00 32.05 105.03
CA ALA U 58 15.82 32.51 104.33
C ALA U 58 16.21 33.43 103.18
N GLU U 59 15.69 33.15 101.99
CA GLU U 59 16.01 33.90 100.79
C GLU U 59 14.88 34.83 100.42
N GLU U 60 15.24 35.92 99.75
CA GLU U 60 14.28 36.95 99.37
C GLU U 60 13.53 36.56 98.11
N TYR U 61 12.92 37.53 97.45
CA TYR U 61 11.76 37.34 96.58
C TYR U 61 11.76 36.08 95.74
N PHE U 62 12.69 35.92 94.82
CA PHE U 62 12.54 34.94 93.75
C PHE U 62 13.18 33.62 94.13
N ALA U 63 12.35 32.62 94.41
CA ALA U 63 12.82 31.24 94.59
C ALA U 63 11.85 30.23 93.96
N LEU U 64 10.99 30.67 93.05
CA LEU U 64 10.06 29.80 92.33
C LEU U 64 9.15 29.04 93.29
N ASN U 65 8.34 29.80 94.03
CA ASN U 65 7.45 29.21 95.02
C ASN U 65 6.09 29.90 95.07
N TYR U 69 6.55 33.40 90.01
CA TYR U 69 6.56 32.95 91.39
C TYR U 69 7.68 33.63 92.18
N LYS U 70 7.31 34.39 93.21
CA LYS U 70 8.29 35.18 93.93
C LYS U 70 8.08 35.13 95.44
N ALA U 71 7.70 33.99 96.01
CA ALA U 71 7.51 33.92 97.44
C ALA U 71 8.84 33.77 98.17
N MET U 72 8.90 34.34 99.36
CA MET U 72 10.09 34.29 100.20
C MET U 72 10.15 32.91 100.84
N SER U 73 11.18 32.15 100.53
CA SER U 73 11.26 30.76 100.97
C SER U 73 12.55 30.50 101.73
N VAL U 74 12.59 29.36 102.39
CA VAL U 74 13.76 28.86 103.08
C VAL U 74 14.50 27.93 102.14
N VAL U 75 15.81 28.10 102.03
CA VAL U 75 16.59 27.39 101.02
C VAL U 75 17.72 26.56 101.60
N ALA U 76 17.93 26.60 102.92
CA ALA U 76 19.03 25.85 103.49
C ALA U 76 18.85 25.76 104.99
N ILE U 77 19.22 24.61 105.55
CA ILE U 77 19.28 24.42 107.00
C ILE U 77 20.74 24.44 107.41
N VAL U 78 21.07 25.27 108.37
CA VAL U 78 22.46 25.61 108.66
C VAL U 78 23.00 24.71 109.75
N GLU U 79 24.15 24.10 109.50
CA GLU U 79 24.84 23.26 110.47
C GLU U 79 25.75 24.06 111.39
N LYS U 80 26.70 24.79 110.81
CA LYS U 80 27.70 25.54 111.56
C LYS U 80 27.79 26.95 111.04
N VAL U 81 27.91 27.91 111.95
CA VAL U 81 28.13 29.32 111.62
C VAL U 81 29.45 29.71 112.27
N PHE U 82 30.54 29.63 111.51
CA PHE U 82 31.83 30.04 112.00
C PHE U 82 31.97 31.55 111.79
N ARG U 83 32.24 32.29 112.85
CA ARG U 83 32.20 33.74 112.80
C ARG U 83 33.25 34.30 113.76
N ASP U 84 34.26 34.95 113.21
CA ASP U 84 35.23 35.67 114.04
C ASP U 84 36.03 36.65 113.18
N GLU V 3 -31.24 -9.27 113.33
CA GLU V 3 -31.11 -8.12 112.47
C GLU V 3 -30.33 -8.47 111.21
N ALA V 4 -30.48 -7.66 110.17
CA ALA V 4 -29.84 -7.94 108.90
C ALA V 4 -28.33 -7.68 109.01
N LEU V 5 -27.63 -7.82 107.89
CA LEU V 5 -26.19 -7.71 107.87
C LEU V 5 -25.74 -7.15 106.53
N GLY V 6 -24.91 -6.14 106.55
CA GLY V 6 -24.44 -5.50 105.32
C GLY V 6 -22.93 -5.49 105.26
N LEU V 7 -22.42 -5.70 104.04
CA LEU V 7 -20.99 -5.90 103.83
C LEU V 7 -20.52 -5.11 102.62
N ILE V 8 -19.42 -4.40 102.77
CA ILE V 8 -18.73 -3.76 101.66
C ILE V 8 -17.26 -4.16 101.73
N GLU V 9 -16.66 -4.40 100.57
CA GLU V 9 -15.26 -4.77 100.47
C GLU V 9 -14.57 -3.85 99.50
N THR V 10 -13.42 -3.30 99.90
CA THR V 10 -12.71 -2.32 99.10
C THR V 10 -11.23 -2.67 99.08
N LYS V 11 -10.52 -2.07 98.13
CA LYS V 11 -9.07 -2.15 98.06
C LYS V 11 -8.48 -0.93 98.77
N GLY V 12 -7.73 -1.17 99.83
CA GLY V 12 -7.15 -0.07 100.57
C GLY V 12 -8.00 0.32 101.76
N LEU V 13 -7.35 0.90 102.76
CA LEU V 13 -8.06 1.23 104.00
C LEU V 13 -8.81 2.54 103.89
N VAL V 14 -8.30 3.50 103.11
CA VAL V 14 -8.94 4.81 103.05
C VAL V 14 -10.34 4.67 102.44
N ALA V 15 -10.46 3.96 101.32
CA ALA V 15 -11.74 3.81 100.69
C ALA V 15 -12.74 3.12 101.60
N CYS V 16 -12.26 2.35 102.57
CA CYS V 16 -13.17 1.65 103.46
C CYS V 16 -13.66 2.54 104.59
N ILE V 17 -12.82 3.45 105.08
CA ILE V 17 -13.25 4.35 106.15
C ILE V 17 -14.24 5.37 105.61
N GLU V 18 -14.06 5.79 104.36
CA GLU V 18 -15.06 6.63 103.72
C GLU V 18 -16.38 5.89 103.60
N ALA V 19 -16.33 4.62 103.18
CA ALA V 19 -17.56 3.84 103.06
C ALA V 19 -18.25 3.64 104.39
N ALA V 20 -17.48 3.33 105.44
CA ALA V 20 -18.08 3.06 106.73
C ALA V 20 -18.62 4.32 107.39
N ASP V 21 -18.13 5.48 106.97
CA ASP V 21 -18.70 6.73 107.50
C ASP V 21 -19.99 7.07 106.80
N ALA V 22 -20.03 6.91 105.47
CA ALA V 22 -21.27 7.17 104.75
C ALA V 22 -22.38 6.22 105.20
N MET V 23 -22.04 4.96 105.44
CA MET V 23 -23.04 4.01 105.91
C MET V 23 -23.64 4.45 107.24
N CYS V 24 -22.79 4.85 108.19
CA CYS V 24 -23.29 5.20 109.51
C CYS V 24 -24.12 6.46 109.50
N LYS V 25 -23.88 7.37 108.56
CA LYS V 25 -24.65 8.61 108.50
C LYS V 25 -25.97 8.42 107.77
N ALA V 26 -26.01 7.55 106.77
CA ALA V 26 -27.14 7.47 105.85
C ALA V 26 -28.35 6.74 106.41
N ALA V 27 -28.21 5.99 107.49
CA ALA V 27 -29.35 5.26 108.04
C ALA V 27 -29.02 4.84 109.45
N ASN V 28 -30.03 4.28 110.13
CA ASN V 28 -29.88 3.86 111.52
C ASN V 28 -29.31 2.44 111.56
N VAL V 29 -28.00 2.35 111.36
CA VAL V 29 -27.27 1.09 111.41
C VAL V 29 -26.08 1.26 112.32
N GLU V 30 -25.64 0.15 112.90
CA GLU V 30 -24.53 0.14 113.84
C GLU V 30 -23.34 -0.59 113.23
N LEU V 31 -22.15 -0.05 113.44
CA LEU V 31 -20.93 -0.58 112.83
C LEU V 31 -20.40 -1.72 113.69
N ILE V 32 -20.19 -2.89 113.08
CA ILE V 32 -19.69 -4.04 113.81
C ILE V 32 -18.18 -3.99 113.93
N GLY V 33 -17.48 -3.86 112.82
CA GLY V 33 -16.04 -3.74 112.85
C GLY V 33 -15.45 -3.90 111.47
N TYR V 34 -14.14 -3.77 111.42
CA TYR V 34 -13.36 -3.98 110.21
C TYR V 34 -12.69 -5.33 110.27
N GLU V 35 -12.32 -5.85 109.10
CA GLU V 35 -11.61 -7.13 109.03
C GLU V 35 -10.90 -7.19 107.68
N ASN V 36 -9.58 -7.07 107.69
CA ASN V 36 -8.80 -7.15 106.46
C ASN V 36 -8.17 -8.54 106.35
N VAL V 37 -8.28 -9.15 105.18
CA VAL V 37 -7.80 -10.50 104.94
C VAL V 37 -6.75 -10.42 103.85
N GLY V 38 -5.50 -10.26 104.25
CA GLY V 38 -4.43 -10.31 103.27
C GLY V 38 -4.45 -9.13 102.32
N SER V 39 -4.31 -9.42 101.03
CA SER V 39 -3.80 -8.44 100.09
C SER V 39 -4.77 -7.29 99.87
N GLY V 40 -4.51 -6.18 100.55
CA GLY V 40 -5.23 -4.93 100.38
C GLY V 40 -6.74 -5.02 100.32
N LEU V 41 -7.34 -5.91 101.10
CA LEU V 41 -8.80 -6.07 101.10
C LEU V 41 -9.31 -5.85 102.51
N VAL V 42 -10.02 -4.75 102.72
CA VAL V 42 -10.64 -4.44 103.99
C VAL V 42 -12.15 -4.50 103.82
N THR V 43 -12.84 -4.98 104.84
CA THR V 43 -14.29 -5.17 104.80
C THR V 43 -14.90 -4.55 106.04
N ALA V 44 -15.97 -3.79 105.86
CA ALA V 44 -16.73 -3.21 106.95
C ALA V 44 -18.08 -3.90 107.04
N MET V 45 -18.57 -4.11 108.27
CA MET V 45 -19.81 -4.83 108.51
C MET V 45 -20.73 -3.96 109.36
N VAL V 46 -21.99 -3.83 108.94
CA VAL V 46 -23.00 -3.09 109.67
C VAL V 46 -24.20 -3.99 109.89
N LYS V 47 -25.02 -3.65 110.88
CA LYS V 47 -26.20 -4.42 111.16
C LYS V 47 -27.34 -3.51 111.58
N GLY V 48 -28.56 -3.94 111.26
CA GLY V 48 -29.74 -3.16 111.53
C GLY V 48 -30.93 -3.78 110.83
N ASP V 49 -32.04 -3.04 110.81
CA ASP V 49 -33.23 -3.53 110.13
C ASP V 49 -32.96 -3.66 108.64
N VAL V 50 -33.82 -4.43 107.97
CA VAL V 50 -33.56 -4.79 106.57
C VAL V 50 -33.71 -3.57 105.68
N GLY V 51 -34.69 -2.72 105.94
CA GLY V 51 -34.86 -1.53 105.13
C GLY V 51 -33.77 -0.50 105.38
N ALA V 52 -33.29 -0.42 106.62
CA ALA V 52 -32.21 0.50 106.93
C ALA V 52 -30.89 0.01 106.35
N VAL V 53 -30.56 -1.27 106.58
CA VAL V 53 -29.29 -1.80 106.11
C VAL V 53 -29.20 -1.75 104.60
N ASN V 54 -30.33 -2.00 103.92
CA ASN V 54 -30.33 -1.90 102.46
C ASN V 54 -30.06 -0.47 102.01
N ALA V 55 -30.47 0.51 102.80
CA ALA V 55 -30.28 1.91 102.43
C ALA V 55 -28.89 2.40 102.79
N ALA V 56 -28.25 1.77 103.76
CA ALA V 56 -26.89 2.17 104.12
C ALA V 56 -25.87 1.62 103.14
N VAL V 57 -26.10 0.43 102.60
CA VAL V 57 -25.10 -0.20 101.76
C VAL V 57 -25.00 0.50 100.41
N ASP V 58 -26.14 0.85 99.80
CA ASP V 58 -26.06 1.49 98.49
C ASP V 58 -25.54 2.91 98.60
N SER V 59 -25.63 3.53 99.78
CA SER V 59 -25.01 4.82 99.99
C SER V 59 -23.51 4.69 100.23
N GLY V 60 -23.12 3.71 101.04
CA GLY V 60 -21.70 3.49 101.28
C GLY V 60 -20.94 3.03 100.06
N VAL V 61 -21.59 2.27 99.18
CA VAL V 61 -20.93 1.87 97.95
C VAL V 61 -20.74 3.07 97.05
N GLU V 62 -21.68 4.01 97.09
CA GLU V 62 -21.61 5.18 96.24
C GLU V 62 -20.46 6.10 96.62
N ALA V 63 -20.14 6.17 97.92
CA ALA V 63 -19.08 7.05 98.39
C ALA V 63 -17.70 6.45 98.17
N ALA V 64 -17.53 5.17 98.52
CA ALA V 64 -16.23 4.54 98.34
C ALA V 64 -15.88 4.36 96.87
N LYS V 65 -16.89 4.15 96.02
CA LYS V 65 -16.66 4.07 94.58
C LYS V 65 -16.09 5.36 94.03
N ARG V 66 -16.23 6.46 94.77
CA ARG V 66 -15.79 7.76 94.29
C ARG V 66 -14.27 7.88 94.31
N ILE V 67 -13.62 7.38 95.36
CA ILE V 67 -12.20 7.56 95.57
C ILE V 67 -11.41 6.26 95.50
N GLY V 68 -12.07 5.12 95.47
CA GLY V 68 -11.35 3.85 95.44
C GLY V 68 -12.07 2.80 94.65
N LYS V 69 -11.72 1.54 94.89
CA LYS V 69 -12.35 0.41 94.22
C LYS V 69 -13.23 -0.32 95.23
N VAL V 70 -14.50 -0.42 94.92
CA VAL V 70 -15.41 -1.28 95.68
C VAL V 70 -15.43 -2.63 94.99
N VAL V 71 -15.04 -3.67 95.72
CA VAL V 71 -14.92 -5.00 95.14
C VAL V 71 -16.25 -5.74 95.19
N SER V 72 -16.94 -5.71 96.33
CA SER V 72 -18.19 -6.44 96.47
C SER V 72 -19.04 -5.78 97.54
N SER V 73 -20.35 -5.95 97.42
CA SER V 73 -21.29 -5.54 98.44
C SER V 73 -22.41 -6.57 98.50
N ARG V 74 -23.03 -6.68 99.67
CA ARG V 74 -24.01 -7.73 99.86
C ARG V 74 -24.80 -7.46 101.14
N VAL V 75 -26.10 -7.73 101.10
CA VAL V 75 -26.97 -7.65 102.26
C VAL V 75 -27.55 -9.03 102.53
N ILE V 76 -27.48 -9.47 103.78
CA ILE V 76 -28.05 -10.73 104.20
C ILE V 76 -29.24 -10.42 105.10
N ALA V 77 -30.43 -10.79 104.64
CA ALA V 77 -31.65 -10.34 105.30
C ALA V 77 -31.88 -11.04 106.63
N ARG V 78 -31.51 -12.32 106.73
CA ARG V 78 -31.58 -13.04 107.99
C ARG V 78 -30.34 -13.92 108.08
N PRO V 79 -29.30 -13.46 108.77
CA PRO V 79 -28.11 -14.30 108.92
C PRO V 79 -28.38 -15.46 109.85
N HIS V 80 -27.84 -16.62 109.50
CA HIS V 80 -28.04 -17.80 110.32
C HIS V 80 -27.38 -17.63 111.68
N ASN V 81 -28.00 -18.23 112.70
CA ASN V 81 -27.55 -18.02 114.08
C ASN V 81 -26.09 -18.42 114.25
N ASP V 82 -25.66 -19.48 113.56
CA ASP V 82 -24.28 -19.94 113.69
C ASP V 82 -23.30 -18.86 113.25
N ILE V 83 -23.65 -18.10 112.23
CA ILE V 83 -22.76 -17.07 111.71
C ILE V 83 -22.83 -15.83 112.59
N GLU W 3 -12.85 15.68 116.84
CA GLU W 3 -11.95 16.43 116.00
C GLU W 3 -11.83 15.78 114.63
N ALA W 4 -11.37 16.54 113.64
CA ALA W 4 -11.31 16.05 112.27
C ALA W 4 -10.32 14.90 112.16
N LEU W 5 -10.20 14.32 110.97
CA LEU W 5 -9.38 13.14 110.77
C LEU W 5 -8.88 13.12 109.34
N GLY W 6 -7.59 12.94 109.16
CA GLY W 6 -6.99 12.95 107.84
C GLY W 6 -6.21 11.68 107.57
N LEU W 7 -6.27 11.23 106.32
CA LEU W 7 -5.62 9.99 105.91
C LEU W 7 -4.84 10.19 104.64
N ILE W 8 -3.64 9.64 104.60
CA ILE W 8 -2.87 9.52 103.37
C ILE W 8 -2.48 8.06 103.22
N GLU W 9 -2.58 7.54 102.01
CA GLU W 9 -2.25 6.16 101.72
C GLU W 9 -1.18 6.10 100.64
N THR W 10 -0.08 5.44 100.95
CA THR W 10 1.07 5.41 100.06
C THR W 10 1.52 3.98 99.85
N LYS W 11 2.23 3.76 98.74
CA LYS W 11 2.82 2.47 98.43
C LYS W 11 4.25 2.46 98.95
N GLY W 12 4.49 1.66 99.98
CA GLY W 12 5.80 1.61 100.61
C GLY W 12 5.83 2.44 101.88
N LEU W 13 6.73 2.06 102.78
CA LEU W 13 6.81 2.73 104.07
C LEU W 13 7.60 4.03 104.01
N VAL W 14 8.62 4.10 103.16
CA VAL W 14 9.45 5.29 103.09
C VAL W 14 8.62 6.51 102.70
N ALA W 15 7.80 6.37 101.65
CA ALA W 15 6.95 7.47 101.23
C ALA W 15 5.96 7.86 102.30
N CYS W 16 5.68 6.98 103.26
CA CYS W 16 4.72 7.31 104.31
C CYS W 16 5.38 8.06 105.45
N ILE W 17 6.67 7.87 105.68
CA ILE W 17 7.34 8.64 106.73
C ILE W 17 7.66 10.04 106.23
N GLU W 18 7.91 10.21 104.93
CA GLU W 18 8.01 11.56 104.40
C GLU W 18 6.67 12.27 104.46
N ALA W 19 5.59 11.57 104.11
CA ALA W 19 4.27 12.18 104.19
C ALA W 19 3.93 12.58 105.62
N ALA W 20 4.25 11.72 106.59
CA ALA W 20 3.93 12.03 107.97
C ALA W 20 4.79 13.16 108.50
N ASP W 21 6.06 13.22 108.09
CA ASP W 21 6.92 14.30 108.55
C ASP W 21 6.41 15.66 108.07
N ALA W 22 5.99 15.73 106.82
CA ALA W 22 5.44 16.99 106.31
C ALA W 22 4.14 17.35 107.03
N MET W 23 3.31 16.35 107.32
CA MET W 23 2.04 16.62 108.00
C MET W 23 2.28 17.20 109.38
N CYS W 24 3.23 16.65 110.13
CA CYS W 24 3.43 17.08 111.50
C CYS W 24 4.10 18.44 111.62
N LYS W 25 4.79 18.88 110.58
CA LYS W 25 5.42 20.20 110.59
C LYS W 25 4.52 21.30 110.08
N ALA W 26 3.48 20.95 109.32
CA ALA W 26 2.67 21.94 108.63
C ALA W 26 1.63 22.57 109.53
N ALA W 27 1.20 21.88 110.58
CA ALA W 27 0.17 22.41 111.46
C ALA W 27 0.25 21.70 112.79
N ASN W 28 -0.67 22.05 113.69
CA ASN W 28 -0.67 21.51 115.04
C ASN W 28 -1.63 20.34 115.11
N VAL W 29 -1.19 19.20 114.58
CA VAL W 29 -1.95 17.97 114.58
C VAL W 29 -1.15 16.91 115.31
N GLU W 30 -1.85 15.98 115.96
CA GLU W 30 -1.21 14.86 116.64
C GLU W 30 -1.32 13.63 115.76
N LEU W 31 -0.21 12.95 115.58
CA LEU W 31 -0.15 11.78 114.70
C LEU W 31 -0.58 10.54 115.47
N ILE W 32 -1.53 9.79 114.90
CA ILE W 32 -2.10 8.64 115.58
C ILE W 32 -1.25 7.40 115.39
N GLY W 33 -0.98 7.02 114.15
CA GLY W 33 -0.11 5.88 113.90
C GLY W 33 -0.36 5.28 112.53
N TYR W 34 0.54 4.40 112.15
CA TYR W 34 0.49 3.75 110.85
C TYR W 34 -0.37 2.49 110.91
N GLU W 35 -0.74 2.01 109.73
CA GLU W 35 -1.51 0.77 109.62
C GLU W 35 -1.35 0.26 108.20
N ASN W 36 -0.66 -0.86 108.03
CA ASN W 36 -0.52 -1.47 106.72
C ASN W 36 -1.49 -2.63 106.57
N VAL W 37 -2.08 -2.74 105.39
CA VAL W 37 -3.09 -3.74 105.09
C VAL W 37 -2.58 -4.76 104.08
N GLY W 38 -1.29 -4.76 103.79
CA GLY W 38 -0.74 -5.67 102.82
C GLY W 38 -0.77 -5.11 101.42
N SER W 39 -0.02 -5.77 100.54
CA SER W 39 0.19 -5.35 99.16
C SER W 39 1.02 -4.08 99.06
N GLY W 40 1.74 -3.73 100.12
CA GLY W 40 2.58 -2.55 100.11
C GLY W 40 1.89 -1.26 100.45
N LEU W 41 0.63 -1.31 100.86
CA LEU W 41 -0.14 -0.11 101.17
C LEU W 41 0.01 0.23 102.64
N VAL W 42 0.51 1.43 102.93
CA VAL W 42 0.66 1.92 104.29
C VAL W 42 -0.11 3.22 104.41
N THR W 43 -0.76 3.43 105.56
CA THR W 43 -1.63 4.57 105.77
C THR W 43 -1.22 5.29 107.04
N ALA W 44 -1.14 6.62 106.98
CA ALA W 44 -0.89 7.46 108.13
C ALA W 44 -2.15 8.23 108.48
N MET W 45 -2.38 8.42 109.77
CA MET W 45 -3.63 9.02 110.26
C MET W 45 -3.31 10.08 111.28
N VAL W 46 -3.77 11.31 111.02
CA VAL W 46 -3.61 12.42 111.95
C VAL W 46 -4.99 12.87 112.41
N LYS W 47 -5.01 13.68 113.45
CA LYS W 47 -6.27 14.21 113.96
C LYS W 47 -6.04 15.55 114.63
N GLY W 48 -6.97 16.47 114.43
CA GLY W 48 -6.89 17.79 115.00
C GLY W 48 -8.06 18.62 114.51
N ASP W 49 -7.95 19.94 114.69
CA ASP W 49 -8.98 20.83 114.17
C ASP W 49 -9.00 20.76 112.65
N VAL W 50 -10.16 21.09 112.08
CA VAL W 50 -10.37 20.85 110.65
C VAL W 50 -9.60 21.83 109.78
N GLY W 51 -9.26 23.01 110.29
CA GLY W 51 -8.41 23.90 109.53
C GLY W 51 -6.96 23.45 109.53
N ALA W 52 -6.51 22.85 110.62
CA ALA W 52 -5.16 22.31 110.69
C ALA W 52 -5.04 21.03 109.88
N VAL W 53 -6.02 20.13 110.03
CA VAL W 53 -5.94 18.85 109.34
C VAL W 53 -6.03 19.05 107.83
N ASN W 54 -6.81 20.03 107.40
CA ASN W 54 -6.89 20.30 105.96
C ASN W 54 -5.55 20.77 105.43
N ALA W 55 -4.82 21.57 106.22
CA ALA W 55 -3.54 22.08 105.79
C ALA W 55 -2.47 21.00 105.81
N ALA W 56 -2.52 20.12 106.81
CA ALA W 56 -1.52 19.07 106.93
C ALA W 56 -1.63 18.07 105.79
N VAL W 57 -2.85 17.65 105.46
CA VAL W 57 -3.02 16.61 104.44
C VAL W 57 -2.60 17.14 103.08
N ASP W 58 -2.84 18.42 102.80
CA ASP W 58 -2.44 18.96 101.51
C ASP W 58 -0.93 19.04 101.38
N SER W 59 -0.24 19.34 102.48
CA SER W 59 1.21 19.39 102.45
C SER W 59 1.81 18.00 102.39
N GLY W 60 1.28 17.08 103.20
CA GLY W 60 1.78 15.72 103.19
C GLY W 60 1.61 15.03 101.86
N VAL W 61 0.52 15.33 101.15
CA VAL W 61 0.32 14.70 99.84
C VAL W 61 1.37 15.17 98.85
N GLU W 62 1.70 16.46 98.88
CA GLU W 62 2.64 16.99 97.91
C GLU W 62 4.07 16.51 98.18
N ALA W 63 4.43 16.34 99.44
CA ALA W 63 5.78 15.88 99.76
C ALA W 63 5.97 14.41 99.42
N ALA W 64 5.01 13.56 99.79
CA ALA W 64 5.10 12.15 99.47
C ALA W 64 5.00 11.91 97.97
N LYS W 65 4.22 12.73 97.26
CA LYS W 65 4.13 12.62 95.81
C LYS W 65 5.48 12.80 95.16
N ARG W 66 6.37 13.57 95.79
CA ARG W 66 7.64 13.91 95.17
C ARG W 66 8.57 12.71 95.10
N ILE W 67 8.50 11.79 96.06
CA ILE W 67 9.47 10.70 96.19
C ILE W 67 8.83 9.33 96.13
N GLY W 68 7.53 9.24 95.95
CA GLY W 68 6.87 7.96 95.89
C GLY W 68 5.53 8.08 95.23
N LYS W 69 4.70 7.06 95.44
CA LYS W 69 3.35 7.05 94.90
C LYS W 69 2.37 7.27 96.03
N VAL W 70 1.52 8.29 95.88
CA VAL W 70 0.41 8.52 96.79
C VAL W 70 -0.82 7.90 96.17
N VAL W 71 -1.43 6.96 96.87
CA VAL W 71 -2.58 6.22 96.34
C VAL W 71 -3.88 6.98 96.56
N SER W 72 -4.05 7.55 97.75
CA SER W 72 -5.33 8.16 98.12
C SER W 72 -5.11 9.07 99.31
N SER W 73 -5.96 10.08 99.42
CA SER W 73 -5.97 10.98 100.57
C SER W 73 -7.40 11.39 100.86
N ARG W 74 -7.64 11.82 102.09
CA ARG W 74 -9.00 12.10 102.51
C ARG W 74 -9.00 12.84 103.83
N VAL W 75 -9.89 13.82 103.95
CA VAL W 75 -10.17 14.50 105.22
C VAL W 75 -11.62 14.23 105.59
N ILE W 76 -11.85 13.83 106.84
CA ILE W 76 -13.18 13.60 107.36
C ILE W 76 -13.43 14.65 108.43
N ALA W 77 -14.32 15.58 108.15
CA ALA W 77 -14.46 16.76 109.00
C ALA W 77 -15.16 16.42 110.31
N ARG W 78 -16.32 15.78 110.24
CA ARG W 78 -17.03 15.32 111.44
C ARG W 78 -17.13 13.81 111.38
N PRO W 79 -16.19 13.09 111.97
CA PRO W 79 -16.26 11.63 111.95
C PRO W 79 -17.29 11.12 112.95
N HIS W 80 -17.96 10.04 112.57
CA HIS W 80 -18.97 9.45 113.42
C HIS W 80 -18.34 8.83 114.65
N ASN W 81 -19.12 8.77 115.74
CA ASN W 81 -18.57 8.27 117.00
C ASN W 81 -18.33 6.76 116.95
N ASP W 82 -19.06 6.05 116.09
CA ASP W 82 -18.78 4.63 115.90
C ASP W 82 -17.42 4.43 115.26
N ILE W 83 -16.93 5.43 114.52
CA ILE W 83 -15.65 5.32 113.83
C ILE W 83 -14.53 5.74 114.76
N GLU X 3 -18.85 34.74 111.38
CA GLU X 3 -18.31 33.49 110.87
C GLU X 3 -18.54 33.37 109.38
N ALA X 4 -17.93 32.37 108.76
CA ALA X 4 -17.96 32.25 107.31
C ALA X 4 -19.37 31.98 106.81
N LEU X 5 -19.52 31.97 105.50
CA LEU X 5 -20.82 31.84 104.87
C LEU X 5 -20.70 31.05 103.58
N GLY X 6 -21.48 29.99 103.46
CA GLY X 6 -21.45 29.13 102.29
C GLY X 6 -22.80 29.09 101.60
N LEU X 7 -22.76 29.15 100.27
CA LEU X 7 -23.97 29.22 99.46
C LEU X 7 -23.91 28.19 98.35
N ILE X 8 -25.02 27.49 98.13
CA ILE X 8 -25.20 26.63 96.97
C ILE X 8 -26.50 27.01 96.30
N GLU X 9 -26.51 27.02 94.97
CA GLU X 9 -27.68 27.41 94.20
C GLU X 9 -28.00 26.34 93.17
N THR X 10 -29.24 25.87 93.17
CA THR X 10 -29.65 24.76 92.33
C THR X 10 -30.94 25.11 91.60
N LYS X 11 -31.23 24.34 90.57
CA LYS X 11 -32.53 24.40 89.89
C LYS X 11 -33.46 23.39 90.55
N GLY X 12 -34.54 23.87 91.15
CA GLY X 12 -35.50 22.99 91.77
C GLY X 12 -35.20 22.76 93.24
N LEU X 13 -36.24 22.34 93.96
CA LEU X 13 -36.12 22.22 95.41
C LEU X 13 -35.52 20.89 95.84
N VAL X 14 -35.70 19.83 95.05
CA VAL X 14 -35.22 18.53 95.47
C VAL X 14 -33.69 18.52 95.52
N ALA X 15 -33.04 19.06 94.49
CA ALA X 15 -31.59 19.12 94.51
C ALA X 15 -31.06 19.99 95.63
N CYS X 16 -31.88 20.88 96.18
CA CYS X 16 -31.42 21.74 97.25
C CYS X 16 -31.64 21.12 98.61
N ILE X 17 -32.60 20.21 98.75
CA ILE X 17 -32.73 19.50 100.02
C ILE X 17 -31.66 18.43 100.14
N GLU X 18 -31.22 17.87 99.03
CA GLU X 18 -30.11 16.93 99.09
C GLU X 18 -28.81 17.65 99.38
N ALA X 19 -28.60 18.84 98.81
CA ALA X 19 -27.41 19.61 99.13
C ALA X 19 -27.41 20.06 100.58
N ALA X 20 -28.56 20.51 101.08
CA ALA X 20 -28.62 20.97 102.47
C ALA X 20 -28.45 19.83 103.44
N ASP X 21 -28.87 18.62 103.06
CA ASP X 21 -28.71 17.48 103.94
C ASP X 21 -27.26 17.02 104.00
N ALA X 22 -26.59 16.97 102.84
CA ALA X 22 -25.20 16.56 102.81
C ALA X 22 -24.31 17.56 103.54
N MET X 23 -24.61 18.85 103.42
CA MET X 23 -23.81 19.86 104.09
C MET X 23 -23.89 19.71 105.60
N CYS X 24 -25.11 19.54 106.13
CA CYS X 24 -25.26 19.47 107.58
C CYS X 24 -24.66 18.21 108.17
N LYS X 25 -24.50 17.16 107.35
CA LYS X 25 -23.93 15.91 107.85
C LYS X 25 -22.41 15.96 107.86
N ALA X 26 -21.81 16.65 106.91
CA ALA X 26 -20.39 16.51 106.63
C ALA X 26 -19.52 17.53 107.34
N ALA X 27 -20.08 18.34 108.23
CA ALA X 27 -19.29 19.32 108.96
C ALA X 27 -20.16 19.95 110.03
N ASN X 28 -19.52 20.65 110.96
CA ASN X 28 -20.22 21.32 112.05
C ASN X 28 -20.61 22.72 111.60
N VAL X 29 -21.72 22.80 110.88
CA VAL X 29 -22.25 24.04 110.36
C VAL X 29 -23.70 24.18 110.81
N GLU X 30 -24.20 25.41 110.70
CA GLU X 30 -25.59 25.72 111.02
C GLU X 30 -26.30 26.13 109.76
N LEU X 31 -27.49 25.57 109.53
CA LEU X 31 -28.29 25.89 108.36
C LEU X 31 -29.15 27.10 108.66
N ILE X 32 -29.01 28.14 107.84
CA ILE X 32 -29.77 29.37 108.04
C ILE X 32 -31.15 29.27 107.39
N GLY X 33 -31.21 28.84 106.15
CA GLY X 33 -32.49 28.63 105.51
C GLY X 33 -32.37 28.66 104.01
N TYR X 34 -33.51 28.49 103.36
CA TYR X 34 -33.62 28.54 101.91
C TYR X 34 -34.15 29.91 101.50
N GLU X 35 -33.89 30.25 100.24
CA GLU X 35 -34.36 31.53 99.70
C GLU X 35 -34.42 31.40 98.18
N ASN X 36 -35.63 31.27 97.64
CA ASN X 36 -35.80 31.13 96.20
C ASN X 36 -36.19 32.46 95.57
N VAL X 37 -35.88 32.60 94.30
CA VAL X 37 -36.06 33.86 93.59
C VAL X 37 -36.82 33.66 92.29
N GLY X 38 -37.61 32.60 92.22
CA GLY X 38 -38.33 32.28 91.01
C GLY X 38 -37.42 31.70 89.94
N SER X 39 -38.03 31.28 88.84
CA SER X 39 -37.38 30.54 87.77
C SER X 39 -36.83 29.20 88.23
N GLY X 40 -37.23 28.73 89.41
CA GLY X 40 -36.76 27.46 89.91
C GLY X 40 -35.43 27.51 90.63
N LEU X 41 -34.82 28.68 90.75
CA LEU X 41 -33.55 28.80 91.45
C LEU X 41 -33.81 28.84 92.96
N VAL X 42 -33.23 27.90 93.69
CA VAL X 42 -33.31 27.86 95.13
C VAL X 42 -31.90 27.88 95.68
N THR X 43 -31.71 28.52 96.83
CA THR X 43 -30.39 28.72 97.41
C THR X 43 -30.40 28.32 98.87
N ALA X 44 -29.37 27.57 99.28
CA ALA X 44 -29.19 27.16 100.67
C ALA X 44 -28.02 27.94 101.25
N MET X 45 -28.15 28.33 102.52
CA MET X 45 -27.13 29.13 103.20
C MET X 45 -26.74 28.45 104.49
N VAL X 46 -25.46 28.11 104.63
CA VAL X 46 -24.93 27.54 105.86
C VAL X 46 -23.96 28.55 106.47
N LYS X 47 -23.65 28.34 107.74
CA LYS X 47 -22.85 29.30 108.49
C LYS X 47 -22.03 28.58 109.55
N GLY X 48 -20.75 28.89 109.63
CA GLY X 48 -19.89 28.27 110.60
C GLY X 48 -18.46 28.74 110.41
N ASP X 49 -17.54 28.08 111.10
CA ASP X 49 -16.13 28.41 110.95
C ASP X 49 -15.68 28.16 109.51
N VAL X 50 -14.57 28.80 109.14
CA VAL X 50 -14.16 28.81 107.73
C VAL X 50 -13.79 27.41 107.26
N GLY X 51 -13.08 26.66 108.10
CA GLY X 51 -12.67 25.32 107.70
C GLY X 51 -13.85 24.38 107.56
N ALA X 52 -14.79 24.45 108.50
CA ALA X 52 -15.99 23.64 108.40
C ALA X 52 -16.81 24.03 107.18
N VAL X 53 -17.12 25.32 107.05
CA VAL X 53 -17.96 25.77 105.94
C VAL X 53 -17.34 25.43 104.60
N ASN X 54 -16.02 25.55 104.50
CA ASN X 54 -15.35 25.15 103.27
C ASN X 54 -15.67 23.70 102.96
N ALA X 55 -15.42 22.80 103.91
CA ALA X 55 -15.64 21.37 103.70
C ALA X 55 -17.10 21.07 103.38
N ALA X 56 -18.03 21.72 104.07
CA ALA X 56 -19.44 21.47 103.84
C ALA X 56 -19.82 21.75 102.39
N VAL X 57 -19.42 22.91 101.88
CA VAL X 57 -19.84 23.31 100.53
C VAL X 57 -19.30 22.34 99.50
N ASP X 58 -18.10 21.79 99.71
CA ASP X 58 -17.57 20.82 98.76
C ASP X 58 -18.40 19.55 98.75
N SER X 59 -18.81 19.08 99.93
CA SER X 59 -19.62 17.87 100.00
C SER X 59 -21.03 18.14 99.50
N GLY X 60 -21.60 19.29 99.85
CA GLY X 60 -22.96 19.59 99.42
C GLY X 60 -23.10 19.72 97.92
N VAL X 61 -22.09 20.27 97.25
CA VAL X 61 -22.16 20.39 95.80
C VAL X 61 -22.01 19.03 95.16
N GLU X 62 -21.26 18.14 95.79
CA GLU X 62 -21.01 16.82 95.21
C GLU X 62 -22.25 15.95 95.27
N ALA X 63 -23.04 16.06 96.34
CA ALA X 63 -24.28 15.30 96.45
C ALA X 63 -25.37 15.88 95.55
N ALA X 64 -25.45 17.20 95.48
CA ALA X 64 -26.53 17.83 94.71
C ALA X 64 -26.31 17.67 93.22
N LYS X 65 -25.07 17.81 92.76
CA LYS X 65 -24.78 17.63 91.35
C LYS X 65 -25.13 16.25 90.86
N ARG X 66 -25.30 15.31 91.78
CA ARG X 66 -25.49 13.91 91.44
C ARG X 66 -26.90 13.62 90.93
N ILE X 67 -27.88 14.40 91.39
CA ILE X 67 -29.27 14.19 91.00
C ILE X 67 -29.85 15.36 90.24
N GLY X 68 -29.32 16.57 90.39
CA GLY X 68 -29.87 17.73 89.73
C GLY X 68 -28.80 18.65 89.22
N LYS X 69 -29.08 19.94 89.14
CA LYS X 69 -28.13 20.90 88.59
C LYS X 69 -27.71 21.90 89.66
N VAL X 70 -26.41 21.99 89.89
CA VAL X 70 -25.84 22.98 90.78
C VAL X 70 -25.43 24.17 89.94
N VAL X 71 -26.07 25.31 90.17
CA VAL X 71 -25.84 26.49 89.33
C VAL X 71 -24.56 27.20 89.76
N SER X 72 -24.37 27.39 91.06
CA SER X 72 -23.17 28.05 91.54
C SER X 72 -22.99 27.76 93.03
N SER X 73 -21.74 27.88 93.48
CA SER X 73 -21.39 27.72 94.88
C SER X 73 -20.33 28.75 95.23
N ARG X 74 -20.23 29.08 96.51
CA ARG X 74 -19.36 30.17 96.92
C ARG X 74 -19.21 30.14 98.43
N VAL X 75 -18.00 30.45 98.91
CA VAL X 75 -17.73 30.61 100.34
C VAL X 75 -17.19 32.00 100.57
N ILE X 76 -17.82 32.73 101.49
CA ILE X 76 -17.34 34.04 101.93
C ILE X 76 -16.72 33.85 103.30
N ALA X 77 -15.40 34.03 103.39
CA ALA X 77 -14.70 33.70 104.63
C ALA X 77 -15.05 34.67 105.74
N ARG X 78 -15.29 35.93 105.41
CA ARG X 78 -15.62 36.94 106.41
C ARG X 78 -16.56 37.95 105.77
N PRO X 79 -17.87 37.77 105.91
CA PRO X 79 -18.81 38.69 105.28
C PRO X 79 -18.89 40.01 106.02
N HIS X 80 -19.20 41.06 105.26
CA HIS X 80 -19.44 42.36 105.86
C HIS X 80 -20.68 42.30 106.74
N ASN X 81 -20.72 43.17 107.75
CA ASN X 81 -21.87 43.17 108.65
C ASN X 81 -23.15 43.57 107.94
N ASP X 82 -23.05 44.36 106.88
CA ASP X 82 -24.24 44.70 106.11
C ASP X 82 -24.82 43.47 105.42
N ILE X 83 -23.96 42.55 104.97
CA ILE X 83 -24.43 41.34 104.33
C ILE X 83 -25.23 40.48 105.30
N GLU X 84 -24.98 40.59 106.60
CA GLU X 84 -25.79 39.83 107.55
C GLU X 84 -27.03 40.60 107.96
N LYS X 85 -27.69 41.17 106.96
CA LYS X 85 -29.04 41.69 107.04
C LYS X 85 -29.84 41.34 105.80
N ILE X 86 -29.18 40.90 104.74
CA ILE X 86 -29.84 40.41 103.54
C ILE X 86 -30.12 38.91 103.64
N ALA X 87 -29.18 38.16 104.17
CA ALA X 87 -29.40 36.74 104.40
C ALA X 87 -30.40 36.51 105.52
N GLY X 88 -30.05 36.94 106.72
CA GLY X 88 -30.94 36.81 107.87
C GLY X 88 -31.90 37.97 108.02
N MET Y 1 -92.79 35.61 -45.87
CA MET Y 1 -93.99 35.44 -45.07
C MET Y 1 -95.22 35.85 -45.85
N ILE Y 2 -96.39 35.44 -45.38
CA ILE Y 2 -97.67 35.88 -45.94
C ILE Y 2 -98.64 36.16 -44.80
N LEU Y 3 -99.52 37.12 -45.02
CA LEU Y 3 -100.61 37.35 -44.08
C LEU Y 3 -101.67 36.28 -44.27
N ALA Y 4 -102.09 35.69 -43.16
CA ALA Y 4 -103.08 34.62 -43.22
C ALA Y 4 -103.90 34.66 -41.95
N LYS Y 5 -104.98 33.89 -41.95
CA LYS Y 5 -105.91 33.83 -40.84
C LYS Y 5 -106.14 32.39 -40.46
N VAL Y 6 -106.06 32.09 -39.16
CA VAL Y 6 -106.30 30.73 -38.70
C VAL Y 6 -107.78 30.42 -38.81
N THR Y 7 -108.11 29.32 -39.49
CA THR Y 7 -109.50 28.97 -39.76
C THR Y 7 -109.90 27.59 -39.28
N GLY Y 8 -109.01 26.87 -38.58
CA GLY Y 8 -109.35 25.55 -38.10
C GLY Y 8 -108.13 24.86 -37.54
N HIS Y 9 -108.23 23.54 -37.44
CA HIS Y 9 -107.09 22.74 -36.99
C HIS Y 9 -107.25 21.33 -37.54
N VAL Y 10 -106.18 20.55 -37.46
CA VAL Y 10 -106.12 19.21 -37.99
C VAL Y 10 -105.65 18.26 -36.89
N VAL Y 11 -106.36 17.16 -36.72
CA VAL Y 11 -106.02 16.16 -35.73
C VAL Y 11 -105.48 14.93 -36.46
N ALA Y 12 -104.19 14.67 -36.31
CA ALA Y 12 -103.52 13.57 -36.98
C ALA Y 12 -102.83 12.71 -35.93
N THR Y 13 -103.16 11.43 -35.90
CA THR Y 13 -102.62 10.51 -34.92
C THR Y 13 -101.40 9.75 -35.44
N GLN Y 14 -101.50 9.18 -36.64
CA GLN Y 14 -100.41 8.46 -37.27
C GLN Y 14 -99.58 9.45 -38.07
N LYS Y 15 -98.43 9.83 -37.53
CA LYS Y 15 -97.59 10.82 -38.19
C LYS Y 15 -96.14 10.59 -37.80
N CYS Y 16 -95.25 11.34 -38.45
CA CYS Y 16 -93.83 11.19 -38.22
C CYS Y 16 -93.46 11.67 -36.83
N ASP Y 17 -92.18 11.58 -36.51
CA ASP Y 17 -91.69 11.96 -35.20
C ASP Y 17 -91.21 13.41 -35.14
N GLU Y 18 -90.87 14.00 -36.28
CA GLU Y 18 -90.50 15.41 -36.31
C GLU Y 18 -91.69 16.31 -35.99
N LEU Y 19 -92.89 15.76 -35.90
CA LEU Y 19 -94.10 16.54 -35.65
C LEU Y 19 -94.77 16.24 -34.32
N ARG Y 20 -94.13 15.46 -33.46
CA ARG Y 20 -94.75 15.09 -32.19
C ARG Y 20 -94.81 16.29 -31.25
N GLY Y 21 -95.98 16.52 -30.67
CA GLY Y 21 -96.14 17.57 -29.70
C GLY Y 21 -96.16 18.97 -30.30
N SER Y 22 -97.03 19.19 -31.28
CA SER Y 22 -97.16 20.48 -31.91
C SER Y 22 -98.56 20.61 -32.47
N ASN Y 23 -99.00 21.85 -32.65
CA ASN Y 23 -100.30 22.12 -33.20
C ASN Y 23 -100.24 22.09 -34.71
N LEU Y 24 -101.38 21.83 -35.35
CA LEU Y 24 -101.47 21.85 -36.81
C LEU Y 24 -102.70 22.66 -37.20
N LEU Y 25 -102.48 23.89 -37.62
CA LEU Y 25 -103.56 24.82 -37.90
C LEU Y 25 -103.81 24.93 -39.40
N LEU Y 26 -105.06 25.15 -39.76
CA LEU Y 26 -105.41 25.50 -41.12
C LEU Y 26 -105.24 27.00 -41.28
N ILE Y 27 -104.54 27.39 -42.34
CA ILE Y 27 -104.03 28.75 -42.50
C ILE Y 27 -104.50 29.22 -43.86
N THR Y 28 -105.41 30.20 -43.89
CA THR Y 28 -105.98 30.68 -45.14
C THR Y 28 -105.40 32.03 -45.49
N ARG Y 29 -104.85 32.14 -46.69
CA ARG Y 29 -104.29 33.41 -47.14
C ARG Y 29 -105.42 34.40 -47.43
N LEU Y 30 -105.25 35.62 -46.93
CA LEU Y 30 -106.28 36.64 -47.05
C LEU Y 30 -105.83 37.77 -47.96
N ASP Y 31 -106.79 38.37 -48.66
CA ASP Y 31 -106.50 39.32 -49.73
C ASP Y 31 -106.31 40.75 -49.20
N ASP Y 32 -106.27 41.73 -50.11
CA ASP Y 32 -105.92 43.10 -49.73
C ASP Y 32 -107.06 43.85 -49.04
N LYS Y 33 -108.17 43.18 -48.75
CA LYS Y 33 -109.22 43.74 -47.91
C LYS Y 33 -109.29 43.03 -46.57
N GLN Y 34 -108.25 42.28 -46.21
CA GLN Y 34 -108.23 41.43 -45.03
C GLN Y 34 -109.44 40.49 -45.02
N GLN Y 35 -109.54 39.69 -46.08
CA GLN Y 35 -110.64 38.78 -46.26
C GLN Y 35 -110.09 37.49 -46.86
N PRO Y 36 -110.42 36.32 -46.30
CA PRO Y 36 -109.84 35.07 -46.80
C PRO Y 36 -110.20 34.81 -48.26
N MET Y 37 -109.28 34.15 -48.95
CA MET Y 37 -109.45 33.80 -50.35
C MET Y 37 -110.01 32.38 -50.48
N LYS Y 38 -110.15 31.92 -51.72
CA LYS Y 38 -110.69 30.61 -52.02
C LYS Y 38 -109.56 29.69 -52.47
N ASP Y 39 -109.55 28.47 -51.94
CA ASP Y 39 -108.57 27.45 -52.32
C ASP Y 39 -107.15 27.91 -52.04
N GLN Y 40 -106.93 28.44 -50.84
CA GLN Y 40 -105.63 28.97 -50.47
C GLN Y 40 -105.26 28.57 -49.05
N THR Y 41 -105.49 27.30 -48.71
CA THR Y 41 -105.31 26.83 -47.34
C THR Y 41 -104.10 25.92 -47.25
N TRP Y 42 -103.25 26.17 -46.25
CA TRP Y 42 -102.13 25.31 -45.94
C TRP Y 42 -102.25 24.87 -44.49
N VAL Y 43 -101.41 23.92 -44.11
CA VAL Y 43 -101.34 23.42 -42.75
C VAL Y 43 -100.03 23.87 -42.15
N ALA Y 44 -100.10 24.59 -41.03
CA ALA Y 44 -98.92 25.19 -40.43
C ALA Y 44 -98.74 24.70 -39.01
N VAL Y 45 -97.50 24.43 -38.64
CA VAL Y 45 -97.17 24.02 -37.29
C VAL Y 45 -97.08 25.28 -36.44
N ASP Y 46 -98.06 25.48 -35.56
CA ASP Y 46 -98.06 26.64 -34.70
C ASP Y 46 -96.78 26.68 -33.87
N ASN Y 47 -96.28 27.89 -33.63
CA ASN Y 47 -95.03 28.05 -32.91
C ASN Y 47 -95.07 29.12 -31.83
N VAL Y 48 -96.05 30.03 -31.84
CA VAL Y 48 -96.13 31.11 -30.88
C VAL Y 48 -97.44 31.11 -30.10
N GLY Y 49 -98.35 30.20 -30.38
CA GLY Y 49 -99.58 30.14 -29.63
C GLY Y 49 -100.72 30.92 -30.25
N ALA Y 50 -101.03 30.63 -31.50
CA ALA Y 50 -102.16 31.24 -32.18
C ALA Y 50 -103.38 30.34 -32.12
N GLY Y 51 -104.56 30.95 -32.13
CA GLY Y 51 -105.79 30.21 -32.08
C GLY Y 51 -106.73 30.62 -33.19
N MET Y 52 -108.01 30.30 -33.06
CA MET Y 52 -108.94 30.58 -34.14
C MET Y 52 -109.12 32.07 -34.35
N HIS Y 53 -109.39 32.44 -35.60
CA HIS Y 53 -109.75 33.80 -36.01
C HIS Y 53 -108.62 34.79 -35.92
N ASP Y 54 -107.41 34.37 -35.57
CA ASP Y 54 -106.31 35.29 -35.37
C ASP Y 54 -105.55 35.47 -36.67
N ILE Y 55 -105.17 36.71 -36.96
CA ILE Y 55 -104.37 37.00 -38.15
C ILE Y 55 -102.91 36.78 -37.81
N VAL Y 56 -102.27 35.87 -38.54
CA VAL Y 56 -100.91 35.46 -38.21
C VAL Y 56 -100.01 35.69 -39.42
N LEU Y 57 -98.74 35.33 -39.27
CA LEU Y 57 -97.70 35.59 -40.27
C LEU Y 57 -97.02 34.26 -40.54
N ALA Y 58 -97.49 33.53 -41.54
CA ALA Y 58 -97.03 32.18 -41.80
C ALA Y 58 -95.80 32.20 -42.69
N GLU Y 59 -94.76 31.48 -42.27
CA GLU Y 59 -93.50 31.45 -42.97
C GLU Y 59 -93.34 30.15 -43.74
N GLU Y 60 -92.57 30.21 -44.82
CA GLU Y 60 -92.37 29.06 -45.69
C GLU Y 60 -91.31 28.13 -45.13
N TYR Y 61 -90.76 27.26 -45.98
CA TYR Y 61 -90.16 26.00 -45.60
C TYR Y 61 -89.38 25.99 -44.29
N PHE Y 62 -88.30 26.74 -44.19
CA PHE Y 62 -87.32 26.49 -43.14
C PHE Y 62 -87.60 27.39 -41.94
N ALA Y 63 -88.08 26.77 -40.85
CA ALA Y 63 -88.19 27.45 -39.57
C ALA Y 63 -87.82 26.53 -38.41
N LEU Y 64 -87.10 25.44 -38.67
CA LEU Y 64 -86.62 24.51 -37.64
C LEU Y 64 -87.78 23.93 -36.84
N ASN Y 65 -88.64 23.19 -37.53
CA ASN Y 65 -89.82 22.61 -36.89
C ASN Y 65 -90.13 21.21 -37.41
N TYR Y 69 -84.97 20.14 -40.62
CA TYR Y 69 -86.33 20.50 -40.26
C TYR Y 69 -86.84 21.65 -41.13
N LYS Y 70 -87.90 21.39 -41.90
CA LYS Y 70 -88.38 22.38 -42.85
C LYS Y 70 -89.91 22.51 -42.87
N ALA Y 71 -90.57 22.40 -41.72
CA ALA Y 71 -92.02 22.51 -41.72
C ALA Y 71 -92.44 23.97 -41.78
N MET Y 72 -93.58 24.21 -42.43
CA MET Y 72 -94.16 25.54 -42.58
C MET Y 72 -94.81 25.90 -41.27
N SER Y 73 -94.31 26.95 -40.61
CA SER Y 73 -94.78 27.31 -39.29
C SER Y 73 -95.26 28.75 -39.24
N VAL Y 74 -95.94 29.07 -38.15
CA VAL Y 74 -96.38 30.43 -37.85
C VAL Y 74 -95.33 31.08 -36.96
N VAL Y 75 -94.93 32.30 -37.30
CA VAL Y 75 -93.81 32.95 -36.63
C VAL Y 75 -94.17 34.27 -35.99
N ALA Y 76 -95.40 34.75 -36.13
CA ALA Y 76 -95.76 36.03 -35.56
C ALA Y 76 -97.28 36.18 -35.54
N ILE Y 77 -97.79 36.80 -34.49
CA ILE Y 77 -99.19 37.18 -34.40
C ILE Y 77 -99.28 38.68 -34.62
N VAL Y 78 -100.12 39.09 -35.55
CA VAL Y 78 -100.10 40.44 -36.09
C VAL Y 78 -101.09 41.31 -35.32
N GLU Y 79 -100.62 42.46 -34.85
CA GLU Y 79 -101.46 43.44 -34.16
C GLU Y 79 -102.13 44.40 -35.13
N LYS Y 80 -101.33 45.10 -35.94
CA LYS Y 80 -101.84 46.12 -36.85
C LYS Y 80 -101.26 45.91 -38.23
N VAL Y 81 -102.09 46.09 -39.25
CA VAL Y 81 -101.67 46.04 -40.64
C VAL Y 81 -102.02 47.39 -41.25
N PHE Y 82 -101.05 48.30 -41.25
CA PHE Y 82 -101.24 49.61 -41.87
C PHE Y 82 -100.95 49.49 -43.35
N ARG Y 83 -101.91 49.87 -44.18
CA ARG Y 83 -101.82 49.62 -45.62
C ARG Y 83 -102.52 50.76 -46.36
N ASP Y 84 -101.75 51.54 -47.10
CA ASP Y 84 -102.32 52.54 -47.99
C ASP Y 84 -101.28 53.00 -49.01
N GLU Z 3 -117.73 -5.51 4.97
CA GLU Z 3 -116.77 -5.80 3.92
C GLU Z 3 -115.41 -5.24 4.28
N ALA Z 4 -114.38 -5.69 3.56
CA ALA Z 4 -113.02 -5.27 3.87
C ALA Z 4 -112.80 -3.83 3.43
N LEU Z 5 -111.56 -3.38 3.55
CA LEU Z 5 -111.23 -1.99 3.26
C LEU Z 5 -109.80 -1.92 2.75
N GLY Z 6 -109.58 -1.22 1.65
CA GLY Z 6 -108.27 -1.13 1.04
C GLY Z 6 -107.86 0.31 0.83
N LEU Z 7 -106.58 0.58 1.05
CA LEU Z 7 -106.07 1.95 1.08
C LEU Z 7 -104.76 2.03 0.32
N ILE Z 8 -104.63 3.04 -0.54
CA ILE Z 8 -103.38 3.38 -1.19
C ILE Z 8 -103.13 4.86 -0.98
N GLU Z 9 -101.87 5.22 -0.76
CA GLU Z 9 -101.49 6.61 -0.54
C GLU Z 9 -100.34 6.96 -1.46
N THR Z 10 -100.46 8.08 -2.17
CA THR Z 10 -99.47 8.47 -3.15
C THR Z 10 -99.15 9.94 -2.99
N LYS Z 11 -98.03 10.34 -3.60
CA LYS Z 11 -97.66 11.74 -3.70
C LYS Z 11 -98.17 12.29 -5.03
N GLY Z 12 -99.05 13.26 -4.97
CA GLY Z 12 -99.60 13.81 -6.19
C GLY Z 12 -100.94 13.21 -6.52
N LEU Z 13 -101.75 13.95 -7.27
CA LEU Z 13 -103.09 13.50 -7.59
C LEU Z 13 -103.12 12.57 -8.80
N VAL Z 14 -102.22 12.78 -9.76
CA VAL Z 14 -102.25 11.97 -10.97
C VAL Z 14 -101.97 10.51 -10.64
N ALA Z 15 -100.94 10.26 -9.84
CA ALA Z 15 -100.61 8.89 -9.48
C ALA Z 15 -101.75 8.21 -8.76
N CYS Z 16 -102.61 8.98 -8.09
CA CYS Z 16 -103.71 8.38 -7.34
C CYS Z 16 -104.88 8.04 -8.24
N ILE Z 17 -105.15 8.85 -9.25
CA ILE Z 17 -106.25 8.55 -10.16
C ILE Z 17 -105.92 7.34 -11.01
N GLU Z 18 -104.65 7.19 -11.39
CA GLU Z 18 -104.22 5.97 -12.05
C GLU Z 18 -104.39 4.76 -11.15
N ALA Z 19 -103.98 4.88 -9.89
CA ALA Z 19 -104.12 3.78 -8.95
C ALA Z 19 -105.59 3.44 -8.74
N ALA Z 20 -106.44 4.44 -8.57
CA ALA Z 20 -107.85 4.16 -8.32
C ALA Z 20 -108.54 3.58 -9.54
N ASP Z 21 -108.05 3.87 -10.74
CA ASP Z 21 -108.65 3.28 -11.93
C ASP Z 21 -108.26 1.81 -12.05
N ALA Z 22 -106.99 1.48 -11.83
CA ALA Z 22 -106.55 0.10 -11.89
C ALA Z 22 -107.28 -0.75 -10.85
N MET Z 23 -107.47 -0.20 -9.64
CA MET Z 23 -108.18 -0.95 -8.61
C MET Z 23 -109.60 -1.28 -9.05
N CYS Z 24 -110.30 -0.33 -9.64
CA CYS Z 24 -111.69 -0.57 -10.00
C CYS Z 24 -111.82 -1.58 -11.14
N LYS Z 25 -110.82 -1.66 -12.01
CA LYS Z 25 -110.88 -2.57 -13.14
C LYS Z 25 -110.47 -3.99 -12.77
N ALA Z 26 -109.55 -4.14 -11.81
CA ALA Z 26 -108.91 -5.41 -11.54
C ALA Z 26 -109.74 -6.36 -10.69
N ALA Z 27 -110.80 -5.89 -10.04
CA ALA Z 27 -111.59 -6.78 -9.21
C ALA Z 27 -112.91 -6.09 -8.90
N ASN Z 28 -113.82 -6.86 -8.30
CA ASN Z 28 -115.15 -6.35 -7.98
C ASN Z 28 -115.11 -5.60 -6.65
N VAL Z 29 -114.62 -4.36 -6.71
CA VAL Z 29 -114.57 -3.47 -5.55
C VAL Z 29 -115.21 -2.15 -5.94
N GLU Z 30 -115.68 -1.42 -4.93
CA GLU Z 30 -116.35 -0.15 -5.13
C GLU Z 30 -115.52 0.96 -4.52
N LEU Z 31 -115.46 2.10 -5.21
CA LEU Z 31 -114.62 3.22 -4.78
C LEU Z 31 -115.37 4.08 -3.77
N ILE Z 32 -114.79 4.26 -2.59
CA ILE Z 32 -115.43 5.05 -1.55
C ILE Z 32 -115.21 6.53 -1.80
N GLY Z 33 -113.96 6.97 -1.92
CA GLY Z 33 -113.68 8.35 -2.24
C GLY Z 33 -112.21 8.65 -2.06
N TYR Z 34 -111.87 9.90 -2.35
CA TYR Z 34 -110.53 10.43 -2.14
C TYR Z 34 -110.50 11.26 -0.88
N GLU Z 35 -109.30 11.44 -0.35
CA GLU Z 35 -109.11 12.28 0.83
C GLU Z 35 -107.64 12.69 0.89
N ASN Z 36 -107.35 13.94 0.58
CA ASN Z 36 -105.99 14.45 0.64
C ASN Z 36 -105.78 15.23 1.93
N VAL Z 37 -104.70 14.93 2.63
CA VAL Z 37 -104.41 15.53 3.93
C VAL Z 37 -103.11 16.31 3.77
N GLY Z 38 -103.23 17.59 3.40
CA GLY Z 38 -102.06 18.43 3.41
C GLY Z 38 -101.07 18.06 2.33
N SER Z 39 -99.81 17.94 2.72
CA SER Z 39 -98.70 18.08 1.79
C SER Z 39 -98.66 16.97 0.77
N GLY Z 40 -99.23 17.23 -0.40
CA GLY Z 40 -99.20 16.36 -1.55
C GLY Z 40 -99.51 14.90 -1.32
N LEU Z 41 -100.39 14.59 -0.38
CA LEU Z 41 -100.71 13.20 -0.05
C LEU Z 41 -102.19 12.98 -0.31
N VAL Z 42 -102.50 12.16 -1.32
CA VAL Z 42 -103.86 11.79 -1.64
C VAL Z 42 -104.03 10.30 -1.38
N THR Z 43 -105.22 9.91 -0.91
CA THR Z 43 -105.50 8.54 -0.54
C THR Z 43 -106.83 8.13 -1.14
N ALA Z 44 -106.86 6.94 -1.75
CA ALA Z 44 -108.07 6.37 -2.30
C ALA Z 44 -108.48 5.16 -1.46
N MET Z 45 -109.79 4.99 -1.26
CA MET Z 45 -110.32 3.93 -0.42
C MET Z 45 -111.31 3.10 -1.20
N VAL Z 46 -111.14 1.78 -1.19
CA VAL Z 46 -112.05 0.85 -1.84
C VAL Z 46 -112.56 -0.14 -0.81
N LYS Z 47 -113.70 -0.74 -1.10
CA LYS Z 47 -114.29 -1.73 -0.20
C LYS Z 47 -114.90 -2.87 -1.01
N GLY Z 48 -114.91 -4.05 -0.41
CA GLY Z 48 -115.40 -5.23 -1.07
C GLY Z 48 -115.01 -6.46 -0.26
N ASP Z 49 -115.17 -7.63 -0.86
CA ASP Z 49 -114.80 -8.85 -0.17
C ASP Z 49 -113.29 -8.91 0.01
N VAL Z 50 -112.86 -9.79 0.92
CA VAL Z 50 -111.46 -9.79 1.35
C VAL Z 50 -110.55 -10.28 0.23
N GLY Z 51 -111.00 -11.28 -0.54
CA GLY Z 51 -110.18 -11.75 -1.64
C GLY Z 51 -110.16 -10.79 -2.81
N ALA Z 52 -111.28 -10.11 -3.05
CA ALA Z 52 -111.31 -9.10 -4.09
C ALA Z 52 -110.47 -7.89 -3.71
N VAL Z 53 -110.68 -7.35 -2.52
CA VAL Z 53 -109.97 -6.15 -2.10
C VAL Z 53 -108.47 -6.41 -2.06
N ASN Z 54 -108.07 -7.61 -1.66
CA ASN Z 54 -106.65 -7.94 -1.66
C ASN Z 54 -106.10 -7.96 -3.08
N ALA Z 55 -106.92 -8.35 -4.04
CA ALA Z 55 -106.48 -8.43 -5.43
C ALA Z 55 -106.50 -7.06 -6.09
N ALA Z 56 -107.32 -6.14 -5.59
CA ALA Z 56 -107.36 -4.81 -6.17
C ALA Z 56 -106.18 -3.98 -5.71
N VAL Z 57 -105.76 -4.15 -4.46
CA VAL Z 57 -104.72 -3.27 -3.90
C VAL Z 57 -103.37 -3.56 -4.51
N ASP Z 58 -103.04 -4.83 -4.76
CA ASP Z 58 -101.72 -5.12 -5.31
C ASP Z 58 -101.63 -4.77 -6.78
N SER Z 59 -102.77 -4.69 -7.47
CA SER Z 59 -102.75 -4.20 -8.85
C SER Z 59 -102.67 -2.68 -8.88
N GLY Z 60 -103.41 -2.02 -8.00
CA GLY Z 60 -103.38 -0.57 -7.95
C GLY Z 60 -102.04 -0.02 -7.51
N VAL Z 61 -101.36 -0.71 -6.61
CA VAL Z 61 -100.01 -0.28 -6.23
C VAL Z 61 -99.05 -0.46 -7.39
N GLU Z 62 -99.28 -1.50 -8.19
CA GLU Z 62 -98.40 -1.78 -9.32
C GLU Z 62 -98.48 -0.70 -10.38
N ALA Z 63 -99.67 -0.14 -10.59
CA ALA Z 63 -99.86 0.88 -11.62
C ALA Z 63 -99.34 2.24 -11.17
N ALA Z 64 -99.68 2.66 -9.96
CA ALA Z 64 -99.25 3.97 -9.49
C ALA Z 64 -97.76 4.01 -9.25
N LYS Z 65 -97.15 2.88 -8.87
CA LYS Z 65 -95.71 2.82 -8.73
C LYS Z 65 -94.99 3.06 -10.04
N ARG Z 66 -95.71 2.93 -11.15
CA ARG Z 66 -95.10 3.08 -12.46
C ARG Z 66 -94.78 4.54 -12.78
N ILE Z 67 -95.68 5.45 -12.41
CA ILE Z 67 -95.55 6.85 -12.79
C ILE Z 67 -95.37 7.78 -11.60
N GLY Z 68 -95.52 7.29 -10.38
CA GLY Z 68 -95.37 8.15 -9.22
C GLY Z 68 -94.82 7.42 -8.03
N LYS Z 69 -95.02 7.97 -6.84
CA LYS Z 69 -94.55 7.38 -5.60
C LYS Z 69 -95.76 6.84 -4.85
N VAL Z 70 -95.73 5.55 -4.55
CA VAL Z 70 -96.70 4.94 -3.64
C VAL Z 70 -96.10 4.96 -2.25
N VAL Z 71 -96.75 5.66 -1.33
CA VAL Z 71 -96.21 5.82 0.01
C VAL Z 71 -96.58 4.64 0.90
N SER Z 72 -97.85 4.24 0.90
CA SER Z 72 -98.29 3.15 1.75
C SER Z 72 -99.50 2.47 1.13
N SER Z 73 -99.68 1.20 1.49
CA SER Z 73 -100.87 0.45 1.14
C SER Z 73 -101.21 -0.48 2.28
N ARG Z 74 -102.49 -0.84 2.38
CA ARG Z 74 -102.93 -1.60 3.53
C ARG Z 74 -104.34 -2.12 3.30
N VAL Z 75 -104.58 -3.35 3.72
CA VAL Z 75 -105.91 -3.96 3.67
C VAL Z 75 -106.34 -4.26 5.09
N ILE Z 76 -107.58 -3.92 5.42
CA ILE Z 76 -108.16 -4.20 6.73
C ILE Z 76 -109.27 -5.22 6.52
N ALA Z 77 -109.10 -6.42 7.05
CA ALA Z 77 -109.99 -7.51 6.72
C ALA Z 77 -111.37 -7.34 7.36
N ARG Z 78 -111.43 -6.78 8.55
CA ARG Z 78 -112.69 -6.47 9.20
C ARG Z 78 -112.56 -5.14 9.90
N PRO Z 79 -112.96 -4.04 9.28
CA PRO Z 79 -112.88 -2.74 9.94
C PRO Z 79 -113.90 -2.66 11.05
N HIS Z 80 -113.49 -2.05 12.16
CA HIS Z 80 -114.37 -1.92 13.31
C HIS Z 80 -115.54 -1.01 12.98
N ASN Z 81 -116.70 -1.32 13.58
CA ASN Z 81 -117.92 -0.61 13.23
C ASN Z 81 -117.79 0.89 13.45
N ASP Z 82 -117.05 1.28 14.50
CA ASP Z 82 -116.86 2.69 14.79
C ASP Z 82 -116.20 3.42 13.62
N ILE Z 83 -115.28 2.75 12.95
CA ILE Z 83 -114.52 3.36 11.86
C ILE Z 83 -115.35 3.32 10.58
N GLU AA 3 -116.18 9.51 -22.29
CA GLU AA 3 -115.12 10.15 -23.07
C GLU AA 3 -113.80 10.05 -22.33
N ALA AA 4 -112.69 10.14 -23.07
CA ALA AA 4 -111.37 9.99 -22.48
C ALA AA 4 -111.09 11.11 -21.49
N LEU AA 5 -109.92 11.04 -20.86
CA LEU AA 5 -109.59 11.97 -19.79
C LEU AA 5 -108.09 12.13 -19.71
N GLY AA 6 -107.63 13.37 -19.73
CA GLY AA 6 -106.20 13.64 -19.70
C GLY AA 6 -105.83 14.53 -18.54
N LEU AA 7 -104.65 14.30 -17.99
CA LEU AA 7 -104.17 15.01 -16.81
C LEU AA 7 -102.75 15.47 -17.00
N ILE AA 8 -102.48 16.71 -16.61
CA ILE AA 8 -101.13 17.23 -16.49
C ILE AA 8 -100.96 17.77 -15.09
N GLU AA 9 -99.83 17.47 -14.46
CA GLU AA 9 -99.54 17.92 -13.11
C GLU AA 9 -98.25 18.73 -13.12
N THR AA 10 -98.32 19.95 -12.62
CA THR AA 10 -97.22 20.89 -12.69
C THR AA 10 -96.96 21.49 -11.32
N LYS AA 11 -95.75 21.98 -11.14
CA LYS AA 11 -95.34 22.65 -9.92
C LYS AA 11 -95.54 24.15 -10.09
N GLY AA 12 -96.53 24.71 -9.41
CA GLY AA 12 -96.84 26.11 -9.57
C GLY AA 12 -98.04 26.31 -10.48
N LEU AA 13 -98.76 27.41 -10.26
CA LEU AA 13 -99.97 27.65 -11.02
C LEU AA 13 -99.69 28.24 -12.40
N VAL AA 14 -98.62 29.02 -12.54
CA VAL AA 14 -98.36 29.66 -13.82
C VAL AA 14 -98.09 28.61 -14.89
N ALA AA 15 -97.25 27.62 -14.58
CA ALA AA 15 -96.98 26.56 -15.55
C ALA AA 15 -98.23 25.77 -15.90
N CYS AA 16 -99.24 25.81 -15.05
CA CYS AA 16 -100.46 25.05 -15.32
C CYS AA 16 -101.41 25.82 -16.23
N ILE AA 17 -101.38 27.14 -16.21
CA ILE AA 17 -102.21 27.90 -17.13
C ILE AA 17 -101.62 27.91 -18.52
N GLU AA 18 -100.29 27.87 -18.63
CA GLU AA 18 -99.68 27.70 -19.94
C GLU AA 18 -100.01 26.32 -20.52
N ALA AA 19 -99.94 25.28 -19.68
CA ALA AA 19 -100.29 23.95 -20.13
C ALA AA 19 -101.75 23.88 -20.56
N ALA AA 20 -102.65 24.47 -19.79
CA ALA AA 20 -104.07 24.41 -20.13
C ALA AA 20 -104.38 25.25 -21.35
N ASP AA 21 -103.61 26.29 -21.62
CA ASP AA 21 -103.84 27.08 -22.81
C ASP AA 21 -103.41 26.34 -24.06
N ALA AA 22 -102.28 25.64 -23.99
CA ALA AA 22 -101.83 24.85 -25.13
C ALA AA 22 -102.78 23.68 -25.38
N MET AA 23 -103.28 23.06 -24.32
CA MET AA 23 -104.21 21.95 -24.48
C MET AA 23 -105.49 22.41 -25.18
N CYS AA 24 -106.04 23.54 -24.77
CA CYS AA 24 -107.34 23.96 -25.29
C CYS AA 24 -107.25 24.45 -26.72
N LYS AA 25 -106.07 24.85 -27.19
CA LYS AA 25 -105.91 25.29 -28.56
C LYS AA 25 -105.55 24.16 -29.51
N ALA AA 26 -105.04 23.05 -28.98
CA ALA AA 26 -104.50 21.99 -29.81
C ALA AA 26 -105.58 21.08 -30.37
N ALA AA 27 -106.73 20.99 -29.73
CA ALA AA 27 -107.79 20.11 -30.21
C ALA AA 27 -109.11 20.55 -29.60
N ASN AA 28 -110.16 19.79 -29.90
CA ASN AA 28 -111.51 20.14 -29.47
C ASN AA 28 -111.83 19.36 -28.20
N VAL AA 29 -111.26 19.84 -27.09
CA VAL AA 29 -111.49 19.27 -25.77
C VAL AA 29 -112.09 20.34 -24.88
N GLU AA 30 -112.92 19.92 -23.94
CA GLU AA 30 -113.47 20.84 -22.94
C GLU AA 30 -112.67 20.69 -21.66
N LEU AA 31 -112.34 21.82 -21.05
CA LEU AA 31 -111.49 21.86 -19.88
C LEU AA 31 -112.34 21.82 -18.62
N ILE AA 32 -112.05 20.89 -17.74
CA ILE AA 32 -112.88 20.64 -16.57
C ILE AA 32 -112.58 21.59 -15.43
N GLY AA 33 -111.32 21.68 -15.04
CA GLY AA 33 -110.93 22.61 -13.99
C GLY AA 33 -109.69 22.16 -13.28
N TYR AA 34 -109.17 23.05 -12.44
CA TYR AA 34 -107.94 22.81 -11.71
C TYR AA 34 -108.23 22.13 -10.38
N GLU AA 35 -107.16 21.61 -9.77
CA GLU AA 35 -107.26 20.99 -8.45
C GLU AA 35 -105.87 20.95 -7.86
N ASN AA 36 -105.62 21.73 -6.83
CA ASN AA 36 -104.32 21.74 -6.18
C ASN AA 36 -104.41 20.99 -4.86
N VAL AA 37 -103.42 20.13 -4.60
CA VAL AA 37 -103.43 19.23 -3.47
C VAL AA 37 -102.38 19.62 -2.44
N GLY AA 38 -101.78 20.79 -2.57
CA GLY AA 38 -100.76 21.22 -1.65
C GLY AA 38 -99.37 20.85 -2.12
N SER AA 39 -98.38 21.47 -1.48
CA SER AA 39 -96.98 21.35 -1.83
C SER AA 39 -96.64 21.95 -3.18
N GLY AA 40 -97.51 22.79 -3.71
CA GLY AA 40 -97.25 23.45 -4.97
C GLY AA 40 -97.69 22.68 -6.20
N LEU AA 41 -98.37 21.55 -6.03
CA LEU AA 41 -98.77 20.72 -7.16
C LEU AA 41 -100.16 21.13 -7.62
N VAL AA 42 -100.27 21.52 -8.89
CA VAL AA 42 -101.55 21.89 -9.50
C VAL AA 42 -101.78 20.98 -10.69
N THR AA 43 -103.03 20.59 -10.90
CA THR AA 43 -103.40 19.63 -11.93
C THR AA 43 -104.53 20.18 -12.79
N ALA AA 44 -104.39 20.07 -14.10
CA ALA AA 44 -105.42 20.45 -15.05
C ALA AA 44 -106.00 19.18 -15.67
N MET AA 45 -107.31 19.18 -15.91
CA MET AA 45 -108.02 18.01 -16.38
C MET AA 45 -108.90 18.38 -17.56
N VAL AA 46 -108.73 17.67 -18.68
CA VAL AA 46 -109.54 17.87 -19.87
C VAL AA 46 -110.25 16.56 -20.19
N LYS AA 47 -111.27 16.67 -21.04
CA LYS AA 47 -112.01 15.48 -21.44
C LYS AA 47 -112.55 15.66 -22.84
N GLY AA 48 -112.54 14.57 -23.61
CA GLY AA 48 -113.00 14.59 -24.97
C GLY AA 48 -112.72 13.26 -25.62
N ASP AA 49 -112.84 13.21 -26.94
CA ASP AA 49 -112.51 12.01 -27.67
C ASP AA 49 -111.04 11.67 -27.50
N VAL AA 50 -110.70 10.39 -27.65
CA VAL AA 50 -109.37 9.92 -27.29
C VAL AA 50 -108.31 10.33 -28.30
N GLY AA 51 -108.69 10.62 -29.54
CA GLY AA 51 -107.71 11.17 -30.47
C GLY AA 51 -107.41 12.63 -30.17
N ALA AA 52 -108.42 13.37 -29.73
CA ALA AA 52 -108.21 14.77 -29.37
C ALA AA 52 -107.45 14.89 -28.04
N VAL AA 53 -107.87 14.11 -27.05
CA VAL AA 53 -107.24 14.19 -25.73
C VAL AA 53 -105.78 13.78 -25.81
N ASN AA 54 -105.47 12.80 -26.65
CA ASN AA 54 -104.09 12.38 -26.81
C ASN AA 54 -103.25 13.50 -27.42
N ALA AA 55 -103.82 14.23 -28.37
CA ALA AA 55 -103.08 15.32 -29.02
C ALA AA 55 -102.92 16.50 -28.09
N ALA AA 56 -103.93 16.78 -27.27
CA ALA AA 56 -103.86 17.92 -26.37
C ALA AA 56 -102.82 17.71 -25.28
N VAL AA 57 -102.79 16.53 -24.67
CA VAL AA 57 -101.88 16.30 -23.56
C VAL AA 57 -100.44 16.35 -24.01
N ASP AA 58 -100.15 15.86 -25.21
CA ASP AA 58 -98.79 15.93 -25.73
C ASP AA 58 -98.38 17.36 -25.99
N SER AA 59 -99.31 18.18 -26.46
CA SER AA 59 -99.01 19.59 -26.71
C SER AA 59 -98.84 20.35 -25.41
N GLY AA 60 -99.75 20.13 -24.46
CA GLY AA 60 -99.66 20.84 -23.19
C GLY AA 60 -98.43 20.50 -22.39
N VAL AA 61 -97.93 19.27 -22.52
CA VAL AA 61 -96.74 18.89 -21.78
C VAL AA 61 -95.52 19.64 -22.29
N GLU AA 62 -95.40 19.78 -23.61
CA GLU AA 62 -94.23 20.43 -24.18
C GLU AA 62 -94.22 21.93 -23.91
N ALA AA 63 -95.40 22.56 -23.85
CA ALA AA 63 -95.44 23.98 -23.59
C ALA AA 63 -95.14 24.29 -22.13
N ALA AA 64 -95.74 23.54 -21.21
CA ALA AA 64 -95.46 23.75 -19.80
C ALA AA 64 -94.03 23.37 -19.45
N LYS AA 65 -93.48 22.36 -20.11
CA LYS AA 65 -92.09 21.97 -19.89
C LYS AA 65 -91.14 23.11 -20.19
N ARG AA 66 -91.54 24.02 -21.09
CA ARG AA 66 -90.65 25.08 -21.54
C ARG AA 66 -90.42 26.13 -20.46
N ILE AA 67 -91.42 26.39 -19.62
CA ILE AA 67 -91.39 27.50 -18.67
C ILE AA 67 -91.54 27.06 -17.23
N GLY AA 68 -91.63 25.77 -16.98
CA GLY AA 68 -91.77 25.29 -15.62
C GLY AA 68 -91.41 23.84 -15.52
N LYS AA 69 -91.85 23.22 -14.44
CA LYS AA 69 -91.61 21.80 -14.22
C LYS AA 69 -92.92 21.05 -14.38
N VAL AA 70 -92.91 20.07 -15.29
CA VAL AA 70 -94.03 19.15 -15.43
C VAL AA 70 -93.71 17.91 -14.62
N VAL AA 71 -94.57 17.60 -13.66
CA VAL AA 71 -94.32 16.48 -12.77
C VAL AA 71 -94.80 15.16 -13.38
N SER AA 72 -95.97 15.17 -14.01
CA SER AA 72 -96.58 13.93 -14.48
C SER AA 72 -97.66 14.26 -15.49
N SER AA 73 -97.92 13.31 -16.38
CA SER AA 73 -98.99 13.42 -17.36
C SER AA 73 -99.56 12.03 -17.60
N ARG AA 74 -100.80 12.00 -18.09
CA ARG AA 74 -101.48 10.73 -18.21
C ARG AA 74 -102.75 10.89 -19.03
N VAL AA 75 -103.02 9.91 -19.89
CA VAL AA 75 -104.28 9.82 -20.61
C VAL AA 75 -104.97 8.54 -20.19
N ILE AA 76 -106.25 8.63 -19.89
CA ILE AA 76 -107.07 7.49 -19.52
C ILE AA 76 -108.12 7.33 -20.62
N ALA AA 77 -108.00 6.27 -21.41
CA ALA AA 77 -108.82 6.16 -22.61
C ALA AA 77 -110.26 5.81 -22.28
N ARG AA 78 -110.48 4.76 -21.49
CA ARG AA 78 -111.82 4.41 -21.03
C ARG AA 78 -111.86 4.51 -19.52
N PRO AA 79 -112.26 5.66 -18.96
CA PRO AA 79 -112.31 5.78 -17.51
C PRO AA 79 -113.53 5.07 -16.96
N HIS AA 80 -113.35 4.50 -15.77
CA HIS AA 80 -114.44 3.76 -15.13
C HIS AA 80 -115.53 4.72 -14.67
N ASN AA 81 -116.75 4.21 -14.60
CA ASN AA 81 -117.89 5.07 -14.26
C ASN AA 81 -117.86 5.49 -12.80
N ASP AA 82 -117.21 4.72 -11.93
CA ASP AA 82 -117.01 5.15 -10.56
C ASP AA 82 -116.08 6.34 -10.48
N ILE AA 83 -115.20 6.50 -11.45
CA ILE AA 83 -114.27 7.61 -11.47
C ILE AA 83 -114.94 8.82 -12.11
N GLU BA 3 -111.27 -0.16 -39.88
CA GLU BA 3 -110.69 0.43 -38.68
C GLU BA 3 -109.29 -0.09 -38.45
N ALA BA 4 -108.59 0.47 -37.47
CA ALA BA 4 -107.18 0.17 -37.28
C ALA BA 4 -107.02 -1.27 -36.79
N LEU BA 5 -105.76 -1.69 -36.67
CA LEU BA 5 -105.44 -3.06 -36.32
C LEU BA 5 -104.20 -3.09 -35.45
N GLY BA 6 -104.31 -3.73 -34.29
CA GLY BA 6 -103.19 -3.82 -33.38
C GLY BA 6 -102.77 -5.23 -33.08
N LEU BA 7 -101.47 -5.49 -33.07
CA LEU BA 7 -100.93 -6.83 -32.93
C LEU BA 7 -99.88 -6.87 -31.83
N ILE BA 8 -99.94 -7.89 -30.99
CA ILE BA 8 -98.90 -8.18 -30.01
C ILE BA 8 -98.52 -9.64 -30.18
N GLU BA 9 -97.22 -9.93 -30.08
CA GLU BA 9 -96.72 -11.28 -30.24
C GLU BA 9 -95.83 -11.63 -29.08
N THR BA 10 -96.08 -12.79 -28.47
CA THR BA 10 -95.41 -13.21 -27.25
C THR BA 10 -94.97 -14.66 -27.38
N LYS BA 11 -94.08 -15.06 -26.48
CA LYS BA 11 -93.72 -16.46 -26.32
C LYS BA 11 -94.62 -17.09 -25.26
N GLY BA 12 -95.41 -18.07 -25.66
CA GLY BA 12 -96.26 -18.70 -24.65
C GLY BA 12 -97.62 -18.08 -24.57
N LEU BA 13 -98.58 -18.87 -24.10
CA LEU BA 13 -99.97 -18.44 -24.09
C LEU BA 13 -100.30 -17.59 -22.88
N VAL BA 14 -99.60 -17.77 -21.76
CA VAL BA 14 -99.96 -17.02 -20.56
C VAL BA 14 -99.67 -15.54 -20.75
N ALA BA 15 -98.52 -15.20 -21.32
CA ALA BA 15 -98.21 -13.80 -21.56
C ALA BA 15 -99.15 -13.17 -22.58
N CYS BA 16 -99.82 -13.97 -23.39
CA CYS BA 16 -100.74 -13.42 -24.38
C CYS BA 16 -102.15 -13.24 -23.83
N ILE BA 17 -102.52 -14.02 -22.81
CA ILE BA 17 -103.80 -13.77 -22.16
C ILE BA 17 -103.72 -12.56 -21.25
N GLU BA 18 -102.54 -12.29 -20.69
CA GLU BA 18 -102.39 -11.08 -19.92
C GLU BA 18 -102.35 -9.85 -20.82
N ALA BA 19 -101.74 -9.96 -21.99
CA ALA BA 19 -101.76 -8.86 -22.95
C ALA BA 19 -103.16 -8.62 -23.47
N ALA BA 20 -103.89 -9.68 -23.78
CA ALA BA 20 -105.23 -9.52 -24.32
C ALA BA 20 -106.18 -8.96 -23.27
N ASP BA 21 -105.99 -9.32 -22.00
CA ASP BA 21 -106.84 -8.80 -20.95
C ASP BA 21 -106.59 -7.32 -20.71
N ALA BA 22 -105.32 -6.92 -20.69
CA ALA BA 22 -104.99 -5.51 -20.47
C ALA BA 22 -105.47 -4.65 -21.63
N MET BA 23 -105.41 -5.16 -22.85
CA MET BA 23 -105.82 -4.38 -24.00
C MET BA 23 -107.32 -4.10 -23.95
N CYS BA 24 -108.13 -5.12 -23.67
CA CYS BA 24 -109.57 -4.93 -23.69
C CYS BA 24 -110.05 -4.06 -22.54
N LYS BA 25 -109.27 -3.94 -21.47
CA LYS BA 25 -109.67 -3.10 -20.34
C LYS BA 25 -109.35 -1.63 -20.60
N ALA BA 26 -108.24 -1.37 -21.29
CA ALA BA 26 -107.65 -0.04 -21.32
C ALA BA 26 -108.11 0.81 -22.50
N ALA BA 27 -109.08 0.35 -23.27
CA ALA BA 27 -109.59 1.12 -24.40
C ALA BA 27 -110.81 0.41 -24.97
N ASN BA 28 -111.53 1.12 -25.83
CA ASN BA 28 -112.72 0.58 -26.46
C ASN BA 28 -112.33 -0.10 -27.78
N VAL BA 29 -111.83 -1.33 -27.65
CA VAL BA 29 -111.41 -2.13 -28.79
C VAL BA 29 -112.17 -3.44 -28.77
N GLU BA 30 -112.09 -4.17 -29.88
CA GLU BA 30 -112.72 -5.47 -30.03
C GLU BA 30 -111.64 -6.51 -30.26
N LEU BA 31 -111.67 -7.58 -29.48
CA LEU BA 31 -110.70 -8.66 -29.64
C LEU BA 31 -111.15 -9.60 -30.75
N ILE BA 32 -110.27 -9.80 -31.72
CA ILE BA 32 -110.60 -10.68 -32.85
C ILE BA 32 -110.27 -12.12 -32.54
N GLY BA 33 -109.09 -12.39 -32.02
CA GLY BA 33 -108.75 -13.74 -31.62
C GLY BA 33 -107.25 -13.92 -31.53
N TYR BA 34 -106.87 -15.13 -31.15
CA TYR BA 34 -105.48 -15.54 -31.11
C TYR BA 34 -105.14 -16.35 -32.34
N GLU BA 35 -103.85 -16.43 -32.64
CA GLU BA 35 -103.39 -17.18 -33.81
C GLU BA 35 -101.94 -17.55 -33.57
N ASN BA 36 -101.68 -18.80 -33.23
CA ASN BA 36 -100.33 -19.26 -32.97
C ASN BA 36 -99.77 -19.97 -34.20
N VAL BA 37 -98.44 -19.94 -34.31
CA VAL BA 37 -97.75 -20.46 -35.49
C VAL BA 37 -96.66 -21.44 -35.09
N GLY BA 38 -96.81 -22.07 -33.92
CA GLY BA 38 -95.79 -22.99 -33.45
C GLY BA 38 -94.57 -22.26 -32.94
N SER BA 39 -93.64 -22.99 -32.35
CA SER BA 39 -92.48 -22.46 -31.63
C SER BA 39 -92.88 -21.63 -30.42
N GLY BA 40 -94.13 -21.72 -29.98
CA GLY BA 40 -94.56 -20.99 -28.82
C GLY BA 40 -94.93 -19.55 -29.08
N LEU BA 41 -94.88 -19.09 -30.32
CA LEU BA 41 -95.28 -17.74 -30.65
C LEU BA 41 -96.79 -17.68 -30.77
N VAL BA 42 -97.43 -16.84 -29.97
CA VAL BA 42 -98.86 -16.61 -30.02
C VAL BA 42 -99.09 -15.12 -30.26
N THR BA 43 -100.13 -14.78 -31.00
CA THR BA 43 -100.38 -13.41 -31.41
C THR BA 43 -101.83 -13.05 -31.12
N ALA BA 44 -102.04 -11.86 -30.54
CA ALA BA 44 -103.36 -11.31 -30.27
C ALA BA 44 -103.65 -10.19 -31.24
N MET BA 45 -104.91 -10.08 -31.66
CA MET BA 45 -105.32 -9.09 -32.65
C MET BA 45 -106.53 -8.33 -32.13
N VAL BA 46 -106.38 -7.02 -31.96
CA VAL BA 46 -107.48 -6.15 -31.56
C VAL BA 46 -107.84 -5.25 -32.72
N LYS BA 47 -109.03 -4.68 -32.67
CA LYS BA 47 -109.54 -3.89 -33.78
C LYS BA 47 -110.43 -2.77 -33.25
N GLY BA 48 -110.16 -1.55 -33.69
CA GLY BA 48 -110.96 -0.42 -33.28
C GLY BA 48 -110.47 0.85 -33.94
N ASP BA 49 -110.94 1.98 -33.44
CA ASP BA 49 -110.48 3.26 -33.95
C ASP BA 49 -108.98 3.43 -33.68
N VAL BA 50 -108.36 4.35 -34.42
CA VAL BA 50 -106.90 4.44 -34.40
C VAL BA 50 -106.41 4.91 -33.04
N GLY BA 51 -107.10 5.89 -32.45
CA GLY BA 51 -106.67 6.39 -31.15
C GLY BA 51 -106.83 5.36 -30.06
N ALA BA 52 -107.93 4.62 -30.08
CA ALA BA 52 -108.14 3.55 -29.11
C ALA BA 52 -107.13 2.45 -29.29
N VAL BA 53 -107.01 1.93 -30.51
CA VAL BA 53 -106.10 0.82 -30.78
C VAL BA 53 -104.67 1.18 -30.41
N ASN BA 54 -104.27 2.42 -30.70
CA ASN BA 54 -102.95 2.85 -30.28
C ASN BA 54 -102.78 2.69 -28.78
N ALA BA 55 -103.69 3.28 -28.00
CA ALA BA 55 -103.61 3.23 -26.55
C ALA BA 55 -103.63 1.79 -26.03
N ALA BA 56 -104.46 0.94 -26.63
CA ALA BA 56 -104.55 -0.43 -26.17
C ALA BA 56 -103.22 -1.15 -26.28
N VAL BA 57 -102.57 -1.05 -27.44
CA VAL BA 57 -101.34 -1.79 -27.67
C VAL BA 57 -100.25 -1.35 -26.70
N ASP BA 58 -100.23 -0.07 -26.33
CA ASP BA 58 -99.22 0.39 -25.38
C ASP BA 58 -99.41 -0.26 -24.02
N SER BA 59 -100.65 -0.31 -23.54
CA SER BA 59 -100.92 -0.92 -22.25
C SER BA 59 -100.74 -2.43 -22.30
N GLY BA 60 -101.16 -3.05 -23.40
CA GLY BA 60 -101.05 -4.49 -23.51
C GLY BA 60 -99.61 -4.97 -23.52
N VAL BA 61 -98.73 -4.23 -24.17
CA VAL BA 61 -97.32 -4.61 -24.16
C VAL BA 61 -96.71 -4.39 -22.79
N GLU BA 62 -97.20 -3.39 -22.07
CA GLU BA 62 -96.65 -3.08 -20.76
C GLU BA 62 -97.01 -4.15 -19.74
N ALA BA 63 -98.23 -4.69 -19.82
CA ALA BA 63 -98.63 -5.77 -18.91
C ALA BA 63 -97.96 -7.08 -19.28
N ALA BA 64 -97.90 -7.39 -20.57
CA ALA BA 64 -97.37 -8.69 -20.99
C ALA BA 64 -95.87 -8.78 -20.74
N LYS BA 65 -95.14 -7.70 -21.04
CA LYS BA 65 -93.70 -7.68 -20.81
C LYS BA 65 -93.35 -7.92 -19.36
N ARG BA 66 -94.32 -7.75 -18.47
CA ARG BA 66 -94.07 -7.79 -17.04
C ARG BA 66 -93.90 -9.22 -16.54
N ILE BA 67 -94.55 -10.18 -17.18
CA ILE BA 67 -94.47 -11.57 -16.77
C ILE BA 67 -93.81 -12.47 -17.80
N GLY BA 68 -93.75 -12.07 -19.06
CA GLY BA 68 -93.17 -12.92 -20.07
C GLY BA 68 -92.40 -12.12 -21.10
N LYS BA 69 -92.32 -12.63 -22.32
CA LYS BA 69 -91.55 -11.98 -23.37
C LYS BA 69 -92.48 -11.48 -24.46
N VAL BA 70 -92.37 -10.19 -24.76
CA VAL BA 70 -93.11 -9.60 -25.87
C VAL BA 70 -92.16 -9.54 -27.05
N VAL BA 71 -92.51 -10.28 -28.11
CA VAL BA 71 -91.61 -10.40 -29.24
C VAL BA 71 -91.71 -9.18 -30.14
N SER BA 72 -92.93 -8.74 -30.43
CA SER BA 72 -93.12 -7.57 -31.29
C SER BA 72 -94.53 -7.04 -31.14
N SER BA 73 -94.70 -5.77 -31.46
CA SER BA 73 -95.99 -5.11 -31.46
C SER BA 73 -96.06 -4.16 -32.64
N ARG BA 74 -97.28 -3.84 -33.06
CA ARG BA 74 -97.45 -3.09 -34.29
C ARG BA 74 -98.89 -2.61 -34.40
N VAL BA 75 -99.07 -1.38 -34.89
CA VAL BA 75 -100.39 -0.84 -35.18
C VAL BA 75 -100.44 -0.47 -36.66
N ILE BA 76 -101.43 -0.99 -37.37
CA ILE BA 76 -101.71 -0.61 -38.75
C ILE BA 76 -102.91 0.31 -38.72
N ALA BA 77 -102.70 1.58 -39.07
CA ALA BA 77 -103.77 2.56 -38.94
C ALA BA 77 -104.90 2.31 -39.92
N ARG BA 78 -104.59 1.78 -41.09
CA ARG BA 78 -105.62 1.49 -42.08
C ARG BA 78 -105.15 0.32 -42.92
N PRO BA 79 -105.58 -0.89 -42.60
CA PRO BA 79 -105.13 -2.06 -43.36
C PRO BA 79 -105.81 -2.14 -44.72
N HIS BA 80 -105.11 -2.73 -45.67
CA HIS BA 80 -105.70 -3.01 -46.96
C HIS BA 80 -106.82 -4.03 -46.80
N ASN BA 81 -107.79 -3.96 -47.71
CA ASN BA 81 -108.93 -4.88 -47.62
C ASN BA 81 -108.51 -6.33 -47.78
N ASP BA 82 -107.42 -6.58 -48.51
CA ASP BA 82 -106.92 -7.95 -48.63
C ASP BA 82 -106.43 -8.48 -47.30
N ILE BA 83 -105.86 -7.61 -46.47
CA ILE BA 83 -105.38 -8.03 -45.16
C ILE BA 83 -106.52 -8.48 -44.28
N GLU BA 84 -107.73 -7.98 -44.50
CA GLU BA 84 -108.87 -8.43 -43.71
C GLU BA 84 -109.52 -9.66 -44.34
N LYS BA 85 -108.66 -10.59 -44.74
CA LYS BA 85 -109.04 -11.96 -45.08
C LYS BA 85 -108.02 -12.94 -44.55
N ILE BA 86 -106.86 -12.47 -44.09
CA ILE BA 86 -105.87 -13.30 -43.44
C ILE BA 86 -106.07 -13.35 -41.95
N ALA BA 87 -106.41 -12.20 -41.35
CA ALA BA 87 -106.72 -12.16 -39.93
C ALA BA 87 -108.05 -12.85 -39.65
N GLY BA 88 -109.14 -12.31 -40.21
CA GLY BA 88 -110.45 -12.91 -40.05
C GLY BA 88 -110.74 -13.98 -41.07
N MET CA 1 80.81 71.50 17.68
CA MET CA 1 80.69 72.30 18.88
C MET CA 1 81.79 73.34 18.94
N ILE CA 2 81.62 74.33 19.80
CA ILE CA 2 82.65 75.33 20.08
C ILE CA 2 82.68 75.60 21.57
N LEU CA 3 83.86 75.91 22.07
CA LEU CA 3 83.98 76.38 23.45
C LEU CA 3 83.53 77.83 23.53
N ALA CA 4 82.67 78.12 24.50
CA ALA CA 4 82.14 79.46 24.65
C ALA CA 4 81.85 79.72 26.11
N LYS CA 5 81.59 80.97 26.43
CA LYS CA 5 81.33 81.40 27.79
C LYS CA 5 80.03 82.18 27.83
N VAL CA 6 79.17 81.86 28.79
CA VAL CA 6 77.90 82.58 28.91
C VAL CA 6 78.20 83.97 29.47
N THR CA 7 77.71 85.00 28.77
CA THR CA 7 78.00 86.38 29.13
C THR CA 7 76.77 87.23 29.35
N GLY CA 8 75.57 86.65 29.31
CA GLY CA 8 74.36 87.43 29.52
C GLY CA 8 73.14 86.62 29.20
N HIS CA 9 72.03 87.32 28.98
CA HIS CA 9 70.79 86.66 28.57
C HIS CA 9 69.94 87.67 27.82
N VAL CA 10 68.91 87.15 27.16
CA VAL CA 10 68.02 87.95 26.32
C VAL CA 10 66.59 87.69 26.76
N VAL CA 11 65.83 88.77 26.94
CA VAL CA 11 64.42 88.68 27.33
C VAL CA 11 63.59 89.08 26.13
N ALA CA 12 62.88 88.12 25.55
CA ALA CA 12 62.05 88.33 24.37
C ALA CA 12 60.65 87.88 24.67
N THR CA 13 59.68 88.78 24.52
CA THR CA 13 58.28 88.49 24.81
C THR CA 13 57.50 88.05 23.59
N GLN CA 14 57.63 88.78 22.48
CA GLN CA 14 56.95 88.46 21.24
C GLN CA 14 57.86 87.55 20.43
N LYS CA 15 57.55 86.26 20.42
CA LYS CA 15 58.40 85.29 19.73
C LYS CA 15 57.56 84.11 19.28
N CYS CA 16 58.18 83.24 18.51
CA CYS CA 16 57.49 82.08 17.96
C CYS CA 16 57.12 81.11 19.07
N ASP CA 17 56.48 80.02 18.69
CA ASP CA 17 56.02 79.01 19.63
C ASP CA 17 57.03 77.89 19.84
N GLU CA 18 57.93 77.69 18.88
CA GLU CA 18 58.99 76.70 19.05
C GLU CA 18 59.98 77.10 20.14
N LEU CA 19 59.87 78.32 20.67
CA LEU CA 19 60.80 78.83 21.66
C LEU CA 19 60.15 79.11 23.01
N ARG CA 20 58.90 78.69 23.21
CA ARG CA 20 58.21 78.97 24.46
C ARG CA 20 58.80 78.14 25.59
N GLY CA 21 59.10 78.79 26.71
CA GLY CA 21 59.58 78.08 27.87
C GLY CA 21 61.01 77.60 27.76
N SER CA 22 61.92 78.50 27.44
CA SER CA 22 63.34 78.16 27.32
C SER CA 22 64.15 79.40 27.58
N ASN CA 23 65.40 79.19 27.98
CA ASN CA 23 66.30 80.29 28.25
C ASN CA 23 66.96 80.73 26.94
N LEU CA 24 67.41 81.97 26.90
CA LEU CA 24 68.13 82.50 25.74
C LEU CA 24 69.37 83.21 26.24
N LEU CA 25 70.52 82.56 26.11
CA LEU CA 25 71.77 83.05 26.65
C LEU CA 25 72.63 83.67 25.57
N LEU CA 26 73.39 84.70 25.94
CA LEU CA 26 74.42 85.23 25.07
C LEU CA 26 75.68 84.39 25.25
N ILE CA 27 76.26 83.97 24.15
CA ILE CA 27 77.28 82.94 24.13
C ILE CA 27 78.46 83.51 23.35
N THR CA 28 79.57 83.77 24.03
CA THR CA 28 80.73 84.38 23.41
C THR CA 28 81.82 83.35 23.20
N ARG CA 29 82.27 83.22 21.96
CA ARG CA 29 83.36 82.29 21.65
C ARG CA 29 84.66 82.78 22.24
N LEU CA 30 85.39 81.89 22.90
CA LEU CA 30 86.63 82.25 23.57
C LEU CA 30 87.82 81.61 22.89
N ASP CA 31 88.96 82.32 22.94
CA ASP CA 31 90.14 81.94 22.18
C ASP CA 31 91.01 80.91 22.91
N ASP CA 32 92.23 80.67 22.40
CA ASP CA 32 93.07 79.59 22.91
C ASP CA 32 93.74 79.92 24.24
N LYS CA 33 93.42 81.07 24.85
CA LYS CA 33 93.84 81.36 26.21
C LYS CA 33 92.66 81.35 27.16
N GLN CA 34 91.53 80.78 26.74
CA GLN CA 34 90.28 80.82 27.50
C GLN CA 34 89.89 82.25 27.84
N GLN CA 35 89.77 83.07 26.79
CA GLN CA 35 89.45 84.47 26.93
C GLN CA 35 88.48 84.85 25.82
N PRO CA 36 87.38 85.53 26.13
CA PRO CA 36 86.39 85.84 25.10
C PRO CA 36 86.97 86.71 23.99
N MET CA 37 86.43 86.52 22.79
CA MET CA 37 86.85 87.27 21.62
C MET CA 37 85.92 88.47 21.40
N LYS CA 38 86.16 89.20 20.32
CA LYS CA 38 85.38 90.38 19.99
C LYS CA 38 84.47 90.07 18.81
N ASP CA 39 83.21 90.51 18.92
CA ASP CA 39 82.23 90.35 17.84
C ASP CA 39 82.01 88.88 17.51
N GLN CA 40 81.82 88.06 18.54
CA GLN CA 40 81.66 86.62 18.35
C GLN CA 40 80.55 86.08 19.24
N THR CA 41 79.43 86.78 19.30
CA THR CA 41 78.35 86.44 20.21
C THR CA 41 77.15 85.90 19.46
N TRP CA 42 76.63 84.77 19.93
CA TRP CA 42 75.40 84.19 19.42
C TRP CA 42 74.41 84.05 20.55
N VAL CA 43 73.17 83.73 20.20
CA VAL CA 43 72.12 83.49 21.17
C VAL CA 43 71.79 82.02 21.15
N ALA CA 44 71.88 81.37 22.30
CA ALA CA 44 71.72 79.92 22.39
C ALA CA 44 70.60 79.58 23.34
N VAL CA 45 69.79 78.59 22.96
CA VAL CA 45 68.73 78.10 23.82
C VAL CA 45 69.34 77.14 24.83
N ASP CA 46 69.42 77.56 26.08
CA ASP CA 46 69.99 76.69 27.10
C ASP CA 46 69.22 75.38 27.17
N ASN CA 47 69.94 74.32 27.46
CA ASN CA 47 69.33 72.98 27.49
C ASN CA 47 69.72 72.15 28.70
N VAL CA 48 70.80 72.49 29.41
CA VAL CA 48 71.27 71.71 30.54
C VAL CA 48 71.35 72.52 31.82
N GLY CA 49 71.03 73.81 31.78
CA GLY CA 49 71.04 74.60 33.00
C GLY CA 49 72.33 75.33 33.26
N ALA CA 50 72.78 76.12 32.29
CA ALA CA 50 73.97 76.93 32.44
C ALA CA 50 73.60 78.35 32.84
N GLY CA 51 74.49 78.99 33.57
CA GLY CA 51 74.26 80.35 34.03
C GLY CA 51 75.42 81.25 33.67
N MET CA 52 75.52 82.40 34.32
CA MET CA 52 76.54 83.36 33.95
C MET CA 52 77.94 82.83 34.27
N HIS CA 53 78.91 83.25 33.46
CA HIS CA 53 80.34 83.01 33.66
C HIS CA 53 80.74 81.55 33.46
N ASP CA 54 79.83 80.69 33.05
CA ASP CA 54 80.13 79.27 32.91
C ASP CA 54 80.64 78.98 31.51
N ILE CA 55 81.67 78.14 31.42
CA ILE CA 55 82.20 77.72 30.12
C ILE CA 55 81.38 76.56 29.62
N VAL CA 56 80.75 76.72 28.46
CA VAL CA 56 79.82 75.73 27.95
C VAL CA 56 80.26 75.26 26.58
N LEU CA 57 79.48 74.36 25.98
CA LEU CA 57 79.82 73.72 24.72
C LEU CA 57 78.62 73.90 23.80
N ALA CA 58 78.64 74.97 23.00
CA ALA CA 58 77.48 75.35 22.20
C ALA CA 58 77.51 74.63 20.87
N GLU CA 59 76.39 74.02 20.51
CA GLU CA 59 76.27 73.23 19.31
C GLU CA 59 75.50 73.99 18.25
N GLU CA 60 75.79 73.68 16.99
CA GLU CA 60 75.18 74.36 15.86
C GLU CA 60 73.80 73.78 15.56
N TYR CA 61 73.31 74.04 14.35
CA TYR CA 61 71.88 74.07 14.03
C TYR CA 61 71.02 73.04 14.74
N PHE CA 62 71.23 71.75 14.48
CA PHE CA 62 70.24 70.75 14.81
C PHE CA 62 70.50 70.16 16.19
N ALA CA 63 69.65 70.51 17.16
CA ALA CA 63 69.66 69.86 18.46
C ALA CA 63 68.24 69.65 19.00
N LEU CA 64 67.23 69.69 18.13
CA LEU CA 64 65.83 69.44 18.50
C LEU CA 64 65.36 70.42 19.58
N ASN CA 65 65.36 71.70 19.23
CA ASN CA 65 64.97 72.74 20.18
C ASN CA 65 64.15 73.84 19.52
N TYR CA 69 63.06 71.23 14.05
CA TYR CA 69 63.64 72.03 15.11
C TYR CA 69 65.15 72.15 14.94
N LYS CA 70 65.64 73.37 14.75
CA LYS CA 70 67.05 73.57 14.47
C LYS CA 70 67.66 74.75 15.23
N ALA CA 71 67.27 74.97 16.48
CA ALA CA 71 67.83 76.08 17.23
C ALA CA 71 69.21 75.72 17.77
N MET CA 72 70.08 76.72 17.85
CA MET CA 72 71.43 76.57 18.37
C MET CA 72 71.34 76.50 19.88
N SER CA 73 71.74 75.38 20.45
CA SER CA 73 71.57 75.16 21.88
C SER CA 73 72.90 74.81 22.54
N VAL CA 74 72.89 74.86 23.87
CA VAL CA 74 74.00 74.45 24.69
C VAL CA 74 73.79 73.01 25.09
N VAL CA 75 74.83 72.17 24.94
CA VAL CA 75 74.68 70.74 25.13
C VAL CA 75 75.59 70.16 26.19
N ALA CA 76 76.46 70.97 26.80
CA ALA CA 76 77.37 70.45 27.81
C ALA CA 76 77.98 71.59 28.60
N ILE CA 77 78.18 71.35 29.89
CA ILE CA 77 78.91 72.27 30.75
C ILE CA 77 80.28 71.66 31.00
N VAL CA 78 81.32 72.44 30.76
CA VAL CA 78 82.67 71.91 30.67
C VAL CA 78 83.37 72.04 32.02
N GLU CA 79 83.94 70.94 32.49
CA GLU CA 79 84.71 70.91 33.74
C GLU CA 79 86.17 71.28 33.51
N LYS CA 80 86.86 70.54 32.64
CA LYS CA 80 88.28 70.72 32.41
C LYS CA 80 88.55 70.81 30.92
N VAL CA 81 89.45 71.71 30.53
CA VAL CA 81 89.90 71.84 29.16
C VAL CA 81 91.42 71.63 29.20
N PHE CA 82 91.85 70.39 28.96
CA PHE CA 82 93.26 70.09 28.89
C PHE CA 82 93.76 70.39 27.49
N ARG CA 83 94.78 71.24 27.37
CA ARG CA 83 95.21 71.74 26.06
C ARG CA 83 96.71 71.97 26.09
N ASP CA 84 97.45 71.19 25.32
CA ASP CA 84 98.86 71.43 25.13
C ASP CA 84 99.37 70.69 23.90
N GLU DA 3 31.41 95.87 60.85
CA GLU DA 3 31.47 95.58 59.43
C GLU DA 3 31.31 94.10 59.18
N ALA DA 4 30.93 93.73 57.96
CA ALA DA 4 30.70 92.33 57.64
C ALA DA 4 32.02 91.59 57.53
N LEU DA 5 31.95 90.32 57.16
CA LEU DA 5 33.13 89.48 57.12
C LEU DA 5 32.96 88.46 56.00
N GLY DA 6 34.00 88.32 55.18
CA GLY DA 6 33.95 87.41 54.05
C GLY DA 6 35.09 86.43 54.08
N LEU DA 7 34.81 85.19 53.68
CA LEU DA 7 35.74 84.09 53.82
C LEU DA 7 35.75 83.23 52.58
N ILE DA 8 36.93 82.89 52.09
CA ILE DA 8 37.11 81.91 51.03
C ILE DA 8 38.16 80.92 51.48
N GLU DA 9 37.94 79.64 51.16
CA GLU DA 9 38.87 78.58 51.52
C GLU DA 9 39.22 77.80 50.27
N THR DA 10 40.51 77.58 50.04
CA THR DA 10 40.98 76.91 48.84
C THR DA 10 42.03 75.87 49.22
N LYS DA 11 42.28 74.96 48.28
CA LYS DA 11 43.37 74.01 48.40
C LYS DA 11 44.59 74.59 47.69
N GLY DA 12 45.65 74.80 48.44
CA GLY DA 12 46.85 75.36 47.86
C GLY DA 12 46.94 76.86 48.09
N LEU DA 13 48.17 77.37 48.08
CA LEU DA 13 48.37 78.78 48.35
C LEU DA 13 48.17 79.65 47.11
N VAL DA 14 48.49 79.11 45.93
CA VAL DA 14 48.39 79.91 44.71
C VAL DA 14 46.94 80.31 44.46
N ALA DA 15 46.03 79.34 44.54
CA ALA DA 15 44.62 79.64 44.30
C ALA DA 15 44.08 80.66 45.28
N CYS DA 16 44.67 80.76 46.45
CA CYS DA 16 44.18 81.70 47.46
C CYS DA 16 44.68 83.11 47.20
N ILE DA 17 45.92 83.25 46.74
CA ILE DA 17 46.44 84.59 46.44
C ILE DA 17 45.73 85.19 45.25
N GLU DA 18 45.38 84.36 44.27
CA GLU DA 18 44.54 84.83 43.17
C GLU DA 18 43.19 85.30 43.68
N ALA DA 19 42.57 84.52 44.56
CA ALA DA 19 41.27 84.89 45.11
C ALA DA 19 41.35 86.17 45.92
N ALA DA 20 42.39 86.31 46.75
CA ALA DA 20 42.48 87.49 47.58
C ALA DA 20 42.83 88.73 46.79
N ASP DA 21 43.39 88.56 45.59
CA ASP DA 21 43.65 89.72 44.74
C ASP DA 21 42.39 90.15 44.01
N ALA DA 22 41.62 89.20 43.51
CA ALA DA 22 40.35 89.53 42.88
C ALA DA 22 39.40 90.20 43.86
N MET DA 23 39.36 89.71 45.10
CA MET DA 23 38.49 90.32 46.11
C MET DA 23 38.86 91.78 46.33
N CYS DA 24 40.15 92.07 46.46
CA CYS DA 24 40.56 93.42 46.80
C CYS DA 24 40.32 94.40 45.66
N LYS DA 25 40.35 93.92 44.42
CA LYS DA 25 40.14 94.79 43.28
C LYS DA 25 38.66 95.04 43.01
N ALA DA 26 37.81 94.05 43.27
CA ALA DA 26 36.42 94.08 42.82
C ALA DA 26 35.52 94.94 43.67
N ALA DA 27 35.94 95.37 44.85
CA ALA DA 27 35.08 96.18 45.71
C ALA DA 27 35.92 96.81 46.80
N ASN DA 28 35.30 97.69 47.57
CA ASN DA 28 35.98 98.42 48.62
C ASN DA 28 35.98 97.59 49.90
N VAL DA 29 36.87 96.61 49.94
CA VAL DA 29 37.05 95.75 51.10
C VAL DA 29 38.53 95.72 51.46
N GLU DA 30 38.81 95.44 52.72
CA GLU DA 30 40.17 95.40 53.24
C GLU DA 30 40.55 93.99 53.63
N LEU DA 31 41.79 93.60 53.35
CA LEU DA 31 42.24 92.24 53.59
C LEU DA 31 42.72 92.11 55.04
N ILE DA 32 42.17 91.14 55.76
CA ILE DA 32 42.55 90.94 57.15
C ILE DA 32 43.82 90.11 57.24
N GLY DA 33 43.83 88.94 56.62
CA GLY DA 33 45.02 88.12 56.61
C GLY DA 33 44.71 86.73 56.10
N TYR DA 34 45.77 85.92 56.04
CA TYR DA 34 45.67 84.52 55.68
C TYR DA 34 45.78 83.65 56.92
N GLU DA 35 45.29 82.42 56.81
CA GLU DA 35 45.39 81.48 57.92
C GLU DA 35 45.22 80.07 57.34
N ASN DA 36 46.31 79.31 57.30
CA ASN DA 36 46.25 77.94 56.83
C ASN DA 36 46.23 76.98 58.00
N VAL DA 37 45.32 76.02 57.95
CA VAL DA 37 45.12 75.07 59.05
C VAL DA 37 45.41 73.68 58.49
N GLY DA 38 46.67 73.27 58.59
CA GLY DA 38 46.97 71.90 58.23
C GLY DA 38 46.86 71.65 56.73
N SER DA 39 46.19 70.56 56.38
CA SER DA 39 46.42 69.91 55.11
C SER DA 39 45.96 70.75 53.93
N GLY DA 40 46.90 71.47 53.33
CA GLY DA 40 46.69 72.25 52.14
C GLY DA 40 45.40 73.04 52.07
N LEU DA 41 45.09 73.76 53.14
CA LEU DA 41 43.87 74.57 53.21
C LEU DA 41 44.25 75.95 53.70
N VAL DA 42 44.13 76.93 52.81
CA VAL DA 42 44.42 78.32 53.16
C VAL DA 42 43.13 79.11 53.06
N THR DA 43 42.96 80.10 53.93
CA THR DA 43 41.75 80.89 54.02
C THR DA 43 42.11 82.36 54.07
N ALA DA 44 41.45 83.16 53.23
CA ALA DA 44 41.60 84.61 53.23
C ALA DA 44 40.35 85.25 53.79
N MET DA 45 40.52 86.33 54.55
CA MET DA 45 39.43 87.02 55.22
C MET DA 45 39.44 88.48 54.86
N VAL DA 46 38.28 89.00 54.43
CA VAL DA 46 38.12 90.40 54.09
C VAL DA 46 36.98 90.96 54.93
N LYS DA 47 36.98 92.29 55.09
CA LYS DA 47 35.93 92.94 55.85
C LYS DA 47 35.56 94.27 55.19
N GLY DA 48 34.29 94.63 55.34
CA GLY DA 48 33.76 95.84 54.74
C GLY DA 48 32.26 95.86 54.89
N ASP DA 49 31.62 96.77 54.17
CA ASP DA 49 30.17 96.85 54.21
C ASP DA 49 29.55 95.59 53.62
N VAL DA 50 28.27 95.39 53.93
CA VAL DA 50 27.62 94.12 53.56
C VAL DA 50 27.45 94.02 52.05
N GLY DA 51 27.11 95.12 51.40
CA GLY DA 51 26.96 95.09 49.95
C GLY DA 51 28.30 94.95 49.24
N ALA DA 52 29.33 95.58 49.77
CA ALA DA 52 30.67 95.45 49.19
C ALA DA 52 31.21 94.05 49.41
N VAL DA 53 31.17 93.55 50.64
CA VAL DA 53 31.74 92.25 50.94
C VAL DA 53 31.03 91.17 50.14
N ASN DA 54 29.72 91.29 49.98
CA ASN DA 54 29.00 90.30 49.17
C ASN DA 54 29.46 90.32 47.73
N ALA DA 55 29.85 91.50 47.24
CA ALA DA 55 30.29 91.63 45.85
C ALA DA 55 31.74 91.17 45.70
N ALA DA 56 32.52 91.21 46.77
CA ALA DA 56 33.90 90.78 46.67
C ALA DA 56 34.01 89.26 46.71
N VAL DA 57 33.14 88.60 47.47
CA VAL DA 57 33.29 87.17 47.67
C VAL DA 57 32.90 86.40 46.40
N ASP DA 58 31.87 86.85 45.70
CA ASP DA 58 31.46 86.10 44.51
C ASP DA 58 32.41 86.33 43.35
N SER DA 59 33.15 87.44 43.36
CA SER DA 59 34.19 87.63 42.35
C SER DA 59 35.43 86.82 42.69
N GLY DA 60 35.82 86.80 43.97
CA GLY DA 60 36.98 86.04 44.37
C GLY DA 60 36.79 84.54 44.23
N VAL DA 61 35.59 84.05 44.49
CA VAL DA 61 35.31 82.63 44.27
C VAL DA 61 35.43 82.31 42.79
N GLU DA 62 35.05 83.25 41.94
CA GLU DA 62 35.02 83.02 40.51
C GLU DA 62 36.43 82.94 39.93
N ALA DA 63 37.37 83.68 40.51
CA ALA DA 63 38.74 83.68 40.03
C ALA DA 63 39.49 82.44 40.50
N ALA DA 64 39.40 82.11 41.79
CA ALA DA 64 40.12 80.97 42.30
C ALA DA 64 39.57 79.66 41.76
N LYS DA 65 38.27 79.62 41.47
CA LYS DA 65 37.68 78.45 40.84
C LYS DA 65 38.27 78.17 39.47
N ARG DA 66 38.91 79.17 38.87
CA ARG DA 66 39.45 79.04 37.52
C ARG DA 66 40.69 78.16 37.51
N ILE DA 67 41.55 78.31 38.50
CA ILE DA 67 42.85 77.64 38.51
C ILE DA 67 43.01 76.66 39.65
N GLY DA 68 42.10 76.62 40.61
CA GLY DA 68 42.22 75.71 41.72
C GLY DA 68 40.88 75.23 42.23
N LYS DA 69 40.86 74.73 43.46
CA LYS DA 69 39.65 74.26 44.09
C LYS DA 69 39.23 75.24 45.17
N VAL DA 70 38.03 75.77 45.05
CA VAL DA 70 37.42 76.56 46.11
C VAL DA 70 36.60 75.63 46.96
N VAL DA 71 36.96 75.51 48.24
CA VAL DA 71 36.31 74.54 49.11
C VAL DA 71 35.03 75.13 49.68
N SER DA 72 35.08 76.36 50.18
CA SER DA 72 33.92 76.95 50.81
C SER DA 72 34.04 78.47 50.77
N SER DA 73 32.88 79.14 50.80
CA SER DA 73 32.82 80.58 50.91
C SER DA 73 31.63 80.94 51.79
N ARG DA 74 31.71 82.11 52.42
CA ARG DA 74 30.69 82.48 53.38
C ARG DA 74 30.82 83.95 53.72
N VAL DA 75 29.69 84.64 53.83
CA VAL DA 75 29.63 86.03 54.28
C VAL DA 75 28.85 86.08 55.58
N ILE DA 76 29.40 86.75 56.58
CA ILE DA 76 28.75 86.94 57.86
C ILE DA 76 28.36 88.42 57.96
N ALA DA 77 27.05 88.68 58.00
CA ALA DA 77 26.57 90.04 57.86
C ALA DA 77 26.86 90.89 59.09
N ARG DA 78 26.78 90.27 60.27
CA ARG DA 78 27.16 90.95 61.52
C ARG DA 78 27.88 89.95 62.40
N PRO DA 79 29.21 89.94 62.39
CA PRO DA 79 29.94 89.02 63.26
C PRO DA 79 29.81 89.44 64.70
N HIS DA 80 29.68 88.45 65.58
CA HIS DA 80 29.54 88.71 66.99
C HIS DA 80 30.82 89.31 67.54
N ASN DA 81 30.67 90.19 68.54
CA ASN DA 81 31.80 90.94 69.06
C ASN DA 81 32.89 90.02 69.57
N ASP DA 82 32.50 88.90 70.17
CA ASP DA 82 33.48 87.95 70.70
C ASP DA 82 34.40 87.43 69.61
N ILE DA 83 33.84 87.20 68.42
CA ILE DA 83 34.61 86.66 67.30
C ILE DA 83 35.44 87.76 66.65
N GLU EA 3 56.04 95.87 41.62
CA GLU EA 3 56.55 94.98 40.59
C GLU EA 3 55.72 93.72 40.52
N ALA EA 4 55.83 92.99 39.41
CA ALA EA 4 54.99 91.83 39.20
C ALA EA 4 55.33 90.74 40.20
N LEU EA 5 54.62 89.63 40.11
CA LEU EA 5 54.73 88.55 41.09
C LEU EA 5 54.39 87.24 40.42
N GLY EA 6 55.26 86.25 40.55
CA GLY EA 6 55.04 84.95 39.94
C GLY EA 6 55.08 83.85 40.97
N LEU EA 7 54.26 82.83 40.75
CA LEU EA 7 54.13 81.71 41.68
C LEU EA 7 54.14 80.40 40.93
N ILE EA 8 54.87 79.43 41.46
CA ILE EA 8 54.79 78.04 41.01
C ILE EA 8 54.53 77.18 42.23
N GLU EA 9 53.62 76.22 42.10
CA GLU EA 9 53.29 75.32 43.20
C GLU EA 9 53.56 73.89 42.77
N THR EA 10 54.37 73.19 43.55
CA THR EA 10 54.81 71.86 43.20
C THR EA 10 54.60 70.91 44.37
N LYS EA 11 54.45 69.63 44.05
CA LYS EA 11 54.32 68.58 45.04
C LYS EA 11 55.70 68.06 45.40
N GLY EA 12 56.17 68.39 46.59
CA GLY EA 12 57.49 67.99 47.01
C GLY EA 12 58.48 69.13 46.88
N LEU EA 13 59.51 69.09 47.73
CA LEU EA 13 60.48 70.19 47.77
C LEU EA 13 61.51 70.11 46.65
N VAL EA 14 61.89 68.91 46.22
CA VAL EA 14 62.90 68.77 45.19
C VAL EA 14 62.44 69.45 43.91
N ALA EA 15 61.21 69.17 43.48
CA ALA EA 15 60.70 69.80 42.26
C ALA EA 15 60.64 71.31 42.40
N CYS EA 16 60.56 71.81 43.62
CA CYS EA 16 60.47 73.25 43.81
C CYS EA 16 61.83 73.92 43.72
N ILE EA 17 62.91 73.21 44.06
CA ILE EA 17 64.23 73.82 43.92
C ILE EA 17 64.71 73.77 42.48
N GLU EA 18 64.32 72.74 41.72
CA GLU EA 18 64.58 72.77 40.29
C GLU EA 18 63.81 73.89 39.62
N ALA EA 19 62.56 74.10 40.02
CA ALA EA 19 61.78 75.20 39.45
C ALA EA 19 62.39 76.54 39.78
N ALA EA 20 62.82 76.74 41.03
CA ALA EA 20 63.37 78.03 41.40
C ALA EA 20 64.74 78.27 40.80
N ASP EA 21 65.46 77.21 40.46
CA ASP EA 21 66.76 77.39 39.81
C ASP EA 21 66.59 77.82 38.37
N ALA EA 22 65.63 77.23 37.66
CA ALA EA 22 65.36 77.65 36.30
C ALA EA 22 64.82 79.07 36.26
N MET EA 23 63.97 79.43 37.22
CA MET EA 23 63.41 80.77 37.26
C MET EA 23 64.50 81.82 37.43
N CYS EA 24 65.45 81.57 38.34
CA CYS EA 24 66.45 82.57 38.65
C CYS EA 24 67.52 82.72 37.57
N LYS EA 25 67.68 81.70 36.73
CA LYS EA 25 68.63 81.78 35.62
C LYS EA 25 68.01 82.37 34.36
N ALA EA 26 66.69 82.33 34.25
CA ALA EA 26 66.03 82.70 33.01
C ALA EA 26 65.91 84.20 32.82
N ALA EA 27 65.89 84.97 33.91
CA ALA EA 27 65.75 86.42 33.80
C ALA EA 27 66.24 87.06 35.07
N ASN EA 28 66.08 88.37 35.16
CA ASN EA 28 66.61 89.15 36.29
C ASN EA 28 65.49 89.39 37.29
N VAL EA 29 65.19 88.34 38.06
CA VAL EA 29 64.18 88.38 39.10
C VAL EA 29 64.83 88.01 40.42
N GLU EA 30 64.32 88.59 41.50
CA GLU EA 30 64.78 88.27 42.83
C GLU EA 30 63.82 87.28 43.46
N LEU EA 31 64.37 86.24 44.07
CA LEU EA 31 63.57 85.17 44.66
C LEU EA 31 63.24 85.52 46.11
N ILE EA 32 61.95 85.46 46.43
CA ILE EA 32 61.49 85.89 47.75
C ILE EA 32 61.62 84.78 48.78
N GLY EA 33 61.07 83.61 48.50
CA GLY EA 33 61.24 82.50 49.42
C GLY EA 33 60.14 81.47 49.24
N TYR EA 34 60.33 80.34 49.91
CA TYR EA 34 59.41 79.23 49.84
C TYR EA 34 58.33 79.36 50.91
N GLU EA 35 57.27 78.57 50.75
CA GLU EA 35 56.18 78.55 51.71
C GLU EA 35 55.40 77.27 51.49
N ASN EA 36 55.48 76.34 52.43
CA ASN EA 36 54.74 75.09 52.32
C ASN EA 36 53.53 75.12 53.25
N VAL EA 37 52.39 74.67 52.73
CA VAL EA 37 51.11 74.75 53.42
C VAL EA 37 50.63 73.38 53.85
N GLY EA 38 51.46 72.35 53.74
CA GLY EA 38 51.07 71.02 54.12
C GLY EA 38 50.51 70.23 52.95
N SER EA 39 50.40 68.93 53.15
CA SER EA 39 49.99 67.96 52.15
C SER EA 39 51.01 67.82 51.02
N GLY EA 40 52.25 68.27 51.26
CA GLY EA 40 53.30 68.14 50.28
C GLY EA 40 53.39 69.27 49.28
N LEU EA 41 52.59 70.32 49.44
CA LEU EA 41 52.57 71.43 48.49
C LEU EA 41 53.56 72.48 48.92
N VAL EA 42 54.52 72.79 48.05
CA VAL EA 42 55.51 73.83 48.28
C VAL EA 42 55.40 74.85 47.16
N THR EA 43 55.58 76.13 47.49
CA THR EA 43 55.37 77.22 46.56
C THR EA 43 56.58 78.14 46.57
N ALA EA 44 57.07 78.50 45.38
CA ALA EA 44 58.15 79.46 45.22
C ALA EA 44 57.60 80.75 44.65
N MET EA 45 58.13 81.87 45.10
CA MET EA 45 57.62 83.19 44.74
C MET EA 45 58.77 84.08 44.30
N VAL EA 46 58.66 84.65 43.10
CA VAL EA 46 59.65 85.59 42.58
C VAL EA 46 58.96 86.92 42.34
N LYS EA 47 59.76 87.95 42.13
CA LYS EA 47 59.21 89.27 41.84
C LYS EA 47 60.20 90.08 41.02
N GLY EA 48 59.66 90.83 40.08
CA GLY EA 48 60.47 91.65 39.19
C GLY EA 48 59.56 92.30 38.17
N ASP EA 49 60.18 92.84 37.12
CA ASP EA 49 59.39 93.42 36.05
C ASP EA 49 58.56 92.35 35.36
N VAL EA 50 57.48 92.78 34.71
CA VAL EA 50 56.49 91.83 34.21
C VAL EA 50 56.95 91.11 32.95
N GLY EA 51 57.92 91.66 32.23
CA GLY EA 51 58.51 90.90 31.12
C GLY EA 51 59.47 89.85 31.61
N ALA EA 52 60.18 90.12 32.71
CA ALA EA 52 61.09 89.14 33.26
C ALA EA 52 60.34 88.05 34.01
N VAL EA 53 59.34 88.43 34.82
CA VAL EA 53 58.61 87.46 35.60
C VAL EA 53 57.83 86.51 34.70
N ASN EA 54 57.31 87.02 33.58
CA ASN EA 54 56.61 86.17 32.65
C ASN EA 54 57.54 85.14 32.04
N ALA EA 55 58.78 85.55 31.75
CA ALA EA 55 59.73 84.63 31.15
C ALA EA 55 60.22 83.61 32.15
N ALA EA 56 60.39 84.02 33.41
CA ALA EA 56 60.89 83.10 34.43
C ALA EA 56 59.88 82.02 34.77
N VAL EA 57 58.62 82.39 34.92
CA VAL EA 57 57.61 81.42 35.32
C VAL EA 57 57.40 80.38 34.22
N ASP EA 58 57.49 80.79 32.97
CA ASP EA 58 57.32 79.84 31.88
C ASP EA 58 58.46 78.82 31.84
N SER EA 59 59.67 79.27 32.12
CA SER EA 59 60.82 78.36 32.13
C SER EA 59 60.79 77.48 33.36
N GLY EA 60 60.50 78.06 34.52
CA GLY EA 60 60.42 77.28 35.74
C GLY EA 60 59.37 76.19 35.69
N VAL EA 61 58.24 76.45 35.02
CA VAL EA 61 57.20 75.44 34.94
C VAL EA 61 57.67 74.27 34.10
N GLU EA 62 58.38 74.53 33.00
CA GLU EA 62 58.80 73.45 32.13
C GLU EA 62 59.89 72.60 32.75
N ALA EA 63 60.78 73.20 33.54
CA ALA EA 63 61.85 72.43 34.16
C ALA EA 63 61.33 71.56 35.28
N ALA EA 64 60.47 72.11 36.14
CA ALA EA 64 59.90 71.32 37.23
C ALA EA 64 58.96 70.24 36.71
N LYS EA 65 58.26 70.53 35.61
CA LYS EA 65 57.39 69.52 35.01
C LYS EA 65 58.17 68.28 34.60
N ARG EA 66 59.45 68.46 34.28
CA ARG EA 66 60.26 67.36 33.76
C ARG EA 66 60.55 66.31 34.83
N ILE EA 67 60.69 66.72 36.08
CA ILE EA 67 61.16 65.84 37.15
C ILE EA 67 60.17 65.71 38.29
N GLY EA 68 59.02 66.34 38.20
CA GLY EA 68 58.04 66.25 39.27
C GLY EA 68 56.68 66.64 38.77
N LYS EA 69 55.80 66.95 39.70
CA LYS EA 69 54.45 67.38 39.38
C LYS EA 69 54.33 68.86 39.70
N VAL EA 70 53.95 69.65 38.69
CA VAL EA 70 53.62 71.05 38.88
C VAL EA 70 52.11 71.14 39.06
N VAL EA 71 51.68 71.71 40.18
CA VAL EA 71 50.26 71.78 40.49
C VAL EA 71 49.63 73.01 39.87
N SER EA 72 50.30 74.16 39.95
CA SER EA 72 49.70 75.41 39.54
C SER EA 72 50.80 76.44 39.33
N SER EA 73 50.51 77.41 38.47
CA SER EA 73 51.40 78.53 38.21
C SER EA 73 50.57 79.75 37.91
N ARG EA 74 51.16 80.93 38.11
CA ARG EA 74 50.39 82.16 37.99
C ARG EA 74 51.32 83.35 38.00
N VAL EA 75 51.02 84.33 37.15
CA VAL EA 75 51.70 85.63 37.16
C VAL EA 75 50.65 86.67 37.51
N ILE EA 76 51.01 87.57 38.43
CA ILE EA 76 50.16 88.68 38.83
C ILE EA 76 50.86 89.96 38.42
N ALA EA 77 50.34 90.62 37.39
CA ALA EA 77 51.06 91.73 36.78
C ALA EA 77 51.07 92.96 37.68
N ARG EA 78 49.90 93.40 38.14
CA ARG EA 78 49.82 94.51 39.09
C ARG EA 78 49.20 93.99 40.38
N PRO EA 79 50.01 93.59 41.35
CA PRO EA 79 49.46 93.10 42.61
C PRO EA 79 48.98 94.26 43.47
N HIS EA 80 47.90 94.01 44.20
CA HIS EA 80 47.34 95.03 45.06
C HIS EA 80 48.28 95.29 46.25
N ASN EA 81 48.20 96.51 46.78
CA ASN EA 81 49.10 96.89 47.86
C ASN EA 81 48.77 96.17 49.16
N ASP EA 82 47.50 95.78 49.35
CA ASP EA 82 47.15 94.95 50.49
C ASP EA 82 47.82 93.59 50.42
N ILE EA 83 48.09 93.11 49.21
CA ILE EA 83 48.74 91.82 49.03
C ILE EA 83 50.24 91.97 49.17
N GLU FA 3 54.79 102.32 21.92
CA GLU FA 3 54.51 101.20 22.82
C GLU FA 3 53.49 100.26 22.21
N ALA FA 4 53.32 99.09 22.81
CA ALA FA 4 52.50 98.05 22.24
C ALA FA 4 51.04 98.49 22.17
N LEU FA 5 50.23 97.67 21.52
CA LEU FA 5 48.83 98.00 21.28
C LEU FA 5 48.00 96.74 21.39
N GLY FA 6 46.95 96.79 22.21
CA GLY FA 6 46.10 95.63 22.40
C GLY FA 6 44.65 95.91 22.09
N LEU FA 7 44.01 94.98 21.36
CA LEU FA 7 42.65 95.18 20.87
C LEU FA 7 41.78 94.00 21.28
N ILE FA 8 40.55 94.29 21.70
CA ILE FA 8 39.53 93.29 21.91
C ILE FA 8 38.27 93.75 21.19
N GLU FA 9 37.58 92.82 20.55
CA GLU FA 9 36.38 93.14 19.80
C GLU FA 9 35.25 92.23 20.23
N THR FA 10 34.12 92.82 20.58
CA THR FA 10 32.99 92.11 21.14
C THR FA 10 31.71 92.51 20.43
N LYS FA 11 30.67 91.70 20.62
CA LYS FA 11 29.33 92.06 20.19
C LYS FA 11 28.61 92.73 21.35
N GLY FA 12 28.23 93.99 21.16
CA GLY FA 12 27.53 94.71 22.20
C GLY FA 12 28.45 95.49 23.11
N LEU FA 13 27.88 96.50 23.75
CA LEU FA 13 28.69 97.40 24.57
C LEU FA 13 28.95 96.85 25.96
N VAL FA 14 28.05 96.03 26.49
CA VAL FA 14 28.23 95.56 27.87
C VAL FA 14 29.43 94.64 27.96
N ALA FA 15 29.59 93.72 27.02
CA ALA FA 15 30.76 92.86 27.03
C ALA FA 15 32.05 93.63 26.83
N CYS FA 16 31.98 94.83 26.27
CA CYS FA 16 33.18 95.61 26.05
C CYS FA 16 33.55 96.46 27.25
N ILE FA 17 32.57 96.86 28.06
CA ILE FA 17 32.91 97.59 29.29
C ILE FA 17 33.47 96.62 30.32
N GLU FA 18 33.05 95.37 30.30
CA GLU FA 18 33.64 94.40 31.21
C GLU FA 18 35.06 94.03 30.76
N ALA FA 19 35.29 93.94 29.46
CA ALA FA 19 36.65 93.71 28.98
C ALA FA 19 37.55 94.89 29.30
N ALA FA 20 37.05 96.11 29.13
CA ALA FA 20 37.89 97.27 29.39
C ALA FA 20 38.15 97.46 30.86
N ASP FA 21 37.23 97.04 31.72
CA ASP FA 21 37.45 97.14 33.15
C ASP FA 21 38.47 96.12 33.62
N ALA FA 22 38.37 94.88 33.15
CA ALA FA 22 39.32 93.85 33.52
C ALA FA 22 40.71 94.17 33.02
N MET FA 23 40.82 94.67 31.79
CA MET FA 23 42.12 95.01 31.24
C MET FA 23 42.82 96.07 32.08
N CYS FA 24 42.08 97.10 32.50
CA CYS FA 24 42.69 98.20 33.20
C CYS FA 24 43.06 97.84 34.63
N LYS FA 25 42.45 96.80 35.19
CA LYS FA 25 42.77 96.39 36.55
C LYS FA 25 44.00 95.48 36.58
N ALA FA 26 44.17 94.66 35.56
CA ALA FA 26 45.09 93.55 35.59
C ALA FA 26 46.48 93.87 35.06
N ALA FA 27 46.79 95.13 34.77
CA ALA FA 27 48.11 95.52 34.30
C ALA FA 27 48.18 97.03 34.25
N ASN FA 28 49.41 97.53 34.09
CA ASN FA 28 49.64 98.97 34.01
C ASN FA 28 49.54 99.41 32.55
N VAL FA 29 48.31 99.61 32.10
CA VAL FA 29 48.04 100.01 30.73
C VAL FA 29 47.18 101.26 30.74
N GLU FA 30 47.12 101.92 29.60
CA GLU FA 30 46.31 103.11 29.41
C GLU FA 30 45.21 102.81 28.41
N LEU FA 31 43.98 103.16 28.76
CA LEU FA 31 42.85 102.95 27.86
C LEU FA 31 42.75 104.11 26.89
N ILE FA 32 42.74 103.81 25.60
CA ILE FA 32 42.65 104.85 24.58
C ILE FA 32 41.20 105.20 24.29
N GLY FA 33 40.35 104.21 24.08
CA GLY FA 33 38.94 104.49 23.89
C GLY FA 33 38.26 103.36 23.14
N TYR FA 34 36.95 103.55 22.96
CA TYR FA 34 36.12 102.62 22.21
C TYR FA 34 35.92 103.13 20.78
N GLU FA 35 35.59 102.21 19.89
CA GLU FA 35 35.36 102.57 18.50
C GLU FA 35 34.48 101.49 17.87
N ASN FA 36 33.20 101.80 17.69
CA ASN FA 36 32.26 100.86 17.12
C ASN FA 36 32.05 101.13 15.63
N VAL FA 37 31.70 100.09 14.90
CA VAL FA 37 31.56 100.16 13.45
C VAL FA 37 30.22 99.62 13.00
N GLY FA 38 29.21 99.69 13.86
CA GLY FA 38 27.90 99.16 13.52
C GLY FA 38 27.90 97.64 13.54
N SER FA 39 26.71 97.09 13.38
CA SER FA 39 26.42 95.67 13.55
C SER FA 39 26.67 95.20 14.97
N GLY FA 40 26.80 96.12 15.92
CA GLY FA 40 27.03 95.75 17.30
C GLY FA 40 28.45 95.44 17.65
N LEU FA 41 29.38 95.56 16.72
CA LEU FA 41 30.79 95.31 17.01
C LEU FA 41 31.38 96.55 17.66
N VAL FA 42 31.92 96.38 18.87
CA VAL FA 42 32.60 97.45 19.58
C VAL FA 42 34.01 96.96 19.91
N THR FA 43 34.97 97.87 19.89
CA THR FA 43 36.38 97.52 20.05
C THR FA 43 37.01 98.41 21.11
N ALA FA 44 37.78 97.80 22.01
CA ALA FA 44 38.54 98.51 23.02
C ALA FA 44 40.01 98.50 22.67
N MET FA 45 40.71 99.60 22.93
CA MET FA 45 42.12 99.73 22.60
C MET FA 45 42.88 100.17 23.85
N VAL FA 46 43.83 99.35 24.28
CA VAL FA 46 44.72 99.69 25.38
C VAL FA 46 46.12 99.89 24.82
N LYS FA 47 46.97 100.52 25.62
CA LYS FA 47 48.30 100.90 25.16
C LYS FA 47 49.28 100.89 26.33
N GLY FA 48 50.40 100.22 26.16
CA GLY FA 48 51.39 100.17 27.21
C GLY FA 48 52.59 99.34 26.76
N ASP FA 49 53.43 98.99 27.72
CA ASP FA 49 54.57 98.13 27.42
C ASP FA 49 54.09 96.76 26.96
N VAL FA 50 54.97 96.05 26.25
CA VAL FA 50 54.57 94.80 25.60
C VAL FA 50 54.15 93.77 26.62
N GLY FA 51 54.90 93.65 27.72
CA GLY FA 51 54.57 92.64 28.71
C GLY FA 51 53.27 92.95 29.42
N ALA FA 52 53.06 94.20 29.78
CA ALA FA 52 51.81 94.60 30.41
C ALA FA 52 50.63 94.40 29.47
N VAL FA 53 50.74 94.93 28.25
CA VAL FA 53 49.65 94.84 27.29
C VAL FA 53 49.33 93.39 26.98
N ASN FA 54 50.34 92.54 26.89
CA ASN FA 54 50.07 91.12 26.70
C ASN FA 54 49.18 90.60 27.81
N ALA FA 55 49.60 90.79 29.06
CA ALA FA 55 48.85 90.31 30.21
C ALA FA 55 47.43 90.87 30.25
N ALA FA 56 47.29 92.16 29.94
CA ALA FA 56 45.97 92.78 29.99
C ALA FA 56 45.00 92.11 29.03
N VAL FA 57 45.42 91.88 27.79
CA VAL FA 57 44.51 91.33 26.79
C VAL FA 57 44.08 89.93 27.17
N ASP FA 58 44.97 89.14 27.77
CA ASP FA 58 44.58 87.80 28.21
C ASP FA 58 43.50 87.86 29.28
N SER FA 59 43.66 88.76 30.25
CA SER FA 59 42.66 88.89 31.30
C SER FA 59 41.37 89.50 30.77
N GLY FA 60 41.47 90.48 29.88
CA GLY FA 60 40.27 91.14 29.38
C GLY FA 60 39.41 90.24 28.53
N VAL FA 61 40.03 89.33 27.77
CA VAL FA 61 39.26 88.39 26.97
C VAL FA 61 38.60 87.37 27.87
N GLU FA 62 39.26 87.00 28.96
CA GLU FA 62 38.73 86.00 29.86
C GLU FA 62 37.50 86.51 30.59
N ALA FA 63 37.49 87.79 30.96
CA ALA FA 63 36.33 88.36 31.63
C ALA FA 63 35.18 88.59 30.67
N ALA FA 64 35.47 89.08 29.47
CA ALA FA 64 34.42 89.44 28.53
C ALA FA 64 33.75 88.21 27.94
N LYS FA 65 34.53 87.18 27.62
CA LYS FA 65 33.98 85.95 27.09
C LYS FA 65 32.99 85.31 28.04
N ARG FA 66 33.01 85.73 29.31
CA ARG FA 66 32.24 85.06 30.34
C ARG FA 66 30.79 85.50 30.34
N ILE FA 67 30.51 86.71 29.89
CA ILE FA 67 29.15 87.24 29.83
C ILE FA 67 28.67 87.49 28.41
N GLY FA 68 29.56 87.62 27.45
CA GLY FA 68 29.16 87.91 26.09
C GLY FA 68 30.04 87.22 25.07
N LYS FA 69 30.17 87.80 23.89
CA LYS FA 69 30.93 87.18 22.82
C LYS FA 69 32.16 88.02 22.48
N VAL FA 70 33.33 87.41 22.57
CA VAL FA 70 34.57 88.02 22.14
C VAL FA 70 34.85 87.59 20.72
N VAL FA 71 34.85 88.55 19.80
CA VAL FA 71 34.97 88.22 18.38
C VAL FA 71 36.43 87.99 18.02
N SER FA 72 37.33 88.86 18.49
CA SER FA 72 38.74 88.71 18.18
C SER FA 72 39.57 89.53 19.15
N SER FA 73 40.81 89.11 19.34
CA SER FA 73 41.77 89.83 20.15
C SER FA 73 43.12 89.80 19.45
N ARG FA 74 43.98 90.76 19.78
CA ARG FA 74 45.22 90.91 19.05
C ARG FA 74 46.13 91.86 19.80
N VAL FA 75 47.43 91.56 19.82
CA VAL FA 75 48.45 92.44 20.38
C VAL FA 75 49.45 92.77 19.28
N ILE FA 76 49.69 94.05 19.06
CA ILE FA 76 50.71 94.52 18.13
C ILE FA 76 51.87 95.02 18.98
N ALA FA 77 53.01 94.32 18.92
CA ALA FA 77 54.12 94.64 19.81
C ALA FA 77 54.75 95.98 19.48
N ARG FA 78 54.72 96.38 18.21
CA ARG FA 78 55.30 97.65 17.79
C ARG FA 78 54.58 98.13 16.55
N PRO FA 79 53.57 98.97 16.70
CA PRO FA 79 52.82 99.43 15.55
C PRO FA 79 53.59 100.44 14.74
N HIS FA 80 53.31 100.47 13.44
CA HIS FA 80 53.86 101.50 12.58
C HIS FA 80 53.34 102.86 13.00
N ASN FA 81 54.11 103.89 12.71
CA ASN FA 81 53.69 105.24 13.10
C ASN FA 81 52.42 105.66 12.36
N ASP FA 82 52.21 105.15 11.15
CA ASP FA 82 50.98 105.46 10.43
C ASP FA 82 49.76 104.91 11.17
N ILE FA 83 49.91 103.73 11.79
CA ILE FA 83 48.81 103.15 12.54
C ILE FA 83 48.41 104.01 13.72
N GLU FA 84 49.32 104.84 14.23
CA GLU FA 84 48.95 105.73 15.32
C GLU FA 84 48.46 107.06 14.79
N LYS FA 85 47.59 106.97 13.78
CA LYS FA 85 46.74 108.06 13.32
C LYS FA 85 45.35 107.55 13.00
N ILE FA 86 45.16 106.25 12.95
CA ILE FA 86 43.85 105.64 12.78
C ILE FA 86 43.19 105.38 14.13
N ALA FA 87 43.96 104.85 15.08
CA ALA FA 87 43.43 104.64 16.41
C ALA FA 87 43.17 105.97 17.12
N GLY FA 88 44.22 106.76 17.32
CA GLY FA 88 44.07 108.06 17.93
C GLY FA 88 43.79 109.16 16.93
N MET GA 1 24.37 -106.62 -6.06
CA MET GA 1 24.50 -107.30 -4.78
C MET GA 1 24.96 -108.72 -4.98
N ILE GA 2 25.42 -109.35 -3.90
CA ILE GA 2 25.77 -110.77 -3.91
C ILE GA 2 25.29 -111.39 -2.61
N LEU GA 3 24.90 -112.67 -2.68
CA LEU GA 3 24.60 -113.42 -1.48
C LEU GA 3 25.89 -113.80 -0.79
N ALA GA 4 25.96 -113.55 0.51
CA ALA GA 4 27.15 -113.84 1.28
C ALA GA 4 26.75 -114.19 2.70
N LYS GA 5 27.72 -114.69 3.45
CA LYS GA 5 27.51 -115.13 4.81
C LYS GA 5 28.55 -114.48 5.71
N VAL GA 6 28.11 -113.92 6.83
CA VAL GA 6 29.05 -113.31 7.76
C VAL GA 6 29.83 -114.40 8.47
N THR GA 7 31.15 -114.30 8.43
CA THR GA 7 32.02 -115.34 8.97
C THR GA 7 33.02 -114.83 10.01
N GLY GA 8 32.95 -113.56 10.39
CA GLY GA 8 33.88 -113.05 11.38
C GLY GA 8 33.76 -111.55 11.48
N HIS GA 9 34.80 -110.92 12.04
CA HIS GA 9 34.85 -109.48 12.13
C HIS GA 9 36.31 -109.06 12.21
N VAL GA 10 36.53 -107.75 12.04
CA VAL GA 10 37.87 -107.18 12.00
C VAL GA 10 37.92 -106.03 13.00
N VAL GA 11 38.95 -106.01 13.83
CA VAL GA 11 39.15 -104.94 14.82
C VAL GA 11 40.32 -104.10 14.34
N ALA GA 12 40.04 -102.87 13.94
CA ALA GA 12 41.05 -101.94 13.44
C ALA GA 12 40.98 -100.66 14.25
N THR GA 13 42.10 -100.28 14.85
CA THR GA 13 42.17 -99.10 15.70
C THR GA 13 42.65 -97.87 14.94
N GLN GA 14 43.74 -98.00 14.19
CA GLN GA 14 44.28 -96.90 13.40
C GLN GA 14 43.63 -96.93 12.03
N LYS GA 15 42.67 -96.03 11.80
CA LYS GA 15 41.94 -96.02 10.55
C LYS GA 15 41.46 -94.61 10.26
N CYS GA 16 40.90 -94.44 9.07
CA CYS GA 16 40.44 -93.13 8.63
C CYS GA 16 39.23 -92.70 9.45
N ASP GA 17 38.74 -91.50 9.14
CA ASP GA 17 37.61 -90.94 9.86
C ASP GA 17 36.27 -91.26 9.22
N GLU GA 18 36.26 -91.58 7.92
CA GLU GA 18 35.03 -92.00 7.27
C GLU GA 18 34.52 -93.34 7.79
N LEU GA 19 35.31 -94.02 8.62
CA LEU GA 19 34.96 -95.34 9.13
C LEU GA 19 34.75 -95.37 10.63
N ARG GA 20 34.73 -94.21 11.29
CA ARG GA 20 34.58 -94.19 12.75
C ARG GA 20 33.17 -94.60 13.15
N GLY GA 21 33.07 -95.51 14.12
CA GLY GA 21 31.78 -95.91 14.64
C GLY GA 21 30.98 -96.79 13.70
N SER GA 22 31.58 -97.88 13.25
CA SER GA 22 30.90 -98.81 12.35
C SER GA 22 31.53 -100.18 12.52
N ASN GA 23 30.77 -101.20 12.18
CA ASN GA 23 31.25 -102.57 12.26
C ASN GA 23 32.01 -102.91 10.99
N LEU GA 24 32.91 -103.88 11.09
CA LEU GA 24 33.65 -104.36 9.93
C LEU GA 24 33.60 -105.89 9.92
N LEU GA 25 32.74 -106.45 9.07
CA LEU GA 25 32.49 -107.87 9.05
C LEU GA 25 33.24 -108.54 7.91
N LEU GA 26 33.65 -109.78 8.14
CA LEU GA 26 34.17 -110.60 7.06
C LEU GA 26 32.99 -111.26 6.36
N ILE GA 27 32.98 -111.18 5.03
CA ILE GA 27 31.81 -111.48 4.23
C ILE GA 27 32.26 -112.48 3.17
N THR GA 28 31.80 -113.71 3.26
CA THR GA 28 32.22 -114.76 2.35
C THR GA 28 31.13 -115.07 1.35
N ARG GA 29 31.46 -115.00 0.06
CA ARG GA 29 30.49 -115.30 -0.98
C ARG GA 29 30.20 -116.79 -1.00
N LEU GA 30 28.92 -117.14 -1.06
CA LEU GA 30 28.50 -118.53 -1.01
C LEU GA 30 27.91 -118.96 -2.34
N ASP GA 31 28.08 -120.24 -2.66
CA ASP GA 31 27.76 -120.78 -3.99
C ASP GA 31 26.31 -121.20 -4.09
N ASP GA 32 25.94 -121.90 -5.18
CA ASP GA 32 24.54 -122.20 -5.48
C ASP GA 32 23.97 -123.33 -4.62
N LYS GA 33 24.72 -123.82 -3.64
CA LYS GA 33 24.18 -124.73 -2.63
C LYS GA 33 24.10 -124.07 -1.27
N GLN GA 34 24.20 -122.74 -1.23
CA GLN GA 34 24.27 -121.98 0.01
C GLN GA 34 25.41 -122.49 0.90
N GLN GA 35 26.61 -122.47 0.33
CA GLN GA 35 27.80 -122.96 1.00
C GLN GA 35 28.95 -122.02 0.66
N PRO GA 36 29.71 -121.56 1.65
CA PRO GA 36 30.78 -120.60 1.37
C PRO GA 36 31.84 -121.16 0.42
N MET GA 37 32.42 -120.26 -0.36
CA MET GA 37 33.45 -120.61 -1.31
C MET GA 37 34.84 -120.38 -0.69
N LYS GA 38 35.87 -120.62 -1.49
CA LYS GA 38 37.26 -120.47 -1.06
C LYS GA 38 37.85 -119.21 -1.66
N ASP GA 39 38.57 -118.44 -0.84
CA ASP GA 39 39.26 -117.23 -1.27
C ASP GA 39 38.29 -116.22 -1.87
N GLN GA 40 37.19 -115.97 -1.16
CA GLN GA 40 36.15 -115.08 -1.64
C GLN GA 40 35.65 -114.18 -0.52
N THR GA 41 36.56 -113.65 0.29
CA THR GA 41 36.20 -112.89 1.48
C THR GA 41 36.49 -111.41 1.29
N TRP GA 42 35.51 -110.57 1.61
CA TRP GA 42 35.68 -109.13 1.63
C TRP GA 42 35.35 -108.61 3.01
N VAL GA 43 35.65 -107.34 3.23
CA VAL GA 43 35.34 -106.68 4.49
C VAL GA 43 34.24 -105.65 4.21
N ALA GA 44 33.14 -105.76 4.93
CA ALA GA 44 31.97 -104.94 4.67
C ALA GA 44 31.60 -104.16 5.91
N VAL GA 45 31.23 -102.89 5.71
CA VAL GA 45 30.77 -102.05 6.80
C VAL GA 45 29.30 -102.38 7.06
N ASP GA 46 29.02 -103.05 8.17
CA ASP GA 46 27.65 -103.39 8.50
C ASP GA 46 26.79 -102.14 8.56
N ASN GA 47 25.54 -102.27 8.14
CA ASN GA 47 24.64 -101.13 8.08
C ASN GA 47 23.26 -101.41 8.65
N VAL GA 48 22.85 -102.66 8.80
CA VAL GA 48 21.52 -103.01 9.29
C VAL GA 48 21.54 -103.88 10.53
N GLY GA 49 22.73 -104.25 11.03
CA GLY GA 49 22.79 -105.02 12.24
C GLY GA 49 22.85 -106.51 12.02
N ALA GA 50 23.81 -106.97 11.23
CA ALA GA 50 24.02 -108.39 10.99
C ALA GA 50 25.11 -108.92 11.92
N GLY GA 51 25.00 -110.20 12.26
CA GLY GA 51 25.97 -110.82 13.13
C GLY GA 51 26.50 -112.10 12.52
N MET GA 52 27.10 -112.95 13.33
CA MET GA 52 27.73 -114.15 12.79
C MET GA 52 26.69 -115.11 12.23
N HIS GA 53 27.11 -115.86 11.20
CA HIS GA 53 26.35 -116.95 10.60
C HIS GA 53 25.14 -116.49 9.82
N ASP GA 54 24.92 -115.19 9.68
CA ASP GA 54 23.72 -114.68 9.02
C ASP GA 54 23.98 -114.51 7.53
N ILE GA 55 23.01 -114.90 6.71
CA ILE GA 55 23.11 -114.72 5.27
C ILE GA 55 22.66 -113.32 4.93
N VAL GA 56 23.55 -112.53 4.34
CA VAL GA 56 23.28 -111.11 4.09
C VAL GA 56 23.40 -110.82 2.61
N LEU GA 57 23.20 -109.56 2.24
CA LEU GA 57 23.16 -109.11 0.86
C LEU GA 57 24.14 -107.95 0.75
N ALA GA 58 25.38 -108.25 0.38
CA ALA GA 58 26.45 -107.25 0.39
C ALA GA 58 26.48 -106.50 -0.92
N GLU GA 59 26.52 -105.18 -0.84
CA GLU GA 59 26.48 -104.32 -2.00
C GLU GA 59 27.85 -103.74 -2.27
N GLU GA 60 28.10 -103.44 -3.54
CA GLU GA 60 29.40 -102.93 -3.98
C GLU GA 60 29.51 -101.44 -3.72
N TYR GA 61 30.46 -100.79 -4.39
CA TYR GA 61 31.09 -99.55 -3.95
C TYR GA 61 30.19 -98.56 -3.24
N PHE GA 62 29.19 -98.02 -3.91
CA PHE GA 62 28.54 -96.80 -3.43
C PHE GA 62 27.31 -97.16 -2.60
N ALA GA 63 27.41 -96.94 -1.29
CA ALA GA 63 26.26 -97.02 -0.40
C ALA GA 63 26.29 -95.94 0.68
N LEU GA 64 27.07 -94.87 0.47
CA LEU GA 64 27.14 -93.74 1.39
C LEU GA 64 27.58 -94.17 2.79
N ASN GA 65 28.80 -94.70 2.86
CA ASN GA 65 29.32 -95.21 4.13
C ASN GA 65 30.80 -94.89 4.30
N TYR GA 69 31.61 -91.00 -0.40
CA TYR GA 69 31.59 -92.20 0.41
C TYR GA 69 31.27 -93.43 -0.43
N LYS GA 70 32.20 -94.37 -0.49
CA LYS GA 70 32.03 -95.53 -1.36
C LYS GA 70 32.44 -96.85 -0.70
N ALA GA 71 32.16 -97.03 0.59
CA ALA GA 71 32.54 -98.27 1.24
C ALA GA 71 31.53 -99.38 0.92
N MET GA 72 32.05 -100.60 0.84
CA MET GA 72 31.23 -101.78 0.56
C MET GA 72 30.49 -102.15 1.82
N SER GA 73 29.17 -102.08 1.79
CA SER GA 73 28.36 -102.28 2.98
C SER GA 73 27.34 -103.39 2.77
N VAL GA 74 26.75 -103.81 3.88
CA VAL GA 74 25.66 -104.78 3.90
C VAL GA 74 24.35 -104.00 3.92
N VAL GA 75 23.41 -104.38 3.06
CA VAL GA 75 22.20 -103.59 2.87
C VAL GA 75 20.92 -104.38 3.14
N ALA GA 76 21.01 -105.67 3.45
CA ALA GA 76 19.81 -106.46 3.67
C ALA GA 76 20.17 -107.77 4.35
N ILE GA 77 19.31 -108.21 5.25
CA ILE GA 77 19.41 -109.53 5.86
C ILE GA 77 18.35 -110.41 5.22
N VAL GA 78 18.77 -111.57 4.72
CA VAL GA 78 17.94 -112.37 3.84
C VAL GA 78 17.18 -113.41 4.65
N GLU GA 79 15.87 -113.47 4.44
CA GLU GA 79 15.01 -114.46 5.08
C GLU GA 79 14.94 -115.76 4.29
N LYS GA 80 14.53 -115.68 3.03
CA LYS GA 80 14.33 -116.85 2.18
C LYS GA 80 15.02 -116.64 0.84
N VAL GA 81 15.64 -117.70 0.35
CA VAL GA 81 16.25 -117.71 -0.98
C VAL GA 81 15.58 -118.84 -1.75
N PHE GA 82 14.55 -118.50 -2.50
CA PHE GA 82 13.87 -119.47 -3.34
C PHE GA 82 14.62 -119.59 -4.66
N ARG GA 83 15.04 -120.80 -5.01
CA ARG GA 83 15.93 -120.99 -6.15
C ARG GA 83 15.62 -122.33 -6.81
N ASP GA 84 15.11 -122.29 -8.03
CA ASP GA 84 14.94 -123.50 -8.81
C ASP GA 84 14.74 -123.16 -10.29
N GLU HA 3 40.47 -92.65 60.59
CA GLU HA 3 40.92 -92.02 59.36
C GLU HA 3 39.83 -91.08 58.85
N ALA HA 4 40.20 -90.20 57.91
CA ALA HA 4 39.28 -89.21 57.40
C ALA HA 4 38.25 -89.87 56.48
N LEU HA 5 37.43 -89.05 55.84
CA LEU HA 5 36.35 -89.56 55.01
C LEU HA 5 36.07 -88.57 53.89
N GLY HA 6 35.97 -89.06 52.67
CA GLY HA 6 35.75 -88.19 51.52
C GLY HA 6 34.56 -88.64 50.71
N LEU HA 7 33.82 -87.66 50.19
CA LEU HA 7 32.54 -87.91 49.55
C LEU HA 7 32.41 -87.08 48.29
N ILE HA 8 32.02 -87.73 47.19
CA ILE HA 8 31.66 -87.03 45.96
C ILE HA 8 30.28 -87.51 45.56
N GLU HA 9 29.46 -86.59 45.06
CA GLU HA 9 28.10 -86.91 44.64
C GLU HA 9 27.88 -86.38 43.22
N THR HA 10 27.43 -87.25 42.33
CA THR HA 10 27.27 -86.92 40.92
C THR HA 10 25.89 -87.31 40.45
N LYS HA 11 25.51 -86.77 39.30
CA LYS HA 11 24.30 -87.18 38.61
C LYS HA 11 24.66 -88.23 37.57
N GLY HA 12 24.16 -89.44 37.75
CA GLY HA 12 24.47 -90.50 36.81
C GLY HA 12 25.56 -91.40 37.34
N LEU HA 13 25.55 -92.65 36.87
CA LEU HA 13 26.51 -93.62 37.37
C LEU HA 13 27.86 -93.50 36.68
N VAL HA 14 27.88 -93.14 35.41
CA VAL HA 14 29.15 -93.09 34.68
C VAL HA 14 30.06 -92.05 35.30
N ALA HA 15 29.53 -90.86 35.58
CA ALA HA 15 30.36 -89.81 36.13
C ALA HA 15 30.92 -90.20 37.50
N CYS HA 16 30.27 -91.12 38.19
CA CYS HA 16 30.75 -91.50 39.52
C CYS HA 16 31.85 -92.56 39.44
N ILE HA 17 31.77 -93.45 38.46
CA ILE HA 17 32.82 -94.46 38.30
C ILE HA 17 34.11 -93.80 37.83
N GLU HA 18 33.99 -92.80 36.96
CA GLU HA 18 35.16 -92.02 36.60
C GLU HA 18 35.76 -91.33 37.81
N ALA HA 19 34.92 -90.70 38.64
CA ALA HA 19 35.41 -90.02 39.83
C ALA HA 19 36.05 -90.99 40.80
N ALA HA 20 35.44 -92.15 41.00
CA ALA HA 20 35.99 -93.10 41.96
C ALA HA 20 37.27 -93.75 41.46
N ASP HA 21 37.48 -93.78 40.15
CA ASP HA 21 38.74 -94.29 39.64
C ASP HA 21 39.87 -93.27 39.79
N ALA HA 22 39.58 -92.00 39.51
CA ALA HA 22 40.57 -90.97 39.68
C ALA HA 22 40.99 -90.84 41.14
N MET HA 23 40.04 -90.93 42.06
CA MET HA 23 40.37 -90.85 43.48
C MET HA 23 41.33 -91.97 43.88
N CYS HA 24 41.04 -93.20 43.44
CA CYS HA 24 41.86 -94.33 43.88
C CYS HA 24 43.26 -94.28 43.31
N LYS HA 25 43.44 -93.63 42.15
CA LYS HA 25 44.76 -93.56 41.53
C LYS HA 25 45.58 -92.41 42.10
N ALA HA 26 44.93 -91.32 42.50
CA ALA HA 26 45.62 -90.08 42.81
C ALA HA 26 46.24 -90.05 44.20
N ALA HA 27 45.89 -90.96 45.10
CA ALA HA 27 46.47 -90.94 46.43
C ALA HA 27 46.18 -92.28 47.09
N ASN HA 28 46.79 -92.48 48.26
CA ASN HA 28 46.65 -93.74 49.00
C ASN HA 28 45.37 -93.70 49.83
N VAL HA 29 44.26 -93.98 49.16
CA VAL HA 29 42.96 -94.04 49.80
C VAL HA 29 42.26 -95.33 49.38
N GLU HA 30 41.34 -95.79 50.21
CA GLU HA 30 40.61 -97.02 49.98
C GLU HA 30 39.15 -96.72 49.72
N LEU HA 31 38.55 -97.43 48.76
CA LEU HA 31 37.18 -97.17 48.35
C LEU HA 31 36.22 -97.94 49.25
N ILE HA 32 35.30 -97.22 49.90
CA ILE HA 32 34.36 -97.86 50.81
C ILE HA 32 33.20 -98.48 50.04
N GLY HA 33 32.55 -97.71 49.19
CA GLY HA 33 31.49 -98.26 48.37
C GLY HA 33 30.69 -97.16 47.72
N TYR HA 34 29.67 -97.59 46.98
CA TYR HA 34 28.72 -96.69 46.34
C TYR HA 34 27.40 -96.73 47.09
N GLU HA 35 26.60 -95.68 46.89
CA GLU HA 35 25.28 -95.62 47.51
C GLU HA 35 24.44 -94.60 46.73
N ASN HA 36 23.48 -95.06 45.96
CA ASN HA 36 22.57 -94.16 45.27
C ASN HA 36 21.28 -94.01 46.04
N VAL HA 37 20.81 -92.77 46.17
CA VAL HA 37 19.61 -92.46 46.90
C VAL HA 37 18.63 -91.83 45.91
N GLY HA 38 17.85 -92.67 45.25
CA GLY HA 38 16.80 -92.15 44.42
C GLY HA 38 17.31 -91.47 43.17
N SER HA 39 16.81 -90.26 42.93
CA SER HA 39 16.79 -89.69 41.60
C SER HA 39 18.19 -89.38 41.08
N GLY HA 40 18.74 -90.30 40.30
CA GLY HA 40 20.00 -90.13 39.61
C GLY HA 40 21.15 -89.57 40.41
N LEU HA 41 21.24 -89.91 41.69
CA LEU HA 41 22.30 -89.40 42.55
C LEU HA 41 23.07 -90.58 43.11
N VAL HA 42 24.34 -90.71 42.71
CA VAL HA 42 25.23 -91.74 43.20
C VAL HA 42 26.36 -91.07 43.96
N THR HA 43 26.81 -91.71 45.04
CA THR HA 43 27.83 -91.16 45.92
C THR HA 43 28.91 -92.21 46.15
N ALA HA 44 30.16 -91.79 46.08
CA ALA HA 44 31.30 -92.66 46.36
C ALA HA 44 32.00 -92.17 47.62
N MET HA 45 32.46 -93.10 48.44
CA MET HA 45 33.08 -92.78 49.72
C MET HA 45 34.47 -93.41 49.78
N VAL HA 46 35.46 -92.62 50.16
CA VAL HA 46 36.84 -93.08 50.31
C VAL HA 46 37.29 -92.75 51.72
N LYS HA 47 38.31 -93.47 52.19
CA LYS HA 47 38.85 -93.23 53.52
C LYS HA 47 40.37 -93.37 53.50
N GLY HA 48 41.02 -92.58 54.34
CA GLY HA 48 42.46 -92.57 54.44
C GLY HA 48 42.92 -91.45 55.35
N ASP HA 49 44.19 -91.11 55.25
CA ASP HA 49 44.71 -90.01 56.03
C ASP HA 49 44.16 -88.68 55.50
N VAL HA 50 44.27 -87.64 56.32
CA VAL HA 50 43.62 -86.37 55.99
C VAL HA 50 44.31 -85.70 54.80
N GLY HA 51 45.64 -85.79 54.73
CA GLY HA 51 46.33 -85.21 53.59
C GLY HA 51 46.11 -85.99 52.32
N ALA HA 52 46.02 -87.32 52.42
CA ALA HA 52 45.73 -88.14 51.25
C ALA HA 52 44.30 -87.92 50.79
N VAL HA 53 43.34 -87.99 51.70
CA VAL HA 53 41.94 -87.91 51.32
C VAL HA 53 41.63 -86.55 50.71
N ASN HA 54 42.25 -85.50 51.24
CA ASN HA 54 42.06 -84.17 50.67
C ASN HA 54 42.58 -84.11 49.24
N ALA HA 55 43.64 -84.86 48.97
CA ALA HA 55 44.24 -84.85 47.63
C ALA HA 55 43.48 -85.76 46.67
N ALA HA 56 42.75 -86.74 47.19
CA ALA HA 56 41.98 -87.61 46.33
C ALA HA 56 40.68 -86.93 45.88
N VAL HA 57 40.07 -86.15 46.76
CA VAL HA 57 38.76 -85.59 46.46
C VAL HA 57 38.87 -84.48 45.42
N ASP HA 58 39.90 -83.65 45.49
CA ASP HA 58 40.01 -82.57 44.51
C ASP HA 58 40.39 -83.10 43.13
N SER HA 59 41.04 -84.26 43.07
CA SER HA 59 41.33 -84.87 41.78
C SER HA 59 40.10 -85.57 41.22
N GLY HA 60 39.36 -86.27 42.08
CA GLY HA 60 38.16 -86.95 41.62
C GLY HA 60 37.06 -86.00 41.18
N VAL HA 61 36.95 -84.85 41.83
CA VAL HA 61 36.00 -83.84 41.39
C VAL HA 61 36.41 -83.29 40.04
N GLU HA 62 37.71 -83.15 39.82
CA GLU HA 62 38.23 -82.62 38.57
C GLU HA 62 37.88 -83.53 37.40
N ALA HA 63 37.90 -84.84 37.62
CA ALA HA 63 37.66 -85.80 36.54
C ALA HA 63 36.17 -85.92 36.23
N ALA HA 64 35.34 -86.07 37.26
CA ALA HA 64 33.90 -86.24 37.02
C ALA HA 64 33.27 -84.97 36.48
N LYS HA 65 33.79 -83.80 36.88
CA LYS HA 65 33.30 -82.55 36.34
C LYS HA 65 33.54 -82.45 34.84
N ARG HA 66 34.41 -83.28 34.30
CA ARG HA 66 34.76 -83.22 32.89
C ARG HA 66 33.64 -83.77 32.01
N ILE HA 67 33.00 -84.84 32.44
CA ILE HA 67 32.02 -85.56 31.64
C ILE HA 67 30.63 -85.55 32.25
N GLY HA 68 30.48 -85.08 33.48
CA GLY HA 68 29.18 -85.08 34.11
C GLY HA 68 28.98 -83.92 35.06
N LYS HA 69 28.03 -84.05 35.96
CA LYS HA 69 27.74 -83.02 36.95
C LYS HA 69 28.18 -83.52 38.31
N VAL HA 70 29.10 -82.79 38.94
CA VAL HA 70 29.45 -83.03 40.33
C VAL HA 70 28.56 -82.15 41.19
N VAL HA 71 27.75 -82.77 42.03
CA VAL HA 71 26.78 -82.02 42.83
C VAL HA 71 27.41 -81.48 44.10
N SER HA 72 28.19 -82.30 44.80
CA SER HA 72 28.78 -81.87 46.05
C SER HA 72 30.00 -82.72 46.36
N SER HA 73 30.92 -82.14 47.13
CA SER HA 73 32.07 -82.86 47.64
C SER HA 73 32.34 -82.38 49.06
N ARG HA 74 32.96 -83.23 49.86
CA ARG HA 74 33.16 -82.88 51.26
C ARG HA 74 34.15 -83.85 51.88
N VAL HA 75 35.05 -83.33 52.69
CA VAL HA 75 36.00 -84.13 53.47
C VAL HA 75 35.68 -83.92 54.94
N ILE HA 76 35.64 -85.01 55.69
CA ILE HA 76 35.39 -84.99 57.12
C ILE HA 76 36.68 -85.46 57.78
N ALA HA 77 37.34 -84.55 58.52
CA ALA HA 77 38.69 -84.82 58.99
C ALA HA 77 38.70 -85.86 60.10
N ARG HA 78 37.68 -85.86 60.96
CA ARG HA 78 37.54 -86.88 61.99
C ARG HA 78 36.06 -87.23 62.09
N PRO HA 79 35.61 -88.29 61.44
CA PRO HA 79 34.21 -88.67 61.53
C PRO HA 79 33.91 -89.23 62.90
N HIS HA 80 32.73 -88.90 63.42
CA HIS HA 80 32.36 -89.35 64.74
C HIS HA 80 32.16 -90.86 64.75
N ASN HA 81 32.49 -91.47 65.90
CA ASN HA 81 32.48 -92.93 65.99
C ASN HA 81 31.13 -93.51 65.63
N ASP HA 82 30.06 -92.82 66.03
CA ASP HA 82 28.71 -93.31 65.73
C ASP HA 82 28.48 -93.44 64.23
N ILE HA 83 29.02 -92.50 63.45
CA ILE HA 83 28.83 -92.49 62.01
C ILE HA 83 29.75 -93.50 61.35
N GLU IA 3 41.36 -106.27 32.58
CA GLU IA 3 40.90 -105.94 31.23
C GLU IA 3 40.15 -104.62 31.24
N ALA IA 4 40.07 -103.98 30.08
CA ALA IA 4 39.47 -102.66 29.99
C ALA IA 4 38.00 -102.73 30.33
N LEU IA 5 37.35 -101.58 30.31
CA LEU IA 5 35.98 -101.48 30.77
C LEU IA 5 35.32 -100.29 30.10
N GLY IA 6 34.16 -100.50 29.50
CA GLY IA 6 33.46 -99.44 28.80
C GLY IA 6 32.03 -99.32 29.29
N LEU IA 7 31.54 -98.09 29.31
CA LEU IA 7 30.21 -97.77 29.81
C LEU IA 7 29.49 -96.86 28.84
N ILE IA 8 28.21 -97.13 28.62
CA ILE IA 8 27.32 -96.22 27.91
C ILE IA 8 26.12 -95.96 28.81
N GLU IA 9 25.70 -94.71 28.91
CA GLU IA 9 24.57 -94.33 29.73
C GLU IA 9 23.49 -93.71 28.85
N THR IA 10 22.28 -94.24 28.93
CA THR IA 10 21.19 -93.84 28.07
C THR IA 10 19.95 -93.56 28.89
N LYS IA 11 19.05 -92.76 28.32
CA LYS IA 11 17.78 -92.45 28.95
C LYS IA 11 16.72 -93.42 28.42
N GLY IA 12 16.29 -94.34 29.26
CA GLY IA 12 15.33 -95.34 28.84
C GLY IA 12 15.99 -96.67 28.57
N LEU IA 13 15.24 -97.75 28.80
CA LEU IA 13 15.81 -99.08 28.64
C LEU IA 13 15.93 -99.50 27.19
N VAL IA 14 15.05 -99.01 26.31
CA VAL IA 14 15.07 -99.45 24.93
C VAL IA 14 16.37 -99.03 24.25
N ALA IA 15 16.74 -97.76 24.39
CA ALA IA 15 17.99 -97.30 23.80
C ALA IA 15 19.20 -98.02 24.35
N CYS IA 16 19.09 -98.58 25.56
CA CYS IA 16 20.21 -99.31 26.14
C CYS IA 16 20.34 -100.72 25.56
N ILE IA 17 19.24 -101.34 25.16
CA ILE IA 17 19.34 -102.67 24.56
C ILE IA 17 19.82 -102.56 23.12
N GLU IA 18 19.50 -101.48 22.43
CA GLU IA 18 20.10 -101.26 21.13
C GLU IA 18 21.59 -100.99 21.25
N ALA IA 19 21.99 -100.19 22.23
CA ALA IA 19 23.42 -99.95 22.45
C ALA IA 19 24.15 -101.23 22.79
N ALA IA 20 23.58 -102.07 23.64
CA ALA IA 20 24.28 -103.29 24.03
C ALA IA 20 24.31 -104.31 22.90
N ASP IA 21 23.35 -104.25 21.98
CA ASP IA 21 23.37 -105.17 20.86
C ASP IA 21 24.45 -104.78 19.85
N ALA IA 22 24.62 -103.48 19.62
CA ALA IA 22 25.67 -103.03 18.71
C ALA IA 22 27.05 -103.29 19.30
N MET IA 23 27.20 -103.09 20.62
CA MET IA 23 28.47 -103.35 21.26
C MET IA 23 28.86 -104.82 21.13
N CYS IA 24 27.93 -105.72 21.40
CA CYS IA 24 28.28 -107.14 21.43
C CYS IA 24 28.54 -107.73 20.05
N LYS IA 25 28.07 -107.07 19.00
CA LYS IA 25 28.31 -107.54 17.64
C LYS IA 25 29.58 -106.95 17.04
N ALA IA 26 30.07 -105.84 17.59
CA ALA IA 26 31.17 -105.10 16.97
C ALA IA 26 32.53 -105.66 17.33
N ALA IA 27 32.66 -106.38 18.43
CA ALA IA 27 33.96 -106.93 18.82
C ALA IA 27 33.72 -108.07 19.80
N ASN IA 28 34.82 -108.64 20.27
CA ASN IA 28 34.77 -109.80 21.15
C ASN IA 28 34.85 -109.32 22.60
N VAL IA 29 33.75 -108.77 23.08
CA VAL IA 29 33.64 -108.30 24.45
C VAL IA 29 32.54 -109.09 25.13
N GLU IA 30 32.69 -109.27 26.44
CA GLU IA 30 31.69 -109.95 27.25
C GLU IA 30 30.89 -108.92 28.03
N LEU IA 31 29.58 -108.94 27.86
CA LEU IA 31 28.70 -107.96 28.46
C LEU IA 31 28.42 -108.34 29.91
N ILE IA 32 28.60 -107.38 30.82
CA ILE IA 32 28.50 -107.66 32.25
C ILE IA 32 27.07 -107.56 32.75
N GLY IA 33 26.40 -106.44 32.50
CA GLY IA 33 25.01 -106.32 32.89
C GLY IA 33 24.61 -104.87 33.03
N TYR IA 34 23.31 -104.67 33.18
CA TYR IA 34 22.72 -103.35 33.29
C TYR IA 34 22.68 -102.90 34.74
N GLU IA 35 22.45 -101.60 34.93
CA GLU IA 35 22.30 -101.03 36.25
C GLU IA 35 21.62 -99.68 36.11
N ASN IA 36 20.38 -99.56 36.58
CA ASN IA 36 19.68 -98.29 36.55
C ASN IA 36 19.75 -97.62 37.92
N VAL IA 37 19.92 -96.30 37.91
CA VAL IA 37 20.09 -95.53 39.10
C VAL IA 37 18.91 -94.60 39.34
N GLY IA 38 17.84 -94.75 38.58
CA GLY IA 38 16.69 -93.90 38.71
C GLY IA 38 16.77 -92.68 37.82
N SER IA 39 15.63 -92.02 37.68
CA SER IA 39 15.43 -90.87 36.79
C SER IA 39 15.47 -91.28 35.33
N GLY IA 40 15.36 -92.57 35.05
CA GLY IA 40 15.35 -93.06 33.68
C GLY IA 40 16.71 -93.37 33.11
N LEU IA 41 17.77 -93.30 33.90
CA LEU IA 41 19.13 -93.51 33.42
C LEU IA 41 19.49 -94.99 33.55
N VAL IA 42 19.83 -95.62 32.45
CA VAL IA 42 20.25 -97.02 32.43
C VAL IA 42 21.66 -97.07 31.84
N THR IA 43 22.49 -97.94 32.39
CA THR IA 43 23.90 -98.04 31.99
C THR IA 43 24.22 -99.48 31.64
N ALA IA 44 24.90 -99.67 30.52
CA ALA IA 44 25.41 -100.97 30.10
C ALA IA 44 26.92 -100.99 30.22
N MET IA 45 27.47 -102.12 30.64
CA MET IA 45 28.88 -102.23 30.96
C MET IA 45 29.46 -103.47 30.30
N VAL IA 46 30.53 -103.29 29.52
CA VAL IA 46 31.22 -104.40 28.86
C VAL IA 46 32.66 -104.45 29.34
N LYS IA 47 33.33 -105.55 29.04
CA LYS IA 47 34.73 -105.68 29.43
C LYS IA 47 35.46 -106.60 28.46
N GLY IA 48 36.70 -106.24 28.17
CA GLY IA 48 37.51 -107.00 27.25
C GLY IA 48 38.81 -106.27 27.00
N ASP IA 49 39.54 -106.71 25.98
CA ASP IA 49 40.76 -106.02 25.61
C ASP IA 49 40.46 -104.59 25.19
N VAL IA 50 41.46 -103.72 25.33
CA VAL IA 50 41.22 -102.29 25.17
C VAL IA 50 41.03 -101.90 23.71
N GLY IA 51 41.56 -102.67 22.76
CA GLY IA 51 41.25 -102.43 21.37
C GLY IA 51 39.84 -102.85 21.02
N ALA IA 52 39.37 -103.94 21.60
CA ALA IA 52 38.01 -104.39 21.37
C ALA IA 52 37.01 -103.50 22.07
N VAL IA 53 37.28 -103.17 23.33
CA VAL IA 53 36.34 -102.38 24.11
C VAL IA 53 36.19 -100.99 23.52
N ASN IA 54 37.30 -100.42 23.04
CA ASN IA 54 37.20 -99.15 22.33
C ASN IA 54 36.22 -99.27 21.18
N ALA IA 55 36.51 -100.17 20.23
CA ALA IA 55 35.68 -100.33 19.04
C ALA IA 55 34.22 -100.53 19.39
N ALA IA 56 33.94 -101.30 20.46
CA ALA IA 56 32.55 -101.59 20.81
C ALA IA 56 31.83 -100.33 21.28
N VAL IA 57 32.46 -99.52 22.10
CA VAL IA 57 31.78 -98.36 22.67
C VAL IA 57 31.52 -97.31 21.60
N ASP IA 58 32.44 -97.14 20.65
CA ASP IA 58 32.18 -96.20 19.56
C ASP IA 58 31.00 -96.65 18.73
N SER IA 59 30.86 -97.95 18.50
CA SER IA 59 29.76 -98.47 17.70
C SER IA 59 28.45 -98.39 18.46
N GLY IA 60 28.47 -98.77 19.74
CA GLY IA 60 27.27 -98.72 20.54
C GLY IA 60 26.72 -97.32 20.73
N VAL IA 61 27.60 -96.32 20.77
CA VAL IA 61 27.14 -94.96 20.96
C VAL IA 61 26.40 -94.46 19.72
N GLU IA 62 26.90 -94.81 18.54
CA GLU IA 62 26.26 -94.33 17.32
C GLU IA 62 24.91 -94.99 17.08
N ALA IA 63 24.77 -96.27 17.44
CA ALA IA 63 23.49 -96.95 17.23
C ALA IA 63 22.44 -96.46 18.21
N ALA IA 64 22.79 -96.33 19.49
CA ALA IA 64 21.83 -95.82 20.46
C ALA IA 64 21.49 -94.36 20.22
N LYS IA 65 22.45 -93.59 19.72
CA LYS IA 65 22.19 -92.19 19.39
C LYS IA 65 21.10 -92.07 18.33
N ARG IA 66 20.96 -93.10 17.49
CA ARG IA 66 20.04 -93.03 16.38
C ARG IA 66 18.58 -93.07 16.82
N ILE IA 67 18.28 -93.80 17.90
CA ILE IA 67 16.92 -94.06 18.31
C ILE IA 67 16.61 -93.54 19.71
N GLY IA 68 17.55 -92.91 20.37
CA GLY IA 68 17.31 -92.41 21.70
C GLY IA 68 18.31 -91.34 22.06
N LYS IA 69 18.43 -91.08 23.36
CA LYS IA 69 19.39 -90.12 23.86
C LYS IA 69 20.51 -90.86 24.57
N VAL IA 70 21.74 -90.61 24.14
CA VAL IA 70 22.93 -91.11 24.82
C VAL IA 70 23.42 -90.00 25.73
N VAL IA 71 23.49 -90.29 27.03
CA VAL IA 71 23.87 -89.28 28.00
C VAL IA 71 25.38 -89.19 28.14
N SER IA 72 26.07 -90.32 28.17
CA SER IA 72 27.50 -90.33 28.46
C SER IA 72 28.08 -91.65 28.02
N SER IA 73 29.37 -91.63 27.70
CA SER IA 73 30.12 -92.84 27.36
C SER IA 73 31.54 -92.68 27.87
N ARG IA 74 32.22 -93.80 28.06
CA ARG IA 74 33.53 -93.75 28.68
C ARG IA 74 34.21 -95.10 28.53
N VAL IA 75 35.52 -95.07 28.25
CA VAL IA 75 36.35 -96.26 28.28
C VAL IA 75 37.41 -96.07 29.36
N ILE IA 76 37.59 -97.09 30.18
CA ILE IA 76 38.60 -97.08 31.23
C ILE IA 76 39.61 -98.16 30.87
N ALA IA 77 40.82 -97.73 30.49
CA ALA IA 77 41.78 -98.67 29.91
C ALA IA 77 42.37 -99.59 30.98
N ARG IA 78 42.90 -99.03 32.06
CA ARG IA 78 43.40 -99.81 33.18
C ARG IA 78 42.58 -99.48 34.41
N PRO IA 79 41.52 -100.21 34.70
CA PRO IA 79 40.72 -99.91 35.89
C PRO IA 79 41.41 -100.40 37.14
N HIS IA 80 41.25 -99.64 38.21
CA HIS IA 80 41.89 -99.98 39.47
C HIS IA 80 41.27 -101.24 40.06
N ASN IA 81 42.07 -101.96 40.84
CA ASN IA 81 41.59 -103.23 41.39
C ASN IA 81 40.52 -103.02 42.45
N ASP IA 82 40.51 -101.86 43.10
CA ASP IA 82 39.44 -101.53 44.02
C ASP IA 82 38.11 -101.35 43.29
N ILE IA 83 38.18 -100.96 42.02
CA ILE IA 83 36.99 -100.77 41.22
C ILE IA 83 36.53 -102.10 40.63
N GLU JA 3 56.23 -102.24 18.71
CA GLU JA 3 54.98 -101.75 19.26
C GLU JA 3 54.81 -100.27 18.98
N ALA JA 4 53.63 -99.74 19.30
CA ALA JA 4 53.31 -98.37 18.93
C ALA JA 4 54.17 -97.38 19.73
N LEU JA 5 54.04 -96.11 19.38
CA LEU JA 5 54.87 -95.08 19.96
C LEU JA 5 54.06 -93.80 20.11
N GLY JA 6 54.01 -93.26 21.32
CA GLY JA 6 53.27 -92.05 21.57
C GLY JA 6 54.12 -90.91 22.08
N LEU JA 7 53.91 -89.71 21.56
CA LEU JA 7 54.75 -88.56 21.87
C LEU JA 7 53.89 -87.38 22.30
N ILE JA 8 54.32 -86.69 23.34
CA ILE JA 8 53.73 -85.42 23.75
C ILE JA 8 54.85 -84.42 23.90
N GLU JA 9 54.62 -83.19 23.45
CA GLU JA 9 55.63 -82.14 23.50
C GLU JA 9 55.05 -80.91 24.18
N THR JA 10 55.75 -80.42 25.19
CA THR JA 10 55.27 -79.32 26.01
C THR JA 10 56.34 -78.27 26.17
N LYS JA 11 55.92 -77.09 26.60
CA LYS JA 11 56.84 -76.04 27.01
C LYS JA 11 57.10 -76.17 28.51
N GLY JA 12 58.34 -76.44 28.88
CA GLY JA 12 58.69 -76.56 30.28
C GLY JA 12 58.59 -77.98 30.79
N LEU JA 13 59.30 -78.24 31.89
CA LEU JA 13 59.41 -79.59 32.42
C LEU JA 13 58.22 -79.97 33.28
N VAL JA 14 57.59 -79.01 33.95
CA VAL JA 14 56.52 -79.37 34.87
C VAL JA 14 55.32 -79.92 34.11
N ALA JA 15 54.93 -79.26 33.02
CA ALA JA 15 53.82 -79.78 32.24
C ALA JA 15 54.13 -81.13 31.63
N CYS JA 16 55.40 -81.48 31.49
CA CYS JA 16 55.76 -82.77 30.91
C CYS JA 16 55.80 -83.87 31.96
N ILE JA 17 56.06 -83.54 33.22
CA ILE JA 17 55.98 -84.56 34.26
C ILE JA 17 54.53 -84.86 34.59
N GLU JA 18 53.64 -83.88 34.45
CA GLU JA 18 52.23 -84.18 34.64
C GLU JA 18 51.68 -85.00 33.48
N ALA JA 19 52.12 -84.71 32.26
CA ALA JA 19 51.72 -85.54 31.12
C ALA JA 19 52.26 -86.96 31.27
N ALA JA 20 53.50 -87.11 31.69
CA ALA JA 20 54.08 -88.44 31.82
C ALA JA 20 53.45 -89.23 32.96
N ASP JA 21 53.01 -88.54 34.00
CA ASP JA 21 52.36 -89.23 35.11
C ASP JA 21 50.97 -89.70 34.73
N ALA JA 22 50.20 -88.86 34.03
CA ALA JA 22 48.87 -89.25 33.61
C ALA JA 22 48.92 -90.39 32.60
N MET JA 23 49.90 -90.36 31.70
CA MET JA 23 50.01 -91.42 30.69
C MET JA 23 50.27 -92.77 31.33
N CYS JA 24 51.19 -92.82 32.29
CA CYS JA 24 51.54 -94.10 32.89
C CYS JA 24 50.44 -94.65 33.78
N LYS JA 25 49.52 -93.81 34.23
CA LYS JA 25 48.41 -94.27 35.07
C LYS JA 25 47.25 -94.80 34.25
N ALA JA 26 47.01 -94.23 33.08
CA ALA JA 26 45.77 -94.44 32.35
C ALA JA 26 45.82 -95.55 31.33
N ALA JA 27 46.90 -96.33 31.28
CA ALA JA 27 47.00 -97.44 30.34
C ALA JA 27 48.26 -98.23 30.68
N ASN JA 28 48.35 -99.42 30.08
CA ASN JA 28 49.49 -100.29 30.29
C ASN JA 28 50.56 -99.96 29.25
N VAL JA 29 51.33 -98.91 29.53
CA VAL JA 29 52.39 -98.44 28.65
C VAL JA 29 53.68 -98.38 29.44
N GLU JA 30 54.78 -98.28 28.71
CA GLU JA 30 56.12 -98.16 29.28
C GLU JA 30 56.69 -96.81 28.91
N LEU JA 31 57.25 -96.12 29.89
CA LEU JA 31 57.86 -94.81 29.66
C LEU JA 31 59.30 -95.01 29.24
N ILE JA 32 59.65 -94.44 28.08
CA ILE JA 32 61.01 -94.55 27.57
C ILE JA 32 61.92 -93.48 28.14
N GLY JA 33 61.47 -92.24 28.13
CA GLY JA 33 62.24 -91.18 28.75
C GLY JA 33 61.87 -89.83 28.18
N TYR JA 34 62.56 -88.81 28.68
CA TYR JA 34 62.42 -87.44 28.24
C TYR JA 34 63.56 -87.09 27.30
N GLU JA 35 63.31 -86.06 26.48
CA GLU JA 35 64.34 -85.62 25.53
C GLU JA 35 64.03 -84.16 25.17
N ASN JA 36 64.77 -83.24 25.74
CA ASN JA 36 64.57 -81.82 25.48
C ASN JA 36 65.55 -81.32 24.42
N VAL JA 37 65.15 -80.27 23.71
CA VAL JA 37 65.91 -79.77 22.58
C VAL JA 37 66.13 -78.27 22.72
N GLY JA 38 66.14 -77.76 23.94
CA GLY JA 38 66.29 -76.34 24.17
C GLY JA 38 65.03 -75.57 23.81
N SER JA 39 65.06 -74.28 24.10
CA SER JA 39 63.91 -73.39 24.00
C SER JA 39 62.77 -73.80 24.92
N GLY JA 40 63.03 -74.67 25.88
CA GLY JA 40 62.01 -75.10 26.80
C GLY JA 40 61.12 -76.22 26.31
N LEU JA 41 61.35 -76.72 25.11
CA LEU JA 41 60.55 -77.83 24.59
C LEU JA 41 61.06 -79.13 25.18
N VAL JA 42 60.17 -79.87 25.85
CA VAL JA 42 60.49 -81.17 26.41
C VAL JA 42 59.48 -82.17 25.86
N THR JA 43 59.94 -83.38 25.59
CA THR JA 43 59.13 -84.39 24.93
C THR JA 43 59.17 -85.69 25.73
N ALA JA 44 57.99 -86.29 25.93
CA ALA JA 44 57.86 -87.58 26.59
C ALA JA 44 57.51 -88.65 25.57
N MET JA 45 58.08 -89.84 25.74
CA MET JA 45 57.87 -90.94 24.82
C MET JA 45 57.40 -92.17 25.58
N VAL JA 46 56.24 -92.68 25.22
CA VAL JA 46 55.72 -93.92 25.79
C VAL JA 46 55.69 -94.97 24.70
N LYS JA 47 55.57 -96.22 25.11
CA LYS JA 47 55.66 -97.34 24.18
C LYS JA 47 54.79 -98.49 24.67
N GLY JA 48 53.93 -98.99 23.80
CA GLY JA 48 53.07 -100.10 24.16
C GLY JA 48 52.22 -100.51 22.98
N ASP JA 49 51.20 -101.33 23.26
CA ASP JA 49 50.28 -101.72 22.21
C ASP JA 49 49.50 -100.53 21.70
N VAL JA 50 48.96 -100.67 20.49
CA VAL JA 50 48.38 -99.51 19.80
C VAL JA 50 47.18 -98.97 20.56
N GLY JA 51 46.32 -99.85 21.05
CA GLY JA 51 45.12 -99.40 21.75
C GLY JA 51 45.46 -98.73 23.06
N ALA JA 52 46.43 -99.29 23.79
CA ALA JA 52 46.86 -98.67 25.04
C ALA JA 52 47.53 -97.33 24.79
N VAL JA 53 48.50 -97.31 23.88
CA VAL JA 53 49.24 -96.07 23.60
C VAL JA 53 48.30 -95.00 23.11
N ASN JA 54 47.30 -95.37 22.31
CA ASN JA 54 46.31 -94.39 21.90
C ASN JA 54 45.66 -93.76 23.12
N ALA JA 55 45.08 -94.58 23.99
CA ALA JA 55 44.38 -94.09 25.18
C ALA JA 55 45.29 -93.24 26.05
N ALA JA 56 46.55 -93.66 26.22
CA ALA JA 56 47.46 -92.93 27.09
C ALA JA 56 47.67 -91.51 26.59
N VAL JA 57 47.92 -91.35 25.30
CA VAL JA 57 48.23 -90.03 24.77
C VAL JA 57 47.05 -89.08 24.92
N ASP JA 58 45.84 -89.60 24.76
CA ASP JA 58 44.65 -88.76 24.94
C ASP JA 58 44.55 -88.25 26.37
N SER JA 59 44.82 -89.13 27.34
CA SER JA 59 44.74 -88.73 28.74
C SER JA 59 45.89 -87.81 29.13
N GLY JA 60 47.10 -88.10 28.64
CA GLY JA 60 48.25 -87.29 29.00
C GLY JA 60 48.16 -85.88 28.47
N VAL JA 61 47.63 -85.71 27.26
CA VAL JA 61 47.47 -84.37 26.72
C VAL JA 61 46.42 -83.61 27.51
N GLU JA 62 45.42 -84.32 28.00
CA GLU JA 62 44.33 -83.66 28.72
C GLU JA 62 44.79 -83.15 30.07
N ALA JA 63 45.67 -83.89 30.74
CA ALA JA 63 46.20 -83.44 32.03
C ALA JA 63 47.23 -82.34 31.85
N ALA JA 64 48.11 -82.46 30.86
CA ALA JA 64 49.17 -81.49 30.67
C ALA JA 64 48.62 -80.15 30.19
N LYS JA 65 47.67 -80.17 29.27
CA LYS JA 65 47.05 -78.95 28.78
C LYS JA 65 46.41 -78.15 29.90
N ARG JA 66 46.16 -78.79 31.03
CA ARG JA 66 45.41 -78.18 32.11
C ARG JA 66 46.26 -77.18 32.90
N ILE JA 67 47.56 -77.39 32.96
CA ILE JA 67 48.45 -76.52 33.73
C ILE JA 67 49.48 -75.82 32.87
N GLY JA 68 49.78 -76.32 31.67
CA GLY JA 68 50.81 -75.72 30.83
C GLY JA 68 50.39 -75.75 29.38
N LYS JA 69 51.35 -75.79 28.47
CA LYS JA 69 51.07 -75.74 27.05
C LYS JA 69 51.54 -77.04 26.39
N VAL JA 70 50.62 -77.71 25.71
CA VAL JA 70 50.93 -78.90 24.92
C VAL JA 70 51.17 -78.45 23.50
N VAL JA 71 52.40 -78.60 23.03
CA VAL JA 71 52.73 -78.11 21.69
C VAL JA 71 52.23 -79.05 20.62
N SER JA 72 52.42 -80.35 20.79
CA SER JA 72 51.96 -81.32 19.81
C SER JA 72 51.93 -82.71 20.43
N SER JA 73 51.12 -83.57 19.83
CA SER JA 73 51.01 -84.97 20.23
C SER JA 73 50.85 -85.81 18.98
N ARG JA 74 51.20 -87.09 19.09
CA ARG JA 74 51.24 -87.95 17.91
C ARG JA 74 51.38 -89.40 18.35
N VAL JA 75 50.73 -90.29 17.61
CA VAL JA 75 50.88 -91.73 17.82
C VAL JA 75 51.33 -92.36 16.51
N ILE JA 76 52.44 -93.09 16.55
CA ILE JA 76 52.91 -93.88 15.42
C ILE JA 76 52.56 -95.32 15.70
N ALA JA 77 51.63 -95.88 14.93
CA ALA JA 77 51.14 -97.22 15.22
C ALA JA 77 52.19 -98.28 14.96
N ARG JA 78 53.06 -98.06 13.98
CA ARG JA 78 54.11 -99.04 13.64
C ARG JA 78 55.32 -98.27 13.16
N PRO JA 79 56.25 -97.95 14.04
CA PRO JA 79 57.44 -97.22 13.62
C PRO JA 79 58.39 -98.11 12.83
N HIS JA 80 59.14 -97.45 11.94
CA HIS JA 80 60.20 -98.15 11.23
C HIS JA 80 61.31 -98.53 12.21
N ASN JA 81 62.06 -99.58 11.87
CA ASN JA 81 63.12 -100.02 12.75
C ASN JA 81 64.22 -98.98 12.88
N ASP JA 82 64.42 -98.16 11.85
CA ASP JA 82 65.42 -97.10 11.95
C ASP JA 82 65.02 -96.07 13.00
N ILE JA 83 63.72 -95.81 13.13
CA ILE JA 83 63.24 -94.86 14.12
C ILE JA 83 63.54 -95.33 15.54
N GLU JA 84 63.65 -96.64 15.75
CA GLU JA 84 64.01 -97.14 17.07
C GLU JA 84 65.53 -97.23 17.24
N LYS JA 85 66.18 -96.15 16.81
CA LYS JA 85 67.57 -95.85 17.14
C LYS JA 85 67.78 -94.37 17.42
N ILE JA 86 66.81 -93.53 17.08
CA ILE JA 86 66.82 -92.12 17.42
C ILE JA 86 66.16 -91.87 18.77
N ALA JA 87 65.08 -92.58 19.05
CA ALA JA 87 64.43 -92.47 20.36
C ALA JA 87 65.28 -93.14 21.43
N GLY JA 88 65.49 -94.45 21.31
CA GLY JA 88 66.32 -95.19 22.24
C GLY JA 88 67.79 -95.18 21.86
N MET KA 1 86.77 -38.65 54.35
CA MET KA 1 86.49 -39.21 55.66
C MET KA 1 87.77 -39.58 56.37
N ILE KA 2 87.69 -39.79 57.68
CA ILE KA 2 88.79 -40.30 58.47
C ILE KA 2 88.27 -41.31 59.47
N LEU KA 3 89.09 -42.31 59.78
CA LEU KA 3 88.77 -43.22 60.85
C LEU KA 3 89.02 -42.56 62.19
N ALA KA 4 88.04 -42.65 63.08
CA ALA KA 4 88.15 -42.02 64.38
C ALA KA 4 87.37 -42.84 65.39
N LYS KA 5 87.57 -42.51 66.66
CA LYS KA 5 86.94 -43.21 67.75
C LYS KA 5 86.25 -42.21 68.66
N VAL KA 6 85.01 -42.49 69.03
CA VAL KA 6 84.29 -41.60 69.93
C VAL KA 6 84.86 -41.73 71.34
N THR KA 7 85.25 -40.61 71.92
CA THR KA 7 85.92 -40.61 73.21
C THR KA 7 85.22 -39.74 74.26
N GLY KA 8 84.07 -39.17 73.97
CA GLY KA 8 83.37 -38.36 74.95
C GLY KA 8 82.20 -37.64 74.31
N HIS KA 9 81.75 -36.59 74.98
CA HIS KA 9 80.68 -35.76 74.44
C HIS KA 9 80.80 -34.37 75.05
N VAL KA 10 80.06 -33.43 74.47
CA VAL KA 10 80.10 -32.04 74.86
C VAL KA 10 78.68 -31.57 75.11
N VAL KA 11 78.47 -30.91 76.24
CA VAL KA 11 77.16 -30.38 76.62
C VAL KA 11 77.23 -28.86 76.49
N ALA KA 12 76.52 -28.32 75.51
CA ALA KA 12 76.50 -26.89 75.23
C ALA KA 12 75.06 -26.41 75.25
N THR KA 13 74.77 -25.43 76.10
CA THR KA 13 73.43 -24.89 76.25
C THR KA 13 73.19 -23.67 75.39
N GLN KA 14 74.09 -22.71 75.43
CA GLN KA 14 73.99 -21.48 74.64
C GLN KA 14 74.67 -21.73 73.30
N LYS KA 15 73.87 -21.94 72.26
CA LYS KA 15 74.42 -22.26 70.96
C LYS KA 15 73.45 -21.81 69.88
N CYS KA 16 73.90 -21.88 68.63
CA CYS KA 16 73.10 -21.44 67.50
C CYS KA 16 71.89 -22.34 67.31
N ASP KA 17 71.09 -22.02 66.30
CA ASP KA 17 69.87 -22.76 66.03
C ASP KA 17 70.08 -23.87 65.02
N GLU KA 18 71.12 -23.78 64.20
CA GLU KA 18 71.43 -24.86 63.26
C GLU KA 18 71.89 -26.13 63.98
N LEU KA 19 72.10 -26.06 65.30
CA LEU KA 19 72.60 -27.18 66.07
C LEU KA 19 71.60 -27.69 67.10
N ARG KA 20 70.37 -27.21 67.08
CA ARG KA 20 69.39 -27.62 68.09
C ARG KA 20 68.97 -29.08 67.85
N GLY KA 21 68.98 -29.86 68.91
CA GLY KA 21 68.52 -31.24 68.83
C GLY KA 21 69.48 -32.16 68.11
N SER KA 22 70.72 -32.19 68.56
CA SER KA 22 71.73 -33.06 67.96
C SER KA 22 72.79 -33.35 69.00
N ASN KA 23 73.49 -34.45 68.80
CA ASN KA 23 74.55 -34.85 69.70
C ASN KA 23 75.85 -34.15 69.28
N LEU KA 24 76.76 -34.00 70.24
CA LEU KA 24 78.06 -33.41 69.96
C LEU KA 24 79.13 -34.29 70.59
N LEU KA 25 79.79 -35.10 69.77
CA LEU KA 25 80.73 -36.10 70.26
C LEU KA 25 82.17 -35.63 70.07
N LEU KA 26 83.03 -36.03 70.99
CA LEU KA 26 84.46 -35.84 70.81
C LEU KA 26 84.99 -36.99 69.97
N ILE KA 27 85.76 -36.68 68.95
CA ILE KA 27 86.11 -37.60 67.89
C ILE KA 27 87.63 -37.56 67.77
N THR KA 28 88.29 -38.65 68.14
CA THR KA 28 89.74 -38.69 68.13
C THR KA 28 90.25 -39.52 66.97
N ARG KA 29 91.10 -38.93 66.14
CA ARG KA 29 91.67 -39.65 65.02
C ARG KA 29 92.65 -40.71 65.50
N LEU KA 30 92.53 -41.92 64.96
CA LEU KA 30 93.34 -43.05 65.39
C LEU KA 30 94.30 -43.47 64.29
N ASP KA 31 95.47 -43.97 64.71
CA ASP KA 31 96.57 -44.24 63.80
C ASP KA 31 96.47 -45.62 63.16
N ASP KA 32 97.54 -46.06 62.48
CA ASP KA 32 97.49 -47.30 61.68
C ASP KA 32 97.57 -48.56 62.52
N LYS KA 33 97.54 -48.45 63.84
CA LYS KA 33 97.38 -49.60 64.72
C LYS KA 33 96.02 -49.60 65.40
N GLN KA 34 95.09 -48.78 64.91
CA GLN KA 34 93.79 -48.57 65.54
C GLN KA 34 93.96 -48.13 66.99
N GLN KA 35 94.69 -47.03 67.16
CA GLN KA 35 94.99 -46.49 68.47
C GLN KA 35 94.90 -44.98 68.39
N PRO KA 36 94.20 -44.32 69.31
CA PRO KA 36 94.03 -42.87 69.22
C PRO KA 36 95.36 -42.13 69.29
N MET KA 37 95.41 -40.99 68.62
CA MET KA 37 96.59 -40.14 68.57
C MET KA 37 96.48 -39.05 69.63
N LYS KA 38 97.47 -38.17 69.65
CA LYS KA 38 97.54 -37.08 70.62
C LYS KA 38 97.22 -35.77 69.91
N ASP KA 39 96.38 -34.95 70.55
CA ASP KA 39 96.03 -33.63 70.05
C ASP KA 39 95.37 -33.72 68.67
N GLN KA 40 94.40 -34.61 68.54
CA GLN KA 40 93.74 -34.84 67.27
C GLN KA 40 92.24 -34.99 67.46
N THR KA 41 91.64 -34.14 68.28
CA THR KA 41 90.24 -34.26 68.66
C THR KA 41 89.41 -33.17 68.02
N TRP KA 42 88.30 -33.56 67.41
CA TRP KA 42 87.32 -32.63 66.86
C TRP KA 42 85.98 -32.90 67.50
N VAL KA 43 85.03 -32.00 67.28
CA VAL KA 43 83.67 -32.16 67.75
C VAL KA 43 82.77 -32.41 66.55
N ALA KA 44 82.04 -33.52 66.58
CA ALA KA 44 81.25 -33.94 65.44
C ALA KA 44 79.80 -34.07 65.84
N VAL KA 45 78.91 -33.63 64.95
CA VAL KA 45 77.48 -33.77 65.17
C VAL KA 45 77.09 -35.18 64.75
N ASP KA 46 76.77 -36.02 65.74
CA ASP KA 46 76.36 -37.39 65.44
C ASP KA 46 75.16 -37.38 64.52
N ASN KA 47 75.13 -38.37 63.62
CA ASN KA 47 74.06 -38.45 62.63
C ASN KA 47 73.46 -39.84 62.47
N VAL KA 48 74.13 -40.90 62.93
CA VAL KA 48 73.64 -42.26 62.77
C VAL KA 48 73.49 -42.99 64.10
N GLY KA 49 73.80 -42.35 65.22
CA GLY KA 49 73.61 -43.00 66.50
C GLY KA 49 74.82 -43.73 67.02
N ALA KA 50 75.95 -43.04 67.12
CA ALA KA 50 77.16 -43.61 67.66
C ALA KA 50 77.31 -43.22 69.13
N GLY KA 51 77.96 -44.10 69.89
CA GLY KA 51 78.17 -43.86 71.30
C GLY KA 51 79.62 -44.00 71.68
N MET KA 52 79.91 -44.17 72.96
CA MET KA 52 81.30 -44.21 73.40
C MET KA 52 82.00 -45.46 72.87
N HIS KA 53 83.31 -45.32 72.63
CA HIS KA 53 84.22 -46.40 72.28
C HIS KA 53 84.00 -46.96 70.88
N ASP KA 54 83.10 -46.39 70.11
CA ASP KA 54 82.77 -46.92 68.80
C ASP KA 54 83.67 -46.29 67.74
N ILE KA 55 84.15 -47.11 66.81
CA ILE KA 55 84.96 -46.61 65.71
C ILE KA 55 84.04 -46.13 64.61
N VAL KA 56 84.14 -44.85 64.27
CA VAL KA 56 83.21 -44.23 63.33
C VAL KA 56 83.98 -43.64 62.16
N LEU KA 57 83.25 -43.02 61.23
CA LEU KA 57 83.80 -42.50 59.99
C LEU KA 57 83.36 -41.05 59.89
N ALA KA 58 84.20 -40.14 60.37
CA ALA KA 58 83.82 -38.74 60.49
C ALA KA 58 84.13 -38.00 59.19
N GLU KA 59 83.15 -37.27 58.70
CA GLU KA 59 83.26 -36.56 57.43
C GLU KA 59 83.47 -35.07 57.67
N GLU KA 60 84.12 -34.43 56.71
CA GLU KA 60 84.47 -33.02 56.82
C GLU KA 60 83.28 -32.16 56.42
N TYR KA 61 83.55 -30.89 56.10
CA TYR KA 61 82.59 -29.79 56.22
C TYR KA 61 81.16 -30.12 55.86
N PHE KA 62 80.87 -30.47 54.62
CA PHE KA 62 79.50 -30.42 54.12
C PHE KA 62 78.83 -31.78 54.26
N ALA KA 63 77.89 -31.87 55.21
CA ALA KA 63 77.02 -33.04 55.33
C ALA KA 63 75.59 -32.64 55.67
N LEU KA 64 75.21 -31.38 55.44
CA LEU KA 64 73.84 -30.88 55.67
C LEU KA 64 73.41 -31.09 57.13
N ASN KA 65 74.13 -30.41 58.03
CA ASN KA 65 73.86 -30.55 59.46
C ASN KA 65 74.00 -29.23 60.19
N TYR KA 69 74.47 -25.39 55.39
CA TYR KA 69 74.80 -26.26 56.52
C TYR KA 69 76.10 -27.01 56.25
N LYS KA 70 77.10 -26.78 57.10
CA LYS KA 70 78.41 -27.36 56.87
C LYS KA 70 79.05 -27.91 58.14
N ALA KA 71 78.29 -28.51 59.04
CA ALA KA 71 78.88 -29.05 60.26
C ALA KA 71 79.55 -30.39 59.99
N MET KA 72 80.62 -30.64 60.73
CA MET KA 72 81.38 -31.88 60.62
C MET KA 72 80.60 -32.96 61.35
N SER KA 73 80.15 -33.98 60.63
CA SER KA 73 79.29 -35.00 61.20
C SER KA 73 79.87 -36.39 61.01
N VAL KA 74 79.29 -37.34 61.73
CA VAL KA 74 79.61 -38.76 61.62
C VAL KA 74 78.62 -39.38 60.64
N VAL KA 75 79.14 -40.16 59.69
CA VAL KA 75 78.31 -40.66 58.59
C VAL KA 75 78.30 -42.17 58.49
N ALA KA 76 79.04 -42.88 59.33
CA ALA KA 76 79.08 -44.33 59.24
C ALA KA 76 79.69 -44.91 60.50
N ILE KA 77 79.16 -46.05 60.93
CA ILE KA 77 79.74 -46.83 62.01
C ILE KA 77 80.43 -48.04 61.39
N VAL KA 78 81.68 -48.23 61.73
CA VAL KA 78 82.55 -49.15 61.01
C VAL KA 78 82.54 -50.52 61.69
N GLU KA 79 82.29 -51.56 60.89
CA GLU KA 79 82.31 -52.94 61.37
C GLU KA 79 83.71 -53.54 61.32
N LYS KA 80 84.32 -53.56 60.14
CA LYS KA 80 85.61 -54.18 59.92
C LYS KA 80 86.53 -53.23 59.17
N VAL KA 81 87.80 -53.19 59.58
CA VAL KA 81 88.83 -52.43 58.91
C VAL KA 81 89.90 -53.43 58.48
N PHE KA 82 89.80 -53.91 57.25
CA PHE KA 82 90.81 -54.82 56.71
C PHE KA 82 91.96 -53.99 56.14
N ARG KA 83 93.17 -54.24 56.62
CA ARG KA 83 94.30 -53.38 56.30
C ARG KA 83 95.57 -54.24 56.25
N ASP KA 84 96.15 -54.36 55.07
CA ASP KA 84 97.45 -55.01 54.93
C ASP KA 84 98.07 -54.65 53.58
N GLU LA 3 39.99 -32.50 105.94
CA GLU LA 3 40.51 -31.55 104.97
C GLU LA 3 39.85 -31.74 103.62
N ALA LA 4 39.94 -30.74 102.75
CA ALA LA 4 39.29 -30.81 101.46
C ALA LA 4 40.01 -31.80 100.55
N LEU LA 5 39.57 -31.87 99.30
CA LEU LA 5 40.11 -32.83 98.36
C LEU LA 5 40.03 -32.24 96.96
N GLY LA 6 41.12 -32.32 96.22
CA GLY LA 6 41.19 -31.74 94.88
C GLY LA 6 41.63 -32.76 93.86
N LEU LA 7 41.02 -32.68 92.68
CA LEU LA 7 41.20 -33.71 91.66
C LEU LA 7 41.38 -33.07 90.30
N ILE LA 8 42.39 -33.51 89.56
CA ILE LA 8 42.57 -33.15 88.16
C ILE LA 8 42.73 -34.43 87.37
N GLU LA 9 42.18 -34.45 86.16
CA GLU LA 9 42.25 -35.61 85.28
C GLU LA 9 42.71 -35.17 83.90
N THR LA 10 43.71 -35.86 83.37
CA THR LA 10 44.31 -35.48 82.11
C THR LA 10 44.48 -36.71 81.22
N LYS LA 11 44.68 -36.45 79.94
CA LYS LA 11 45.05 -37.49 79.00
C LYS LA 11 46.57 -37.55 78.90
N GLY LA 12 47.15 -38.68 79.26
CA GLY LA 12 48.58 -38.80 79.22
C GLY LA 12 49.21 -38.55 80.58
N LEU LA 13 50.40 -39.09 80.77
CA LEU LA 13 51.05 -38.96 82.07
C LEU LA 13 51.84 -37.67 82.20
N VAL LA 14 52.41 -37.18 81.10
CA VAL LA 14 53.24 -35.97 81.18
C VAL LA 14 52.40 -34.80 81.63
N ALA LA 15 51.22 -34.62 81.04
CA ALA LA 15 50.37 -33.50 81.41
C ALA LA 15 49.97 -33.56 82.86
N CYS LA 16 49.97 -34.76 83.46
CA CYS LA 16 49.55 -34.89 84.85
C CYS LA 16 50.69 -34.58 85.81
N ILE LA 17 51.93 -34.92 85.45
CA ILE LA 17 53.05 -34.59 86.32
C ILE LA 17 53.29 -33.09 86.34
N GLU LA 18 53.11 -32.43 85.21
CA GLU LA 18 53.15 -30.98 85.19
C GLU LA 18 52.07 -30.40 86.08
N ALA LA 19 50.84 -30.91 85.95
CA ALA LA 19 49.74 -30.42 86.79
C ALA LA 19 50.01 -30.64 88.26
N ALA LA 20 50.51 -31.82 88.62
CA ALA LA 20 50.75 -32.12 90.02
C ALA LA 20 51.90 -31.32 90.59
N ASP LA 21 52.85 -30.91 89.74
CA ASP LA 21 53.95 -30.08 90.24
C ASP LA 21 53.47 -28.66 90.50
N ALA LA 22 52.68 -28.10 89.59
CA ALA LA 22 52.15 -26.77 89.78
C ALA LA 22 51.27 -26.71 91.03
N MET LA 23 50.45 -27.73 91.25
CA MET LA 23 49.60 -27.75 92.43
C MET LA 23 50.43 -27.70 93.71
N CYS LA 24 51.50 -28.47 93.78
CA CYS LA 24 52.28 -28.53 95.01
C CYS LA 24 53.02 -27.23 95.27
N LYS LA 25 53.38 -26.49 94.23
CA LYS LA 25 54.11 -25.25 94.40
C LYS LA 25 53.21 -24.07 94.73
N ALA LA 26 51.98 -24.08 94.22
CA ALA LA 26 51.11 -22.92 94.26
C ALA LA 26 50.41 -22.71 95.59
N ALA LA 27 50.38 -23.69 96.47
CA ALA LA 27 49.69 -23.54 97.74
C ALA LA 27 50.14 -24.65 98.68
N ASN LA 28 49.73 -24.53 99.94
CA ASN LA 28 50.12 -25.50 100.95
C ASN LA 28 49.17 -26.70 100.92
N VAL LA 29 49.41 -27.58 99.95
CA VAL LA 29 48.64 -28.81 99.80
C VAL LA 29 49.62 -29.97 99.69
N GLU LA 30 49.15 -31.15 100.04
CA GLU LA 30 49.95 -32.37 100.03
C GLU LA 30 49.43 -33.33 98.98
N LEU LA 31 50.34 -34.00 98.29
CA LEU LA 31 49.98 -34.88 97.19
C LEU LA 31 49.65 -36.27 97.72
N ILE LA 32 48.45 -36.74 97.40
CA ILE LA 32 48.03 -38.06 97.87
C ILE LA 32 48.61 -39.16 96.99
N GLY LA 33 48.37 -39.09 95.69
CA GLY LA 33 48.94 -40.05 94.77
C GLY LA 33 48.30 -39.94 93.42
N TYR LA 34 48.80 -40.79 92.52
CA TYR LA 34 48.26 -40.91 91.17
C TYR LA 34 47.40 -42.15 91.07
N GLU LA 35 46.53 -42.16 90.06
CA GLU LA 35 45.67 -43.32 89.82
C GLU LA 35 45.17 -43.25 88.39
N ASN LA 36 45.70 -44.12 87.53
CA ASN LA 36 45.27 -44.17 86.14
C ASN LA 36 44.30 -45.32 85.94
N VAL LA 37 43.19 -45.05 85.26
CA VAL LA 37 42.12 -46.02 85.05
C VAL LA 37 41.99 -46.23 83.55
N GLY LA 38 42.74 -47.19 83.03
CA GLY LA 38 42.54 -47.54 81.64
C GLY LA 38 42.97 -46.46 80.68
N SER LA 39 42.10 -46.16 79.72
CA SER LA 39 42.54 -45.53 78.48
C SER LA 39 43.08 -44.13 78.70
N GLY LA 40 44.41 -44.03 78.74
CA GLY LA 40 45.14 -42.78 78.84
C GLY LA 40 44.58 -41.73 79.76
N LEU LA 41 44.08 -42.13 80.92
CA LEU LA 41 43.49 -41.19 81.88
C LEU LA 41 44.21 -41.34 83.21
N VAL LA 42 44.96 -40.33 83.60
CA VAL LA 42 45.65 -40.30 84.89
C VAL LA 42 45.04 -39.19 85.72
N THR LA 43 44.98 -39.41 87.03
CA THR LA 43 44.35 -38.48 87.96
C THR LA 43 45.26 -38.28 89.16
N ALA LA 44 45.46 -37.02 89.54
CA ALA LA 44 46.23 -36.66 90.73
C ALA LA 44 45.30 -36.11 91.79
N MET LA 45 45.58 -36.42 93.05
CA MET LA 45 44.74 -36.04 94.16
C MET LA 45 45.56 -35.31 95.20
N VAL LA 46 45.09 -34.12 95.61
CA VAL LA 46 45.73 -33.33 96.65
C VAL LA 46 44.72 -33.07 97.76
N LYS LA 47 45.24 -32.78 98.95
CA LYS LA 47 44.38 -32.49 100.09
C LYS LA 47 44.98 -31.37 100.93
N GLY LA 48 44.10 -30.62 101.57
CA GLY LA 48 44.50 -29.46 102.36
C GLY LA 48 43.28 -28.65 102.71
N ASP LA 49 43.52 -27.45 103.24
CA ASP LA 49 42.41 -26.58 103.59
C ASP LA 49 41.65 -26.15 102.34
N VAL LA 50 40.44 -25.65 102.55
CA VAL LA 50 39.54 -25.41 101.42
C VAL LA 50 40.02 -24.24 100.59
N GLY LA 51 40.54 -23.19 101.22
CA GLY LA 51 41.05 -22.07 100.46
C GLY LA 51 42.36 -22.39 99.75
N ALA LA 52 43.20 -23.22 100.37
CA ALA LA 52 44.42 -23.65 99.72
C ALA LA 52 44.13 -24.59 98.56
N VAL LA 53 43.31 -25.61 98.79
CA VAL LA 53 43.04 -26.60 97.76
C VAL LA 53 42.35 -25.94 96.56
N ASN LA 54 41.49 -24.98 96.82
CA ASN LA 54 40.84 -24.27 95.73
C ASN LA 54 41.86 -23.48 94.91
N ALA LA 55 42.90 -22.98 95.58
CA ALA LA 55 43.93 -22.20 94.91
C ALA LA 55 44.93 -23.09 94.18
N ALA LA 56 45.06 -24.34 94.61
CA ALA LA 56 45.98 -25.24 93.94
C ALA LA 56 45.38 -25.80 92.66
N VAL LA 57 44.07 -26.03 92.65
CA VAL LA 57 43.46 -26.72 91.51
C VAL LA 57 43.38 -25.79 90.30
N ASP LA 58 43.08 -24.51 90.51
CA ASP LA 58 42.98 -23.62 89.35
C ASP LA 58 44.35 -23.30 88.77
N SER LA 59 45.41 -23.40 89.56
CA SER LA 59 46.75 -23.25 89.01
C SER LA 59 47.19 -24.51 88.30
N GLY LA 60 46.90 -25.67 88.88
CA GLY LA 60 47.27 -26.92 88.24
C GLY LA 60 46.54 -27.16 86.93
N VAL LA 61 45.29 -26.74 86.84
CA VAL LA 61 44.57 -26.85 85.58
C VAL LA 61 45.17 -25.91 84.55
N GLU LA 62 45.63 -24.75 84.99
CA GLU LA 62 46.21 -23.77 84.09
C GLU LA 62 47.49 -24.28 83.44
N ALA LA 63 48.29 -25.04 84.19
CA ALA LA 63 49.56 -25.54 83.69
C ALA LA 63 49.37 -26.71 82.76
N ALA LA 64 48.57 -27.70 83.15
CA ALA LA 64 48.39 -28.88 82.33
C ALA LA 64 47.62 -28.57 81.06
N LYS LA 65 46.74 -27.58 81.10
CA LYS LA 65 46.03 -27.15 79.90
C LYS LA 65 46.99 -26.58 78.86
N ARG LA 66 48.19 -26.21 79.28
CA ARG LA 66 49.15 -25.59 78.37
C ARG LA 66 49.73 -26.61 77.40
N ILE LA 67 50.03 -27.81 77.89
CA ILE LA 67 50.74 -28.81 77.09
C ILE LA 67 49.90 -30.04 76.81
N GLY LA 68 48.75 -30.19 77.44
CA GLY LA 68 47.94 -31.37 77.22
C GLY LA 68 46.46 -31.09 77.33
N LYS LA 69 45.68 -32.14 77.55
CA LYS LA 69 44.24 -32.01 77.69
C LYS LA 69 43.86 -32.26 79.15
N VAL LA 70 43.23 -31.27 79.77
CA VAL LA 70 42.63 -31.44 81.08
C VAL LA 70 41.18 -31.85 80.87
N VAL LA 71 40.84 -33.03 81.36
CA VAL LA 71 39.51 -33.58 81.14
C VAL LA 71 38.51 -33.05 82.17
N SER LA 72 38.88 -33.06 83.44
CA SER LA 72 37.97 -32.63 84.48
C SER LA 72 38.76 -32.19 85.70
N SER LA 73 38.16 -31.31 86.49
CA SER LA 73 38.71 -30.89 87.76
C SER LA 73 37.57 -30.68 88.73
N ARG LA 74 37.86 -30.83 90.03
CA ARG LA 74 36.80 -30.79 91.01
C ARG LA 74 37.40 -30.66 92.40
N VAL LA 75 36.76 -29.85 93.24
CA VAL LA 75 37.12 -29.71 94.65
C VAL LA 75 35.96 -30.19 95.48
N ILE LA 76 36.25 -30.99 96.50
CA ILE LA 76 35.25 -31.49 97.43
C ILE LA 76 35.54 -30.86 98.79
N ALA LA 77 34.64 -30.00 99.25
CA ALA LA 77 34.94 -29.18 100.42
C ALA LA 77 34.99 -30.01 101.70
N ARG LA 78 34.14 -31.03 101.81
CA ARG LA 78 34.18 -31.95 102.94
C ARG LA 78 33.90 -33.35 102.42
N PRO LA 79 34.93 -34.15 102.18
CA PRO LA 79 34.70 -35.51 101.71
C PRO LA 79 34.13 -36.36 102.82
N HIS LA 80 33.16 -37.19 102.47
CA HIS LA 80 32.54 -38.06 103.45
C HIS LA 80 33.55 -39.06 104.00
N ASN LA 81 33.37 -39.41 105.27
CA ASN LA 81 34.34 -40.25 105.96
C ASN LA 81 34.55 -41.57 105.23
N ASP LA 82 33.47 -42.14 104.69
CA ASP LA 82 33.58 -43.42 103.97
C ASP LA 82 34.56 -43.32 102.82
N ILE LA 83 34.58 -42.19 102.13
CA ILE LA 83 35.43 -42.02 100.97
C ILE LA 83 36.85 -41.70 101.39
N GLU MA 3 67.72 -33.20 91.55
CA GLU MA 3 68.17 -33.06 90.17
C GLU MA 3 66.99 -32.91 89.24
N ALA MA 4 67.23 -32.35 88.06
CA ALA MA 4 66.15 -32.07 87.11
C ALA MA 4 65.50 -33.36 86.63
N LEU MA 5 64.48 -33.25 85.79
CA LEU MA 5 63.70 -34.40 85.39
C LEU MA 5 63.09 -34.15 84.03
N GLY MA 6 63.30 -35.05 83.09
CA GLY MA 6 62.80 -34.88 81.74
C GLY MA 6 61.90 -36.02 81.34
N LEU MA 7 60.89 -35.70 80.53
CA LEU MA 7 59.89 -36.67 80.11
C LEU MA 7 59.64 -36.56 78.61
N ILE MA 8 59.58 -37.70 77.96
CA ILE MA 8 59.10 -37.79 76.58
C ILE MA 8 57.97 -38.81 76.55
N GLU MA 9 56.89 -38.47 75.86
CA GLU MA 9 55.74 -39.35 75.74
C GLU MA 9 55.48 -39.65 74.28
N THR MA 10 55.45 -40.94 73.94
CA THR MA 10 55.35 -41.37 72.56
C THR MA 10 54.24 -42.39 72.41
N LYS MA 11 53.75 -42.52 71.18
CA LYS MA 11 52.71 -43.49 70.85
C LYS MA 11 53.40 -44.76 70.34
N GLY MA 12 53.37 -45.81 71.13
CA GLY MA 12 54.04 -47.03 70.78
C GLY MA 12 55.37 -47.17 71.50
N LEU MA 13 55.78 -48.42 71.70
CA LEU MA 13 57.00 -48.66 72.47
C LEU MA 13 58.27 -48.48 71.64
N VAL MA 14 58.22 -48.79 70.35
CA VAL MA 14 59.43 -48.71 69.53
C VAL MA 14 59.93 -47.27 69.48
N ALA MA 15 59.03 -46.31 69.26
CA ALA MA 15 59.43 -44.92 69.23
C ALA MA 15 59.99 -44.45 70.56
N CYS MA 16 59.68 -45.16 71.65
CA CYS MA 16 60.17 -44.75 72.95
C CYS MA 16 61.57 -45.29 73.24
N ILE MA 17 61.93 -46.43 72.64
CA ILE MA 17 63.29 -46.93 72.82
C ILE MA 17 64.27 -46.16 71.94
N GLU MA 18 63.84 -45.70 70.77
CA GLU MA 18 64.67 -44.80 70.00
C GLU MA 18 64.87 -43.48 70.73
N ALA MA 19 63.80 -42.95 71.33
CA ALA MA 19 63.92 -41.72 72.11
C ALA MA 19 64.85 -41.90 73.30
N ALA MA 20 64.71 -43.02 74.01
CA ALA MA 20 65.55 -43.23 75.18
C ALA MA 20 66.99 -43.52 74.81
N ASP MA 21 67.24 -44.05 73.61
CA ASP MA 21 68.61 -44.28 73.20
C ASP MA 21 69.29 -42.97 72.83
N ALA MA 22 68.58 -42.08 72.15
CA ALA MA 22 69.16 -40.78 71.83
C ALA MA 22 69.39 -39.96 73.08
N MET MA 23 68.48 -40.06 74.06
CA MET MA 23 68.65 -39.34 75.30
C MET MA 23 69.90 -39.78 76.05
N CYS MA 24 70.11 -41.09 76.14
CA CYS MA 24 71.19 -41.60 76.96
C CYS MA 24 72.56 -41.39 76.33
N LYS MA 25 72.62 -41.17 75.03
CA LYS MA 25 73.88 -40.90 74.36
C LYS MA 25 74.22 -39.42 74.30
N ALA MA 26 73.22 -38.56 74.44
CA ALA MA 26 73.41 -37.13 74.23
C ALA MA 26 74.07 -36.44 75.41
N ALA MA 27 73.92 -36.96 76.62
CA ALA MA 27 74.49 -36.33 77.79
C ALA MA 27 74.60 -37.35 78.90
N ASN MA 28 75.05 -36.90 80.07
CA ASN MA 28 75.30 -37.77 81.20
C ASN MA 28 74.10 -37.77 82.13
N VAL MA 29 73.04 -38.46 81.69
CA VAL MA 29 71.82 -38.61 82.46
C VAL MA 29 71.60 -40.09 82.72
N GLU MA 30 70.97 -40.40 83.85
CA GLU MA 30 70.61 -41.76 84.18
C GLU MA 30 69.13 -41.98 83.87
N LEU MA 31 68.83 -43.10 83.24
CA LEU MA 31 67.48 -43.41 82.79
C LEU MA 31 66.73 -44.13 83.89
N ILE MA 32 65.55 -43.62 84.22
CA ILE MA 32 64.79 -44.14 85.35
C ILE MA 32 63.95 -45.35 84.95
N GLY MA 33 63.14 -45.23 83.92
CA GLY MA 33 62.37 -46.36 83.45
C GLY MA 33 61.13 -45.91 82.72
N TYR MA 34 60.49 -46.87 82.07
CA TYR MA 34 59.29 -46.61 81.28
C TYR MA 34 58.04 -46.70 82.16
N GLU MA 35 56.94 -46.20 81.61
CA GLU MA 35 55.65 -46.27 82.30
C GLU MA 35 54.57 -46.06 81.24
N ASN MA 36 53.80 -47.09 80.96
CA ASN MA 36 52.73 -46.98 79.98
C ASN MA 36 51.38 -46.93 80.70
N VAL MA 37 50.52 -46.03 80.26
CA VAL MA 37 49.26 -45.74 80.92
C VAL MA 37 48.08 -46.20 80.10
N GLY MA 38 48.31 -46.97 79.05
CA GLY MA 38 47.23 -47.43 78.19
C GLY MA 38 46.98 -46.50 77.03
N SER MA 39 46.23 -47.00 76.07
CA SER MA 39 45.93 -46.33 74.81
C SER MA 39 47.16 -46.17 73.92
N GLY MA 40 48.22 -46.91 74.19
CA GLY MA 40 49.42 -46.87 73.39
C GLY MA 40 50.42 -45.81 73.79
N LEU MA 41 50.20 -45.12 74.91
CA LEU MA 41 51.08 -44.05 75.33
C LEU MA 41 52.15 -44.61 76.26
N VAL MA 42 53.42 -44.43 75.89
CA VAL MA 42 54.55 -44.87 76.69
C VAL MA 42 55.42 -43.65 76.98
N THR MA 43 55.98 -43.60 78.19
CA THR MA 43 56.72 -42.46 78.66
C THR MA 43 58.07 -42.91 79.21
N ALA MA 44 59.13 -42.21 78.80
CA ALA MA 44 60.47 -42.44 79.32
C ALA MA 44 60.87 -41.27 80.20
N MET MA 45 61.60 -41.55 81.28
CA MET MA 45 61.93 -40.55 82.29
C MET MA 45 63.41 -40.63 82.59
N VAL MA 46 64.11 -39.50 82.48
CA VAL MA 46 65.53 -39.39 82.81
C VAL MA 46 65.70 -38.37 83.91
N LYS MA 47 66.87 -38.36 84.53
CA LYS MA 47 67.15 -37.40 85.58
C LYS MA 47 68.63 -37.12 85.64
N GLY MA 48 68.96 -35.86 85.92
CA GLY MA 48 70.33 -35.42 85.98
C GLY MA 48 70.37 -33.92 86.13
N ASP MA 49 71.55 -33.35 85.92
CA ASP MA 49 71.68 -31.90 85.98
C ASP MA 49 70.86 -31.25 84.87
N VAL MA 50 70.47 -30.00 85.10
CA VAL MA 50 69.49 -29.36 84.21
C VAL MA 50 70.08 -28.96 82.87
N GLY MA 51 71.40 -28.80 82.78
CA GLY MA 51 72.00 -28.57 81.49
C GLY MA 51 72.09 -29.85 80.66
N ALA MA 52 72.29 -30.98 81.33
CA ALA MA 52 72.31 -32.26 80.64
C ALA MA 52 70.92 -32.71 80.26
N VAL MA 53 69.97 -32.60 81.18
CA VAL MA 53 68.61 -33.05 80.93
C VAL MA 53 67.98 -32.23 79.81
N ASN MA 54 68.29 -30.93 79.77
CA ASN MA 54 67.76 -30.10 78.69
C ASN MA 54 68.31 -30.54 77.34
N ALA MA 55 69.59 -30.94 77.30
CA ALA MA 55 70.19 -31.36 76.04
C ALA MA 55 69.66 -32.72 75.61
N ALA MA 56 69.42 -33.61 76.57
CA ALA MA 56 68.95 -34.95 76.24
C ALA MA 56 67.54 -34.94 75.69
N VAL MA 57 66.64 -34.18 76.32
CA VAL MA 57 65.24 -34.20 75.90
C VAL MA 57 65.10 -33.60 74.51
N ASP MA 58 65.89 -32.58 74.18
CA ASP MA 58 65.83 -32.00 72.85
C ASP MA 58 66.30 -32.99 71.79
N SER MA 59 67.32 -33.79 72.12
CA SER MA 59 67.82 -34.76 71.17
C SER MA 59 66.87 -35.94 71.05
N GLY MA 60 66.35 -36.42 72.17
CA GLY MA 60 65.43 -37.53 72.14
C GLY MA 60 64.15 -37.23 71.39
N VAL MA 61 63.69 -35.98 71.45
CA VAL MA 61 62.46 -35.62 70.75
C VAL MA 61 62.67 -35.68 69.25
N GLU MA 62 63.81 -35.18 68.77
CA GLU MA 62 64.04 -35.15 67.33
C GLU MA 62 64.25 -36.54 66.75
N ALA MA 63 64.84 -37.45 67.52
CA ALA MA 63 65.06 -38.80 67.02
C ALA MA 63 63.76 -39.60 66.98
N ALA MA 64 62.97 -39.54 68.04
CA ALA MA 64 61.69 -40.24 68.05
C ALA MA 64 60.71 -39.64 67.05
N LYS MA 65 60.77 -38.32 66.85
CA LYS MA 65 59.93 -37.68 65.86
C LYS MA 65 60.16 -38.23 64.46
N ARG MA 66 61.36 -38.74 64.21
CA ARG MA 66 61.73 -39.19 62.87
C ARG MA 66 61.02 -40.48 62.50
N ILE MA 67 60.74 -41.36 63.46
CA ILE MA 67 60.25 -42.69 63.19
C ILE MA 67 58.91 -42.98 63.86
N GLY MA 68 58.34 -42.03 64.57
CA GLY MA 68 57.08 -42.24 65.22
C GLY MA 68 56.42 -40.93 65.55
N LYS MA 69 55.45 -40.99 66.45
CA LYS MA 69 54.74 -39.81 66.91
C LYS MA 69 55.18 -39.49 68.32
N VAL MA 70 55.67 -38.27 68.52
CA VAL MA 70 55.97 -37.76 69.85
C VAL MA 70 54.76 -36.97 70.31
N VAL MA 71 54.17 -37.36 71.43
CA VAL MA 71 52.96 -36.72 71.90
C VAL MA 71 53.28 -35.47 72.71
N SER MA 72 54.27 -35.55 73.60
CA SER MA 72 54.58 -34.45 74.48
C SER MA 72 55.98 -34.64 75.06
N SER MA 73 56.57 -33.53 75.48
CA SER MA 73 57.87 -33.54 76.13
C SER MA 73 57.89 -32.41 77.16
N ARG MA 74 58.79 -32.54 78.14
CA ARG MA 74 58.77 -31.61 79.24
C ARG MA 74 60.03 -31.77 80.07
N VAL MA 75 60.60 -30.65 80.51
CA VAL MA 75 61.69 -30.64 81.47
C VAL MA 75 61.21 -29.94 82.73
N ILE MA 76 61.48 -30.52 83.88
CA ILE MA 76 61.15 -29.95 85.16
C ILE MA 76 62.46 -29.66 85.88
N ALA MA 77 62.79 -28.38 86.02
CA ALA MA 77 64.11 -28.01 86.49
C ALA MA 77 64.28 -28.28 87.98
N ARG MA 78 63.37 -27.77 88.81
CA ARG MA 78 63.39 -28.07 90.24
C ARG MA 78 62.12 -28.80 90.59
N PRO MA 79 62.13 -30.13 90.59
CA PRO MA 79 60.93 -30.89 90.95
C PRO MA 79 60.70 -30.87 92.45
N HIS MA 80 59.43 -30.82 92.83
CA HIS MA 80 59.07 -30.79 94.23
C HIS MA 80 59.40 -32.13 94.89
N ASN MA 81 59.66 -32.09 96.20
CA ASN MA 81 60.06 -33.29 96.91
C ASN MA 81 58.91 -34.28 97.04
N ASP MA 82 57.67 -33.79 97.01
CA ASP MA 82 56.53 -34.69 97.01
C ASP MA 82 56.45 -35.48 95.71
N ILE MA 83 56.99 -34.92 94.63
CA ILE MA 83 56.98 -35.59 93.35
C ILE MA 83 58.16 -36.56 93.27
N GLU NA 3 78.35 -15.92 87.23
CA GLU NA 3 77.26 -16.78 86.77
C GLU NA 3 76.36 -16.03 85.81
N ALA NA 4 75.42 -16.75 85.21
CA ALA NA 4 74.59 -16.16 84.17
C ALA NA 4 73.66 -15.10 84.74
N LEU NA 5 72.94 -14.43 83.85
CA LEU NA 5 72.10 -13.31 84.22
C LEU NA 5 70.85 -13.31 83.37
N GLY NA 6 69.68 -13.29 84.01
CA GLY NA 6 68.44 -13.28 83.29
C GLY NA 6 67.57 -12.07 83.60
N LEU NA 7 66.99 -11.47 82.58
CA LEU NA 7 66.25 -10.22 82.71
C LEU NA 7 64.88 -10.35 82.08
N ILE NA 8 63.86 -9.86 82.78
CA ILE NA 8 62.51 -9.71 82.22
C ILE NA 8 62.07 -8.29 82.47
N GLU NA 9 61.39 -7.70 81.49
CA GLU NA 9 60.93 -6.32 81.59
C GLU NA 9 59.45 -6.26 81.24
N THR NA 10 58.67 -5.62 82.09
CA THR NA 10 57.23 -5.59 81.98
C THR NA 10 56.73 -4.17 82.18
N LYS NA 11 55.48 -3.94 81.78
CA LYS NA 11 54.78 -2.71 82.08
C LYS NA 11 54.00 -2.89 83.37
N GLY NA 12 54.35 -2.12 84.38
CA GLY NA 12 53.61 -2.24 85.64
C GLY NA 12 54.26 -3.21 86.60
N LEU NA 13 53.98 -3.01 87.88
CA LEU NA 13 54.65 -3.79 88.91
C LEU NA 13 53.99 -5.15 89.14
N VAL NA 14 52.69 -5.27 88.89
CA VAL NA 14 52.02 -6.53 89.18
C VAL NA 14 52.53 -7.64 88.26
N ALA NA 15 52.68 -7.34 86.96
CA ALA NA 15 53.20 -8.36 86.06
C ALA NA 15 54.64 -8.72 86.37
N CYS NA 16 55.36 -7.88 87.09
CA CYS NA 16 56.75 -8.20 87.41
C CYS NA 16 56.86 -8.99 88.71
N ILE NA 17 55.88 -8.89 89.60
CA ILE NA 17 55.90 -9.74 90.78
C ILE NA 17 55.45 -11.14 90.41
N GLU NA 18 54.58 -11.28 89.41
CA GLU NA 18 54.22 -12.60 88.95
C GLU NA 18 55.36 -13.26 88.18
N ALA NA 19 56.10 -12.47 87.40
CA ALA NA 19 57.27 -13.01 86.71
C ALA NA 19 58.35 -13.39 87.72
N ALA NA 20 58.57 -12.57 88.74
CA ALA NA 20 59.61 -12.87 89.70
C ALA NA 20 59.24 -14.07 90.55
N ASP NA 21 57.96 -14.26 90.82
CA ASP NA 21 57.54 -15.41 91.62
C ASP NA 21 57.68 -16.70 90.84
N ALA NA 22 57.29 -16.70 89.57
CA ALA NA 22 57.41 -17.89 88.75
C ALA NA 22 58.85 -18.28 88.52
N MET NA 23 59.73 -17.28 88.35
CA MET NA 23 61.14 -17.57 88.12
C MET NA 23 61.76 -18.27 89.33
N CYS NA 24 61.52 -17.74 90.53
CA CYS NA 24 62.15 -18.32 91.71
C CYS NA 24 61.61 -19.69 92.04
N LYS NA 25 60.43 -20.04 91.55
CA LYS NA 25 59.85 -21.36 91.83
C LYS NA 25 60.39 -22.41 90.88
N ALA NA 26 60.65 -22.04 89.63
CA ALA NA 26 60.87 -22.99 88.56
C ALA NA 26 62.33 -23.33 88.31
N ALA NA 27 63.25 -22.88 89.17
CA ALA NA 27 64.65 -23.22 89.01
C ALA NA 27 65.40 -22.72 90.24
N ASN NA 28 66.65 -23.16 90.36
CA ASN NA 28 67.50 -22.76 91.48
C ASN NA 28 68.27 -21.51 91.08
N VAL NA 29 67.61 -20.37 91.23
CA VAL NA 29 68.18 -19.07 90.91
C VAL NA 29 68.04 -18.17 92.13
N GLU NA 30 68.77 -17.06 92.10
CA GLU NA 30 68.68 -16.06 93.15
C GLU NA 30 68.14 -14.76 92.56
N LEU NA 31 67.17 -14.17 93.23
CA LEU NA 31 66.61 -12.90 92.81
C LEU NA 31 67.48 -11.77 93.31
N ILE NA 32 67.93 -10.91 92.41
CA ILE NA 32 68.77 -9.79 92.76
C ILE NA 32 67.94 -8.58 93.17
N GLY NA 33 66.94 -8.23 92.38
CA GLY NA 33 66.05 -7.17 92.76
C GLY NA 33 65.33 -6.61 91.55
N TYR NA 34 64.50 -5.61 91.83
CA TYR NA 34 63.78 -4.87 90.80
C TYR NA 34 64.49 -3.54 90.54
N GLU NA 35 64.23 -2.97 89.37
CA GLU NA 35 64.83 -1.70 89.01
C GLU NA 35 63.96 -1.07 87.94
N ASN NA 36 63.17 -0.07 88.33
CA ASN NA 36 62.28 0.61 87.41
C ASN NA 36 62.90 1.90 86.91
N VAL NA 37 62.48 2.31 85.71
CA VAL NA 37 63.09 3.46 85.04
C VAL NA 37 62.02 4.44 84.59
N GLY NA 38 60.88 4.44 85.28
CA GLY NA 38 59.79 5.32 84.90
C GLY NA 38 59.08 4.85 83.64
N SER NA 39 57.97 5.49 83.31
CA SER NA 39 57.06 5.08 82.24
C SER NA 39 56.41 3.73 82.54
N GLY NA 40 56.50 3.24 83.76
CA GLY NA 40 55.89 1.99 84.12
C GLY NA 40 56.70 0.76 83.77
N LEU NA 41 57.90 0.92 83.23
CA LEU NA 41 58.75 -0.21 82.93
C LEU NA 41 59.46 -0.65 84.20
N VAL NA 42 59.28 -1.92 84.58
CA VAL NA 42 59.95 -2.51 85.72
C VAL NA 42 60.68 -3.74 85.24
N THR NA 43 61.84 -4.01 85.83
CA THR NA 43 62.72 -5.08 85.38
C THR NA 43 63.13 -5.95 86.56
N ALA NA 44 63.08 -7.27 86.38
CA ALA NA 44 63.52 -8.23 87.37
C ALA NA 44 64.82 -8.87 86.91
N MET NA 45 65.71 -9.14 87.86
CA MET NA 45 67.03 -9.68 87.55
C MET NA 45 67.27 -10.91 88.41
N VAL NA 46 67.48 -12.06 87.77
CA VAL NA 46 67.81 -13.29 88.47
C VAL NA 46 69.24 -13.67 88.11
N LYS NA 47 69.84 -14.53 88.94
CA LYS NA 47 71.23 -14.88 88.77
C LYS NA 47 71.46 -16.31 89.21
N GLY NA 48 72.09 -17.10 88.36
CA GLY NA 48 72.38 -18.48 88.68
C GLY NA 48 73.16 -19.13 87.57
N ASP NA 49 73.25 -20.45 87.62
CA ASP NA 49 73.91 -21.20 86.56
C ASP NA 49 73.16 -21.02 85.25
N VAL NA 50 73.84 -21.29 84.14
CA VAL NA 50 73.30 -20.96 82.84
C VAL NA 50 72.05 -21.78 82.53
N GLY NA 51 72.10 -23.08 82.85
CA GLY NA 51 70.95 -23.93 82.57
C GLY NA 51 69.74 -23.56 83.41
N ALA NA 52 69.97 -23.25 84.69
CA ALA NA 52 68.88 -22.83 85.55
C ALA NA 52 68.30 -21.50 85.09
N VAL NA 53 69.16 -20.50 84.93
CA VAL NA 53 68.71 -19.16 84.54
C VAL NA 53 67.95 -19.22 83.22
N ASN NA 54 68.41 -20.03 82.29
CA ASN NA 54 67.68 -20.21 81.04
C ASN NA 54 66.26 -20.65 81.33
N ALA NA 55 66.12 -21.76 82.05
CA ALA NA 55 64.79 -22.33 82.35
C ALA NA 55 63.92 -21.34 83.11
N ALA NA 56 64.49 -20.60 84.05
CA ALA NA 56 63.71 -19.66 84.83
C ALA NA 56 63.08 -18.59 83.94
N VAL NA 57 63.88 -17.98 83.06
CA VAL NA 57 63.37 -16.89 82.25
C VAL NA 57 62.25 -17.36 81.34
N ASP NA 58 62.32 -18.60 80.84
CA ASP NA 58 61.24 -19.10 80.00
C ASP NA 58 59.94 -19.22 80.79
N SER NA 59 60.03 -19.72 82.02
CA SER NA 59 58.82 -19.86 82.83
C SER NA 59 58.31 -18.51 83.29
N GLY NA 60 59.21 -17.60 83.64
CA GLY NA 60 58.79 -16.30 84.14
C GLY NA 60 58.09 -15.46 83.09
N VAL NA 61 58.54 -15.54 81.84
CA VAL NA 61 57.89 -14.80 80.77
C VAL NA 61 56.53 -15.41 80.48
N GLU NA 62 56.39 -16.70 80.66
CA GLU NA 62 55.14 -17.38 80.37
C GLU NA 62 54.06 -17.02 81.37
N ALA NA 63 54.43 -16.87 82.65
CA ALA NA 63 53.47 -16.47 83.67
C ALA NA 63 53.13 -14.99 83.56
N ALA NA 64 54.13 -14.14 83.33
CA ALA NA 64 53.89 -12.70 83.31
C ALA NA 64 53.09 -12.30 82.09
N LYS NA 65 53.41 -12.84 80.92
CA LYS NA 65 52.65 -12.54 79.71
C LYS NA 65 51.17 -12.88 79.86
N ARG NA 66 50.83 -13.69 80.85
CA ARG NA 66 49.48 -14.20 81.00
C ARG NA 66 48.54 -13.16 81.58
N ILE NA 67 49.06 -12.24 82.38
CA ILE NA 67 48.24 -11.21 83.01
C ILE NA 67 48.61 -9.80 82.57
N GLY NA 68 49.82 -9.56 82.09
CA GLY NA 68 50.25 -8.23 81.71
C GLY NA 68 51.07 -8.27 80.44
N LYS NA 69 51.96 -7.30 80.26
CA LYS NA 69 52.75 -7.20 79.03
C LYS NA 69 54.21 -7.40 79.36
N VAL NA 70 54.84 -8.36 78.69
CA VAL NA 70 56.27 -8.61 78.79
C VAL NA 70 56.95 -7.87 77.65
N VAL NA 71 57.78 -6.88 77.99
CA VAL NA 71 58.37 -6.03 76.97
C VAL NA 71 59.58 -6.71 76.34
N SER NA 72 60.45 -7.29 77.17
CA SER NA 72 61.63 -7.95 76.66
C SER NA 72 62.17 -8.93 77.68
N SER NA 73 62.90 -9.93 77.20
CA SER NA 73 63.59 -10.88 78.04
C SER NA 73 64.93 -11.20 77.41
N ARG NA 74 65.87 -11.65 78.23
CA ARG NA 74 67.24 -11.82 77.75
C ARG NA 74 68.03 -12.60 78.78
N VAL NA 75 68.90 -13.48 78.31
CA VAL NA 75 69.84 -14.21 79.16
C VAL NA 75 71.25 -13.90 78.68
N ILE NA 76 72.09 -13.44 79.60
CA ILE NA 76 73.51 -13.24 79.35
C ILE NA 76 74.23 -14.39 80.04
N ALA NA 77 74.88 -15.25 79.25
CA ALA NA 77 75.49 -16.45 79.81
C ALA NA 77 76.69 -16.10 80.68
N ARG NA 78 77.53 -15.17 80.25
CA ARG NA 78 78.70 -14.75 81.00
C ARG NA 78 78.81 -13.24 80.89
N PRO NA 79 78.31 -12.49 81.88
CA PRO NA 79 78.42 -11.04 81.81
C PRO NA 79 79.83 -10.58 82.13
N HIS NA 80 80.20 -9.45 81.52
CA HIS NA 80 81.47 -8.82 81.84
C HIS NA 80 81.47 -8.36 83.29
N ASN NA 81 82.65 -8.32 83.89
CA ASN NA 81 82.74 -7.90 85.29
C ASN NA 81 82.27 -6.47 85.47
N ASP NA 82 82.41 -5.63 84.44
CA ASP NA 82 81.91 -4.27 84.54
C ASP NA 82 80.40 -4.25 84.64
N ILE NA 83 79.72 -5.22 84.01
CA ILE NA 83 78.27 -5.25 84.09
C ILE NA 83 77.80 -5.56 85.51
N GLU NA 84 78.63 -6.22 86.32
CA GLU NA 84 78.26 -6.49 87.70
C GLU NA 84 78.71 -5.36 88.63
N LYS NA 85 78.43 -4.15 88.18
CA LYS NA 85 78.44 -2.95 89.01
C LYS NA 85 77.27 -2.05 88.67
N ILE NA 86 76.57 -2.33 87.57
CA ILE NA 86 75.36 -1.61 87.18
C ILE NA 86 74.12 -2.27 87.76
N ALA NA 87 74.07 -3.61 87.70
CA ALA NA 87 72.96 -4.33 88.31
C ALA NA 87 73.04 -4.24 89.83
N GLY NA 88 74.11 -4.77 90.41
CA GLY NA 88 74.30 -4.71 91.84
C GLY NA 88 74.99 -3.43 92.29
N MET OA 1 -85.51 -67.98 -8.51
CA MET OA 1 -86.48 -67.90 -7.43
C MET OA 1 -87.55 -68.97 -7.59
N ILE OA 2 -88.30 -69.21 -6.53
CA ILE OA 2 -89.44 -70.11 -6.57
C ILE OA 2 -90.57 -69.49 -5.76
N LEU OA 3 -91.80 -69.76 -6.19
CA LEU OA 3 -92.96 -69.39 -5.39
C LEU OA 3 -93.11 -70.35 -4.23
N ALA OA 4 -93.28 -69.81 -3.04
CA ALA OA 4 -93.39 -70.63 -1.85
C ALA OA 4 -94.29 -69.94 -0.84
N LYS OA 5 -94.67 -70.66 0.19
CA LYS OA 5 -95.56 -70.16 1.22
C LYS OA 5 -94.93 -70.41 2.58
N VAL OA 6 -94.94 -69.39 3.43
CA VAL OA 6 -94.38 -69.54 4.77
C VAL OA 6 -95.35 -70.39 5.60
N THR OA 7 -94.81 -71.47 6.19
CA THR OA 7 -95.63 -72.41 6.93
C THR OA 7 -95.19 -72.63 8.36
N GLY OA 8 -94.21 -71.89 8.85
CA GLY OA 8 -93.77 -72.07 10.22
C GLY OA 8 -92.50 -71.28 10.48
N HIS OA 9 -91.80 -71.66 11.53
CA HIS OA 9 -90.52 -71.04 11.84
C HIS OA 9 -89.69 -72.03 12.67
N VAL OA 10 -88.42 -71.73 12.80
CA VAL OA 10 -87.45 -72.59 13.48
C VAL OA 10 -86.73 -71.76 14.53
N VAL OA 11 -86.64 -72.29 15.75
CA VAL OA 11 -85.96 -71.63 16.86
C VAL OA 11 -84.68 -72.41 17.12
N ALA OA 12 -83.53 -71.79 16.81
CA ALA OA 12 -82.23 -72.42 16.98
C ALA OA 12 -81.37 -71.51 17.84
N THR OA 13 -80.86 -72.04 18.95
CA THR OA 13 -80.06 -71.28 19.88
C THR OA 13 -78.56 -71.42 19.62
N GLN OA 14 -78.09 -72.65 19.46
CA GLN OA 14 -76.69 -72.93 19.19
C GLN OA 14 -76.49 -72.91 17.68
N LYS OA 15 -75.91 -71.82 17.17
CA LYS OA 15 -75.74 -71.69 15.74
C LYS OA 15 -74.55 -70.79 15.46
N CYS OA 16 -74.19 -70.71 14.18
CA CYS OA 16 -73.03 -69.93 13.77
C CYS OA 16 -73.29 -68.45 13.98
N ASP OA 17 -72.29 -67.64 13.65
CA ASP OA 17 -72.37 -66.20 13.83
C ASP OA 17 -72.88 -65.48 12.59
N GLU OA 18 -72.76 -66.09 11.42
CA GLU OA 18 -73.32 -65.50 10.20
C GLU OA 18 -74.84 -65.46 10.23
N LEU OA 19 -75.47 -66.09 11.22
CA LEU OA 19 -76.92 -66.17 11.31
C LEU OA 19 -77.49 -65.46 12.52
N ARG OA 20 -76.68 -64.69 13.26
CA ARG OA 20 -77.17 -64.03 14.45
C ARG OA 20 -78.11 -62.89 14.08
N GLY OA 21 -79.27 -62.84 14.74
CA GLY OA 21 -80.20 -61.75 14.53
C GLY OA 21 -80.94 -61.83 13.22
N SER OA 22 -81.58 -62.96 12.94
CA SER OA 22 -82.34 -63.13 11.72
C SER OA 22 -83.40 -64.17 11.96
N ASN OA 23 -84.46 -64.12 11.15
CA ASN OA 23 -85.55 -65.06 11.26
C ASN OA 23 -85.21 -66.31 10.46
N LEU OA 24 -85.82 -67.43 10.83
CA LEU OA 24 -85.64 -68.69 10.11
C LEU OA 24 -87.01 -69.30 9.85
N LEU OA 25 -87.50 -69.15 8.63
CA LEU OA 25 -88.85 -69.56 8.28
C LEU OA 25 -88.85 -70.89 7.55
N LEU OA 26 -89.88 -71.68 7.76
CA LEU OA 26 -90.12 -72.86 6.95
C LEU OA 26 -90.86 -72.43 5.70
N ILE OA 27 -90.36 -72.88 4.54
CA ILE OA 27 -90.74 -72.36 3.25
C ILE OA 27 -91.16 -73.55 2.40
N THR OA 28 -92.43 -73.66 2.08
CA THR OA 28 -92.94 -74.81 1.33
C THR OA 28 -93.25 -74.40 -0.10
N ARG OA 29 -92.66 -75.12 -1.05
CA ARG OA 29 -92.91 -74.85 -2.45
C ARG OA 29 -94.33 -75.26 -2.82
N LEU OA 30 -95.02 -74.38 -3.53
CA LEU OA 30 -96.42 -74.61 -3.88
C LEU OA 30 -96.57 -74.81 -5.39
N ASP OA 31 -97.55 -75.63 -5.76
CA ASP OA 31 -97.71 -76.08 -7.14
C ASP OA 31 -98.52 -75.11 -7.99
N ASP OA 32 -98.91 -75.51 -9.20
CA ASP OA 32 -99.53 -74.60 -10.16
C ASP OA 32 -100.99 -74.29 -9.84
N LYS OA 33 -101.51 -74.76 -8.71
CA LYS OA 33 -102.81 -74.33 -8.21
C LYS OA 33 -102.68 -73.47 -6.98
N GLN OA 34 -101.48 -72.97 -6.70
CA GLN OA 34 -101.17 -72.24 -5.48
C GLN OA 34 -101.55 -73.07 -4.25
N GLN OA 35 -100.96 -74.26 -4.17
CA GLN OA 35 -101.23 -75.20 -3.10
C GLN OA 35 -99.92 -75.86 -2.71
N PRO OA 36 -99.58 -75.92 -1.43
CA PRO OA 36 -98.29 -76.49 -1.03
C PRO OA 36 -98.14 -77.95 -1.44
N MET OA 37 -96.91 -78.34 -1.71
CA MET OA 37 -96.58 -79.70 -2.12
C MET OA 37 -96.14 -80.51 -0.89
N LYS OA 38 -95.75 -81.75 -1.14
CA LYS OA 38 -95.33 -82.67 -0.09
C LYS OA 38 -93.82 -82.84 -0.15
N ASP OA 39 -93.16 -82.79 1.02
CA ASP OA 39 -91.72 -83.01 1.14
C ASP OA 39 -90.95 -81.99 0.30
N GLN OA 40 -91.31 -80.72 0.45
CA GLN OA 40 -90.68 -79.66 -0.33
C GLN OA 40 -90.40 -78.44 0.53
N THR OA 41 -89.89 -78.66 1.74
CA THR OA 41 -89.71 -77.60 2.71
C THR OA 41 -88.24 -77.27 2.90
N TRP OA 42 -87.92 -75.98 2.84
CA TRP OA 42 -86.58 -75.49 3.14
C TRP OA 42 -86.66 -74.48 4.26
N VAL OA 43 -85.50 -74.11 4.78
CA VAL OA 43 -85.40 -73.09 5.82
C VAL OA 43 -84.76 -71.86 5.21
N ALA OA 44 -85.44 -70.73 5.31
CA ALA OA 44 -85.01 -69.51 4.65
C ALA OA 44 -84.82 -68.40 5.66
N VAL OA 45 -83.76 -67.63 5.50
CA VAL OA 45 -83.50 -66.48 6.35
C VAL OA 45 -84.34 -65.32 5.84
N ASP OA 46 -85.38 -64.97 6.58
CA ASP OA 46 -86.24 -63.86 6.17
C ASP OA 46 -85.41 -62.59 6.00
N ASN OA 47 -85.79 -61.78 5.03
CA ASN OA 47 -85.05 -60.57 4.72
C ASN OA 47 -85.92 -59.35 4.52
N VAL OA 48 -87.23 -59.49 4.28
CA VAL OA 48 -88.11 -58.37 4.03
C VAL OA 48 -89.28 -58.30 5.00
N GLY OA 49 -89.38 -59.23 5.94
CA GLY OA 49 -90.44 -59.17 6.92
C GLY OA 49 -91.69 -59.94 6.53
N ALA OA 50 -91.53 -61.23 6.24
CA ALA OA 50 -92.65 -62.10 5.93
C ALA OA 50 -93.06 -62.87 7.16
N GLY OA 51 -94.36 -63.20 7.22
CA GLY OA 51 -94.88 -63.94 8.35
C GLY OA 51 -95.65 -65.16 7.89
N MET OA 52 -96.49 -65.72 8.76
CA MET OA 52 -97.18 -66.95 8.40
C MET OA 52 -98.18 -66.73 7.29
N HIS OA 53 -98.39 -67.76 6.49
CA HIS OA 53 -99.41 -67.83 5.45
C HIS OA 53 -99.14 -66.93 4.26
N ASP OA 54 -98.01 -66.24 4.22
CA ASP OA 54 -97.73 -65.29 3.16
C ASP OA 54 -97.02 -65.98 2.01
N ILE OA 55 -97.42 -65.66 0.78
CA ILE OA 55 -96.76 -66.20 -0.39
C ILE OA 55 -95.54 -65.36 -0.71
N VAL OA 56 -94.36 -65.96 -0.70
CA VAL OA 56 -93.12 -65.23 -0.83
C VAL OA 56 -92.33 -65.76 -2.02
N LEU OA 57 -91.16 -65.19 -2.25
CA LEU OA 57 -90.33 -65.48 -3.42
C LEU OA 57 -88.94 -65.83 -2.89
N ALA OA 58 -88.70 -67.12 -2.66
CA ALA OA 58 -87.47 -67.56 -2.01
C ALA OA 58 -86.37 -67.76 -3.03
N GLU OA 59 -85.21 -67.19 -2.74
CA GLU OA 59 -84.08 -67.21 -3.66
C GLU OA 59 -83.03 -68.20 -3.16
N GLU OA 60 -82.27 -68.75 -4.11
CA GLU OA 60 -81.27 -69.75 -3.81
C GLU OA 60 -79.99 -69.12 -3.31
N TYR OA 61 -78.89 -69.86 -3.36
CA TYR OA 61 -77.73 -69.69 -2.50
C TYR OA 61 -77.35 -68.25 -2.17
N PHE OA 62 -76.97 -67.45 -3.14
CA PHE OA 62 -76.25 -66.22 -2.85
C PHE OA 62 -77.23 -65.04 -2.76
N ALA OA 63 -77.43 -64.55 -1.54
CA ALA OA 63 -78.16 -63.31 -1.31
C ALA OA 63 -77.52 -62.46 -0.21
N LEU OA 64 -76.26 -62.72 0.13
CA LEU OA 64 -75.52 -61.95 1.13
C LEU OA 64 -76.21 -61.97 2.49
N ASN OA 65 -76.31 -63.17 3.05
CA ASN OA 65 -77.00 -63.35 4.33
C ASN OA 65 -76.31 -64.38 5.22
N TYR OA 69 -71.07 -65.12 2.06
CA TYR OA 69 -72.41 -65.30 2.59
C TYR OA 69 -73.34 -65.89 1.53
N LYS OA 70 -73.87 -67.08 1.79
CA LYS OA 70 -74.67 -67.77 0.78
C LYS OA 70 -75.92 -68.42 1.35
N ALA OA 71 -76.59 -67.79 2.32
CA ALA OA 71 -77.78 -68.39 2.89
C ALA OA 71 -78.98 -68.17 1.97
N MET OA 72 -79.89 -69.14 1.97
CA MET OA 72 -81.11 -69.08 1.17
C MET OA 72 -82.08 -68.16 1.87
N SER OA 73 -82.43 -67.05 1.22
CA SER OA 73 -83.26 -66.03 1.85
C SER OA 73 -84.50 -65.74 1.04
N VAL OA 74 -85.42 -65.02 1.66
CA VAL OA 74 -86.63 -64.53 1.03
C VAL OA 74 -86.37 -63.12 0.55
N VAL OA 75 -86.73 -62.83 -0.70
CA VAL OA 75 -86.37 -61.57 -1.32
C VAL OA 75 -87.56 -60.76 -1.80
N ALA OA 76 -88.78 -61.27 -1.68
CA ALA OA 76 -89.94 -60.54 -2.16
C ALA OA 76 -91.20 -61.14 -1.59
N ILE OA 77 -92.17 -60.28 -1.27
CA ILE OA 77 -93.50 -60.72 -0.89
C ILE OA 77 -94.43 -60.46 -2.05
N VAL OA 78 -95.16 -61.47 -2.46
CA VAL OA 78 -95.86 -61.47 -3.74
C VAL OA 78 -97.29 -60.99 -3.54
N GLU OA 79 -97.70 -60.02 -4.34
CA GLU OA 79 -99.06 -59.50 -4.33
C GLU OA 79 -99.99 -60.29 -5.24
N LYS OA 80 -99.65 -60.39 -6.53
CA LYS OA 80 -100.49 -61.05 -7.52
C LYS OA 80 -99.66 -62.02 -8.33
N VAL OA 81 -100.24 -63.19 -8.62
CA VAL OA 81 -99.62 -64.19 -9.49
C VAL OA 81 -100.60 -64.39 -10.64
N PHE OA 82 -100.39 -63.68 -11.74
CA PHE OA 82 -101.20 -63.86 -12.93
C PHE OA 82 -100.64 -65.01 -13.74
N ARG OA 83 -101.48 -66.01 -14.02
CA ARG OA 83 -100.99 -67.25 -14.63
C ARG OA 83 -102.08 -67.81 -15.53
N ASP OA 84 -101.82 -67.84 -16.83
CA ASP OA 84 -102.70 -68.51 -17.76
C ASP OA 84 -101.99 -68.74 -19.09
N GLU PA 3 -89.03 -49.92 58.92
CA GLU PA 3 -87.95 -50.48 58.12
C GLU PA 3 -87.28 -49.38 57.31
N ALA PA 4 -86.06 -49.64 56.83
CA ALA PA 4 -85.32 -48.64 56.09
C ALA PA 4 -85.93 -48.44 54.70
N LEU PA 5 -85.27 -47.64 53.88
CA LEU PA 5 -85.78 -47.30 52.57
C LEU PA 5 -84.63 -47.06 51.62
N GLY PA 6 -84.70 -47.66 50.44
CA GLY PA 6 -83.63 -47.54 49.46
C GLY PA 6 -84.14 -47.08 48.12
N LEU PA 7 -83.36 -46.23 47.46
CA LEU PA 7 -83.78 -45.56 46.24
C LEU PA 7 -82.68 -45.58 45.21
N ILE PA 8 -83.00 -45.96 43.99
CA ILE PA 8 -82.12 -45.83 42.84
C ILE PA 8 -82.87 -45.06 41.77
N GLU PA 9 -82.14 -44.19 41.07
CA GLU PA 9 -82.73 -43.39 39.99
C GLU PA 9 -81.87 -43.55 38.75
N THR PA 10 -82.51 -43.84 37.62
CA THR PA 10 -81.82 -44.10 36.38
C THR PA 10 -82.48 -43.33 35.25
N LYS PA 11 -81.74 -43.20 34.15
CA LYS PA 11 -82.26 -42.63 32.91
C LYS PA 11 -82.72 -43.77 32.01
N GLY PA 12 -84.02 -43.82 31.75
CA GLY PA 12 -84.56 -44.91 30.94
C GLY PA 12 -85.18 -45.99 31.79
N LEU PA 13 -86.13 -46.71 31.21
CA LEU PA 13 -86.85 -47.72 31.98
C LEU PA 13 -86.09 -49.03 32.05
N VAL PA 14 -85.35 -49.39 31.00
CA VAL PA 14 -84.66 -50.68 30.99
C VAL PA 14 -83.64 -50.74 32.11
N ALA PA 15 -82.83 -49.68 32.24
CA ALA PA 15 -81.81 -49.69 33.28
C ALA PA 15 -82.42 -49.80 34.67
N CYS PA 16 -83.68 -49.40 34.83
CA CYS PA 16 -84.31 -49.46 36.13
C CYS PA 16 -84.84 -50.85 36.44
N ILE PA 17 -85.33 -51.57 35.43
CA ILE PA 17 -85.83 -52.91 35.68
C ILE PA 17 -84.68 -53.86 35.97
N GLU PA 18 -83.54 -53.66 35.31
CA GLU PA 18 -82.35 -54.40 35.67
C GLU PA 18 -81.94 -54.12 37.11
N ALA PA 19 -81.97 -52.86 37.51
CA ALA PA 19 -81.60 -52.50 38.88
C ALA PA 19 -82.56 -53.10 39.89
N ALA PA 20 -83.86 -53.04 39.61
CA ALA PA 20 -84.83 -53.54 40.57
C ALA PA 20 -84.83 -55.06 40.65
N ASP PA 21 -84.34 -55.74 39.62
CA ASP PA 21 -84.21 -57.18 39.69
C ASP PA 21 -83.00 -57.58 40.50
N ALA PA 22 -81.88 -56.90 40.29
CA ALA PA 22 -80.68 -57.19 41.07
C ALA PA 22 -80.90 -56.93 42.55
N MET PA 23 -81.63 -55.86 42.88
CA MET PA 23 -81.91 -55.56 44.28
C MET PA 23 -82.71 -56.67 44.92
N CYS PA 24 -83.75 -57.14 44.26
CA CYS PA 24 -84.61 -58.14 44.86
C CYS PA 24 -83.92 -59.48 45.03
N LYS PA 25 -82.94 -59.79 44.17
CA LYS PA 25 -82.23 -61.05 44.29
C LYS PA 25 -81.14 -61.00 45.34
N ALA PA 26 -80.51 -59.83 45.52
CA ALA PA 26 -79.28 -59.74 46.30
C ALA PA 26 -79.50 -59.70 47.80
N ALA PA 27 -80.71 -59.47 48.27
CA ALA PA 27 -80.95 -59.41 49.71
C ALA PA 27 -82.43 -59.54 49.96
N ASN PA 28 -82.79 -59.67 51.24
CA ASN PA 28 -84.18 -59.86 51.63
C ASN PA 28 -84.86 -58.49 51.77
N VAL PA 29 -85.20 -57.92 50.62
CA VAL PA 29 -85.90 -56.64 50.56
C VAL PA 29 -87.12 -56.81 49.68
N GLU PA 30 -88.11 -55.95 49.89
CA GLU PA 30 -89.37 -56.02 49.16
C GLU PA 30 -89.51 -54.77 48.31
N LEU PA 31 -90.02 -54.95 47.08
CA LEU PA 31 -90.10 -53.87 46.11
C LEU PA 31 -91.39 -53.08 46.34
N ILE PA 32 -91.27 -51.77 46.53
CA ILE PA 32 -92.43 -50.94 46.77
C ILE PA 32 -93.11 -50.56 45.46
N GLY PA 33 -92.37 -49.98 44.53
CA GLY PA 33 -92.95 -49.65 43.24
C GLY PA 33 -92.01 -48.78 42.45
N TYR PA 34 -92.46 -48.44 41.24
CA TYR PA 34 -91.77 -47.53 40.35
C TYR PA 34 -92.48 -46.18 40.36
N GLU PA 35 -91.74 -45.15 39.95
CA GLU PA 35 -92.31 -43.81 39.87
C GLU PA 35 -91.42 -42.97 38.97
N ASN PA 36 -91.91 -42.64 37.77
CA ASN PA 36 -91.17 -41.76 36.89
C ASN PA 36 -91.71 -40.34 36.96
N VAL PA 37 -90.79 -39.39 37.01
CA VAL PA 37 -91.14 -37.97 37.11
C VAL PA 37 -90.58 -37.29 35.87
N GLY PA 38 -91.38 -37.26 34.82
CA GLY PA 38 -90.98 -36.49 33.66
C GLY PA 38 -89.80 -37.09 32.93
N SER PA 39 -88.82 -36.25 32.63
CA SER PA 39 -87.89 -36.51 31.55
C SER PA 39 -86.98 -37.70 31.83
N GLY PA 40 -87.36 -38.85 31.30
CA GLY PA 40 -86.56 -40.07 31.33
C GLY PA 40 -86.01 -40.49 32.67
N LEU PA 41 -86.68 -40.16 33.78
CA LEU PA 41 -86.17 -40.48 35.10
C LEU PA 41 -87.15 -41.42 35.78
N VAL PA 42 -86.74 -42.67 35.98
CA VAL PA 42 -87.51 -43.66 36.70
C VAL PA 42 -86.79 -44.00 38.00
N THR PA 43 -87.56 -44.26 39.05
CA THR PA 43 -87.02 -44.52 40.37
C THR PA 43 -87.68 -45.77 40.94
N ALA PA 44 -86.88 -46.67 41.49
CA ALA PA 44 -87.37 -47.86 42.16
C ALA PA 44 -87.14 -47.72 43.67
N MET PA 45 -88.07 -48.22 44.47
CA MET PA 45 -88.01 -48.09 45.91
C MET PA 45 -88.14 -49.47 46.54
N VAL PA 46 -87.24 -49.79 47.47
CA VAL PA 46 -87.26 -51.05 48.21
C VAL PA 46 -87.24 -50.73 49.69
N LYS PA 47 -87.69 -51.69 50.49
CA LYS PA 47 -87.70 -51.51 51.94
C LYS PA 47 -87.36 -52.81 52.65
N GLY PA 48 -86.73 -52.67 53.81
CA GLY PA 48 -86.30 -53.81 54.58
C GLY PA 48 -85.39 -53.36 55.69
N ASP PA 49 -84.74 -54.31 56.34
CA ASP PA 49 -83.80 -53.98 57.40
C ASP PA 49 -82.64 -53.16 56.86
N VAL PA 50 -81.92 -52.49 57.76
CA VAL PA 50 -80.92 -51.52 57.33
C VAL PA 50 -79.72 -52.22 56.71
N GLY PA 51 -79.32 -53.37 57.27
CA GLY PA 51 -78.21 -54.10 56.69
C GLY PA 51 -78.58 -54.75 55.37
N ALA PA 52 -79.82 -55.20 55.25
CA ALA PA 52 -80.28 -55.78 54.00
C ALA PA 52 -80.41 -54.71 52.92
N VAL PA 53 -81.08 -53.61 53.25
CA VAL PA 53 -81.32 -52.57 52.25
C VAL PA 53 -80.01 -51.97 51.78
N ASN PA 54 -79.05 -51.80 52.70
CA ASN PA 54 -77.74 -51.30 52.30
C ASN PA 54 -77.06 -52.24 51.33
N ALA PA 55 -77.30 -53.55 51.49
CA ALA PA 55 -76.66 -54.53 50.62
C ALA PA 55 -77.38 -54.63 49.28
N ALA PA 56 -78.67 -54.32 49.25
CA ALA PA 56 -79.41 -54.39 48.00
C ALA PA 56 -79.09 -53.21 47.09
N VAL PA 57 -78.85 -52.04 47.66
CA VAL PA 57 -78.68 -50.85 46.84
C VAL PA 57 -77.34 -50.86 46.13
N ASP PA 58 -76.27 -51.26 46.81
CA ASP PA 58 -74.97 -51.24 46.16
C ASP PA 58 -74.86 -52.33 45.11
N SER PA 59 -75.66 -53.39 45.22
CA SER PA 59 -75.71 -54.38 44.15
C SER PA 59 -76.55 -53.89 42.98
N GLY PA 60 -77.68 -53.24 43.28
CA GLY PA 60 -78.53 -52.73 42.22
C GLY PA 60 -77.91 -51.59 41.45
N VAL PA 61 -77.08 -50.77 42.11
CA VAL PA 61 -76.37 -49.73 41.39
C VAL PA 61 -75.32 -50.34 40.49
N GLU PA 62 -74.70 -51.42 40.94
CA GLU PA 62 -73.66 -52.07 40.16
C GLU PA 62 -74.20 -52.63 38.86
N ALA PA 63 -75.44 -53.12 38.87
CA ALA PA 63 -76.02 -53.76 37.70
C ALA PA 63 -76.52 -52.73 36.70
N ALA PA 64 -77.24 -51.72 37.17
CA ALA PA 64 -77.78 -50.72 36.27
C ALA PA 64 -76.69 -49.83 35.68
N LYS PA 65 -75.62 -49.61 36.43
CA LYS PA 65 -74.47 -48.86 35.92
C LYS PA 65 -73.84 -49.57 34.74
N ARG PA 66 -74.11 -50.87 34.57
CA ARG PA 66 -73.48 -51.64 33.51
C ARG PA 66 -74.05 -51.29 32.15
N ILE PA 67 -75.36 -51.08 32.07
CA ILE PA 67 -76.04 -50.90 30.79
C ILE PA 67 -76.68 -49.53 30.66
N GLY PA 68 -76.71 -48.73 31.72
CA GLY PA 68 -77.33 -47.43 31.63
C GLY PA 68 -76.67 -46.41 32.52
N LYS PA 69 -77.39 -45.33 32.83
CA LYS PA 69 -76.90 -44.28 33.70
C LYS PA 69 -77.65 -44.36 35.01
N VAL PA 70 -76.92 -44.56 36.10
CA VAL PA 70 -77.47 -44.42 37.44
C VAL PA 70 -77.23 -42.98 37.88
N VAL PA 71 -78.32 -42.27 38.16
CA VAL PA 71 -78.23 -40.86 38.49
C VAL PA 71 -77.95 -40.65 39.98
N SER PA 72 -78.67 -41.36 40.84
CA SER PA 72 -78.50 -41.19 42.27
C SER PA 72 -78.97 -42.44 43.00
N SER PA 73 -78.40 -42.65 44.18
CA SER PA 73 -78.81 -43.73 45.07
C SER PA 73 -78.75 -43.21 46.50
N ARG PA 74 -79.57 -43.79 47.36
CA ARG PA 74 -79.66 -43.27 48.72
C ARG PA 74 -80.40 -44.26 49.60
N VAL PA 75 -79.90 -44.46 50.80
CA VAL PA 75 -80.56 -45.28 51.81
C VAL PA 75 -80.96 -44.39 52.96
N ILE PA 76 -82.19 -44.54 53.44
CA ILE PA 76 -82.69 -43.79 54.58
C ILE PA 76 -82.92 -44.79 55.72
N ALA PA 77 -82.14 -44.64 56.78
CA ALA PA 77 -82.10 -45.68 57.82
C ALA PA 77 -83.38 -45.72 58.62
N ARG PA 78 -83.98 -44.57 58.89
CA ARG PA 78 -85.29 -44.51 59.56
C ARG PA 78 -86.09 -43.41 58.89
N PRO PA 79 -86.97 -43.76 57.95
CA PRO PA 79 -87.81 -42.73 57.31
C PRO PA 79 -88.85 -42.23 58.28
N HIS PA 80 -89.08 -40.92 58.24
CA HIS PA 80 -90.05 -40.31 59.13
C HIS PA 80 -91.44 -40.82 58.81
N ASN PA 81 -92.25 -40.95 59.86
CA ASN PA 81 -93.57 -41.58 59.71
C ASN PA 81 -94.42 -40.85 58.68
N ASP PA 82 -94.27 -39.53 58.60
CA ASP PA 82 -95.06 -38.74 57.66
C ASP PA 82 -94.75 -39.14 56.21
N ILE PA 83 -93.50 -39.48 55.94
CA ILE PA 83 -93.09 -39.86 54.59
C ILE PA 83 -93.47 -41.30 54.31
N GLU QA 3 -92.04 -67.16 33.16
CA GLU QA 3 -91.44 -67.15 31.83
C GLU QA 3 -90.49 -65.98 31.69
N ALA QA 4 -89.56 -66.07 30.74
CA ALA QA 4 -88.55 -65.04 30.57
C ALA QA 4 -89.18 -63.72 30.17
N LEU QA 5 -88.35 -62.69 30.02
CA LEU QA 5 -88.86 -61.34 29.74
C LEU QA 5 -87.80 -60.57 28.99
N GLY QA 6 -88.20 -59.94 27.90
CA GLY QA 6 -87.25 -59.21 27.06
C GLY QA 6 -87.71 -57.79 26.84
N LEU QA 7 -86.74 -56.87 26.78
CA LEU QA 7 -87.01 -55.46 26.66
C LEU QA 7 -86.15 -54.84 25.58
N ILE QA 8 -86.75 -53.99 24.76
CA ILE QA 8 -86.01 -53.13 23.84
C ILE QA 8 -86.47 -51.70 24.09
N GLU QA 9 -85.52 -50.77 24.11
CA GLU QA 9 -85.81 -49.37 24.35
C GLU QA 9 -85.30 -48.55 23.19
N THR QA 10 -86.19 -47.78 22.57
CA THR QA 10 -85.89 -47.03 21.37
C THR QA 10 -86.29 -45.58 21.54
N LYS QA 11 -85.66 -44.72 20.75
CA LYS QA 11 -86.00 -43.30 20.72
C LYS QA 11 -87.01 -43.06 19.61
N GLY QA 12 -88.24 -42.76 19.99
CA GLY QA 12 -89.31 -42.60 19.03
C GLY QA 12 -90.20 -43.82 18.95
N LEU QA 13 -91.45 -43.60 18.57
CA LEU QA 13 -92.41 -44.69 18.53
C LEU QA 13 -92.28 -45.54 17.27
N VAL QA 14 -91.91 -44.93 16.14
CA VAL QA 14 -91.85 -45.68 14.89
C VAL QA 14 -90.82 -46.79 14.99
N ALA QA 15 -89.63 -46.48 15.50
CA ALA QA 15 -88.60 -47.51 15.66
C ALA QA 15 -89.03 -48.60 16.61
N CYS QA 16 -90.00 -48.34 17.48
CA CYS QA 16 -90.45 -49.35 18.43
C CYS QA 16 -91.49 -50.27 17.81
N ILE QA 17 -92.26 -49.80 16.84
CA ILE QA 17 -93.20 -50.70 16.18
C ILE QA 17 -92.48 -51.59 15.17
N GLU QA 18 -91.40 -51.11 14.58
CA GLU QA 18 -90.57 -52.00 13.77
C GLU QA 18 -89.90 -53.05 14.64
N ALA QA 19 -89.35 -52.63 15.77
CA ALA QA 19 -88.74 -53.59 16.69
C ALA QA 19 -89.74 -54.63 17.16
N ALA QA 20 -90.95 -54.20 17.50
CA ALA QA 20 -91.95 -55.16 17.99
C ALA QA 20 -92.39 -56.08 16.88
N ASP QA 21 -92.54 -55.58 15.66
CA ASP QA 21 -92.96 -56.43 14.55
C ASP QA 21 -91.96 -57.54 14.29
N ALA QA 22 -90.66 -57.21 14.32
CA ALA QA 22 -89.64 -58.23 14.13
C ALA QA 22 -89.65 -59.23 15.27
N MET QA 23 -89.86 -58.77 16.50
CA MET QA 23 -89.88 -59.67 17.64
C MET QA 23 -91.01 -60.68 17.52
N CYS QA 24 -92.20 -60.23 17.13
CA CYS QA 24 -93.36 -61.13 17.11
C CYS QA 24 -93.30 -62.13 15.98
N LYS QA 25 -92.55 -61.85 14.92
CA LYS QA 25 -92.42 -62.78 13.80
C LYS QA 25 -91.29 -63.77 13.99
N ALA QA 26 -90.33 -63.47 14.86
CA ALA QA 26 -89.11 -64.26 14.98
C ALA QA 26 -89.32 -65.51 15.82
N ALA QA 27 -90.26 -65.49 16.76
CA ALA QA 27 -90.46 -66.64 17.64
C ALA QA 27 -91.87 -66.57 18.21
N ASN QA 28 -92.19 -67.53 19.07
CA ASN QA 28 -93.53 -67.65 19.64
C ASN QA 28 -93.55 -66.96 21.00
N VAL QA 29 -93.60 -65.63 20.96
CA VAL QA 29 -93.67 -64.82 22.17
C VAL QA 29 -94.94 -63.98 22.10
N GLU QA 30 -95.49 -63.68 23.26
CA GLU QA 30 -96.66 -62.81 23.36
C GLU QA 30 -96.20 -61.42 23.77
N LEU QA 31 -96.69 -60.42 23.05
CA LEU QA 31 -96.29 -59.04 23.29
C LEU QA 31 -97.14 -58.43 24.38
N ILE QA 32 -96.50 -57.85 25.39
CA ILE QA 32 -97.21 -57.32 26.54
C ILE QA 32 -97.74 -55.92 26.29
N GLY QA 33 -96.87 -54.99 25.91
CA GLY QA 33 -97.32 -53.66 25.59
C GLY QA 33 -96.21 -52.65 25.73
N TYR QA 34 -96.49 -51.46 25.23
CA TYR QA 34 -95.55 -50.36 25.24
C TYR QA 34 -95.63 -49.59 26.55
N GLU QA 35 -94.61 -48.77 26.79
CA GLU QA 35 -94.59 -47.91 27.97
C GLU QA 35 -93.56 -46.83 27.71
N ASN QA 36 -94.00 -45.59 27.53
CA ASN QA 36 -93.08 -44.47 27.36
C ASN QA 36 -92.90 -43.72 28.67
N VAL QA 37 -91.67 -43.30 28.93
CA VAL QA 37 -91.31 -42.63 30.16
C VAL QA 37 -90.94 -41.18 29.92
N GLY QA 38 -91.19 -40.66 28.73
CA GLY QA 38 -90.84 -39.31 28.40
C GLY QA 38 -89.44 -39.19 27.85
N SER QA 39 -89.16 -38.02 27.27
CA SER QA 39 -87.91 -37.72 26.58
C SER QA 39 -87.77 -38.49 25.28
N GLY QA 40 -88.87 -39.05 24.76
CA GLY QA 40 -88.83 -39.79 23.52
C GLY QA 40 -88.50 -41.25 23.64
N LEU QA 41 -88.37 -41.77 24.86
CA LEU QA 41 -87.98 -43.16 25.07
C LEU QA 41 -89.23 -44.02 25.16
N VAL QA 42 -89.32 -45.02 24.29
CA VAL QA 42 -90.42 -45.97 24.27
C VAL QA 42 -89.85 -47.37 24.40
N THR QA 43 -90.53 -48.21 25.16
CA THR QA 43 -90.05 -49.55 25.48
C THR QA 43 -91.10 -50.59 25.12
N ALA QA 44 -90.68 -51.66 24.47
CA ALA QA 44 -91.54 -52.80 24.16
C ALA QA 44 -91.14 -53.98 25.01
N MET QA 45 -92.12 -54.77 25.44
CA MET QA 45 -91.89 -55.85 26.40
C MET QA 45 -92.57 -57.11 25.90
N VAL QA 46 -91.80 -58.18 25.73
CA VAL QA 46 -92.33 -59.48 25.33
C VAL QA 46 -92.06 -60.47 26.46
N LYS QA 47 -92.74 -61.62 26.39
CA LYS QA 47 -92.53 -62.66 27.38
C LYS QA 47 -92.81 -64.02 26.76
N GLY QA 48 -92.00 -65.00 27.15
CA GLY QA 48 -92.15 -66.34 26.64
C GLY QA 48 -91.02 -67.20 27.16
N ASP QA 49 -90.85 -68.37 26.57
CA ASP QA 49 -89.73 -69.23 26.93
C ASP QA 49 -88.42 -68.53 26.61
N VAL QA 50 -87.37 -68.92 27.32
CA VAL QA 50 -86.12 -68.18 27.26
C VAL QA 50 -85.35 -68.40 25.96
N GLY QA 51 -85.58 -69.52 25.28
CA GLY QA 51 -84.99 -69.69 23.96
C GLY QA 51 -85.69 -68.85 22.91
N ALA QA 52 -87.01 -68.69 23.05
CA ALA QA 52 -87.76 -67.85 22.13
C ALA QA 52 -87.48 -66.38 22.37
N VAL QA 53 -87.47 -65.97 23.65
CA VAL QA 53 -87.27 -64.57 23.96
C VAL QA 53 -85.88 -64.11 23.58
N ASN QA 54 -84.90 -65.00 23.71
CA ASN QA 54 -83.54 -64.65 23.31
C ASN QA 54 -83.46 -64.43 21.81
N ALA QA 55 -84.19 -65.22 21.04
CA ALA QA 55 -84.16 -65.08 19.59
C ALA QA 55 -84.93 -63.85 19.14
N ALA QA 56 -86.03 -63.53 19.82
CA ALA QA 56 -86.83 -62.38 19.43
C ALA QA 56 -86.08 -61.08 19.68
N VAL QA 57 -85.45 -60.94 20.84
CA VAL QA 57 -84.80 -59.69 21.18
C VAL QA 57 -83.62 -59.43 20.26
N ASP QA 58 -82.88 -60.47 19.87
CA ASP QA 58 -81.77 -60.28 18.96
C ASP QA 58 -82.27 -59.84 17.58
N SER QA 59 -83.42 -60.37 17.16
CA SER QA 59 -83.97 -59.99 15.87
C SER QA 59 -84.53 -58.58 15.91
N GLY QA 60 -85.28 -58.26 16.97
CA GLY QA 60 -85.86 -56.94 17.09
C GLY QA 60 -84.83 -55.84 17.20
N VAL QA 61 -83.69 -56.12 17.84
CA VAL QA 61 -82.67 -55.09 17.98
C VAL QA 61 -82.07 -54.76 16.62
N GLU QA 62 -81.85 -55.76 15.79
CA GLU QA 62 -81.22 -55.51 14.50
C GLU QA 62 -82.14 -54.79 13.54
N ALA QA 63 -83.46 -55.06 13.60
CA ALA QA 63 -84.38 -54.40 12.70
C ALA QA 63 -84.59 -52.94 13.09
N ALA QA 64 -84.78 -52.67 14.38
CA ALA QA 64 -84.96 -51.30 14.82
C ALA QA 64 -83.68 -50.50 14.65
N LYS QA 65 -82.52 -51.13 14.80
CA LYS QA 65 -81.26 -50.44 14.59
C LYS QA 65 -81.16 -49.91 13.17
N ARG QA 66 -81.83 -50.56 12.22
CA ARG QA 66 -81.69 -50.20 10.82
C ARG QA 66 -82.34 -48.86 10.51
N ILE QA 67 -83.43 -48.51 11.20
CA ILE QA 67 -84.23 -47.34 10.86
C ILE QA 67 -84.33 -46.34 12.00
N GLY QA 68 -83.69 -46.59 13.12
CA GLY QA 68 -83.76 -45.67 14.23
C GLY QA 68 -82.62 -45.90 15.18
N LYS QA 69 -82.77 -45.38 16.40
CA LYS QA 69 -81.77 -45.55 17.44
C LYS QA 69 -82.31 -46.52 18.47
N VAL QA 70 -81.57 -47.58 18.72
CA VAL QA 70 -81.85 -48.50 19.82
C VAL QA 70 -81.00 -48.07 21.00
N VAL QA 71 -81.66 -47.75 22.11
CA VAL QA 71 -80.95 -47.27 23.29
C VAL QA 71 -80.42 -48.40 24.14
N SER QA 72 -81.22 -49.45 24.35
CA SER QA 72 -80.88 -50.51 25.28
C SER QA 72 -81.73 -51.72 24.99
N SER QA 73 -81.19 -52.89 25.33
CA SER QA 73 -81.93 -54.15 25.22
C SER QA 73 -81.51 -55.05 26.37
N ARG QA 74 -82.36 -56.02 26.69
CA ARG QA 74 -82.09 -56.84 27.86
C ARG QA 74 -83.03 -58.03 27.87
N VAL QA 75 -82.50 -59.20 28.24
CA VAL QA 75 -83.30 -60.39 28.50
C VAL QA 75 -83.13 -60.74 29.97
N ILE QA 76 -84.24 -61.01 30.63
CA ILE QA 76 -84.25 -61.45 32.02
C ILE QA 76 -84.77 -62.87 32.03
N ALA QA 77 -83.91 -63.82 32.37
CA ALA QA 77 -84.25 -65.23 32.19
C ALA QA 77 -85.22 -65.71 33.27
N ARG QA 78 -84.90 -65.49 34.53
CA ARG QA 78 -85.81 -65.82 35.63
C ARG QA 78 -86.17 -64.54 36.35
N PRO QA 79 -87.26 -63.88 35.98
CA PRO QA 79 -87.64 -62.65 36.67
C PRO QA 79 -88.23 -62.96 38.02
N HIS QA 80 -87.98 -62.06 38.97
CA HIS QA 80 -88.49 -62.23 40.32
C HIS QA 80 -90.01 -62.03 40.34
N ASN QA 81 -90.67 -62.69 41.30
CA ASN QA 81 -92.12 -62.64 41.35
C ASN QA 81 -92.62 -61.27 41.78
N ASP QA 82 -91.80 -60.51 42.52
CA ASP QA 82 -92.15 -59.13 42.84
C ASP QA 82 -92.17 -58.26 41.59
N ILE QA 83 -91.45 -58.67 40.55
CA ILE QA 83 -91.37 -57.88 39.33
C ILE QA 83 -92.49 -58.29 38.38
N GLU RA 3 -79.18 -82.83 28.96
CA GLU RA 3 -79.33 -81.38 28.88
C GLU RA 3 -77.97 -80.71 28.77
N ALA RA 4 -77.97 -79.41 28.52
CA ALA RA 4 -76.73 -78.70 28.23
C ALA RA 4 -75.83 -78.68 29.45
N LEU RA 5 -74.63 -78.16 29.27
CA LEU RA 5 -73.61 -78.17 30.30
C LEU RA 5 -72.78 -76.90 30.22
N GLY RA 6 -72.68 -76.18 31.32
CA GLY RA 6 -71.93 -74.93 31.37
C GLY RA 6 -70.82 -75.00 32.39
N LEU RA 7 -69.65 -74.49 32.02
CA LEU RA 7 -68.45 -74.56 32.84
C LEU RA 7 -67.81 -73.18 32.95
N ILE RA 8 -67.41 -72.82 34.16
CA ILE RA 8 -66.59 -71.63 34.40
C ILE RA 8 -65.37 -72.07 35.21
N GLU RA 9 -64.22 -71.50 34.89
CA GLU RA 9 -62.97 -71.87 35.56
C GLU RA 9 -62.27 -70.61 36.04
N THR RA 10 -61.94 -70.58 37.32
CA THR RA 10 -61.38 -69.40 37.97
C THR RA 10 -60.14 -69.78 38.76
N LYS RA 11 -59.36 -68.76 39.12
CA LYS RA 11 -58.26 -68.91 40.05
C LYS RA 11 -58.76 -68.62 41.45
N GLY RA 12 -58.70 -69.62 42.32
CA GLY RA 12 -59.16 -69.37 43.68
C GLY RA 12 -60.61 -69.72 43.88
N LEU RA 13 -60.96 -69.98 45.13
CA LEU RA 13 -62.30 -70.46 45.44
C LEU RA 13 -63.30 -69.33 45.58
N VAL RA 14 -62.87 -68.15 46.00
CA VAL RA 14 -63.82 -67.06 46.23
C VAL RA 14 -64.44 -66.61 44.92
N ALA RA 15 -63.64 -66.46 43.87
CA ALA RA 15 -64.20 -66.08 42.57
C ALA RA 15 -65.13 -67.14 42.03
N CYS RA 16 -65.01 -68.39 42.48
CA CYS RA 16 -65.87 -69.45 41.98
C CYS RA 16 -67.16 -69.56 42.77
N ILE RA 17 -67.18 -69.12 44.03
CA ILE RA 17 -68.45 -69.09 44.75
C ILE RA 17 -69.29 -67.91 44.30
N GLU RA 18 -68.65 -66.82 43.88
CA GLU RA 18 -69.42 -65.72 43.32
C GLU RA 18 -69.98 -66.07 41.96
N ALA RA 19 -69.21 -66.78 41.13
CA ALA RA 19 -69.71 -67.22 39.85
C ALA RA 19 -70.84 -68.23 40.02
N ALA RA 20 -70.70 -69.17 40.94
CA ALA RA 20 -71.74 -70.16 41.14
C ALA RA 20 -73.00 -69.55 41.73
N ASP RA 21 -72.86 -68.48 42.51
CA ASP RA 21 -74.04 -67.83 43.07
C ASP RA 21 -74.78 -67.04 42.00
N ALA RA 22 -74.05 -66.32 41.17
CA ALA RA 22 -74.69 -65.53 40.12
C ALA RA 22 -75.37 -66.43 39.09
N MET RA 23 -74.77 -67.58 38.78
CA MET RA 23 -75.36 -68.49 37.82
C MET RA 23 -76.69 -69.02 38.32
N CYS RA 24 -76.74 -69.47 39.58
CA CYS RA 24 -77.95 -70.07 40.09
C CYS RA 24 -79.07 -69.05 40.25
N LYS RA 25 -78.74 -67.77 40.36
CA LYS RA 25 -79.76 -66.75 40.51
C LYS RA 25 -80.36 -66.35 39.17
N ALA RA 26 -79.54 -66.34 38.12
CA ALA RA 26 -79.89 -65.68 36.87
C ALA RA 26 -80.54 -66.60 35.85
N ALA RA 27 -80.86 -67.85 36.21
CA ALA RA 27 -81.52 -68.76 35.29
C ALA RA 27 -81.92 -70.00 36.04
N ASN RA 28 -82.78 -70.81 35.41
CA ASN RA 28 -83.25 -72.05 36.01
C ASN RA 28 -82.29 -73.17 35.64
N VAL RA 29 -81.20 -73.26 36.40
CA VAL RA 29 -80.17 -74.26 36.20
C VAL RA 29 -79.96 -75.00 37.51
N GLU RA 30 -79.31 -76.15 37.41
CA GLU RA 30 -78.95 -76.97 38.56
C GLU RA 30 -77.45 -77.00 38.72
N LEU RA 31 -76.97 -76.77 39.93
CA LEU RA 31 -75.54 -76.78 40.19
C LEU RA 31 -75.10 -78.20 40.50
N ILE RA 32 -74.13 -78.70 39.75
CA ILE RA 32 -73.64 -80.06 39.94
C ILE RA 32 -72.58 -80.11 41.03
N GLY RA 33 -71.59 -79.24 40.96
CA GLY RA 33 -70.59 -79.17 42.01
C GLY RA 33 -69.32 -78.51 41.52
N TYR RA 34 -68.38 -78.41 42.43
CA TYR RA 34 -67.05 -77.87 42.15
C TYR RA 34 -66.08 -79.02 41.93
N GLU RA 35 -64.97 -78.71 41.25
CA GLU RA 35 -63.94 -79.71 40.99
C GLU RA 35 -62.63 -78.97 40.73
N ASN RA 36 -61.74 -78.98 41.71
CA ASN RA 36 -60.46 -78.32 41.58
C ASN RA 36 -59.37 -79.30 41.20
N VAL RA 37 -58.33 -78.79 40.55
CA VAL RA 37 -57.26 -79.63 40.01
C VAL RA 37 -55.90 -79.11 40.45
N GLY RA 38 -55.85 -78.42 41.57
CA GLY RA 38 -54.59 -77.84 42.03
C GLY RA 38 -54.21 -76.63 41.21
N SER RA 39 -53.13 -75.98 41.65
CA SER RA 39 -52.68 -74.68 41.13
C SER RA 39 -53.71 -73.58 41.34
N GLY RA 40 -54.70 -73.80 42.18
CA GLY RA 40 -55.71 -72.80 42.44
C GLY RA 40 -56.82 -72.74 41.43
N LEU RA 41 -56.83 -73.62 40.43
CA LEU RA 41 -57.89 -73.63 39.44
C LEU RA 41 -59.08 -74.38 40.01
N VAL RA 42 -60.22 -73.72 40.08
CA VAL RA 42 -61.47 -74.33 40.53
C VAL RA 42 -62.49 -74.15 39.41
N THR RA 43 -63.38 -75.13 39.27
CA THR RA 43 -64.33 -75.17 38.16
C THR RA 43 -65.73 -75.44 38.70
N ALA RA 44 -66.69 -74.67 38.22
CA ALA RA 44 -68.10 -74.86 38.56
C ALA RA 44 -68.83 -75.43 37.36
N MET RA 45 -69.77 -76.34 37.61
CA MET RA 45 -70.51 -77.00 36.56
C MET RA 45 -72.00 -76.86 36.81
N VAL RA 46 -72.71 -76.25 35.87
CA VAL RA 46 -74.16 -76.13 35.95
C VAL RA 46 -74.77 -76.96 34.82
N LYS RA 47 -76.06 -77.24 34.95
CA LYS RA 47 -76.73 -78.14 34.03
C LYS RA 47 -78.19 -77.73 33.89
N GLY RA 48 -78.66 -77.64 32.66
CA GLY RA 48 -80.04 -77.28 32.41
C GLY RA 48 -80.29 -77.17 30.92
N ASP RA 49 -81.45 -76.62 30.57
CA ASP RA 49 -81.77 -76.42 29.15
C ASP RA 49 -80.77 -75.47 28.52
N VAL RA 50 -80.68 -75.53 27.19
CA VAL RA 50 -79.61 -74.82 26.49
C VAL RA 50 -79.76 -73.31 26.64
N GLY RA 51 -81.00 -72.81 26.55
CA GLY RA 51 -81.20 -71.38 26.66
C GLY RA 51 -80.89 -70.87 28.05
N ALA RA 52 -81.33 -71.60 29.07
CA ALA RA 52 -81.02 -71.23 30.44
C ALA RA 52 -79.52 -71.27 30.70
N VAL RA 53 -78.90 -72.41 30.39
CA VAL RA 53 -77.47 -72.59 30.66
C VAL RA 53 -76.66 -71.55 29.94
N ASN RA 54 -77.04 -71.21 28.71
CA ASN RA 54 -76.35 -70.14 28.00
C ASN RA 54 -76.38 -68.86 28.81
N ALA RA 55 -77.58 -68.43 29.21
CA ALA RA 55 -77.75 -67.18 29.96
C ALA RA 55 -76.99 -67.21 31.28
N ALA RA 56 -77.03 -68.35 31.98
CA ALA RA 56 -76.35 -68.46 33.26
C ALA RA 56 -74.87 -68.20 33.12
N VAL RA 57 -74.23 -68.85 32.15
CA VAL RA 57 -72.78 -68.74 32.01
C VAL RA 57 -72.37 -67.30 31.72
N ASP RA 58 -73.18 -66.57 30.96
CA ASP RA 58 -72.85 -65.18 30.67
C ASP RA 58 -72.89 -64.34 31.93
N SER RA 59 -73.92 -64.55 32.77
CA SER RA 59 -74.02 -63.79 34.01
C SER RA 59 -72.95 -64.22 35.01
N GLY RA 60 -72.69 -65.52 35.09
CA GLY RA 60 -71.70 -66.00 36.05
C GLY RA 60 -70.30 -65.51 35.75
N VAL RA 61 -69.95 -65.41 34.47
CA VAL RA 61 -68.61 -64.91 34.13
C VAL RA 61 -68.51 -63.44 34.42
N GLU RA 62 -69.63 -62.72 34.30
CA GLU RA 62 -69.60 -61.27 34.50
C GLU RA 62 -69.44 -60.92 35.97
N ALA RA 63 -70.05 -61.70 36.86
CA ALA RA 63 -69.89 -61.47 38.30
C ALA RA 63 -68.51 -61.91 38.78
N ALA RA 64 -68.01 -63.02 38.27
CA ALA RA 64 -66.75 -63.56 38.76
C ALA RA 64 -65.57 -62.74 38.27
N LYS RA 65 -65.60 -62.28 37.02
CA LYS RA 65 -64.54 -61.45 36.49
C LYS RA 65 -64.38 -60.17 37.27
N ARG RA 66 -65.39 -59.80 38.06
CA ARG RA 66 -65.45 -58.51 38.72
C ARG RA 66 -64.55 -58.47 39.95
N ILE RA 67 -64.35 -59.61 40.61
CA ILE RA 67 -63.53 -59.67 41.81
C ILE RA 67 -62.29 -60.53 41.65
N GLY RA 68 -62.26 -61.46 40.69
CA GLY RA 68 -61.13 -62.34 40.53
C GLY RA 68 -60.83 -62.58 39.07
N LYS RA 69 -60.26 -63.74 38.74
CA LYS RA 69 -59.87 -64.04 37.37
C LYS RA 69 -60.66 -65.22 36.85
N VAL RA 70 -61.34 -65.01 35.72
CA VAL RA 70 -62.04 -66.08 35.02
C VAL RA 70 -61.11 -66.62 33.95
N VAL RA 71 -60.71 -67.88 34.09
CA VAL RA 71 -59.72 -68.45 33.18
C VAL RA 71 -60.38 -68.87 31.86
N SER RA 72 -61.53 -69.52 31.93
CA SER RA 72 -62.22 -69.94 30.72
C SER RA 72 -63.67 -70.26 31.05
N SER RA 73 -64.51 -70.19 30.02
CA SER RA 73 -65.92 -70.55 30.12
C SER RA 73 -66.33 -71.26 28.84
N ARG RA 74 -67.39 -72.05 28.93
CA ARG RA 74 -67.76 -72.90 27.81
C ARG RA 74 -69.14 -73.48 28.05
N VAL RA 75 -69.93 -73.59 26.99
CA VAL RA 75 -71.23 -74.26 27.03
C VAL RA 75 -71.24 -75.40 26.02
N ILE RA 76 -71.56 -76.60 26.48
CA ILE RA 76 -71.74 -77.75 25.62
C ILE RA 76 -73.24 -77.98 25.49
N ALA RA 77 -73.78 -77.80 24.29
CA ALA RA 77 -75.22 -77.84 24.12
C ALA RA 77 -75.78 -79.24 24.30
N ARG RA 78 -75.02 -80.25 23.89
CA ARG RA 78 -75.45 -81.64 24.02
C ARG RA 78 -74.23 -82.51 24.24
N PRO RA 79 -73.90 -82.80 25.48
CA PRO RA 79 -72.71 -83.59 25.76
C PRO RA 79 -72.93 -85.06 25.44
N HIS RA 80 -71.83 -85.73 25.08
CA HIS RA 80 -71.87 -87.17 24.89
C HIS RA 80 -72.16 -87.87 26.21
N ASN RA 81 -72.77 -89.04 26.12
CA ASN RA 81 -73.12 -89.77 27.34
C ASN RA 81 -71.88 -90.18 28.12
N ASP RA 82 -70.75 -90.38 27.43
CA ASP RA 82 -69.52 -90.69 28.14
C ASP RA 82 -69.06 -89.52 29.01
N ILE RA 83 -69.28 -88.30 28.53
CA ILE RA 83 -68.90 -87.12 29.30
C ILE RA 83 -69.69 -87.03 30.59
N GLU RA 84 -70.89 -87.59 30.65
CA GLU RA 84 -71.63 -87.61 31.91
C GLU RA 84 -71.26 -88.81 32.76
N LYS RA 85 -69.95 -89.07 32.86
CA LYS RA 85 -69.36 -89.95 33.85
C LYS RA 85 -68.07 -89.37 34.39
N ILE RA 86 -67.54 -88.33 33.75
CA ILE RA 86 -66.38 -87.60 34.23
C ILE RA 86 -66.80 -86.45 35.13
N ALA RA 87 -67.87 -85.77 34.76
CA ALA RA 87 -68.41 -84.70 35.61
C ALA RA 87 -69.06 -85.28 36.85
N GLY RA 88 -70.12 -86.06 36.66
CA GLY RA 88 -70.81 -86.69 37.77
C GLY RA 88 -70.22 -88.03 38.15
N MET SA 1 -24.09 105.37 16.81
CA MET SA 1 -24.20 105.77 18.19
C MET SA 1 -24.66 107.21 18.29
N ILE SA 2 -25.12 107.61 19.47
CA ILE SA 2 -25.47 108.99 19.75
C ILE SA 2 -24.98 109.34 21.15
N LEU SA 3 -24.60 110.60 21.33
CA LEU SA 3 -24.30 111.09 22.66
C LEU SA 3 -25.58 111.34 23.43
N ALA SA 4 -25.65 110.82 24.65
CA ALA SA 4 -26.84 110.96 25.45
C ALA SA 4 -26.45 111.01 26.92
N LYS SA 5 -27.41 111.36 27.75
CA LYS SA 5 -27.19 111.50 29.18
C LYS SA 5 -28.23 110.68 29.92
N VAL SA 6 -27.80 109.90 30.91
CA VAL SA 6 -28.73 109.12 31.70
C VAL SA 6 -29.52 110.05 32.62
N THR SA 7 -30.84 109.97 32.55
CA THR SA 7 -31.71 110.88 33.29
C THR SA 7 -32.70 110.18 34.20
N GLY SA 8 -32.65 108.86 34.32
CA GLY SA 8 -33.57 108.15 35.19
C GLY SA 8 -33.46 106.66 34.99
N HIS SA 9 -34.50 105.95 35.41
CA HIS SA 9 -34.56 104.51 35.21
C HIS SA 9 -36.02 104.09 35.20
N VAL SA 10 -36.25 102.85 34.76
CA VAL SA 10 -37.59 102.29 34.61
C VAL SA 10 -37.64 100.97 35.35
N VAL SA 11 -38.67 100.78 36.16
CA VAL SA 11 -38.88 99.55 36.90
C VAL SA 11 -40.04 98.82 36.28
N ALA SA 12 -39.77 97.68 35.64
CA ALA SA 12 -40.78 96.88 34.95
C ALA SA 12 -40.72 95.46 35.49
N THR SA 13 -41.84 94.98 36.00
CA THR SA 13 -41.92 93.65 36.60
C THR SA 13 -42.40 92.60 35.61
N GLN SA 14 -43.48 92.88 34.90
CA GLN SA 14 -44.03 91.97 33.90
C GLN SA 14 -43.37 92.28 32.56
N LYS SA 15 -42.43 91.43 32.16
CA LYS SA 15 -41.69 91.68 30.93
C LYS SA 15 -41.21 90.36 30.36
N CYS SA 16 -40.67 90.42 29.15
CA CYS SA 16 -40.20 89.23 28.46
C CYS SA 16 -39.00 88.64 29.17
N ASP SA 17 -38.51 87.53 28.62
CA ASP SA 17 -37.39 86.83 29.21
C ASP SA 17 -36.05 87.26 28.65
N GLU SA 18 -36.04 87.84 27.45
CA GLU SA 18 -34.79 88.39 26.89
C GLU SA 18 -34.29 89.58 27.67
N LEU SA 19 -35.07 90.09 28.63
CA LEU SA 19 -34.71 91.28 29.39
C LEU SA 19 -34.50 90.99 30.87
N ARG SA 20 -34.48 89.73 31.29
CA ARG SA 20 -34.34 89.41 32.71
C ARG SA 20 -32.93 89.72 33.18
N GLY SA 21 -32.83 90.43 34.30
CA GLY SA 21 -31.53 90.70 34.90
C GLY SA 21 -30.73 91.76 34.16
N SER SA 22 -31.33 92.92 33.94
CA SER SA 22 -30.64 94.00 33.25
C SER SA 22 -31.27 95.31 33.70
N ASN SA 23 -30.50 96.39 33.56
CA ASN SA 23 -30.98 97.70 33.92
C ASN SA 23 -31.73 98.30 32.75
N LEU SA 24 -32.63 99.23 33.04
CA LEU SA 24 -33.38 99.94 32.01
C LEU SA 24 -33.32 101.44 32.31
N LEU SA 25 -32.47 102.15 31.59
CA LEU SA 25 -32.20 103.55 31.86
C LEU SA 25 -32.94 104.44 30.88
N LEU SA 26 -33.35 105.61 31.35
CA LEU SA 26 -33.87 106.65 30.47
C LEU SA 26 -32.69 107.42 29.91
N ILE SA 27 -32.68 107.61 28.60
CA ILE SA 27 -31.51 108.06 27.86
C ILE SA 27 -31.95 109.26 27.03
N THR SA 28 -31.49 110.45 27.38
CA THR SA 28 -31.91 111.66 26.70
C THR SA 28 -30.82 112.16 25.77
N ARG SA 29 -31.14 112.35 24.51
CA ARG SA 29 -30.18 112.85 23.55
C ARG SA 29 -29.88 114.32 23.82
N LEU SA 30 -28.60 114.67 23.83
CA LEU SA 30 -28.16 116.02 24.17
C LEU SA 30 -27.58 116.71 22.95
N ASP SA 31 -27.75 118.03 22.89
CA ASP SA 31 -27.43 118.82 21.72
C ASP SA 31 -25.96 119.25 21.68
N ASP SA 32 -25.60 120.15 20.76
CA ASP SA 32 -24.20 120.50 20.54
C ASP SA 32 -23.63 121.43 21.60
N LYS SA 33 -24.37 121.72 22.67
CA LYS SA 33 -23.82 122.40 23.83
C LYS SA 33 -23.76 121.48 25.03
N GLN SA 34 -23.85 120.17 24.80
CA GLN SA 34 -23.93 119.18 25.87
C GLN SA 34 -25.07 119.50 26.83
N GLN SA 35 -26.27 119.60 26.27
CA GLN SA 35 -27.46 119.95 27.03
C GLN SA 35 -28.61 119.10 26.51
N PRO SA 36 -29.38 118.45 27.39
CA PRO SA 36 -30.44 117.57 26.92
C PRO SA 36 -31.50 118.31 26.11
N MET SA 37 -32.10 117.59 25.17
CA MET SA 37 -33.13 118.13 24.30
C MET SA 37 -34.50 117.79 24.86
N LYS SA 38 -35.54 118.18 24.11
CA LYS SA 38 -36.92 117.96 24.52
C LYS SA 38 -37.52 116.85 23.68
N ASP SA 39 -38.24 115.93 24.33
CA ASP SA 39 -38.94 114.84 23.65
C ASP SA 39 -37.97 113.96 22.86
N GLN SA 40 -36.88 113.57 23.51
CA GLN SA 40 -35.84 112.79 22.86
C GLN SA 40 -35.34 111.68 23.76
N THR SA 41 -36.25 110.99 24.45
CA THR SA 41 -35.89 110.01 25.46
C THR SA 41 -36.19 108.61 24.98
N TRP SA 42 -35.21 107.72 25.13
CA TRP SA 42 -35.38 106.30 24.84
C TRP SA 42 -35.05 105.51 26.09
N VAL SA 43 -35.36 104.23 26.06
CA VAL SA 43 -35.05 103.32 27.14
C VAL SA 43 -33.96 102.37 26.67
N ALA SA 44 -32.86 102.33 27.40
CA ALA SA 44 -31.69 101.57 26.98
C ALA SA 44 -31.32 100.55 28.03
N VAL SA 45 -30.96 99.35 27.58
CA VAL SA 45 -30.50 98.30 28.48
C VAL SA 45 -29.03 98.57 28.79
N ASP SA 46 -28.75 99.00 30.02
CA ASP SA 46 -27.37 99.26 30.41
C ASP SA 46 -26.52 98.01 30.21
N ASN SA 47 -25.28 98.23 29.82
CA ASN SA 47 -24.38 97.12 29.54
C ASN SA 47 -22.99 97.28 30.15
N VAL SA 48 -22.58 98.47 30.55
CA VAL SA 48 -21.24 98.71 31.10
C VAL SA 48 -21.28 99.31 32.48
N GLY SA 49 -22.44 99.57 33.05
CA GLY SA 49 -22.51 100.08 34.39
C GLY SA 49 -22.57 101.59 34.48
N ALA SA 50 -23.53 102.20 33.80
CA ALA SA 50 -23.73 103.64 33.86
C ALA SA 50 -24.82 103.97 34.87
N GLY SA 51 -24.70 105.14 35.47
CA GLY SA 51 -25.67 105.59 36.45
C GLY SA 51 -26.20 106.97 36.12
N MET SA 52 -26.80 107.65 37.08
CA MET SA 52 -27.42 108.93 36.80
C MET SA 52 -26.39 109.97 36.43
N HIS SA 53 -26.79 110.92 35.58
CA HIS SA 53 -26.03 112.11 35.22
C HIS SA 53 -24.82 111.81 34.35
N ASP SA 54 -24.60 110.57 33.96
CA ASP SA 54 -23.40 110.20 33.21
C ASP SA 54 -23.67 110.33 31.72
N ILE SA 55 -22.70 110.87 30.99
CA ILE SA 55 -22.80 110.99 29.54
C ILE SA 55 -22.34 109.69 28.92
N VAL SA 56 -23.24 109.04 28.18
CA VAL SA 56 -22.97 107.71 27.65
C VAL SA 56 -23.10 107.72 26.14
N LEU SA 57 -22.90 106.56 25.53
CA LEU SA 57 -22.87 106.40 24.08
C LEU SA 57 -23.85 105.29 23.74
N ALA SA 58 -25.09 105.66 23.44
CA ALA SA 58 -26.16 104.70 23.26
C ALA SA 58 -26.20 104.21 21.81
N GLU SA 59 -26.23 102.91 21.63
CA GLU SA 59 -26.20 102.29 20.32
C GLU SA 59 -27.58 101.79 19.93
N GLU SA 60 -27.83 101.75 18.62
CA GLU SA 60 -29.13 101.35 18.09
C GLU SA 60 -29.24 99.84 18.05
N TYR SA 61 -30.19 99.34 17.25
CA TYR SA 61 -30.83 98.04 17.44
C TYR SA 61 -29.93 96.92 17.94
N PHE SA 62 -28.93 96.52 17.15
CA PHE SA 62 -28.29 95.23 17.39
C PHE SA 62 -27.05 95.40 18.27
N ALA SA 63 -27.16 94.93 19.51
CA ALA SA 63 -26.01 94.83 20.40
C ALA SA 63 -26.04 93.55 21.23
N LEU SA 64 -26.82 92.55 20.82
CA LEU SA 64 -26.90 91.25 21.48
C LEU SA 64 -27.33 91.40 22.94
N ASN SA 65 -28.55 91.90 23.13
CA ASN SA 65 -29.08 92.13 24.47
C ASN SA 65 -30.56 91.80 24.57
N TYR SA 69 -31.38 88.96 19.18
CA TYR SA 69 -31.36 89.96 20.22
C TYR SA 69 -31.02 91.33 19.64
N LYS SA 70 -31.96 92.28 19.78
CA LYS SA 70 -31.79 93.58 19.17
C LYS SA 70 -32.19 94.74 20.07
N ALA SA 71 -31.91 94.66 21.37
CA ALA SA 71 -32.28 95.74 22.26
C ALA SA 71 -31.28 96.89 22.17
N MET SA 72 -31.78 98.10 22.34
CA MET SA 72 -30.97 99.32 22.30
C MET SA 72 -30.22 99.41 23.62
N SER SA 73 -28.89 99.35 23.57
CA SER SA 73 -28.09 99.30 24.78
C SER SA 73 -27.06 100.42 24.81
N VAL SA 74 -26.47 100.61 25.96
CA VAL SA 74 -25.37 101.54 26.18
C VAL SA 74 -24.08 100.78 26.05
N VAL SA 75 -23.13 101.32 25.28
CA VAL SA 75 -21.92 100.59 24.93
C VAL SA 75 -20.65 101.29 25.35
N ALA SA 76 -20.73 102.50 25.92
CA ALA SA 76 -19.52 103.22 26.29
C ALA SA 76 -19.88 104.36 27.22
N ILE SA 77 -19.02 104.61 28.20
CA ILE SA 77 -19.12 105.78 29.06
C ILE SA 77 -18.05 106.77 28.62
N VAL SA 78 -18.47 108.00 28.36
CA VAL SA 78 -17.62 108.96 27.66
C VAL SA 78 -16.88 109.82 28.66
N GLU SA 79 -15.56 109.92 28.47
CA GLU SA 79 -14.70 110.75 29.30
C GLU SA 79 -14.63 112.18 28.79
N LYS SA 80 -14.21 112.37 27.54
CA LYS SA 80 -14.01 113.68 26.95
C LYS SA 80 -14.70 113.75 25.59
N VAL SA 81 -15.32 114.89 25.32
CA VAL SA 81 -15.93 115.17 24.03
C VAL SA 81 -15.25 116.43 23.50
N PHE SA 82 -14.21 116.24 22.69
CA PHE SA 82 -13.53 117.36 22.07
C PHE SA 82 -14.29 117.75 20.80
N ARG SA 83 -14.70 119.00 20.70
CA ARG SA 83 -15.59 119.43 19.63
C ARG SA 83 -15.27 120.87 19.26
N ASP SA 84 -14.77 121.08 18.05
CA ASP SA 84 -14.60 122.43 17.53
C ASP SA 84 -14.40 122.39 16.01
N GLU TA 3 -39.35 77.99 79.33
CA GLU TA 3 -39.80 77.62 78.00
C GLU TA 3 -38.73 76.81 77.29
N ALA TA 4 -39.11 76.14 76.20
CA ALA TA 4 -38.19 75.28 75.48
C ALA TA 4 -37.19 76.10 74.69
N LEU TA 5 -36.37 75.42 73.90
CA LEU TA 5 -35.29 76.07 73.16
C LEU TA 5 -35.05 75.32 71.85
N GLY TA 6 -35.04 76.05 70.75
CA GLY TA 6 -34.82 75.44 69.44
C GLY TA 6 -33.62 76.04 68.75
N LEU TA 7 -32.91 75.20 68.00
CA LEU TA 7 -31.63 75.56 67.42
C LEU TA 7 -31.50 75.01 66.02
N ILE TA 8 -31.14 75.87 65.07
CA ILE TA 8 -30.78 75.44 63.72
C ILE TA 8 -29.40 76.01 63.41
N GLU TA 9 -28.60 75.23 62.71
CA GLU TA 9 -27.26 75.63 62.31
C GLU TA 9 -27.08 75.41 60.83
N THR TA 10 -26.59 76.43 60.13
CA THR TA 10 -26.45 76.38 58.68
C THR TA 10 -25.08 76.89 58.26
N LYS TA 11 -24.71 76.56 57.04
CA LYS TA 11 -23.52 77.11 56.42
C LYS TA 11 -23.91 78.35 55.62
N GLY TA 12 -23.39 79.50 56.01
CA GLY TA 12 -23.73 80.72 55.32
C GLY TA 12 -24.81 81.51 56.05
N LEU TA 13 -24.84 82.81 55.80
CA LEU TA 13 -25.79 83.66 56.52
C LEU TA 13 -27.15 83.67 55.85
N VAL TA 14 -27.20 83.60 54.53
CA VAL TA 14 -28.48 83.68 53.84
C VAL TA 14 -29.38 82.53 54.24
N ALA TA 15 -28.84 81.31 54.26
CA ALA TA 15 -29.65 80.16 54.61
C ALA TA 15 -30.19 80.26 56.03
N CYS TA 16 -29.52 81.01 56.90
CA CYS TA 16 -29.99 81.13 58.27
C CYS TA 16 -31.10 82.16 58.40
N ILE TA 17 -31.04 83.24 57.63
CA ILE TA 17 -32.10 84.24 57.71
C ILE TA 17 -33.39 83.69 57.12
N GLU TA 18 -33.29 82.87 56.09
CA GLU TA 18 -34.46 82.18 55.58
C GLU TA 18 -35.04 81.24 56.64
N ALA TA 19 -34.18 80.51 57.33
CA ALA TA 19 -34.65 79.59 58.36
C ALA TA 19 -35.28 80.33 59.53
N ALA TA 20 -34.68 81.44 59.95
CA ALA TA 20 -35.20 82.16 61.10
C ALA TA 20 -36.48 82.91 60.77
N ASP TA 21 -36.74 83.16 59.48
CA ASP TA 21 -38.00 83.78 59.10
C ASP TA 21 -39.11 82.74 59.04
N ALA TA 22 -38.81 81.57 58.50
CA ALA TA 22 -39.81 80.50 58.47
C ALA TA 22 -40.20 80.09 59.88
N MET TA 23 -39.22 79.97 60.79
CA MET TA 23 -39.53 79.63 62.16
C MET TA 23 -40.49 80.64 62.78
N CYS TA 24 -40.21 81.93 62.63
CA CYS TA 24 -41.02 82.94 63.29
C CYS TA 24 -42.44 82.99 62.74
N LYS TA 25 -42.64 82.61 61.48
CA LYS TA 25 -43.97 82.66 60.88
C LYS TA 25 -44.79 81.43 61.22
N ALA TA 26 -44.15 80.28 61.39
CA ALA TA 26 -44.84 79.00 61.47
C ALA TA 26 -45.42 78.70 62.83
N ALA TA 27 -45.06 79.42 63.88
CA ALA TA 27 -45.59 79.14 65.21
C ALA TA 27 -45.32 80.33 66.11
N ASN TA 28 -45.87 80.26 67.31
CA ASN TA 28 -45.74 81.35 68.28
C ASN TA 28 -44.46 81.17 69.08
N VAL TA 29 -43.34 81.50 68.43
CA VAL TA 29 -42.03 81.47 69.06
C VAL TA 29 -41.37 82.83 68.85
N GLU TA 30 -40.45 83.17 69.74
CA GLU TA 30 -39.74 84.44 69.66
C GLU TA 30 -38.27 84.18 69.38
N LEU TA 31 -37.65 85.08 68.61
CA LEU TA 31 -36.28 84.90 68.16
C LEU TA 31 -35.32 85.47 69.21
N ILE TA 32 -34.39 84.64 69.66
CA ILE TA 32 -33.42 85.09 70.66
C ILE TA 32 -32.29 85.86 70.01
N GLY TA 33 -31.64 85.27 69.02
CA GLY TA 33 -30.59 85.96 68.30
C GLY TA 33 -29.81 85.01 67.43
N TYR TA 34 -28.81 85.58 66.75
CA TYR TA 34 -27.86 84.82 65.95
C TYR TA 34 -26.53 84.73 66.67
N GLU TA 35 -25.71 83.76 66.24
CA GLU TA 35 -24.38 83.59 66.82
C GLU TA 35 -23.56 82.77 65.84
N ASN TA 36 -22.60 83.39 65.17
CA ASN TA 36 -21.71 82.64 64.30
C ASN TA 36 -20.40 82.34 65.01
N VAL TA 37 -19.94 81.11 64.87
CA VAL TA 37 -18.72 80.64 65.51
C VAL TA 37 -17.76 80.24 64.39
N GLY TA 38 -16.97 81.20 63.93
CA GLY TA 38 -15.95 80.86 62.97
C GLY TA 38 -16.50 80.41 61.63
N SER TA 39 -15.96 79.30 61.13
CA SER TA 39 -15.99 79.00 59.71
C SER TA 39 -17.39 78.79 59.18
N GLY TA 40 -17.94 79.82 58.54
CA GLY TA 40 -19.23 79.80 57.88
C GLY TA 40 -20.35 79.07 58.59
N LEU TA 41 -20.45 79.19 59.90
CA LEU TA 41 -21.49 78.51 60.66
C LEU TA 41 -22.26 79.55 61.46
N VAL TA 42 -23.54 79.72 61.13
CA VAL TA 42 -24.42 80.64 61.84
C VAL TA 42 -25.53 79.82 62.47
N THR TA 43 -25.97 80.24 63.65
CA THR TA 43 -26.98 79.53 64.42
C THR TA 43 -28.04 80.51 64.90
N ALA TA 44 -29.30 80.15 64.71
CA ALA TA 44 -30.43 80.91 65.20
C ALA TA 44 -31.09 80.17 66.34
N MET TA 45 -31.56 80.91 67.35
CA MET TA 45 -32.14 80.34 68.55
C MET TA 45 -33.52 80.93 68.77
N VAL TA 46 -34.52 80.07 68.97
CA VAL TA 46 -35.88 80.48 69.25
C VAL TA 46 -36.33 79.84 70.56
N LYS TA 47 -37.30 80.46 71.20
CA LYS TA 47 -37.83 79.90 72.44
C LYS TA 47 -39.34 80.06 72.48
N GLY TA 48 -39.98 79.18 73.21
CA GLY TA 48 -41.43 79.14 73.29
C GLY TA 48 -41.87 77.85 73.93
N ASP TA 49 -43.16 77.55 73.83
CA ASP TA 49 -43.65 76.31 74.40
C ASP TA 49 -43.13 75.11 73.61
N VAL TA 50 -43.26 73.92 74.20
CA VAL TA 50 -42.61 72.75 73.64
C VAL TA 50 -43.29 72.31 72.36
N GLY TA 51 -44.62 72.40 72.30
CA GLY TA 51 -45.33 72.02 71.09
C GLY TA 51 -45.13 73.04 69.98
N ALA TA 52 -45.03 74.31 70.33
CA ALA TA 52 -44.77 75.34 69.33
C ALA TA 52 -43.35 75.26 68.82
N VAL TA 53 -42.38 75.21 69.72
CA VAL TA 53 -40.97 75.19 69.30
C VAL TA 53 -40.68 73.98 68.43
N ASN TA 54 -41.28 72.84 68.76
CA ASN TA 54 -41.11 71.66 67.95
C ASN TA 54 -41.67 71.87 66.55
N ALA TA 55 -42.73 72.67 66.44
CA ALA TA 55 -43.36 72.92 65.15
C ALA TA 55 -42.61 73.98 64.36
N ALA TA 56 -41.88 74.85 65.04
CA ALA TA 56 -41.11 75.88 64.34
C ALA TA 56 -39.83 75.30 63.76
N VAL TA 57 -39.20 74.36 64.47
CA VAL TA 57 -37.89 73.89 64.04
C VAL TA 57 -37.99 73.01 62.79
N ASP TA 58 -39.02 72.17 62.72
CA ASP TA 58 -39.13 71.32 61.53
C ASP TA 58 -39.58 72.11 60.31
N SER TA 59 -40.20 73.27 60.53
CA SER TA 59 -40.52 74.15 59.42
C SER TA 59 -39.30 74.94 58.96
N GLY TA 60 -38.54 75.46 59.91
CA GLY TA 60 -37.33 76.21 59.57
C GLY TA 60 -36.25 75.35 58.93
N VAL TA 61 -36.15 74.09 59.33
CA VAL TA 61 -35.20 73.20 58.69
C VAL TA 61 -35.61 72.94 57.26
N GLU TA 62 -36.92 72.88 57.02
CA GLU TA 62 -37.44 72.57 55.69
C GLU TA 62 -37.13 73.69 54.71
N ALA TA 63 -37.14 74.93 55.17
CA ALA TA 63 -36.91 76.08 54.30
C ALA TA 63 -35.42 76.27 54.01
N ALA TA 64 -34.59 76.24 55.04
CA ALA TA 64 -33.16 76.45 54.82
C ALA TA 64 -32.55 75.31 54.03
N LYS TA 65 -33.05 74.08 54.21
CA LYS TA 65 -32.59 72.96 53.42
C LYS TA 65 -32.83 73.14 51.94
N ARG TA 66 -33.71 74.08 51.58
CA ARG TA 66 -34.07 74.30 50.19
C ARG TA 66 -32.97 75.03 49.43
N ILE TA 67 -32.34 76.01 50.07
CA ILE TA 67 -31.36 76.86 49.40
C ILE TA 67 -29.96 76.73 49.96
N GLY TA 68 -29.79 76.04 51.09
CA GLY TA 68 -28.47 75.91 51.66
C GLY TA 68 -28.26 74.59 52.37
N LYS TA 69 -27.29 74.54 53.26
CA LYS TA 69 -26.98 73.34 54.01
C LYS TA 69 -27.41 73.55 55.46
N VAL TA 70 -28.31 72.71 55.94
CA VAL TA 70 -28.64 72.67 57.36
C VAL TA 70 -27.72 71.64 58.01
N VAL TA 71 -26.91 72.09 58.96
CA VAL TA 71 -25.92 71.21 59.57
C VAL TA 71 -26.52 70.42 60.72
N SER TA 72 -27.27 71.07 61.60
CA SER TA 72 -27.85 70.40 62.75
C SER TA 72 -29.08 71.16 63.23
N SER TA 73 -29.97 70.44 63.88
CA SER TA 73 -31.12 71.03 64.53
C SER TA 73 -31.41 70.25 65.80
N ARG TA 74 -32.01 70.93 66.78
CA ARG TA 74 -32.19 70.31 68.08
C ARG TA 74 -33.19 71.12 68.89
N VAL TA 75 -34.04 70.43 69.64
CA VAL TA 75 -34.99 71.05 70.56
C VAL TA 75 -34.65 70.58 71.96
N ILE TA 76 -34.60 71.50 72.90
CA ILE TA 76 -34.34 71.20 74.31
C ILE TA 76 -35.61 71.52 75.07
N ALA TA 77 -36.23 70.49 75.64
CA ALA TA 77 -37.57 70.66 76.20
C ALA TA 77 -37.55 71.45 77.50
N ARG TA 78 -36.52 71.27 78.32
CA ARG TA 78 -36.35 72.06 79.53
C ARG TA 78 -34.88 72.40 79.66
N PRO TA 79 -34.47 73.58 79.22
CA PRO TA 79 -33.06 73.97 79.37
C PRO TA 79 -32.74 74.25 80.83
N HIS TA 80 -31.55 73.82 81.24
CA HIS TA 80 -31.15 74.01 82.62
C HIS TA 80 -30.96 75.49 82.92
N ASN TA 81 -31.26 75.87 84.15
CA ASN TA 81 -31.27 77.29 84.52
C ASN TA 81 -29.90 77.92 84.27
N ASP TA 82 -28.82 77.16 84.49
CA ASP TA 82 -27.48 77.69 84.27
C ASP TA 82 -27.29 78.13 82.82
N ILE TA 83 -27.83 77.37 81.88
CA ILE TA 83 -27.68 77.67 80.47
C ILE TA 83 -28.62 78.78 80.06
N GLU UA 3 -40.64 97.04 54.73
CA GLU UA 3 -40.20 96.99 53.35
C GLU UA 3 -39.46 95.70 53.07
N ALA UA 4 -39.39 95.31 51.81
CA ALA UA 4 -38.80 94.04 51.44
C ALA UA 4 -37.32 94.01 51.77
N LEU UA 5 -36.68 92.88 51.51
CA LEU UA 5 -35.30 92.69 51.89
C LEU UA 5 -34.65 91.69 50.96
N GLY UA 6 -33.50 92.03 50.43
CA GLY UA 6 -32.82 91.17 49.48
C GLY UA 6 -31.40 90.91 49.91
N LEU UA 7 -30.92 89.70 49.64
CA LEU UA 7 -29.60 89.26 50.06
C LEU UA 7 -28.88 88.61 48.90
N ILE UA 8 -27.59 88.90 48.79
CA ILE UA 8 -26.70 88.18 47.89
C ILE UA 8 -25.48 87.74 48.70
N GLU UA 9 -25.07 86.50 48.53
CA GLU UA 9 -23.92 85.95 49.22
C GLU UA 9 -22.87 85.53 48.21
N THR UA 10 -21.67 86.04 48.37
CA THR UA 10 -20.59 85.83 47.41
C THR UA 10 -19.34 85.38 48.13
N LYS UA 11 -18.48 84.67 47.41
CA LYS UA 11 -17.19 84.24 47.92
C LYS UA 11 -16.15 85.29 47.58
N GLY UA 12 -15.69 86.00 48.59
CA GLY UA 12 -14.74 87.07 48.36
C GLY UA 12 -15.41 88.43 48.38
N LEU UA 13 -14.65 89.44 48.76
CA LEU UA 13 -15.23 90.78 48.92
C LEU UA 13 -15.39 91.50 47.59
N VAL UA 14 -14.50 91.26 46.63
CA VAL UA 14 -14.58 92.01 45.37
C VAL UA 14 -15.87 91.69 44.65
N ALA UA 15 -16.22 90.42 44.54
CA ALA UA 15 -17.47 90.04 43.89
C ALA UA 15 -18.68 90.63 44.60
N CYS UA 16 -18.55 90.98 45.88
CA CYS UA 16 -19.66 91.55 46.62
C CYS UA 16 -19.81 93.04 46.36
N ILE UA 17 -18.72 93.74 46.09
CA ILE UA 17 -18.84 95.16 45.75
C ILE UA 17 -19.35 95.35 44.35
N GLU UA 18 -19.00 94.46 43.42
CA GLU UA 18 -19.60 94.49 42.10
C GLU UA 18 -21.10 94.19 42.18
N ALA UA 19 -21.48 93.20 42.99
CA ALA UA 19 -22.89 92.90 43.17
C ALA UA 19 -23.64 94.09 43.77
N ALA UA 20 -23.06 94.75 44.76
CA ALA UA 20 -23.77 95.85 45.41
C ALA UA 20 -23.79 97.10 44.54
N ASP UA 21 -22.86 97.23 43.60
CA ASP UA 21 -22.91 98.37 42.69
C ASP UA 21 -24.01 98.19 41.67
N ALA UA 22 -24.18 96.98 41.16
CA ALA UA 22 -25.27 96.72 40.21
C ALA UA 22 -26.62 96.83 40.90
N MET UA 23 -26.71 96.42 42.15
CA MET UA 23 -27.96 96.50 42.88
C MET UA 23 -28.40 97.95 43.08
N CYS UA 24 -27.46 98.82 43.42
CA CYS UA 24 -27.81 100.19 43.75
C CYS UA 24 -28.09 101.05 42.52
N LYS UA 25 -27.65 100.62 41.35
CA LYS UA 25 -27.96 101.33 40.11
C LYS UA 25 -29.23 100.85 39.45
N ALA UA 26 -29.68 99.64 39.76
CA ALA UA 26 -30.77 99.01 39.05
C ALA UA 26 -32.13 99.51 39.50
N ALA UA 27 -32.24 100.01 40.74
CA ALA UA 27 -33.52 100.47 41.24
C ALA UA 27 -33.27 101.38 42.42
N ASN UA 28 -34.36 101.83 43.05
CA ASN UA 28 -34.29 102.80 44.14
C ASN UA 28 -34.34 102.05 45.47
N VAL UA 29 -33.21 101.44 45.82
CA VAL UA 29 -33.07 100.71 47.06
C VAL UA 29 -31.94 101.34 47.86
N GLU UA 30 -32.06 101.29 49.18
CA GLU UA 30 -31.00 101.75 50.08
C GLU UA 30 -30.21 100.54 50.56
N LEU UA 31 -28.89 100.67 50.53
CA LEU UA 31 -28.01 99.58 50.89
C LEU UA 31 -27.74 99.62 52.39
N ILE UA 32 -27.90 98.48 53.05
CA ILE UA 32 -27.78 98.43 54.50
C ILE UA 32 -26.33 98.23 54.94
N GLY UA 33 -25.67 97.22 54.42
CA GLY UA 33 -24.27 97.02 54.73
C GLY UA 33 -23.87 95.58 54.58
N TYR UA 34 -22.56 95.36 54.64
CA TYR UA 34 -21.97 94.04 54.47
C TYR UA 34 -21.86 93.32 55.81
N GLU UA 35 -21.73 91.99 55.74
CA GLU UA 35 -21.55 91.16 56.92
C GLU UA 35 -20.87 89.89 56.47
N ASN UA 36 -19.62 89.67 56.89
CA ASN UA 36 -18.94 88.43 56.58
C ASN UA 36 -18.96 87.50 57.78
N VAL UA 37 -19.13 86.21 57.51
CA VAL UA 37 -19.27 85.20 58.55
C VAL UA 37 -18.10 84.24 58.56
N GLY UA 38 -17.05 84.54 57.81
CA GLY UA 38 -15.89 83.68 57.74
C GLY UA 38 -15.98 82.68 56.61
N SER UA 39 -14.84 82.06 56.34
CA SER UA 39 -14.66 81.12 55.23
C SER UA 39 -14.76 81.80 53.87
N GLY UA 40 -14.65 83.13 53.84
CA GLY UA 40 -14.68 83.87 52.60
C GLY UA 40 -16.05 84.30 52.14
N LEU UA 41 -17.09 84.07 52.93
CA LEU UA 41 -18.45 84.41 52.54
C LEU UA 41 -18.79 85.81 52.99
N VAL UA 42 -19.15 86.67 52.04
CA VAL UA 42 -19.57 88.04 52.32
C VAL UA 42 -20.98 88.22 51.77
N THR UA 43 -21.81 88.95 52.51
CA THR UA 43 -23.22 89.12 52.18
C THR UA 43 -23.57 90.59 52.15
N ALA UA 44 -24.28 91.00 51.11
CA ALA UA 44 -24.79 92.36 50.97
C ALA UA 44 -26.30 92.35 51.14
N MET UA 45 -26.83 93.39 51.79
CA MET UA 45 -28.23 93.44 52.16
C MET UA 45 -28.81 94.79 51.74
N VAL UA 46 -29.87 94.76 50.96
CA VAL UA 46 -30.59 95.96 50.53
C VAL UA 46 -32.01 95.90 51.04
N LYS UA 47 -32.70 97.04 51.01
CA LYS UA 47 -34.08 97.07 51.43
C LYS UA 47 -34.81 98.17 50.67
N GLY UA 48 -36.07 97.90 50.36
CA GLY UA 48 -36.90 98.83 49.62
C GLY UA 48 -38.22 98.17 49.29
N ASP UA 49 -38.94 98.77 48.35
CA ASP UA 49 -40.19 98.18 47.90
C ASP UA 49 -39.91 96.88 47.16
N VAL UA 50 -40.92 96.00 47.16
CA VAL UA 50 -40.69 94.64 46.70
C VAL UA 50 -40.54 94.56 45.18
N GLY UA 51 -41.02 95.55 44.44
CA GLY UA 51 -40.79 95.58 43.01
C GLY UA 51 -39.39 96.04 42.69
N ALA UA 52 -38.88 96.97 43.51
CA ALA UA 52 -37.52 97.45 43.32
C ALA UA 52 -36.50 96.43 43.79
N VAL UA 53 -36.75 95.82 44.95
CA VAL UA 53 -35.79 94.86 45.50
C VAL UA 53 -35.70 93.63 44.61
N ASN UA 54 -36.82 93.23 44.01
CA ASN UA 54 -36.79 92.08 43.12
C ASN UA 54 -35.93 92.38 41.89
N ALA UA 55 -36.00 93.61 41.39
CA ALA UA 55 -35.22 93.97 40.21
C ALA UA 55 -33.75 94.11 40.55
N ALA UA 56 -33.44 94.62 41.74
CA ALA UA 56 -32.04 94.84 42.12
C ALA UA 56 -31.31 93.51 42.30
N VAL UA 57 -31.93 92.56 43.00
CA VAL UA 57 -31.25 91.30 43.28
C VAL UA 57 -31.03 90.50 42.00
N ASP UA 58 -31.97 90.57 41.06
CA ASP UA 58 -31.76 89.87 39.80
C ASP UA 58 -30.61 90.47 39.01
N SER UA 59 -30.42 91.78 39.10
CA SER UA 59 -29.34 92.43 38.39
C SER UA 59 -28.00 92.19 39.10
N GLY UA 60 -27.99 92.30 40.43
CA GLY UA 60 -26.78 92.07 41.17
C GLY UA 60 -26.26 90.66 41.04
N VAL UA 61 -27.15 89.69 40.96
CA VAL UA 61 -26.72 88.29 40.83
C VAL UA 61 -26.01 88.08 39.51
N GLU UA 62 -26.52 88.68 38.44
CA GLU UA 62 -25.92 88.45 37.13
C GLU UA 62 -24.58 89.14 36.98
N ALA UA 63 -24.40 90.31 37.62
CA ALA UA 63 -23.13 91.01 37.50
C ALA UA 63 -22.04 90.35 38.32
N ALA UA 64 -22.34 89.96 39.56
CA ALA UA 64 -21.37 89.25 40.38
C ALA UA 64 -21.05 87.88 39.82
N LYS UA 65 -22.04 87.23 39.21
CA LYS UA 65 -21.79 85.93 38.59
C LYS UA 65 -20.74 86.03 37.51
N ARG UA 66 -20.60 87.20 36.89
CA ARG UA 66 -19.69 87.36 35.77
C ARG UA 66 -18.23 87.31 36.20
N ILE UA 67 -17.92 87.80 37.41
CA ILE UA 67 -16.54 87.98 37.85
C ILE UA 67 -16.22 87.22 39.11
N GLY UA 68 -17.14 86.44 39.65
CA GLY UA 68 -16.88 85.68 40.85
C GLY UA 68 -17.87 84.58 41.00
N LYS UA 69 -17.94 84.03 42.20
CA LYS UA 69 -18.90 82.99 42.51
C LYS UA 69 -20.00 83.57 43.38
N VAL UA 70 -21.24 83.42 42.94
CA VAL UA 70 -22.40 83.77 43.74
C VAL UA 70 -22.89 82.52 44.43
N VAL UA 71 -22.93 82.54 45.75
CA VAL UA 71 -23.29 81.34 46.50
C VAL UA 71 -24.80 81.21 46.63
N SER UA 72 -25.47 82.32 46.94
CA SER UA 72 -26.90 82.27 47.22
C SER UA 72 -27.50 83.65 47.08
N SER UA 73 -28.78 83.70 46.78
CA SER UA 73 -29.53 84.94 46.70
C SER UA 73 -30.95 84.69 47.18
N ARG UA 74 -31.62 85.75 47.61
CA ARG UA 74 -32.93 85.57 48.23
C ARG UA 74 -33.61 86.92 48.38
N VAL UA 75 -34.91 86.95 48.13
CA VAL UA 75 -35.75 88.11 48.42
C VAL UA 75 -36.77 87.70 49.47
N ILE UA 76 -36.96 88.54 50.48
CA ILE UA 76 -37.95 88.32 51.52
C ILE UA 76 -38.95 89.46 51.43
N ALA UA 77 -40.16 89.15 50.99
CA ALA UA 77 -41.12 90.19 50.63
C ALA UA 77 -41.72 90.85 51.87
N ARG UA 78 -42.20 90.06 52.82
CA ARG UA 78 -42.70 90.58 54.09
C ARG UA 78 -41.88 89.99 55.22
N PRO UA 79 -40.80 90.65 55.63
CA PRO UA 79 -39.98 90.13 56.70
C PRO UA 79 -40.65 90.34 58.04
N HIS UA 80 -40.46 89.37 58.93
CA HIS UA 80 -41.07 89.45 60.26
C HIS UA 80 -40.42 90.55 61.08
N ASN UA 81 -41.20 91.11 62.02
CA ASN UA 81 -40.70 92.23 62.80
C ASN UA 81 -39.60 91.81 63.76
N ASP UA 82 -39.58 90.55 64.17
CA ASP UA 82 -38.47 90.04 64.97
C ASP UA 82 -37.19 90.02 64.18
N ILE UA 83 -37.27 89.90 62.86
CA ILE UA 83 -36.10 89.88 62.02
C ILE UA 83 -35.65 91.31 61.71
N GLU VA 3 -55.63 95.96 40.63
CA GLU VA 3 -54.40 95.34 41.07
C GLU VA 3 -54.27 93.94 40.48
N ALA VA 4 -53.09 93.35 40.63
CA ALA VA 4 -52.80 92.09 39.96
C ALA VA 4 -53.67 90.97 40.53
N LEU VA 5 -53.52 89.79 39.94
CA LEU VA 5 -54.36 88.65 40.28
C LEU VA 5 -53.55 87.38 40.15
N GLY VA 6 -53.50 86.60 41.23
CA GLY VA 6 -52.73 85.36 41.25
C GLY VA 6 -53.63 84.16 41.50
N LEU VA 7 -53.39 83.08 40.76
CA LEU VA 7 -54.22 81.90 40.80
C LEU VA 7 -53.37 80.65 40.96
N ILE VA 8 -53.80 79.75 41.84
CA ILE VA 8 -53.20 78.43 41.97
C ILE VA 8 -54.31 77.41 41.93
N GLU VA 9 -54.09 76.32 41.22
CA GLU VA 9 -55.09 75.27 41.06
C GLU VA 9 -54.50 73.94 41.45
N THR VA 10 -55.19 73.22 42.33
CA THR VA 10 -54.69 71.99 42.91
C THR VA 10 -55.77 70.92 42.86
N LYS VA 11 -55.35 69.67 43.03
CA LYS VA 11 -56.27 68.57 43.23
C LYS VA 11 -56.51 68.38 44.72
N GLY VA 12 -57.74 68.57 45.15
CA GLY VA 12 -58.02 68.38 46.56
C GLY VA 12 -57.94 69.67 47.35
N LEU VA 13 -58.62 69.68 48.49
CA LEU VA 13 -58.73 70.89 49.28
C LEU VA 13 -57.52 71.09 50.18
N VAL VA 14 -56.89 70.02 50.65
CA VAL VA 14 -55.80 70.18 51.60
C VAL VA 14 -54.61 70.87 50.95
N ALA VA 15 -54.29 70.47 49.71
CA ALA VA 15 -53.18 71.14 49.01
C ALA VA 15 -53.48 72.60 48.76
N CYS VA 16 -54.76 72.98 48.74
CA CYS VA 16 -55.11 74.36 48.46
C CYS VA 16 -55.14 75.21 49.72
N ILE VA 17 -55.35 74.60 50.89
CA ILE VA 17 -55.26 75.38 52.12
C ILE VA 17 -53.80 75.61 52.48
N GLU VA 18 -52.92 74.68 52.11
CA GLU VA 18 -51.51 74.93 52.33
C GLU VA 18 -50.97 75.98 51.37
N ALA VA 19 -51.45 75.97 50.12
CA ALA VA 19 -51.04 77.01 49.18
C ALA VA 19 -51.56 78.37 49.61
N ALA VA 20 -52.80 78.43 50.08
CA ALA VA 20 -53.36 79.71 50.48
C ALA VA 20 -52.73 80.24 51.76
N ASP VA 21 -52.29 79.34 52.64
CA ASP VA 21 -51.62 79.78 53.86
C ASP VA 21 -50.24 80.32 53.55
N ALA VA 22 -49.49 79.63 52.70
CA ALA VA 22 -48.16 80.10 52.33
C ALA VA 22 -48.23 81.44 51.60
N MET VA 23 -49.21 81.60 50.71
CA MET VA 23 -49.33 82.83 49.96
C MET VA 23 -49.57 84.02 50.88
N CYS VA 24 -50.49 83.89 51.83
CA CYS VA 24 -50.82 85.01 52.69
C CYS VA 24 -49.69 85.36 53.65
N LYS VA 25 -48.79 84.42 53.91
CA LYS VA 25 -47.68 84.69 54.83
C LYS VA 25 -46.53 85.39 54.12
N ALA VA 26 -46.29 85.06 52.86
CA ALA VA 26 -45.06 85.41 52.17
C ALA VA 26 -45.13 86.71 51.40
N ALA VA 27 -46.20 87.47 51.53
CA ALA VA 27 -46.33 88.73 50.82
C ALA VA 27 -47.57 89.46 51.32
N ASN VA 28 -47.66 90.74 51.00
CA ASN VA 28 -48.80 91.55 51.41
C ASN VA 28 -49.88 91.46 50.33
N VAL VA 29 -50.65 90.38 50.41
CA VAL VA 29 -51.73 90.13 49.47
C VAL VA 29 -53.02 89.91 50.24
N GLU VA 30 -54.13 89.96 49.52
CA GLU VA 30 -55.46 89.73 50.08
C GLU VA 30 -56.04 88.49 49.45
N LEU VA 31 -56.56 87.58 50.28
CA LEU VA 31 -57.17 86.37 49.77
C LEU VA 31 -58.62 86.63 49.43
N ILE VA 32 -59.00 86.33 48.19
CA ILE VA 32 -60.37 86.55 47.74
C ILE VA 32 -61.27 85.39 48.09
N GLY VA 33 -60.85 84.17 47.79
CA GLY VA 33 -61.62 83.01 48.18
C GLY VA 33 -61.25 81.81 47.32
N TYR VA 34 -61.90 80.71 47.64
CA TYR VA 34 -61.77 79.46 46.90
C TYR VA 34 -62.93 79.31 45.93
N GLU VA 35 -62.72 78.49 44.91
CA GLU VA 35 -63.75 78.26 43.90
C GLU VA 35 -63.46 76.92 43.23
N ASN VA 36 -64.21 75.88 43.61
CA ASN VA 36 -64.01 74.56 43.04
C ASN VA 36 -65.01 74.30 41.92
N VAL VA 37 -64.62 73.42 41.00
CA VAL VA 37 -65.41 73.15 39.80
C VAL VA 37 -65.61 71.65 39.63
N GLY VA 38 -65.58 70.90 40.72
CA GLY VA 38 -65.75 69.46 40.63
C GLY VA 38 -64.50 68.80 40.06
N SER VA 39 -64.52 67.47 40.06
CA SER VA 39 -63.36 66.63 39.77
C SER VA 39 -62.23 66.84 40.76
N GLY VA 40 -62.50 67.48 41.90
CA GLY VA 40 -61.48 67.70 42.89
C GLY VA 40 -60.57 68.88 42.62
N LEU VA 41 -60.82 69.65 41.57
CA LEU VA 41 -60.02 70.83 41.28
C LEU VA 41 -60.50 71.99 42.14
N VAL VA 42 -59.61 72.55 42.95
CA VAL VA 42 -59.91 73.72 43.77
C VAL VA 42 -58.91 74.80 43.40
N THR VA 43 -59.35 76.05 43.44
CA THR VA 43 -58.55 77.19 43.00
C THR VA 43 -58.57 78.28 44.06
N ALA VA 44 -57.40 78.84 44.34
CA ALA VA 44 -57.26 79.96 45.26
C ALA VA 44 -56.92 81.21 44.47
N MET VA 45 -57.46 82.36 44.90
CA MET VA 45 -57.27 83.62 44.21
C MET VA 45 -56.80 84.67 45.20
N VAL VA 46 -55.61 85.22 44.98
CA VAL VA 46 -55.09 86.31 45.78
C VAL VA 46 -55.07 87.57 44.93
N LYS VA 47 -54.96 88.71 45.61
CA LYS VA 47 -55.06 89.99 44.92
C LYS VA 47 -54.17 91.01 45.62
N GLY VA 48 -53.37 91.74 44.85
CA GLY VA 48 -52.51 92.75 45.42
C GLY VA 48 -51.66 93.38 44.34
N ASP VA 49 -50.65 94.14 44.76
CA ASP VA 49 -49.72 94.73 43.82
C ASP VA 49 -48.96 93.65 43.07
N VAL VA 50 -48.42 94.02 41.91
CA VAL VA 50 -47.86 93.03 41.00
C VAL VA 50 -46.65 92.35 41.61
N GLY VA 51 -45.77 93.12 42.26
CA GLY VA 51 -44.58 92.53 42.84
C GLY VA 51 -44.91 91.60 43.99
N ALA VA 52 -45.85 92.00 44.84
CA ALA VA 52 -46.28 91.14 45.94
C ALA VA 52 -46.94 89.88 45.40
N VAL VA 53 -47.91 90.03 44.51
CA VAL VA 53 -48.66 88.89 43.99
C VAL VA 53 -47.73 87.93 43.27
N ASN VA 54 -46.75 88.46 42.54
CA ASN VA 54 -45.78 87.59 41.91
C ASN VA 54 -45.08 86.73 42.95
N ALA VA 55 -44.53 87.36 43.98
CA ALA VA 55 -43.80 86.64 45.03
C ALA VA 55 -44.69 85.62 45.72
N ALA VA 56 -45.93 85.98 46.01
CA ALA VA 56 -46.84 85.08 46.72
C ALA VA 56 -47.06 83.79 45.94
N VAL VA 57 -47.36 83.92 44.64
CA VAL VA 57 -47.67 82.74 43.84
C VAL VA 57 -46.48 81.79 43.77
N ASP VA 58 -45.27 82.34 43.78
CA ASP VA 58 -44.09 81.48 43.74
C ASP VA 58 -43.96 80.65 45.01
N SER VA 59 -44.16 81.28 46.17
CA SER VA 59 -44.07 80.55 47.43
C SER VA 59 -45.26 79.61 47.59
N GLY VA 60 -46.45 80.06 47.21
CA GLY VA 60 -47.63 79.22 47.36
C GLY VA 60 -47.56 77.94 46.56
N VAL VA 61 -46.97 78.00 45.37
CA VAL VA 61 -46.84 76.79 44.56
C VAL VA 61 -45.78 75.88 45.16
N GLU VA 62 -44.75 76.47 45.75
CA GLU VA 62 -43.66 75.68 46.33
C GLU VA 62 -44.13 74.90 47.55
N ALA VA 63 -45.03 75.48 48.35
CA ALA VA 63 -45.56 74.80 49.51
C ALA VA 63 -46.58 73.74 49.12
N ALA VA 64 -47.47 74.06 48.18
CA ALA VA 64 -48.53 73.13 47.82
C ALA VA 64 -47.99 71.94 47.07
N LYS VA 65 -47.04 72.15 46.16
CA LYS VA 65 -46.45 71.04 45.43
C LYS VA 65 -45.78 70.03 46.34
N ARG VA 66 -45.52 70.42 47.58
CA ARG VA 66 -44.75 69.60 48.50
C ARG VA 66 -45.57 68.47 49.08
N ILE VA 67 -46.88 68.66 49.23
CA ILE VA 67 -47.76 67.64 49.80
C ILE VA 67 -48.80 67.15 48.82
N GLY VA 68 -49.12 67.89 47.76
CA GLY VA 68 -50.16 67.49 46.84
C GLY VA 68 -49.77 67.82 45.41
N LYS VA 69 -50.74 68.03 44.54
CA LYS VA 69 -50.48 68.27 43.12
C LYS VA 69 -50.95 69.66 42.75
N VAL VA 70 -50.04 70.46 42.22
CA VAL VA 70 -50.37 71.79 41.71
C VAL VA 70 -50.61 71.66 40.22
N VAL VA 71 -51.84 71.94 39.79
CA VAL VA 71 -52.22 71.73 38.41
C VAL VA 71 -51.73 72.88 37.53
N SER VA 72 -51.95 74.11 37.97
CA SER VA 72 -51.50 75.26 37.21
C SER VA 72 -51.46 76.48 38.11
N SER VA 73 -50.63 77.44 37.72
CA SER VA 73 -50.52 78.72 38.39
C SER VA 73 -50.40 79.81 37.34
N ARG VA 74 -50.73 81.05 37.74
CA ARG VA 74 -50.80 82.13 36.77
C ARG VA 74 -50.90 83.45 37.50
N VAL VA 75 -50.26 84.48 36.97
CA VAL VA 75 -50.39 85.85 37.47
C VAL VA 75 -50.86 86.74 36.33
N ILE VA 76 -51.94 87.46 36.54
CA ILE VA 76 -52.43 88.46 35.61
C ILE VA 76 -52.08 89.82 36.18
N ALA VA 77 -51.21 90.55 35.49
CA ALA VA 77 -50.69 91.79 36.05
C ALA VA 77 -51.74 92.89 36.07
N ARG VA 78 -52.63 92.91 35.07
CA ARG VA 78 -53.66 93.93 34.97
C ARG VA 78 -54.90 93.29 34.35
N PRO VA 79 -55.80 92.77 35.17
CA PRO VA 79 -56.99 92.11 34.62
C PRO VA 79 -57.97 93.13 34.06
N HIS VA 80 -58.69 92.70 33.04
CA HIS VA 80 -59.77 93.51 32.50
C HIS VA 80 -60.86 93.67 33.55
N ASN VA 81 -61.61 94.77 33.45
CA ASN VA 81 -62.66 95.02 34.43
C ASN VA 81 -63.76 93.97 34.35
N ASP VA 82 -63.98 93.38 33.18
CA ASP VA 82 -64.97 92.32 33.07
C ASP VA 82 -64.56 91.10 33.88
N ILE VA 83 -63.25 90.82 33.94
CA ILE VA 83 -62.77 89.68 34.70
C ILE VA 83 -63.05 89.85 36.19
N GLU VA 84 -63.16 91.09 36.68
CA GLU VA 84 -63.50 91.30 38.08
C GLU VA 84 -65.01 91.34 38.28
N LYS VA 85 -65.69 90.39 37.65
CA LYS VA 85 -67.07 90.04 37.93
C LYS VA 85 -67.26 88.54 37.90
N ILE VA 86 -66.29 87.79 37.39
CA ILE VA 86 -66.29 86.35 37.41
C ILE VA 86 -65.63 85.83 38.68
N ALA VA 87 -64.52 86.44 39.08
CA ALA VA 87 -63.88 86.05 40.33
C ALA VA 87 -64.71 86.49 41.53
N GLY VA 88 -64.92 87.79 41.68
CA GLY VA 88 -65.73 88.31 42.76
C GLY VA 88 -67.20 88.39 42.42
N MET WA 1 -17.03 -35.02 -102.37
CA MET WA 1 -18.40 -34.89 -102.84
C MET WA 1 -18.54 -35.53 -104.21
N ILE WA 2 -19.78 -35.76 -104.63
CA ILE WA 2 -20.09 -36.24 -105.97
C ILE WA 2 -21.32 -35.51 -106.48
N LEU WA 3 -21.37 -35.29 -107.78
CA LEU WA 3 -22.58 -34.78 -108.40
C LEU WA 3 -23.60 -35.89 -108.52
N ALA WA 4 -24.83 -35.61 -108.09
CA ALA WA 4 -25.88 -36.60 -108.11
C ALA WA 4 -27.21 -35.91 -108.31
N LYS WA 5 -28.22 -36.70 -108.58
CA LYS WA 5 -29.56 -36.20 -108.85
C LYS WA 5 -30.55 -36.93 -107.95
N VAL WA 6 -31.44 -36.18 -107.30
CA VAL WA 6 -32.44 -36.80 -106.45
C VAL WA 6 -33.49 -37.48 -107.33
N THR WA 7 -33.72 -38.77 -107.07
CA THR WA 7 -34.60 -39.57 -107.90
C THR WA 7 -35.74 -40.23 -107.13
N GLY WA 8 -35.90 -39.95 -105.84
CA GLY WA 8 -36.97 -40.56 -105.09
C GLY WA 8 -36.81 -40.27 -103.61
N HIS WA 9 -37.47 -41.08 -102.79
CA HIS WA 9 -37.33 -40.97 -101.34
C HIS WA 9 -37.68 -42.32 -100.74
N VAL WA 10 -37.35 -42.46 -99.45
CA VAL WA 10 -37.52 -43.70 -98.72
C VAL WA 10 -38.29 -43.39 -97.44
N VAL WA 11 -39.33 -44.19 -97.18
CA VAL WA 11 -40.15 -44.04 -95.97
C VAL WA 11 -39.83 -45.21 -95.06
N ALA WA 12 -39.18 -44.91 -93.93
CA ALA WA 12 -38.77 -45.92 -92.96
C ALA WA 12 -39.33 -45.53 -91.61
N THR WA 13 -40.10 -46.43 -91.01
CA THR WA 13 -40.74 -46.19 -89.72
C THR WA 13 -39.92 -46.72 -88.55
N GLN WA 14 -39.46 -47.96 -88.64
CA GLN WA 14 -38.65 -48.58 -87.60
C GLN WA 14 -37.19 -48.27 -87.90
N LYS WA 15 -36.61 -47.33 -87.16
CA LYS WA 15 -35.24 -46.92 -87.42
C LYS WA 15 -34.63 -46.39 -86.14
N CYS WA 16 -33.32 -46.14 -86.21
CA CYS WA 16 -32.59 -45.68 -85.04
C CYS WA 16 -33.03 -44.27 -84.66
N ASP WA 17 -32.42 -43.76 -83.59
CA ASP WA 17 -32.77 -42.44 -83.09
C ASP WA 17 -31.90 -41.33 -83.66
N GLU WA 18 -30.71 -41.66 -84.16
CA GLU WA 18 -29.87 -40.68 -84.82
C GLU WA 18 -30.47 -40.19 -86.13
N LEU WA 19 -31.56 -40.80 -86.59
CA LEU WA 19 -32.18 -40.46 -87.86
C LEU WA 19 -33.58 -39.90 -87.71
N ARG WA 20 -34.03 -39.61 -86.49
CA ARG WA 20 -35.38 -39.12 -86.29
C ARG WA 20 -35.52 -37.70 -86.81
N GLY WA 21 -36.56 -37.45 -87.59
CA GLY WA 21 -36.84 -36.12 -88.08
C GLY WA 21 -35.90 -35.65 -89.18
N SER WA 22 -35.78 -36.44 -90.24
CA SER WA 22 -34.92 -36.09 -91.35
C SER WA 22 -35.45 -36.80 -92.60
N ASN WA 23 -35.11 -36.24 -93.75
CA ASN WA 23 -35.52 -36.81 -95.01
C ASN WA 23 -34.53 -37.88 -95.43
N LEU WA 24 -34.99 -38.82 -96.25
CA LEU WA 24 -34.12 -39.87 -96.78
C LEU WA 24 -34.35 -39.96 -98.29
N LEU WA 25 -33.44 -39.41 -99.06
CA LEU WA 25 -33.59 -39.30 -100.49
C LEU WA 25 -32.76 -40.35 -101.21
N LEU WA 26 -33.27 -40.82 -102.34
CA LEU WA 26 -32.49 -41.66 -103.23
C LEU WA 26 -31.66 -40.75 -104.12
N ILE WA 27 -30.37 -41.06 -104.22
CA ILE WA 27 -29.38 -40.16 -104.78
C ILE WA 27 -28.63 -40.95 -105.85
N THR WA 28 -28.81 -40.59 -107.12
CA THR WA 28 -28.20 -41.33 -108.21
C THR WA 28 -27.05 -40.53 -108.79
N ARG WA 29 -25.88 -41.17 -108.84
CA ARG WA 29 -24.71 -40.51 -109.41
C ARG WA 29 -24.86 -40.39 -110.91
N LEU WA 30 -24.56 -39.20 -111.43
CA LEU WA 30 -24.74 -38.90 -112.84
C LEU WA 30 -23.40 -38.70 -113.53
N ASP WA 31 -23.35 -39.07 -114.82
CA ASP WA 31 -22.09 -39.13 -115.55
C ASP WA 31 -21.72 -37.79 -116.18
N ASP WA 32 -20.71 -37.77 -117.05
CA ASP WA 32 -20.16 -36.52 -117.58
C ASP WA 32 -21.03 -35.87 -118.64
N LYS WA 33 -22.21 -36.39 -118.90
CA LYS WA 33 -23.21 -35.72 -119.72
C LYS WA 33 -24.39 -35.25 -118.90
N GLN WA 34 -24.25 -35.20 -117.58
CA GLN WA 34 -25.32 -34.90 -116.65
C GLN WA 34 -26.51 -35.83 -116.88
N GLN WA 35 -26.24 -37.13 -116.78
CA GLN WA 35 -27.23 -38.17 -117.02
C GLN WA 35 -27.02 -39.26 -115.99
N PRO WA 36 -28.07 -39.72 -115.31
CA PRO WA 36 -27.89 -40.72 -114.26
C PRO WA 36 -27.31 -42.03 -114.79
N MET WA 37 -26.55 -42.70 -113.95
CA MET WA 37 -25.92 -43.96 -114.28
C MET WA 37 -26.79 -45.12 -113.79
N LYS WA 38 -26.29 -46.34 -113.99
CA LYS WA 38 -27.00 -47.55 -113.62
C LYS WA 38 -26.35 -48.16 -112.37
N ASP WA 39 -27.18 -48.57 -111.42
CA ASP WA 39 -26.72 -49.24 -110.20
C ASP WA 39 -25.76 -48.34 -109.42
N GLN WA 40 -26.17 -47.09 -109.22
CA GLN WA 40 -25.32 -46.12 -108.53
C GLN WA 40 -26.13 -45.28 -107.57
N THR WA 41 -27.03 -45.90 -106.82
CA THR WA 41 -27.97 -45.20 -105.96
C THR WA 41 -27.61 -45.39 -104.50
N TRP WA 42 -27.57 -44.28 -103.76
CA TRP WA 42 -27.38 -44.30 -102.33
C TRP WA 42 -28.55 -43.59 -101.66
N VAL WA 43 -28.62 -43.72 -100.35
CA VAL WA 43 -29.65 -43.04 -99.56
C VAL WA 43 -28.97 -41.97 -98.74
N ALA WA 44 -29.43 -40.73 -98.89
CA ALA WA 44 -28.78 -39.59 -98.27
C ALA WA 44 -29.76 -38.84 -97.39
N VAL WA 45 -29.29 -38.41 -96.22
CA VAL WA 45 -30.09 -37.63 -95.31
C VAL WA 45 -30.05 -36.18 -95.79
N ASP WA 46 -31.16 -35.71 -96.34
CA ASP WA 46 -31.22 -34.32 -96.81
C ASP WA 46 -30.89 -33.37 -95.68
N ASN WA 47 -30.22 -32.28 -96.03
CA ASN WA 47 -29.78 -31.32 -95.03
C ASN WA 47 -30.05 -29.86 -95.41
N VAL WA 48 -30.31 -29.56 -96.67
CA VAL WA 48 -30.53 -28.19 -97.12
C VAL WA 48 -31.87 -28.00 -97.80
N GLY WA 49 -32.67 -29.04 -97.94
CA GLY WA 49 -33.98 -28.88 -98.53
C GLY WA 49 -34.02 -29.13 -100.03
N ALA WA 50 -33.57 -30.30 -100.45
CA ALA WA 50 -33.61 -30.69 -101.84
C ALA WA 50 -34.83 -31.57 -102.10
N GLY WA 51 -35.35 -31.49 -103.32
CA GLY WA 51 -36.50 -32.28 -103.70
C GLY WA 51 -36.25 -33.07 -104.96
N MET WA 52 -37.30 -33.53 -105.61
CA MET WA 52 -37.12 -34.39 -106.78
C MET WA 52 -36.49 -33.61 -107.94
N HIS WA 53 -35.72 -34.33 -108.75
CA HIS WA 53 -35.15 -33.86 -110.00
C HIS WA 53 -34.05 -32.82 -109.82
N ASP WA 54 -33.66 -32.52 -108.59
CA ASP WA 54 -32.68 -31.48 -108.34
C ASP WA 54 -31.28 -32.07 -108.33
N ILE WA 55 -30.33 -31.38 -108.95
CA ILE WA 55 -28.94 -31.81 -108.96
C ILE WA 55 -28.27 -31.32 -107.68
N VAL WA 56 -27.78 -32.25 -106.88
CA VAL WA 56 -27.26 -31.91 -105.57
C VAL WA 56 -25.82 -32.37 -105.45
N LEU WA 57 -25.22 -32.15 -104.28
CA LEU WA 57 -23.79 -32.41 -104.04
C LEU WA 57 -23.72 -33.27 -102.79
N ALA WA 58 -23.70 -34.58 -102.97
CA ALA WA 58 -23.80 -35.52 -101.86
C ALA WA 58 -22.42 -35.80 -101.29
N GLU WA 59 -22.30 -35.68 -99.97
CA GLU WA 59 -21.04 -35.85 -99.28
C GLU WA 59 -20.98 -37.19 -98.58
N GLU WA 60 -19.77 -37.71 -98.41
CA GLU WA 60 -19.56 -39.02 -97.81
C GLU WA 60 -19.60 -38.93 -96.30
N TYR WA 61 -19.06 -39.94 -95.62
CA TYR WA 61 -19.43 -40.33 -94.26
C TYR WA 61 -19.74 -39.18 -93.31
N PHE WA 62 -18.78 -38.34 -93.00
CA PHE WA 62 -18.90 -37.48 -91.83
C PHE WA 62 -19.47 -36.12 -92.22
N ALA WA 63 -20.72 -35.88 -91.82
CA ALA WA 63 -21.33 -34.56 -91.93
C ALA WA 63 -22.20 -34.22 -90.72
N LEU WA 64 -22.00 -34.92 -89.59
CA LEU WA 64 -22.72 -34.67 -88.34
C LEU WA 64 -24.24 -34.78 -88.53
N ASN WA 65 -24.67 -35.98 -88.88
CA ASN WA 65 -26.09 -36.23 -89.14
C ASN WA 65 -26.53 -37.59 -88.62
N TYR WA 69 -21.57 -39.15 -85.31
CA TYR WA 69 -22.53 -39.04 -86.40
C TYR WA 69 -21.85 -39.06 -87.75
N LYS WA 70 -22.17 -40.06 -88.57
CA LYS WA 70 -21.49 -40.23 -89.84
C LYS WA 70 -22.42 -40.57 -90.99
N ALA WA 71 -23.62 -40.01 -91.03
CA ALA WA 71 -24.53 -40.33 -92.12
C ALA WA 71 -24.17 -39.54 -93.38
N MET WA 72 -24.41 -40.18 -94.53
CA MET WA 72 -24.15 -39.57 -95.83
C MET WA 72 -25.26 -38.58 -96.11
N SER WA 73 -24.90 -37.31 -96.23
CA SER WA 73 -25.90 -36.26 -96.37
C SER WA 73 -25.66 -35.42 -97.62
N VAL WA 74 -26.65 -34.63 -97.96
CA VAL WA 74 -26.58 -33.66 -99.05
C VAL WA 74 -26.18 -32.32 -98.45
N VAL WA 75 -25.20 -31.65 -99.06
CA VAL WA 75 -24.62 -30.45 -98.48
C VAL WA 75 -24.71 -29.25 -99.38
N ALA WA 76 -25.24 -29.37 -100.59
CA ALA WA 76 -25.31 -28.23 -101.50
C ALA WA 76 -26.25 -28.54 -102.63
N ILE WA 77 -26.99 -27.54 -103.07
CA ILE WA 77 -27.82 -27.60 -104.27
C ILE WA 77 -27.12 -26.82 -105.36
N VAL WA 78 -26.92 -27.45 -106.50
CA VAL WA 78 -26.01 -26.95 -107.52
C VAL WA 78 -26.79 -26.12 -108.53
N GLU WA 79 -26.30 -24.91 -108.79
CA GLU WA 79 -26.88 -24.01 -109.79
C GLU WA 79 -26.31 -24.26 -111.18
N LYS WA 80 -25.00 -24.16 -111.33
CA LYS WA 80 -24.33 -24.29 -112.62
C LYS WA 80 -23.16 -25.26 -112.51
N VAL WA 81 -23.01 -26.09 -113.52
CA VAL WA 81 -21.87 -27.01 -113.64
C VAL WA 81 -21.16 -26.64 -114.93
N PHE WA 82 -20.14 -25.80 -114.84
CA PHE WA 82 -19.34 -25.44 -116.00
C PHE WA 82 -18.26 -26.49 -116.19
N ARG WA 83 -18.22 -27.11 -117.37
CA ARG WA 83 -17.35 -28.26 -117.59
C ARG WA 83 -16.87 -28.24 -119.04
N ASP WA 84 -15.58 -28.05 -119.23
CA ASP WA 84 -14.99 -28.19 -120.56
C ASP WA 84 -13.47 -28.33 -120.45
N GLU XA 3 -82.51 -32.84 -77.68
CA GLU XA 3 -81.33 -33.49 -77.14
C GLU XA 3 -80.43 -32.48 -76.43
N ALA XA 4 -79.49 -32.98 -75.64
CA ALA XA 4 -78.63 -32.11 -74.86
C ALA XA 4 -77.61 -31.43 -75.77
N LEU XA 5 -76.69 -30.70 -75.16
CA LEU XA 5 -75.71 -29.93 -75.91
C LEU XA 5 -74.42 -29.82 -75.11
N GLY XA 6 -73.30 -30.09 -75.75
CA GLY XA 6 -72.01 -30.08 -75.07
C GLY XA 6 -71.03 -29.19 -75.78
N LEU XA 7 -70.19 -28.51 -74.99
CA LEU XA 7 -69.34 -27.45 -75.49
C LEU XA 7 -67.95 -27.55 -74.86
N ILE XA 8 -66.92 -27.47 -75.69
CA ILE XA 8 -65.55 -27.35 -75.22
C ILE XA 8 -64.92 -26.17 -75.93
N GLU XA 9 -64.12 -25.40 -75.21
CA GLU XA 9 -63.43 -24.24 -75.77
C GLU XA 9 -61.94 -24.35 -75.47
N THR XA 10 -61.12 -24.18 -76.50
CA THR XA 10 -59.68 -24.35 -76.37
C THR XA 10 -58.96 -23.19 -77.02
N LYS XA 11 -57.68 -23.06 -76.69
CA LYS XA 11 -56.80 -22.12 -77.36
C LYS XA 11 -56.05 -22.84 -78.46
N GLY XA 12 -56.29 -22.44 -79.70
CA GLY XA 12 -55.64 -23.09 -80.81
C GLY XA 12 -56.54 -24.11 -81.49
N LEU XA 13 -56.29 -24.34 -82.77
CA LEU XA 13 -57.15 -25.24 -83.52
C LEU XA 13 -56.79 -26.69 -83.30
N VAL XA 14 -55.50 -26.98 -83.09
CA VAL XA 14 -55.08 -28.38 -82.96
C VAL XA 14 -55.72 -29.01 -81.73
N ALA XA 15 -55.66 -28.31 -80.60
CA ALA XA 15 -56.22 -28.86 -79.37
C ALA XA 15 -57.72 -29.10 -79.51
N CYS XA 16 -58.38 -28.39 -80.42
CA CYS XA 16 -59.83 -28.55 -80.55
C CYS XA 16 -60.18 -29.74 -81.43
N ILE XA 17 -59.36 -30.01 -82.47
CA ILE XA 17 -59.63 -31.16 -83.31
C ILE XA 17 -59.36 -32.45 -82.56
N GLU XA 18 -58.34 -32.45 -81.70
CA GLU XA 18 -58.13 -33.58 -80.81
C GLU XA 18 -59.32 -33.78 -79.89
N ALA XA 19 -59.82 -32.71 -79.30
CA ALA XA 19 -60.97 -32.80 -78.41
C ALA XA 19 -62.20 -33.29 -79.15
N ALA XA 20 -62.44 -32.79 -80.35
CA ALA XA 20 -63.64 -33.17 -81.09
C ALA XA 20 -63.56 -34.59 -81.61
N ASP XA 21 -62.35 -35.14 -81.75
CA ASP XA 21 -62.23 -36.53 -82.15
C ASP XA 21 -62.47 -37.46 -80.98
N ALA XA 22 -61.93 -37.12 -79.82
CA ALA XA 22 -62.18 -37.93 -78.63
C ALA XA 22 -63.65 -37.95 -78.26
N MET XA 23 -64.33 -36.81 -78.38
CA MET XA 23 -65.76 -36.76 -78.08
C MET XA 23 -66.53 -37.70 -78.99
N CYS XA 24 -66.24 -37.68 -80.28
CA CYS XA 24 -67.02 -38.47 -81.23
C CYS XA 24 -66.78 -39.97 -81.05
N LYS XA 25 -65.62 -40.35 -80.54
CA LYS XA 25 -65.33 -41.77 -80.35
C LYS XA 25 -65.87 -42.30 -79.04
N ALA XA 26 -65.93 -41.46 -78.02
CA ALA XA 26 -66.19 -41.92 -76.66
C ALA XA 26 -67.66 -42.17 -76.35
N ALA XA 27 -68.58 -41.72 -77.20
CA ALA XA 27 -70.00 -41.95 -76.93
C ALA XA 27 -70.78 -41.65 -78.20
N ASN XA 28 -72.07 -41.95 -78.16
CA ASN XA 28 -72.94 -41.77 -79.32
C ASN XA 28 -73.44 -40.34 -79.36
N VAL XA 29 -72.58 -39.45 -79.86
CA VAL XA 29 -72.91 -38.04 -80.02
C VAL XA 29 -72.54 -37.62 -81.44
N GLU XA 30 -73.20 -36.58 -81.93
CA GLU XA 30 -73.00 -36.08 -83.28
C GLU XA 30 -72.39 -34.69 -83.23
N LEU XA 31 -71.43 -34.43 -84.12
CA LEU XA 31 -70.71 -33.17 -84.10
C LEU XA 31 -71.49 -32.12 -84.88
N ILE XA 32 -71.75 -30.98 -84.24
CA ILE XA 32 -72.51 -29.92 -84.88
C ILE XA 32 -71.61 -29.06 -85.76
N GLY XA 33 -70.54 -28.54 -85.20
CA GLY XA 33 -69.59 -27.76 -85.98
C GLY XA 33 -68.61 -27.05 -85.09
N TYR XA 34 -67.71 -26.33 -85.73
CA TYR XA 34 -66.74 -25.47 -85.07
C TYR XA 34 -67.17 -24.02 -85.20
N GLU XA 35 -66.63 -23.19 -84.32
CA GLU XA 35 -66.91 -21.75 -84.38
C GLU XA 35 -65.81 -21.04 -83.58
N ASN XA 36 -64.91 -20.36 -84.29
CA ASN XA 36 -63.91 -19.55 -83.60
C ASN XA 36 -64.34 -18.09 -83.56
N VAL XA 37 -64.16 -17.49 -82.39
CA VAL XA 37 -64.55 -16.10 -82.16
C VAL XA 37 -63.28 -15.36 -81.81
N GLY XA 38 -62.61 -14.83 -82.82
CA GLY XA 38 -61.48 -13.97 -82.54
C GLY XA 38 -60.30 -14.70 -81.95
N SER XA 39 -59.75 -14.15 -80.88
CA SER XA 39 -58.37 -14.40 -80.51
C SER XA 39 -58.15 -15.83 -80.04
N GLY XA 40 -57.65 -16.66 -80.95
CA GLY XA 40 -57.24 -18.02 -80.68
C GLY XA 40 -58.19 -18.86 -79.86
N LEU XA 41 -59.49 -18.72 -80.07
CA LEU XA 41 -60.49 -19.46 -79.31
C LEU XA 41 -61.39 -20.20 -80.28
N VAL XA 42 -61.31 -21.53 -80.28
CA VAL XA 42 -62.15 -22.37 -81.11
C VAL XA 42 -63.03 -23.21 -80.19
N THR XA 43 -64.27 -23.44 -80.61
CA THR XA 43 -65.26 -24.15 -79.81
C THR XA 43 -65.91 -25.23 -80.66
N ALA XA 44 -66.04 -26.43 -80.10
CA ALA XA 44 -66.72 -27.54 -80.74
C ALA XA 44 -68.02 -27.83 -80.00
N MET XA 45 -69.07 -28.17 -80.75
CA MET XA 45 -70.38 -28.41 -80.19
C MET XA 45 -70.86 -29.79 -80.60
N VAL XA 46 -71.31 -30.58 -79.63
CA VAL XA 46 -71.87 -31.91 -79.88
C VAL XA 46 -73.27 -31.96 -79.29
N LYS XA 47 -74.07 -32.90 -79.81
CA LYS XA 47 -75.43 -33.07 -79.32
C LYS XA 47 -75.78 -34.54 -79.25
N GLY XA 48 -76.65 -34.88 -78.31
CA GLY XA 48 -77.05 -36.24 -78.08
C GLY XA 48 -77.84 -36.34 -76.79
N ASP XA 49 -77.98 -37.57 -76.31
CA ASP XA 49 -78.68 -37.75 -75.05
C ASP XA 49 -77.83 -37.24 -73.88
N VAL XA 50 -78.48 -37.02 -72.75
CA VAL XA 50 -77.83 -36.35 -71.63
C VAL XA 50 -76.74 -37.23 -71.03
N GLY XA 51 -76.98 -38.53 -70.95
CA GLY XA 51 -75.96 -39.43 -70.42
C GLY XA 51 -74.80 -39.61 -71.37
N ALA XA 52 -75.08 -39.63 -72.67
CA ALA XA 52 -74.01 -39.72 -73.66
C ALA XA 52 -73.20 -38.44 -73.70
N VAL XA 53 -73.88 -37.31 -73.82
CA VAL XA 53 -73.18 -36.03 -73.97
C VAL XA 53 -72.32 -35.74 -72.76
N ASN XA 54 -72.80 -36.12 -71.57
CA ASN XA 54 -72.02 -35.92 -70.36
C ASN XA 54 -70.76 -36.77 -70.39
N ALA XA 55 -70.83 -37.93 -71.04
CA ALA XA 55 -69.68 -38.83 -71.10
C ALA XA 55 -68.72 -38.43 -72.22
N ALA XA 56 -69.21 -37.72 -73.23
CA ALA XA 56 -68.32 -37.29 -74.30
C ALA XA 56 -67.51 -36.08 -73.88
N VAL XA 57 -68.10 -35.17 -73.10
CA VAL XA 57 -67.43 -33.93 -72.76
C VAL XA 57 -66.29 -34.17 -71.79
N ASP XA 58 -66.47 -35.05 -70.80
CA ASP XA 58 -65.40 -35.26 -69.84
C ASP XA 58 -64.25 -36.03 -70.47
N SER XA 59 -64.51 -36.77 -71.55
CA SER XA 59 -63.44 -37.45 -72.26
C SER XA 59 -62.71 -36.49 -73.20
N GLY XA 60 -63.46 -35.65 -73.91
CA GLY XA 60 -62.83 -34.69 -74.79
C GLY XA 60 -62.01 -33.65 -74.06
N VAL XA 61 -62.46 -33.25 -72.87
CA VAL XA 61 -61.66 -32.33 -72.07
C VAL XA 61 -60.37 -33.00 -71.64
N GLU XA 62 -60.43 -34.30 -71.38
CA GLU XA 62 -59.26 -35.03 -70.92
C GLU XA 62 -58.19 -35.11 -72.00
N ALA XA 63 -58.60 -35.21 -73.26
CA ALA XA 63 -57.65 -35.33 -74.36
C ALA XA 63 -57.04 -33.99 -74.73
N ALA XA 64 -57.87 -32.96 -74.88
CA ALA XA 64 -57.35 -31.65 -75.26
C ALA XA 64 -56.49 -31.05 -74.16
N LYS XA 65 -56.80 -31.34 -72.90
CA LYS XA 65 -55.98 -30.87 -71.79
C LYS XA 65 -54.58 -31.44 -71.84
N ARG XA 66 -54.38 -32.50 -72.63
CA ARG XA 66 -53.08 -33.17 -72.70
C ARG XA 66 -52.09 -32.34 -73.49
N ILE XA 67 -52.53 -31.73 -74.59
CA ILE XA 67 -51.65 -31.06 -75.53
C ILE XA 67 -51.93 -29.56 -75.64
N GLY XA 68 -53.00 -29.07 -75.02
CA GLY XA 68 -53.32 -27.67 -75.14
C GLY XA 68 -54.02 -27.12 -73.91
N LYS XA 69 -54.65 -25.96 -74.06
CA LYS XA 69 -55.38 -25.34 -72.98
C LYS XA 69 -56.87 -25.50 -73.22
N VAL XA 70 -57.56 -26.13 -72.29
CA VAL XA 70 -59.01 -26.17 -72.29
C VAL XA 70 -59.51 -25.00 -71.46
N VAL XA 71 -60.23 -24.08 -72.10
CA VAL XA 71 -60.65 -22.88 -71.41
C VAL XA 71 -61.93 -23.12 -70.62
N SER XA 72 -62.93 -23.76 -71.26
CA SER XA 72 -64.21 -23.98 -70.60
C SER XA 72 -64.86 -25.22 -71.18
N SER XA 73 -65.73 -25.83 -70.39
CA SER XA 73 -66.61 -26.90 -70.85
C SER XA 73 -67.94 -26.77 -70.14
N ARG XA 74 -68.99 -27.30 -70.77
CA ARG XA 74 -70.32 -27.09 -70.24
C ARG XA 74 -71.29 -28.01 -70.97
N VAL XA 75 -72.23 -28.58 -70.23
CA VAL XA 75 -73.31 -29.38 -70.79
C VAL XA 75 -74.63 -28.70 -70.46
N ILE XA 76 -75.49 -28.56 -71.45
CA ILE XA 76 -76.81 -27.98 -71.29
C ILE XA 76 -77.81 -29.11 -71.48
N ALA XA 77 -78.54 -29.46 -70.42
CA ALA XA 77 -79.35 -30.66 -70.45
C ALA XA 77 -80.58 -30.49 -71.32
N ARG XA 78 -81.17 -29.30 -71.34
CA ARG XA 78 -82.29 -29.01 -72.23
C ARG XA 78 -82.11 -27.61 -72.77
N PRO XA 79 -81.54 -27.45 -73.96
CA PRO XA 79 -81.38 -26.12 -74.53
C PRO XA 79 -82.72 -25.56 -74.96
N HIS XA 80 -82.89 -24.26 -74.76
CA HIS XA 80 -84.14 -23.61 -75.11
C HIS XA 80 -84.33 -23.59 -76.61
N ASN XA 81 -85.59 -23.72 -77.03
CA ASN XA 81 -85.90 -23.87 -78.45
C ASN XA 81 -85.35 -22.71 -79.27
N ASP XA 82 -85.34 -21.50 -78.69
CA ASP XA 82 -84.84 -20.34 -79.40
C ASP XA 82 -83.36 -20.50 -79.75
N ILE XA 83 -82.60 -21.10 -78.85
CA ILE XA 83 -81.17 -21.26 -79.04
C ILE XA 83 -80.92 -22.44 -79.99
N GLU YA 3 -57.90 -41.92 -94.67
CA GLU YA 3 -56.46 -41.77 -94.58
C GLU YA 3 -56.09 -40.91 -93.38
N ALA YA 4 -54.86 -41.07 -92.89
CA ALA YA 4 -54.46 -40.39 -91.68
C ALA YA 4 -54.43 -38.88 -91.90
N LEU YA 5 -54.11 -38.15 -90.85
CA LEU YA 5 -54.21 -36.70 -90.88
C LEU YA 5 -53.23 -36.11 -89.89
N GLY YA 6 -52.44 -35.16 -90.33
CA GLY YA 6 -51.42 -34.56 -89.47
C GLY YA 6 -51.54 -33.05 -89.47
N LEU YA 7 -51.26 -32.45 -88.33
CA LEU YA 7 -51.38 -31.01 -88.14
C LEU YA 7 -50.14 -30.47 -87.45
N ILE YA 8 -49.69 -29.31 -87.90
CA ILE YA 8 -48.67 -28.54 -87.21
C ILE YA 8 -49.20 -27.13 -87.01
N GLU YA 9 -49.01 -26.60 -85.82
CA GLU YA 9 -49.47 -25.25 -85.49
C GLU YA 9 -48.28 -24.38 -85.13
N THR YA 10 -48.17 -23.24 -85.81
CA THR YA 10 -47.03 -22.36 -85.67
C THR YA 10 -47.49 -20.93 -85.45
N LYS YA 11 -46.61 -20.14 -84.86
CA LYS YA 11 -46.86 -18.72 -84.64
C LYS YA 11 -46.26 -17.93 -85.80
N GLY YA 12 -47.11 -17.40 -86.65
CA GLY YA 12 -46.65 -16.68 -87.82
C GLY YA 12 -46.75 -17.52 -89.08
N LEU YA 13 -46.93 -16.86 -90.21
CA LEU YA 13 -47.12 -17.57 -91.47
C LEU YA 13 -45.81 -18.09 -92.05
N VAL YA 14 -44.70 -17.39 -91.81
CA VAL YA 14 -43.44 -17.80 -92.41
C VAL YA 14 -43.02 -19.17 -91.89
N ALA YA 15 -43.06 -19.36 -90.58
CA ALA YA 15 -42.71 -20.66 -90.01
C ALA YA 15 -43.64 -21.76 -90.50
N CYS YA 16 -44.84 -21.43 -90.94
CA CYS YA 16 -45.76 -22.44 -91.42
C CYS YA 16 -45.46 -22.85 -92.85
N ILE YA 17 -44.90 -21.96 -93.67
CA ILE YA 17 -44.55 -22.35 -95.02
C ILE YA 17 -43.26 -23.15 -95.04
N GLU YA 18 -42.35 -22.89 -94.10
CA GLU YA 18 -41.19 -23.77 -93.95
C GLU YA 18 -41.63 -25.15 -93.47
N ALA YA 19 -42.57 -25.20 -92.53
CA ALA YA 19 -43.07 -26.49 -92.06
C ALA YA 19 -43.75 -27.26 -93.18
N ALA YA 20 -44.56 -26.58 -93.99
CA ALA YA 20 -45.27 -27.29 -95.05
C ALA YA 20 -44.36 -27.68 -96.20
N ASP YA 21 -43.25 -26.98 -96.37
CA ASP YA 21 -42.30 -27.37 -97.41
C ASP YA 21 -41.53 -28.62 -97.00
N ALA YA 22 -41.15 -28.71 -95.73
CA ALA YA 22 -40.46 -29.90 -95.24
C ALA YA 22 -41.38 -31.10 -95.25
N MET YA 23 -42.66 -30.89 -94.92
CA MET YA 23 -43.62 -31.99 -94.92
C MET YA 23 -43.80 -32.57 -96.31
N CYS YA 24 -43.97 -31.69 -97.31
CA CYS YA 24 -44.29 -32.16 -98.65
C CYS YA 24 -43.12 -32.81 -99.34
N LYS YA 25 -41.89 -32.53 -98.91
CA LYS YA 25 -40.71 -33.17 -99.49
C LYS YA 25 -40.36 -34.48 -98.80
N ALA YA 26 -40.83 -34.68 -97.56
CA ALA YA 26 -40.39 -35.80 -96.75
C ALA YA 26 -41.10 -37.10 -97.11
N ALA YA 27 -42.31 -37.02 -97.64
CA ALA YA 27 -43.05 -38.23 -97.96
C ALA YA 27 -44.11 -37.88 -99.00
N ASN YA 28 -44.92 -38.87 -99.35
CA ASN YA 28 -45.92 -38.73 -100.40
C ASN YA 28 -47.27 -38.42 -99.76
N VAL YA 29 -47.40 -37.18 -99.30
CA VAL YA 29 -48.63 -36.68 -98.71
C VAL YA 29 -49.14 -35.52 -99.55
N GLU YA 30 -50.45 -35.36 -99.58
CA GLU YA 30 -51.06 -34.23 -100.26
C GLU YA 30 -51.44 -33.17 -99.23
N LEU YA 31 -51.06 -31.93 -99.50
CA LEU YA 31 -51.28 -30.84 -98.57
C LEU YA 31 -52.66 -30.26 -98.79
N ILE YA 32 -53.43 -30.13 -97.71
CA ILE YA 32 -54.82 -29.72 -97.81
C ILE YA 32 -54.96 -28.20 -97.83
N GLY YA 33 -54.41 -27.53 -96.83
CA GLY YA 33 -54.44 -26.08 -96.84
C GLY YA 33 -54.24 -25.52 -95.46
N TYR YA 34 -54.03 -24.20 -95.43
CA TYR YA 34 -53.79 -23.48 -94.19
C TYR YA 34 -55.10 -23.04 -93.56
N GLU YA 35 -55.02 -22.64 -92.30
CA GLU YA 35 -56.19 -22.14 -91.58
C GLU YA 35 -55.70 -21.36 -90.37
N ASN YA 36 -55.88 -20.04 -90.38
CA ASN YA 36 -55.50 -19.23 -89.22
C ASN YA 36 -56.73 -18.90 -88.39
N VAL YA 37 -56.57 -18.95 -87.08
CA VAL YA 37 -57.65 -18.74 -86.13
C VAL YA 37 -57.46 -17.44 -85.36
N GLY YA 38 -56.49 -16.62 -85.76
CA GLY YA 38 -56.22 -15.38 -85.05
C GLY YA 38 -55.21 -15.57 -83.94
N SER YA 39 -54.71 -14.44 -83.45
CA SER YA 39 -53.64 -14.37 -82.46
C SER YA 39 -52.30 -14.82 -83.02
N GLY YA 40 -52.18 -14.89 -84.34
CA GLY YA 40 -50.95 -15.27 -84.98
C GLY YA 40 -50.76 -16.76 -85.18
N LEU YA 41 -51.76 -17.58 -84.88
CA LEU YA 41 -51.63 -19.02 -84.98
C LEU YA 41 -52.09 -19.47 -86.37
N VAL YA 42 -51.19 -20.13 -87.09
CA VAL YA 42 -51.50 -20.69 -88.40
C VAL YA 42 -51.25 -22.19 -88.35
N THR YA 43 -52.11 -22.95 -89.02
CA THR YA 43 -52.06 -24.40 -88.98
C THR YA 43 -52.02 -24.96 -90.39
N ALA YA 44 -51.12 -25.91 -90.62
CA ALA YA 44 -51.02 -26.63 -91.88
C ALA YA 44 -51.50 -28.06 -91.66
N MET YA 45 -52.20 -28.60 -92.65
CA MET YA 45 -52.84 -29.90 -92.53
C MET YA 45 -52.54 -30.74 -93.76
N VAL YA 46 -52.00 -31.94 -93.56
CA VAL YA 46 -51.69 -32.87 -94.63
C VAL YA 46 -52.51 -34.14 -94.42
N LYS YA 47 -52.53 -34.98 -95.44
CA LYS YA 47 -53.25 -36.24 -95.33
C LYS YA 47 -52.65 -37.28 -96.27
N GLY YA 48 -52.64 -38.51 -95.81
CA GLY YA 48 -52.04 -39.60 -96.55
C GLY YA 48 -51.98 -40.84 -95.68
N ASP YA 49 -51.23 -41.83 -96.14
CA ASP YA 49 -51.06 -43.04 -95.35
C ASP YA 49 -50.35 -42.71 -94.04
N VAL YA 50 -50.58 -43.55 -93.03
CA VAL YA 50 -50.14 -43.23 -91.68
C VAL YA 50 -48.63 -43.37 -91.50
N GLY YA 51 -47.98 -44.19 -92.32
CA GLY YA 51 -46.53 -44.22 -92.29
C GLY YA 51 -45.92 -42.99 -92.94
N ALA YA 52 -46.56 -42.49 -94.00
CA ALA YA 52 -46.09 -41.28 -94.65
C ALA YA 52 -46.39 -40.06 -93.81
N VAL YA 53 -47.62 -39.97 -93.29
CA VAL YA 53 -48.03 -38.79 -92.55
C VAL YA 53 -47.21 -38.67 -91.27
N ASN YA 54 -46.92 -39.79 -90.63
CA ASN YA 54 -46.02 -39.74 -89.48
C ASN YA 54 -44.71 -39.09 -89.87
N ALA YA 55 -44.00 -39.70 -90.84
CA ALA YA 55 -42.69 -39.21 -91.25
C ALA YA 55 -42.72 -37.73 -91.60
N ALA YA 56 -43.79 -37.27 -92.26
CA ALA YA 56 -43.86 -35.87 -92.67
C ALA YA 56 -43.94 -34.93 -91.47
N VAL YA 57 -44.77 -35.27 -90.49
CA VAL YA 57 -44.98 -34.36 -89.37
C VAL YA 57 -43.72 -34.27 -88.50
N ASP YA 58 -43.00 -35.37 -88.34
CA ASP YA 58 -41.75 -35.31 -87.59
C ASP YA 58 -40.74 -34.41 -88.29
N SER YA 59 -40.71 -34.45 -89.61
CA SER YA 59 -39.76 -33.63 -90.35
C SER YA 59 -40.18 -32.17 -90.37
N GLY YA 60 -41.47 -31.91 -90.57
CA GLY YA 60 -41.95 -30.54 -90.58
C GLY YA 60 -41.78 -29.85 -89.24
N VAL YA 61 -41.87 -30.60 -88.15
CA VAL YA 61 -41.73 -29.99 -86.84
C VAL YA 61 -40.30 -29.53 -86.62
N GLU YA 62 -39.33 -30.34 -87.03
CA GLU YA 62 -37.93 -29.98 -86.79
C GLU YA 62 -37.49 -28.81 -87.65
N ALA YA 63 -38.01 -28.69 -88.86
CA ALA YA 63 -37.62 -27.58 -89.73
C ALA YA 63 -38.23 -26.27 -89.26
N ALA YA 64 -39.52 -26.28 -88.95
CA ALA YA 64 -40.17 -25.06 -88.45
C ALA YA 64 -39.63 -24.66 -87.09
N LYS YA 65 -39.26 -25.64 -86.27
CA LYS YA 65 -38.67 -25.33 -84.96
C LYS YA 65 -37.39 -24.53 -85.12
N ARG YA 66 -36.70 -24.68 -86.24
CA ARG YA 66 -35.40 -24.06 -86.43
C ARG YA 66 -35.50 -22.55 -86.62
N ILE YA 67 -36.58 -22.08 -87.24
CA ILE YA 67 -36.71 -20.68 -87.63
C ILE YA 67 -37.90 -19.99 -86.99
N GLY YA 68 -38.68 -20.68 -86.18
CA GLY YA 68 -39.83 -20.07 -85.55
C GLY YA 68 -40.24 -20.83 -84.33
N LYS YA 69 -41.47 -20.59 -83.90
CA LYS YA 69 -42.04 -21.28 -82.75
C LYS YA 69 -43.08 -22.27 -83.24
N VAL YA 70 -42.91 -23.54 -82.89
CA VAL YA 70 -43.91 -24.56 -83.14
C VAL YA 70 -44.74 -24.70 -81.87
N VAL YA 71 -46.04 -24.47 -82.00
CA VAL YA 71 -46.92 -24.50 -80.84
C VAL YA 71 -47.38 -25.91 -80.53
N SER YA 72 -47.73 -26.68 -81.55
CA SER YA 72 -48.32 -27.99 -81.32
C SER YA 72 -48.24 -28.80 -82.60
N SER YA 73 -48.23 -30.12 -82.45
CA SER YA 73 -48.27 -31.03 -83.59
C SER YA 73 -49.04 -32.27 -83.19
N ARG YA 74 -49.55 -32.99 -84.18
CA ARG YA 74 -50.46 -34.09 -83.89
C ARG YA 74 -50.67 -34.92 -85.13
N VAL YA 75 -50.71 -36.25 -84.97
CA VAL YA 75 -51.11 -37.16 -86.02
C VAL YA 75 -52.36 -37.89 -85.56
N ILE YA 76 -53.36 -37.96 -86.42
CA ILE YA 76 -54.59 -38.68 -86.16
C ILE YA 76 -54.63 -39.85 -87.12
N ALA YA 77 -54.49 -41.06 -86.60
CA ALA YA 77 -54.30 -42.23 -87.46
C ALA YA 77 -55.59 -42.63 -88.16
N ARG YA 78 -56.67 -42.79 -87.41
CA ARG YA 78 -57.98 -43.09 -87.98
C ARG YA 78 -58.94 -41.96 -87.62
N PRO YA 79 -59.07 -40.93 -88.45
CA PRO YA 79 -59.98 -39.85 -88.12
C PRO YA 79 -61.41 -40.26 -88.35
N HIS YA 80 -62.30 -39.75 -87.50
CA HIS YA 80 -63.71 -40.09 -87.60
C HIS YA 80 -64.32 -39.46 -88.85
N ASN YA 81 -65.36 -40.11 -89.37
CA ASN YA 81 -65.97 -39.64 -90.62
C ASN YA 81 -66.70 -38.32 -90.43
N ASP YA 82 -67.15 -38.02 -89.21
CA ASP YA 82 -67.73 -36.72 -88.93
C ASP YA 82 -66.70 -35.62 -89.01
N ILE YA 83 -65.43 -35.95 -88.77
CA ILE YA 83 -64.36 -34.97 -88.85
C ILE YA 83 -63.90 -34.82 -90.28
N GLU ZA 3 -47.47 -59.20 -90.56
CA GLU ZA 3 -47.63 -57.82 -90.15
C GLU ZA 3 -47.09 -57.59 -88.75
N ALA ZA 4 -47.01 -56.34 -88.34
CA ALA ZA 4 -46.35 -56.02 -87.08
C ALA ZA 4 -47.15 -56.55 -85.90
N LEU ZA 5 -46.59 -56.39 -84.71
CA LEU ZA 5 -47.17 -56.95 -83.51
C LEU ZA 5 -46.92 -56.01 -82.34
N GLY ZA 6 -47.97 -55.64 -81.64
CA GLY ZA 6 -47.87 -54.71 -80.51
C GLY ZA 6 -48.37 -55.35 -79.23
N LEU ZA 7 -47.63 -55.14 -78.15
CA LEU ZA 7 -47.92 -55.76 -76.87
C LEU ZA 7 -47.95 -54.72 -75.77
N ILE ZA 8 -48.94 -54.81 -74.88
CA ILE ZA 8 -48.99 -54.03 -73.66
C ILE ZA 8 -49.23 -54.98 -72.51
N GLU ZA 9 -48.54 -54.75 -71.39
CA GLU ZA 9 -48.66 -55.62 -70.23
C GLU ZA 9 -48.97 -54.78 -69.00
N THR ZA 10 -50.03 -55.16 -68.29
CA THR ZA 10 -50.53 -54.38 -67.17
C THR ZA 10 -50.75 -55.30 -65.97
N LYS ZA 11 -50.90 -54.68 -64.80
CA LYS ZA 11 -51.34 -55.37 -63.60
C LYS ZA 11 -52.85 -55.27 -63.51
N GLY ZA 12 -53.54 -56.39 -63.57
CA GLY ZA 12 -54.98 -56.40 -63.44
C GLY ZA 12 -55.67 -56.31 -64.80
N LEU ZA 13 -56.94 -56.74 -64.80
CA LEU ZA 13 -57.67 -56.84 -66.05
C LEU ZA 13 -58.30 -55.51 -66.46
N VAL ZA 14 -58.64 -54.65 -65.51
CA VAL ZA 14 -59.33 -53.42 -65.86
C VAL ZA 14 -58.42 -52.50 -66.65
N ALA ZA 15 -57.17 -52.34 -66.21
CA ALA ZA 15 -56.24 -51.51 -66.96
C ALA ZA 15 -55.94 -52.07 -68.34
N CYS ZA 16 -56.18 -53.37 -68.54
CA CYS ZA 16 -55.92 -53.96 -69.84
C CYS ZA 16 -57.11 -53.84 -70.77
N ILE ZA 17 -58.32 -53.77 -70.24
CA ILE ZA 17 -59.47 -53.52 -71.11
C ILE ZA 17 -59.50 -52.07 -71.54
N GLU ZA 18 -59.00 -51.16 -70.71
CA GLU ZA 18 -58.89 -49.77 -71.15
C GLU ZA 18 -57.79 -49.61 -72.20
N ALA ZA 19 -56.68 -50.32 -72.04
CA ALA ZA 19 -55.63 -50.28 -73.06
C ALA ZA 19 -56.11 -50.89 -74.36
N ALA ZA 20 -56.84 -52.00 -74.29
CA ALA ZA 20 -57.30 -52.64 -75.51
C ALA ZA 20 -58.37 -51.82 -76.21
N ASP ZA 21 -59.18 -51.09 -75.43
CA ASP ZA 21 -60.21 -50.25 -76.04
C ASP ZA 21 -59.59 -49.04 -76.74
N ALA ZA 22 -58.60 -48.42 -76.10
CA ALA ZA 22 -57.95 -47.26 -76.70
C ALA ZA 22 -57.19 -47.66 -77.96
N MET ZA 23 -56.54 -48.83 -77.94
CA MET ZA 23 -55.77 -49.27 -79.10
C MET ZA 23 -56.66 -49.47 -80.31
N CYS ZA 24 -57.79 -50.14 -80.12
CA CYS ZA 24 -58.67 -50.44 -81.25
C CYS ZA 24 -59.35 -49.20 -81.81
N LYS ZA 25 -59.44 -48.13 -81.02
CA LYS ZA 25 -60.06 -46.90 -81.50
C LYS ZA 25 -59.09 -46.04 -82.28
N ALA ZA 26 -57.82 -46.05 -81.91
CA ALA ZA 26 -56.87 -45.05 -82.34
C ALA ZA 26 -56.09 -45.46 -83.58
N ALA ZA 27 -56.41 -46.58 -84.22
CA ALA ZA 27 -55.71 -47.01 -85.41
C ALA ZA 27 -56.43 -48.21 -85.99
N ASN ZA 28 -56.07 -48.56 -87.23
CA ASN ZA 28 -56.69 -49.68 -87.92
C ASN ZA 28 -55.88 -50.94 -87.61
N VAL ZA 29 -56.15 -51.51 -86.43
CA VAL ZA 29 -55.48 -52.71 -85.97
C VAL ZA 29 -56.53 -53.76 -85.65
N GLU ZA 30 -56.07 -54.99 -85.49
CA GLU ZA 30 -56.91 -56.13 -85.14
C GLU ZA 30 -56.47 -56.65 -83.78
N LEU ZA 31 -57.43 -56.86 -82.89
CA LEU ZA 31 -57.13 -57.39 -81.57
C LEU ZA 31 -57.10 -58.90 -81.63
N ILE ZA 32 -55.99 -59.49 -81.19
CA ILE ZA 32 -55.83 -60.94 -81.21
C ILE ZA 32 -56.41 -61.57 -79.95
N GLY ZA 33 -56.09 -61.04 -78.79
CA GLY ZA 33 -56.67 -61.55 -77.57
C GLY ZA 33 -55.83 -61.20 -76.37
N TYR ZA 34 -56.32 -61.62 -75.21
CA TYR ZA 34 -55.64 -61.46 -73.94
C TYR ZA 34 -54.94 -62.76 -73.57
N GLU ZA 35 -53.93 -62.65 -72.71
CA GLU ZA 35 -53.20 -63.83 -72.27
C GLU ZA 35 -52.53 -63.49 -70.93
N ASN ZA 36 -53.11 -63.98 -69.84
CA ASN ZA 36 -52.57 -63.73 -68.52
C ASN ZA 36 -51.72 -64.91 -68.06
N VAL ZA 37 -50.76 -64.61 -67.17
CA VAL ZA 37 -49.79 -65.59 -66.72
C VAL ZA 37 -49.74 -65.63 -65.20
N GLY ZA 38 -50.82 -65.25 -64.54
CA GLY ZA 38 -50.85 -65.21 -63.09
C GLY ZA 38 -50.08 -64.02 -62.55
N SER ZA 39 -50.14 -63.86 -61.24
CA SER ZA 39 -49.64 -62.70 -60.53
C SER ZA 39 -50.32 -61.42 -60.95
N GLY ZA 40 -51.46 -61.50 -61.64
CA GLY ZA 40 -52.18 -60.33 -62.06
C GLY ZA 40 -51.67 -59.69 -63.32
N LEU ZA 41 -50.66 -60.25 -63.96
CA LEU ZA 41 -50.15 -59.71 -65.22
C LEU ZA 41 -51.05 -60.17 -66.36
N VAL ZA 42 -51.60 -59.22 -67.11
CA VAL ZA 42 -52.42 -59.50 -68.27
C VAL ZA 42 -51.82 -58.76 -69.46
N THR ZA 43 -51.87 -59.38 -70.63
CA THR ZA 43 -51.21 -58.84 -71.81
C THR ZA 43 -52.19 -58.80 -72.97
N ALA ZA 44 -52.21 -57.68 -73.68
CA ALA ZA 44 -53.03 -57.51 -74.88
C ALA ZA 44 -52.13 -57.52 -76.11
N MET ZA 45 -52.63 -58.12 -77.18
CA MET ZA 45 -51.86 -58.26 -78.41
C MET ZA 45 -52.69 -57.74 -79.57
N VAL ZA 46 -52.16 -56.74 -80.28
CA VAL ZA 46 -52.78 -56.21 -81.49
C VAL ZA 46 -51.89 -56.56 -82.67
N LYS ZA 47 -52.46 -56.45 -83.87
CA LYS ZA 47 -51.77 -56.86 -85.07
C LYS ZA 47 -52.22 -56.02 -86.25
N GLY ZA 48 -51.27 -55.45 -86.97
CA GLY ZA 48 -51.60 -54.64 -88.13
C GLY ZA 48 -50.33 -54.14 -88.78
N ASP ZA 49 -50.50 -53.18 -89.70
CA ASP ZA 49 -49.35 -52.57 -90.35
C ASP ZA 49 -48.49 -51.84 -89.32
N VAL ZA 50 -47.23 -51.61 -89.69
CA VAL ZA 50 -46.25 -51.11 -88.71
C VAL ZA 50 -46.62 -49.73 -88.23
N GLY ZA 51 -47.03 -48.85 -89.16
CA GLY ZA 51 -47.36 -47.50 -88.76
C GLY ZA 51 -48.59 -47.43 -87.89
N ALA ZA 52 -49.60 -48.23 -88.22
CA ALA ZA 52 -50.80 -48.29 -87.40
C ALA ZA 52 -50.49 -48.88 -86.03
N VAL ZA 53 -49.82 -50.03 -86.00
CA VAL ZA 53 -49.53 -50.70 -84.74
C VAL ZA 53 -48.66 -49.82 -83.85
N ASN ZA 54 -47.73 -49.08 -84.46
CA ASN ZA 54 -46.95 -48.13 -83.68
C ASN ZA 54 -47.86 -47.14 -82.97
N ALA ZA 55 -48.71 -46.44 -83.74
CA ALA ZA 55 -49.61 -45.44 -83.18
C ALA ZA 55 -50.53 -46.03 -82.12
N ALA ZA 56 -51.04 -47.24 -82.35
CA ALA ZA 56 -51.96 -47.85 -81.39
C ALA ZA 56 -51.31 -48.04 -80.04
N VAL ZA 57 -50.09 -48.57 -80.03
CA VAL ZA 57 -49.44 -48.89 -78.76
C VAL ZA 57 -49.16 -47.62 -77.96
N ASP ZA 58 -48.81 -46.53 -78.65
CA ASP ZA 58 -48.59 -45.27 -77.94
C ASP ZA 58 -49.86 -44.79 -77.27
N SER ZA 59 -50.99 -44.88 -77.96
CA SER ZA 59 -52.26 -44.43 -77.39
C SER ZA 59 -52.73 -45.37 -76.29
N GLY ZA 60 -52.59 -46.67 -76.49
CA GLY ZA 60 -53.05 -47.63 -75.50
C GLY ZA 60 -52.30 -47.55 -74.20
N VAL ZA 61 -50.99 -47.29 -74.26
CA VAL ZA 61 -50.23 -47.14 -73.03
C VAL ZA 61 -50.62 -45.87 -72.31
N GLU ZA 62 -50.98 -44.83 -73.07
CA GLU ZA 62 -51.32 -43.55 -72.46
C GLU ZA 62 -52.64 -43.64 -71.72
N ALA ZA 63 -53.61 -44.39 -72.25
CA ALA ZA 63 -54.89 -44.55 -71.57
C ALA ZA 63 -54.77 -45.48 -70.37
N ALA ZA 64 -54.04 -46.58 -70.52
CA ALA ZA 64 -53.94 -47.56 -69.44
C ALA ZA 64 -53.15 -47.02 -68.27
N LYS ZA 65 -52.05 -46.32 -68.54
CA LYS ZA 65 -51.25 -45.74 -67.47
C LYS ZA 65 -52.05 -44.78 -66.62
N ARG ZA 66 -53.18 -44.31 -67.14
CA ARG ZA 66 -53.96 -43.26 -66.49
C ARG ZA 66 -54.73 -43.79 -65.30
N ILE ZA 67 -55.11 -45.07 -65.32
CA ILE ZA 67 -55.91 -45.65 -64.25
C ILE ZA 67 -55.20 -46.80 -63.54
N GLY ZA 68 -54.21 -47.42 -64.15
CA GLY ZA 68 -53.54 -48.54 -63.53
C GLY ZA 68 -52.05 -48.51 -63.80
N LYS ZA 69 -51.41 -49.68 -63.85
CA LYS ZA 69 -49.98 -49.78 -64.04
C LYS ZA 69 -49.68 -50.48 -65.35
N VAL ZA 70 -48.91 -49.82 -66.21
CA VAL ZA 70 -48.43 -50.43 -67.44
C VAL ZA 70 -47.03 -50.97 -67.17
N VAL ZA 71 -46.89 -52.28 -67.25
CA VAL ZA 71 -45.62 -52.91 -66.90
C VAL ZA 71 -44.62 -52.79 -68.05
N SER ZA 72 -45.06 -53.09 -69.26
CA SER ZA 72 -44.16 -53.03 -70.42
C SER ZA 72 -44.97 -52.91 -71.69
N SER ZA 73 -44.35 -52.33 -72.72
CA SER ZA 73 -44.92 -52.22 -74.04
C SER ZA 73 -43.83 -52.46 -75.06
N ARG ZA 74 -44.22 -52.88 -76.26
CA ARG ZA 74 -43.24 -53.30 -77.25
C ARG ZA 74 -43.91 -53.45 -78.60
N VAL ZA 75 -43.21 -53.10 -79.67
CA VAL ZA 75 -43.66 -53.31 -81.03
C VAL ZA 75 -42.61 -54.13 -81.76
N ILE ZA 76 -43.03 -55.25 -82.35
CA ILE ZA 76 -42.18 -56.06 -83.21
C ILE ZA 76 -42.60 -55.79 -84.64
N ALA ZA 77 -41.72 -55.17 -85.42
CA ALA ZA 77 -42.10 -54.73 -86.76
C ALA ZA 77 -42.31 -55.90 -87.71
N ARG ZA 78 -41.53 -56.97 -87.55
CA ARG ZA 78 -41.66 -58.15 -88.39
C ARG ZA 78 -41.34 -59.38 -87.55
N PRO ZA 79 -42.34 -60.03 -86.98
CA PRO ZA 79 -42.06 -61.20 -86.14
C PRO ZA 79 -41.66 -62.39 -86.99
N HIS ZA 80 -40.87 -63.27 -86.39
CA HIS ZA 80 -40.53 -64.53 -87.03
C HIS ZA 80 -41.79 -65.38 -87.13
N ASN ZA 81 -41.80 -66.28 -88.12
CA ASN ZA 81 -42.97 -67.12 -88.31
C ASN ZA 81 -43.19 -68.06 -87.13
N ASP ZA 82 -42.12 -68.43 -86.44
CA ASP ZA 82 -42.28 -69.27 -85.25
C ASP ZA 82 -43.03 -68.52 -84.15
N ILE ZA 83 -42.80 -67.22 -84.03
CA ILE ZA 83 -43.50 -66.43 -83.02
C ILE ZA 83 -44.99 -66.41 -83.27
N GLU ZA 84 -45.43 -66.56 -84.52
CA GLU ZA 84 -46.87 -66.65 -84.78
C GLU ZA 84 -47.39 -68.07 -84.64
N LYS ZA 85 -46.96 -68.72 -83.56
CA LYS ZA 85 -47.55 -69.95 -83.06
C LYS ZA 85 -47.62 -69.96 -81.54
N ILE ZA 86 -46.95 -69.01 -80.88
CA ILE ZA 86 -47.04 -68.82 -79.45
C ILE ZA 86 -48.15 -67.83 -79.10
N ALA ZA 87 -48.28 -66.78 -79.90
CA ALA ZA 87 -49.37 -65.82 -79.70
C ALA ZA 87 -50.70 -66.44 -80.11
N GLY ZA 88 -50.83 -66.79 -81.38
CA GLY ZA 88 -52.05 -67.42 -81.87
C GLY ZA 88 -52.03 -68.92 -81.74
N MET AB 1 24.35 63.79 -85.60
CA MET AB 1 25.11 64.98 -85.29
C MET AB 1 25.28 65.86 -86.52
N ILE AB 2 25.67 67.10 -86.32
CA ILE AB 2 26.01 68.01 -87.40
C ILE AB 2 27.24 68.81 -87.02
N LEU AB 3 28.05 69.15 -88.01
CA LEU AB 3 29.15 70.07 -87.79
C LEU AB 3 28.63 71.49 -87.68
N ALA AB 4 29.05 72.20 -86.65
CA ALA AB 4 28.58 73.55 -86.42
C ALA AB 4 29.68 74.34 -85.75
N LYS AB 5 29.48 75.65 -85.68
CA LYS AB 5 30.45 76.56 -85.11
C LYS AB 5 29.76 77.44 -84.08
N VAL AB 6 30.36 77.57 -82.91
CA VAL AB 6 29.78 78.43 -81.88
C VAL AB 6 29.97 79.88 -82.28
N THR AB 7 28.86 80.63 -82.29
CA THR AB 7 28.87 82.01 -82.76
C THR AB 7 28.34 83.01 -81.77
N GLY AB 8 28.01 82.59 -80.54
CA GLY AB 8 27.51 83.52 -79.55
C GLY AB 8 27.00 82.77 -78.33
N HIS AB 9 26.18 83.45 -77.55
CA HIS AB 9 25.55 82.84 -76.40
C HIS AB 9 24.26 83.59 -76.09
N VAL AB 10 23.45 82.98 -75.23
CA VAL AB 10 22.14 83.51 -74.88
C VAL AB 10 22.05 83.59 -73.36
N VAL AB 11 21.60 84.72 -72.85
CA VAL AB 11 21.43 84.93 -71.41
C VAL AB 11 19.94 84.96 -71.13
N ALA AB 12 19.45 83.94 -70.44
CA ALA AB 12 18.04 83.80 -70.12
C ALA AB 12 17.90 83.63 -68.61
N THR AB 13 17.13 84.50 -67.98
CA THR AB 13 16.95 84.50 -66.53
C THR AB 13 15.70 83.72 -66.11
N GLN AB 14 14.57 84.00 -66.76
CA GLN AB 14 13.31 83.32 -66.46
C GLN AB 14 13.23 82.09 -67.34
N LYS AB 15 13.47 80.92 -66.77
CA LYS AB 15 13.49 79.69 -67.54
C LYS AB 15 13.13 78.53 -66.65
N CYS AB 16 12.94 77.36 -67.27
CA CYS AB 16 12.55 76.17 -66.54
C CYS AB 16 13.67 75.71 -65.62
N ASP AB 17 13.41 74.62 -64.90
CA ASP AB 17 14.36 74.08 -63.95
C ASP AB 17 15.26 73.02 -64.55
N GLU AB 18 14.83 72.38 -65.64
CA GLU AB 18 15.67 71.42 -66.33
C GLU AB 18 16.89 72.08 -66.98
N LEU AB 19 16.94 73.41 -66.99
CA LEU AB 19 18.01 74.14 -67.64
C LEU AB 19 18.87 74.95 -66.68
N ARG AB 20 18.68 74.78 -65.37
CA ARG AB 20 19.44 75.57 -64.41
C ARG AB 20 20.90 75.14 -64.38
N GLY AB 21 21.80 76.10 -64.45
CA GLY AB 21 23.21 75.82 -64.35
C GLY AB 21 23.80 75.18 -65.59
N SER AB 22 23.60 75.81 -66.74
CA SER AB 22 24.14 75.30 -67.99
C SER AB 22 24.31 76.46 -68.95
N ASN AB 23 25.19 76.27 -69.92
CA ASN AB 23 25.44 77.29 -70.91
C ASN AB 23 24.43 77.15 -72.04
N LEU AB 24 24.19 78.25 -72.75
CA LEU AB 24 23.29 78.25 -73.90
C LEU AB 24 23.98 78.95 -75.06
N LEU AB 25 24.51 78.18 -75.99
CA LEU AB 25 25.32 78.70 -77.08
C LEU AB 25 24.51 78.78 -78.36
N LEU AB 26 24.83 79.79 -79.17
CA LEU AB 26 24.30 79.86 -80.52
C LEU AB 26 25.18 79.02 -81.42
N ILE AB 27 24.56 78.17 -82.22
CA ILE AB 27 25.24 77.09 -82.93
C ILE AB 27 24.85 77.22 -84.39
N THR AB 28 25.79 77.58 -85.24
CA THR AB 28 25.50 77.81 -86.65
C THR AB 28 26.03 76.66 -87.49
N ARG AB 29 25.17 76.04 -88.28
CA ARG AB 29 25.58 74.96 -89.15
C ARG AB 29 26.44 75.49 -90.28
N LEU AB 30 27.57 74.82 -90.53
CA LEU AB 30 28.52 75.27 -91.52
C LEU AB 30 28.58 74.31 -92.70
N ASP AB 31 28.85 74.85 -93.88
CA ASP AB 31 28.74 74.11 -95.14
C ASP AB 31 30.02 73.33 -95.46
N ASP AB 32 30.11 72.78 -96.68
CA ASP AB 32 31.21 71.88 -97.04
C ASP AB 32 32.52 72.60 -97.31
N LYS AB 33 32.59 73.91 -97.08
CA LYS AB 33 33.85 74.63 -97.09
C LYS AB 33 34.24 75.09 -95.70
N GLN AB 34 33.61 74.53 -94.68
CA GLN AB 34 33.78 74.96 -93.29
C GLN AB 34 33.51 76.46 -93.16
N GLN AB 35 32.30 76.85 -93.57
CA GLN AB 35 31.88 78.24 -93.55
C GLN AB 35 30.43 78.28 -93.11
N PRO AB 36 30.08 79.14 -92.15
CA PRO AB 36 28.70 79.17 -91.65
C PRO AB 36 27.70 79.52 -92.73
N MET AB 37 26.50 78.97 -92.59
CA MET AB 37 25.41 79.19 -93.52
C MET AB 37 24.51 80.32 -93.01
N LYS AB 38 23.44 80.59 -93.75
CA LYS AB 38 22.49 81.64 -93.42
C LYS AB 38 21.21 81.03 -92.88
N ASP AB 39 20.69 81.60 -91.80
CA ASP AB 39 19.43 81.17 -91.19
C ASP AB 39 19.48 79.70 -90.77
N GLN AB 40 20.56 79.34 -90.07
CA GLN AB 40 20.76 77.96 -89.66
C GLN AB 40 21.27 77.90 -88.23
N THR AB 41 20.69 78.69 -87.33
CA THR AB 41 21.19 78.82 -85.98
C THR AB 41 20.23 78.16 -84.99
N TRP AB 42 20.79 77.35 -84.10
CA TRP AB 42 20.04 76.75 -83.01
C TRP AB 42 20.69 77.14 -81.70
N VAL AB 43 20.00 76.85 -80.61
CA VAL AB 43 20.53 77.09 -79.27
C VAL AB 43 20.81 75.75 -78.63
N ALA AB 44 22.04 75.55 -78.19
CA ALA AB 44 22.49 74.26 -77.69
C ALA AB 44 23.00 74.41 -76.27
N VAL AB 45 22.66 73.44 -75.42
CA VAL AB 45 23.14 73.41 -74.05
C VAL AB 45 24.54 72.81 -74.08
N ASP AB 46 25.55 73.64 -73.84
CA ASP AB 46 26.92 73.16 -73.83
C ASP AB 46 27.08 72.05 -72.80
N ASN AB 47 27.93 71.08 -73.13
CA ASN AB 47 28.12 69.93 -72.25
C ASN AB 47 29.57 69.54 -72.04
N VAL AB 48 30.50 70.01 -72.87
CA VAL AB 48 31.91 69.64 -72.76
C VAL AB 48 32.82 70.85 -72.60
N GLY AB 49 32.28 72.06 -72.61
CA GLY AB 49 33.11 73.23 -72.42
C GLY AB 49 33.61 73.86 -73.69
N ALA AB 50 32.70 74.20 -74.59
CA ALA AB 50 33.05 74.88 -75.83
C ALA AB 50 32.83 76.38 -75.68
N GLY AB 51 33.63 77.14 -76.42
CA GLY AB 51 33.53 78.59 -76.37
C GLY AB 51 33.39 79.18 -77.75
N MET AB 52 33.66 80.46 -77.91
CA MET AB 52 33.43 81.11 -79.19
C MET AB 52 34.40 80.58 -80.24
N HIS AB 53 33.94 80.58 -81.49
CA HIS AB 53 34.73 80.28 -82.68
C HIS AB 53 35.14 78.81 -82.78
N ASP AB 54 34.69 77.96 -81.89
CA ASP AB 54 35.11 76.57 -81.87
C ASP AB 54 34.16 75.73 -82.72
N ILE AB 55 34.72 74.82 -83.51
CA ILE AB 55 33.92 73.91 -84.32
C ILE AB 55 33.51 72.73 -83.45
N VAL AB 56 32.21 72.53 -83.28
CA VAL AB 56 31.70 71.53 -82.36
C VAL AB 56 30.81 70.55 -83.10
N LEU AB 57 30.25 69.59 -82.38
CA LEU AB 57 29.47 68.49 -82.95
C LEU AB 57 28.16 68.46 -82.18
N ALA AB 58 27.15 69.16 -82.69
CA ALA AB 58 25.90 69.35 -81.98
C ALA AB 58 24.95 68.19 -82.27
N GLU AB 59 24.39 67.62 -81.22
CA GLU AB 59 23.53 66.46 -81.32
C GLU AB 59 22.08 66.87 -81.12
N GLU AB 60 21.18 66.09 -81.72
CA GLU AB 60 19.76 66.39 -81.69
C GLU AB 60 19.14 65.89 -80.39
N TYR AB 61 17.81 65.75 -80.38
CA TYR AB 61 16.97 65.81 -79.18
C TYR AB 61 17.58 65.19 -77.92
N PHE AB 62 17.82 63.89 -77.90
CA PHE AB 62 18.03 63.19 -76.64
C PHE AB 62 19.51 63.10 -76.32
N ALA AB 63 19.93 63.87 -75.30
CA ALA AB 63 21.26 63.74 -74.74
C ALA AB 63 21.26 63.89 -73.22
N LEU AB 64 20.10 63.72 -72.58
CA LEU AB 64 19.95 63.77 -71.12
C LEU AB 64 20.44 65.11 -70.56
N ASN AB 65 19.75 66.18 -70.97
CA ASN AB 65 20.13 67.52 -70.55
C ASN AB 65 18.91 68.40 -70.26
N TYR AB 69 14.48 64.11 -70.41
CA TYR AB 69 15.39 65.19 -70.79
C TYR AB 69 15.79 65.07 -72.25
N LYS AB 70 15.44 66.08 -73.05
CA LYS AB 70 15.68 66.01 -74.48
C LYS AB 70 16.22 67.31 -75.07
N ALA AB 71 17.10 68.01 -74.36
CA ALA AB 71 17.63 69.25 -74.89
C ALA AB 71 18.75 68.97 -75.89
N MET AB 72 18.84 69.84 -76.90
CA MET AB 72 19.85 69.74 -77.95
C MET AB 72 21.17 70.23 -77.37
N SER AB 73 22.16 69.36 -77.28
CA SER AB 73 23.41 69.68 -76.62
C SER AB 73 24.60 69.46 -77.54
N VAL AB 74 25.73 69.98 -77.11
CA VAL AB 74 27.01 69.78 -77.79
C VAL AB 74 27.71 68.60 -77.13
N VAL AB 75 28.23 67.68 -77.92
CA VAL AB 75 28.75 66.43 -77.40
C VAL AB 75 30.21 66.18 -77.77
N ALA AB 76 30.84 67.06 -78.54
CA ALA AB 76 32.21 66.83 -78.95
C ALA AB 76 32.79 68.11 -79.51
N ILE AB 77 34.07 68.35 -79.24
CA ILE AB 77 34.84 69.43 -79.84
C ILE AB 77 35.77 68.81 -80.87
N VAL AB 78 35.71 69.33 -82.09
CA VAL AB 78 36.30 68.66 -83.23
C VAL AB 78 37.71 69.20 -83.46
N GLU AB 79 38.67 68.29 -83.59
CA GLU AB 79 40.06 68.63 -83.87
C GLU AB 79 40.31 68.75 -85.38
N LYS AB 80 40.04 67.67 -86.12
CA LYS AB 80 40.32 67.61 -87.55
C LYS AB 80 39.10 67.12 -88.30
N VAL AB 81 38.83 67.72 -89.45
CA VAL AB 81 37.77 67.28 -90.35
C VAL AB 81 38.44 66.95 -91.67
N PHE AB 82 38.76 65.68 -91.85
CA PHE AB 82 39.33 65.22 -93.12
C PHE AB 82 38.20 64.93 -94.08
N ARG AB 83 38.24 65.57 -95.26
CA ARG AB 83 37.11 65.52 -96.18
C ARG AB 83 37.64 65.58 -97.61
N ASP AB 84 37.47 64.50 -98.35
CA ASP AB 84 37.77 64.52 -99.77
C ASP AB 84 37.12 63.32 -100.47
N GLU BB 3 36.06 107.47 -32.10
CA GLU BB 3 34.89 106.71 -32.49
C GLU BB 3 35.05 105.25 -32.08
N ALA BB 4 33.95 104.50 -32.04
CA ALA BB 4 34.00 103.13 -31.60
C ALA BB 4 34.67 102.26 -32.66
N LEU BB 5 34.67 100.95 -32.43
CA LEU BB 5 35.35 100.03 -33.31
C LEU BB 5 34.62 98.69 -33.28
N GLY BB 6 34.35 98.14 -34.44
CA GLY BB 6 33.61 96.89 -34.53
C GLY BB 6 34.36 95.86 -35.35
N LEU BB 7 34.27 94.61 -34.90
CA LEU BB 7 35.08 93.54 -35.46
C LEU BB 7 34.24 92.29 -35.67
N ILE BB 8 34.37 91.68 -36.84
CA ILE BB 8 33.79 90.37 -37.11
C ILE BB 8 34.88 89.50 -37.69
N GLU BB 9 34.87 88.22 -37.32
CA GLU BB 9 35.86 87.27 -37.78
C GLU BB 9 35.15 86.03 -38.31
N THR BB 10 35.53 85.59 -39.51
CA THR BB 10 34.86 84.49 -40.17
C THR BB 10 35.88 83.53 -40.75
N LYS BB 11 35.43 82.33 -41.03
CA LYS BB 11 36.23 81.35 -41.77
C LYS BB 11 35.91 81.49 -43.26
N GLY BB 12 36.90 81.84 -44.04
CA GLY BB 12 36.69 82.02 -45.46
C GLY BB 12 36.47 83.48 -45.82
N LEU BB 13 36.76 83.81 -47.07
CA LEU BB 13 36.67 85.20 -47.49
C LEU BB 13 35.26 85.58 -47.92
N VAL BB 14 34.51 84.64 -48.48
CA VAL BB 14 33.17 84.97 -48.98
C VAL BB 14 32.28 85.40 -47.82
N ALA BB 15 32.29 84.63 -46.74
CA ALA BB 15 31.45 84.97 -45.59
C ALA BB 15 31.80 86.33 -45.03
N CYS BB 16 33.03 86.79 -45.23
CA CYS BB 16 33.44 88.07 -44.68
C CYS BB 16 33.00 89.24 -45.57
N ILE BB 17 33.01 89.06 -46.89
CA ILE BB 17 32.56 90.13 -47.77
C ILE BB 17 31.06 90.32 -47.64
N GLU BB 18 30.31 89.24 -47.44
CA GLU BB 18 28.90 89.36 -47.14
C GLU BB 18 28.69 90.12 -45.83
N ALA BB 19 29.44 89.75 -44.79
CA ALA BB 19 29.32 90.44 -43.51
C ALA BB 19 29.68 91.90 -43.63
N ALA BB 20 30.76 92.22 -44.34
CA ALA BB 20 31.17 93.61 -44.45
C ALA BB 20 30.21 94.42 -45.29
N ASP BB 21 29.49 93.79 -46.22
CA ASP BB 21 28.51 94.53 -46.99
C ASP BB 21 27.27 94.84 -46.15
N ALA BB 22 26.79 93.88 -45.39
CA ALA BB 22 25.65 94.12 -44.52
C ALA BB 22 25.95 95.20 -43.50
N MET BB 23 27.15 95.19 -42.94
CA MET BB 23 27.53 96.20 -41.96
C MET BB 23 27.45 97.60 -42.56
N CYS BB 24 27.96 97.77 -43.78
CA CYS BB 24 28.00 99.09 -44.38
C CYS BB 24 26.60 99.60 -44.74
N LYS BB 25 25.67 98.70 -45.03
CA LYS BB 25 24.33 99.12 -45.41
C LYS BB 25 23.45 99.40 -44.21
N ALA BB 26 23.67 98.70 -43.11
CA ALA BB 26 22.75 98.71 -41.98
C ALA BB 26 22.88 99.93 -41.08
N ALA BB 27 23.95 100.69 -41.18
CA ALA BB 27 24.12 101.85 -40.31
C ALA BB 27 25.21 102.74 -40.88
N ASN BB 28 25.37 103.91 -40.29
CA ASN BB 28 26.35 104.89 -40.77
C ASN BB 28 27.71 104.58 -40.16
N VAL BB 29 28.38 103.58 -40.72
CA VAL BB 29 29.72 103.20 -40.31
C VAL BB 29 30.61 103.14 -41.55
N GLU BB 30 31.91 103.29 -41.34
CA GLU BB 30 32.89 103.30 -42.41
C GLU BB 30 33.80 102.09 -42.29
N LEU BB 31 34.15 101.50 -43.42
CA LEU BB 31 34.95 100.27 -43.44
C LEU BB 31 36.42 100.61 -43.38
N ILE BB 32 37.12 100.06 -42.39
CA ILE BB 32 38.54 100.32 -42.24
C ILE BB 32 39.36 99.45 -43.19
N GLY BB 33 39.15 98.14 -43.12
CA GLY BB 33 39.85 97.25 -44.03
C GLY BB 33 39.70 95.82 -43.58
N TYR BB 34 40.30 94.93 -44.38
CA TYR BB 34 40.37 93.52 -44.08
C TYR BB 34 41.75 93.16 -43.55
N GLU BB 35 41.84 92.04 -42.85
CA GLU BB 35 43.12 91.55 -42.35
C GLU BB 35 42.97 90.06 -42.06
N ASN BB 36 43.57 89.22 -42.89
CA ASN BB 36 43.53 87.78 -42.68
C ASN BB 36 44.84 87.32 -42.06
N VAL BB 37 44.73 86.52 -41.00
CA VAL BB 37 45.88 86.06 -40.24
C VAL BB 37 45.93 84.53 -40.38
N GLY BB 38 46.61 84.05 -41.41
CA GLY BB 38 46.83 82.62 -41.49
C GLY BB 38 45.56 81.85 -41.78
N SER BB 39 45.35 80.79 -41.00
CA SER BB 39 44.49 79.69 -41.42
C SER BB 39 43.04 80.12 -41.56
N GLY BB 40 42.63 80.39 -42.80
CA GLY BB 40 41.28 80.72 -43.18
C GLY BB 40 40.51 81.63 -42.25
N LEU BB 41 41.16 82.66 -41.73
CA LEU BB 41 40.51 83.60 -40.81
C LEU BB 41 40.66 85.00 -41.36
N VAL BB 42 39.56 85.60 -41.77
CA VAL BB 42 39.54 86.98 -42.26
C VAL BB 42 38.72 87.81 -41.29
N THR BB 43 39.12 89.07 -41.11
CA THR BB 43 38.49 89.96 -40.15
C THR BB 43 38.24 91.30 -40.82
N ALA BB 44 37.03 91.84 -40.64
CA ALA BB 44 36.66 93.15 -41.15
C ALA BB 44 36.48 94.10 -39.98
N MET BB 45 36.89 95.36 -40.15
CA MET BB 45 36.86 96.34 -39.09
C MET BB 45 36.09 97.57 -39.57
N VAL BB 46 35.12 98.00 -38.76
CA VAL BB 46 34.33 99.20 -39.05
C VAL BB 46 34.45 100.15 -37.87
N LYS BB 47 34.22 101.44 -38.14
CA LYS BB 47 34.28 102.44 -37.09
C LYS BB 47 33.17 103.47 -37.27
N GLY BB 48 32.72 104.03 -36.17
CA GLY BB 48 31.62 104.97 -36.17
C GLY BB 48 31.17 105.22 -34.74
N ASP BB 49 30.02 105.87 -34.60
CA ASP BB 49 29.49 106.12 -33.28
C ASP BB 49 29.07 104.81 -32.61
N VAL BB 50 28.91 104.87 -31.28
CA VAL BB 50 28.73 103.64 -30.51
C VAL BB 50 27.39 103.00 -30.81
N GLY BB 51 26.34 103.81 -30.97
CA GLY BB 51 25.04 103.26 -31.28
C GLY BB 51 24.96 102.74 -32.71
N ALA BB 52 25.65 103.41 -33.63
CA ALA BB 52 25.69 102.91 -35.00
C ALA BB 52 26.51 101.64 -35.10
N VAL BB 53 27.72 101.64 -34.55
CA VAL BB 53 28.61 100.49 -34.67
C VAL BB 53 27.97 99.27 -34.01
N ASN BB 54 27.28 99.48 -32.90
CA ASN BB 54 26.59 98.37 -32.25
C ASN BB 54 25.49 97.81 -33.15
N ALA BB 55 24.86 98.68 -33.94
CA ALA BB 55 23.78 98.25 -34.83
C ALA BB 55 24.32 97.62 -36.10
N ALA BB 56 25.55 97.94 -36.47
CA ALA BB 56 26.11 97.34 -37.68
C ALA BB 56 26.63 95.93 -37.40
N VAL BB 57 27.16 95.70 -36.21
CA VAL BB 57 27.80 94.42 -35.94
C VAL BB 57 26.78 93.30 -35.80
N ASP BB 58 25.64 93.57 -35.17
CA ASP BB 58 24.66 92.51 -35.01
C ASP BB 58 23.95 92.18 -36.32
N SER BB 59 23.91 93.12 -37.25
CA SER BB 59 23.38 92.81 -38.57
C SER BB 59 24.40 92.05 -39.41
N GLY BB 60 25.66 92.47 -39.35
CA GLY BB 60 26.70 91.79 -40.08
C GLY BB 60 26.94 90.37 -39.62
N VAL BB 61 26.82 90.12 -38.32
CA VAL BB 61 26.93 88.76 -37.82
C VAL BB 61 25.76 87.93 -38.32
N GLU BB 62 24.58 88.55 -38.43
CA GLU BB 62 23.38 87.85 -38.85
C GLU BB 62 23.51 87.36 -40.29
N ALA BB 63 24.14 88.16 -41.14
CA ALA BB 63 24.26 87.82 -42.56
C ALA BB 63 25.32 86.76 -42.79
N ALA BB 64 26.50 86.94 -42.21
CA ALA BB 64 27.58 85.98 -42.43
C ALA BB 64 27.29 84.64 -41.78
N LYS BB 65 26.55 84.64 -40.68
CA LYS BB 65 26.13 83.39 -40.05
C LYS BB 65 25.24 82.57 -40.97
N ARG BB 66 24.66 83.20 -41.98
CA ARG BB 66 23.73 82.52 -42.88
C ARG BB 66 24.45 81.57 -43.82
N ILE BB 67 25.60 81.98 -44.34
CA ILE BB 67 26.31 81.22 -45.37
C ILE BB 67 27.66 80.70 -44.90
N GLY BB 68 28.14 81.12 -43.75
CA GLY BB 68 29.43 80.66 -43.28
C GLY BB 68 29.52 80.56 -41.78
N LYS BB 69 30.73 80.55 -41.25
CA LYS BB 69 30.95 80.46 -39.82
C LYS BB 69 31.45 81.81 -39.33
N VAL BB 70 30.73 82.41 -38.40
CA VAL BB 70 31.19 83.59 -37.69
C VAL BB 70 31.91 83.11 -36.43
N VAL BB 71 33.19 83.42 -36.32
CA VAL BB 71 33.99 82.94 -35.21
C VAL BB 71 33.84 83.84 -33.99
N SER BB 72 33.92 85.15 -34.17
CA SER BB 72 33.85 86.07 -33.05
C SER BB 72 33.42 87.43 -33.54
N SER BB 73 32.79 88.20 -32.64
CA SER BB 73 32.43 89.58 -32.89
C SER BB 73 32.62 90.37 -31.62
N ARG BB 74 32.86 91.66 -31.76
CA ARG BB 74 33.20 92.47 -30.60
C ARG BB 74 33.12 93.95 -30.96
N VAL BB 75 32.59 94.74 -30.04
CA VAL BB 75 32.54 96.19 -30.17
C VAL BB 75 33.38 96.79 -29.05
N ILE BB 76 34.22 97.75 -29.39
CA ILE BB 76 35.05 98.46 -28.43
C ILE BB 76 34.56 99.90 -28.38
N ALA BB 77 34.00 100.30 -27.24
CA ALA BB 77 33.30 101.57 -27.18
C ALA BB 77 34.25 102.75 -27.25
N ARG BB 78 35.44 102.62 -26.66
CA ARG BB 78 36.46 103.65 -26.77
C ARG BB 78 37.81 102.97 -26.90
N PRO BB 79 38.32 102.81 -28.13
CA PRO BB 79 39.62 102.18 -28.30
C PRO BB 79 40.71 103.11 -27.82
N HIS BB 80 41.70 102.52 -27.14
CA HIS BB 80 42.81 103.31 -26.62
C HIS BB 80 43.60 103.92 -27.75
N ASN BB 81 44.15 105.11 -27.50
CA ASN BB 81 44.82 105.87 -28.54
C ASN BB 81 45.96 105.06 -29.16
N ASP BB 82 46.69 104.30 -28.34
CA ASP BB 82 47.80 103.50 -28.84
C ASP BB 82 47.34 102.53 -29.92
N ILE BB 83 46.15 101.97 -29.76
CA ILE BB 83 45.64 100.97 -30.68
C ILE BB 83 45.06 101.64 -31.92
N GLU CB 3 28.55 97.83 -60.76
CA GLU CB 3 28.15 96.56 -61.38
C GLU CB 3 28.15 95.45 -60.34
N ALA CB 4 27.39 94.38 -60.61
CA ALA CB 4 27.25 93.31 -59.65
C ALA CB 4 28.58 92.61 -59.41
N LEU CB 5 28.58 91.63 -58.51
CA LEU CB 5 29.81 90.99 -58.10
C LEU CB 5 29.50 89.58 -57.63
N GLY CB 6 30.20 88.61 -58.19
CA GLY CB 6 29.97 87.22 -57.83
C GLY CB 6 31.23 86.56 -57.32
N LEU CB 7 31.05 85.65 -56.37
CA LEU CB 7 32.16 84.97 -55.72
C LEU CB 7 31.91 83.48 -55.65
N ILE CB 8 32.95 82.70 -55.94
CA ILE CB 8 32.95 81.27 -55.69
C ILE CB 8 34.19 80.95 -54.87
N GLU CB 9 34.01 80.12 -53.84
CA GLU CB 9 35.11 79.73 -52.97
C GLU CB 9 35.26 78.22 -53.00
N THR CB 10 36.46 77.76 -53.32
CA THR CB 10 36.72 76.35 -53.53
C THR CB 10 37.93 75.91 -52.73
N LYS CB 11 38.00 74.62 -52.45
CA LYS CB 11 39.13 74.03 -51.75
C LYS CB 11 40.13 73.51 -52.79
N GLY CB 12 41.25 74.18 -52.92
CA GLY CB 12 42.23 73.83 -53.91
C GLY CB 12 42.16 74.74 -55.12
N LEU CB 13 43.30 74.89 -55.79
CA LEU CB 13 43.37 75.82 -56.91
C LEU CB 13 42.79 75.24 -58.20
N VAL CB 14 42.92 73.94 -58.41
CA VAL CB 14 42.46 73.36 -59.66
C VAL CB 14 40.95 73.53 -59.80
N ALA CB 15 40.20 73.23 -58.74
CA ALA CB 15 38.76 73.40 -58.79
C ALA CB 15 38.37 74.85 -59.03
N CYS CB 16 39.25 75.80 -58.73
CA CYS CB 16 38.94 77.20 -58.92
C CYS CB 16 39.18 77.65 -60.35
N ILE CB 17 40.11 77.02 -61.06
CA ILE CB 17 40.32 77.38 -62.46
C ILE CB 17 39.25 76.76 -63.33
N GLU CB 18 38.73 75.60 -62.96
CA GLU CB 18 37.57 75.06 -63.66
C GLU CB 18 36.35 75.94 -63.44
N ALA CB 19 36.14 76.39 -62.20
CA ALA CB 19 35.03 77.28 -61.92
C ALA CB 19 35.16 78.59 -62.68
N ALA CB 20 36.36 79.16 -62.72
CA ALA CB 20 36.54 80.43 -63.41
C ALA CB 20 36.43 80.27 -64.91
N ASP CB 21 36.73 79.09 -65.43
CA ASP CB 21 36.59 78.88 -66.87
C ASP CB 21 35.13 78.77 -67.27
N ALA CB 22 34.33 78.07 -66.47
CA ALA CB 22 32.90 77.98 -66.75
C ALA CB 22 32.23 79.33 -66.60
N MET CB 23 32.64 80.11 -65.60
CA MET CB 23 32.06 81.44 -65.41
C MET CB 23 32.33 82.33 -66.61
N CYS CB 24 33.55 82.31 -67.12
CA CYS CB 24 33.92 83.26 -68.18
C CYS CB 24 33.32 82.88 -69.52
N LYS CB 25 32.91 81.62 -69.70
CA LYS CB 25 32.30 81.20 -70.95
C LYS CB 25 30.78 81.35 -70.94
N ALA CB 26 30.17 81.42 -69.76
CA ALA CB 26 28.73 81.39 -69.64
C ALA CB 26 28.07 82.73 -69.91
N ALA CB 27 28.79 83.83 -69.75
CA ALA CB 27 28.20 85.15 -69.98
C ALA CB 27 29.32 86.15 -70.19
N ASN CB 28 28.94 87.42 -70.33
CA ASN CB 28 29.88 88.48 -70.64
C ASN CB 28 30.26 89.18 -69.33
N VAL CB 29 31.15 88.53 -68.58
CA VAL CB 29 31.66 89.06 -67.32
C VAL CB 29 33.17 89.15 -67.43
N GLU CB 30 33.75 90.11 -66.74
CA GLU CB 30 35.20 90.25 -66.67
C GLU CB 30 35.68 89.66 -65.36
N LEU CB 31 36.76 88.89 -65.43
CA LEU CB 31 37.29 88.19 -64.27
C LEU CB 31 38.31 89.08 -63.57
N ILE CB 32 38.13 89.27 -62.26
CA ILE CB 32 38.97 90.18 -61.50
C ILE CB 32 40.26 89.52 -61.05
N GLY CB 33 40.18 88.38 -60.40
CA GLY CB 33 41.38 87.67 -60.01
C GLY CB 33 41.13 86.81 -58.78
N TYR CB 34 42.13 85.98 -58.49
CA TYR CB 34 42.05 85.05 -57.38
C TYR CB 34 42.56 85.69 -56.09
N GLU CB 35 42.23 85.04 -54.99
CA GLU CB 35 42.71 85.49 -53.68
C GLU CB 35 42.59 84.31 -52.72
N ASN CB 36 43.72 83.77 -52.29
CA ASN CB 36 43.72 82.65 -51.37
C ASN CB 36 44.08 83.15 -49.97
N VAL CB 37 43.34 82.65 -48.99
CA VAL CB 37 43.43 83.12 -47.61
C VAL CB 37 44.04 82.07 -46.70
N GLY CB 38 44.57 81.00 -47.26
CA GLY CB 38 45.16 79.94 -46.46
C GLY CB 38 44.16 78.85 -46.15
N SER CB 39 44.69 77.73 -45.67
CA SER CB 39 43.93 76.51 -45.39
C SER CB 39 43.38 75.87 -46.65
N GLY CB 40 43.90 76.23 -47.81
CA GLY CB 40 43.47 75.65 -49.06
C GLY CB 40 42.28 76.31 -49.72
N LEU CB 41 41.81 77.43 -49.19
CA LEU CB 41 40.64 78.10 -49.71
C LEU CB 41 41.06 79.13 -50.75
N VAL CB 42 40.56 78.99 -51.97
CA VAL CB 42 40.82 79.91 -53.06
C VAL CB 42 39.50 80.47 -53.55
N THR CB 43 39.48 81.75 -53.91
CA THR CB 43 38.26 82.45 -54.27
C THR CB 43 38.45 83.15 -55.60
N ALA CB 44 37.49 83.01 -56.50
CA ALA CB 44 37.47 83.70 -57.78
C ALA CB 44 36.38 84.75 -57.76
N MET CB 45 36.64 85.89 -58.39
CA MET CB 45 35.75 87.05 -58.32
C MET CB 45 35.52 87.58 -59.72
N VAL CB 46 34.25 87.71 -60.11
CA VAL CB 46 33.86 88.28 -61.39
C VAL CB 46 32.98 89.48 -61.15
N LYS CB 47 32.82 90.30 -62.18
CA LYS CB 47 31.96 91.47 -62.08
C LYS CB 47 31.35 91.78 -63.43
N GLY CB 48 30.10 92.21 -63.42
CA GLY CB 48 29.38 92.52 -64.63
C GLY CB 48 27.94 92.87 -64.28
N ASP CB 49 27.09 92.90 -65.31
CA ASP CB 49 25.68 93.13 -65.06
C ASP CB 49 25.08 91.98 -64.26
N VAL CB 50 23.99 92.27 -63.56
CA VAL CB 50 23.47 91.31 -62.58
C VAL CB 50 22.77 90.12 -63.23
N GLY CB 51 22.31 90.26 -64.46
CA GLY CB 51 21.79 89.09 -65.16
C GLY CB 51 22.88 88.17 -65.65
N ALA CB 52 24.01 88.75 -66.06
CA ALA CB 52 25.15 87.95 -66.48
C ALA CB 52 25.84 87.30 -65.30
N VAL CB 53 26.08 88.08 -64.24
CA VAL CB 53 26.80 87.56 -63.07
C VAL CB 53 26.00 86.45 -62.42
N ASN CB 54 24.67 86.57 -62.42
CA ASN CB 54 23.84 85.52 -61.85
C ASN CB 54 23.96 84.24 -62.65
N ALA CB 55 24.05 84.36 -63.97
CA ALA CB 55 24.15 83.19 -64.83
C ALA CB 55 25.53 82.55 -64.73
N ALA CB 56 26.56 83.36 -64.60
CA ALA CB 56 27.93 82.84 -64.53
C ALA CB 56 28.15 82.06 -63.24
N VAL CB 57 27.73 82.62 -62.11
CA VAL CB 57 28.00 81.98 -60.83
C VAL CB 57 27.28 80.64 -60.75
N ASP CB 58 26.04 80.55 -61.26
CA ASP CB 58 25.34 79.28 -61.24
C ASP CB 58 26.03 78.24 -62.10
N SER CB 59 26.62 78.68 -63.21
CA SER CB 59 27.32 77.75 -64.08
C SER CB 59 28.65 77.32 -63.46
N GLY CB 60 29.39 78.28 -62.92
CA GLY CB 60 30.67 77.95 -62.32
C GLY CB 60 30.56 77.05 -61.12
N VAL CB 61 29.47 77.16 -60.35
CA VAL CB 61 29.31 76.31 -59.18
C VAL CB 61 29.12 74.87 -59.58
N GLU CB 62 28.33 74.62 -60.63
CA GLU CB 62 28.05 73.24 -61.03
C GLU CB 62 29.27 72.59 -61.65
N ALA CB 63 30.10 73.35 -62.37
CA ALA CB 63 31.28 72.76 -62.98
C ALA CB 63 32.34 72.43 -61.94
N ALA CB 64 32.60 73.35 -61.02
CA ALA CB 64 33.58 73.08 -59.96
C ALA CB 64 33.09 72.00 -59.01
N LYS CB 65 31.78 71.94 -58.77
CA LYS CB 65 31.22 70.88 -57.93
C LYS CB 65 31.51 69.51 -58.49
N ARG CB 66 31.70 69.41 -59.80
CA ARG CB 66 31.87 68.13 -60.45
C ARG CB 66 33.23 67.50 -60.13
N ILE CB 67 34.26 68.31 -59.96
CA ILE CB 67 35.63 67.83 -59.85
C ILE CB 67 36.29 68.25 -58.54
N GLY CB 68 35.60 68.93 -57.66
CA GLY CB 68 36.18 69.34 -56.41
C GLY CB 68 35.11 69.68 -55.41
N LYS CB 69 35.52 70.42 -54.38
CA LYS CB 69 34.59 70.86 -53.34
C LYS CB 69 34.37 72.35 -53.49
N VAL CB 70 33.11 72.74 -53.63
CA VAL CB 70 32.73 74.15 -53.60
C VAL CB 70 32.30 74.48 -52.18
N VAL CB 71 32.96 75.43 -51.57
CA VAL CB 71 32.67 75.77 -50.17
C VAL CB 71 31.51 76.74 -50.08
N SER CB 72 31.48 77.75 -50.93
CA SER CB 72 30.50 78.82 -50.82
C SER CB 72 30.43 79.57 -52.13
N SER CB 73 29.27 80.19 -52.37
CA SER CB 73 29.06 81.04 -53.52
C SER CB 73 28.12 82.16 -53.14
N ARG CB 74 28.15 83.25 -53.90
CA ARG CB 74 27.40 84.43 -53.50
C ARG CB 74 27.38 85.42 -54.65
N VAL CB 75 26.23 86.06 -54.84
CA VAL CB 75 26.10 87.19 -55.76
C VAL CB 75 25.70 88.41 -54.95
N ILE CB 76 26.37 89.53 -55.20
CA ILE CB 76 26.07 90.80 -54.55
C ILE CB 76 25.59 91.74 -55.64
N ALA CB 77 24.30 92.06 -55.64
CA ALA CB 77 23.71 92.78 -56.75
C ALA CB 77 24.13 94.25 -56.78
N ARG CB 78 23.95 94.94 -55.66
CA ARG CB 78 24.42 96.33 -55.54
C ARG CB 78 25.47 96.40 -54.46
N PRO CB 79 26.75 96.28 -54.79
CA PRO CB 79 27.80 96.36 -53.77
C PRO CB 79 28.04 97.79 -53.35
N HIS CB 80 28.33 97.95 -52.06
CA HIS CB 80 28.59 99.28 -51.52
C HIS CB 80 29.89 99.84 -52.06
N ASN CB 81 29.97 101.17 -52.13
CA ASN CB 81 31.14 101.81 -52.71
C ASN CB 81 32.37 101.66 -51.82
N ASP CB 82 32.17 101.49 -50.51
CA ASP CB 82 33.29 101.20 -49.63
C ASP CB 82 33.89 99.84 -49.93
N ILE CB 83 33.09 98.92 -50.47
CA ILE CB 83 33.56 97.59 -50.81
C ILE CB 83 34.22 97.61 -52.19
N GLU DB 3 8.93 96.63 -67.42
CA GLU DB 3 9.92 96.04 -66.54
C GLU DB 3 9.27 95.03 -65.60
N ALA DB 4 10.08 94.22 -64.95
CA ALA DB 4 9.56 93.12 -64.16
C ALA DB 4 8.81 93.64 -62.94
N LEU DB 5 8.22 92.72 -62.19
CA LEU DB 5 7.37 93.08 -61.06
C LEU DB 5 7.52 92.03 -59.97
N GLY DB 6 7.85 92.47 -58.77
CA GLY DB 6 8.06 91.57 -57.64
C GLY DB 6 7.11 91.87 -56.51
N LEU DB 7 6.54 90.84 -55.92
CA LEU DB 7 5.52 90.96 -54.90
C LEU DB 7 5.88 90.11 -53.69
N ILE DB 8 5.74 90.68 -52.49
CA ILE DB 8 5.83 89.93 -51.25
C ILE DB 8 4.58 90.23 -50.44
N GLU DB 9 4.04 89.22 -49.77
CA GLU DB 9 2.83 89.37 -48.98
C GLU DB 9 3.05 88.80 -47.60
N THR DB 10 2.72 89.58 -46.58
CA THR DB 10 3.00 89.24 -45.19
C THR DB 10 1.78 89.49 -44.34
N LYS DB 11 1.78 88.91 -43.15
CA LYS DB 11 0.79 89.22 -42.13
C LYS DB 11 1.31 90.35 -41.25
N GLY DB 12 0.63 91.48 -41.26
CA GLY DB 12 1.04 92.60 -40.45
C GLY DB 12 1.96 93.55 -41.18
N LEU DB 13 2.02 94.78 -40.69
CA LEU DB 13 2.75 95.83 -41.38
C LEU DB 13 4.24 95.81 -41.05
N VAL DB 14 4.62 95.34 -39.86
CA VAL DB 14 6.03 95.41 -39.49
C VAL DB 14 6.86 94.48 -40.36
N ALA DB 15 6.37 93.26 -40.59
CA ALA DB 15 7.11 92.35 -41.46
C ALA DB 15 7.19 92.85 -42.89
N CYS DB 16 6.29 93.75 -43.29
CA CYS DB 16 6.33 94.27 -44.65
C CYS DB 16 7.25 95.47 -44.79
N ILE DB 17 7.48 96.20 -43.71
CA ILE DB 17 8.46 97.29 -43.79
C ILE DB 17 9.87 96.72 -43.73
N GLU DB 18 10.06 95.60 -43.06
CA GLU DB 18 11.37 94.97 -43.10
C GLU DB 18 11.63 94.32 -44.45
N ALA DB 19 10.60 93.74 -45.08
CA ALA DB 19 10.77 93.21 -46.42
C ALA DB 19 11.03 94.32 -47.42
N ALA DB 20 10.31 95.44 -47.31
CA ALA DB 20 10.49 96.52 -48.26
C ALA DB 20 11.85 97.19 -48.08
N ASP DB 21 12.36 97.25 -46.86
CA ASP DB 21 13.66 97.85 -46.63
C ASP DB 21 14.77 96.97 -47.18
N ALA DB 22 14.69 95.66 -46.96
CA ALA DB 22 15.71 94.75 -47.47
C ALA DB 22 15.73 94.73 -48.99
N MET DB 23 14.55 94.81 -49.61
CA MET DB 23 14.48 94.78 -51.06
C MET DB 23 15.17 95.98 -51.67
N CYS DB 24 14.88 97.18 -51.17
CA CYS DB 24 15.45 98.39 -51.76
C CYS DB 24 16.94 98.50 -51.53
N LYS DB 25 17.48 97.80 -50.53
CA LYS DB 25 18.92 97.85 -50.26
C LYS DB 25 19.68 96.89 -51.16
N ALA DB 26 19.10 95.75 -51.47
CA ALA DB 26 19.82 94.63 -52.04
C ALA DB 26 19.79 94.59 -53.56
N ALA DB 27 19.27 95.61 -54.22
CA ALA DB 27 19.25 95.64 -55.68
C ALA DB 27 18.76 97.01 -56.13
N ASN DB 28 18.92 97.28 -57.41
CA ASN DB 28 18.51 98.56 -57.99
C ASN DB 28 17.06 98.42 -58.48
N VAL DB 29 16.13 98.55 -57.54
CA VAL DB 29 14.70 98.45 -57.82
C VAL DB 29 14.02 99.72 -57.33
N GLU DB 30 12.78 99.89 -57.75
CA GLU DB 30 11.96 101.02 -57.35
C GLU DB 30 10.74 100.51 -56.60
N LEU DB 31 10.50 101.07 -55.42
CA LEU DB 31 9.35 100.68 -54.63
C LEU DB 31 8.11 101.43 -55.10
N ILE DB 32 7.07 100.68 -55.44
CA ILE DB 32 5.83 101.28 -55.92
C ILE DB 32 4.92 101.65 -54.77
N GLY DB 33 4.71 100.75 -53.83
CA GLY DB 33 3.93 101.08 -52.65
C GLY DB 33 3.39 99.83 -51.99
N TYR DB 34 2.65 100.07 -50.92
CA TYR DB 34 1.96 99.02 -50.18
C TYR DB 34 0.50 99.00 -50.55
N GLU DB 35 -0.14 97.86 -50.33
CA GLU DB 35 -1.56 97.72 -50.65
C GLU DB 35 -2.11 96.58 -49.79
N ASN DB 36 -2.85 96.95 -48.74
CA ASN DB 36 -3.42 95.95 -47.84
C ASN DB 36 -4.88 95.68 -48.19
N VAL DB 37 -5.33 94.48 -47.85
CA VAL DB 37 -6.66 94.02 -48.23
C VAL DB 37 -7.42 93.51 -47.02
N GLY DB 38 -7.08 93.99 -45.84
CA GLY DB 38 -7.72 93.53 -44.63
C GLY DB 38 -7.27 92.14 -44.23
N SER DB 39 -7.68 91.69 -43.05
CA SER DB 39 -7.20 90.47 -42.41
C SER DB 39 -5.73 90.53 -42.08
N GLY DB 40 -5.12 91.71 -42.12
CA GLY DB 40 -3.72 91.85 -41.80
C GLY DB 40 -2.77 91.53 -42.92
N LEU DB 41 -3.27 91.18 -44.11
CA LEU DB 41 -2.40 90.92 -45.24
C LEU DB 41 -1.98 92.23 -45.86
N VAL DB 42 -0.67 92.46 -45.95
CA VAL DB 42 -0.11 93.64 -46.58
C VAL DB 42 0.86 93.17 -47.65
N THR DB 43 0.93 93.90 -48.75
CA THR DB 43 1.71 93.50 -49.92
C THR DB 43 2.61 94.64 -50.37
N ALA DB 44 3.86 94.33 -50.65
CA ALA DB 44 4.82 95.29 -51.19
C ALA DB 44 5.07 94.98 -52.65
N MET DB 45 5.26 96.03 -53.45
CA MET DB 45 5.46 95.88 -54.88
C MET DB 45 6.70 96.66 -55.31
N VAL DB 46 7.69 95.95 -55.86
CA VAL DB 46 8.89 96.57 -56.41
C VAL DB 46 8.89 96.40 -57.91
N LYS DB 47 9.70 97.21 -58.59
CA LYS DB 47 9.70 97.24 -60.04
C LYS DB 47 11.09 97.57 -60.55
N GLY DB 48 11.58 96.75 -61.47
CA GLY DB 48 12.89 96.99 -62.05
C GLY DB 48 13.19 95.94 -63.09
N ASP DB 49 14.47 95.89 -63.50
CA ASP DB 49 14.91 94.87 -64.44
C ASP DB 49 14.72 93.49 -63.83
N VAL DB 50 14.68 92.48 -64.70
CA VAL DB 50 14.32 91.13 -64.25
C VAL DB 50 15.36 90.57 -63.30
N GLY DB 51 16.64 90.77 -63.62
CA GLY DB 51 17.69 90.25 -62.78
C GLY DB 51 17.73 90.92 -61.42
N ALA DB 52 17.53 92.23 -61.39
CA ALA DB 52 17.48 92.96 -60.13
C ALA DB 52 16.27 92.54 -59.31
N VAL DB 53 15.09 92.59 -59.91
CA VAL DB 53 13.86 92.26 -59.20
C VAL DB 53 13.91 90.85 -58.66
N ASN DB 54 14.45 89.92 -59.42
CA ASN DB 54 14.64 88.57 -58.91
C ASN DB 54 15.43 88.59 -57.62
N ALA DB 55 16.62 89.18 -57.66
CA ALA DB 55 17.50 89.23 -56.49
C ALA DB 55 16.84 89.91 -55.31
N ALA DB 56 16.11 91.00 -55.57
CA ALA DB 56 15.47 91.74 -54.47
C ALA DB 56 14.49 90.86 -53.73
N VAL DB 57 13.61 90.17 -54.45
CA VAL DB 57 12.56 89.39 -53.80
C VAL DB 57 13.17 88.28 -52.95
N ASP DB 58 14.29 87.71 -53.37
CA ASP DB 58 14.91 86.66 -52.58
C ASP DB 58 15.40 87.20 -51.24
N SER DB 59 16.06 88.37 -51.26
CA SER DB 59 16.54 88.96 -50.02
C SER DB 59 15.39 89.46 -49.16
N GLY DB 60 14.37 90.04 -49.80
CA GLY DB 60 13.26 90.59 -49.04
C GLY DB 60 12.47 89.53 -48.30
N VAL DB 61 12.30 88.36 -48.91
CA VAL DB 61 11.60 87.29 -48.22
C VAL DB 61 12.46 86.73 -47.10
N GLU DB 62 13.77 86.75 -47.27
CA GLU DB 62 14.66 86.21 -46.27
C GLU DB 62 14.69 87.07 -45.01
N ALA DB 63 14.61 88.40 -45.18
CA ALA DB 63 14.58 89.28 -44.03
C ALA DB 63 13.22 89.27 -43.35
N ALA DB 64 12.14 89.26 -44.13
CA ALA DB 64 10.81 89.35 -43.55
C ALA DB 64 10.43 88.06 -42.83
N LYS DB 65 10.75 86.91 -43.41
CA LYS DB 65 10.47 85.63 -42.78
C LYS DB 65 11.15 85.52 -41.42
N ARG DB 66 12.14 86.36 -41.16
CA ARG DB 66 12.95 86.24 -39.96
C ARG DB 66 12.24 86.77 -38.73
N ILE DB 67 11.34 87.73 -38.91
CA ILE DB 67 10.60 88.32 -37.79
C ILE DB 67 9.11 88.08 -37.86
N GLY DB 68 8.55 87.81 -39.03
CA GLY DB 68 7.11 87.61 -39.15
C GLY DB 68 6.80 86.47 -40.09
N LYS DB 69 5.63 86.52 -40.72
CA LYS DB 69 5.21 85.45 -41.63
C LYS DB 69 5.11 85.99 -43.04
N VAL DB 70 5.82 85.36 -43.97
CA VAL DB 70 5.73 85.67 -45.38
C VAL DB 70 4.71 84.73 -46.01
N VAL DB 71 3.63 85.29 -46.52
CA VAL DB 71 2.54 84.46 -47.02
C VAL DB 71 2.84 83.95 -48.43
N SER DB 72 3.32 84.82 -49.29
CA SER DB 72 3.64 84.41 -50.66
C SER DB 72 4.55 85.45 -51.30
N SER DB 73 5.29 85.01 -52.30
CA SER DB 73 6.15 85.87 -53.09
C SER DB 73 6.08 85.44 -54.55
N ARG DB 74 6.40 86.35 -55.45
CA ARG DB 74 6.20 86.09 -56.86
C ARG DB 74 6.91 87.14 -57.69
N VAL DB 75 7.51 86.73 -58.79
CA VAL DB 75 8.11 87.64 -59.76
C VAL DB 75 7.43 87.43 -61.10
N ILE DB 76 6.93 88.51 -61.69
CA ILE DB 76 6.39 88.50 -63.05
C ILE DB 76 7.42 89.18 -63.95
N ALA DB 77 8.00 88.41 -64.87
CA ALA DB 77 9.11 88.93 -65.66
C ALA DB 77 8.64 89.98 -66.66
N ARG DB 78 7.44 89.80 -67.20
CA ARG DB 78 6.90 90.74 -68.19
C ARG DB 78 5.40 90.82 -67.98
N PRO DB 79 4.93 91.78 -67.18
CA PRO DB 79 3.50 91.88 -66.93
C PRO DB 79 2.77 92.45 -68.12
N HIS DB 80 1.52 92.02 -68.27
CA HIS DB 80 0.65 92.59 -69.29
C HIS DB 80 0.39 94.05 -68.99
N ASN DB 81 0.12 94.83 -70.04
CA ASN DB 81 -0.10 96.25 -69.83
C ASN DB 81 -1.36 96.52 -69.01
N ASP DB 82 -2.34 95.62 -69.08
CA ASP DB 82 -3.52 95.78 -68.25
C ASP DB 82 -3.18 95.67 -66.78
N ILE DB 83 -2.23 94.80 -66.43
CA ILE DB 83 -1.83 94.64 -65.05
C ILE DB 83 -1.22 95.92 -64.50
N GLU DB 84 -0.64 96.76 -65.34
CA GLU DB 84 -0.11 98.04 -64.87
C GLU DB 84 -1.17 99.12 -64.90
N LYS DB 85 -2.34 98.76 -64.40
CA LYS DB 85 -3.40 99.69 -64.03
C LYS DB 85 -4.07 99.26 -62.74
N ILE DB 86 -3.80 98.04 -62.27
CA ILE DB 86 -4.26 97.55 -60.99
C ILE DB 86 -3.27 97.88 -59.89
N ALA DB 87 -1.98 97.67 -60.17
CA ALA DB 87 -0.95 98.02 -59.20
C ALA DB 87 -0.85 99.53 -59.05
N GLY DB 88 -0.49 100.22 -60.13
CA GLY DB 88 -0.41 101.67 -60.12
C GLY DB 88 -1.74 102.34 -60.41
N MET EB 1 84.24 -24.30 -65.41
CA MET EB 1 84.82 -25.62 -65.22
C MET EB 1 86.04 -25.78 -66.08
N ILE EB 2 86.85 -26.80 -65.77
CA ILE EB 2 87.99 -27.18 -66.60
C ILE EB 2 88.06 -28.69 -66.68
N LEU EB 3 88.53 -29.20 -67.81
CA LEU EB 3 88.82 -30.61 -67.93
C LEU EB 3 90.10 -30.93 -67.21
N ALA EB 4 90.06 -31.97 -66.38
CA ALA EB 4 91.23 -32.34 -65.60
C ALA EB 4 91.20 -33.85 -65.37
N LYS EB 5 92.31 -34.36 -64.88
CA LYS EB 5 92.48 -35.78 -64.64
C LYS EB 5 92.95 -36.00 -63.21
N VAL EB 6 92.32 -36.94 -62.51
CA VAL EB 6 92.73 -37.23 -61.14
C VAL EB 6 94.06 -37.98 -61.18
N THR EB 7 95.04 -37.47 -60.44
CA THR EB 7 96.39 -38.02 -60.47
C THR EB 7 96.91 -38.42 -59.11
N GLY EB 8 96.12 -38.34 -58.05
CA GLY EB 8 96.59 -38.72 -56.74
C GLY EB 8 95.58 -38.34 -55.68
N HIS EB 9 96.04 -38.26 -54.44
CA HIS EB 9 95.21 -37.82 -53.34
C HIS EB 9 96.10 -37.27 -52.24
N VAL EB 10 95.48 -36.58 -51.29
CA VAL EB 10 96.18 -35.92 -50.21
C VAL EB 10 95.56 -36.36 -48.89
N VAL EB 11 96.41 -36.75 -47.94
CA VAL EB 11 95.97 -37.18 -46.62
C VAL EB 11 96.35 -36.09 -45.64
N ALA EB 12 95.36 -35.39 -45.09
CA ALA EB 12 95.56 -34.30 -44.16
C ALA EB 12 94.77 -34.59 -42.90
N THR EB 13 95.46 -34.62 -41.75
CA THR EB 13 94.83 -34.93 -40.47
C THR EB 13 94.42 -33.68 -39.71
N GLN EB 14 95.32 -32.71 -39.60
CA GLN EB 14 95.04 -31.45 -38.92
C GLN EB 14 94.46 -30.48 -39.93
N LYS EB 15 93.15 -30.27 -39.89
CA LYS EB 15 92.50 -29.42 -40.86
C LYS EB 15 91.24 -28.83 -40.25
N CYS EB 16 90.63 -27.90 -40.98
CA CYS EB 16 89.45 -27.21 -40.50
C CYS EB 16 88.27 -28.17 -40.42
N ASP EB 17 87.13 -27.64 -39.98
CA ASP EB 17 85.93 -28.45 -39.82
C ASP EB 17 85.04 -28.44 -41.05
N GLU EB 18 85.16 -27.42 -41.90
CA GLU EB 18 84.41 -27.39 -43.15
C GLU EB 18 84.86 -28.48 -44.11
N LEU EB 19 85.94 -29.19 -43.80
CA LEU EB 19 86.48 -30.22 -44.68
C LEU EB 19 86.42 -31.61 -44.09
N ARG EB 20 85.74 -31.81 -42.96
CA ARG EB 20 85.68 -33.11 -42.33
C ARG EB 20 84.83 -34.07 -43.15
N GLY EB 21 85.37 -35.26 -43.40
CA GLY EB 21 84.62 -36.29 -44.10
C GLY EB 21 84.47 -36.03 -45.58
N SER EB 22 85.60 -35.82 -46.27
CA SER EB 22 85.57 -35.59 -47.70
C SER EB 22 86.92 -36.00 -48.27
N ASN EB 23 86.93 -36.31 -49.56
CA ASN EB 23 88.15 -36.70 -50.24
C ASN EB 23 88.88 -35.46 -50.69
N LEU EB 24 90.20 -35.59 -50.87
CA LEU EB 24 91.02 -34.50 -51.38
C LEU EB 24 91.90 -35.04 -52.49
N LEU EB 25 91.53 -34.77 -53.73
CA LEU EB 25 92.20 -35.33 -54.89
C LEU EB 25 93.14 -34.32 -55.52
N LEU EB 26 94.23 -34.81 -56.08
CA LEU EB 26 95.09 -33.99 -56.91
C LEU EB 26 94.52 -33.99 -58.32
N ILE EB 27 94.40 -32.80 -58.90
CA ILE EB 27 93.62 -32.58 -60.11
C ILE EB 27 94.53 -31.85 -61.08
N THR EB 28 94.92 -32.52 -62.16
CA THR EB 28 95.86 -31.94 -63.11
C THR EB 28 95.12 -31.53 -64.38
N ARG EB 29 95.27 -30.27 -64.76
CA ARG EB 29 94.64 -29.78 -65.97
C ARG EB 29 95.31 -30.38 -67.20
N LEU EB 30 94.52 -30.86 -68.14
CA LEU EB 30 95.04 -31.53 -69.33
C LEU EB 30 94.76 -30.71 -70.58
N ASP EB 31 95.68 -30.82 -71.53
CA ASP EB 31 95.68 -29.95 -72.72
C ASP EB 31 94.77 -30.48 -73.82
N ASP EB 32 94.86 -29.89 -75.03
CA ASP EB 32 93.92 -30.19 -76.11
C ASP EB 32 94.20 -31.52 -76.80
N LYS EB 33 95.15 -32.31 -76.29
CA LYS EB 33 95.33 -33.68 -76.74
C LYS EB 33 94.94 -34.68 -75.67
N GLN EB 34 94.21 -34.22 -74.65
CA GLN EB 34 93.86 -35.02 -73.48
C GLN EB 34 95.11 -35.60 -72.83
N GLN EB 35 96.03 -34.70 -72.47
CA GLN EB 35 97.30 -35.06 -71.87
C GLN EB 35 97.61 -34.07 -70.77
N PRO EB 36 97.99 -34.53 -69.58
CA PRO EB 36 98.23 -33.60 -68.47
C PRO EB 36 99.35 -32.62 -68.77
N MET EB 37 99.22 -31.42 -68.20
CA MET EB 37 100.21 -30.36 -68.36
C MET EB 37 101.19 -30.38 -67.20
N LYS EB 38 102.11 -29.41 -67.20
CA LYS EB 38 103.14 -29.30 -66.18
C LYS EB 38 102.81 -28.13 -65.26
N ASP EB 39 102.94 -28.35 -63.95
CA ASP EB 39 102.73 -27.31 -62.95
C ASP EB 39 101.31 -26.76 -63.01
N GLN EB 40 100.34 -27.66 -63.06
CA GLN EB 40 98.94 -27.27 -63.20
C GLN EB 40 98.05 -28.10 -62.29
N THR EB 41 98.48 -28.32 -61.05
CA THR EB 41 97.80 -29.22 -60.14
C THR EB 41 97.12 -28.44 -59.02
N TRP EB 42 95.85 -28.76 -58.78
CA TRP EB 42 95.10 -28.21 -57.67
C TRP EB 42 94.60 -29.35 -56.81
N VAL EB 43 94.07 -29.01 -55.64
CA VAL EB 43 93.48 -29.97 -54.73
C VAL EB 43 91.98 -29.73 -54.71
N ALA EB 44 91.20 -30.77 -55.01
CA ALA EB 44 89.77 -30.63 -55.16
C ALA EB 44 89.06 -31.57 -54.20
N VAL EB 45 87.99 -31.09 -53.59
CA VAL EB 45 87.16 -31.89 -52.71
C VAL EB 45 86.22 -32.72 -53.59
N ASP EB 46 86.47 -34.02 -53.68
CA ASP EB 46 85.60 -34.87 -54.48
C ASP EB 46 84.17 -34.77 -54.00
N ASN EB 47 83.25 -34.85 -54.94
CA ASN EB 47 81.83 -34.71 -54.63
C ASN EB 47 80.94 -35.75 -55.28
N VAL EB 48 81.39 -36.46 -56.31
CA VAL EB 48 80.58 -37.44 -57.01
C VAL EB 48 81.20 -38.83 -57.02
N GLY EB 49 82.38 -39.00 -56.44
CA GLY EB 49 82.97 -40.32 -56.38
C GLY EB 49 83.91 -40.63 -57.51
N ALA EB 50 84.91 -39.78 -57.71
CA ALA EB 50 85.93 -40.00 -58.72
C ALA EB 50 87.16 -40.63 -58.09
N GLY EB 51 87.87 -41.42 -58.89
CA GLY EB 51 89.07 -42.08 -58.42
C GLY EB 51 90.24 -41.82 -59.34
N MET EB 52 91.28 -42.64 -59.25
CA MET EB 52 92.47 -42.37 -60.03
C MET EB 52 92.22 -42.54 -61.52
N HIS EB 53 92.95 -41.78 -62.32
CA HIS EB 53 92.99 -41.87 -63.78
C HIS EB 53 91.70 -41.43 -64.46
N ASP EB 54 90.73 -40.92 -63.72
CA ASP EB 54 89.44 -40.57 -64.28
C ASP EB 54 89.46 -39.11 -64.74
N ILE EB 55 88.89 -38.85 -65.91
CA ILE EB 55 88.78 -37.49 -66.41
C ILE EB 55 87.54 -36.84 -65.81
N VAL EB 56 87.73 -35.75 -65.08
CA VAL EB 56 86.65 -35.14 -64.33
C VAL EB 56 86.49 -33.69 -64.76
N LEU EB 57 85.54 -33.00 -64.14
CA LEU EB 57 85.17 -31.63 -64.51
C LEU EB 57 85.22 -30.81 -63.23
N ALA EB 58 86.36 -30.18 -62.98
CA ALA EB 58 86.60 -29.50 -61.71
C ALA EB 58 86.10 -28.07 -61.77
N GLU EB 59 85.32 -27.68 -60.79
CA GLU EB 59 84.70 -26.36 -60.74
C GLU EB 59 85.43 -25.47 -59.75
N GLU EB 60 85.37 -24.17 -60.01
CA GLU EB 60 86.05 -23.18 -59.20
C GLU EB 60 85.25 -22.86 -57.95
N TYR EB 61 85.56 -21.72 -57.31
CA TYR EB 61 85.33 -21.48 -55.90
C TYR EB 61 84.05 -22.05 -55.33
N PHE EB 62 82.89 -21.59 -55.78
CA PHE EB 62 81.66 -21.81 -55.02
C PHE EB 62 80.94 -23.06 -55.51
N ALA EB 63 80.97 -24.11 -54.69
CA ALA EB 63 80.15 -25.29 -54.92
C ALA EB 63 79.57 -25.85 -53.61
N LEU EB 64 79.52 -25.05 -52.55
CA LEU EB 64 78.94 -25.43 -51.26
C LEU EB 64 79.62 -26.67 -50.69
N ASN EB 65 80.91 -26.52 -50.40
CA ASN EB 65 81.70 -27.64 -49.87
C ASN EB 65 82.69 -27.19 -48.80
N TYR EB 69 80.70 -21.43 -47.86
CA TYR EB 69 81.46 -22.58 -48.35
C TYR EB 69 81.91 -22.37 -49.79
N LYS EB 70 83.23 -22.35 -50.00
CA LYS EB 70 83.76 -22.04 -51.32
C LYS EB 70 84.91 -22.94 -51.72
N ALA EB 71 84.87 -24.23 -51.39
CA ALA EB 71 85.96 -25.11 -51.77
C ALA EB 71 85.83 -25.54 -53.23
N MET EB 72 86.97 -25.73 -53.87
CA MET EB 72 87.04 -26.16 -55.26
C MET EB 72 86.74 -27.64 -55.30
N SER EB 73 85.65 -28.02 -55.96
CA SER EB 73 85.21 -29.41 -55.96
C SER EB 73 85.06 -29.95 -57.36
N VAL EB 74 84.92 -31.26 -57.45
CA VAL EB 74 84.64 -31.97 -58.68
C VAL EB 74 83.14 -32.15 -58.80
N VAL EB 75 82.57 -31.84 -59.97
CA VAL EB 75 81.13 -31.80 -60.13
C VAL EB 75 80.62 -32.72 -61.23
N ALA EB 76 81.50 -33.41 -61.94
CA ALA EB 76 81.05 -34.27 -63.02
C ALA EB 76 82.16 -35.21 -63.44
N ILE EB 77 81.80 -36.44 -63.78
CA ILE EB 77 82.72 -37.40 -64.37
C ILE EB 77 82.39 -37.51 -65.84
N VAL EB 78 83.40 -37.33 -66.68
CA VAL EB 78 83.18 -37.11 -68.11
C VAL EB 78 83.27 -38.43 -68.85
N GLU EB 79 82.26 -38.70 -69.68
CA GLU EB 79 82.22 -39.89 -70.52
C GLU EB 79 82.92 -39.67 -71.85
N LYS EB 80 82.48 -38.67 -72.61
CA LYS EB 80 82.99 -38.40 -73.95
C LYS EB 80 83.33 -36.93 -74.09
N VAL EB 81 84.46 -36.66 -74.75
CA VAL EB 81 84.88 -35.29 -75.07
C VAL EB 81 84.98 -35.24 -76.59
N PHE EB 82 83.92 -34.79 -77.25
CA PHE EB 82 83.95 -34.62 -78.69
C PHE EB 82 84.53 -33.26 -79.01
N ARG EB 83 85.58 -33.23 -79.81
CA ARG EB 83 86.34 -32.00 -80.03
C ARG EB 83 86.88 -32.00 -81.46
N ASP EB 84 86.40 -31.07 -82.28
CA ASP EB 84 86.97 -30.87 -83.60
C ASP EB 84 86.52 -29.52 -84.17
N GLU FB 3 91.79 -72.45 -15.42
CA GLU FB 3 91.67 -71.02 -15.31
C GLU FB 3 90.21 -70.59 -15.43
N ALA FB 4 89.91 -69.36 -15.05
CA ALA FB 4 88.55 -68.87 -15.08
C ALA FB 4 88.11 -68.61 -16.51
N LEU FB 5 86.92 -68.04 -16.66
CA LEU FB 5 86.34 -67.82 -17.98
C LEU FB 5 85.47 -66.59 -17.94
N GLY FB 6 85.64 -65.70 -18.90
CA GLY FB 6 84.88 -64.46 -18.95
C GLY FB 6 84.17 -64.30 -20.26
N LEU FB 7 82.96 -63.75 -20.21
CA LEU FB 7 82.07 -63.69 -21.36
C LEU FB 7 81.40 -62.34 -21.44
N ILE FB 8 81.42 -61.73 -22.62
CA ILE FB 8 80.66 -60.53 -22.91
C ILE FB 8 79.85 -60.80 -24.17
N GLU FB 9 78.62 -60.29 -24.20
CA GLU FB 9 77.74 -60.45 -25.34
C GLU FB 9 77.20 -59.09 -25.74
N THR FB 10 77.29 -58.77 -27.03
CA THR FB 10 76.90 -57.47 -27.54
C THR FB 10 76.04 -57.64 -28.79
N LYS FB 11 75.36 -56.56 -29.15
CA LYS FB 11 74.63 -56.49 -30.41
C LYS FB 11 75.52 -55.84 -31.45
N GLY FB 12 75.83 -56.56 -32.51
CA GLY FB 12 76.70 -56.02 -33.53
C GLY FB 12 78.14 -56.43 -33.33
N LEU FB 13 78.90 -56.44 -34.42
CA LEU FB 13 80.27 -56.91 -34.34
C LEU FB 13 81.23 -55.83 -33.88
N VAL FB 14 80.95 -54.56 -34.22
CA VAL FB 14 81.87 -53.49 -33.86
C VAL FB 14 81.97 -53.37 -32.35
N ALA FB 15 80.84 -53.34 -31.66
CA ALA FB 15 80.86 -53.22 -30.21
C ALA FB 15 81.60 -54.37 -29.55
N CYS FB 16 81.69 -55.51 -30.24
CA CYS FB 16 82.37 -56.66 -29.65
C CYS FB 16 83.88 -56.58 -29.83
N ILE FB 17 84.34 -56.05 -30.96
CA ILE FB 17 85.78 -55.93 -31.17
C ILE FB 17 86.36 -54.86 -30.26
N GLU FB 18 85.60 -53.80 -30.01
CA GLU FB 18 86.02 -52.82 -29.01
C GLU FB 18 86.13 -53.47 -27.63
N ALA FB 19 85.14 -54.27 -27.26
CA ALA FB 19 85.16 -54.94 -25.97
C ALA FB 19 86.32 -55.90 -25.85
N ALA FB 20 86.58 -56.69 -26.90
CA ALA FB 20 87.65 -57.67 -26.82
C ALA FB 20 89.02 -57.04 -26.84
N ASP FB 21 89.14 -55.82 -27.35
CA ASP FB 21 90.41 -55.12 -27.31
C ASP FB 21 90.65 -54.54 -25.92
N ALA FB 22 89.63 -53.96 -25.31
CA ALA FB 22 89.78 -53.42 -23.97
C ALA FB 22 90.10 -54.53 -22.97
N MET FB 23 89.46 -55.69 -23.11
CA MET FB 23 89.75 -56.79 -22.22
C MET FB 23 91.21 -57.21 -22.30
N CYS FB 24 91.72 -57.36 -23.53
CA CYS FB 24 93.09 -57.85 -23.69
C CYS FB 24 94.11 -56.85 -23.18
N LYS FB 25 93.80 -55.55 -23.21
CA LYS FB 25 94.75 -54.55 -22.74
C LYS FB 25 94.71 -54.39 -21.23
N ALA FB 26 93.55 -54.59 -20.62
CA ALA FB 26 93.34 -54.21 -19.23
C ALA FB 26 93.87 -55.22 -18.22
N ALA FB 27 94.21 -56.43 -18.64
CA ALA FB 27 94.72 -57.43 -17.70
C ALA FB 27 95.37 -58.55 -18.47
N ASN FB 28 96.01 -59.45 -17.74
CA ASN FB 28 96.73 -60.57 -18.34
C ASN FB 28 95.76 -61.72 -18.59
N VAL FB 29 94.98 -61.58 -19.67
CA VAL FB 29 94.04 -62.60 -20.11
C VAL FB 29 94.29 -62.85 -21.58
N GLU FB 30 93.95 -64.05 -22.04
CA GLU FB 30 94.13 -64.42 -23.43
C GLU FB 30 92.76 -64.63 -24.07
N LEU FB 31 92.67 -64.27 -25.35
CA LEU FB 31 91.40 -64.30 -26.07
C LEU FB 31 91.17 -65.68 -26.66
N ILE FB 32 90.03 -66.29 -26.36
CA ILE FB 32 89.73 -67.61 -26.89
C ILE FB 32 89.18 -67.52 -28.30
N GLY FB 33 88.14 -66.73 -28.50
CA GLY FB 33 87.60 -66.55 -29.83
C GLY FB 33 86.25 -65.86 -29.77
N TYR FB 34 85.70 -65.64 -30.96
CA TYR FB 34 84.37 -65.09 -31.12
C TYR FB 34 83.39 -66.19 -31.49
N GLU FB 35 82.12 -65.93 -31.25
CA GLU FB 35 81.08 -66.90 -31.61
C GLU FB 35 79.75 -66.14 -31.68
N ASN FB 36 79.23 -65.95 -32.90
CA ASN FB 36 77.96 -65.29 -33.08
C ASN FB 36 76.86 -66.33 -33.34
N VAL FB 37 75.74 -66.16 -32.65
CA VAL FB 37 74.64 -67.11 -32.72
C VAL FB 37 73.42 -66.35 -33.24
N GLY FB 38 73.28 -66.33 -34.56
CA GLY FB 38 72.06 -65.76 -35.11
C GLY FB 38 72.00 -64.25 -34.94
N SER FB 39 70.85 -63.78 -34.48
CA SER FB 39 70.43 -62.41 -34.73
C SER FB 39 71.31 -61.39 -34.01
N GLY FB 40 72.28 -60.85 -34.74
CA GLY FB 40 73.15 -59.78 -34.28
C GLY FB 40 73.70 -59.92 -32.88
N LEU FB 41 74.09 -61.12 -32.48
CA LEU FB 41 74.63 -61.37 -31.15
C LEU FB 41 76.00 -62.02 -31.30
N VAL FB 42 77.04 -61.30 -30.94
CA VAL FB 42 78.40 -61.80 -30.96
C VAL FB 42 78.90 -61.88 -29.53
N THR FB 43 79.71 -62.89 -29.23
CA THR FB 43 80.22 -63.13 -27.90
C THR FB 43 81.72 -63.36 -27.95
N ALA FB 44 82.46 -62.70 -27.08
CA ALA FB 44 83.89 -62.88 -26.94
C ALA FB 44 84.19 -63.61 -25.64
N MET FB 45 85.17 -64.50 -25.66
CA MET FB 45 85.52 -65.31 -24.51
C MET FB 45 87.00 -65.13 -24.20
N VAL FB 46 87.31 -64.86 -22.93
CA VAL FB 46 88.68 -64.73 -22.45
C VAL FB 46 88.87 -65.68 -21.29
N LYS FB 47 90.12 -66.03 -21.02
CA LYS FB 47 90.41 -66.89 -19.88
C LYS FB 47 91.74 -66.49 -19.25
N GLY FB 48 91.82 -66.74 -17.94
CA GLY FB 48 92.97 -66.36 -17.16
C GLY FB 48 92.67 -66.58 -15.70
N ASP FB 49 93.51 -66.01 -14.84
CA ASP FB 49 93.26 -66.15 -13.41
C ASP FB 49 92.00 -65.39 -13.01
N VAL FB 50 91.49 -65.72 -11.83
CA VAL FB 50 90.19 -65.22 -11.43
C VAL FB 50 90.23 -63.71 -11.16
N GLY FB 51 91.32 -63.24 -10.56
CA GLY FB 51 91.43 -61.80 -10.31
C GLY FB 51 91.68 -61.03 -11.60
N ALA FB 52 92.44 -61.61 -12.52
CA ALA FB 52 92.66 -60.97 -13.81
C ALA FB 52 91.39 -60.95 -14.64
N VAL FB 53 90.73 -62.10 -14.76
CA VAL FB 53 89.54 -62.20 -15.61
C VAL FB 53 88.44 -61.30 -15.09
N ASN FB 54 88.31 -61.19 -13.77
CA ASN FB 54 87.31 -60.30 -13.20
C ASN FB 54 87.62 -58.85 -13.53
N ALA FB 55 88.90 -58.51 -13.65
CA ALA FB 55 89.29 -57.14 -13.96
C ALA FB 55 89.17 -56.85 -15.45
N ALA FB 56 89.29 -57.87 -16.30
CA ALA FB 56 89.17 -57.66 -17.72
C ALA FB 56 87.72 -57.46 -18.14
N VAL FB 57 86.80 -58.14 -17.47
CA VAL FB 57 85.40 -58.12 -17.92
C VAL FB 57 84.75 -56.79 -17.60
N ASP FB 58 85.00 -56.23 -16.41
CA ASP FB 58 84.36 -54.96 -16.08
C ASP FB 58 84.96 -53.81 -16.87
N SER FB 59 86.19 -53.97 -17.35
CA SER FB 59 86.75 -52.97 -18.25
C SER FB 59 86.19 -53.11 -19.65
N GLY FB 60 86.06 -54.34 -20.13
CA GLY FB 60 85.51 -54.57 -21.46
C GLY FB 60 84.04 -54.22 -21.58
N VAL FB 61 83.28 -54.40 -20.51
CA VAL FB 61 81.88 -54.00 -20.53
C VAL FB 61 81.77 -52.49 -20.59
N GLU FB 62 82.69 -51.80 -19.94
CA GLU FB 62 82.64 -50.35 -19.87
C GLU FB 62 82.94 -49.71 -21.22
N ALA FB 63 83.79 -50.35 -22.02
CA ALA FB 63 84.16 -49.83 -23.32
C ALA FB 63 83.06 -50.09 -24.35
N ALA FB 64 82.54 -51.31 -24.40
CA ALA FB 64 81.52 -51.63 -25.39
C ALA FB 64 80.20 -50.94 -25.08
N LYS FB 65 79.90 -50.72 -23.80
CA LYS FB 65 78.72 -49.97 -23.42
C LYS FB 65 78.76 -48.55 -23.94
N ARG FB 66 79.94 -48.06 -24.32
CA ARG FB 66 80.09 -46.69 -24.77
C ARG FB 66 79.51 -46.48 -26.16
N ILE FB 67 79.72 -47.44 -27.06
CA ILE FB 67 79.33 -47.28 -28.45
C ILE FB 67 78.26 -48.26 -28.89
N GLY FB 68 77.91 -49.24 -28.08
CA GLY FB 68 76.91 -50.21 -28.48
C GLY FB 68 76.10 -50.70 -27.31
N LYS FB 69 75.46 -51.86 -27.47
CA LYS FB 69 74.67 -52.46 -26.42
C LYS FB 69 75.39 -53.69 -25.91
N VAL FB 70 75.69 -53.70 -24.62
CA VAL FB 70 76.18 -54.90 -23.95
C VAL FB 70 74.98 -55.63 -23.40
N VAL FB 71 74.78 -56.86 -23.83
CA VAL FB 71 73.60 -57.62 -23.45
C VAL FB 71 73.81 -58.36 -22.13
N SER FB 72 74.96 -59.00 -21.97
CA SER FB 72 75.22 -59.76 -20.76
C SER FB 72 76.72 -59.93 -20.58
N SER FB 73 77.13 -60.09 -19.32
CA SER FB 73 78.49 -60.40 -18.98
C SER FB 73 78.48 -61.38 -17.81
N ARG FB 74 79.55 -62.18 -17.71
CA ARG FB 74 79.57 -63.23 -16.71
C ARG FB 74 80.98 -63.78 -16.58
N VAL FB 75 81.38 -64.05 -15.33
CA VAL FB 75 82.65 -64.70 -15.03
C VAL FB 75 82.35 -66.02 -14.36
N ILE FB 76 83.02 -67.08 -14.83
CA ILE FB 76 82.90 -68.41 -14.24
C ILE FB 76 84.23 -68.73 -13.59
N ALA FB 77 84.22 -68.88 -12.27
CA ALA FB 77 85.47 -68.96 -11.52
C ALA FB 77 86.17 -70.29 -11.73
N ARG FB 78 85.41 -71.38 -11.86
CA ARG FB 78 85.98 -72.68 -12.17
C ARG FB 78 85.04 -73.38 -13.16
N PRO FB 79 85.32 -73.28 -14.45
CA PRO FB 79 84.47 -73.96 -15.43
C PRO FB 79 84.65 -75.47 -15.33
N HIS FB 80 83.55 -76.19 -15.44
CA HIS FB 80 83.60 -77.64 -15.36
C HIS FB 80 84.38 -78.20 -16.54
N ASN FB 81 85.07 -79.32 -16.29
CA ASN FB 81 85.98 -79.88 -17.28
C ASN FB 81 85.26 -80.20 -18.58
N ASP FB 82 84.01 -80.64 -18.49
CA ASP FB 82 83.25 -81.00 -19.69
C ASP FB 82 83.05 -79.80 -20.59
N ILE FB 83 82.87 -78.63 -20.01
CA ILE FB 83 82.65 -77.41 -20.79
C ILE FB 83 83.97 -76.89 -21.32
N GLU GB 3 99.45 -52.39 -37.83
CA GLU GB 3 98.82 -51.23 -38.46
C GLU GB 3 97.43 -51.01 -37.90
N ALA GB 4 96.91 -49.80 -38.06
CA ALA GB 4 95.62 -49.45 -37.47
C ALA GB 4 94.51 -50.27 -38.10
N LEU GB 5 93.28 -50.08 -37.63
CA LEU GB 5 92.15 -50.90 -38.07
C LEU GB 5 90.88 -50.08 -37.93
N GLY GB 6 90.09 -50.05 -38.99
CA GLY GB 6 88.87 -49.27 -39.01
C GLY GB 6 87.67 -50.12 -39.36
N LEU GB 7 86.54 -49.80 -38.74
CA LEU GB 7 85.32 -50.56 -38.91
C LEU GB 7 84.14 -49.64 -39.14
N ILE GB 8 83.29 -50.00 -40.10
CA ILE GB 8 82.00 -49.37 -40.28
C ILE GB 8 80.95 -50.47 -40.30
N GLU GB 9 79.84 -50.23 -39.62
CA GLU GB 9 78.76 -51.19 -39.54
C GLU GB 9 77.47 -50.57 -40.04
N THR GB 10 76.87 -51.21 -41.04
CA THR GB 10 75.70 -50.66 -41.72
C THR GB 10 74.60 -51.70 -41.77
N LYS GB 11 73.37 -51.22 -41.91
CA LYS GB 11 72.20 -52.07 -42.06
C LYS GB 11 71.95 -52.28 -43.55
N GLY GB 12 72.19 -53.48 -44.03
CA GLY GB 12 72.06 -53.78 -45.44
C GLY GB 12 73.40 -53.81 -46.14
N LEU GB 13 73.48 -54.59 -47.22
CA LEU GB 13 74.74 -54.75 -47.91
C LEU GB 13 75.05 -53.58 -48.84
N VAL GB 14 74.04 -52.98 -49.44
CA VAL GB 14 74.29 -51.92 -50.41
C VAL GB 14 74.97 -50.73 -49.74
N ALA GB 15 74.47 -50.31 -48.59
CA ALA GB 15 75.10 -49.21 -47.88
C ALA GB 15 76.53 -49.54 -47.47
N CYS GB 16 76.88 -50.82 -47.40
CA CYS GB 16 78.23 -51.20 -47.02
C CYS GB 16 79.18 -51.18 -48.21
N ILE GB 17 78.68 -51.40 -49.42
CA ILE GB 17 79.55 -51.30 -50.59
C ILE GB 17 79.79 -49.85 -50.96
N GLU GB 18 78.83 -48.96 -50.69
CA GLU GB 18 79.09 -47.54 -50.84
C GLU GB 18 80.11 -47.07 -49.81
N ALA GB 19 79.95 -47.48 -48.56
CA ALA GB 19 80.91 -47.12 -47.52
C ALA GB 19 82.30 -47.61 -47.86
N ALA GB 20 82.41 -48.85 -48.34
CA ALA GB 20 83.72 -49.39 -48.67
C ALA GB 20 84.33 -48.67 -49.86
N ASP GB 21 83.51 -48.33 -50.86
CA ASP GB 21 84.05 -47.65 -52.02
C ASP GB 21 84.63 -46.29 -51.66
N ALA GB 22 83.95 -45.55 -50.79
CA ALA GB 22 84.47 -44.26 -50.35
C ALA GB 22 85.74 -44.43 -49.53
N MET GB 23 85.79 -45.46 -48.70
CA MET GB 23 86.99 -45.71 -47.90
C MET GB 23 88.20 -45.98 -48.77
N CYS GB 24 88.04 -46.81 -49.80
CA CYS GB 24 89.19 -47.21 -50.60
C CYS GB 24 89.69 -46.09 -51.49
N LYS GB 25 88.86 -45.10 -51.79
CA LYS GB 25 89.27 -43.99 -52.63
C LYS GB 25 89.86 -42.83 -51.85
N ALA GB 26 89.59 -42.77 -50.54
CA ALA GB 26 89.97 -41.62 -49.74
C ALA GB 26 91.41 -41.66 -49.28
N ALA GB 27 92.00 -42.85 -49.19
CA ALA GB 27 93.36 -42.96 -48.71
C ALA GB 27 93.93 -44.29 -49.16
N ASN GB 28 95.17 -44.56 -48.76
CA ASN GB 28 95.87 -45.76 -49.18
C ASN GB 28 95.73 -46.84 -48.11
N VAL GB 29 94.56 -47.46 -48.09
CA VAL GB 29 94.25 -48.54 -47.17
C VAL GB 29 93.88 -49.77 -47.97
N GLU GB 30 94.18 -50.94 -47.41
CA GLU GB 30 93.81 -52.19 -48.03
C GLU GB 30 92.56 -52.73 -47.35
N LEU GB 31 91.60 -53.16 -48.14
CA LEU GB 31 90.32 -53.62 -47.62
C LEU GB 31 90.40 -55.10 -47.29
N ILE GB 32 90.02 -55.46 -46.07
CA ILE GB 32 90.13 -56.83 -45.60
C ILE GB 32 88.96 -57.68 -46.06
N GLY GB 33 87.75 -57.28 -45.74
CA GLY GB 33 86.58 -58.01 -46.21
C GLY GB 33 85.38 -57.78 -45.33
N TYR GB 34 84.24 -58.26 -45.80
CA TYR GB 34 82.98 -58.09 -45.11
C TYR GB 34 82.74 -59.24 -44.14
N GLU GB 35 81.85 -58.99 -43.18
CA GLU GB 35 81.44 -60.01 -42.22
C GLU GB 35 80.05 -59.61 -41.73
N ASN GB 36 79.04 -60.39 -42.09
CA ASN GB 36 77.68 -60.12 -41.63
C ASN GB 36 77.33 -61.08 -40.50
N VAL GB 37 76.72 -60.55 -39.45
CA VAL GB 37 76.43 -61.30 -38.24
C VAL GB 37 74.94 -61.56 -38.09
N GLY GB 38 74.15 -61.28 -39.12
CA GLY GB 38 72.72 -61.49 -39.05
C GLY GB 38 72.00 -60.25 -38.56
N SER GB 39 70.68 -60.27 -38.74
CA SER GB 39 69.78 -59.15 -38.45
C SER GB 39 70.00 -57.99 -39.40
N GLY GB 40 70.66 -58.22 -40.52
CA GLY GB 40 70.90 -57.19 -41.50
C GLY GB 40 72.14 -56.36 -41.30
N LEU GB 41 72.95 -56.69 -40.30
CA LEU GB 41 74.15 -55.91 -39.98
C LEU GB 41 75.33 -56.45 -40.77
N VAL GB 42 75.95 -55.58 -41.56
CA VAL GB 42 77.14 -55.91 -42.33
C VAL GB 42 78.25 -54.96 -41.95
N THR GB 43 79.48 -55.48 -41.85
CA THR GB 43 80.61 -54.71 -41.37
C THR GB 43 81.74 -54.80 -42.39
N ALA GB 44 82.37 -53.66 -42.69
CA ALA GB 44 83.54 -53.58 -43.54
C ALA GB 44 84.75 -53.22 -42.70
N MET GB 45 85.89 -53.80 -43.03
CA MET GB 45 87.10 -53.65 -42.23
C MET GB 45 88.28 -53.31 -43.13
N VAL GB 46 88.93 -52.18 -42.85
CA VAL GB 46 90.13 -51.76 -43.57
C VAL GB 46 91.29 -51.74 -42.59
N LYS GB 47 92.50 -51.66 -43.15
CA LYS GB 47 93.69 -51.58 -42.31
C LYS GB 47 94.79 -50.82 -43.05
N GLY GB 48 95.52 -50.01 -42.30
CA GLY GB 48 96.60 -49.22 -42.87
C GLY GB 48 97.18 -48.34 -41.78
N ASP GB 49 97.96 -47.35 -42.20
CA ASP GB 49 98.50 -46.40 -41.25
C ASP GB 49 97.36 -45.61 -40.61
N VAL GB 50 97.62 -45.08 -39.41
CA VAL GB 50 96.55 -44.51 -38.62
C VAL GB 50 96.09 -43.16 -39.14
N GLY GB 51 96.93 -42.43 -39.88
CA GLY GB 51 96.46 -41.22 -40.53
C GLY GB 51 95.59 -41.51 -41.73
N ALA GB 52 95.90 -42.59 -42.45
CA ALA GB 52 95.08 -42.98 -43.59
C ALA GB 52 93.76 -43.59 -43.12
N VAL GB 53 93.81 -44.46 -42.13
CA VAL GB 53 92.61 -45.14 -41.67
C VAL GB 53 91.64 -44.15 -41.04
N ASN GB 54 92.17 -43.14 -40.38
CA ASN GB 54 91.29 -42.12 -39.79
C ASN GB 54 90.58 -41.34 -40.87
N ALA GB 55 91.26 -41.07 -41.99
CA ALA GB 55 90.64 -40.32 -43.08
C ALA GB 55 89.64 -41.17 -43.83
N ALA GB 56 89.94 -42.46 -43.99
CA ALA GB 56 89.03 -43.33 -44.73
C ALA GB 56 87.72 -43.53 -43.99
N VAL GB 57 87.79 -43.78 -42.69
CA VAL GB 57 86.58 -44.07 -41.93
C VAL GB 57 85.67 -42.86 -41.86
N ASP GB 58 86.24 -41.66 -41.76
CA ASP GB 58 85.42 -40.46 -41.75
C ASP GB 58 84.73 -40.25 -43.09
N SER GB 59 85.42 -40.58 -44.18
CA SER GB 59 84.83 -40.44 -45.50
C SER GB 59 83.77 -41.50 -45.73
N GLY GB 60 84.06 -42.75 -45.38
CA GLY GB 60 83.10 -43.83 -45.57
C GLY GB 60 81.84 -43.64 -44.77
N VAL GB 61 81.94 -43.05 -43.59
CA VAL GB 61 80.75 -42.86 -42.76
C VAL GB 61 79.81 -41.86 -43.41
N GLU GB 62 80.35 -40.78 -43.98
CA GLU GB 62 79.50 -39.75 -44.55
C GLU GB 62 78.84 -40.23 -45.84
N ALA GB 63 79.52 -41.04 -46.63
CA ALA GB 63 78.93 -41.53 -47.88
C ALA GB 63 77.83 -42.54 -47.60
N ALA GB 64 78.08 -43.50 -46.71
CA ALA GB 64 77.07 -44.48 -46.39
C ALA GB 64 75.89 -43.86 -45.66
N LYS GB 65 76.14 -42.84 -44.85
CA LYS GB 65 75.06 -42.13 -44.17
C LYS GB 65 74.07 -41.54 -45.15
N ARG GB 66 74.55 -41.20 -46.35
CA ARG GB 66 73.73 -40.50 -47.32
C ARG GB 66 72.63 -41.39 -47.90
N ILE GB 67 72.89 -42.69 -48.04
CA ILE GB 67 71.99 -43.60 -48.74
C ILE GB 67 71.51 -44.74 -47.86
N GLY GB 68 71.92 -44.80 -46.61
CA GLY GB 68 71.49 -45.88 -45.75
C GLY GB 68 71.64 -45.49 -44.31
N LYS GB 69 71.61 -46.49 -43.44
CA LYS GB 69 71.79 -46.29 -42.01
C LYS GB 69 73.18 -46.80 -41.62
N VAL GB 70 73.97 -45.92 -41.01
CA VAL GB 70 75.24 -46.31 -40.42
C VAL GB 70 75.00 -46.56 -38.94
N VAL GB 71 75.28 -47.78 -38.49
CA VAL GB 71 75.01 -48.16 -37.12
C VAL GB 71 76.14 -47.74 -36.19
N SER GB 72 77.38 -47.96 -36.60
CA SER GB 72 78.52 -47.73 -35.73
C SER GB 72 79.78 -47.63 -36.58
N SER GB 73 80.77 -46.91 -36.04
CA SER GB 73 82.08 -46.80 -36.67
C SER GB 73 83.13 -46.73 -35.59
N ARG GB 74 84.36 -47.07 -35.93
CA ARG GB 74 85.40 -47.14 -34.92
C ARG GB 74 86.75 -47.27 -35.58
N VAL GB 75 87.74 -46.57 -35.05
CA VAL GB 75 89.15 -46.74 -35.41
C VAL GB 75 89.90 -47.27 -34.21
N ILE GB 76 90.71 -48.29 -34.43
CA ILE GB 76 91.55 -48.88 -33.39
C ILE GB 76 92.99 -48.61 -33.80
N ALA GB 77 93.66 -47.74 -33.05
CA ALA GB 77 94.97 -47.26 -33.49
C ALA GB 77 96.06 -48.31 -33.31
N ARG GB 78 96.20 -48.87 -32.12
CA ARG GB 78 97.13 -49.96 -31.86
C ARG GB 78 96.33 -51.19 -31.47
N PRO GB 79 95.98 -52.06 -32.41
CA PRO GB 79 95.22 -53.25 -32.06
C PRO GB 79 96.13 -54.28 -31.41
N HIS GB 80 95.55 -55.02 -30.47
CA HIS GB 80 96.31 -56.04 -29.77
C HIS GB 80 96.63 -57.20 -30.69
N ASN GB 81 97.73 -57.89 -30.41
CA ASN GB 81 98.15 -58.98 -31.28
C ASN GB 81 97.23 -60.18 -31.19
N ASP GB 82 96.55 -60.35 -30.05
CA ASP GB 82 95.53 -61.39 -29.95
C ASP GB 82 94.37 -61.11 -30.89
N ILE GB 83 94.11 -59.84 -31.18
CA ILE GB 83 93.02 -59.46 -32.06
C ILE GB 83 93.46 -59.55 -33.51
N GLU HB 3 107.98 -33.96 -33.82
CA GLU HB 3 106.72 -34.68 -33.87
C GLU HB 3 105.66 -33.98 -33.03
N ALA HB 4 104.42 -34.42 -33.15
CA ALA HB 4 103.31 -33.73 -32.52
C ALA HB 4 103.43 -33.79 -31.01
N LEU HB 5 102.52 -33.07 -30.34
CA LEU HB 5 102.57 -32.94 -28.90
C LEU HB 5 101.16 -32.88 -28.35
N GLY HB 6 100.85 -33.75 -27.39
CA GLY HB 6 99.53 -33.82 -26.81
C GLY HB 6 99.58 -33.57 -25.31
N LEU HB 7 98.63 -32.78 -24.81
CA LEU HB 7 98.60 -32.37 -23.41
C LEU HB 7 97.22 -32.61 -22.84
N ILE HB 8 97.17 -33.15 -21.63
CA ILE HB 8 95.94 -33.25 -20.84
C ILE HB 8 96.23 -32.65 -19.48
N GLU HB 9 95.26 -31.92 -18.94
CA GLU HB 9 95.42 -31.26 -17.65
C GLU HB 9 94.23 -31.59 -16.76
N THR HB 10 94.52 -32.08 -15.56
CA THR HB 10 93.51 -32.58 -14.65
C THR HB 10 93.72 -31.99 -13.27
N LYS HB 11 92.69 -32.09 -12.43
CA LYS HB 11 92.80 -31.77 -11.02
C LYS HB 11 93.15 -33.05 -10.26
N GLY HB 12 94.30 -33.06 -9.62
CA GLY HB 12 94.72 -34.21 -8.85
C GLY HB 12 95.54 -35.19 -9.66
N LEU HB 13 96.29 -36.02 -8.96
CA LEU HB 13 97.23 -36.91 -9.62
C LEU HB 13 96.59 -38.20 -10.08
N VAL HB 14 95.53 -38.66 -9.42
CA VAL HB 14 94.93 -39.93 -9.79
C VAL HB 14 94.29 -39.84 -11.17
N ALA HB 15 93.56 -38.77 -11.44
CA ALA HB 15 92.96 -38.61 -12.75
C ALA HB 15 94.01 -38.47 -13.84
N CYS HB 16 95.24 -38.09 -13.49
CA CYS HB 16 96.28 -37.93 -14.49
C CYS HB 16 97.03 -39.23 -14.74
N ILE HB 17 97.07 -40.13 -13.78
CA ILE HB 17 97.68 -41.42 -14.03
C ILE HB 17 96.74 -42.30 -14.85
N GLU HB 18 95.43 -42.13 -14.67
CA GLU HB 18 94.50 -42.85 -15.53
C GLU HB 18 94.53 -42.31 -16.95
N ALA HB 19 94.66 -41.00 -17.11
CA ALA HB 19 94.78 -40.43 -18.45
C ALA HB 19 96.08 -40.86 -19.11
N ALA HB 20 97.18 -40.86 -18.37
CA ALA HB 20 98.46 -41.24 -18.95
C ALA HB 20 98.49 -42.73 -19.28
N ASP HB 21 97.76 -43.55 -18.54
CA ASP HB 21 97.73 -44.97 -18.84
C ASP HB 21 96.90 -45.27 -20.08
N ALA HB 22 95.75 -44.62 -20.20
CA ALA HB 22 94.90 -44.83 -21.36
C ALA HB 22 95.57 -44.32 -22.63
N MET HB 23 96.30 -43.22 -22.54
CA MET HB 23 96.98 -42.68 -23.71
C MET HB 23 98.04 -43.65 -24.22
N CYS HB 24 98.85 -44.19 -23.32
CA CYS HB 24 99.95 -45.05 -23.75
C CYS HB 24 99.44 -46.37 -24.30
N LYS HB 25 98.23 -46.78 -23.94
CA LYS HB 25 97.69 -48.04 -24.42
C LYS HB 25 97.07 -47.88 -25.80
N ALA HB 26 96.45 -46.74 -26.07
CA ALA HB 26 95.56 -46.57 -27.20
C ALA HB 26 96.24 -46.06 -28.45
N ALA HB 27 97.56 -45.93 -28.46
CA ALA HB 27 98.27 -45.46 -29.64
C ALA HB 27 99.77 -45.60 -29.40
N ASN HB 28 100.53 -45.49 -30.47
CA ASN HB 28 101.99 -45.60 -30.41
C ASN HB 28 102.58 -44.22 -30.13
N VAL HB 29 102.56 -43.83 -28.86
CA VAL HB 29 103.08 -42.56 -28.41
C VAL HB 29 104.11 -42.79 -27.32
N GLU HB 30 104.89 -41.76 -27.04
CA GLU HB 30 105.90 -41.78 -25.99
C GLU HB 30 105.50 -40.81 -24.90
N LEU HB 31 105.56 -41.24 -23.66
CA LEU HB 31 105.21 -40.40 -22.52
C LEU HB 31 106.45 -39.62 -22.09
N ILE HB 32 106.34 -38.30 -22.09
CA ILE HB 32 107.46 -37.45 -21.70
C ILE HB 32 107.55 -37.28 -20.19
N GLY HB 33 106.44 -36.95 -19.55
CA GLY HB 33 106.42 -36.86 -18.11
C GLY HB 33 105.27 -36.01 -17.61
N TYR HB 34 105.20 -35.90 -16.30
CA TYR HB 34 104.22 -35.06 -15.63
C TYR HB 34 104.86 -33.74 -15.24
N GLU HB 35 104.02 -32.73 -15.02
CA GLU HB 35 104.50 -31.42 -14.61
C GLU HB 35 103.35 -30.69 -13.93
N ASN HB 36 103.40 -30.60 -12.61
CA ASN HB 36 102.37 -29.93 -11.85
C ASN HB 36 102.79 -28.51 -11.48
N VAL HB 37 101.80 -27.66 -11.28
CA VAL HB 37 102.02 -26.24 -11.06
C VAL HB 37 101.29 -25.76 -9.82
N GLY HB 38 101.03 -26.66 -8.88
CA GLY HB 38 100.29 -26.30 -7.69
C GLY HB 38 98.82 -26.12 -7.99
N SER HB 39 98.05 -25.91 -6.92
CA SER HB 39 96.59 -25.88 -6.94
C SER HB 39 95.99 -27.21 -7.38
N GLY HB 40 96.77 -28.28 -7.40
CA GLY HB 40 96.28 -29.57 -7.79
C GLY HB 40 96.23 -29.82 -9.28
N LEU HB 41 96.67 -28.87 -10.09
CA LEU HB 41 96.70 -29.06 -11.53
C LEU HB 41 97.93 -29.87 -11.91
N VAL HB 42 97.71 -31.01 -12.55
CA VAL HB 42 98.79 -31.85 -13.05
C VAL HB 42 98.57 -32.03 -14.54
N THR HB 43 99.67 -32.12 -15.29
CA THR HB 43 99.63 -32.16 -16.74
C THR HB 43 100.48 -33.31 -17.25
N ALA HB 44 99.94 -34.07 -18.20
CA ALA HB 44 100.66 -35.15 -18.86
C ALA HB 44 101.00 -34.74 -20.28
N MET HB 45 102.18 -35.13 -20.75
CA MET HB 45 102.65 -34.77 -22.07
C MET HB 45 103.08 -36.01 -22.82
N VAL HB 46 102.44 -36.27 -23.96
CA VAL HB 46 102.81 -37.37 -24.84
C VAL HB 46 103.37 -36.80 -26.12
N LYS HB 47 104.05 -37.66 -26.88
CA LYS HB 47 104.75 -37.21 -28.07
C LYS HB 47 104.79 -38.33 -29.10
N GLY HB 48 104.44 -38.01 -30.34
CA GLY HB 48 104.46 -38.99 -31.40
C GLY HB 48 103.95 -38.38 -32.69
N ASP HB 49 103.69 -39.24 -33.67
CA ASP HB 49 103.14 -38.76 -34.94
C ASP HB 49 101.77 -38.14 -34.72
N VAL HB 50 101.36 -37.31 -35.67
CA VAL HB 50 100.15 -36.49 -35.47
C VAL HB 50 98.92 -37.37 -35.37
N GLY HB 51 98.82 -38.41 -36.20
CA GLY HB 51 97.65 -39.26 -36.17
C GLY HB 51 97.56 -40.06 -34.88
N ALA HB 52 98.70 -40.59 -34.42
CA ALA HB 52 98.71 -41.31 -33.16
C ALA HB 52 98.38 -40.38 -32.00
N VAL HB 53 99.10 -39.26 -31.89
CA VAL HB 53 98.90 -38.34 -30.79
C VAL HB 53 97.47 -37.83 -30.76
N ASN HB 54 96.89 -37.57 -31.92
CA ASN HB 54 95.49 -37.17 -31.95
C ASN HB 54 94.63 -38.22 -31.27
N ALA HB 55 94.75 -39.48 -31.71
CA ALA HB 55 93.94 -40.57 -31.17
C ALA HB 55 94.17 -40.75 -29.68
N ALA HB 56 95.43 -40.68 -29.24
CA ALA HB 56 95.74 -40.87 -27.82
C ALA HB 56 94.99 -39.86 -26.96
N VAL HB 57 95.06 -38.59 -27.32
CA VAL HB 57 94.48 -37.54 -26.48
C VAL HB 57 92.97 -37.73 -26.36
N ASP HB 58 92.32 -38.19 -27.43
CA ASP HB 58 90.88 -38.43 -27.35
C ASP HB 58 90.56 -39.55 -26.37
N SER HB 59 91.34 -40.63 -26.40
CA SER HB 59 91.11 -41.72 -25.48
C SER HB 59 91.49 -41.34 -24.05
N GLY HB 60 92.61 -40.64 -23.89
CA GLY HB 60 93.04 -40.26 -22.56
C GLY HB 60 92.08 -39.34 -21.85
N VAL HB 61 91.45 -38.42 -22.59
CA VAL HB 61 90.49 -37.52 -21.96
C VAL HB 61 89.23 -38.28 -21.59
N GLU HB 62 88.89 -39.32 -22.35
CA GLU HB 62 87.67 -40.06 -22.10
C GLU HB 62 87.79 -40.93 -20.86
N ALA HB 63 88.98 -41.49 -20.62
CA ALA HB 63 89.18 -42.28 -19.41
C ALA HB 63 89.31 -41.39 -18.18
N ALA HB 64 89.99 -40.25 -18.31
CA ALA HB 64 90.23 -39.40 -17.15
C ALA HB 64 88.96 -38.68 -16.71
N LYS HB 65 88.18 -38.20 -17.67
CA LYS HB 65 86.93 -37.53 -17.33
C LYS HB 65 85.99 -38.41 -16.55
N ARG HB 66 86.24 -39.71 -16.58
CA ARG HB 66 85.31 -40.68 -16.02
C ARG HB 66 85.40 -40.77 -14.51
N ILE HB 67 86.59 -40.52 -13.96
CA ILE HB 67 86.79 -40.59 -12.52
C ILE HB 67 87.13 -39.24 -11.90
N GLY HB 68 87.63 -38.28 -12.67
CA GLY HB 68 87.99 -36.99 -12.12
C GLY HB 68 87.61 -35.87 -13.05
N LYS HB 69 88.37 -34.77 -13.01
CA LYS HB 69 88.05 -33.59 -13.80
C LYS HB 69 89.19 -33.33 -14.79
N VAL HB 70 88.84 -33.28 -16.08
CA VAL HB 70 89.78 -32.90 -17.11
C VAL HB 70 89.62 -31.41 -17.37
N VAL HB 71 90.67 -30.65 -17.09
CA VAL HB 71 90.58 -29.20 -17.17
C VAL HB 71 90.71 -28.73 -18.62
N SER HB 72 91.67 -29.28 -19.35
CA SER HB 72 91.85 -28.90 -20.74
C SER HB 72 92.70 -29.95 -21.45
N SER HB 73 92.55 -29.99 -22.77
CA SER HB 73 93.34 -30.88 -23.62
C SER HB 73 93.67 -30.14 -24.90
N ARG HB 74 94.74 -30.58 -25.57
CA ARG HB 74 95.24 -29.83 -26.72
C ARG HB 74 96.26 -30.67 -27.45
N VAL HB 75 96.26 -30.58 -28.78
CA VAL HB 75 97.26 -31.21 -29.62
C VAL HB 75 97.94 -30.13 -30.46
N ILE HB 76 99.26 -30.08 -30.39
CA ILE HB 76 100.05 -29.21 -31.24
C ILE HB 76 100.70 -30.07 -32.31
N ALA HB 77 100.29 -29.88 -33.56
CA ALA HB 77 100.72 -30.77 -34.62
C ALA HB 77 102.19 -30.60 -34.94
N ARG HB 78 102.72 -29.38 -34.82
CA ARG HB 78 104.12 -29.11 -35.12
C ARG HB 78 104.59 -28.00 -34.19
N PRO HB 79 105.17 -28.35 -33.05
CA PRO HB 79 105.60 -27.32 -32.11
C PRO HB 79 106.87 -26.64 -32.59
N HIS HB 80 107.01 -25.38 -32.20
CA HIS HB 80 108.24 -24.65 -32.45
C HIS HB 80 109.39 -25.28 -31.68
N ASN HB 81 110.60 -25.12 -32.21
CA ASN HB 81 111.76 -25.70 -31.54
C ASN HB 81 112.00 -25.09 -30.17
N ASP HB 82 111.61 -23.83 -29.98
CA ASP HB 82 111.74 -23.21 -28.67
C ASP HB 82 110.84 -23.91 -27.65
N ILE HB 83 109.66 -24.35 -28.07
CA ILE HB 83 108.75 -25.04 -27.17
C ILE HB 83 109.35 -26.35 -26.69
N GLU HB 84 110.25 -26.96 -27.45
CA GLU HB 84 110.90 -28.19 -26.97
C GLU HB 84 112.14 -27.87 -26.17
N LYS HB 85 112.00 -26.90 -25.27
CA LYS HB 85 112.92 -26.62 -24.18
C LYS HB 85 112.18 -26.28 -22.91
N ILE HB 86 110.89 -26.02 -22.99
CA ILE HB 86 110.04 -25.82 -21.83
C ILE HB 86 109.44 -27.13 -21.34
N ALA HB 87 109.04 -27.99 -22.27
CA ALA HB 87 108.53 -29.30 -21.90
C ALA HB 87 109.67 -30.19 -21.42
N GLY HB 88 110.62 -30.48 -22.30
CA GLY HB 88 111.77 -31.29 -21.94
C GLY HB 88 112.91 -30.47 -21.34
N MET IB 1 85.26 68.41 4.65
CA MET IB 1 86.25 68.10 5.68
C MET IB 1 87.30 69.19 5.74
N ILE IB 2 88.08 69.21 6.82
CA ILE IB 2 89.21 70.10 6.94
C ILE IB 2 90.36 69.34 7.59
N LEU IB 3 91.59 69.70 7.21
CA LEU IB 3 92.75 69.17 7.90
C LEU IB 3 92.93 69.87 9.23
N ALA IB 4 93.11 69.08 10.28
CA ALA IB 4 93.24 69.64 11.62
C ALA IB 4 94.15 68.75 12.43
N LYS IB 5 94.55 69.25 13.59
CA LYS IB 5 95.46 68.54 14.48
C LYS IB 5 94.85 68.49 15.87
N VAL IB 6 94.87 67.31 16.48
CA VAL IB 6 94.34 67.18 17.83
C VAL IB 6 95.30 67.84 18.81
N THR IB 7 94.78 68.76 19.62
CA THR IB 7 95.60 69.54 20.53
C THR IB 7 95.20 69.44 21.99
N GLY IB 8 94.22 68.61 22.32
CA GLY IB 8 93.80 68.48 23.71
C GLY IB 8 92.53 67.66 23.81
N HIS IB 9 91.85 67.80 24.94
CA HIS IB 9 90.57 67.13 25.13
C HIS IB 9 89.76 67.91 26.14
N VAL IB 10 88.48 67.58 26.23
CA VAL IB 10 87.54 68.27 27.09
C VAL IB 10 86.84 67.24 27.96
N VAL IB 11 86.76 67.49 29.26
CA VAL IB 11 86.08 66.61 30.21
C VAL IB 11 84.81 67.31 30.65
N ALA IB 12 83.67 66.76 30.24
CA ALA IB 12 82.36 67.32 30.55
C ALA IB 12 81.52 66.24 31.22
N THR IB 13 81.02 66.53 32.41
CA THR IB 13 80.24 65.58 33.19
C THR IB 13 78.75 65.77 32.98
N GLN IB 14 78.27 67.00 33.09
CA GLN IB 14 76.85 67.32 32.91
C GLN IB 14 76.64 67.61 31.43
N LYS IB 15 76.05 66.67 30.71
CA LYS IB 15 75.87 66.83 29.28
C LYS IB 15 74.66 66.00 28.83
N CYS IB 16 74.28 66.19 27.57
CA CYS IB 16 73.12 65.51 27.02
C CYS IB 16 73.39 64.01 26.91
N ASP IB 17 72.39 63.29 26.43
CA ASP IB 17 72.49 61.85 26.30
C ASP IB 17 72.98 61.41 24.93
N GLU IB 18 72.83 62.25 23.92
CA GLU IB 18 73.37 61.94 22.60
C GLU IB 18 74.89 61.91 22.59
N LEU IB 19 75.53 62.32 23.69
CA LEU IB 19 76.98 62.38 23.77
C LEU IB 19 77.59 61.43 24.79
N ARG IB 20 76.79 60.53 25.35
CA ARG IB 20 77.30 59.63 26.38
C ARG IB 20 78.23 58.60 25.77
N GLY IB 21 79.40 58.43 26.38
CA GLY IB 21 80.34 57.42 25.93
C GLY IB 21 81.05 57.76 24.65
N SER IB 22 81.68 58.93 24.62
CA SER IB 22 82.43 59.36 23.45
C SER IB 22 83.50 60.34 23.88
N ASN IB 23 84.53 60.46 23.06
CA ASN IB 23 85.62 61.37 23.35
C ASN IB 23 85.26 62.76 22.84
N LEU IB 24 85.88 63.78 23.43
CA LEU IB 24 85.67 65.16 22.99
C LEU IB 24 87.04 65.82 22.85
N LEU IB 25 87.52 65.94 21.63
CA LEU IB 25 88.86 66.42 21.36
C LEU IB 25 88.83 67.87 20.92
N LEU IB 26 89.87 68.61 21.27
CA LEU IB 26 90.10 69.93 20.74
C LEU IB 26 90.81 69.79 19.40
N ILE IB 27 90.30 70.46 18.38
CA ILE IB 27 90.67 70.23 17.00
C ILE IB 27 91.06 71.58 16.42
N THR IB 28 92.33 71.77 16.11
CA THR IB 28 92.82 73.04 15.61
C THR IB 28 93.11 72.96 14.13
N ARG IB 29 92.50 73.86 13.36
CA ARG IB 29 92.73 73.89 11.93
C ARG IB 29 94.14 74.38 11.62
N LEU IB 30 94.83 73.67 10.74
CA LEU IB 30 96.21 73.98 10.42
C LEU IB 30 96.34 74.49 8.99
N ASP IB 31 97.32 75.38 8.79
CA ASP IB 31 97.46 76.11 7.54
C ASP IB 31 98.25 75.34 6.49
N ASP IB 32 98.62 76.01 5.38
CA ASP IB 32 99.23 75.32 4.24
C ASP IB 32 100.70 74.96 4.47
N LYS IB 33 101.23 75.19 5.66
CA LYS IB 33 102.54 74.67 6.03
C LYS IB 33 102.44 73.56 7.07
N GLN IB 34 101.24 73.01 7.25
CA GLN IB 34 100.95 72.03 8.29
C GLN IB 34 101.34 72.58 9.67
N GLN IB 35 100.76 73.72 9.99
CA GLN IB 35 101.04 74.42 11.24
C GLN IB 35 99.73 74.97 11.77
N PRO IB 36 99.42 74.77 13.05
CA PRO IB 36 98.12 75.23 13.58
C PRO IB 36 97.98 76.73 13.49
N MET IB 37 96.73 77.17 13.33
CA MET IB 37 96.39 78.58 13.23
C MET IB 37 95.97 79.11 14.60
N LYS IB 38 95.57 80.37 14.63
CA LYS IB 38 95.16 81.04 15.86
C LYS IB 38 93.65 81.21 15.85
N ASP IB 39 93.01 80.92 16.99
CA ASP IB 39 91.58 81.09 17.17
C ASP IB 39 90.79 80.27 16.15
N GLN IB 40 91.15 78.99 16.02
CA GLN IB 40 90.52 78.13 15.04
C GLN IB 40 90.26 76.75 15.64
N THR IB 41 89.77 76.70 16.87
CA THR IB 41 89.61 75.46 17.60
C THR IB 41 88.14 75.08 17.73
N TRP IB 42 87.82 73.84 17.41
CA TRP IB 42 86.48 73.30 17.61
C TRP IB 42 86.59 72.06 18.49
N VAL IB 43 85.45 71.58 18.95
CA VAL IB 43 85.37 70.37 19.74
C VAL IB 43 84.72 69.29 18.90
N ALA IB 44 85.40 68.16 18.74
CA ALA IB 44 84.96 67.11 17.85
C ALA IB 44 84.79 65.82 18.61
N VAL IB 45 83.72 65.09 18.30
CA VAL IB 45 83.49 63.78 18.90
C VAL IB 45 84.33 62.76 18.14
N ASP IB 46 85.38 62.27 18.77
CA ASP IB 46 86.23 61.28 18.12
C ASP IB 46 85.40 60.07 17.70
N ASN IB 47 85.78 59.49 16.57
CA ASN IB 47 85.03 58.36 16.03
C ASN IB 47 85.91 57.21 15.55
N VAL IB 48 87.20 57.41 15.33
CA VAL IB 48 88.09 56.38 14.84
C VAL IB 48 89.27 56.11 15.76
N GLY IB 49 89.39 56.83 16.86
CA GLY IB 49 90.46 56.57 17.79
C GLY IB 49 91.70 57.41 17.56
N ALA IB 50 91.54 58.72 17.54
CA ALA IB 50 92.65 59.65 17.41
C ALA IB 50 93.08 60.14 18.78
N GLY IB 51 94.37 60.47 18.90
CA GLY IB 51 94.91 60.96 20.15
C GLY IB 51 95.67 62.25 19.94
N MET IB 52 96.52 62.62 20.89
CA MET IB 52 97.19 63.90 20.80
C MET IB 52 98.18 63.91 19.64
N HIS IB 53 98.38 65.11 19.07
CA HIS IB 53 99.37 65.41 18.06
C HIS IB 53 99.10 64.76 16.71
N ASP IB 54 97.96 64.09 16.55
CA ASP IB 54 97.67 63.39 15.32
C ASP IB 54 96.94 64.31 14.35
N ILE IB 55 97.32 64.25 13.07
CA ILE IB 55 96.64 65.03 12.05
C ILE IB 55 95.42 64.26 11.57
N VAL IB 56 94.24 64.84 11.74
CA VAL IB 56 93.00 64.15 11.47
C VAL IB 56 92.20 64.91 10.43
N LEU IB 57 91.02 64.39 10.10
CA LEU IB 57 90.17 64.92 9.04
C LEU IB 57 88.79 65.14 9.65
N ALA IB 58 88.54 66.35 10.14
CA ALA IB 58 87.33 66.63 10.90
C ALA IB 58 86.20 67.03 9.96
N GLU IB 59 85.06 66.41 10.12
CA GLU IB 59 83.91 66.62 9.27
C GLU IB 59 82.87 67.47 9.96
N GLU IB 60 82.09 68.20 9.17
CA GLU IB 60 81.09 69.12 9.69
C GLU IB 60 79.82 68.38 10.06
N TYR IB 61 78.72 69.11 10.18
CA TYR IB 61 77.57 68.75 11.01
C TYR IB 61 77.20 67.27 11.04
N PHE IB 62 76.82 66.70 9.91
CA PHE IB 62 76.10 65.42 9.95
C PHE IB 62 77.08 64.26 9.77
N ALA IB 63 77.30 63.52 10.86
CA ALA IB 63 78.04 62.26 10.80
C ALA IB 63 77.43 61.20 11.71
N LEU IB 64 76.17 61.37 12.12
CA LEU IB 64 75.44 60.41 12.95
C LEU IB 64 76.16 60.14 14.27
N ASN IB 65 76.27 61.20 15.07
CA ASN IB 65 76.98 61.10 16.35
C ASN IB 65 76.29 61.91 17.45
N TYR IB 69 71.00 63.27 14.59
CA TYR IB 69 72.35 63.36 15.12
C TYR IB 69 73.25 64.15 14.19
N LYS IB 70 73.78 65.27 14.69
CA LYS IB 70 74.57 66.16 13.85
C LYS IB 70 75.83 66.68 14.52
N ALA IB 71 76.52 65.87 15.33
CA ALA IB 71 77.71 66.35 15.99
C ALA IB 71 78.90 66.33 15.03
N MET IB 72 79.80 67.28 15.22
CA MET IB 72 81.01 67.41 14.42
C MET IB 72 82.00 66.36 14.89
N SER IB 73 82.34 65.42 14.02
CA SER IB 73 83.17 64.30 14.41
C SER IB 73 84.42 64.19 13.53
N VAL IB 74 85.34 63.37 13.98
CA VAL IB 74 86.55 63.03 13.23
C VAL IB 74 86.28 61.74 12.47
N VAL IB 75 86.63 61.72 11.18
CA VAL IB 75 86.25 60.62 10.31
C VAL IB 75 87.44 59.93 9.65
N ALA IB 76 88.66 60.42 9.87
CA ALA IB 76 89.81 59.82 9.22
C ALA IB 76 91.08 60.29 9.89
N ILE IB 77 92.06 59.40 10.00
CA ILE IB 77 93.40 59.74 10.45
C ILE IB 77 94.31 59.75 9.24
N VAL IB 78 95.03 60.83 9.05
CA VAL IB 78 95.71 61.10 7.79
C VAL IB 78 97.15 60.61 7.87
N GLU IB 79 97.55 59.83 6.87
CA GLU IB 79 98.92 59.32 6.75
C GLU IB 79 99.82 60.31 6.02
N LYS IB 80 99.46 60.67 4.79
CA LYS IB 80 100.28 61.52 3.94
C LYS IB 80 99.43 62.65 3.36
N VAL IB 81 100.00 63.84 3.32
CA VAL IB 81 99.37 65.00 2.69
C VAL IB 81 100.33 65.46 1.59
N PHE IB 82 100.11 64.98 0.37
CA PHE IB 82 100.90 65.41 -0.76
C PHE IB 82 100.32 66.71 -1.30
N ARG IB 83 101.14 67.75 -1.38
CA ARG IB 83 100.65 69.09 -1.70
C ARG IB 83 101.72 69.84 -2.48
N ASP IB 84 101.44 70.14 -3.74
CA ASP IB 84 102.30 71.00 -4.52
C ASP IB 84 101.57 71.51 -5.76
N GLU JB 3 90.16 36.44 66.70
CA GLU JB 3 89.03 37.14 66.09
C GLU JB 3 88.35 36.26 65.07
N ALA JB 4 87.15 36.66 64.65
CA ALA JB 4 86.38 35.86 63.71
C ALA JB 4 86.97 35.97 62.32
N LEU JB 5 86.28 35.38 61.35
CA LEU JB 5 86.79 35.33 59.99
C LEU JB 5 85.61 35.30 59.03
N GLY JB 6 85.66 36.15 58.01
CA GLY JB 6 84.57 36.24 57.05
C GLY JB 6 85.05 36.06 55.64
N LEU JB 7 84.24 35.41 54.82
CA LEU JB 7 84.65 34.98 53.49
C LEU JB 7 83.53 35.21 52.50
N ILE JB 8 83.86 35.82 51.37
CA ILE JB 8 82.95 35.93 50.23
C ILE JB 8 83.67 35.41 49.00
N GLU JB 9 82.94 34.71 48.14
CA GLU JB 9 83.50 34.15 46.92
C GLU JB 9 82.62 34.55 45.75
N THR JB 10 83.24 35.13 44.72
CA THR JB 10 82.51 35.65 43.58
C THR JB 10 83.15 35.14 42.29
N LYS JB 11 82.40 35.29 41.20
CA LYS JB 11 82.91 35.03 39.87
C LYS JB 11 83.39 36.34 39.25
N GLY JB 12 84.67 36.43 38.99
CA GLY JB 12 85.21 37.65 38.43
C GLY JB 12 85.86 38.51 39.49
N LEU JB 13 86.81 39.35 39.05
CA LEU JB 13 87.54 40.17 40.00
C LEU JB 13 86.79 41.44 40.35
N VAL JB 14 86.02 41.99 39.42
CA VAL JB 14 85.33 43.24 39.68
C VAL JB 14 84.32 43.07 40.81
N ALA JB 15 83.52 42.02 40.74
CA ALA JB 15 82.52 41.80 41.77
C ALA JB 15 83.14 41.61 43.14
N CYS JB 16 84.41 41.17 43.19
CA CYS JB 16 85.05 40.94 44.47
C CYS JB 16 85.61 42.22 45.07
N ILE JB 17 86.12 43.12 44.22
CA ILE JB 17 86.63 44.38 44.73
C ILE JB 17 85.49 45.25 45.25
N GLU JB 18 84.34 45.20 44.59
CA GLU JB 18 83.16 45.86 45.11
C GLU JB 18 82.77 45.30 46.46
N ALA JB 19 82.75 43.97 46.58
CA ALA JB 19 82.39 43.34 47.85
C ALA JB 19 83.39 43.67 48.94
N ALA JB 20 84.67 43.68 48.63
CA ALA JB 20 85.68 43.94 49.64
C ALA JB 20 85.68 45.40 50.07
N ASP JB 21 85.19 46.30 49.21
CA ASP JB 21 85.09 47.70 49.60
C ASP JB 21 83.89 47.92 50.52
N ALA JB 22 82.76 47.30 50.19
CA ALA JB 22 81.58 47.43 51.03
C ALA JB 22 81.83 46.84 52.42
N MET JB 23 82.51 45.70 52.48
CA MET JB 23 82.82 45.11 53.78
C MET JB 23 83.66 46.06 54.64
N CYS JB 24 84.69 46.66 54.05
CA CYS JB 24 85.59 47.50 54.83
C CYS JB 24 84.91 48.77 55.31
N LYS JB 25 83.89 49.24 54.60
CA LYS JB 25 83.21 50.47 55.00
C LYS JB 25 82.12 50.22 56.02
N ALA JB 26 81.48 49.05 55.99
CA ALA JB 26 80.28 48.81 56.75
C ALA JB 26 80.53 48.44 58.21
N ALA JB 27 81.75 48.13 58.60
CA ALA JB 27 82.01 47.77 59.99
C ALA JB 27 83.52 47.81 60.22
N ASN JB 28 83.90 47.65 61.49
CA ASN JB 28 85.31 47.71 61.87
C ASN JB 28 85.95 46.35 61.66
N VAL JB 29 86.34 46.08 60.42
CA VAL JB 29 87.00 44.84 60.05
C VAL JB 29 88.21 45.17 59.20
N GLU JB 30 89.20 44.28 59.21
CA GLU JB 30 90.44 44.46 58.48
C GLU JB 30 90.51 43.45 57.35
N LEU JB 31 91.01 43.88 56.20
CA LEU JB 31 91.07 43.04 55.02
C LEU JB 31 92.35 42.22 55.04
N ILE JB 32 92.21 40.89 54.98
CA ILE JB 32 93.38 40.03 55.00
C ILE JB 32 94.03 39.95 53.63
N GLY JB 33 93.26 39.61 52.61
CA GLY JB 33 93.80 39.57 51.27
C GLY JB 33 92.85 38.89 50.32
N TYR JB 34 93.30 38.78 49.08
CA TYR JB 34 92.58 38.06 48.03
C TYR JB 34 93.27 36.75 47.75
N GLU JB 35 92.53 35.83 47.13
CA GLU JB 35 93.09 34.54 46.74
C GLU JB 35 92.18 33.94 45.68
N ASN JB 36 92.64 33.91 44.43
CA ASN JB 36 91.88 33.26 43.38
C ASN JB 36 92.42 31.86 43.13
N VAL JB 37 91.51 30.91 42.99
CA VAL JB 37 91.86 29.51 42.79
C VAL JB 37 91.26 29.11 41.45
N GLY JB 38 92.03 29.31 40.39
CA GLY JB 38 91.59 28.79 39.11
C GLY JB 38 90.40 29.54 38.54
N SER JB 39 89.41 28.78 38.10
CA SER JB 39 88.46 29.27 37.11
C SER JB 39 87.57 30.36 37.66
N GLY JB 40 87.95 31.61 37.36
CA GLY JB 40 87.17 32.79 37.67
C GLY JB 40 86.59 32.90 39.06
N LEU JB 41 87.31 32.40 40.06
CA LEU JB 41 86.82 32.43 41.44
C LEU JB 41 87.81 33.20 42.28
N VAL JB 42 87.41 34.35 42.79
CA VAL JB 42 88.21 35.17 43.68
C VAL JB 42 87.51 35.21 45.03
N THR JB 43 88.30 35.22 46.10
CA THR JB 43 87.78 35.21 47.46
C THR JB 43 88.47 36.28 48.28
N ALA JB 44 87.69 37.02 49.06
CA ALA JB 44 88.19 38.03 49.97
C ALA JB 44 87.97 37.58 51.41
N MET JB 45 88.92 37.88 52.28
CA MET JB 45 88.88 37.44 53.67
C MET JB 45 89.04 38.65 54.57
N VAL JB 46 88.15 38.77 55.55
CA VAL JB 46 88.19 39.84 56.53
C VAL JB 46 88.21 39.23 57.93
N LYS JB 47 88.72 40.00 58.88
CA LYS JB 47 88.80 39.54 60.26
C LYS JB 47 88.46 40.66 61.22
N GLY JB 48 87.83 40.28 62.33
CA GLY JB 48 87.39 41.23 63.32
C GLY JB 48 86.56 40.53 64.36
N ASP JB 49 85.82 41.33 65.15
CA ASP JB 49 84.96 40.74 66.15
C ASP JB 49 83.75 40.07 65.49
N VAL JB 50 83.08 39.21 66.24
CA VAL JB 50 82.04 38.37 65.67
C VAL JB 50 80.84 39.20 65.25
N GLY JB 51 80.49 40.22 66.04
CA GLY JB 51 79.37 41.06 65.68
C GLY JB 51 79.69 41.97 64.50
N ALA JB 52 80.92 42.46 64.43
CA ALA JB 52 81.34 43.28 63.30
C ALA JB 52 81.43 42.45 62.04
N VAL JB 53 82.13 41.32 62.10
CA VAL JB 53 82.36 40.50 60.91
C VAL JB 53 81.05 40.00 60.34
N ASN JB 54 80.10 39.67 61.21
CA ASN JB 54 78.79 39.25 60.74
C ASN JB 54 78.08 40.36 60.01
N ALA JB 55 78.33 41.61 60.41
CA ALA JB 55 77.68 42.76 59.79
C ALA JB 55 78.39 43.18 58.52
N ALA JB 56 79.67 42.85 58.39
CA ALA JB 56 80.38 43.19 57.17
C ALA JB 56 80.04 42.22 56.04
N VAL JB 57 79.84 40.95 56.36
CA VAL JB 57 79.64 39.95 55.32
C VAL JB 57 78.28 40.10 54.67
N ASP JB 58 77.24 40.39 55.44
CA ASP JB 58 75.92 40.52 54.83
C ASP JB 58 75.81 41.79 54.01
N SER JB 59 76.65 42.79 54.31
CA SER JB 59 76.67 44.00 53.49
C SER JB 59 77.46 43.79 52.22
N GLY JB 60 78.62 43.13 52.33
CA GLY JB 60 79.42 42.85 51.15
C GLY JB 60 78.76 41.91 50.17
N VAL JB 61 78.00 40.94 50.67
CA VAL JB 61 77.25 40.07 49.79
C VAL JB 61 76.17 40.86 49.05
N GLU JB 62 75.57 41.82 49.75
CA GLU JB 62 74.52 42.64 49.17
C GLU JB 62 75.03 43.47 48.00
N ALA JB 63 76.27 43.95 48.09
CA ALA JB 63 76.83 44.82 47.06
C ALA JB 63 77.30 44.02 45.86
N ALA JB 64 78.03 42.93 46.08
CA ALA JB 64 78.55 42.15 44.98
C ALA JB 64 77.45 41.43 44.24
N LYS JB 65 76.38 41.04 44.93
CA LYS JB 65 75.23 40.43 44.28
C LYS JB 65 74.57 41.38 43.29
N ARG JB 66 74.85 42.68 43.41
CA ARG JB 66 74.22 43.68 42.56
C ARG JB 66 74.76 43.62 41.14
N ILE JB 67 76.07 43.45 40.99
CA ILE JB 67 76.74 43.54 39.70
C ILE JB 67 77.36 42.24 39.26
N GLY JB 68 77.40 41.23 40.11
CA GLY JB 68 78.01 39.97 39.74
C GLY JB 68 77.36 38.78 40.42
N LYS JB 69 78.08 37.66 40.47
CA LYS JB 69 77.58 36.45 41.10
C LYS JB 69 78.35 36.21 42.39
N VAL JB 70 77.62 36.15 43.50
CA VAL JB 70 78.19 35.74 44.77
C VAL JB 70 77.97 34.24 44.89
N VAL JB 71 79.06 33.48 44.97
CA VAL JB 71 78.97 32.02 44.99
C VAL JB 71 78.73 31.51 46.39
N SER JB 72 79.47 32.02 47.38
CA SER JB 72 79.33 31.54 48.74
C SER JB 72 79.79 32.62 49.72
N SER JB 73 79.24 32.56 50.92
CA SER JB 73 79.68 33.39 52.02
C SER JB 73 79.63 32.58 53.31
N ARG JB 74 80.44 32.95 54.28
CA ARG JB 74 80.56 32.16 55.49
C ARG JB 74 81.32 32.95 56.54
N VAL JB 75 80.86 32.85 57.78
CA VAL JB 75 81.53 33.44 58.93
C VAL JB 75 81.95 32.31 59.86
N ILE JB 76 83.21 32.35 60.29
CA ILE JB 76 83.74 31.38 61.24
C ILE JB 76 83.99 32.12 62.54
N ALA JB 77 83.24 31.77 63.58
CA ALA JB 77 83.24 32.56 64.80
C ALA JB 77 84.52 32.39 65.60
N ARG JB 78 85.12 31.20 65.58
CA ARG JB 78 86.42 30.98 66.22
C ARG JB 78 87.22 30.05 65.32
N PRO JB 79 88.09 30.60 64.48
CA PRO JB 79 88.89 29.75 63.61
C PRO JB 79 89.96 29.03 64.43
N HIS JB 80 90.19 27.77 64.07
CA HIS JB 80 91.17 26.98 64.80
C HIS JB 80 92.56 27.53 64.57
N ASN JB 81 93.40 27.40 65.60
CA ASN JB 81 94.73 28.00 65.56
C ASN JB 81 95.53 27.51 64.37
N ASP JB 82 95.40 26.23 64.03
CA ASP JB 82 96.13 25.68 62.89
C ASP JB 82 95.82 26.42 61.61
N ILE JB 83 94.56 26.82 61.43
CA ILE JB 83 94.13 27.49 60.23
C ILE JB 83 94.52 28.97 60.27
N GLU KB 3 92.68 58.70 45.10
CA GLU KB 3 92.05 59.00 43.82
C GLU KB 3 91.10 57.89 43.42
N ALA KB 4 90.16 58.20 42.53
CA ALA KB 4 89.13 57.25 42.16
C ALA KB 4 89.75 56.06 41.44
N LEU KB 5 88.91 55.10 41.08
CA LEU KB 5 89.40 53.84 40.55
C LEU KB 5 88.32 53.24 39.67
N GLY KB 6 88.69 52.84 38.46
CA GLY KB 6 87.73 52.28 37.53
C GLY KB 6 88.22 50.95 36.98
N LEU KB 7 87.28 50.04 36.77
CA LEU KB 7 87.60 48.70 36.29
C LEU KB 7 86.68 48.32 35.16
N ILE KB 8 87.24 47.65 34.15
CA ILE KB 8 86.47 47.02 33.08
C ILE KB 8 86.92 45.57 33.00
N GLU KB 9 85.98 44.66 32.88
CA GLU KB 9 86.27 43.23 32.78
C GLU KB 9 85.77 42.70 31.45
N THR KB 10 86.66 42.06 30.70
CA THR KB 10 86.36 41.60 29.36
C THR KB 10 86.77 40.14 29.21
N LYS KB 11 86.15 39.48 28.23
CA LYS KB 11 86.48 38.10 27.90
C LYS KB 11 87.50 38.10 26.77
N GLY KB 12 88.73 37.77 27.10
CA GLY KB 12 89.79 37.79 26.11
C GLY KB 12 90.68 39.01 26.25
N LEU KB 13 91.94 38.86 25.86
CA LEU KB 13 92.89 39.95 26.02
C LEU KB 13 92.74 41.02 24.95
N VAL KB 14 92.29 40.66 23.75
CA VAL KB 14 92.21 41.64 22.67
C VAL KB 14 91.20 42.73 23.03
N ALA KB 15 90.01 42.33 23.47
CA ALA KB 15 89.00 43.32 23.85
C ALA KB 15 89.44 44.18 25.01
N CYS KB 16 90.40 43.71 25.81
CA CYS KB 16 90.86 44.50 26.92
C CYS KB 16 91.89 45.55 26.50
N ILE KB 17 92.66 45.29 25.46
CA ILE KB 17 93.60 46.30 24.98
C ILE KB 17 92.87 47.39 24.21
N GLU KB 18 91.77 47.04 23.55
CA GLU KB 18 90.94 48.09 22.95
C GLU KB 18 90.28 48.94 24.02
N ALA KB 19 89.78 48.32 25.08
CA ALA KB 19 89.19 49.07 26.18
C ALA KB 19 90.21 49.99 26.83
N ALA KB 20 91.42 49.50 27.06
CA ALA KB 20 92.42 50.32 27.74
C ALA KB 20 92.94 51.43 26.84
N ASP KB 21 92.88 51.24 25.53
CA ASP KB 21 93.32 52.30 24.62
C ASP KB 21 92.30 53.43 24.58
N ALA KB 22 91.01 53.08 24.60
CA ALA KB 22 89.97 54.11 24.62
C ALA KB 22 89.96 54.85 25.95
N MET KB 23 90.18 54.14 27.05
CA MET KB 23 90.23 54.80 28.35
C MET KB 23 91.36 55.82 28.41
N CYS KB 24 92.55 55.42 27.97
CA CYS KB 24 93.72 56.28 28.13
C CYS KB 24 93.68 57.49 27.21
N LYS KB 25 92.91 57.45 26.14
CA LYS KB 25 92.78 58.59 25.24
C LYS KB 25 91.66 59.54 25.64
N ALA KB 26 90.71 59.07 26.43
CA ALA KB 26 89.50 59.83 26.74
C ALA KB 26 89.69 60.84 27.84
N ALA KB 27 90.67 60.66 28.72
CA ALA KB 27 90.87 61.59 29.82
C ALA KB 27 92.29 61.40 30.34
N ASN KB 28 92.61 62.14 31.40
CA ASN KB 28 93.95 62.15 31.96
C ASN KB 28 94.00 61.19 33.15
N VAL KB 29 94.03 59.90 32.83
CA VAL KB 29 94.12 58.85 33.82
C VAL KB 29 95.40 58.07 33.57
N GLU KB 30 95.98 57.55 34.66
CA GLU KB 30 97.14 56.67 34.55
C GLU KB 30 96.68 55.23 34.65
N LEU KB 31 97.15 54.40 33.75
CA LEU KB 31 96.73 53.02 33.68
C LEU KB 31 97.62 52.16 34.57
N ILE KB 32 97.02 51.37 35.43
CA ILE KB 32 97.77 50.62 36.43
C ILE KB 32 98.28 49.30 35.90
N GLY KB 33 97.41 48.48 35.35
CA GLY KB 33 97.86 47.24 34.74
C GLY KB 33 96.74 46.23 34.68
N TYR KB 34 97.03 45.14 33.96
CA TYR KB 34 96.07 44.08 33.74
C TYR KB 34 96.13 43.04 34.85
N GLU KB 35 95.12 42.18 34.89
CA GLU KB 35 95.09 41.09 35.86
C GLU KB 35 94.09 40.07 35.37
N ASN KB 36 94.56 38.89 34.96
CA ASN KB 36 93.65 37.83 34.55
C ASN KB 36 93.49 36.82 35.67
N VAL KB 37 92.26 36.36 35.86
CA VAL KB 37 91.92 35.43 36.92
C VAL KB 37 91.55 34.07 36.38
N GLY KB 38 91.76 33.82 35.10
CA GLY KB 38 91.40 32.56 34.50
C GLY KB 38 89.99 32.56 33.97
N SER KB 39 89.70 31.55 33.17
CA SER KB 39 88.45 31.41 32.42
C SER KB 39 88.30 32.46 31.33
N GLY KB 40 89.39 33.10 30.95
CA GLY KB 40 89.37 34.07 29.89
C GLY KB 40 89.03 35.48 30.31
N LEU KB 41 88.90 35.74 31.61
CA LEU KB 41 88.52 37.05 32.10
C LEU KB 41 89.77 37.88 32.37
N VAL KB 42 89.87 39.03 31.69
CA VAL KB 42 90.97 39.96 31.89
C VAL KB 42 90.37 41.29 32.33
N THR KB 43 91.06 41.98 33.24
CA THR KB 43 90.57 43.20 33.84
C THR KB 43 91.62 44.30 33.70
N ALA KB 44 91.18 45.48 33.27
CA ALA KB 44 92.03 46.66 33.21
C ALA KB 44 91.61 47.63 34.28
N MET KB 45 92.58 48.30 34.90
CA MET KB 45 92.32 49.16 36.04
C MET KB 45 93.04 50.49 35.86
N VAL KB 46 92.29 51.59 35.94
CA VAL KB 46 92.84 52.93 35.82
C VAL KB 46 92.59 53.68 37.12
N LYS KB 47 93.26 54.81 37.28
CA LYS KB 47 93.06 55.62 38.46
C LYS KB 47 93.34 57.08 38.14
N GLY KB 48 92.56 57.96 38.76
CA GLY KB 48 92.66 59.38 38.53
C GLY KB 48 91.53 60.09 39.23
N ASP KB 49 91.35 61.37 38.91
CA ASP KB 49 90.24 62.11 39.48
C ASP KB 49 88.91 61.50 39.03
N VAL KB 50 87.87 61.75 39.82
CA VAL KB 50 86.61 61.03 39.63
C VAL KB 50 85.83 61.53 38.42
N GLY KB 51 86.06 62.76 37.97
CA GLY KB 51 85.46 63.20 36.74
C GLY KB 51 86.15 62.61 35.52
N ALA KB 52 87.47 62.45 35.60
CA ALA KB 52 88.22 61.83 34.52
C ALA KB 52 87.96 60.33 34.47
N VAL KB 53 88.01 59.67 35.63
CA VAL KB 53 87.87 58.22 35.68
C VAL KB 53 86.48 57.82 35.22
N ASN KB 54 85.47 58.60 35.57
CA ASN KB 54 84.13 58.34 35.06
C ASN KB 54 84.15 58.35 33.54
N ALA KB 55 84.53 59.48 32.95
CA ALA KB 55 84.53 59.63 31.50
C ALA KB 55 85.30 58.52 30.81
N ALA KB 56 86.43 58.10 31.39
CA ALA KB 56 87.24 57.07 30.76
C ALA KB 56 86.51 55.73 30.72
N VAL KB 57 85.84 55.37 31.81
CA VAL KB 57 85.22 54.05 31.88
C VAL KB 57 84.03 53.97 30.94
N ASP KB 58 83.27 55.05 30.80
CA ASP KB 58 82.15 55.03 29.87
C ASP KB 58 82.64 54.89 28.43
N SER KB 59 83.77 55.52 28.11
CA SER KB 59 84.30 55.42 26.77
C SER KB 59 84.91 54.06 26.51
N GLY KB 60 85.66 53.53 27.47
CA GLY KB 60 86.26 52.22 27.30
C GLY KB 60 85.24 51.11 27.18
N VAL KB 61 84.10 51.25 27.83
CA VAL KB 61 83.08 50.21 27.76
C VAL KB 61 82.48 50.15 26.37
N GLU KB 62 82.23 51.32 25.76
CA GLU KB 62 81.60 51.33 24.45
C GLU KB 62 82.53 50.83 23.36
N ALA KB 63 83.82 51.11 23.47
CA ALA KB 63 84.76 50.66 22.45
C ALA KB 63 84.98 49.15 22.53
N ALA KB 64 85.18 48.63 23.73
CA ALA KB 64 85.36 47.19 23.89
C ALA KB 64 84.09 46.42 23.57
N LYS KB 65 82.94 47.01 23.85
CA LYS KB 65 81.66 46.38 23.50
C LYS KB 65 81.55 46.15 22.01
N ARG KB 66 82.22 46.99 21.21
CA ARG KB 66 82.06 46.94 19.77
C ARG KB 66 82.71 45.70 19.17
N ILE KB 67 83.81 45.23 19.75
CA ILE KB 67 84.62 44.17 19.16
C ILE KB 67 84.72 42.95 20.05
N GLY KB 68 84.10 42.95 21.21
CA GLY KB 68 84.17 41.81 22.09
C GLY KB 68 83.04 41.82 23.07
N LYS KB 69 83.22 41.06 24.14
CA LYS KB 69 82.23 40.97 25.21
C LYS KB 69 82.76 41.70 26.44
N VAL KB 70 82.00 42.68 26.91
CA VAL KB 70 82.30 43.36 28.17
C VAL KB 70 81.47 42.69 29.25
N VAL KB 71 82.15 42.15 30.26
CA VAL KB 71 81.46 41.41 31.31
C VAL KB 71 80.94 42.33 32.40
N SER KB 72 81.73 43.31 32.80
CA SER KB 72 81.37 44.15 33.93
C SER KB 72 82.23 45.40 33.92
N SER KB 73 81.70 46.47 34.50
CA SER KB 73 82.43 47.72 34.66
C SER KB 73 82.01 48.37 35.96
N ARG KB 74 82.86 49.25 36.48
CA ARG KB 74 82.62 49.79 37.81
C ARG KB 74 83.54 50.97 38.06
N VAL KB 75 83.02 52.00 38.71
CA VAL KB 75 83.81 53.12 39.20
C VAL KB 75 83.67 53.16 40.72
N ILE KB 76 84.79 53.27 41.41
CA ILE KB 76 84.82 53.39 42.86
C ILE KB 76 85.35 54.79 43.17
N ALA KB 77 84.49 55.64 43.70
CA ALA KB 77 84.83 57.05 43.82
C ALA KB 77 85.81 57.30 44.95
N ARG KB 78 85.52 56.80 46.14
CA ARG KB 78 86.44 56.89 47.28
C ARG KB 78 86.82 55.49 47.71
N PRO KB 79 87.90 54.93 47.19
CA PRO KB 79 88.28 53.58 47.60
C PRO KB 79 88.91 53.60 48.97
N HIS KB 80 88.66 52.53 49.73
CA HIS KB 80 89.19 52.42 51.06
C HIS KB 80 90.70 52.22 51.03
N ASN KB 81 91.37 52.65 52.10
CA ASN KB 81 92.83 52.59 52.13
C ASN KB 81 93.33 51.15 52.23
N ASP KB 82 92.52 50.25 52.80
CA ASP KB 82 92.89 48.84 52.80
C ASP KB 82 92.90 48.26 51.41
N ILE KB 83 92.11 48.83 50.50
CA ILE KB 83 92.04 48.37 49.13
C ILE KB 83 93.17 48.99 48.32
N GLU LB 3 79.67 75.03 44.39
CA GLU LB 3 79.81 73.63 44.03
C GLU LB 3 78.45 73.01 43.80
N ALA LB 4 78.43 71.77 43.30
CA ALA LB 4 77.19 71.14 42.90
C ALA LB 4 76.32 70.86 44.12
N LEU LB 5 75.12 70.37 43.84
CA LEU LB 5 74.13 70.16 44.89
C LEU LB 5 73.30 68.94 44.55
N GLY LB 6 73.22 68.00 45.48
CA GLY LB 6 72.48 66.75 45.27
C GLY LB 6 71.37 66.60 46.30
N LEU LB 7 70.21 66.17 45.83
CA LEU LB 7 69.02 66.07 46.66
C LEU LB 7 68.39 64.70 46.50
N ILE LB 8 67.99 64.10 47.63
CA ILE LB 8 67.18 62.89 47.62
C ILE LB 8 65.98 63.15 48.52
N GLU LB 9 64.82 62.65 48.11
CA GLU LB 9 63.59 62.85 48.85
C GLU LB 9 62.90 61.53 49.06
N THR LB 10 62.57 61.23 50.31
CA THR LB 10 62.03 59.93 50.70
C THR LB 10 60.79 60.13 51.57
N LYS LB 11 60.01 59.07 51.70
CA LYS LB 11 58.93 59.01 52.68
C LYS LB 11 59.48 58.43 53.97
N GLY LB 12 59.46 59.22 55.04
CA GLY LB 12 59.92 58.76 56.32
C GLY LB 12 61.38 59.06 56.56
N LEU LB 13 61.77 59.01 57.84
CA LEU LB 13 63.11 59.42 58.22
C LEU LB 13 64.11 58.28 58.10
N VAL LB 14 63.68 57.03 58.28
CA VAL LB 14 64.63 55.93 58.26
C VAL LB 14 65.24 55.77 56.87
N ALA LB 15 64.40 55.81 55.84
CA ALA LB 15 64.93 55.71 54.49
C ALA LB 15 65.85 56.87 54.13
N CYS LB 16 65.75 57.98 54.85
CA CYS LB 16 66.59 59.13 54.55
C CYS LB 16 67.91 59.08 55.31
N ILE LB 17 67.94 58.43 56.47
CA ILE LB 17 69.22 58.26 57.14
C ILE LB 17 70.06 57.19 56.45
N GLU LB 18 69.41 56.21 55.82
CA GLU LB 18 70.17 55.25 55.04
C GLU LB 18 70.69 55.89 53.76
N ALA LB 19 69.90 56.76 53.13
CA ALA LB 19 70.39 57.47 51.96
C ALA LB 19 71.52 58.41 52.31
N ALA LB 20 71.42 59.11 53.44
CA ALA LB 20 72.46 60.05 53.81
C ALA LB 20 73.73 59.33 54.23
N ASP LB 21 73.60 58.14 54.81
CA ASP LB 21 74.78 57.38 55.20
C ASP LB 21 75.51 56.83 53.98
N ALA LB 22 74.76 56.33 53.00
CA ALA LB 22 75.39 55.80 51.80
C ALA LB 22 76.06 56.90 51.00
N MET LB 23 75.43 58.08 50.94
CA MET LB 23 76.01 59.18 50.17
C MET LB 23 77.34 59.61 50.75
N CYS LB 24 77.43 59.77 52.06
CA CYS LB 24 78.65 60.25 52.68
C CYS LB 24 79.77 59.23 52.60
N LYS LB 25 79.45 57.96 52.42
CA LYS LB 25 80.49 56.93 52.33
C LYS LB 25 81.06 56.81 50.93
N ALA LB 26 80.22 57.04 49.92
CA ALA LB 26 80.54 56.66 48.55
C ALA LB 26 81.18 57.77 47.73
N ALA LB 27 81.52 58.90 48.34
CA ALA LB 27 82.15 60.00 47.62
C ALA LB 27 82.58 61.06 48.62
N ASN LB 28 83.41 61.98 48.16
CA ASN LB 28 83.90 63.06 49.01
C ASN LB 28 82.93 64.24 48.91
N VAL LB 29 81.84 64.15 49.68
CA VAL LB 29 80.81 65.16 49.72
C VAL LB 29 80.61 65.61 51.16
N GLU LB 30 79.93 66.72 51.31
CA GLU LB 30 79.60 67.28 52.62
C GLU LB 30 78.09 67.27 52.80
N LEU LB 31 77.63 66.79 53.94
CA LEU LB 31 76.21 66.76 54.23
C LEU LB 31 75.78 68.09 54.83
N ILE LB 32 74.78 68.72 54.22
CA ILE LB 32 74.29 70.01 54.70
C ILE LB 32 73.24 69.84 55.78
N GLY LB 33 72.26 68.98 55.55
CA GLY LB 33 71.28 68.71 56.59
C GLY LB 33 70.01 68.15 55.98
N TYR LB 34 69.06 67.88 56.88
CA TYR LB 34 67.74 67.38 56.51
C TYR LB 34 66.74 68.53 56.56
N GLU LB 35 65.64 68.35 55.84
CA GLU LB 35 64.61 69.38 55.79
C GLU LB 35 63.29 68.71 55.40
N ASN LB 36 62.41 68.51 56.38
CA ASN LB 36 61.13 67.88 56.12
C ASN LB 36 60.03 68.93 55.98
N VAL LB 37 58.98 68.56 55.25
CA VAL LB 37 57.90 69.49 54.93
C VAL LB 37 56.55 68.88 55.26
N GLY LB 38 56.52 67.95 56.21
CA GLY LB 38 55.28 67.28 56.55
C GLY LB 38 54.88 66.25 55.50
N SER LB 39 53.82 65.53 55.80
CA SER LB 39 53.37 64.37 55.04
C SER LB 39 54.41 63.26 54.99
N GLY LB 40 55.41 63.31 55.86
CA GLY LB 40 56.43 62.29 55.89
C GLY LB 40 57.52 62.44 54.87
N LEU LB 41 57.51 63.51 54.08
CA LEU LB 41 58.57 63.75 53.11
C LEU LB 41 59.76 64.37 53.80
N VAL LB 42 60.91 63.73 53.70
CA VAL LB 42 62.16 64.23 54.26
C VAL LB 42 63.18 64.28 53.13
N THR LB 43 64.03 65.30 53.15
CA THR LB 43 64.97 65.55 52.07
C THR LB 43 66.37 65.73 52.61
N ALA LB 44 67.34 65.06 51.98
CA ALA LB 44 68.74 65.18 52.34
C ALA LB 44 69.46 65.99 51.26
N MET LB 45 70.40 66.82 51.68
CA MET LB 45 71.14 67.70 50.77
C MET LB 45 72.62 67.51 50.98
N VAL LB 46 73.33 67.10 49.94
CA VAL LB 46 74.79 67.00 49.96
C VAL LB 46 75.36 68.06 49.04
N LYS LB 47 76.65 68.32 49.21
CA LYS LB 47 77.30 69.41 48.48
C LYS LB 47 78.76 69.05 48.23
N GLY LB 48 79.18 69.17 46.98
CA GLY LB 48 80.56 68.88 46.65
C GLY LB 48 80.80 69.12 45.17
N ASP LB 49 81.94 68.63 44.69
CA ASP LB 49 82.25 68.74 43.26
C ASP LB 49 81.25 67.93 42.45
N VAL LB 50 81.14 68.26 41.16
CA VAL LB 50 80.08 67.71 40.34
C VAL LB 50 80.22 66.21 40.17
N GLY LB 51 81.45 65.74 39.93
CA GLY LB 51 81.65 64.32 39.73
C GLY LB 51 81.39 63.53 41.00
N ALA LB 52 81.83 64.05 42.14
CA ALA LB 52 81.56 63.40 43.41
C ALA LB 52 80.08 63.40 43.72
N VAL LB 53 79.44 64.57 43.63
CA VAL LB 53 78.02 64.67 43.96
C VAL LB 53 77.19 63.80 43.05
N ASN LB 54 77.57 63.70 41.79
CA ASN LB 54 76.87 62.78 40.89
C ASN LB 54 76.93 61.37 41.44
N ALA LB 55 78.13 60.86 41.69
CA ALA LB 55 78.31 59.50 42.19
C ALA LB 55 77.56 59.27 43.50
N ALA LB 56 77.59 60.25 44.40
CA ALA LB 56 76.95 60.09 45.69
C ALA LB 56 75.45 59.86 45.53
N VAL LB 57 74.79 60.67 44.70
CA VAL LB 57 73.35 60.58 44.57
C VAL LB 57 72.93 59.24 43.99
N ASP LB 58 73.73 58.70 43.07
CA ASP LB 58 73.40 57.39 42.51
C ASP LB 58 73.47 56.31 43.57
N SER LB 59 74.49 56.34 44.42
CA SER LB 59 74.61 55.34 45.47
C SER LB 59 73.55 55.53 46.55
N GLY LB 60 73.27 56.78 46.91
CA GLY LB 60 72.31 57.04 47.96
C GLY LB 60 70.90 56.63 47.61
N VAL LB 61 70.52 56.81 46.35
CA VAL LB 61 69.19 56.38 45.92
C VAL LB 61 69.11 54.87 45.90
N GLU LB 62 70.23 54.22 45.57
CA GLU LB 62 70.23 52.77 45.47
C GLU LB 62 70.09 52.11 46.85
N ALA LB 63 70.68 52.72 47.88
CA ALA LB 63 70.55 52.19 49.22
C ALA LB 63 69.19 52.48 49.82
N ALA LB 64 68.68 53.69 49.60
CA ALA LB 64 67.41 54.08 50.21
C ALA LB 64 66.24 53.35 49.57
N LYS LB 65 66.25 53.21 48.24
CA LYS LB 65 65.19 52.50 47.56
C LYS LB 65 65.06 51.06 48.06
N ARG LB 66 66.10 50.55 48.71
CA ARG LB 66 66.16 49.15 49.09
C ARG LB 66 65.27 48.85 50.28
N ILE LB 67 65.07 49.83 51.16
CA ILE LB 67 64.28 49.62 52.37
C ILE LB 67 63.03 50.50 52.43
N GLY LB 68 62.98 51.59 51.67
CA GLY LB 68 61.83 52.47 51.72
C GLY LB 68 61.51 53.01 50.34
N LYS LB 69 60.93 54.21 50.27
CA LYS LB 69 60.48 54.79 49.02
C LYS LB 69 61.27 56.06 48.74
N VAL LB 70 61.95 56.09 47.60
CA VAL LB 70 62.65 57.28 47.14
C VAL LB 70 61.71 58.03 46.21
N VAL LB 71 61.33 59.25 46.61
CA VAL LB 71 60.33 60.00 45.85
C VAL LB 71 60.98 60.68 44.66
N SER LB 72 62.10 61.37 44.87
CA SER LB 72 62.76 62.08 43.78
C SER LB 72 64.23 62.29 44.13
N SER LB 73 65.05 62.40 43.10
CA SER LB 73 66.46 62.72 43.23
C SER LB 73 66.84 63.69 42.13
N ARG LB 74 67.90 64.45 42.36
CA ARG LB 74 68.26 65.51 41.44
C ARG LB 74 69.65 66.05 41.77
N VAL LB 75 70.40 66.39 40.73
CA VAL LB 75 71.70 67.04 40.89
C VAL LB 75 71.69 68.36 40.14
N ILE LB 76 72.01 69.44 40.83
CA ILE LB 76 72.18 70.76 40.24
C ILE LB 76 73.67 71.02 40.14
N ALA LB 77 74.19 71.09 38.92
CA ALA LB 77 75.64 71.19 38.75
C ALA LB 77 76.18 72.53 39.18
N ARG LB 78 75.41 73.59 39.02
CA ARG LB 78 75.84 74.93 39.41
C ARG LB 78 74.61 75.69 39.85
N PRO LB 79 74.32 75.72 41.14
CA PRO LB 79 73.13 76.44 41.61
C PRO LB 79 73.35 77.94 41.55
N HIS LB 80 72.25 78.65 41.36
CA HIS LB 80 72.29 80.10 41.46
C HIS LB 80 72.60 80.50 42.89
N ASN LB 81 73.17 81.69 43.06
CA ASN LB 81 73.54 82.15 44.39
C ASN LB 81 72.31 82.37 45.26
N ASP LB 82 71.18 82.70 44.66
CA ASP LB 82 69.95 82.85 45.44
C ASP LB 82 69.53 81.52 46.04
N ILE LB 83 69.72 80.43 45.30
CA ILE LB 83 69.37 79.11 45.81
C ILE LB 83 70.17 78.76 47.06
N GLU LB 84 71.36 79.31 47.21
CA GLU LB 84 72.12 79.07 48.45
C GLU LB 84 71.77 80.07 49.53
N LYS LB 85 70.47 80.29 49.70
CA LYS LB 85 69.88 80.92 50.87
C LYS LB 85 68.59 80.23 51.29
N ILE LB 86 68.05 79.36 50.46
CA ILE LB 86 66.91 78.53 50.80
C ILE LB 86 67.35 77.23 51.45
N ALA LB 87 68.41 76.63 50.91
CA ALA LB 87 68.96 75.42 51.51
C ALA LB 87 69.64 75.73 52.83
N GLY LB 88 70.69 76.54 52.79
CA GLY LB 88 71.39 76.93 54.00
C GLY LB 88 70.80 78.16 54.65
N MET MB 1 26.35 -104.51 -19.81
CA MET MB 1 25.29 -105.47 -19.53
C MET MB 1 25.80 -106.89 -19.74
N ILE MB 2 25.06 -107.87 -19.23
CA ILE MB 2 25.35 -109.27 -19.44
C ILE MB 2 24.04 -110.00 -19.70
N LEU MB 3 24.09 -111.03 -20.52
CA LEU MB 3 22.95 -111.92 -20.68
C LEU MB 3 22.84 -112.84 -19.48
N ALA MB 4 21.64 -112.93 -18.91
CA ALA MB 4 21.42 -113.74 -17.73
C ALA MB 4 20.00 -114.28 -17.77
N LYS MB 5 19.74 -115.22 -16.87
CA LYS MB 5 18.45 -115.86 -16.78
C LYS MB 5 17.95 -115.79 -15.35
N VAL MB 6 16.70 -115.40 -15.17
CA VAL MB 6 16.13 -115.35 -13.82
C VAL MB 6 15.89 -116.77 -13.32
N THR MB 7 16.43 -117.07 -12.15
CA THR MB 7 16.37 -118.42 -11.60
C THR MB 7 15.75 -118.51 -10.23
N GLY MB 8 15.23 -117.41 -9.68
CA GLY MB 8 14.63 -117.46 -8.36
C GLY MB 8 14.33 -116.06 -7.87
N HIS MB 9 14.14 -115.94 -6.57
CA HIS MB 9 13.92 -114.64 -5.95
C HIS MB 9 14.36 -114.73 -4.49
N VAL MB 10 14.48 -113.56 -3.87
CA VAL MB 10 14.96 -113.43 -2.50
C VAL MB 10 13.94 -112.61 -1.72
N VAL MB 11 13.57 -113.11 -0.54
CA VAL MB 11 12.63 -112.43 0.34
C VAL MB 11 13.41 -111.89 1.53
N ALA MB 12 13.55 -110.58 1.62
CA ALA MB 12 14.30 -109.92 2.68
C ALA MB 12 13.39 -108.91 3.36
N THR MB 13 13.23 -109.05 4.67
CA THR MB 13 12.35 -108.17 5.44
C THR MB 13 13.10 -107.02 6.07
N GLN MB 14 14.21 -107.29 6.73
CA GLN MB 14 15.04 -106.27 7.37
C GLN MB 14 16.04 -105.78 6.35
N LYS MB 15 15.80 -104.60 5.79
CA LYS MB 15 16.67 -104.07 4.75
C LYS MB 15 16.60 -102.55 4.76
N CYS MB 16 17.48 -101.94 3.97
CA CYS MB 16 17.56 -100.49 3.92
C CYS MB 16 16.30 -99.90 3.28
N ASP MB 17 16.28 -98.58 3.20
CA ASP MB 17 15.13 -97.88 2.65
C ASP MB 17 15.24 -97.60 1.16
N GLU MB 18 16.46 -97.60 0.62
CA GLU MB 18 16.63 -97.45 -0.81
C GLU MB 18 16.11 -98.65 -1.59
N LEU MB 19 15.71 -99.73 -0.89
CA LEU MB 19 15.24 -100.94 -1.54
C LEU MB 19 13.78 -101.25 -1.24
N ARG MB 20 13.05 -100.34 -0.62
CA ARG MB 20 11.66 -100.61 -0.28
C ARG MB 20 10.79 -100.65 -1.53
N GLY MB 21 9.97 -101.68 -1.65
CA GLY MB 21 9.04 -101.77 -2.76
C GLY MB 21 9.69 -102.11 -4.08
N SER MB 22 10.45 -103.20 -4.12
CA SER MB 22 11.10 -103.63 -5.34
C SER MB 22 11.34 -105.13 -5.25
N ASN MB 23 11.47 -105.76 -6.41
CA ASN MB 23 11.71 -107.19 -6.47
C ASN MB 23 13.21 -107.44 -6.34
N LEU MB 24 13.56 -108.64 -5.88
CA LEU MB 24 14.96 -109.05 -5.78
C LEU MB 24 15.11 -110.43 -6.40
N LEU MB 25 15.62 -110.48 -7.62
CA LEU MB 25 15.70 -111.71 -8.38
C LEU MB 25 17.10 -112.30 -8.35
N LEU MB 26 17.18 -113.61 -8.38
CA LEU MB 26 18.45 -114.28 -8.58
C LEU MB 26 18.71 -114.36 -10.07
N ILE MB 27 19.91 -113.98 -10.47
CA ILE MB 27 20.25 -113.70 -11.86
C ILE MB 27 21.49 -114.52 -12.18
N THR MB 28 21.36 -115.53 -13.02
CA THR MB 28 22.46 -116.42 -13.33
C THR MB 28 23.01 -116.12 -14.72
N ARG MB 29 24.30 -115.86 -14.80
CA ARG MB 29 24.92 -115.61 -16.09
C ARG MB 29 25.00 -116.88 -16.91
N LEU MB 30 24.60 -116.79 -18.18
CA LEU MB 30 24.53 -117.94 -19.05
C LEU MB 30 25.58 -117.85 -20.15
N ASP MB 31 26.07 -119.02 -20.58
CA ASP MB 31 27.22 -119.10 -21.48
C ASP MB 31 26.82 -119.01 -22.94
N ASP MB 32 27.75 -119.29 -23.86
CA ASP MB 32 27.51 -119.06 -25.29
C ASP MB 32 26.63 -120.13 -25.94
N LYS MB 33 26.07 -121.05 -25.15
CA LYS MB 33 25.03 -121.95 -25.64
C LYS MB 33 23.69 -121.63 -25.04
N GLN MB 34 23.54 -120.45 -24.44
CA GLN MB 34 22.36 -120.06 -23.70
C GLN MB 34 22.03 -121.09 -22.62
N GLN MB 35 23.01 -121.31 -21.73
CA GLN MB 35 22.90 -122.28 -20.67
C GLN MB 35 23.54 -121.70 -19.43
N PRO MB 36 22.87 -121.74 -18.27
CA PRO MB 36 23.43 -121.12 -17.07
C PRO MB 36 24.76 -121.75 -16.66
N MET MB 37 25.61 -120.91 -16.06
CA MET MB 37 26.92 -121.33 -15.60
C MET MB 37 26.86 -121.70 -14.12
N LYS MB 38 28.01 -122.03 -13.56
CA LYS MB 38 28.11 -122.44 -12.16
C LYS MB 38 28.76 -121.32 -11.36
N ASP MB 39 28.20 -121.03 -10.19
CA ASP MB 39 28.74 -120.03 -9.28
C ASP MB 39 28.81 -118.65 -9.93
N GLN MB 40 27.71 -118.25 -10.57
CA GLN MB 40 27.66 -116.99 -11.28
C GLN MB 40 26.35 -116.27 -11.03
N THR MB 41 25.90 -116.24 -9.79
CA THR MB 41 24.59 -115.71 -9.44
C THR MB 41 24.73 -114.40 -8.69
N TRP MB 42 23.96 -113.41 -9.13
CA TRP MB 42 23.86 -112.12 -8.44
C TRP MB 42 22.41 -111.86 -8.09
N VAL MB 43 22.18 -110.84 -7.28
CA VAL MB 43 20.85 -110.42 -6.91
C VAL MB 43 20.58 -109.09 -7.57
N ALA MB 44 19.51 -109.00 -8.34
CA ALA MB 44 19.21 -107.82 -9.14
C ALA MB 44 17.85 -107.27 -8.78
N VAL MB 45 17.75 -105.95 -8.68
CA VAL MB 45 16.49 -105.29 -8.43
C VAL MB 45 15.73 -105.20 -9.75
N ASP MB 46 14.68 -105.99 -9.89
CA ASP MB 46 13.88 -105.95 -11.11
C ASP MB 46 13.37 -104.55 -11.37
N ASN MB 47 13.30 -104.18 -12.65
CA ASN MB 47 12.89 -102.84 -13.02
C ASN MB 47 11.87 -102.80 -14.15
N VAL MB 48 11.71 -103.87 -14.92
CA VAL MB 48 10.79 -103.89 -16.06
C VAL MB 48 9.75 -104.99 -15.96
N GLY MB 49 9.79 -105.80 -14.91
CA GLY MB 49 8.78 -106.83 -14.76
C GLY MB 49 9.15 -108.17 -15.34
N ALA MB 50 10.29 -108.70 -14.92
CA ALA MB 50 10.73 -110.01 -15.34
C ALA MB 50 10.36 -111.06 -14.30
N GLY MB 51 10.14 -112.28 -14.76
CA GLY MB 51 9.77 -113.36 -13.87
C GLY MB 51 10.66 -114.57 -14.07
N MET MB 52 10.23 -115.73 -13.62
CA MET MB 52 11.11 -116.90 -13.68
C MET MB 52 11.33 -117.33 -15.12
N HIS MB 53 12.51 -117.91 -15.37
CA HIS MB 53 12.88 -118.54 -16.63
C HIS MB 53 13.09 -117.56 -17.77
N ASP MB 54 13.00 -116.26 -17.52
CA ASP MB 54 13.10 -115.27 -18.58
C ASP MB 54 14.54 -114.84 -18.77
N ILE MB 55 14.96 -114.71 -20.02
CA ILE MB 55 16.31 -114.24 -20.32
C ILE MB 55 16.31 -112.72 -20.30
N VAL MB 56 17.11 -112.13 -19.43
CA VAL MB 56 17.08 -110.69 -19.21
C VAL MB 56 18.46 -110.11 -19.46
N LEU MB 57 18.59 -108.80 -19.28
CA LEU MB 57 19.80 -108.05 -19.58
C LEU MB 57 20.15 -107.26 -18.34
N ALA MB 58 20.99 -107.83 -17.48
CA ALA MB 58 21.29 -107.25 -16.18
C ALA MB 58 22.42 -106.26 -16.29
N GLU MB 59 22.22 -105.08 -15.73
CA GLU MB 59 23.18 -103.99 -15.81
C GLU MB 59 23.91 -103.83 -14.49
N GLU MB 60 25.13 -103.32 -14.56
CA GLU MB 60 25.97 -103.16 -13.39
C GLU MB 60 25.62 -101.88 -12.64
N TYR MB 61 26.53 -101.41 -11.79
CA TYR MB 61 26.23 -100.57 -10.63
C TYR MB 61 25.13 -99.54 -10.82
N PHE MB 62 25.31 -98.57 -11.71
CA PHE MB 62 24.50 -97.37 -11.67
C PHE MB 62 23.31 -97.50 -12.60
N ALA MB 63 22.11 -97.65 -12.02
CA ALA MB 63 20.87 -97.58 -12.77
C ALA MB 63 19.77 -96.84 -11.99
N LEU MB 64 20.15 -96.05 -10.99
CA LEU MB 64 19.21 -95.24 -10.21
C LEU MB 64 18.14 -96.10 -9.55
N ASN MB 65 18.58 -96.98 -8.66
CA ASN MB 65 17.67 -97.91 -7.98
C ASN MB 65 18.05 -98.11 -6.52
N TYR MB 69 22.27 -93.68 -5.87
CA TYR MB 69 21.64 -94.97 -6.07
C TYR MB 69 22.43 -95.80 -7.09
N LYS MB 70 22.93 -96.96 -6.64
CA LYS MB 70 23.79 -97.77 -7.49
C LYS MB 70 23.47 -99.26 -7.42
N ALA MB 71 22.21 -99.65 -7.33
CA ALA MB 71 21.88 -101.05 -7.25
C ALA MB 71 21.91 -101.69 -8.64
N MET MB 72 22.31 -102.95 -8.68
CA MET MB 72 22.39 -103.73 -9.92
C MET MB 72 20.97 -104.13 -10.30
N SER MB 73 20.50 -103.65 -11.44
CA SER MB 73 19.12 -103.87 -11.83
C SER MB 73 19.03 -104.52 -13.21
N VAL MB 74 17.83 -104.99 -13.52
CA VAL MB 74 17.51 -105.54 -14.82
C VAL MB 74 16.90 -104.42 -15.66
N VAL MB 75 17.37 -104.28 -16.90
CA VAL MB 75 17.00 -103.14 -17.73
C VAL MB 75 16.36 -103.53 -19.04
N ALA MB 76 16.24 -104.82 -19.35
CA ALA MB 76 15.67 -105.23 -20.63
C ALA MB 76 15.32 -106.70 -20.57
N ILE MB 77 14.20 -107.06 -21.21
CA ILE MB 77 13.83 -108.45 -21.42
C ILE MB 77 14.09 -108.78 -22.87
N VAL MB 78 14.83 -109.85 -23.10
CA VAL MB 78 15.41 -110.13 -24.40
C VAL MB 78 14.49 -111.05 -25.19
N GLU MB 79 14.19 -110.65 -26.43
CA GLU MB 79 13.37 -111.45 -27.34
C GLU MB 79 14.21 -112.44 -28.13
N LYS MB 80 15.21 -111.94 -28.87
CA LYS MB 80 16.02 -112.76 -29.75
C LYS MB 80 17.50 -112.47 -29.51
N VAL MB 81 18.31 -113.52 -29.50
CA VAL MB 81 19.76 -113.41 -29.40
C VAL MB 81 20.32 -114.06 -30.65
N PHE MB 82 20.59 -113.25 -31.67
CA PHE MB 82 21.20 -113.75 -32.89
C PHE MB 82 22.71 -113.77 -32.70
N ARG MB 83 23.33 -114.93 -32.89
CA ARG MB 83 24.73 -115.12 -32.56
C ARG MB 83 25.35 -116.11 -33.54
N ASP MB 84 26.28 -115.63 -34.35
CA ASP MB 84 27.06 -116.51 -35.20
C ASP MB 84 28.31 -115.79 -35.72
N GLU NB 3 -30.29 -112.15 20.51
CA GLU NB 3 -29.07 -111.39 20.72
C GLU NB 3 -29.12 -110.08 19.96
N ALA NB 4 -28.23 -109.15 20.29
CA ALA NB 4 -28.25 -107.83 19.68
C ALA NB 4 -27.70 -107.90 18.25
N LEU NB 5 -27.53 -106.74 17.64
CA LEU NB 5 -27.10 -106.68 16.25
C LEU NB 5 -26.29 -105.41 16.03
N GLY NB 6 -25.13 -105.56 15.42
CA GLY NB 6 -24.24 -104.43 15.18
C GLY NB 6 -23.93 -104.29 13.70
N LEU NB 7 -23.79 -103.04 13.26
CA LEU NB 7 -23.69 -102.73 11.84
C LEU NB 7 -22.67 -101.62 11.63
N ILE NB 8 -21.74 -101.84 10.71
CA ILE NB 8 -20.82 -100.80 10.25
C ILE NB 8 -20.93 -100.74 8.74
N GLU NB 9 -20.85 -99.54 8.19
CA GLU NB 9 -20.92 -99.32 6.75
C GLU NB 9 -19.76 -98.46 6.32
N THR NB 10 -19.05 -98.89 5.27
CA THR NB 10 -17.85 -98.20 4.83
C THR NB 10 -17.89 -98.07 3.31
N LYS NB 11 -17.05 -97.17 2.81
CA LYS NB 11 -16.83 -97.02 1.38
C LYS NB 11 -15.60 -97.83 0.99
N GLY NB 12 -15.81 -98.85 0.18
CA GLY NB 12 -14.70 -99.70 -0.21
C GLY NB 12 -14.69 -101.00 0.56
N LEU NB 13 -14.09 -102.03 -0.03
CA LEU NB 13 -14.09 -103.33 0.61
C LEU NB 13 -12.96 -103.47 1.62
N VAL NB 14 -11.81 -102.85 1.36
CA VAL NB 14 -10.67 -103.01 2.26
C VAL NB 14 -11.02 -102.47 3.64
N ALA NB 15 -11.62 -101.28 3.69
CA ALA NB 15 -11.94 -100.68 4.98
C ALA NB 15 -12.93 -101.53 5.76
N CYS NB 16 -13.73 -102.34 5.07
CA CYS NB 16 -14.71 -103.16 5.78
C CYS NB 16 -14.09 -104.42 6.34
N ILE NB 17 -13.12 -105.01 5.64
CA ILE NB 17 -12.47 -106.21 6.14
C ILE NB 17 -11.61 -105.88 7.35
N GLU NB 18 -11.00 -104.70 7.36
CA GLU NB 18 -10.30 -104.25 8.55
C GLU NB 18 -11.27 -104.07 9.72
N ALA NB 19 -12.43 -103.49 9.45
CA ALA NB 19 -13.41 -103.27 10.51
C ALA NB 19 -13.96 -104.59 11.04
N ALA NB 20 -14.26 -105.52 10.15
CA ALA NB 20 -14.83 -106.79 10.58
C ALA NB 20 -13.81 -107.67 11.30
N ASP NB 21 -12.52 -107.43 11.08
CA ASP NB 21 -11.51 -108.16 11.83
C ASP NB 21 -11.33 -107.57 13.22
N ALA NB 22 -11.31 -106.24 13.32
CA ALA NB 22 -11.22 -105.61 14.63
C ALA NB 22 -12.40 -105.97 15.50
N MET NB 23 -13.61 -105.98 14.93
CA MET NB 23 -14.79 -106.36 15.70
C MET NB 23 -14.66 -107.76 16.26
N CYS NB 24 -14.26 -108.72 15.43
CA CYS NB 24 -14.22 -110.10 15.87
C CYS NB 24 -13.16 -110.35 16.94
N LYS NB 25 -12.10 -109.55 16.95
CA LYS NB 25 -11.04 -109.73 17.94
C LYS NB 25 -11.37 -109.05 19.26
N ALA NB 26 -12.12 -107.95 19.22
CA ALA NB 26 -12.29 -107.09 20.38
C ALA NB 26 -13.34 -107.58 21.36
N ALA NB 27 -14.20 -108.51 20.99
CA ALA NB 27 -15.22 -108.99 21.91
C ALA NB 27 -15.77 -110.31 21.40
N ASN NB 28 -16.61 -110.94 22.22
CA ASN NB 28 -17.19 -112.23 21.88
C ASN NB 28 -18.44 -112.03 21.05
N VAL NB 29 -18.23 -111.72 19.78
CA VAL NB 29 -19.30 -111.58 18.80
C VAL NB 29 -18.97 -112.45 17.61
N GLU NB 30 -20.00 -112.85 16.87
CA GLU NB 30 -19.83 -113.69 15.70
C GLU NB 30 -20.24 -112.92 14.46
N LEU NB 31 -19.56 -113.17 13.35
CA LEU NB 31 -19.75 -112.42 12.12
C LEU NB 31 -20.87 -113.06 11.31
N ILE NB 32 -21.87 -112.27 10.95
CA ILE NB 32 -23.00 -112.79 10.18
C ILE NB 32 -22.65 -112.84 8.70
N GLY NB 33 -22.23 -111.72 8.13
CA GLY NB 33 -21.82 -111.71 6.74
C GLY NB 33 -21.64 -110.29 6.25
N TYR NB 34 -21.26 -110.19 4.98
CA TYR NB 34 -21.15 -108.93 4.28
C TYR NB 34 -22.33 -108.76 3.34
N GLU NB 35 -22.55 -107.51 2.92
CA GLU NB 35 -23.63 -107.21 1.98
C GLU NB 35 -23.34 -105.84 1.37
N ASN NB 36 -22.97 -105.81 0.10
CA ASN NB 36 -22.77 -104.54 -0.58
C ASN NB 36 -23.99 -104.19 -1.42
N VAL NB 37 -24.41 -102.94 -1.32
CA VAL NB 37 -25.59 -102.44 -2.02
C VAL NB 37 -25.11 -101.35 -2.96
N GLY NB 38 -24.74 -101.73 -4.18
CA GLY NB 38 -24.41 -100.73 -5.16
C GLY NB 38 -23.16 -99.95 -4.82
N SER NB 39 -23.26 -98.63 -4.93
CA SER NB 39 -22.08 -97.79 -5.14
C SER NB 39 -21.14 -97.80 -3.94
N GLY NB 40 -20.07 -98.58 -4.07
CA GLY NB 40 -19.00 -98.66 -3.09
C GLY NB 40 -19.39 -98.69 -1.63
N LEU NB 41 -20.48 -99.36 -1.29
CA LEU NB 41 -20.93 -99.42 0.10
C LEU NB 41 -21.01 -100.87 0.52
N VAL NB 42 -20.16 -101.25 1.47
CA VAL NB 42 -20.16 -102.60 2.02
C VAL NB 42 -20.51 -102.49 3.50
N THR NB 43 -21.24 -103.49 4.00
CA THR NB 43 -21.72 -103.48 5.38
C THR NB 43 -21.43 -104.84 6.00
N ALA NB 44 -20.87 -104.83 7.21
CA ALA NB 44 -20.63 -106.03 7.99
C ALA NB 44 -21.61 -106.07 9.16
N MET NB 45 -22.08 -107.26 9.50
CA MET NB 45 -23.06 -107.45 10.55
C MET NB 45 -22.54 -108.45 11.56
N VAL NB 46 -22.58 -108.10 12.84
CA VAL NB 46 -22.16 -108.98 13.92
C VAL NB 46 -23.32 -109.11 14.90
N LYS NB 47 -23.31 -110.20 15.66
CA LYS NB 47 -24.35 -110.39 16.66
C LYS NB 47 -23.76 -111.01 17.92
N GLY NB 48 -24.40 -110.75 19.04
CA GLY NB 48 -23.91 -111.19 20.33
C GLY NB 48 -24.68 -110.47 21.42
N ASP NB 49 -24.17 -110.57 22.64
CA ASP NB 49 -24.83 -109.89 23.75
C ASP NB 49 -24.69 -108.37 23.59
N VAL NB 50 -25.49 -107.64 24.35
CA VAL NB 50 -25.60 -106.20 24.14
C VAL NB 50 -24.33 -105.49 24.60
N GLY NB 51 -23.75 -105.92 25.72
CA GLY NB 51 -22.52 -105.30 26.17
C GLY NB 51 -21.33 -105.65 25.30
N ALA NB 52 -21.32 -106.88 24.77
CA ALA NB 52 -20.26 -107.28 23.85
C ALA NB 52 -20.40 -106.55 22.53
N VAL NB 53 -21.58 -106.59 21.92
CA VAL NB 53 -21.77 -105.98 20.61
C VAL NB 53 -21.47 -104.50 20.65
N ASN NB 54 -21.86 -103.84 21.75
CA ASN NB 54 -21.55 -102.43 21.88
C ASN NB 54 -20.06 -102.20 21.92
N ALA NB 55 -19.30 -103.14 22.51
CA ALA NB 55 -17.86 -103.00 22.61
C ALA NB 55 -17.17 -103.36 21.31
N ALA NB 56 -17.81 -104.18 20.47
CA ALA NB 56 -17.21 -104.52 19.20
C ALA NB 56 -17.36 -103.40 18.19
N VAL NB 57 -18.47 -102.68 18.22
CA VAL NB 57 -18.76 -101.71 17.18
C VAL NB 57 -17.88 -100.48 17.33
N ASP NB 58 -17.64 -100.03 18.55
CA ASP NB 58 -16.80 -98.84 18.71
C ASP NB 58 -15.34 -99.15 18.44
N SER NB 59 -14.94 -100.42 18.58
CA SER NB 59 -13.59 -100.80 18.19
C SER NB 59 -13.46 -100.92 16.69
N GLY NB 60 -14.46 -101.53 16.04
CA GLY NB 60 -14.41 -101.68 14.60
C GLY NB 60 -14.53 -100.37 13.85
N VAL NB 61 -15.29 -99.42 14.40
CA VAL NB 61 -15.37 -98.11 13.76
C VAL NB 61 -14.03 -97.40 13.85
N GLU NB 62 -13.32 -97.61 14.95
CA GLU NB 62 -12.07 -96.91 15.18
C GLU NB 62 -10.98 -97.39 14.24
N ALA NB 63 -11.02 -98.67 13.87
CA ALA NB 63 -10.02 -99.22 12.96
C ALA NB 63 -10.29 -98.82 11.52
N ALA NB 64 -11.52 -98.98 11.06
CA ALA NB 64 -11.84 -98.64 9.68
C ALA NB 64 -11.72 -97.15 9.42
N LYS NB 65 -12.01 -96.32 10.42
CA LYS NB 65 -11.84 -94.89 10.30
C LYS NB 65 -10.39 -94.51 10.05
N ARG NB 66 -9.46 -95.42 10.35
CA ARG NB 66 -8.04 -95.12 10.21
C ARG NB 66 -7.62 -95.10 8.75
N ILE NB 67 -8.11 -96.03 7.95
CA ILE NB 67 -7.67 -96.21 6.58
C ILE NB 67 -8.74 -95.89 5.56
N GLY NB 68 -9.98 -95.71 5.97
CA GLY NB 68 -11.04 -95.45 5.01
C GLY NB 68 -12.12 -94.56 5.58
N LYS NB 69 -13.29 -94.59 4.97
CA LYS NB 69 -14.43 -93.80 5.42
C LYS NB 69 -15.45 -94.72 6.05
N VAL NB 70 -15.78 -94.46 7.30
CA VAL NB 70 -16.90 -95.12 7.97
C VAL NB 70 -18.12 -94.24 7.77
N VAL NB 71 -19.14 -94.78 7.12
CA VAL NB 71 -20.32 -94.00 6.78
C VAL NB 71 -21.33 -93.97 7.93
N SER NB 72 -21.60 -95.13 8.52
CA SER NB 72 -22.59 -95.21 9.59
C SER NB 72 -22.31 -96.43 10.45
N SER NB 73 -22.73 -96.35 11.70
CA SER NB 73 -22.68 -97.48 12.61
C SER NB 73 -23.91 -97.43 13.51
N ARG NB 74 -24.32 -98.60 13.99
CA ARG NB 74 -25.58 -98.68 14.72
C ARG NB 74 -25.65 -100.01 15.44
N VAL NB 75 -26.15 -99.98 16.68
CA VAL NB 75 -26.40 -101.18 17.46
C VAL NB 75 -27.89 -101.26 17.72
N ILE NB 76 -28.47 -102.44 17.52
CA ILE NB 76 -29.89 -102.69 17.77
C ILE NB 76 -29.97 -103.65 18.94
N ALA NB 77 -30.52 -103.20 20.06
CA ALA NB 77 -30.43 -103.96 21.29
C ALA NB 77 -31.32 -105.19 21.26
N ARG NB 78 -32.49 -105.09 20.65
CA ARG NB 78 -33.37 -106.24 20.47
C ARG NB 78 -33.97 -106.14 19.07
N PRO NB 79 -33.39 -106.85 18.09
CA PRO NB 79 -33.96 -106.82 16.75
C PRO NB 79 -35.29 -107.58 16.72
N HIS NB 80 -36.24 -107.04 15.97
CA HIS NB 80 -37.54 -107.66 15.88
C HIS NB 80 -37.44 -109.00 15.17
N ASN NB 81 -38.29 -109.93 15.59
CA ASN NB 81 -38.20 -111.31 15.08
C ASN NB 81 -38.33 -111.34 13.57
N ASP NB 82 -39.15 -110.46 13.01
CA ASP NB 82 -39.34 -110.44 11.57
C ASP NB 82 -38.03 -110.14 10.85
N ILE NB 83 -37.22 -109.25 11.40
CA ILE NB 83 -35.97 -108.86 10.79
C ILE NB 83 -34.91 -109.92 11.01
N GLU OB 3 -2.75 -118.32 7.38
CA GLU OB 3 -1.74 -117.55 6.67
C GLU OB 3 -2.18 -116.12 6.52
N ALA OB 4 -1.22 -115.22 6.31
CA ALA OB 4 -1.51 -113.80 6.25
C ALA OB 4 -2.39 -113.47 5.05
N LEU OB 5 -2.75 -112.21 4.91
CA LEU OB 5 -3.68 -111.80 3.89
C LEU OB 5 -3.41 -110.35 3.52
N GLY OB 6 -3.29 -110.08 2.23
CA GLY OB 6 -2.99 -108.74 1.76
C GLY OB 6 -4.01 -108.28 0.75
N LEU OB 7 -4.31 -106.98 0.79
CA LEU OB 7 -5.32 -106.39 -0.07
C LEU OB 7 -4.78 -105.13 -0.71
N ILE OB 8 -5.09 -104.95 -1.99
CA ILE OB 8 -4.87 -103.69 -2.68
C ILE OB 8 -6.17 -103.30 -3.36
N GLU OB 9 -6.54 -102.03 -3.24
CA GLU OB 9 -7.76 -101.52 -3.83
C GLU OB 9 -7.42 -100.42 -4.83
N THR OB 10 -7.87 -100.58 -6.06
CA THR OB 10 -7.53 -99.67 -7.15
C THR OB 10 -8.79 -99.22 -7.86
N LYS OB 11 -8.69 -98.07 -8.50
CA LYS OB 11 -9.79 -97.53 -9.31
C LYS OB 11 -9.60 -98.00 -10.74
N GLY OB 12 -10.45 -98.89 -11.20
CA GLY OB 12 -10.31 -99.43 -12.53
C GLY OB 12 -9.65 -100.80 -12.51
N LEU OB 13 -9.99 -101.61 -13.52
CA LEU OB 13 -9.49 -102.98 -13.54
C LEU OB 13 -8.06 -103.08 -14.05
N VAL OB 14 -7.65 -102.20 -14.95
CA VAL OB 14 -6.31 -102.31 -15.52
C VAL OB 14 -5.25 -102.13 -14.43
N ALA OB 15 -5.41 -101.09 -13.60
CA ALA OB 15 -4.47 -100.88 -12.52
C ALA OB 15 -4.43 -102.03 -11.54
N CYS OB 16 -5.49 -102.85 -11.50
CA CYS OB 16 -5.52 -103.98 -10.58
C CYS OB 16 -4.81 -105.18 -11.15
N ILE OB 17 -4.79 -105.35 -12.46
CA ILE OB 17 -4.04 -106.45 -13.05
C ILE OB 17 -2.55 -106.16 -13.03
N GLU OB 18 -2.16 -104.90 -13.18
CA GLU OB 18 -0.75 -104.56 -12.99
C GLU OB 18 -0.32 -104.79 -11.55
N ALA OB 19 -1.17 -104.41 -10.60
CA ALA OB 19 -0.85 -104.64 -9.19
C ALA OB 19 -0.72 -106.13 -8.90
N ALA OB 20 -1.62 -106.95 -9.44
CA ALA OB 20 -1.57 -108.37 -9.13
C ALA OB 20 -0.44 -109.08 -9.86
N ASP OB 21 0.03 -108.52 -10.98
CA ASP OB 21 1.18 -109.13 -11.63
C ASP OB 21 2.45 -108.87 -10.85
N ALA OB 22 2.59 -107.66 -10.30
CA ALA OB 22 3.76 -107.35 -9.48
C ALA OB 22 3.74 -108.14 -8.18
N MET OB 23 2.55 -108.35 -7.61
CA MET OB 23 2.46 -109.11 -6.36
C MET OB 23 2.88 -110.55 -6.56
N CYS OB 24 2.45 -111.17 -7.65
CA CYS OB 24 2.71 -112.60 -7.85
C CYS OB 24 4.15 -112.88 -8.28
N LYS OB 25 4.86 -111.89 -8.78
CA LYS OB 25 6.26 -112.06 -9.14
C LYS OB 25 7.21 -111.74 -7.99
N ALA OB 26 6.74 -111.00 -6.99
CA ALA OB 26 7.61 -110.49 -5.95
C ALA OB 26 7.88 -111.51 -4.85
N ALA OB 27 7.00 -112.48 -4.66
CA ALA OB 27 7.19 -113.47 -3.62
C ALA OB 27 6.33 -114.68 -3.93
N ASN OB 28 6.36 -115.65 -3.03
CA ASN OB 28 5.66 -116.92 -3.22
C ASN OB 28 4.30 -116.84 -2.53
N VAL OB 29 3.38 -116.13 -3.17
CA VAL OB 29 2.02 -115.99 -2.67
C VAL OB 29 1.07 -116.53 -3.72
N GLU OB 30 -0.05 -117.08 -3.26
CA GLU OB 30 -1.11 -117.53 -4.14
C GLU OB 30 -2.19 -116.46 -4.21
N LEU OB 31 -2.65 -116.17 -5.42
CA LEU OB 31 -3.63 -115.12 -5.65
C LEU OB 31 -5.02 -115.71 -5.54
N ILE OB 32 -5.87 -115.06 -4.75
CA ILE OB 32 -7.20 -115.59 -4.48
C ILE OB 32 -8.20 -115.18 -5.54
N GLY OB 33 -8.32 -113.90 -5.82
CA GLY OB 33 -9.20 -113.44 -6.87
C GLY OB 33 -9.65 -112.01 -6.65
N TYR OB 34 -10.26 -111.46 -7.68
CA TYR OB 34 -10.73 -110.08 -7.67
C TYR OB 34 -12.15 -110.00 -7.14
N GLU OB 35 -12.52 -108.79 -6.70
CA GLU OB 35 -13.87 -108.53 -6.21
C GLU OB 35 -14.14 -107.04 -6.38
N ASN OB 36 -15.05 -106.68 -7.26
CA ASN OB 36 -15.43 -105.28 -7.42
C ASN OB 36 -16.74 -105.00 -6.69
N VAL OB 37 -16.82 -103.83 -6.08
CA VAL OB 37 -17.96 -103.44 -5.27
C VAL OB 37 -18.70 -102.26 -5.89
N GLY OB 38 -18.37 -101.89 -7.12
CA GLY OB 38 -19.02 -100.78 -7.78
C GLY OB 38 -18.30 -99.48 -7.55
N SER OB 39 -18.66 -98.48 -8.35
CA SER OB 39 -18.04 -97.17 -8.40
C SER OB 39 -16.61 -97.23 -8.93
N GLY OB 40 -16.26 -98.32 -9.60
CA GLY OB 40 -14.94 -98.45 -10.19
C GLY OB 40 -13.87 -99.02 -9.29
N LEU OB 41 -14.24 -99.48 -8.09
CA LEU OB 41 -13.28 -99.99 -7.14
C LEU OB 41 -13.12 -101.49 -7.32
N VAL OB 42 -11.90 -101.93 -7.61
CA VAL OB 42 -11.58 -103.34 -7.75
C VAL OB 42 -10.49 -103.68 -6.74
N THR OB 43 -10.58 -104.88 -6.16
CA THR OB 43 -9.70 -105.28 -5.07
C THR OB 43 -9.09 -106.64 -5.39
N ALA OB 44 -7.79 -106.76 -5.20
CA ALA OB 44 -7.07 -108.02 -5.36
C ALA OB 44 -6.64 -108.53 -4.00
N MET OB 45 -6.69 -109.84 -3.82
CA MET OB 45 -6.44 -110.45 -2.52
C MET OB 45 -5.46 -111.60 -2.69
N VAL OB 46 -4.36 -111.56 -1.94
CA VAL OB 46 -3.36 -112.63 -1.95
C VAL OB 46 -3.26 -113.20 -0.55
N LYS OB 47 -2.65 -114.38 -0.46
CA LYS OB 47 -2.46 -115.00 0.84
C LYS OB 47 -1.19 -115.84 0.83
N GLY OB 48 -0.51 -115.86 1.96
CA GLY OB 48 0.73 -116.58 2.10
C GLY OB 48 1.36 -116.26 3.44
N ASP OB 49 2.62 -116.62 3.59
CA ASP OB 49 3.34 -116.30 4.81
C ASP OB 49 3.50 -114.79 4.93
N VAL OB 50 3.64 -114.34 6.18
CA VAL OB 50 3.56 -112.90 6.45
C VAL OB 50 4.79 -112.14 5.98
N GLY OB 51 5.93 -112.80 5.82
CA GLY OB 51 7.08 -112.14 5.22
C GLY OB 51 6.94 -112.01 3.72
N ALA OB 52 6.32 -113.01 3.08
CA ALA OB 52 6.08 -112.94 1.65
C ALA OB 52 4.95 -111.98 1.33
N VAL OB 53 3.86 -112.03 2.08
CA VAL OB 53 2.72 -111.17 1.81
C VAL OB 53 3.08 -109.71 2.01
N ASN OB 54 3.92 -109.43 3.01
CA ASN OB 54 4.40 -108.07 3.19
C ASN OB 54 5.17 -107.61 1.96
N ALA OB 55 6.12 -108.41 1.50
CA ALA OB 55 6.93 -108.03 0.35
C ALA OB 55 6.07 -107.82 -0.89
N ALA OB 56 5.03 -108.64 -1.05
CA ALA OB 56 4.21 -108.57 -2.25
C ALA OB 56 3.39 -107.29 -2.29
N VAL OB 57 2.74 -106.94 -1.17
CA VAL OB 57 1.86 -105.78 -1.18
C VAL OB 57 2.64 -104.48 -1.35
N ASP OB 58 3.87 -104.43 -0.87
CA ASP OB 58 4.67 -103.22 -1.05
C ASP OB 58 5.07 -103.05 -2.50
N SER OB 59 5.34 -104.15 -3.21
CA SER OB 59 5.70 -104.06 -4.61
C SER OB 59 4.47 -103.79 -5.47
N GLY OB 60 3.36 -104.46 -5.18
CA GLY OB 60 2.16 -104.24 -5.94
C GLY OB 60 1.64 -102.82 -5.84
N VAL OB 61 1.82 -102.19 -4.69
CA VAL OB 61 1.35 -100.82 -4.52
C VAL OB 61 2.16 -99.88 -5.40
N GLU OB 62 3.48 -100.05 -5.44
CA GLU OB 62 4.31 -99.14 -6.21
C GLU OB 62 4.10 -99.31 -7.71
N ALA OB 63 3.84 -100.52 -8.17
CA ALA OB 63 3.63 -100.73 -9.60
C ALA OB 63 2.30 -100.16 -10.06
N ALA OB 64 1.23 -100.44 -9.31
CA ALA OB 64 -0.08 -99.90 -9.67
C ALA OB 64 -0.13 -98.39 -9.51
N LYS OB 65 0.60 -97.85 -8.53
CA LYS OB 65 0.66 -96.41 -8.36
C LYS OB 65 1.22 -95.72 -9.60
N ARG OB 66 2.06 -96.43 -10.35
CA ARG OB 66 2.73 -95.83 -11.49
C ARG OB 66 1.77 -95.55 -12.64
N ILE OB 67 0.75 -96.39 -12.82
CA ILE OB 67 -0.11 -96.33 -13.99
C ILE OB 67 -1.56 -96.09 -13.65
N GLY OB 68 -1.90 -95.92 -12.39
CA GLY OB 68 -3.27 -95.68 -12.00
C GLY OB 68 -3.33 -95.10 -10.62
N LYS OB 69 -4.52 -95.17 -10.03
CA LYS OB 69 -4.73 -94.69 -8.66
C LYS OB 69 -4.89 -95.88 -7.74
N VAL OB 70 -4.07 -95.93 -6.70
CA VAL OB 70 -4.21 -96.92 -5.64
C VAL OB 70 -4.98 -96.26 -4.51
N VAL OB 71 -6.13 -96.84 -4.15
CA VAL OB 71 -6.99 -96.25 -3.14
C VAL OB 71 -6.56 -96.65 -1.74
N SER OB 72 -6.24 -97.92 -1.54
CA SER OB 72 -5.94 -98.41 -0.20
C SER OB 72 -5.18 -99.72 -0.31
N SER OB 73 -4.40 -100.02 0.73
CA SER OB 73 -3.67 -101.27 0.84
C SER OB 73 -3.62 -101.67 2.30
N ARG OB 74 -3.42 -102.96 2.55
CA ARG OB 74 -3.51 -103.46 3.91
C ARG OB 74 -2.98 -104.88 3.97
N VAL OB 75 -2.23 -105.18 5.03
CA VAL OB 75 -1.81 -106.54 5.35
C VAL OB 75 -2.43 -106.93 6.68
N ILE OB 76 -2.99 -108.13 6.74
CA ILE OB 76 -3.58 -108.68 7.95
C ILE OB 76 -2.77 -109.91 8.32
N ALA OB 77 -2.00 -109.82 9.39
CA ALA OB 77 -1.02 -110.85 9.70
C ALA OB 77 -1.67 -112.11 10.24
N ARG OB 78 -2.54 -111.98 11.23
CA ARG OB 78 -3.29 -113.12 11.75
C ARG OB 78 -4.77 -112.85 11.55
N PRO OB 79 -5.35 -113.27 10.42
CA PRO OB 79 -6.77 -113.03 10.21
C PRO OB 79 -7.61 -113.97 11.04
N HIS OB 80 -8.75 -113.46 11.50
CA HIS OB 80 -9.64 -114.26 12.33
C HIS OB 80 -10.29 -115.36 11.50
N ASN OB 81 -10.64 -116.46 12.17
CA ASN OB 81 -11.19 -117.61 11.46
C ASN OB 81 -12.59 -117.32 10.92
N ASP OB 82 -13.32 -116.41 11.55
CA ASP OB 82 -14.60 -115.98 10.99
C ASP OB 82 -14.42 -115.26 9.67
N ILE OB 83 -13.27 -114.62 9.48
CA ILE OB 83 -12.99 -113.90 8.25
C ILE OB 83 -12.48 -114.87 7.19
N GLU PB 3 15.12 -115.86 17.49
CA GLU PB 3 14.06 -115.15 16.79
C GLU PB 3 14.10 -113.68 17.12
N ALA PB 4 13.32 -112.89 16.39
CA ALA PB 4 13.41 -111.44 16.51
C ALA PB 4 12.92 -110.97 17.87
N LEU PB 5 13.02 -109.67 18.10
CA LEU PB 5 12.72 -109.09 19.39
C LEU PB 5 12.12 -107.71 19.19
N GLY PB 6 10.94 -107.48 19.75
CA GLY PB 6 10.26 -106.21 19.62
C GLY PB 6 10.02 -105.56 20.97
N LEU PB 7 10.27 -104.26 21.04
CA LEU PB 7 10.21 -103.52 22.29
C LEU PB 7 9.36 -102.27 22.12
N ILE PB 8 8.50 -101.99 23.10
CA ILE PB 8 7.76 -100.75 23.17
C ILE PB 8 7.92 -100.19 24.57
N GLU PB 9 8.13 -98.88 24.66
CA GLU PB 9 8.35 -98.22 25.94
C GLU PB 9 7.38 -97.08 26.10
N THR PB 10 6.67 -97.05 27.21
CA THR PB 10 5.60 -96.09 27.45
C THR PB 10 5.75 -95.47 28.83
N LYS PB 11 5.06 -94.36 29.04
CA LYS PB 11 4.93 -93.77 30.36
C LYS PB 11 3.67 -94.31 31.02
N GLY PB 12 3.84 -95.02 32.11
CA GLY PB 12 2.66 -95.54 32.78
C GLY PB 12 2.32 -96.96 32.35
N LEU PB 13 1.62 -97.66 33.23
CA LEU PB 13 1.34 -99.06 32.99
C LEU PB 13 0.13 -99.27 32.09
N VAL PB 14 -0.84 -98.37 32.12
CA VAL PB 14 -2.05 -98.58 31.33
C VAL PB 14 -1.75 -98.54 29.84
N ALA PB 15 -0.94 -97.57 29.41
CA ALA PB 15 -0.58 -97.52 28.00
C ALA PB 15 0.21 -98.75 27.57
N CYS PB 16 0.85 -99.43 28.51
CA CYS PB 16 1.64 -100.61 28.17
C CYS PB 16 0.81 -101.88 28.14
N ILE PB 17 -0.28 -101.93 28.90
CA ILE PB 17 -1.16 -103.10 28.79
C ILE PB 17 -1.98 -103.01 27.52
N GLU PB 18 -2.27 -101.81 27.04
CA GLU PB 18 -2.95 -101.69 25.76
C GLU PB 18 -2.02 -102.01 24.60
N ALA PB 19 -0.76 -101.59 24.70
CA ALA PB 19 0.21 -101.97 23.67
C ALA PB 19 0.44 -103.47 23.65
N ALA PB 20 0.54 -104.10 24.82
CA ALA PB 20 0.81 -105.52 24.88
C ALA PB 20 -0.40 -106.32 24.40
N ASP PB 21 -1.59 -105.80 24.62
CA ASP PB 21 -2.79 -106.50 24.16
C ASP PB 21 -2.92 -106.43 22.64
N ALA PB 22 -2.68 -105.25 22.07
CA ALA PB 22 -2.75 -105.11 20.62
C ALA PB 22 -1.68 -105.95 19.93
N MET PB 23 -0.47 -105.99 20.49
CA MET PB 23 0.60 -106.76 19.88
C MET PB 23 0.25 -108.23 19.81
N CYS PB 24 -0.26 -108.80 20.92
CA CYS PB 24 -0.54 -110.22 20.94
C CYS PB 24 -1.71 -110.60 20.06
N LYS PB 25 -2.58 -109.65 19.72
CA LYS PB 25 -3.73 -109.94 18.87
C LYS PB 25 -3.37 -109.90 17.40
N ALA PB 26 -2.46 -109.01 17.01
CA ALA PB 26 -2.25 -108.65 15.62
C ALA PB 26 -1.17 -109.46 14.93
N ALA PB 27 -0.62 -110.49 15.58
CA ALA PB 27 0.41 -111.31 14.97
C ALA PB 27 0.68 -112.50 15.87
N ASN PB 28 1.38 -113.48 15.32
CA ASN PB 28 1.73 -114.69 16.08
C ASN PB 28 3.06 -114.46 16.78
N VAL PB 29 2.97 -113.82 17.95
CA VAL PB 29 4.14 -113.51 18.76
C VAL PB 29 3.91 -114.02 20.17
N GLU PB 30 4.99 -114.11 20.94
CA GLU PB 30 4.95 -114.53 22.32
C GLU PB 30 5.36 -113.37 23.21
N LEU PB 31 4.58 -113.11 24.25
CA LEU PB 31 4.90 -112.04 25.17
C LEU PB 31 5.85 -112.55 26.24
N ILE PB 32 6.99 -111.88 26.38
CA ILE PB 32 7.99 -112.28 27.37
C ILE PB 32 7.69 -111.70 28.73
N GLY PB 33 7.40 -110.41 28.81
CA GLY PB 33 7.02 -109.80 30.06
C GLY PB 33 7.26 -108.32 30.05
N TYR PB 34 6.95 -107.70 31.18
CA TYR PB 34 7.17 -106.29 31.41
C TYR PB 34 8.42 -106.08 32.25
N GLU PB 35 8.98 -104.87 32.16
CA GLU PB 35 10.19 -104.55 32.91
C GLU PB 35 10.26 -103.03 33.05
N ASN PB 36 9.91 -102.54 34.24
CA ASN PB 36 9.94 -101.11 34.49
C ASN PB 36 11.22 -100.70 35.20
N VAL PB 37 11.60 -99.44 35.01
CA VAL PB 37 12.87 -98.93 35.51
C VAL PB 37 12.66 -97.64 36.29
N GLY PB 38 11.48 -97.46 36.86
CA GLY PB 38 11.18 -96.24 37.58
C GLY PB 38 10.98 -95.06 36.65
N SER PB 39 10.61 -93.93 37.23
CA SER PB 39 10.16 -92.75 36.52
C SER PB 39 8.91 -93.01 35.69
N GLY PB 40 8.22 -94.12 35.91
CA GLY PB 40 7.03 -94.43 35.18
C GLY PB 40 7.25 -95.06 33.81
N LEU PB 41 8.49 -95.34 33.44
CA LEU PB 41 8.77 -95.98 32.16
C LEU PB 41 8.56 -97.48 32.31
N VAL PB 42 7.66 -98.03 31.50
CA VAL PB 42 7.42 -99.47 31.45
C VAL PB 42 7.67 -99.94 30.03
N THR PB 43 8.18 -101.16 29.90
CA THR PB 43 8.59 -101.71 28.62
C THR PB 43 8.01 -103.10 28.43
N ALA PB 44 7.47 -103.35 27.23
CA ALA PB 44 6.96 -104.66 26.86
C ALA PB 44 7.87 -105.29 25.84
N MET PB 45 8.05 -106.61 25.93
CA MET PB 45 8.96 -107.33 25.06
C MET PB 45 8.22 -108.53 24.45
N VAL PB 46 8.11 -108.54 23.13
CA VAL PB 46 7.54 -109.66 22.40
C VAL PB 46 8.65 -110.37 21.64
N LYS PB 47 8.36 -111.60 21.22
CA LYS PB 47 9.37 -112.44 20.59
C LYS PB 47 8.71 -113.34 19.56
N GLY PB 48 9.28 -113.38 18.37
CA GLY PB 48 8.74 -114.23 17.32
C GLY PB 48 9.54 -114.06 16.05
N ASP PB 49 8.99 -114.59 14.95
CA ASP PB 49 9.63 -114.43 13.65
C ASP PB 49 9.67 -112.95 13.26
N VAL PB 50 10.57 -112.63 12.35
CA VAL PB 50 10.86 -111.22 12.05
C VAL PB 50 9.65 -110.54 11.44
N GLY PB 51 8.96 -111.22 10.52
CA GLY PB 51 7.82 -110.60 9.88
C GLY PB 51 6.66 -110.40 10.85
N ALA PB 52 6.40 -111.38 11.70
CA ALA PB 52 5.36 -111.23 12.72
C ALA PB 52 5.72 -110.12 13.70
N VAL PB 53 6.93 -110.18 14.26
CA VAL PB 53 7.34 -109.20 15.26
C VAL PB 53 7.31 -107.81 14.68
N ASN PB 54 7.73 -107.66 13.43
CA ASN PB 54 7.63 -106.35 12.79
C ASN PB 54 6.20 -105.85 12.83
N ALA PB 55 5.26 -106.65 12.32
CA ALA PB 55 3.86 -106.27 12.25
C ALA PB 55 3.29 -105.95 13.62
N ALA PB 56 3.63 -106.76 14.62
CA ALA PB 56 3.10 -106.56 15.97
C ALA PB 56 3.49 -105.20 16.52
N VAL PB 57 4.78 -104.84 16.40
CA VAL PB 57 5.25 -103.59 16.99
C VAL PB 57 4.56 -102.40 16.34
N ASP PB 58 4.24 -102.49 15.05
CA ASP PB 58 3.56 -101.38 14.39
C ASP PB 58 2.15 -101.21 14.93
N SER PB 59 1.42 -102.31 15.14
CA SER PB 59 0.08 -102.21 15.68
C SER PB 59 0.10 -101.82 17.14
N GLY PB 60 1.05 -102.37 17.91
CA GLY PB 60 1.11 -102.07 19.33
C GLY PB 60 1.39 -100.61 19.60
N VAL PB 61 2.23 -99.98 18.79
CA VAL PB 61 2.52 -98.57 18.98
C VAL PB 61 1.32 -97.73 18.59
N GLU PB 62 0.55 -98.18 17.60
CA GLU PB 62 -0.59 -97.41 17.15
C GLU PB 62 -1.72 -97.42 18.18
N ALA PB 63 -1.89 -98.53 18.90
CA ALA PB 63 -2.90 -98.59 19.94
C ALA PB 63 -2.46 -97.83 21.18
N ALA PB 64 -1.20 -97.97 21.58
CA ALA PB 64 -0.74 -97.35 22.81
C ALA PB 64 -0.65 -95.83 22.66
N LYS PB 65 -0.17 -95.35 21.53
CA LYS PB 65 -0.06 -93.91 21.30
C LYS PB 65 -1.41 -93.22 21.40
N ARG PB 66 -2.48 -93.99 21.35
CA ARG PB 66 -3.83 -93.42 21.23
C ARG PB 66 -4.37 -92.97 22.57
N ILE PB 67 -3.95 -93.61 23.65
CA ILE PB 67 -4.40 -93.25 24.99
C ILE PB 67 -3.28 -92.72 25.87
N GLY PB 68 -2.02 -92.99 25.56
CA GLY PB 68 -0.92 -92.57 26.39
C GLY PB 68 0.27 -92.14 25.57
N LYS PB 69 1.47 -92.25 26.11
CA LYS PB 69 2.67 -91.77 25.44
C LYS PB 69 3.60 -92.94 25.15
N VAL PB 70 3.93 -93.12 23.88
CA VAL PB 70 4.90 -94.12 23.47
C VAL PB 70 6.26 -93.44 23.37
N VAL PB 71 7.20 -93.88 24.23
CA VAL PB 71 8.49 -93.21 24.30
C VAL PB 71 9.40 -93.68 23.17
N SER PB 72 9.48 -94.98 22.95
CA SER PB 72 10.31 -95.51 21.88
C SER PB 72 9.86 -96.92 21.53
N SER PB 73 10.16 -97.33 20.30
CA SER PB 73 9.91 -98.68 19.83
C SER PB 73 11.10 -99.13 19.00
N ARG PB 74 11.25 -100.44 18.86
CA ARG PB 74 12.44 -100.97 18.20
C ARG PB 74 12.24 -102.45 17.92
N VAL PB 75 12.76 -102.91 16.79
CA VAL PB 75 12.78 -104.33 16.44
C VAL PB 75 14.22 -104.74 16.18
N ILE PB 76 14.68 -105.76 16.89
CA ILE PB 76 15.99 -106.36 16.67
C ILE PB 76 15.76 -107.66 15.91
N ALA PB 77 16.20 -107.71 14.66
CA ALA PB 77 15.91 -108.87 13.83
C ALA PB 77 16.62 -110.12 14.32
N ARG PB 78 17.79 -109.97 14.93
CA ARG PB 78 18.54 -111.10 15.45
C ARG PB 78 19.36 -110.61 16.63
N PRO PB 79 18.90 -110.84 17.85
CA PRO PB 79 19.67 -110.43 19.00
C PRO PB 79 20.88 -111.33 19.21
N HIS PB 80 21.95 -110.73 19.71
CA HIS PB 80 23.09 -111.53 20.15
C HIS PB 80 22.65 -112.44 21.28
N ASN PB 81 23.36 -113.57 21.43
CA ASN PB 81 22.99 -114.52 22.48
C ASN PB 81 23.18 -113.91 23.86
N ASP PB 82 24.12 -112.98 24.01
CA ASP PB 82 24.29 -112.31 25.30
C ASP PB 82 23.06 -111.49 25.66
N ILE PB 83 22.40 -110.90 24.65
CA ILE PB 83 21.21 -110.11 24.91
C ILE PB 83 20.08 -110.97 25.45
N GLU PB 84 20.06 -112.26 25.15
CA GLU PB 84 19.04 -113.14 25.70
C GLU PB 84 19.48 -113.71 27.06
N LYS PB 85 20.01 -112.82 27.89
CA LYS PB 85 20.20 -113.04 29.30
C LYS PB 85 19.86 -111.81 30.11
N ILE PB 86 19.71 -110.66 29.44
CA ILE PB 86 19.25 -109.43 30.06
C ILE PB 86 17.73 -109.33 30.04
N ALA PB 87 17.12 -109.71 28.91
CA ALA PB 87 15.68 -109.72 28.82
C ALA PB 87 15.09 -110.85 29.66
N GLY PB 88 15.42 -112.09 29.32
CA GLY PB 88 14.96 -113.23 30.08
C GLY PB 88 15.87 -113.59 31.24
N MET QB 1 -85.25 37.48 -57.84
CA MET QB 1 -85.83 38.72 -57.35
C MET QB 1 -87.07 39.07 -58.15
N ILE QB 2 -87.87 39.99 -57.61
CA ILE QB 2 -89.02 40.53 -58.31
C ILE QB 2 -89.10 42.02 -58.07
N LEU QB 3 -89.60 42.76 -59.05
CA LEU QB 3 -89.87 44.17 -58.85
C LEU QB 3 -91.16 44.32 -58.06
N ALA QB 4 -91.11 45.15 -57.03
CA ALA QB 4 -92.26 45.35 -56.16
C ALA QB 4 -92.23 46.76 -55.62
N LYS QB 5 -93.33 47.15 -55.01
CA LYS QB 5 -93.49 48.48 -54.47
C LYS QB 5 -93.94 48.39 -53.01
N VAL QB 6 -93.30 49.15 -52.14
CA VAL QB 6 -93.69 49.14 -50.74
C VAL QB 6 -95.01 49.87 -50.58
N THR QB 7 -95.99 49.21 -49.97
CA THR QB 7 -97.33 49.75 -49.85
C THR QB 7 -97.84 49.84 -48.42
N GLY QB 8 -97.02 49.54 -47.42
CA GLY QB 8 -97.46 49.63 -46.04
C GLY QB 8 -96.44 49.02 -45.11
N HIS QB 9 -96.88 48.69 -43.92
CA HIS QB 9 -96.03 48.02 -42.94
C HIS QB 9 -96.91 47.23 -41.99
N VAL QB 10 -96.27 46.36 -41.21
CA VAL QB 10 -96.95 45.48 -40.28
C VAL QB 10 -96.31 45.63 -38.91
N VAL QB 11 -97.14 45.80 -37.89
CA VAL QB 11 -96.68 45.94 -36.52
C VAL QB 11 -97.04 44.65 -35.78
N ALA QB 12 -96.03 43.86 -35.42
CA ALA QB 12 -96.22 42.59 -34.73
C ALA QB 12 -95.41 42.60 -33.45
N THR QB 13 -96.07 42.38 -32.33
CA THR QB 13 -95.43 42.41 -31.02
C THR QB 13 -95.00 41.02 -30.55
N GLN QB 14 -95.90 40.05 -30.64
CA GLN QB 14 -95.61 38.67 -30.25
C GLN QB 14 -95.05 37.94 -31.46
N LYS QB 15 -93.73 37.75 -31.49
CA LYS QB 15 -93.10 37.12 -32.63
C LYS QB 15 -91.83 36.42 -32.18
N CYS QB 16 -91.24 35.67 -33.11
CA CYS QB 16 -90.04 34.90 -32.81
C CYS QB 16 -88.87 35.83 -32.54
N ASP QB 17 -87.72 35.22 -32.25
CA ASP QB 17 -86.52 35.98 -31.94
C ASP QB 17 -85.64 36.24 -33.16
N GLU QB 18 -85.78 35.43 -34.20
CA GLU QB 18 -85.05 35.68 -35.44
C GLU QB 18 -85.52 36.95 -36.13
N LEU QB 19 -86.59 37.57 -35.66
CA LEU QB 19 -87.16 38.75 -36.28
C LEU QB 19 -87.08 39.99 -35.40
N ARG QB 20 -86.38 39.93 -34.28
CA ARG QB 20 -86.31 41.08 -33.38
C ARG QB 20 -85.48 42.20 -33.99
N GLY QB 21 -86.02 43.42 -33.96
CA GLY QB 21 -85.28 44.57 -34.43
C GLY QB 21 -85.16 44.64 -35.94
N SER QB 22 -86.29 44.58 -36.64
CA SER QB 22 -86.30 44.66 -38.09
C SER QB 22 -87.66 45.18 -38.53
N ASN QB 23 -87.68 45.76 -39.72
CA ASN QB 23 -88.90 46.28 -40.28
C ASN QB 23 -89.66 45.17 -40.99
N LEU QB 24 -90.98 45.33 -41.11
CA LEU QB 24 -91.81 44.36 -41.82
C LEU QB 24 -92.71 45.13 -42.78
N LEU QB 25 -92.36 45.13 -44.05
CA LEU QB 25 -93.06 45.93 -45.05
C LEU QB 25 -93.99 45.08 -45.87
N LEU QB 26 -95.10 45.67 -46.29
CA LEU QB 26 -95.97 45.05 -47.27
C LEU QB 26 -95.43 45.35 -48.66
N ILE QB 27 -95.32 44.32 -49.47
CA ILE QB 27 -94.56 44.37 -50.71
C ILE QB 27 -95.48 43.87 -51.81
N THR QB 28 -95.89 44.75 -52.71
CA THR QB 28 -96.84 44.39 -53.76
C THR QB 28 -96.13 44.27 -55.09
N ARG QB 29 -96.28 43.11 -55.73
CA ARG QB 29 -95.68 42.91 -57.03
C ARG QB 29 -96.37 43.75 -58.09
N LEU QB 30 -95.59 44.43 -58.92
CA LEU QB 30 -96.12 45.34 -59.92
C LEU QB 30 -95.88 44.81 -61.32
N ASP QB 31 -96.80 45.12 -62.23
CA ASP QB 31 -96.82 44.53 -63.56
C ASP QB 31 -95.94 45.28 -64.55
N ASP QB 32 -96.05 44.97 -65.85
CA ASP QB 32 -95.13 45.51 -66.84
C ASP QB 32 -95.42 46.95 -67.23
N LYS QB 33 -96.36 47.61 -66.55
CA LYS QB 33 -96.55 49.05 -66.69
C LYS QB 33 -96.14 49.78 -65.43
N GLN QB 34 -95.39 49.12 -64.55
CA GLN QB 34 -95.03 49.64 -63.24
C GLN QB 34 -96.28 50.07 -62.46
N GLN QB 35 -97.18 49.11 -62.28
CA GLN QB 35 -98.43 49.33 -61.61
C GLN QB 35 -98.73 48.12 -60.74
N PRO QB 36 -99.09 48.30 -59.47
CA PRO QB 36 -99.31 47.16 -58.58
C PRO QB 36 -100.44 46.25 -59.07
N MET QB 37 -100.30 44.97 -58.77
CA MET QB 37 -101.29 43.97 -59.15
C MET QB 37 -102.25 43.73 -57.99
N LYS QB 38 -103.17 42.78 -58.19
CA LYS QB 38 -104.17 42.44 -57.20
C LYS QB 38 -103.82 41.10 -56.56
N ASP QB 39 -103.94 41.04 -55.24
CA ASP QB 39 -103.71 39.81 -54.48
C ASP QB 39 -102.28 39.29 -54.69
N GLN QB 40 -101.31 40.18 -54.56
CA GLN QB 40 -99.92 39.82 -54.79
C GLN QB 40 -99.02 40.45 -53.74
N THR QB 41 -99.43 40.40 -52.48
CA THR QB 41 -98.74 41.08 -51.41
C THR QB 41 -98.03 40.07 -50.50
N TRP QB 42 -96.76 40.34 -50.21
CA TRP QB 42 -95.99 39.56 -49.26
C TRP QB 42 -95.46 40.50 -48.18
N VAL QB 43 -94.93 39.91 -47.13
CA VAL QB 43 -94.31 40.66 -46.04
C VAL QB 43 -92.81 40.43 -46.09
N ALA QB 44 -92.05 41.51 -46.18
CA ALA QB 44 -90.62 41.42 -46.38
C ALA QB 44 -89.89 42.13 -45.26
N VAL QB 45 -88.81 41.52 -44.78
CA VAL QB 45 -87.97 42.14 -43.76
C VAL QB 45 -87.04 43.12 -44.45
N ASP QB 46 -87.29 44.41 -44.26
CA ASP QB 46 -86.45 45.42 -44.86
C ASP QB 46 -85.00 45.23 -44.44
N ASN QB 47 -84.09 45.52 -45.36
CA ASN QB 47 -82.67 45.31 -45.10
C ASN QB 47 -81.79 46.48 -45.53
N VAL QB 48 -82.27 47.39 -46.37
CA VAL QB 48 -81.46 48.51 -46.86
C VAL QB 48 -82.08 49.85 -46.56
N GLY QB 49 -83.25 49.89 -45.93
CA GLY QB 49 -83.84 51.16 -45.57
C GLY QB 49 -84.81 51.71 -46.61
N ALA QB 50 -85.81 50.92 -46.96
CA ALA QB 50 -86.85 51.35 -47.88
C ALA QB 50 -88.07 51.82 -47.11
N GLY QB 51 -88.79 52.77 -47.71
CA GLY QB 51 -89.98 53.30 -47.09
C GLY QB 51 -91.16 53.24 -48.02
N MET QB 52 -92.20 54.01 -47.74
CA MET QB 52 -93.42 53.92 -48.55
C MET QB 52 -93.18 54.41 -49.96
N HIS QB 53 -93.93 53.82 -50.90
CA HIS QB 53 -93.99 54.24 -52.30
C HIS QB 53 -92.71 53.96 -53.07
N ASP QB 54 -91.73 53.31 -52.48
CA ASP QB 54 -90.45 53.09 -53.13
C ASP QB 54 -90.48 51.78 -53.89
N ILE QB 55 -89.93 51.77 -55.10
CA ILE QB 55 -89.83 50.55 -55.89
C ILE QB 55 -88.59 49.79 -55.47
N VAL QB 56 -88.76 48.58 -54.98
CA VAL QB 56 -87.66 47.81 -54.41
C VAL QB 56 -87.50 46.49 -55.14
N LEU QB 57 -86.55 45.69 -54.70
CA LEU QB 57 -86.17 44.44 -55.36
C LEU QB 57 -86.21 43.36 -54.29
N ALA QB 58 -87.35 42.69 -54.15
CA ALA QB 58 -87.56 41.74 -53.06
C ALA QB 58 -87.06 40.37 -53.45
N GLU QB 59 -86.26 39.77 -52.58
CA GLU QB 59 -85.64 38.49 -52.84
C GLU QB 59 -86.35 37.39 -52.05
N GLU QB 60 -86.29 36.17 -52.58
CA GLU QB 60 -86.97 35.03 -51.99
C GLU QB 60 -86.14 34.45 -50.86
N TYR QB 61 -86.44 33.20 -50.48
CA TYR QB 61 -86.19 32.66 -49.15
C TYR QB 61 -84.90 33.09 -48.49
N PHE QB 62 -83.75 32.76 -49.04
CA PHE QB 62 -82.51 32.81 -48.28
C PHE QB 62 -81.80 34.14 -48.51
N ALA QB 63 -81.80 34.98 -47.47
CA ALA QB 63 -80.99 36.19 -47.45
C ALA QB 63 -80.39 36.46 -46.07
N LEU QB 64 -80.32 35.44 -45.21
CA LEU QB 64 -79.71 35.55 -43.88
C LEU QB 64 -80.39 36.63 -43.04
N ASN QB 65 -81.67 36.41 -42.76
CA ASN QB 65 -82.45 37.39 -42.00
C ASN QB 65 -83.42 36.71 -41.03
N TYR QB 69 -81.41 30.90 -41.40
CA TYR QB 69 -82.18 32.11 -41.60
C TYR QB 69 -82.66 32.22 -43.04
N LYS QB 70 -83.98 32.24 -43.24
CA LYS QB 70 -84.53 32.22 -44.59
C LYS QB 70 -85.70 33.19 -44.77
N ALA QB 71 -85.65 34.37 -44.17
CA ALA QB 71 -86.75 35.31 -44.32
C ALA QB 71 -86.64 36.04 -45.66
N MET QB 72 -87.80 36.37 -46.22
CA MET QB 72 -87.89 37.08 -47.49
C MET QB 72 -87.60 38.55 -47.21
N SER QB 73 -86.51 39.06 -47.79
CA SER QB 73 -86.07 40.41 -47.49
C SER QB 73 -85.95 41.25 -48.76
N VAL QB 74 -85.80 42.55 -48.55
CA VAL QB 74 -85.55 43.51 -49.62
C VAL QB 74 -84.05 43.72 -49.71
N VAL QB 75 -83.51 43.67 -50.93
CA VAL QB 75 -82.06 43.67 -51.12
C VAL QB 75 -81.58 44.81 -51.98
N ALA QB 76 -82.47 45.64 -52.53
CA ALA QB 76 -82.03 46.71 -53.40
C ALA QB 76 -83.16 47.70 -53.59
N ILE QB 77 -82.80 48.98 -53.66
CA ILE QB 77 -83.73 50.05 -54.01
C ILE QB 77 -83.42 50.48 -55.44
N VAL QB 78 -84.44 50.47 -56.28
CA VAL QB 78 -84.27 50.57 -57.72
C VAL QB 78 -84.36 52.02 -58.16
N GLU QB 79 -83.36 52.47 -58.92
CA GLU QB 79 -83.34 53.81 -59.49
C GLU QB 79 -84.07 53.89 -60.83
N LYS QB 80 -83.63 53.08 -61.79
CA LYS QB 80 -84.17 53.10 -63.15
C LYS QB 80 -84.51 51.69 -63.59
N VAL QB 81 -85.64 51.56 -64.27
CA VAL QB 81 -86.06 50.30 -64.88
C VAL QB 81 -86.20 50.57 -66.37
N PHE QB 82 -85.15 50.29 -67.13
CA PHE QB 82 -85.20 50.43 -68.57
C PHE QB 82 -85.79 49.16 -69.17
N ARG QB 83 -86.85 49.31 -69.95
CA ARG QB 83 -87.62 48.15 -70.41
C ARG QB 83 -88.18 48.46 -71.79
N ASP QB 84 -87.71 47.74 -72.80
CA ASP QB 84 -88.30 47.82 -74.13
C ASP QB 84 -87.87 46.62 -74.97
N GLU RB 3 -91.81 73.90 1.67
CA GLU RB 3 -91.72 72.49 1.34
C GLU RB 3 -90.27 72.09 1.10
N ALA RB 4 -89.98 70.80 1.22
CA ALA RB 4 -88.62 70.33 1.07
C ALA RB 4 -88.20 70.37 -0.40
N LEU RB 5 -87.01 69.87 -0.68
CA LEU RB 5 -86.46 69.95 -2.02
C LEU RB 5 -85.59 68.72 -2.27
N GLY RB 6 -85.78 68.07 -3.40
CA GLY RB 6 -85.04 66.87 -3.72
C GLY RB 6 -84.35 66.99 -5.06
N LEU RB 7 -83.15 66.43 -5.15
CA LEU RB 7 -82.29 66.63 -6.30
C LEU RB 7 -81.60 65.32 -6.68
N ILE RB 8 -81.61 65.00 -7.97
CA ILE RB 8 -80.84 63.90 -8.51
C ILE RB 8 -80.06 64.42 -9.70
N GLU RB 9 -78.82 63.96 -9.84
CA GLU RB 9 -77.95 64.36 -10.95
C GLU RB 9 -77.43 63.12 -11.64
N THR RB 10 -77.55 63.08 -12.96
CA THR RB 10 -77.16 61.92 -13.74
C THR RB 10 -76.35 62.36 -14.95
N LYS RB 11 -75.65 61.39 -15.54
CA LYS RB 11 -74.95 61.59 -16.79
C LYS RB 11 -75.87 61.15 -17.93
N GLY RB 12 -76.23 62.08 -18.80
CA GLY RB 12 -77.11 61.74 -19.89
C GLY RB 12 -78.55 62.11 -19.59
N LEU RB 13 -79.33 62.36 -20.63
CA LEU RB 13 -80.71 62.79 -20.45
C LEU RB 13 -81.63 61.62 -20.22
N VAL RB 14 -81.35 60.47 -20.81
CA VAL RB 14 -82.26 59.33 -20.69
C VAL RB 14 -82.35 58.88 -19.24
N ALA RB 15 -81.19 58.73 -18.59
CA ALA RB 15 -81.21 58.28 -17.20
C ALA RB 15 -81.94 59.25 -16.30
N CYS RB 16 -82.02 60.52 -16.68
CA CYS RB 16 -82.69 61.51 -15.84
C CYS RB 16 -84.19 61.47 -16.02
N ILE RB 17 -84.67 61.22 -17.23
CA ILE RB 17 -86.11 61.15 -17.45
C ILE RB 17 -86.69 59.91 -16.79
N GLU RB 18 -85.93 58.82 -16.78
CA GLU RB 18 -86.34 57.65 -16.02
C GLU RB 18 -86.42 57.97 -14.54
N ALA RB 19 -85.41 58.66 -14.01
CA ALA RB 19 -85.41 59.02 -12.60
C ALA RB 19 -86.55 59.95 -12.26
N ALA RB 20 -86.82 60.94 -13.11
CA ALA RB 20 -87.88 61.90 -12.79
C ALA RB 20 -89.27 61.28 -12.94
N ASP RB 21 -89.37 60.18 -13.68
CA ASP RB 21 -90.66 59.50 -13.76
C ASP RB 21 -90.88 58.62 -12.55
N ALA RB 22 -89.85 57.91 -12.11
CA ALA RB 22 -89.97 57.11 -10.90
C ALA RB 22 -90.28 57.99 -9.69
N MET RB 23 -89.64 59.15 -9.59
CA MET RB 23 -89.90 60.05 -8.48
C MET RB 23 -91.36 60.47 -8.44
N CYS RB 24 -91.92 60.84 -9.59
CA CYS RB 24 -93.28 61.36 -9.61
C CYS RB 24 -94.31 60.30 -9.31
N LYS RB 25 -94.02 59.03 -9.63
CA LYS RB 25 -94.96 57.96 -9.36
C LYS RB 25 -94.89 57.47 -7.92
N ALA RB 26 -93.72 57.51 -7.30
CA ALA RB 26 -93.48 56.84 -6.03
C ALA RB 26 -94.00 57.61 -4.83
N ALA RB 27 -94.35 58.88 -4.97
CA ALA RB 27 -94.82 59.65 -3.83
C ALA RB 27 -95.48 60.92 -4.34
N ASN RB 28 -96.10 61.66 -3.42
CA ASN RB 28 -96.83 62.87 -3.76
C ASN RB 28 -95.87 64.05 -3.79
N VAL RB 29 -95.10 64.14 -4.87
CA VAL RB 29 -94.18 65.24 -5.10
C VAL RB 29 -94.43 65.82 -6.47
N GLU RB 30 -94.06 67.08 -6.65
CA GLU RB 30 -94.29 67.81 -7.88
C GLU RB 30 -92.95 68.12 -8.54
N LEU RB 31 -92.89 68.00 -9.86
CA LEU RB 31 -91.65 68.19 -10.60
C LEU RB 31 -91.45 69.67 -10.89
N ILE RB 32 -90.30 70.20 -10.50
CA ILE RB 32 -90.01 71.61 -10.73
C ILE RB 32 -89.49 71.83 -12.14
N GLY RB 33 -88.43 71.12 -12.51
CA GLY RB 33 -87.91 71.23 -13.85
C GLY RB 33 -86.56 70.57 -13.97
N TYR RB 34 -86.04 70.59 -15.18
CA TYR RB 34 -84.70 70.09 -15.49
C TYR RB 34 -83.73 71.25 -15.62
N GLU RB 35 -82.45 70.95 -15.47
CA GLU RB 35 -81.41 71.97 -15.63
C GLU RB 35 -80.10 71.25 -15.90
N ASN RB 36 -79.62 71.30 -17.13
CA ASN RB 36 -78.33 70.70 -17.47
C ASN RB 36 -77.25 71.76 -17.52
N VAL RB 37 -76.13 71.49 -16.89
CA VAL RB 37 -75.03 72.44 -16.76
C VAL RB 37 -73.83 71.82 -17.47
N GLY RB 38 -73.71 72.08 -18.77
CA GLY RB 38 -72.50 71.66 -19.45
C GLY RB 38 -72.42 70.16 -19.60
N SER RB 39 -71.26 69.62 -19.25
CA SER RB 39 -70.82 68.33 -19.79
C SER RB 39 -71.67 67.17 -19.31
N GLY RB 40 -72.65 66.80 -20.13
CA GLY RB 40 -73.51 65.66 -19.91
C GLY RB 40 -73.99 65.46 -18.48
N LEU RB 41 -74.50 66.51 -17.87
CA LEU RB 41 -74.99 66.45 -16.49
C LEU RB 41 -76.35 67.12 -16.46
N VAL RB 42 -77.40 66.33 -16.23
CA VAL RB 42 -78.75 66.83 -16.12
C VAL RB 42 -79.23 66.60 -14.70
N THR RB 43 -80.05 67.52 -14.19
CA THR RB 43 -80.52 67.49 -12.82
C THR RB 43 -82.02 67.73 -12.80
N ALA RB 44 -82.75 66.88 -12.08
CA ALA RB 44 -84.18 67.03 -11.88
C ALA RB 44 -84.45 67.45 -10.45
N MET RB 45 -85.43 68.32 -10.25
CA MET RB 45 -85.75 68.87 -8.95
C MET RB 45 -87.23 68.63 -8.64
N VAL RB 46 -87.51 68.08 -7.47
CA VAL RB 46 -88.87 67.85 -7.01
C VAL RB 46 -89.06 68.54 -5.67
N LYS RB 47 -90.30 68.82 -5.32
CA LYS RB 47 -90.61 69.46 -4.05
C LYS RB 47 -91.89 68.88 -3.46
N GLY RB 48 -91.93 68.86 -2.14
CA GLY RB 48 -93.06 68.30 -1.42
C GLY RB 48 -92.72 68.20 0.05
N ASP RB 49 -93.56 67.48 0.78
CA ASP RB 49 -93.30 67.29 2.20
C ASP RB 49 -92.02 66.49 2.41
N VAL RB 50 -91.50 66.55 3.64
CA VAL RB 50 -90.19 65.97 3.89
C VAL RB 50 -90.23 64.45 3.83
N GLY RB 51 -91.30 63.84 4.34
CA GLY RB 51 -91.42 62.40 4.27
C GLY RB 51 -91.67 61.91 2.86
N ALA RB 52 -92.46 62.67 2.09
CA ALA RB 52 -92.70 62.31 0.70
C ALA RB 52 -91.44 62.46 -0.13
N VAL RB 53 -90.80 63.63 -0.03
CA VAL RB 53 -89.63 63.90 -0.86
C VAL RB 53 -88.52 62.89 -0.57
N ASN RB 54 -88.36 62.53 0.71
CA ASN RB 54 -87.35 61.54 1.06
C ASN RB 54 -87.67 60.19 0.41
N ALA RB 55 -88.95 59.88 0.26
CA ALA RB 55 -89.35 58.60 -0.32
C ALA RB 55 -89.26 58.63 -1.84
N ALA RB 56 -89.33 59.82 -2.43
CA ALA RB 56 -89.24 59.92 -3.88
C ALA RB 56 -87.80 59.83 -4.35
N VAL RB 57 -86.86 60.37 -3.57
CA VAL RB 57 -85.49 60.46 -4.04
C VAL RB 57 -84.81 59.09 -4.01
N ASP RB 58 -85.11 58.27 -3.00
CA ASP RB 58 -84.45 56.97 -2.95
C ASP RB 58 -85.03 56.00 -3.97
N SER RB 59 -86.26 56.23 -4.42
CA SER RB 59 -86.80 55.42 -5.50
C SER RB 59 -86.26 55.89 -6.84
N GLY RB 60 -86.19 57.21 -7.05
CA GLY RB 60 -85.65 57.71 -8.30
C GLY RB 60 -84.18 57.41 -8.49
N VAL RB 61 -83.40 57.41 -7.42
CA VAL RB 61 -82.00 57.02 -7.53
C VAL RB 61 -81.90 55.56 -7.92
N GLU RB 62 -82.84 54.75 -7.44
CA GLU RB 62 -82.78 53.31 -7.66
C GLU RB 62 -83.09 52.97 -9.11
N ALA RB 63 -83.95 53.76 -9.76
CA ALA RB 63 -84.32 53.51 -11.15
C ALA RB 63 -83.23 53.97 -12.11
N ALA RB 64 -82.73 55.20 -11.92
CA ALA RB 64 -81.71 55.72 -12.82
C ALA RB 64 -80.40 54.98 -12.67
N LYS RB 65 -80.11 54.48 -11.48
CA LYS RB 65 -78.92 53.66 -11.27
C LYS RB 65 -78.97 52.39 -12.09
N ARG RB 66 -80.15 51.99 -12.55
CA ARG RB 66 -80.31 50.75 -13.29
C ARG RB 66 -79.73 50.85 -14.69
N ILE RB 67 -79.95 51.98 -15.35
CA ILE RB 67 -79.59 52.14 -16.76
C ILE RB 67 -78.54 53.20 -16.99
N GLY RB 68 -78.17 53.98 -15.98
CA GLY RB 68 -77.18 55.02 -16.18
C GLY RB 68 -76.35 55.26 -14.94
N LYS RB 69 -75.70 56.42 -14.88
CA LYS RB 69 -74.89 56.79 -13.74
C LYS RB 69 -75.61 57.87 -12.96
N VAL RB 70 -75.87 57.61 -11.69
CA VAL RB 70 -76.37 58.62 -10.78
C VAL RB 70 -75.17 59.25 -10.09
N VAL RB 71 -74.96 60.53 -10.30
CA VAL RB 71 -73.78 61.21 -9.78
C VAL RB 71 -73.98 61.64 -8.33
N SER RB 72 -75.13 62.23 -8.02
CA SER RB 72 -75.38 62.73 -6.67
C SER RB 72 -76.87 62.84 -6.43
N SER RB 73 -77.25 62.74 -5.15
CA SER RB 73 -78.61 62.97 -4.72
C SER RB 73 -78.58 63.67 -3.38
N ARG RB 74 -79.64 64.41 -3.09
CA ARG RB 74 -79.65 65.23 -1.89
C ARG RB 74 -81.06 65.72 -1.61
N VAL RB 75 -81.45 65.71 -0.34
CA VAL RB 75 -82.71 66.25 0.11
C VAL RB 75 -82.42 67.42 1.05
N ILE RB 76 -83.08 68.55 0.82
CA ILE RB 76 -82.95 69.72 1.67
C ILE RB 76 -84.26 69.89 2.42
N ALA RB 77 -84.22 69.75 3.74
CA ALA RB 77 -85.46 69.66 4.51
C ALA RB 77 -86.17 71.00 4.61
N ARG RB 78 -85.42 72.09 4.67
CA ARG RB 78 -86.00 73.43 4.64
C ARG RB 78 -85.08 74.32 3.83
N PRO RB 79 -85.37 74.52 2.55
CA PRO RB 79 -84.53 75.40 1.74
C PRO RB 79 -84.73 76.84 2.17
N HIS RB 80 -83.63 77.59 2.17
CA HIS RB 80 -83.69 78.98 2.57
C HIS RB 80 -84.49 79.79 1.55
N ASN RB 81 -85.19 80.81 2.06
CA ASN RB 81 -86.12 81.56 1.22
C ASN RB 81 -85.40 82.17 0.01
N ASP RB 82 -84.16 82.60 0.20
CA ASP RB 82 -83.41 83.19 -0.91
C ASP RB 82 -83.23 82.22 -2.06
N ILE RB 83 -83.04 80.94 -1.74
CA ILE RB 83 -82.81 79.93 -2.76
C ILE RB 83 -84.14 79.52 -3.38
N GLU SB 3 -99.95 59.02 -24.59
CA GLU SB 3 -99.34 58.00 -25.44
C GLU SB 3 -97.94 57.69 -24.94
N ALA SB 4 -97.39 56.55 -25.36
CA ALA SB 4 -96.11 56.09 -24.86
C ALA SB 4 -95.00 57.03 -25.33
N LEU SB 5 -93.78 56.73 -24.93
CA LEU SB 5 -92.65 57.61 -25.18
C LEU SB 5 -91.39 56.78 -25.24
N GLY SB 6 -90.62 56.96 -26.30
CA GLY SB 6 -89.39 56.20 -26.47
C GLY SB 6 -88.20 57.12 -26.67
N LEU SB 7 -87.05 56.68 -26.16
CA LEU SB 7 -85.83 57.47 -26.19
C LEU SB 7 -84.65 56.62 -26.62
N ILE SB 8 -83.81 57.18 -27.47
CA ILE SB 8 -82.51 56.59 -27.79
C ILE SB 8 -81.46 57.68 -27.61
N GLU SB 9 -80.36 57.32 -26.97
CA GLU SB 9 -79.27 58.26 -26.73
C GLU SB 9 -78.00 57.75 -27.40
N THR SB 10 -77.41 58.58 -28.25
CA THR SB 10 -76.28 58.19 -29.06
C THR SB 10 -75.16 59.21 -28.92
N LYS SB 11 -73.95 58.76 -29.16
CA LYS SB 11 -72.77 59.63 -29.16
C LYS SB 11 -72.54 60.14 -30.57
N GLY SB 12 -72.82 61.41 -30.78
CA GLY SB 12 -72.68 62.01 -32.10
C GLY SB 12 -74.02 62.16 -32.79
N LEU SB 13 -74.11 63.15 -33.67
CA LEU SB 13 -75.40 63.44 -34.31
C LEU SB 13 -75.69 62.50 -35.46
N VAL SB 14 -74.66 62.03 -36.16
CA VAL SB 14 -74.89 61.15 -37.32
C VAL SB 14 -75.61 59.88 -36.88
N ALA SB 15 -75.11 59.24 -35.82
CA ALA SB 15 -75.75 58.02 -35.35
C ALA SB 15 -77.18 58.28 -34.89
N CYS SB 16 -77.49 59.51 -34.51
CA CYS SB 16 -78.84 59.81 -34.06
C CYS SB 16 -79.80 60.00 -35.23
N ILE SB 17 -79.32 60.44 -36.38
CA ILE SB 17 -80.21 60.57 -37.53
C ILE SB 17 -80.45 59.22 -38.19
N GLU SB 18 -79.47 58.32 -38.15
CA GLU SB 18 -79.74 56.95 -38.59
C GLU SB 18 -80.73 56.27 -37.67
N ALA SB 19 -80.60 56.50 -36.36
CA ALA SB 19 -81.56 55.91 -35.42
C ALA SB 19 -82.95 56.46 -35.65
N ALA SB 20 -83.08 57.76 -35.84
CA ALA SB 20 -84.41 58.35 -36.01
C ALA SB 20 -85.02 57.98 -37.35
N ASP SB 21 -84.21 57.67 -38.34
CA ASP SB 21 -84.75 57.24 -39.63
C ASP SB 21 -85.32 55.84 -39.55
N ALA SB 22 -84.62 54.94 -38.87
CA ALA SB 22 -85.13 53.60 -38.67
C ALA SB 22 -86.39 53.61 -37.82
N MET SB 23 -86.41 54.46 -36.79
CA MET SB 23 -87.58 54.53 -35.92
C MET SB 23 -88.82 54.97 -36.69
N CYS SB 24 -88.68 55.96 -37.55
CA CYS SB 24 -89.83 56.52 -38.23
C CYS SB 24 -90.34 55.65 -39.36
N LYS SB 25 -89.53 54.75 -39.88
CA LYS SB 25 -89.95 53.81 -40.90
C LYS SB 25 -90.54 52.54 -40.33
N ALA SB 26 -90.21 52.20 -39.08
CA ALA SB 26 -90.58 50.92 -38.52
C ALA SB 26 -92.02 50.87 -38.06
N ALA SB 27 -92.62 51.99 -37.71
CA ALA SB 27 -93.99 52.00 -37.24
C ALA SB 27 -94.56 53.39 -37.39
N ASN SB 28 -95.79 53.57 -36.90
CA ASN SB 28 -96.52 54.83 -37.07
C ASN SB 28 -96.37 55.66 -35.81
N VAL SB 29 -95.19 56.27 -35.67
CA VAL SB 29 -94.88 57.13 -34.55
C VAL SB 29 -94.51 58.51 -35.09
N GLU SB 30 -94.82 59.55 -34.32
CA GLU SB 30 -94.44 60.91 -34.68
C GLU SB 30 -93.19 61.28 -33.91
N LEU SB 31 -92.23 61.86 -34.62
CA LEU SB 31 -90.94 62.20 -34.03
C LEU SB 31 -91.02 63.59 -33.43
N ILE SB 32 -90.64 63.71 -32.16
CA ILE SB 32 -90.79 64.97 -31.44
C ILE SB 32 -89.62 65.91 -31.71
N GLY SB 33 -88.40 65.45 -31.49
CA GLY SB 33 -87.25 66.27 -31.80
C GLY SB 33 -86.03 65.85 -31.02
N TYR SB 34 -84.90 66.42 -31.39
CA TYR SB 34 -83.62 66.11 -30.79
C TYR SB 34 -83.36 67.01 -29.59
N GLU SB 35 -82.37 66.61 -28.79
CA GLU SB 35 -81.98 67.39 -27.62
C GLU SB 35 -80.59 66.93 -27.22
N ASN SB 36 -79.58 67.79 -27.39
CA ASN SB 36 -78.24 67.46 -26.95
C ASN SB 36 -77.93 68.15 -25.63
N VAL SB 37 -77.24 67.43 -24.76
CA VAL SB 37 -76.94 67.89 -23.41
C VAL SB 37 -75.47 68.14 -23.22
N GLY SB 38 -74.68 68.08 -24.29
CA GLY SB 38 -73.26 68.27 -24.19
C GLY SB 38 -72.52 66.96 -24.02
N SER SB 39 -71.21 67.03 -24.22
CA SER SB 39 -70.30 65.89 -24.21
C SER SB 39 -70.55 64.93 -25.36
N GLY SB 40 -71.22 65.39 -26.40
CA GLY SB 40 -71.46 64.58 -27.57
C GLY SB 40 -72.70 63.71 -27.52
N LEU SB 41 -73.51 63.83 -26.49
CA LEU SB 41 -74.69 62.98 -26.32
C LEU SB 41 -75.89 63.66 -26.96
N VAL SB 42 -76.51 62.98 -27.92
CA VAL SB 42 -77.71 63.46 -28.59
C VAL SB 42 -78.81 62.43 -28.38
N THR SB 43 -80.04 62.91 -28.19
CA THR SB 43 -81.17 62.06 -27.85
C THR SB 43 -82.33 62.34 -28.79
N ALA SB 44 -82.94 61.29 -29.31
CA ALA SB 44 -84.12 61.38 -30.14
C ALA SB 44 -85.32 60.86 -29.36
N MET SB 45 -86.48 61.50 -29.54
CA MET SB 45 -87.68 61.18 -28.78
C MET SB 45 -88.85 61.01 -29.72
N VAL SB 46 -89.52 59.86 -29.63
CA VAL SB 46 -90.72 59.59 -30.42
C VAL SB 46 -91.88 59.36 -29.46
N LYS SB 47 -93.09 59.38 -30.02
CA LYS SB 47 -94.27 59.14 -29.21
C LYS SB 47 -95.38 58.56 -30.07
N GLY SB 48 -96.10 57.60 -29.49
CA GLY SB 48 -97.18 56.94 -30.18
C GLY SB 48 -97.74 55.85 -29.28
N ASP SB 49 -98.53 54.96 -29.87
CA ASP SB 49 -99.04 53.83 -29.12
C ASP SB 49 -97.90 52.94 -28.68
N VAL SB 50 -98.15 52.17 -27.61
CA VAL SB 50 -97.07 51.43 -26.96
C VAL SB 50 -96.63 50.21 -27.76
N GLY SB 51 -97.47 49.70 -28.65
CA GLY SB 51 -97.02 48.64 -29.53
C GLY SB 51 -96.16 49.17 -30.66
N ALA SB 52 -96.45 50.38 -31.12
CA ALA SB 52 -95.64 50.99 -32.17
C ALA SB 52 -94.32 51.51 -31.62
N VAL SB 53 -94.36 52.16 -30.47
CA VAL SB 53 -93.14 52.74 -29.89
C VAL SB 53 -92.18 51.63 -29.49
N ASN SB 54 -92.69 50.51 -29.01
CA ASN SB 54 -91.83 49.40 -28.67
C ASN SB 54 -91.12 48.85 -29.90
N ALA SB 55 -91.83 48.80 -31.03
CA ALA SB 55 -91.23 48.28 -32.25
C ALA SB 55 -90.23 49.25 -32.84
N ALA SB 56 -90.51 50.55 -32.74
CA ALA SB 56 -89.61 51.54 -33.31
C ALA SB 56 -88.30 51.61 -32.56
N VAL SB 57 -88.35 51.61 -31.22
CA VAL SB 57 -87.13 51.75 -30.43
C VAL SB 57 -86.21 50.55 -30.64
N ASP SB 58 -86.79 49.35 -30.76
CA ASP SB 58 -85.96 48.17 -31.00
C ASP SB 58 -85.29 48.23 -32.36
N SER SB 59 -85.98 48.78 -33.35
CA SER SB 59 -85.39 48.89 -34.68
C SER SB 59 -84.34 49.99 -34.72
N GLY SB 60 -84.66 51.15 -34.13
CA GLY SB 60 -83.70 52.24 -34.12
C GLY SB 60 -82.44 51.91 -33.38
N VAL SB 61 -82.53 51.11 -32.32
CA VAL SB 61 -81.33 50.76 -31.56
C VAL SB 61 -80.40 49.91 -32.40
N GLU SB 62 -80.95 48.98 -33.18
CA GLU SB 62 -80.11 48.08 -33.95
C GLU SB 62 -79.45 48.78 -35.12
N ALA SB 63 -80.15 49.75 -35.73
CA ALA SB 63 -79.56 50.46 -36.87
C ALA SB 63 -78.46 51.41 -36.42
N ALA SB 64 -78.70 52.17 -35.36
CA ALA SB 64 -77.67 53.08 -34.86
C ALA SB 64 -76.48 52.32 -34.28
N LYS SB 65 -76.73 51.15 -33.68
CA LYS SB 65 -75.65 50.34 -33.17
C LYS SB 65 -74.67 49.94 -34.27
N ARG SB 66 -75.17 49.87 -35.51
CA ARG SB 66 -74.35 49.38 -36.61
C ARG SB 66 -73.27 50.37 -37.02
N ILE SB 67 -73.55 51.67 -36.89
CA ILE SB 67 -72.67 52.72 -37.41
C ILE SB 67 -72.17 53.67 -36.33
N GLY SB 68 -72.53 53.45 -35.08
CA GLY SB 68 -72.09 54.34 -34.03
C GLY SB 68 -72.21 53.66 -32.69
N LYS SB 69 -72.20 54.47 -31.64
CA LYS SB 69 -72.36 53.99 -30.28
C LYS SB 69 -73.72 54.40 -29.76
N VAL SB 70 -74.51 53.41 -29.34
CA VAL SB 70 -75.77 53.68 -28.65
C VAL SB 70 -75.50 53.62 -27.17
N VAL SB 71 -75.79 54.71 -26.47
CA VAL SB 71 -75.50 54.80 -25.05
C VAL SB 71 -76.62 54.20 -24.22
N SER SB 72 -77.87 54.47 -24.58
CA SER SB 72 -79.00 54.10 -23.75
C SER SB 72 -80.27 54.13 -24.58
N SER SB 73 -81.25 53.35 -24.17
CA SER SB 73 -82.56 53.35 -24.80
C SER SB 73 -83.60 53.03 -23.74
N ARG SB 74 -84.84 53.41 -24.00
CA ARG SB 74 -85.86 53.29 -22.96
C ARG SB 74 -87.23 53.55 -23.58
N VAL SB 75 -88.21 52.76 -23.15
CA VAL SB 75 -89.61 53.01 -23.48
C VAL SB 75 -90.36 53.29 -22.18
N ILE SB 76 -91.18 54.32 -22.18
CA ILE SB 76 -92.01 54.69 -21.04
C ILE SB 76 -93.45 54.51 -21.47
N ALA SB 77 -94.11 53.47 -20.93
CA ALA SB 77 -95.42 53.09 -21.44
C ALA SB 77 -96.50 54.09 -21.03
N ARG SB 78 -96.59 54.40 -19.74
CA ARG SB 78 -97.52 55.41 -19.26
C ARG SB 78 -96.73 56.54 -18.63
N PRO SB 79 -96.40 57.59 -19.38
CA PRO SB 79 -95.64 58.69 -18.80
C PRO SB 79 -96.55 59.58 -17.95
N HIS SB 80 -95.97 60.10 -16.88
CA HIS SB 80 -96.72 60.96 -15.98
C HIS SB 80 -97.04 62.29 -16.65
N ASN SB 81 -98.15 62.90 -16.23
CA ASN SB 81 -98.59 64.14 -16.86
C ASN SB 81 -97.66 65.30 -16.55
N ASP SB 82 -96.96 65.24 -15.42
CA ASP SB 82 -95.95 66.25 -15.12
C ASP SB 82 -94.79 66.16 -16.09
N ILE SB 83 -94.53 64.98 -16.64
CA ILE SB 83 -93.46 64.79 -17.59
C ILE SB 83 -93.91 65.18 -18.99
N GLU TB 3 -108.41 40.19 -24.32
CA GLU TB 3 -107.15 40.91 -24.22
C GLU TB 3 -106.09 40.03 -23.57
N ALA TB 4 -104.85 40.49 -23.61
CA ALA TB 4 -103.73 39.67 -23.17
C ALA TB 4 -103.83 39.42 -21.66
N LEU TB 5 -102.94 38.56 -21.18
CA LEU TB 5 -102.97 38.12 -19.79
C LEU TB 5 -101.55 37.97 -19.28
N GLY TB 6 -101.25 38.61 -18.16
CA GLY TB 6 -99.91 38.54 -17.60
C GLY TB 6 -99.88 38.02 -16.19
N LEU TB 7 -98.95 37.11 -15.90
CA LEU TB 7 -98.89 36.43 -14.62
C LEU TB 7 -97.50 36.55 -14.02
N ILE TB 8 -97.45 36.77 -12.71
CA ILE TB 8 -96.21 36.72 -11.95
C ILE TB 8 -96.47 35.86 -10.73
N GLU TB 9 -95.50 35.01 -10.38
CA GLU TB 9 -95.64 34.10 -9.25
C GLU TB 9 -94.44 34.25 -8.34
N THR TB 10 -94.71 34.46 -7.06
CA THR TB 10 -93.67 34.75 -6.07
C THR TB 10 -93.86 33.88 -4.85
N LYS TB 11 -92.81 33.79 -4.04
CA LYS TB 11 -92.89 33.19 -2.72
C LYS TB 11 -93.21 34.28 -1.71
N GLY TB 12 -94.37 34.19 -1.08
CA GLY TB 12 -94.76 35.16 -0.08
C GLY TB 12 -95.59 36.29 -0.65
N LEU TB 13 -96.33 36.95 0.24
CA LEU TB 13 -97.28 37.96 -0.19
C LEU TB 13 -96.63 39.32 -0.39
N VAL TB 14 -95.56 39.62 0.34
CA VAL TB 14 -94.96 40.95 0.23
C VAL TB 14 -94.34 41.15 -1.14
N ALA TB 15 -93.62 40.15 -1.64
CA ALA TB 15 -93.03 40.27 -2.98
C ALA TB 15 -94.10 40.38 -4.05
N CYS TB 16 -95.31 39.91 -3.76
CA CYS TB 16 -96.38 39.97 -4.76
C CYS TB 16 -97.11 41.30 -4.74
N ILE TB 17 -97.17 41.98 -3.59
CA ILE TB 17 -97.78 43.30 -3.57
C ILE TB 17 -96.84 44.32 -4.20
N GLU TB 18 -95.53 44.10 -4.09
CA GLU TB 18 -94.60 45.00 -4.79
C GLU TB 18 -94.64 44.76 -6.29
N ALA TB 19 -94.77 43.51 -6.72
CA ALA TB 19 -94.93 43.23 -8.14
C ALA TB 19 -96.22 43.81 -8.68
N ALA TB 20 -97.31 43.68 -7.92
CA ALA TB 20 -98.59 44.19 -8.41
C ALA TB 20 -98.63 45.70 -8.41
N ASP TB 21 -97.89 46.34 -7.52
CA ASP TB 21 -97.84 47.80 -7.51
C ASP TB 21 -97.03 48.33 -8.67
N ALA TB 22 -95.88 47.72 -8.95
CA ALA TB 22 -95.06 48.15 -10.06
C ALA TB 22 -95.77 47.92 -11.39
N MET TB 23 -96.47 46.80 -11.53
CA MET TB 23 -97.16 46.50 -12.76
C MET TB 23 -98.23 47.55 -13.05
N CYS TB 24 -99.01 47.91 -12.05
CA CYS TB 24 -100.10 48.84 -12.28
C CYS TB 24 -99.63 50.27 -12.51
N LYS TB 25 -98.40 50.59 -12.11
CA LYS TB 25 -97.87 51.93 -12.33
C LYS TB 25 -97.28 52.08 -13.72
N ALA TB 26 -96.66 51.02 -14.24
CA ALA TB 26 -95.79 51.10 -15.40
C ALA TB 26 -96.50 50.84 -16.71
N ALA TB 27 -97.82 50.74 -16.73
CA ALA TB 27 -98.56 50.53 -17.98
C ALA TB 27 -100.03 50.65 -17.68
N ASN TB 28 -100.82 50.72 -18.74
CA ASN TB 28 -102.27 50.84 -18.61
C ASN TB 28 -102.88 49.44 -18.61
N VAL TB 29 -102.88 48.82 -17.43
CA VAL TB 29 -103.39 47.47 -17.25
C VAL TB 29 -104.39 47.47 -16.11
N GLU TB 30 -105.18 46.41 -16.04
CA GLU TB 30 -106.15 46.22 -14.97
C GLU TB 30 -105.72 45.02 -14.13
N LEU TB 31 -105.74 45.19 -12.82
CA LEU TB 31 -105.41 44.10 -11.91
C LEU TB 31 -106.65 43.27 -11.66
N ILE TB 32 -106.55 41.96 -11.90
CA ILE TB 32 -107.67 41.05 -11.69
C ILE TB 32 -107.73 40.57 -10.25
N GLY TB 33 -106.61 40.12 -9.71
CA GLY TB 33 -106.56 39.73 -8.32
C GLY TB 33 -105.43 38.77 -8.06
N TYR TB 34 -105.35 38.37 -6.80
CA TYR TB 34 -104.37 37.41 -6.33
C TYR TB 34 -105.01 36.04 -6.20
N GLU TB 35 -104.17 35.01 -6.23
CA GLU TB 35 -104.66 33.64 -6.10
C GLU TB 35 -103.50 32.78 -5.61
N ASN TB 36 -103.53 32.42 -4.33
CA ASN TB 36 -102.49 31.60 -3.74
C ASN TB 36 -102.92 30.13 -3.68
N VAL TB 37 -101.93 29.24 -3.70
CA VAL TB 37 -102.18 27.81 -3.75
C VAL TB 37 -101.41 27.09 -2.65
N GLY TB 38 -101.12 27.79 -1.55
CA GLY TB 38 -100.36 27.19 -0.48
C GLY TB 38 -98.90 27.05 -0.85
N SER TB 39 -98.12 26.61 0.13
CA SER TB 39 -96.66 26.60 0.08
C SER TB 39 -96.06 27.99 -0.09
N GLY TB 40 -96.85 29.03 0.15
CA GLY TB 40 -96.35 30.37 0.03
C GLY TB 40 -96.33 30.93 -1.37
N LEU TB 41 -96.77 30.18 -2.37
CA LEU TB 41 -96.82 30.68 -3.73
C LEU TB 41 -98.06 31.55 -3.90
N VAL TB 42 -97.85 32.80 -4.30
CA VAL TB 42 -98.93 33.73 -4.59
C VAL TB 42 -98.74 34.24 -6.00
N THR TB 43 -99.85 34.46 -6.71
CA THR TB 43 -99.81 34.82 -8.12
C THR TB 43 -100.66 36.05 -8.37
N ALA TB 44 -100.14 36.99 -9.14
CA ALA TB 44 -100.86 38.19 -9.55
C ALA TB 44 -101.22 38.09 -11.03
N MET TB 45 -102.41 38.57 -11.38
CA MET TB 45 -102.90 38.51 -12.74
C MET TB 45 -103.32 39.89 -13.20
N VAL TB 46 -102.69 40.39 -14.25
CA VAL TB 46 -103.07 41.65 -14.88
C VAL TB 46 -103.66 41.36 -16.24
N LYS TB 47 -104.36 42.34 -16.79
CA LYS TB 47 -105.09 42.14 -18.03
C LYS TB 47 -105.15 43.45 -18.81
N GLY TB 48 -104.79 43.40 -20.08
CA GLY TB 48 -104.82 44.59 -20.91
C GLY TB 48 -104.36 44.27 -22.31
N ASP TB 49 -104.08 45.31 -23.09
CA ASP TB 49 -103.57 45.11 -24.43
C ASP TB 49 -102.20 44.44 -24.38
N VAL TB 50 -101.81 43.83 -25.50
CA VAL TB 50 -100.61 43.00 -25.51
C VAL TB 50 -99.37 43.82 -25.23
N GLY TB 51 -99.26 44.99 -25.85
CA GLY TB 51 -98.08 45.81 -25.64
C GLY TB 51 -97.97 46.33 -24.22
N ALA TB 52 -99.09 46.76 -23.66
CA ALA TB 52 -99.10 47.21 -22.27
C ALA TB 52 -98.75 46.07 -21.33
N VAL TB 53 -99.48 44.95 -21.46
CA VAL TB 53 -99.28 43.81 -20.58
C VAL TB 53 -97.85 43.31 -20.65
N ASN TB 54 -97.28 43.31 -21.86
CA ASN TB 54 -95.87 42.92 -21.98
C ASN TB 54 -95.01 43.80 -21.10
N ALA TB 55 -95.11 45.12 -21.28
CA ALA TB 55 -94.30 46.08 -20.52
C ALA TB 55 -94.52 45.94 -19.03
N ALA TB 56 -95.77 45.74 -18.60
CA ALA TB 56 -96.06 45.64 -17.18
C ALA TB 56 -95.32 44.47 -16.54
N VAL TB 57 -95.37 43.30 -17.18
CA VAL TB 57 -94.77 42.10 -16.59
C VAL TB 57 -93.27 42.25 -16.46
N ASP TB 58 -92.64 42.93 -17.42
CA ASP TB 58 -91.19 43.14 -17.32
C ASP TB 58 -90.84 44.01 -16.13
N SER TB 59 -91.61 45.08 -15.92
CA SER TB 59 -91.36 45.96 -14.78
C SER TB 59 -91.71 45.29 -13.47
N GLY TB 60 -92.83 44.56 -13.44
CA GLY TB 60 -93.25 43.93 -12.20
C GLY TB 60 -92.30 42.85 -11.72
N VAL TB 61 -91.67 42.12 -12.64
CA VAL TB 61 -90.71 41.12 -12.25
C VAL TB 61 -89.44 41.78 -11.74
N GLU TB 62 -89.10 42.92 -12.32
CA GLU TB 62 -87.87 43.61 -11.93
C GLU TB 62 -87.97 44.17 -10.53
N ALA TB 63 -89.15 44.66 -10.15
CA ALA TB 63 -89.34 45.20 -8.80
C ALA TB 63 -89.44 44.09 -7.78
N ALA TB 64 -90.14 43.00 -8.11
CA ALA TB 64 -90.36 41.94 -7.13
C ALA TB 64 -89.11 41.14 -6.88
N LYS TB 65 -88.35 40.84 -7.94
CA LYS TB 65 -87.10 40.11 -7.80
C LYS TB 65 -86.13 40.81 -6.87
N ARG TB 66 -86.36 42.09 -6.62
CA ARG TB 66 -85.41 42.92 -5.90
C ARG TB 66 -85.49 42.70 -4.40
N ILE TB 67 -86.66 42.32 -3.89
CA ILE TB 67 -86.83 42.09 -2.47
C ILE TB 67 -87.19 40.65 -2.14
N GLY TB 68 -87.69 39.87 -3.09
CA GLY TB 68 -88.07 38.51 -2.81
C GLY TB 68 -87.73 37.59 -3.96
N LYS TB 69 -88.48 36.49 -4.10
CA LYS TB 69 -88.20 35.52 -5.14
C LYS TB 69 -89.35 35.48 -6.13
N VAL TB 70 -89.02 35.71 -7.40
CA VAL TB 70 -89.97 35.56 -8.50
C VAL TB 70 -89.83 34.16 -9.05
N VAL TB 71 -90.88 33.36 -8.92
CA VAL TB 71 -90.80 31.96 -9.32
C VAL TB 71 -90.96 31.82 -10.83
N SER TB 72 -91.94 32.52 -11.42
CA SER TB 72 -92.15 32.44 -12.85
C SER TB 72 -93.00 33.62 -13.30
N SER TB 73 -92.85 33.96 -14.58
CA SER TB 73 -93.66 35.00 -15.22
C SER TB 73 -94.03 34.52 -16.61
N ARG TB 74 -95.10 35.10 -17.15
CA ARG TB 74 -95.64 34.61 -18.41
C ARG TB 74 -96.65 35.59 -18.95
N VAL TB 75 -96.67 35.78 -20.26
CA VAL TB 75 -97.67 36.59 -20.94
C VAL TB 75 -98.37 35.71 -21.97
N ILE TB 76 -99.69 35.67 -21.90
CA ILE TB 76 -100.51 34.99 -22.90
C ILE TB 76 -101.15 36.05 -23.76
N ALA TB 77 -100.74 36.11 -25.04
CA ALA TB 77 -101.18 37.20 -25.89
C ALA TB 77 -102.67 37.12 -26.21
N ARG TB 78 -103.22 35.92 -26.26
CA ARG TB 78 -104.65 35.74 -26.56
C ARG TB 78 -105.11 34.45 -25.92
N PRO TB 79 -105.67 34.53 -24.71
CA PRO TB 79 -106.09 33.32 -24.03
C PRO TB 79 -107.36 32.76 -24.64
N HIS TB 80 -107.51 31.44 -24.53
CA HIS TB 80 -108.75 30.80 -24.93
C HIS TB 80 -109.88 31.26 -24.01
N ASN TB 81 -111.10 31.22 -24.53
CA ASN TB 81 -112.24 31.68 -23.73
C ASN TB 81 -112.46 30.79 -22.51
N ASP TB 82 -112.09 29.52 -22.60
CA ASP TB 82 -112.20 28.63 -21.45
C ASP TB 82 -111.28 29.10 -20.32
N ILE TB 83 -110.10 29.61 -20.66
CA ILE TB 83 -109.18 30.10 -19.66
C ILE TB 83 -109.76 31.28 -18.89
N GLU TB 84 -110.68 32.02 -19.48
CA GLU TB 84 -111.31 33.13 -18.76
C GLU TB 84 -112.57 32.65 -18.02
N LYS TB 85 -112.41 31.51 -17.35
CA LYS TB 85 -113.32 31.03 -16.32
C LYS TB 85 -112.55 30.44 -15.16
N ILE TB 86 -111.25 30.23 -15.32
CA ILE TB 86 -110.37 29.78 -14.25
C ILE TB 86 -109.79 30.96 -13.50
N ALA TB 87 -109.34 31.98 -14.22
CA ALA TB 87 -108.82 33.18 -13.59
C ALA TB 87 -109.94 33.95 -12.90
N GLY TB 88 -110.91 34.41 -13.69
CA GLY TB 88 -112.05 35.12 -13.14
C GLY TB 88 -113.19 34.20 -12.73
N MET UB 1 39.53 -99.65 -21.59
CA MET UB 1 38.99 -100.31 -22.78
C MET UB 1 39.53 -101.72 -22.89
N ILE UB 2 38.89 -102.53 -23.72
CA ILE UB 2 39.36 -103.87 -24.04
C ILE UB 2 39.18 -104.12 -25.52
N LEU UB 3 40.09 -104.91 -26.10
CA LEU UB 3 39.90 -105.37 -27.46
C LEU UB 3 38.87 -106.48 -27.50
N ALA UB 4 37.90 -106.35 -28.41
CA ALA UB 4 36.84 -107.32 -28.51
C ALA UB 4 36.39 -107.40 -29.95
N LYS UB 5 35.58 -108.41 -30.23
CA LYS UB 5 35.08 -108.67 -31.57
C LYS UB 5 33.57 -108.80 -31.53
N VAL UB 6 32.88 -108.12 -32.44
CA VAL UB 6 31.44 -108.22 -32.49
C VAL UB 6 31.05 -109.59 -33.04
N THR UB 7 30.21 -110.31 -32.29
CA THR UB 7 29.84 -111.66 -32.65
C THR UB 7 28.35 -111.89 -32.79
N GLY UB 8 27.53 -110.85 -32.69
CA GLY UB 8 26.09 -111.03 -32.83
C GLY UB 8 25.36 -109.75 -32.45
N HIS UB 9 24.08 -109.89 -32.15
CA HIS UB 9 23.28 -108.77 -31.69
C HIS UB 9 22.12 -109.32 -30.86
N VAL UB 10 21.45 -108.41 -30.16
CA VAL UB 10 20.35 -108.75 -29.27
C VAL UB 10 19.16 -107.88 -29.63
N VAL UB 11 18.00 -108.51 -29.76
CA VAL UB 11 16.75 -107.81 -30.06
C VAL UB 11 15.91 -107.82 -28.80
N ALA UB 12 15.72 -106.65 -28.20
CA ALA UB 12 14.94 -106.51 -26.97
C ALA UB 12 13.86 -105.47 -27.21
N THR UB 13 12.61 -105.86 -26.98
CA THR UB 13 11.47 -104.98 -27.20
C THR UB 13 11.04 -104.26 -25.94
N GLN UB 14 10.88 -104.99 -24.84
CA GLN UB 14 10.48 -104.42 -23.56
C GLN UB 14 11.76 -104.01 -22.82
N LYS UB 15 12.04 -102.71 -22.81
CA LYS UB 15 13.25 -102.23 -22.18
C LYS UB 15 13.04 -100.80 -21.70
N CYS UB 16 14.04 -100.29 -20.97
CA CYS UB 16 13.95 -98.96 -20.41
C CYS UB 16 13.98 -97.91 -21.51
N ASP UB 17 13.90 -96.65 -21.10
CA ASP UB 17 13.88 -95.54 -22.04
C ASP UB 17 15.27 -94.97 -22.32
N GLU UB 18 16.23 -95.19 -21.42
CA GLU UB 18 17.59 -94.76 -21.67
C GLU UB 18 18.24 -95.54 -22.80
N LEU UB 19 17.58 -96.59 -23.30
CA LEU UB 19 18.14 -97.44 -24.34
C LEU UB 19 17.35 -97.38 -25.64
N ARG UB 20 16.41 -96.47 -25.78
CA ARG UB 20 15.59 -96.41 -26.99
C ARG UB 20 16.42 -95.90 -28.16
N GLY UB 21 16.34 -96.60 -29.28
CA GLY UB 21 17.01 -96.17 -30.48
C GLY UB 21 18.52 -96.35 -30.46
N SER UB 22 18.96 -97.58 -30.18
CA SER UB 22 20.38 -97.88 -30.14
C SER UB 22 20.55 -99.36 -30.42
N ASN UB 23 21.75 -99.71 -30.90
CA ASN UB 23 22.06 -101.09 -31.20
C ASN UB 23 22.53 -101.79 -29.93
N LEU UB 24 22.39 -103.11 -29.90
CA LEU UB 24 22.87 -103.91 -28.77
C LEU UB 24 23.65 -105.09 -29.32
N LEU UB 25 24.98 -105.00 -29.27
CA LEU UB 25 25.85 -105.98 -29.88
C LEU UB 25 26.41 -106.93 -28.84
N LEU UB 26 26.61 -108.17 -29.23
CA LEU UB 26 27.35 -109.12 -28.42
C LEU UB 26 28.84 -108.92 -28.69
N ILE UB 27 29.62 -108.80 -27.61
CA ILE UB 27 30.99 -108.31 -27.67
C ILE UB 27 31.84 -109.35 -26.95
N THR UB 28 32.68 -110.07 -27.69
CA THR UB 28 33.48 -111.14 -27.12
C THR UB 28 34.92 -110.69 -26.99
N ARG UB 29 35.46 -110.78 -25.78
CA ARG UB 29 36.85 -110.42 -25.55
C ARG UB 29 37.78 -111.44 -26.19
N LEU UB 30 38.79 -110.95 -26.91
CA LEU UB 30 39.70 -111.80 -27.65
C LEU UB 30 41.09 -111.76 -27.04
N ASP UB 31 41.81 -112.88 -27.16
CA ASP UB 31 43.08 -113.08 -26.46
C ASP UB 31 44.26 -112.53 -27.25
N ASP UB 32 45.49 -112.85 -26.82
CA ASP UB 32 46.69 -112.24 -27.40
C ASP UB 32 47.07 -112.82 -28.75
N LYS UB 33 46.25 -113.70 -29.32
CA LYS UB 33 46.41 -114.13 -30.70
C LYS UB 33 45.31 -113.58 -31.59
N GLN UB 34 44.57 -112.59 -31.11
CA GLN UB 34 43.39 -112.07 -31.79
C GLN UB 34 42.39 -113.18 -32.10
N GLN UB 35 41.98 -113.87 -31.03
CA GLN UB 35 41.08 -114.99 -31.13
C GLN UB 35 40.10 -114.92 -29.96
N PRO UB 36 38.80 -115.05 -30.19
CA PRO UB 36 37.84 -114.90 -29.11
C PRO UB 36 38.03 -115.96 -28.02
N MET UB 37 37.69 -115.56 -26.80
CA MET UB 37 37.81 -116.44 -25.64
C MET UB 37 36.47 -117.10 -25.35
N LYS UB 38 36.43 -117.88 -24.28
CA LYS UB 38 35.23 -118.61 -23.88
C LYS UB 38 34.61 -117.94 -22.67
N ASP UB 39 33.29 -117.78 -22.69
CA ASP UB 39 32.54 -117.22 -21.57
C ASP UB 39 33.01 -115.80 -21.25
N GLN UB 40 33.13 -114.97 -22.27
CA GLN UB 40 33.63 -113.61 -22.10
C GLN UB 40 32.83 -112.64 -22.92
N THR UB 41 31.51 -112.78 -22.92
CA THR UB 41 30.63 -111.99 -23.78
C THR UB 41 29.84 -110.97 -22.96
N TRP UB 42 29.84 -109.73 -23.42
CA TRP UB 42 29.02 -108.68 -22.84
C TRP UB 42 28.13 -108.10 -23.92
N VAL UB 43 27.17 -107.28 -23.50
CA VAL UB 43 26.28 -106.59 -24.42
C VAL UB 43 26.63 -105.12 -24.40
N ALA UB 44 26.93 -104.56 -25.57
CA ALA UB 44 27.42 -103.20 -25.66
C ALA UB 44 26.50 -102.38 -26.55
N VAL UB 45 26.23 -101.15 -26.15
CA VAL UB 45 25.44 -100.23 -26.95
C VAL UB 45 26.36 -99.62 -28.00
N ASP UB 46 26.18 -100.02 -29.25
CA ASP UB 46 27.00 -99.48 -30.33
C ASP UB 46 26.88 -97.96 -30.37
N ASN UB 47 27.98 -97.31 -30.71
CA ASN UB 47 28.02 -95.85 -30.73
C ASN UB 47 28.67 -95.27 -31.96
N VAL UB 48 29.45 -96.03 -32.73
CA VAL UB 48 30.14 -95.53 -33.90
C VAL UB 48 29.79 -96.27 -35.17
N GLY UB 49 28.94 -97.28 -35.09
CA GLY UB 49 28.53 -97.99 -36.30
C GLY UB 49 29.36 -99.21 -36.62
N ALA UB 50 29.46 -100.12 -35.67
CA ALA UB 50 30.18 -101.37 -35.87
C ALA UB 50 29.19 -102.48 -36.23
N GLY UB 51 29.67 -103.44 -37.00
CA GLY UB 51 28.85 -104.56 -37.42
C GLY UB 51 29.51 -105.87 -37.11
N MET UB 52 29.06 -106.94 -37.76
CA MET UB 52 29.58 -108.26 -37.43
C MET UB 52 31.04 -108.39 -37.83
N HIS UB 53 31.78 -109.20 -37.07
CA HIS UB 53 33.15 -109.61 -37.36
C HIS UB 53 34.16 -108.49 -37.20
N ASP UB 54 33.75 -107.31 -36.75
CA ASP UB 54 34.65 -106.17 -36.65
C ASP UB 54 35.31 -106.14 -35.28
N ILE UB 55 36.61 -105.85 -35.26
CA ILE UB 55 37.34 -105.72 -34.01
C ILE UB 55 37.15 -104.31 -33.47
N VAL UB 56 36.58 -104.20 -32.29
CA VAL UB 56 36.20 -102.90 -31.74
C VAL UB 56 36.88 -102.70 -30.40
N LEU UB 57 36.61 -101.55 -29.77
CA LEU UB 57 37.26 -101.13 -28.54
C LEU UB 57 36.16 -100.78 -27.56
N ALA UB 58 35.75 -101.76 -26.74
CA ALA UB 58 34.60 -101.61 -25.87
C ALA UB 58 35.01 -100.99 -24.55
N GLU UB 59 34.29 -99.95 -24.14
CA GLU UB 59 34.61 -99.20 -22.94
C GLU UB 59 33.64 -99.56 -21.83
N GLU UB 60 34.11 -99.42 -20.59
CA GLU UB 60 33.33 -99.78 -19.42
C GLU UB 60 32.36 -98.68 -19.05
N TYR UB 61 31.87 -98.70 -17.81
CA TYR UB 61 30.59 -98.10 -17.41
C TYR UB 61 30.24 -96.79 -18.08
N PHE UB 62 31.00 -95.73 -17.87
CA PHE UB 62 30.52 -94.39 -18.15
C PHE UB 62 30.95 -93.95 -19.55
N ALA UB 63 29.98 -93.89 -20.46
CA ALA UB 63 30.19 -93.29 -21.77
C ALA UB 63 28.98 -92.47 -22.23
N LEU UB 64 28.10 -92.08 -21.31
CA LEU UB 64 26.94 -91.24 -21.59
C LEU UB 64 26.02 -91.90 -22.65
N ASN UB 65 25.48 -93.05 -22.27
CA ASN UB 65 24.63 -93.80 -23.18
C ASN UB 65 23.45 -94.46 -22.46
N TYR UB 69 23.93 -91.68 -16.98
CA TYR UB 69 24.02 -92.65 -18.06
C TYR UB 69 25.34 -93.41 -17.98
N LYS UB 70 25.25 -94.73 -17.79
CA LYS UB 70 26.46 -95.53 -17.59
C LYS UB 70 26.45 -96.84 -18.37
N ALA UB 71 25.92 -96.86 -19.59
CA ALA UB 71 25.90 -98.10 -20.35
C ALA UB 71 27.26 -98.38 -20.97
N MET UB 72 27.59 -99.66 -21.08
CA MET UB 72 28.85 -100.10 -21.67
C MET UB 72 28.71 -99.99 -23.19
N SER UB 73 29.52 -99.14 -23.80
CA SER UB 73 29.40 -98.85 -25.22
C SER UB 73 30.70 -99.12 -25.96
N VAL UB 74 30.60 -99.14 -27.28
CA VAL UB 74 31.73 -99.25 -28.17
C VAL UB 74 32.15 -97.85 -28.58
N VAL UB 75 33.45 -97.56 -28.51
CA VAL UB 75 33.93 -96.20 -28.70
C VAL UB 75 34.94 -96.08 -29.82
N ALA UB 76 35.33 -97.17 -30.47
CA ALA UB 76 36.33 -97.09 -31.52
C ALA UB 76 36.33 -98.37 -32.33
N ILE UB 77 36.53 -98.23 -33.63
CA ILE UB 77 36.74 -99.37 -34.53
C ILE UB 77 38.22 -99.42 -34.87
N VAL UB 78 38.83 -100.58 -34.67
CA VAL UB 78 40.28 -100.69 -34.67
C VAL UB 78 40.76 -101.09 -36.05
N GLU UB 79 41.75 -100.35 -36.57
CA GLU UB 79 42.37 -100.65 -37.86
C GLU UB 79 43.53 -101.62 -37.71
N LYS UB 80 44.52 -101.27 -36.90
CA LYS UB 80 45.73 -102.07 -36.74
C LYS UB 80 46.02 -102.27 -35.26
N VAL UB 81 46.45 -103.48 -34.91
CA VAL UB 81 46.89 -103.81 -33.56
C VAL UB 81 48.33 -104.28 -33.69
N PHE UB 82 49.27 -103.36 -33.49
CA PHE UB 82 50.69 -103.72 -33.51
C PHE UB 82 51.08 -104.21 -32.13
N ARG UB 83 51.62 -105.42 -32.06
CA ARG UB 83 51.86 -106.07 -30.77
C ARG UB 83 53.10 -106.94 -30.89
N ASP UB 84 54.15 -106.57 -30.17
CA ASP UB 84 55.34 -107.41 -30.05
C ASP UB 84 56.18 -106.98 -28.86
N GLU VB 3 -18.07 -99.22 -61.19
CA GLU VB 3 -17.87 -98.95 -59.78
C GLU VB 3 -17.35 -97.54 -59.58
N ALA VB 4 -17.45 -97.03 -58.35
CA ALA VB 4 -17.03 -95.67 -58.06
C ALA VB 4 -15.51 -95.58 -58.07
N LEU VB 5 -15.00 -94.41 -57.69
CA LEU VB 5 -13.57 -94.15 -57.74
C LEU VB 5 -13.20 -93.16 -56.65
N GLY VB 6 -12.16 -93.49 -55.90
CA GLY VB 6 -11.74 -92.64 -54.79
C GLY VB 6 -10.28 -92.27 -54.90
N LEU VB 7 -9.97 -91.03 -54.54
CA LEU VB 7 -8.65 -90.46 -54.76
C LEU VB 7 -8.19 -89.69 -53.53
N ILE VB 8 -6.97 -89.94 -53.10
CA ILE VB 8 -6.32 -89.15 -52.07
C ILE VB 8 -4.97 -88.71 -52.62
N GLU VB 9 -4.58 -87.48 -52.30
CA GLU VB 9 -3.30 -86.92 -52.74
C GLU VB 9 -2.56 -86.38 -51.53
N THR VB 10 -1.30 -86.74 -51.39
CA THR VB 10 -0.50 -86.37 -50.24
C THR VB 10 0.86 -85.87 -50.69
N LYS VB 11 1.55 -85.19 -49.78
CA LYS VB 11 2.94 -84.81 -49.99
C LYS VB 11 3.84 -85.86 -49.35
N GLY VB 12 4.66 -86.50 -50.16
CA GLY VB 12 5.53 -87.53 -49.64
C GLY VB 12 4.94 -88.92 -49.81
N LEU VB 13 5.82 -89.91 -49.90
CA LEU VB 13 5.35 -91.26 -50.17
C LEU VB 13 4.88 -91.96 -48.90
N VAL VB 14 5.46 -91.64 -47.75
CA VAL VB 14 5.08 -92.33 -46.52
C VAL VB 14 3.63 -92.05 -46.18
N ALA VB 15 3.24 -90.78 -46.20
CA ALA VB 15 1.86 -90.44 -45.86
C ALA VB 15 0.87 -91.10 -46.81
N CYS VB 16 1.31 -91.45 -48.01
CA CYS VB 16 0.39 -92.08 -48.97
C CYS VB 16 0.25 -93.57 -48.70
N ILE VB 17 1.31 -94.25 -48.29
CA ILE VB 17 1.22 -95.67 -47.99
C ILE VB 17 0.38 -95.90 -46.74
N GLU VB 18 0.48 -94.99 -45.78
CA GLU VB 18 -0.41 -95.05 -44.62
C GLU VB 18 -1.85 -94.89 -45.04
N ALA VB 19 -2.13 -93.91 -45.92
CA ALA VB 19 -3.50 -93.69 -46.36
C ALA VB 19 -4.03 -94.88 -47.14
N ALA VB 20 -3.22 -95.45 -48.03
CA ALA VB 20 -3.69 -96.57 -48.84
C ALA VB 20 -3.88 -97.84 -48.03
N ASP VB 21 -3.21 -97.94 -46.89
CA ASP VB 21 -3.43 -99.10 -46.02
C ASP VB 21 -4.72 -98.93 -45.23
N ALA VB 22 -4.97 -97.73 -44.71
CA ALA VB 22 -6.20 -97.49 -43.97
C ALA VB 22 -7.41 -97.66 -44.87
N MET VB 23 -7.34 -97.19 -46.11
CA MET VB 23 -8.44 -97.35 -47.05
C MET VB 23 -8.75 -98.82 -47.27
N CYS VB 24 -7.73 -99.64 -47.50
CA CYS VB 24 -7.97 -101.04 -47.81
C CYS VB 24 -8.53 -101.80 -46.63
N LYS VB 25 -8.21 -101.38 -45.41
CA LYS VB 25 -8.70 -102.08 -44.22
C LYS VB 25 -10.12 -101.65 -43.86
N ALA VB 26 -10.48 -100.40 -44.13
CA ALA VB 26 -11.70 -99.82 -43.60
C ALA VB 26 -12.95 -100.18 -44.37
N ALA VB 27 -12.83 -100.74 -45.57
CA ALA VB 27 -14.02 -101.09 -46.34
C ALA VB 27 -13.62 -102.03 -47.46
N ASN VB 28 -14.61 -102.55 -48.16
CA ASN VB 28 -14.38 -103.51 -49.24
C ASN VB 28 -14.11 -102.75 -50.54
N VAL VB 29 -12.89 -102.25 -50.65
CA VAL VB 29 -12.42 -101.57 -51.84
C VAL VB 29 -11.10 -102.19 -52.26
N GLU VB 30 -10.79 -102.11 -53.55
CA GLU VB 30 -9.56 -102.66 -54.08
C GLU VB 30 -8.66 -101.53 -54.56
N LEU VB 31 -7.36 -101.71 -54.41
CA LEU VB 31 -6.38 -100.67 -54.71
C LEU VB 31 -5.99 -100.74 -56.18
N ILE VB 32 -6.12 -99.62 -56.89
CA ILE VB 32 -5.77 -99.60 -58.31
C ILE VB 32 -4.27 -99.41 -58.48
N GLY VB 33 -3.71 -98.37 -57.87
CA GLY VB 33 -2.28 -98.16 -57.96
C GLY VB 33 -1.91 -96.79 -57.46
N TYR VB 34 -0.61 -96.53 -57.50
CA TYR VB 34 -0.05 -95.22 -57.15
C TYR VB 34 0.34 -94.49 -58.43
N GLU VB 35 0.47 -93.17 -58.31
CA GLU VB 35 0.91 -92.36 -59.44
C GLU VB 35 1.42 -91.03 -58.90
N ASN VB 36 2.72 -90.82 -58.95
CA ASN VB 36 3.28 -89.52 -58.55
C ASN VB 36 3.54 -88.66 -59.77
N VAL VB 37 3.17 -87.39 -59.65
CA VAL VB 37 3.32 -86.43 -60.74
C VAL VB 37 4.25 -85.33 -60.23
N GLY VB 38 5.55 -85.53 -60.43
CA GLY VB 38 6.47 -84.47 -60.11
C GLY VB 38 6.58 -84.20 -58.63
N SER VB 39 6.46 -82.92 -58.26
CA SER VB 39 7.03 -82.44 -57.00
C SER VB 39 6.32 -82.99 -55.78
N GLY VB 40 6.89 -84.05 -55.20
CA GLY VB 40 6.43 -84.65 -53.97
C GLY VB 40 4.93 -84.84 -53.83
N LEU VB 41 4.26 -85.27 -54.90
CA LEU VB 41 2.82 -85.49 -54.86
C LEU VB 41 2.55 -86.90 -55.32
N VAL VB 42 2.08 -87.75 -54.41
CA VAL VB 42 1.70 -89.12 -54.72
C VAL VB 42 0.20 -89.25 -54.53
N THR VB 43 -0.44 -90.05 -55.37
CA THR VB 43 -1.89 -90.23 -55.36
C THR VB 43 -2.20 -91.71 -55.39
N ALA VB 44 -3.11 -92.14 -54.51
CA ALA VB 44 -3.59 -93.51 -54.48
C ALA VB 44 -5.03 -93.55 -54.97
N MET VB 45 -5.38 -94.59 -55.70
CA MET VB 45 -6.70 -94.73 -56.30
C MET VB 45 -7.31 -96.06 -55.89
N VAL VB 46 -8.56 -96.01 -55.40
CA VAL VB 46 -9.30 -97.20 -55.02
C VAL VB 46 -10.62 -97.19 -55.76
N LYS VB 47 -11.23 -98.37 -55.88
CA LYS VB 47 -12.53 -98.45 -56.52
C LYS VB 47 -13.38 -99.53 -55.87
N GLY VB 48 -14.68 -99.31 -55.92
CA GLY VB 48 -15.65 -100.19 -55.28
C GLY VB 48 -17.02 -99.54 -55.34
N ASP VB 49 -17.94 -100.09 -54.56
CA ASP VB 49 -19.28 -99.52 -54.51
C ASP VB 49 -19.23 -98.12 -53.90
N VAL VB 50 -20.31 -97.36 -54.12
CA VAL VB 50 -20.30 -95.95 -53.75
C VAL VB 50 -20.31 -95.78 -52.24
N GLY VB 51 -21.06 -96.63 -51.53
CA GLY VB 51 -21.08 -96.54 -50.09
C GLY VB 51 -19.78 -97.01 -49.47
N ALA VB 52 -19.16 -98.02 -50.06
CA ALA VB 52 -17.88 -98.50 -49.57
C ALA VB 52 -16.78 -97.48 -49.85
N VAL VB 53 -16.70 -96.99 -51.08
CA VAL VB 53 -15.63 -96.07 -51.46
C VAL VB 53 -15.72 -94.78 -50.66
N ASN VB 54 -16.95 -94.33 -50.39
CA ASN VB 54 -17.12 -93.13 -49.58
C ASN VB 54 -16.62 -93.36 -48.16
N ALA VB 55 -16.74 -94.59 -47.67
CA ALA VB 55 -16.31 -94.90 -46.32
C ALA VB 55 -14.81 -95.12 -46.24
N ALA VB 56 -14.19 -95.55 -47.34
CA ALA VB 56 -12.76 -95.77 -47.34
C ALA VB 56 -12.00 -94.45 -47.41
N VAL VB 57 -12.54 -93.47 -48.12
CA VAL VB 57 -11.79 -92.24 -48.36
C VAL VB 57 -11.72 -91.40 -47.09
N ASP VB 58 -12.82 -91.28 -46.35
CA ASP VB 58 -12.78 -90.45 -45.15
C ASP VB 58 -11.96 -91.12 -44.05
N SER VB 59 -11.80 -92.43 -44.09
CA SER VB 59 -10.91 -93.09 -43.17
C SER VB 59 -9.46 -92.91 -43.57
N GLY VB 60 -9.17 -93.04 -44.88
CA GLY VB 60 -7.81 -92.86 -45.35
C GLY VB 60 -7.32 -91.44 -45.22
N VAL VB 61 -8.21 -90.46 -45.35
CA VAL VB 61 -7.80 -89.08 -45.14
C VAL VB 61 -7.47 -88.84 -43.68
N GLU VB 62 -8.19 -89.51 -42.79
CA GLU VB 62 -8.01 -89.34 -41.36
C GLU VB 62 -6.65 -89.84 -40.91
N ALA VB 63 -6.17 -90.93 -41.53
CA ALA VB 63 -4.90 -91.53 -41.14
C ALA VB 63 -3.72 -90.76 -41.70
N ALA VB 64 -3.76 -90.42 -42.98
CA ALA VB 64 -2.64 -89.70 -43.58
C ALA VB 64 -2.53 -88.28 -43.04
N LYS VB 65 -3.65 -87.66 -42.67
CA LYS VB 65 -3.62 -86.35 -42.05
C LYS VB 65 -2.87 -86.37 -40.72
N ARG VB 66 -2.69 -87.55 -40.14
CA ARG VB 66 -2.07 -87.67 -38.83
C ARG VB 66 -0.56 -87.42 -38.91
N ILE VB 67 0.09 -87.95 -39.94
CA ILE VB 67 1.54 -87.91 -40.05
C ILE VB 67 2.03 -87.07 -41.21
N GLY VB 68 1.15 -86.63 -42.11
CA GLY VB 68 1.59 -85.87 -43.25
C GLY VB 68 0.57 -84.84 -43.69
N LYS VB 69 0.70 -84.39 -44.93
CA LYS VB 69 -0.21 -83.41 -45.50
C LYS VB 69 -1.09 -84.11 -46.53
N VAL VB 70 -2.40 -84.09 -46.31
CA VAL VB 70 -3.36 -84.51 -47.31
C VAL VB 70 -3.73 -83.29 -48.13
N VAL VB 71 -3.45 -83.33 -49.42
CA VAL VB 71 -3.68 -82.18 -50.29
C VAL VB 71 -5.12 -82.13 -50.78
N SER VB 72 -5.65 -83.27 -51.24
CA SER VB 72 -7.01 -83.29 -51.78
C SER VB 72 -7.55 -84.71 -51.71
N SER VB 73 -8.88 -84.81 -51.64
CA SER VB 73 -9.57 -86.08 -51.71
C SER VB 73 -10.85 -85.89 -52.50
N ARG VB 74 -11.33 -86.96 -53.12
CA ARG VB 74 -12.46 -86.84 -54.01
C ARG VB 74 -13.01 -88.21 -54.33
N VAL VB 75 -14.33 -88.33 -54.38
CA VAL VB 75 -15.02 -89.55 -54.79
C VAL VB 75 -15.81 -89.24 -56.04
N ILE VB 76 -15.70 -90.09 -57.05
CA ILE VB 76 -16.45 -89.97 -58.29
C ILE VB 76 -17.44 -91.12 -58.33
N ALA VB 77 -18.74 -90.80 -58.28
CA ALA VB 77 -19.75 -91.83 -58.08
C ALA VB 77 -19.93 -92.70 -59.32
N ARG VB 78 -19.82 -92.10 -60.51
CA ARG VB 78 -19.85 -92.86 -61.76
C ARG VB 78 -18.82 -92.26 -62.69
N PRO VB 79 -17.62 -92.85 -62.76
CA PRO VB 79 -16.62 -92.33 -63.68
C PRO VB 79 -17.00 -92.64 -65.12
N HIS VB 80 -16.76 -91.67 -66.00
CA HIS VB 80 -17.09 -91.85 -67.40
C HIS VB 80 -16.25 -92.97 -68.01
N ASN VB 81 -16.85 -93.69 -68.95
CA ASN VB 81 -16.20 -94.87 -69.51
C ASN VB 81 -14.85 -94.53 -70.12
N ASP VB 82 -14.74 -93.35 -70.71
CA ASP VB 82 -13.48 -92.96 -71.35
C ASP VB 82 -12.35 -92.85 -70.34
N ILE VB 83 -12.67 -92.43 -69.12
CA ILE VB 83 -11.66 -92.27 -68.07
C ILE VB 83 -11.36 -93.61 -67.45
N GLU WB 3 5.07 -110.26 -43.54
CA GLU WB 3 6.00 -109.70 -42.58
C GLU WB 3 5.80 -108.20 -42.47
N ALA WB 4 6.25 -107.61 -41.37
CA ALA WB 4 6.05 -106.19 -41.13
C ALA WB 4 6.78 -105.35 -42.15
N LEU WB 5 6.64 -104.03 -42.07
CA LEU WB 5 7.19 -103.14 -43.07
C LEU WB 5 7.48 -101.80 -42.42
N GLY WB 6 8.67 -101.28 -42.62
CA GLY WB 6 9.06 -100.02 -42.01
C GLY WB 6 9.56 -99.04 -43.05
N LEU WB 7 9.27 -97.76 -42.81
CA LEU WB 7 9.60 -96.70 -43.75
C LEU WB 7 10.24 -95.53 -43.02
N ILE WB 8 11.31 -95.00 -43.60
CA ILE WB 8 11.88 -93.73 -43.18
C ILE WB 8 11.96 -92.83 -44.40
N GLU WB 9 11.59 -91.57 -44.23
CA GLU WB 9 11.61 -90.60 -45.30
C GLU WB 9 12.49 -89.42 -44.93
N THR WB 10 13.49 -89.14 -45.76
CA THR WB 10 14.49 -88.14 -45.46
C THR WB 10 14.62 -87.18 -46.64
N LYS WB 11 15.13 -86.00 -46.34
CA LYS WB 11 15.41 -84.98 -47.35
C LYS WB 11 16.85 -85.12 -47.79
N GLY WB 12 17.07 -85.58 -49.00
CA GLY WB 12 18.40 -85.83 -49.50
C GLY WB 12 18.77 -87.29 -49.44
N LEU WB 13 19.67 -87.70 -50.33
CA LEU WB 13 20.03 -89.11 -50.41
C LEU WB 13 21.05 -89.51 -49.35
N VAL WB 14 21.94 -88.61 -48.97
CA VAL WB 14 22.99 -88.97 -48.01
C VAL WB 14 22.37 -89.37 -46.68
N ALA WB 15 21.41 -88.57 -46.18
CA ALA WB 15 20.76 -88.91 -44.93
C ALA WB 15 20.00 -90.21 -45.01
N CYS WB 16 19.67 -90.67 -46.22
CA CYS WB 16 18.94 -91.91 -46.37
C CYS WB 16 19.87 -93.13 -46.37
N ILE WB 17 21.12 -92.95 -46.80
CA ILE WB 17 22.05 -94.07 -46.73
C ILE WB 17 22.58 -94.25 -45.31
N GLU WB 18 22.68 -93.17 -44.54
CA GLU WB 18 22.98 -93.33 -43.13
C GLU WB 18 21.84 -94.00 -42.40
N ALA WB 19 20.60 -93.58 -42.69
CA ALA WB 19 19.44 -94.22 -42.07
C ALA WB 19 19.38 -95.70 -42.42
N ALA WB 20 19.63 -96.04 -43.68
CA ALA WB 20 19.56 -97.44 -44.08
C ALA WB 20 20.68 -98.25 -43.45
N ASP WB 21 21.88 -97.67 -43.34
CA ASP WB 21 22.98 -98.40 -42.74
C ASP WB 21 22.69 -98.75 -41.29
N ALA WB 22 22.14 -97.79 -40.54
CA ALA WB 22 21.79 -98.07 -39.15
C ALA WB 22 20.70 -99.11 -39.05
N MET WB 23 19.72 -99.07 -39.96
CA MET WB 23 18.64 -100.04 -39.93
C MET WB 23 19.15 -101.45 -40.15
N CYS WB 24 20.07 -101.63 -41.11
CA CYS WB 24 20.51 -102.98 -41.45
C CYS WB 24 21.44 -103.58 -40.41
N LYS WB 25 22.07 -102.75 -39.57
CA LYS WB 25 22.95 -103.26 -38.54
C LYS WB 25 22.22 -103.51 -37.23
N ALA WB 26 21.04 -102.92 -37.04
CA ALA WB 26 20.35 -102.97 -35.77
C ALA WB 26 19.59 -104.26 -35.56
N ALA WB 27 19.16 -104.91 -36.63
CA ALA WB 27 18.37 -106.13 -36.50
C ALA WB 27 18.46 -106.92 -37.79
N ASN WB 28 17.76 -108.04 -37.83
CA ASN WB 28 17.82 -108.95 -38.97
C ASN WB 28 16.67 -108.65 -39.91
N VAL WB 29 16.81 -107.56 -40.66
CA VAL WB 29 15.82 -107.15 -41.64
C VAL WB 29 16.50 -107.11 -43.01
N GLU WB 30 15.71 -107.37 -44.05
CA GLU WB 30 16.19 -107.29 -45.42
C GLU WB 30 15.73 -105.96 -46.03
N LEU WB 31 16.66 -105.25 -46.64
CA LEU WB 31 16.38 -103.94 -47.20
C LEU WB 31 15.80 -104.09 -48.60
N ILE WB 32 14.66 -103.46 -48.84
CA ILE WB 32 13.97 -103.61 -50.13
C ILE WB 32 14.54 -102.67 -51.18
N GLY WB 33 14.56 -101.38 -50.91
CA GLY WB 33 15.15 -100.45 -51.86
C GLY WB 33 14.63 -99.05 -51.65
N TYR WB 34 15.27 -98.12 -52.33
CA TYR WB 34 14.93 -96.71 -52.25
C TYR WB 34 13.86 -96.35 -53.27
N GLU WB 35 13.25 -95.19 -53.05
CA GLU WB 35 12.25 -94.67 -53.99
C GLU WB 35 12.12 -93.18 -53.72
N ASN WB 36 12.57 -92.35 -54.66
CA ASN WB 36 12.41 -90.91 -54.53
C ASN WB 36 11.22 -90.44 -55.34
N VAL WB 37 10.48 -89.49 -54.78
CA VAL WB 37 9.27 -88.98 -55.38
C VAL WB 37 9.42 -87.53 -55.81
N GLY WB 38 10.65 -87.02 -55.81
CA GLY WB 38 10.89 -85.64 -56.17
C GLY WB 38 10.79 -84.71 -54.98
N SER WB 39 11.28 -83.48 -55.20
CA SER WB 39 11.39 -82.44 -54.18
C SER WB 39 12.43 -82.78 -53.12
N GLY WB 40 13.32 -83.71 -53.41
CA GLY WB 40 14.37 -84.08 -52.49
C GLY WB 40 14.01 -85.14 -51.49
N LEU WB 41 12.82 -85.73 -51.59
CA LEU WB 41 12.36 -86.71 -50.62
C LEU WB 41 12.75 -88.10 -51.09
N VAL WB 42 13.50 -88.81 -50.26
CA VAL WB 42 13.93 -90.18 -50.54
C VAL WB 42 13.46 -91.07 -49.40
N THR WB 43 13.00 -92.28 -49.72
CA THR WB 43 12.41 -93.19 -48.76
C THR WB 43 13.12 -94.53 -48.82
N ALA WB 44 13.43 -95.08 -47.66
CA ALA WB 44 14.00 -96.42 -47.54
C ALA WB 44 12.97 -97.35 -46.93
N MET WB 45 12.96 -98.60 -47.38
CA MET WB 45 11.92 -99.55 -47.00
C MET WB 45 12.57 -100.86 -46.60
N VAL WB 46 12.31 -101.33 -45.39
CA VAL WB 46 12.80 -102.61 -44.90
C VAL WB 46 11.60 -103.49 -44.60
N LYS WB 47 11.87 -104.78 -44.42
CA LYS WB 47 10.81 -105.72 -44.08
C LYS WB 47 11.38 -106.89 -43.29
N GLY WB 48 10.62 -107.34 -42.30
CA GLY WB 48 11.03 -108.44 -41.47
C GLY WB 48 10.01 -108.65 -40.38
N ASP WB 49 10.39 -109.42 -39.36
CA ASP WB 49 9.51 -109.62 -38.22
C ASP WB 49 9.28 -108.28 -37.52
N VAL WB 50 8.15 -108.18 -36.82
CA VAL WB 50 7.72 -106.89 -36.29
C VAL WB 50 8.54 -106.44 -35.10
N GLY WB 51 9.17 -107.35 -34.37
CA GLY WB 51 10.09 -106.94 -33.32
C GLY WB 51 11.40 -106.43 -33.88
N ALA WB 52 11.85 -107.02 -34.98
CA ALA WB 52 13.08 -106.54 -35.62
C ALA WB 52 12.84 -105.21 -36.33
N VAL WB 53 11.73 -105.11 -37.06
CA VAL WB 53 11.47 -103.89 -37.83
C VAL WB 53 11.24 -102.71 -36.90
N ASN WB 54 10.62 -102.96 -35.74
CA ASN WB 54 10.43 -101.88 -34.79
C ASN WB 54 11.75 -101.37 -34.25
N ALA WB 55 12.70 -102.28 -34.04
CA ALA WB 55 14.00 -101.89 -33.52
C ALA WB 55 14.83 -101.18 -34.59
N ALA WB 56 14.73 -101.62 -35.84
CA ALA WB 56 15.50 -101.02 -36.91
C ALA WB 56 15.06 -99.59 -37.18
N VAL WB 57 13.75 -99.36 -37.25
CA VAL WB 57 13.26 -98.04 -37.60
C VAL WB 57 13.60 -97.03 -36.51
N ASP WB 58 13.56 -97.45 -35.25
CA ASP WB 58 13.90 -96.53 -34.17
C ASP WB 58 15.38 -96.16 -34.22
N SER WB 59 16.23 -97.11 -34.59
CA SER WB 59 17.66 -96.82 -34.69
C SER WB 59 17.96 -95.98 -35.91
N GLY WB 60 17.36 -96.32 -37.06
CA GLY WB 60 17.60 -95.56 -38.27
C GLY WB 60 17.14 -94.12 -38.17
N VAL WB 61 16.05 -93.88 -37.44
CA VAL WB 61 15.55 -92.51 -37.31
C VAL WB 61 16.53 -91.66 -36.53
N GLU WB 62 17.11 -92.23 -35.48
CA GLU WB 62 18.02 -91.45 -34.63
C GLU WB 62 19.34 -91.16 -35.33
N ALA WB 63 19.82 -92.08 -36.15
CA ALA WB 63 21.09 -91.86 -36.84
C ALA WB 63 20.93 -90.84 -37.96
N ALA WB 64 19.89 -90.96 -38.76
CA ALA WB 64 19.66 -89.99 -39.83
C ALA WB 64 19.32 -88.61 -39.27
N LYS WB 65 18.64 -88.56 -38.13
CA LYS WB 65 18.33 -87.28 -37.50
C LYS WB 65 19.61 -86.53 -37.15
N ARG WB 66 20.69 -87.24 -36.91
CA ARG WB 66 21.93 -86.62 -36.45
C ARG WB 66 22.58 -85.79 -37.54
N ILE WB 67 22.45 -86.19 -38.80
CA ILE WB 67 23.19 -85.58 -39.90
C ILE WB 67 22.29 -85.02 -40.98
N GLY WB 68 20.99 -85.09 -40.83
CA GLY WB 68 20.09 -84.57 -41.82
C GLY WB 68 18.73 -84.33 -41.25
N LYS WB 69 17.74 -84.21 -42.12
CA LYS WB 69 16.36 -84.02 -41.71
C LYS WB 69 15.59 -85.30 -41.99
N VAL WB 70 14.96 -85.83 -40.95
CA VAL WB 70 14.03 -86.95 -41.09
C VAL WB 70 12.63 -86.38 -41.18
N VAL WB 71 11.94 -86.65 -42.26
CA VAL WB 71 10.62 -86.08 -42.49
C VAL WB 71 9.54 -86.92 -41.82
N SER WB 72 9.62 -88.24 -41.91
CA SER WB 72 8.56 -89.11 -41.44
C SER WB 72 9.10 -90.52 -41.28
N SER WB 73 8.47 -91.26 -40.37
CA SER WB 73 8.79 -92.67 -40.18
C SER WB 73 7.51 -93.41 -39.82
N ARG WB 74 7.52 -94.72 -40.04
CA ARG WB 74 6.29 -95.49 -39.86
C ARG WB 74 6.60 -96.97 -39.88
N VAL WB 75 5.97 -97.73 -39.00
CA VAL WB 75 5.98 -99.18 -39.02
C VAL WB 75 4.56 -99.65 -39.30
N ILE WB 76 4.42 -100.59 -40.23
CA ILE WB 76 3.15 -101.21 -40.54
C ILE WB 76 3.26 -102.67 -40.15
N ALA WB 77 2.51 -103.07 -39.12
CA ALA WB 77 2.72 -104.38 -38.53
C ALA WB 77 2.14 -105.49 -39.40
N ARG WB 78 0.87 -105.38 -39.78
CA ARG WB 78 0.25 -106.32 -40.69
C ARG WB 78 -0.15 -105.58 -41.95
N PRO WB 79 0.71 -105.54 -42.97
CA PRO WB 79 0.35 -104.85 -44.21
C PRO WB 79 -0.64 -105.66 -45.01
N HIS WB 80 -1.53 -104.97 -45.70
CA HIS WB 80 -2.53 -105.63 -46.51
C HIS WB 80 -1.89 -106.26 -47.74
N ASN WB 81 -2.52 -107.32 -48.23
CA ASN WB 81 -1.94 -108.06 -49.35
C ASN WB 81 -2.01 -107.27 -50.65
N ASP WB 82 -2.96 -106.34 -50.76
CA ASP WB 82 -2.99 -105.45 -51.90
C ASP WB 82 -1.80 -104.51 -51.90
N ILE WB 83 -1.21 -104.27 -50.74
CA ILE WB 83 -0.09 -103.35 -50.63
C ILE WB 83 1.22 -104.10 -50.85
N GLU XB 3 2.16 -115.76 -23.86
CA GLU XB 3 2.39 -114.62 -24.73
C GLU XB 3 1.96 -113.34 -24.06
N ALA XB 4 2.29 -112.21 -24.67
CA ALA XB 4 2.07 -110.92 -24.05
C ALA XB 4 0.57 -110.64 -23.88
N LEU XB 5 0.27 -109.54 -23.21
CA LEU XB 5 -1.11 -109.22 -22.87
C LEU XB 5 -1.30 -107.71 -22.92
N GLY XB 6 -2.28 -107.26 -23.68
CA GLY XB 6 -2.56 -105.84 -23.84
C GLY XB 6 -3.96 -105.49 -23.39
N LEU XB 7 -4.08 -104.38 -22.67
CA LEU XB 7 -5.35 -103.96 -22.08
C LEU XB 7 -5.63 -102.51 -22.42
N ILE XB 8 -6.87 -102.21 -22.80
CA ILE XB 8 -7.35 -100.85 -22.95
C ILE XB 8 -8.63 -100.72 -22.14
N GLU XB 9 -8.81 -99.59 -21.47
CA GLU XB 9 -9.97 -99.36 -20.63
C GLU XB 9 -10.60 -98.03 -20.98
N THR XB 10 -11.90 -98.06 -21.26
CA THR XB 10 -12.62 -96.90 -21.75
C THR XB 10 -13.89 -96.69 -20.95
N LYS XB 11 -14.46 -95.50 -21.08
CA LYS XB 11 -15.79 -95.22 -20.55
C LYS XB 11 -16.81 -95.48 -21.65
N GLY XB 12 -17.70 -96.43 -21.42
CA GLY XB 12 -18.73 -96.76 -22.39
C GLY XB 12 -18.30 -97.84 -23.34
N LEU XB 13 -19.30 -98.47 -23.97
CA LEU XB 13 -19.03 -99.62 -24.81
C LEU XB 13 -18.64 -99.24 -26.23
N VAL XB 14 -19.11 -98.10 -26.72
CA VAL XB 14 -18.83 -97.74 -28.10
C VAL XB 14 -17.35 -97.46 -28.29
N ALA XB 15 -16.74 -96.71 -27.38
CA ALA XB 15 -15.31 -96.46 -27.49
C ALA XB 15 -14.49 -97.73 -27.36
N CYS XB 16 -15.06 -98.78 -26.77
CA CYS XB 16 -14.31 -100.03 -26.62
C CYS XB 16 -14.46 -100.94 -27.83
N ILE XB 17 -15.55 -100.81 -28.58
CA ILE XB 17 -15.66 -101.59 -29.81
C ILE XB 17 -14.80 -100.97 -30.90
N GLU XB 18 -14.62 -99.65 -30.86
CA GLU XB 18 -13.71 -99.04 -31.82
C GLU XB 18 -12.27 -99.36 -31.49
N ALA XB 19 -11.92 -99.40 -30.19
CA ALA XB 19 -10.58 -99.81 -29.81
C ALA XB 19 -10.31 -101.26 -30.16
N ALA XB 20 -11.28 -102.14 -29.91
CA ALA XB 20 -11.08 -103.55 -30.20
C ALA XB 20 -11.02 -103.81 -31.69
N ASP XB 21 -11.69 -103.00 -32.50
CA ASP XB 21 -11.64 -103.17 -33.94
C ASP XB 21 -10.30 -102.71 -34.50
N ALA XB 22 -9.82 -101.57 -34.03
CA ALA XB 22 -8.54 -101.06 -34.51
C ALA XB 22 -7.40 -101.98 -34.11
N MET XB 23 -7.46 -102.56 -32.91
CA MET XB 23 -6.41 -103.45 -32.47
C MET XB 23 -6.33 -104.69 -33.34
N CYS XB 24 -7.47 -105.30 -33.63
CA CYS XB 24 -7.45 -106.54 -34.39
C CYS XB 24 -7.03 -106.32 -35.84
N LYS XB 25 -7.19 -105.10 -36.35
CA LYS XB 25 -6.80 -104.81 -37.73
C LYS XB 25 -5.30 -104.54 -37.85
N ALA XB 26 -4.71 -103.91 -36.84
CA ALA XB 26 -3.39 -103.32 -36.95
C ALA XB 26 -2.25 -104.25 -36.53
N ALA XB 27 -2.54 -105.51 -36.22
CA ALA XB 27 -1.49 -106.44 -35.83
C ALA XB 27 -2.09 -107.83 -35.74
N ASN XB 28 -1.22 -108.83 -35.68
CA ASN XB 28 -1.64 -110.22 -35.59
C ASN XB 28 -1.81 -110.59 -34.11
N VAL XB 29 -2.97 -110.21 -33.56
CA VAL XB 29 -3.30 -110.48 -32.17
C VAL XB 29 -4.63 -111.23 -32.13
N GLU XB 30 -4.90 -111.82 -30.98
CA GLU XB 30 -6.15 -112.53 -30.73
C GLU XB 30 -6.93 -111.79 -29.66
N LEU XB 31 -8.22 -111.57 -29.91
CA LEU XB 31 -9.08 -110.87 -28.97
C LEU XB 31 -9.65 -111.88 -27.99
N ILE XB 32 -9.42 -111.65 -26.70
CA ILE XB 32 -9.90 -112.56 -25.67
C ILE XB 32 -11.34 -112.24 -25.29
N GLY XB 33 -11.65 -110.99 -25.02
CA GLY XB 33 -13.01 -110.60 -24.73
C GLY XB 33 -13.07 -109.29 -23.98
N TYR XB 34 -14.30 -108.88 -23.70
CA TYR XB 34 -14.57 -107.70 -22.91
C TYR XB 34 -14.89 -108.10 -21.47
N GLU XB 35 -14.72 -107.14 -20.57
CA GLU XB 35 -15.00 -107.37 -19.15
C GLU XB 35 -15.27 -106.03 -18.50
N ASN XB 36 -16.53 -105.74 -18.22
CA ASN XB 36 -16.92 -104.49 -17.59
C ASN XB 36 -17.12 -104.67 -16.09
N VAL XB 37 -16.94 -103.58 -15.36
CA VAL XB 37 -16.97 -103.61 -13.90
C VAL XB 37 -17.91 -102.55 -13.35
N GLY XB 38 -18.89 -102.15 -14.15
CA GLY XB 38 -19.82 -101.10 -13.74
C GLY XB 38 -19.17 -99.74 -13.79
N SER XB 39 -19.97 -98.72 -13.54
CA SER XB 39 -19.61 -97.31 -13.70
C SER XB 39 -19.28 -96.96 -15.14
N GLY XB 40 -19.62 -97.82 -16.10
CA GLY XB 40 -19.34 -97.56 -17.49
C GLY XB 40 -17.94 -97.92 -17.94
N LEU XB 41 -17.11 -98.45 -17.06
CA LEU XB 41 -15.76 -98.85 -17.45
C LEU XB 41 -15.82 -100.21 -18.13
N VAL XB 42 -15.33 -100.27 -19.36
CA VAL XB 42 -15.24 -101.51 -20.12
C VAL XB 42 -13.80 -101.70 -20.53
N THR XB 43 -13.35 -102.95 -20.57
CA THR XB 43 -11.95 -103.27 -20.82
C THR XB 43 -11.86 -104.33 -21.91
N ALA XB 44 -10.96 -104.12 -22.86
CA ALA XB 44 -10.67 -105.08 -23.92
C ALA XB 44 -9.32 -105.72 -23.67
N MET XB 45 -9.21 -107.00 -23.96
CA MET XB 45 -7.98 -107.76 -23.72
C MET XB 45 -7.57 -108.47 -24.99
N VAL XB 46 -6.37 -108.17 -25.48
CA VAL XB 46 -5.80 -108.84 -26.63
C VAL XB 46 -4.59 -109.64 -26.18
N LYS XB 47 -4.17 -110.57 -27.02
CA LYS XB 47 -3.12 -111.51 -26.66
C LYS XB 47 -2.33 -111.90 -27.90
N GLY XB 48 -1.01 -111.86 -27.80
CA GLY XB 48 -0.16 -112.23 -28.91
C GLY XB 48 1.29 -112.00 -28.56
N ASP XB 49 2.15 -112.09 -29.57
CA ASP XB 49 3.57 -111.82 -29.37
C ASP XB 49 3.77 -110.39 -28.90
N VAL XB 50 4.92 -110.15 -28.28
CA VAL XB 50 5.15 -108.87 -27.60
C VAL XB 50 5.19 -107.73 -28.60
N GLY XB 51 5.84 -107.94 -29.74
CA GLY XB 51 5.93 -106.87 -30.73
C GLY XB 51 4.59 -106.54 -31.34
N ALA XB 52 3.81 -107.57 -31.66
CA ALA XB 52 2.47 -107.35 -32.19
C ALA XB 52 1.59 -106.65 -31.16
N VAL XB 53 1.51 -107.21 -29.96
CA VAL XB 53 0.64 -106.67 -28.92
C VAL XB 53 1.02 -105.23 -28.61
N ASN XB 54 2.31 -104.93 -28.58
CA ASN XB 54 2.73 -103.55 -28.38
C ASN XB 54 2.11 -102.66 -29.44
N ALA XB 55 2.30 -102.99 -30.72
CA ALA XB 55 1.79 -102.18 -31.82
C ALA XB 55 0.27 -102.05 -31.77
N ALA XB 56 -0.42 -103.15 -31.46
CA ALA XB 56 -1.87 -103.11 -31.41
C ALA XB 56 -2.37 -102.09 -30.40
N VAL XB 57 -1.82 -102.12 -29.19
CA VAL XB 57 -2.33 -101.24 -28.14
C VAL XB 57 -2.12 -99.78 -28.50
N ASP XB 58 -1.02 -99.46 -29.19
CA ASP XB 58 -0.81 -98.08 -29.60
C ASP XB 58 -1.86 -97.63 -30.60
N SER XB 59 -2.19 -98.50 -31.56
CA SER XB 59 -3.20 -98.14 -32.55
C SER XB 59 -4.58 -98.12 -31.93
N GLY XB 60 -4.89 -99.08 -31.06
CA GLY XB 60 -6.20 -99.14 -30.46
C GLY XB 60 -6.51 -97.94 -29.57
N VAL XB 61 -5.51 -97.44 -28.86
CA VAL XB 61 -5.74 -96.27 -28.02
C VAL XB 61 -5.92 -95.03 -28.87
N GLU XB 62 -5.29 -95.00 -30.03
CA GLU XB 62 -5.36 -93.84 -30.90
C GLU XB 62 -6.73 -93.72 -31.56
N ALA XB 63 -7.33 -94.85 -31.93
CA ALA XB 63 -8.67 -94.83 -32.50
C ALA XB 63 -9.73 -94.55 -31.44
N ALA XB 64 -9.58 -95.14 -30.25
CA ALA XB 64 -10.60 -95.00 -29.22
C ALA XB 64 -10.60 -93.60 -28.63
N LYS XB 65 -9.43 -93.03 -28.38
CA LYS XB 65 -9.35 -91.67 -27.86
C LYS XB 65 -10.02 -90.67 -28.77
N ARG XB 66 -10.25 -91.05 -30.03
CA ARG XB 66 -10.73 -90.11 -31.03
C ARG XB 66 -12.21 -89.84 -30.88
N ILE XB 67 -12.97 -90.80 -30.36
CA ILE XB 67 -14.41 -90.63 -30.19
C ILE XB 67 -14.86 -90.68 -28.74
N GLY XB 68 -14.06 -91.24 -27.84
CA GLY XB 68 -14.47 -91.36 -26.45
C GLY XB 68 -13.30 -91.14 -25.51
N LYS XB 69 -13.36 -91.73 -24.32
CA LYS XB 69 -12.33 -91.52 -23.32
C LYS XB 69 -11.60 -92.82 -23.05
N VAL XB 70 -10.28 -92.80 -23.22
CA VAL XB 70 -9.44 -93.93 -22.88
C VAL XB 70 -8.90 -93.70 -21.48
N VAL XB 71 -9.29 -94.57 -20.56
CA VAL XB 71 -8.94 -94.38 -19.15
C VAL XB 71 -7.51 -94.82 -18.89
N SER XB 72 -7.13 -95.98 -19.41
CA SER XB 72 -5.77 -96.48 -19.20
C SER XB 72 -5.47 -97.57 -20.22
N SER XB 73 -4.18 -97.75 -20.47
CA SER XB 73 -3.68 -98.81 -21.34
C SER XB 73 -2.41 -99.39 -20.74
N ARG XB 74 -2.10 -100.62 -21.12
CA ARG XB 74 -0.99 -101.31 -20.48
C ARG XB 74 -0.65 -102.56 -21.27
N VAL XB 75 0.63 -102.87 -21.38
CA VAL XB 75 1.10 -104.11 -21.98
C VAL XB 75 1.92 -104.87 -20.95
N ILE XB 76 1.56 -106.12 -20.72
CA ILE XB 76 2.33 -107.03 -19.87
C ILE XB 76 3.07 -107.98 -20.79
N ALA XB 77 4.40 -107.88 -20.82
CA ALA XB 77 5.17 -108.66 -21.78
C ALA XB 77 5.13 -110.14 -21.45
N ARG XB 78 4.99 -110.49 -20.18
CA ARG XB 78 4.93 -111.89 -19.77
C ARG XB 78 4.10 -111.98 -18.50
N PRO XB 79 2.83 -112.32 -18.61
CA PRO XB 79 2.02 -112.44 -17.40
C PRO XB 79 2.36 -113.70 -16.64
N HIS XB 80 2.23 -113.60 -15.32
CA HIS XB 80 2.33 -114.78 -14.48
C HIS XB 80 1.22 -115.76 -14.83
N ASN XB 81 1.49 -117.05 -14.60
CA ASN XB 81 0.51 -118.06 -14.94
C ASN XB 81 -0.77 -117.90 -14.11
N ASP XB 82 -0.65 -117.35 -12.91
CA ASP XB 82 -1.84 -117.09 -12.11
C ASP XB 82 -2.74 -116.04 -12.76
N ILE XB 83 -2.12 -115.05 -13.41
CA ILE XB 83 -2.89 -114.02 -14.08
C ILE XB 83 -3.72 -114.59 -15.22
N GLU XB 84 -3.29 -115.70 -15.81
CA GLU XB 84 -4.09 -116.32 -16.86
C GLU XB 84 -5.11 -117.30 -16.27
N LYS XB 85 -5.77 -116.83 -15.21
CA LYS XB 85 -6.98 -117.43 -14.67
C LYS XB 85 -7.97 -116.37 -14.25
N ILE XB 86 -7.56 -115.10 -14.19
CA ILE XB 86 -8.44 -113.99 -13.93
C ILE XB 86 -8.99 -113.41 -15.23
N ALA XB 87 -8.14 -113.33 -16.26
CA ALA XB 87 -8.60 -112.88 -17.56
C ALA XB 87 -9.47 -113.94 -18.22
N GLY XB 88 -8.91 -115.11 -18.49
CA GLY XB 88 -9.65 -116.19 -19.09
C GLY XB 88 -10.34 -117.06 -18.06
N MET YB 1 -85.05 24.88 -64.38
CA MET YB 1 -84.84 26.02 -65.27
C MET YB 1 -86.12 26.36 -66.01
N ILE YB 2 -86.17 27.55 -66.60
CA ILE YB 2 -87.27 27.95 -67.46
C ILE YB 2 -86.70 28.70 -68.65
N LEU YB 3 -87.38 28.58 -69.79
CA LEU YB 3 -87.04 29.39 -70.95
C LEU YB 3 -87.58 30.80 -70.75
N ALA YB 4 -86.72 31.78 -70.98
CA ALA YB 4 -87.11 33.16 -70.79
C ALA YB 4 -86.33 34.02 -71.78
N LYS YB 5 -86.75 35.27 -71.87
CA LYS YB 5 -86.15 36.23 -72.80
C LYS YB 5 -85.78 37.48 -72.04
N VAL YB 6 -84.55 37.97 -72.26
CA VAL YB 6 -84.12 39.19 -71.61
C VAL YB 6 -84.85 40.38 -72.23
N THR YB 7 -85.50 41.18 -71.39
CA THR YB 7 -86.32 42.29 -71.86
C THR YB 7 -85.93 43.64 -71.29
N GLY YB 8 -84.86 43.72 -70.52
CA GLY YB 8 -84.45 45.00 -69.96
C GLY YB 8 -83.34 44.80 -68.94
N HIS YB 9 -83.17 45.80 -68.09
CA HIS YB 9 -82.21 45.72 -67.00
C HIS YB 9 -82.64 46.67 -65.89
N VAL YB 10 -82.02 46.51 -64.74
CA VAL YB 10 -82.35 47.27 -63.53
C VAL YB 10 -81.08 47.89 -63.00
N VAL YB 11 -81.12 49.19 -62.69
CA VAL YB 11 -80.00 49.91 -62.13
C VAL YB 11 -80.32 50.20 -60.68
N ALA YB 12 -79.58 49.55 -59.76
CA ALA YB 12 -79.78 49.70 -58.33
C ALA YB 12 -78.47 50.11 -57.70
N THR YB 13 -78.47 51.23 -56.99
CA THR YB 13 -77.26 51.76 -56.37
C THR YB 13 -77.13 51.33 -54.92
N GLN YB 14 -78.19 51.48 -54.14
CA GLN YB 14 -78.21 51.09 -52.72
C GLN YB 14 -78.64 49.64 -52.65
N LYS YB 15 -77.70 48.74 -52.42
CA LYS YB 15 -78.01 47.33 -52.39
C LYS YB 15 -77.00 46.60 -51.51
N CYS YB 16 -77.26 45.33 -51.26
CA CYS YB 16 -76.42 44.53 -50.40
C CYS YB 16 -75.05 44.31 -51.04
N ASP YB 17 -74.20 43.60 -50.32
CA ASP YB 17 -72.84 43.34 -50.78
C ASP YB 17 -72.72 42.04 -51.54
N GLU YB 18 -73.64 41.10 -51.35
CA GLU YB 18 -73.64 39.86 -52.12
C GLU YB 18 -73.96 40.11 -53.59
N LEU YB 19 -74.35 41.33 -53.95
CA LEU YB 19 -74.74 41.66 -55.32
C LEU YB 19 -73.81 42.66 -55.98
N ARG YB 20 -72.68 42.99 -55.36
CA ARG YB 20 -71.79 43.99 -55.94
C ARG YB 20 -71.09 43.45 -57.17
N GLY YB 21 -71.10 44.22 -58.25
CA GLY YB 21 -70.40 43.84 -59.46
C GLY YB 21 -71.08 42.73 -60.24
N SER YB 22 -72.35 42.92 -60.56
CA SER YB 22 -73.10 41.93 -61.33
C SER YB 22 -74.23 42.65 -62.05
N ASN YB 23 -74.69 42.03 -63.13
CA ASN YB 23 -75.78 42.58 -63.91
C ASN YB 23 -77.10 42.16 -63.30
N LEU YB 24 -78.15 42.94 -63.55
CA LEU YB 24 -79.49 42.61 -63.08
C LEU YB 24 -80.45 42.78 -64.25
N LEU YB 25 -80.85 41.66 -64.85
CA LEU YB 25 -81.66 41.66 -66.05
C LEU YB 25 -83.11 41.37 -65.73
N LEU YB 26 -84.00 41.97 -66.50
CA LEU YB 26 -85.42 41.61 -66.46
C LEU YB 26 -85.62 40.41 -67.35
N ILE YB 27 -86.29 39.40 -66.84
CA ILE YB 27 -86.34 38.07 -67.44
C ILE YB 27 -87.81 37.70 -67.56
N THR YB 28 -88.32 37.62 -68.78
CA THR YB 28 -89.73 37.36 -69.01
C THR YB 28 -89.93 35.94 -69.50
N ARG YB 29 -90.75 35.17 -68.80
CA ARG YB 29 -91.04 33.81 -69.21
C ARG YB 29 -91.87 33.80 -70.48
N LEU YB 30 -91.47 32.97 -71.45
CA LEU YB 30 -92.12 32.92 -72.74
C LEU YB 30 -92.85 31.59 -72.93
N ASP YB 31 -93.94 31.64 -73.68
CA ASP YB 31 -94.86 30.51 -73.80
C ASP YB 31 -94.45 29.53 -74.89
N ASP YB 32 -95.31 28.58 -75.24
CA ASP YB 32 -94.95 27.49 -76.15
C ASP YB 32 -94.91 27.92 -77.61
N LYS YB 33 -95.07 29.20 -77.91
CA LYS YB 33 -94.83 29.73 -79.24
C LYS YB 33 -93.60 30.62 -79.27
N GLN YB 34 -92.76 30.55 -78.24
CA GLN YB 34 -91.62 31.42 -78.06
C GLN YB 34 -92.04 32.88 -78.11
N GLN YB 35 -92.97 33.24 -77.22
CA GLN YB 35 -93.53 34.57 -77.15
C GLN YB 35 -93.70 34.93 -75.68
N PRO YB 36 -93.25 36.10 -75.25
CA PRO YB 36 -93.32 36.46 -73.84
C PRO YB 36 -94.75 36.50 -73.33
N MET YB 37 -94.91 36.17 -72.06
CA MET YB 37 -96.21 36.17 -71.39
C MET YB 37 -96.43 37.49 -70.67
N LYS YB 38 -97.56 37.59 -69.98
CA LYS YB 38 -97.94 38.79 -69.25
C LYS YB 38 -97.77 38.55 -67.75
N ASP YB 39 -97.18 39.53 -67.07
CA ASP YB 39 -96.99 39.49 -65.62
C ASP YB 39 -96.16 38.28 -65.20
N GLN YB 40 -95.04 38.08 -65.88
CA GLN YB 40 -94.18 36.93 -65.62
C GLN YB 40 -92.72 37.32 -65.63
N THR YB 41 -92.39 38.45 -65.00
CA THR YB 41 -91.05 39.02 -65.06
C THR YB 41 -90.35 38.87 -63.71
N TRP YB 42 -89.12 38.37 -63.76
CA TRP YB 42 -88.26 38.30 -62.59
C TRP YB 42 -86.97 39.06 -62.87
N VAL YB 43 -86.19 39.26 -61.83
CA VAL YB 43 -84.89 39.90 -61.95
C VAL YB 43 -83.82 38.85 -61.70
N ALA YB 44 -82.91 38.70 -62.66
CA ALA YB 44 -81.92 37.65 -62.61
C ALA YB 44 -80.53 38.24 -62.67
N VAL YB 45 -79.63 37.69 -61.87
CA VAL YB 45 -78.23 38.10 -61.88
C VAL YB 45 -77.55 37.39 -63.04
N ASP YB 46 -77.22 38.13 -64.09
CA ASP YB 46 -76.55 37.54 -65.23
C ASP YB 46 -75.26 36.87 -64.80
N ASN YB 47 -74.93 35.76 -65.45
CA ASN YB 47 -73.75 34.99 -65.09
C ASN YB 47 -72.90 34.56 -66.27
N VAL YB 48 -73.42 34.58 -67.50
CA VAL YB 48 -72.69 34.13 -68.67
C VAL YB 48 -72.58 35.21 -69.74
N GLY YB 49 -73.15 36.38 -69.53
CA GLY YB 49 -73.01 37.44 -70.50
C GLY YB 49 -74.14 37.50 -71.50
N ALA YB 50 -75.37 37.60 -71.03
CA ALA YB 50 -76.53 37.74 -71.89
C ALA YB 50 -76.93 39.21 -71.99
N GLY YB 51 -77.50 39.56 -73.14
CA GLY YB 51 -77.94 40.93 -73.36
C GLY YB 51 -79.38 40.99 -73.80
N MET YB 52 -79.80 42.09 -74.39
CA MET YB 52 -81.20 42.25 -74.74
C MET YB 52 -81.61 41.28 -75.85
N HIS YB 53 -82.87 40.87 -75.81
CA HIS YB 53 -83.52 40.08 -76.84
C HIS YB 53 -83.03 38.64 -76.91
N ASP YB 54 -82.15 38.22 -76.01
CA ASP YB 54 -81.57 36.89 -76.07
C ASP YB 54 -82.42 35.92 -75.27
N ILE YB 55 -82.63 34.72 -75.83
CA ILE YB 55 -83.37 33.69 -75.13
C ILE YB 55 -82.41 32.94 -74.21
N VAL YB 56 -82.68 32.96 -72.91
CA VAL YB 56 -81.76 32.42 -71.93
C VAL YB 56 -82.46 31.34 -71.12
N LEU YB 57 -81.74 30.78 -70.15
CA LEU YB 57 -82.21 29.65 -69.36
C LEU YB 57 -82.01 30.03 -67.90
N ALA YB 58 -83.05 30.60 -67.30
CA ALA YB 58 -82.96 31.17 -65.96
C ALA YB 58 -83.21 30.11 -64.91
N GLU YB 59 -82.32 30.02 -63.94
CA GLU YB 59 -82.38 29.00 -62.90
C GLU YB 59 -82.89 29.60 -61.60
N GLU YB 60 -83.51 28.77 -60.78
CA GLU YB 60 -84.10 29.20 -59.53
C GLU YB 60 -83.04 29.28 -58.43
N TYR YB 61 -83.49 29.30 -57.18
CA TYR YB 61 -82.75 29.87 -56.05
C TYR YB 61 -81.25 29.69 -56.07
N PHE YB 62 -80.76 28.47 -55.99
CA PHE YB 62 -79.35 28.26 -55.61
C PHE YB 62 -78.49 28.13 -56.86
N ALA YB 63 -77.68 29.16 -57.11
CA ALA YB 63 -76.64 29.10 -58.12
C ALA YB 63 -75.35 29.79 -57.68
N LEU YB 64 -75.17 30.00 -56.37
CA LEU YB 64 -73.96 30.59 -55.80
C LEU YB 64 -73.70 31.98 -56.37
N ASN YB 65 -74.62 32.89 -56.11
CA ASN YB 65 -74.52 34.24 -56.64
C ASN YB 65 -74.98 35.30 -55.63
N TYR YB 69 -75.49 31.76 -50.61
CA TYR YB 69 -75.81 32.51 -51.81
C TYR YB 69 -76.91 31.83 -52.61
N LYS YB 70 -78.04 32.51 -52.78
CA LYS YB 70 -79.19 31.91 -53.42
C LYS YB 70 -79.88 32.84 -54.41
N ALA YB 71 -79.14 33.65 -55.16
CA ALA YB 71 -79.78 34.55 -56.11
C ALA YB 71 -80.16 33.80 -57.38
N MET YB 72 -81.27 34.23 -57.98
CA MET YB 72 -81.78 33.65 -59.22
C MET YB 72 -80.92 34.18 -60.36
N SER YB 73 -80.21 33.29 -61.04
CA SER YB 73 -79.27 33.70 -62.06
C SER YB 73 -79.57 33.03 -63.40
N VAL YB 74 -78.92 33.54 -64.43
CA VAL YB 74 -78.98 32.97 -65.77
C VAL YB 74 -77.79 32.05 -65.94
N VAL YB 75 -78.02 30.84 -66.45
CA VAL YB 75 -76.99 29.81 -66.48
C VAL YB 75 -76.69 29.29 -67.88
N ALA YB 76 -77.41 29.77 -68.90
CA ALA YB 76 -77.18 29.26 -70.25
C ALA YB 76 -77.84 30.17 -71.25
N ILE YB 77 -77.18 30.35 -72.40
CA ILE YB 77 -77.75 31.05 -73.54
C ILE YB 77 -78.13 30.01 -74.58
N VAL YB 78 -79.37 30.05 -75.03
CA VAL YB 78 -79.95 28.95 -75.79
C VAL YB 78 -79.79 29.21 -77.27
N GLU YB 79 -79.27 28.23 -77.99
CA GLU YB 79 -79.11 28.29 -79.44
C GLU YB 79 -80.36 27.81 -80.17
N LYS YB 80 -80.79 26.58 -79.90
CA LYS YB 80 -81.93 25.98 -80.59
C LYS YB 80 -82.89 25.38 -79.58
N VAL YB 81 -84.18 25.56 -79.83
CA VAL YB 81 -85.24 24.95 -79.04
C VAL YB 81 -86.05 24.09 -79.99
N PHE YB 82 -85.72 22.80 -80.06
CA PHE YB 82 -86.47 21.86 -80.87
C PHE YB 82 -87.66 21.36 -80.07
N ARG YB 83 -88.86 21.53 -80.62
CA ARG YB 83 -90.07 21.27 -79.85
C ARG YB 83 -91.15 20.76 -80.81
N ASP YB 84 -91.55 19.50 -80.63
CA ASP YB 84 -92.68 18.97 -81.36
C ASP YB 84 -93.18 17.68 -80.70
N GLU ZB 3 -47.23 83.69 -68.48
CA GLU ZB 3 -47.70 82.96 -67.30
C GLU ZB 3 -46.81 81.76 -67.05
N ALA ZB 4 -46.89 81.21 -65.83
CA ALA ZB 4 -46.06 80.08 -65.43
C ALA ZB 4 -46.50 78.82 -66.16
N LEU ZB 5 -45.86 77.71 -65.81
CA LEU ZB 5 -46.15 76.44 -66.48
C LEU ZB 5 -45.99 75.31 -65.49
N GLY ZB 6 -46.94 74.39 -65.49
CA GLY ZB 6 -46.92 73.28 -64.54
C GLY ZB 6 -47.05 71.96 -65.24
N LEU ZB 7 -46.27 70.97 -64.79
CA LEU ZB 7 -46.15 69.70 -65.48
C LEU ZB 7 -46.25 68.56 -64.49
N ILE ZB 8 -47.11 67.59 -64.78
CA ILE ZB 8 -47.15 66.33 -64.06
C ILE ZB 8 -46.97 65.20 -65.04
N GLU ZB 9 -46.19 64.19 -64.65
CA GLU ZB 9 -45.91 63.04 -65.50
C GLU ZB 9 -46.14 61.77 -64.72
N THR ZB 10 -46.93 60.88 -65.32
CA THR ZB 10 -47.52 59.72 -64.66
C THR ZB 10 -47.40 58.50 -65.57
N LYS ZB 11 -47.44 57.32 -64.96
CA LYS ZB 11 -47.51 56.06 -65.69
C LYS ZB 11 -48.97 55.65 -65.87
N GLY ZB 12 -49.42 55.58 -67.10
CA GLY ZB 12 -50.80 55.24 -67.35
C GLY ZB 12 -51.65 56.47 -67.63
N LEU ZB 13 -52.75 56.26 -68.35
CA LEU ZB 13 -53.59 57.39 -68.74
C LEU ZB 13 -54.62 57.73 -67.68
N VAL ZB 14 -55.07 56.74 -66.92
CA VAL ZB 14 -56.12 56.97 -65.94
C VAL ZB 14 -55.64 57.92 -64.86
N ALA ZB 15 -54.47 57.64 -64.29
CA ALA ZB 15 -53.95 58.50 -63.25
C ALA ZB 15 -53.67 59.90 -63.76
N CYS ZB 16 -53.31 60.05 -65.03
CA CYS ZB 16 -53.09 61.39 -65.56
C CYS ZB 16 -54.40 62.14 -65.73
N ILE ZB 17 -55.48 61.46 -66.12
CA ILE ZB 17 -56.76 62.16 -66.22
C ILE ZB 17 -57.24 62.59 -64.83
N GLU ZB 18 -57.04 61.73 -63.83
CA GLU ZB 18 -57.35 62.12 -62.47
C GLU ZB 18 -56.56 63.35 -62.05
N ALA ZB 19 -55.25 63.34 -62.31
CA ALA ZB 19 -54.41 64.47 -61.96
C ALA ZB 19 -54.87 65.76 -62.64
N ALA ZB 20 -55.18 65.68 -63.93
CA ALA ZB 20 -55.59 66.87 -64.66
C ALA ZB 20 -56.92 67.41 -64.16
N ASP ZB 21 -57.85 66.54 -63.79
CA ASP ZB 21 -59.10 67.02 -63.22
C ASP ZB 21 -58.86 67.71 -61.89
N ALA ZB 22 -58.06 67.11 -61.02
CA ALA ZB 22 -57.78 67.76 -59.74
C ALA ZB 22 -57.12 69.11 -59.94
N MET ZB 23 -56.15 69.20 -60.86
CA MET ZB 23 -55.49 70.47 -61.13
C MET ZB 23 -56.50 71.51 -61.59
N CYS ZB 24 -57.36 71.15 -62.54
CA CYS ZB 24 -58.29 72.13 -63.06
C CYS ZB 24 -59.30 72.58 -62.01
N LYS ZB 25 -59.60 71.72 -61.04
CA LYS ZB 25 -60.56 72.12 -60.01
C LYS ZB 25 -59.92 72.95 -58.91
N ALA ZB 26 -58.64 72.70 -58.60
CA ALA ZB 26 -58.05 73.24 -57.38
C ALA ZB 26 -57.61 74.70 -57.49
N ALA ZB 27 -57.51 75.27 -58.69
CA ALA ZB 27 -57.07 76.64 -58.82
C ALA ZB 27 -57.43 77.14 -60.21
N ASN ZB 28 -57.23 78.45 -60.41
CA ASN ZB 28 -57.57 79.09 -61.68
C ASN ZB 28 -56.42 78.88 -62.67
N VAL ZB 29 -56.39 77.70 -63.26
CA VAL ZB 29 -55.40 77.35 -64.27
C VAL ZB 29 -56.12 76.75 -65.46
N GLU ZB 30 -55.49 76.85 -66.63
CA GLU ZB 30 -56.05 76.37 -67.87
C GLU ZB 30 -55.24 75.18 -68.37
N LEU ZB 31 -55.92 74.16 -68.88
CA LEU ZB 31 -55.26 72.94 -69.33
C LEU ZB 31 -54.76 73.12 -70.75
N ILE ZB 32 -53.47 72.88 -70.97
CA ILE ZB 32 -52.89 73.04 -72.29
C ILE ZB 32 -53.13 71.79 -73.14
N GLY ZB 33 -52.74 70.63 -72.63
CA GLY ZB 33 -53.00 69.40 -73.36
C GLY ZB 33 -52.22 68.25 -72.74
N TYR ZB 34 -52.42 67.08 -73.35
CA TYR ZB 34 -51.69 65.87 -72.99
C TYR ZB 34 -50.62 65.59 -74.02
N GLU ZB 35 -49.64 64.79 -73.62
CA GLU ZB 35 -48.57 64.40 -74.54
C GLU ZB 35 -47.91 63.15 -73.96
N ASN ZB 36 -48.14 62.01 -74.59
CA ASN ZB 36 -47.46 60.78 -74.17
C ASN ZB 36 -46.27 60.51 -75.08
N VAL ZB 37 -45.16 60.15 -74.45
CA VAL ZB 37 -43.91 59.89 -75.16
C VAL ZB 37 -43.55 58.43 -74.89
N GLY ZB 38 -44.05 57.55 -75.73
CA GLY ZB 38 -43.62 56.17 -75.63
C GLY ZB 38 -44.14 55.47 -74.39
N SER ZB 39 -43.24 54.78 -73.70
CA SER ZB 39 -43.62 53.69 -72.81
C SER ZB 39 -44.39 54.15 -71.59
N GLY ZB 40 -45.71 54.03 -71.66
CA GLY ZB 40 -46.61 54.29 -70.55
C GLY ZB 40 -46.32 55.53 -69.75
N LEU ZB 41 -46.07 56.64 -70.41
CA LEU ZB 41 -45.76 57.90 -69.75
C LEU ZB 41 -46.62 58.99 -70.36
N VAL ZB 42 -47.55 59.52 -69.58
CA VAL ZB 42 -48.39 60.61 -70.03
C VAL ZB 42 -48.11 61.83 -69.17
N THR ZB 43 -48.15 63.00 -69.80
CA THR ZB 43 -47.82 64.25 -69.14
C THR ZB 43 -48.93 65.26 -69.37
N ALA ZB 44 -49.34 65.95 -68.31
CA ALA ZB 44 -50.30 67.04 -68.38
C ALA ZB 44 -49.62 68.36 -68.08
N MET ZB 45 -50.01 69.38 -68.83
CA MET ZB 45 -49.43 70.72 -68.75
C MET ZB 45 -50.54 71.73 -68.49
N VAL ZB 46 -50.33 72.60 -67.50
CA VAL ZB 46 -51.26 73.66 -67.15
C VAL ZB 46 -50.52 74.98 -67.13
N LYS ZB 47 -51.28 76.07 -67.26
CA LYS ZB 47 -50.68 77.40 -67.27
C LYS ZB 47 -51.57 78.38 -66.51
N GLY ZB 48 -50.94 79.33 -65.84
CA GLY ZB 48 -51.64 80.33 -65.06
C GLY ZB 48 -50.63 81.16 -64.28
N ASP ZB 49 -51.14 81.92 -63.33
CA ASP ZB 49 -50.24 82.68 -62.47
C ASP ZB 49 -49.40 81.74 -61.63
N VAL ZB 50 -48.35 82.28 -61.01
CA VAL ZB 50 -47.36 81.42 -60.35
C VAL ZB 50 -47.95 80.77 -59.10
N GLY ZB 51 -48.62 81.56 -58.26
CA GLY ZB 51 -49.23 80.97 -57.07
C GLY ZB 51 -50.33 79.98 -57.40
N ALA ZB 52 -51.19 80.34 -58.36
CA ALA ZB 52 -52.24 79.42 -58.80
C ALA ZB 52 -51.65 78.12 -59.30
N VAL ZB 53 -50.61 78.20 -60.14
CA VAL ZB 53 -50.06 76.99 -60.75
C VAL ZB 53 -49.37 76.13 -59.71
N ASN ZB 54 -48.70 76.75 -58.75
CA ASN ZB 54 -48.09 76.00 -57.67
C ASN ZB 54 -49.13 75.21 -56.89
N ALA ZB 55 -50.24 75.88 -56.53
CA ALA ZB 55 -51.33 75.20 -55.84
C ALA ZB 55 -51.91 74.06 -56.69
N ALA ZB 56 -52.14 74.32 -57.97
CA ALA ZB 56 -52.71 73.28 -58.82
C ALA ZB 56 -51.81 72.06 -58.88
N VAL ZB 57 -50.50 72.28 -58.98
CA VAL ZB 57 -49.60 71.13 -59.15
C VAL ZB 57 -49.54 70.30 -57.89
N ASP ZB 58 -49.46 70.93 -56.72
CA ASP ZB 58 -49.38 70.07 -55.54
C ASP ZB 58 -50.70 69.31 -55.32
N SER ZB 59 -51.85 69.94 -55.62
CA SER ZB 59 -53.10 69.20 -55.51
C SER ZB 59 -53.17 68.03 -56.49
N GLY ZB 60 -52.80 68.26 -57.75
CA GLY ZB 60 -52.86 67.20 -58.74
C GLY ZB 60 -51.92 66.04 -58.45
N VAL ZB 61 -50.72 66.33 -57.96
CA VAL ZB 61 -49.83 65.25 -57.57
C VAL ZB 61 -50.45 64.46 -56.44
N GLU ZB 62 -51.03 65.15 -55.45
CA GLU ZB 62 -51.71 64.48 -54.36
C GLU ZB 62 -52.78 63.52 -54.86
N ALA ZB 63 -53.55 63.93 -55.87
CA ALA ZB 63 -54.64 63.09 -56.37
C ALA ZB 63 -54.11 61.90 -57.15
N ALA ZB 64 -53.20 62.13 -58.09
CA ALA ZB 64 -52.74 61.03 -58.94
C ALA ZB 64 -51.90 60.02 -58.18
N LYS ZB 65 -51.20 60.46 -57.13
CA LYS ZB 65 -50.43 59.55 -56.30
C LYS ZB 65 -51.31 58.55 -55.59
N ARG ZB 66 -52.61 58.81 -55.52
CA ARG ZB 66 -53.53 57.96 -54.78
C ARG ZB 66 -53.78 56.65 -55.51
N ILE ZB 67 -53.93 56.71 -56.84
CA ILE ZB 67 -54.33 55.56 -57.63
C ILE ZB 67 -53.26 55.14 -58.62
N GLY ZB 68 -52.22 55.93 -58.80
CA GLY ZB 68 -51.18 55.55 -59.75
C GLY ZB 68 -49.80 55.95 -59.30
N LYS ZB 69 -48.88 56.08 -60.25
CA LYS ZB 69 -47.51 56.43 -59.95
C LYS ZB 69 -47.20 57.78 -60.58
N VAL ZB 70 -47.03 58.80 -59.75
CA VAL ZB 70 -46.56 60.09 -60.23
C VAL ZB 70 -45.06 60.01 -60.40
N VAL ZB 71 -44.59 60.12 -61.63
CA VAL ZB 71 -43.17 60.05 -61.90
C VAL ZB 71 -42.48 61.39 -61.63
N SER ZB 72 -43.06 62.49 -62.09
CA SER ZB 72 -42.39 63.76 -61.86
C SER ZB 72 -43.37 64.91 -61.87
N SER ZB 73 -42.99 66.01 -61.23
CA SER ZB 73 -43.76 67.24 -61.26
C SER ZB 73 -42.80 68.42 -61.26
N ARG ZB 74 -43.23 69.52 -61.87
CA ARG ZB 74 -42.33 70.65 -61.97
C ARG ZB 74 -43.11 71.91 -62.33
N VAL ZB 75 -42.74 73.03 -61.71
CA VAL ZB 75 -43.29 74.33 -62.03
C VAL ZB 75 -42.16 75.20 -62.59
N ILE ZB 76 -42.43 75.86 -63.71
CA ILE ZB 76 -41.51 76.81 -64.31
C ILE ZB 76 -42.13 78.19 -64.18
N ALA ZB 77 -41.48 79.07 -63.43
CA ALA ZB 77 -42.10 80.32 -63.05
C ALA ZB 77 -42.15 81.30 -64.21
N ARG ZB 78 -41.13 81.29 -65.07
CA ARG ZB 78 -41.15 82.10 -66.29
C ARG ZB 78 -40.56 81.27 -67.40
N PRO ZB 79 -41.38 80.61 -68.22
CA PRO ZB 79 -40.85 79.83 -69.33
C PRO ZB 79 -40.31 80.75 -70.41
N HIS ZB 80 -39.21 80.32 -71.02
CA HIS ZB 80 -38.59 81.13 -72.04
C HIS ZB 80 -39.47 81.20 -73.28
N ASN ZB 81 -39.43 82.36 -73.95
CA ASN ZB 81 -40.34 82.61 -75.06
C ASN ZB 81 -40.19 81.56 -76.14
N ASP ZB 82 -38.97 81.06 -76.35
CA ASP ZB 82 -38.75 80.03 -77.36
C ASP ZB 82 -39.57 78.78 -77.06
N ILE ZB 83 -39.66 78.41 -75.79
CA ILE ZB 83 -40.36 77.20 -75.39
C ILE ZB 83 -41.87 77.44 -75.39
N GLU AC 3 -72.14 64.89 -68.28
CA GLU AC 3 -72.43 63.54 -67.80
C GLU AC 3 -71.18 62.91 -67.23
N ALA AC 4 -71.36 61.92 -66.38
CA ALA AC 4 -70.24 61.31 -65.68
C ALA AC 4 -69.33 60.60 -66.68
N LEU AC 5 -68.25 60.04 -66.17
CA LEU AC 5 -67.22 59.48 -67.02
C LEU AC 5 -66.47 58.39 -66.25
N GLY AC 6 -66.34 57.23 -66.84
CA GLY AC 6 -65.67 56.12 -66.19
C GLY AC 6 -64.58 55.54 -67.06
N LEU AC 7 -63.51 55.08 -66.42
CA LEU AC 7 -62.35 54.56 -67.11
C LEU AC 7 -61.92 53.26 -66.48
N ILE AC 8 -61.53 52.30 -67.32
CA ILE AC 8 -60.88 51.07 -66.88
C ILE AC 8 -59.59 50.93 -67.67
N GLU AC 9 -58.50 50.59 -66.98
CA GLU AC 9 -57.21 50.42 -67.62
C GLU AC 9 -56.73 48.99 -67.43
N THR AC 10 -56.40 48.33 -68.53
CA THR AC 10 -56.04 46.92 -68.52
C THR AC 10 -54.76 46.70 -69.30
N LYS AC 11 -54.08 45.62 -68.96
CA LYS AC 11 -52.87 45.21 -69.65
C LYS AC 11 -53.24 44.25 -70.77
N GLY AC 12 -53.14 44.70 -72.01
CA GLY AC 12 -53.53 43.88 -73.14
C GLY AC 12 -54.89 44.28 -73.67
N LEU AC 13 -55.07 44.07 -74.98
CA LEU AC 13 -56.31 44.51 -75.61
C LEU AC 13 -57.47 43.57 -75.34
N VAL AC 14 -57.21 42.27 -75.19
CA VAL AC 14 -58.29 41.31 -75.03
C VAL AC 14 -59.05 41.58 -73.73
N ALA AC 15 -58.33 41.76 -72.63
CA ALA AC 15 -58.98 42.06 -71.36
C ALA AC 15 -59.79 43.34 -71.44
N CYS AC 16 -59.42 44.24 -72.36
CA CYS AC 16 -60.15 45.50 -72.48
C CYS AC 16 -61.45 45.33 -73.26
N ILE AC 17 -61.51 44.38 -74.19
CA ILE AC 17 -62.76 44.17 -74.91
C ILE AC 17 -63.75 43.38 -74.06
N GLU AC 18 -63.26 42.50 -73.19
CA GLU AC 18 -64.16 41.88 -72.22
C GLU AC 18 -64.68 42.91 -71.22
N ALA AC 19 -63.81 43.82 -70.78
CA ALA AC 19 -64.26 44.87 -69.87
C ALA AC 19 -65.30 45.76 -70.53
N ALA AC 20 -65.08 46.14 -71.79
CA ALA AC 20 -66.02 47.04 -72.45
C ALA AC 20 -67.31 46.34 -72.81
N ASP AC 21 -67.30 45.02 -72.96
CA ASP AC 21 -68.53 44.30 -73.24
C ASP AC 21 -69.40 44.20 -71.99
N ALA AC 22 -68.78 43.96 -70.83
CA ALA AC 22 -69.54 43.91 -69.59
C ALA AC 22 -70.09 45.28 -69.23
N MET AC 23 -69.32 46.34 -69.49
CA MET AC 23 -69.78 47.69 -69.20
C MET AC 23 -71.02 48.02 -70.03
N CYS AC 24 -70.98 47.73 -71.33
CA CYS AC 24 -72.06 48.15 -72.21
C CYS AC 24 -73.33 47.36 -72.00
N LYS AC 25 -73.25 46.17 -71.41
CA LYS AC 25 -74.43 45.37 -71.13
C LYS AC 25 -75.03 45.68 -69.77
N ALA AC 26 -74.26 46.26 -68.87
CA ALA AC 26 -74.68 46.41 -67.49
C ALA AC 26 -75.58 47.62 -67.27
N ALA AC 27 -75.50 48.63 -68.12
CA ALA AC 27 -76.32 49.82 -67.96
C ALA AC 27 -76.40 50.54 -69.29
N ASN AC 28 -77.06 51.69 -69.28
CA ASN AC 28 -77.30 52.45 -70.49
C ASN AC 28 -76.25 53.55 -70.61
N VAL AC 29 -75.05 53.14 -71.00
CA VAL AC 29 -73.92 54.05 -71.21
C VAL AC 29 -73.49 53.93 -72.66
N GLU AC 30 -72.98 55.02 -73.21
CA GLU AC 30 -72.43 55.03 -74.54
C GLU AC 30 -70.91 54.94 -74.45
N LEU AC 31 -70.33 54.04 -75.22
CA LEU AC 31 -68.89 53.80 -75.18
C LEU AC 31 -68.18 54.76 -76.11
N ILE AC 32 -67.16 55.44 -75.60
CA ILE AC 32 -66.49 56.49 -76.37
C ILE AC 32 -65.39 55.92 -77.25
N GLY AC 33 -64.47 55.16 -76.68
CA GLY AC 33 -63.45 54.53 -77.50
C GLY AC 33 -62.22 54.19 -76.68
N TYR AC 34 -61.34 53.44 -77.31
CA TYR AC 34 -60.10 52.97 -76.70
C TYR AC 34 -58.98 53.97 -76.92
N GLU AC 35 -57.95 53.86 -76.09
CA GLU AC 35 -56.75 54.70 -76.22
C GLU AC 35 -55.61 53.95 -75.54
N ASN AC 36 -54.63 53.51 -76.31
CA ASN AC 36 -53.45 52.88 -75.73
C ASN AC 36 -52.30 53.86 -75.68
N VAL AC 37 -51.54 53.79 -74.59
CA VAL AC 37 -50.44 54.72 -74.34
C VAL AC 37 -49.11 54.02 -74.38
N GLY AC 38 -49.07 52.77 -74.82
CA GLY AC 38 -47.84 52.02 -74.86
C GLY AC 38 -47.59 51.25 -73.58
N SER AC 39 -46.62 50.33 -73.66
CA SER AC 39 -46.27 49.41 -72.60
C SER AC 39 -47.36 48.37 -72.36
N GLY AC 40 -48.30 48.24 -73.28
CA GLY AC 40 -49.37 47.26 -73.15
C GLY AC 40 -50.60 47.76 -72.44
N LEU AC 41 -50.67 49.04 -72.09
CA LEU AC 41 -51.79 49.58 -71.33
C LEU AC 41 -52.85 50.09 -72.29
N VAL AC 42 -54.06 49.57 -72.17
CA VAL AC 42 -55.21 49.99 -72.98
C VAL AC 42 -56.31 50.46 -72.04
N THR AC 43 -56.99 51.53 -72.42
CA THR AC 43 -58.00 52.15 -71.58
C THR AC 43 -59.31 52.26 -72.35
N ALA AC 44 -60.40 51.89 -71.71
CA ALA AC 44 -61.74 52.05 -72.27
C ALA AC 44 -62.48 53.12 -71.48
N MET AC 45 -63.27 53.93 -72.18
CA MET AC 45 -63.90 55.11 -71.60
C MET AC 45 -65.37 55.14 -71.97
N VAL AC 46 -66.25 55.21 -70.96
CA VAL AC 46 -67.68 55.29 -71.17
C VAL AC 46 -68.18 56.60 -70.58
N LYS AC 47 -69.43 56.95 -70.91
CA LYS AC 47 -70.02 58.16 -70.37
C LYS AC 47 -71.53 58.02 -70.32
N GLY AC 48 -72.12 58.59 -69.28
CA GLY AC 48 -73.54 58.50 -69.06
C GLY AC 48 -73.88 59.07 -67.70
N ASP AC 49 -75.11 58.82 -67.26
CA ASP AC 49 -75.51 59.26 -65.93
C ASP AC 49 -74.66 58.57 -64.88
N VAL AC 50 -74.54 59.21 -63.72
CA VAL AC 50 -73.59 58.76 -62.71
C VAL AC 50 -74.04 57.49 -61.99
N GLY AC 51 -75.35 57.21 -61.96
CA GLY AC 51 -75.79 55.93 -61.44
C GLY AC 51 -75.53 54.81 -62.42
N ALA AC 52 -75.68 55.08 -63.71
CA ALA AC 52 -75.39 54.07 -64.72
C ALA AC 52 -73.88 53.85 -64.85
N VAL AC 53 -73.12 54.93 -64.92
CA VAL AC 53 -71.67 54.82 -65.12
C VAL AC 53 -71.04 54.10 -63.94
N ASN AC 54 -71.50 54.39 -62.73
CA ASN AC 54 -71.02 53.64 -61.58
C ASN AC 54 -71.23 52.16 -61.80
N ALA AC 55 -72.49 51.74 -61.97
CA ALA AC 55 -72.81 50.33 -62.13
C ALA AC 55 -71.99 49.66 -63.22
N ALA AC 56 -71.75 50.37 -64.32
CA ALA AC 56 -71.01 49.77 -65.44
C ALA AC 56 -69.57 49.50 -65.06
N VAL AC 57 -68.90 50.44 -64.40
CA VAL AC 57 -67.50 50.28 -64.11
C VAL AC 57 -67.27 49.18 -63.08
N ASP AC 58 -68.17 49.05 -62.11
CA ASP AC 58 -68.04 47.95 -61.15
C ASP AC 58 -68.16 46.61 -61.84
N SER AC 59 -69.04 46.52 -62.84
CA SER AC 59 -69.24 45.25 -63.54
C SER AC 59 -68.09 44.97 -64.49
N GLY AC 60 -67.64 45.98 -65.22
CA GLY AC 60 -66.53 45.77 -66.14
C GLY AC 60 -65.24 45.41 -65.44
N VAL AC 61 -65.02 45.91 -64.23
CA VAL AC 61 -63.80 45.60 -63.51
C VAL AC 61 -63.80 44.13 -63.11
N GLU AC 62 -64.93 43.61 -62.67
CA GLU AC 62 -64.98 42.23 -62.21
C GLU AC 62 -64.82 41.23 -63.35
N ALA AC 63 -65.35 41.56 -64.53
CA ALA AC 63 -65.25 40.66 -65.67
C ALA AC 63 -63.84 40.64 -66.24
N ALA AC 64 -63.24 41.80 -66.43
CA ALA AC 64 -61.87 41.85 -66.93
C ALA AC 64 -60.89 41.28 -65.92
N LYS AC 65 -61.16 41.44 -64.62
CA LYS AC 65 -60.31 40.86 -63.59
C LYS AC 65 -60.24 39.35 -63.73
N ARG AC 66 -61.28 38.75 -64.30
CA ARG AC 66 -61.37 37.29 -64.35
C ARG AC 66 -60.39 36.70 -65.36
N ILE AC 67 -60.10 37.41 -66.44
CA ILE AC 67 -59.32 36.87 -67.55
C ILE AC 67 -58.07 37.67 -67.83
N GLY AC 68 -57.78 38.70 -67.08
CA GLY AC 68 -56.60 39.49 -67.31
C GLY AC 68 -56.24 40.28 -66.08
N LYS AC 69 -55.41 41.29 -66.28
CA LYS AC 69 -54.99 42.18 -65.20
C LYS AC 69 -55.67 43.53 -65.39
N VAL AC 70 -56.40 43.96 -64.37
CA VAL AC 70 -56.97 45.30 -64.33
C VAL AC 70 -56.01 46.17 -63.55
N VAL AC 71 -55.50 47.23 -64.19
CA VAL AC 71 -54.51 48.09 -63.58
C VAL AC 71 -55.16 49.16 -62.71
N SER AC 72 -56.24 49.77 -63.21
CA SER AC 72 -56.84 50.90 -62.52
C SER AC 72 -58.26 51.10 -63.03
N SER AC 73 -59.09 51.69 -62.20
CA SER AC 73 -60.45 52.07 -62.57
C SER AC 73 -60.80 53.35 -61.84
N ARG AC 74 -61.79 54.06 -62.38
CA ARG AC 74 -62.09 55.38 -61.84
C ARG AC 74 -63.41 55.87 -62.41
N VAL AC 75 -64.22 56.50 -61.57
CA VAL AC 75 -65.42 57.21 -62.01
C VAL AC 75 -65.24 58.68 -61.67
N ILE AC 76 -65.54 59.55 -62.61
CA ILE AC 76 -65.48 61.00 -62.42
C ILE AC 76 -66.91 61.50 -62.53
N ALA AC 77 -67.47 61.95 -61.42
CA ALA AC 77 -68.90 62.25 -61.37
C ALA AC 77 -69.21 63.54 -62.12
N ARG AC 78 -68.52 64.63 -61.79
CA ARG AC 78 -68.68 65.90 -62.51
C ARG AC 78 -67.35 66.26 -63.14
N PRO AC 79 -67.10 65.86 -64.38
CA PRO AC 79 -65.84 66.21 -65.03
C PRO AC 79 -65.83 67.66 -65.46
N HIS AC 80 -64.65 68.26 -65.38
CA HIS AC 80 -64.50 69.66 -65.74
C HIS AC 80 -64.68 69.85 -67.24
N ASN AC 81 -65.13 71.05 -67.62
CA ASN AC 81 -65.41 71.31 -69.03
C ASN AC 81 -64.14 71.38 -69.85
N ASP AC 82 -63.01 71.73 -69.22
CA ASP AC 82 -61.72 71.68 -69.90
C ASP AC 82 -61.33 70.25 -70.22
N ILE AC 83 -61.81 69.29 -69.44
CA ILE AC 83 -61.50 67.90 -69.68
C ILE AC 83 -62.45 67.32 -70.72
N GLU BC 3 -84.88 63.61 -52.06
CA GLU BC 3 -83.61 63.15 -52.58
C GLU BC 3 -82.72 62.65 -51.45
N ALA BC 4 -81.59 62.04 -51.81
CA ALA BC 4 -80.76 61.39 -50.82
C ALA BC 4 -80.12 62.41 -49.89
N LEU BC 5 -79.41 61.92 -48.88
CA LEU BC 5 -78.85 62.76 -47.84
C LEU BC 5 -77.52 62.18 -47.39
N GLY BC 6 -76.47 62.99 -47.42
CA GLY BC 6 -75.14 62.54 -47.05
C GLY BC 6 -74.60 63.35 -45.89
N LEU BC 7 -73.98 62.67 -44.93
CA LEU BC 7 -73.50 63.28 -43.70
C LEU BC 7 -72.06 62.90 -43.46
N ILE BC 8 -71.24 63.88 -43.07
CA ILE BC 8 -69.89 63.64 -42.60
C ILE BC 8 -69.74 64.35 -41.26
N GLU BC 9 -69.05 63.71 -40.32
CA GLU BC 9 -68.88 64.28 -38.99
C GLU BC 9 -67.41 64.25 -38.61
N THR BC 10 -66.89 65.41 -38.22
CA THR BC 10 -65.46 65.58 -37.96
C THR BC 10 -65.27 66.26 -36.62
N LYS BC 11 -64.03 66.18 -36.12
CA LYS BC 11 -63.61 66.97 -34.97
C LYS BC 11 -63.00 68.27 -35.46
N GLY BC 12 -63.62 69.38 -35.11
CA GLY BC 12 -63.10 70.68 -35.49
C GLY BC 12 -63.69 71.18 -36.80
N LEU BC 13 -63.60 72.49 -36.98
CA LEU BC 13 -64.24 73.12 -38.12
C LEU BC 13 -63.39 73.04 -39.38
N VAL BC 14 -62.06 73.03 -39.24
CA VAL BC 14 -61.21 73.06 -40.43
C VAL BC 14 -61.37 71.78 -41.23
N ALA BC 15 -61.37 70.62 -40.57
CA ALA BC 15 -61.56 69.37 -41.29
C ALA BC 15 -62.93 69.28 -41.92
N CYS BC 16 -63.89 70.07 -41.45
CA CYS BC 16 -65.23 70.03 -42.02
C CYS BC 16 -65.38 70.97 -43.19
N ILE BC 17 -64.60 72.06 -43.24
CA ILE BC 17 -64.64 72.91 -44.42
C ILE BC 17 -63.89 72.26 -45.57
N GLU BC 18 -62.88 71.44 -45.28
CA GLU BC 18 -62.24 70.70 -46.35
C GLU BC 18 -63.14 69.59 -46.87
N ALA BC 19 -63.87 68.92 -45.97
CA ALA BC 19 -64.83 67.92 -46.42
C ALA BC 19 -65.95 68.54 -47.24
N ALA BC 20 -66.45 69.70 -46.82
CA ALA BC 20 -67.54 70.33 -47.54
C ALA BC 20 -67.08 70.87 -48.88
N ASP BC 21 -65.82 71.30 -48.97
CA ASP BC 21 -65.32 71.80 -50.24
C ASP BC 21 -65.11 70.66 -51.23
N ALA BC 22 -64.57 69.53 -50.77
CA ALA BC 22 -64.36 68.40 -51.65
C ALA BC 22 -65.68 67.81 -52.13
N MET BC 23 -66.69 67.78 -51.26
CA MET BC 23 -67.98 67.22 -51.64
C MET BC 23 -68.63 68.04 -52.74
N CYS BC 24 -68.62 69.36 -52.60
CA CYS BC 24 -69.29 70.20 -53.58
C CYS BC 24 -68.57 70.22 -54.92
N LYS BC 25 -67.29 69.85 -54.95
CA LYS BC 25 -66.55 69.84 -56.20
C LYS BC 25 -66.75 68.53 -56.96
N ALA BC 26 -66.91 67.42 -56.24
CA ALA BC 26 -66.80 66.10 -56.82
C ALA BC 26 -68.13 65.52 -57.26
N ALA BC 27 -69.22 66.28 -57.23
CA ALA BC 27 -70.51 65.77 -57.67
C ALA BC 27 -71.50 66.92 -57.69
N ASN BC 28 -72.64 66.69 -58.32
CA ASN BC 28 -73.69 67.70 -58.43
C ASN BC 28 -74.61 67.56 -57.21
N VAL BC 29 -74.16 68.13 -56.10
CA VAL BC 29 -74.91 68.10 -54.86
C VAL BC 29 -75.11 69.52 -54.37
N GLU BC 30 -76.02 69.68 -53.41
CA GLU BC 30 -76.31 70.95 -52.79
C GLU BC 30 -75.94 70.89 -51.32
N LEU BC 31 -75.21 71.89 -50.85
CA LEU BC 31 -74.82 71.94 -49.45
C LEU BC 31 -75.93 72.58 -48.63
N ILE BC 32 -76.39 71.89 -47.61
CA ILE BC 32 -77.46 72.40 -46.76
C ILE BC 32 -76.92 73.28 -45.65
N GLY BC 33 -75.90 72.82 -44.94
CA GLY BC 33 -75.28 73.65 -43.93
C GLY BC 33 -74.52 72.81 -42.93
N TYR BC 34 -73.91 73.52 -41.98
CA TYR BC 34 -73.19 72.90 -40.87
C TYR BC 34 -74.07 72.90 -39.63
N GLU BC 35 -73.75 72.00 -38.71
CA GLU BC 35 -74.51 71.90 -37.47
C GLU BC 35 -73.62 71.23 -36.42
N ASN BC 36 -73.10 72.03 -35.51
CA ASN BC 36 -72.22 71.53 -34.47
C ASN BC 36 -73.01 71.31 -33.17
N VAL BC 37 -72.52 70.39 -32.35
CA VAL BC 37 -73.21 69.99 -31.13
C VAL BC 37 -72.28 70.04 -29.94
N GLY BC 38 -71.26 70.89 -30.01
CA GLY BC 38 -70.29 70.98 -28.92
C GLY BC 38 -69.35 69.79 -28.94
N SER BC 39 -68.37 69.85 -28.05
CA SER BC 39 -67.24 68.92 -27.99
C SER BC 39 -66.42 68.92 -29.26
N GLY BC 40 -66.56 69.93 -30.10
CA GLY BC 40 -65.80 70.02 -31.32
C GLY BC 40 -66.32 69.21 -32.47
N LEU BC 41 -67.46 68.53 -32.30
CA LEU BC 41 -68.04 67.76 -33.39
C LEU BC 41 -68.82 68.69 -34.29
N VAL BC 42 -68.47 68.71 -35.57
CA VAL BC 42 -69.17 69.50 -36.58
C VAL BC 42 -69.60 68.55 -37.69
N THR BC 43 -70.77 68.81 -38.26
CA THR BC 43 -71.37 67.92 -39.24
C THR BC 43 -71.78 68.70 -40.48
N ALA BC 44 -71.45 68.16 -41.65
CA ALA BC 44 -71.85 68.74 -42.93
C ALA BC 44 -72.93 67.88 -43.54
N MET BC 45 -73.89 68.52 -44.19
CA MET BC 45 -75.03 67.82 -44.80
C MET BC 45 -75.15 68.26 -46.25
N VAL BC 46 -75.07 67.30 -47.17
CA VAL BC 46 -75.29 67.54 -48.58
C VAL BC 46 -76.57 66.83 -49.00
N LYS BC 47 -77.09 67.22 -50.17
CA LYS BC 47 -78.38 66.72 -50.62
C LYS BC 47 -78.40 66.67 -52.14
N GLY BC 48 -78.76 65.52 -52.69
CA GLY BC 48 -78.84 65.38 -54.13
C GLY BC 48 -79.32 64.00 -54.49
N ASP BC 49 -79.17 63.65 -55.77
CA ASP BC 49 -79.53 62.32 -56.22
C ASP BC 49 -78.63 61.28 -55.56
N VAL BC 50 -79.10 60.03 -55.54
CA VAL BC 50 -78.42 59.00 -54.75
C VAL BC 50 -77.03 58.73 -55.29
N GLY BC 51 -76.88 58.63 -56.60
CA GLY BC 51 -75.58 58.34 -57.17
C GLY BC 51 -74.60 59.46 -56.95
N ALA BC 52 -75.05 60.71 -57.09
CA ALA BC 52 -74.19 61.85 -56.84
C ALA BC 52 -73.81 61.92 -55.37
N VAL BC 53 -74.80 61.85 -54.48
CA VAL BC 53 -74.54 61.96 -53.05
C VAL BC 53 -73.62 60.86 -52.59
N ASN BC 54 -73.79 59.66 -53.14
CA ASN BC 54 -72.86 58.57 -52.81
C ASN BC 54 -71.44 58.99 -53.13
N ALA BC 55 -71.19 59.38 -54.38
CA ALA BC 55 -69.85 59.77 -54.82
C ALA BC 55 -69.29 60.91 -54.00
N ALA BC 56 -70.12 61.89 -53.66
CA ALA BC 56 -69.65 63.05 -52.91
C ALA BC 56 -69.11 62.63 -51.55
N VAL BC 57 -69.85 61.79 -50.83
CA VAL BC 57 -69.45 61.43 -49.47
C VAL BC 57 -68.14 60.65 -49.48
N ASP BC 58 -67.93 59.82 -50.50
CA ASP BC 58 -66.66 59.11 -50.59
C ASP BC 58 -65.49 60.06 -50.76
N SER BC 59 -65.65 61.06 -51.63
CA SER BC 59 -64.58 62.01 -51.86
C SER BC 59 -64.38 62.92 -50.67
N GLY BC 60 -65.48 63.35 -50.04
CA GLY BC 60 -65.36 64.26 -48.91
C GLY BC 60 -64.69 63.65 -47.71
N VAL BC 61 -64.95 62.37 -47.45
CA VAL BC 61 -64.29 61.69 -46.35
C VAL BC 61 -62.81 61.53 -46.64
N GLU BC 62 -62.48 61.31 -47.90
CA GLU BC 62 -61.09 61.08 -48.27
C GLU BC 62 -60.25 62.34 -48.12
N ALA BC 63 -60.82 63.50 -48.41
CA ALA BC 63 -60.10 64.75 -48.24
C ALA BC 63 -60.01 65.14 -46.77
N ALA BC 64 -61.09 64.97 -46.03
CA ALA BC 64 -61.11 65.41 -44.64
C ALA BC 64 -60.23 64.53 -43.77
N LYS BC 65 -60.26 63.22 -43.98
CA LYS BC 65 -59.42 62.31 -43.23
C LYS BC 65 -57.95 62.63 -43.38
N ARG BC 66 -57.60 63.40 -44.42
CA ARG BC 66 -56.21 63.65 -44.75
C ARG BC 66 -55.56 64.66 -43.83
N ILE BC 67 -56.35 65.58 -43.28
CA ILE BC 67 -55.82 66.62 -42.41
C ILE BC 67 -56.38 66.56 -41.00
N GLY BC 68 -57.51 65.91 -40.77
CA GLY BC 68 -58.10 65.86 -39.45
C GLY BC 68 -58.71 64.50 -39.19
N LYS BC 69 -59.74 64.45 -38.36
CA LYS BC 69 -60.38 63.19 -37.98
C LYS BC 69 -61.82 63.17 -38.47
N VAL BC 70 -62.15 62.15 -39.25
CA VAL BC 70 -63.52 61.92 -39.68
C VAL BC 70 -64.15 60.93 -38.72
N VAL BC 71 -65.17 61.38 -38.00
CA VAL BC 71 -65.76 60.54 -36.96
C VAL BC 71 -66.73 59.54 -37.56
N SER BC 72 -67.62 59.99 -38.45
CA SER BC 72 -68.59 59.10 -39.05
C SER BC 72 -69.07 59.68 -40.37
N SER BC 73 -69.52 58.80 -41.26
CA SER BC 73 -70.12 59.19 -42.53
C SER BC 73 -71.29 58.26 -42.80
N ARG BC 74 -72.24 58.73 -43.62
CA ARG BC 74 -73.47 57.98 -43.81
C ARG BC 74 -74.24 58.57 -44.96
N VAL BC 75 -74.89 57.71 -45.74
CA VAL BC 75 -75.80 58.13 -46.81
C VAL BC 75 -77.16 57.52 -46.57
N ILE BC 76 -78.19 58.37 -46.54
CA ILE BC 76 -79.58 57.92 -46.45
C ILE BC 76 -80.18 58.09 -47.84
N ALA BC 77 -80.53 56.98 -48.48
CA ALA BC 77 -80.97 57.05 -49.87
C ALA BC 77 -82.34 57.70 -50.00
N ARG BC 78 -83.20 57.52 -49.02
CA ARG BC 78 -84.53 58.10 -49.05
C ARG BC 78 -84.94 58.40 -47.63
N PRO BC 79 -84.73 59.63 -47.16
CA PRO BC 79 -85.09 59.96 -45.79
C PRO BC 79 -86.60 60.08 -45.64
N HIS BC 80 -87.06 59.80 -44.42
CA HIS BC 80 -88.45 60.04 -44.10
C HIS BC 80 -88.74 61.54 -44.11
N ASN BC 81 -89.99 61.89 -44.37
CA ASN BC 81 -90.34 63.30 -44.42
C ASN BC 81 -90.17 63.99 -43.09
N ASP BC 82 -90.31 63.25 -41.98
CA ASP BC 82 -90.07 63.84 -40.67
C ASP BC 82 -88.62 64.23 -40.51
N ILE BC 83 -87.70 63.45 -41.07
CA ILE BC 83 -86.29 63.77 -40.97
C ILE BC 83 -85.97 65.09 -41.67
N GLU BC 84 -86.75 65.47 -42.68
CA GLU BC 84 -86.53 66.78 -43.31
C GLU BC 84 -87.27 67.89 -42.58
N LYS BC 85 -87.17 67.87 -41.26
CA LYS BC 85 -87.50 68.98 -40.38
C LYS BC 85 -86.50 69.13 -39.26
N ILE BC 86 -85.64 68.14 -39.05
CA ILE BC 86 -84.54 68.22 -38.10
C ILE BC 86 -83.29 68.78 -38.76
N ALA BC 87 -83.03 68.39 -40.00
CA ALA BC 87 -81.90 68.94 -40.74
C ALA BC 87 -82.18 70.37 -41.15
N GLY BC 88 -83.20 70.58 -41.97
CA GLY BC 88 -83.59 71.91 -42.39
C GLY BC 88 -84.56 72.58 -41.43
N MET CC 1 78.17 76.60 -4.34
CA MET CC 1 79.44 76.14 -4.87
C MET CC 1 80.48 77.25 -4.76
N ILE CC 2 81.75 76.87 -4.90
CA ILE CC 2 82.84 77.83 -4.96
C ILE CC 2 83.82 77.38 -6.04
N LEU CC 3 84.45 78.34 -6.69
CA LEU CC 3 85.56 78.03 -7.59
C LEU CC 3 86.80 77.70 -6.79
N ALA CC 4 87.44 76.59 -7.14
CA ALA CC 4 88.61 76.14 -6.42
C ALA CC 4 89.52 75.41 -7.38
N LYS CC 5 90.73 75.15 -6.93
CA LYS CC 5 91.75 74.49 -7.73
C LYS CC 5 92.31 73.32 -6.95
N VAL CC 6 92.41 72.16 -7.60
CA VAL CC 6 92.97 70.99 -6.94
C VAL CC 6 94.48 71.18 -6.79
N THR CC 7 94.97 71.03 -5.56
CA THR CC 7 96.36 71.29 -5.25
C THR CC 7 97.09 70.12 -4.61
N GLY CC 8 96.44 68.97 -4.47
CA GLY CC 8 97.10 67.83 -3.86
C GLY CC 8 96.11 66.71 -3.61
N HIS CC 9 96.49 65.81 -2.73
CA HIS CC 9 95.60 64.73 -2.32
C HIS CC 9 96.00 64.25 -0.94
N VAL CC 10 95.14 63.46 -0.33
CA VAL CC 10 95.31 62.97 1.03
C VAL CC 10 95.16 61.46 1.02
N VAL CC 11 96.10 60.75 1.64
CA VAL CC 11 96.07 59.31 1.75
C VAL CC 11 95.74 58.96 3.19
N ALA CC 12 94.55 58.40 3.41
CA ALA CC 12 94.08 58.04 4.74
C ALA CC 12 93.68 56.58 4.72
N THR CC 13 94.29 55.79 5.61
CA THR CC 13 94.04 54.35 5.68
C THR CC 13 92.96 54.00 6.70
N GLN CC 14 93.08 54.54 7.91
CA GLN CC 14 92.12 54.30 8.98
C GLN CC 14 91.02 55.34 8.87
N LYS CC 15 89.86 54.95 8.35
CA LYS CC 15 88.79 55.91 8.15
C LYS CC 15 87.46 55.18 8.20
N CYS CC 16 86.38 55.96 8.19
CA CYS CC 16 85.04 55.39 8.27
C CYS CC 16 84.71 54.61 7.02
N ASP CC 17 83.51 54.04 7.00
CA ASP CC 17 83.06 53.23 5.88
C ASP CC 17 82.30 54.02 4.83
N GLU CC 18 81.74 55.17 5.21
CA GLU CC 18 81.08 56.03 4.23
C GLU CC 18 82.07 56.64 3.24
N LEU CC 19 83.37 56.45 3.46
CA LEU CC 19 84.40 57.03 2.61
C LEU CC 19 85.22 55.99 1.87
N ARG CC 20 84.84 54.72 1.91
CA ARG CC 20 85.63 53.68 1.26
C ARG CC 20 85.52 53.79 -0.25
N GLY CC 21 86.66 53.75 -0.92
CA GLY CC 21 86.67 53.77 -2.37
C GLY CC 21 86.35 55.11 -2.98
N SER CC 22 87.07 56.15 -2.57
CA SER CC 22 86.86 57.48 -3.11
C SER CC 22 88.15 58.26 -2.97
N ASN CC 23 88.28 59.28 -3.80
CA ASN CC 23 89.46 60.13 -3.76
C ASN CC 23 89.27 61.22 -2.71
N LEU CC 24 90.38 61.74 -2.20
CA LEU CC 24 90.33 62.84 -1.24
C LEU CC 24 91.32 63.90 -1.69
N LEU CC 25 90.81 64.97 -2.29
CA LEU CC 25 91.64 66.01 -2.89
C LEU CC 25 91.72 67.22 -1.98
N LEU CC 26 92.87 67.89 -2.03
CA LEU CC 26 93.01 69.19 -1.40
C LEU CC 26 92.51 70.24 -2.37
N ILE CC 27 91.66 71.13 -1.88
CA ILE CC 27 90.86 72.01 -2.71
C ILE CC 27 91.09 73.42 -2.19
N THR CC 28 91.77 74.26 -2.96
CA THR CC 28 92.11 75.60 -2.53
C THR CC 28 91.23 76.62 -3.22
N ARG CC 29 90.56 77.46 -2.45
CA ARG CC 29 89.71 78.50 -3.01
C ARG CC 29 90.56 79.57 -3.66
N LEU CC 30 90.19 79.97 -4.87
CA LEU CC 30 90.96 80.93 -5.63
C LEU CC 30 90.20 82.24 -5.80
N ASP CC 31 90.95 83.34 -5.86
CA ASP CC 31 90.37 84.68 -5.82
C ASP CC 31 89.93 85.18 -7.19
N ASP CC 32 89.60 86.46 -7.30
CA ASP CC 32 89.01 87.00 -8.52
C ASP CC 32 90.01 87.22 -9.64
N LYS CC 33 91.26 86.80 -9.47
CA LYS CC 33 92.22 86.76 -10.55
C LYS CC 33 92.57 85.34 -10.94
N GLN CC 34 91.75 84.38 -10.52
CA GLN CC 34 92.01 82.96 -10.70
C GLN CC 34 93.39 82.59 -10.14
N GLN CC 35 93.57 82.88 -8.85
CA GLN CC 35 94.82 82.64 -8.16
C GLN CC 35 94.50 82.13 -6.76
N PRO CC 36 95.13 81.04 -6.31
CA PRO CC 36 94.79 80.47 -5.01
C PRO CC 36 95.06 81.45 -3.88
N MET CC 37 94.25 81.33 -2.82
CA MET CC 37 94.36 82.17 -1.64
C MET CC 37 95.19 81.47 -0.58
N LYS CC 38 95.33 82.11 0.58
CA LYS CC 38 96.11 81.58 1.69
C LYS CC 38 95.16 81.08 2.77
N ASP CC 39 95.46 79.90 3.32
CA ASP CC 39 94.69 79.33 4.42
C ASP CC 39 93.23 79.12 4.04
N GLN CC 40 93.01 78.53 2.86
CA GLN CC 40 91.66 78.33 2.35
C GLN CC 40 91.52 76.96 1.73
N THR CC 41 92.04 75.93 2.39
CA THR CC 41 92.09 74.60 1.84
C THR CC 41 91.12 73.67 2.57
N TRP CC 42 90.31 72.94 1.79
CA TRP CC 42 89.44 71.92 2.31
C TRP CC 42 89.77 70.59 1.66
N VAL CC 43 89.19 69.53 2.18
CA VAL CC 43 89.35 68.18 1.63
C VAL CC 43 88.03 67.77 1.02
N ALA CC 44 88.04 67.42 -0.26
CA ALA CC 44 86.82 67.14 -0.99
C ALA CC 44 86.88 65.73 -1.57
N VAL CC 45 85.76 65.03 -1.49
CA VAL CC 45 85.64 63.70 -2.08
C VAL CC 45 85.37 63.88 -3.56
N ASP CC 46 86.35 63.58 -4.39
CA ASP CC 46 86.18 63.69 -5.83
C ASP CC 46 84.99 62.84 -6.29
N ASN CC 47 84.28 63.34 -7.29
CA ASN CC 47 83.09 62.66 -7.77
C ASN CC 47 83.00 62.57 -9.28
N VAL CC 48 83.75 63.38 -10.04
CA VAL CC 48 83.69 63.38 -11.49
C VAL CC 48 85.02 63.08 -12.14
N GLY CC 49 86.08 62.88 -11.37
CA GLY CC 49 87.36 62.56 -11.97
C GLY CC 49 88.25 63.75 -12.23
N ALA CC 50 88.51 64.55 -11.19
CA ALA CC 50 89.41 65.68 -11.30
C ALA CC 50 90.79 65.31 -10.81
N GLY CC 51 91.80 65.95 -11.36
CA GLY CC 51 93.17 65.69 -10.98
C GLY CC 51 93.90 66.96 -10.62
N MET CC 52 95.22 66.93 -10.60
CA MET CC 52 95.97 68.10 -10.16
C MET CC 52 95.82 69.25 -11.14
N HIS CC 53 95.89 70.47 -10.59
CA HIS CC 53 95.92 71.72 -11.35
C HIS CC 53 94.61 72.07 -12.03
N ASP CC 54 93.57 71.28 -11.83
CA ASP CC 54 92.29 71.49 -12.53
C ASP CC 54 91.41 72.41 -11.70
N ILE CC 55 90.75 73.35 -12.38
CA ILE CC 55 89.82 74.24 -11.72
C ILE CC 55 88.46 73.55 -11.63
N VAL CC 56 87.98 73.36 -10.41
CA VAL CC 56 86.76 72.57 -10.19
C VAL CC 56 85.74 73.41 -9.46
N LEU CC 57 84.59 72.81 -9.17
CA LEU CC 57 83.44 73.50 -8.59
C LEU CC 57 83.02 72.69 -7.36
N ALA CC 58 83.56 73.05 -6.20
CA ALA CC 58 83.37 72.27 -4.99
C ALA CC 58 82.10 72.67 -4.28
N GLU CC 59 81.28 71.69 -3.93
CA GLU CC 59 79.98 71.93 -3.32
C GLU CC 59 80.05 71.61 -1.84
N GLU CC 60 79.19 72.28 -1.07
CA GLU CC 60 79.16 72.14 0.37
C GLU CC 60 78.38 70.91 0.78
N TYR CC 61 77.95 70.85 2.04
CA TYR CC 61 77.67 69.62 2.78
C TYR CC 61 77.04 68.50 1.98
N PHE CC 62 75.82 68.68 1.47
CA PHE CC 62 75.01 67.55 1.04
C PHE CC 62 75.20 67.31 -0.45
N ALA CC 63 75.89 66.21 -0.79
CA ALA CC 63 75.98 65.73 -2.16
C ALA CC 63 75.91 64.21 -2.23
N LEU CC 64 75.42 63.54 -1.18
CA LEU CC 64 75.24 62.10 -1.14
C LEU CC 64 76.56 61.37 -1.38
N ASN CC 65 77.50 61.57 -0.46
CA ASN CC 65 78.83 60.97 -0.58
C ASN CC 65 79.38 60.52 0.76
N TYR CC 69 74.31 61.10 4.22
CA TYR CC 69 75.59 61.36 3.58
C TYR CC 69 75.76 62.84 3.28
N LYS CC 70 76.78 63.45 3.88
CA LYS CC 70 76.95 64.89 3.75
C LYS CC 70 78.41 65.31 3.53
N ALA CC 71 79.18 64.54 2.75
CA ALA CC 71 80.56 64.91 2.52
C ALA CC 71 80.66 65.99 1.46
N MET CC 72 81.66 66.85 1.62
CA MET CC 72 81.92 67.95 0.68
C MET CC 72 82.60 67.35 -0.55
N SER CC 73 81.95 67.45 -1.69
CA SER CC 73 82.44 66.81 -2.90
C SER CC 73 82.60 67.80 -4.04
N VAL CC 74 83.29 67.35 -5.07
CA VAL CC 74 83.46 68.11 -6.31
C VAL CC 74 82.38 67.65 -7.28
N VAL CC 75 81.70 68.61 -7.91
CA VAL CC 75 80.53 68.30 -8.72
C VAL CC 75 80.66 68.76 -10.16
N ALA CC 76 81.75 69.43 -10.53
CA ALA CC 76 81.87 69.92 -11.90
C ALA CC 76 83.31 70.32 -12.16
N ILE CC 77 83.77 70.06 -13.38
CA ILE CC 77 85.06 70.53 -13.86
C ILE CC 77 84.80 71.69 -14.82
N VAL CC 78 85.45 72.81 -14.57
CA VAL CC 78 85.09 74.07 -15.19
C VAL CC 78 85.94 74.27 -16.44
N GLU CC 79 85.28 74.58 -17.56
CA GLU CC 79 85.95 74.88 -18.82
C GLU CC 79 86.32 76.35 -18.93
N LYS CC 80 85.32 77.23 -18.83
CA LYS CC 80 85.51 78.66 -19.00
C LYS CC 80 84.87 79.42 -17.86
N VAL CC 81 85.56 80.46 -17.39
CA VAL CC 81 85.04 81.36 -16.37
C VAL CC 81 85.04 82.75 -17.00
N PHE CC 82 83.90 83.13 -17.56
CA PHE CC 82 83.75 84.48 -18.12
C PHE CC 82 83.36 85.43 -17.00
N ARG CC 83 84.14 86.49 -16.81
CA ARG CC 83 83.98 87.36 -15.65
C ARG CC 83 84.35 88.78 -16.05
N ASP CC 84 83.37 89.67 -16.05
CA ASP CC 84 83.64 91.09 -16.24
C ASP CC 84 82.43 91.92 -15.79
N GLU DC 3 116.03 18.06 -10.55
CA GLU DC 3 115.05 18.46 -9.56
C GLU DC 3 113.64 18.27 -10.10
N ALA DC 4 112.66 18.30 -9.20
CA ALA DC 4 111.29 18.04 -9.59
C ALA DC 4 110.71 19.24 -10.33
N LEU DC 5 109.41 19.17 -10.61
CA LEU DC 5 108.75 20.21 -11.40
C LEU DC 5 107.31 20.34 -10.97
N GLY DC 6 106.88 21.56 -10.70
CA GLY DC 6 105.53 21.80 -10.25
C GLY DC 6 104.81 22.77 -11.15
N LEU DC 7 103.51 22.54 -11.33
CA LEU DC 7 102.72 23.25 -12.32
C LEU DC 7 101.35 23.59 -11.76
N ILE DC 8 100.95 24.86 -11.86
CA ILE DC 8 99.59 25.28 -11.57
C ILE DC 8 99.07 26.02 -12.78
N GLU DC 9 97.79 25.82 -13.08
CA GLU DC 9 97.14 26.47 -14.21
C GLU DC 9 95.86 27.14 -13.74
N THR DC 10 95.68 28.40 -14.10
CA THR DC 10 94.54 29.17 -13.63
C THR DC 10 93.92 29.92 -14.79
N LYS DC 11 92.69 30.36 -14.59
CA LYS DC 11 92.00 31.24 -15.53
C LYS DC 11 92.22 32.67 -15.09
N GLY DC 12 92.92 33.45 -15.91
CA GLY DC 12 93.21 34.82 -15.55
C GLY DC 12 94.62 34.98 -15.02
N LEU DC 13 95.15 36.20 -15.15
CA LEU DC 13 96.52 36.44 -14.75
C LEU DC 13 96.63 36.73 -13.26
N VAL DC 14 95.66 37.41 -12.67
CA VAL DC 14 95.75 37.78 -11.26
C VAL DC 14 95.83 36.53 -10.41
N ALA DC 15 94.97 35.55 -10.68
CA ALA DC 15 94.96 34.35 -9.87
C ALA DC 15 96.28 33.60 -9.97
N CYS DC 16 97.03 33.79 -11.05
CA CYS DC 16 98.29 33.08 -11.20
C CYS DC 16 99.42 33.78 -10.45
N ILE DC 17 99.40 35.11 -10.40
CA ILE DC 17 100.45 35.82 -9.66
C ILE DC 17 100.29 35.60 -8.16
N GLU DC 18 99.05 35.49 -7.70
CA GLU DC 18 98.83 35.12 -6.30
C GLU DC 18 99.36 33.72 -6.03
N ALA DC 19 99.11 32.79 -6.95
CA ALA DC 19 99.58 31.42 -6.75
C ALA DC 19 101.09 31.33 -6.79
N ALA DC 20 101.72 32.04 -7.71
CA ALA DC 20 103.18 31.97 -7.83
C ALA DC 20 103.88 32.68 -6.69
N ASP DC 21 103.19 33.60 -6.01
CA ASP DC 21 103.78 34.22 -4.84
C ASP DC 21 103.68 33.32 -3.63
N ALA DC 22 102.53 32.67 -3.45
CA ALA DC 22 102.36 31.73 -2.35
C ALA DC 22 103.35 30.58 -2.47
N MET DC 23 103.54 30.06 -3.68
CA MET DC 23 104.49 28.98 -3.89
C MET DC 23 105.89 29.39 -3.46
N CYS DC 24 106.33 30.57 -3.89
CA CYS DC 24 107.71 30.97 -3.63
C CYS DC 24 107.95 31.23 -2.14
N LYS DC 25 106.92 31.60 -1.39
CA LYS DC 25 107.09 31.88 0.03
C LYS DC 25 107.03 30.61 0.87
N ALA DC 26 106.26 29.62 0.42
CA ALA DC 26 105.94 28.46 1.26
C ALA DC 26 107.03 27.41 1.31
N ALA DC 27 108.01 27.44 0.41
CA ALA DC 27 109.06 26.43 0.42
C ALA DC 27 110.23 26.93 -0.40
N ASN DC 28 111.32 26.16 -0.36
CA ASN DC 28 112.54 26.53 -1.07
C ASN DC 28 112.47 26.03 -2.52
N VAL DC 29 111.69 26.74 -3.32
CA VAL DC 29 111.57 26.47 -4.74
C VAL DC 29 111.84 27.75 -5.50
N GLU DC 30 112.27 27.61 -6.75
CA GLU DC 30 112.58 28.76 -7.59
C GLU DC 30 111.59 28.81 -8.75
N LEU DC 31 111.24 30.01 -9.18
CA LEU DC 31 110.23 30.22 -10.19
C LEU DC 31 110.87 30.18 -11.58
N ILE DC 32 110.36 29.31 -12.45
CA ILE DC 32 110.90 29.19 -13.79
C ILE DC 32 110.34 30.28 -14.70
N GLY DC 33 109.02 30.38 -14.77
CA GLY DC 33 108.42 31.43 -15.57
C GLY DC 33 106.93 31.19 -15.74
N TYR DC 34 106.32 32.11 -16.48
CA TYR DC 34 104.92 32.00 -16.86
C TYR DC 34 104.81 31.62 -18.32
N GLU DC 35 103.63 31.12 -18.70
CA GLU DC 35 103.39 30.76 -20.09
C GLU DC 35 101.87 30.68 -20.28
N ASN DC 36 101.29 31.62 -21.02
CA ASN DC 36 99.88 31.56 -21.32
C ASN DC 36 99.66 31.01 -22.72
N VAL DC 37 98.70 30.11 -22.84
CA VAL DC 37 98.40 29.46 -24.10
C VAL DC 37 96.95 29.81 -24.43
N GLY DC 38 96.77 30.92 -25.14
CA GLY DC 38 95.45 31.25 -25.62
C GLY DC 38 94.48 31.59 -24.50
N SER DC 39 93.30 30.99 -24.58
CA SER DC 39 92.12 31.53 -23.91
C SER DC 39 92.25 31.53 -22.40
N GLY DC 40 92.57 32.70 -21.86
CA GLY DC 40 92.63 32.95 -20.43
C GLY DC 40 93.28 31.89 -19.57
N LEU DC 41 94.32 31.23 -20.06
CA LEU DC 41 94.97 30.17 -19.30
C LEU DC 41 96.44 30.53 -19.12
N VAL DC 42 96.84 30.78 -17.88
CA VAL DC 42 98.22 31.08 -17.54
C VAL DC 42 98.74 29.98 -16.64
N THR DC 43 100.01 29.63 -16.79
CA THR DC 43 100.63 28.54 -16.06
C THR DC 43 101.95 29.02 -15.47
N ALA DC 44 102.16 28.72 -14.19
CA ALA DC 44 103.42 29.00 -13.51
C ALA DC 44 104.15 27.70 -13.24
N MET DC 45 105.48 27.72 -13.36
CA MET DC 45 106.29 26.53 -13.20
C MET DC 45 107.38 26.81 -12.16
N VAL DC 46 107.49 25.91 -11.18
CA VAL DC 46 108.51 26.00 -10.14
C VAL DC 46 109.31 24.70 -10.16
N LYS DC 47 110.53 24.78 -9.64
CA LYS DC 47 111.37 23.59 -9.55
C LYS DC 47 112.14 23.59 -8.24
N GLY DC 48 112.49 22.39 -7.79
CA GLY DC 48 113.15 22.22 -6.52
C GLY DC 48 113.12 20.75 -6.14
N ASP DC 49 113.46 20.48 -4.89
CA ASP DC 49 113.42 19.09 -4.43
C ASP DC 49 111.97 18.59 -4.36
N VAL DC 50 111.82 17.28 -4.27
CA VAL DC 50 110.51 16.66 -4.39
C VAL DC 50 109.64 16.97 -3.17
N GLY DC 51 110.23 16.96 -1.98
CA GLY DC 51 109.46 17.30 -0.79
C GLY DC 51 109.11 18.77 -0.72
N ALA DC 52 110.01 19.62 -1.19
CA ALA DC 52 109.73 21.05 -1.23
C ALA DC 52 108.68 21.37 -2.29
N VAL DC 53 108.89 20.88 -3.51
CA VAL DC 53 107.96 21.21 -4.60
C VAL DC 53 106.56 20.72 -4.28
N ASN DC 54 106.46 19.54 -3.66
CA ASN DC 54 105.15 19.04 -3.27
C ASN DC 54 104.50 19.97 -2.25
N ALA DC 55 105.30 20.60 -1.39
CA ALA DC 55 104.76 21.49 -0.37
C ALA DC 55 104.43 22.85 -0.94
N ALA DC 56 105.07 23.23 -2.04
CA ALA DC 56 104.77 24.53 -2.64
C ALA DC 56 103.49 24.47 -3.44
N VAL DC 57 103.21 23.34 -4.09
CA VAL DC 57 102.07 23.29 -5.00
C VAL DC 57 100.76 23.26 -4.25
N ASP DC 58 100.69 22.54 -3.13
CA ASP DC 58 99.43 22.50 -2.41
C ASP DC 58 99.17 23.82 -1.68
N SER DC 59 100.21 24.59 -1.41
CA SER DC 59 100.01 25.93 -0.85
C SER DC 59 99.57 26.91 -1.93
N GLY DC 60 100.20 26.84 -3.10
CA GLY DC 60 99.84 27.73 -4.19
C GLY DC 60 98.46 27.47 -4.75
N VAL DC 61 98.02 26.22 -4.77
CA VAL DC 61 96.67 25.92 -5.20
C VAL DC 61 95.66 26.48 -4.21
N GLU DC 62 96.01 26.44 -2.94
CA GLU DC 62 95.11 26.89 -1.89
C GLU DC 62 94.86 28.39 -1.96
N ALA DC 63 95.87 29.14 -2.37
CA ALA DC 63 95.75 30.60 -2.44
C ALA DC 63 94.99 31.03 -3.69
N ALA DC 64 95.35 30.50 -4.85
CA ALA DC 64 94.68 30.90 -6.08
C ALA DC 64 93.23 30.44 -6.11
N LYS DC 65 92.93 29.31 -5.48
CA LYS DC 65 91.55 28.85 -5.37
C LYS DC 65 90.69 29.83 -4.61
N ARG DC 66 91.31 30.72 -3.84
CA ARG DC 66 90.57 31.66 -3.00
C ARG DC 66 89.92 32.75 -3.84
N ILE DC 67 90.64 33.27 -4.83
CA ILE DC 67 90.19 34.43 -5.60
C ILE DC 67 89.90 34.09 -7.06
N GLY DC 68 90.28 32.92 -7.54
CA GLY DC 68 90.06 32.59 -8.92
C GLY DC 68 89.77 31.11 -9.13
N LYS DC 69 89.96 30.65 -10.35
CA LYS DC 69 89.75 29.25 -10.70
C LYS DC 69 91.11 28.60 -10.94
N VAL DC 70 91.40 27.56 -10.16
CA VAL DC 70 92.56 26.71 -10.42
C VAL DC 70 92.08 25.57 -11.31
N VAL DC 71 92.66 25.46 -12.50
CA VAL DC 71 92.21 24.47 -13.46
C VAL DC 71 92.87 23.12 -13.22
N SER DC 72 94.19 23.12 -12.99
CA SER DC 72 94.91 21.87 -12.83
C SER DC 72 96.21 22.14 -12.11
N SER DC 73 96.70 21.11 -11.41
CA SER DC 73 97.99 21.16 -10.75
C SER DC 73 98.63 19.78 -10.87
N ARG DC 74 99.96 19.76 -10.83
CA ARG DC 74 100.66 18.51 -11.09
C ARG DC 74 102.12 18.66 -10.68
N VAL DC 75 102.66 17.63 -10.04
CA VAL DC 75 104.07 17.54 -9.68
C VAL DC 75 104.69 16.39 -10.45
N ILE DC 76 105.85 16.64 -11.05
CA ILE DC 76 106.58 15.62 -11.78
C ILE DC 76 107.86 15.35 -11.01
N ALA DC 77 107.99 14.13 -10.48
CA ALA DC 77 109.06 13.86 -9.52
C ALA DC 77 110.42 13.81 -10.20
N ARG DC 78 110.49 13.28 -11.41
CA ARG DC 78 111.73 13.27 -12.19
C ARG DC 78 111.36 13.59 -13.63
N PRO DC 79 111.49 14.84 -14.05
CA PRO DC 79 111.19 15.18 -15.45
C PRO DC 79 112.26 14.61 -16.36
N HIS DC 80 111.81 14.10 -17.50
CA HIS DC 80 112.74 13.52 -18.46
C HIS DC 80 113.65 14.58 -19.03
N ASN DC 81 114.89 14.19 -19.33
CA ASN DC 81 115.91 15.15 -19.75
C ASN DC 81 115.47 15.92 -20.98
N ASP DC 82 114.76 15.25 -21.89
CA ASP DC 82 114.30 15.90 -23.11
C ASP DC 82 113.38 17.08 -22.80
N ILE DC 83 112.53 16.93 -21.79
CA ILE DC 83 111.59 17.97 -21.43
C ILE DC 83 112.28 19.06 -20.64
N GLU EC 3 108.65 47.47 -3.18
CA GLU EC 3 107.42 48.22 -3.03
C GLU EC 3 106.22 47.35 -3.33
N ALA EC 4 105.05 47.74 -2.82
CA ALA EC 4 103.85 46.93 -2.96
C ALA EC 4 103.45 46.82 -4.42
N LEU EC 5 102.38 46.07 -4.67
CA LEU EC 5 101.97 45.80 -6.04
C LEU EC 5 100.48 45.54 -6.06
N GLY EC 6 99.77 46.19 -6.95
CA GLY EC 6 98.32 46.05 -7.03
C GLY EC 6 97.89 45.68 -8.43
N LEU EC 7 96.84 44.87 -8.51
CA LEU EC 7 96.35 44.36 -9.77
C LEU EC 7 94.84 44.51 -9.84
N ILE EC 8 94.36 44.91 -11.01
CA ILE EC 8 92.94 44.87 -11.32
C ILE EC 8 92.77 44.15 -12.64
N GLU EC 9 91.81 43.24 -12.71
CA GLU EC 9 91.54 42.48 -13.91
C GLU EC 9 90.12 42.76 -14.38
N THR EC 10 89.98 43.19 -15.62
CA THR EC 10 88.70 43.60 -16.17
C THR EC 10 88.45 42.92 -17.50
N LYS EC 11 87.18 42.79 -17.84
CA LYS EC 11 86.76 42.23 -19.12
C LYS EC 11 86.63 43.37 -20.13
N GLY EC 12 87.55 43.42 -21.08
CA GLY EC 12 87.53 44.50 -22.04
C GLY EC 12 88.54 45.57 -21.70
N LEU EC 13 89.03 46.27 -22.73
CA LEU EC 13 90.08 47.25 -22.53
C LEU EC 13 89.55 48.57 -21.99
N VAL EC 14 88.34 48.96 -22.39
CA VAL EC 14 87.82 50.27 -21.96
C VAL EC 14 87.70 50.33 -20.45
N ALA EC 15 87.11 49.29 -19.84
CA ALA EC 15 86.98 49.26 -18.40
C ALA EC 15 88.33 49.28 -17.70
N CYS EC 16 89.40 48.89 -18.39
CA CYS EC 16 90.72 48.88 -17.78
C CYS EC 16 91.38 50.24 -17.83
N ILE EC 17 91.09 51.05 -18.83
CA ILE EC 17 91.65 52.40 -18.86
C ILE EC 17 90.92 53.31 -17.88
N GLU EC 18 89.63 53.09 -17.67
CA GLU EC 18 88.94 53.81 -16.61
C GLU EC 18 89.49 53.42 -15.24
N ALA EC 19 89.74 52.12 -15.04
CA ALA EC 19 90.33 51.68 -13.78
C ALA EC 19 91.72 52.28 -13.57
N ALA EC 20 92.54 52.32 -14.62
CA ALA EC 20 93.89 52.82 -14.45
C ALA EC 20 93.92 54.33 -14.32
N ASP EC 21 92.90 55.03 -14.82
CA ASP EC 21 92.86 56.47 -14.62
C ASP EC 21 92.50 56.81 -13.20
N ALA EC 22 91.56 56.08 -12.61
CA ALA EC 22 91.20 56.31 -11.21
C ALA EC 22 92.35 55.93 -10.28
N MET EC 23 93.09 54.88 -10.62
CA MET EC 23 94.21 54.48 -9.78
C MET EC 23 95.30 55.54 -9.75
N CYS EC 24 95.61 56.13 -10.90
CA CYS EC 24 96.71 57.05 -10.98
C CYS EC 24 96.39 58.43 -10.41
N LYS EC 25 95.11 58.75 -10.25
CA LYS EC 25 94.73 60.02 -9.64
C LYS EC 25 94.53 59.91 -8.14
N ALA EC 26 94.31 58.70 -7.62
CA ALA EC 26 93.94 58.51 -6.23
C ALA EC 26 95.13 58.54 -5.29
N ALA EC 27 96.33 58.28 -5.77
CA ALA EC 27 97.51 58.28 -4.91
C ALA EC 27 98.74 58.41 -5.77
N ASN EC 28 99.91 58.35 -5.12
CA ASN EC 28 101.18 58.55 -5.81
C ASN EC 28 101.78 57.19 -6.15
N VAL EC 29 101.23 56.57 -7.19
CA VAL EC 29 101.70 55.28 -7.66
C VAL EC 29 102.12 55.44 -9.11
N GLU EC 30 103.10 54.64 -9.52
CA GLU EC 30 103.55 54.61 -10.90
C GLU EC 30 102.92 53.40 -11.58
N LEU EC 31 102.40 53.61 -12.77
CA LEU EC 31 101.71 52.56 -13.51
C LEU EC 31 102.70 51.79 -14.35
N ILE EC 32 102.66 50.46 -14.25
CA ILE EC 32 103.64 49.61 -14.94
C ILE EC 32 103.21 49.31 -16.36
N GLY EC 33 102.01 48.80 -16.56
CA GLY EC 33 101.52 48.56 -17.90
C GLY EC 33 100.48 47.47 -17.93
N TYR EC 34 99.83 47.36 -19.08
CA TYR EC 34 98.77 46.40 -19.29
C TYR EC 34 99.33 45.06 -19.77
N GLU EC 35 98.52 44.01 -19.62
CA GLU EC 35 98.88 42.68 -20.08
C GLU EC 35 97.57 41.91 -20.28
N ASN EC 36 97.24 41.59 -21.52
CA ASN EC 36 96.06 40.78 -21.79
C ASN EC 36 96.46 39.34 -22.07
N VAL EC 37 95.66 38.41 -21.57
CA VAL EC 37 95.94 36.99 -21.65
C VAL EC 37 94.92 36.27 -22.52
N GLY EC 38 94.08 37.00 -23.23
CA GLY EC 38 93.07 36.41 -24.07
C GLY EC 38 91.76 36.20 -23.35
N SER EC 39 90.73 35.92 -24.14
CA SER EC 39 89.34 35.78 -23.69
C SER EC 39 88.78 37.10 -23.19
N GLY EC 40 89.40 38.22 -23.54
CA GLY EC 40 88.91 39.52 -23.17
C GLY EC 40 89.39 40.04 -21.83
N LEU EC 41 90.30 39.34 -21.17
CA LEU EC 41 90.78 39.72 -19.85
C LEU EC 41 92.01 40.61 -19.99
N VAL EC 42 91.91 41.84 -19.46
CA VAL EC 42 93.02 42.78 -19.45
C VAL EC 42 93.33 43.14 -18.01
N THR EC 43 94.61 43.29 -17.70
CA THR EC 43 95.06 43.51 -16.33
C THR EC 43 95.98 44.72 -16.29
N ALA EC 44 95.74 45.60 -15.32
CA ALA EC 44 96.58 46.76 -15.07
C ALA EC 44 97.35 46.56 -13.77
N MET EC 45 98.59 47.02 -13.75
CA MET EC 45 99.50 46.76 -12.63
C MET EC 45 100.15 48.07 -12.20
N VAL EC 46 100.02 48.41 -10.93
CA VAL EC 46 100.65 49.59 -10.36
C VAL EC 46 101.60 49.16 -9.26
N LYS EC 47 102.48 50.07 -8.86
CA LYS EC 47 103.40 49.78 -7.79
C LYS EC 47 103.75 51.05 -7.04
N GLY EC 48 103.92 50.92 -5.73
CA GLY EC 48 104.23 52.04 -4.87
C GLY EC 48 104.21 51.58 -3.43
N ASP EC 49 104.16 52.56 -2.53
CA ASP EC 49 104.07 52.24 -1.11
C ASP EC 49 102.72 51.59 -0.81
N VAL EC 50 102.68 50.79 0.25
CA VAL EC 50 101.52 49.94 0.50
C VAL EC 50 100.31 50.73 0.98
N GLY EC 51 100.51 51.93 1.51
CA GLY EC 51 99.38 52.76 1.86
C GLY EC 51 98.78 53.42 0.64
N ALA EC 52 99.64 53.77 -0.32
CA ALA EC 52 99.16 54.36 -1.56
C ALA EC 52 98.53 53.32 -2.47
N VAL EC 53 99.16 52.15 -2.57
CA VAL EC 53 98.65 51.12 -3.47
C VAL EC 53 97.31 50.60 -2.98
N ASN EC 54 97.14 50.53 -1.66
CA ASN EC 54 95.87 50.08 -1.11
C ASN EC 54 94.76 51.05 -1.45
N ALA EC 55 95.07 52.36 -1.43
CA ALA EC 55 94.07 53.36 -1.74
C ALA EC 55 93.75 53.39 -3.22
N ALA EC 56 94.75 53.16 -4.07
CA ALA EC 56 94.53 53.22 -5.50
C ALA EC 56 93.66 52.07 -5.98
N VAL EC 57 93.93 50.85 -5.51
CA VAL EC 57 93.18 49.70 -5.99
C VAL EC 57 91.73 49.78 -5.53
N ASP EC 58 91.47 50.32 -4.35
CA ASP EC 58 90.09 50.44 -3.91
C ASP EC 58 89.34 51.45 -4.76
N SER EC 59 90.01 52.51 -5.19
CA SER EC 59 89.35 53.51 -6.03
C SER EC 59 89.18 53.00 -7.46
N GLY EC 60 90.21 52.36 -8.00
CA GLY EC 60 90.11 51.83 -9.35
C GLY EC 60 89.04 50.77 -9.50
N VAL EC 61 88.83 49.97 -8.45
CA VAL EC 61 87.82 48.93 -8.54
C VAL EC 61 86.42 49.54 -8.62
N GLU EC 62 86.16 50.57 -7.82
CA GLU EC 62 84.84 51.17 -7.81
C GLU EC 62 84.53 51.91 -9.10
N ALA EC 63 85.54 52.51 -9.73
CA ALA EC 63 85.30 53.25 -10.96
C ALA EC 63 85.07 52.32 -12.14
N ALA EC 64 85.89 51.27 -12.27
CA ALA EC 64 85.70 50.32 -13.35
C ALA EC 64 84.43 49.50 -13.15
N LYS EC 65 84.06 49.23 -11.91
CA LYS EC 65 82.82 48.52 -11.64
C LYS EC 65 81.63 49.28 -12.17
N ARG EC 66 81.74 50.60 -12.26
CA ARG EC 66 80.61 51.43 -12.67
C ARG EC 66 80.27 51.26 -14.14
N ILE EC 67 81.27 51.01 -14.98
CA ILE EC 67 81.10 51.02 -16.43
C ILE EC 67 81.47 49.71 -17.08
N GLY EC 68 81.85 48.70 -16.32
CA GLY EC 68 82.21 47.43 -16.89
C GLY EC 68 82.17 46.36 -15.84
N LYS EC 69 82.80 45.23 -16.15
CA LYS EC 69 82.89 44.12 -15.21
C LYS EC 69 84.31 44.04 -14.69
N VAL EC 70 84.45 44.08 -13.37
CA VAL EC 70 85.72 43.84 -12.71
C VAL EC 70 85.76 42.38 -12.29
N VAL EC 71 86.75 41.65 -12.79
CA VAL EC 71 86.84 40.22 -12.53
C VAL EC 71 87.53 39.95 -11.21
N SER EC 72 88.62 40.63 -10.93
CA SER EC 72 89.43 40.34 -9.75
C SER EC 72 90.31 41.53 -9.43
N SER EC 73 90.67 41.65 -8.15
CA SER EC 73 91.60 42.67 -7.70
C SER EC 73 92.43 42.09 -6.57
N ARG EC 74 93.59 42.68 -6.32
CA ARG EC 74 94.51 42.10 -5.37
C ARG EC 74 95.63 43.08 -5.08
N VAL EC 75 96.03 43.16 -3.81
CA VAL EC 75 97.22 43.90 -3.40
C VAL EC 75 98.21 42.91 -2.80
N ILE EC 76 99.47 43.04 -3.19
CA ILE EC 76 100.54 42.21 -2.67
C ILE EC 76 101.50 43.13 -1.95
N ALA EC 77 101.54 43.03 -0.62
CA ALA EC 77 102.25 44.03 0.17
C ALA EC 77 103.76 43.86 0.09
N ARG EC 78 104.25 42.63 0.30
CA ARG EC 78 105.67 42.32 0.15
C ARG EC 78 105.82 41.27 -0.92
N PRO EC 79 106.00 41.68 -2.18
CA PRO EC 79 106.16 40.69 -3.24
C PRO EC 79 107.54 40.08 -3.21
N HIS EC 80 107.60 38.79 -3.55
CA HIS EC 80 108.86 38.07 -3.53
C HIS EC 80 109.77 38.58 -4.65
N ASN EC 81 111.07 38.45 -4.44
CA ASN EC 81 112.03 38.98 -5.41
C ASN EC 81 112.03 38.17 -6.70
N ASP EC 82 111.66 36.89 -6.63
CA ASP EC 82 111.49 36.10 -7.84
C ASP EC 82 110.35 36.64 -8.70
N ILE EC 83 109.36 37.24 -8.07
CA ILE EC 83 108.22 37.80 -8.78
C ILE EC 83 108.57 39.18 -9.33
N GLU FC 3 104.17 53.34 16.19
CA GLU FC 3 103.73 52.55 15.04
C GLU FC 3 102.50 51.73 15.40
N ALA FC 4 101.81 51.23 14.38
CA ALA FC 4 100.53 50.58 14.60
C ALA FC 4 100.72 49.27 15.36
N LEU FC 5 99.60 48.64 15.68
CA LEU FC 5 99.61 47.44 16.50
C LEU FC 5 98.49 46.51 16.05
N GLY FC 6 98.84 45.27 15.73
CA GLY FC 6 97.87 44.30 15.25
C GLY FC 6 97.82 43.09 16.17
N LEU FC 7 96.60 42.63 16.47
CA LEU FC 7 96.38 41.57 17.42
C LEU FC 7 95.47 40.51 16.81
N ILE FC 8 95.82 39.24 17.03
CA ILE FC 8 94.96 38.11 16.67
C ILE FC 8 94.88 37.20 17.88
N GLU FC 9 93.68 36.71 18.17
CA GLU FC 9 93.45 35.86 19.32
C GLU FC 9 92.77 34.58 18.88
N THR FC 10 93.33 33.45 19.27
CA THR FC 10 92.89 32.14 18.82
C THR FC 10 92.74 31.20 20.00
N LYS FC 11 92.02 30.10 19.78
CA LYS FC 11 91.97 29.01 20.74
C LYS FC 11 93.06 28.01 20.40
N GLY FC 12 94.01 27.83 21.30
CA GLY FC 12 95.06 26.87 21.02
C GLY FC 12 96.27 27.51 20.41
N LEU FC 13 97.42 26.84 20.57
CA LEU FC 13 98.68 27.41 20.13
C LEU FC 13 98.95 27.17 18.66
N VAL FC 14 98.45 26.06 18.10
CA VAL FC 14 98.77 25.75 16.71
C VAL FC 14 98.15 26.78 15.78
N ALA FC 15 96.89 27.15 16.01
CA ALA FC 15 96.27 28.16 15.16
C ALA FC 15 96.98 29.50 15.28
N CYS FC 16 97.69 29.73 16.37
CA CYS FC 16 98.37 31.00 16.56
C CYS FC 16 99.75 31.01 15.93
N ILE FC 17 100.40 29.85 15.81
CA ILE FC 17 101.67 29.83 15.09
C ILE FC 17 101.44 29.93 13.59
N GLU FC 18 100.30 29.43 13.11
CA GLU FC 18 99.99 29.62 11.70
C GLU FC 18 99.60 31.07 11.41
N ALA FC 19 98.87 31.70 12.31
CA ALA FC 19 98.56 33.11 12.14
C ALA FC 19 99.81 33.97 12.19
N ALA FC 20 100.72 33.66 13.12
CA ALA FC 20 101.93 34.46 13.24
C ALA FC 20 102.87 34.24 12.07
N ASP FC 21 102.85 33.06 11.47
CA ASP FC 21 103.70 32.79 10.31
C ASP FC 21 103.17 33.53 9.08
N ALA FC 22 101.86 33.47 8.86
CA ALA FC 22 101.29 34.17 7.72
C ALA FC 22 101.47 35.67 7.83
N MET FC 23 101.30 36.22 9.04
CA MET FC 23 101.46 37.65 9.24
C MET FC 23 102.86 38.11 8.87
N CYS FC 24 103.88 37.39 9.34
CA CYS FC 24 105.24 37.82 9.10
C CYS FC 24 105.65 37.66 7.65
N LYS FC 25 104.96 36.83 6.88
CA LYS FC 25 105.31 36.63 5.48
C LYS FC 25 104.67 37.69 4.59
N ALA FC 26 103.47 38.13 4.92
CA ALA FC 26 102.63 38.89 4.03
C ALA FC 26 102.79 40.40 4.15
N ALA FC 27 103.75 40.87 4.93
CA ALA FC 27 103.96 42.31 5.08
C ALA FC 27 105.24 42.53 5.88
N ASN FC 28 105.73 43.76 5.85
CA ASN FC 28 106.93 44.13 6.59
C ASN FC 28 106.54 44.55 7.99
N VAL FC 29 106.39 43.57 8.86
CA VAL FC 29 106.00 43.78 10.25
C VAL FC 29 107.00 43.07 11.15
N GLU FC 30 106.99 43.45 12.42
CA GLU FC 30 107.83 42.85 13.44
C GLU FC 30 106.96 42.12 14.44
N LEU FC 31 107.33 40.88 14.76
CA LEU FC 31 106.57 40.10 15.73
C LEU FC 31 107.08 40.41 17.12
N ILE FC 32 106.17 40.81 18.01
CA ILE FC 32 106.53 41.16 19.38
C ILE FC 32 106.56 39.92 20.26
N GLY FC 33 105.53 39.09 20.19
CA GLY FC 33 105.53 37.85 20.94
C GLY FC 33 104.11 37.35 21.18
N TYR FC 34 104.05 36.24 21.89
CA TYR FC 34 102.80 35.62 22.28
C TYR FC 34 102.49 35.95 23.74
N GLU FC 35 101.22 35.84 24.09
CA GLU FC 35 100.79 36.13 25.47
C GLU FC 35 99.47 35.40 25.70
N ASN FC 36 99.52 34.28 26.40
CA ASN FC 36 98.31 33.52 26.69
C ASN FC 36 97.78 33.85 28.08
N VAL FC 37 96.47 33.65 28.25
CA VAL FC 37 95.79 34.02 29.48
C VAL FC 37 94.96 32.86 30.02
N GLY FC 38 95.36 31.64 29.70
CA GLY FC 38 94.61 30.48 30.14
C GLY FC 38 93.31 30.34 29.36
N SER FC 39 92.62 29.23 29.62
CA SER FC 39 91.46 28.78 28.86
C SER FC 39 91.82 28.48 27.41
N GLY FC 40 93.09 28.39 27.08
CA GLY FC 40 93.51 28.11 25.73
C GLY FC 40 93.54 29.30 24.80
N LEU FC 41 93.28 30.49 25.29
CA LEU FC 41 93.34 31.69 24.47
C LEU FC 41 94.79 32.14 24.35
N VAL FC 42 95.29 32.22 23.12
CA VAL FC 42 96.64 32.71 22.85
C VAL FC 42 96.52 33.89 21.90
N THR FC 43 97.40 34.87 22.06
CA THR FC 43 97.34 36.12 21.32
C THR FC 43 98.70 36.43 20.71
N ALA FC 44 98.71 36.84 19.45
CA ALA FC 44 99.91 37.27 18.75
C ALA FC 44 99.85 38.77 18.52
N MET FC 45 101.00 39.42 18.63
CA MET FC 45 101.09 40.88 18.51
C MET FC 45 102.16 41.23 17.50
N VAL FC 46 101.78 41.91 16.43
CA VAL FC 46 102.72 42.41 15.44
C VAL FC 46 102.76 43.93 15.53
N LYS FC 47 103.80 44.52 14.95
CA LYS FC 47 104.02 45.95 15.06
C LYS FC 47 104.68 46.47 13.80
N GLY FC 48 104.15 47.55 13.25
CA GLY FC 48 104.74 48.13 12.07
C GLY FC 48 103.92 49.32 11.61
N ASP FC 49 104.19 49.78 10.39
CA ASP FC 49 103.42 50.87 9.82
C ASP FC 49 101.97 50.46 9.65
N VAL FC 50 101.09 51.45 9.55
CA VAL FC 50 99.66 51.19 9.60
C VAL FC 50 99.22 50.38 8.39
N GLY FC 51 99.75 50.70 7.21
CA GLY FC 51 99.34 49.99 6.01
C GLY FC 51 99.82 48.55 6.02
N ALA FC 52 101.06 48.33 6.44
CA ALA FC 52 101.58 46.97 6.54
C ALA FC 52 100.82 46.18 7.59
N VAL FC 53 100.69 46.74 8.80
CA VAL FC 53 100.02 46.02 9.88
C VAL FC 53 98.59 45.70 9.52
N ASN FC 54 97.92 46.62 8.84
CA ASN FC 54 96.57 46.32 8.36
C ASN FC 54 96.58 45.07 7.51
N ALA FC 55 97.41 45.07 6.45
CA ALA FC 55 97.48 43.95 5.52
C ALA FC 55 97.83 42.65 6.22
N ALA FC 56 98.79 42.69 7.15
CA ALA FC 56 99.20 41.47 7.84
C ALA FC 56 98.05 40.84 8.59
N VAL FC 57 97.30 41.63 9.35
CA VAL FC 57 96.23 41.07 10.18
C VAL FC 57 95.16 40.42 9.31
N ASP FC 58 94.90 41.00 8.13
CA ASP FC 58 93.92 40.37 7.23
C ASP FC 58 94.39 39.01 6.76
N SER FC 59 95.67 38.90 6.40
CA SER FC 59 96.19 37.62 5.94
C SER FC 59 96.32 36.63 7.08
N GLY FC 60 96.77 37.09 8.25
CA GLY FC 60 96.94 36.19 9.38
C GLY FC 60 95.64 35.58 9.85
N VAL FC 61 94.55 36.36 9.82
CA VAL FC 61 93.26 35.81 10.24
C VAL FC 61 92.77 34.81 9.22
N GLU FC 62 93.09 35.03 7.95
CA GLU FC 62 92.61 34.14 6.89
C GLU FC 62 93.29 32.78 6.95
N ALA FC 63 94.57 32.76 7.33
CA ALA FC 63 95.28 31.49 7.47
C ALA FC 63 94.88 30.76 8.75
N ALA FC 64 94.75 31.49 9.85
CA ALA FC 64 94.45 30.85 11.13
C ALA FC 64 93.03 30.31 11.15
N LYS FC 65 92.07 31.06 10.63
CA LYS FC 65 90.68 30.62 10.61
C LYS FC 65 90.52 29.32 9.85
N ARG FC 66 91.53 28.94 9.06
CA ARG FC 66 91.41 27.82 8.14
C ARG FC 66 91.62 26.49 8.84
N ILE FC 67 92.40 26.48 9.92
CA ILE FC 67 92.66 25.25 10.67
C ILE FC 67 92.13 25.30 12.09
N GLY FC 68 91.88 26.48 12.65
CA GLY FC 68 91.43 26.59 14.03
C GLY FC 68 90.40 27.69 14.17
N LYS FC 69 90.28 28.26 15.36
CA LYS FC 69 89.25 29.27 15.64
C LYS FC 69 89.92 30.60 15.95
N VAL FC 70 89.57 31.62 15.19
CA VAL FC 70 90.03 32.98 15.45
C VAL FC 70 88.98 33.69 16.29
N VAL FC 71 89.35 34.06 17.51
CA VAL FC 71 88.39 34.62 18.45
C VAL FC 71 88.14 36.10 18.14
N SER FC 72 89.21 36.87 17.95
CA SER FC 72 89.07 38.28 17.63
C SER FC 72 90.36 38.78 16.99
N SER FC 73 90.22 39.86 16.24
CA SER FC 73 91.34 40.56 15.64
C SER FC 73 91.10 42.06 15.73
N ARG FC 74 92.16 42.83 15.65
CA ARG FC 74 92.05 44.26 15.89
C ARG FC 74 93.34 44.94 15.46
N VAL FC 75 93.22 46.14 14.90
CA VAL FC 75 94.36 46.99 14.58
C VAL FC 75 94.19 48.32 15.29
N ILE FC 76 95.20 48.71 16.06
CA ILE FC 76 95.25 50.02 16.69
C ILE FC 76 96.23 50.85 15.90
N ALA FC 77 95.74 51.92 15.26
CA ALA FC 77 96.59 52.68 14.35
C ALA FC 77 97.66 53.46 15.10
N ARG FC 78 97.31 54.05 16.24
CA ARG FC 78 98.26 54.79 17.08
C ARG FC 78 97.95 54.47 18.53
N PRO FC 79 98.67 53.54 19.14
CA PRO FC 79 98.41 53.23 20.54
C PRO FC 79 98.94 54.32 21.45
N HIS FC 80 98.28 54.49 22.58
CA HIS FC 80 98.78 55.38 23.61
C HIS FC 80 100.10 54.86 24.14
N ASN FC 81 100.93 55.77 24.65
CA ASN FC 81 102.23 55.35 25.18
C ASN FC 81 102.08 54.44 26.38
N ASP FC 82 101.01 54.61 27.16
CA ASP FC 82 100.78 53.71 28.29
C ASP FC 82 100.55 52.29 27.82
N ILE FC 83 99.91 52.12 26.67
CA ILE FC 83 99.66 50.79 26.14
C ILE FC 83 100.96 50.08 25.78
N GLU FC 84 102.02 50.82 25.46
CA GLU FC 84 103.31 50.19 25.18
C GLU FC 84 104.12 50.01 26.46
N LYS FC 85 103.44 49.51 27.48
CA LYS FC 85 104.05 48.96 28.68
C LYS FC 85 103.32 47.72 29.14
N ILE FC 86 102.14 47.46 28.59
CA ILE FC 86 101.39 46.24 28.84
C ILE FC 86 101.76 45.15 27.85
N ALA FC 87 101.91 45.52 26.58
CA ALA FC 87 102.34 44.55 25.57
C ALA FC 87 103.80 44.20 25.78
N GLY FC 88 104.69 45.17 25.66
CA GLY FC 88 106.10 44.94 25.88
C GLY FC 88 106.52 45.10 27.33
N MET GC 1 -26.15 106.25 2.69
CA MET GC 1 -25.10 107.15 3.15
C MET GC 1 -25.63 108.57 3.26
N ILE GC 2 -24.89 109.41 3.97
CA ILE GC 2 -25.19 110.83 4.05
C ILE GC 2 -23.90 111.62 3.96
N LEU GC 3 -23.97 112.81 3.38
CA LEU GC 3 -22.84 113.72 3.40
C LEU GC 3 -22.74 114.37 4.78
N ALA GC 4 -21.54 114.35 5.33
CA ALA GC 4 -21.31 114.89 6.66
C ALA GC 4 -19.91 115.44 6.74
N LYS GC 5 -19.64 116.16 7.81
CA LYS GC 5 -18.36 116.80 8.02
C LYS GC 5 -17.84 116.43 9.41
N VAL GC 6 -16.58 116.03 9.50
CA VAL GC 6 -16.00 115.68 10.78
C VAL GC 6 -15.77 116.97 11.58
N THR GC 7 -16.31 117.01 12.80
CA THR GC 7 -16.25 118.21 13.62
C THR GC 7 -15.62 118.01 14.99
N GLY GC 8 -15.09 116.82 15.27
CA GLY GC 8 -14.46 116.59 16.56
C GLY GC 8 -14.14 115.12 16.74
N HIS GC 9 -13.93 114.73 17.98
CA HIS GC 9 -13.71 113.33 18.31
C HIS GC 9 -14.12 113.09 19.75
N VAL GC 10 -14.22 111.81 20.10
CA VAL GC 10 -14.69 111.39 21.42
C VAL GC 10 -13.65 110.43 22.01
N VAL GC 11 -13.27 110.66 23.25
CA VAL GC 11 -12.31 109.82 23.96
C VAL GC 11 -13.08 109.04 25.01
N ALA GC 12 -13.20 107.74 24.81
CA ALA GC 12 -13.92 106.86 25.71
C ALA GC 12 -12.99 105.73 26.15
N THR GC 13 -12.83 105.59 27.46
CA THR GC 13 -11.93 104.58 28.02
C THR GC 13 -12.65 103.30 28.40
N GLN GC 14 -13.76 103.41 29.10
CA GLN GC 14 -14.57 102.27 29.51
C GLN GC 14 -15.58 101.99 28.41
N LYS GC 15 -15.32 100.96 27.62
CA LYS GC 15 -16.20 100.66 26.49
C LYS GC 15 -16.12 99.18 26.17
N CYS GC 16 -16.99 98.74 25.27
CA CYS GC 16 -17.06 97.34 24.91
C CYS GC 16 -15.80 96.92 24.16
N ASP GC 17 -15.75 95.64 23.78
CA ASP GC 17 -14.60 95.09 23.10
C ASP GC 17 -14.73 95.14 21.59
N GLU GC 18 -15.95 95.24 21.06
CA GLU GC 18 -16.15 95.39 19.63
C GLU GC 18 -15.64 96.74 19.13
N LEU GC 19 -15.25 97.64 20.03
CA LEU GC 19 -14.80 98.98 19.67
C LEU GC 19 -13.35 99.25 20.01
N ARG GC 20 -12.59 98.23 20.41
CA ARG GC 20 -11.20 98.44 20.80
C ARG GC 20 -10.35 98.76 19.58
N GLY GC 21 -9.54 99.80 19.67
CA GLY GC 21 -8.63 100.14 18.61
C GLY GC 21 -9.29 100.75 17.39
N SER GC 22 -10.07 101.81 17.60
CA SER GC 22 -10.74 102.49 16.51
C SER GC 22 -10.99 103.93 16.92
N ASN GC 23 -11.14 104.80 15.92
CA ASN GC 23 -11.40 106.20 16.17
C ASN GC 23 -12.90 106.40 16.36
N LEU GC 24 -13.27 107.47 17.06
CA LEU GC 24 -14.66 107.81 17.27
C LEU GC 24 -14.83 109.29 16.96
N LEU GC 25 -15.36 109.61 15.79
CA LEU GC 25 -15.46 110.97 15.31
C LEU GC 25 -16.87 111.51 15.48
N LEU GC 26 -16.96 112.80 15.74
CA LEU GC 26 -18.25 113.49 15.70
C LEU GC 26 -18.53 113.89 14.26
N ILE GC 27 -19.73 113.57 13.79
CA ILE GC 27 -20.07 113.61 12.38
C ILE GC 27 -21.33 114.45 12.26
N THR GC 28 -21.22 115.62 11.65
CA THR GC 28 -22.35 116.54 11.56
C THR GC 28 -22.89 116.54 10.14
N ARG GC 29 -24.18 116.28 10.01
CA ARG GC 29 -24.82 116.29 8.70
C ARG GC 29 -24.91 117.72 8.17
N LEU GC 30 -24.53 117.91 6.91
CA LEU GC 30 -24.49 119.23 6.31
C LEU GC 30 -25.55 119.37 5.23
N ASP GC 31 -26.06 120.58 5.07
CA ASP GC 31 -27.21 120.85 4.21
C ASP GC 31 -26.82 121.08 2.76
N ASP GC 32 -27.77 121.54 1.93
CA ASP GC 32 -27.55 121.63 0.48
C ASP GC 32 -26.68 122.82 0.08
N LYS GC 33 -26.13 123.56 1.03
CA LYS GC 33 -25.11 124.56 0.74
C LYS GC 33 -23.75 124.13 1.26
N GLN GC 34 -23.58 122.86 1.58
CA GLN GC 34 -22.39 122.33 2.21
C GLN GC 34 -22.06 123.11 3.49
N GLN GC 35 -23.03 123.12 4.40
CA GLN GC 35 -22.92 123.84 5.65
C GLN GC 35 -23.55 122.98 6.75
N PRO GC 36 -22.87 122.79 7.88
CA PRO GC 36 -23.40 121.93 8.92
C PRO GC 36 -24.73 122.42 9.46
N MET GC 37 -25.57 121.47 9.87
CA MET GC 37 -26.87 121.76 10.44
C MET GC 37 -26.80 121.80 11.96
N LYS GC 38 -27.95 121.99 12.59
CA LYS GC 38 -28.05 122.09 14.04
C LYS GC 38 -28.67 120.81 14.58
N ASP GC 39 -28.09 120.28 15.65
CA ASP GC 39 -28.61 119.09 16.34
C ASP GC 39 -28.67 117.89 15.40
N GLN GC 40 -27.57 117.66 14.69
CA GLN GC 40 -27.52 116.57 13.71
C GLN GC 40 -26.19 115.84 13.79
N THR GC 41 -25.73 115.55 15.00
CA THR GC 41 -24.41 114.98 15.21
C THR GC 41 -24.52 113.53 15.66
N TRP GC 42 -23.76 112.67 15.01
CA TRP GC 42 -23.64 111.27 15.40
C TRP GC 42 -22.17 110.96 15.68
N VAL GC 43 -21.94 109.79 16.25
CA VAL GC 43 -20.58 109.32 16.51
C VAL GC 43 -20.30 108.15 15.58
N ALA GC 44 -19.23 108.26 14.80
CA ALA GC 44 -18.94 107.29 13.76
C ALA GC 44 -17.56 106.69 13.99
N VAL GC 45 -17.46 105.39 13.79
CA VAL GC 45 -16.18 104.70 13.89
C VAL GC 45 -15.43 104.91 12.57
N ASP GC 46 -14.39 105.72 12.60
CA ASP GC 46 -13.61 105.96 11.39
C ASP GC 46 -13.09 104.65 10.84
N ASN GC 47 -13.03 104.57 9.51
CA ASN GC 47 -12.59 103.35 8.85
C ASN GC 47 -11.59 103.57 7.73
N VAL GC 48 -11.44 104.78 7.20
CA VAL GC 48 -10.55 105.06 6.09
C VAL GC 48 -9.51 106.12 6.41
N GLY GC 49 -9.55 106.70 7.61
CA GLY GC 49 -8.54 107.67 7.98
C GLY GC 49 -8.95 109.10 7.70
N ALA GC 50 -10.09 109.52 8.24
CA ALA GC 50 -10.55 110.89 8.12
C ALA GC 50 -10.19 111.68 9.36
N GLY GC 51 -9.97 112.98 9.17
CA GLY GC 51 -9.62 113.85 10.26
C GLY GC 51 -10.53 115.05 10.34
N MET GC 52 -10.11 116.10 11.03
CA MET GC 52 -10.99 117.25 11.22
C MET GC 52 -11.23 117.97 9.91
N HIS GC 53 -12.42 118.57 9.80
CA HIS GC 53 -12.82 119.46 8.71
C HIS GC 53 -13.03 118.74 7.38
N ASP GC 54 -12.92 117.42 7.35
CA ASP GC 54 -13.01 116.68 6.11
C ASP GC 54 -14.46 116.28 5.84
N ILE GC 55 -14.89 116.42 4.60
CA ILE GC 55 -16.23 116.00 4.22
C ILE GC 55 -16.21 114.52 3.90
N VAL GC 56 -16.99 113.74 4.63
CA VAL GC 56 -16.95 112.29 4.54
C VAL GC 56 -18.32 111.76 4.18
N LEU GC 57 -18.44 110.44 4.07
CA LEU GC 57 -19.65 109.75 3.62
C LEU GC 57 -19.97 108.70 4.66
N ALA GC 58 -20.80 109.07 5.63
CA ALA GC 58 -21.08 108.22 6.78
C ALA GC 58 -22.21 107.26 6.47
N GLU GC 59 -21.98 105.98 6.75
CA GLU GC 59 -22.94 104.93 6.44
C GLU GC 59 -23.64 104.46 7.71
N GLU GC 60 -24.86 103.97 7.54
CA GLU GC 60 -25.68 103.55 8.65
C GLU GC 60 -25.31 102.15 9.11
N TYR GC 61 -26.20 101.50 9.84
CA TYR GC 61 -25.89 100.43 10.79
C TYR GC 61 -24.77 99.49 10.37
N PHE GC 62 -24.96 98.72 9.31
CA PHE GC 62 -24.12 97.55 9.07
C PHE GC 62 -22.94 97.90 8.18
N ALA GC 63 -21.74 97.93 8.77
CA ALA GC 63 -20.51 98.05 8.01
C ALA GC 63 -19.40 97.17 8.60
N LEU GC 64 -19.74 96.18 9.42
CA LEU GC 64 -18.80 95.23 10.00
C LEU GC 64 -17.72 95.95 10.83
N ASN GC 65 -18.17 96.61 11.89
CA ASN GC 65 -17.27 97.37 12.73
C ASN GC 65 -17.63 97.27 14.21
N TYR GC 69 -21.79 92.73 13.94
CA TYR GC 69 -21.17 94.05 14.00
C TYR GC 69 -21.98 95.06 13.20
N LYS GC 70 -22.50 96.08 13.88
CA LYS GC 70 -23.37 97.05 13.24
C LYS GC 70 -23.08 98.50 13.62
N ALA GC 71 -21.82 98.87 13.79
CA ALA GC 71 -21.50 100.24 14.17
C ALA GC 71 -21.56 101.15 12.95
N MET GC 72 -21.97 102.39 13.18
CA MET GC 72 -22.06 103.41 12.15
C MET GC 72 -20.66 103.90 11.85
N SER GC 73 -20.20 103.69 10.62
CA SER GC 73 -18.82 104.01 10.27
C SER GC 73 -18.76 104.93 9.08
N VAL GC 74 -17.57 105.48 8.86
CA VAL GC 74 -17.27 106.30 7.70
C VAL GC 74 -16.66 105.41 6.64
N VAL GC 75 -17.13 105.52 5.39
CA VAL GC 75 -16.76 104.59 4.35
C VAL GC 75 -16.14 105.27 3.14
N ALA GC 76 -16.04 106.60 3.12
CA ALA GC 76 -15.49 107.27 1.96
C ALA GC 76 -15.15 108.71 2.32
N ILE GC 77 -14.05 109.22 1.77
CA ILE GC 77 -13.68 110.62 1.86
C ILE GC 77 -13.98 111.26 0.52
N VAL GC 78 -14.72 112.35 0.53
CA VAL GC 78 -15.33 112.89 -0.68
C VAL GC 78 -14.42 113.97 -1.26
N GLU GC 79 -14.13 113.85 -2.55
CA GLU GC 79 -13.34 114.84 -3.27
C GLU GC 79 -14.20 115.96 -3.83
N LYS GC 80 -15.19 115.62 -4.65
CA LYS GC 80 -16.03 116.60 -5.32
C LYS GC 80 -17.50 116.25 -5.14
N VAL GC 81 -18.32 117.26 -4.90
CA VAL GC 81 -19.77 117.11 -4.81
C VAL GC 81 -20.35 118.01 -5.89
N PHE GC 82 -20.63 117.43 -7.06
CA PHE GC 82 -21.26 118.16 -8.14
C PHE GC 82 -22.76 118.13 -7.93
N ARG GC 83 -23.39 119.30 -7.87
CA ARG GC 83 -24.79 119.38 -7.49
C ARG GC 83 -25.44 120.55 -8.22
N ASP GC 84 -26.37 120.25 -9.12
CA ASP GC 84 -27.17 121.29 -9.75
C ASP GC 84 -28.41 120.67 -10.40
N GLU HC 3 30.90 105.36 42.99
CA GLU HC 3 29.65 104.61 43.05
C GLU HC 3 29.67 103.47 42.05
N ALA HC 4 28.77 102.50 42.25
CA ALA HC 4 28.75 101.34 41.39
C ALA HC 4 28.18 101.71 40.03
N LEU HC 5 28.00 100.70 39.17
CA LEU HC 5 27.55 100.93 37.81
C LEU HC 5 26.75 99.73 37.33
N GLY HC 6 25.58 99.99 36.76
CA GLY HC 6 24.70 98.92 36.31
C GLY HC 6 24.33 99.10 34.86
N LEU HC 7 24.26 97.98 34.15
CA LEU HC 7 24.08 97.97 32.70
C LEU HC 7 23.05 96.94 32.30
N ILE HC 8 22.11 97.34 31.45
CA ILE HC 8 21.18 96.42 30.80
C ILE HC 8 21.24 96.68 29.31
N GLU HC 9 21.19 95.60 28.53
CA GLU HC 9 21.23 95.69 27.08
C GLU HC 9 20.05 94.93 26.50
N THR HC 10 19.32 95.57 25.60
CA THR HC 10 18.11 95.00 25.03
C THR HC 10 18.11 95.18 23.52
N LYS HC 11 17.26 94.40 22.86
CA LYS HC 11 17.02 94.53 21.43
C LYS HC 11 15.79 95.40 21.21
N GLY HC 12 15.98 96.56 20.62
CA GLY HC 12 14.89 97.48 20.42
C GLY HC 12 14.87 98.58 21.47
N LEU HC 13 14.30 99.72 21.11
CA LEU HC 13 14.32 100.87 22.01
C LEU HC 13 13.21 100.80 23.05
N VAL HC 14 12.06 100.22 22.69
CA VAL HC 14 10.95 100.20 23.63
C VAL HC 14 11.30 99.38 24.86
N ALA HC 15 11.84 98.18 24.66
CA ALA HC 15 12.20 97.34 25.79
C ALA HC 15 13.22 98.02 26.69
N CYS HC 16 13.99 98.96 26.17
CA CYS HC 16 15.00 99.62 26.97
C CYS HC 16 14.39 100.74 27.81
N ILE HC 17 13.41 101.47 27.27
CA ILE HC 17 12.78 102.53 28.04
C ILE HC 17 11.95 101.95 29.18
N GLU HC 18 11.33 100.81 28.95
CA GLU HC 18 10.65 100.12 30.03
C GLU HC 18 11.65 99.70 31.12
N ALA HC 19 12.79 99.16 30.72
CA ALA HC 19 13.80 98.76 31.69
C ALA HC 19 14.34 99.95 32.46
N ALA HC 20 14.61 101.05 31.78
CA ALA HC 20 15.20 102.21 32.46
C ALA HC 20 14.19 102.89 33.37
N ASP HC 21 12.90 102.70 33.13
CA ASP HC 21 11.90 103.26 34.02
C ASP HC 21 11.76 102.41 35.28
N ALA HC 22 11.74 101.09 35.12
CA ALA HC 22 11.67 100.21 36.27
C ALA HC 22 12.89 100.38 37.17
N MET HC 23 14.06 100.51 36.58
CA MET HC 23 15.27 100.72 37.37
C MET HC 23 15.16 101.98 38.22
N CYS HC 24 14.72 103.08 37.61
CA CYS HC 24 14.69 104.35 38.34
C CYS HC 24 13.65 104.35 39.45
N LYS HC 25 12.60 103.55 39.31
CA LYS HC 25 11.55 103.50 40.34
C LYS HC 25 11.92 102.57 41.48
N ALA HC 26 12.65 101.51 41.20
CA ALA HC 26 12.84 100.41 42.14
C ALA HC 26 13.90 100.69 43.20
N ALA HC 27 14.76 101.69 43.02
CA ALA HC 27 15.79 101.98 44.01
C ALA HC 27 16.32 103.38 43.77
N ASN HC 28 17.17 103.82 44.69
CA ASN HC 28 17.75 105.17 44.62
C ASN HC 28 18.98 105.14 43.72
N VAL HC 29 18.74 105.14 42.42
CA VAL HC 29 19.79 105.16 41.42
C VAL HC 29 19.50 106.27 40.43
N GLU HC 30 20.55 106.79 39.81
CA GLU HC 30 20.44 107.88 38.85
C GLU HC 30 20.79 107.38 37.46
N LEU HC 31 20.05 107.85 36.46
CA LEU HC 31 20.20 107.38 35.09
C LEU HC 31 21.30 108.17 34.40
N ILE HC 32 22.29 107.46 33.85
CA ILE HC 32 23.39 108.13 33.18
C ILE HC 32 23.03 108.49 31.76
N GLY HC 33 22.56 107.53 30.98
CA GLY HC 33 22.12 107.80 29.63
C GLY HC 33 21.94 106.53 28.84
N TYR HC 34 21.56 106.71 27.59
CA TYR HC 34 21.41 105.63 26.63
C TYR HC 34 22.58 105.64 25.67
N GLU HC 35 22.80 104.49 25.02
CA GLU HC 35 23.86 104.40 24.02
C GLU HC 35 23.56 103.17 23.16
N ASN HC 36 23.18 103.39 21.90
CA ASN HC 36 22.98 102.27 20.99
C ASN HC 36 24.19 102.11 20.08
N VAL HC 37 24.59 100.87 19.89
CA VAL HC 37 25.75 100.55 19.07
C VAL HC 37 25.26 99.67 17.93
N GLY HC 38 24.85 100.30 16.84
CA GLY HC 38 24.50 99.54 15.65
C GLY HC 38 23.25 98.72 15.83
N SER HC 39 23.34 97.45 15.47
CA SER HC 39 22.16 96.67 15.10
C SER HC 39 21.25 96.42 16.29
N GLY HC 40 20.21 97.24 16.39
CA GLY HC 40 19.14 97.08 17.36
C GLY HC 40 19.54 96.86 18.80
N LEU HC 41 20.69 97.38 19.23
CA LEU HC 41 21.15 97.15 20.59
C LEU HC 41 21.24 98.48 21.31
N VAL HC 42 20.37 98.69 22.30
CA VAL HC 42 20.38 99.87 23.14
C VAL HC 42 20.76 99.46 24.54
N THR HC 43 21.52 100.31 25.22
CA THR HC 43 22.02 100.04 26.56
C THR HC 43 21.72 101.22 27.46
N ALA HC 44 21.22 100.95 28.67
CA ALA HC 44 20.97 101.96 29.68
C ALA HC 44 21.94 101.77 30.82
N MET HC 45 22.43 102.88 31.39
CA MET HC 45 23.42 102.86 32.43
C MET HC 45 22.92 103.64 33.64
N VAL HC 46 23.02 103.04 34.83
CA VAL HC 46 22.63 103.67 36.08
C VAL HC 46 23.80 103.60 37.05
N LYS HC 47 23.79 104.49 38.03
CA LYS HC 47 24.85 104.51 39.03
C LYS HC 47 24.27 104.84 40.40
N GLY HC 48 24.90 104.27 41.43
CA GLY HC 48 24.45 104.44 42.78
C GLY HC 48 25.24 103.52 43.70
N ASP HC 49 24.77 103.39 44.93
CA ASP HC 49 25.42 102.48 45.87
C ASP HC 49 25.28 101.05 45.38
N VAL HC 50 26.12 100.16 45.93
CA VAL HC 50 26.20 98.80 45.42
C VAL HC 50 24.93 98.02 45.73
N GLY HC 51 24.37 98.22 46.91
CA GLY HC 51 23.14 97.53 47.27
C GLY HC 51 21.95 98.06 46.50
N ALA HC 52 21.92 99.37 46.23
CA ALA HC 52 20.86 99.95 45.44
C ALA HC 52 20.95 99.53 43.99
N VAL HC 53 22.14 99.65 43.40
CA VAL HC 53 22.29 99.33 41.98
C VAL HC 53 22.02 97.87 41.73
N ASN HC 54 22.41 97.00 42.66
CA ASN HC 54 22.12 95.58 42.51
C ASN HC 54 20.62 95.33 42.53
N ALA HC 55 19.87 96.16 43.27
CA ALA HC 55 18.44 95.98 43.38
C ALA HC 55 17.71 96.59 42.20
N ALA HC 56 18.31 97.59 41.55
CA ALA HC 56 17.67 98.20 40.39
C ALA HC 56 17.82 97.33 39.15
N VAL HC 57 18.94 96.63 39.03
CA VAL HC 57 19.21 95.89 37.79
C VAL HC 57 18.32 94.65 37.70
N ASP HC 58 18.15 93.93 38.80
CA ASP HC 58 17.32 92.72 38.72
C ASP HC 58 15.85 93.07 38.57
N SER HC 59 15.44 94.27 38.98
CA SER HC 59 14.08 94.71 38.72
C SER HC 59 13.92 95.15 37.28
N GLY HC 60 14.90 95.88 36.75
CA GLY HC 60 14.82 96.34 35.38
C GLY HC 60 14.93 95.22 34.36
N VAL HC 61 15.68 94.17 34.68
CA VAL HC 61 15.73 93.02 33.79
C VAL HC 61 14.40 92.29 33.79
N GLU HC 62 13.73 92.27 34.93
CA GLU HC 62 12.46 91.59 35.07
C GLU HC 62 11.38 92.24 34.21
N ALA HC 63 11.43 93.57 34.08
CA ALA HC 63 10.41 94.30 33.34
C ALA HC 63 10.64 94.22 31.83
N ALA HC 64 11.88 94.45 31.41
CA ALA HC 64 12.17 94.41 29.97
C ALA HC 64 12.06 93.01 29.40
N LYS HC 65 12.38 91.99 30.20
CA LYS HC 65 12.20 90.61 29.78
C LYS HC 65 10.75 90.30 29.48
N ARG HC 66 9.83 91.12 29.99
CA ARG HC 66 8.41 90.87 29.82
C ARG HC 66 7.95 91.13 28.40
N ILE HC 67 8.44 92.21 27.79
CA ILE HC 67 7.97 92.65 26.48
C ILE HC 67 9.03 92.57 25.40
N GLY HC 68 10.28 92.29 25.75
CA GLY HC 68 11.32 92.23 24.74
C GLY HC 68 12.40 91.24 25.08
N LYS HC 69 13.58 91.43 24.49
CA LYS HC 69 14.72 90.55 24.73
C LYS HC 69 15.75 91.32 25.53
N VAL HC 70 16.09 90.83 26.71
CA VAL HC 70 17.22 91.33 27.47
C VAL HC 70 18.43 90.50 27.08
N VAL HC 71 19.44 91.16 26.54
CA VAL HC 71 20.62 90.47 26.03
C VAL HC 71 21.64 90.22 27.13
N SER HC 72 21.92 91.23 27.94
CA SER HC 72 22.92 91.08 29.00
C SER HC 72 22.64 92.09 30.10
N SER HC 73 23.09 91.76 31.30
CA SER HC 73 23.05 92.66 32.43
C SER HC 73 24.30 92.45 33.26
N ARG HC 74 24.72 93.49 33.97
CA ARG HC 74 25.98 93.41 34.69
C ARG HC 74 26.09 94.58 35.65
N VAL HC 75 26.59 94.30 36.85
CA VAL HC 75 26.87 95.31 37.86
C VAL HC 75 28.37 95.33 38.10
N ILE HC 76 28.95 96.53 38.12
CA ILE HC 76 30.37 96.71 38.41
C ILE HC 76 30.46 97.43 39.75
N ALA HC 77 31.01 96.75 40.75
CA ALA HC 77 30.94 97.25 42.11
C ALA HC 77 31.85 98.46 42.32
N ARG HC 78 33.01 98.47 41.69
CA ARG HC 78 33.91 99.63 41.72
C ARG HC 78 34.49 99.81 40.32
N PRO HC 79 33.91 100.69 39.52
CA PRO HC 79 34.47 100.92 38.18
C PRO HC 79 35.78 101.67 38.28
N HIS HC 80 36.72 101.29 37.44
CA HIS HC 80 38.03 101.93 37.47
C HIS HC 80 37.91 103.39 37.05
N ASN HC 81 38.77 104.23 37.64
CA ASN HC 81 38.67 105.67 37.45
C ASN HC 81 38.76 106.02 35.97
N ASP HC 82 39.58 105.30 35.21
CA ASP HC 82 39.75 105.61 33.80
C ASP HC 82 38.46 105.41 33.02
N ILE HC 83 37.65 104.44 33.43
CA ILE HC 83 36.39 104.16 32.75
C ILE HC 83 35.33 105.15 33.21
N GLU IC 3 3.13 114.18 31.97
CA GLU IC 3 2.08 113.56 31.17
C GLU IC 3 2.51 112.18 30.72
N ALA IC 4 1.55 111.35 30.33
CA ALA IC 4 1.83 109.97 29.95
C ALA IC 4 2.69 109.91 28.71
N LEU IC 5 3.06 108.70 28.30
CA LEU IC 5 3.99 108.53 27.20
C LEU IC 5 3.72 107.21 26.53
N GLY IC 6 3.55 107.22 25.21
CA GLY IC 6 3.24 106.01 24.48
C GLY IC 6 4.25 105.75 23.38
N LEU IC 7 4.54 104.47 23.16
CA LEU IC 7 5.53 104.06 22.19
C LEU IC 7 5.00 102.95 21.31
N ILE IC 8 5.27 103.04 20.02
CA ILE IC 8 5.05 101.95 19.08
C ILE IC 8 6.34 101.72 18.33
N GLU IC 9 6.71 100.45 18.14
CA GLU IC 9 7.93 100.09 17.45
C GLU IC 9 7.60 99.20 16.28
N THR IC 10 8.01 99.60 15.09
CA THR IC 10 7.66 98.92 13.86
C THR IC 10 8.91 98.64 13.04
N LYS IC 11 8.81 97.63 12.19
CA LYS IC 11 9.88 97.28 11.26
C LYS IC 11 9.64 98.02 9.95
N GLY IC 12 10.48 99.00 9.66
CA GLY IC 12 10.31 99.81 8.47
C GLY IC 12 9.68 101.14 8.81
N LEU IC 13 9.97 102.14 7.97
CA LEU IC 13 9.48 103.49 8.23
C LEU IC 13 8.04 103.69 7.80
N VAL IC 14 7.62 103.02 6.73
CA VAL IC 14 6.27 103.24 6.22
C VAL IC 14 5.23 102.83 7.25
N ALA IC 15 5.41 101.66 7.85
CA ALA IC 15 4.47 101.21 8.88
C ALA IC 15 4.46 102.14 10.08
N CYS IC 16 5.51 102.93 10.26
CA CYS IC 16 5.56 103.84 11.39
C CYS IC 16 4.84 105.15 11.11
N ILE IC 17 4.77 105.56 9.84
CA ILE IC 17 4.01 106.77 9.52
C ILE IC 17 2.52 106.48 9.49
N GLU IC 18 2.13 105.26 9.13
CA GLU IC 18 0.73 104.88 9.27
C GLU IC 18 0.34 104.80 10.75
N ALA IC 19 1.20 104.18 11.57
CA ALA IC 19 0.94 104.12 13.00
C ALA IC 19 0.84 105.52 13.60
N ALA IC 20 1.74 106.42 13.22
CA ALA IC 20 1.70 107.76 13.79
C ALA IC 20 0.47 108.51 13.32
N ASP IC 21 0.07 108.34 12.06
CA ASP IC 21 -1.10 109.05 11.56
C ASP IC 21 -2.35 108.64 12.31
N ALA IC 22 -2.52 107.34 12.57
CA ALA IC 22 -3.68 106.89 13.33
C ALA IC 22 -3.63 107.42 14.76
N MET IC 23 -2.44 107.46 15.35
CA MET IC 23 -2.32 107.95 16.72
C MET IC 23 -2.75 109.41 16.82
N CYS IC 24 -2.33 110.24 15.86
CA CYS IC 24 -2.61 111.67 15.97
C CYS IC 24 -4.06 112.02 15.68
N LYS IC 25 -4.79 111.13 15.00
CA LYS IC 25 -6.20 111.38 14.71
C LYS IC 25 -7.13 110.84 15.77
N ALA IC 26 -6.65 109.89 16.59
CA ALA IC 26 -7.51 109.18 17.53
C ALA IC 26 -7.77 109.97 18.79
N ALA IC 27 -6.89 110.87 19.16
CA ALA IC 27 -7.05 111.63 20.39
C ALA IC 27 -6.18 112.88 20.32
N ASN IC 28 -6.19 113.64 21.40
CA ASN IC 28 -5.49 114.92 21.45
C ASN IC 28 -4.13 114.71 22.10
N VAL IC 29 -3.20 114.16 21.32
CA VAL IC 29 -1.84 113.92 21.76
C VAL IC 29 -0.90 114.67 20.83
N GLU IC 30 0.24 115.10 21.37
CA GLU IC 30 1.27 115.75 20.57
C GLU IC 30 2.36 114.75 20.24
N LEU IC 31 2.76 114.69 18.98
CA LEU IC 31 3.74 113.73 18.53
C LEU IC 31 5.14 114.29 18.75
N ILE IC 32 6.00 113.50 19.40
CA ILE IC 32 7.34 113.96 19.75
C ILE IC 32 8.31 113.77 18.59
N GLY IC 33 8.44 112.56 18.07
CA GLY IC 33 9.30 112.33 16.93
C GLY IC 33 9.76 110.90 16.86
N TYR IC 34 10.37 110.57 15.73
CA TYR IC 34 10.86 109.24 15.45
C TYR IC 34 12.28 109.06 15.96
N GLU IC 35 12.66 107.80 16.12
CA GLU IC 35 14.02 107.44 16.51
C GLU IC 35 14.27 106.02 16.02
N ASN IC 36 15.17 105.86 15.05
CA ASN IC 36 15.54 104.53 14.59
C ASN IC 36 16.86 104.11 15.22
N VAL IC 37 16.94 102.85 15.62
CA VAL IC 37 18.09 102.30 16.30
C VAL IC 37 18.83 101.30 15.43
N GLY IC 38 18.48 101.20 14.16
CA GLY IC 38 19.11 100.26 13.27
C GLY IC 38 18.40 98.91 13.25
N SER IC 39 18.76 98.11 12.27
CA SER IC 39 18.15 96.82 11.97
C SER IC 39 16.72 96.96 11.47
N GLY IC 40 16.34 98.16 11.03
CA GLY IC 40 15.02 98.38 10.50
C GLY IC 40 13.97 98.78 11.52
N LEU IC 41 14.35 98.95 12.78
CA LEU IC 41 13.40 99.25 13.84
C LEU IC 41 13.24 100.75 13.96
N VAL IC 42 12.01 101.24 13.83
CA VAL IC 42 11.68 102.65 13.96
C VAL IC 42 10.61 102.78 15.03
N THR IC 43 10.72 103.81 15.86
CA THR IC 43 9.85 104.00 17.01
C THR IC 43 9.23 105.39 16.96
N ALA IC 44 7.92 105.47 17.20
CA ALA IC 44 7.21 106.72 17.31
C ALA IC 44 6.80 106.95 18.76
N MET IC 45 6.83 108.20 19.20
CA MET IC 45 6.61 108.53 20.60
C MET IC 45 5.63 109.70 20.68
N VAL IC 46 4.53 109.49 21.40
CA VAL IC 46 3.54 110.53 21.65
C VAL IC 46 3.48 110.81 23.13
N LYS IC 47 2.84 111.92 23.50
CA LYS IC 47 2.68 112.25 24.90
C LYS IC 47 1.43 113.08 25.09
N GLY IC 48 0.73 112.81 26.18
CA GLY IC 48 -0.50 113.51 26.50
C GLY IC 48 -1.09 112.93 27.77
N ASP IC 49 -2.36 113.24 28.01
CA ASP IC 49 -3.04 112.66 29.15
C ASP IC 49 -3.19 111.16 28.96
N VAL IC 50 -3.32 110.45 30.08
CA VAL IC 50 -3.22 108.99 30.04
C VAL IC 50 -4.46 108.35 29.43
N GLY IC 51 -5.60 109.03 29.46
CA GLY IC 51 -6.77 108.51 28.76
C GLY IC 51 -6.65 108.69 27.25
N ALA IC 52 -6.04 109.78 26.81
CA ALA IC 52 -5.82 110.00 25.39
C ALA IC 52 -4.73 109.10 24.86
N VAL IC 53 -3.61 109.00 25.59
CA VAL IC 53 -2.49 108.22 25.11
C VAL IC 53 -2.84 106.74 25.05
N ASN IC 54 -3.68 106.28 25.98
CA ASN IC 54 -4.11 104.89 25.94
C ASN IC 54 -4.95 104.61 24.71
N ALA IC 55 -5.75 105.59 24.30
CA ALA IC 55 -6.60 105.41 23.13
C ALA IC 55 -5.81 105.50 21.84
N ALA IC 56 -4.82 106.39 21.80
CA ALA IC 56 -4.02 106.56 20.60
C ALA IC 56 -3.18 105.32 20.31
N VAL IC 57 -2.50 104.80 21.33
CA VAL IC 57 -1.61 103.67 21.12
C VAL IC 57 -2.38 102.44 20.68
N ASP IC 58 -3.58 102.24 21.22
CA ASP IC 58 -4.38 101.09 20.80
C ASP IC 58 -4.84 101.24 19.36
N SER IC 59 -5.10 102.47 18.93
CA SER IC 59 -5.52 102.70 17.56
C SER IC 59 -4.35 102.58 16.60
N GLY IC 60 -3.21 103.18 16.96
CA GLY IC 60 -2.04 103.10 16.10
C GLY IC 60 -1.52 101.69 15.94
N VAL IC 61 -1.63 100.87 16.96
CA VAL IC 61 -1.15 99.49 16.84
C VAL IC 61 -1.97 98.72 15.83
N GLU IC 62 -3.29 98.93 15.82
CA GLU IC 62 -4.14 98.18 14.91
C GLU IC 62 -3.97 98.62 13.47
N ALA IC 63 -3.71 99.90 13.23
CA ALA IC 63 -3.54 100.37 11.86
C ALA IC 63 -2.21 99.92 11.28
N ALA IC 64 -1.13 100.07 12.05
CA ALA IC 64 0.17 99.62 11.56
C ALA IC 64 0.22 98.11 11.41
N LYS IC 65 -0.48 97.37 12.27
CA LYS IC 65 -0.54 95.92 12.16
C LYS IC 65 -1.12 95.50 10.82
N ARG IC 66 -1.95 96.35 10.23
CA ARG IC 66 -2.66 95.98 9.00
C ARG IC 66 -1.72 95.92 7.81
N ILE IC 67 -0.69 96.76 7.78
CA ILE IC 67 0.16 96.93 6.60
C ILE IC 67 1.62 96.64 6.88
N GLY IC 68 1.98 96.26 8.09
CA GLY IC 68 3.35 95.98 8.41
C GLY IC 68 3.46 95.13 9.63
N LYS IC 69 4.65 95.08 10.20
CA LYS IC 69 4.90 94.34 11.43
C LYS IC 69 5.05 95.33 12.58
N VAL IC 70 4.24 95.15 13.61
CA VAL IC 70 4.39 95.89 14.85
C VAL IC 70 5.19 95.02 15.80
N VAL IC 71 6.33 95.53 16.25
CA VAL IC 71 7.22 94.75 17.10
C VAL IC 71 6.81 94.84 18.57
N SER IC 72 6.47 96.03 19.03
CA SER IC 72 6.22 96.26 20.44
C SER IC 72 5.44 97.55 20.61
N SER IC 73 4.69 97.63 21.70
CA SER IC 73 3.97 98.84 22.07
C SER IC 73 3.93 98.94 23.59
N ARG IC 74 3.73 100.16 24.08
CA ARG IC 74 3.82 100.36 25.52
C ARG IC 74 3.29 101.74 25.87
N VAL IC 75 2.55 101.81 26.98
CA VAL IC 75 2.14 103.08 27.58
C VAL IC 75 2.79 103.19 28.95
N ILE IC 76 3.38 104.33 29.23
CA ILE IC 76 3.98 104.62 30.53
C ILE IC 76 3.16 105.73 31.16
N ALA IC 77 2.42 105.40 32.21
CA ALA IC 77 1.44 106.34 32.75
C ALA IC 77 2.10 107.47 33.51
N ARG IC 78 2.97 107.15 34.47
CA ARG IC 78 3.73 108.17 35.20
C ARG IC 78 5.20 107.96 34.92
N PRO IC 79 5.77 108.62 33.92
CA PRO IC 79 7.19 108.44 33.63
C PRO IC 79 8.05 109.20 34.63
N HIS IC 80 9.20 108.61 34.93
CA HIS IC 80 10.11 109.23 35.88
C HIS IC 80 10.73 110.49 35.29
N ASN IC 81 11.10 111.42 36.16
CA ASN IC 81 11.64 112.69 35.69
C ASN IC 81 13.03 112.54 35.09
N ASP IC 82 13.77 111.50 35.51
CA ASP IC 82 15.04 111.21 34.86
C ASP IC 82 14.84 110.78 33.42
N ILE IC 83 13.69 110.19 33.11
CA ILE IC 83 13.39 109.74 31.77
C ILE IC 83 12.84 110.90 30.93
N GLU JC 3 -14.56 109.65 41.67
CA GLU JC 3 -13.54 109.12 40.77
C GLU JC 3 -13.58 107.60 40.77
N ALA JC 4 -12.85 107.00 39.83
CA ALA JC 4 -12.93 105.56 39.64
C ALA JC 4 -12.41 104.82 40.86
N LEU JC 5 -12.54 103.50 40.83
CA LEU JC 5 -12.20 102.66 41.97
C LEU JC 5 -11.63 101.34 41.48
N GLY JC 6 -10.45 100.99 41.96
CA GLY JC 6 -9.78 99.75 41.55
C GLY JC 6 -9.53 98.85 42.74
N LEU JC 7 -9.76 97.56 42.54
CA LEU JC 7 -9.66 96.57 43.61
C LEU JC 7 -8.83 95.39 43.14
N ILE JC 8 -7.93 94.93 44.00
CA ILE JC 8 -7.20 93.68 43.80
C ILE JC 8 -7.36 92.85 45.06
N GLU JC 9 -7.53 91.54 44.89
CA GLU JC 9 -7.75 90.64 46.01
C GLU JC 9 -6.79 89.47 45.91
N THR JC 10 -6.05 89.22 46.98
CA THR JC 10 -4.99 88.23 47.00
C THR JC 10 -5.13 87.33 48.22
N LYS JC 11 -4.46 86.19 48.17
CA LYS JC 11 -4.31 85.33 49.33
C LYS JC 11 -3.03 85.71 50.07
N GLY JC 12 -3.17 86.17 51.31
CA GLY JC 12 -2.02 86.55 52.10
C GLY JC 12 -1.67 88.02 51.95
N LEU JC 13 -0.93 88.52 52.93
CA LEU JC 13 -0.64 89.95 53.00
C LEU JC 13 0.56 90.33 52.14
N VAL JC 14 1.51 89.43 51.94
CA VAL JC 14 2.71 89.81 51.21
C VAL JC 14 2.38 90.09 49.76
N ALA JC 15 1.57 89.24 49.13
CA ALA JC 15 1.18 89.49 47.75
C ALA JC 15 0.37 90.77 47.61
N CYS JC 16 -0.22 91.25 48.69
CA CYS JC 16 -1.02 92.47 48.62
C CYS JC 16 -0.19 93.72 48.84
N ILE JC 17 0.93 93.60 49.56
CA ILE JC 17 1.81 94.77 49.67
C ILE JC 17 2.61 94.96 48.41
N GLU JC 18 2.90 93.86 47.69
CA GLU JC 18 3.56 94.02 46.41
C GLU JC 18 2.61 94.59 45.37
N ALA JC 19 1.34 94.19 45.40
CA ALA JC 19 0.36 94.76 44.49
C ALA JC 19 0.12 96.23 44.80
N ALA JC 20 0.02 96.59 46.07
CA ALA JC 20 -0.22 97.98 46.42
C ALA JC 20 0.98 98.85 46.12
N ASP JC 21 2.18 98.29 46.17
CA ASP JC 21 3.37 99.07 45.85
C ASP JC 21 3.47 99.33 44.35
N ALA JC 22 3.21 98.29 43.54
CA ALA JC 22 3.28 98.44 42.10
C ALA JC 22 2.21 99.40 41.59
N MET JC 23 1.03 99.36 42.20
CA MET JC 23 -0.05 100.25 41.76
C MET JC 23 0.31 101.71 42.01
N CYS JC 24 0.83 102.01 43.19
CA CYS JC 24 1.12 103.41 43.52
C CYS JC 24 2.29 103.95 42.71
N LYS JC 25 3.16 103.08 42.20
CA LYS JC 25 4.28 103.53 41.40
C LYS JC 25 3.88 103.81 39.96
N ALA JC 26 2.96 103.02 39.43
CA ALA JC 26 2.72 102.95 37.99
C ALA JC 26 1.64 103.89 37.51
N ALA JC 27 1.10 104.75 38.36
CA ALA JC 27 0.06 105.70 37.94
C ALA JC 27 -0.20 106.67 39.08
N ASN JC 28 -0.89 107.75 38.76
CA ASN JC 28 -1.22 108.78 39.74
C ASN JC 28 -2.54 108.42 40.41
N VAL JC 29 -2.46 107.52 41.38
CA VAL JC 29 -3.62 107.05 42.13
C VAL JC 29 -3.36 107.28 43.62
N GLU JC 30 -4.43 107.20 44.39
CA GLU JC 30 -4.36 107.33 45.84
C GLU JC 30 -4.77 106.01 46.47
N LEU JC 31 -3.98 105.55 47.43
CA LEU JC 31 -4.26 104.30 48.11
C LEU JC 31 -5.19 104.57 49.28
N ILE JC 32 -6.34 103.89 49.30
CA ILE JC 32 -7.31 104.07 50.36
C ILE JC 32 -6.99 103.22 51.58
N GLY JC 33 -6.73 101.94 51.37
CA GLY JC 33 -6.34 101.08 52.46
C GLY JC 33 -6.58 99.63 52.14
N TYR JC 34 -6.22 98.79 53.10
CA TYR JC 34 -6.45 97.35 53.02
C TYR JC 34 -7.69 96.99 53.82
N GLU JC 35 -8.26 95.83 53.49
CA GLU JC 35 -9.45 95.35 54.18
C GLU JC 35 -9.52 93.83 54.01
N ASN JC 36 -9.19 93.10 55.05
CA ASN JC 36 -9.21 91.64 55.00
C ASN JC 36 -10.48 91.10 55.62
N VAL JC 37 -10.87 89.90 55.18
CA VAL JC 37 -12.14 89.31 55.58
C VAL JC 37 -11.92 87.88 56.08
N GLY JC 38 -10.73 87.58 56.56
CA GLY JC 38 -10.42 86.24 57.02
C GLY JC 38 -10.22 85.30 55.85
N SER JC 39 -9.82 84.08 56.18
CA SER JC 39 -9.39 83.05 55.23
C SER JC 39 -8.16 83.47 54.43
N GLY JC 40 -7.47 84.51 54.87
CA GLY JC 40 -6.29 84.97 54.18
C GLY JC 40 -6.54 85.88 53.00
N LEU JC 41 -7.79 86.21 52.71
CA LEU JC 41 -8.10 87.12 51.63
C LEU JC 41 -7.89 88.55 52.09
N VAL JC 42 -7.03 89.27 51.38
CA VAL JC 42 -6.77 90.68 51.66
C VAL JC 42 -7.04 91.46 50.37
N THR JC 43 -7.55 92.68 50.50
CA THR JC 43 -7.98 93.47 49.37
C THR JC 43 -7.38 94.87 49.47
N ALA JC 44 -6.84 95.36 48.36
CA ALA JC 44 -6.31 96.72 48.26
C ALA JC 44 -7.26 97.56 47.42
N MET JC 45 -7.42 98.82 47.80
CA MET JC 45 -8.33 99.72 47.12
C MET JC 45 -7.60 101.00 46.75
N VAL JC 46 -7.55 101.31 45.45
CA VAL JC 46 -6.97 102.55 44.97
C VAL JC 46 -8.08 103.39 44.37
N LYS JC 47 -7.78 104.68 44.18
CA LYS JC 47 -8.79 105.63 43.75
C LYS JC 47 -8.14 106.74 42.94
N GLY JC 48 -8.74 107.05 41.80
CA GLY JC 48 -8.21 108.10 40.95
C GLY JC 48 -9.01 108.18 39.66
N ASP JC 49 -8.50 108.96 38.71
CA ASP JC 49 -9.15 109.06 37.42
C ASP JC 49 -9.21 107.69 36.73
N VAL JC 50 -10.13 107.56 35.78
CA VAL JC 50 -10.41 106.25 35.20
C VAL JC 50 -9.21 105.72 34.44
N GLY JC 51 -8.54 106.59 33.68
CA GLY JC 51 -7.41 106.12 32.90
C GLY JC 51 -6.25 105.70 33.78
N ALA JC 52 -5.97 106.48 34.82
CA ALA JC 52 -4.93 106.12 35.78
C ALA JC 52 -5.27 104.83 36.49
N VAL JC 53 -6.46 104.75 37.09
CA VAL JC 53 -6.85 103.58 37.85
C VAL JC 53 -6.84 102.33 36.99
N ASN JC 54 -7.28 102.46 35.74
CA ASN JC 54 -7.21 101.32 34.84
C ASN JC 54 -5.78 100.82 34.74
N ALA JC 55 -4.84 101.72 34.42
CA ALA JC 55 -3.44 101.34 34.25
C ALA JC 55 -2.85 100.75 35.52
N ALA JC 56 -3.19 101.34 36.67
CA ALA JC 56 -2.65 100.87 37.94
C ALA JC 56 -3.02 99.41 38.18
N VAL JC 57 -4.29 99.08 38.01
CA VAL JC 57 -4.76 97.72 38.33
C VAL JC 57 -4.07 96.70 37.43
N ASP JC 58 -3.79 97.06 36.18
CA ASP JC 58 -3.10 96.12 35.30
C ASP JC 58 -1.69 95.84 35.78
N SER JC 59 -0.96 96.88 36.19
CA SER JC 59 0.39 96.66 36.69
C SER JC 59 0.37 95.97 38.04
N GLY JC 60 -0.55 96.36 38.92
CA GLY JC 60 -0.61 95.77 40.24
C GLY JC 60 -0.90 94.28 40.21
N VAL JC 61 -1.76 93.84 39.30
CA VAL JC 61 -2.04 92.42 39.20
C VAL JC 61 -0.86 91.67 38.62
N GLU JC 62 -0.09 92.33 37.78
CA GLU JC 62 1.04 91.67 37.13
C GLU JC 62 2.19 91.46 38.11
N ALA JC 63 2.40 92.40 39.03
CA ALA JC 63 3.43 92.23 40.05
C ALA JC 63 3.00 91.22 41.12
N ALA JC 64 1.74 91.26 41.51
CA ALA JC 64 1.29 90.40 42.60
C ALA JC 64 1.19 88.94 42.16
N LYS JC 65 0.69 88.71 40.94
CA LYS JC 65 0.60 87.35 40.42
C LYS JC 65 1.96 86.68 40.35
N ARG JC 66 3.03 87.47 40.40
CA ARG JC 66 4.37 86.95 40.19
C ARG JC 66 4.90 86.20 41.40
N ILE JC 67 4.46 86.57 42.60
CA ILE JC 67 4.92 85.94 43.83
C ILE JC 67 3.81 85.22 44.58
N GLY JC 68 2.55 85.57 44.37
CA GLY JC 68 1.47 84.93 45.08
C GLY JC 68 0.28 84.66 44.19
N LYS JC 69 -0.91 84.63 44.76
CA LYS JC 69 -2.13 84.33 44.02
C LYS JC 69 -3.03 85.57 44.02
N VAL JC 70 -3.38 86.03 42.83
CA VAL JC 70 -4.35 87.11 42.68
C VAL JC 70 -5.72 86.49 42.47
N VAL JC 71 -6.63 86.73 43.40
CA VAL JC 71 -7.93 86.07 43.35
C VAL JC 71 -8.86 86.76 42.36
N SER JC 72 -8.91 88.09 42.40
CA SER JC 72 -9.76 88.82 41.49
C SER JC 72 -9.31 90.28 41.44
N SER JC 73 -9.66 90.94 40.34
CA SER JC 73 -9.41 92.36 40.14
C SER JC 73 -10.60 92.97 39.43
N ARG JC 74 -10.77 94.27 39.58
CA ARG JC 74 -11.96 94.92 39.07
C ARG JC 74 -11.78 96.43 39.12
N VAL JC 75 -12.28 97.12 38.11
CA VAL JC 75 -12.30 98.58 38.09
C VAL JC 75 -13.75 99.04 37.94
N ILE JC 76 -14.18 99.90 38.85
CA ILE JC 76 -15.49 100.54 38.76
C ILE JC 76 -15.27 101.96 38.30
N ALA JC 77 -15.73 102.29 37.09
CA ALA JC 77 -15.43 103.59 36.50
C ALA JC 77 -16.13 104.72 37.24
N ARG JC 78 -17.32 104.47 37.76
CA ARG JC 78 -18.07 105.50 38.48
C ARG JC 78 -18.92 104.82 39.53
N PRO JC 79 -18.42 104.72 40.76
CA PRO JC 79 -19.18 104.03 41.80
C PRO JC 79 -20.34 104.89 42.29
N HIS JC 80 -21.39 104.20 42.74
CA HIS JC 80 -22.51 104.87 43.37
C HIS JC 80 -22.05 105.52 44.66
N ASN JC 81 -22.74 106.60 45.04
CA ASN JC 81 -22.36 107.31 46.26
C ASN JC 81 -22.54 106.43 47.50
N ASP JC 82 -23.46 105.49 47.47
CA ASP JC 82 -23.62 104.57 48.59
C ASP JC 82 -22.38 103.68 48.75
N ILE JC 83 -21.77 103.29 47.63
CA ILE JC 83 -20.57 102.46 47.69
C ILE JC 83 -19.43 103.19 48.37
N GLU JC 84 -19.41 104.52 48.32
CA GLU JC 84 -18.38 105.26 49.06
C GLU JC 84 -18.79 105.52 50.49
N LYS JC 85 -19.31 104.48 51.14
CA LYS JC 85 -19.48 104.41 52.58
C LYS JC 85 -19.13 103.02 53.09
N ILE JC 86 -19.00 102.04 52.20
CA ILE JC 86 -18.54 100.70 52.55
C ILE JC 86 -17.02 100.61 52.47
N ALA JC 87 -16.44 101.24 51.45
CA ALA JC 87 -14.99 101.27 51.34
C ALA JC 87 -14.38 102.20 52.38
N GLY JC 88 -14.72 103.48 52.32
CA GLY JC 88 -14.23 104.44 53.29
C GLY JC 88 -15.11 104.54 54.53
N MET KC 1 94.63 -32.67 44.08
CA MET KC 1 94.82 -34.10 44.19
C MET KC 1 96.10 -34.42 44.94
N ILE KC 2 96.23 -35.66 45.38
CA ILE KC 2 97.46 -36.15 45.99
C ILE KC 2 97.73 -37.56 45.48
N LEU KC 3 99.01 -37.90 45.37
CA LEU KC 3 99.38 -39.27 45.08
C LEU KC 3 99.25 -40.12 46.34
N ALA KC 4 98.57 -41.25 46.20
CA ALA KC 4 98.34 -42.12 47.33
C ALA KC 4 98.30 -43.55 46.85
N LYS KC 5 98.32 -44.48 47.80
CA LYS KC 5 98.32 -45.89 47.53
C LYS KC 5 97.21 -46.56 48.32
N VAL KC 6 96.43 -47.41 47.65
CA VAL KC 6 95.36 -48.13 48.34
C VAL KC 6 95.98 -49.20 49.23
N THR KC 7 95.61 -49.17 50.52
CA THR KC 7 96.20 -50.07 51.49
C THR KC 7 95.20 -50.92 52.25
N GLY KC 8 93.92 -50.86 51.90
CA GLY KC 8 92.92 -51.65 52.60
C GLY KC 8 91.53 -51.24 52.18
N HIS KC 9 90.56 -51.60 53.00
CA HIS KC 9 89.18 -51.20 52.78
C HIS KC 9 88.44 -51.20 54.11
N VAL KC 10 87.26 -50.60 54.11
CA VAL KC 10 86.45 -50.44 55.30
C VAL KC 10 85.05 -50.99 55.01
N VAL KC 11 84.54 -51.81 55.93
CA VAL KC 11 83.20 -52.39 55.81
C VAL KC 11 82.33 -51.71 56.85
N ALA KC 12 81.37 -50.91 56.38
CA ALA KC 12 80.47 -50.17 57.24
C ALA KC 12 79.04 -50.51 56.84
N THR KC 13 78.26 -50.99 57.80
CA THR KC 13 76.87 -51.39 57.54
C THR KC 13 75.88 -50.29 57.86
N GLN KC 14 76.01 -49.67 59.02
CA GLN KC 14 75.13 -48.58 59.44
C GLN KC 14 75.74 -47.28 58.96
N LYS KC 15 75.18 -46.72 57.88
CA LYS KC 15 75.73 -45.50 57.32
C LYS KC 15 74.63 -44.74 56.61
N CYS KC 16 74.97 -43.53 56.17
CA CYS KC 16 74.01 -42.66 55.53
C CYS KC 16 73.60 -43.23 54.18
N ASP KC 17 72.72 -42.52 53.50
CA ASP KC 17 72.21 -42.95 52.21
C ASP KC 17 73.00 -42.39 51.04
N GLU KC 18 73.71 -41.28 51.23
CA GLU KC 18 74.57 -40.75 50.19
C GLU KC 18 75.75 -41.67 49.89
N LEU KC 19 75.94 -42.72 50.69
CA LEU KC 19 77.07 -43.62 50.54
C LEU KC 19 76.66 -45.04 50.17
N ARG KC 20 75.40 -45.28 49.85
CA ARG KC 20 74.95 -46.63 49.54
C ARG KC 20 75.49 -47.08 48.19
N GLY KC 21 76.05 -48.29 48.17
CA GLY KC 21 76.52 -48.86 46.92
C GLY KC 21 77.81 -48.24 46.42
N SER KC 22 78.84 -48.20 47.26
CA SER KC 22 80.12 -47.65 46.88
C SER KC 22 81.19 -48.29 47.74
N ASN KC 23 82.42 -48.28 47.21
CA ASN KC 23 83.54 -48.84 47.93
C ASN KC 23 84.11 -47.80 48.89
N LEU KC 24 84.77 -48.25 49.93
CA LEU KC 24 85.42 -47.36 50.88
C LEU KC 24 86.85 -47.86 51.12
N LEU KC 25 87.81 -47.21 50.50
CA LEU KC 25 89.19 -47.66 50.52
C LEU KC 25 90.01 -46.84 51.50
N LEU KC 26 91.00 -47.49 52.12
CA LEU KC 26 92.00 -46.78 52.90
C LEU KC 26 93.07 -46.29 51.96
N ILE KC 27 93.43 -45.02 52.08
CA ILE KC 27 94.22 -44.30 51.10
C ILE KC 27 95.37 -43.67 51.85
N THR KC 28 96.58 -44.15 51.61
CA THR KC 28 97.76 -43.66 52.33
C THR KC 28 98.59 -42.77 51.43
N ARG KC 29 98.85 -41.56 51.89
CA ARG KC 29 99.69 -40.64 51.13
C ARG KC 29 101.13 -41.10 51.13
N LEU KC 30 101.75 -41.11 49.95
CA LEU KC 30 103.11 -41.60 49.79
C LEU KC 30 104.06 -40.47 49.45
N ASP KC 31 105.31 -40.62 49.91
CA ASP KC 31 106.30 -39.53 49.84
C ASP KC 31 107.04 -39.50 48.51
N ASP KC 32 108.11 -38.70 48.41
CA ASP KC 32 108.78 -38.47 47.14
C ASP KC 32 109.67 -39.62 46.71
N LYS KC 33 109.65 -40.74 47.42
CA LYS KC 33 110.29 -41.97 46.94
C LYS KC 33 109.26 -43.03 46.58
N GLN KC 34 108.00 -42.63 46.43
CA GLN KC 34 106.88 -43.54 46.22
C GLN KC 34 106.82 -44.60 47.32
N GLN KC 35 106.73 -44.11 48.55
CA GLN KC 35 106.71 -44.95 49.73
C GLN KC 35 105.69 -44.37 50.71
N PRO KC 36 104.79 -45.18 51.26
CA PRO KC 36 103.76 -44.64 52.15
C PRO KC 36 104.35 -43.99 53.39
N MET KC 37 103.64 -42.97 53.88
CA MET KC 37 104.04 -42.24 55.07
C MET KC 37 103.34 -42.80 56.30
N LYS KC 38 103.58 -42.17 57.44
CA LYS KC 38 103.01 -42.60 58.71
C LYS KC 38 101.91 -41.63 59.12
N ASP KC 39 100.79 -42.18 59.58
CA ASP KC 39 99.66 -41.40 60.08
C ASP KC 39 99.13 -40.45 59.00
N GLN KC 40 98.91 -40.99 57.80
CA GLN KC 40 98.46 -40.19 56.67
C GLN KC 40 97.39 -40.92 55.89
N THR KC 41 96.43 -41.54 56.58
CA THR KC 41 95.44 -42.39 55.95
C THR KC 41 94.07 -41.72 55.98
N TRP KC 42 93.41 -41.71 54.83
CA TRP KC 42 92.04 -41.24 54.71
C TRP KC 42 91.19 -42.35 54.13
N VAL KC 43 89.88 -42.15 54.17
CA VAL KC 43 88.93 -43.09 53.59
C VAL KC 43 88.32 -42.44 52.36
N ALA KC 44 88.42 -43.10 51.22
CA ALA KC 44 88.00 -42.53 49.95
C ALA KC 44 86.96 -43.41 49.31
N VAL KC 45 85.94 -42.79 48.72
CA VAL KC 45 84.91 -43.51 47.99
C VAL KC 45 85.46 -43.80 46.60
N ASP KC 46 85.78 -45.05 46.32
CA ASP KC 46 86.29 -45.42 45.01
C ASP KC 46 85.30 -45.02 43.93
N ASN KC 47 85.83 -44.61 42.78
CA ASN KC 47 84.98 -44.14 41.69
C ASN KC 47 85.36 -44.70 40.34
N VAL KC 48 86.56 -45.25 40.16
CA VAL KC 48 87.02 -45.76 38.87
C VAL KC 48 87.41 -47.22 38.93
N GLY KC 49 87.34 -47.86 40.09
CA GLY KC 49 87.65 -49.27 40.15
C GLY KC 49 89.09 -49.57 40.52
N ALA KC 50 89.55 -49.02 41.64
CA ALA KC 50 90.89 -49.29 42.14
C ALA KC 50 90.85 -50.38 43.20
N GLY KC 51 91.93 -51.13 43.29
CA GLY KC 51 92.03 -52.20 44.26
C GLY KC 51 93.28 -52.09 45.10
N MET KC 52 93.69 -53.16 45.75
CA MET KC 52 94.82 -53.08 46.65
C MET KC 52 96.11 -52.83 45.89
N HIS KC 53 97.04 -52.13 46.55
CA HIS KC 53 98.41 -51.90 46.08
C HIS KC 53 98.50 -50.96 44.90
N ASP KC 54 97.39 -50.38 44.45
CA ASP KC 54 97.39 -49.54 43.26
C ASP KC 54 97.65 -48.09 43.66
N ILE KC 55 98.49 -47.41 42.87
CA ILE KC 55 98.75 -45.99 43.10
C ILE KC 55 97.67 -45.18 42.43
N VAL KC 56 96.94 -44.40 43.22
CA VAL KC 56 95.78 -43.68 42.72
C VAL KC 56 95.94 -42.19 42.95
N LEU KC 57 94.94 -41.41 42.55
CA LEU KC 57 94.98 -39.95 42.59
C LEU KC 57 93.74 -39.50 43.34
N ALA KC 58 93.85 -39.32 44.64
CA ALA KC 58 92.71 -39.04 45.50
C ALA KC 58 92.42 -37.56 45.54
N GLU KC 59 91.17 -37.19 45.30
CA GLU KC 59 90.75 -35.80 45.24
C GLU KC 59 90.01 -35.41 46.50
N GLU KC 60 90.08 -34.13 46.83
CA GLU KC 60 89.48 -33.60 48.04
C GLU KC 60 87.99 -33.35 47.85
N TYR KC 61 87.40 -32.54 48.73
CA TYR KC 61 85.98 -32.57 49.05
C TYR KC 61 85.04 -32.86 47.90
N PHE KC 62 84.97 -32.00 46.91
CA PHE KC 62 83.83 -32.02 45.98
C PHE KC 62 84.16 -32.86 44.75
N ALA KC 63 83.52 -34.04 44.67
CA ALA KC 63 83.57 -34.85 43.46
C ALA KC 63 82.21 -35.49 43.16
N LEU KC 64 81.13 -34.97 43.74
CA LEU KC 64 79.77 -35.47 43.49
C LEU KC 64 79.63 -36.95 43.84
N ASN KC 65 79.83 -37.26 45.11
CA ASN KC 65 79.78 -38.63 45.58
C ASN KC 65 79.11 -38.76 46.95
N TYR KC 69 76.84 -33.05 47.54
CA TYR KC 69 77.70 -34.23 47.64
C TYR KC 69 79.17 -33.82 47.66
N LYS KC 70 79.86 -34.14 48.75
CA LYS KC 70 81.24 -33.70 48.91
C LYS KC 70 82.15 -34.78 49.49
N ALA KC 71 81.97 -36.04 49.11
CA ALA KC 71 82.83 -37.09 49.63
C ALA KC 71 84.17 -37.11 48.90
N MET KC 72 85.21 -37.47 49.64
CA MET KC 72 86.57 -37.56 49.11
C MET KC 72 86.66 -38.85 48.30
N SER KC 73 86.90 -38.73 47.00
CA SER KC 73 86.88 -39.88 46.12
C SER KC 73 88.18 -40.02 45.35
N VAL KC 74 88.35 -41.17 44.74
CA VAL KC 74 89.46 -41.46 43.85
C VAL KC 74 89.03 -41.17 42.43
N VAL KC 75 89.86 -40.45 41.68
CA VAL KC 75 89.46 -39.95 40.36
C VAL KC 75 90.37 -40.41 39.25
N ALA KC 76 91.45 -41.15 39.54
CA ALA KC 76 92.36 -41.56 38.50
C ALA KC 76 93.27 -42.65 39.03
N ILE KC 77 93.59 -43.61 38.17
CA ILE KC 77 94.58 -44.64 38.45
C ILE KC 77 95.82 -44.30 37.65
N VAL KC 78 96.96 -44.23 38.33
CA VAL KC 78 98.16 -43.63 37.77
C VAL KC 78 99.03 -44.71 37.15
N GLU KC 79 99.44 -44.47 35.89
CA GLU KC 79 100.34 -45.38 35.17
C GLU KC 79 101.80 -45.06 35.45
N LYS KC 80 102.22 -43.84 35.17
CA LYS KC 80 103.62 -43.42 35.29
C LYS KC 80 103.70 -42.12 36.08
N VAL KC 81 104.70 -42.03 36.96
CA VAL KC 81 105.00 -40.82 37.70
C VAL KC 81 106.44 -40.44 37.34
N PHE KC 82 106.58 -39.58 36.34
CA PHE KC 82 107.90 -39.09 35.97
C PHE KC 82 108.26 -37.91 36.87
N ARG KC 83 109.40 -38.01 37.55
CA ARG KC 83 109.74 -37.04 38.58
C ARG KC 83 111.26 -36.86 38.62
N ASP KC 84 111.72 -35.68 38.25
CA ASP KC 84 113.13 -35.35 38.41
C ASP KC 84 113.33 -33.82 38.32
N GLU LC 3 56.55 -91.20 48.67
CA GLU LC 3 56.38 -89.82 49.12
C GLU LC 3 55.90 -88.94 47.98
N ALA LC 4 55.31 -87.80 48.32
CA ALA LC 4 54.77 -86.91 47.31
C ALA LC 4 55.91 -86.20 46.59
N LEU LC 5 55.54 -85.29 45.68
CA LEU LC 5 56.52 -84.62 44.84
C LEU LC 5 56.02 -83.21 44.55
N GLY LC 6 56.89 -82.23 44.73
CA GLY LC 6 56.52 -80.84 44.52
C GLY LC 6 57.45 -80.17 43.53
N LEU LC 7 56.89 -79.30 42.70
CA LEU LC 7 57.61 -78.72 41.59
C LEU LC 7 57.29 -77.24 41.46
N ILE LC 8 58.32 -76.42 41.29
CA ILE LC 8 58.16 -75.02 40.95
C ILE LC 8 59.05 -74.72 39.77
N GLU LC 9 58.55 -73.89 38.84
CA GLU LC 9 59.30 -73.49 37.66
C GLU LC 9 59.33 -71.98 37.57
N THR LC 10 60.51 -71.43 37.36
CA THR LC 10 60.70 -69.99 37.34
C THR LC 10 61.56 -69.60 36.15
N LYS LC 11 61.51 -68.32 35.81
CA LYS LC 11 62.41 -67.74 34.82
C LYS LC 11 63.61 -67.16 35.54
N GLY LC 12 64.79 -67.68 35.24
CA GLY LC 12 66.00 -67.20 35.89
C GLY LC 12 66.39 -68.08 37.06
N LEU LC 13 67.69 -68.07 37.37
CA LEU LC 13 68.18 -68.93 38.44
C LEU LC 13 67.99 -68.31 39.81
N VAL LC 14 68.05 -66.98 39.90
CA VAL LC 14 67.96 -66.34 41.21
C VAL LC 14 66.59 -66.61 41.83
N ALA LC 15 65.52 -66.41 41.05
CA ALA LC 15 64.19 -66.62 41.58
C ALA LC 15 63.97 -68.05 42.03
N CYS LC 16 64.73 -69.00 41.46
CA CYS LC 16 64.55 -70.39 41.82
C CYS LC 16 65.28 -70.74 43.11
N ILE LC 17 66.45 -70.16 43.33
CA ILE LC 17 67.18 -70.43 44.57
C ILE LC 17 66.45 -69.83 45.76
N GLU LC 18 65.81 -68.67 45.58
CA GLU LC 18 64.96 -68.13 46.61
C GLU LC 18 63.80 -69.07 46.91
N ALA LC 19 63.15 -69.57 45.85
CA ALA LC 19 62.03 -70.48 46.03
C ALA LC 19 62.46 -71.76 46.72
N ALA LC 20 63.60 -72.33 46.32
CA ALA LC 20 64.03 -73.59 46.91
C ALA LC 20 64.50 -73.42 48.34
N ASP LC 21 64.85 -72.20 48.74
CA ASP LC 21 65.22 -71.96 50.13
C ASP LC 21 63.99 -71.80 51.00
N ALA LC 22 62.99 -71.07 50.51
CA ALA LC 22 61.74 -70.95 51.25
C ALA LC 22 61.08 -72.30 51.43
N MET LC 23 61.09 -73.15 50.39
CA MET LC 23 60.50 -74.47 50.50
C MET LC 23 61.15 -75.28 51.60
N CYS LC 24 62.49 -75.26 51.67
CA CYS LC 24 63.19 -76.12 52.61
C CYS LC 24 63.01 -75.64 54.04
N LYS LC 25 62.77 -74.35 54.25
CA LYS LC 25 62.59 -73.82 55.60
C LYS LC 25 61.16 -74.01 56.09
N ALA LC 26 60.18 -73.94 55.20
CA ALA LC 26 58.78 -73.85 55.60
C ALA LC 26 58.16 -75.18 56.01
N ALA LC 27 58.83 -76.31 55.76
CA ALA LC 27 58.25 -77.59 56.10
C ALA LC 27 59.33 -78.65 56.02
N ASN LC 28 58.99 -79.86 56.45
CA ASN LC 28 59.94 -80.97 56.49
C ASN LC 28 59.94 -81.67 55.14
N VAL LC 29 60.62 -81.05 54.17
CA VAL LC 29 60.78 -81.61 52.84
C VAL LC 29 62.25 -81.60 52.48
N GLU LC 30 62.63 -82.50 51.58
CA GLU LC 30 64.02 -82.65 51.15
C GLU LC 30 64.16 -82.24 49.69
N LEU LC 31 65.26 -81.57 49.37
CA LEU LC 31 65.47 -81.04 48.03
C LEU LC 31 66.10 -82.11 47.15
N ILE LC 32 65.46 -82.38 46.02
CA ILE LC 32 65.97 -83.40 45.11
C ILE LC 32 67.06 -82.84 44.22
N GLY LC 33 66.76 -81.74 43.52
CA GLY LC 33 67.77 -81.10 42.70
C GLY LC 33 67.14 -80.08 41.78
N TYR LC 34 68.00 -79.42 41.01
CA TYR LC 34 67.59 -78.47 40.00
C TYR LC 34 67.69 -79.11 38.62
N GLU LC 35 66.96 -78.53 37.66
CA GLU LC 35 67.01 -79.02 36.29
C GLU LC 35 66.51 -77.89 35.39
N ASN LC 36 67.42 -77.27 34.64
CA ASN LC 36 67.04 -76.23 33.70
C ASN LC 36 66.98 -76.80 32.29
N VAL LC 37 65.91 -76.49 31.58
CA VAL LC 37 65.67 -77.02 30.25
C VAL LC 37 65.63 -75.83 29.29
N GLY LC 38 66.78 -75.47 28.76
CA GLY LC 38 66.79 -74.45 27.74
C GLY LC 38 66.42 -73.09 28.27
N SER LC 39 65.51 -72.42 27.57
CA SER LC 39 65.43 -70.97 27.62
C SER LC 39 64.99 -70.44 28.97
N GLY LC 40 65.98 -70.06 29.79
CA GLY LC 40 65.77 -69.44 31.07
C GLY LC 40 64.66 -70.02 31.93
N LEU LC 41 64.63 -71.34 32.06
CA LEU LC 41 63.61 -72.03 32.85
C LEU LC 41 64.31 -73.02 33.76
N VAL LC 42 64.28 -72.75 35.06
CA VAL LC 42 64.86 -73.64 36.06
C VAL LC 42 63.74 -74.19 36.91
N THR LC 43 63.89 -75.44 37.35
CA THR LC 43 62.87 -76.13 38.11
C THR LC 43 63.51 -76.80 39.31
N ALA LC 44 62.91 -76.61 40.48
CA ALA LC 44 63.33 -77.25 41.72
C ALA LC 44 62.31 -78.29 42.13
N MET LC 45 62.79 -79.42 42.65
CA MET LC 45 61.94 -80.54 43.01
C MET LC 45 62.18 -80.92 44.46
N VAL LC 46 61.10 -81.03 45.23
CA VAL LC 46 61.16 -81.43 46.63
C VAL LC 46 60.27 -82.65 46.82
N LYS LC 47 60.55 -83.41 47.87
CA LYS LC 47 59.75 -84.59 48.17
C LYS LC 47 59.55 -84.74 49.67
N GLY LC 48 58.41 -85.28 50.04
CA GLY LC 48 58.05 -85.44 51.44
C GLY LC 48 56.62 -85.91 51.54
N ASP LC 49 56.08 -85.84 52.76
CA ASP LC 49 54.68 -86.22 52.94
C ASP LC 49 53.76 -85.25 52.23
N VAL LC 50 52.51 -85.67 52.03
CA VAL LC 50 51.59 -84.90 51.20
C VAL LC 50 51.21 -83.60 51.87
N GLY LC 51 51.02 -83.62 53.19
CA GLY LC 51 50.68 -82.38 53.89
C GLY LC 51 51.85 -81.43 53.99
N ALA LC 52 53.06 -81.97 54.16
CA ALA LC 52 54.25 -81.14 54.20
C ALA LC 52 54.54 -80.55 52.83
N VAL LC 53 54.56 -81.38 51.78
CA VAL LC 53 54.91 -80.91 50.45
C VAL LC 53 53.91 -79.86 49.99
N ASN LC 54 52.64 -80.03 50.32
CA ASN LC 54 51.64 -79.05 49.95
C ASN LC 54 51.91 -77.72 50.64
N ALA LC 55 52.47 -77.77 51.85
CA ALA LC 55 52.74 -76.55 52.61
C ALA LC 55 54.04 -75.90 52.15
N ALA LC 56 54.94 -76.67 51.57
CA ALA LC 56 56.20 -76.11 51.10
C ALA LC 56 56.01 -75.41 49.76
N VAL LC 57 55.15 -75.93 48.90
CA VAL LC 57 55.04 -75.40 47.55
C VAL LC 57 54.34 -74.04 47.56
N ASP LC 58 53.34 -73.86 48.41
CA ASP LC 58 52.64 -72.58 48.39
C ASP LC 58 53.45 -71.49 49.08
N SER LC 59 54.39 -71.87 49.93
CA SER LC 59 55.31 -70.88 50.49
C SER LC 59 56.40 -70.53 49.51
N GLY LC 60 56.95 -71.53 48.83
CA GLY LC 60 57.98 -71.27 47.84
C GLY LC 60 57.49 -70.49 46.65
N VAL LC 61 56.24 -70.71 46.24
CA VAL LC 61 55.68 -69.90 45.17
C VAL LC 61 55.53 -68.46 45.63
N GLU LC 62 55.22 -68.27 46.91
CA GLU LC 62 55.00 -66.94 47.45
C GLU LC 62 56.28 -66.12 47.45
N ALA LC 63 57.42 -66.77 47.70
CA ALA LC 63 58.69 -66.06 47.78
C ALA LC 63 59.25 -65.74 46.40
N ALA LC 64 59.27 -66.71 45.50
CA ALA LC 64 59.80 -66.47 44.17
C ALA LC 64 58.94 -65.50 43.38
N LYS LC 65 57.63 -65.49 43.63
CA LYS LC 65 56.75 -64.53 42.99
C LYS LC 65 57.10 -63.11 43.38
N ARG LC 66 57.84 -62.94 44.48
CA ARG LC 66 58.16 -61.60 44.97
C ARG LC 66 59.19 -60.91 44.09
N ILE LC 67 60.19 -61.66 43.63
CA ILE LC 67 61.33 -61.09 42.91
C ILE LC 67 61.44 -61.58 41.48
N GLY LC 68 60.66 -62.56 41.08
CA GLY LC 68 60.76 -63.06 39.72
C GLY LC 68 59.43 -63.55 39.20
N LYS LC 69 59.48 -64.37 38.15
CA LYS LC 69 58.28 -64.93 37.55
C LYS LC 69 58.20 -66.41 37.90
N VAL LC 70 57.11 -66.80 38.55
CA VAL LC 70 56.81 -68.21 38.77
C VAL LC 70 55.93 -68.67 37.62
N VAL LC 71 56.44 -69.61 36.84
CA VAL LC 71 55.73 -70.06 35.65
C VAL LC 71 54.67 -71.11 35.99
N SER LC 72 55.02 -72.10 36.80
CA SER LC 72 54.09 -73.16 37.12
C SER LC 72 54.48 -73.81 38.44
N SER LC 73 53.49 -74.38 39.11
CA SER LC 73 53.72 -75.17 40.32
C SER LC 73 52.74 -76.33 40.33
N ARG LC 74 53.12 -77.41 41.01
CA ARG LC 74 52.33 -78.62 40.95
C ARG LC 74 52.78 -79.58 42.04
N VAL LC 75 51.82 -80.23 42.68
CA VAL LC 75 52.08 -81.27 43.66
C VAL LC 75 51.51 -82.58 43.13
N ILE LC 76 52.30 -83.64 43.16
CA ILE LC 76 51.87 -84.97 42.75
C ILE LC 76 51.79 -85.82 44.01
N ALA LC 77 50.58 -86.25 44.35
CA ALA LC 77 50.37 -86.87 45.66
C ALA LC 77 50.95 -88.27 45.72
N ARG LC 78 50.91 -89.02 44.62
CA ARG LC 78 51.56 -90.32 44.54
C ARG LC 78 52.17 -90.45 43.16
N PRO LC 79 53.47 -90.18 43.02
CA PRO LC 79 54.11 -90.33 41.72
C PRO LC 79 54.25 -91.80 41.38
N HIS LC 80 54.05 -92.10 40.10
CA HIS LC 80 54.14 -93.47 39.64
C HIS LC 80 55.58 -93.97 39.75
N ASN LC 81 55.72 -95.27 40.03
CA ASN LC 81 57.04 -95.83 40.30
C ASN LC 81 57.99 -95.61 39.14
N ASP LC 82 57.47 -95.68 37.90
CA ASP LC 82 58.32 -95.48 36.72
C ASP LC 82 58.97 -94.11 36.73
N ILE LC 83 58.24 -93.09 37.18
CA ILE LC 83 58.73 -91.73 37.18
C ILE LC 83 59.66 -91.53 38.37
N GLU MC 3 78.10 -69.72 55.69
CA GLU MC 3 78.30 -68.32 55.38
C GLU MC 3 77.23 -67.82 54.43
N ALA MC 4 77.06 -66.51 54.33
CA ALA MC 4 76.00 -65.94 53.53
C ALA MC 4 76.25 -66.21 52.05
N LEU MC 5 75.32 -65.75 51.22
CA LEU MC 5 75.36 -66.05 49.80
C LEU MC 5 74.70 -64.93 49.04
N GLY MC 6 75.37 -64.40 48.04
CA GLY MC 6 74.84 -63.30 47.25
C GLY MC 6 74.79 -63.64 45.78
N LEU MC 7 73.77 -63.14 45.10
CA LEU MC 7 73.54 -63.45 43.70
C LEU MC 7 73.21 -62.17 42.94
N ILE MC 8 73.80 -62.02 41.75
CA ILE MC 8 73.40 -61.00 40.80
C ILE MC 8 73.16 -61.68 39.47
N GLU MC 9 72.06 -61.31 38.80
CA GLU MC 9 71.70 -61.88 37.52
C GLU MC 9 71.66 -60.79 36.47
N THR MC 10 72.40 -60.97 35.40
CA THR MC 10 72.55 -59.95 34.38
C THR MC 10 72.29 -60.54 33.00
N LYS MC 11 71.88 -59.68 32.08
CA LYS MC 11 71.68 -60.07 30.69
C LYS MC 11 72.98 -59.85 29.93
N GLY MC 12 73.64 -60.93 29.56
CA GLY MC 12 74.92 -60.84 28.89
C GLY MC 12 76.08 -61.08 29.82
N LEU MC 13 77.19 -61.57 29.26
CA LEU MC 13 78.33 -61.93 30.09
C LEU MC 13 79.18 -60.72 30.49
N VAL MC 14 79.26 -59.71 29.62
CA VAL MC 14 80.12 -58.56 29.93
C VAL MC 14 79.62 -57.86 31.19
N ALA MC 15 78.32 -57.62 31.29
CA ALA MC 15 77.77 -56.96 32.47
C ALA MC 15 78.01 -57.81 33.72
N CYS MC 16 78.18 -59.11 33.56
CA CYS MC 16 78.40 -59.97 34.71
C CYS MC 16 79.85 -59.94 35.19
N ILE MC 17 80.80 -59.67 34.29
CA ILE MC 17 82.18 -59.57 34.74
C ILE MC 17 82.45 -58.21 35.37
N GLU MC 18 81.78 -57.17 34.91
CA GLU MC 18 81.85 -55.89 35.62
C GLU MC 18 81.24 -56.01 37.00
N ALA MC 19 80.11 -56.70 37.11
CA ALA MC 19 79.50 -56.89 38.42
C ALA MC 19 80.39 -57.69 39.35
N ALA MC 20 80.99 -58.77 38.86
CA ALA MC 20 81.83 -59.59 39.72
C ALA MC 20 83.13 -58.90 40.08
N ASP MC 21 83.59 -57.96 39.26
CA ASP MC 21 84.80 -57.23 39.60
C ASP MC 21 84.54 -56.23 40.71
N ALA MC 22 83.39 -55.54 40.65
CA ALA MC 22 83.04 -54.63 41.73
C ALA MC 22 82.78 -55.38 43.03
N MET MC 23 82.14 -56.55 42.95
CA MET MC 23 81.86 -57.32 44.14
C MET MC 23 83.14 -57.75 44.84
N CYS MC 24 84.13 -58.21 44.08
CA CYS MC 24 85.34 -58.75 44.68
C CYS MC 24 86.26 -57.68 45.22
N LYS MC 25 86.13 -56.43 44.76
CA LYS MC 25 86.92 -55.34 45.29
C LYS MC 25 86.27 -54.67 46.49
N ALA MC 26 84.96 -54.83 46.64
CA ALA MC 26 84.22 -54.08 47.65
C ALA MC 26 84.38 -54.65 49.05
N ALA MC 27 84.64 -55.95 49.17
CA ALA MC 27 84.78 -56.56 50.48
C ALA MC 27 85.53 -57.86 50.34
N ASN MC 28 85.64 -58.59 51.44
CA ASN MC 28 86.43 -59.81 51.49
C ASN MC 28 85.52 -61.01 51.30
N VAL MC 29 85.14 -61.25 50.06
CA VAL MC 29 84.29 -62.36 49.68
C VAL MC 29 85.02 -63.19 48.63
N GLU MC 30 84.77 -64.49 48.66
CA GLU MC 30 85.32 -65.40 47.66
C GLU MC 30 84.28 -65.65 46.59
N LEU MC 31 84.69 -65.57 45.33
CA LEU MC 31 83.79 -65.72 44.21
C LEU MC 31 83.71 -67.18 43.82
N ILE MC 32 82.48 -67.70 43.73
CA ILE MC 32 82.28 -69.12 43.48
C ILE MC 32 82.33 -69.45 42.00
N GLY MC 33 81.54 -68.77 41.18
CA GLY MC 33 81.60 -69.00 39.76
C GLY MC 33 80.33 -68.58 39.07
N TYR MC 34 80.37 -68.58 37.75
CA TYR MC 34 79.26 -68.18 36.92
C TYR MC 34 78.37 -69.38 36.60
N GLU MC 35 77.18 -69.08 36.11
CA GLU MC 35 76.23 -70.12 35.71
C GLU MC 35 75.20 -69.49 34.80
N ASN MC 36 75.21 -69.84 33.52
CA ASN MC 36 74.20 -69.34 32.59
C ASN MC 36 73.13 -70.40 32.36
N VAL MC 37 71.89 -69.94 32.27
CA VAL MC 37 70.74 -70.81 32.13
C VAL MC 37 70.06 -70.64 30.78
N GLY MC 38 70.68 -69.91 29.86
CA GLY MC 38 70.10 -69.67 28.57
C GLY MC 38 69.27 -68.40 28.55
N SER MC 39 68.94 -67.97 27.34
CA SER MC 39 68.25 -66.72 27.06
C SER MC 39 69.07 -65.50 27.41
N GLY MC 40 70.39 -65.66 27.53
CA GLY MC 40 71.28 -64.56 27.81
C GLY MC 40 71.44 -64.22 29.26
N LEU MC 41 70.89 -65.01 30.17
CA LEU MC 41 70.95 -64.72 31.60
C LEU MC 41 72.18 -65.40 32.19
N VAL MC 42 73.06 -64.59 32.79
CA VAL MC 42 74.25 -65.10 33.47
C VAL MC 42 74.19 -64.63 34.92
N THR MC 43 74.65 -65.48 35.83
CA THR MC 43 74.54 -65.25 37.26
C THR MC 43 75.89 -65.44 37.91
N ALA MC 44 76.28 -64.50 38.77
CA ALA MC 44 77.49 -64.58 39.57
C ALA MC 44 77.13 -64.82 41.02
N MET MC 45 77.92 -65.64 41.71
CA MET MC 45 77.61 -66.06 43.07
C MET MC 45 78.85 -65.87 43.94
N VAL MC 46 78.70 -65.13 45.04
CA VAL MC 46 79.77 -64.93 46.00
C VAL MC 46 79.32 -65.49 47.34
N LYS MC 47 80.28 -65.65 48.24
CA LYS MC 47 79.96 -66.15 49.57
C LYS MC 47 80.97 -65.62 50.58
N GLY MC 48 80.47 -65.28 51.76
CA GLY MC 48 81.29 -64.74 52.81
C GLY MC 48 80.41 -64.36 53.98
N ASP MC 49 80.98 -63.58 54.90
CA ASP MC 49 80.19 -63.10 56.03
C ASP MC 49 79.09 -62.17 55.53
N VAL MC 50 78.04 -62.03 56.35
CA VAL MC 50 76.83 -61.36 55.88
C VAL MC 50 76.99 -59.85 55.84
N GLY MC 51 77.95 -59.29 56.58
CA GLY MC 51 78.24 -57.87 56.43
C GLY MC 51 79.03 -57.59 55.17
N ALA MC 52 79.91 -58.51 54.79
CA ALA MC 52 80.68 -58.34 53.57
C ALA MC 52 79.84 -58.62 52.33
N VAL MC 53 79.04 -59.69 52.38
CA VAL MC 53 78.24 -60.05 51.21
C VAL MC 53 77.19 -58.99 50.93
N ASN MC 54 76.65 -58.38 51.98
CA ASN MC 54 75.68 -57.31 51.79
C ASN MC 54 76.31 -56.11 51.11
N ALA MC 55 77.56 -55.80 51.47
CA ALA MC 55 78.24 -54.66 50.88
C ALA MC 55 78.64 -54.94 49.45
N ALA MC 56 79.05 -56.18 49.16
CA ALA MC 56 79.49 -56.53 47.81
C ALA MC 56 78.33 -56.50 46.83
N VAL MC 57 77.19 -57.06 47.20
CA VAL MC 57 76.07 -57.15 46.26
C VAL MC 57 75.54 -55.76 45.94
N ASP MC 58 75.50 -54.87 46.92
CA ASP MC 58 75.05 -53.51 46.64
C ASP MC 58 76.01 -52.79 45.69
N SER MC 59 77.31 -53.05 45.84
CA SER MC 59 78.30 -52.44 44.96
C SER MC 59 78.22 -53.03 43.57
N GLY MC 60 78.17 -54.35 43.47
CA GLY MC 60 78.10 -54.99 42.16
C GLY MC 60 76.86 -54.62 41.39
N VAL MC 61 75.74 -54.41 42.07
CA VAL MC 61 74.52 -54.07 41.36
C VAL MC 61 74.64 -52.70 40.72
N GLU MC 62 75.24 -51.75 41.42
CA GLU MC 62 75.33 -50.40 40.89
C GLU MC 62 76.31 -50.31 39.73
N ALA MC 63 77.40 -51.08 39.77
CA ALA MC 63 78.37 -51.03 38.68
C ALA MC 63 77.83 -51.69 37.41
N ALA MC 64 77.21 -52.87 37.56
CA ALA MC 64 76.65 -53.54 36.39
C ALA MC 64 75.46 -52.77 35.82
N LYS MC 65 74.69 -52.10 36.68
CA LYS MC 65 73.59 -51.28 36.20
C LYS MC 65 74.06 -50.19 35.27
N ARG MC 66 75.30 -49.75 35.44
CA ARG MC 66 75.81 -48.62 34.67
C ARG MC 66 76.03 -48.98 33.21
N ILE MC 67 76.41 -50.22 32.92
CA ILE MC 67 76.84 -50.62 31.59
C ILE MC 67 75.99 -51.73 31.00
N GLY MC 68 74.98 -52.19 31.70
CA GLY MC 68 74.14 -53.26 31.20
C GLY MC 68 72.83 -53.28 31.92
N LYS MC 69 72.15 -54.42 31.81
CA LYS MC 69 70.88 -54.63 32.47
C LYS MC 69 71.07 -55.61 33.60
N VAL MC 70 70.72 -55.20 34.82
CA VAL MC 70 70.68 -56.10 35.96
C VAL MC 70 69.27 -56.60 36.11
N VAL MC 71 69.10 -57.91 36.07
CA VAL MC 71 67.76 -58.51 36.13
C VAL MC 71 67.29 -58.68 37.56
N SER MC 72 68.18 -59.15 38.44
CA SER MC 72 67.78 -59.52 39.78
C SER MC 72 69.01 -59.61 40.67
N SER MC 73 68.80 -59.39 41.96
CA SER MC 73 69.86 -59.53 42.96
C SER MC 73 69.24 -60.01 44.25
N ARG MC 74 70.07 -60.61 45.10
CA ARG MC 74 69.53 -61.25 46.29
C ARG MC 74 70.66 -61.64 47.23
N VAL MC 75 70.45 -61.43 48.52
CA VAL MC 75 71.34 -61.92 49.56
C VAL MC 75 70.58 -62.94 50.40
N ILE MC 76 71.21 -64.07 50.67
CA ILE MC 76 70.63 -65.11 51.51
C ILE MC 76 71.52 -65.22 52.74
N ALA MC 77 71.02 -64.76 53.88
CA ALA MC 77 71.86 -64.62 55.05
C ALA MC 77 72.21 -65.97 55.66
N ARG MC 78 71.22 -66.82 55.93
CA ARG MC 78 71.45 -68.17 56.42
C ARG MC 78 70.93 -69.16 55.40
N PRO MC 79 71.76 -69.64 54.48
CA PRO MC 79 71.29 -70.60 53.49
C PRO MC 79 71.16 -71.98 54.10
N HIS MC 80 70.15 -72.71 53.64
CA HIS MC 80 69.91 -74.05 54.13
C HIS MC 80 71.01 -75.00 53.67
N ASN MC 81 71.23 -76.05 54.45
CA ASN MC 81 72.33 -76.96 54.14
C ASN MC 81 72.03 -77.81 52.91
N ASP MC 82 70.75 -78.04 52.61
CA ASP MC 82 70.39 -78.70 51.36
C ASP MC 82 70.79 -77.85 50.16
N ILE MC 83 70.80 -76.54 50.32
CA ILE MC 83 71.17 -75.64 49.24
C ILE MC 83 72.68 -75.53 49.15
N GLU NC 3 75.66 -56.09 71.22
CA GLU NC 3 75.29 -56.39 69.85
C GLU NC 3 74.04 -55.63 69.45
N ALA NC 4 73.72 -55.65 68.16
CA ALA NC 4 72.64 -54.81 67.65
C ALA NC 4 71.30 -55.27 68.23
N LEU NC 5 70.27 -54.49 67.92
CA LEU NC 5 68.94 -54.72 68.48
C LEU NC 5 67.90 -54.40 67.43
N GLY NC 6 67.00 -55.33 67.18
CA GLY NC 6 65.97 -55.13 66.18
C GLY NC 6 64.57 -55.28 66.73
N LEU NC 7 63.68 -54.36 66.38
CA LEU NC 7 62.34 -54.30 66.93
C LEU NC 7 61.31 -54.26 65.81
N ILE NC 8 60.22 -55.01 65.98
CA ILE NC 8 59.05 -54.92 65.13
C ILE NC 8 57.83 -54.78 66.02
N GLU NC 9 56.89 -53.93 65.62
CA GLU NC 9 55.70 -53.69 66.40
C GLU NC 9 54.49 -53.86 65.52
N THR NC 10 53.54 -54.68 65.98
CA THR NC 10 52.37 -55.04 65.20
C THR NC 10 51.12 -54.89 66.05
N LYS NC 11 49.97 -54.90 65.38
CA LYS NC 11 48.68 -54.98 66.05
C LYS NC 11 48.26 -56.44 66.14
N GLY NC 12 48.12 -56.94 67.35
CA GLY NC 12 47.69 -58.31 67.47
C GLY NC 12 48.86 -59.27 67.61
N LEU NC 13 48.59 -60.42 68.22
CA LEU NC 13 49.64 -61.38 68.50
C LEU NC 13 49.96 -62.26 67.31
N VAL NC 14 49.00 -62.50 66.43
CA VAL NC 14 49.25 -63.42 65.32
C VAL NC 14 50.26 -62.82 64.35
N ALA NC 15 50.11 -61.55 64.01
CA ALA NC 15 51.08 -60.91 63.13
C ALA NC 15 52.47 -60.84 63.76
N CYS NC 16 52.56 -60.94 65.08
CA CYS NC 16 53.86 -60.87 65.74
C CYS NC 16 54.53 -62.24 65.82
N ILE NC 17 53.75 -63.32 65.88
CA ILE NC 17 54.37 -64.64 65.85
C ILE NC 17 54.85 -64.96 64.44
N GLU NC 18 54.21 -64.41 63.42
CA GLU NC 18 54.71 -64.62 62.08
C GLU NC 18 55.96 -63.78 61.82
N ALA NC 19 56.00 -62.56 62.36
CA ALA NC 19 57.22 -61.77 62.25
C ALA NC 19 58.37 -62.42 63.01
N ALA NC 20 58.10 -62.95 64.20
CA ALA NC 20 59.17 -63.56 64.99
C ALA NC 20 59.65 -64.85 64.37
N ASP NC 21 58.77 -65.57 63.67
CA ASP NC 21 59.18 -66.81 63.03
C ASP NC 21 60.04 -66.53 61.81
N ALA NC 22 59.64 -65.55 61.00
CA ALA NC 22 60.42 -65.20 59.82
C ALA NC 22 61.77 -64.64 60.20
N MET NC 23 61.83 -63.81 61.25
CA MET NC 23 63.09 -63.23 61.67
C MET NC 23 64.07 -64.31 62.09
N CYS NC 24 63.61 -65.29 62.86
CA CYS NC 24 64.52 -66.30 63.37
C CYS NC 24 64.97 -67.27 62.31
N LYS NC 25 64.25 -67.37 61.19
CA LYS NC 25 64.64 -68.27 60.11
C LYS NC 25 65.66 -67.63 59.18
N ALA NC 26 65.55 -66.32 58.97
CA ALA NC 26 66.23 -65.64 57.88
C ALA NC 26 67.57 -65.06 58.28
N ALA NC 27 68.08 -65.34 59.48
CA ALA NC 27 69.38 -64.84 59.90
C ALA NC 27 69.74 -65.51 61.22
N ASN NC 28 71.01 -65.36 61.59
CA ASN NC 28 71.50 -65.93 62.85
C ASN NC 28 71.32 -64.90 63.96
N VAL NC 29 70.10 -64.86 64.50
CA VAL NC 29 69.74 -63.94 65.55
C VAL NC 29 69.15 -64.71 66.72
N GLU NC 30 69.07 -64.05 67.86
CA GLU NC 30 68.51 -64.62 69.07
C GLU NC 30 67.24 -63.85 69.43
N LEU NC 31 66.17 -64.57 69.70
CA LEU NC 31 64.92 -63.93 70.08
C LEU NC 31 64.92 -63.67 71.58
N ILE NC 32 64.70 -62.42 71.97
CA ILE NC 32 64.69 -62.05 73.38
C ILE NC 32 63.31 -62.28 73.99
N GLY NC 33 62.26 -61.80 73.34
CA GLY NC 33 60.92 -62.06 73.81
C GLY NC 33 59.94 -61.03 73.29
N TYR NC 34 58.69 -61.21 73.70
CA TYR NC 34 57.61 -60.30 73.37
C TYR NC 34 57.34 -59.37 74.53
N GLU NC 35 56.72 -58.22 74.23
CA GLU NC 35 56.39 -57.26 75.27
C GLU NC 35 55.24 -56.39 74.75
N ASN NC 36 54.03 -56.66 75.23
CA ASN NC 36 52.86 -55.91 74.82
C ASN NC 36 52.54 -54.80 75.81
N VAL NC 37 51.90 -53.75 75.32
CA VAL NC 37 51.61 -52.58 76.14
C VAL NC 37 50.13 -52.21 76.05
N GLY NC 38 49.27 -53.19 75.79
CA GLY NC 38 47.86 -52.92 75.64
C GLY NC 38 47.57 -52.22 74.32
N SER NC 39 46.27 -52.05 74.07
CA SER NC 39 45.74 -51.59 72.80
C SER NC 39 46.07 -52.53 71.65
N GLY NC 40 46.48 -53.75 71.94
CA GLY NC 40 46.80 -54.71 70.92
C GLY NC 40 48.18 -54.57 70.31
N LEU NC 41 48.99 -53.64 70.78
CA LEU NC 41 50.34 -53.49 70.26
C LEU NC 41 51.24 -54.51 70.94
N VAL NC 42 51.87 -55.36 70.12
CA VAL NC 42 52.84 -56.34 70.60
C VAL NC 42 54.15 -56.10 69.87
N THR NC 43 55.26 -56.30 70.56
CA THR NC 43 56.58 -55.99 70.03
C THR NC 43 57.51 -57.18 70.19
N ALA NC 44 58.25 -57.51 69.14
CA ALA NC 44 59.25 -58.56 69.17
C ALA NC 44 60.64 -57.95 69.16
N MET NC 45 61.56 -58.56 69.91
CA MET NC 45 62.92 -58.05 70.04
C MET NC 45 63.89 -59.16 69.71
N VAL NC 46 64.72 -58.95 68.68
CA VAL NC 46 65.79 -59.88 68.33
C VAL NC 46 67.12 -59.20 68.63
N LYS NC 47 68.16 -60.02 68.68
CA LYS NC 47 69.47 -59.53 69.09
C LYS NC 47 70.57 -60.33 68.39
N GLY NC 48 71.52 -59.63 67.78
CA GLY NC 48 72.60 -60.30 67.09
C GLY NC 48 73.54 -59.28 66.49
N ASP NC 49 74.42 -59.76 65.60
CA ASP NC 49 75.31 -58.85 64.91
C ASP NC 49 74.54 -57.92 64.00
N VAL NC 50 75.16 -56.79 63.65
CA VAL NC 50 74.45 -55.72 62.95
C VAL NC 50 73.96 -56.20 61.59
N GLY NC 51 74.80 -56.93 60.86
CA GLY NC 51 74.41 -57.37 59.54
C GLY NC 51 73.29 -58.39 59.57
N ALA NC 52 73.37 -59.33 60.51
CA ALA NC 52 72.31 -60.32 60.67
C ALA NC 52 71.02 -59.65 61.10
N VAL NC 53 71.07 -58.84 62.15
CA VAL NC 53 69.88 -58.20 62.68
C VAL NC 53 69.23 -57.31 61.63
N ASN NC 54 70.05 -56.62 60.83
CA ASN NC 54 69.49 -55.84 59.74
C ASN NC 54 68.65 -56.72 58.83
N ALA NC 55 69.25 -57.80 58.31
CA ALA NC 55 68.56 -58.71 57.40
C ALA NC 55 67.31 -59.30 58.02
N ALA NC 56 67.38 -59.67 59.30
CA ALA NC 56 66.23 -60.29 59.95
C ALA NC 56 65.03 -59.34 59.96
N VAL NC 57 65.25 -58.08 60.32
CA VAL NC 57 64.14 -57.15 60.46
C VAL NC 57 63.49 -56.90 59.11
N ASP NC 58 64.27 -56.87 58.03
CA ASP NC 58 63.67 -56.69 56.71
C ASP NC 58 62.77 -57.86 56.35
N SER NC 59 63.22 -59.08 56.62
CA SER NC 59 62.40 -60.25 56.32
C SER NC 59 61.19 -60.34 57.24
N GLY NC 60 61.39 -60.04 58.52
CA GLY NC 60 60.30 -60.15 59.47
C GLY NC 60 59.18 -59.18 59.21
N VAL NC 61 59.51 -57.97 58.74
CA VAL NC 61 58.48 -57.00 58.41
C VAL NC 61 57.74 -57.42 57.16
N GLU NC 62 58.44 -58.05 56.23
CA GLU NC 62 57.83 -58.45 54.97
C GLU NC 62 56.83 -59.57 55.18
N ALA NC 63 57.11 -60.49 56.10
CA ALA NC 63 56.19 -61.58 56.37
C ALA NC 63 55.00 -61.10 57.19
N ALA NC 64 55.24 -60.24 58.18
CA ALA NC 64 54.17 -59.82 59.07
C ALA NC 64 53.20 -58.87 58.37
N LYS NC 65 53.72 -57.98 57.54
CA LYS NC 65 52.86 -57.06 56.80
C LYS NC 65 51.91 -57.80 55.87
N ARG NC 66 52.20 -59.07 55.60
CA ARG NC 66 51.45 -59.83 54.62
C ARG NC 66 50.10 -60.29 55.16
N ILE NC 67 50.00 -60.50 56.47
CA ILE NC 67 48.77 -60.96 57.09
C ILE NC 67 48.19 -59.97 58.07
N GLY NC 68 48.96 -59.02 58.57
CA GLY NC 68 48.46 -58.08 59.55
C GLY NC 68 49.03 -56.70 59.37
N LYS NC 69 49.13 -55.93 60.45
CA LYS NC 69 49.62 -54.57 60.37
C LYS NC 69 50.93 -54.43 61.13
N VAL NC 70 51.96 -53.97 60.42
CA VAL NC 70 53.23 -53.65 61.03
C VAL NC 70 53.24 -52.16 61.35
N VAL NC 71 53.31 -51.84 62.64
CA VAL NC 71 53.19 -50.45 63.05
C VAL NC 71 54.51 -49.72 62.87
N SER NC 72 55.62 -50.34 63.27
CA SER NC 72 56.92 -49.72 63.14
C SER NC 72 58.01 -50.78 63.28
N SER NC 73 59.17 -50.49 62.69
CA SER NC 73 60.35 -51.33 62.80
C SER NC 73 61.56 -50.43 62.97
N ARG NC 74 62.63 -51.00 63.53
CA ARG NC 74 63.78 -50.19 63.90
C ARG NC 74 64.94 -51.10 64.24
N VAL NC 75 66.14 -50.70 63.84
CA VAL NC 75 67.37 -51.39 64.21
C VAL NC 75 68.28 -50.41 64.93
N ILE NC 76 68.73 -50.77 66.12
CA ILE NC 76 69.70 -49.99 66.88
C ILE NC 76 71.03 -50.71 66.76
N ALA NC 77 71.99 -50.09 66.06
CA ALA NC 77 73.23 -50.79 65.76
C ALA NC 77 74.06 -51.03 67.02
N ARG NC 78 73.98 -50.13 67.99
CA ARG NC 78 74.74 -50.25 69.23
C ARG NC 78 73.96 -49.56 70.34
N PRO NC 79 73.17 -50.31 71.11
CA PRO NC 79 72.38 -49.67 72.15
C PRO NC 79 73.24 -49.29 73.35
N HIS NC 80 72.81 -48.26 74.05
CA HIS NC 80 73.44 -47.89 75.30
C HIS NC 80 73.25 -49.01 76.32
N ASN NC 81 74.17 -49.10 77.27
CA ASN NC 81 74.07 -50.15 78.27
C ASN NC 81 72.83 -49.98 79.14
N ASP NC 82 72.38 -48.74 79.34
CA ASP NC 82 71.15 -48.52 80.09
C ASP NC 82 69.96 -49.14 79.38
N ILE NC 83 69.94 -49.09 78.05
CA ILE NC 83 68.84 -49.68 77.29
C ILE NC 83 68.77 -51.18 77.49
N GLU NC 84 69.88 -51.82 77.83
CA GLU NC 84 69.84 -53.26 78.09
C GLU NC 84 69.55 -53.54 79.57
N LYS NC 85 68.56 -52.81 80.08
CA LYS NC 85 67.89 -53.10 81.34
C LYS NC 85 66.40 -52.86 81.21
N ILE NC 86 65.96 -52.25 80.12
CA ILE NC 86 64.55 -52.06 79.84
C ILE NC 86 64.00 -53.20 79.00
N ALA NC 87 64.78 -53.63 78.00
CA ALA NC 87 64.38 -54.80 77.21
C ALA NC 87 64.47 -56.08 78.04
N GLY NC 88 65.68 -56.41 78.50
CA GLY NC 88 65.87 -57.59 79.32
C GLY NC 88 65.68 -57.31 80.80
N MET OC 1 -78.34 -74.13 -19.15
CA MET OC 1 -79.62 -73.57 -19.55
C MET OC 1 -80.66 -74.67 -19.68
N ILE OC 2 -81.93 -74.28 -19.72
CA ILE OC 2 -83.02 -75.22 -19.97
C ILE OC 2 -84.02 -74.55 -20.91
N LEU OC 3 -84.66 -75.35 -21.73
CA LEU OC 3 -85.77 -74.87 -22.54
C LEU OC 3 -87.00 -74.72 -21.68
N ALA OC 4 -87.65 -73.56 -21.77
CA ALA OC 4 -88.81 -73.29 -20.96
C ALA OC 4 -89.74 -72.36 -21.72
N LYS OC 5 -90.95 -72.21 -21.21
CA LYS OC 5 -91.97 -71.40 -21.83
C LYS OC 5 -92.52 -70.42 -20.82
N VAL OC 6 -92.64 -69.16 -21.21
CA VAL OC 6 -93.19 -68.17 -20.30
C VAL OC 6 -94.69 -68.39 -20.17
N THR OC 7 -95.17 -68.51 -18.94
CA THR OC 7 -96.56 -68.83 -18.68
C THR OC 7 -97.27 -67.84 -17.78
N GLY OC 8 -96.63 -66.73 -17.41
CA GLY OC 8 -97.29 -65.75 -16.56
C GLY OC 8 -96.29 -64.72 -16.09
N HIS OC 9 -96.66 -64.01 -15.03
CA HIS OC 9 -95.76 -63.04 -14.41
C HIS OC 9 -96.16 -62.89 -12.95
N VAL OC 10 -95.28 -62.23 -12.20
CA VAL OC 10 -95.44 -62.05 -10.77
C VAL OC 10 -95.30 -60.58 -10.45
N VAL OC 11 -96.22 -60.03 -9.67
CA VAL OC 11 -96.20 -58.63 -9.26
C VAL OC 11 -95.85 -58.60 -7.78
N ALA OC 12 -94.66 -58.09 -7.47
CA ALA OC 12 -94.17 -58.03 -6.10
C ALA OC 12 -93.77 -56.59 -5.81
N THR OC 13 -94.36 -56.01 -4.76
CA THR OC 13 -94.12 -54.63 -4.39
C THR OC 13 -93.03 -54.49 -3.33
N GLN OC 14 -93.14 -55.28 -2.27
CA GLN OC 14 -92.16 -55.27 -1.17
C GLN OC 14 -91.07 -56.27 -1.52
N LYS OC 15 -89.92 -55.78 -1.96
CA LYS OC 15 -88.84 -56.66 -2.38
C LYS OC 15 -87.51 -55.94 -2.19
N CYS OC 16 -86.43 -56.70 -2.38
CA CYS OC 16 -85.09 -56.16 -2.19
C CYS OC 16 -84.78 -55.12 -3.26
N ASP OC 17 -83.58 -54.57 -3.17
CA ASP OC 17 -83.15 -53.52 -4.08
C ASP OC 17 -82.40 -54.06 -5.29
N GLU OC 18 -81.83 -55.26 -5.18
CA GLU OC 18 -81.19 -55.89 -6.33
C GLU OC 18 -82.18 -56.28 -7.42
N LEU OC 19 -83.48 -56.15 -7.14
CA LEU OC 19 -84.52 -56.54 -8.09
C LEU OC 19 -85.36 -55.37 -8.58
N ARG OC 20 -84.98 -54.13 -8.26
CA ARG OC 20 -85.78 -52.98 -8.66
C ARG OC 20 -85.69 -52.76 -10.16
N GLY OC 21 -86.84 -52.59 -10.80
CA GLY OC 21 -86.87 -52.29 -12.22
C GLY OC 21 -86.55 -53.47 -13.11
N SER OC 22 -87.26 -54.57 -12.92
CA SER OC 22 -87.05 -55.76 -13.72
C SER OC 22 -88.34 -56.56 -13.74
N ASN OC 23 -88.49 -57.38 -14.77
CA ASN OC 23 -89.66 -58.22 -14.90
C ASN OC 23 -89.46 -59.50 -14.11
N LEU OC 24 -90.55 -60.14 -13.72
CA LEU OC 24 -90.49 -61.42 -13.01
C LEU OC 24 -91.48 -62.36 -13.67
N LEU OC 25 -90.98 -63.27 -14.49
CA LEU OC 25 -91.81 -64.16 -15.29
C LEU OC 25 -91.88 -65.53 -14.67
N LEU OC 26 -93.03 -66.19 -14.84
CA LEU OC 26 -93.16 -67.59 -14.50
C LEU OC 26 -92.67 -68.41 -15.68
N ILE OC 27 -91.81 -69.38 -15.40
CA ILE OC 27 -91.02 -70.07 -16.41
C ILE OC 27 -91.24 -71.56 -16.20
N THR OC 28 -91.92 -72.20 -17.13
CA THR OC 28 -92.26 -73.61 -16.99
C THR OC 28 -91.39 -74.45 -17.90
N ARG OC 29 -90.70 -75.43 -17.32
CA ARG OC 29 -89.86 -76.33 -18.11
C ARG OC 29 -90.72 -77.24 -18.97
N LEU OC 30 -90.37 -77.36 -20.24
CA LEU OC 30 -91.14 -78.15 -21.19
C LEU OC 30 -90.38 -79.38 -21.63
N ASP OC 31 -91.13 -80.44 -21.93
CA ASP OC 31 -90.54 -81.76 -22.17
C ASP OC 31 -90.13 -81.94 -23.63
N ASP OC 32 -89.79 -83.18 -24.02
CA ASP OC 32 -89.21 -83.44 -25.34
C ASP OC 32 -90.23 -83.42 -26.46
N LYS OC 33 -91.48 -83.06 -26.19
CA LYS OC 33 -92.46 -82.79 -27.22
C LYS OC 33 -92.81 -81.31 -27.29
N GLN OC 34 -91.99 -80.46 -26.68
CA GLN OC 34 -92.26 -79.04 -26.55
C GLN OC 34 -93.63 -78.80 -25.91
N GLN OC 35 -93.79 -79.36 -24.71
CA GLN OC 35 -95.03 -79.28 -23.97
C GLN OC 35 -94.70 -79.09 -22.50
N PRO OC 36 -95.31 -78.12 -21.83
CA PRO OC 36 -94.96 -77.85 -20.42
C PRO OC 36 -95.21 -79.04 -19.52
N MET OC 37 -94.39 -79.15 -18.48
CA MET OC 37 -94.48 -80.23 -17.51
C MET OC 37 -95.30 -79.77 -16.31
N LYS OC 38 -95.42 -80.65 -15.32
CA LYS OC 38 -96.19 -80.38 -14.11
C LYS OC 38 -95.23 -80.12 -12.95
N ASP OC 39 -95.52 -79.08 -12.16
CA ASP OC 39 -94.74 -78.75 -10.97
C ASP OC 39 -93.29 -78.46 -11.33
N GLN OC 40 -93.08 -77.63 -12.34
CA GLN OC 40 -91.74 -77.33 -12.82
C GLN OC 40 -91.60 -75.84 -13.13
N THR OC 41 -92.12 -75.00 -12.26
CA THR OC 41 -92.18 -73.56 -12.51
C THR OC 41 -91.20 -72.81 -11.62
N TRP OC 42 -90.41 -71.93 -12.23
CA TRP OC 42 -89.53 -71.04 -11.51
C TRP OC 42 -89.87 -69.60 -11.86
N VAL OC 43 -89.29 -68.67 -11.12
CA VAL OC 43 -89.46 -67.25 -11.38
C VAL OC 43 -88.14 -66.71 -11.89
N ALA OC 44 -88.18 -66.09 -13.07
CA ALA OC 44 -86.97 -65.64 -13.73
C ALA OC 44 -87.04 -64.16 -13.99
N VAL OC 45 -85.91 -63.48 -13.79
CA VAL OC 45 -85.81 -62.06 -14.08
C VAL OC 45 -85.55 -61.90 -15.57
N ASP OC 46 -86.56 -61.43 -16.30
CA ASP OC 46 -86.39 -61.23 -17.74
C ASP OC 46 -85.22 -60.31 -18.01
N ASN OC 47 -84.52 -60.58 -19.11
CA ASN OC 47 -83.33 -59.81 -19.44
C ASN OC 47 -83.26 -59.39 -20.90
N VAL OC 48 -84.03 -60.01 -21.80
CA VAL OC 48 -83.98 -59.71 -23.22
C VAL OC 48 -85.33 -59.28 -23.78
N GLY OC 49 -86.38 -59.26 -22.97
CA GLY OC 49 -87.66 -58.82 -23.46
C GLY OC 49 -88.56 -59.94 -23.96
N ALA OC 50 -88.80 -60.93 -23.13
CA ALA OC 50 -89.70 -62.02 -23.46
C ALA OC 50 -91.07 -61.77 -22.88
N GLY OC 51 -92.10 -62.28 -23.55
CA GLY OC 51 -93.45 -62.12 -23.10
C GLY OC 51 -94.18 -63.45 -23.01
N MET OC 52 -95.50 -63.42 -22.97
CA MET OC 52 -96.24 -64.65 -22.78
C MET OC 52 -96.10 -65.58 -23.99
N HIS OC 53 -96.15 -66.88 -23.72
CA HIS OC 53 -96.20 -67.94 -24.72
C HIS OC 53 -94.89 -68.12 -25.48
N ASP OC 54 -93.84 -67.39 -25.13
CA ASP OC 54 -92.59 -67.44 -25.87
C ASP OC 54 -91.69 -68.52 -25.28
N ILE OC 55 -91.03 -69.29 -26.15
CA ILE OC 55 -90.08 -70.30 -25.70
C ILE OC 55 -88.74 -69.63 -25.49
N VAL OC 56 -88.23 -69.71 -24.26
CA VAL OC 56 -87.03 -68.98 -23.89
C VAL OC 56 -85.99 -69.95 -23.37
N LEU OC 57 -84.83 -69.42 -22.97
CA LEU OC 57 -83.67 -70.21 -22.56
C LEU OC 57 -83.25 -69.68 -21.20
N ALA OC 58 -83.76 -70.29 -20.14
CA ALA OC 58 -83.57 -69.77 -18.79
C ALA OC 58 -82.28 -70.32 -18.20
N GLU OC 59 -81.45 -69.43 -17.66
CA GLU OC 59 -80.15 -69.79 -17.12
C GLU OC 59 -80.20 -69.80 -15.61
N GLU OC 60 -79.33 -70.61 -15.01
CA GLU OC 60 -79.28 -70.79 -13.57
C GLU OC 60 -78.49 -69.66 -12.92
N TYR OC 61 -78.06 -69.88 -11.68
CA TYR OC 61 -77.77 -68.84 -10.70
C TYR OC 61 -77.14 -67.57 -11.26
N PHE OC 62 -75.94 -67.63 -11.81
CA PHE OC 62 -75.13 -66.43 -11.99
C PHE OC 62 -75.34 -65.87 -13.40
N ALA OC 63 -76.04 -64.74 -13.47
CA ALA OC 63 -76.15 -63.97 -14.71
C ALA OC 63 -76.08 -62.46 -14.46
N LEU OC 64 -75.58 -62.04 -13.30
CA LEU OC 64 -75.40 -60.63 -12.95
C LEU OC 64 -76.73 -59.87 -13.02
N ASN OC 65 -77.66 -60.28 -12.14
CA ASN OC 65 -78.98 -59.67 -12.11
C ASN OC 65 -79.52 -59.52 -10.69
N TYR OC 69 -74.40 -60.81 -7.51
CA TYR OC 69 -75.70 -60.93 -8.17
C TYR OC 69 -75.87 -62.31 -8.79
N LYS OC 70 -76.87 -63.05 -8.32
CA LYS OC 70 -77.05 -64.43 -8.75
C LYS OC 70 -78.50 -64.78 -9.05
N ALA OC 71 -79.28 -63.88 -9.62
CA ALA OC 71 -80.67 -64.19 -9.91
C ALA OC 71 -80.78 -65.02 -11.18
N MET OC 72 -81.77 -65.90 -11.20
CA MET OC 72 -82.05 -66.77 -12.34
C MET OC 72 -82.75 -65.93 -13.40
N SER OC 73 -82.10 -65.77 -14.55
CA SER OC 73 -82.61 -64.89 -15.59
C SER OC 73 -82.79 -65.62 -16.90
N VAL OC 74 -83.49 -64.97 -17.81
CA VAL OC 74 -83.68 -65.43 -19.18
C VAL OC 74 -82.61 -64.77 -20.05
N VAL OC 75 -81.94 -65.57 -20.88
CA VAL OC 75 -80.78 -65.10 -21.62
C VAL OC 75 -80.93 -65.24 -23.12
N ALA OC 76 -82.01 -65.82 -23.61
CA ALA OC 76 -82.16 -66.00 -25.04
C ALA OC 76 -83.60 -66.33 -25.38
N ILE OC 77 -84.08 -65.82 -26.50
CA ILE OC 77 -85.38 -66.19 -27.06
C ILE OC 77 -85.13 -67.11 -28.25
N VAL OC 78 -85.77 -68.27 -28.23
CA VAL OC 78 -85.42 -69.35 -29.13
C VAL OC 78 -86.29 -69.29 -30.37
N GLU OC 79 -85.64 -69.34 -31.54
CA GLU OC 79 -86.32 -69.37 -32.83
C GLU OC 79 -86.68 -70.79 -33.25
N LYS OC 80 -85.69 -71.67 -33.35
CA LYS OC 80 -85.87 -73.02 -33.83
C LYS OC 80 -85.22 -74.02 -32.88
N VAL OC 81 -85.90 -75.12 -32.63
CA VAL OC 81 -85.36 -76.22 -31.83
C VAL OC 81 -85.36 -77.45 -32.75
N PHE OC 82 -84.23 -77.70 -33.39
CA PHE OC 82 -84.09 -78.89 -34.23
C PHE OC 82 -83.68 -80.06 -33.35
N ARG OC 83 -84.46 -81.13 -33.38
CA ARG OC 83 -84.28 -82.23 -32.44
C ARG OC 83 -84.65 -83.54 -33.13
N ASP OC 84 -83.67 -84.40 -33.33
CA ASP OC 84 -83.94 -85.75 -33.81
C ASP OC 84 -82.73 -86.65 -33.57
N GLU PC 3 -116.26 -15.67 -12.40
CA GLU PC 3 -115.27 -16.26 -11.51
C GLU PC 3 -113.87 -15.95 -11.99
N ALA PC 4 -112.88 -16.15 -11.13
CA ALA PC 4 -111.51 -15.82 -11.47
C ALA PC 4 -110.95 -16.84 -12.45
N LEU PC 5 -109.66 -16.72 -12.75
CA LEU PC 5 -109.03 -17.57 -13.74
C LEU PC 5 -107.57 -17.76 -13.37
N GLY PC 6 -107.11 -19.00 -13.41
CA GLY PC 6 -105.75 -19.32 -13.01
C GLY PC 6 -105.03 -20.11 -14.08
N LEU PC 7 -103.75 -19.80 -14.26
CA LEU PC 7 -102.98 -20.33 -15.37
C LEU PC 7 -101.60 -20.77 -14.90
N ILE PC 8 -101.20 -21.97 -15.30
CA ILE PC 8 -99.83 -22.44 -15.10
C ILE PC 8 -99.32 -22.92 -16.45
N GLU PC 9 -98.04 -22.68 -16.72
CA GLU PC 9 -97.40 -23.08 -17.96
C GLU PC 9 -96.11 -23.81 -17.66
N THR PC 10 -95.94 -24.97 -18.28
CA THR PC 10 -94.80 -25.83 -17.99
C THR PC 10 -94.19 -26.31 -19.29
N LYS PC 11 -92.97 -26.83 -19.18
CA LYS PC 11 -92.31 -27.50 -20.29
C LYS PC 11 -92.56 -29.00 -20.16
N GLY PC 12 -93.23 -29.57 -21.15
CA GLY PC 12 -93.53 -30.98 -21.09
C GLY PC 12 -94.93 -31.25 -20.57
N LEU PC 13 -95.47 -32.40 -20.93
CA LEU PC 13 -96.85 -32.70 -20.55
C LEU PC 13 -96.93 -33.31 -19.16
N VAL PC 14 -95.92 -34.06 -18.74
CA VAL PC 14 -95.99 -34.72 -17.45
C VAL PC 14 -96.04 -33.68 -16.33
N ALA PC 15 -95.17 -32.68 -16.40
CA ALA PC 15 -95.16 -31.66 -15.36
C ALA PC 15 -96.49 -30.93 -15.27
N CYS PC 16 -97.24 -30.89 -16.38
CA CYS PC 16 -98.51 -30.18 -16.37
C CYS PC 16 -99.63 -31.01 -15.78
N ILE PC 17 -99.63 -32.33 -16.01
CA ILE PC 17 -100.67 -33.16 -15.43
C ILE PC 17 -100.49 -33.25 -13.92
N GLU PC 18 -99.25 -33.28 -13.45
CA GLU PC 18 -99.01 -33.20 -12.02
C GLU PC 18 -99.53 -31.87 -11.46
N ALA PC 19 -99.23 -30.76 -12.14
CA ALA PC 19 -99.69 -29.46 -11.68
C ALA PC 19 -101.21 -29.39 -11.68
N ALA PC 20 -101.85 -29.90 -12.72
CA ALA PC 20 -103.31 -29.82 -12.79
C ALA PC 20 -103.98 -30.73 -11.76
N ASP PC 21 -103.32 -31.80 -11.37
CA ASP PC 21 -103.90 -32.66 -10.33
C ASP PC 21 -103.81 -31.99 -8.97
N ALA PC 22 -102.66 -31.40 -8.64
CA ALA PC 22 -102.51 -30.71 -7.37
C ALA PC 22 -103.50 -29.55 -7.26
N MET PC 23 -103.70 -28.80 -8.34
CA MET PC 23 -104.65 -27.70 -8.31
C MET PC 23 -106.06 -28.20 -7.98
N CYS PC 24 -106.48 -29.29 -8.60
CA CYS PC 24 -107.86 -29.75 -8.39
C CYS PC 24 -108.06 -30.28 -6.98
N LYS PC 25 -107.01 -30.79 -6.34
CA LYS PC 25 -107.15 -31.35 -5.01
C LYS PC 25 -107.07 -30.28 -3.93
N ALA PC 26 -106.32 -29.22 -4.17
CA ALA PC 26 -105.97 -28.25 -3.13
C ALA PC 26 -107.05 -27.22 -2.86
N ALA PC 27 -108.06 -27.09 -3.71
CA ALA PC 27 -109.10 -26.09 -3.48
C ALA PC 27 -110.28 -26.41 -4.38
N ASN PC 28 -111.38 -25.71 -4.14
CA ASN PC 28 -112.61 -25.92 -4.91
C ASN PC 28 -112.54 -25.13 -6.20
N VAL PC 29 -111.82 -25.67 -7.17
CA VAL PC 29 -111.70 -25.09 -8.50
C VAL PC 29 -112.01 -26.17 -9.53
N GLU PC 30 -112.42 -25.72 -10.71
CA GLU PC 30 -112.80 -26.61 -11.80
C GLU PC 30 -111.80 -26.47 -12.95
N LEU PC 31 -111.44 -27.59 -13.56
CA LEU PC 31 -110.43 -27.60 -14.62
C LEU PC 31 -111.09 -27.29 -15.95
N ILE PC 32 -110.62 -26.24 -16.62
CA ILE PC 32 -111.19 -25.85 -17.90
C ILE PC 32 -110.65 -26.72 -19.02
N GLY PC 33 -109.34 -26.79 -19.17
CA GLY PC 33 -108.75 -27.66 -20.17
C GLY PC 33 -107.27 -27.37 -20.33
N TYR PC 34 -106.66 -28.15 -21.21
CA TYR PC 34 -105.26 -27.97 -21.58
C TYR PC 34 -105.18 -27.28 -22.93
N GLU PC 35 -104.02 -26.67 -23.19
CA GLU PC 35 -103.80 -26.02 -24.47
C GLU PC 35 -102.29 -25.89 -24.67
N ASN PC 36 -101.73 -26.68 -25.56
CA ASN PC 36 -100.30 -26.60 -25.85
C ASN PC 36 -100.08 -25.83 -27.14
N VAL PC 37 -99.14 -24.90 -27.11
CA VAL PC 37 -98.87 -24.01 -28.23
C VAL PC 37 -97.42 -24.26 -28.66
N GLY PC 38 -97.25 -25.21 -29.58
CA GLY PC 38 -95.93 -25.38 -30.14
C GLY PC 38 -94.92 -25.94 -29.16
N SER PC 39 -93.76 -25.30 -29.11
CA SER PC 39 -92.56 -25.97 -28.60
C SER PC 39 -92.65 -26.29 -27.13
N GLY PC 40 -92.97 -27.56 -26.83
CA GLY PC 40 -93.00 -28.10 -25.50
C GLY PC 40 -93.59 -27.23 -24.41
N LEU PC 41 -94.69 -26.55 -24.70
CA LEU PC 41 -95.32 -25.65 -23.73
C LEU PC 41 -96.78 -26.04 -23.61
N VAL PC 42 -97.16 -26.56 -22.45
CA VAL PC 42 -98.53 -26.91 -22.16
C VAL PC 42 -99.03 -26.01 -21.04
N THR PC 43 -100.31 -25.67 -21.09
CA THR PC 43 -100.92 -24.75 -20.14
C THR PC 43 -102.24 -25.32 -19.66
N ALA PC 44 -102.44 -25.29 -18.34
CA ALA PC 44 -103.69 -25.71 -17.73
C ALA PC 44 -104.41 -24.50 -17.16
N MET PC 45 -105.74 -24.48 -17.28
CA MET PC 45 -106.55 -23.36 -16.86
C MET PC 45 -107.62 -23.84 -15.88
N VAL PC 46 -107.73 -23.15 -14.74
CA VAL PC 46 -108.73 -23.46 -13.73
C VAL PC 46 -109.55 -22.20 -13.46
N LYS PC 47 -110.76 -22.40 -12.96
CA LYS PC 47 -111.64 -21.28 -12.64
C LYS PC 47 -112.35 -21.54 -11.33
N GLY PC 48 -112.66 -20.46 -10.62
CA GLY PC 48 -113.32 -20.55 -9.33
C GLY PC 48 -113.26 -19.20 -8.64
N ASP PC 49 -113.61 -19.20 -7.36
CA ASP PC 49 -113.56 -17.95 -6.61
C ASP PC 49 -112.12 -17.48 -6.45
N VAL PC 50 -111.97 -16.21 -6.10
CA VAL PC 50 -110.66 -15.58 -6.12
C VAL PC 50 -109.76 -16.14 -5.03
N GLY PC 51 -110.32 -16.40 -3.85
CA GLY PC 51 -109.52 -16.98 -2.79
C GLY PC 51 -109.18 -18.44 -3.04
N ALA PC 52 -110.11 -19.17 -3.64
CA ALA PC 52 -109.83 -20.56 -4.00
C ALA PC 52 -108.80 -20.64 -5.10
N VAL PC 53 -109.01 -19.89 -6.20
CA VAL PC 53 -108.11 -19.97 -7.34
C VAL PC 53 -106.71 -19.54 -6.94
N ASN PC 54 -106.60 -18.55 -6.07
CA ASN PC 54 -105.29 -18.13 -5.60
C ASN PC 54 -104.61 -19.24 -4.80
N ALA PC 55 -105.40 -20.03 -4.08
CA ALA PC 55 -104.85 -21.11 -3.28
C ALA PC 55 -104.53 -22.33 -4.12
N ALA PC 56 -105.20 -22.48 -5.27
CA ALA PC 56 -104.89 -23.61 -6.13
C ALA PC 56 -103.61 -23.39 -6.92
N VAL PC 57 -103.36 -22.16 -7.33
CA VAL PC 57 -102.24 -21.91 -8.24
C VAL PC 57 -100.90 -22.04 -7.50
N ASP PC 58 -100.84 -21.59 -6.25
CA ASP PC 58 -99.55 -21.67 -5.55
C ASP PC 58 -99.24 -23.09 -5.12
N SER PC 59 -100.26 -23.94 -4.96
CA SER PC 59 -99.99 -25.35 -4.70
C SER PC 59 -99.60 -26.08 -5.99
N GLY PC 60 -100.29 -25.76 -7.09
CA GLY PC 60 -99.97 -26.40 -8.36
C GLY PC 60 -98.59 -26.04 -8.88
N VAL PC 61 -98.15 -24.81 -8.64
CA VAL PC 61 -96.79 -24.43 -9.02
C VAL PC 61 -95.79 -25.17 -8.17
N GLU PC 62 -96.12 -25.39 -6.91
CA GLU PC 62 -95.22 -26.07 -5.98
C GLU PC 62 -94.97 -27.51 -6.41
N ALA PC 63 -96.00 -28.17 -6.93
CA ALA PC 63 -95.88 -29.57 -7.32
C ALA PC 63 -95.14 -29.73 -8.63
N ALA PC 64 -95.51 -28.95 -9.65
CA ALA PC 64 -94.87 -29.09 -10.95
C ALA PC 64 -93.42 -28.63 -10.92
N LYS PC 65 -93.10 -27.67 -10.06
CA LYS PC 65 -91.72 -27.24 -9.89
C LYS PC 65 -90.85 -28.35 -9.35
N ARG PC 66 -91.45 -29.38 -8.77
CA ARG PC 66 -90.70 -30.47 -8.16
C ARG PC 66 -90.06 -31.37 -9.20
N ILE PC 67 -90.78 -31.65 -10.29
CA ILE PC 67 -90.34 -32.62 -11.28
C ILE PC 67 -90.09 -32.00 -12.64
N GLY PC 68 -90.45 -30.74 -12.86
CA GLY PC 68 -90.24 -30.13 -14.15
C GLY PC 68 -89.97 -28.64 -14.06
N LYS PC 69 -90.19 -27.93 -15.15
CA LYS PC 69 -89.99 -26.50 -15.20
C LYS PC 69 -91.34 -25.81 -15.28
N VAL PC 70 -91.62 -24.95 -14.32
CA VAL PC 70 -92.77 -24.07 -14.36
C VAL PC 70 -92.32 -22.76 -14.99
N VAL PC 71 -92.90 -22.42 -16.13
CA VAL PC 71 -92.48 -21.23 -16.87
C VAL PC 71 -93.17 -19.98 -16.36
N SER PC 72 -94.49 -20.03 -16.18
CA SER PC 72 -95.22 -18.86 -15.73
C SER PC 72 -96.48 -19.30 -14.99
N SER PC 73 -96.95 -18.43 -14.11
CA SER PC 73 -98.23 -18.61 -13.44
C SER PC 73 -98.87 -17.24 -13.27
N ARG PC 74 -100.19 -17.22 -13.19
CA ARG PC 74 -100.90 -15.95 -13.15
C ARG PC 74 -102.35 -16.18 -12.78
N VAL PC 75 -102.88 -15.28 -11.96
CA VAL PC 75 -104.29 -15.28 -11.57
C VAL PC 75 -104.92 -13.99 -12.09
N ILE PC 76 -106.09 -14.10 -12.69
CA ILE PC 76 -106.84 -12.96 -13.18
C ILE PC 76 -108.11 -12.87 -12.35
N ALA PC 77 -108.23 -11.79 -11.57
CA ALA PC 77 -109.30 -11.74 -10.57
C ALA PC 77 -110.66 -11.54 -11.21
N ARG PC 78 -110.73 -10.79 -12.30
CA ARG PC 78 -111.98 -10.63 -13.04
C ARG PC 78 -111.64 -10.62 -14.53
N PRO PC 79 -111.75 -11.76 -15.20
CA PRO PC 79 -111.47 -11.80 -16.63
C PRO PC 79 -112.56 -11.07 -17.40
N HIS PC 80 -112.14 -10.32 -18.41
CA HIS PC 80 -113.08 -9.57 -19.22
C HIS PC 80 -114.01 -10.49 -19.98
N ASN PC 81 -115.25 -10.05 -20.16
CA ASN PC 81 -116.27 -10.92 -20.75
C ASN PC 81 -115.85 -11.41 -22.13
N ASP PC 82 -115.16 -10.56 -22.90
CA ASP PC 82 -114.71 -10.95 -24.22
C ASP PC 82 -113.81 -12.17 -24.18
N ILE PC 83 -112.97 -12.25 -23.16
CA ILE PC 83 -112.01 -13.35 -23.03
C ILE PC 83 -112.69 -14.58 -22.47
N GLU QC 3 -108.84 -45.90 -11.44
CA GLU QC 3 -107.60 -46.67 -11.45
C GLU QC 3 -106.41 -45.74 -11.58
N ALA QC 4 -105.23 -46.21 -11.16
CA ALA QC 4 -104.05 -45.37 -11.14
C ALA QC 4 -103.66 -45.00 -12.57
N LEU QC 5 -102.59 -44.21 -12.68
CA LEU QC 5 -102.20 -43.66 -13.97
C LEU QC 5 -100.72 -43.37 -13.96
N GLY QC 6 -100.00 -43.89 -14.94
CA GLY QC 6 -98.56 -43.71 -15.02
C GLY QC 6 -98.15 -43.07 -16.32
N LEU QC 7 -97.10 -42.26 -16.24
CA LEU QC 7 -96.62 -41.50 -17.39
C LEU QC 7 -95.11 -41.61 -17.51
N ILE QC 8 -94.65 -41.81 -18.74
CA ILE QC 8 -93.23 -41.70 -19.07
C ILE QC 8 -93.11 -40.72 -20.21
N GLU QC 9 -92.13 -39.81 -20.12
CA GLU QC 9 -91.90 -38.81 -21.15
C GLU QC 9 -90.48 -38.96 -21.67
N THR QC 10 -90.35 -39.12 -22.98
CA THR QC 10 -89.08 -39.41 -23.60
C THR QC 10 -88.85 -38.47 -24.77
N LYS QC 11 -87.58 -38.31 -25.12
CA LYS QC 11 -87.17 -37.50 -26.25
C LYS QC 11 -87.03 -38.39 -27.48
N GLY QC 12 -87.96 -38.26 -28.41
CA GLY QC 12 -87.96 -39.11 -29.58
C GLY QC 12 -88.98 -40.23 -29.44
N LEU QC 13 -89.48 -40.69 -30.59
CA LEU QC 13 -90.53 -41.71 -30.58
C LEU QC 13 -90.01 -43.11 -30.34
N VAL QC 14 -88.80 -43.41 -30.81
CA VAL QC 14 -88.29 -44.77 -30.68
C VAL QC 14 -88.12 -45.14 -29.21
N ALA QC 15 -87.53 -44.24 -28.42
CA ALA QC 15 -87.38 -44.51 -26.99
C ALA QC 15 -88.72 -44.67 -26.30
N CYS QC 16 -89.80 -44.15 -26.88
CA CYS QC 16 -91.11 -44.26 -26.26
C CYS QC 16 -91.78 -45.60 -26.57
N ILE QC 17 -91.47 -46.19 -27.71
CA ILE QC 17 -92.03 -47.51 -28.01
C ILE QC 17 -91.29 -48.60 -27.25
N GLU QC 18 -90.00 -48.43 -27.01
CA GLU QC 18 -89.31 -49.34 -26.11
C GLU QC 18 -89.85 -49.23 -24.69
N ALA QC 19 -90.08 -48.00 -24.22
CA ALA QC 19 -90.66 -47.82 -22.89
C ALA QC 19 -92.05 -48.43 -22.80
N ALA QC 20 -92.88 -48.23 -23.82
CA ALA QC 20 -94.24 -48.77 -23.76
C ALA QC 20 -94.24 -50.28 -23.90
N ASP QC 21 -93.24 -50.86 -24.55
CA ASP QC 21 -93.19 -52.31 -24.66
C ASP QC 21 -92.79 -52.95 -23.35
N ALA QC 22 -91.83 -52.34 -22.64
CA ALA QC 22 -91.44 -52.85 -21.33
C ALA QC 22 -92.58 -52.69 -20.33
N MET QC 23 -93.31 -51.58 -20.42
CA MET QC 23 -94.44 -51.37 -19.51
C MET QC 23 -95.50 -52.43 -19.69
N CYS QC 24 -95.86 -52.74 -20.94
CA CYS QC 24 -96.98 -53.63 -21.20
C CYS QC 24 -96.64 -55.08 -20.89
N LYS QC 25 -95.36 -55.44 -20.84
CA LYS QC 25 -94.97 -56.80 -20.50
C LYS QC 25 -94.76 -57.01 -19.01
N ALA QC 26 -94.54 -55.93 -18.27
CA ALA QC 26 -94.14 -56.04 -16.87
C ALA QC 26 -95.32 -56.29 -15.95
N ALA QC 27 -96.53 -55.92 -16.34
CA ALA QC 27 -97.69 -56.11 -15.48
C ALA QC 27 -98.95 -56.05 -16.33
N ASN QC 28 -100.09 -56.15 -15.67
CA ASN QC 28 -101.38 -56.20 -16.35
C ASN QC 28 -101.99 -54.80 -16.37
N VAL QC 29 -101.45 -53.97 -17.26
CA VAL QC 29 -101.92 -52.61 -17.46
C VAL QC 29 -102.37 -52.47 -18.90
N GLU QC 30 -103.36 -51.61 -19.14
CA GLU QC 30 -103.80 -51.30 -20.48
C GLU QC 30 -103.20 -49.98 -20.92
N LEU QC 31 -102.69 -49.94 -22.14
CA LEU QC 31 -102.00 -48.79 -22.67
C LEU QC 31 -102.99 -47.86 -23.34
N ILE QC 32 -102.99 -46.59 -22.93
CA ILE QC 32 -103.97 -45.62 -23.40
C ILE QC 32 -103.58 -45.04 -24.76
N GLY QC 33 -102.38 -44.50 -24.88
CA GLY QC 33 -101.94 -43.97 -26.15
C GLY QC 33 -100.88 -42.91 -25.96
N TYR QC 34 -100.27 -42.54 -27.07
CA TYR QC 34 -99.21 -41.55 -27.08
C TYR QC 34 -99.77 -40.15 -27.21
N GLU QC 35 -98.91 -39.16 -26.94
CA GLU QC 35 -99.29 -37.76 -27.08
C GLU QC 35 -98.00 -36.95 -27.14
N ASN QC 36 -97.70 -36.39 -28.30
CA ASN QC 36 -96.50 -35.58 -28.47
C ASN QC 36 -96.88 -34.11 -28.51
N VAL QC 37 -96.11 -33.29 -27.79
CA VAL QC 37 -96.41 -31.89 -27.58
C VAL QC 37 -95.43 -30.99 -28.30
N GLY QC 38 -94.60 -31.53 -29.16
CA GLY QC 38 -93.61 -30.76 -29.86
C GLY QC 38 -92.28 -30.71 -29.13
N SER QC 39 -91.26 -30.28 -29.87
CA SER QC 39 -89.87 -30.23 -29.40
C SER QC 39 -89.28 -31.62 -29.20
N GLY QC 40 -89.89 -32.64 -29.76
CA GLY QC 40 -89.39 -33.99 -29.65
C GLY QC 40 -89.83 -34.76 -28.44
N LEU QC 41 -90.75 -34.22 -27.64
CA LEU QC 41 -91.19 -34.86 -26.42
C LEU QC 41 -92.41 -35.72 -26.72
N VAL QC 42 -92.31 -37.01 -26.42
CA VAL QC 42 -93.42 -37.96 -26.59
C VAL QC 42 -93.70 -38.60 -25.25
N THR QC 43 -94.98 -38.84 -24.97
CA THR QC 43 -95.42 -39.34 -23.68
C THR QC 43 -96.33 -40.54 -23.87
N ALA QC 44 -96.09 -41.60 -23.10
CA ALA QC 44 -96.92 -42.79 -23.08
C ALA QC 44 -97.67 -42.85 -21.77
N MET QC 45 -98.92 -43.30 -21.82
CA MET QC 45 -99.80 -43.28 -20.65
C MET QC 45 -100.44 -44.65 -20.49
N VAL QC 46 -100.31 -45.23 -19.31
CA VAL QC 46 -100.94 -46.51 -18.98
C VAL QC 46 -101.87 -46.30 -17.80
N LYS QC 47 -102.74 -47.28 -17.57
CA LYS QC 47 -103.66 -47.19 -16.45
C LYS QC 47 -104.00 -48.59 -15.97
N GLY QC 48 -104.12 -48.74 -14.66
CA GLY QC 48 -104.43 -50.01 -14.04
C GLY QC 48 -104.36 -49.88 -12.54
N ASP QC 49 -104.35 -51.01 -11.86
CA ASP QC 49 -104.21 -50.99 -10.41
C ASP QC 49 -102.85 -50.40 -10.03
N VAL QC 50 -102.78 -49.86 -8.82
CA VAL QC 50 -101.62 -49.06 -8.43
C VAL QC 50 -100.39 -49.92 -8.14
N GLY QC 51 -100.57 -51.20 -7.82
CA GLY QC 51 -99.42 -52.08 -7.69
C GLY QC 51 -98.85 -52.46 -9.04
N ALA QC 52 -99.71 -52.62 -10.04
CA ALA QC 52 -99.26 -52.93 -11.39
C ALA QC 52 -98.65 -51.72 -12.05
N VAL QC 53 -99.31 -50.57 -11.96
CA VAL QC 53 -98.82 -49.36 -12.61
C VAL QC 53 -97.48 -48.95 -12.02
N ASN QC 54 -97.29 -49.13 -10.73
CA ASN QC 54 -96.02 -48.81 -10.10
C ASN QC 54 -94.91 -49.70 -10.65
N ALA QC 55 -95.23 -50.98 -10.88
CA ALA QC 55 -94.22 -51.91 -11.38
C ALA QC 55 -93.91 -51.66 -12.84
N ALA QC 56 -94.92 -51.27 -13.63
CA ALA QC 56 -94.72 -51.04 -15.06
C ALA QC 56 -93.86 -49.81 -15.29
N VAL QC 57 -94.15 -48.72 -14.60
CA VAL QC 57 -93.42 -47.48 -14.84
C VAL QC 57 -91.96 -47.63 -14.47
N ASP QC 58 -91.67 -48.33 -13.37
CA ASP QC 58 -90.28 -48.55 -12.99
C ASP QC 58 -89.54 -49.36 -14.03
N SER QC 59 -90.23 -50.33 -14.64
CA SER QC 59 -89.59 -51.15 -15.65
C SER QC 59 -89.41 -50.38 -16.95
N GLY QC 60 -90.43 -49.63 -17.36
CA GLY QC 60 -90.35 -48.87 -18.59
C GLY QC 60 -89.29 -47.79 -18.55
N VAL QC 61 -89.06 -47.20 -17.38
CA VAL QC 61 -88.05 -46.15 -17.28
C VAL QC 61 -86.66 -46.73 -17.49
N GLU QC 62 -86.40 -47.90 -16.94
CA GLU QC 62 -85.06 -48.48 -17.05
C GLU QC 62 -84.77 -48.95 -18.46
N ALA QC 63 -85.78 -49.43 -19.18
CA ALA QC 63 -85.56 -49.89 -20.55
C ALA QC 63 -85.35 -48.74 -21.51
N ALA QC 64 -86.19 -47.69 -21.42
CA ALA QC 64 -86.01 -46.53 -22.27
C ALA QC 64 -84.74 -45.77 -21.94
N LYS QC 65 -84.36 -45.75 -20.66
CA LYS QC 65 -83.10 -45.12 -20.27
C LYS QC 65 -81.91 -45.74 -20.96
N ARG QC 66 -82.03 -47.00 -21.34
CA ARG QC 66 -80.90 -47.73 -21.91
C ARG QC 66 -80.57 -47.26 -23.32
N ILE QC 67 -81.57 -46.83 -24.09
CA ILE QC 67 -81.41 -46.55 -25.52
C ILE QC 67 -81.80 -45.13 -25.88
N GLY QC 68 -82.18 -44.31 -24.92
CA GLY QC 68 -82.56 -42.94 -25.20
C GLY QC 68 -82.52 -42.11 -23.96
N LYS QC 69 -83.19 -40.96 -24.03
CA LYS QC 69 -83.27 -40.05 -22.89
C LYS QC 69 -84.68 -40.10 -22.34
N VAL QC 70 -84.79 -40.42 -21.05
CA VAL QC 70 -86.05 -40.32 -20.33
C VAL QC 70 -86.07 -38.96 -19.64
N VAL QC 71 -87.07 -38.15 -19.95
CA VAL QC 71 -87.15 -36.81 -19.40
C VAL QC 71 -87.82 -36.82 -18.03
N SER QC 72 -88.90 -37.58 -17.88
CA SER QC 72 -89.68 -37.52 -16.66
C SER QC 72 -90.57 -38.75 -16.57
N SER QC 73 -90.92 -39.12 -15.35
CA SER QC 73 -91.85 -40.21 -15.09
C SER QC 73 -92.65 -39.88 -13.86
N ARG QC 74 -93.82 -40.52 -13.73
CA ARG QC 74 -94.73 -40.15 -12.67
C ARG QC 74 -95.83 -41.18 -12.56
N VAL QC 75 -96.21 -41.51 -11.32
CA VAL QC 75 -97.38 -42.32 -11.04
C VAL QC 75 -98.37 -41.48 -10.25
N ILE QC 76 -99.63 -41.51 -10.64
CA ILE QC 76 -100.70 -40.82 -9.94
C ILE QC 76 -101.64 -41.88 -9.40
N ALA QC 77 -101.65 -42.05 -8.08
CA ALA QC 77 -102.35 -43.19 -7.48
C ALA QC 77 -103.85 -42.99 -7.53
N ARG QC 78 -104.36 -41.87 -7.05
CA ARG QC 78 -105.78 -41.55 -7.14
C ARG QC 78 -105.96 -40.31 -7.99
N PRO QC 79 -106.17 -40.45 -9.29
CA PRO QC 79 -106.35 -39.27 -10.14
C PRO QC 79 -107.74 -38.69 -9.96
N HIS QC 80 -107.81 -37.36 -10.04
CA HIS QC 80 -109.08 -36.67 -9.88
C HIS QC 80 -110.00 -36.95 -11.06
N ASN QC 81 -111.30 -36.88 -10.81
CA ASN QC 81 -112.27 -37.21 -11.85
C ASN QC 81 -112.31 -36.15 -12.94
N ASP QC 82 -111.91 -34.92 -12.63
CA ASP QC 82 -111.79 -33.89 -13.66
C ASP QC 82 -110.64 -34.22 -14.60
N ILE QC 83 -109.65 -34.96 -14.14
CA ILE QC 83 -108.52 -35.33 -14.97
C ILE QC 83 -108.86 -36.58 -15.77
N GLU RC 3 -104.25 -55.55 6.25
CA GLU RC 3 -103.69 -54.69 5.23
C GLU RC 3 -102.45 -53.99 5.73
N ALA RC 4 -101.75 -53.29 4.83
CA ALA RC 4 -100.47 -52.70 5.17
C ALA RC 4 -100.64 -51.57 6.17
N LEU RC 5 -99.52 -51.03 6.62
CA LEU RC 5 -99.51 -50.03 7.67
C LEU RC 5 -98.40 -49.02 7.41
N GLY RC 6 -98.75 -47.75 7.36
CA GLY RC 6 -97.76 -46.71 7.11
C GLY RC 6 -97.68 -45.69 8.23
N LEU RC 7 -96.46 -45.32 8.62
CA LEU RC 7 -96.23 -44.47 9.76
C LEU RC 7 -95.32 -43.31 9.38
N ILE RC 8 -95.67 -42.11 9.84
CA ILE RC 8 -94.81 -40.95 9.73
C ILE RC 8 -94.72 -40.31 11.11
N GLU RC 9 -93.53 -39.85 11.48
CA GLU RC 9 -93.30 -39.26 12.78
C GLU RC 9 -92.62 -37.92 12.61
N THR RC 10 -93.17 -36.90 13.27
CA THR RC 10 -92.71 -35.53 13.10
C THR RC 10 -92.56 -34.86 14.46
N LYS RC 11 -91.87 -33.73 14.47
CA LYS RC 11 -91.81 -32.86 15.64
C LYS RC 11 -92.91 -31.82 15.53
N GLY RC 12 -93.84 -31.84 16.46
CA GLY RC 12 -94.89 -30.82 16.40
C GLY RC 12 -96.11 -31.31 15.66
N LEU RC 13 -97.24 -30.72 16.01
CA LEU RC 13 -98.52 -31.18 15.47
C LEU RC 13 -98.80 -30.61 14.08
N VAL RC 14 -98.26 -29.44 13.76
CA VAL RC 14 -98.60 -28.83 12.48
C VAL RC 14 -98.01 -29.64 11.33
N ALA RC 15 -96.75 -30.06 11.45
CA ALA RC 15 -96.16 -30.88 10.40
C ALA RC 15 -96.84 -32.22 10.26
N CYS RC 16 -97.56 -32.68 11.29
CA CYS RC 16 -98.24 -33.96 11.20
C CYS RC 16 -99.64 -33.82 10.60
N ILE RC 17 -100.25 -32.65 10.71
CA ILE RC 17 -101.53 -32.45 10.02
C ILE RC 17 -101.29 -32.23 8.54
N GLU RC 18 -100.15 -31.66 8.17
CA GLU RC 18 -99.85 -31.54 6.76
C GLU RC 18 -99.47 -32.89 6.16
N ALA RC 19 -98.75 -33.72 6.90
CA ALA RC 19 -98.46 -35.07 6.43
C ALA RC 19 -99.73 -35.89 6.31
N ALA RC 20 -100.61 -35.79 7.30
CA ALA RC 20 -101.84 -36.60 7.26
C ALA RC 20 -102.76 -36.14 6.14
N ASP RC 21 -102.76 -34.85 5.83
CA ASP RC 21 -103.61 -34.35 4.76
C ASP RC 21 -103.09 -34.79 3.40
N ALA RC 22 -101.78 -34.72 3.19
CA ALA RC 22 -101.21 -35.13 1.91
C ALA RC 22 -101.39 -36.63 1.70
N MET RC 23 -101.27 -37.42 2.76
CA MET RC 23 -101.41 -38.86 2.62
C MET RC 23 -102.82 -39.23 2.17
N CYS RC 24 -103.84 -38.67 2.81
CA CYS RC 24 -105.21 -39.04 2.49
C CYS RC 24 -105.62 -38.55 1.11
N LYS RC 25 -104.94 -37.55 0.55
CA LYS RC 25 -105.29 -37.05 -0.77
C LYS RC 25 -104.67 -37.90 -1.87
N ALA RC 26 -103.47 -38.42 -1.63
CA ALA RC 26 -102.62 -38.96 -2.68
C ALA RC 26 -102.78 -40.46 -2.87
N ALA RC 27 -103.73 -41.10 -2.21
CA ALA RC 27 -103.95 -42.53 -2.37
C ALA RC 27 -105.23 -42.92 -1.64
N ASN RC 28 -105.70 -44.13 -1.90
CA ASN RC 28 -106.91 -44.63 -1.26
C ASN RC 28 -106.51 -45.37 0.03
N VAL RC 29 -106.31 -44.58 1.08
CA VAL RC 29 -105.93 -45.10 2.39
C VAL RC 29 -106.94 -44.61 3.41
N GLU RC 30 -106.88 -45.21 4.59
CA GLU RC 30 -107.74 -44.84 5.71
C GLU RC 30 -106.87 -44.33 6.85
N LEU RC 31 -107.20 -43.16 7.37
CA LEU RC 31 -106.45 -42.60 8.49
C LEU RC 31 -106.95 -43.20 9.79
N ILE RC 32 -106.04 -43.78 10.57
CA ILE RC 32 -106.40 -44.39 11.83
C ILE RC 32 -106.40 -43.39 12.97
N GLY RC 33 -105.36 -42.60 13.08
CA GLY RC 33 -105.35 -41.54 14.07
C GLY RC 33 -103.94 -41.09 14.38
N TYR RC 34 -103.85 -40.14 15.28
CA TYR RC 34 -102.58 -39.63 15.79
C TYR RC 34 -102.29 -40.26 17.14
N GLU RC 35 -101.01 -40.25 17.51
CA GLU RC 35 -100.60 -40.80 18.80
C GLU RC 35 -99.28 -40.16 19.17
N ASN RC 36 -99.32 -39.21 20.09
CA ASN RC 36 -98.12 -38.51 20.53
C ASN RC 36 -97.58 -39.13 21.82
N VAL RC 37 -96.27 -38.99 22.01
CA VAL RC 37 -95.59 -39.64 23.13
C VAL RC 37 -94.77 -38.62 23.90
N GLY RC 38 -95.17 -37.35 23.85
CA GLY RC 38 -94.41 -36.32 24.53
C GLY RC 38 -93.12 -35.99 23.81
N SER RC 39 -92.43 -34.94 24.27
CA SER RC 39 -91.27 -34.36 23.61
C SER RC 39 -91.60 -33.78 22.24
N GLY RC 40 -92.88 -33.61 21.93
CA GLY RC 40 -93.27 -33.04 20.67
C GLY RC 40 -93.32 -34.01 19.52
N LEU RC 41 -93.05 -35.29 19.75
CA LEU RC 41 -93.13 -36.28 18.70
C LEU RC 41 -94.59 -36.69 18.51
N VAL RC 42 -95.11 -36.52 17.31
CA VAL RC 42 -96.46 -36.95 16.96
C VAL RC 42 -96.35 -37.88 15.77
N THR RC 43 -97.23 -38.89 15.72
CA THR RC 43 -97.17 -39.94 14.73
C THR RC 43 -98.53 -40.12 14.08
N ALA RC 44 -98.54 -40.24 12.76
CA ALA RC 44 -99.75 -40.51 11.99
C ALA RC 44 -99.72 -41.94 11.47
N MET RC 45 -100.88 -42.58 11.44
CA MET RC 45 -100.98 -43.97 11.04
C MET RC 45 -102.05 -44.12 9.97
N VAL RC 46 -101.67 -44.58 8.79
CA VAL RC 46 -102.60 -44.85 7.71
C VAL RC 46 -102.65 -46.35 7.47
N LYS RC 47 -103.70 -46.79 6.80
CA LYS RC 47 -103.93 -48.21 6.62
C LYS RC 47 -104.63 -48.45 5.29
N GLY RC 48 -104.08 -49.35 4.49
CA GLY RC 48 -104.68 -49.68 3.21
C GLY RC 48 -103.88 -50.76 2.51
N ASP RC 49 -104.17 -50.95 1.23
CA ASP RC 49 -103.40 -51.92 0.45
C ASP RC 49 -101.95 -51.48 0.36
N VAL RC 50 -101.08 -52.43 0.01
CA VAL RC 50 -99.64 -52.19 0.10
C VAL RC 50 -99.21 -51.15 -0.91
N GLY RC 51 -99.73 -51.23 -2.14
CA GLY RC 51 -99.35 -50.27 -3.15
C GLY RC 51 -99.81 -48.87 -2.83
N ALA RC 52 -101.04 -48.75 -2.33
CA ALA RC 52 -101.56 -47.44 -1.93
C ALA RC 52 -100.77 -46.88 -0.76
N VAL RC 53 -100.64 -47.67 0.32
CA VAL RC 53 -99.96 -47.20 1.52
C VAL RC 53 -98.53 -46.79 1.20
N ASN RC 54 -97.86 -47.54 0.33
CA ASN RC 54 -96.54 -47.15 -0.09
C ASN RC 54 -96.55 -45.74 -0.67
N ALA RC 55 -97.39 -45.53 -1.69
CA ALA RC 55 -97.46 -44.23 -2.36
C ALA RC 55 -97.83 -43.12 -1.40
N ALA RC 56 -98.75 -43.39 -0.47
CA ALA RC 56 -99.17 -42.34 0.46
C ALA RC 56 -98.01 -41.87 1.31
N VAL RC 57 -97.24 -42.79 1.88
CA VAL RC 57 -96.16 -42.40 2.78
C VAL RC 57 -95.11 -41.57 2.06
N ASP RC 58 -94.87 -41.86 0.78
CA ASP RC 58 -93.90 -41.07 0.04
C ASP RC 58 -94.35 -39.63 -0.13
N SER RC 59 -95.63 -39.43 -0.46
CA SER RC 59 -96.13 -38.07 -0.62
C SER RC 59 -96.26 -37.37 0.72
N GLY RC 60 -96.68 -38.09 1.75
CA GLY RC 60 -96.85 -37.46 3.05
C GLY RC 60 -95.54 -36.98 3.65
N VAL RC 61 -94.46 -37.73 3.45
CA VAL RC 61 -93.17 -37.29 3.96
C VAL RC 61 -92.67 -36.10 3.17
N GLU RC 62 -93.03 -36.03 1.89
CA GLU RC 62 -92.55 -34.95 1.04
C GLU RC 62 -93.23 -33.63 1.39
N ALA RC 63 -94.51 -33.67 1.74
CA ALA RC 63 -95.21 -32.46 2.16
C ALA RC 63 -94.80 -32.03 3.56
N ALA RC 64 -94.66 -32.98 4.48
CA ALA RC 64 -94.36 -32.63 5.86
C ALA RC 64 -92.94 -32.10 6.00
N LYS RC 65 -91.99 -32.73 5.33
CA LYS RC 65 -90.60 -32.28 5.37
C LYS RC 65 -90.46 -30.85 4.89
N ARG RC 66 -91.46 -30.34 4.19
CA ARG RC 66 -91.37 -29.05 3.54
C ARG RC 66 -91.53 -27.91 4.54
N ILE RC 67 -92.29 -28.14 5.62
CA ILE RC 67 -92.53 -27.10 6.61
C ILE RC 67 -91.99 -27.45 7.98
N GLY RC 68 -91.75 -28.72 8.29
CA GLY RC 68 -91.28 -29.10 9.60
C GLY RC 68 -90.25 -30.21 9.51
N LYS RC 69 -90.13 -31.02 10.55
CA LYS RC 69 -89.12 -32.07 10.59
C LYS RC 69 -89.80 -33.43 10.61
N VAL RC 70 -89.45 -34.27 9.65
CA VAL RC 70 -89.91 -35.65 9.59
C VAL RC 70 -88.85 -36.52 10.27
N VAL RC 71 -89.21 -37.13 11.39
CA VAL RC 71 -88.24 -37.89 12.15
C VAL RC 71 -88.03 -39.28 11.56
N SER RC 72 -89.10 -39.95 11.18
CA SER RC 72 -88.98 -41.29 10.62
C SER RC 72 -90.25 -41.64 9.85
N SER RC 73 -90.11 -42.54 8.90
CA SER RC 73 -91.23 -43.10 8.16
C SER RC 73 -90.97 -44.58 7.93
N ARG RC 74 -92.06 -45.32 7.72
CA ARG RC 74 -91.94 -46.77 7.66
C ARG RC 74 -93.23 -47.35 7.12
N VAL RC 75 -93.11 -48.39 6.30
CA VAL RC 75 -94.26 -49.16 5.82
C VAL RC 75 -94.08 -50.60 6.23
N ILE RC 76 -95.08 -51.15 6.92
CA ILE RC 76 -95.14 -52.57 7.24
C ILE RC 76 -96.13 -53.21 6.29
N ALA RC 77 -95.63 -54.08 5.41
CA ALA RC 77 -96.49 -54.63 4.36
C ALA RC 77 -97.54 -55.56 4.93
N ARG RC 78 -97.23 -56.26 6.00
CA ARG RC 78 -98.19 -57.16 6.64
C ARG RC 78 -97.86 -57.25 8.11
N PRO RC 79 -98.55 -56.48 8.94
CA PRO RC 79 -98.26 -56.51 10.37
C PRO RC 79 -98.81 -57.76 11.03
N HIS RC 80 -98.15 -58.16 12.10
CA HIS RC 80 -98.65 -59.25 12.93
C HIS RC 80 -99.97 -58.86 13.57
N ASN RC 81 -100.81 -59.85 13.85
CA ASN RC 81 -102.11 -59.56 14.43
C ASN RC 81 -101.97 -58.93 15.81
N ASP RC 82 -100.89 -59.24 16.52
CA ASP RC 82 -100.67 -58.61 17.82
C ASP RC 82 -100.43 -57.12 17.67
N ILE RC 83 -99.79 -56.70 16.59
CA ILE RC 83 -99.54 -55.28 16.36
C ILE RC 83 -100.84 -54.51 16.16
N GLU RC 84 -101.89 -55.17 15.69
CA GLU RC 84 -103.18 -54.49 15.55
C GLU RC 84 -103.99 -54.57 16.83
N LYS RC 85 -103.30 -54.32 17.94
CA LYS RC 85 -103.89 -54.06 19.24
C LYS RC 85 -103.16 -52.94 19.94
N ILE RC 86 -101.99 -52.54 19.46
CA ILE RC 86 -101.25 -51.40 19.97
C ILE RC 86 -101.61 -50.12 19.23
N ALA RC 87 -101.76 -50.21 17.91
CA ALA RC 87 -102.21 -49.06 17.12
C ALA RC 87 -103.67 -48.76 17.43
N GLY RC 88 -104.56 -49.70 17.11
CA GLY RC 88 -105.97 -49.52 17.38
C GLY RC 88 -106.37 -49.96 18.78
N MET SC 1 -1.07 -69.21 84.69
CA MET SC 1 -0.95 -70.61 84.36
C MET SC 1 -1.12 -71.46 85.59
N ILE SC 2 -1.35 -72.76 85.40
CA ILE SC 2 -1.40 -73.73 86.49
C ILE SC 2 -0.69 -74.99 86.04
N LEU SC 3 -0.06 -75.67 87.00
CA LEU SC 3 0.48 -76.99 86.72
C LEU SC 3 -0.63 -78.01 86.68
N ALA SC 4 -0.65 -78.83 85.64
CA ALA SC 4 -1.70 -79.82 85.48
C ALA SC 4 -1.12 -81.02 84.77
N LYS SC 5 -1.90 -82.10 84.75
CA LYS SC 5 -1.49 -83.34 84.14
C LYS SC 5 -2.57 -83.80 83.18
N VAL SC 6 -2.17 -84.19 81.97
CA VAL SC 6 -3.15 -84.68 81.00
C VAL SC 6 -3.63 -86.07 81.42
N THR SC 7 -4.94 -86.23 81.53
CA THR SC 7 -5.52 -87.47 82.03
C THR SC 7 -6.52 -88.10 81.08
N GLY SC 8 -6.69 -87.57 79.87
CA GLY SC 8 -7.63 -88.17 78.93
C GLY SC 8 -7.82 -87.27 77.73
N HIS SC 9 -8.91 -87.49 77.02
CA HIS SC 9 -9.27 -86.65 75.89
C HIS SC 9 -10.78 -86.73 75.68
N VAL SC 10 -11.28 -85.81 74.86
CA VAL SC 10 -12.70 -85.68 74.60
C VAL SC 10 -12.91 -85.70 73.10
N VAL SC 11 -13.86 -86.51 72.63
CA VAL SC 11 -14.20 -86.61 71.22
C VAL SC 11 -15.56 -85.95 71.02
N ALA SC 12 -15.57 -84.80 70.34
CA ALA SC 12 -16.79 -84.04 70.11
C ALA SC 12 -16.93 -83.82 68.60
N THR SC 13 -18.06 -84.25 68.05
CA THR SC 13 -18.31 -84.15 66.61
C THR SC 13 -19.09 -82.89 66.26
N GLN SC 14 -20.18 -82.62 66.97
CA GLN SC 14 -21.01 -81.44 66.73
C GLN SC 14 -20.46 -80.32 67.59
N LYS SC 15 -19.75 -79.38 66.97
CA LYS SC 15 -19.13 -78.30 67.71
C LYS SC 15 -18.98 -77.09 66.81
N CYS SC 16 -18.57 -75.98 67.42
CA CYS SC 16 -18.43 -74.73 66.69
C CYS SC 16 -17.28 -74.83 65.69
N ASP SC 17 -17.07 -73.74 64.96
CA ASP SC 17 -16.04 -73.68 63.94
C ASP SC 17 -14.71 -73.15 64.46
N GLU SC 18 -14.73 -72.39 65.55
CA GLU SC 18 -13.50 -71.93 66.17
C GLU SC 18 -12.69 -73.07 66.76
N LEU SC 19 -13.23 -74.28 66.80
CA LEU SC 19 -12.57 -75.42 67.40
C LEU SC 19 -12.25 -76.53 66.40
N ARG SC 20 -12.42 -76.28 65.11
CA ARG SC 20 -12.17 -77.32 64.12
C ARG SC 20 -10.69 -77.60 64.00
N GLY SC 21 -10.32 -78.88 64.03
CA GLY SC 21 -8.94 -79.26 63.84
C GLY SC 21 -8.04 -78.97 65.02
N SER SC 22 -8.44 -79.45 66.20
CA SER SC 22 -7.65 -79.24 67.41
C SER SC 22 -7.96 -80.35 68.38
N ASN SC 23 -7.03 -80.61 69.29
CA ASN SC 23 -7.20 -81.63 70.29
C ASN SC 23 -7.96 -81.06 71.47
N LEU SC 24 -8.63 -81.92 72.23
CA LEU SC 24 -9.34 -81.51 73.43
C LEU SC 24 -8.97 -82.47 74.55
N LEU SC 25 -8.10 -82.02 75.44
CA LEU SC 25 -7.55 -82.87 76.49
C LEU SC 25 -8.22 -82.58 77.81
N LEU SC 26 -8.35 -83.62 78.63
CA LEU SC 26 -8.76 -83.45 80.02
C LEU SC 26 -7.53 -83.11 80.84
N ILE SC 27 -7.63 -82.07 81.65
CA ILE SC 27 -6.50 -81.43 82.28
C ILE SC 27 -6.82 -81.37 83.77
N THR SC 28 -6.08 -82.13 84.58
CA THR SC 28 -6.36 -82.20 86.01
C THR SC 28 -5.31 -81.44 86.78
N ARG SC 29 -5.74 -80.50 87.61
CA ARG SC 29 -4.82 -79.73 88.42
C ARG SC 29 -4.22 -80.60 89.51
N LEU SC 30 -2.90 -80.52 89.67
CA LEU SC 30 -2.20 -81.37 90.63
C LEU SC 30 -1.63 -80.53 91.77
N ASP SC 31 -1.56 -81.14 92.95
CA ASP SC 31 -1.24 -80.44 94.19
C ASP SC 31 0.27 -80.33 94.41
N ASP SC 32 0.68 -79.91 95.61
CA ASP SC 32 2.08 -79.59 95.88
C ASP SC 32 2.95 -80.83 96.09
N LYS SC 33 2.40 -82.03 95.89
CA LYS SC 33 3.19 -83.25 95.84
C LYS SC 33 3.23 -83.83 94.44
N GLN SC 34 2.86 -83.03 93.44
CA GLN SC 34 2.73 -83.49 92.06
C GLN SC 34 1.80 -84.69 91.97
N GLN SC 35 0.58 -84.50 92.47
CA GLN SC 35 -0.43 -85.55 92.51
C GLN SC 35 -1.78 -84.92 92.16
N PRO SC 36 -2.54 -85.52 91.24
CA PRO SC 36 -3.80 -84.90 90.82
C PRO SC 36 -4.78 -84.77 91.99
N MET SC 37 -5.61 -83.72 91.89
CA MET SC 37 -6.62 -83.44 92.89
C MET SC 37 -7.97 -84.03 92.47
N LYS SC 38 -8.98 -83.79 93.28
CA LYS SC 38 -10.32 -84.29 93.03
C LYS SC 38 -11.22 -83.16 92.56
N ASP SC 39 -12.02 -83.42 91.52
CA ASP SC 39 -12.97 -82.46 90.99
C ASP SC 39 -12.29 -81.18 90.53
N GLN SC 40 -11.22 -81.34 89.75
CA GLN SC 40 -10.43 -80.21 89.30
C GLN SC 40 -10.05 -80.37 87.84
N THR SC 41 -10.98 -80.81 87.01
CA THR SC 41 -10.69 -81.14 85.61
C THR SC 41 -11.31 -80.12 84.68
N TRP SC 42 -10.50 -79.64 83.74
CA TRP SC 42 -10.96 -78.76 82.68
C TRP SC 42 -10.65 -79.39 81.34
N VAL SC 43 -11.19 -78.81 80.29
CA VAL SC 43 -10.93 -79.26 78.92
C VAL SC 43 -10.10 -78.19 78.23
N ALA SC 44 -8.94 -78.57 77.72
CA ALA SC 44 -8.00 -77.63 77.16
C ALA SC 44 -7.70 -77.98 75.71
N VAL SC 45 -7.63 -76.96 74.87
CA VAL SC 45 -7.27 -77.14 73.47
C VAL SC 45 -5.75 -77.25 73.40
N ASP SC 46 -5.24 -78.45 73.12
CA ASP SC 46 -3.81 -78.65 73.01
C ASP SC 46 -3.24 -77.72 71.95
N ASN SC 47 -2.03 -77.24 72.20
CA ASN SC 47 -1.38 -76.30 71.29
C ASN SC 47 0.07 -76.62 70.97
N VAL SC 48 0.73 -77.46 71.76
CA VAL SC 48 2.14 -77.78 71.56
C VAL SC 48 2.39 -79.27 71.37
N GLY SC 49 1.36 -80.10 71.45
CA GLY SC 49 1.56 -81.51 71.23
C GLY SC 49 1.80 -82.31 72.49
N ALA SC 50 0.89 -82.20 73.44
CA ALA SC 50 0.97 -82.97 74.68
C ALA SC 50 0.09 -84.21 74.57
N GLY SC 51 0.49 -85.26 75.28
CA GLY SC 51 -0.25 -86.49 75.27
C GLY SC 51 -0.55 -86.96 76.68
N MET SC 52 -0.89 -88.23 76.84
CA MET SC 52 -1.30 -88.72 78.15
C MET SC 52 -0.13 -88.69 79.13
N HIS SC 53 -0.45 -88.49 80.41
CA HIS SC 53 0.47 -88.58 81.54
C HIS SC 53 1.50 -87.48 81.58
N ASP SC 54 1.42 -86.50 80.69
CA ASP SC 54 2.44 -85.45 80.61
C ASP SC 54 2.02 -84.28 81.50
N ILE SC 55 2.99 -83.72 82.23
CA ILE SC 55 2.74 -82.56 83.06
C ILE SC 55 2.86 -81.32 82.20
N VAL SC 56 1.78 -80.55 82.10
CA VAL SC 56 1.74 -79.41 81.19
C VAL SC 56 1.43 -78.15 81.97
N LEU SC 57 1.33 -77.03 81.25
CA LEU SC 57 1.16 -75.70 81.83
C LEU SC 57 -0.04 -75.07 81.15
N ALA SC 58 -1.22 -75.24 81.74
CA ALA SC 58 -2.47 -74.83 81.12
C ALA SC 58 -2.76 -73.37 81.43
N GLU SC 59 -3.06 -72.60 80.39
CA GLU SC 59 -3.29 -71.18 80.53
C GLU SC 59 -4.78 -70.88 80.42
N GLU SC 60 -5.19 -69.78 81.06
CA GLU SC 60 -6.58 -69.40 81.12
C GLU SC 60 -6.99 -68.67 79.85
N TYR SC 61 -8.11 -67.93 79.92
CA TYR SC 61 -8.95 -67.60 78.77
C TYR SC 61 -8.22 -67.32 77.47
N PHE SC 62 -7.41 -66.27 77.40
CA PHE SC 62 -7.00 -65.73 76.12
C PHE SC 62 -5.65 -66.32 75.70
N ALA SC 63 -5.71 -67.20 74.68
CA ALA SC 63 -4.49 -67.69 74.03
C ALA SC 63 -4.67 -67.80 72.51
N LEU SC 64 -5.67 -67.12 71.94
CA LEU SC 64 -5.91 -67.10 70.50
C LEU SC 64 -6.12 -68.50 69.95
N ASN SC 65 -7.19 -69.14 70.41
CA ASN SC 65 -7.50 -70.51 70.01
C ASN SC 65 -9.00 -70.73 69.82
N TYR SC 69 -10.98 -64.89 70.14
CA TYR SC 69 -10.63 -66.27 70.49
C TYR SC 69 -10.12 -66.35 71.92
N LYS SC 70 -10.84 -67.10 72.76
CA LYS SC 70 -10.51 -67.16 74.17
C LYS SC 70 -10.58 -68.57 74.76
N ALA SC 71 -10.16 -69.58 74.02
CA ALA SC 71 -10.21 -70.94 74.54
C ALA SC 71 -9.04 -71.20 75.47
N MET SC 72 -9.28 -72.02 76.49
CA MET SC 72 -8.26 -72.41 77.47
C MET SC 72 -7.36 -73.44 76.81
N SER SC 73 -6.09 -73.11 76.65
CA SER SC 73 -5.17 -73.96 75.92
C SER SC 73 -3.96 -74.31 76.77
N VAL SC 74 -3.21 -75.29 76.29
CA VAL SC 74 -1.94 -75.70 76.87
C VAL SC 74 -0.82 -74.97 76.14
N VAL SC 75 0.11 -74.38 76.89
CA VAL SC 75 1.10 -73.50 76.30
C VAL SC 75 2.53 -73.95 76.58
N ALA SC 76 2.74 -75.03 77.33
CA ALA SC 76 4.09 -75.44 77.65
C ALA SC 76 4.07 -76.86 78.20
N ILE SC 77 5.07 -77.65 77.85
CA ILE SC 77 5.30 -78.96 78.43
C ILE SC 77 6.47 -78.85 79.39
N VAL SC 78 6.27 -79.29 80.62
CA VAL SC 78 7.17 -78.97 81.71
C VAL SC 78 8.20 -80.09 81.87
N GLU SC 79 9.48 -79.71 81.91
CA GLU SC 79 10.57 -80.66 82.12
C GLU SC 79 10.84 -80.88 83.61
N LYS SC 80 11.13 -79.81 84.34
CA LYS SC 80 11.51 -79.89 85.74
C LYS SC 80 10.69 -78.89 86.56
N VAL SC 81 10.25 -79.32 87.73
CA VAL SC 81 9.56 -78.45 88.69
C VAL SC 81 10.40 -78.47 89.95
N PHE SC 82 11.28 -77.49 90.10
CA PHE SC 82 12.08 -77.34 91.30
C PHE SC 82 11.27 -76.58 92.34
N ARG SC 83 11.09 -77.17 93.52
CA ARG SC 83 10.17 -76.61 94.51
C ARG SC 83 10.70 -76.92 95.90
N ASP SC 84 11.10 -75.89 96.62
CA ASP SC 84 11.45 -76.04 98.03
C ASP SC 84 11.46 -74.69 98.73
N GLU TC 3 -13.48 -112.91 31.58
CA GLU TC 3 -14.15 -111.69 31.97
C GLU TC 3 -13.35 -110.48 31.50
N ALA TC 4 -13.98 -109.30 31.53
CA ALA TC 4 -13.35 -108.10 31.03
C ALA TC 4 -12.32 -107.60 32.03
N LEU TC 5 -11.75 -106.43 31.75
CA LEU TC 5 -10.68 -105.88 32.58
C LEU TC 5 -10.75 -104.36 32.55
N GLY TC 6 -10.73 -103.75 33.72
CA GLY TC 6 -10.80 -102.31 33.83
C GLY TC 6 -9.60 -101.74 34.57
N LEU TC 7 -9.18 -100.56 34.15
CA LEU TC 7 -7.92 -99.98 34.62
C LEU TC 7 -8.08 -98.49 34.84
N ILE TC 8 -7.67 -98.01 36.00
CA ILE TC 8 -7.58 -96.58 36.27
C ILE TC 8 -6.17 -96.30 36.77
N GLU TC 9 -5.62 -95.15 36.37
CA GLU TC 9 -4.29 -94.74 36.77
C GLU TC 9 -4.34 -93.33 37.30
N THR TC 10 -3.75 -93.12 38.47
CA THR TC 10 -3.82 -91.82 39.15
C THR TC 10 -2.44 -91.44 39.65
N LYS TC 11 -2.28 -90.15 39.94
CA LYS TC 11 -1.09 -89.64 40.61
C LYS TC 11 -1.34 -89.63 42.11
N GLY TC 12 -0.56 -90.40 42.85
CA GLY TC 12 -0.74 -90.46 44.28
C GLY TC 12 -1.55 -91.66 44.70
N LEU TC 13 -1.35 -92.10 45.95
CA LEU TC 13 -2.03 -93.30 46.42
C LEU TC 13 -3.43 -93.01 46.90
N VAL TC 14 -3.66 -91.84 47.52
CA VAL TC 14 -4.97 -91.56 48.07
C VAL TC 14 -6.02 -91.54 46.97
N ALA TC 15 -5.72 -90.87 45.86
CA ALA TC 15 -6.70 -90.78 44.78
C ALA TC 15 -7.03 -92.16 44.21
N CYS TC 16 -6.12 -93.12 44.35
CA CYS TC 16 -6.39 -94.45 43.81
C CYS TC 16 -7.24 -95.28 44.74
N ILE TC 17 -7.07 -95.12 46.06
CA ILE TC 17 -7.89 -95.88 47.00
C ILE TC 17 -9.34 -95.38 46.96
N GLU TC 18 -9.52 -94.09 46.75
CA GLU TC 18 -10.86 -93.57 46.54
C GLU TC 18 -11.48 -94.15 45.28
N ALA TC 19 -10.70 -94.21 44.20
CA ALA TC 19 -11.22 -94.75 42.95
C ALA TC 19 -11.54 -96.24 43.06
N ALA TC 20 -10.68 -97.00 43.73
CA ALA TC 20 -10.91 -98.43 43.84
C ALA TC 20 -12.05 -98.76 44.78
N ASP TC 21 -12.41 -97.84 45.67
CA ASP TC 21 -13.56 -98.05 46.53
C ASP TC 21 -14.85 -97.74 45.79
N ALA TC 22 -14.85 -96.66 45.01
CA ALA TC 22 -16.04 -96.33 44.22
C ALA TC 22 -16.33 -97.42 43.20
N MET TC 23 -15.29 -97.94 42.54
CA MET TC 23 -15.49 -99.03 41.59
C MET TC 23 -16.15 -100.23 42.25
N CYS TC 24 -15.64 -100.64 43.40
CA CYS TC 24 -16.15 -101.85 44.02
C CYS TC 24 -17.59 -101.70 44.50
N LYS TC 25 -18.01 -100.48 44.83
CA LYS TC 25 -19.36 -100.26 45.32
C LYS TC 25 -20.37 -100.14 44.18
N ALA TC 26 -19.94 -99.62 43.04
CA ALA TC 26 -20.86 -99.22 41.97
C ALA TC 26 -21.31 -100.36 41.09
N ALA TC 27 -20.68 -101.53 41.14
CA ALA TC 27 -21.10 -102.64 40.29
C ALA TC 27 -20.49 -103.92 40.84
N ASN TC 28 -20.89 -105.03 40.23
CA ASN TC 28 -20.42 -106.35 40.67
C ASN TC 28 -19.10 -106.68 39.97
N VAL TC 29 -18.03 -106.07 40.47
CA VAL TC 29 -16.68 -106.32 40.00
C VAL TC 29 -15.81 -106.65 41.20
N GLU TC 30 -14.73 -107.39 40.95
CA GLU TC 30 -13.81 -107.76 42.00
C GLU TC 30 -12.46 -107.10 41.76
N LEU TC 31 -11.79 -106.74 42.84
CA LEU TC 31 -10.54 -105.99 42.76
C LEU TC 31 -9.37 -106.97 42.62
N ILE TC 32 -8.56 -106.77 41.59
CA ILE TC 32 -7.41 -107.64 41.38
C ILE TC 32 -6.24 -107.21 42.24
N GLY TC 33 -5.84 -105.95 42.16
CA GLY TC 33 -4.78 -105.45 43.00
C GLY TC 33 -4.30 -104.10 42.54
N TYR TC 34 -3.32 -103.58 43.25
CA TYR TC 34 -2.65 -102.34 42.90
C TYR TC 34 -1.27 -102.64 42.31
N GLU TC 35 -0.72 -101.65 41.62
CA GLU TC 35 0.62 -101.79 41.05
C GLU TC 35 1.14 -100.39 40.74
N ASN TC 36 2.11 -99.92 41.51
CA ASN TC 36 2.72 -98.64 41.22
C ASN TC 36 4.03 -98.83 40.46
N VAL TC 37 4.22 -98.04 39.43
CA VAL TC 37 5.39 -98.12 38.57
C VAL TC 37 6.10 -96.78 38.68
N GLY TC 38 7.00 -96.66 39.65
CA GLY TC 38 7.82 -95.47 39.72
C GLY TC 38 7.02 -94.24 40.07
N SER TC 39 7.27 -93.17 39.30
CA SER TC 39 7.00 -91.81 39.77
C SER TC 39 5.54 -91.55 40.00
N GLY TC 40 5.13 -91.60 41.26
CA GLY TC 40 3.78 -91.29 41.71
C GLY TC 40 2.64 -91.78 40.86
N LEU TC 41 2.73 -92.98 40.31
CA LEU TC 41 1.67 -93.52 39.46
C LEU TC 41 1.22 -94.85 40.04
N VAL TC 42 -0.02 -94.92 40.48
CA VAL TC 42 -0.61 -96.14 41.01
C VAL TC 42 -1.78 -96.52 40.11
N THR TC 43 -1.97 -97.82 39.93
CA THR TC 43 -3.00 -98.33 39.03
C THR TC 43 -3.78 -99.43 39.75
N ALA TC 44 -5.10 -99.35 39.67
CA ALA TC 44 -6.00 -100.37 40.20
C ALA TC 44 -6.64 -101.13 39.05
N MET TC 45 -6.82 -102.43 39.24
CA MET TC 45 -7.36 -103.30 38.20
C MET TC 45 -8.56 -104.06 38.75
N VAL TC 46 -9.67 -104.02 38.01
CA VAL TC 46 -10.87 -104.75 38.38
C VAL TC 46 -11.26 -105.65 37.22
N LYS TC 47 -12.01 -106.70 37.52
CA LYS TC 47 -12.48 -107.60 36.49
C LYS TC 47 -13.91 -108.02 36.77
N GLY TC 48 -14.62 -108.36 35.71
CA GLY TC 48 -16.02 -108.71 35.81
C GLY TC 48 -16.62 -108.74 34.41
N ASP TC 49 -17.95 -108.76 34.37
CA ASP TC 49 -18.60 -108.76 33.06
C ASP TC 49 -18.42 -107.42 32.38
N VAL TC 50 -18.71 -107.39 31.07
CA VAL TC 50 -18.38 -106.22 30.27
C VAL TC 50 -19.29 -105.06 30.61
N GLY TC 51 -20.57 -105.32 30.86
CA GLY TC 51 -21.48 -104.23 31.22
C GLY TC 51 -21.24 -103.73 32.63
N ALA TC 52 -20.84 -104.62 33.53
CA ALA TC 52 -20.51 -104.20 34.89
C ALA TC 52 -19.20 -103.42 34.91
N VAL TC 53 -18.15 -103.99 34.31
CA VAL TC 53 -16.84 -103.35 34.36
C VAL TC 53 -16.90 -101.97 33.72
N ASN TC 54 -17.67 -101.84 32.65
CA ASN TC 54 -17.83 -100.53 32.02
C ASN TC 54 -18.50 -99.55 32.97
N ALA TC 55 -19.40 -100.04 33.82
CA ALA TC 55 -20.12 -99.17 34.74
C ALA TC 55 -19.28 -98.85 35.97
N ALA TC 56 -18.33 -99.72 36.31
CA ALA TC 56 -17.46 -99.44 37.44
C ALA TC 56 -16.41 -98.40 37.10
N VAL TC 57 -15.89 -98.44 35.87
CA VAL TC 57 -14.76 -97.57 35.53
C VAL TC 57 -15.19 -96.12 35.43
N ASP TC 58 -16.36 -95.85 34.86
CA ASP TC 58 -16.78 -94.46 34.75
C ASP TC 58 -17.21 -93.89 36.09
N SER TC 59 -17.57 -94.74 37.04
CA SER TC 59 -17.85 -94.26 38.39
C SER TC 59 -16.56 -94.01 39.15
N GLY TC 60 -15.60 -94.92 39.04
CA GLY TC 60 -14.33 -94.73 39.73
C GLY TC 60 -13.52 -93.56 39.19
N VAL TC 61 -13.61 -93.29 37.90
CA VAL TC 61 -12.93 -92.11 37.35
C VAL TC 61 -13.56 -90.85 37.89
N GLU TC 62 -14.88 -90.88 38.10
CA GLU TC 62 -15.61 -89.71 38.56
C GLU TC 62 -15.21 -89.32 39.97
N ALA TC 63 -14.92 -90.32 40.81
CA ALA TC 63 -14.59 -90.07 42.21
C ALA TC 63 -13.15 -89.60 42.36
N ALA TC 64 -12.21 -90.30 41.73
CA ALA TC 64 -10.81 -89.92 41.86
C ALA TC 64 -10.53 -88.58 41.21
N LYS TC 65 -11.23 -88.26 40.14
CA LYS TC 65 -11.10 -86.95 39.51
C LYS TC 65 -11.48 -85.83 40.45
N ARG TC 66 -12.20 -86.15 41.52
CA ARG TC 66 -12.68 -85.13 42.44
C ARG TC 66 -11.56 -84.60 43.33
N ILE TC 67 -10.69 -85.49 43.79
CA ILE TC 67 -9.65 -85.11 44.75
C ILE TC 67 -8.24 -85.25 44.19
N GLY TC 68 -8.06 -85.84 43.02
CA GLY TC 68 -6.74 -86.01 42.48
C GLY TC 68 -6.70 -85.94 40.97
N LYS TC 69 -5.65 -86.47 40.37
CA LYS TC 69 -5.50 -86.49 38.93
C LYS TC 69 -5.69 -87.92 38.45
N VAL TC 70 -6.68 -88.12 37.57
CA VAL TC 70 -6.82 -89.38 36.86
C VAL TC 70 -6.06 -89.26 35.56
N VAL TC 71 -5.07 -90.12 35.38
CA VAL TC 71 -4.20 -90.03 34.21
C VAL TC 71 -4.79 -90.76 33.02
N SER TC 72 -5.28 -91.98 33.22
CA SER TC 72 -5.81 -92.77 32.12
C SER TC 72 -6.81 -93.79 32.66
N SER TC 73 -7.74 -94.18 31.81
CA SER TC 73 -8.67 -95.25 32.12
C SER TC 73 -8.94 -96.03 30.84
N ARG TC 74 -9.28 -97.30 31.00
CA ARG TC 74 -9.40 -98.16 29.84
C ARG TC 74 -10.11 -99.45 30.24
N VAL TC 75 -10.99 -99.93 29.35
CA VAL TC 75 -11.67 -101.20 29.52
C VAL TC 75 -11.26 -102.12 28.38
N ILE TC 76 -10.90 -103.35 28.70
CA ILE TC 76 -10.54 -104.36 27.71
C ILE TC 76 -11.62 -105.43 27.74
N ALA TC 77 -12.35 -105.55 26.63
CA ALA TC 77 -13.55 -106.38 26.63
C ALA TC 77 -13.22 -107.86 26.66
N ARG TC 78 -12.15 -108.27 25.99
CA ARG TC 78 -11.68 -109.65 26.05
C ARG TC 78 -10.16 -109.62 26.12
N PRO TC 79 -9.59 -109.72 27.31
CA PRO TC 79 -8.13 -109.75 27.42
C PRO TC 79 -7.58 -111.07 26.89
N HIS TC 80 -6.46 -110.98 26.20
CA HIS TC 80 -5.85 -112.17 25.63
C HIS TC 80 -5.34 -113.08 26.74
N ASN TC 81 -5.42 -114.40 26.48
CA ASN TC 81 -5.09 -115.37 27.51
C ASN TC 81 -3.68 -115.18 28.03
N ASP TC 82 -2.76 -114.78 27.15
CA ASP TC 82 -1.38 -114.57 27.57
C ASP TC 82 -1.28 -113.51 28.65
N ILE TC 83 -2.07 -112.45 28.53
CA ILE TC 83 -2.03 -111.35 29.48
C ILE TC 83 -2.78 -111.72 30.75
N GLU UC 3 -14.15 -101.13 60.36
CA GLU UC 3 -13.91 -99.83 60.97
C GLU UC 3 -13.47 -98.83 59.90
N ALA UC 4 -13.64 -97.55 60.20
CA ALA UC 4 -13.36 -96.51 59.22
C ALA UC 4 -11.88 -96.48 58.88
N LEU UC 5 -11.51 -95.60 57.97
CA LEU UC 5 -10.15 -95.55 57.47
C LEU UC 5 -9.84 -94.14 57.01
N GLY UC 6 -8.72 -93.61 57.45
CA GLY UC 6 -8.33 -92.25 57.11
C GLY UC 6 -6.94 -92.20 56.51
N LEU UC 7 -6.75 -91.30 55.57
CA LEU UC 7 -5.49 -91.19 54.85
C LEU UC 7 -5.06 -89.74 54.79
N ILE UC 8 -3.77 -89.51 54.96
CA ILE UC 8 -3.14 -88.22 54.69
C ILE UC 8 -1.94 -88.46 53.79
N GLU UC 9 -1.81 -87.63 52.76
CA GLU UC 9 -0.71 -87.74 51.82
C GLU UC 9 0.10 -86.46 51.85
N THR UC 10 1.41 -86.60 52.09
CA THR UC 10 2.28 -85.45 52.27
C THR UC 10 3.52 -85.61 51.40
N LYS UC 11 4.12 -84.47 51.05
CA LYS UC 11 5.35 -84.45 50.29
C LYS UC 11 6.54 -84.45 51.24
N GLY UC 12 7.25 -85.56 51.31
CA GLY UC 12 8.35 -85.67 52.24
C GLY UC 12 7.96 -86.47 53.47
N LEU UC 13 8.94 -87.13 54.07
CA LEU UC 13 8.65 -88.01 55.20
C LEU UC 13 8.47 -87.24 56.50
N VAL UC 14 9.17 -86.12 56.68
CA VAL UC 14 9.09 -85.41 57.96
C VAL UC 14 7.67 -84.90 58.19
N ALA UC 15 7.08 -84.28 57.18
CA ALA UC 15 5.70 -83.81 57.32
C ALA UC 15 4.73 -84.94 57.61
N CYS UC 16 5.09 -86.17 57.25
CA CYS UC 16 4.21 -87.30 57.48
C CYS UC 16 4.32 -87.82 58.91
N ILE UC 17 5.48 -87.69 59.54
CA ILE UC 17 5.59 -88.11 60.93
C ILE UC 17 4.95 -87.08 61.85
N GLU UC 18 5.01 -85.80 61.50
CA GLU UC 18 4.26 -84.82 62.26
C GLU UC 18 2.76 -85.05 62.12
N ALA UC 19 2.30 -85.36 60.91
CA ALA UC 19 0.89 -85.66 60.72
C ALA UC 19 0.46 -86.87 61.53
N ALA UC 20 1.27 -87.93 61.52
CA ALA UC 20 0.88 -89.14 62.23
C ALA UC 20 0.99 -88.99 63.73
N ASP UC 21 1.82 -88.06 64.22
CA ASP UC 21 1.87 -87.83 65.66
C ASP UC 21 0.62 -87.09 66.14
N ALA UC 22 0.17 -86.12 65.37
CA ALA UC 22 -1.05 -85.41 65.72
C ALA UC 22 -2.27 -86.33 65.62
N MET UC 23 -2.28 -87.23 64.65
CA MET UC 23 -3.40 -88.13 64.49
C MET UC 23 -3.51 -89.08 65.68
N CYS UC 24 -2.39 -89.60 66.16
CA CYS UC 24 -2.43 -90.60 67.21
C CYS UC 24 -2.69 -90.02 68.59
N LYS UC 25 -2.49 -88.71 68.77
CA LYS UC 25 -2.80 -88.06 70.03
C LYS UC 25 -4.21 -87.52 70.08
N ALA UC 26 -4.85 -87.31 68.93
CA ALA UC 26 -6.13 -86.63 68.87
C ALA UC 26 -7.29 -87.54 69.20
N ALA UC 27 -7.15 -88.84 69.03
CA ALA UC 27 -8.25 -89.76 69.30
C ALA UC 27 -7.67 -91.15 69.48
N ASN UC 28 -8.57 -92.12 69.66
CA ASN UC 28 -8.17 -93.50 69.94
C ASN UC 28 -8.20 -94.29 68.63
N VAL UC 29 -7.18 -94.07 67.82
CA VAL UC 29 -7.02 -94.76 66.55
C VAL UC 29 -5.71 -95.51 66.57
N GLU UC 30 -5.68 -96.65 65.88
CA GLU UC 30 -4.45 -97.42 65.71
C GLU UC 30 -3.86 -97.09 64.34
N LEU UC 31 -2.55 -96.85 64.33
CA LEU UC 31 -1.86 -96.46 63.10
C LEU UC 31 -1.39 -97.71 62.37
N ILE UC 32 -1.68 -97.78 61.08
CA ILE UC 32 -1.39 -98.98 60.30
C ILE UC 32 0.04 -98.95 59.77
N GLY UC 33 0.42 -97.90 59.08
CA GLY UC 33 1.79 -97.79 58.61
C GLY UC 33 1.88 -96.89 57.39
N TYR UC 34 3.11 -96.57 57.04
CA TYR UC 34 3.41 -95.68 55.93
C TYR UC 34 3.54 -96.46 54.64
N GLU UC 35 3.40 -95.75 53.52
CA GLU UC 35 3.57 -96.33 52.18
C GLU UC 35 3.93 -95.19 51.24
N ASN UC 36 5.15 -95.20 50.72
CA ASN UC 36 5.56 -94.21 49.74
C ASN UC 36 5.50 -94.81 48.34
N VAL UC 37 5.05 -94.00 47.39
CA VAL UC 37 4.85 -94.43 46.02
C VAL UC 37 5.81 -93.74 45.06
N GLY UC 38 6.80 -93.03 45.58
CA GLY UC 38 7.75 -92.33 44.75
C GLY UC 38 7.32 -90.91 44.47
N SER UC 39 8.27 -90.14 43.96
CA SER UC 39 8.13 -88.71 43.69
C SER UC 39 8.00 -87.90 44.96
N GLY UC 40 8.36 -88.48 46.10
CA GLY UC 40 8.31 -87.77 47.37
C GLY UC 40 7.01 -87.86 48.11
N LEU UC 41 6.06 -88.64 47.63
CA LEU UC 41 4.74 -88.73 48.25
C LEU UC 41 4.74 -89.86 49.27
N VAL UC 42 4.43 -89.52 50.53
CA VAL UC 42 4.32 -90.50 51.60
C VAL UC 42 2.92 -90.41 52.19
N THR UC 43 2.35 -91.55 52.53
CA THR UC 43 0.96 -91.64 52.98
C THR UC 43 0.90 -92.38 54.30
N ALA UC 44 0.16 -91.82 55.26
CA ALA UC 44 -0.10 -92.46 56.54
C ALA UC 44 -1.55 -92.91 56.61
N MET UC 45 -1.78 -94.06 57.23
CA MET UC 45 -3.10 -94.68 57.24
C MET UC 45 -3.45 -95.08 58.65
N VAL UC 46 -4.59 -94.61 59.14
CA VAL UC 46 -5.10 -94.96 60.47
C VAL UC 46 -6.45 -95.66 60.30
N LYS UC 47 -6.88 -96.32 61.37
CA LYS UC 47 -8.17 -96.98 61.34
C LYS UC 47 -8.77 -97.01 62.74
N GLY UC 48 -10.09 -96.86 62.80
CA GLY UC 48 -10.80 -96.83 64.05
C GLY UC 48 -12.26 -96.50 63.80
N ASP UC 49 -12.96 -96.14 64.86
CA ASP UC 49 -14.34 -95.74 64.71
C ASP UC 49 -14.42 -94.43 63.94
N VAL UC 50 -15.57 -94.20 63.30
CA VAL UC 50 -15.67 -93.11 62.33
C VAL UC 50 -15.72 -91.75 63.01
N GLY UC 51 -16.09 -91.69 64.28
CA GLY UC 51 -16.04 -90.42 64.98
C GLY UC 51 -14.62 -90.09 65.39
N ALA UC 52 -13.85 -91.12 65.73
CA ALA UC 52 -12.46 -90.91 66.10
C ALA UC 52 -11.60 -90.63 64.87
N VAL UC 53 -11.82 -91.37 63.79
CA VAL UC 53 -11.01 -91.20 62.60
C VAL UC 53 -11.26 -89.84 61.97
N ASN UC 54 -12.49 -89.36 62.05
CA ASN UC 54 -12.80 -88.04 61.51
C ASN UC 54 -12.07 -86.96 62.28
N ALA UC 55 -11.95 -87.12 63.60
CA ALA UC 55 -11.28 -86.13 64.42
C ALA UC 55 -9.76 -86.19 64.22
N ALA UC 56 -9.22 -87.38 64.03
CA ALA UC 56 -7.78 -87.53 63.87
C ALA UC 56 -7.30 -86.91 62.56
N VAL UC 57 -8.01 -87.18 61.46
CA VAL UC 57 -7.55 -86.69 60.17
C VAL UC 57 -7.64 -85.17 60.10
N ASP UC 58 -8.64 -84.58 60.74
CA ASP UC 58 -8.75 -83.13 60.74
C ASP UC 58 -7.60 -82.50 61.52
N SER UC 59 -7.16 -83.16 62.59
CA SER UC 59 -6.06 -82.64 63.39
C SER UC 59 -4.73 -82.86 62.68
N GLY UC 60 -4.53 -84.04 62.11
CA GLY UC 60 -3.30 -84.33 61.41
C GLY UC 60 -3.08 -83.44 60.21
N VAL UC 61 -4.15 -83.06 59.52
CA VAL UC 61 -4.00 -82.22 58.35
C VAL UC 61 -3.52 -80.84 58.75
N GLU UC 62 -4.05 -80.30 59.85
CA GLU UC 62 -3.67 -78.96 60.26
C GLU UC 62 -2.24 -78.89 60.79
N ALA UC 63 -1.77 -79.95 61.43
CA ALA UC 63 -0.42 -79.95 61.96
C ALA UC 63 0.62 -80.11 60.86
N ALA UC 64 0.39 -81.05 59.94
CA ALA UC 64 1.32 -81.22 58.83
C ALA UC 64 1.29 -80.03 57.88
N LYS UC 65 0.14 -79.39 57.73
CA LYS UC 65 0.05 -78.20 56.91
C LYS UC 65 0.96 -77.10 57.42
N ARG UC 66 1.23 -77.10 58.72
CA ARG UC 66 2.01 -76.03 59.33
C ARG UC 66 3.48 -76.09 58.93
N ILE UC 67 4.02 -77.28 58.70
CA ILE UC 67 5.45 -77.48 58.50
C ILE UC 67 5.79 -78.12 57.17
N GLY UC 68 4.81 -78.38 56.32
CA GLY UC 68 5.06 -78.99 55.05
C GLY UC 68 3.89 -78.81 54.13
N LYS UC 69 3.87 -79.60 53.06
CA LYS UC 69 2.78 -79.57 52.11
C LYS UC 69 1.93 -80.82 52.30
N VAL UC 70 0.64 -80.62 52.51
CA VAL UC 70 -0.33 -81.71 52.54
C VAL UC 70 -0.96 -81.80 51.17
N VAL UC 71 -0.82 -82.95 50.53
CA VAL UC 71 -1.31 -83.11 49.16
C VAL UC 71 -2.78 -83.46 49.15
N SER UC 72 -3.20 -84.38 50.01
CA SER UC 72 -4.56 -84.89 49.98
C SER UC 72 -4.88 -85.55 51.31
N SER UC 73 -6.17 -85.57 51.63
CA SER UC 73 -6.67 -86.26 52.81
C SER UC 73 -8.04 -86.83 52.51
N ARG UC 74 -8.44 -87.83 53.28
CA ARG UC 74 -9.66 -88.56 52.94
C ARG UC 74 -10.05 -89.46 54.09
N VAL UC 75 -11.34 -89.53 54.38
CA VAL UC 75 -11.90 -90.49 55.32
C VAL UC 75 -12.85 -91.39 54.55
N ILE UC 76 -12.74 -92.69 54.79
CA ILE UC 76 -13.61 -93.69 54.18
C ILE UC 76 -14.39 -94.35 55.31
N ALA UC 77 -15.68 -94.07 55.39
CA ALA UC 77 -16.45 -94.47 56.57
C ALA UC 77 -16.76 -95.95 56.58
N ARG UC 78 -17.25 -96.50 55.48
CA ARG UC 78 -17.48 -97.93 55.34
C ARG UC 78 -16.64 -98.45 54.18
N PRO UC 79 -15.42 -98.89 54.44
CA PRO UC 79 -14.59 -99.40 53.35
C PRO UC 79 -15.04 -100.79 52.94
N HIS UC 80 -14.92 -101.07 51.65
CA HIS UC 80 -15.34 -102.36 51.12
C HIS UC 80 -14.39 -103.45 51.59
N ASN UC 81 -14.92 -104.68 51.67
CA ASN UC 81 -14.11 -105.77 52.20
C ASN UC 81 -13.00 -106.18 51.24
N ASP UC 82 -13.18 -105.92 49.93
CA ASP UC 82 -12.10 -106.15 48.99
C ASP UC 82 -10.95 -105.19 49.23
N ILE UC 83 -11.22 -104.02 49.80
CA ILE UC 83 -10.18 -103.06 50.09
C ILE UC 83 -9.52 -103.38 51.42
N GLU VC 3 -30.75 -91.48 68.01
CA GLU VC 3 -29.61 -91.32 67.13
C GLU VC 3 -29.82 -90.14 66.21
N ALA VC 4 -28.77 -89.75 65.49
CA ALA VC 4 -28.81 -88.54 64.71
C ALA VC 4 -29.79 -88.65 63.55
N LEU VC 5 -29.95 -87.56 62.82
CA LEU VC 5 -30.94 -87.49 61.76
C LEU VC 5 -30.41 -86.61 60.64
N GLY VC 6 -30.38 -87.14 59.43
CA GLY VC 6 -29.87 -86.43 58.27
C GLY VC 6 -30.94 -86.26 57.21
N LEU VC 7 -31.01 -85.06 56.64
CA LEU VC 7 -32.04 -84.70 55.68
C LEU VC 7 -31.43 -84.09 54.45
N ILE VC 8 -31.92 -84.49 53.28
CA ILE VC 8 -31.56 -83.86 52.01
C ILE VC 8 -32.85 -83.57 51.27
N GLU VC 9 -32.94 -82.39 50.67
CA GLU VC 9 -34.13 -81.97 49.95
C GLU VC 9 -33.76 -81.54 48.55
N THR VC 10 -34.46 -82.10 47.56
CA THR VC 10 -34.14 -81.92 46.16
C THR VC 10 -35.40 -81.57 45.39
N LYS VC 11 -35.19 -81.04 44.18
CA LYS VC 11 -36.28 -80.87 43.22
C LYS VC 11 -36.37 -82.11 42.36
N GLY VC 12 -37.49 -82.81 42.44
CA GLY VC 12 -37.61 -83.99 41.60
C GLY VC 12 -37.19 -85.26 42.30
N LEU VC 13 -37.72 -86.38 41.82
CA LEU VC 13 -37.49 -87.65 42.48
C LEU VC 13 -36.17 -88.29 42.08
N VAL VC 14 -35.71 -88.06 40.85
CA VAL VC 14 -34.50 -88.73 40.39
C VAL VC 14 -33.30 -88.26 41.17
N ALA VC 15 -33.18 -86.95 41.42
CA ALA VC 15 -32.07 -86.45 42.20
C ALA VC 15 -32.11 -86.99 43.63
N CYS VC 16 -33.28 -87.40 44.10
CA CYS VC 16 -33.39 -87.88 45.48
C CYS VC 16 -33.11 -89.38 45.58
N ILE VC 17 -33.33 -90.14 44.51
CA ILE VC 17 -32.93 -91.54 44.55
C ILE VC 17 -31.42 -91.66 44.41
N GLU VC 18 -30.78 -90.73 43.72
CA GLU VC 18 -29.33 -90.75 43.66
C GLU VC 18 -28.72 -90.32 44.98
N ALA VC 19 -29.32 -89.34 45.65
CA ALA VC 19 -28.84 -88.94 46.97
C ALA VC 19 -29.03 -90.05 47.98
N ALA VC 20 -30.17 -90.74 47.93
CA ALA VC 20 -30.44 -91.79 48.90
C ALA VC 20 -29.57 -93.01 48.64
N ASP VC 21 -29.21 -93.26 47.38
CA ASP VC 21 -28.32 -94.38 47.08
C ASP VC 21 -26.91 -94.10 47.56
N ALA VC 22 -26.41 -92.89 47.31
CA ALA VC 22 -25.07 -92.53 47.75
C ALA VC 22 -24.97 -92.55 49.27
N MET VC 23 -25.99 -92.05 49.95
CA MET VC 23 -25.97 -92.02 51.42
C MET VC 23 -25.86 -93.42 52.00
N CYS VC 24 -26.67 -94.35 51.51
CA CYS VC 24 -26.67 -95.69 52.08
C CYS VC 24 -25.39 -96.45 51.77
N LYS VC 25 -24.65 -96.06 50.73
CA LYS VC 25 -23.41 -96.74 50.39
C LYS VC 25 -22.25 -96.25 51.22
N ALA VC 26 -22.24 -94.96 51.54
CA ALA VC 26 -21.05 -94.29 52.05
C ALA VC 26 -20.96 -94.26 53.57
N ALA VC 27 -21.85 -94.95 54.28
CA ALA VC 27 -21.80 -94.97 55.73
C ALA VC 27 -22.82 -95.97 56.23
N ASN VC 28 -22.71 -96.33 57.50
CA ASN VC 28 -23.61 -97.29 58.12
C ASN VC 28 -24.81 -96.54 58.68
N VAL VC 29 -25.78 -96.25 57.82
CA VAL VC 29 -26.99 -95.53 58.18
C VAL VC 29 -28.18 -96.35 57.74
N GLU VC 30 -29.34 -95.99 58.26
CA GLU VC 30 -30.61 -96.62 57.92
C GLU VC 30 -31.50 -95.61 57.23
N LEU VC 31 -32.08 -96.00 56.10
CA LEU VC 31 -32.97 -95.11 55.36
C LEU VC 31 -34.38 -95.23 55.92
N ILE VC 32 -34.95 -94.11 56.32
CA ILE VC 32 -36.29 -94.09 56.88
C ILE VC 32 -37.34 -94.02 55.79
N GLY VC 33 -37.20 -93.11 54.85
CA GLY VC 33 -38.11 -93.04 53.74
C GLY VC 33 -38.10 -91.67 53.10
N TYR VC 34 -38.95 -91.54 52.08
CA TYR VC 34 -39.14 -90.29 51.36
C TYR VC 34 -40.40 -89.61 51.84
N GLU VC 35 -40.48 -88.30 51.61
CA GLU VC 35 -41.65 -87.54 52.02
C GLU VC 35 -41.70 -86.27 51.17
N ASN VC 36 -42.58 -86.25 50.18
CA ASN VC 36 -42.71 -85.10 49.31
C ASN VC 36 -43.87 -84.21 49.74
N VAL VC 37 -43.77 -82.93 49.39
CA VAL VC 37 -44.73 -81.93 49.84
C VAL VC 37 -45.25 -81.11 48.66
N GLY VC 38 -45.23 -81.68 47.47
CA GLY VC 38 -45.66 -80.96 46.30
C GLY VC 38 -44.64 -79.92 45.88
N SER VC 39 -44.91 -79.28 44.75
CA SER VC 39 -43.99 -78.41 44.04
C SER VC 39 -42.72 -79.13 43.62
N GLY VC 40 -42.72 -80.47 43.64
CA GLY VC 40 -41.57 -81.22 43.23
C GLY VC 40 -40.49 -81.37 44.27
N LEU VC 41 -40.71 -80.87 45.48
CA LEU VC 41 -39.74 -81.03 46.55
C LEU VC 41 -39.89 -82.41 47.17
N VAL VC 42 -38.82 -83.18 47.15
CA VAL VC 42 -38.77 -84.50 47.78
C VAL VC 42 -37.64 -84.51 48.78
N THR VC 43 -37.83 -85.22 49.89
CA THR VC 43 -36.89 -85.22 51.00
C THR VC 43 -36.58 -86.65 51.42
N ALA VC 44 -35.30 -86.93 51.63
CA ALA VC 44 -34.83 -88.22 52.11
C ALA VC 44 -34.35 -88.07 53.55
N MET VC 45 -34.61 -89.08 54.37
CA MET VC 45 -34.26 -89.06 55.78
C MET VC 45 -33.49 -90.31 56.15
N VAL VC 46 -32.25 -90.14 56.60
CA VAL VC 46 -31.44 -91.25 57.08
C VAL VC 46 -31.29 -91.11 58.59
N LYS VC 47 -30.88 -92.20 59.22
CA LYS VC 47 -30.80 -92.24 60.68
C LYS VC 47 -29.66 -93.14 61.11
N GLY VC 48 -28.85 -92.67 62.03
CA GLY VC 48 -27.74 -93.46 62.52
C GLY VC 48 -26.92 -92.66 63.51
N ASP VC 49 -25.75 -93.18 63.84
CA ASP VC 49 -24.84 -92.47 64.73
C ASP VC 49 -24.40 -91.15 64.10
N VAL VC 50 -23.94 -90.23 64.94
CA VAL VC 50 -23.69 -88.87 64.49
C VAL VC 50 -22.56 -88.84 63.47
N GLY VC 51 -21.49 -89.58 63.72
CA GLY VC 51 -20.37 -89.58 62.79
C GLY VC 51 -20.72 -90.17 61.45
N ALA VC 52 -21.46 -91.29 61.47
CA ALA VC 52 -21.92 -91.90 60.23
C ALA VC 52 -22.87 -90.98 59.49
N VAL VC 53 -23.90 -90.48 60.18
CA VAL VC 53 -24.90 -89.65 59.54
C VAL VC 53 -24.27 -88.38 58.97
N ASN VC 54 -23.30 -87.82 59.69
CA ASN VC 54 -22.59 -86.67 59.15
C ASN VC 54 -21.97 -87.02 57.80
N ALA VC 55 -21.16 -88.07 57.77
CA ALA VC 55 -20.47 -88.49 56.56
C ALA VC 55 -21.44 -88.79 55.42
N ALA VC 56 -22.52 -89.50 55.72
CA ALA VC 56 -23.49 -89.86 54.69
C ALA VC 56 -24.05 -88.62 54.01
N VAL VC 57 -24.45 -87.63 54.81
CA VAL VC 57 -25.09 -86.46 54.25
C VAL VC 57 -24.15 -85.69 53.34
N ASP VC 58 -22.85 -85.70 53.64
CA ASP VC 58 -21.89 -85.01 52.78
C ASP VC 58 -21.78 -85.68 51.42
N SER VC 59 -21.70 -87.01 51.41
CA SER VC 59 -21.62 -87.72 50.14
C SER VC 59 -22.93 -87.66 49.38
N GLY VC 60 -24.05 -87.76 50.08
CA GLY VC 60 -25.34 -87.73 49.42
C GLY VC 60 -25.62 -86.42 48.71
N VAL VC 61 -25.17 -85.31 49.29
CA VAL VC 61 -25.37 -84.02 48.63
C VAL VC 61 -24.43 -83.90 47.45
N GLU VC 62 -23.25 -84.48 47.54
CA GLU VC 62 -22.28 -84.38 46.46
C GLU VC 62 -22.74 -85.16 45.23
N ALA VC 63 -23.39 -86.30 45.44
CA ALA VC 63 -23.90 -87.08 44.31
C ALA VC 63 -25.14 -86.45 43.71
N ALA VC 64 -26.06 -85.98 44.56
CA ALA VC 64 -27.32 -85.43 44.06
C ALA VC 64 -27.11 -84.11 43.34
N LYS VC 65 -26.25 -83.25 43.87
CA LYS VC 65 -25.98 -81.97 43.23
C LYS VC 65 -25.42 -82.14 41.83
N ARG VC 66 -24.94 -83.34 41.51
CA ARG VC 66 -24.23 -83.58 40.27
C ARG VC 66 -25.18 -83.70 39.09
N ILE VC 67 -26.40 -84.18 39.33
CA ILE VC 67 -27.38 -84.37 38.26
C ILE VC 67 -28.62 -83.50 38.43
N GLY VC 68 -28.91 -83.02 39.63
CA GLY VC 68 -30.11 -82.23 39.87
C GLY VC 68 -29.83 -81.10 40.82
N LYS VC 69 -30.86 -80.64 41.53
CA LYS VC 69 -30.72 -79.49 42.42
C LYS VC 69 -30.96 -79.93 43.86
N VAL VC 70 -29.98 -79.68 44.72
CA VAL VC 70 -30.11 -79.92 46.14
C VAL VC 70 -30.56 -78.63 46.80
N VAL VC 71 -31.77 -78.65 47.37
CA VAL VC 71 -32.35 -77.43 47.90
C VAL VC 71 -31.76 -77.11 49.27
N SER VC 72 -31.71 -78.10 50.15
CA SER VC 72 -31.16 -77.89 51.48
C SER VC 72 -30.75 -79.22 52.08
N SER VC 73 -29.86 -79.15 53.07
CA SER VC 73 -29.38 -80.32 53.77
C SER VC 73 -29.14 -79.94 55.22
N ARG VC 74 -29.19 -80.94 56.10
CA ARG VC 74 -29.15 -80.65 57.53
C ARG VC 74 -28.92 -81.94 58.30
N VAL VC 75 -28.16 -81.85 59.40
CA VAL VC 75 -27.96 -82.95 60.33
C VAL VC 75 -28.38 -82.48 61.71
N ILE VC 76 -29.28 -83.24 62.35
CA ILE VC 76 -29.67 -83.00 63.73
C ILE VC 76 -29.01 -84.06 64.58
N ALA VC 77 -28.11 -83.65 65.46
CA ALA VC 77 -27.30 -84.61 66.19
C ALA VC 77 -28.12 -85.35 67.24
N ARG VC 78 -29.08 -84.68 67.85
CA ARG VC 78 -29.91 -85.28 68.88
C ARG VC 78 -31.31 -84.70 68.78
N PRO VC 79 -32.20 -85.34 68.02
CA PRO VC 79 -33.54 -84.81 67.86
C PRO VC 79 -34.36 -85.00 69.12
N HIS VC 80 -35.27 -84.06 69.34
CA HIS VC 80 -36.23 -84.20 70.42
C HIS VC 80 -37.14 -85.39 70.14
N ASN VC 81 -37.68 -85.97 71.21
CA ASN VC 81 -38.53 -87.13 71.05
C ASN VC 81 -39.81 -86.80 70.30
N ASP VC 82 -40.28 -85.56 70.41
CA ASP VC 82 -41.46 -85.15 69.65
C ASP VC 82 -41.19 -85.18 68.16
N ILE VC 83 -39.97 -84.83 67.75
CA ILE VC 83 -39.62 -84.85 66.34
C ILE VC 83 -39.67 -86.26 65.77
N GLU VC 84 -39.49 -87.29 66.60
CA GLU VC 84 -39.63 -88.66 66.11
C GLU VC 84 -41.07 -89.14 66.21
N LYS VC 85 -41.99 -88.29 65.77
CA LYS VC 85 -43.36 -88.64 65.47
C LYS VC 85 -43.84 -87.94 64.22
N ILE VC 86 -43.10 -86.95 63.75
CA ILE VC 86 -43.37 -86.28 62.48
C ILE VC 86 -42.68 -87.00 61.33
N ALA VC 87 -41.43 -87.42 61.54
CA ALA VC 87 -40.72 -88.18 60.52
C ALA VC 87 -41.31 -89.58 60.39
N GLY VC 88 -41.24 -90.36 61.45
CA GLY VC 88 -41.80 -91.70 61.45
C GLY VC 88 -43.26 -91.74 61.84
N MET WC 1 -96.11 8.66 51.93
CA MET WC 1 -97.15 9.36 51.20
C MET WC 1 -98.39 9.53 52.07
N ILE WC 2 -99.29 10.41 51.65
CA ILE WC 2 -100.58 10.57 52.29
C ILE WC 2 -101.64 10.75 51.22
N LEU WC 3 -102.85 10.27 51.51
CA LEU WC 3 -103.99 10.56 50.65
C LEU WC 3 -104.46 11.98 50.88
N ALA WC 4 -104.64 12.71 49.79
CA ALA WC 4 -105.05 14.10 49.89
C ALA WC 4 -105.89 14.45 48.67
N LYS WC 5 -106.52 15.61 48.73
CA LYS WC 5 -107.40 16.08 47.67
C LYS WC 5 -106.98 17.49 47.28
N VAL WC 6 -106.87 17.73 45.97
CA VAL WC 6 -106.51 19.06 45.51
C VAL WC 6 -107.70 19.99 45.70
N THR WC 7 -107.47 21.11 46.38
CA THR WC 7 -108.54 22.03 46.73
C THR WC 7 -108.32 23.46 46.25
N GLY WC 8 -107.25 23.72 45.49
CA GLY WC 8 -107.01 25.07 45.00
C GLY WC 8 -105.64 25.15 44.35
N HIS WC 9 -105.15 26.38 44.23
CA HIS WC 9 -103.82 26.61 43.71
C HIS WC 9 -103.31 27.94 44.25
N VAL WC 10 -102.02 28.17 44.08
CA VAL WC 10 -101.33 29.35 44.58
C VAL WC 10 -100.57 30.00 43.44
N VAL WC 11 -100.72 31.31 43.30
CA VAL WC 11 -100.05 32.07 42.26
C VAL WC 11 -98.98 32.91 42.95
N ALA WC 12 -97.72 32.58 42.72
CA ALA WC 12 -96.60 33.28 43.32
C ALA WC 12 -95.67 33.75 42.22
N THR WC 13 -95.39 35.06 42.19
CA THR WC 13 -94.55 35.66 41.15
C THR WC 13 -93.11 35.79 41.59
N GLN WC 14 -92.88 36.33 42.78
CA GLN WC 14 -91.54 36.50 43.32
C GLN WC 14 -91.18 35.24 44.09
N LYS WC 15 -90.34 34.39 43.49
CA LYS WC 15 -89.99 33.13 44.11
C LYS WC 15 -88.62 32.70 43.63
N CYS WC 16 -88.12 31.63 44.25
CA CYS WC 16 -86.78 31.14 43.93
C CYS WC 16 -86.76 30.56 42.53
N ASP WC 17 -85.58 30.09 42.12
CA ASP WC 17 -85.39 29.55 40.79
C ASP WC 17 -85.60 28.04 40.73
N GLU WC 18 -85.48 27.34 41.86
CA GLU WC 18 -85.78 25.91 41.89
C GLU WC 18 -87.26 25.63 41.67
N LEU WC 19 -88.10 26.65 41.63
CA LEU WC 19 -89.54 26.48 41.48
C LEU WC 19 -90.08 27.07 40.18
N ARG WC 20 -89.23 27.49 39.27
CA ARG WC 20 -89.68 28.11 38.03
C ARG WC 20 -90.34 27.07 37.13
N GLY WC 21 -91.52 27.38 36.61
CA GLY WC 21 -92.18 26.51 35.67
C GLY WC 21 -92.78 25.26 36.30
N SER WC 22 -93.60 25.45 37.33
CA SER WC 22 -94.24 24.33 38.00
C SER WC 22 -95.52 24.83 38.65
N ASN WC 23 -96.44 23.90 38.87
CA ASN WC 23 -97.70 24.23 39.50
C ASN WC 23 -97.54 24.20 41.01
N LEU WC 24 -98.40 24.93 41.71
CA LEU WC 24 -98.40 24.94 43.17
C LEU WC 24 -99.83 24.75 43.65
N LEU WC 25 -100.15 23.54 44.08
CA LEU WC 25 -101.51 23.17 44.43
C LEU WC 25 -101.69 23.17 45.94
N LEU WC 26 -102.89 23.52 46.39
CA LEU WC 26 -103.27 23.35 47.78
C LEU WC 26 -103.76 21.92 47.96
N ILE WC 27 -103.25 21.25 48.97
CA ILE WC 27 -103.37 19.81 49.13
C ILE WC 27 -103.92 19.57 50.52
N THR WC 28 -105.16 19.10 50.63
CA THR WC 28 -105.80 18.91 51.91
C THR WC 28 -105.85 17.43 52.25
N ARG WC 29 -105.33 17.07 53.42
CA ARG WC 29 -105.36 15.69 53.86
C ARG WC 29 -106.78 15.28 54.23
N LEU WC 30 -107.20 14.12 53.74
CA LEU WC 30 -108.57 13.66 53.94
C LEU WC 30 -108.60 12.43 54.85
N ASP WC 31 -109.68 12.31 55.62
CA ASP WC 31 -109.78 11.32 56.68
C ASP WC 31 -110.27 9.96 56.16
N ASP WC 32 -110.60 9.04 57.08
CA ASP WC 32 -110.92 7.66 56.70
C ASP WC 32 -112.31 7.50 56.10
N LYS WC 33 -113.03 8.60 55.87
CA LYS WC 33 -114.26 8.56 55.10
C LYS WC 33 -114.10 9.24 53.75
N GLN WC 34 -112.87 9.47 53.33
CA GLN WC 34 -112.55 10.24 52.13
C GLN WC 34 -113.22 11.61 52.17
N GLN WC 35 -112.89 12.36 53.24
CA GLN WC 35 -113.47 13.66 53.46
C GLN WC 35 -112.36 14.57 54.00
N PRO WC 36 -112.19 15.77 53.44
CA PRO WC 36 -111.09 16.64 53.89
C PRO WC 36 -111.20 17.00 55.36
N MET WC 37 -110.05 17.20 55.99
CA MET WC 37 -109.96 17.57 57.39
C MET WC 37 -109.82 19.08 57.52
N LYS WC 38 -109.68 19.54 58.76
CA LYS WC 38 -109.56 20.96 59.06
C LYS WC 38 -108.12 21.28 59.43
N ASP WC 39 -107.60 22.38 58.88
CA ASP WC 39 -106.26 22.86 59.18
C ASP WC 39 -105.20 21.82 58.83
N GLN WC 40 -105.30 21.27 57.62
CA GLN WC 40 -104.40 20.22 57.18
C GLN WC 40 -103.98 20.44 55.74
N THR WC 41 -103.66 21.67 55.38
CA THR WC 41 -103.37 22.05 54.00
C THR WC 41 -101.89 22.34 53.81
N TRP WC 42 -101.31 21.74 52.79
CA TRP WC 42 -99.94 22.02 52.38
C TRP WC 42 -99.94 22.49 50.94
N VAL WC 43 -98.80 22.98 50.50
CA VAL WC 43 -98.61 23.41 49.12
C VAL WC 43 -97.67 22.43 48.45
N ALA WC 44 -98.10 21.84 47.35
CA ALA WC 44 -97.36 20.78 46.69
C ALA WC 44 -97.07 21.16 45.25
N VAL WC 45 -95.85 20.86 44.81
CA VAL WC 45 -95.47 21.10 43.42
C VAL WC 45 -95.99 19.93 42.59
N ASP WC 46 -97.02 20.21 41.79
CA ASP WC 46 -97.58 19.16 40.94
C ASP WC 46 -96.50 18.57 40.03
N ASN WC 47 -96.60 17.28 39.78
CA ASN WC 47 -95.60 16.59 39.00
C ASN WC 47 -96.17 15.66 37.93
N VAL WC 48 -97.45 15.27 38.02
CA VAL WC 48 -98.06 14.34 37.08
C VAL WC 48 -99.28 14.92 36.38
N GLY WC 49 -99.68 16.14 36.72
CA GLY WC 49 -100.80 16.74 36.04
C GLY WC 49 -102.13 16.54 36.73
N ALA WC 50 -102.20 16.92 38.00
CA ALA WC 50 -103.43 16.86 38.76
C ALA WC 50 -104.13 18.21 38.76
N GLY WC 51 -105.46 18.17 38.84
CA GLY WC 51 -106.24 19.38 38.86
C GLY WC 51 -107.20 19.42 40.03
N MET WC 52 -108.21 20.26 39.98
CA MET WC 52 -109.09 20.42 41.12
C MET WC 52 -109.90 19.15 41.36
N HIS WC 53 -110.23 18.91 42.63
CA HIS WC 53 -111.12 17.86 43.09
C HIS WC 53 -110.56 16.46 42.95
N ASP WC 54 -109.31 16.32 42.51
CA ASP WC 54 -108.73 15.01 42.26
C ASP WC 54 -108.05 14.50 43.52
N ILE WC 55 -108.23 13.22 43.81
CA ILE WC 55 -107.58 12.58 44.95
C ILE WC 55 -106.18 12.15 44.53
N VAL WC 56 -105.17 12.69 45.19
CA VAL WC 56 -103.79 12.45 44.78
C VAL WC 56 -103.01 11.84 45.93
N LEU WC 57 -101.72 11.60 45.69
CA LEU WC 57 -100.84 10.91 46.64
C LEU WC 57 -99.62 11.79 46.85
N ALA WC 58 -99.67 12.65 47.86
CA ALA WC 58 -98.65 13.66 48.05
C ALA WC 58 -97.50 13.09 48.87
N GLU WC 59 -96.29 13.29 48.39
CA GLU WC 59 -95.09 12.75 49.01
C GLU WC 59 -94.33 13.84 49.74
N GLU WC 60 -93.59 13.44 50.76
CA GLU WC 60 -92.86 14.37 51.60
C GLU WC 60 -91.53 14.73 50.96
N TYR WC 61 -90.61 15.26 51.76
CA TYR WC 61 -89.53 16.15 51.32
C TYR WC 61 -88.92 15.83 49.97
N PHE WC 62 -88.28 14.68 49.82
CA PHE WC 62 -87.36 14.48 48.71
C PHE WC 62 -88.08 13.82 47.54
N ALA WC 63 -88.31 14.59 46.47
CA ALA WC 63 -88.79 14.05 45.21
C ALA WC 63 -88.12 14.72 44.01
N LEU WC 64 -86.98 15.38 44.21
CA LEU WC 64 -86.21 16.01 43.15
C LEU WC 64 -87.05 17.06 42.40
N ASN WC 65 -87.45 18.09 43.13
CA ASN WC 65 -88.29 19.13 42.55
C ASN WC 65 -87.92 20.52 43.06
N TYR WC 69 -82.62 19.19 45.94
CA TYR WC 69 -84.03 19.47 45.67
C TYR WC 69 -84.93 18.65 46.59
N LYS WC 70 -85.72 19.33 47.41
CA LYS WC 70 -86.53 18.65 48.41
C LYS WC 70 -87.95 19.21 48.52
N ALA WC 71 -88.57 19.60 47.41
CA ALA WC 71 -89.92 20.14 47.50
C ALA WC 71 -90.94 19.01 47.62
N MET WC 72 -92.01 19.30 48.34
CA MET WC 72 -93.11 18.35 48.55
C MET WC 72 -93.94 18.32 47.28
N SER WC 73 -93.99 17.17 46.62
CA SER WC 73 -94.64 17.07 45.33
C SER WC 73 -95.72 15.98 45.33
N VAL WC 74 -96.54 16.01 44.30
CA VAL WC 74 -97.54 14.99 44.05
C VAL WC 74 -96.94 13.95 43.11
N VAL WC 75 -97.11 12.68 43.44
CA VAL WC 75 -96.43 11.61 42.72
C VAL WC 75 -97.36 10.58 42.12
N ALA WC 76 -98.67 10.71 42.35
CA ALA WC 76 -99.60 9.71 41.83
C ALA WC 76 -101.01 10.24 41.90
N ILE WC 77 -101.81 9.92 40.89
CA ILE WC 77 -103.24 10.19 40.89
C ILE WC 77 -103.97 8.89 41.15
N VAL WC 78 -104.84 8.88 42.14
CA VAL WC 78 -105.38 7.64 42.69
C VAL WC 78 -106.70 7.31 42.01
N GLU WC 79 -106.81 6.07 41.53
CA GLU WC 79 -108.03 5.57 40.90
C GLU WC 79 -109.00 5.00 41.93
N LYS WC 80 -108.55 4.00 42.70
CA LYS WC 80 -109.39 3.30 43.66
C LYS WC 80 -108.68 3.22 45.00
N VAL WC 81 -109.45 3.42 46.07
CA VAL WC 81 -108.97 3.26 47.44
C VAL WC 81 -109.83 2.19 48.08
N PHE WC 82 -109.36 0.94 48.04
CA PHE WC 82 -110.07 -0.15 48.69
C PHE WC 82 -109.66 -0.19 50.16
N ARG WC 83 -110.65 -0.11 51.05
CA ARG WC 83 -110.36 0.05 52.48
C ARG WC 83 -111.44 -0.67 53.28
N ASP WC 84 -111.04 -1.72 53.99
CA ASP WC 84 -111.95 -2.37 54.92
C ASP WC 84 -111.15 -3.26 55.88
N GLU XC 3 -103.12 57.24 2.28
CA GLU XC 3 -102.06 57.04 3.26
C GLU XC 3 -101.12 55.94 2.80
N ALA XC 4 -99.94 55.86 3.42
CA ALA XC 4 -98.94 54.89 3.01
C ALA XC 4 -99.35 53.49 3.47
N LEU XC 5 -98.46 52.54 3.28
CA LEU XC 5 -98.75 51.14 3.57
C LEU XC 5 -97.48 50.44 4.00
N GLY XC 6 -97.53 49.71 5.10
CA GLY XC 6 -96.36 49.02 5.61
C GLY XC 6 -96.63 47.54 5.82
N LEU XC 7 -95.63 46.73 5.52
CA LEU XC 7 -95.78 45.28 5.48
C LEU XC 7 -94.61 44.61 6.16
N ILE XC 8 -94.89 43.66 7.03
CA ILE XC 8 -93.88 42.78 7.60
C ILE XC 8 -94.33 41.34 7.39
N GLU XC 9 -93.40 40.46 7.09
CA GLU XC 9 -93.68 39.05 6.87
C GLU XC 9 -92.77 38.22 7.75
N THR XC 10 -93.34 37.26 8.48
CA THR XC 10 -92.59 36.45 9.42
C THR XC 10 -92.96 35.00 9.26
N LYS XC 11 -92.12 34.14 9.83
CA LYS XC 11 -92.41 32.72 9.92
C LYS XC 11 -93.02 32.42 11.29
N GLY XC 12 -94.25 31.93 11.27
CA GLY XC 12 -94.91 31.65 12.53
C GLY XC 12 -95.81 32.80 12.96
N LEU XC 13 -96.84 32.46 13.74
CA LEU XC 13 -97.82 33.48 14.12
C LEU XC 13 -97.33 34.29 15.31
N VAL XC 14 -96.56 33.70 16.21
CA VAL XC 14 -96.13 34.42 17.41
C VAL XC 14 -95.27 35.61 17.03
N ALA XC 15 -94.27 35.39 16.18
CA ALA XC 15 -93.38 36.48 15.80
C ALA XC 15 -94.14 37.60 15.10
N CYS XC 16 -95.30 37.31 14.52
CA CYS XC 16 -96.07 38.34 13.83
C CYS XC 16 -96.89 39.16 14.81
N ILE XC 17 -97.43 38.55 15.85
CA ILE XC 17 -98.21 39.29 16.83
C ILE XC 17 -97.30 40.21 17.64
N GLU XC 18 -96.07 39.77 17.90
CA GLU XC 18 -95.10 40.66 18.53
C GLU XC 18 -94.79 41.84 17.63
N ALA XC 19 -94.59 41.60 16.34
CA ALA XC 19 -94.30 42.68 15.41
C ALA XC 19 -95.47 43.64 15.30
N ALA XC 20 -96.69 43.13 15.20
CA ALA XC 20 -97.84 44.01 15.03
C ALA XC 20 -98.14 44.80 16.30
N ASP XC 21 -97.70 44.32 17.45
CA ASP XC 21 -97.89 45.09 18.68
C ASP XC 21 -96.86 46.20 18.76
N ALA XC 22 -95.61 45.92 18.41
CA ALA XC 22 -94.58 46.95 18.43
C ALA XC 22 -94.90 48.06 17.44
N MET XC 23 -95.40 47.69 16.25
CA MET XC 23 -95.76 48.71 15.26
C MET XC 23 -96.83 49.64 15.81
N CYS XC 24 -97.88 49.08 16.40
CA CYS XC 24 -98.99 49.91 16.86
C CYS XC 24 -98.58 50.82 18.00
N LYS XC 25 -97.61 50.41 18.82
CA LYS XC 25 -97.18 51.25 19.94
C LYS XC 25 -96.21 52.33 19.51
N ALA XC 26 -95.39 52.07 18.49
CA ALA XC 26 -94.25 52.92 18.18
C ALA XC 26 -94.60 54.15 17.36
N ALA XC 27 -95.79 54.23 16.78
CA ALA XC 27 -96.17 55.39 15.98
C ALA XC 27 -97.67 55.38 15.78
N ASN XC 28 -98.17 56.47 15.21
CA ASN XC 28 -99.61 56.64 14.98
C ASN XC 28 -99.99 55.97 13.66
N VAL XC 29 -100.10 54.66 13.70
CA VAL XC 29 -100.53 53.86 12.57
C VAL XC 29 -101.65 52.94 13.04
N GLU XC 30 -102.51 52.55 12.11
CA GLU XC 30 -103.61 51.65 12.41
C GLU XC 30 -103.39 50.32 11.72
N LEU XC 31 -103.85 49.25 12.38
CA LEU XC 31 -103.63 47.89 11.90
C LEU XC 31 -104.74 47.49 10.96
N ILE XC 32 -104.37 47.06 9.75
CA ILE XC 32 -105.37 46.64 8.77
C ILE XC 32 -105.83 45.22 9.04
N GLY XC 33 -104.89 44.29 9.11
CA GLY XC 33 -105.24 42.91 9.41
C GLY XC 33 -104.08 41.99 9.16
N TYR XC 34 -104.31 40.71 9.43
CA TYR XC 34 -103.36 39.65 9.16
C TYR XC 34 -103.79 38.89 7.91
N GLU XC 35 -102.83 38.18 7.32
CA GLU XC 35 -103.12 37.35 6.15
C GLU XC 35 -102.00 36.33 6.00
N ASN XC 36 -102.29 35.07 6.27
CA ASN XC 36 -101.31 34.01 6.05
C ASN XC 36 -101.56 33.32 4.72
N VAL XC 37 -100.49 33.08 3.99
CA VAL XC 37 -100.56 32.45 2.68
C VAL XC 37 -99.76 31.16 2.77
N GLY XC 38 -100.42 30.07 3.17
CA GLY XC 38 -99.76 28.79 3.13
C GLY XC 38 -98.66 28.68 4.16
N SER XC 39 -97.50 28.19 3.71
CA SER XC 39 -96.54 27.56 4.60
C SER XC 39 -95.92 28.52 5.58
N GLY XC 40 -96.44 28.54 6.81
CA GLY XC 40 -95.91 29.29 7.92
C GLY XC 40 -95.49 30.72 7.63
N LEU XC 41 -96.29 31.44 6.86
CA LEU XC 41 -95.97 32.82 6.51
C LEU XC 41 -97.17 33.69 6.84
N VAL XC 42 -97.04 34.54 7.85
CA VAL XC 42 -98.08 35.47 8.24
C VAL XC 42 -97.57 36.88 7.96
N THR XC 43 -98.48 37.76 7.54
CA THR XC 43 -98.14 39.13 7.17
C THR XC 43 -99.10 40.08 7.86
N ALA XC 44 -98.55 41.13 8.46
CA ALA XC 44 -99.33 42.20 9.07
C ALA XC 44 -99.22 43.45 8.24
N MET XC 45 -100.32 44.19 8.12
CA MET XC 45 -100.38 45.40 7.31
C MET XC 45 -100.85 46.56 8.15
N VAL XC 46 -100.11 47.68 8.08
CA VAL XC 46 -100.47 48.91 8.78
C VAL XC 46 -100.54 50.03 7.77
N LYS XC 47 -101.27 51.09 8.12
CA LYS XC 47 -101.37 52.24 7.24
C LYS XC 47 -101.41 53.52 8.04
N GLY XC 48 -100.88 54.58 7.45
CA GLY XC 48 -100.77 55.86 8.10
C GLY XC 48 -99.92 56.79 7.25
N ASP XC 49 -99.51 57.90 7.84
CA ASP XC 49 -98.66 58.83 7.12
C ASP XC 49 -97.30 58.21 6.84
N VAL XC 50 -96.58 58.80 5.89
CA VAL XC 50 -95.35 58.18 5.39
C VAL XC 50 -94.26 58.21 6.46
N GLY XC 51 -94.16 59.30 7.21
CA GLY XC 51 -93.16 59.37 8.27
C GLY XC 51 -93.51 58.46 9.44
N ALA XC 52 -94.80 58.34 9.74
CA ALA XC 52 -95.23 57.45 10.80
C ALA XC 52 -95.03 55.99 10.40
N VAL XC 53 -95.50 55.63 9.21
CA VAL XC 53 -95.43 54.24 8.77
C VAL XC 53 -93.99 53.79 8.65
N ASN XC 54 -93.11 54.68 8.20
CA ASN XC 54 -91.69 54.34 8.11
C ASN XC 54 -91.10 54.09 9.48
N ALA XC 55 -91.62 54.79 10.49
CA ALA XC 55 -91.10 54.63 11.85
C ALA XC 55 -91.69 53.40 12.52
N ALA XC 56 -92.89 52.98 12.11
CA ALA XC 56 -93.49 51.80 12.71
C ALA XC 56 -92.85 50.52 12.19
N VAL XC 57 -92.43 50.52 10.93
CA VAL XC 57 -91.96 49.28 10.33
C VAL XC 57 -90.59 48.91 10.86
N ASP XC 58 -89.70 49.88 11.04
CA ASP XC 58 -88.36 49.54 11.49
C ASP XC 58 -88.35 49.16 12.97
N SER XC 59 -89.33 49.62 13.73
CA SER XC 59 -89.45 49.15 15.11
C SER XC 59 -90.08 47.76 15.15
N GLY XC 60 -91.09 47.53 14.33
CA GLY XC 60 -91.72 46.21 14.29
C GLY XC 60 -90.80 45.13 13.77
N VAL XC 61 -89.90 45.46 12.84
CA VAL XC 61 -88.93 44.48 12.38
C VAL XC 61 -87.93 44.18 13.47
N GLU XC 62 -87.60 45.19 14.28
CA GLU XC 62 -86.63 45.02 15.34
C GLU XC 62 -87.13 44.07 16.42
N ALA XC 63 -88.43 44.09 16.69
CA ALA XC 63 -89.00 43.27 17.75
C ALA XC 63 -89.19 41.83 17.29
N ALA XC 64 -89.76 41.63 16.10
CA ALA XC 64 -89.98 40.27 15.62
C ALA XC 64 -88.68 39.57 15.31
N LYS XC 65 -87.66 40.31 14.87
CA LYS XC 65 -86.34 39.72 14.65
C LYS XC 65 -85.74 39.15 15.92
N ARG XC 66 -86.25 39.57 17.08
CA ARG XC 66 -85.69 39.14 18.35
C ARG XC 66 -86.04 37.69 18.65
N ILE XC 67 -87.28 37.29 18.37
CA ILE XC 67 -87.77 35.97 18.76
C ILE XC 67 -88.09 35.09 17.57
N GLY XC 68 -88.08 35.61 16.34
CA GLY XC 68 -88.41 34.79 15.19
C GLY XC 68 -87.67 35.20 13.95
N LYS XC 69 -88.18 34.83 12.79
CA LYS XC 69 -87.58 35.16 11.52
C LYS XC 69 -88.45 36.18 10.82
N VAL XC 70 -87.88 37.34 10.53
CA VAL XC 70 -88.52 38.34 9.68
C VAL XC 70 -88.06 38.06 8.26
N VAL XC 71 -89.02 37.77 7.38
CA VAL XC 71 -88.68 37.40 6.01
C VAL XC 71 -88.53 38.62 5.12
N SER XC 72 -89.46 39.57 5.21
CA SER XC 72 -89.41 40.75 4.37
C SER XC 72 -90.16 41.89 5.04
N SER XC 73 -89.77 43.10 4.69
CA SER XC 73 -90.48 44.31 5.11
C SER XC 73 -90.45 45.31 3.96
N ARG XC 74 -91.45 46.18 3.93
CA ARG XC 74 -91.58 47.07 2.79
C ARG XC 74 -92.57 48.16 3.13
N VAL XC 75 -92.27 49.39 2.71
CA VAL XC 75 -93.17 50.53 2.84
C VAL XC 75 -93.51 51.01 1.44
N ILE XC 76 -94.79 51.25 1.18
CA ILE XC 76 -95.26 51.79 -0.09
C ILE XC 76 -95.78 53.19 0.17
N ALA XC 77 -95.13 54.19 -0.39
CA ALA XC 77 -95.40 55.57 -0.02
C ALA XC 77 -96.75 56.04 -0.55
N ARG XC 78 -97.13 55.61 -1.75
CA ARG XC 78 -98.45 55.91 -2.29
C ARG XC 78 -98.97 54.66 -2.99
N PRO XC 79 -99.77 53.86 -2.32
CA PRO XC 79 -100.33 52.67 -2.97
C PRO XC 79 -101.35 53.06 -4.02
N HIS XC 80 -101.32 52.35 -5.14
CA HIS XC 80 -102.23 52.64 -6.23
C HIS XC 80 -103.67 52.35 -5.80
N ASN XC 81 -104.59 53.16 -6.32
CA ASN XC 81 -105.98 53.10 -5.88
C ASN XC 81 -106.56 51.71 -6.08
N ASP XC 82 -106.15 51.03 -7.15
CA ASP XC 82 -106.67 49.70 -7.43
C ASP XC 82 -106.31 48.71 -6.32
N ILE XC 83 -105.13 48.87 -5.74
CA ILE XC 83 -104.67 47.97 -4.69
C ILE XC 83 -105.31 48.35 -3.37
N GLU YC 3 -106.66 42.68 29.51
CA GLU YC 3 -105.95 41.66 30.24
C GLU YC 3 -104.78 41.15 29.43
N ALA YC 4 -103.80 40.54 30.10
CA ALA YC 4 -102.58 40.10 29.44
C ALA YC 4 -102.88 39.02 28.42
N LEU YC 5 -101.85 38.56 27.71
CA LEU YC 5 -102.04 37.61 26.63
C LEU YC 5 -100.79 36.77 26.48
N GLY YC 6 -100.94 35.46 26.43
CA GLY YC 6 -99.80 34.56 26.34
C GLY YC 6 -99.93 33.63 25.17
N LEU YC 7 -98.79 33.32 24.55
CA LEU YC 7 -98.75 32.49 23.36
C LEU YC 7 -97.66 31.43 23.48
N ILE YC 8 -98.00 30.21 23.09
CA ILE YC 8 -97.01 29.16 22.90
C ILE YC 8 -97.19 28.62 21.50
N GLU YC 9 -96.08 28.37 20.82
CA GLU YC 9 -96.10 27.86 19.46
C GLU YC 9 -95.32 26.55 19.39
N THR YC 10 -95.97 25.50 18.93
CA THR YC 10 -95.41 24.17 18.93
C THR YC 10 -95.52 23.55 17.55
N LYS YC 11 -94.66 22.58 17.28
CA LYS YC 11 -94.69 21.81 16.05
C LYS YC 11 -95.53 20.56 16.28
N GLY YC 12 -96.70 20.51 15.67
CA GLY YC 12 -97.61 19.41 15.86
C GLY YC 12 -98.72 19.75 16.84
N LEU YC 13 -99.86 19.09 16.67
CA LEU YC 13 -101.01 19.40 17.51
C LEU YC 13 -100.93 18.74 18.88
N VAL YC 14 -100.32 17.56 18.97
CA VAL YC 14 -100.29 16.85 20.24
C VAL YC 14 -99.52 17.65 21.28
N ALA YC 15 -98.35 18.16 20.91
CA ALA YC 15 -97.57 18.97 21.85
C ALA YC 15 -98.31 20.23 22.25
N CYS YC 16 -99.29 20.68 21.47
CA CYS YC 16 -100.02 21.88 21.81
C CYS YC 16 -101.16 21.60 22.77
N ILE YC 17 -101.73 20.39 22.75
CA ILE YC 17 -102.76 20.07 23.71
C ILE YC 17 -102.15 19.75 25.08
N GLU YC 18 -100.92 19.23 25.10
CA GLU YC 18 -100.23 19.10 26.38
C GLU YC 18 -99.87 20.48 26.94
N ALA YC 19 -99.36 21.37 26.09
CA ALA YC 19 -99.05 22.72 26.54
C ALA YC 19 -100.29 23.43 27.06
N ALA YC 20 -101.41 23.30 26.36
CA ALA YC 20 -102.62 23.97 26.81
C ALA YC 20 -103.13 23.37 28.11
N ASP YC 21 -103.05 22.05 28.26
CA ASP YC 21 -103.52 21.43 29.49
C ASP YC 21 -102.74 21.91 30.70
N ALA YC 22 -101.43 22.03 30.57
CA ALA YC 22 -100.61 22.54 31.66
C ALA YC 22 -100.94 23.99 31.96
N MET YC 23 -101.17 24.79 30.92
CA MET YC 23 -101.49 26.20 31.13
C MET YC 23 -102.78 26.36 31.91
N CYS YC 24 -103.82 25.59 31.55
CA CYS YC 24 -105.11 25.78 32.18
C CYS YC 24 -105.15 25.29 33.62
N LYS YC 25 -104.26 24.39 34.00
CA LYS YC 25 -104.22 23.88 35.36
C LYS YC 25 -103.33 24.71 36.27
N ALA YC 26 -102.43 25.52 35.70
CA ALA YC 26 -101.43 26.23 36.47
C ALA YC 26 -101.95 27.51 37.09
N ALA YC 27 -102.96 28.13 36.50
CA ALA YC 27 -103.48 29.38 37.02
C ALA YC 27 -104.89 29.58 36.50
N ASN YC 28 -105.48 30.71 36.86
CA ASN YC 28 -106.86 31.00 36.50
C ASN YC 28 -106.88 31.85 35.23
N VAL YC 29 -106.66 31.18 34.10
CA VAL YC 29 -106.69 31.81 32.79
C VAL YC 29 -107.74 31.13 31.94
N GLU YC 30 -108.33 31.89 31.03
CA GLU YC 30 -109.30 31.34 30.09
C GLU YC 30 -108.62 31.11 28.75
N LEU YC 31 -108.82 29.93 28.18
CA LEU YC 31 -108.18 29.56 26.94
C LEU YC 31 -108.99 30.05 25.76
N ILE YC 32 -108.35 30.76 24.84
CA ILE YC 32 -109.05 31.37 23.72
C ILE YC 32 -109.24 30.38 22.58
N GLY YC 33 -108.18 29.78 22.08
CA GLY YC 33 -108.31 28.77 21.05
C GLY YC 33 -107.03 28.63 20.26
N TYR YC 34 -107.00 27.59 19.44
CA TYR YC 34 -105.86 27.27 18.60
C TYR YC 34 -105.94 27.97 17.27
N GLU YC 35 -104.80 28.07 16.61
CA GLU YC 35 -104.71 28.65 15.27
C GLU YC 35 -103.46 28.08 14.62
N ASN YC 36 -103.64 27.27 13.58
CA ASN YC 36 -102.50 26.75 12.83
C ASN YC 36 -102.30 27.55 11.56
N VAL YC 37 -101.04 27.82 11.23
CA VAL YC 37 -100.68 28.63 10.08
C VAL YC 37 -100.00 27.81 9.01
N GLY YC 38 -100.01 26.49 9.13
CA GLY YC 38 -99.37 25.63 8.17
C GLY YC 38 -97.92 25.36 8.53
N SER YC 39 -97.34 24.37 7.85
CA SER YC 39 -96.00 23.86 8.09
C SER YC 39 -95.89 23.14 9.43
N GLY YC 40 -97.03 22.75 10.01
CA GLY YC 40 -97.02 22.03 11.27
C GLY YC 40 -97.01 22.89 12.51
N LEU YC 41 -97.11 24.22 12.36
CA LEU YC 41 -97.03 25.12 13.49
C LEU YC 41 -98.43 25.38 14.04
N VAL YC 42 -98.64 25.08 15.31
CA VAL YC 42 -99.90 25.30 16.00
C VAL YC 42 -99.64 26.19 17.20
N THR YC 43 -100.55 27.12 17.46
CA THR YC 43 -100.38 28.12 18.51
C THR YC 43 -101.59 28.10 19.43
N ALA YC 44 -101.33 28.13 20.74
CA ALA YC 44 -102.37 28.24 21.75
C ALA YC 44 -102.29 29.61 22.39
N MET YC 45 -103.45 30.19 22.72
CA MET YC 45 -103.53 31.55 23.22
C MET YC 45 -104.41 31.59 24.46
N VAL YC 46 -103.87 32.08 25.56
CA VAL YC 46 -104.61 32.26 26.80
C VAL YC 46 -104.65 33.74 27.13
N LYS YC 47 -105.55 34.10 28.05
CA LYS YC 47 -105.65 35.48 28.48
C LYS YC 47 -106.14 35.55 29.92
N GLY YC 48 -105.59 36.49 30.67
CA GLY YC 48 -105.95 36.66 32.06
C GLY YC 48 -105.07 37.73 32.67
N ASP YC 49 -105.10 37.81 33.99
CA ASP YC 49 -104.21 38.73 34.68
C ASP YC 49 -102.76 38.38 34.42
N VAL YC 50 -101.88 39.38 34.55
CA VAL YC 50 -100.51 39.20 34.09
C VAL YC 50 -99.68 38.34 35.03
N GLY YC 51 -100.06 38.23 36.30
CA GLY YC 51 -99.39 37.29 37.18
C GLY YC 51 -99.81 35.86 36.89
N ALA YC 52 -101.07 35.65 36.51
CA ALA YC 52 -101.54 34.33 36.16
C ALA YC 52 -100.99 33.90 34.80
N VAL YC 53 -101.02 34.80 33.83
CA VAL YC 53 -100.58 34.45 32.48
C VAL YC 53 -99.08 34.16 32.47
N ASN YC 54 -98.32 34.87 33.30
CA ASN YC 54 -96.90 34.60 33.36
C ASN YC 54 -96.62 33.22 33.93
N ALA YC 55 -97.41 32.80 34.91
CA ALA YC 55 -97.22 31.48 35.52
C ALA YC 55 -97.67 30.38 34.58
N ALA YC 56 -98.75 30.62 33.83
CA ALA YC 56 -99.26 29.60 32.93
C ALA YC 56 -98.29 29.33 31.79
N VAL YC 57 -97.75 30.39 31.18
CA VAL YC 57 -96.90 30.21 30.02
C VAL YC 57 -95.60 29.51 30.40
N ASP YC 58 -95.06 29.79 31.58
CA ASP YC 58 -93.85 29.11 32.01
C ASP YC 58 -94.11 27.64 32.26
N SER YC 59 -95.28 27.30 32.80
CA SER YC 59 -95.62 25.91 33.04
C SER YC 59 -95.89 25.19 31.72
N GLY YC 60 -96.66 25.82 30.83
CA GLY YC 60 -96.97 25.19 29.56
C GLY YC 60 -95.75 24.96 28.69
N VAL YC 61 -94.75 25.83 28.79
CA VAL YC 61 -93.56 25.65 27.97
C VAL YC 61 -92.77 24.43 28.41
N GLU YC 62 -92.69 24.20 29.72
CA GLU YC 62 -91.89 23.07 30.21
C GLU YC 62 -92.58 21.75 29.95
N ALA YC 63 -93.91 21.70 30.03
CA ALA YC 63 -94.61 20.45 29.76
C ALA YC 63 -94.54 20.07 28.29
N ALA YC 64 -94.79 21.03 27.40
CA ALA YC 64 -94.72 20.75 25.98
C ALA YC 64 -93.30 20.44 25.53
N LYS YC 65 -92.32 21.08 26.15
CA LYS YC 65 -90.92 20.80 25.83
C LYS YC 65 -90.57 19.35 26.08
N ARG YC 66 -91.26 18.72 27.03
CA ARG YC 66 -90.92 17.37 27.44
C ARG YC 66 -91.25 16.35 26.37
N ILE YC 67 -92.31 16.57 25.59
CA ILE YC 67 -92.83 15.57 24.65
C ILE YC 67 -92.83 16.06 23.21
N GLY YC 68 -92.38 17.27 22.95
CA GLY YC 68 -92.36 17.77 21.60
C GLY YC 68 -91.39 18.90 21.47
N LYS YC 69 -91.56 19.67 20.40
CA LYS YC 69 -90.72 20.84 20.14
C LYS YC 69 -91.54 22.09 20.39
N VAL YC 70 -91.04 22.95 21.27
CA VAL YC 70 -91.62 24.27 21.47
C VAL YC 70 -90.83 25.26 20.63
N VAL YC 71 -91.51 25.93 19.72
CA VAL YC 71 -90.84 26.84 18.80
C VAL YC 71 -90.64 28.22 19.42
N SER YC 72 -91.65 28.73 20.10
CA SER YC 72 -91.62 30.10 20.59
C SER YC 72 -92.67 30.28 21.67
N SER YC 73 -92.43 31.21 22.58
CA SER YC 73 -93.38 31.58 23.61
C SER YC 73 -93.27 33.08 23.85
N ARG YC 74 -94.33 33.65 24.42
CA ARG YC 74 -94.36 35.09 24.57
C ARG YC 74 -95.51 35.49 25.48
N VAL YC 75 -95.27 36.46 26.36
CA VAL YC 75 -96.31 37.10 27.14
C VAL YC 75 -96.37 38.56 26.74
N ILE YC 76 -97.57 39.05 26.50
CA ILE YC 76 -97.81 40.46 26.16
C ILE YC 76 -98.60 41.05 27.32
N ALA YC 77 -97.98 41.95 28.08
CA ALA YC 77 -98.59 42.39 29.33
C ALA YC 77 -99.74 43.36 29.08
N ARG YC 78 -99.51 44.41 28.31
CA ARG YC 78 -100.57 45.34 27.94
C ARG YC 78 -100.74 45.29 26.42
N PRO YC 79 -101.63 44.46 25.91
CA PRO YC 79 -101.81 44.38 24.46
C PRO YC 79 -102.59 45.59 23.96
N HIS YC 80 -102.26 46.02 22.76
CA HIS YC 80 -102.92 47.18 22.17
C HIS YC 80 -104.35 46.82 21.80
N ASN YC 81 -105.21 47.84 21.80
CA ASN YC 81 -106.63 47.59 21.53
C ASN YC 81 -106.87 47.22 20.08
N ASP YC 82 -106.00 47.65 19.17
CA ASP YC 82 -106.09 47.21 17.79
C ASP YC 82 -105.82 45.72 17.67
N ILE YC 83 -105.07 45.15 18.61
CA ILE YC 83 -104.72 43.75 18.56
C ILE YC 83 -105.80 42.92 19.24
N GLU ZC 3 -96.94 48.98 46.67
CA GLU ZC 3 -96.78 48.20 45.45
C GLU ZC 3 -95.32 48.04 45.10
N ALA ZC 4 -95.03 47.20 44.12
CA ALA ZC 4 -93.66 46.86 43.81
C ALA ZC 4 -92.90 48.07 43.28
N LEU ZC 5 -91.59 47.89 43.08
CA LEU ZC 5 -90.72 48.98 42.70
C LEU ZC 5 -89.65 48.46 41.76
N GLY ZC 6 -89.51 49.09 40.60
CA GLY ZC 6 -88.54 48.68 39.60
C GLY ZC 6 -87.57 49.79 39.28
N LEU ZC 7 -86.29 49.45 39.17
CA LEU ZC 7 -85.23 50.42 38.97
C LEU ZC 7 -84.34 49.98 37.82
N ILE ZC 8 -83.99 50.94 36.96
CA ILE ZC 8 -82.98 50.74 35.92
C ILE ZC 8 -81.98 51.87 36.05
N GLU ZC 9 -80.70 51.55 35.85
CA GLU ZC 9 -79.63 52.52 35.98
C GLU ZC 9 -78.74 52.47 34.77
N THR ZC 10 -78.54 53.62 34.14
CA THR ZC 10 -77.82 53.72 32.88
C THR ZC 10 -76.77 54.81 32.95
N LYS ZC 11 -75.84 54.77 32.01
CA LYS ZC 11 -74.89 55.86 31.81
C LYS ZC 11 -75.46 56.82 30.78
N GLY ZC 12 -75.69 58.06 31.19
CA GLY ZC 12 -76.23 59.06 30.29
C GLY ZC 12 -77.74 59.11 30.30
N LEU ZC 13 -78.27 60.24 29.84
CA LEU ZC 13 -79.70 60.48 29.93
C LEU ZC 13 -80.46 59.87 28.77
N VAL ZC 14 -79.83 59.75 27.60
CA VAL ZC 14 -80.58 59.25 26.44
C VAL ZC 14 -80.96 57.79 26.64
N ALA ZC 15 -80.04 56.97 27.12
CA ALA ZC 15 -80.37 55.57 27.37
C ALA ZC 15 -81.43 55.43 28.45
N CYS ZC 16 -81.62 56.44 29.30
CA CYS ZC 16 -82.61 56.36 30.35
C CYS ZC 16 -83.98 56.83 29.89
N ILE ZC 17 -84.04 57.70 28.88
CA ILE ZC 17 -85.34 58.07 28.33
C ILE ZC 17 -85.88 56.97 27.44
N GLU ZC 18 -84.99 56.22 26.80
CA GLU ZC 18 -85.46 55.07 26.04
C GLU ZC 18 -85.93 53.95 26.95
N ALA ZC 19 -85.24 53.73 28.07
CA ALA ZC 19 -85.69 52.73 29.03
C ALA ZC 19 -87.01 53.14 29.67
N ALA ZC 20 -87.16 54.41 30.02
CA ALA ZC 20 -88.40 54.85 30.65
C ALA ZC 20 -89.56 54.83 29.67
N ASP ZC 21 -89.28 55.02 28.38
CA ASP ZC 21 -90.36 54.97 27.40
C ASP ZC 21 -90.82 53.54 27.16
N ALA ZC 22 -89.87 52.61 27.05
CA ALA ZC 22 -90.23 51.22 26.83
C ALA ZC 22 -90.97 50.63 28.02
N MET ZC 23 -90.57 51.02 29.23
CA MET ZC 23 -91.24 50.52 30.43
C MET ZC 23 -92.69 50.96 30.47
N CYS ZC 24 -92.95 52.23 30.21
CA CYS ZC 24 -94.32 52.74 30.32
C CYS ZC 24 -95.22 52.17 29.23
N LYS ZC 25 -94.65 51.72 28.12
CA LYS ZC 25 -95.45 51.18 27.04
C LYS ZC 25 -95.81 49.72 27.29
N ALA ZC 26 -94.91 48.96 27.91
CA ALA ZC 26 -94.99 47.51 27.94
C ALA ZC 26 -95.71 46.94 29.15
N ALA ZC 27 -96.31 47.79 29.99
CA ALA ZC 27 -97.04 47.30 31.16
C ALA ZC 27 -97.76 48.47 31.80
N ASN ZC 28 -98.70 48.14 32.69
CA ASN ZC 28 -99.47 49.16 33.40
C ASN ZC 28 -98.72 49.55 34.67
N VAL ZC 29 -97.75 50.46 34.49
CA VAL ZC 29 -96.93 50.95 35.59
C VAL ZC 29 -97.01 52.48 35.59
N GLU ZC 30 -96.59 53.06 36.71
CA GLU ZC 30 -96.53 54.50 36.88
C GLU ZC 30 -95.08 54.93 37.01
N LEU ZC 31 -94.70 55.95 36.28
CA LEU ZC 31 -93.33 56.46 36.32
C LEU ZC 31 -93.22 57.49 37.44
N ILE ZC 32 -92.30 57.25 38.37
CA ILE ZC 32 -92.11 58.15 39.49
C ILE ZC 32 -91.21 59.31 39.13
N GLY ZC 33 -90.06 59.03 38.53
CA GLY ZC 33 -89.19 60.09 38.08
C GLY ZC 33 -87.77 59.59 37.92
N TYR ZC 34 -86.91 60.51 37.50
CA TYR ZC 34 -85.49 60.26 37.34
C TYR ZC 34 -84.75 60.81 38.56
N GLU ZC 35 -83.54 60.29 38.77
CA GLU ZC 35 -82.70 60.73 39.88
C GLU ZC 35 -81.26 60.40 39.55
N ASN ZC 36 -80.48 61.41 39.18
CA ASN ZC 36 -79.09 61.22 38.84
C ASN ZC 36 -78.19 61.58 40.01
N VAL ZC 37 -77.00 60.97 40.02
CA VAL ZC 37 -76.08 61.10 41.14
C VAL ZC 37 -74.69 61.48 40.65
N GLY ZC 38 -74.61 62.13 39.49
CA GLY ZC 38 -73.33 62.49 38.93
C GLY ZC 38 -72.61 61.29 38.34
N SER ZC 39 -71.49 61.57 37.70
CA SER ZC 39 -70.73 60.60 36.91
C SER ZC 39 -71.53 60.06 35.73
N GLY ZC 40 -72.64 60.70 35.37
CA GLY ZC 40 -73.44 60.25 34.27
C GLY ZC 40 -74.41 59.14 34.58
N LEU ZC 41 -74.48 58.69 35.83
CA LEU ZC 41 -75.43 57.65 36.20
C LEU ZC 41 -76.79 58.28 36.42
N VAL ZC 42 -77.79 57.81 35.66
CA VAL ZC 42 -79.17 58.24 35.81
C VAL ZC 42 -80.01 57.02 36.09
N THR ZC 43 -81.05 57.18 36.89
CA THR ZC 43 -81.88 56.07 37.36
C THR ZC 43 -83.35 56.39 37.15
N ALA ZC 44 -84.09 55.44 36.60
CA ALA ZC 44 -85.53 55.55 36.42
C ALA ZC 44 -86.23 54.65 37.42
N MET ZC 45 -87.36 55.13 37.95
CA MET ZC 45 -88.10 54.39 38.97
C MET ZC 45 -89.56 54.25 38.53
N VAL ZC 46 -90.03 53.02 38.38
CA VAL ZC 46 -91.42 52.76 38.07
C VAL ZC 46 -92.07 52.08 39.26
N LYS ZC 47 -93.39 52.07 39.27
CA LYS ZC 47 -94.14 51.58 40.41
C LYS ZC 47 -95.46 50.99 39.95
N GLY ZC 48 -95.78 49.80 40.44
CA GLY ZC 48 -97.02 49.15 40.07
C GLY ZC 48 -97.08 47.77 40.70
N ASP ZC 49 -98.07 46.99 40.26
CA ASP ZC 49 -98.20 45.62 40.76
C ASP ZC 49 -96.96 44.81 40.38
N VAL ZC 50 -96.75 43.71 41.10
CA VAL ZC 50 -95.49 42.97 40.98
C VAL ZC 50 -95.35 42.36 39.60
N GLY ZC 51 -96.44 41.81 39.05
CA GLY ZC 51 -96.36 41.19 37.76
C GLY ZC 51 -96.10 42.20 36.65
N ALA ZC 52 -96.79 43.34 36.71
CA ALA ZC 52 -96.55 44.41 35.75
C ALA ZC 52 -95.13 44.92 35.86
N VAL ZC 53 -94.71 45.32 37.06
CA VAL ZC 53 -93.40 45.91 37.26
C VAL ZC 53 -92.31 44.94 36.82
N ASN ZC 54 -92.49 43.66 37.10
CA ASN ZC 54 -91.52 42.67 36.63
C ASN ZC 54 -91.39 42.76 35.12
N ALA ZC 55 -92.51 42.66 34.40
CA ALA ZC 55 -92.49 42.69 32.94
C ALA ZC 55 -91.89 43.98 32.41
N ALA ZC 56 -92.25 45.11 33.02
CA ALA ZC 56 -91.74 46.39 32.55
C ALA ZC 56 -90.22 46.43 32.58
N VAL ZC 57 -89.62 46.03 33.71
CA VAL ZC 57 -88.18 46.14 33.85
C VAL ZC 57 -87.46 45.27 32.83
N ASP ZC 58 -88.03 44.12 32.50
CA ASP ZC 58 -87.39 43.28 31.48
C ASP ZC 58 -87.40 43.95 30.11
N SER ZC 59 -88.52 44.58 29.76
CA SER ZC 59 -88.60 45.27 28.47
C SER ZC 59 -87.75 46.53 28.48
N GLY ZC 60 -87.76 47.28 29.57
CA GLY ZC 60 -86.99 48.50 29.63
C GLY ZC 60 -85.50 48.28 29.53
N VAL ZC 61 -85.00 47.21 30.13
CA VAL ZC 61 -83.56 46.93 30.04
C VAL ZC 61 -83.20 46.49 28.65
N GLU ZC 62 -84.13 45.84 27.95
CA GLU ZC 62 -83.85 45.33 26.62
C GLU ZC 62 -83.76 46.46 25.60
N ALA ZC 63 -84.60 47.49 25.76
CA ALA ZC 63 -84.54 48.63 24.85
C ALA ZC 63 -83.34 49.52 25.16
N ALA ZC 64 -83.01 49.71 26.43
CA ALA ZC 64 -81.95 50.62 26.80
C ALA ZC 64 -80.59 50.04 26.48
N LYS ZC 65 -80.40 48.74 26.73
CA LYS ZC 65 -79.13 48.09 26.41
C LYS ZC 65 -78.82 48.18 24.93
N ARG ZC 66 -79.81 48.48 24.11
CA ARG ZC 66 -79.66 48.43 22.66
C ARG ZC 66 -78.91 49.63 22.13
N ILE ZC 67 -79.00 50.78 22.81
CA ILE ZC 67 -78.34 51.99 22.36
C ILE ZC 67 -77.30 52.50 23.34
N GLY ZC 68 -77.36 52.13 24.61
CA GLY ZC 68 -76.41 52.62 25.58
C GLY ZC 68 -76.02 51.54 26.56
N LYS ZC 69 -75.67 51.92 27.79
CA LYS ZC 69 -75.21 50.97 28.79
C LYS ZC 69 -76.16 50.92 29.97
N VAL ZC 70 -76.66 49.73 30.25
CA VAL ZC 70 -77.48 49.49 31.43
C VAL ZC 70 -76.58 49.00 32.54
N VAL ZC 71 -76.47 49.79 33.60
CA VAL ZC 71 -75.53 49.46 34.67
C VAL ZC 71 -76.11 48.41 35.60
N SER ZC 72 -77.38 48.55 35.98
CA SER ZC 72 -78.02 47.58 36.86
C SER ZC 72 -79.52 47.75 36.79
N SER ZC 73 -80.23 46.67 37.14
CA SER ZC 73 -81.67 46.65 37.23
C SER ZC 73 -82.08 45.82 38.42
N ARG ZC 74 -83.29 46.07 38.92
CA ARG ZC 74 -83.70 45.44 40.17
C ARG ZC 74 -85.19 45.66 40.37
N VAL ZC 75 -85.88 44.65 40.89
CA VAL ZC 75 -87.28 44.75 41.27
C VAL ZC 75 -87.40 44.43 42.76
N ILE ZC 76 -88.01 45.34 43.51
CA ILE ZC 76 -88.33 45.10 44.92
C ILE ZC 76 -89.81 44.83 44.99
N ALA ZC 77 -90.18 43.61 45.35
CA ALA ZC 77 -91.58 43.23 45.31
C ALA ZC 77 -92.40 43.97 46.35
N ARG ZC 78 -91.83 44.19 47.54
CA ARG ZC 78 -92.55 44.85 48.63
C ARG ZC 78 -91.56 45.70 49.40
N PRO ZC 79 -91.42 46.97 49.04
CA PRO ZC 79 -90.46 47.82 49.73
C PRO ZC 79 -90.94 48.20 51.12
N HIS ZC 80 -89.98 48.41 52.01
CA HIS ZC 80 -90.28 48.92 53.34
C HIS ZC 80 -90.84 50.33 53.24
N ASN ZC 81 -91.67 50.69 54.22
CA ASN ZC 81 -92.27 52.02 54.18
C ASN ZC 81 -91.23 53.12 54.30
N ASP ZC 82 -90.10 52.84 54.96
CA ASP ZC 82 -89.04 53.82 55.03
C ASP ZC 82 -88.45 54.10 53.66
N ILE ZC 83 -88.36 53.07 52.81
CA ILE ZC 83 -87.84 53.25 51.47
C ILE ZC 83 -88.72 54.17 50.64
N GLU ZC 84 -90.01 54.25 50.94
CA GLU ZC 84 -90.86 55.21 50.24
C GLU ZC 84 -90.83 56.58 50.89
N LYS ZC 85 -89.63 57.03 51.21
CA LYS ZC 85 -89.32 58.41 51.55
C LYS ZC 85 -88.00 58.84 50.95
N ILE ZC 86 -87.20 57.90 50.45
CA ILE ZC 86 -85.98 58.18 49.72
C ILE ZC 86 -86.25 58.33 48.24
N ALA ZC 87 -87.13 57.50 47.70
CA ALA ZC 87 -87.51 57.62 46.29
C ALA ZC 87 -88.40 58.83 46.08
N GLY ZC 88 -89.56 58.83 46.72
CA GLY ZC 88 -90.48 59.96 46.62
C GLY ZC 88 -90.20 61.04 47.66
N MET AD 1 14.24 56.42 92.66
CA MET AD 1 15.49 57.14 92.77
C MET AD 1 15.62 57.78 94.13
N ILE AD 2 16.84 58.19 94.48
CA ILE AD 2 17.10 58.93 95.71
C ILE AD 2 18.09 60.04 95.40
N LEU AD 3 17.96 61.16 96.10
CA LEU AD 3 18.97 62.21 96.04
C LEU AD 3 20.18 61.79 96.84
N ALA AD 4 21.36 61.92 96.24
CA ALA AD 4 22.58 61.52 96.90
C ALA AD 4 23.71 62.41 96.41
N LYS AD 5 24.84 62.32 97.09
CA LYS AD 5 26.02 63.12 96.78
C LYS AD 5 27.21 62.21 96.63
N VAL AD 6 27.99 62.40 95.56
CA VAL AD 6 29.18 61.60 95.35
C VAL AD 6 30.25 62.03 96.36
N THR AD 7 30.78 61.06 97.10
CA THR AD 7 31.71 61.35 98.17
C THR AD 7 33.04 60.61 98.05
N GLY AD 8 33.26 59.87 96.97
CA GLY AD 8 34.51 59.15 96.82
C GLY AD 8 34.44 58.22 95.62
N HIS AD 9 35.34 57.25 95.62
CA HIS AD 9 35.34 56.23 94.58
C HIS AD 9 36.01 54.98 95.13
N VAL AD 10 35.84 53.88 94.41
CA VAL AD 10 36.35 52.57 94.81
C VAL AD 10 37.18 52.01 93.66
N VAL AD 11 38.38 51.52 93.97
CA VAL AD 11 39.26 50.91 92.99
C VAL AD 11 39.29 49.41 93.27
N ALA AD 12 38.71 48.64 92.35
CA ALA AD 12 38.63 47.19 92.48
C ALA AD 12 39.23 46.56 91.24
N THR AD 13 40.23 45.70 91.43
CA THR AD 13 40.93 45.06 90.33
C THR AD 13 40.36 43.68 90.00
N GLN AD 14 40.17 42.86 91.02
CA GLN AD 14 39.61 41.51 90.85
C GLN AD 14 38.10 41.61 90.96
N LYS AD 15 37.42 41.55 89.83
CA LYS AD 15 35.97 41.71 89.82
C LYS AD 15 35.39 40.97 88.62
N CYS AD 16 34.07 40.90 88.58
CA CYS AD 16 33.38 40.18 87.53
C CYS AD 16 33.55 40.91 86.20
N ASP AD 17 32.96 40.33 85.16
CA ASP AD 17 33.07 40.87 83.82
C ASP AD 17 31.94 41.82 83.46
N GLU AD 18 30.81 41.71 84.14
CA GLU AD 18 29.70 42.65 83.94
C GLU AD 18 30.06 44.06 84.40
N LEU AD 19 31.20 44.23 85.07
CA LEU AD 19 31.60 45.52 85.61
C LEU AD 19 32.86 46.08 84.97
N ARG AD 20 33.36 45.46 83.90
CA ARG AD 20 34.59 45.93 83.29
C ARG AD 20 34.37 47.26 82.58
N GLY AD 21 35.26 48.21 82.83
CA GLY AD 21 35.20 49.50 82.15
C GLY AD 21 34.08 50.39 82.63
N SER AD 22 34.02 50.63 83.93
CA SER AD 22 32.99 51.50 84.50
C SER AD 22 33.52 52.07 85.80
N ASN AD 23 32.96 53.21 86.19
CA ASN AD 23 33.35 53.85 87.42
C ASN AD 23 32.57 53.25 88.58
N LEU AD 24 33.12 53.36 89.78
CA LEU AD 24 32.45 52.88 90.99
C LEU AD 24 32.53 53.98 92.05
N LEU AD 25 31.45 54.70 92.23
CA LEU AD 25 31.42 55.87 93.10
C LEU AD 25 30.78 55.53 94.43
N LEU AD 26 31.25 56.17 95.49
CA LEU AD 26 30.58 56.13 96.77
C LEU AD 26 29.48 57.18 96.78
N ILE AD 27 28.29 56.78 97.18
CA ILE AD 27 27.07 57.56 96.98
C ILE AD 27 26.41 57.66 98.35
N THR AD 28 26.38 58.86 98.90
CA THR AD 28 25.83 59.07 100.23
C THR AD 28 24.47 59.75 100.16
N ARG AD 29 23.47 59.14 100.75
CA ARG AD 29 22.13 59.71 100.76
C ARG AD 29 22.09 60.94 101.65
N LEU AD 30 21.50 62.02 101.15
CA LEU AD 30 21.48 63.28 101.87
C LEU AD 30 20.06 63.63 102.29
N ASP AD 31 19.95 64.32 103.43
CA ASP AD 31 18.67 64.57 104.09
C ASP AD 31 17.95 65.80 103.54
N ASP AD 32 16.89 66.23 104.21
CA ASP AD 32 16.03 67.31 103.69
C ASP AD 32 16.64 68.69 103.84
N LYS AD 33 17.88 68.80 104.30
CA LYS AD 33 18.62 70.05 104.27
C LYS AD 33 19.75 70.01 103.26
N GLN AD 34 19.73 69.03 102.37
CA GLN AD 34 20.82 68.78 101.42
C GLN AD 34 22.14 68.62 102.16
N GLN AD 35 22.16 67.63 103.08
CA GLN AD 35 23.31 67.36 103.91
C GLN AD 35 23.45 65.86 104.04
N PRO AD 36 24.63 65.28 103.83
CA PRO AD 36 24.77 63.83 103.88
C PRO AD 36 24.42 63.27 105.25
N MET AD 37 23.92 62.04 105.24
CA MET AD 37 23.53 61.34 106.45
C MET AD 37 24.67 60.43 106.91
N LYS AD 38 24.42 59.68 107.98
CA LYS AD 38 25.41 58.78 108.56
C LYS AD 38 25.03 57.34 108.23
N ASP AD 39 26.02 56.55 107.82
CA ASP AD 39 25.83 55.14 107.53
C ASP AD 39 24.80 54.92 106.43
N GLN AD 40 24.94 55.67 105.35
CA GLN AD 40 23.99 55.60 104.25
C GLN AD 40 24.70 55.62 102.91
N THR AD 41 25.78 54.84 102.79
CA THR AD 41 26.63 54.88 101.61
C THR AD 41 26.47 53.60 100.80
N TRP AD 42 26.27 53.76 99.49
CA TRP AD 42 26.25 52.66 98.56
C TRP AD 42 27.31 52.87 97.50
N VAL AD 43 27.54 51.85 96.70
CA VAL AD 43 28.47 51.92 95.58
C VAL AD 43 27.67 51.87 94.29
N ALA AD 44 27.85 52.87 93.45
CA ALA AD 44 27.04 53.01 92.25
C ALA AD 44 27.93 53.05 91.03
N VAL AD 45 27.50 52.36 89.97
CA VAL AD 45 28.21 52.38 88.71
C VAL AD 45 27.83 53.65 87.96
N ASP AD 46 28.75 54.59 87.88
CA ASP AD 46 28.47 55.83 87.17
C ASP AD 46 28.06 55.55 85.74
N ASN AD 47 27.14 56.36 85.23
CA ASN AD 47 26.62 56.16 83.89
C ASN AD 47 26.54 57.42 83.06
N VAL AD 48 26.59 58.61 83.66
CA VAL AD 48 26.47 59.87 82.93
C VAL AD 48 27.67 60.78 83.13
N GLY AD 49 28.65 60.38 83.92
CA GLY AD 49 29.83 61.20 84.08
C GLY AD 49 29.78 62.15 85.26
N ALA AD 50 29.53 61.60 86.44
CA ALA AD 50 29.51 62.39 87.67
C ALA AD 50 30.86 62.28 88.38
N GLY AD 51 31.21 63.33 89.10
CA GLY AD 51 32.46 63.35 89.83
C GLY AD 51 32.25 63.73 91.28
N MET AD 52 33.30 64.14 91.97
CA MET AD 52 33.19 64.40 93.38
C MET AD 52 32.30 65.61 93.65
N HIS AD 53 31.62 65.58 94.79
CA HIS AD 53 30.84 66.69 95.34
C HIS AD 53 29.56 66.98 94.55
N ASP AD 54 29.25 66.18 93.53
CA ASP AD 54 28.10 66.45 92.68
C ASP AD 54 26.86 65.76 93.24
N ILE AD 55 25.73 66.47 93.23
CA ILE AD 55 24.48 65.89 93.67
C ILE AD 55 23.86 65.13 92.51
N VAL AD 56 23.65 63.83 92.70
CA VAL AD 56 23.21 62.97 91.62
C VAL AD 56 21.91 62.28 92.01
N LEU AD 57 21.40 61.44 91.11
CA LEU AD 57 20.10 60.79 91.26
C LEU AD 57 20.33 59.30 91.06
N ALA AD 58 20.58 58.58 92.16
CA ALA AD 58 20.98 57.18 92.09
C ALA AD 58 19.76 56.28 92.04
N GLU AD 59 19.75 55.37 91.08
CA GLU AD 59 18.62 54.48 90.85
C GLU AD 59 18.92 53.09 91.37
N GLU AD 60 17.87 52.37 91.75
CA GLU AD 60 18.00 51.04 92.33
C GLU AD 60 18.18 49.99 91.24
N TYR AD 61 17.94 48.74 91.59
CA TYR AD 61 18.51 47.57 90.93
C TYR AD 61 18.68 47.67 89.42
N PHE AD 62 17.60 47.77 88.67
CA PHE AD 62 17.66 47.50 87.24
C PHE AD 62 17.89 48.77 86.46
N ALA AD 63 19.09 48.91 85.90
CA ALA AD 63 19.40 49.97 84.94
C ALA AD 63 20.30 49.49 83.81
N LEU AD 64 20.37 48.18 83.59
CA LEU AD 64 21.14 47.57 82.50
C LEU AD 64 22.61 47.96 82.57
N ASN AD 65 23.25 47.53 83.66
CA ASN AD 65 24.65 47.86 83.89
C ASN AD 65 25.43 46.70 84.50
N TYR AD 69 21.26 42.21 83.88
CA TYR AD 69 22.08 43.28 84.44
C TYR AD 69 21.27 44.13 85.42
N LYS AD 70 21.70 44.14 86.67
CA LYS AD 70 20.95 44.83 87.71
C LYS AD 70 21.81 45.64 88.66
N ALA AD 71 22.85 46.30 88.17
CA ALA AD 71 23.70 47.10 89.05
C ALA AD 71 23.06 48.44 89.35
N MET AD 72 23.30 48.93 90.56
CA MET AD 72 22.79 50.22 91.01
C MET AD 72 23.63 51.31 90.37
N SER AD 73 23.00 52.13 89.54
CA SER AD 73 23.74 53.14 88.77
C SER AD 73 23.20 54.52 89.01
N VAL AD 74 23.97 55.51 88.57
CA VAL AD 74 23.58 56.91 88.59
C VAL AD 74 22.98 57.25 87.24
N VAL AD 75 21.82 57.91 87.24
CA VAL AD 75 21.06 58.13 86.03
C VAL AD 75 20.81 59.59 85.73
N ALA AD 76 21.23 60.51 86.59
CA ALA AD 76 20.95 61.92 86.35
C ALA AD 76 21.82 62.77 87.26
N ILE AD 77 22.29 63.89 86.73
CA ILE AD 77 22.98 64.91 87.53
C ILE AD 77 22.02 66.06 87.73
N VAL AD 78 21.85 66.45 88.98
CA VAL AD 78 20.75 67.34 89.37
C VAL AD 78 21.23 68.78 89.37
N GLU AD 79 20.47 69.64 88.70
CA GLU AD 79 20.75 71.07 88.66
C GLU AD 79 20.11 71.81 89.84
N LYS AD 80 18.80 71.70 89.97
CA LYS AD 80 18.04 72.42 90.98
C LYS AD 80 17.13 71.47 91.73
N VAL AD 81 17.04 71.65 93.04
CA VAL AD 81 16.11 70.90 93.89
C VAL AD 81 15.21 71.93 94.55
N PHE AD 82 14.06 72.19 93.95
CA PHE AD 82 13.09 73.09 94.54
C PHE AD 82 12.24 72.32 95.54
N ARG AD 83 12.20 72.79 96.78
CA ARG AD 83 11.58 72.02 97.86
C ARG AD 83 10.96 73.00 98.86
N ASP AD 84 9.64 72.98 98.96
CA ASP AD 84 8.95 73.73 100.01
C ASP AD 84 7.52 73.24 100.16
N GLU BD 3 79.72 53.79 68.08
CA GLU BD 3 78.72 52.80 68.41
C GLU BD 3 77.70 52.69 67.29
N ALA BD 4 76.98 51.57 67.24
CA ALA BD 4 76.02 51.35 66.18
C ALA BD 4 74.78 52.21 66.39
N LEU BD 5 73.80 52.04 65.53
CA LEU BD 5 72.61 52.88 65.55
C LEU BD 5 71.42 52.06 65.11
N GLY BD 6 70.34 52.12 65.87
CA GLY BD 6 69.14 51.35 65.55
C GLY BD 6 67.92 52.24 65.44
N LEU BD 7 67.05 51.90 64.49
CA LEU BD 7 65.93 52.76 64.14
C LEU BD 7 64.68 51.93 63.93
N ILE BD 8 63.57 52.38 64.51
CA ILE BD 8 62.26 51.81 64.25
C ILE BD 8 61.32 52.96 63.92
N GLU BD 9 60.43 52.74 62.96
CA GLU BD 9 59.45 53.73 62.55
C GLU BD 9 58.07 53.11 62.59
N THR BD 10 57.13 53.82 63.23
CA THR BD 10 55.78 53.30 63.41
C THR BD 10 54.77 54.38 63.08
N LYS BD 11 53.53 53.95 62.87
CA LYS BD 11 52.42 54.86 62.72
C LYS BD 11 51.76 55.06 64.08
N GLY BD 12 51.76 56.28 64.57
CA GLY BD 12 51.17 56.55 65.86
C GLY BD 12 52.22 56.59 66.95
N LEU BD 13 51.91 57.31 68.03
CA LEU BD 13 52.88 57.47 69.11
C LEU BD 13 52.84 56.30 70.07
N VAL BD 14 51.67 55.69 70.28
CA VAL BD 14 51.57 54.61 71.26
C VAL BD 14 52.44 53.44 70.84
N ALA BD 15 52.34 53.03 69.57
CA ALA BD 15 53.12 51.90 69.10
C ALA BD 15 54.61 52.14 69.22
N CYS BD 16 55.03 53.42 69.21
CA CYS BD 16 56.45 53.72 69.28
C CYS BD 16 56.96 53.69 70.71
N ILE BD 17 56.15 54.12 71.68
CA ILE BD 17 56.58 54.08 73.07
C ILE BD 17 56.67 52.65 73.55
N GLU BD 18 55.78 51.78 73.09
CA GLU BD 18 55.91 50.36 73.37
C GLU BD 18 57.20 49.80 72.78
N ALA BD 19 57.51 50.16 71.54
CA ALA BD 19 58.72 49.68 70.90
C ALA BD 19 59.96 50.19 71.62
N ALA BD 20 59.97 51.46 72.00
CA ALA BD 20 61.16 52.01 72.64
C ALA BD 20 61.33 51.48 74.06
N ASP BD 21 60.27 50.97 74.66
CA ASP BD 21 60.41 50.36 75.98
C ASP BD 21 60.95 48.94 75.86
N ALA BD 22 60.45 48.18 74.89
CA ALA BD 22 60.97 46.84 74.67
C ALA BD 22 62.45 46.88 74.30
N MET BD 23 62.84 47.84 73.46
CA MET BD 23 64.25 47.96 73.08
C MET BD 23 65.13 48.19 74.30
N CYS BD 24 64.71 49.08 75.19
CA CYS BD 24 65.57 49.44 76.32
C CYS BD 24 65.69 48.32 77.33
N LYS BD 25 64.67 47.45 77.41
CA LYS BD 25 64.72 46.34 78.36
C LYS BD 25 65.49 45.16 77.82
N ALA BD 26 65.45 44.92 76.52
CA ALA BD 26 65.94 43.69 75.93
C ALA BD 26 67.44 43.64 75.76
N ALA BD 27 68.15 44.75 75.92
CA ALA BD 27 69.60 44.73 75.73
C ALA BD 27 70.17 46.02 76.29
N ASN BD 28 71.50 46.08 76.33
CA ASN BD 28 72.20 47.24 76.89
C ASN BD 28 72.37 48.31 75.82
N VAL BD 29 71.29 49.03 75.55
CA VAL BD 29 71.29 50.12 74.59
C VAL BD 29 70.70 51.35 75.27
N GLU BD 30 71.06 52.52 74.76
CA GLU BD 30 70.63 53.79 75.31
C GLU BD 30 69.74 54.50 74.31
N LEU BD 31 68.68 55.15 74.81
CA LEU BD 31 67.70 55.79 73.96
C LEU BD 31 68.16 57.20 73.61
N ILE BD 32 68.23 57.50 72.32
CA ILE BD 32 68.67 58.82 71.89
C ILE BD 32 67.51 59.82 71.94
N GLY BD 33 66.40 59.50 71.28
CA GLY BD 33 65.24 60.36 71.34
C GLY BD 33 64.23 59.96 70.29
N TYR BD 34 63.12 60.69 70.30
CA TYR BD 34 62.06 60.53 69.31
C TYR BD 34 62.14 61.64 68.28
N GLU BD 35 61.53 61.39 67.13
CA GLU BD 35 61.49 62.41 66.08
C GLU BD 35 60.34 62.05 65.13
N ASN BD 36 59.25 62.81 65.18
CA ASN BD 36 58.14 62.58 64.28
C ASN BD 36 58.18 63.57 63.13
N VAL BD 37 58.00 63.07 61.92
CA VAL BD 37 58.10 63.88 60.71
C VAL BD 37 56.75 63.82 60.02
N GLY BD 38 55.87 64.75 60.38
CA GLY BD 38 54.62 64.84 59.65
C GLY BD 38 53.70 63.69 59.92
N SER BD 39 53.14 63.13 58.85
CA SER BD 39 51.88 62.39 58.95
C SER BD 39 52.03 61.11 59.73
N GLY BD 40 51.67 61.17 61.02
CA GLY BD 40 51.62 60.04 61.92
C GLY BD 40 52.76 59.06 61.80
N LEU BD 41 53.99 59.57 61.80
CA LEU BD 41 55.19 58.74 61.70
C LEU BD 41 56.15 59.18 62.78
N VAL BD 42 56.36 58.32 63.78
CA VAL BD 42 57.30 58.59 64.86
C VAL BD 42 58.44 57.58 64.77
N THR BD 43 59.64 58.01 65.11
CA THR BD 43 60.83 57.19 65.00
C THR BD 43 61.63 57.28 66.28
N ALA BD 44 62.03 56.13 66.82
CA ALA BD 44 62.88 56.04 67.99
C ALA BD 44 64.27 55.58 67.58
N MET BD 45 65.29 56.13 68.22
CA MET BD 45 66.68 55.84 67.88
C MET BD 45 67.43 55.39 69.12
N VAL BD 46 68.12 54.25 69.02
CA VAL BD 46 68.93 53.72 70.10
C VAL BD 46 70.35 53.53 69.60
N LYS BD 47 71.29 53.50 70.53
CA LYS BD 47 72.69 53.31 70.17
C LYS BD 47 73.38 52.42 71.20
N GLY BD 48 74.35 51.66 70.71
CA GLY BD 48 75.07 50.72 71.53
C GLY BD 48 75.97 49.86 70.66
N ASP BD 49 76.49 48.79 71.25
CA ASP BD 49 77.32 47.87 70.49
C ASP BD 49 76.50 47.18 69.40
N VAL BD 50 77.20 46.60 68.43
CA VAL BD 50 76.53 46.06 67.26
C VAL BD 50 75.71 44.83 67.61
N GLY BD 51 76.23 43.98 68.50
CA GLY BD 51 75.48 42.81 68.90
C GLY BD 51 74.30 43.15 69.78
N ALA BD 52 74.47 44.14 70.66
CA ALA BD 52 73.37 44.58 71.49
C ALA BD 52 72.28 45.27 70.67
N VAL BD 53 72.68 46.22 69.83
CA VAL BD 53 71.70 46.98 69.05
C VAL BD 53 70.92 46.07 68.13
N ASN BD 54 71.58 45.07 67.56
CA ASN BD 54 70.90 44.12 66.71
C ASN BD 54 69.87 43.33 67.49
N ALA BD 55 70.14 43.07 68.77
CA ALA BD 55 69.22 42.31 69.60
C ALA BD 55 68.09 43.18 70.13
N ALA BD 56 68.30 44.49 70.20
CA ALA BD 56 67.25 45.37 70.68
C ALA BD 56 66.23 45.66 69.59
N VAL BD 57 66.68 45.75 68.34
CA VAL BD 57 65.79 46.17 67.28
C VAL BD 57 64.80 45.07 66.93
N ASP BD 58 65.23 43.81 66.94
CA ASP BD 58 64.31 42.74 66.56
C ASP BD 58 63.32 42.44 67.68
N SER BD 59 63.65 42.81 68.92
CA SER BD 59 62.67 42.69 70.00
C SER BD 59 61.69 43.85 69.96
N GLY BD 60 62.18 45.06 69.71
CA GLY BD 60 61.29 46.22 69.64
C GLY BD 60 60.35 46.17 68.46
N VAL BD 61 60.80 45.65 67.32
CA VAL BD 61 59.91 45.49 66.19
C VAL BD 61 58.82 44.49 66.53
N GLU BD 62 59.15 43.49 67.33
CA GLU BD 62 58.21 42.42 67.64
C GLU BD 62 57.11 42.91 68.57
N ALA BD 63 57.42 43.85 69.45
CA ALA BD 63 56.44 44.39 70.39
C ALA BD 63 55.50 45.38 69.71
N ALA BD 64 56.06 46.32 68.95
CA ALA BD 64 55.23 47.33 68.30
C ALA BD 64 54.37 46.72 67.20
N LYS BD 65 54.86 45.65 66.56
CA LYS BD 65 54.06 44.94 65.58
C LYS BD 65 52.81 44.33 66.18
N ARG BD 66 52.79 44.17 67.51
CA ARG BD 66 51.67 43.52 68.17
C ARG BD 66 50.45 44.42 68.21
N ILE BD 67 50.64 45.71 68.45
CA ILE BD 67 49.55 46.64 68.67
C ILE BD 67 49.46 47.72 67.61
N GLY BD 68 50.44 47.85 66.73
CA GLY BD 68 50.40 48.89 65.73
C GLY BD 68 51.07 48.47 64.44
N LYS BD 69 51.45 49.45 63.62
CA LYS BD 69 52.11 49.19 62.36
C LYS BD 69 53.57 49.60 62.49
N VAL BD 70 54.47 48.67 62.26
CA VAL BD 70 55.90 48.98 62.15
C VAL BD 70 56.19 49.21 60.68
N VAL BD 71 56.63 50.42 60.34
CA VAL BD 71 56.83 50.76 58.95
C VAL BD 71 58.19 50.30 58.47
N SER BD 72 59.24 50.54 59.25
CA SER BD 72 60.59 50.20 58.82
C SER BD 72 61.49 50.06 60.04
N SER BD 73 62.53 49.26 59.89
CA SER BD 73 63.57 49.12 60.90
C SER BD 73 64.91 48.96 60.20
N ARG BD 74 65.97 49.34 60.91
CA ARG BD 74 67.28 49.36 60.27
C ARG BD 74 68.35 49.51 61.34
N VAL BD 75 69.45 48.78 61.18
CA VAL BD 75 70.63 48.90 62.03
C VAL BD 75 71.79 49.37 61.16
N ILE BD 76 72.49 50.40 61.63
CA ILE BD 76 73.68 50.92 60.96
C ILE BD 76 74.88 50.56 61.81
N ALA BD 77 75.75 49.71 61.27
CA ALA BD 77 76.81 49.13 62.09
C ALA BD 77 77.89 50.14 62.43
N ARG BD 78 78.19 51.06 61.51
CA ARG BD 78 79.13 52.15 61.79
C ARG BD 78 78.59 53.40 61.12
N PRO BD 79 77.89 54.25 61.86
CA PRO BD 79 77.40 55.49 61.27
C PRO BD 79 78.53 56.44 61.00
N HIS BD 80 78.44 57.13 59.87
CA HIS BD 80 79.48 58.08 59.50
C HIS BD 80 79.51 59.25 60.46
N ASN BD 81 80.70 59.79 60.69
CA ASN BD 81 80.88 60.82 61.69
C ASN BD 81 80.00 62.04 61.42
N ASP BD 82 79.81 62.38 60.15
CA ASP BD 82 78.97 63.52 59.79
C ASP BD 82 77.56 63.36 60.30
N ILE BD 83 77.03 62.13 60.24
CA ILE BD 83 75.67 61.86 60.65
C ILE BD 83 75.59 61.77 62.16
N GLU CD 3 56.24 55.26 88.62
CA GLU CD 3 54.82 54.95 88.60
C GLU CD 3 54.41 54.50 87.21
N ALA CD 4 53.26 53.84 87.12
CA ALA CD 4 52.81 53.28 85.85
C ALA CD 4 52.50 54.40 84.86
N LEU CD 5 52.09 54.00 83.66
CA LEU CD 5 51.88 54.95 82.57
C LEU CD 5 50.83 54.39 81.64
N GLY CD 6 49.82 55.18 81.33
CA GLY CD 6 48.75 54.75 80.45
C GLY CD 6 48.58 55.68 79.28
N LEU CD 7 48.23 55.12 78.13
CA LEU CD 7 48.10 55.87 76.89
C LEU CD 7 46.82 55.49 76.17
N ILE CD 8 46.12 56.48 75.64
CA ILE CD 8 45.01 56.27 74.73
C ILE CD 8 45.26 57.13 73.50
N GLU CD 9 45.05 56.57 72.33
CA GLU CD 9 45.25 57.28 71.07
C GLU CD 9 43.94 57.32 70.30
N THR CD 10 43.51 58.52 69.95
CA THR CD 10 42.22 58.73 69.33
C THR CD 10 42.37 59.57 68.08
N LYS CD 11 41.43 59.41 67.16
CA LYS CD 11 41.38 60.21 65.94
C LYS CD 11 40.52 61.44 66.20
N GLY CD 12 41.16 62.59 66.29
CA GLY CD 12 40.45 63.82 66.59
C GLY CD 12 40.61 64.22 68.03
N LEU CD 13 40.52 65.53 68.28
CA LEU CD 13 40.76 66.05 69.62
C LEU CD 13 39.55 65.89 70.53
N VAL CD 14 38.34 65.96 69.98
CA VAL CD 14 37.15 65.87 70.81
C VAL CD 14 37.10 64.52 71.52
N ALA CD 15 37.32 63.43 70.78
CA ALA CD 15 37.30 62.11 71.40
C ALA CD 15 38.39 61.98 72.45
N CYS CD 16 39.46 62.76 72.35
CA CYS CD 16 40.53 62.66 73.32
C CYS CD 16 40.20 63.40 74.61
N ILE CD 17 39.38 64.44 74.55
CA ILE CD 17 39.01 65.13 75.79
C ILE CD 17 37.93 64.36 76.52
N GLU CD 18 37.05 63.67 75.81
CA GLU CD 18 36.12 62.77 76.47
C GLU CD 18 36.87 61.62 77.14
N ALA CD 19 37.88 61.07 76.46
CA ALA CD 19 38.66 60.00 77.06
C ALA CD 19 39.40 60.47 78.29
N ALA CD 20 40.02 61.64 78.23
CA ALA CD 20 40.79 62.13 79.37
C ALA CD 20 39.88 62.54 80.53
N ASP CD 21 38.63 62.89 80.25
CA ASP CD 21 37.72 63.22 81.33
C ASP CD 21 37.27 61.98 82.07
N ALA CD 22 37.00 60.90 81.35
CA ALA CD 22 36.65 59.64 81.99
C ALA CD 22 37.82 59.09 82.78
N MET CD 23 39.03 59.19 82.24
CA MET CD 23 40.22 58.69 82.93
C MET CD 23 40.42 59.40 84.25
N CYS CD 24 40.28 60.73 84.27
CA CYS CD 24 40.58 61.49 85.47
C CYS CD 24 39.51 61.35 86.54
N LYS CD 25 38.30 60.96 86.18
CA LYS CD 25 37.25 60.74 87.16
C LYS CD 25 37.24 59.31 87.70
N ALA CD 26 37.84 58.37 86.99
CA ALA CD 26 37.72 56.96 87.33
C ALA CD 26 38.65 56.56 88.46
N ALA CD 27 39.76 57.26 88.65
CA ALA CD 27 40.71 56.91 89.69
C ALA CD 27 41.59 58.11 90.00
N ASN CD 28 42.57 57.90 90.87
CA ASN CD 28 43.42 58.99 91.33
C ASN CD 28 44.73 58.98 90.53
N VAL CD 29 44.63 59.51 89.31
CA VAL CD 29 45.76 59.62 88.41
C VAL CD 29 45.94 61.08 88.03
N GLU CD 30 47.19 61.47 87.79
CA GLU CD 30 47.50 62.81 87.33
C GLU CD 30 47.69 62.79 85.83
N LEU CD 31 47.05 63.74 85.15
CA LEU CD 31 47.11 63.80 83.70
C LEU CD 31 48.31 64.61 83.27
N ILE CD 32 49.11 64.04 82.38
CA ILE CD 32 50.37 64.67 81.97
C ILE CD 32 50.15 65.67 80.85
N GLY CD 33 49.53 65.26 79.76
CA GLY CD 33 49.23 66.19 78.69
C GLY CD 33 49.04 65.48 77.37
N TYR CD 34 48.59 66.25 76.39
CA TYR CD 34 48.32 65.75 75.07
C TYR CD 34 49.55 65.83 74.19
N GLU CD 35 49.50 65.13 73.06
CA GLU CD 35 50.59 65.16 72.08
C GLU CD 35 50.04 64.65 70.76
N ASN CD 36 49.92 65.52 69.78
CA ASN CD 36 49.49 65.10 68.45
C ASN CD 36 50.68 64.96 67.51
N VAL CD 37 50.64 63.93 66.69
CA VAL CD 37 51.73 63.59 65.79
C VAL CD 37 51.33 63.79 64.34
N GLY CD 38 50.19 64.39 64.08
CA GLY CD 38 49.72 64.59 62.73
C GLY CD 38 48.84 63.45 62.25
N SER CD 39 48.17 63.70 61.14
CA SER CD 39 47.18 62.79 60.55
C SER CD 39 45.95 62.63 61.42
N GLY CD 40 45.73 63.57 62.35
CA GLY CD 40 44.56 63.53 63.19
C GLY CD 40 44.68 62.69 64.44
N LEU CD 41 45.86 62.15 64.73
CA LEU CD 41 46.05 61.29 65.88
C LEU CD 41 46.45 62.12 67.09
N VAL CD 42 45.68 62.05 68.15
CA VAL CD 42 45.97 62.73 69.41
C VAL CD 42 46.05 61.68 70.51
N THR CD 43 46.97 61.89 71.45
CA THR CD 43 47.27 60.92 72.49
C THR CD 43 47.24 61.59 73.84
N ALA CD 44 46.56 60.96 74.80
CA ALA CD 44 46.52 61.42 76.18
C ALA CD 44 47.33 60.47 77.04
N MET CD 45 48.04 61.02 78.03
CA MET CD 45 48.96 60.24 78.86
C MET CD 45 48.70 60.55 80.32
N VAL CD 46 48.44 59.51 81.11
CA VAL CD 46 48.25 59.64 82.55
C VAL CD 46 49.33 58.83 83.25
N LYS CD 47 49.48 59.07 84.55
CA LYS CD 47 50.45 58.33 85.33
C LYS CD 47 50.00 58.26 86.78
N GLY CD 48 50.24 57.10 87.39
CA GLY CD 48 49.85 56.86 88.75
C GLY CD 48 50.18 55.43 89.11
N ASP CD 49 49.62 54.97 90.23
CA ASP CD 49 49.80 53.58 90.61
C ASP CD 49 49.16 52.66 89.58
N VAL CD 50 49.63 51.42 89.55
CA VAL CD 50 49.25 50.51 88.47
C VAL CD 50 47.84 49.96 88.63
N GLY CD 51 47.28 49.98 89.83
CA GLY CD 51 45.88 49.63 89.98
C GLY CD 51 44.97 50.75 89.54
N ALA CD 52 45.38 51.99 89.76
CA ALA CD 52 44.59 53.13 89.33
C ALA CD 52 44.70 53.34 87.83
N VAL CD 53 45.91 53.24 87.29
CA VAL CD 53 46.11 53.49 85.86
C VAL CD 53 45.40 52.43 85.04
N ASN CD 54 45.37 51.20 85.53
CA ASN CD 54 44.65 50.14 84.82
C ASN CD 54 43.16 50.42 84.79
N ALA CD 55 42.62 50.96 85.87
CA ALA CD 55 41.19 51.25 85.93
C ALA CD 55 40.84 52.45 85.08
N ALA CD 56 41.72 53.45 85.04
CA ALA CD 56 41.45 54.65 84.27
C ALA CD 56 41.46 54.37 82.77
N VAL CD 57 42.44 53.61 82.30
CA VAL CD 57 42.56 53.39 80.86
C VAL CD 57 41.38 52.57 80.34
N ASP CD 58 40.91 51.60 81.13
CA ASP CD 58 39.75 50.83 80.71
C ASP CD 58 38.51 51.70 80.65
N SER CD 59 38.38 52.65 81.57
CA SER CD 59 37.24 53.55 81.57
C SER CD 59 37.32 54.53 80.41
N GLY CD 60 38.48 55.14 80.22
CA GLY CD 60 38.65 56.10 79.15
C GLY CD 60 38.45 55.50 77.77
N VAL CD 61 38.84 54.24 77.59
CA VAL CD 61 38.69 53.61 76.28
C VAL CD 61 37.21 53.44 75.95
N GLU CD 62 36.41 53.05 76.94
CA GLU CD 62 35.00 52.80 76.67
C GLU CD 62 34.23 54.08 76.40
N ALA CD 63 34.60 55.18 77.09
CA ALA CD 63 33.88 56.43 76.88
C ALA CD 63 34.23 57.05 75.53
N ALA CD 64 35.51 57.07 75.17
CA ALA CD 64 35.90 57.61 73.88
C ALA CD 64 35.40 56.75 72.73
N LYS CD 65 35.33 55.44 72.93
CA LYS CD 65 34.79 54.55 71.91
C LYS CD 65 33.36 54.92 71.56
N ARG CD 66 32.63 55.49 72.51
CA ARG CD 66 31.22 55.77 72.32
C ARG CD 66 30.98 56.88 71.32
N ILE CD 67 31.87 57.87 71.27
CA ILE CD 67 31.66 59.09 70.49
C ILE CD 67 32.72 59.31 69.43
N GLY CD 68 33.68 58.42 69.30
CA GLY CD 68 34.72 58.59 68.31
C GLY CD 68 35.40 57.28 68.02
N LYS CD 69 36.58 57.38 67.43
CA LYS CD 69 37.38 56.20 67.12
C LYS CD 69 38.58 56.17 68.04
N VAL CD 70 38.72 55.06 68.78
CA VAL CD 70 39.90 54.81 69.58
C VAL CD 70 40.84 53.95 68.75
N VAL CD 71 42.05 54.45 68.53
CA VAL CD 71 43.01 53.75 67.69
C VAL CD 71 43.79 52.71 68.48
N SER CD 72 44.22 53.05 69.69
CA SER CD 72 45.13 52.20 70.44
C SER CD 72 45.10 52.62 71.90
N SER CD 73 45.40 51.67 72.78
CA SER CD 73 45.51 51.92 74.20
C SER CD 73 46.57 50.99 74.77
N ARG CD 74 47.13 51.37 75.91
CA ARG CD 74 48.26 50.63 76.44
C ARG CD 74 48.55 51.08 77.86
N VAL CD 75 48.87 50.12 78.73
CA VAL CD 75 49.38 50.40 80.06
C VAL CD 75 50.79 49.85 80.16
N ILE CD 76 51.70 50.66 80.70
CA ILE CD 76 53.08 50.26 80.91
C ILE CD 76 53.31 50.25 82.41
N ALA CD 77 53.44 49.07 82.99
CA ALA CD 77 53.45 48.94 84.44
C ALA CD 77 54.74 49.46 85.05
N ARG CD 78 55.89 49.00 84.57
CA ARG CD 78 57.17 49.51 85.02
C ARG CD 78 57.88 50.15 83.83
N PRO CD 79 57.75 51.45 83.63
CA PRO CD 79 58.44 52.10 82.52
C PRO CD 79 59.90 52.30 82.81
N HIS CD 80 60.71 52.16 81.77
CA HIS CD 80 62.14 52.33 81.92
C HIS CD 80 62.49 53.79 82.21
N ASN CD 81 63.61 53.98 82.90
CA ASN CD 81 63.99 55.34 83.30
C ASN CD 81 64.42 56.17 82.12
N ASP CD 82 64.93 55.55 81.05
CA ASP CD 82 65.22 56.28 79.83
C ASP CD 82 63.94 56.84 79.21
N ILE CD 83 62.82 56.17 79.43
CA ILE CD 83 61.55 56.62 78.88
C ILE CD 83 60.95 57.68 79.79
N GLU DD 3 50.02 38.76 99.71
CA GLU DD 3 49.95 39.39 98.40
C GLU DD 3 49.52 38.39 97.34
N ALA DD 4 49.20 38.89 96.15
CA ALA DD 4 48.63 38.05 95.12
C ALA DD 4 49.64 37.01 94.65
N LEU DD 5 49.17 36.09 93.81
CA LEU DD 5 49.98 34.97 93.37
C LEU DD 5 49.67 34.67 91.91
N GLY DD 6 50.69 34.60 91.08
CA GLY DD 6 50.50 34.35 89.67
C GLY DD 6 51.25 33.14 89.18
N LEU DD 7 50.59 32.30 88.38
CA LEU DD 7 51.15 31.03 87.95
C LEU DD 7 51.06 30.91 86.44
N ILE DD 8 52.12 30.40 85.83
CA ILE DD 8 52.13 30.03 84.42
C ILE DD 8 52.68 28.62 84.33
N GLU DD 9 52.09 27.81 83.46
CA GLU DD 9 52.50 26.43 83.30
C GLU DD 9 52.75 26.13 81.83
N THR DD 10 53.92 25.59 81.53
CA THR DD 10 54.35 25.37 80.16
C THR DD 10 54.88 23.96 80.01
N LYS DD 11 55.03 23.54 78.76
CA LYS DD 11 55.73 22.30 78.43
C LYS DD 11 57.18 22.62 78.14
N GLY DD 12 58.08 22.08 78.95
CA GLY DD 12 59.48 22.34 78.69
C GLY DD 12 60.01 23.52 79.49
N LEU DD 13 61.32 23.51 79.70
CA LEU DD 13 61.93 24.52 80.54
C LEU DD 13 62.23 25.81 79.78
N VAL DD 14 62.44 25.73 78.47
CA VAL DD 14 62.81 26.93 77.73
C VAL DD 14 61.64 27.90 77.68
N ALA DD 15 60.43 27.40 77.41
CA ALA DD 15 59.27 28.28 77.41
C ALA DD 15 58.99 28.86 78.78
N CYS DD 16 59.48 28.23 79.85
CA CYS DD 16 59.24 28.76 81.19
C CYS DD 16 60.27 29.80 81.59
N ILE DD 17 61.49 29.71 81.07
CA ILE DD 17 62.46 30.76 81.36
C ILE DD 17 62.12 32.03 80.60
N GLU DD 18 61.51 31.89 79.42
CA GLU DD 18 61.09 33.08 78.70
C GLU DD 18 59.87 33.72 79.37
N ALA DD 19 58.95 32.91 79.89
CA ALA DD 19 57.83 33.45 80.65
C ALA DD 19 58.30 34.12 81.92
N ALA DD 20 59.26 33.52 82.62
CA ALA DD 20 59.73 34.10 83.87
C ALA DD 20 60.53 35.36 83.63
N ASP DD 21 61.21 35.46 82.50
CA ASP DD 21 61.96 36.67 82.19
C ASP DD 21 61.03 37.81 81.83
N ALA DD 22 60.01 37.54 81.02
CA ALA DD 22 59.06 38.57 80.64
C ALA DD 22 58.27 39.05 81.83
N MET DD 23 57.85 38.14 82.70
CA MET DD 23 57.08 38.53 83.88
C MET DD 23 57.88 39.48 84.76
N CYS DD 24 59.15 39.16 84.99
CA CYS DD 24 59.94 39.97 85.91
C CYS DD 24 60.31 41.32 85.33
N LYS DD 25 60.27 41.48 84.01
CA LYS DD 25 60.58 42.76 83.40
C LYS DD 25 59.38 43.69 83.39
N ALA DD 26 58.19 43.14 83.23
CA ALA DD 26 57.01 43.91 82.89
C ALA DD 26 56.19 44.35 84.10
N ALA DD 27 56.70 44.17 85.32
CA ALA DD 27 55.99 44.63 86.51
C ALA DD 27 56.89 44.45 87.71
N ASN DD 28 56.50 45.05 88.83
CA ASN DD 28 57.26 44.97 90.06
C ASN DD 28 56.78 43.75 90.85
N VAL DD 29 57.31 42.58 90.48
CA VAL DD 29 56.94 41.32 91.10
C VAL DD 29 58.21 40.62 91.56
N GLU DD 30 58.03 39.64 92.43
CA GLU DD 30 59.12 38.82 92.95
C GLU DD 30 58.94 37.40 92.45
N LEU DD 31 60.01 36.82 91.90
CA LEU DD 31 59.96 35.45 91.43
C LEU DD 31 60.24 34.50 92.59
N ILE DD 32 59.32 33.56 92.82
CA ILE DD 32 59.48 32.60 93.90
C ILE DD 32 60.30 31.41 93.47
N GLY DD 33 59.99 30.82 92.32
CA GLY DD 33 60.79 29.74 91.81
C GLY DD 33 60.01 28.88 90.85
N TYR DD 34 60.70 27.87 90.34
CA TYR DD 34 60.12 26.88 89.44
C TYR DD 34 59.77 25.63 90.22
N GLU DD 35 58.85 24.84 89.65
CA GLU DD 35 58.42 23.60 90.28
C GLU DD 35 57.85 22.70 89.20
N ASN DD 36 58.61 21.70 88.79
CA ASN DD 36 58.17 20.77 87.75
C ASN DD 36 57.63 19.50 88.37
N VAL DD 37 56.74 18.84 87.65
CA VAL DD 37 56.05 17.65 88.14
C VAL DD 37 56.15 16.51 87.15
N GLY DD 38 57.20 16.51 86.33
CA GLY DD 38 57.35 15.47 85.33
C GLY DD 38 56.38 15.67 84.17
N SER DD 39 56.56 14.84 83.15
CA SER DD 39 55.88 14.98 81.86
C SER DD 39 56.24 16.27 81.15
N GLY DD 40 57.30 16.94 81.57
CA GLY DD 40 57.71 18.17 80.94
C GLY DD 40 56.95 19.40 81.38
N LEU DD 41 56.02 19.28 82.31
CA LEU DD 41 55.29 20.44 82.80
C LEU DD 41 56.15 21.16 83.84
N VAL DD 42 56.43 22.43 83.58
CA VAL DD 42 57.16 23.29 84.51
C VAL DD 42 56.29 24.50 84.80
N THR DD 43 56.35 24.99 86.04
CA THR DD 43 55.49 26.06 86.50
C THR DD 43 56.32 27.16 87.15
N ALA DD 44 56.02 28.41 86.80
CA ALA DD 44 56.65 29.58 87.40
C ALA DD 44 55.67 30.26 88.34
N MET DD 45 56.18 30.77 89.46
CA MET DD 45 55.34 31.41 90.46
C MET DD 45 55.91 32.79 90.78
N VAL DD 46 55.14 33.83 90.54
CA VAL DD 46 55.50 35.19 90.90
C VAL DD 46 54.59 35.65 92.03
N LYS DD 47 55.00 36.72 92.70
CA LYS DD 47 54.29 37.19 93.88
C LYS DD 47 54.43 38.70 94.01
N GLY DD 48 53.31 39.38 94.20
CA GLY DD 48 53.34 40.82 94.34
C GLY DD 48 51.94 41.35 94.53
N ASP DD 49 51.80 42.67 94.41
CA ASP DD 49 50.48 43.28 94.51
C ASP DD 49 49.58 42.80 93.37
N VAL DD 50 48.28 42.93 93.57
CA VAL DD 50 47.33 42.33 92.65
C VAL DD 50 47.44 42.96 91.27
N GLY DD 51 47.57 44.29 91.21
CA GLY DD 51 47.64 44.94 89.92
C GLY DD 51 48.91 44.61 89.17
N ALA DD 52 50.04 44.57 89.87
CA ALA DD 52 51.30 44.20 89.26
C ALA DD 52 51.25 42.75 88.78
N VAL DD 53 50.86 41.83 89.67
CA VAL DD 53 50.84 40.42 89.34
C VAL DD 53 49.90 40.15 88.17
N ASN DD 54 48.77 40.85 88.13
CA ASN DD 54 47.88 40.70 86.99
C ASN DD 54 48.62 41.03 85.70
N ALA DD 55 49.23 42.22 85.64
CA ALA DD 55 49.94 42.66 84.45
C ALA DD 55 51.07 41.71 84.08
N ALA DD 56 51.81 41.22 85.07
CA ALA DD 56 52.93 40.33 84.79
C ALA DD 56 52.47 39.07 84.07
N VAL DD 57 51.40 38.45 84.57
CA VAL DD 57 50.96 37.17 84.00
C VAL DD 57 50.50 37.35 82.56
N ASP DD 58 49.88 38.49 82.25
CA ASP DD 58 49.46 38.72 80.87
C ASP DD 58 50.66 38.82 79.95
N SER DD 59 51.69 39.54 80.37
CA SER DD 59 52.88 39.68 79.55
C SER DD 59 53.65 38.37 79.47
N GLY DD 60 53.73 37.64 80.59
CA GLY DD 60 54.50 36.40 80.60
C GLY DD 60 53.89 35.32 79.74
N VAL DD 61 52.57 35.27 79.66
CA VAL DD 61 51.92 34.28 78.80
C VAL DD 61 52.10 34.66 77.35
N GLU DD 62 52.11 35.96 77.06
CA GLU DD 62 52.24 36.41 75.68
C GLU DD 62 53.63 36.10 75.13
N ALA DD 63 54.67 36.22 75.96
CA ALA DD 63 56.02 35.90 75.51
C ALA DD 63 56.24 34.40 75.38
N ALA DD 64 55.73 33.63 76.35
CA ALA DD 64 55.99 32.20 76.36
C ALA DD 64 55.22 31.48 75.27
N LYS DD 65 53.97 31.88 75.04
CA LYS DD 65 53.16 31.26 73.99
C LYS DD 65 53.79 31.42 72.62
N ARG DD 66 54.76 32.33 72.49
CA ARG DD 66 55.29 32.69 71.19
C ARG DD 66 56.35 31.71 70.72
N ILE DD 67 57.03 31.05 71.65
CA ILE DD 67 58.04 30.05 71.31
C ILE DD 67 57.68 28.64 71.73
N GLY DD 68 56.75 28.48 72.66
CA GLY DD 68 56.40 27.16 73.13
C GLY DD 68 54.93 27.05 73.46
N LYS DD 69 54.57 26.16 74.39
CA LYS DD 69 53.18 25.93 74.73
C LYS DD 69 52.90 26.36 76.15
N VAL DD 70 51.93 27.25 76.31
CA VAL DD 70 51.45 27.66 77.62
C VAL DD 70 50.23 26.83 77.96
N VAL DD 71 50.35 26.01 79.00
CA VAL DD 71 49.28 25.06 79.33
C VAL DD 71 48.17 25.76 80.09
N SER DD 72 48.51 26.57 81.08
CA SER DD 72 47.51 27.26 81.87
C SER DD 72 48.15 28.44 82.59
N SER DD 73 47.33 29.44 82.91
CA SER DD 73 47.75 30.58 83.70
C SER DD 73 46.63 30.93 84.67
N ARG DD 74 46.99 31.62 85.75
CA ARG DD 74 46.03 31.85 86.82
C ARG DD 74 46.59 32.88 87.78
N VAL DD 75 45.73 33.77 88.26
CA VAL DD 75 46.08 34.73 89.31
C VAL DD 75 45.15 34.52 90.49
N ILE DD 76 45.74 34.35 91.66
CA ILE DD 76 45.00 34.26 92.91
C ILE DD 76 45.18 35.58 93.65
N ALA DD 77 44.11 36.35 93.76
CA ALA DD 77 44.24 37.70 94.31
C ALA DD 77 44.60 37.69 95.79
N ARG DD 78 44.15 36.66 96.52
CA ARG DD 78 44.44 36.57 97.94
C ARG DD 78 44.43 35.11 98.34
N PRO DD 79 45.60 34.47 98.36
CA PRO DD 79 45.65 33.05 98.68
C PRO DD 79 45.44 32.81 100.17
N HIS DD 80 44.89 31.65 100.49
CA HIS DD 80 44.79 31.24 101.87
C HIS DD 80 46.18 31.04 102.45
N ASN DD 81 46.29 31.20 103.77
CA ASN DD 81 47.60 31.04 104.40
C ASN DD 81 48.12 29.62 104.28
N ASP DD 82 47.23 28.63 104.20
CA ASP DD 82 47.66 27.26 104.00
C ASP DD 82 48.36 27.10 102.66
N ILE DD 83 47.87 27.80 101.63
CA ILE DD 83 48.47 27.73 100.30
C ILE DD 83 49.91 28.25 100.33
N GLU DD 84 50.25 29.13 101.26
CA GLU DD 84 51.62 29.60 101.36
C GLU DD 84 52.45 28.71 102.28
N LYS DD 85 52.28 27.40 102.07
CA LYS DD 85 53.17 26.37 102.58
C LYS DD 85 53.38 25.30 101.53
N ILE DD 86 52.60 25.33 100.45
CA ILE DD 86 52.77 24.43 99.32
C ILE DD 86 53.70 25.01 98.28
N ALA DD 87 53.51 26.31 97.98
CA ALA DD 87 54.41 26.99 97.06
C ALA DD 87 55.79 27.17 97.69
N GLY DD 88 55.87 27.91 98.78
CA GLY DD 88 57.12 28.12 99.46
C GLY DD 88 57.42 27.04 100.49
N MET ED 1 -94.04 22.52 51.68
CA MET ED 1 -94.21 23.91 52.07
C MET ED 1 -95.48 24.08 52.87
N ILE ED 2 -95.60 25.22 53.55
CA ILE ED 2 -96.82 25.59 54.27
C ILE ED 2 -97.08 27.06 54.04
N LEU ED 3 -98.36 27.43 54.01
CA LEU ED 3 -98.72 28.83 54.00
C LEU ED 3 -98.55 29.43 55.38
N ALA ED 4 -97.89 30.57 55.47
CA ALA ED 4 -97.63 31.19 56.74
C ALA ED 4 -97.57 32.69 56.54
N LYS ED 5 -97.58 33.41 57.66
CA LYS ED 5 -97.57 34.86 57.65
C LYS ED 5 -96.44 35.36 58.54
N VAL ED 6 -95.66 36.31 58.04
CA VAL ED 6 -94.58 36.87 58.84
C VAL ED 6 -95.18 37.76 59.93
N THR ED 7 -94.80 37.49 61.18
CA THR ED 7 -95.37 38.19 62.32
C THR ED 7 -94.34 38.86 63.21
N GLY ED 8 -93.06 38.86 62.83
CA GLY ED 8 -92.06 39.51 63.66
C GLY ED 8 -90.68 39.18 63.15
N HIS ED 9 -89.69 39.36 64.02
CA HIS ED 9 -88.31 39.01 63.70
C HIS ED 9 -87.57 38.74 65.00
N VAL ED 10 -86.39 38.16 64.86
CA VAL ED 10 -85.56 37.76 65.99
C VAL ED 10 -84.17 38.34 65.79
N VAL ED 11 -83.64 38.97 66.84
CA VAL ED 11 -82.31 39.56 66.81
C VAL ED 11 -81.41 38.68 67.69
N ALA ED 12 -80.47 37.98 67.06
CA ALA ED 12 -79.56 37.08 67.76
C ALA ED 12 -78.13 37.47 67.41
N THR ED 13 -77.34 37.77 68.42
CA THR ED 13 -75.95 38.20 68.23
C THR ED 13 -74.96 37.05 68.31
N GLN ED 14 -75.08 36.22 69.35
CA GLN ED 14 -74.21 35.07 69.54
C GLN ED 14 -74.83 33.88 68.81
N LYS ED 15 -74.29 33.54 67.66
CA LYS ED 15 -74.87 32.46 66.86
C LYS ED 15 -73.78 31.84 66.01
N CYS ED 16 -74.14 30.74 65.35
CA CYS ED 16 -73.19 30.00 64.54
C CYS ED 16 -72.80 30.81 63.31
N ASP ED 17 -71.93 30.24 62.50
CA ASP ED 17 -71.43 30.92 61.31
C ASP ED 17 -72.23 30.60 60.07
N GLU ED 18 -72.96 29.48 60.06
CA GLU ED 18 -73.84 29.16 58.94
C GLU ED 18 -75.01 30.12 58.85
N LEU ED 19 -75.19 31.00 59.83
CA LEU ED 19 -76.31 31.93 59.86
C LEU ED 19 -75.89 33.39 59.77
N ARG ED 20 -74.63 33.67 59.50
CA ARG ED 20 -74.16 35.06 59.44
C ARG ED 20 -74.72 35.76 58.22
N GLY ED 21 -75.27 36.95 58.42
CA GLY ED 21 -75.76 37.75 57.32
C GLY ED 21 -77.06 37.25 56.73
N SER ED 22 -78.08 37.06 57.56
CA SER ED 22 -79.38 36.60 57.09
C SER ED 22 -80.42 37.07 58.08
N ASN ED 23 -81.65 37.17 57.58
CA ASN ED 23 -82.77 37.58 58.41
C ASN ED 23 -83.33 36.38 59.15
N LEU ED 24 -83.98 36.63 60.28
CA LEU ED 24 -84.62 35.57 61.06
C LEU ED 24 -86.03 36.03 61.41
N LEU ED 25 -87.02 35.52 60.68
CA LEU ED 25 -88.40 35.96 60.81
C LEU ED 25 -89.21 34.98 61.63
N LEU ED 26 -90.17 35.50 62.36
CA LEU ED 26 -91.17 34.66 63.01
C LEU ED 26 -92.27 34.37 62.00
N ILE ED 27 -92.63 33.10 61.89
CA ILE ED 27 -93.43 32.59 60.80
C ILE ED 27 -94.59 31.83 61.43
N THR ED 28 -95.80 32.35 61.30
CA THR ED 28 -96.96 31.74 61.93
C THR ED 28 -97.82 31.05 60.90
N ARG ED 29 -98.09 29.77 61.11
CA ARG ED 29 -98.93 29.02 60.20
C ARG ED 29 -100.38 29.48 60.31
N LEU ED 30 -101.01 29.72 59.16
CA LEU ED 30 -102.36 30.25 59.12
C LEU ED 30 -103.33 29.20 58.58
N ASP ED 31 -104.57 29.26 59.08
CA ASP ED 31 -105.58 28.22 58.82
C ASP ED 31 -106.33 28.45 57.52
N ASP ED 32 -107.41 27.70 57.29
CA ASP ED 32 -108.10 27.71 56.01
C ASP ED 32 -108.98 28.93 55.81
N LYS ED 33 -108.95 29.90 56.72
CA LYS ED 33 -109.57 31.19 56.51
C LYS ED 33 -108.54 32.29 56.34
N GLN ED 34 -107.29 31.92 56.09
CA GLN ED 34 -106.17 32.85 56.04
C GLN ED 34 -106.09 33.67 57.32
N GLN ED 35 -105.98 32.96 58.44
CA GLN ED 35 -105.93 33.57 59.75
C GLN ED 35 -104.92 32.80 60.60
N PRO ED 36 -103.99 33.48 61.27
CA PRO ED 36 -102.97 32.78 62.03
C PRO ED 36 -103.54 31.89 63.13
N MET ED 37 -102.83 30.81 63.41
CA MET ED 37 -103.23 29.86 64.43
C MET ED 37 -102.51 30.18 65.74
N LYS ED 38 -102.74 29.34 66.75
CA LYS ED 38 -102.15 29.51 68.07
C LYS ED 38 -101.05 28.48 68.27
N ASP ED 39 -99.92 28.92 68.81
CA ASP ED 39 -98.79 28.04 69.13
C ASP ED 39 -98.28 27.32 67.88
N GLN ED 40 -98.07 28.08 66.81
CA GLN ED 40 -97.64 27.50 65.54
C GLN ED 40 -96.58 28.36 64.89
N THR ED 41 -95.61 28.84 65.68
CA THR ED 41 -94.61 29.79 65.21
C THR ED 41 -93.25 29.12 65.09
N TRP ED 42 -92.60 29.32 63.94
CA TRP ED 42 -91.24 28.88 63.73
C TRP ED 42 -90.38 30.07 63.36
N VAL ED 43 -89.08 29.86 63.33
CA VAL ED 43 -88.13 30.88 62.93
C VAL ED 43 -87.54 30.48 61.59
N ALA ED 44 -87.65 31.35 60.61
CA ALA ED 44 -87.25 31.03 59.25
C ALA ED 44 -86.21 32.02 58.76
N VAL ED 45 -85.21 31.52 58.06
CA VAL ED 45 -84.18 32.36 57.46
C VAL ED 45 -84.74 32.90 56.15
N ASP ED 46 -85.06 34.19 56.13
CA ASP ED 46 -85.58 34.80 54.93
C ASP ED 46 -84.61 34.62 53.77
N ASN ED 47 -85.15 34.43 52.58
CA ASN ED 47 -84.33 34.18 51.41
C ASN ED 47 -84.72 34.99 50.18
N VAL ED 48 -85.91 35.57 50.14
CA VAL ED 48 -86.39 36.31 48.98
C VAL ED 48 -86.76 37.75 49.32
N GLY ED 49 -86.67 38.16 50.58
CA GLY ED 49 -86.97 39.53 50.92
C GLY ED 49 -88.40 39.76 51.36
N ALA ED 50 -88.85 39.01 52.35
CA ALA ED 50 -90.18 39.18 52.91
C ALA ED 50 -90.11 40.05 54.17
N GLY ED 51 -91.19 40.77 54.42
CA GLY ED 51 -91.27 41.64 55.57
C GLY ED 51 -92.51 41.37 56.38
N MET ED 52 -92.90 42.30 57.24
CA MET ED 52 -94.02 42.06 58.13
C MET ED 52 -95.33 41.97 57.35
N HIS ED 53 -96.24 41.16 57.88
CA HIS ED 53 -97.62 41.04 57.40
C HIS ED 53 -97.73 40.34 56.05
N ASP ED 54 -96.65 39.84 55.48
CA ASP ED 54 -96.67 39.24 54.16
C ASP ED 54 -96.93 37.76 54.27
N ILE ED 55 -97.78 37.24 53.38
CA ILE ED 55 -98.06 35.81 53.35
C ILE ED 55 -96.99 35.13 52.51
N VAL ED 56 -96.26 34.21 53.11
CA VAL ED 56 -95.10 33.60 52.47
C VAL ED 56 -95.29 32.09 52.42
N LEU ED 57 -94.30 31.39 51.87
CA LEU ED 57 -94.35 29.96 51.63
C LEU ED 57 -93.10 29.36 52.24
N ALA ED 58 -93.20 28.93 53.50
CA ALA ED 58 -92.04 28.49 54.27
C ALA ED 58 -91.77 27.02 54.02
N GLU ED 59 -90.53 26.70 53.71
CA GLU ED 59 -90.12 25.35 53.37
C GLU ED 59 -89.37 24.72 54.53
N GLU ED 60 -89.44 23.40 54.59
CA GLU ED 60 -88.82 22.64 55.68
C GLU ED 60 -87.34 22.43 55.42
N TYR ED 61 -86.75 21.45 56.11
CA TYR ED 61 -85.33 21.41 56.42
C TYR ED 61 -84.40 21.92 55.33
N PHE ED 62 -84.34 21.27 54.18
CA PHE ED 62 -83.22 21.46 53.27
C PHE ED 62 -83.56 22.52 52.23
N ALA ED 63 -82.91 23.68 52.36
CA ALA ED 63 -82.96 24.71 51.33
C ALA ED 63 -81.61 25.39 51.15
N LEU ED 64 -80.53 24.77 51.60
CA LEU ED 64 -79.16 25.29 51.43
C LEU ED 64 -79.01 26.67 52.05
N ASN ED 65 -79.19 26.73 53.37
CA ASN ED 65 -79.11 27.99 54.08
C ASN ED 65 -78.43 27.84 55.45
N TYR ED 69 -76.21 22.13 54.89
CA TYR ED 69 -77.06 23.26 55.23
C TYR ED 69 -78.53 22.87 55.20
N LYS ED 70 -79.20 22.98 56.34
CA LYS ED 70 -80.58 22.52 56.43
C LYS ED 70 -81.48 23.48 57.22
N ALA ED 71 -81.29 24.79 57.08
CA ALA ED 71 -82.13 25.72 57.81
C ALA ED 71 -83.48 25.89 57.11
N MET ED 72 -84.51 26.10 57.92
CA MET ED 72 -85.87 26.31 57.44
C MET ED 72 -85.96 27.73 56.90
N SER ED 73 -86.22 27.86 55.61
CA SER ED 73 -86.21 29.16 54.96
C SER ED 73 -87.52 29.45 54.26
N VAL ED 74 -87.68 30.71 53.87
CA VAL ED 74 -88.81 31.17 53.07
C VAL ED 74 -88.39 31.15 51.61
N VAL ED 75 -89.24 30.59 50.75
CA VAL ED 75 -88.86 30.35 49.36
C VAL ED 75 -89.78 31.02 48.36
N ALA ED 76 -90.84 31.69 48.81
CA ALA ED 76 -91.77 32.30 47.88
C ALA ED 76 -92.66 33.28 48.62
N ILE ED 77 -92.98 34.39 47.97
CA ILE ED 77 -93.96 35.35 48.45
C ILE ED 77 -95.22 35.17 47.62
N VAL ED 78 -96.34 34.98 48.29
CA VAL ED 78 -97.56 34.51 47.65
C VAL ED 78 -98.43 35.69 47.25
N GLU ED 79 -98.86 35.71 45.98
CA GLU ED 79 -99.74 36.74 45.46
C GLU ED 79 -101.21 36.38 45.70
N LYS ED 80 -101.65 35.24 45.19
CA LYS ED 80 -103.04 34.82 45.26
C LYS ED 80 -103.13 33.39 45.77
N VAL ED 81 -104.11 33.14 46.64
CA VAL ED 81 -104.42 31.81 47.13
C VAL ED 81 -105.86 31.52 46.72
N PHE ED 82 -106.03 30.85 45.59
CA PHE ED 82 -107.36 30.46 45.15
C PHE ED 82 -107.71 29.13 45.81
N ARG ED 83 -108.84 29.11 46.51
CA ARG ED 83 -109.19 27.95 47.35
C ARG ED 83 -110.70 27.79 47.36
N ASP ED 84 -111.19 26.70 46.79
CA ASP ED 84 -112.58 26.34 46.89
C ASP ED 84 -112.80 24.88 46.52
N GLU FD 3 -55.73 78.83 67.70
CA GLU FD 3 -55.46 77.42 67.85
C GLU FD 3 -55.03 76.82 66.52
N ALA FD 4 -54.45 75.63 66.56
CA ALA FD 4 -53.91 75.00 65.37
C ALA FD 4 -55.05 74.46 64.50
N LEU FD 5 -54.69 73.74 63.44
CA LEU FD 5 -55.67 73.26 62.49
C LEU FD 5 -55.19 71.95 61.89
N GLY FD 6 -56.04 70.95 61.89
CA GLY FD 6 -55.70 69.64 61.37
C GLY FD 6 -56.64 69.21 60.27
N LEU FD 7 -56.10 68.49 59.29
CA LEU FD 7 -56.83 68.17 58.07
C LEU FD 7 -56.51 66.75 57.63
N ILE FD 8 -57.55 65.97 57.37
CA ILE FD 8 -57.41 64.65 56.75
C ILE FD 8 -58.30 64.62 55.53
N GLU FD 9 -57.83 64.00 54.46
CA GLU FD 9 -58.58 63.89 53.22
C GLU FD 9 -58.62 62.43 52.80
N THR FD 10 -59.81 61.92 52.50
CA THR FD 10 -60.00 60.53 52.15
C THR FD 10 -60.86 60.40 50.92
N LYS FD 11 -60.82 59.23 50.31
CA LYS FD 11 -61.71 58.88 49.22
C LYS FD 11 -62.92 58.13 49.78
N GLY FD 12 -64.09 58.72 49.64
CA GLY FD 12 -65.29 58.10 50.19
C GLY FD 12 -65.69 58.72 51.50
N LEU FD 13 -66.98 58.63 51.81
CA LEU FD 13 -67.48 59.27 53.03
C LEU FD 13 -67.27 58.38 54.25
N VAL FD 14 -67.37 57.06 54.09
CA VAL FD 14 -67.26 56.18 55.25
C VAL FD 14 -65.89 56.32 55.89
N ALA FD 15 -64.84 56.30 55.07
CA ALA FD 15 -63.49 56.40 55.61
C ALA FD 15 -63.27 57.71 56.34
N CYS FD 16 -64.03 58.75 56.01
CA CYS FD 16 -63.84 60.03 56.67
C CYS FD 16 -64.57 60.09 58.00
N ILE FD 17 -65.73 59.46 58.11
CA ILE FD 17 -66.45 59.46 59.37
C ILE FD 17 -65.70 58.62 60.41
N GLU FD 18 -65.07 57.54 59.96
CA GLU FD 18 -64.21 56.78 60.86
C GLU FD 18 -63.02 57.62 61.33
N ALA FD 19 -62.41 58.38 60.42
CA ALA FD 19 -61.27 59.20 60.78
C ALA FD 19 -61.68 60.33 61.72
N ALA FD 20 -62.82 60.96 61.46
CA ALA FD 20 -63.24 62.07 62.31
C ALA FD 20 -63.71 61.61 63.67
N ASP FD 21 -64.09 60.34 63.81
CA ASP FD 21 -64.44 59.82 65.12
C ASP FD 21 -63.20 59.48 65.92
N ALA FD 22 -62.21 58.86 65.26
CA ALA FD 22 -60.96 58.56 65.94
C ALA FD 22 -60.28 59.84 66.43
N MET FD 23 -60.27 60.88 65.59
CA MET FD 23 -59.67 62.15 65.98
C MET FD 23 -60.33 62.71 67.24
N CYS FD 24 -61.66 62.72 67.26
CA CYS FD 24 -62.36 63.35 68.38
C CYS FD 24 -62.16 62.58 69.68
N LYS FD 25 -61.94 61.27 69.60
CA LYS FD 25 -61.76 60.47 70.82
C LYS FD 25 -60.33 60.54 71.34
N ALA FD 26 -59.36 60.70 70.45
CA ALA FD 26 -57.95 60.53 70.81
C ALA FD 26 -57.34 61.74 71.48
N ALA FD 27 -57.96 62.91 71.43
CA ALA FD 27 -57.38 64.09 72.05
C ALA FD 27 -58.45 65.14 72.22
N ASN FD 28 -58.09 66.22 72.90
CA ASN FD 28 -59.04 67.29 73.18
C ASN FD 28 -59.04 68.28 72.01
N VAL FD 29 -59.70 67.86 70.92
CA VAL FD 29 -59.89 68.68 69.74
C VAL FD 29 -61.38 68.73 69.43
N GLU FD 30 -61.80 69.78 68.75
CA GLU FD 30 -63.18 69.94 68.35
C GLU FD 30 -63.31 69.87 66.84
N LEU FD 31 -64.43 69.35 66.38
CA LEU FD 31 -64.64 69.10 64.96
C LEU FD 31 -65.26 70.34 64.32
N ILE FD 32 -64.61 70.86 63.27
CA ILE FD 32 -65.12 72.04 62.58
C ILE FD 32 -66.22 71.66 61.61
N GLY FD 33 -65.94 70.74 60.69
CA GLY FD 33 -66.96 70.28 59.77
C GLY FD 33 -66.34 69.46 58.67
N TYR FD 34 -67.21 69.01 57.77
CA TYR FD 34 -66.81 68.30 56.57
C TYR FD 34 -66.92 69.21 55.36
N GLU FD 35 -66.24 68.82 54.29
CA GLU FD 35 -66.31 69.58 53.04
C GLU FD 35 -65.82 68.67 51.92
N ASN FD 36 -66.74 68.26 51.05
CA ASN FD 36 -66.34 67.46 49.90
C ASN FD 36 -66.25 68.34 48.65
N VAL FD 37 -65.19 68.14 47.90
CA VAL FD 37 -64.93 68.92 46.70
C VAL FD 37 -64.91 67.94 45.53
N GLY FD 38 -66.07 67.72 44.94
CA GLY FD 38 -66.12 66.91 43.74
C GLY FD 38 -65.76 65.47 43.99
N SER FD 39 -64.90 64.95 43.13
CA SER FD 39 -64.80 63.52 42.89
C SER FD 39 -64.33 62.75 44.11
N GLY FD 40 -65.28 62.13 44.82
CA GLY FD 40 -65.03 61.27 45.96
C GLY FD 40 -63.97 61.72 46.93
N LEU FD 41 -63.92 63.00 47.26
CA LEU FD 41 -62.92 63.52 48.19
C LEU FD 41 -63.63 64.28 49.30
N VAL FD 42 -63.55 63.76 50.52
CA VAL FD 42 -64.14 64.40 51.68
C VAL FD 42 -63.01 64.75 52.64
N THR FD 43 -63.16 65.89 53.31
CA THR FD 43 -62.13 66.42 54.21
C THR FD 43 -62.76 66.79 55.53
N ALA FD 44 -62.13 66.37 56.63
CA ALA FD 44 -62.54 66.73 57.97
C ALA FD 44 -61.52 67.69 58.57
N MET FD 45 -62.00 68.67 59.33
CA MET FD 45 -61.15 69.69 59.92
C MET FD 45 -61.37 69.74 61.41
N VAL FD 46 -60.28 69.69 62.19
CA VAL FD 46 -60.33 69.78 63.63
C VAL FD 46 -59.43 70.93 64.06
N LYS FD 47 -59.70 71.46 65.25
CA LYS FD 47 -58.89 72.54 65.78
C LYS FD 47 -58.70 72.38 67.28
N GLY FD 48 -57.55 72.86 67.76
CA GLY FD 48 -57.20 72.72 69.16
C GLY FD 48 -55.76 73.13 69.34
N ASP FD 49 -55.21 72.80 70.50
CA ASP FD 49 -53.80 73.13 70.74
C ASP FD 49 -52.89 72.32 69.83
N VAL FD 50 -51.64 72.74 69.74
CA VAL FD 50 -50.74 72.17 68.74
C VAL FD 50 -50.34 70.75 69.12
N GLY FD 51 -50.11 70.50 70.41
CA GLY FD 51 -49.76 69.16 70.82
C GLY FD 51 -50.95 68.21 70.75
N ALA FD 52 -52.14 68.72 71.03
CA ALA FD 52 -53.35 67.90 70.90
C ALA FD 52 -53.65 67.61 69.44
N VAL FD 53 -53.69 68.65 68.60
CA VAL FD 53 -54.06 68.47 67.20
C VAL FD 53 -53.08 67.53 66.51
N ASN FD 54 -51.80 67.64 66.85
CA ASN FD 54 -50.81 66.73 66.28
C ASN FD 54 -51.10 65.29 66.69
N ALA FD 55 -51.62 65.09 67.89
CA ALA FD 55 -51.91 63.75 68.38
C ALA FD 55 -53.23 63.22 67.83
N ALA FD 56 -54.12 64.11 67.42
CA ALA FD 56 -55.38 63.67 66.84
C ALA FD 56 -55.20 63.22 65.40
N VAL FD 57 -54.32 63.89 64.66
CA VAL FD 57 -54.23 63.63 63.22
C VAL FD 57 -53.55 62.30 62.95
N ASP FD 58 -52.52 61.95 63.73
CA ASP FD 58 -51.84 60.69 63.46
C ASP FD 58 -52.68 59.49 63.90
N SER FD 59 -53.60 59.69 64.83
CA SER FD 59 -54.53 58.62 65.18
C SER FD 59 -55.64 58.50 64.15
N GLY FD 60 -56.17 59.64 63.70
CA GLY FD 60 -57.21 59.61 62.69
C GLY FD 60 -56.74 59.08 61.35
N VAL FD 61 -55.49 59.34 61.00
CA VAL FD 61 -54.95 58.77 59.77
C VAL FD 61 -54.81 57.26 59.92
N GLU FD 62 -54.46 56.81 61.11
CA GLU FD 62 -54.25 55.39 61.36
C GLU FD 62 -55.55 54.60 61.20
N ALA FD 63 -56.67 55.20 61.59
CA ALA FD 63 -57.95 54.50 61.54
C ALA FD 63 -58.50 54.47 60.12
N ALA FD 64 -58.52 55.61 59.44
CA ALA FD 64 -59.08 55.66 58.10
C ALA FD 64 -58.23 54.86 57.11
N LYS FD 65 -56.93 54.81 57.34
CA LYS FD 65 -56.06 53.99 56.50
C LYS FD 65 -56.40 52.51 56.59
N ARG FD 66 -57.14 52.13 57.62
CA ARG FD 66 -57.48 50.72 57.84
C ARG FD 66 -58.53 50.24 56.84
N ILE FD 67 -59.54 51.06 56.58
CA ILE FD 67 -60.68 50.66 55.76
C ILE FD 67 -60.78 51.42 54.46
N GLY FD 68 -59.99 52.47 54.27
CA GLY FD 68 -60.09 53.25 53.05
C GLY FD 68 -58.77 53.82 52.62
N LYS FD 69 -58.82 54.86 51.79
CA LYS FD 69 -57.61 55.52 51.30
C LYS FD 69 -57.53 56.89 51.95
N VAL FD 70 -56.44 57.13 52.67
CA VAL FD 70 -56.13 58.46 53.17
C VAL FD 70 -55.25 59.14 52.12
N VAL FD 71 -55.73 60.24 51.57
CA VAL FD 71 -55.03 60.91 50.49
C VAL FD 71 -53.95 61.85 51.02
N SER FD 72 -54.28 62.65 52.04
CA SER FD 72 -53.33 63.61 52.56
C SER FD 72 -53.73 64.00 53.97
N SER FD 73 -52.74 64.41 54.76
CA SER FD 73 -52.97 64.94 56.09
C SER FD 73 -51.98 66.07 56.33
N ARG FD 74 -52.36 66.99 57.22
CA ARG FD 74 -51.55 68.19 57.41
C ARG FD 74 -51.99 68.90 58.66
N VAL FD 75 -51.03 69.40 59.43
CA VAL FD 75 -51.28 70.22 60.60
C VAL FD 75 -50.69 71.60 60.35
N ILE FD 76 -51.46 72.63 60.66
CA ILE FD 76 -51.03 74.01 60.51
C ILE FD 76 -50.93 74.60 61.91
N ALA FD 77 -49.71 74.94 62.33
CA ALA FD 77 -49.48 75.28 63.73
C ALA FD 77 -50.08 76.63 64.09
N ARG FD 78 -50.03 77.59 63.17
CA ARG FD 78 -50.68 78.89 63.38
C ARG FD 78 -51.32 79.29 62.07
N PRO FD 79 -52.62 79.04 61.90
CA PRO FD 79 -53.29 79.46 60.66
C PRO FD 79 -53.41 80.97 60.62
N HIS FD 80 -53.22 81.52 59.42
CA HIS FD 80 -53.29 82.96 59.27
C HIS FD 80 -54.72 83.45 59.50
N ASN FD 81 -54.84 84.65 60.05
CA ASN FD 81 -56.14 85.17 60.45
C ASN FD 81 -57.11 85.21 59.28
N ASP FD 82 -56.59 85.51 58.08
CA ASP FD 82 -57.44 85.58 56.90
C ASP FD 82 -58.11 84.24 56.62
N ILE FD 83 -57.39 83.15 56.83
CA ILE FD 83 -57.89 81.82 56.55
C ILE FD 83 -58.82 81.36 57.67
N GLU GD 3 -77.08 56.34 70.27
CA GLU GD 3 -77.32 55.05 69.65
C GLU GD 3 -76.28 54.77 68.59
N ALA GD 4 -76.10 53.51 68.25
CA ALA GD 4 -75.05 53.11 67.32
C ALA GD 4 -75.33 53.69 65.94
N LEU GD 5 -74.42 53.42 65.01
CA LEU GD 5 -74.50 54.01 63.69
C LEU GD 5 -73.82 53.09 62.70
N GLY GD 6 -74.49 52.79 61.60
CA GLY GD 6 -73.95 51.88 60.60
C GLY GD 6 -73.95 52.52 59.23
N LEU GD 7 -72.93 52.21 58.45
CA LEU GD 7 -72.75 52.79 57.13
C LEU GD 7 -72.44 51.71 56.11
N ILE GD 8 -73.04 51.83 54.94
CA ILE GD 8 -72.68 51.03 53.79
C ILE GD 8 -72.43 51.97 52.62
N GLU GD 9 -71.35 51.74 51.89
CA GLU GD 9 -71.00 52.56 50.75
C GLU GD 9 -70.97 51.70 49.50
N THR GD 10 -71.72 52.10 48.49
CA THR GD 10 -71.90 51.32 47.28
C THR GD 10 -71.66 52.19 46.06
N LYS GD 11 -71.27 51.54 44.96
CA LYS GD 11 -71.07 52.22 43.69
C LYS GD 11 -72.38 52.17 42.91
N GLY GD 12 -73.05 53.30 42.78
CA GLY GD 12 -74.33 53.35 42.11
C GLY GD 12 -75.48 53.38 43.10
N LEU GD 13 -76.59 53.98 42.67
CA LEU GD 13 -77.71 54.17 43.57
C LEU GD 13 -78.55 52.91 43.73
N VAL GD 14 -78.66 52.08 42.69
CA VAL GD 14 -79.51 50.91 42.76
C VAL GD 14 -79.02 49.96 43.83
N ALA GD 15 -77.71 49.68 43.84
CA ALA GD 15 -77.16 48.79 44.86
C ALA GD 15 -77.35 49.35 46.26
N CYS GD 16 -77.55 50.66 46.39
CA CYS GD 16 -77.74 51.25 47.71
C CYS GD 16 -79.18 51.13 48.18
N ILE GD 17 -80.14 51.11 47.27
CA ILE GD 17 -81.52 50.91 47.70
C ILE GD 17 -81.78 49.44 48.03
N GLU GD 18 -81.11 48.52 47.35
CA GLU GD 18 -81.19 47.13 47.77
C GLU GD 18 -80.56 46.93 49.14
N ALA GD 19 -79.41 47.57 49.37
CA ALA GD 19 -78.77 47.48 50.69
C ALA GD 19 -79.66 48.05 51.77
N ALA GD 20 -80.29 49.19 51.52
CA ALA GD 20 -81.11 49.81 52.55
C ALA GD 20 -82.42 49.09 52.77
N ASP GD 21 -82.90 48.34 51.77
CA ASP GD 21 -84.10 47.56 51.98
C ASP GD 21 -83.80 46.35 52.86
N ALA GD 22 -82.66 45.71 52.66
CA ALA GD 22 -82.29 44.58 53.50
C ALA GD 22 -81.99 45.03 54.92
N MET GD 23 -81.40 46.21 55.08
CA MET GD 23 -81.10 46.72 56.41
C MET GD 23 -82.37 46.98 57.20
N CYS GD 24 -83.38 47.57 56.57
CA CYS GD 24 -84.57 47.97 57.29
C CYS GD 24 -85.50 46.81 57.60
N LYS GD 25 -85.35 45.68 56.92
CA LYS GD 25 -86.14 44.50 57.21
C LYS GD 25 -85.47 43.59 58.23
N ALA GD 26 -84.16 43.71 58.40
CA ALA GD 26 -83.40 42.76 59.20
C ALA GD 26 -83.51 43.04 60.69
N ALA GD 27 -83.78 44.27 61.09
CA ALA GD 27 -83.86 44.62 62.49
C ALA GD 27 -84.65 45.91 62.65
N ASN GD 28 -84.74 46.39 63.88
CA ASN GD 28 -85.54 47.56 64.20
C ASN GD 28 -84.62 48.79 64.24
N VAL GD 29 -84.26 49.26 63.05
CA VAL GD 29 -83.41 50.43 62.90
C VAL GD 29 -84.16 51.46 62.08
N GLU GD 30 -83.90 52.72 62.35
CA GLU GD 30 -84.47 53.82 61.57
C GLU GD 30 -83.43 54.30 60.57
N LEU GD 31 -83.86 54.50 59.34
CA LEU GD 31 -82.96 54.89 58.27
C LEU GD 31 -82.87 56.41 58.22
N ILE GD 32 -81.64 56.92 58.19
CA ILE GD 32 -81.42 58.36 58.24
C ILE GD 32 -81.50 59.00 56.87
N GLY GD 33 -80.74 58.50 55.91
CA GLY GD 33 -80.84 59.02 54.56
C GLY GD 33 -79.56 58.79 53.79
N TYR GD 34 -79.64 59.03 52.49
CA TYR GD 34 -78.53 58.84 51.58
C TYR GD 34 -77.68 60.09 51.49
N GLU GD 35 -76.45 59.91 51.02
CA GLU GD 35 -75.52 61.02 50.79
C GLU GD 35 -74.51 60.56 49.76
N ASN GD 36 -74.54 61.16 48.57
CA ASN GD 36 -73.54 60.85 47.56
C ASN GD 36 -72.48 61.93 47.52
N VAL GD 37 -71.24 61.52 47.31
CA VAL GD 37 -70.09 62.41 47.33
C VAL GD 37 -69.43 62.50 45.97
N GLY GD 38 -70.06 61.97 44.93
CA GLY GD 38 -69.51 62.00 43.60
C GLY GD 38 -68.67 60.78 43.29
N SER GD 39 -68.37 60.62 42.00
CA SER GD 39 -67.67 59.47 41.45
C SER GD 39 -68.50 58.19 41.55
N GLY GD 40 -69.80 58.32 41.76
CA GLY GD 40 -70.69 57.18 41.81
C GLY GD 40 -70.84 56.54 43.17
N LEU GD 41 -70.28 57.14 44.21
CA LEU GD 41 -70.33 56.56 45.55
C LEU GD 41 -71.55 57.10 46.30
N VAL GD 42 -72.42 56.19 46.71
CA VAL GD 42 -73.60 56.52 47.50
C VAL GD 42 -73.52 55.78 48.82
N THR GD 43 -73.96 56.43 49.90
CA THR GD 43 -73.82 55.90 51.24
C THR GD 43 -75.16 55.95 51.95
N ALA GD 44 -75.54 54.86 52.60
CA ALA GD 44 -76.75 54.78 53.40
C ALA GD 44 -76.35 54.70 54.87
N MET GD 45 -77.14 55.35 55.73
CA MET GD 45 -76.82 55.48 57.14
C MET GD 45 -78.04 55.11 57.97
N VAL GD 46 -77.87 54.16 58.88
CA VAL GD 46 -78.93 53.75 59.79
C VAL GD 46 -78.46 54.01 61.22
N LYS GD 47 -79.42 53.99 62.15
CA LYS GD 47 -79.07 54.19 63.54
C LYS GD 47 -80.06 53.44 64.42
N GLY GD 48 -79.56 52.89 65.51
CA GLY GD 48 -80.36 52.12 66.43
C GLY GD 48 -79.47 51.51 67.50
N ASP GD 49 -80.02 50.54 68.21
CA ASP GD 49 -79.22 49.84 69.22
C ASP GD 49 -78.13 49.02 68.53
N VAL GD 50 -77.05 48.76 69.27
CA VAL GD 50 -75.86 48.20 68.66
C VAL GD 50 -76.02 46.74 68.28
N GLY GD 51 -76.96 46.03 68.90
CA GLY GD 51 -77.23 44.68 68.49
C GLY GD 51 -78.05 44.64 67.21
N ALA GD 52 -78.95 45.61 67.07
CA ALA GD 52 -79.75 45.69 65.86
C ALA GD 52 -78.93 46.23 64.69
N VAL GD 53 -78.13 47.25 64.93
CA VAL GD 53 -77.35 47.86 63.86
C VAL GD 53 -76.31 46.88 63.34
N ASN GD 54 -75.75 46.07 64.22
CA ASN GD 54 -74.78 45.07 63.79
C ASN GD 54 -75.42 44.04 62.88
N ALA GD 55 -76.66 43.66 63.18
CA ALA GD 55 -77.36 42.67 62.37
C ALA GD 55 -77.78 43.26 61.04
N ALA GD 56 -78.17 44.54 61.02
CA ALA GD 56 -78.64 45.16 59.79
C ALA GD 56 -77.50 45.33 58.79
N VAL GD 57 -76.34 45.79 59.24
CA VAL GD 57 -75.25 46.07 58.31
C VAL GD 57 -74.71 44.77 57.73
N ASP GD 58 -74.75 43.68 58.48
CA ASP GD 58 -74.27 42.41 57.93
C ASP GD 58 -75.21 41.88 56.86
N SER GD 59 -76.52 42.11 57.02
CA SER GD 59 -77.47 41.66 56.02
C SER GD 59 -77.44 42.58 54.81
N GLY GD 60 -77.38 43.89 55.04
CA GLY GD 60 -77.33 44.82 53.92
C GLY GD 60 -76.11 44.64 53.05
N VAL GD 61 -74.99 44.27 53.65
CA VAL GD 61 -73.77 44.07 52.87
C VAL GD 61 -73.93 42.87 51.95
N GLU GD 62 -74.50 41.77 52.45
CA GLU GD 62 -74.61 40.57 51.64
C GLU GD 62 -75.61 40.74 50.51
N ALA GD 63 -76.68 41.50 50.73
CA ALA GD 63 -77.67 41.70 49.69
C ALA GD 63 -77.17 42.61 48.58
N ALA GD 64 -76.54 43.73 48.95
CA ALA GD 64 -75.99 44.63 47.94
C ALA GD 64 -74.82 44.01 47.22
N LYS GD 65 -74.04 43.17 47.90
CA LYS GD 65 -72.94 42.47 47.25
C LYS GD 65 -73.42 41.59 46.12
N ARG GD 66 -74.67 41.12 46.22
CA ARG GD 66 -75.18 40.19 45.23
C ARG GD 66 -75.43 40.85 43.88
N ILE GD 67 -75.81 42.12 43.88
CA ILE GD 67 -76.26 42.79 42.66
C ILE GD 67 -75.41 44.01 42.31
N GLY GD 68 -74.38 44.30 43.07
CA GLY GD 68 -73.55 45.44 42.79
C GLY GD 68 -72.23 45.32 43.49
N LYS GD 69 -71.52 46.44 43.59
CA LYS GD 69 -70.25 46.49 44.28
C LYS GD 69 -70.43 47.22 45.60
N VAL GD 70 -70.06 46.57 46.69
CA VAL GD 70 -70.02 47.21 48.00
C VAL GD 70 -68.60 47.66 48.24
N VAL GD 71 -68.42 48.97 48.46
CA VAL GD 71 -67.09 49.54 48.62
C VAL GD 71 -66.59 49.41 50.05
N SER GD 72 -67.46 49.70 51.02
CA SER GD 72 -67.04 49.75 52.41
C SER GD 72 -68.27 49.65 53.30
N SER GD 73 -68.05 49.15 54.52
CA SER GD 73 -69.08 49.08 55.53
C SER GD 73 -68.45 49.30 56.89
N ARG GD 74 -69.25 49.71 57.86
CA ARG GD 74 -68.69 50.09 59.15
C ARG GD 74 -69.81 50.27 60.16
N VAL GD 75 -69.57 49.81 61.38
CA VAL GD 75 -70.46 50.07 62.51
C VAL GD 75 -69.69 50.88 63.54
N ILE GD 76 -70.32 51.93 64.06
CA ILE GD 76 -69.73 52.77 65.09
C ILE GD 76 -70.61 52.64 66.32
N ALA GD 77 -70.09 51.96 67.35
CA ALA GD 77 -70.93 51.56 68.48
C ALA GD 77 -71.26 52.74 69.38
N ARG GD 78 -70.26 53.53 69.77
CA ARG GD 78 -70.47 54.74 70.55
C ARG GD 78 -69.95 55.92 69.77
N PRO GD 79 -70.78 56.57 68.95
CA PRO GD 79 -70.31 57.71 68.18
C PRO GD 79 -70.17 58.92 69.06
N HIS GD 80 -69.16 59.74 68.75
CA HIS GD 80 -68.91 60.94 69.53
C HIS GD 80 -70.02 61.96 69.30
N ASN GD 81 -70.24 62.82 70.29
CA ASN GD 81 -71.33 63.78 70.20
C ASN GD 81 -71.04 64.86 69.17
N ASP GD 82 -69.77 65.14 68.90
CA ASP GD 82 -69.43 66.06 67.82
C ASP GD 82 -69.84 65.49 66.46
N ILE GD 83 -69.86 64.17 66.34
CA ILE GD 83 -70.24 63.52 65.10
C ILE GD 83 -71.75 63.44 65.00
N GLU HD 3 -74.48 39.93 82.57
CA GLU HD 3 -74.11 40.51 81.29
C GLU HD 3 -72.87 39.82 80.73
N ALA HD 4 -72.54 40.11 79.48
CA ALA HD 4 -71.49 39.38 78.80
C ALA HD 4 -70.14 39.69 79.42
N LEU HD 5 -69.11 39.02 78.91
CA LEU HD 5 -67.78 39.12 79.48
C LEU HD 5 -66.74 39.00 78.36
N GLY HD 6 -65.86 39.98 78.28
CA GLY HD 6 -64.85 40.01 77.23
C GLY HD 6 -63.45 40.01 77.83
N LEU HD 7 -62.57 39.20 77.24
CA LEU HD 7 -61.22 39.00 77.76
C LEU HD 7 -60.21 39.18 76.66
N ILE HD 8 -59.12 39.88 76.96
CA ILE HD 8 -57.96 39.98 76.08
C ILE HD 8 -56.72 39.68 76.89
N GLU HD 9 -55.82 38.90 76.31
CA GLU HD 9 -54.60 38.49 77.00
C GLU HD 9 -53.40 38.84 76.15
N THR HD 10 -52.44 39.53 76.74
CA THR HD 10 -51.28 40.06 76.05
C THR HD 10 -50.01 39.73 76.81
N LYS HD 11 -48.89 39.86 76.12
CA LYS HD 11 -47.57 39.79 76.75
C LYS HD 11 -47.15 41.20 77.14
N GLY HD 12 -47.00 41.44 78.43
CA GLY HD 12 -46.55 42.77 78.82
C GLY HD 12 -47.71 43.68 79.17
N LEU HD 13 -47.42 44.68 79.99
CA LEU HD 13 -48.46 45.56 80.49
C LEU HD 13 -48.82 46.67 79.50
N VAL HD 14 -47.87 47.11 78.70
CA VAL HD 14 -48.15 48.24 77.81
C VAL HD 14 -49.16 47.85 76.76
N ALA HD 15 -49.03 46.66 76.17
CA ALA HD 15 -50.02 46.22 75.18
C ALA HD 15 -51.40 46.06 75.81
N CYS HD 16 -51.46 45.86 77.12
CA CYS HD 16 -52.75 45.67 77.77
C CYS HD 16 -53.40 46.98 78.17
N ILE HD 17 -52.61 48.04 78.40
CA ILE HD 17 -53.23 49.33 78.65
C ILE HD 17 -53.73 49.94 77.36
N GLU HD 18 -53.09 49.63 76.23
CA GLU HD 18 -53.62 50.10 74.96
C GLU HD 18 -54.88 49.34 74.59
N ALA HD 19 -54.92 48.03 74.87
CA ALA HD 19 -56.15 47.27 74.61
C ALA HD 19 -57.28 47.74 75.50
N ALA HD 20 -56.99 48.01 76.77
CA ALA HD 20 -58.04 48.44 77.68
C ALA HD 20 -58.52 49.84 77.37
N ASP HD 21 -57.65 50.69 76.83
CA ASP HD 21 -58.07 52.04 76.46
C ASP HD 21 -58.96 52.01 75.23
N ALA HD 22 -58.58 51.23 74.22
CA ALA HD 22 -59.38 51.13 73.01
C ALA HD 22 -60.74 50.52 73.33
N MET HD 23 -60.79 49.51 74.19
CA MET HD 23 -62.05 48.87 74.51
C MET HD 23 -63.02 49.84 75.15
N CYS HD 24 -62.55 50.62 76.13
CA CYS HD 24 -63.44 51.52 76.84
C CYS HD 24 -63.91 52.68 75.97
N LYS HD 25 -63.19 52.99 74.89
CA LYS HD 25 -63.59 54.09 74.02
C LYS HD 25 -64.62 53.64 73.00
N ALA HD 26 -64.52 52.41 72.53
CA ALA HD 26 -65.23 51.97 71.33
C ALA HD 26 -66.58 51.33 71.62
N ALA HD 27 -67.05 51.36 72.87
CA ALA HD 27 -68.34 50.78 73.20
C ALA HD 27 -68.67 51.12 74.63
N ASN HD 28 -69.94 50.93 75.00
CA ASN HD 28 -70.40 51.21 76.35
C ASN HD 28 -70.20 49.98 77.21
N VAL HD 29 -68.98 49.82 77.71
CA VAL HD 29 -68.60 48.69 78.55
C VAL HD 29 -67.99 49.24 79.83
N GLU HD 30 -67.88 48.35 80.82
CA GLU HD 30 -67.29 48.66 82.11
C GLU HD 30 -66.03 47.84 82.28
N LEU HD 31 -64.93 48.47 82.66
CA LEU HD 31 -63.68 47.77 82.89
C LEU HD 31 -63.65 47.22 84.30
N ILE HD 32 -63.44 45.91 84.42
CA ILE HD 32 -63.41 45.26 85.73
C ILE HD 32 -62.02 45.36 86.35
N GLY HD 33 -60.98 45.03 85.60
CA GLY HD 33 -59.63 45.17 86.10
C GLY HD 33 -58.68 44.28 85.35
N TYR HD 34 -57.42 44.37 85.75
CA TYR HD 34 -56.34 43.55 85.22
C TYR HD 34 -56.06 42.39 86.16
N GLU HD 35 -55.45 41.34 85.62
CA GLU HD 35 -55.12 40.17 86.42
C GLU HD 35 -53.98 39.44 85.72
N ASN HD 36 -52.77 39.58 86.24
CA ASN HD 36 -51.61 38.92 85.64
C ASN HD 36 -51.28 37.64 86.40
N VAL HD 37 -50.63 36.72 85.69
CA VAL HD 37 -50.34 35.40 86.22
C VAL HD 37 -48.86 35.05 86.03
N GLY HD 38 -48.01 36.06 85.95
CA GLY HD 38 -46.60 35.82 85.73
C GLY HD 38 -46.32 35.39 84.31
N SER HD 39 -45.04 35.26 84.00
CA SER HD 39 -44.54 35.07 82.64
C SER HD 39 -44.87 36.25 81.74
N GLY HD 40 -45.28 37.38 82.29
CA GLY HD 40 -45.60 38.54 81.50
C GLY HD 40 -46.97 38.54 80.88
N LEU HD 41 -47.80 37.54 81.17
CA LEU HD 41 -49.16 37.49 80.65
C LEU HD 41 -50.05 38.37 81.51
N VAL HD 42 -50.68 39.36 80.91
CA VAL HD 42 -51.64 40.23 81.59
C VAL HD 42 -52.96 40.13 80.84
N THR HD 43 -54.06 40.22 81.59
CA THR HD 43 -55.39 40.02 81.04
C THR HD 43 -56.30 41.16 81.47
N ALA HD 44 -57.08 41.67 80.52
CA ALA HD 44 -58.08 42.71 80.78
C ALA HD 44 -59.47 42.10 80.66
N MET HD 45 -60.38 42.55 81.52
CA MET HD 45 -61.74 42.02 81.57
C MET HD 45 -62.73 43.17 81.51
N VAL HD 46 -63.56 43.19 80.48
CA VAL HD 46 -64.63 44.18 80.35
C VAL HD 46 -65.96 43.46 80.53
N LYS HD 47 -66.99 44.24 80.80
CA LYS HD 47 -68.30 43.69 81.11
C LYS HD 47 -69.39 44.61 80.60
N GLY HD 48 -70.38 44.05 79.91
CA GLY HD 48 -71.48 44.85 79.40
C GLY HD 48 -72.41 43.98 78.60
N ASP HD 49 -73.32 44.63 77.87
CA ASP HD 49 -74.24 43.91 77.01
C ASP HD 49 -73.47 43.18 75.90
N VAL HD 50 -74.11 42.17 75.34
CA VAL HD 50 -73.40 41.27 74.43
C VAL HD 50 -72.94 42.00 73.18
N GLY HD 51 -73.80 42.86 72.63
CA GLY HD 51 -73.44 43.56 71.41
C GLY HD 51 -72.30 44.55 71.64
N ALA HD 52 -72.36 45.27 72.75
CA ALA HD 52 -71.28 46.19 73.09
C ALA HD 52 -69.99 45.45 73.35
N VAL HD 53 -70.04 44.43 74.22
CA VAL HD 53 -68.84 43.70 74.58
C VAL HD 53 -68.21 43.04 73.36
N ASN HD 54 -69.05 42.52 72.46
CA ASN HD 54 -68.52 41.98 71.22
C ASN HD 54 -67.70 43.04 70.50
N ALA HD 55 -68.30 44.19 70.22
CA ALA HD 55 -67.64 45.26 69.49
C ALA HD 55 -66.36 45.72 70.17
N ALA HD 56 -66.39 45.84 71.50
CA ALA HD 56 -65.21 46.30 72.23
C ALA HD 56 -64.03 45.37 72.02
N VAL HD 57 -64.25 44.07 72.17
CA VAL HD 57 -63.15 43.11 72.08
C VAL HD 57 -62.52 43.15 70.69
N ASP HD 58 -63.33 43.37 69.65
CA ASP HD 58 -62.76 43.45 68.31
C ASP HD 58 -61.85 44.66 68.16
N SER HD 59 -62.26 45.80 68.68
CA SER HD 59 -61.43 47.00 68.59
C SER HD 59 -60.22 46.90 69.50
N GLY HD 60 -60.40 46.36 70.71
CA GLY HD 60 -59.29 46.26 71.64
C GLY HD 60 -58.18 45.36 71.14
N VAL HD 61 -58.54 44.27 70.46
CA VAL HD 61 -57.51 43.39 69.92
C VAL HD 61 -56.80 44.05 68.76
N GLU HD 62 -57.51 44.87 68.00
CA GLU HD 62 -56.91 45.52 66.83
C GLU HD 62 -55.91 46.58 67.25
N ALA HD 63 -56.17 47.28 68.35
CA ALA HD 63 -55.22 48.27 68.84
C ALA HD 63 -54.02 47.62 69.51
N ALA HD 64 -54.26 46.59 70.33
CA ALA HD 64 -53.17 45.97 71.08
C ALA HD 64 -52.23 45.21 70.15
N LYS HD 65 -52.78 44.49 69.18
CA LYS HD 65 -51.95 43.74 68.24
C LYS HD 65 -51.00 44.64 67.48
N ARG HD 66 -51.26 45.95 67.49
CA ARG HD 66 -50.54 46.89 66.65
C ARG HD 66 -49.17 47.23 67.24
N ILE HD 67 -49.03 47.18 68.55
CA ILE HD 67 -47.78 47.51 69.22
C ILE HD 67 -47.18 46.34 69.99
N GLY HD 68 -47.97 45.32 70.32
CA GLY HD 68 -47.49 44.20 71.10
C GLY HD 68 -48.08 42.89 70.63
N LYS HD 69 -48.17 41.91 71.52
CA LYS HD 69 -48.64 40.58 71.14
C LYS HD 69 -49.93 40.28 71.88
N VAL HD 70 -50.98 39.97 71.12
CA VAL HD 70 -52.25 39.54 71.68
C VAL HD 70 -52.26 38.02 71.70
N VAL HD 71 -52.30 37.44 72.89
CA VAL HD 71 -52.19 36.00 73.02
C VAL HD 71 -53.52 35.32 72.72
N SER HD 72 -54.61 35.85 73.28
CA SER HD 72 -55.93 35.27 73.04
C SER HD 72 -57.00 36.28 73.41
N SER HD 73 -58.16 36.12 72.79
CA SER HD 73 -59.34 36.92 73.11
C SER HD 73 -60.55 36.02 73.11
N ARG HD 74 -61.61 36.47 73.78
CA ARG HD 74 -62.77 35.60 73.98
C ARG HD 74 -63.92 36.44 74.51
N VAL HD 75 -65.14 36.11 74.08
CA VAL HD 75 -66.35 36.71 74.61
C VAL HD 75 -67.26 35.60 75.13
N ILE HD 76 -67.66 35.70 76.39
CA ILE HD 76 -68.64 34.80 76.98
C ILE HD 76 -69.96 35.54 77.05
N ALA HD 77 -70.94 35.09 76.28
CA ALA HD 77 -72.20 35.82 76.18
C ALA HD 77 -72.98 35.78 77.49
N ARG HD 78 -72.85 34.71 78.25
CA ARG HD 78 -73.54 34.58 79.53
C ARG HD 78 -72.69 33.71 80.44
N PRO HD 79 -71.92 34.31 81.33
CA PRO HD 79 -71.12 33.50 82.25
C PRO HD 79 -72.00 32.86 83.31
N HIS HD 80 -71.59 31.67 83.73
CA HIS HD 80 -72.22 31.05 84.88
C HIS HD 80 -71.99 31.91 86.10
N ASN HD 81 -72.90 31.81 87.07
CA ASN HD 81 -72.78 32.63 88.27
C ASN HD 81 -71.52 32.27 89.06
N ASP HD 82 -71.05 31.04 88.97
CA ASP HD 82 -69.82 30.66 89.64
C ASP HD 82 -68.63 31.41 89.04
N ILE HD 83 -68.66 31.65 87.74
CA ILE HD 83 -67.57 32.37 87.08
C ILE HD 83 -67.47 33.80 87.59
N GLU HD 84 -68.58 34.39 88.06
CA GLU HD 84 -68.50 35.72 88.64
C GLU HD 84 -68.16 35.67 90.11
N LYS HD 85 -67.16 34.85 90.45
CA LYS HD 85 -66.47 34.89 91.73
C LYS HD 85 -64.99 34.67 91.54
N ILE HD 86 -64.57 34.24 90.36
CA ILE HD 86 -63.16 34.13 90.00
C ILE HD 86 -62.64 35.43 89.40
N ALA HD 87 -63.45 36.07 88.57
CA ALA HD 87 -63.07 37.36 88.01
C ALA HD 87 -63.14 38.45 89.07
N GLY HD 88 -64.33 38.69 89.61
CA GLY HD 88 -64.50 39.68 90.66
C GLY HD 88 -64.28 39.12 92.05
N MET ID 1 25.27 48.09 95.06
CA MET ID 1 26.29 47.42 95.84
C MET ID 1 26.46 48.10 97.20
N ILE ID 2 27.11 47.41 98.12
CA ILE ID 2 27.47 47.98 99.42
C ILE ID 2 28.87 47.52 99.77
N LEU ID 3 29.60 48.38 100.49
CA LEU ID 3 30.88 47.98 101.05
C LEU ID 3 30.65 47.11 102.27
N ALA ID 4 31.33 45.98 102.32
CA ALA ID 4 31.16 45.05 103.41
C ALA ID 4 32.47 44.32 103.65
N LYS ID 5 32.53 43.60 104.76
CA LYS ID 5 33.72 42.88 105.15
C LYS ID 5 33.35 41.44 105.47
N VAL ID 6 34.12 40.49 104.94
CA VAL ID 6 33.84 39.08 105.21
C VAL ID 6 34.25 38.77 106.64
N THR ID 7 33.32 38.21 107.41
CA THR ID 7 33.53 37.96 108.82
C THR ID 7 33.34 36.51 109.24
N GLY ID 8 33.10 35.60 108.30
CA GLY ID 8 32.91 34.21 108.66
C GLY ID 8 32.43 33.42 107.46
N HIS ID 9 31.86 32.26 107.74
CA HIS ID 9 31.28 31.43 106.69
C HIS ID 9 30.21 30.55 107.31
N VAL ID 10 29.40 29.94 106.45
CA VAL ID 10 28.28 29.10 106.85
C VAL ID 10 28.40 27.75 106.17
N VAL ID 11 28.26 26.68 106.94
CA VAL ID 11 28.31 25.32 106.41
C VAL ID 11 26.90 24.75 106.45
N ALA ID 12 26.32 24.55 105.27
CA ALA ID 12 24.96 24.04 105.14
C ALA ID 12 24.99 22.82 104.26
N THR ID 13 24.49 21.70 104.78
CA THR ID 13 24.48 20.43 104.06
C THR ID 13 23.18 20.18 103.32
N GLN ID 14 22.06 20.37 103.99
CA GLN ID 14 20.73 20.18 103.40
C GLN ID 14 20.31 21.50 102.78
N LYS ID 15 20.40 21.61 101.46
CA LYS ID 15 20.07 22.85 100.80
C LYS ID 15 19.61 22.57 99.38
N CYS ID 16 19.13 23.61 98.72
CA CYS ID 16 18.61 23.47 97.36
C CYS ID 16 19.74 23.14 96.39
N ASP ID 17 19.36 22.98 95.12
CA ASP ID 17 20.32 22.61 94.09
C ASP ID 17 20.90 23.83 93.38
N GLU ID 18 20.23 24.97 93.42
CA GLU ID 18 20.78 26.19 92.85
C GLU ID 18 21.99 26.68 93.62
N LEU ID 19 22.30 26.07 94.76
CA LEU ID 19 23.41 26.51 95.61
C LEU ID 19 24.51 25.47 95.74
N ARG ID 20 24.47 24.40 94.95
CA ARG ID 20 25.48 23.35 95.06
C ARG ID 20 26.81 23.83 94.53
N GLY ID 21 27.88 23.62 95.31
CA GLY ID 21 29.21 23.97 94.86
C GLY ID 21 29.50 25.45 94.88
N SER ID 22 29.28 26.09 96.01
CA SER ID 22 29.54 27.52 96.15
C SER ID 22 29.80 27.82 97.61
N ASN ID 23 30.50 28.92 97.84
CA ASN ID 23 30.81 29.35 99.19
C ASN ID 23 29.66 30.17 99.74
N LEU ID 24 29.54 30.20 101.06
CA LEU ID 24 28.52 31.00 101.72
C LEU ID 24 29.18 31.80 102.84
N LEU ID 25 29.43 33.08 102.59
CA LEU ID 25 30.18 33.93 103.50
C LEU ID 25 29.24 34.82 104.31
N LEU ID 26 29.63 35.10 105.54
CA LEU ID 26 28.96 36.11 106.33
C LEU ID 26 29.55 37.47 105.96
N ILE ID 27 28.67 38.43 105.70
CA ILE ID 27 29.03 39.68 105.06
C ILE ID 27 28.48 40.79 105.93
N THR ID 28 29.37 41.55 106.58
CA THR ID 28 28.94 42.59 107.51
C THR ID 28 29.14 43.96 106.89
N ARG ID 29 28.08 44.74 106.85
CA ARG ID 29 28.16 46.09 106.30
C ARG ID 29 28.95 46.98 107.24
N LEU ID 30 29.89 47.74 106.67
CA LEU ID 30 30.78 48.59 107.46
C LEU ID 30 30.49 50.06 107.21
N ASP ID 31 30.71 50.86 108.25
CA ASP ID 31 30.30 52.27 108.24
C ASP ID 31 31.35 53.18 107.61
N ASP ID 32 31.18 54.51 107.75
CA ASP ID 32 32.03 55.46 107.04
C ASP ID 32 33.41 55.62 107.65
N LYS ID 33 33.75 54.83 108.66
CA LYS ID 33 35.12 54.75 109.14
C LYS ID 33 35.77 53.42 108.81
N GLN ID 34 35.18 52.68 107.88
CA GLN ID 34 35.61 51.32 107.54
C GLN ID 34 35.64 50.44 108.78
N GLN ID 35 34.49 50.35 109.45
CA GLN ID 35 34.36 49.60 110.68
C GLN ID 35 33.00 48.90 110.65
N PRO ID 36 32.95 47.61 110.94
CA PRO ID 36 31.68 46.88 110.84
C PRO ID 36 30.63 47.43 111.79
N MET ID 37 29.38 47.32 111.37
CA MET ID 37 28.24 47.79 112.14
C MET ID 37 27.65 46.63 112.95
N LYS ID 38 26.56 46.92 113.67
CA LYS ID 38 25.88 45.94 114.50
C LYS ID 38 24.59 45.51 113.83
N ASP ID 39 24.33 44.20 113.84
CA ASP ID 39 23.09 43.63 113.30
C ASP ID 39 22.93 43.97 111.82
N GLN ID 40 23.99 43.77 111.05
CA GLN ID 40 23.97 44.11 109.63
C GLN ID 40 24.65 43.02 108.81
N THR ID 41 24.36 41.76 109.10
CA THR ID 41 25.03 40.64 108.49
C THR ID 41 24.10 39.91 107.53
N TRP ID 42 24.59 39.65 106.33
CA TRP ID 42 23.90 38.85 105.34
C TRP ID 42 24.77 37.67 104.95
N VAL ID 43 24.19 36.73 104.22
CA VAL ID 43 24.92 35.58 103.70
C VAL ID 43 25.03 35.73 102.20
N ALA ID 44 26.24 35.70 101.68
CA ALA ID 44 26.49 35.97 100.29
C ALA ID 44 27.20 34.79 99.64
N VAL ID 45 26.79 34.46 98.42
CA VAL ID 45 27.44 33.40 97.66
C VAL ID 45 28.68 33.99 97.01
N ASP ID 46 29.85 33.61 97.52
CA ASP ID 46 31.09 34.10 96.94
C ASP ID 46 31.16 33.78 95.46
N ASN ID 47 31.76 34.70 94.70
CA ASN ID 47 31.83 34.53 93.26
C ASN ID 47 33.21 34.83 92.68
N VAL ID 48 34.09 35.51 93.39
CA VAL ID 48 35.41 35.89 92.88
C VAL ID 48 36.54 35.36 93.74
N GLY ID 49 36.25 34.69 94.84
CA GLY ID 49 37.31 34.14 95.66
C GLY ID 49 37.74 35.03 96.79
N ALA ID 50 36.81 35.46 97.63
CA ALA ID 50 37.12 36.26 98.79
C ALA ID 50 37.22 35.38 100.03
N GLY ID 51 38.04 35.81 100.98
CA GLY ID 51 38.23 35.07 102.20
C GLY ID 51 38.03 35.95 103.41
N MET ID 52 38.51 35.52 104.57
CA MET ID 52 38.26 36.27 105.79
C MET ID 52 38.96 37.62 105.77
N HIS ID 53 38.36 38.59 106.44
CA HIS ID 53 38.92 39.92 106.69
C HIS ID 53 39.01 40.78 105.44
N ASP ID 54 38.53 40.32 104.30
CA ASP ID 54 38.67 41.06 103.06
C ASP ID 54 37.49 41.99 102.86
N ILE ID 55 37.75 43.21 102.41
CA ILE ID 55 36.69 44.16 102.12
C ILE ID 55 36.18 43.90 100.72
N VAL ID 56 34.90 43.58 100.60
CA VAL ID 56 34.33 43.17 99.32
C VAL ID 56 33.18 44.08 98.95
N LEU ID 57 32.55 43.80 97.81
CA LEU ID 57 31.50 44.64 97.24
C LEU ID 57 30.32 43.74 96.97
N ALA ID 58 29.41 43.64 97.93
CA ALA ID 58 28.31 42.68 97.86
C ALA ID 58 27.14 43.28 97.11
N GLU ID 59 26.62 42.53 96.14
CA GLU ID 59 25.54 42.99 95.29
C GLU ID 59 24.23 42.33 95.69
N GLU ID 60 23.13 43.03 95.42
CA GLU ID 60 21.81 42.56 95.80
C GLU ID 60 21.28 41.56 94.78
N TYR ID 61 19.96 41.35 94.79
CA TYR ID 61 19.32 40.12 94.33
C TYR ID 61 19.95 39.46 93.11
N PHE ID 62 19.93 40.12 91.95
CA PHE ID 62 20.16 39.41 90.70
C PHE ID 62 21.63 39.48 90.31
N ALA ID 63 22.31 38.33 90.42
CA ALA ID 63 23.66 38.18 89.88
C ALA ID 63 23.87 36.81 89.25
N LEU ID 64 22.81 36.10 88.91
CA LEU ID 64 22.86 34.80 88.24
C LEU ID 64 23.66 33.79 89.06
N ASN ID 65 23.14 33.48 90.25
CA ASN ID 65 23.82 32.56 91.15
C ASN ID 65 22.83 31.66 91.89
N TYR ID 69 17.69 32.90 88.75
CA TYR ID 69 18.72 32.91 89.76
C TYR ID 69 18.90 34.30 90.35
N LYS ID 70 18.66 34.43 91.66
CA LYS ID 70 18.70 35.74 92.29
C LYS ID 70 19.40 35.73 93.64
N ALA ID 71 20.48 34.97 93.80
CA ALA ID 71 21.16 34.96 95.07
C ALA ID 71 22.07 36.17 95.22
N MET ID 72 22.20 36.64 96.46
CA MET ID 72 23.03 37.79 96.80
C MET ID 72 24.48 37.33 96.80
N SER ID 73 25.28 37.88 95.89
CA SER ID 73 26.64 37.42 95.72
C SER ID 73 27.64 38.56 95.87
N VAL ID 74 28.90 38.18 95.98
CA VAL ID 74 30.02 39.11 96.01
C VAL ID 74 30.56 39.25 94.60
N VAL ID 75 30.78 40.48 94.15
CA VAL ID 75 31.12 40.74 92.76
C VAL ID 75 32.44 41.46 92.59
N ALA ID 76 33.12 41.85 93.66
CA ALA ID 76 34.37 42.58 93.53
C ALA ID 76 35.10 42.58 94.85
N ILE ID 77 36.43 42.49 94.78
CA ILE ID 77 37.30 42.64 95.94
C ILE ID 77 37.95 44.01 95.83
N VAL ID 78 37.84 44.80 96.89
CA VAL ID 78 38.15 46.22 96.83
C VAL ID 78 39.59 46.45 97.26
N GLU ID 79 40.34 47.19 96.44
CA GLU ID 79 41.72 47.56 96.74
C GLU ID 79 41.79 48.84 97.56
N LYS ID 80 41.22 49.94 97.03
CA LYS ID 80 41.30 51.24 97.66
C LYS ID 80 39.92 51.87 97.74
N VAL ID 81 39.63 52.51 98.87
CA VAL ID 81 38.39 53.26 99.06
C VAL ID 81 38.81 54.70 99.36
N PHE ID 82 38.87 55.53 98.33
CA PHE ID 82 39.17 56.93 98.50
C PHE ID 82 37.89 57.67 98.86
N ARG ID 83 37.89 58.38 99.99
CA ARG ID 83 36.67 58.96 100.53
C ARG ID 83 37.01 60.26 101.24
N ASP ID 84 36.54 61.38 100.70
CA ASP ID 84 36.66 62.65 101.40
C ASP ID 84 35.70 63.68 100.78
N GLU JD 3 51.70 -16.08 104.62
CA GLU JD 3 50.38 -15.58 104.28
C GLU JD 3 50.30 -15.21 102.81
N ALA JD 4 49.09 -15.11 102.28
CA ALA JD 4 48.93 -14.83 100.86
C ALA JD 4 49.28 -13.36 100.59
N LEU JD 5 49.07 -12.95 99.34
CA LEU JD 5 49.43 -11.61 98.91
C LEU JD 5 48.47 -11.16 97.82
N GLY JD 6 47.96 -9.95 97.96
CA GLY JD 6 46.98 -9.43 97.02
C GLY JD 6 47.41 -8.10 96.46
N LEU JD 7 47.16 -7.91 95.17
CA LEU JD 7 47.67 -6.75 94.44
C LEU JD 7 46.60 -6.15 93.56
N ILE JD 8 46.45 -4.84 93.60
CA ILE JD 8 45.62 -4.10 92.68
C ILE JD 8 46.44 -2.96 92.09
N GLU JD 9 46.24 -2.68 90.81
CA GLU JD 9 46.96 -1.61 90.13
C GLU JD 9 45.97 -0.73 89.40
N THR JD 10 46.11 0.58 89.59
CA THR JD 10 45.15 1.54 89.03
C THR JD 10 45.91 2.69 88.40
N LYS JD 11 45.20 3.43 87.54
CA LYS JD 11 45.69 4.68 87.01
C LYS JD 11 45.22 5.81 87.91
N GLY JD 12 46.16 6.53 88.51
CA GLY JD 12 45.80 7.61 89.40
C GLY JD 12 45.82 7.17 90.85
N LEU JD 13 46.01 8.14 91.74
CA LEU JD 13 46.13 7.83 93.15
C LEU JD 13 44.78 7.72 93.83
N VAL JD 14 43.79 8.50 93.38
CA VAL JD 14 42.49 8.49 94.05
C VAL JD 14 41.84 7.13 93.93
N ALA JD 15 41.84 6.56 92.72
CA ALA JD 15 41.24 5.25 92.53
C ALA JD 15 41.90 4.19 93.38
N CYS JD 16 43.16 4.40 93.74
CA CYS JD 16 43.87 3.40 94.53
C CYS JD 16 43.55 3.51 96.02
N ILE JD 17 43.37 4.73 96.52
CA ILE JD 17 43.02 4.89 97.93
C ILE JD 17 41.61 4.38 98.19
N GLU JD 18 40.71 4.57 97.23
CA GLU JD 18 39.39 3.97 97.33
C GLU JD 18 39.50 2.44 97.37
N ALA JD 19 40.31 1.87 96.48
CA ALA JD 19 40.47 0.42 96.44
C ALA JD 19 41.07 -0.11 97.72
N ALA JD 20 42.10 0.56 98.25
CA ALA JD 20 42.75 0.06 99.44
C ALA JD 20 41.90 0.23 100.68
N ASP JD 21 40.92 1.13 100.63
CA ASP JD 21 40.00 1.26 101.76
C ASP JD 21 38.95 0.16 101.72
N ALA JD 22 38.40 -0.12 100.55
CA ALA JD 22 37.44 -1.20 100.43
C ALA JD 22 38.06 -2.55 100.80
N MET JD 23 39.29 -2.80 100.34
CA MET JD 23 39.98 -4.03 100.69
C MET JD 23 40.08 -4.19 102.21
N CYS JD 24 40.44 -3.11 102.90
CA CYS JD 24 40.70 -3.23 104.32
C CYS JD 24 39.42 -3.39 105.13
N LYS JD 25 38.29 -2.93 104.60
CA LYS JD 25 37.01 -3.07 105.30
C LYS JD 25 36.37 -4.42 105.04
N ALA JD 26 36.57 -4.99 103.86
CA ALA JD 26 35.81 -6.14 103.41
C ALA JD 26 36.28 -7.46 103.98
N ALA JD 27 37.45 -7.52 104.60
CA ALA JD 27 37.94 -8.78 105.13
C ALA JD 27 39.11 -8.49 106.06
N ASN JD 28 39.56 -9.52 106.76
CA ASN JD 28 40.65 -9.38 107.73
C ASN JD 28 41.99 -9.48 107.02
N VAL JD 29 42.39 -8.38 106.39
CA VAL JD 29 43.67 -8.27 105.71
C VAL JD 29 44.36 -7.02 106.19
N GLU JD 30 45.69 -7.00 106.09
CA GLU JD 30 46.50 -5.88 106.53
C GLU JD 30 47.18 -5.23 105.34
N LEU JD 31 47.26 -3.90 105.36
CA LEU JD 31 47.79 -3.14 104.24
C LEU JD 31 49.31 -3.05 104.36
N ILE JD 32 50.02 -3.50 103.33
CA ILE JD 32 51.47 -3.47 103.33
C ILE JD 32 51.98 -2.08 102.97
N GLY JD 33 51.55 -1.55 101.83
CA GLY JD 33 51.92 -0.21 101.44
C GLY JD 33 51.58 0.05 100.00
N TYR JD 34 51.89 1.28 99.57
CA TYR JD 34 51.73 1.70 98.20
C TYR JD 34 53.08 1.71 97.50
N GLU JD 35 53.04 1.66 96.17
CA GLU JD 35 54.26 1.73 95.37
C GLU JD 35 53.87 2.15 93.97
N ASN JD 36 54.18 3.39 93.61
CA ASN JD 36 53.90 3.89 92.26
C ASN JD 36 55.16 3.84 91.42
N VAL JD 37 55.04 3.30 90.22
CA VAL JD 37 56.18 3.10 89.33
C VAL JD 37 55.92 3.95 88.08
N GLY JD 38 56.36 5.19 88.12
CA GLY JD 38 56.30 5.99 86.91
C GLY JD 38 54.89 6.34 86.51
N SER JD 39 54.58 6.13 85.23
CA SER JD 39 53.49 6.84 84.59
C SER JD 39 52.15 6.46 85.17
N GLY JD 40 51.64 7.31 86.06
CA GLY JD 40 50.33 7.21 86.66
C GLY JD 40 49.87 5.82 87.07
N LEU JD 41 50.76 5.01 87.63
CA LEU JD 41 50.41 3.65 88.03
C LEU JD 41 50.76 3.49 89.50
N VAL JD 42 49.74 3.34 90.33
CA VAL JD 42 49.91 3.09 91.76
C VAL JD 42 49.39 1.70 92.08
N THR JD 43 50.05 1.03 93.01
CA THR JD 43 49.73 -0.35 93.37
C THR JD 43 49.66 -0.47 94.88
N ALA JD 44 48.60 -1.11 95.38
CA ALA JD 44 48.42 -1.39 96.79
C ALA JD 44 48.57 -2.88 97.04
N MET JD 45 49.19 -3.24 98.16
CA MET JD 45 49.48 -4.62 98.49
C MET JD 45 48.90 -4.95 99.86
N VAL JD 46 48.13 -6.04 99.93
CA VAL JD 46 47.56 -6.53 101.18
C VAL JD 46 48.02 -7.96 101.40
N LYS JD 47 47.99 -8.39 102.66
CA LYS JD 47 48.38 -9.76 102.99
C LYS JD 47 47.47 -10.30 104.07
N GLY JD 48 47.28 -11.62 104.04
CA GLY JD 48 46.39 -12.29 104.96
C GLY JD 48 46.17 -13.71 104.50
N ASP JD 49 45.20 -14.37 105.12
CA ASP JD 49 44.88 -15.74 104.73
C ASP JD 49 44.32 -15.78 103.32
N VAL JD 50 44.34 -16.97 102.72
CA VAL JD 50 44.04 -17.09 101.29
C VAL JD 50 42.56 -16.82 101.03
N GLY JD 51 41.69 -17.27 101.91
CA GLY JD 51 40.27 -17.00 101.72
C GLY JD 51 39.91 -15.56 101.99
N ALA JD 52 40.58 -14.93 102.96
CA ALA JD 52 40.36 -13.52 103.22
C ALA JD 52 40.90 -12.66 102.08
N VAL JD 53 42.16 -12.89 101.69
CA VAL JD 53 42.79 -12.07 100.67
C VAL JD 53 42.03 -12.18 99.36
N ASN JD 54 41.52 -13.37 99.05
CA ASN JD 54 40.73 -13.52 97.84
C ASN JD 54 39.44 -12.73 97.92
N ALA JD 55 38.90 -12.57 99.13
CA ALA JD 55 37.65 -11.84 99.30
C ALA JD 55 37.89 -10.34 99.34
N ALA JD 56 39.10 -9.92 99.70
CA ALA JD 56 39.39 -8.49 99.72
C ALA JD 56 39.65 -7.96 98.32
N VAL JD 57 40.28 -8.76 97.47
CA VAL JD 57 40.71 -8.26 96.17
C VAL JD 57 39.52 -8.05 95.24
N ASP JD 58 38.54 -8.95 95.27
CA ASP JD 58 37.40 -8.77 94.38
C ASP JD 58 36.48 -7.66 94.82
N SER JD 59 36.51 -7.29 96.10
CA SER JD 59 35.76 -6.12 96.55
C SER JD 59 36.51 -4.85 96.21
N GLY JD 60 37.83 -4.84 96.43
CA GLY JD 60 38.63 -3.67 96.10
C GLY JD 60 38.63 -3.36 94.62
N VAL JD 61 38.63 -4.38 93.77
CA VAL JD 61 38.54 -4.14 92.34
C VAL JD 61 37.19 -3.56 91.99
N GLU JD 62 36.15 -3.98 92.70
CA GLU JD 62 34.79 -3.52 92.43
C GLU JD 62 34.63 -2.04 92.72
N ALA JD 63 35.30 -1.55 93.77
CA ALA JD 63 35.16 -0.16 94.17
C ALA JD 63 35.97 0.76 93.26
N ALA JD 64 37.23 0.41 93.01
CA ALA JD 64 38.07 1.27 92.19
C ALA JD 64 37.61 1.29 90.74
N LYS JD 65 37.02 0.20 90.27
CA LYS JD 65 36.47 0.17 88.92
C LYS JD 65 35.33 1.16 88.77
N ARG JD 66 34.76 1.62 89.87
CA ARG JD 66 33.61 2.52 89.83
C ARG JD 66 34.02 3.92 89.40
N ILE JD 67 35.15 4.40 89.90
CA ILE JD 67 35.56 5.79 89.69
C ILE JD 67 36.84 5.91 88.88
N GLY JD 68 37.54 4.81 88.61
CA GLY JD 68 38.78 4.90 87.87
C GLY JD 68 39.03 3.69 87.01
N LYS JD 69 40.27 3.48 86.61
CA LYS JD 69 40.66 2.35 85.79
C LYS JD 69 41.46 1.39 86.66
N VAL JD 70 40.99 0.15 86.76
CA VAL JD 70 41.75 -0.92 87.38
C VAL JD 70 42.51 -1.62 86.27
N VAL JD 71 43.83 -1.60 86.36
CA VAL JD 71 44.68 -2.16 85.32
C VAL JD 71 44.85 -3.66 85.50
N SER JD 72 45.20 -4.10 86.71
CA SER JD 72 45.45 -5.50 86.95
C SER JD 72 45.17 -5.83 88.41
N SER JD 73 44.83 -7.09 88.67
CA SER JD 73 44.68 -7.60 90.02
C SER JD 73 45.17 -9.03 90.03
N ARG JD 74 45.62 -9.48 91.20
CA ARG JD 74 46.25 -10.80 91.27
C ARG JD 74 46.41 -11.20 92.73
N VAL JD 75 46.18 -12.48 93.00
CA VAL JD 75 46.39 -13.07 94.32
C VAL JD 75 47.46 -14.13 94.19
N ILE JD 76 48.43 -14.13 95.10
CA ILE JD 76 49.49 -15.12 95.14
C ILE JD 76 49.29 -15.93 96.40
N ALA JD 77 48.96 -17.22 96.24
CA ALA JD 77 48.53 -18.02 97.37
C ALA JD 77 49.66 -18.34 98.33
N ARG JD 78 50.87 -18.52 97.80
CA ARG JD 78 52.05 -18.71 98.64
C ARG JD 78 53.22 -18.00 97.97
N PRO JD 79 53.52 -16.78 98.41
CA PRO JD 79 54.66 -16.06 97.83
C PRO JD 79 55.96 -16.68 98.27
N HIS JD 80 56.90 -16.79 97.35
CA HIS JD 80 58.18 -17.38 97.64
C HIS JD 80 58.94 -16.53 98.66
N ASN JD 81 59.72 -17.21 99.49
CA ASN JD 81 60.39 -16.53 100.60
C ASN JD 81 61.26 -15.38 100.11
N ASP JD 82 61.93 -15.58 98.96
CA ASP JD 82 62.80 -14.54 98.41
C ASP JD 82 62.04 -13.25 98.17
N ILE JD 83 60.79 -13.36 97.72
CA ILE JD 83 59.99 -12.20 97.38
C ILE JD 83 59.39 -11.59 98.64
N GLU KD 3 38.91 11.57 111.48
CA GLU KD 3 38.19 12.60 110.73
C GLU KD 3 38.12 12.23 109.27
N ALA KD 4 37.16 12.81 108.56
CA ALA KD 4 36.92 12.47 107.16
C ALA KD 4 38.13 12.86 106.31
N LEU KD 5 38.05 12.56 105.03
CA LEU KD 5 39.19 12.76 104.15
C LEU KD 5 38.68 12.95 102.72
N GLY KD 6 39.10 14.03 102.09
CA GLY KD 6 38.66 14.37 100.74
C GLY KD 6 39.82 14.47 99.79
N LEU KD 7 39.60 14.06 98.54
CA LEU KD 7 40.63 14.03 97.53
C LEU KD 7 40.13 14.64 96.23
N ILE KD 8 40.95 15.46 95.61
CA ILE KD 8 40.73 15.92 94.25
C ILE KD 8 41.97 15.62 93.44
N GLU KD 9 41.79 15.09 92.24
CA GLU KD 9 42.88 14.75 91.35
C GLU KD 9 42.75 15.53 90.06
N THR KD 10 43.79 16.27 89.69
CA THR KD 10 43.75 17.17 88.56
C THR KD 10 44.97 16.93 87.68
N LYS KD 11 44.83 17.33 86.42
CA LYS KD 11 45.92 17.25 85.46
C LYS KD 11 46.66 18.58 85.43
N GLY KD 12 47.87 18.60 85.95
CA GLY KD 12 48.63 19.82 86.04
C GLY KD 12 48.57 20.41 87.44
N LEU KD 13 49.64 21.13 87.80
CA LEU KD 13 49.72 21.67 89.15
C LEU KD 13 48.90 22.94 89.33
N VAL KD 14 48.74 23.74 88.29
CA VAL KD 14 48.03 24.99 88.43
C VAL KD 14 46.58 24.74 88.82
N ALA KD 15 45.92 23.81 88.13
CA ALA KD 15 44.54 23.49 88.46
C ALA KD 15 44.40 22.93 89.86
N CYS KD 16 45.48 22.40 90.43
CA CYS KD 16 45.40 21.84 91.77
C CYS KD 16 45.55 22.89 92.85
N ILE KD 17 46.25 23.99 92.57
CA ILE KD 17 46.34 25.07 93.54
C ILE KD 17 45.06 25.88 93.56
N GLU KD 18 44.38 26.02 92.42
CA GLU KD 18 43.07 26.63 92.42
C GLU KD 18 42.07 25.78 93.20
N ALA KD 19 42.10 24.46 92.98
CA ALA KD 19 41.23 23.57 93.73
C ALA KD 19 41.50 23.64 95.22
N ALA KD 20 42.77 23.63 95.61
CA ALA KD 20 43.10 23.67 97.03
C ALA KD 20 42.77 25.01 97.65
N ASP KD 21 42.77 26.09 96.86
CA ASP KD 21 42.42 27.39 97.41
C ASP KD 21 40.92 27.49 97.66
N ALA KD 22 40.12 26.96 96.74
CA ALA KD 22 38.68 26.96 96.95
C ALA KD 22 38.28 26.05 98.10
N MET KD 23 38.97 24.91 98.23
CA MET KD 23 38.67 24.01 99.33
C MET KD 23 38.94 24.67 100.68
N CYS KD 24 40.07 25.37 100.80
CA CYS KD 24 40.46 25.90 102.10
C CYS KD 24 39.64 27.10 102.51
N LYS KD 25 38.99 27.77 101.56
CA LYS KD 25 38.15 28.91 101.87
C LYS KD 25 36.70 28.53 102.14
N ALA KD 26 36.28 27.36 101.67
CA ALA KD 26 34.88 26.97 101.73
C ALA KD 26 34.45 26.44 103.08
N ALA KD 27 35.38 25.92 103.88
CA ALA KD 27 35.02 25.38 105.18
C ALA KD 27 36.27 25.31 106.04
N ASN KD 28 36.11 24.77 107.25
CA ASN KD 28 37.19 24.71 108.23
C ASN KD 28 37.86 23.34 108.14
N VAL KD 29 38.68 23.17 107.11
CA VAL KD 29 39.44 21.96 106.89
C VAL KD 29 40.92 22.32 106.87
N GLU KD 30 41.75 21.40 107.33
CA GLU KD 30 43.20 21.55 107.26
C GLU KD 30 43.72 20.80 106.05
N LEU KD 31 44.62 21.43 105.31
CA LEU KD 31 45.14 20.87 104.07
C LEU KD 31 46.40 20.07 104.37
N ILE KD 32 46.42 18.83 103.91
CA ILE KD 32 47.51 17.92 104.24
C ILE KD 32 48.71 18.11 103.32
N GLY KD 33 48.50 18.06 102.01
CA GLY KD 33 49.59 18.29 101.10
C GLY KD 33 49.35 17.61 99.76
N TYR KD 34 50.20 17.93 98.81
CA TYR KD 34 50.10 17.41 97.46
C TYR KD 34 50.87 16.11 97.32
N GLU KD 35 50.57 15.39 96.24
CA GLU KD 35 51.27 14.15 95.92
C GLU KD 35 51.07 13.88 94.45
N ASN KD 36 52.11 14.01 93.65
CA ASN KD 36 52.03 13.75 92.22
C ASN KD 36 52.64 12.39 91.92
N VAL KD 37 51.96 11.63 91.08
CA VAL KD 37 52.32 10.25 90.80
C VAL KD 37 52.83 10.08 89.38
N GLY KD 38 53.08 11.18 88.68
CA GLY KD 38 53.55 11.11 87.31
C GLY KD 38 52.41 11.15 86.31
N SER KD 39 52.79 11.40 85.06
CA SER KD 39 51.86 11.58 83.94
C SER KD 39 51.04 12.85 84.07
N GLY KD 40 51.47 13.77 84.92
CA GLY KD 40 50.78 15.03 85.07
C GLY KD 40 49.66 15.04 86.08
N LEU KD 41 49.48 13.97 86.84
CA LEU KD 41 48.39 13.86 87.79
C LEU KD 41 48.87 14.35 89.15
N VAL KD 42 48.19 15.37 89.68
CA VAL KD 42 48.48 15.92 91.00
C VAL KD 42 47.23 15.81 91.85
N THR KD 43 47.40 15.50 93.13
CA THR KD 43 46.31 15.23 94.04
C THR KD 43 46.46 16.08 95.30
N ALA KD 44 45.37 16.71 95.72
CA ALA KD 44 45.32 17.47 96.96
C ALA KD 44 44.46 16.73 97.96
N MET KD 45 44.85 16.77 99.23
CA MET KD 45 44.19 16.00 100.28
C MET KD 45 43.90 16.90 101.45
N VAL KD 46 42.64 16.94 101.88
CA VAL KD 46 42.21 17.69 103.04
C VAL KD 46 41.60 16.73 104.05
N LYS KD 47 41.46 17.20 105.29
CA LYS KD 47 40.86 16.38 106.33
C LYS KD 47 40.15 17.27 107.34
N GLY KD 48 39.01 16.80 107.81
CA GLY KD 48 38.22 17.54 108.77
C GLY KD 48 36.92 16.79 109.02
N ASP KD 49 35.97 17.48 109.65
CA ASP KD 49 34.67 16.88 109.86
C ASP KD 49 33.98 16.63 108.53
N VAL KD 50 33.06 15.66 108.54
CA VAL KD 50 32.50 15.17 107.28
C VAL KD 50 31.52 16.14 106.65
N GLY KD 51 30.93 17.05 107.43
CA GLY KD 51 30.11 18.09 106.84
C GLY KD 51 30.96 19.17 106.18
N ALA KD 52 32.11 19.46 106.76
CA ALA KD 52 33.02 20.45 106.17
C ALA KD 52 33.72 19.87 104.95
N VAL KD 53 34.23 18.65 105.07
CA VAL KD 53 34.97 18.04 103.97
C VAL KD 53 34.07 17.84 102.77
N ASN KD 54 32.81 17.52 103.00
CA ASN KD 54 31.88 17.36 101.89
C ASN KD 54 31.64 18.68 101.18
N ALA KD 55 31.58 19.78 101.95
CA ALA KD 55 31.36 21.08 101.35
C ALA KD 55 32.59 21.57 100.61
N ALA KD 56 33.78 21.28 101.14
CA ALA KD 56 35.01 21.75 100.52
C ALA KD 56 35.26 21.06 99.19
N VAL KD 57 35.07 19.74 99.14
CA VAL KD 57 35.38 19.00 97.92
C VAL KD 57 34.44 19.41 96.80
N ASP KD 58 33.16 19.65 97.10
CA ASP KD 58 32.24 20.10 96.07
C ASP KD 58 32.62 21.47 95.53
N SER KD 59 33.12 22.34 96.41
CA SER KD 59 33.54 23.66 95.98
C SER KD 59 34.83 23.59 95.17
N GLY KD 60 35.80 22.81 95.65
CA GLY KD 60 37.07 22.71 94.94
C GLY KD 60 36.93 22.09 93.56
N VAL KD 61 35.99 21.16 93.40
CA VAL KD 61 35.82 20.53 92.09
C VAL KD 61 35.31 21.53 91.07
N GLU KD 62 34.38 22.39 91.48
CA GLU KD 62 33.79 23.33 90.52
C GLU KD 62 34.77 24.42 90.13
N ALA KD 63 35.64 24.84 91.06
CA ALA KD 63 36.61 25.88 90.72
C ALA KD 63 37.71 25.35 89.82
N ALA KD 64 38.25 24.17 90.13
CA ALA KD 64 39.28 23.59 89.28
C ALA KD 64 38.72 23.19 87.93
N LYS KD 65 37.47 22.75 87.88
CA LYS KD 65 36.83 22.42 86.61
C LYS KD 65 36.80 23.60 85.66
N ARG KD 66 36.80 24.81 86.21
CA ARG KD 66 36.64 26.00 85.40
C ARG KD 66 37.89 26.30 84.58
N ILE KD 67 39.07 25.99 85.10
CA ILE KD 67 40.33 26.38 84.49
C ILE KD 67 41.22 25.21 84.13
N GLY KD 68 40.77 23.99 84.35
CA GLY KD 68 41.58 22.84 84.03
C GLY KD 68 40.73 21.60 83.92
N LYS KD 69 41.39 20.46 84.00
CA LYS KD 69 40.70 19.17 83.96
C LYS KD 69 40.74 18.55 85.34
N VAL KD 70 39.57 18.23 85.87
CA VAL KD 70 39.45 17.47 87.10
C VAL KD 70 39.26 16.00 86.72
N VAL KD 71 40.18 15.16 87.16
CA VAL KD 71 40.13 13.75 86.78
C VAL KD 71 39.20 12.97 87.70
N SER KD 72 39.25 13.22 89.00
CA SER KD 72 38.51 12.41 89.96
C SER KD 72 38.41 13.16 91.27
N SER KD 73 37.36 12.85 92.03
CA SER KD 73 37.17 13.40 93.36
C SER KD 73 36.52 12.34 94.23
N ARG KD 74 36.66 12.48 95.54
CA ARG KD 74 36.20 11.44 96.43
C ARG KD 74 36.21 11.94 97.87
N VAL KD 75 35.20 11.58 98.64
CA VAL KD 75 35.17 11.80 100.07
C VAL KD 75 35.10 10.46 100.76
N ILE KD 76 35.92 10.27 101.78
CA ILE KD 76 35.95 9.06 102.58
C ILE KD 76 35.53 9.45 103.99
N ALA KD 77 34.33 9.03 104.39
CA ALA KD 77 33.75 9.53 105.62
C ALA KD 77 34.42 8.94 106.85
N ARG KD 78 34.53 7.62 106.92
CA ARG KD 78 35.26 6.96 108.00
C ARG KD 78 36.43 6.22 107.42
N PRO KD 79 37.61 6.81 107.35
CA PRO KD 79 38.76 6.12 106.80
C PRO KD 79 39.33 5.12 107.81
N HIS KD 80 39.82 4.00 107.27
CA HIS KD 80 40.36 2.97 108.13
C HIS KD 80 41.68 3.43 108.76
N ASN KD 81 41.99 2.88 109.93
CA ASN KD 81 43.18 3.31 110.65
C ASN KD 81 44.45 2.86 109.96
N ASP KD 82 44.40 1.78 109.18
CA ASP KD 82 45.55 1.38 108.38
C ASP KD 82 45.84 2.40 107.30
N ILE KD 83 44.82 3.13 106.85
CA ILE KD 83 45.00 4.15 105.82
C ILE KD 83 45.45 5.45 106.46
N GLU LD 3 18.73 13.75 115.80
CA GLU LD 3 19.69 13.59 114.71
C GLU LD 3 18.99 13.11 113.45
N ALA LD 4 19.72 13.11 112.34
CA ALA LD 4 19.11 12.83 111.06
C ALA LD 4 18.63 11.39 110.98
N LEU LD 5 17.97 11.06 109.87
CA LEU LD 5 17.36 9.74 109.71
C LEU LD 5 17.45 9.33 108.25
N GLY LD 6 18.00 8.16 107.99
CA GLY LD 6 18.18 7.66 106.64
C GLY LD 6 17.45 6.35 106.44
N LEU LD 7 16.78 6.23 105.29
CA LEU LD 7 15.93 5.07 105.00
C LEU LD 7 16.27 4.52 103.63
N ILE LD 8 16.40 3.20 103.54
CA ILE LD 8 16.51 2.50 102.27
C ILE LD 8 15.45 1.41 102.26
N GLU LD 9 14.82 1.20 101.10
CA GLU LD 9 13.77 0.21 100.96
C GLU LD 9 14.05 -0.66 99.76
N THR LD 10 14.00 -1.97 99.96
CA THR LD 10 14.39 -2.94 98.95
C THR LD 10 13.35 -4.04 98.86
N LYS LD 11 13.40 -4.78 97.76
CA LYS LD 11 12.62 -6.01 97.62
C LYS LD 11 13.47 -7.18 98.11
N GLY LD 12 13.02 -7.84 99.16
CA GLY LD 12 13.73 -8.98 99.68
C GLY LD 12 14.72 -8.61 100.77
N LEU LD 13 15.08 -9.61 101.56
CA LEU LD 13 15.92 -9.36 102.73
C LEU LD 13 17.40 -9.33 102.40
N VAL LD 14 17.83 -10.05 101.37
CA VAL LD 14 19.26 -10.11 101.09
C VAL LD 14 19.77 -8.75 100.64
N ALA LD 15 19.03 -8.08 99.76
CA ALA LD 15 19.46 -6.76 99.33
C ALA LD 15 19.46 -5.75 100.46
N CYS LD 16 18.72 -6.02 101.54
CA CYS LD 16 18.67 -5.08 102.65
C CYS LD 16 19.77 -5.35 103.67
N ILE LD 17 20.29 -6.56 103.73
CA ILE LD 17 21.43 -6.80 104.60
C ILE LD 17 22.70 -6.30 103.94
N GLU LD 18 22.77 -6.31 102.61
CA GLU LD 18 23.92 -5.72 101.94
C GLU LD 18 23.87 -4.20 102.05
N ALA LD 19 22.68 -3.60 101.98
CA ALA LD 19 22.56 -2.17 102.17
C ALA LD 19 22.89 -1.78 103.60
N ALA LD 20 22.43 -2.55 104.57
CA ALA LD 20 22.70 -2.21 105.97
C ALA LD 20 24.17 -2.39 106.31
N ASP LD 21 24.82 -3.36 105.69
CA ASP LD 21 26.24 -3.58 105.96
C ASP LD 21 27.09 -2.46 105.36
N ALA LD 22 26.78 -2.05 104.13
CA ALA LD 22 27.53 -0.98 103.51
C ALA LD 22 27.34 0.33 104.24
N MET LD 23 26.13 0.59 104.74
CA MET LD 23 25.86 1.84 105.45
C MET LD 23 26.69 1.93 106.72
N CYS LD 24 26.71 0.87 107.51
CA CYS LD 24 27.42 0.93 108.78
C CYS LD 24 28.93 0.99 108.62
N LYS LD 25 29.46 0.58 107.47
CA LYS LD 25 30.89 0.64 107.24
C LYS LD 25 31.34 2.01 106.77
N ALA LD 26 30.51 2.69 105.99
CA ALA LD 26 30.91 3.86 105.24
C ALA LD 26 30.69 5.18 105.98
N ALA LD 27 30.29 5.15 107.23
CA ALA LD 27 30.08 6.37 108.00
C ALA LD 27 29.84 6.00 109.45
N ASN LD 28 29.86 7.01 110.31
CA ASN LD 28 29.63 6.82 111.74
C ASN LD 28 28.14 7.01 112.01
N VAL LD 29 27.38 5.95 111.77
CA VAL LD 29 25.94 5.95 111.98
C VAL LD 29 25.59 4.78 112.88
N GLU LD 30 24.36 4.80 113.38
CA GLU LD 30 23.82 3.73 114.21
C GLU LD 30 22.65 3.09 113.49
N LEU LD 31 22.64 1.76 113.45
CA LEU LD 31 21.55 1.04 112.83
C LEU LD 31 20.43 0.85 113.83
N ILE LD 32 19.23 1.28 113.47
CA ILE LD 32 18.07 1.16 114.36
C ILE LD 32 17.40 -0.19 114.21
N GLY LD 33 17.15 -0.63 112.97
CA GLY LD 33 16.60 -1.94 112.76
C GLY LD 33 15.94 -2.04 111.41
N TYR LD 34 15.39 -3.22 111.16
CA TYR LD 34 14.62 -3.50 109.95
C TYR LD 34 13.13 -3.47 110.28
N GLU LD 35 12.33 -3.26 109.24
CA GLU LD 35 10.88 -3.21 109.43
C GLU LD 35 10.23 -3.52 108.08
N ASN LD 36 9.71 -4.74 107.95
CA ASN LD 36 9.08 -5.16 106.70
C ASN LD 36 7.57 -5.03 106.80
N VAL LD 37 6.95 -4.85 105.64
CA VAL LD 37 5.51 -4.58 105.56
C VAL LD 37 4.83 -5.54 104.59
N GLY LD 38 5.42 -6.71 104.38
CA GLY LD 38 4.84 -7.66 103.44
C GLY LD 38 5.07 -7.24 102.01
N SER LD 39 4.74 -8.12 101.07
CA SER LD 39 5.06 -7.99 99.65
C SER LD 39 6.56 -7.99 99.40
N GLY LD 40 7.36 -8.41 100.37
CA GLY LD 40 8.79 -8.46 100.20
C GLY LD 40 9.51 -7.15 100.37
N LEU LD 41 8.81 -6.08 100.73
CA LEU LD 41 9.46 -4.80 100.97
C LEU LD 41 10.04 -4.79 102.38
N VAL LD 42 11.34 -4.56 102.48
CA VAL LD 42 12.02 -4.46 103.75
C VAL LD 42 12.75 -3.12 103.78
N THR LD 43 12.82 -2.51 104.95
CA THR LD 43 13.35 -1.16 105.10
C THR LD 43 14.37 -1.13 106.22
N ALA LD 44 15.51 -0.49 105.97
CA ALA LD 44 16.56 -0.29 106.96
C ALA LD 44 16.57 1.17 107.39
N MET LD 45 16.85 1.40 108.67
CA MET LD 45 16.83 2.74 109.24
C MET LD 45 18.13 2.99 109.98
N VAL LD 46 18.89 3.99 109.55
CA VAL LD 46 20.10 4.41 110.23
C VAL LD 46 19.87 5.78 110.85
N LYS LD 47 20.73 6.14 111.79
CA LYS LD 47 20.55 7.38 112.54
C LYS LD 47 21.89 7.95 112.93
N GLY LD 48 22.10 9.22 112.62
CA GLY LD 48 23.35 9.88 112.97
C GLY LD 48 23.31 11.33 112.57
N ASP LD 49 24.47 11.97 112.58
CA ASP LD 49 24.57 13.34 112.13
C ASP LD 49 24.22 13.45 110.65
N VAL LD 50 23.87 14.66 110.22
CA VAL LD 50 23.33 14.84 108.88
C VAL LD 50 24.37 14.52 107.83
N GLY LD 51 25.61 14.94 108.04
CA GLY LD 51 26.65 14.69 107.06
C GLY LD 51 26.98 13.22 106.95
N ALA LD 52 27.04 12.52 108.08
CA ALA LD 52 27.29 11.09 108.09
C ALA LD 52 26.15 10.33 107.44
N VAL LD 53 24.92 10.59 107.91
CA VAL LD 53 23.76 9.87 107.40
C VAL LD 53 23.61 10.09 105.90
N ASN LD 54 23.86 11.31 105.44
CA ASN LD 54 23.84 11.54 104.00
C ASN LD 54 24.78 10.58 103.29
N ALA LD 55 26.06 10.58 103.70
CA ALA LD 55 27.06 9.74 103.06
C ALA LD 55 26.70 8.26 103.13
N ALA LD 56 26.17 7.82 104.26
CA ALA LD 56 25.83 6.41 104.42
C ALA LD 56 24.80 5.97 103.39
N VAL LD 57 23.72 6.74 103.25
CA VAL LD 57 22.63 6.34 102.36
C VAL LD 57 23.11 6.26 100.92
N ASP LD 58 24.04 7.13 100.52
CA ASP LD 58 24.55 7.07 99.15
C ASP LD 58 25.29 5.77 98.91
N SER LD 59 26.15 5.37 99.85
CA SER LD 59 26.90 4.13 99.69
C SER LD 59 25.99 2.92 99.82
N GLY LD 60 25.03 2.98 100.74
CA GLY LD 60 24.15 1.84 100.95
C GLY LD 60 23.27 1.54 99.76
N VAL LD 61 22.81 2.58 99.07
CA VAL LD 61 22.01 2.36 97.87
C VAL LD 61 22.88 1.83 96.75
N GLU LD 62 24.14 2.25 96.71
CA GLU LD 62 25.03 1.83 95.65
C GLU LD 62 25.38 0.35 95.78
N ALA LD 63 25.53 -0.15 97.01
CA ALA LD 63 25.82 -1.57 97.21
C ALA LD 63 24.58 -2.42 96.98
N ALA LD 64 23.43 -1.98 97.48
CA ALA LD 64 22.22 -2.78 97.40
C ALA LD 64 21.71 -2.88 95.97
N LYS LD 65 21.72 -1.77 95.25
CA LYS LD 65 21.29 -1.77 93.86
C LYS LD 65 22.10 -2.73 93.01
N ARG LD 66 23.26 -3.15 93.50
CA ARG LD 66 24.19 -3.94 92.72
C ARG LD 66 23.75 -5.40 92.63
N ILE LD 67 23.03 -5.89 93.64
CA ILE LD 67 22.59 -7.27 93.66
C ILE LD 67 21.07 -7.42 93.64
N GLY LD 68 20.32 -6.40 94.04
CA GLY LD 68 18.88 -6.49 94.07
C GLY LD 68 18.23 -5.22 93.58
N LYS LD 69 17.02 -4.94 94.07
CA LYS LD 69 16.28 -3.75 93.65
C LYS LD 69 16.11 -2.82 94.84
N VAL LD 70 16.55 -1.58 94.67
CA VAL LD 70 16.35 -0.54 95.68
C VAL LD 70 15.10 0.24 95.29
N VAL LD 71 14.09 0.20 96.14
CA VAL LD 71 12.80 0.78 95.79
C VAL LD 71 12.82 2.29 96.02
N SER LD 72 13.35 2.73 97.16
CA SER LD 72 13.39 4.15 97.46
C SER LD 72 14.39 4.40 98.57
N SER LD 73 14.91 5.63 98.61
CA SER LD 73 15.81 6.07 99.65
C SER LD 73 15.47 7.51 100.01
N ARG LD 74 15.85 7.91 101.23
CA ARG LD 74 15.41 9.21 101.72
C ARG LD 74 16.21 9.55 102.97
N VAL LD 75 16.57 10.83 103.10
CA VAL LD 75 17.21 11.35 104.31
C VAL LD 75 16.34 12.47 104.87
N ILE LD 76 15.98 12.35 106.14
CA ILE LD 76 15.28 13.40 106.85
C ILE LD 76 16.29 14.07 107.78
N ALA LD 77 16.59 15.34 107.52
CA ALA LD 77 17.67 16.00 108.25
C ALA LD 77 17.28 16.28 109.69
N ARG LD 78 16.01 16.56 109.94
CA ARG LD 78 15.53 16.86 111.29
C ARG LD 78 14.11 16.33 111.41
N PRO LD 79 13.95 15.11 111.89
CA PRO LD 79 12.61 14.54 112.02
C PRO LD 79 11.85 15.15 113.18
N HIS LD 80 10.54 15.25 113.00
CA HIS LD 80 9.67 15.67 114.09
C HIS LD 80 9.74 14.65 115.22
N ASN LD 81 9.48 15.12 116.45
CA ASN LD 81 9.55 14.23 117.58
C ASN LD 81 8.50 13.14 117.52
N ASP LD 82 7.35 13.42 116.90
CA ASP LD 82 6.33 12.39 116.74
C ASP LD 82 6.83 11.26 115.87
N ILE LD 83 7.64 11.57 114.86
CA ILE LD 83 8.18 10.55 113.98
C ILE LD 83 9.10 9.60 114.74
N GLU LD 84 9.69 10.04 115.84
CA GLU LD 84 10.53 9.14 116.63
C GLU LD 84 9.70 8.43 117.70
N LYS LD 85 8.55 7.93 117.26
CA LYS LD 85 7.75 6.95 117.97
C LYS LD 85 7.19 5.92 117.01
N ILE LD 86 7.30 6.16 115.71
CA ILE LD 86 6.89 5.21 114.70
C ILE LD 86 8.05 4.31 114.30
N ALA LD 87 9.24 4.90 114.14
CA ALA LD 87 10.43 4.12 113.87
C ALA LD 87 10.83 3.29 115.08
N GLY LD 88 11.17 3.98 116.18
CA GLY LD 88 11.53 3.29 117.41
C GLY LD 88 10.34 2.96 118.29
N MET MD 1 -12.93 -74.80 78.97
CA MET MD 1 -14.18 -75.53 78.94
C MET MD 1 -14.30 -76.44 80.14
N ILE MD 2 -15.52 -76.91 80.40
CA ILE MD 2 -15.76 -77.90 81.44
C ILE MD 2 -16.77 -78.91 80.92
N LEU MD 3 -16.64 -80.16 81.38
CA LEU MD 3 -17.65 -81.16 81.10
C LEU MD 3 -18.86 -80.93 81.98
N ALA MD 4 -20.04 -80.92 81.38
CA ALA MD 4 -21.26 -80.67 82.12
C ALA MD 4 -22.39 -81.43 81.46
N LYS MD 5 -23.51 -81.48 82.15
CA LYS MD 5 -24.69 -82.20 81.69
C LYS MD 5 -25.89 -81.28 81.74
N VAL MD 6 -26.67 -81.26 80.66
CA VAL MD 6 -27.86 -80.42 80.65
C VAL MD 6 -28.92 -81.04 81.55
N THR MD 7 -29.44 -80.25 82.48
CA THR MD 7 -30.38 -80.76 83.48
C THR MD 7 -31.69 -80.01 83.53
N GLY MD 8 -31.92 -79.06 82.62
CA GLY MD 8 -33.18 -78.32 82.62
C GLY MD 8 -33.11 -77.16 81.67
N HIS MD 9 -34.00 -76.20 81.86
CA HIS MD 9 -34.01 -74.99 81.07
C HIS MD 9 -34.68 -73.88 81.87
N VAL MD 10 -34.52 -72.66 81.39
CA VAL MD 10 -35.02 -71.47 82.06
C VAL MD 10 -35.85 -70.66 81.06
N VAL MD 11 -37.04 -70.26 81.48
CA VAL MD 11 -37.93 -69.46 80.65
C VAL MD 11 -37.95 -68.05 81.23
N ALA MD 12 -37.37 -67.10 80.50
CA ALA MD 12 -37.30 -65.71 80.93
C ALA MD 12 -37.90 -64.84 79.85
N THR MD 13 -38.90 -64.03 80.22
CA THR MD 13 -39.60 -63.17 79.28
C THR MD 13 -39.04 -61.76 79.25
N GLN MD 14 -38.83 -61.16 80.41
CA GLN MD 14 -38.27 -59.81 80.53
C GLN MD 14 -36.77 -59.94 80.60
N LYS MD 15 -36.09 -59.64 79.49
CA LYS MD 15 -34.65 -59.80 79.44
C LYS MD 15 -34.06 -58.83 78.42
N CYS MD 16 -32.75 -58.76 78.39
CA CYS MD 16 -32.06 -57.83 77.50
C CYS MD 16 -32.24 -58.26 76.05
N ASP MD 17 -31.66 -57.48 75.15
CA ASP MD 17 -31.79 -57.73 73.72
C ASP MD 17 -30.65 -58.58 73.17
N GLU MD 18 -29.51 -58.63 73.85
CA GLU MD 18 -28.42 -59.49 73.44
C GLU MD 18 -28.78 -60.97 73.62
N LEU MD 19 -29.91 -61.28 74.24
CA LEU MD 19 -30.31 -62.65 74.50
C LEU MD 19 -31.58 -63.06 73.77
N ARG MD 20 -32.09 -62.23 72.86
CA ARG MD 20 -33.33 -62.56 72.17
C ARG MD 20 -33.11 -63.71 71.19
N GLY MD 21 -34.00 -64.69 71.25
CA GLY MD 21 -33.95 -65.81 70.32
C GLY MD 21 -32.83 -66.78 70.59
N SER MD 22 -32.76 -67.30 71.81
CA SER MD 22 -31.72 -68.26 72.17
C SER MD 22 -32.26 -69.09 73.33
N ASN MD 23 -31.69 -70.28 73.47
CA ASN MD 23 -32.07 -71.18 74.54
C ASN MD 23 -31.28 -70.83 75.80
N LEU MD 24 -31.82 -71.19 76.96
CA LEU MD 24 -31.14 -70.98 78.23
C LEU MD 24 -31.22 -72.26 79.04
N LEU MD 25 -30.13 -73.02 79.04
CA LEU MD 25 -30.11 -74.34 79.66
C LEU MD 25 -29.44 -74.29 81.03
N LEU MD 26 -29.92 -75.13 81.93
CA LEU MD 26 -29.23 -75.35 83.19
C LEU MD 26 -28.14 -76.39 82.97
N ILE MD 27 -26.94 -76.08 83.43
CA ILE MD 27 -25.73 -76.80 83.07
C ILE MD 27 -25.05 -77.20 84.37
N THR MD 28 -25.03 -78.49 84.67
CA THR MD 28 -24.46 -78.96 85.92
C THR MD 28 -23.11 -79.61 85.68
N ARG MD 29 -22.10 -79.14 86.39
CA ARG MD 29 -20.77 -79.71 86.26
C ARG MD 29 -20.72 -81.10 86.88
N LEU MD 30 -20.14 -82.04 86.16
CA LEU MD 30 -20.11 -83.44 86.59
C LEU MD 30 -18.70 -83.86 86.93
N ASP MD 31 -18.58 -84.78 87.90
CA ASP MD 31 -17.29 -85.15 88.48
C ASP MD 31 -16.59 -86.24 87.68
N ASP MD 32 -15.51 -86.82 88.23
CA ASP MD 32 -14.67 -87.75 87.49
C ASP MD 32 -15.27 -89.14 87.35
N LYS MD 33 -16.52 -89.34 87.79
CA LYS MD 33 -17.25 -90.56 87.51
C LYS MD 33 -18.40 -90.31 86.54
N GLN MD 34 -18.38 -89.16 85.87
CA GLN MD 34 -19.47 -88.71 85.01
C GLN MD 34 -20.79 -88.70 85.77
N GLN MD 35 -20.80 -87.95 86.88
CA GLN MD 35 -21.94 -87.85 87.75
C GLN MD 35 -22.07 -86.40 88.20
N PRO MD 36 -23.25 -85.80 88.12
CA PRO MD 36 -23.39 -84.38 88.48
C PRO MD 36 -23.03 -84.12 89.93
N MET MD 37 -22.52 -82.92 90.18
CA MET MD 37 -22.12 -82.48 91.51
C MET MD 37 -23.25 -81.69 92.15
N LYS MD 38 -22.99 -81.18 93.35
CA LYS MD 38 -23.97 -80.42 94.12
C LYS MD 38 -23.59 -78.95 94.09
N ASP MD 39 -24.59 -78.08 93.87
CA ASP MD 39 -24.40 -76.64 93.88
C ASP MD 39 -23.38 -76.20 92.84
N GLN MD 40 -23.53 -76.71 91.62
CA GLN MD 40 -22.58 -76.41 90.55
C GLN MD 40 -23.30 -76.15 89.25
N THR MD 41 -24.38 -75.37 89.29
CA THR MD 41 -25.24 -75.15 88.14
C THR MD 41 -25.09 -73.74 87.62
N TRP MD 42 -24.90 -73.62 86.31
CA TRP MD 42 -24.88 -72.34 85.62
C TRP MD 42 -25.94 -72.33 84.55
N VAL MD 43 -26.19 -71.16 83.98
CA VAL MD 43 -27.13 -71.00 82.89
C VAL MD 43 -26.33 -70.68 81.63
N ALA MD 44 -26.52 -71.48 80.60
CA ALA MD 44 -25.72 -71.37 79.39
C ALA MD 44 -26.62 -71.15 78.19
N VAL MD 45 -26.19 -70.26 77.30
CA VAL MD 45 -26.92 -70.00 76.06
C VAL MD 45 -26.53 -71.10 75.07
N ASP MD 46 -27.47 -72.00 74.79
CA ASP MD 46 -27.20 -73.07 73.85
C ASP MD 46 -26.80 -72.49 72.50
N ASN MD 47 -25.88 -73.18 71.83
CA ASN MD 47 -25.38 -72.70 70.55
C ASN MD 47 -25.30 -73.76 69.47
N VAL MD 48 -25.36 -75.06 69.81
CA VAL MD 48 -25.25 -76.13 68.83
C VAL MD 48 -26.45 -77.06 68.84
N GLY MD 49 -27.42 -76.83 69.71
CA GLY MD 49 -28.60 -77.67 69.71
C GLY MD 49 -28.54 -78.84 70.66
N ALA MD 50 -28.28 -78.56 71.94
CA ALA MD 50 -28.26 -79.59 72.96
C ALA MD 50 -29.60 -79.62 73.70
N GLY MD 51 -29.95 -80.80 74.18
CA GLY MD 51 -31.20 -80.97 74.90
C GLY MD 51 -30.97 -81.64 76.24
N MET MD 52 -32.02 -82.18 76.84
CA MET MD 52 -31.89 -82.74 78.17
C MET MD 52 -31.01 -83.98 78.16
N HIS MD 53 -30.31 -84.19 79.28
CA HIS MD 53 -29.53 -85.38 79.57
C HIS MD 53 -28.27 -85.50 78.73
N ASP MD 54 -27.96 -84.51 77.90
CA ASP MD 54 -26.82 -84.60 77.01
C ASP MD 54 -25.58 -84.05 77.69
N ILE MD 55 -24.45 -84.74 77.51
CA ILE MD 55 -23.19 -84.27 78.06
C ILE MD 55 -22.57 -83.28 77.09
N VAL MD 56 -22.36 -82.05 77.54
CA VAL MD 56 -21.93 -80.98 76.65
C VAL MD 56 -20.62 -80.39 77.17
N LEU MD 57 -20.12 -79.38 76.46
CA LEU MD 57 -18.81 -78.78 76.74
C LEU MD 57 -19.04 -77.28 76.86
N ALA MD 58 -19.28 -76.80 78.07
CA ALA MD 58 -19.67 -75.42 78.31
C ALA MD 58 -18.45 -74.53 78.43
N GLU MD 59 -18.44 -73.44 77.69
CA GLU MD 59 -17.31 -72.53 77.64
C GLU MD 59 -17.62 -71.27 78.44
N GLU MD 60 -16.55 -70.65 78.95
CA GLU MD 60 -16.68 -69.47 79.80
C GLU MD 60 -16.86 -68.22 78.95
N TYR MD 61 -16.60 -67.06 79.56
CA TYR MD 61 -17.19 -65.78 79.16
C TYR MD 61 -17.37 -65.56 77.67
N PHE MD 62 -16.30 -65.51 76.90
CA PHE MD 62 -16.36 -64.93 75.56
C PHE MD 62 -16.60 -66.03 74.53
N ALA MD 63 -17.81 -66.05 73.96
CA ALA MD 63 -18.12 -66.88 72.81
C ALA MD 63 -19.04 -66.17 71.81
N LEU MD 64 -19.10 -64.84 71.87
CA LEU MD 64 -19.87 -64.02 70.94
C LEU MD 64 -21.35 -64.41 70.95
N ASN MD 65 -21.99 -64.22 72.10
CA ASN MD 65 -23.38 -64.60 72.26
C ASN MD 65 -24.15 -63.59 73.11
N TYR MD 69 -19.97 -59.06 73.41
CA TYR MD 69 -20.79 -60.23 73.73
C TYR MD 69 -19.98 -61.26 74.51
N LYS MD 70 -20.40 -61.54 75.75
CA LYS MD 70 -19.63 -62.43 76.60
C LYS MD 70 -20.49 -63.42 77.37
N ALA MD 71 -21.55 -63.96 76.76
CA ALA MD 71 -22.39 -64.91 77.46
C ALA MD 71 -21.75 -66.30 77.46
N MET MD 72 -21.98 -67.03 78.55
CA MET MD 72 -21.47 -68.39 78.72
C MET MD 72 -22.32 -69.32 77.88
N SER MD 73 -21.71 -69.95 76.89
CA SER MD 73 -22.45 -70.76 75.94
C SER MD 73 -21.91 -72.18 75.88
N VAL MD 74 -22.69 -73.04 75.24
CA VAL MD 74 -22.30 -74.42 74.96
C VAL MD 74 -21.71 -74.47 73.57
N VAL MD 75 -20.56 -75.12 73.43
CA VAL MD 75 -19.81 -75.08 72.18
C VAL MD 75 -19.56 -76.45 71.58
N ALA MD 76 -19.98 -77.53 72.24
CA ALA MD 76 -19.71 -78.85 71.70
C ALA MD 76 -20.58 -79.88 72.42
N ILE MD 77 -21.05 -80.87 71.68
CA ILE MD 77 -21.74 -82.03 72.24
C ILE MD 77 -20.78 -83.20 72.20
N VAL MD 78 -20.59 -83.84 73.34
CA VAL MD 78 -19.50 -84.78 73.53
C VAL MD 78 -19.98 -86.20 73.23
N GLU MD 79 -19.24 -86.90 72.38
CA GLU MD 79 -19.53 -88.29 72.05
C GLU MD 79 -18.87 -89.26 73.03
N LYS MD 80 -17.55 -89.18 73.19
CA LYS MD 80 -16.80 -90.11 74.02
C LYS MD 80 -15.86 -89.32 74.94
N VAL MD 81 -15.77 -89.77 76.18
CA VAL MD 81 -14.83 -89.22 77.15
C VAL MD 81 -13.94 -90.37 77.59
N PHE MD 82 -12.79 -90.49 76.93
CA PHE MD 82 -11.81 -91.51 77.31
C PHE MD 82 -10.96 -90.96 78.44
N ARG MD 83 -10.91 -91.68 79.56
CA ARG MD 83 -10.27 -91.15 80.77
C ARG MD 83 -9.65 -92.31 81.54
N ASP MD 84 -8.33 -92.33 81.63
CA ASP MD 84 -7.64 -93.28 82.48
C ASP MD 84 -6.20 -92.83 82.73
N GLU ND 3 -78.79 -67.05 56.75
CA GLU ND 3 -77.83 -66.06 57.19
C GLU ND 3 -76.85 -65.75 56.08
N ALA ND 4 -76.11 -64.65 56.22
CA ALA ND 4 -75.18 -64.22 55.19
C ALA ND 4 -73.94 -65.12 55.19
N LEU ND 5 -72.96 -64.76 54.37
CA LEU ND 5 -71.77 -65.58 54.21
C LEU ND 5 -70.59 -64.69 53.89
N GLY ND 6 -69.47 -64.90 54.57
CA GLY ND 6 -68.30 -64.07 54.39
C GLY ND 6 -67.09 -64.91 54.09
N LEU ND 7 -66.22 -64.39 53.22
CA LEU ND 7 -65.11 -65.16 52.68
C LEU ND 7 -63.86 -64.31 52.62
N ILE ND 8 -62.74 -64.84 53.10
CA ILE ND 8 -61.44 -64.23 52.93
C ILE ND 8 -60.50 -65.27 52.35
N GLU ND 9 -59.64 -64.85 51.44
CA GLU ND 9 -58.68 -65.75 50.81
C GLU ND 9 -57.29 -65.16 50.92
N THR ND 10 -56.34 -65.95 51.42
CA THR ND 10 -54.99 -65.48 51.67
C THR ND 10 -53.99 -66.46 51.08
N LYS ND 11 -52.75 -65.99 50.95
CA LYS ND 11 -51.63 -66.84 50.59
C LYS ND 11 -50.93 -67.31 51.86
N GLY ND 12 -50.94 -68.61 52.10
CA GLY ND 12 -50.32 -69.13 53.29
C GLY ND 12 -51.34 -69.41 54.38
N LEU ND 13 -50.99 -70.34 55.27
CA LEU ND 13 -51.94 -70.72 56.32
C LEU ND 13 -51.90 -69.77 57.50
N VAL ND 14 -50.73 -69.21 57.81
CA VAL ND 14 -50.61 -68.36 58.99
C VAL ND 14 -51.49 -67.13 58.83
N ALA ND 15 -51.43 -66.48 57.66
CA ALA ND 15 -52.22 -65.28 57.44
C ALA ND 15 -53.70 -65.56 57.53
N CYS ND 16 -54.11 -66.82 57.30
CA CYS ND 16 -55.53 -67.13 57.33
C CYS ND 16 -56.02 -67.40 58.74
N ILE ND 17 -55.18 -67.99 59.60
CA ILE ND 17 -55.58 -68.23 60.98
C ILE ND 17 -55.67 -66.92 61.74
N GLU ND 18 -54.76 -65.98 61.44
CA GLU ND 18 -54.88 -64.65 62.00
C GLU ND 18 -56.18 -63.99 61.56
N ALA ND 19 -56.52 -64.11 60.27
CA ALA ND 19 -57.75 -63.51 59.77
C ALA ND 19 -58.97 -64.15 60.40
N ALA ND 20 -58.97 -65.47 60.55
CA ALA ND 20 -60.14 -66.16 61.10
C ALA ND 20 -60.29 -65.92 62.59
N ASP ND 21 -59.21 -65.57 63.28
CA ASP ND 21 -59.32 -65.22 64.69
C ASP ND 21 -59.88 -63.82 64.86
N ALA ND 22 -59.41 -62.87 64.05
CA ALA ND 22 -59.93 -61.52 64.12
C ALA ND 22 -61.42 -61.48 63.78
N MET ND 23 -61.84 -62.25 62.78
CA MET ND 23 -63.24 -62.29 62.42
C MET ND 23 -64.10 -62.78 63.58
N CYS ND 24 -63.68 -63.85 64.24
CA CYS ND 24 -64.50 -64.43 65.29
C CYS ND 24 -64.59 -63.53 66.52
N LYS ND 25 -63.57 -62.69 66.74
CA LYS ND 25 -63.61 -61.80 67.89
C LYS ND 25 -64.38 -60.53 67.62
N ALA ND 26 -64.38 -60.05 66.38
CA ALA ND 26 -64.88 -58.72 66.06
C ALA ND 26 -66.38 -58.63 65.94
N ALA ND 27 -67.10 -59.75 65.85
CA ALA ND 27 -68.55 -59.69 65.73
C ALA ND 27 -69.12 -61.07 66.03
N ASN ND 28 -70.44 -61.14 66.11
CA ASN ND 28 -71.13 -62.39 66.43
C ASN ND 28 -71.32 -63.20 65.15
N VAL ND 29 -70.25 -63.89 64.74
CA VAL ND 29 -70.27 -64.76 63.58
C VAL ND 29 -69.68 -66.10 63.98
N GLU ND 30 -70.04 -67.14 63.23
CA GLU ND 30 -69.60 -68.49 63.51
C GLU ND 30 -68.72 -68.99 62.36
N LEU ND 31 -67.64 -69.68 62.71
CA LEU ND 31 -66.67 -70.13 61.71
C LEU ND 31 -67.14 -71.44 61.11
N ILE ND 32 -67.23 -71.48 59.78
CA ILE ND 32 -67.69 -72.69 59.10
C ILE ND 32 -66.54 -73.67 58.91
N GLY ND 33 -65.45 -73.23 58.29
CA GLY ND 33 -64.30 -74.08 58.14
C GLY ND 33 -63.29 -73.46 57.20
N TYR ND 34 -62.18 -74.18 57.03
CA TYR ND 34 -61.14 -73.81 56.09
C TYR ND 34 -61.23 -74.69 54.86
N GLU ND 35 -60.64 -74.22 53.76
CA GLU ND 35 -60.61 -74.99 52.53
C GLU ND 35 -59.49 -74.44 51.65
N ASN ND 36 -58.40 -75.20 51.52
CA ASN ND 36 -57.33 -74.80 50.62
C ASN ND 36 -57.45 -75.53 49.30
N VAL ND 37 -57.28 -74.78 48.21
CA VAL ND 37 -57.40 -75.31 46.87
C VAL ND 37 -56.06 -75.11 46.19
N GLY ND 38 -55.17 -76.09 46.34
CA GLY ND 38 -53.93 -76.04 45.60
C GLY ND 38 -52.99 -74.96 46.09
N SER ND 39 -52.48 -74.18 45.15
CA SER ND 39 -51.23 -73.46 45.35
C SER ND 39 -51.35 -72.35 46.39
N GLY ND 40 -50.94 -72.67 47.61
CA GLY ND 40 -50.85 -71.73 48.71
C GLY ND 40 -52.02 -70.79 48.88
N LEU ND 41 -53.24 -71.28 48.71
CA LEU ND 41 -54.44 -70.47 48.85
C LEU ND 41 -55.36 -71.14 49.84
N VAL ND 42 -55.56 -70.51 50.99
CA VAL ND 42 -56.48 -70.98 52.01
C VAL ND 42 -57.60 -69.98 52.15
N THR ND 43 -58.81 -70.47 52.42
CA THR ND 43 -60.00 -69.65 52.52
C THR ND 43 -60.77 -69.99 53.78
N ALA ND 44 -61.19 -68.97 54.52
CA ALA ND 44 -62.02 -69.12 55.70
C ALA ND 44 -63.41 -68.60 55.41
N MET ND 45 -64.42 -69.28 55.96
CA MET ND 45 -65.82 -68.94 55.72
C MET ND 45 -66.52 -68.74 57.04
N VAL ND 46 -67.23 -67.62 57.19
CA VAL ND 46 -68.00 -67.32 58.37
C VAL ND 46 -69.44 -67.05 57.95
N LYS ND 47 -70.35 -67.21 58.91
CA LYS ND 47 -71.77 -66.98 58.63
C LYS ND 47 -72.42 -66.31 59.82
N GLY ND 48 -73.43 -65.50 59.53
CA GLY ND 48 -74.12 -64.74 60.56
C GLY ND 48 -75.05 -63.74 59.90
N ASP ND 49 -75.50 -62.77 60.70
CA ASP ND 49 -76.35 -61.73 60.15
C ASP ND 49 -75.55 -60.82 59.23
N VAL ND 50 -76.27 -60.06 58.40
CA VAL ND 50 -75.62 -59.28 57.35
C VAL ND 50 -74.80 -58.15 57.94
N GLY ND 51 -75.31 -57.50 58.98
CA GLY ND 51 -74.56 -56.43 59.61
C GLY ND 51 -73.36 -56.95 60.39
N ALA ND 52 -73.50 -58.10 61.02
CA ALA ND 52 -72.38 -58.70 61.73
C ALA ND 52 -71.31 -59.18 60.74
N VAL ND 53 -71.72 -59.94 59.73
CA VAL ND 53 -70.78 -60.55 58.80
C VAL ND 53 -70.01 -59.47 58.06
N ASN ND 54 -70.68 -58.37 57.73
CA ASN ND 54 -70.00 -57.26 57.06
C ASN ND 54 -68.94 -56.65 57.97
N ALA ND 55 -69.18 -56.67 59.28
CA ALA ND 55 -68.24 -56.09 60.23
C ALA ND 55 -67.10 -57.05 60.55
N ALA ND 56 -67.33 -58.35 60.39
CA ALA ND 56 -66.27 -59.31 60.65
C ALA ND 56 -65.27 -59.34 59.50
N VAL ND 57 -65.76 -59.21 58.27
CA VAL ND 57 -64.89 -59.37 57.11
C VAL ND 57 -63.92 -58.20 56.99
N ASP ND 58 -64.39 -56.97 57.22
CA ASP ND 58 -63.49 -55.85 57.07
C ASP ND 58 -62.46 -55.80 58.18
N SER ND 59 -62.75 -56.43 59.32
CA SER ND 59 -61.76 -56.51 60.39
C SER ND 59 -60.77 -57.62 60.12
N GLY ND 60 -61.24 -58.78 59.67
CA GLY ND 60 -60.34 -59.88 59.35
C GLY ND 60 -59.41 -59.58 58.20
N VAL ND 61 -59.89 -58.82 57.21
CA VAL ND 61 -59.00 -58.41 56.13
C VAL ND 61 -57.93 -57.47 56.64
N GLU ND 62 -58.29 -56.64 57.62
CA GLU ND 62 -57.36 -55.68 58.18
C GLU ND 62 -56.21 -56.37 58.91
N ALA ND 63 -56.50 -57.49 59.56
CA ALA ND 63 -55.48 -58.19 60.34
C ALA ND 63 -54.57 -59.01 59.45
N ALA ND 64 -55.14 -59.79 58.52
CA ALA ND 64 -54.32 -60.63 57.67
C ALA ND 64 -53.48 -59.81 56.71
N LYS ND 65 -53.99 -58.66 56.27
CA LYS ND 65 -53.21 -57.76 55.43
C LYS ND 65 -51.96 -57.27 56.12
N ARG ND 66 -51.90 -57.38 57.45
CA ARG ND 66 -50.78 -56.87 58.21
C ARG ND 66 -49.55 -57.76 58.04
N ILE ND 67 -49.75 -59.07 58.02
CA ILE ND 67 -48.64 -60.02 58.03
C ILE ND 67 -48.59 -60.87 56.77
N GLY ND 68 -49.60 -60.82 55.91
CA GLY ND 68 -49.59 -61.63 54.71
C GLY ND 68 -50.28 -60.97 53.55
N LYS ND 69 -50.66 -61.75 52.55
CA LYS ND 69 -51.37 -61.25 51.38
C LYS ND 69 -52.81 -61.69 51.46
N VAL ND 70 -53.74 -60.72 51.45
CA VAL ND 70 -55.15 -61.01 51.29
C VAL ND 70 -55.47 -60.92 49.82
N VAL ND 71 -55.92 -62.03 49.25
CA VAL ND 71 -56.17 -62.09 47.81
C VAL ND 71 -57.56 -61.57 47.47
N SER ND 72 -58.58 -61.99 48.21
CA SER ND 72 -59.95 -61.59 47.92
C SER ND 72 -60.78 -61.65 49.18
N SER ND 73 -61.83 -60.83 49.20
CA SER ND 73 -62.84 -60.88 50.24
C SER ND 73 -64.20 -60.60 49.61
N ARG ND 74 -65.25 -61.11 50.24
CA ARG ND 74 -66.57 -61.01 49.63
C ARG ND 74 -67.62 -61.39 50.66
N VAL ND 75 -68.72 -60.65 50.67
CA VAL ND 75 -69.89 -60.96 51.50
C VAL ND 75 -71.05 -61.26 50.59
N ILE ND 76 -71.76 -62.35 50.84
CA ILE ND 76 -72.95 -62.73 50.10
C ILE ND 76 -74.13 -62.57 51.04
N ALA ND 77 -75.03 -61.64 50.71
CA ALA ND 77 -76.06 -61.24 51.67
C ALA ND 77 -77.13 -62.31 51.81
N ARG ND 78 -77.45 -63.02 50.73
CA ARG ND 78 -78.39 -64.13 50.79
C ARG ND 78 -77.87 -65.23 49.87
N PRO ND 79 -77.16 -66.21 50.41
CA PRO ND 79 -76.66 -67.30 49.59
C PRO ND 79 -77.80 -68.19 49.14
N HIS ND 80 -77.73 -68.65 47.90
CA HIS ND 80 -78.78 -69.50 47.35
C HIS ND 80 -78.79 -70.85 48.06
N ASN ND 81 -79.99 -71.40 48.23
CA ASN ND 81 -80.15 -72.61 49.01
C ASN ND 81 -79.29 -73.74 48.50
N ASP ND 82 -79.12 -73.82 47.17
CA ASP ND 82 -78.30 -74.88 46.58
C ASP ND 82 -76.86 -74.81 47.09
N ILE ND 83 -76.33 -73.61 47.25
CA ILE ND 83 -74.96 -73.43 47.69
C ILE ND 83 -74.85 -73.65 49.19
N GLU OD 3 -54.92 -72.62 76.00
CA GLU OD 3 -53.49 -72.32 76.02
C GLU OD 3 -53.09 -71.64 74.74
N ALA OD 4 -51.98 -70.91 74.78
CA ALA OD 4 -51.56 -70.11 73.65
C ALA OD 4 -51.23 -70.99 72.46
N LEU OD 5 -50.89 -70.36 71.34
CA LEU OD 5 -50.68 -71.09 70.09
C LEU OD 5 -49.67 -70.34 69.25
N GLY OD 6 -48.68 -71.05 68.74
CA GLY OD 6 -47.64 -70.43 67.95
C GLY OD 6 -47.47 -71.12 66.62
N LEU OD 7 -47.16 -70.32 65.60
CA LEU OD 7 -47.04 -70.80 64.23
C LEU OD 7 -45.77 -70.28 63.59
N ILE OD 8 -45.07 -71.14 62.87
CA ILE OD 8 -43.97 -70.74 62.00
C ILE OD 8 -44.25 -71.33 60.64
N GLU OD 9 -44.06 -70.52 59.60
CA GLU OD 9 -44.27 -70.95 58.22
C GLU OD 9 -42.98 -70.83 57.44
N THR OD 10 -42.57 -71.92 56.81
CA THR OD 10 -41.29 -72.00 56.13
C THR OD 10 -41.48 -72.58 54.74
N LYS OD 11 -40.54 -72.25 53.86
CA LYS OD 11 -40.52 -72.77 52.51
C LYS OD 11 -39.65 -74.03 52.49
N GLY OD 12 -40.27 -75.18 52.35
CA GLY OD 12 -39.56 -76.44 52.36
C GLY OD 12 -39.69 -77.14 53.70
N LEU OD 13 -39.62 -78.46 53.67
CA LEU OD 13 -39.82 -79.24 54.88
C LEU OD 13 -38.60 -79.26 55.78
N VAL OD 14 -37.40 -79.18 55.20
CA VAL OD 14 -36.18 -79.27 56.02
C VAL OD 14 -36.11 -78.11 57.00
N ALA OD 15 -36.32 -76.89 56.50
CA ALA OD 15 -36.30 -75.73 57.38
C ALA OD 15 -37.38 -75.81 58.45
N CYS OD 16 -38.44 -76.58 58.22
CA CYS OD 16 -39.49 -76.68 59.21
C CYS OD 16 -39.14 -77.67 60.32
N ILE OD 17 -38.33 -78.69 60.03
CA ILE OD 17 -37.93 -79.61 61.08
C ILE OD 17 -36.84 -79.00 61.94
N GLU OD 18 -35.99 -78.15 61.37
CA GLU OD 18 -35.07 -77.40 62.21
C GLU OD 18 -35.81 -76.41 63.09
N ALA OD 19 -36.84 -75.75 62.55
CA ALA OD 19 -37.63 -74.83 63.35
C ALA OD 19 -38.33 -75.56 64.48
N ALA OD 20 -38.91 -76.73 64.20
CA ALA OD 20 -39.65 -77.44 65.24
C ALA OD 20 -38.72 -78.07 66.27
N ASP OD 21 -37.48 -78.34 65.89
CA ASP OD 21 -36.53 -78.88 66.86
C ASP OD 21 -36.07 -77.80 67.84
N ALA OD 22 -35.84 -76.59 67.33
CA ALA OD 22 -35.46 -75.49 68.21
C ALA OD 22 -36.60 -75.09 69.12
N MET OD 23 -37.84 -75.13 68.61
CA MET OD 23 -39.00 -74.80 69.44
C MET OD 23 -39.15 -75.77 70.59
N CYS OD 24 -39.04 -77.07 70.32
CA CYS OD 24 -39.31 -78.07 71.34
C CYS OD 24 -38.23 -78.14 72.39
N LYS OD 25 -37.02 -77.67 72.10
CA LYS OD 25 -35.95 -77.65 73.07
C LYS OD 25 -35.93 -76.38 73.90
N ALA OD 26 -36.56 -75.31 73.41
CA ALA OD 26 -36.43 -74.00 74.04
C ALA OD 26 -37.35 -73.84 75.24
N ALA OD 27 -38.46 -74.55 75.28
CA ALA OD 27 -39.40 -74.41 76.39
C ALA OD 27 -40.25 -75.67 76.46
N ASN OD 28 -41.21 -75.64 77.39
CA ASN OD 28 -42.05 -76.81 77.65
C ASN OD 28 -43.37 -76.66 76.89
N VAL OD 29 -43.29 -76.87 75.58
CA VAL OD 29 -44.44 -76.82 74.70
C VAL OD 29 -44.62 -78.18 74.06
N GLU OD 30 -45.87 -78.53 73.76
CA GLU OD 30 -46.18 -79.76 73.05
C GLU OD 30 -46.42 -79.44 71.58
N LEU OD 31 -45.79 -80.19 70.70
CA LEU OD 31 -45.87 -79.94 69.28
C LEU OD 31 -47.08 -80.65 68.70
N ILE OD 32 -47.90 -79.93 67.96
CA ILE OD 32 -49.17 -80.47 67.46
C ILE OD 32 -48.98 -81.21 66.15
N GLY OD 33 -48.39 -80.58 65.15
CA GLY OD 33 -48.13 -81.26 63.91
C GLY OD 33 -47.98 -80.30 62.75
N TYR OD 34 -47.51 -80.84 61.64
CA TYR OD 34 -47.26 -80.09 60.43
C TYR OD 34 -48.51 -80.04 59.56
N GLU OD 35 -48.53 -79.08 58.65
CA GLU OD 35 -49.62 -78.93 57.69
C GLU OD 35 -49.09 -78.16 56.49
N ASN OD 36 -48.97 -78.80 55.35
CA ASN OD 36 -48.56 -78.11 54.13
C ASN OD 36 -49.76 -77.79 53.27
N VAL OD 37 -49.73 -76.60 52.68
CA VAL OD 37 -50.84 -76.09 51.88
C VAL OD 37 -50.47 -75.97 50.41
N GLY OD 38 -49.33 -76.52 50.02
CA GLY OD 38 -48.89 -76.43 48.65
C GLY OD 38 -48.04 -75.20 48.39
N SER OD 39 -47.38 -75.21 47.23
CA SER OD 39 -46.42 -74.20 46.82
C SER OD 39 -45.15 -74.23 47.67
N GLY OD 40 -44.93 -75.31 48.40
CA GLY OD 40 -43.74 -75.46 49.21
C GLY OD 40 -43.84 -74.90 50.61
N LEU OD 41 -45.01 -74.44 51.02
CA LEU OD 41 -45.18 -73.82 52.33
C LEU OD 41 -45.57 -74.89 53.35
N VAL OD 42 -44.77 -75.03 54.40
CA VAL OD 42 -45.04 -75.96 55.49
C VAL OD 42 -45.10 -75.17 56.78
N THR OD 43 -46.03 -75.55 57.66
CA THR OD 43 -46.29 -74.82 58.90
C THR OD 43 -46.21 -75.77 60.07
N ALA OD 44 -45.52 -75.36 61.12
CA ALA OD 44 -45.45 -76.10 62.38
C ALA OD 44 -46.24 -75.36 63.45
N MET OD 45 -46.91 -76.11 64.30
CA MET OD 45 -47.84 -75.54 65.28
C MET OD 45 -47.54 -76.12 66.65
N VAL OD 46 -47.28 -75.26 67.64
CA VAL OD 46 -47.05 -75.67 69.01
C VAL OD 46 -48.11 -75.04 69.89
N LYS OD 47 -48.23 -75.54 71.11
CA LYS OD 47 -49.19 -74.99 72.04
C LYS OD 47 -48.71 -75.20 73.47
N GLY OD 48 -48.99 -74.21 74.31
CA GLY OD 48 -48.57 -74.23 75.69
C GLY OD 48 -48.86 -72.88 76.33
N ASP OD 49 -48.29 -72.66 77.50
CA ASP OD 49 -48.46 -71.38 78.16
C ASP OD 49 -47.82 -70.27 77.34
N VAL OD 50 -48.31 -69.05 77.54
CA VAL OD 50 -47.95 -67.95 76.65
C VAL OD 50 -46.53 -67.45 76.88
N GLY OD 51 -45.97 -67.67 78.07
CA GLY OD 51 -44.56 -67.34 78.25
C GLY OD 51 -43.65 -68.36 77.60
N ALA OD 52 -44.06 -69.64 77.62
CA ALA OD 52 -43.29 -70.68 76.97
C ALA OD 52 -43.43 -70.59 75.46
N VAL OD 53 -44.66 -70.42 74.97
CA VAL OD 53 -44.90 -70.40 73.53
C VAL OD 53 -44.21 -69.20 72.90
N ASN OD 54 -44.23 -68.06 73.58
CA ASN OD 54 -43.45 -66.92 73.09
C ASN OD 54 -42.00 -67.33 72.90
N ALA OD 55 -41.34 -67.73 73.98
CA ALA OD 55 -39.92 -68.08 73.93
C ALA OD 55 -39.62 -69.09 72.84
N ALA OD 56 -40.50 -70.06 72.62
CA ALA OD 56 -40.24 -71.09 71.63
C ALA OD 56 -40.25 -70.52 70.22
N VAL OD 57 -41.22 -69.66 69.91
CA VAL OD 57 -41.35 -69.16 68.54
C VAL OD 57 -40.20 -68.23 68.20
N ASP OD 58 -39.74 -67.43 69.15
CA ASP OD 58 -38.59 -66.58 68.88
C ASP OD 58 -37.35 -67.41 68.58
N SER OD 59 -37.19 -68.53 69.29
CA SER OD 59 -36.03 -69.38 69.07
C SER OD 59 -36.14 -70.16 67.76
N GLY OD 60 -37.33 -70.70 67.47
CA GLY OD 60 -37.51 -71.43 66.25
C GLY OD 60 -37.34 -70.58 65.01
N VAL OD 61 -37.68 -69.30 65.09
CA VAL OD 61 -37.55 -68.43 63.93
C VAL OD 61 -36.09 -68.19 63.62
N GLU OD 62 -35.27 -67.98 64.65
CA GLU OD 62 -33.87 -67.68 64.40
C GLU OD 62 -33.11 -68.88 63.87
N ALA OD 63 -33.47 -70.09 64.31
CA ALA OD 63 -32.78 -71.29 63.83
C ALA OD 63 -33.16 -71.62 62.40
N ALA OD 64 -34.45 -71.58 62.08
CA ALA OD 64 -34.87 -71.85 60.71
C ALA OD 64 -34.41 -70.76 59.76
N LYS OD 65 -34.33 -69.52 60.23
CA LYS OD 65 -33.81 -68.43 59.41
C LYS OD 65 -32.39 -68.70 58.95
N ARG OD 66 -31.64 -69.47 59.74
CA ARG OD 66 -30.23 -69.69 59.46
C ARG OD 66 -30.01 -70.57 58.25
N ILE OD 67 -30.90 -71.53 58.00
CA ILE OD 67 -30.70 -72.54 56.98
C ILE OD 67 -31.79 -72.55 55.92
N GLY OD 68 -32.76 -71.66 56.00
CA GLY OD 68 -33.81 -71.62 55.03
C GLY OD 68 -34.50 -70.28 55.03
N LYS OD 69 -35.68 -70.25 54.45
CA LYS OD 69 -36.49 -69.04 54.42
C LYS OD 69 -37.66 -69.21 55.37
N VAL OD 70 -37.79 -68.28 56.31
CA VAL OD 70 -38.95 -68.20 57.17
C VAL OD 70 -39.91 -67.20 56.56
N VAL OD 71 -41.13 -67.66 56.26
CA VAL OD 71 -42.10 -66.80 55.60
C VAL OD 71 -42.87 -65.96 56.59
N SER OD 72 -43.27 -66.54 57.72
CA SER OD 72 -44.14 -65.84 58.65
C SER OD 72 -44.10 -66.57 59.98
N SER OD 73 -44.36 -65.82 61.05
CA SER OD 73 -44.47 -66.37 62.39
C SER OD 73 -45.52 -65.58 63.16
N ARG OD 74 -46.06 -66.20 64.20
CA ARG OD 74 -47.19 -65.59 64.89
C ARG OD 74 -47.44 -66.32 66.20
N VAL OD 75 -47.76 -65.56 67.24
CA VAL OD 75 -48.23 -66.11 68.51
C VAL OD 75 -49.64 -65.61 68.75
N ILE OD 76 -50.54 -66.51 69.10
CA ILE OD 76 -51.91 -66.17 69.44
C ILE OD 76 -52.10 -66.47 70.91
N ALA OD 77 -52.25 -65.42 71.72
CA ALA OD 77 -52.22 -65.58 73.16
C ALA OD 77 -53.48 -66.23 73.68
N ARG OD 78 -54.65 -65.69 73.33
CA ARG OD 78 -55.93 -66.30 73.70
C ARG OD 78 -56.66 -66.69 72.43
N PRO OD 79 -56.50 -67.90 71.94
CA PRO OD 79 -57.20 -68.32 70.72
C PRO OD 79 -58.67 -68.59 71.01
N HIS OD 80 -59.50 -68.24 70.04
CA HIS OD 80 -60.94 -68.43 70.19
C HIS OD 80 -61.28 -69.91 70.20
N ASN OD 81 -62.38 -70.26 70.86
CA ASN OD 81 -62.75 -71.66 71.00
C ASN OD 81 -63.21 -72.26 69.68
N ASP OD 82 -63.72 -71.42 68.76
CA ASP OD 82 -64.05 -71.91 67.43
C ASP OD 82 -62.80 -72.30 66.66
N ILE OD 83 -61.67 -71.69 66.99
CA ILE OD 83 -60.41 -72.01 66.33
C ILE OD 83 -59.79 -73.24 66.96
N GLU PD 3 -48.68 -58.98 90.10
CA GLU PD 3 -48.59 -59.31 88.69
C GLU PD 3 -48.17 -58.11 87.88
N ALA PD 4 -47.89 -58.32 86.60
CA ALA PD 4 -47.31 -57.27 85.78
C ALA PD 4 -48.33 -56.16 85.55
N LEU PD 5 -47.87 -55.11 84.89
CA LEU PD 5 -48.68 -53.91 84.69
C LEU PD 5 -48.36 -53.29 83.34
N GLY PD 6 -49.38 -53.07 82.54
CA GLY PD 6 -49.20 -52.53 81.20
C GLY PD 6 -49.95 -51.22 81.04
N LEU PD 7 -49.32 -50.24 80.41
CA LEU PD 7 -49.86 -48.90 80.27
C LEU PD 7 -49.79 -48.46 78.82
N ILE PD 8 -50.87 -47.87 78.33
CA ILE PD 8 -50.88 -47.19 77.03
C ILE PD 8 -51.43 -45.79 77.25
N GLU PD 9 -50.84 -44.82 76.56
CA GLU PD 9 -51.25 -43.43 76.72
C GLU PD 9 -51.51 -42.82 75.35
N THR PD 10 -52.68 -42.24 75.18
CA THR PD 10 -53.13 -41.73 73.89
C THR PD 10 -53.66 -40.31 74.05
N LYS PD 11 -53.78 -39.62 72.92
CA LYS PD 11 -54.48 -38.34 72.86
C LYS PD 11 -55.94 -38.59 72.53
N GLY PD 12 -56.83 -38.23 73.44
CA GLY PD 12 -58.24 -38.40 73.22
C GLY PD 12 -58.77 -39.73 73.72
N LEU PD 13 -60.08 -39.77 73.93
CA LEU PD 13 -60.70 -40.94 74.54
C LEU PD 13 -60.99 -42.04 73.53
N VAL PD 14 -61.26 -41.70 72.28
CA VAL PD 14 -61.64 -42.71 71.31
C VAL PD 14 -60.47 -43.66 71.05
N ALA PD 15 -59.28 -43.12 70.84
CA ALA PD 15 -58.12 -43.97 70.62
C ALA PD 15 -57.81 -44.84 71.83
N CYS PD 16 -58.29 -44.44 73.01
CA CYS PD 16 -58.01 -45.22 74.21
C CYS PD 16 -59.05 -46.32 74.42
N ILE PD 17 -60.27 -46.12 73.93
CA ILE PD 17 -61.24 -47.22 74.01
C ILE PD 17 -60.94 -48.29 72.99
N GLU PD 18 -60.36 -47.90 71.85
CA GLU PD 18 -59.93 -48.92 70.90
C GLU PD 18 -58.72 -49.68 71.42
N ALA PD 19 -57.80 -48.99 72.09
CA ALA PD 19 -56.66 -49.68 72.69
C ALA PD 19 -57.12 -50.60 73.81
N ALA PD 20 -58.07 -50.17 74.63
CA ALA PD 20 -58.52 -50.99 75.73
C ALA PD 20 -59.33 -52.19 75.25
N ASP PD 21 -60.04 -52.03 74.13
CA ASP PD 21 -60.81 -53.14 73.59
C ASP PD 21 -59.88 -54.18 72.98
N ALA PD 22 -58.85 -53.75 72.25
CA ALA PD 22 -57.93 -54.70 71.65
C ALA PD 22 -57.14 -55.44 72.71
N MET PD 23 -56.77 -54.75 73.79
CA MET PD 23 -55.98 -55.39 74.84
C MET PD 23 -56.77 -56.51 75.51
N CYS PD 24 -58.03 -56.24 75.86
CA CYS PD 24 -58.82 -57.24 76.56
C CYS PD 24 -59.16 -58.43 75.69
N LYS PD 25 -59.12 -58.28 74.37
CA LYS PD 25 -59.43 -59.39 73.48
C LYS PD 25 -58.22 -60.29 73.25
N ALA PD 26 -57.03 -59.72 73.23
CA ALA PD 26 -55.84 -60.38 72.72
C ALA PD 26 -55.04 -61.10 73.78
N ALA PD 27 -55.52 -61.17 75.02
CA ALA PD 27 -54.79 -61.86 76.07
C ALA PD 27 -55.68 -61.93 77.31
N ASN PD 28 -55.27 -62.77 78.25
CA ASN PD 28 -56.02 -62.95 79.49
C ASN PD 28 -55.53 -61.94 80.51
N VAL PD 29 -56.01 -60.71 80.37
CA VAL PD 29 -55.65 -59.62 81.26
C VAL PD 29 -56.92 -59.04 81.87
N GLU PD 30 -56.73 -58.23 82.91
CA GLU PD 30 -57.82 -57.55 83.58
C GLU PD 30 -57.65 -56.06 83.42
N LEU PD 31 -58.71 -55.38 83.02
CA LEU PD 31 -58.66 -53.93 82.86
C LEU PD 31 -58.93 -53.26 84.19
N ILE PD 32 -58.01 -52.38 84.60
CA ILE PD 32 -58.14 -51.69 85.88
C ILE PD 32 -58.97 -50.42 85.72
N GLY PD 33 -58.66 -49.60 84.73
CA GLY PD 33 -59.47 -48.42 84.48
C GLY PD 33 -58.71 -47.39 83.68
N TYR PD 34 -59.39 -46.30 83.41
CA TYR PD 34 -58.83 -45.14 82.72
C TYR PD 34 -58.46 -44.08 83.74
N GLU PD 35 -57.53 -43.21 83.33
CA GLU PD 35 -57.09 -42.13 84.21
C GLU PD 35 -56.51 -41.02 83.33
N ASN PD 36 -57.28 -39.95 83.15
CA ASN PD 36 -56.84 -38.83 82.33
C ASN PD 36 -56.29 -37.71 83.20
N VAL PD 37 -55.40 -36.92 82.62
CA VAL PD 37 -54.69 -35.88 83.35
C VAL PD 37 -54.79 -34.55 82.63
N GLY PD 38 -55.85 -34.36 81.85
CA GLY PD 38 -56.02 -33.12 81.10
C GLY PD 38 -55.09 -33.09 79.90
N SER PD 39 -55.28 -32.05 79.10
CA SER PD 39 -54.63 -31.89 77.79
C SER PD 39 -54.98 -33.00 76.82
N GLY PD 40 -56.03 -33.77 77.11
CA GLY PD 40 -56.44 -34.82 76.22
C GLY PD 40 -55.69 -36.13 76.37
N LEU PD 41 -54.76 -36.21 77.30
CA LEU PD 41 -54.02 -37.45 77.53
C LEU PD 41 -54.88 -38.37 78.39
N VAL PD 42 -55.14 -39.58 77.88
CA VAL PD 42 -55.87 -40.60 78.61
C VAL PD 42 -55.01 -41.85 78.64
N THR PD 43 -55.07 -42.58 79.75
CA THR PD 43 -54.21 -43.72 79.98
C THR PD 43 -55.03 -44.93 80.38
N ALA PD 44 -54.76 -46.08 79.77
CA ALA PD 44 -55.38 -47.34 80.12
C ALA PD 44 -54.40 -48.21 80.86
N MET PD 45 -54.89 -48.96 81.85
CA MET PD 45 -54.05 -49.81 82.69
C MET PD 45 -54.62 -51.21 82.71
N VAL PD 46 -53.83 -52.19 82.28
CA VAL PD 46 -54.20 -53.59 82.35
C VAL PD 46 -53.29 -54.28 83.35
N LYS PD 47 -53.69 -55.47 83.77
CA LYS PD 47 -52.98 -56.18 84.83
C LYS PD 47 -53.12 -57.68 84.63
N GLY PD 48 -52.00 -58.39 84.63
CA GLY PD 48 -52.04 -59.83 84.47
C GLY PD 48 -50.64 -60.39 84.52
N ASP PD 49 -50.52 -61.67 84.15
CA ASP PD 49 -49.21 -62.30 84.09
C ASP PD 49 -48.33 -61.58 83.05
N VAL PD 50 -47.02 -61.75 83.20
CA VAL PD 50 -46.08 -60.96 82.41
C VAL PD 50 -46.21 -61.28 80.93
N GLY PD 51 -46.31 -62.57 80.58
CA GLY PD 51 -46.40 -62.94 79.18
C GLY PD 51 -47.69 -62.45 78.55
N ALA PD 52 -48.80 -62.55 79.27
CA ALA PD 52 -50.07 -62.06 78.77
C ALA PD 52 -50.03 -60.54 78.61
N VAL PD 53 -49.61 -59.84 79.67
CA VAL PD 53 -49.59 -58.38 79.64
C VAL PD 53 -48.67 -57.89 78.54
N ASN PD 54 -47.55 -58.56 78.34
CA ASN PD 54 -46.67 -58.19 77.23
C ASN PD 54 -47.44 -58.24 75.92
N ALA PD 55 -48.04 -59.39 75.61
CA ALA PD 55 -48.78 -59.55 74.37
C ALA PD 55 -49.90 -58.54 74.21
N ALA PD 56 -50.61 -58.26 75.30
CA ALA PD 56 -51.74 -57.33 75.23
C ALA PD 56 -51.28 -55.95 74.80
N VAL PD 57 -50.21 -55.44 75.40
CA VAL PD 57 -49.77 -54.08 75.11
C VAL PD 57 -49.32 -53.94 73.67
N ASP PD 58 -48.69 -54.99 73.11
CA ASP PD 58 -48.30 -54.94 71.71
C ASP PD 58 -49.51 -54.83 70.80
N SER PD 59 -50.55 -55.61 71.08
CA SER PD 59 -51.75 -55.57 70.26
C SER PD 59 -52.52 -54.27 70.46
N GLY PD 60 -52.60 -53.79 71.69
CA GLY PD 60 -53.35 -52.58 71.96
C GLY PD 60 -52.75 -51.34 71.34
N VAL PD 61 -51.42 -51.26 71.29
CA VAL PD 61 -50.78 -50.12 70.65
C VAL PD 61 -50.99 -50.19 69.15
N GLU PD 62 -51.02 -51.41 68.61
CA GLU PD 62 -51.17 -51.57 67.17
C GLU PD 62 -52.55 -51.14 66.69
N ALA PD 63 -53.58 -51.41 67.50
CA ALA PD 63 -54.94 -51.00 67.13
C ALA PD 63 -55.14 -49.50 67.35
N ALA PD 64 -54.62 -48.96 68.44
CA ALA PD 64 -54.85 -47.56 68.76
C ALA PD 64 -54.09 -46.64 67.82
N LYS PD 65 -52.85 -47.00 67.49
CA LYS PD 65 -52.06 -46.20 66.55
C LYS PD 65 -52.72 -46.09 65.19
N ARG PD 66 -53.68 -46.98 64.92
CA ARG PD 66 -54.29 -47.06 63.60
C ARG PD 66 -55.28 -45.94 63.36
N ILE PD 67 -55.91 -45.43 64.41
CA ILE PD 67 -56.92 -44.39 64.28
C ILE PD 67 -56.54 -43.10 65.00
N GLY PD 68 -55.64 -43.14 65.96
CA GLY PD 68 -55.27 -41.95 66.71
C GLY PD 68 -53.80 -41.93 67.01
N LYS PD 69 -53.39 -41.28 68.10
CA LYS PD 69 -51.98 -41.14 68.44
C LYS PD 69 -51.70 -41.85 69.74
N VAL PD 70 -50.74 -42.78 69.71
CA VAL PD 70 -50.27 -43.45 70.91
C VAL PD 70 -49.04 -42.70 71.40
N VAL PD 71 -49.14 -42.12 72.59
CA VAL PD 71 -48.06 -41.29 73.10
C VAL PD 71 -46.95 -42.14 73.69
N SER PD 72 -47.31 -43.11 74.53
CA SER PD 72 -46.31 -43.96 75.16
C SER PD 72 -46.95 -45.27 75.58
N SER PD 73 -46.12 -46.31 75.66
CA SER PD 73 -46.52 -47.60 76.18
C SER PD 73 -45.40 -48.14 77.04
N ARG PD 74 -45.74 -49.04 77.96
CA ARG PD 74 -44.76 -49.51 78.92
C ARG PD 74 -45.31 -50.73 79.65
N VAL PD 75 -44.44 -51.68 79.95
CA VAL PD 75 -44.79 -52.84 80.77
C VAL PD 75 -43.85 -52.89 81.97
N ILE PD 76 -44.43 -52.96 83.16
CA ILE PD 76 -43.66 -53.15 84.39
C ILE PD 76 -43.86 -54.59 84.83
N ALA PD 77 -42.80 -55.39 84.79
CA ALA PD 77 -42.94 -56.82 85.02
C ALA PD 77 -43.29 -57.11 86.47
N ARG PD 78 -42.76 -56.33 87.41
CA ARG PD 78 -43.02 -56.51 88.83
C ARG PD 78 -43.04 -55.15 89.49
N PRO PD 79 -44.21 -54.53 89.65
CA PRO PD 79 -44.26 -53.21 90.25
C PRO PD 79 -44.03 -53.29 91.76
N HIS PD 80 -43.49 -52.20 92.30
CA HIS PD 80 -43.36 -52.08 93.74
C HIS PD 80 -44.74 -52.00 94.37
N ASN PD 81 -44.83 -52.44 95.63
CA ASN PD 81 -46.11 -52.43 96.31
C ASN PD 81 -46.64 -51.02 96.50
N ASP PD 82 -45.75 -50.04 96.60
CA ASP PD 82 -46.19 -48.65 96.70
C ASP PD 82 -46.89 -48.20 95.43
N ILE PD 83 -46.40 -48.67 94.28
CA ILE PD 83 -47.03 -48.31 93.01
C ILE PD 83 -48.46 -48.81 92.93
N GLU PD 84 -48.79 -49.90 93.63
CA GLU PD 84 -50.18 -50.35 93.65
C GLU PD 84 -50.98 -49.66 94.73
N LYS PD 85 -50.82 -48.35 94.81
CA LYS PD 85 -51.69 -47.45 95.54
C LYS PD 85 -51.91 -46.16 94.77
N ILE PD 86 -51.13 -45.91 93.73
CA ILE PD 86 -51.33 -44.79 92.82
C ILE PD 86 -52.26 -45.18 91.68
N ALA PD 87 -52.09 -46.39 91.14
CA ALA PD 87 -52.98 -46.87 90.09
C ALA PD 87 -54.36 -47.17 90.66
N GLY PD 88 -54.42 -48.14 91.58
CA GLY PD 88 -55.68 -48.49 92.21
C GLY PD 88 -55.96 -47.66 93.46
N MET QD 1 15.60 55.72 -92.97
CA MET QD 1 16.96 55.70 -93.49
C MET QD 1 17.08 56.58 -94.71
N ILE QD 2 18.32 56.91 -95.09
CA ILE QD 2 18.60 57.64 -96.32
C ILE QD 2 19.81 57.04 -96.98
N LEU QD 3 19.84 57.08 -98.31
CA LEU QD 3 21.03 56.70 -99.04
C LEU QD 3 22.06 57.82 -98.96
N ALA QD 4 23.29 57.45 -98.61
CA ALA QD 4 24.34 58.43 -98.46
C ALA QD 4 25.67 57.80 -98.83
N LYS QD 5 26.68 58.63 -98.95
CA LYS QD 5 28.01 58.19 -99.33
C LYS QD 5 29.02 58.72 -98.33
N VAL QD 6 29.92 57.85 -97.88
CA VAL QD 6 30.94 58.28 -96.94
C VAL QD 6 31.96 59.13 -97.68
N THR QD 7 32.21 60.34 -97.17
CA THR QD 7 33.09 61.29 -97.84
C THR QD 7 34.24 61.79 -96.98
N GLY QD 8 34.42 61.25 -95.77
CA GLY QD 8 35.51 61.69 -94.93
C GLY QD 8 35.38 61.10 -93.54
N HIS QD 9 36.07 61.72 -92.59
CA HIS QD 9 35.96 61.33 -91.19
C HIS QD 9 36.33 62.52 -90.33
N VAL QD 10 36.02 62.39 -89.04
CA VAL QD 10 36.21 63.46 -88.07
C VAL QD 10 37.02 62.90 -86.90
N VAL QD 11 38.06 63.62 -86.49
CA VAL QD 11 38.90 63.23 -85.37
C VAL QD 11 38.60 64.19 -84.22
N ALA QD 12 37.98 63.67 -83.17
CA ALA QD 12 37.59 64.46 -82.01
C ALA QD 12 38.18 63.80 -80.77
N THR QD 13 38.97 64.56 -80.01
CA THR QD 13 39.63 64.05 -78.82
C THR QD 13 38.84 64.34 -77.56
N GLN QD 14 38.38 65.57 -77.38
CA GLN QD 14 37.61 65.96 -76.21
C GLN QD 14 36.14 65.72 -76.54
N LYS QD 15 35.57 64.65 -76.00
CA LYS QD 15 34.19 64.31 -76.31
C LYS QD 15 33.59 63.53 -75.15
N CYS QD 16 32.29 63.29 -75.23
CA CYS QD 16 31.58 62.60 -74.17
C CYS QD 16 32.03 61.15 -74.10
N ASP QD 17 31.44 60.42 -73.15
CA ASP QD 17 31.79 59.03 -72.93
C ASP QD 17 30.90 58.06 -73.70
N GLU QD 18 29.70 58.49 -74.09
CA GLU QD 18 28.84 57.66 -74.92
C GLU QD 18 29.41 57.45 -76.31
N LEU QD 19 30.49 58.15 -76.66
CA LEU QD 19 31.09 58.07 -77.98
C LEU QD 19 32.49 57.49 -77.98
N ARG QD 20 32.96 56.96 -76.86
CA ARG QD 20 34.32 56.44 -76.80
C ARG QD 20 34.43 55.15 -77.60
N GLY QD 21 35.46 55.07 -78.43
CA GLY QD 21 35.72 53.86 -79.20
C GLY QD 21 34.76 53.64 -80.34
N SER QD 22 34.62 54.63 -81.21
CA SER QD 22 33.73 54.51 -82.36
C SER QD 22 34.23 55.44 -83.44
N ASN QD 23 33.87 55.14 -84.68
CA ASN QD 23 34.26 55.95 -85.81
C ASN QD 23 33.27 57.09 -85.98
N LEU QD 24 33.71 58.18 -86.60
CA LEU QD 24 32.84 59.32 -86.88
C LEU QD 24 33.03 59.71 -88.34
N LEU QD 25 32.10 59.32 -89.19
CA LEU QD 25 32.22 59.51 -90.62
C LEU QD 25 31.39 60.69 -91.09
N LEU QD 26 31.88 61.38 -92.12
CA LEU QD 26 31.08 62.38 -92.80
C LEU QD 26 30.23 61.68 -93.84
N ILE QD 27 28.94 62.00 -93.84
CA ILE QD 27 27.93 61.23 -94.55
C ILE QD 27 27.17 62.23 -95.42
N THR QD 28 27.32 62.13 -96.73
CA THR QD 28 26.69 63.07 -97.64
C THR QD 28 25.51 62.43 -98.35
N ARG QD 29 24.35 63.04 -98.24
CA ARG QD 29 23.17 62.53 -98.91
C ARG QD 29 23.28 62.71 -100.42
N LEU QD 30 22.96 61.65 -101.16
CA LEU QD 30 23.12 61.65 -102.60
C LEU QD 30 21.76 61.59 -103.29
N ASP QD 31 21.69 62.22 -104.46
CA ASP QD 31 20.42 62.43 -105.15
C ASP QD 31 20.02 61.24 -106.02
N ASP QD 32 19.00 61.41 -106.86
CA ASP QD 32 18.42 60.29 -107.62
C ASP QD 32 19.28 59.86 -108.81
N LYS QD 33 20.46 60.44 -108.98
CA LYS QD 33 21.43 59.95 -109.95
C LYS QD 33 22.63 59.31 -109.26
N GLN QD 34 22.50 59.01 -107.97
CA GLN QD 34 23.60 58.51 -107.16
C GLN QD 34 24.79 59.47 -107.22
N GLN QD 35 24.52 60.73 -106.84
CA GLN QD 35 25.51 61.78 -106.90
C GLN QD 35 25.32 62.65 -105.65
N PRO QD 36 26.40 62.96 -104.91
CA PRO QD 36 26.24 63.72 -103.68
C PRO QD 36 25.66 65.11 -103.93
N MET QD 37 24.92 65.59 -102.94
CA MET QD 37 24.29 66.90 -102.99
C MET QD 37 25.18 67.94 -102.31
N LYS QD 38 24.68 69.17 -102.23
CA LYS QD 38 25.41 70.28 -101.64
C LYS QD 38 24.79 70.62 -100.29
N ASP QD 39 25.63 70.83 -99.29
CA ASP QD 39 25.20 71.23 -97.94
C ASP QD 39 24.26 70.19 -97.33
N GLN QD 40 24.66 68.92 -97.42
CA GLN QD 40 23.82 67.83 -96.92
C GLN QD 40 24.65 66.82 -96.16
N THR QD 41 25.56 67.28 -95.32
CA THR QD 41 26.52 66.40 -94.65
C THR QD 41 26.19 66.29 -93.17
N TRP QD 42 26.16 65.07 -92.67
CA TRP QD 42 26.00 64.78 -91.26
C TRP QD 42 27.18 63.96 -90.78
N VAL QD 43 27.29 63.82 -89.47
CA VAL QD 43 28.32 62.99 -88.86
C VAL QD 43 27.66 61.76 -88.27
N ALA QD 44 28.10 60.59 -88.68
CA ALA QD 44 27.47 59.35 -88.29
C ALA QD 44 28.47 58.44 -87.59
N VAL QD 45 28.01 57.78 -86.53
CA VAL QD 45 28.83 56.82 -85.81
C VAL QD 45 28.78 55.50 -86.58
N ASP QD 46 29.87 55.15 -87.23
CA ASP QD 46 29.91 53.90 -87.97
C ASP QD 46 29.60 52.73 -87.05
N ASN QD 47 28.92 51.73 -87.61
CA ASN QD 47 28.49 50.58 -86.82
C ASN QD 47 28.74 49.25 -87.49
N VAL QD 48 28.98 49.20 -88.80
CA VAL QD 48 29.17 47.95 -89.52
C VAL QD 48 30.51 47.90 -90.25
N GLY QD 49 31.31 48.96 -90.20
CA GLY QD 49 32.60 48.91 -90.84
C GLY QD 49 32.62 49.47 -92.24
N ALA QD 50 32.16 50.69 -92.42
CA ALA QD 50 32.18 51.36 -93.70
C ALA QD 50 33.40 52.28 -93.79
N GLY QD 51 33.88 52.46 -95.02
CA GLY QD 51 35.03 53.30 -95.25
C GLY QD 51 34.76 54.32 -96.32
N MET QD 52 35.80 54.91 -96.89
CA MET QD 52 35.60 55.98 -97.85
C MET QD 52 34.95 55.46 -99.12
N HIS QD 53 34.16 56.34 -99.76
CA HIS QD 53 33.56 56.13 -101.08
C HIS QD 53 32.46 55.07 -101.08
N ASP QD 54 32.09 54.53 -99.93
CA ASP QD 54 31.11 53.46 -99.87
C ASP QD 54 29.71 54.05 -99.72
N ILE QD 55 28.76 53.49 -100.45
CA ILE QD 55 27.37 53.91 -100.34
C ILE QD 55 26.72 53.18 -99.18
N VAL QD 56 26.25 53.92 -98.18
CA VAL QD 56 25.76 53.33 -96.95
C VAL QD 56 24.31 53.75 -96.72
N LEU QD 57 23.74 53.29 -95.61
CA LEU QD 57 22.33 53.50 -95.29
C LEU QD 57 22.28 54.09 -93.88
N ALA QD 58 22.27 55.41 -93.79
CA ALA QD 58 22.39 56.10 -92.51
C ALA QD 58 21.03 56.25 -91.88
N GLU QD 59 20.92 55.87 -90.61
CA GLU QD 59 19.68 55.90 -89.88
C GLU QD 59 19.65 57.07 -88.91
N GLU QD 60 18.45 57.54 -88.61
CA GLU QD 60 18.26 58.70 -87.75
C GLU QD 60 18.32 58.29 -86.29
N TYR QD 61 17.81 59.15 -85.42
CA TYR QD 61 18.20 59.26 -84.01
C TYR QD 61 18.53 57.95 -83.32
N PHE QD 62 17.57 57.05 -83.16
CA PHE QD 62 17.71 55.97 -82.20
C PHE QD 62 18.27 54.72 -82.87
N ALA QD 63 19.53 54.41 -82.56
CA ALA QD 63 20.13 53.13 -82.94
C ALA QD 63 21.02 52.55 -81.85
N LEU QD 64 20.85 53.01 -80.61
CA LEU QD 64 21.58 52.50 -79.44
C LEU QD 64 23.09 52.65 -79.64
N ASN QD 65 23.53 53.91 -79.74
CA ASN QD 65 24.95 54.20 -79.97
C ASN QD 65 25.41 55.42 -79.19
N TYR QD 69 20.52 56.28 -75.54
CA TYR QD 69 21.47 56.39 -76.64
C TYR QD 69 20.76 56.68 -77.95
N LYS QD 70 21.06 57.83 -78.55
CA LYS QD 70 20.35 58.25 -79.75
C LYS QD 70 21.26 58.83 -80.82
N ALA QD 71 22.46 58.29 -81.00
CA ALA QD 71 23.35 58.82 -82.02
C ALA QD 71 22.96 58.32 -83.40
N MET QD 72 23.19 59.16 -84.40
CA MET QD 72 22.89 58.84 -85.80
C MET QD 72 23.98 57.92 -86.30
N SER QD 73 23.63 56.70 -86.66
CA SER QD 73 24.61 55.70 -87.04
C SER QD 73 24.33 55.14 -88.43
N VAL QD 74 25.32 54.43 -88.94
CA VAL QD 74 25.21 53.70 -90.20
C VAL QD 74 24.83 52.26 -89.89
N VAL QD 75 23.84 51.75 -90.60
CA VAL QD 75 23.25 50.45 -90.26
C VAL QD 75 23.32 49.45 -91.39
N ALA QD 76 23.83 49.82 -92.56
CA ALA QD 76 23.87 48.89 -93.68
C ALA QD 76 24.79 49.42 -94.75
N ILE QD 77 25.52 48.53 -95.40
CA ILE QD 77 26.32 48.84 -96.57
C ILE QD 77 25.59 48.29 -97.79
N VAL QD 78 25.37 49.15 -98.78
CA VAL QD 78 24.44 48.86 -99.86
C VAL QD 78 25.19 48.26 -101.04
N GLU QD 79 24.69 47.12 -101.52
CA GLU QD 79 25.24 46.45 -102.69
C GLU QD 79 24.66 46.99 -103.99
N LYS QD 80 23.33 46.92 -104.14
CA LYS QD 80 22.64 47.31 -105.35
C LYS QD 80 21.48 48.23 -105.02
N VAL QD 81 21.30 49.26 -105.84
CA VAL QD 81 20.17 50.16 -105.74
C VAL QD 81 19.43 50.08 -107.07
N PHE QD 82 18.42 49.23 -107.13
CA PHE QD 82 17.59 49.12 -108.32
C PHE QD 82 16.51 50.19 -108.26
N ARG QD 83 16.45 51.03 -109.30
CA ARG QD 83 15.58 52.20 -109.26
C ARG QD 83 15.07 52.49 -110.67
N ASP QD 84 13.77 52.34 -110.87
CA ASP QD 84 13.15 52.75 -112.13
C ASP QD 84 11.63 52.87 -111.96
N GLU RD 3 81.36 48.40 -70.14
CA GLU RD 3 80.13 48.94 -69.59
C GLU RD 3 79.24 47.83 -69.07
N ALA RD 4 78.32 48.17 -68.17
CA ALA RD 4 77.46 47.17 -67.59
C ALA RD 4 76.42 46.70 -68.60
N LEU RD 5 75.51 45.84 -68.15
CA LEU RD 5 74.53 45.24 -69.02
C LEU RD 5 73.24 45.01 -68.25
N GLY RD 6 72.13 45.42 -68.82
CA GLY RD 6 70.84 45.29 -68.15
C GLY RD 6 69.86 44.54 -69.01
N LEU RD 7 69.03 43.71 -68.37
CA LEU RD 7 68.15 42.78 -69.06
C LEU RD 7 66.78 42.75 -68.40
N ILE RD 8 65.74 42.82 -69.22
CA ILE RD 8 64.37 42.60 -68.77
C ILE RD 8 63.72 41.60 -69.71
N GLU RD 9 62.93 40.70 -69.15
CA GLU RD 9 62.22 39.69 -69.93
C GLU RD 9 60.74 39.76 -69.60
N THR RD 10 59.90 39.80 -70.63
CA THR RD 10 58.47 39.93 -70.45
C THR RD 10 57.75 38.94 -71.35
N LYS RD 11 56.47 38.73 -71.04
CA LYS RD 11 55.58 37.95 -71.88
C LYS RD 11 54.84 38.90 -72.81
N GLY RD 12 55.04 38.75 -74.10
CA GLY RD 12 54.39 39.63 -75.05
C GLY RD 12 55.31 40.76 -75.50
N LEU RD 13 55.03 41.27 -76.70
CA LEU RD 13 55.89 42.31 -77.24
C LEU RD 13 55.51 43.69 -76.73
N VAL RD 14 54.23 43.92 -76.45
CA VAL RD 14 53.80 45.25 -76.02
C VAL RD 14 54.45 45.61 -74.70
N ALA RD 15 54.41 44.70 -73.73
CA ALA RD 15 54.98 44.98 -72.43
C ALA RD 15 56.47 45.25 -72.51
N CYS RD 16 57.13 44.72 -73.53
CA CYS RD 16 58.58 44.92 -73.66
C CYS RD 16 58.91 46.27 -74.28
N ILE RD 17 58.10 46.73 -75.23
CA ILE RD 17 58.37 48.03 -75.84
C ILE RD 17 58.11 49.14 -74.83
N GLU RD 18 57.11 48.97 -73.97
CA GLU RD 18 56.91 49.91 -72.87
C GLU RD 18 58.12 49.92 -71.95
N ALA RD 19 58.62 48.74 -71.59
CA ALA RD 19 59.78 48.65 -70.71
C ALA RD 19 61.02 49.27 -71.34
N ALA RD 20 61.24 49.01 -72.63
CA ALA RD 20 62.44 49.53 -73.27
C ALA RD 20 62.35 51.03 -73.49
N ASP RD 21 61.15 51.59 -73.49
CA ASP RD 21 61.02 53.03 -73.61
C ASP RD 21 61.26 53.71 -72.26
N ALA RD 22 60.72 53.13 -71.18
CA ALA RD 22 60.97 53.67 -69.86
C ALA RD 22 62.46 53.62 -69.52
N MET RD 23 63.14 52.52 -69.88
CA MET RD 23 64.56 52.41 -69.62
C MET RD 23 65.34 53.53 -70.31
N CYS RD 24 65.03 53.80 -71.57
CA CYS RD 24 65.81 54.76 -72.33
C CYS RD 24 65.58 56.18 -71.85
N LYS RD 25 64.41 56.47 -71.29
CA LYS RD 25 64.12 57.82 -70.80
C LYS RD 25 64.69 58.05 -69.42
N ALA RD 26 64.73 57.02 -68.57
CA ALA RD 26 65.01 57.19 -67.15
C ALA RD 26 66.48 57.37 -66.83
N ALA RD 27 67.39 57.12 -67.77
CA ALA RD 27 68.81 57.25 -67.48
C ALA RD 27 69.58 57.23 -68.79
N ASN RD 28 70.87 57.50 -68.69
CA ASN RD 28 71.73 57.58 -69.87
C ASN RD 28 72.24 56.17 -70.23
N VAL RD 29 71.36 55.40 -70.86
CA VAL RD 29 71.69 54.06 -71.32
C VAL RD 29 71.31 53.95 -72.78
N GLU RD 30 71.96 53.04 -73.49
CA GLU RD 30 71.73 52.83 -74.91
C GLU RD 30 71.12 51.46 -75.14
N LEU RD 31 70.17 51.38 -76.07
CA LEU RD 31 69.44 50.16 -76.32
C LEU RD 31 70.22 49.29 -77.31
N ILE RD 32 70.49 48.04 -76.91
CA ILE RD 32 71.24 47.14 -77.78
C ILE RD 32 70.31 46.49 -78.80
N GLY RD 33 69.24 45.86 -78.35
CA GLY RD 33 68.29 45.27 -79.26
C GLY RD 33 67.32 44.37 -78.52
N TYR RD 34 66.40 43.82 -79.29
CA TYR RD 34 65.44 42.83 -78.80
C TYR RD 34 65.86 41.44 -79.23
N GLU RD 35 65.33 40.44 -78.52
CA GLU RD 35 65.61 39.05 -78.87
C GLU RD 35 64.53 38.19 -78.23
N ASN RD 36 63.62 37.66 -79.05
CA ASN RD 36 62.58 36.79 -78.55
C ASN RD 36 62.95 35.34 -78.83
N VAL RD 37 62.81 34.49 -77.81
CA VAL RD 37 63.21 33.09 -77.89
C VAL RD 37 61.95 32.26 -77.68
N GLY RD 38 61.26 31.96 -78.77
CA GLY RD 38 60.14 31.04 -78.66
C GLY RD 38 58.97 31.64 -77.91
N SER RD 39 58.45 30.87 -76.97
CA SER RD 39 57.07 31.04 -76.53
C SER RD 39 56.84 32.35 -75.80
N GLY RD 40 56.36 33.35 -76.54
CA GLY RD 40 55.97 34.64 -76.03
C GLY RD 40 56.90 35.24 -74.99
N LEU RD 41 58.20 35.25 -75.26
CA LEU RD 41 59.19 35.79 -74.35
C LEU RD 41 60.11 36.71 -75.14
N VAL RD 42 60.03 38.01 -74.87
CA VAL RD 42 60.88 39.00 -75.52
C VAL RD 42 61.78 39.60 -74.46
N THR RD 43 63.01 39.94 -74.86
CA THR RD 43 64.01 40.45 -73.94
C THR RD 43 64.67 41.67 -74.56
N ALA RD 44 64.76 42.75 -73.78
CA ALA RD 44 65.45 43.97 -74.19
C ALA RD 44 66.74 44.10 -73.40
N MET RD 45 67.79 44.59 -74.06
CA MET RD 45 69.11 44.70 -73.47
C MET RD 45 69.61 46.13 -73.61
N VAL RD 46 70.06 46.71 -72.50
CA VAL RD 46 70.62 48.05 -72.47
C VAL RD 46 72.02 47.97 -71.88
N LYS RD 47 72.84 48.98 -72.20
CA LYS RD 47 74.19 49.03 -71.68
C LYS RD 47 74.57 50.47 -71.33
N GLY RD 48 75.42 50.59 -70.32
CA GLY RD 48 75.83 51.89 -69.83
C GLY RD 48 76.61 51.71 -68.54
N ASP RD 49 76.84 52.83 -67.85
CA ASP RD 49 77.54 52.77 -66.58
C ASP RD 49 76.72 52.00 -65.55
N VAL RD 50 77.38 51.58 -64.48
CA VAL RD 50 76.73 50.69 -63.52
C VAL RD 50 75.65 51.41 -62.74
N GLY RD 51 75.89 52.67 -62.39
CA GLY RD 51 74.87 53.42 -61.68
C GLY RD 51 73.70 53.80 -62.57
N ALA RD 52 73.98 54.11 -63.83
CA ALA RD 52 72.91 54.41 -64.78
C ALA RD 52 72.09 53.16 -65.08
N VAL RD 53 72.76 52.07 -65.44
CA VAL RD 53 72.05 50.85 -65.82
C VAL RD 53 71.20 50.34 -64.68
N ASN RD 54 71.70 50.45 -63.46
CA ASN RD 54 70.92 50.02 -62.31
C ASN RD 54 69.67 50.86 -62.16
N ALA RD 55 69.76 52.15 -62.52
CA ALA RD 55 68.62 53.05 -62.40
C ALA RD 55 67.63 52.86 -63.54
N ALA RD 56 68.10 52.36 -64.68
CA ALA RD 56 67.21 52.15 -65.81
C ALA RD 56 66.39 50.88 -65.64
N VAL RD 57 66.99 49.85 -65.03
CA VAL RD 57 66.31 48.57 -64.98
C VAL RD 57 65.16 48.58 -63.98
N ASP RD 58 65.33 49.27 -62.85
CA ASP RD 58 64.24 49.27 -61.88
C ASP RD 58 63.09 50.18 -62.32
N SER RD 59 63.35 51.14 -63.20
CA SER RD 59 62.27 51.93 -63.76
C SER RD 59 61.56 51.16 -64.87
N GLY RD 60 62.32 50.48 -65.72
CA GLY RD 60 61.71 49.69 -66.78
C GLY RD 60 60.91 48.52 -66.27
N VAL RD 61 61.35 47.89 -65.19
CA VAL RD 61 60.56 46.82 -64.59
C VAL RD 61 59.26 47.37 -64.05
N GLU RD 62 59.30 48.59 -63.55
CA GLU RD 62 58.13 49.19 -62.92
C GLU RD 62 57.06 49.53 -63.93
N ALA RD 63 57.47 49.91 -65.15
CA ALA RD 63 56.52 50.26 -66.20
C ALA RD 63 55.89 49.02 -66.82
N ALA RD 64 56.70 48.04 -67.20
CA ALA RD 64 56.18 46.84 -67.83
C ALA RD 64 55.33 46.03 -66.87
N LYS RD 65 55.65 46.07 -65.58
CA LYS RD 65 54.83 45.39 -64.58
C LYS RD 65 53.43 45.96 -64.52
N ARG RD 66 53.24 47.17 -65.04
CA ARG RD 66 51.94 47.83 -64.97
C ARG RD 66 50.93 47.20 -65.92
N ILE RD 67 51.37 46.84 -67.12
CA ILE RD 67 50.47 46.37 -68.16
C ILE RD 67 50.72 44.94 -68.58
N GLY RD 68 51.80 44.32 -68.12
CA GLY RD 68 52.08 42.94 -68.51
C GLY RD 68 52.79 42.17 -67.43
N LYS RD 69 53.43 41.08 -67.80
CA LYS RD 69 54.16 40.24 -66.87
C LYS RD 69 55.65 40.44 -67.11
N VAL RD 70 56.36 40.86 -66.08
CA VAL RD 70 57.82 40.90 -66.10
C VAL RD 70 58.32 39.58 -65.54
N VAL RD 71 59.03 38.82 -66.35
CA VAL RD 71 59.44 37.48 -65.94
C VAL RD 71 60.73 37.55 -65.12
N SER RD 72 61.71 38.31 -65.59
CA SER RD 72 62.99 38.39 -64.89
C SER RD 72 63.70 39.66 -65.26
N SER RD 73 64.58 40.12 -64.37
CA SER RD 73 65.44 41.25 -64.62
C SER RD 73 66.79 41.00 -63.97
N ARG RD 74 67.83 41.62 -64.51
CA ARG RD 74 69.17 41.32 -64.05
C ARG RD 74 70.14 42.38 -64.58
N VAL RD 75 71.07 42.79 -63.73
CA VAL RD 75 72.14 43.69 -64.11
C VAL RD 75 73.46 42.96 -63.94
N ILE RD 76 74.31 43.02 -64.95
CA ILE RD 76 75.64 42.43 -64.91
C ILE RD 76 76.65 43.56 -64.88
N ALA RD 77 77.38 43.67 -63.77
CA ALA RD 77 78.20 44.85 -63.54
C ALA RD 77 79.42 44.88 -64.44
N ARG RD 78 80.00 43.72 -64.74
CA ARG RD 78 81.10 43.63 -65.70
C ARG RD 78 80.91 42.35 -66.51
N PRO RD 79 80.33 42.45 -67.70
CA PRO RD 79 80.16 41.26 -68.53
C PRO RD 79 81.51 40.80 -69.05
N HIS RD 80 81.67 39.49 -69.10
CA HIS RD 80 82.92 38.92 -69.59
C HIS RD 80 83.08 39.21 -71.07
N ASN RD 81 84.34 39.39 -71.49
CA ASN RD 81 84.62 39.82 -72.86
C ASN RD 81 84.05 38.84 -73.87
N ASP RD 82 84.07 37.54 -73.56
CA ASP RD 82 83.54 36.54 -74.47
C ASP RD 82 82.06 36.78 -74.76
N ILE RD 83 81.31 37.20 -73.76
CA ILE RD 83 79.89 37.41 -73.90
C ILE RD 83 79.63 38.75 -74.59
N GLU SD 3 56.59 60.81 -84.63
CA GLU SD 3 55.14 60.68 -84.53
C GLU SD 3 54.80 59.60 -83.51
N ALA SD 4 53.55 59.61 -83.03
CA ALA SD 4 53.16 58.71 -81.98
C ALA SD 4 53.18 57.26 -82.48
N LEU SD 5 52.83 56.34 -81.59
CA LEU SD 5 52.93 54.93 -81.89
C LEU SD 5 51.91 54.16 -81.07
N GLY SD 6 51.12 53.34 -81.73
CA GLY SD 6 50.08 52.57 -81.05
C GLY SD 6 50.24 51.09 -81.29
N LEU SD 7 49.89 50.31 -80.28
CA LEU SD 7 50.05 48.86 -80.32
C LEU SD 7 48.81 48.18 -79.79
N ILE SD 8 48.38 47.13 -80.47
CA ILE SD 8 47.37 46.22 -79.97
C ILE SD 8 47.91 44.81 -80.07
N GLU SD 9 47.72 44.02 -79.02
CA GLU SD 9 48.19 42.64 -78.99
C GLU SD 9 47.01 41.71 -78.80
N THR SD 10 46.86 40.75 -79.71
CA THR SD 10 45.72 39.86 -79.74
C THR SD 10 46.18 38.42 -79.83
N LYS SD 11 45.33 37.53 -79.34
CA LYS SD 11 45.57 36.09 -79.43
C LYS SD 11 44.96 35.58 -80.72
N GLY SD 12 45.80 35.22 -81.67
CA GLY SD 12 45.33 34.77 -82.95
C GLY SD 12 45.42 35.84 -84.02
N LEU SD 13 45.57 35.43 -85.27
CA LEU SD 13 45.77 36.38 -86.35
C LEU SD 13 44.46 37.01 -86.81
N VAL SD 14 43.36 36.27 -86.76
CA VAL SD 14 42.09 36.81 -87.24
C VAL SD 14 41.69 38.03 -86.44
N ALA SD 15 41.77 37.95 -85.11
CA ALA SD 15 41.41 39.10 -84.29
C ALA SD 15 42.33 40.28 -84.55
N CYS SD 16 43.54 40.03 -85.04
CA CYS SD 16 44.46 41.13 -85.31
C CYS SD 16 44.15 41.82 -86.63
N ILE SD 17 43.58 41.12 -87.60
CA ILE SD 17 43.22 41.78 -88.84
C ILE SD 17 41.93 42.57 -88.69
N GLU SD 18 41.00 42.10 -87.85
CA GLU SD 18 39.85 42.92 -87.52
C GLU SD 18 40.26 44.18 -86.77
N ALA SD 19 41.21 44.06 -85.84
CA ALA SD 19 41.69 45.23 -85.13
C ALA SD 19 42.38 46.21 -86.06
N ALA SD 20 43.22 45.72 -86.96
CA ALA SD 20 43.94 46.62 -87.85
C ALA SD 20 43.02 47.25 -88.88
N ASP SD 21 41.91 46.60 -89.21
CA ASP SD 21 40.97 47.20 -90.14
C ASP SD 21 40.20 48.34 -89.50
N ALA SD 22 39.80 48.17 -88.24
CA ALA SD 22 39.13 49.24 -87.53
C ALA SD 22 40.07 50.42 -87.30
N MET SD 23 41.33 50.13 -86.98
CA MET SD 23 42.30 51.19 -86.74
C MET SD 23 42.51 52.05 -87.99
N CYS SD 24 42.63 51.41 -89.14
CA CYS SD 24 42.96 52.14 -90.36
C CYS SD 24 41.77 52.92 -90.91
N LYS SD 25 40.55 52.54 -90.55
CA LYS SD 25 39.37 53.29 -90.97
C LYS SD 25 39.02 54.43 -90.03
N ALA SD 26 39.49 54.36 -88.78
CA ALA SD 26 39.07 55.31 -87.75
C ALA SD 26 39.76 56.65 -87.86
N ALA SD 27 40.97 56.69 -88.42
CA ALA SD 27 41.70 57.95 -88.51
C ALA SD 27 42.77 57.81 -89.58
N ASN SD 28 43.59 58.85 -89.71
CA ASN SD 28 44.59 58.91 -90.77
C ASN SD 28 45.93 58.48 -90.21
N VAL SD 29 46.09 57.17 -90.05
CA VAL SD 29 47.30 56.56 -89.57
C VAL SD 29 47.79 55.58 -90.61
N GLU SD 30 49.11 55.42 -90.69
CA GLU SD 30 49.72 54.45 -91.58
C GLU SD 30 50.09 53.20 -90.78
N LEU SD 31 49.75 52.05 -91.31
CA LEU SD 31 49.97 50.78 -90.65
C LEU SD 31 51.35 50.26 -90.97
N ILE SD 32 52.13 49.94 -89.93
CA ILE SD 32 53.51 49.54 -90.12
C ILE SD 32 53.63 48.06 -90.45
N GLY SD 33 53.06 47.20 -89.63
CA GLY SD 33 53.07 45.78 -89.94
C GLY SD 33 52.88 44.94 -88.70
N TYR SD 34 52.70 43.65 -88.93
CA TYR SD 34 52.47 42.69 -87.86
C TYR SD 34 53.78 42.14 -87.35
N GLU SD 35 53.71 41.50 -86.18
CA GLU SD 35 54.88 40.87 -85.58
C GLU SD 35 54.38 39.86 -84.55
N ASN SD 36 54.55 38.58 -84.82
CA ASN SD 36 54.14 37.55 -83.89
C ASN SD 36 55.37 36.98 -83.18
N VAL SD 37 55.24 36.81 -81.86
CA VAL SD 37 56.34 36.41 -81.01
C VAL SD 37 56.16 34.99 -80.49
N GLY SD 38 55.18 34.25 -81.01
CA GLY SD 38 54.93 32.91 -80.55
C GLY SD 38 53.89 32.86 -79.44
N SER SD 39 53.41 31.65 -79.19
CA SER SD 39 52.34 31.37 -78.24
C SER SD 39 51.01 31.96 -78.69
N GLY SD 40 50.87 32.27 -79.97
CA GLY SD 40 49.64 32.79 -80.51
C GLY SD 40 49.45 34.28 -80.39
N LEU SD 41 50.45 35.01 -79.94
CA LEU SD 41 50.35 36.44 -79.73
C LEU SD 41 50.78 37.17 -81.00
N VAL SD 42 49.89 37.96 -81.57
CA VAL SD 42 50.18 38.78 -82.74
C VAL SD 42 49.93 40.23 -82.39
N THR SD 43 50.77 41.13 -82.92
CA THR SD 43 50.74 42.54 -82.56
C THR SD 43 50.71 43.37 -83.82
N ALA SD 44 49.82 44.36 -83.85
CA ALA SD 44 49.73 45.33 -84.93
C ALA SD 44 50.23 46.68 -84.45
N MET SD 45 50.92 47.40 -85.32
CA MET SD 45 51.57 48.67 -84.95
C MET SD 45 51.21 49.72 -85.98
N VAL SD 46 50.68 50.84 -85.51
CA VAL SD 46 50.36 51.99 -86.36
C VAL SD 46 51.17 53.18 -85.89
N LYS SD 47 51.21 54.21 -86.72
CA LYS SD 47 51.93 55.42 -86.35
C LYS SD 47 51.33 56.62 -87.07
N GLY SD 48 51.26 57.74 -86.35
CA GLY SD 48 50.69 58.96 -86.87
C GLY SD 48 50.67 60.00 -85.77
N ASP SD 49 49.92 61.07 -86.01
CA ASP SD 49 49.77 62.09 -84.98
C ASP SD 49 49.06 61.51 -83.77
N VAL SD 50 49.27 62.15 -82.61
CA VAL SD 50 48.84 61.56 -81.35
C VAL SD 50 47.33 61.68 -81.14
N GLY SD 51 46.67 62.62 -81.81
CA GLY SD 51 45.21 62.63 -81.77
C GLY SD 51 44.60 61.56 -82.63
N ALA SD 52 45.26 61.23 -83.75
CA ALA SD 52 44.76 60.17 -84.62
C ALA SD 52 45.07 58.80 -84.04
N VAL SD 53 46.28 58.61 -83.52
CA VAL SD 53 46.66 57.31 -82.99
C VAL SD 53 45.84 56.97 -81.77
N ASN SD 54 45.51 57.97 -80.96
CA ASN SD 54 44.67 57.71 -79.79
C ASN SD 54 43.28 57.26 -80.20
N ALA SD 55 42.74 57.86 -81.27
CA ALA SD 55 41.41 57.48 -81.73
C ALA SD 55 41.41 56.12 -82.38
N ALA SD 56 42.48 55.78 -83.10
CA ALA SD 56 42.55 54.50 -83.79
C ALA SD 56 42.65 53.35 -82.80
N VAL SD 57 43.51 53.48 -81.79
CA VAL SD 57 43.72 52.37 -80.87
C VAL SD 57 42.47 52.09 -80.06
N ASP SD 58 41.71 53.13 -79.71
CA ASP SD 58 40.48 52.91 -78.96
C ASP SD 58 39.44 52.17 -79.79
N SER SD 59 39.34 52.48 -81.08
CA SER SD 59 38.39 51.81 -81.93
C SER SD 59 38.85 50.39 -82.24
N GLY SD 60 40.14 50.21 -82.53
CA GLY SD 60 40.65 48.89 -82.81
C GLY SD 60 40.49 47.94 -81.64
N VAL SD 61 40.58 48.45 -80.41
CA VAL SD 61 40.45 47.58 -79.26
C VAL SD 61 39.02 47.08 -79.12
N GLU SD 62 38.05 47.96 -79.38
CA GLU SD 62 36.65 47.56 -79.21
C GLU SD 62 36.21 46.58 -80.29
N ALA SD 63 36.72 46.73 -81.52
CA ALA SD 63 36.34 45.82 -82.58
C ALA SD 63 36.94 44.44 -82.40
N ALA SD 64 38.23 44.38 -82.06
CA ALA SD 64 38.85 43.08 -81.84
C ALA SD 64 38.32 42.41 -80.59
N LYS SD 65 37.96 43.19 -79.58
CA LYS SD 65 37.36 42.62 -78.38
C LYS SD 65 36.08 41.87 -78.68
N ARG SD 66 35.39 42.27 -79.74
CA ARG SD 66 34.09 41.70 -80.06
C ARG SD 66 34.20 40.26 -80.55
N ILE SD 67 35.27 39.93 -81.26
CA ILE SD 67 35.40 38.65 -81.95
C ILE SD 67 36.59 37.83 -81.48
N GLY SD 68 37.36 38.32 -80.53
CA GLY SD 68 38.50 37.60 -80.05
C GLY SD 68 38.93 38.11 -78.70
N LYS SD 69 40.16 37.78 -78.33
CA LYS SD 69 40.73 38.22 -77.08
C LYS SD 69 41.79 39.28 -77.35
N VAL SD 70 41.63 40.44 -76.75
CA VAL SD 70 42.63 41.49 -76.79
C VAL SD 70 43.47 41.37 -75.53
N VAL SD 71 44.77 41.18 -75.69
CA VAL SD 71 45.65 40.96 -74.55
C VAL SD 71 46.12 42.28 -73.96
N SER SD 72 46.47 43.24 -74.80
CA SER SD 72 47.10 44.47 -74.33
C SER SD 72 47.01 45.52 -75.42
N SER SD 73 47.00 46.78 -75.00
CA SER SD 73 47.02 47.91 -75.91
C SER SD 73 47.80 49.04 -75.27
N ARG SD 74 48.30 49.95 -76.10
CA ARG SD 74 49.18 50.98 -75.58
C ARG SD 74 49.42 52.04 -76.65
N VAL SD 75 49.43 53.30 -76.22
CA VAL SD 75 49.83 54.42 -77.06
C VAL SD 75 51.09 55.03 -76.46
N ILE SD 76 52.07 55.30 -77.31
CA ILE SD 76 53.32 55.93 -76.91
C ILE SD 76 53.38 57.27 -77.61
N ALA SD 77 53.20 58.36 -76.86
CA ALA SD 77 53.02 59.67 -77.47
C ALA SD 77 54.31 60.19 -78.06
N ARG SD 78 55.39 60.23 -77.28
CA ARG SD 78 56.70 60.62 -77.79
C ARG SD 78 57.65 59.44 -77.66
N PRO SD 79 57.79 58.62 -78.69
CA PRO SD 79 58.70 57.48 -78.61
C PRO SD 79 60.15 57.93 -78.74
N HIS SD 80 61.02 57.26 -78.00
CA HIS SD 80 62.43 57.60 -78.03
C HIS SD 80 63.03 57.23 -79.38
N ASN SD 81 64.09 57.95 -79.75
CA ASN SD 81 64.70 57.74 -81.06
C ASN SD 81 65.42 56.40 -81.15
N ASP SD 82 65.90 55.88 -80.02
CA ASP SD 82 66.46 54.53 -80.00
C ASP SD 82 65.41 53.49 -80.33
N ILE SD 83 64.15 53.76 -80.00
CA ILE SD 83 63.07 52.85 -80.28
C ILE SD 83 62.60 52.99 -81.72
N GLU TD 3 46.19 76.97 -76.87
CA GLU TD 3 46.36 75.52 -76.77
C GLU TD 3 45.85 75.02 -75.44
N ALA TD 4 45.75 73.70 -75.31
CA ALA TD 4 45.12 73.11 -74.14
C ALA TD 4 45.94 73.38 -72.89
N LEU TD 5 45.38 73.00 -71.75
CA LEU TD 5 45.98 73.31 -70.46
C LEU TD 5 45.76 72.13 -69.52
N GLY TD 6 46.83 71.64 -68.91
CA GLY TD 6 46.72 70.52 -68.02
C GLY TD 6 47.27 70.80 -66.64
N LEU TD 7 46.52 70.41 -65.60
CA LEU TD 7 46.86 70.74 -64.23
C LEU TD 7 46.90 69.47 -63.37
N ILE TD 8 47.88 69.39 -62.50
CA ILE TD 8 47.95 68.37 -61.47
C ILE TD 8 48.21 69.06 -60.15
N GLU TD 9 47.55 68.60 -59.10
CA GLU TD 9 47.69 69.19 -57.77
C GLU TD 9 48.02 68.11 -56.76
N THR TD 10 49.08 68.31 -56.00
CA THR TD 10 49.60 67.32 -55.06
C THR TD 10 49.84 67.96 -53.71
N LYS TD 11 50.00 67.11 -52.71
CA LYS TD 11 50.46 67.55 -51.40
C LYS TD 11 51.97 67.42 -51.33
N GLY TD 12 52.66 68.53 -51.15
CA GLY TD 12 54.10 68.44 -51.06
C GLY TD 12 54.77 68.68 -52.40
N LEU TD 13 56.03 69.10 -52.33
CA LEU TD 13 56.76 69.46 -53.54
C LEU TD 13 57.39 68.26 -54.23
N VAL TD 14 57.70 67.20 -53.48
CA VAL TD 14 58.38 66.07 -54.10
C VAL TD 14 57.44 65.35 -55.06
N ALA TD 15 56.20 65.12 -54.64
CA ALA TD 15 55.24 64.48 -55.54
C ALA TD 15 54.95 65.34 -56.77
N CYS TD 16 55.20 66.64 -56.69
CA CYS TD 16 54.94 67.51 -57.83
C CYS TD 16 56.10 67.55 -58.80
N ILE TD 17 57.34 67.36 -58.32
CA ILE TD 17 58.46 67.29 -59.25
C ILE TD 17 58.46 65.97 -59.99
N GLU TD 18 57.99 64.91 -59.36
CA GLU TD 18 57.87 63.64 -60.07
C GLU TD 18 56.75 63.70 -61.09
N ALA TD 19 55.64 64.37 -60.76
CA ALA TD 19 54.58 64.55 -61.74
C ALA TD 19 55.05 65.42 -62.90
N ALA TD 20 55.79 66.48 -62.62
CA ALA TD 20 56.23 67.37 -63.69
C ALA TD 20 57.30 66.70 -64.56
N ASP TD 21 58.09 65.80 -63.98
CA ASP TD 21 59.10 65.11 -64.77
C ASP TD 21 58.45 64.08 -65.69
N ALA TD 22 57.50 63.31 -65.17
CA ALA TD 22 56.82 62.32 -65.99
C ALA TD 22 56.02 62.98 -67.10
N MET TD 23 55.37 64.11 -66.81
CA MET TD 23 54.58 64.79 -67.82
C MET TD 23 55.46 65.26 -68.97
N CYS TD 24 56.61 65.83 -68.68
CA CYS TD 24 57.44 66.37 -69.74
C CYS TD 24 58.15 65.30 -70.55
N LYS TD 25 58.24 64.08 -70.03
CA LYS TD 25 58.87 63.00 -70.78
C LYS TD 25 57.89 62.33 -71.71
N ALA TD 26 56.62 62.23 -71.30
CA ALA TD 26 55.65 61.35 -71.94
C ALA TD 26 54.85 62.02 -73.04
N ALA TD 27 55.18 63.25 -73.42
CA ALA TD 27 54.46 63.93 -74.50
C ALA TD 27 55.20 65.21 -74.83
N ASN TD 28 54.82 65.81 -75.96
CA ASN TD 28 55.44 67.06 -76.40
C ASN TD 28 54.65 68.22 -75.83
N VAL TD 29 54.95 68.56 -74.58
CA VAL TD 29 54.28 69.63 -73.86
C VAL TD 29 55.33 70.59 -73.33
N GLU TD 30 54.87 71.77 -72.95
CA GLU TD 30 55.71 72.82 -72.37
C GLU TD 30 55.30 73.04 -70.93
N LEU TD 31 56.27 73.01 -70.02
CA LEU TD 31 55.99 73.27 -68.62
C LEU TD 31 55.96 74.76 -68.36
N ILE TD 32 54.86 75.24 -67.78
CA ILE TD 32 54.70 76.65 -67.48
C ILE TD 32 55.31 77.01 -66.14
N GLY TD 33 54.99 76.25 -65.10
CA GLY TD 33 55.61 76.47 -63.81
C GLY TD 33 54.76 75.91 -62.69
N TYR TD 34 55.28 76.05 -61.49
CA TYR TD 34 54.61 75.65 -60.26
C TYR TD 34 53.93 76.85 -59.63
N GLU TD 35 52.94 76.57 -58.80
CA GLU TD 35 52.21 77.63 -58.10
C GLU TD 35 51.57 77.02 -56.86
N ASN TD 36 52.16 77.28 -55.70
CA ASN TD 36 51.64 76.75 -54.45
C ASN TD 36 50.80 77.79 -53.74
N VAL TD 37 49.85 77.32 -52.93
CA VAL TD 37 48.90 78.18 -52.26
C VAL TD 37 48.87 77.89 -50.76
N GLY TD 38 49.96 77.39 -50.21
CA GLY TD 38 50.00 77.04 -48.80
C GLY TD 38 49.21 75.78 -48.52
N SER TD 39 49.31 75.32 -47.28
CA SER TD 39 48.80 74.03 -46.82
C SER TD 39 49.47 72.86 -47.52
N GLY TD 40 50.60 73.10 -48.19
CA GLY TD 40 51.32 72.04 -48.86
C GLY TD 40 50.79 71.68 -50.22
N LEU TD 41 49.77 72.38 -50.71
CA LEU TD 41 49.24 72.11 -52.05
C LEU TD 41 50.12 72.81 -53.07
N VAL TD 42 50.67 72.04 -54.00
CA VAL TD 42 51.47 72.58 -55.10
C VAL TD 42 50.84 72.09 -56.40
N THR TD 43 50.88 72.93 -57.43
CA THR TD 43 50.22 72.66 -58.68
C THR TD 43 51.18 72.85 -59.84
N ALA TD 44 51.17 71.90 -60.78
CA ALA TD 44 51.97 71.98 -62.00
C ALA TD 44 51.06 72.29 -63.18
N MET TD 45 51.55 73.11 -64.11
CA MET TD 45 50.78 73.50 -65.28
C MET TD 45 51.57 73.23 -66.54
N VAL TD 46 51.04 72.38 -67.40
CA VAL TD 46 51.64 72.12 -68.71
C VAL TD 46 50.74 72.70 -69.78
N LYS TD 47 51.30 72.84 -70.98
CA LYS TD 47 50.58 73.50 -72.06
C LYS TD 47 51.01 72.92 -73.40
N GLY TD 48 50.05 72.54 -74.22
CA GLY TD 48 50.35 71.99 -75.52
C GLY TD 48 49.07 71.65 -76.26
N ASP TD 49 49.22 70.88 -77.34
CA ASP TD 49 48.05 70.43 -78.08
C ASP TD 49 47.20 69.51 -77.21
N VAL TD 50 45.92 69.39 -77.59
CA VAL TD 50 44.96 68.70 -76.74
C VAL TD 50 45.33 67.24 -76.57
N GLY TD 51 45.75 66.59 -77.65
CA GLY TD 51 46.07 65.18 -77.56
C GLY TD 51 47.31 64.91 -76.74
N ALA TD 52 48.33 65.76 -76.91
CA ALA TD 52 49.55 65.62 -76.11
C ALA TD 52 49.26 65.89 -74.65
N VAL TD 53 48.62 67.03 -74.36
CA VAL TD 53 48.34 67.41 -72.98
C VAL TD 53 47.49 66.35 -72.29
N ASN TD 54 46.52 65.80 -73.01
CA ASN TD 54 45.73 64.71 -72.43
C ASN TD 54 46.65 63.60 -71.97
N ALA TD 55 47.48 63.07 -72.87
CA ALA TD 55 48.38 61.97 -72.56
C ALA TD 55 49.33 62.30 -71.42
N ALA TD 56 49.85 63.53 -71.40
CA ALA TD 56 50.80 63.91 -70.36
C ALA TD 56 50.16 63.82 -68.98
N VAL TD 57 48.95 64.36 -68.83
CA VAL TD 57 48.31 64.40 -67.52
C VAL TD 57 48.03 63.00 -67.02
N ASP TD 58 47.67 62.08 -67.91
CA ASP TD 58 47.44 60.70 -67.48
C ASP TD 58 48.70 60.07 -66.94
N SER TD 59 49.83 60.29 -67.62
CA SER TD 59 51.10 59.72 -67.16
C SER TD 59 51.59 60.41 -65.91
N GLY TD 60 51.46 61.74 -65.84
CA GLY TD 60 51.96 62.47 -64.69
C GLY TD 60 51.21 62.14 -63.42
N VAL TD 61 49.91 61.87 -63.50
CA VAL TD 61 49.17 61.49 -62.32
C VAL TD 61 49.55 60.09 -61.88
N GLU TD 62 49.88 59.23 -62.85
CA GLU TD 62 50.22 57.85 -62.53
C GLU TD 62 51.56 57.77 -61.81
N ALA TD 63 52.51 58.62 -62.18
CA ALA TD 63 53.81 58.62 -61.52
C ALA TD 63 53.73 59.27 -60.14
N ALA TD 64 52.99 60.37 -60.03
CA ALA TD 64 52.94 61.10 -58.77
C ALA TD 64 52.15 60.36 -57.71
N LYS TD 65 51.02 59.76 -58.10
CA LYS TD 65 50.21 58.98 -57.17
C LYS TD 65 51.00 57.85 -56.55
N ARG TD 66 52.12 57.49 -57.15
CA ARG TD 66 52.88 56.31 -56.74
C ARG TD 66 53.70 56.57 -55.50
N ILE TD 67 54.14 57.81 -55.28
CA ILE TD 67 54.96 58.16 -54.13
C ILE TD 67 54.27 59.14 -53.19
N GLY TD 68 53.24 59.85 -53.63
CA GLY TD 68 52.60 60.83 -52.80
C GLY TD 68 51.11 60.89 -53.04
N LYS TD 69 50.49 62.04 -52.80
CA LYS TD 69 49.05 62.18 -52.96
C LYS TD 69 48.74 63.15 -54.09
N VAL TD 70 47.96 62.68 -55.05
CA VAL TD 70 47.45 63.52 -56.13
C VAL TD 70 46.06 63.98 -55.72
N VAL TD 71 45.92 65.30 -55.53
CA VAL TD 71 44.66 65.83 -55.04
C VAL TD 71 43.64 65.94 -56.15
N SER TD 72 44.05 66.45 -57.31
CA SER TD 72 43.14 66.58 -58.44
C SER TD 72 43.94 66.79 -59.71
N SER TD 73 43.30 66.45 -60.83
CA SER TD 73 43.86 66.66 -62.15
C SER TD 73 42.75 67.12 -63.08
N ARG TD 74 43.13 67.79 -64.16
CA ARG TD 74 42.14 68.41 -65.02
C ARG TD 74 42.81 68.85 -66.32
N VAL TD 75 42.08 68.70 -67.43
CA VAL TD 75 42.53 69.20 -68.73
C VAL TD 75 41.46 70.16 -69.26
N ILE TD 76 41.88 71.36 -69.60
CA ILE TD 76 41.02 72.34 -70.26
C ILE TD 76 41.40 72.37 -71.73
N ALA TD 77 40.50 71.91 -72.59
CA ALA TD 77 40.85 71.77 -74.00
C ALA TD 77 41.04 73.11 -74.68
N ARG TD 78 40.36 74.14 -74.24
CA ARG TD 78 40.49 75.47 -74.82
C ARG TD 78 40.14 76.50 -73.76
N PRO TD 79 41.13 77.03 -73.08
CA PRO TD 79 40.85 78.00 -72.02
C PRO TD 79 40.46 79.34 -72.60
N HIS TD 80 39.66 80.08 -71.83
CA HIS TD 80 39.33 81.45 -72.17
C HIS TD 80 40.58 82.31 -72.12
N ASN TD 81 40.60 83.37 -72.92
CA ASN TD 81 41.78 84.24 -72.94
C ASN TD 81 42.02 84.91 -71.59
N ASP TD 82 40.96 85.14 -70.82
CA ASP TD 82 41.13 85.70 -69.48
C ASP TD 82 41.90 84.74 -68.58
N ILE TD 83 41.67 83.44 -68.74
CA ILE TD 83 42.37 82.45 -67.94
C ILE TD 83 43.87 82.49 -68.20
N GLU TD 84 44.29 82.93 -69.39
CA GLU TD 84 45.73 83.04 -69.65
C GLU TD 84 46.26 84.40 -69.23
N LYS TD 85 45.85 84.81 -68.04
CA LYS TD 85 46.45 85.91 -67.29
C LYS TD 85 46.55 85.58 -65.82
N ILE TD 86 45.90 84.50 -65.38
CA ILE TD 86 46.02 84.00 -64.03
C ILE TD 86 47.14 82.98 -63.91
N ALA TD 87 47.22 82.08 -64.89
CA ALA TD 87 48.32 81.11 -64.93
C ALA TD 87 49.65 81.81 -65.21
N GLY TD 88 49.77 82.43 -66.38
CA GLY TD 88 50.97 83.15 -66.74
C GLY TD 88 50.95 84.60 -66.29
N MET UD 1 83.97 -10.70 -69.38
CA MET UD 1 83.75 -11.63 -70.48
C MET UD 1 85.01 -11.78 -71.30
N ILE UD 2 85.05 -12.83 -72.12
CA ILE UD 2 86.14 -13.04 -73.07
C ILE UD 2 85.56 -13.51 -74.39
N LEU UD 3 86.21 -13.14 -75.49
CA LEU UD 3 85.86 -13.69 -76.78
C LEU UD 3 86.40 -15.10 -76.90
N ALA UD 4 85.54 -16.02 -77.32
CA ALA UD 4 85.93 -17.40 -77.43
C ALA UD 4 85.15 -18.04 -78.57
N LYS UD 5 85.57 -19.25 -78.94
CA LYS UD 5 84.96 -19.98 -80.04
C LYS UD 5 84.60 -21.37 -79.55
N VAL UD 6 83.38 -21.82 -79.85
CA VAL UD 6 82.96 -23.15 -79.46
C VAL UD 6 83.68 -24.17 -80.34
N THR UD 7 84.35 -25.13 -79.71
CA THR UD 7 85.16 -26.10 -80.42
C THR UD 7 84.79 -27.55 -80.14
N GLY UD 8 83.73 -27.80 -79.38
CA GLY UD 8 83.34 -29.17 -79.10
C GLY UD 8 82.26 -29.21 -78.04
N HIS UD 9 82.10 -30.37 -77.42
CA HIS UD 9 81.15 -30.52 -76.33
C HIS UD 9 81.60 -31.68 -75.45
N VAL UD 10 81.00 -31.77 -74.28
CA VAL UD 10 81.36 -32.77 -73.28
C VAL UD 10 80.10 -33.50 -72.86
N VAL UD 11 80.16 -34.83 -72.83
CA VAL UD 11 79.04 -35.67 -72.43
C VAL UD 11 79.37 -36.26 -71.07
N ALA UD 12 78.66 -35.83 -70.04
CA ALA UD 12 78.89 -36.27 -68.67
C ALA UD 12 77.59 -36.81 -68.11
N THR UD 13 77.60 -38.07 -67.67
CA THR UD 13 76.41 -38.72 -67.15
C THR UD 13 76.30 -38.61 -65.63
N GLN UD 14 77.38 -38.92 -64.92
CA GLN UD 14 77.42 -38.84 -63.46
C GLN UD 14 77.85 -37.43 -63.08
N LYS UD 15 76.90 -36.62 -62.65
CA LYS UD 15 77.21 -35.23 -62.33
C LYS UD 15 76.22 -34.73 -61.30
N CYS UD 16 76.48 -33.52 -60.80
CA CYS UD 16 75.65 -32.94 -59.76
C CYS UD 16 74.27 -32.60 -60.32
N ASP UD 17 73.42 -32.06 -59.46
CA ASP UD 17 72.06 -31.72 -59.82
C ASP UD 17 71.92 -30.28 -60.29
N GLU UD 18 72.84 -29.40 -59.91
CA GLU UD 18 72.82 -28.04 -60.40
C GLU UD 18 73.12 -27.95 -61.90
N LEU UD 19 73.50 -29.07 -62.52
CA LEU UD 19 73.87 -29.10 -63.92
C LEU UD 19 72.93 -29.94 -64.78
N ARG UD 20 71.82 -30.41 -64.23
CA ARG UD 20 70.91 -31.26 -64.98
C ARG UD 20 70.20 -30.47 -66.06
N GLY UD 21 70.19 -31.00 -67.28
CA GLY UD 21 69.48 -30.37 -68.36
C GLY UD 21 70.13 -29.13 -68.90
N SER UD 22 71.40 -29.23 -69.27
CA SER UD 22 72.13 -28.10 -69.83
C SER UD 22 73.25 -28.62 -70.71
N ASN UD 23 73.69 -27.79 -71.63
CA ASN UD 23 74.76 -28.16 -72.53
C ASN UD 23 76.10 -27.86 -71.86
N LEU UD 24 77.14 -28.57 -72.30
CA LEU UD 24 78.49 -28.34 -71.79
C LEU UD 24 79.43 -28.24 -72.98
N LEU UD 25 79.81 -27.02 -73.34
CA LEU UD 25 80.60 -26.77 -74.52
C LEU UD 25 82.06 -26.54 -74.18
N LEU UD 26 82.94 -26.96 -75.07
CA LEU UD 26 84.35 -26.60 -74.98
C LEU UD 26 84.54 -25.23 -75.60
N ILE UD 27 85.22 -24.35 -74.89
CA ILE UD 27 85.25 -22.93 -75.19
C ILE UD 27 86.72 -22.53 -75.26
N THR UD 28 87.20 -22.20 -76.44
CA THR UD 28 88.61 -21.87 -76.63
C THR UD 28 88.79 -20.38 -76.81
N ARG UD 29 89.63 -19.78 -75.98
CA ARG UD 29 89.90 -18.35 -76.09
C ARG UD 29 90.71 -18.06 -77.35
N LEU UD 30 90.28 -17.05 -78.10
CA LEU UD 30 90.92 -16.73 -79.37
C LEU UD 30 91.63 -15.38 -79.28
N ASP UD 31 92.72 -15.26 -80.04
CA ASP UD 31 93.63 -14.12 -79.93
C ASP UD 31 93.19 -12.94 -80.80
N ASP UD 32 94.05 -11.93 -80.94
CA ASP UD 32 93.67 -10.67 -81.59
C ASP UD 32 93.60 -10.78 -83.11
N LYS UD 33 93.77 -11.97 -83.68
CA LYS UD 33 93.50 -12.20 -85.09
C LYS UD 33 92.27 -13.07 -85.28
N GLN UD 34 91.45 -13.23 -84.25
CA GLN UD 34 90.32 -14.13 -84.24
C GLN UD 34 90.74 -15.55 -84.61
N GLN UD 35 91.69 -16.07 -83.82
CA GLN UD 35 92.25 -17.38 -84.05
C GLN UD 35 92.45 -18.05 -82.70
N PRO UD 36 92.01 -19.30 -82.53
CA PRO UD 36 92.11 -19.94 -81.22
C PRO UD 36 93.55 -20.08 -80.76
N MET UD 37 93.73 -20.03 -79.44
CA MET UD 37 95.04 -20.16 -78.82
C MET UD 37 95.27 -21.60 -78.39
N LYS UD 38 96.42 -21.84 -77.74
CA LYS UD 38 96.82 -23.16 -77.30
C LYS UD 38 96.67 -23.25 -75.79
N ASP UD 39 96.09 -24.35 -75.32
CA ASP UD 39 95.94 -24.62 -73.89
C ASP UD 39 95.10 -23.54 -73.22
N GLN UD 40 93.97 -23.20 -73.82
CA GLN UD 40 93.12 -22.14 -73.30
C GLN UD 40 91.65 -22.55 -73.37
N THR UD 41 91.35 -23.77 -72.99
CA THR UD 41 90.00 -24.32 -73.15
C THR UD 41 89.32 -24.47 -71.79
N TRP UD 42 88.09 -23.99 -71.71
CA TRP UD 42 87.25 -24.16 -70.54
C TRP UD 42 85.97 -24.85 -70.95
N VAL UD 43 85.20 -25.28 -69.96
CA VAL UD 43 83.90 -25.89 -70.19
C VAL UD 43 82.83 -24.93 -69.71
N ALA UD 44 81.91 -24.59 -70.61
CA ALA UD 44 80.91 -23.57 -70.31
C ALA UD 44 79.51 -24.14 -70.48
N VAL UD 45 78.63 -23.78 -69.56
CA VAL UD 45 77.23 -24.19 -69.63
C VAL UD 45 76.52 -23.25 -70.60
N ASP UD 46 76.19 -23.76 -71.78
CA ASP UD 46 75.50 -22.94 -72.76
C ASP UD 46 74.21 -22.39 -72.17
N ASN UD 47 73.86 -21.17 -72.57
CA ASN UD 47 72.69 -20.51 -72.04
C ASN UD 47 71.83 -19.84 -73.08
N VAL UD 48 72.32 -19.58 -74.30
CA VAL UD 48 71.57 -18.91 -75.34
C VAL UD 48 71.44 -19.73 -76.61
N GLY UD 49 72.01 -20.92 -76.66
CA GLY UD 49 71.86 -21.75 -77.83
C GLY UD 49 72.98 -21.60 -78.85
N ALA UD 50 74.21 -21.78 -78.42
CA ALA UD 50 75.36 -21.73 -79.31
C ALA UD 50 75.76 -23.14 -79.73
N GLY UD 51 76.32 -23.23 -80.93
CA GLY UD 51 76.75 -24.52 -81.45
C GLY UD 51 78.18 -24.46 -81.91
N MET UD 52 78.60 -25.42 -82.74
CA MET UD 52 79.99 -25.49 -83.13
C MET UD 52 80.38 -24.30 -84.01
N HIS UD 53 81.64 -23.90 -83.91
CA HIS UD 53 82.28 -22.90 -84.76
C HIS UD 53 81.77 -21.49 -84.52
N ASP UD 54 80.91 -21.27 -83.54
CA ASP UD 54 80.32 -19.97 -83.30
C ASP UD 54 81.18 -19.19 -82.33
N ILE UD 55 81.37 -17.90 -82.61
CA ILE UD 55 82.13 -17.02 -81.73
C ILE UD 55 81.17 -16.50 -80.65
N VAL UD 56 81.48 -16.79 -79.40
CA VAL UD 56 80.57 -16.47 -78.30
C VAL UD 56 81.28 -15.60 -77.29
N LEU UD 57 80.58 -15.26 -76.22
CA LEU UD 57 81.05 -14.32 -75.20
C LEU UD 57 80.88 -15.01 -73.86
N ALA UD 58 81.93 -15.69 -73.41
CA ALA UD 58 81.86 -16.52 -72.22
C ALA UD 58 82.13 -15.71 -70.98
N GLU UD 59 81.26 -15.84 -69.99
CA GLU UD 59 81.34 -15.06 -68.76
C GLU UD 59 81.86 -15.92 -67.62
N GLU UD 60 82.50 -15.27 -66.66
CA GLU UD 60 83.12 -15.96 -65.54
C GLU UD 60 82.08 -16.28 -64.47
N TYR UD 61 82.54 -16.56 -63.26
CA TYR UD 61 81.83 -17.37 -62.27
C TYR UD 61 80.33 -17.21 -62.21
N PHE UD 62 79.83 -16.03 -61.87
CA PHE UD 62 78.45 -15.91 -61.43
C PHE UD 62 77.55 -15.53 -62.61
N ALA UD 63 76.73 -16.48 -63.06
CA ALA UD 63 75.68 -16.22 -64.03
C ALA UD 63 74.40 -16.99 -63.72
N LEU UD 64 74.25 -17.47 -62.48
CA LEU UD 64 73.04 -18.18 -62.03
C LEU UD 64 72.78 -19.41 -62.88
N ASN UD 65 73.71 -20.36 -62.84
CA ASN UD 65 73.60 -21.57 -63.63
C ASN UD 65 74.09 -22.80 -62.88
N TYR UD 69 74.68 -20.41 -57.22
CA TYR UD 69 74.96 -20.89 -58.57
C TYR UD 69 76.05 -20.05 -59.22
N LYS UD 70 77.18 -20.68 -59.55
CA LYS UD 70 78.32 -19.94 -60.07
C LYS UD 70 79.00 -20.63 -61.25
N ALA UD 71 78.25 -21.28 -62.14
CA ALA UD 71 78.88 -21.94 -63.26
C ALA UD 71 79.23 -20.94 -64.36
N MET UD 72 80.33 -21.23 -65.06
CA MET UD 72 80.81 -20.39 -66.14
C MET UD 72 79.94 -20.66 -67.36
N SER UD 73 79.22 -19.66 -67.82
CA SER UD 73 78.25 -19.84 -68.90
C SER UD 73 78.54 -18.90 -70.06
N VAL UD 74 77.87 -19.19 -71.17
CA VAL UD 74 77.90 -18.35 -72.36
C VAL UD 74 76.70 -17.42 -72.30
N VAL UD 75 76.92 -16.13 -72.55
CA VAL UD 75 75.89 -15.13 -72.35
C VAL UD 75 75.57 -14.33 -73.60
N ALA UD 76 76.26 -14.56 -74.70
CA ALA UD 76 76.00 -13.78 -75.91
C ALA UD 76 76.65 -14.45 -77.09
N ILE UD 77 75.97 -14.39 -78.24
CA ILE UD 77 76.53 -14.83 -79.51
C ILE UD 77 76.88 -13.59 -80.31
N VAL UD 78 78.11 -13.52 -80.78
CA VAL UD 78 78.69 -12.29 -81.30
C VAL UD 78 78.50 -12.23 -82.81
N GLU UD 79 77.96 -11.10 -83.28
CA GLU UD 79 77.77 -10.86 -84.71
C GLU UD 79 79.02 -10.24 -85.35
N LYS UD 80 79.45 -9.09 -84.83
CA LYS UD 80 80.56 -8.34 -85.39
C LYS UD 80 81.55 -7.97 -84.30
N VAL UD 81 82.83 -8.07 -84.60
CA VAL UD 81 83.91 -7.64 -83.70
C VAL UD 81 84.69 -6.58 -84.47
N PHE UD 82 84.36 -5.32 -84.25
CA PHE UD 82 85.08 -4.23 -84.87
C PHE UD 82 86.29 -3.91 -83.99
N ARG UD 83 87.49 -3.94 -84.58
CA ARG UD 83 88.72 -3.84 -83.81
C ARG UD 83 89.76 -3.13 -84.64
N ASP UD 84 90.16 -1.93 -84.21
CA ASP UD 84 91.28 -1.25 -84.82
C ASP UD 84 91.79 -0.13 -83.91
N GLU VD 3 46.04 -67.33 -85.17
CA GLU VD 3 46.56 -66.88 -83.89
C GLU VD 3 45.69 -65.76 -83.33
N ALA VD 4 45.85 -65.46 -82.05
CA ALA VD 4 45.01 -64.46 -81.40
C ALA VD 4 45.43 -63.06 -81.87
N LEU VD 5 44.81 -62.05 -81.25
CA LEU VD 5 45.05 -60.68 -81.66
C LEU VD 5 44.89 -59.77 -80.44
N GLY VD 6 45.84 -58.87 -80.25
CA GLY VD 6 45.84 -58.00 -79.10
C GLY VD 6 45.95 -56.55 -79.51
N LEU VD 7 45.22 -55.68 -78.80
CA LEU VD 7 45.08 -54.29 -79.18
C LEU VD 7 45.20 -53.40 -77.96
N ILE VD 8 46.01 -52.35 -78.08
CA ILE VD 8 46.07 -51.29 -77.09
C ILE VD 8 45.88 -49.97 -77.81
N GLU VD 9 45.18 -49.04 -77.17
CA GLU VD 9 44.92 -47.73 -77.73
C GLU VD 9 45.28 -46.67 -76.72
N THR VD 10 46.06 -45.67 -77.14
CA THR VD 10 46.55 -44.64 -76.24
C THR VD 10 46.37 -43.28 -76.87
N LYS VD 11 46.47 -42.25 -76.03
CA LYS VD 11 46.50 -40.88 -76.49
C LYS VD 11 47.95 -40.44 -76.65
N GLY VD 12 48.34 -40.10 -77.85
CA GLY VD 12 49.72 -39.72 -78.09
C GLY VD 12 50.55 -40.86 -78.61
N LEU VD 13 51.64 -40.52 -79.29
CA LEU VD 13 52.46 -41.56 -79.90
C LEU VD 13 53.48 -42.12 -78.93
N VAL VD 14 53.99 -41.30 -78.01
CA VAL VD 14 55.02 -41.77 -77.09
C VAL VD 14 54.49 -42.90 -76.22
N ALA VD 15 53.30 -42.71 -75.65
CA ALA VD 15 52.73 -43.73 -74.79
C ALA VD 15 52.52 -45.03 -75.55
N CYS VD 16 52.37 -44.97 -76.86
CA CYS VD 16 52.12 -46.17 -77.64
C CYS VD 16 53.41 -46.92 -77.95
N ILE VD 17 54.50 -46.21 -78.19
CA ILE VD 17 55.77 -46.87 -78.46
C ILE VD 17 56.30 -47.55 -77.20
N GLU VD 18 56.08 -46.93 -76.05
CA GLU VD 18 56.40 -47.59 -74.79
C GLU VD 18 55.56 -48.85 -74.63
N ALA VD 19 54.26 -48.76 -74.90
CA ALA VD 19 53.38 -49.92 -74.78
C ALA VD 19 53.80 -51.02 -75.74
N ALA VD 20 54.13 -50.66 -76.99
CA ALA VD 20 54.48 -51.69 -77.96
C ALA VD 20 55.83 -52.30 -77.66
N ASP VD 21 56.72 -51.59 -76.99
CA ASP VD 21 57.99 -52.19 -76.62
C ASP VD 21 57.83 -53.18 -75.48
N ALA VD 22 57.05 -52.81 -74.46
CA ALA VD 22 56.81 -53.73 -73.36
C ALA VD 22 56.12 -55.00 -73.83
N MET VD 23 55.17 -54.87 -74.76
CA MET VD 23 54.48 -56.04 -75.29
C MET VD 23 55.47 -57.00 -75.96
N CYS VD 24 56.37 -56.46 -76.77
CA CYS VD 24 57.28 -57.33 -77.51
C CYS VD 24 58.28 -58.02 -76.60
N LYS VD 25 58.63 -57.41 -75.47
CA LYS VD 25 59.60 -58.00 -74.56
C LYS VD 25 58.98 -59.02 -73.63
N ALA VD 26 57.72 -58.83 -73.26
CA ALA VD 26 57.09 -59.60 -72.20
C ALA VD 26 56.61 -60.98 -72.61
N ALA VD 27 56.52 -61.27 -73.90
CA ALA VD 27 56.04 -62.57 -74.33
C ALA VD 27 56.39 -62.76 -75.80
N ASN VD 28 56.19 -63.98 -76.28
CA ASN VD 28 56.52 -64.32 -77.66
C ASN VD 28 55.36 -63.92 -78.58
N VAL VD 29 55.29 -62.62 -78.86
CA VAL VD 29 54.30 -62.06 -79.78
C VAL VD 29 55.02 -61.22 -80.82
N GLU VD 30 54.38 -61.05 -81.95
CA GLU VD 30 54.94 -60.31 -83.08
C GLU VD 30 54.11 -59.06 -83.33
N LEU VD 31 54.79 -57.96 -83.65
CA LEU VD 31 54.13 -56.67 -83.82
C LEU VD 31 53.61 -56.54 -85.25
N ILE VD 32 52.31 -56.28 -85.39
CA ILE VD 32 51.71 -56.15 -86.71
C ILE VD 32 51.96 -54.76 -87.27
N GLY VD 33 51.56 -53.73 -86.54
CA GLY VD 33 51.82 -52.38 -86.98
C GLY VD 33 51.05 -51.38 -86.14
N TYR VD 34 51.26 -50.11 -86.45
CA TYR VD 34 50.55 -49.00 -85.83
C TYR VD 34 49.46 -48.52 -86.77
N GLU VD 35 48.47 -47.83 -86.19
CA GLU VD 35 47.40 -47.26 -86.98
C GLU VD 35 46.74 -46.16 -86.16
N ASN VD 36 46.98 -44.90 -86.52
CA ASN VD 36 46.37 -43.78 -85.83
C ASN VD 36 45.19 -43.26 -86.63
N VAL VD 37 44.07 -43.06 -85.95
CA VAL VD 37 42.82 -42.64 -86.57
C VAL VD 37 42.46 -41.28 -85.99
N GLY VD 38 42.95 -40.23 -86.63
CA GLY VD 38 42.50 -38.90 -86.24
C GLY VD 38 43.01 -38.49 -84.87
N SER VD 39 42.10 -37.99 -84.04
CA SER VD 39 42.47 -37.13 -82.92
C SER VD 39 43.28 -37.86 -81.88
N GLY VD 40 44.60 -37.68 -81.92
CA GLY VD 40 45.54 -38.20 -80.96
C GLY VD 40 45.30 -39.60 -80.45
N LEU VD 41 44.94 -40.53 -81.34
CA LEU VD 41 44.66 -41.90 -80.96
C LEU VD 41 45.51 -42.82 -81.82
N VAL VD 42 46.47 -43.50 -81.21
CA VAL VD 42 47.31 -44.47 -81.90
C VAL VD 42 47.03 -45.84 -81.30
N THR VD 43 47.10 -46.86 -82.15
CA THR VD 43 46.79 -48.22 -81.76
C THR VD 43 47.87 -49.16 -82.26
N ALA VD 44 48.34 -50.04 -81.40
CA ALA VD 44 49.31 -51.07 -81.75
C ALA VD 44 48.65 -52.43 -81.71
N MET VD 45 49.02 -53.30 -82.65
CA MET VD 45 48.41 -54.61 -82.79
C MET VD 45 49.48 -55.68 -82.75
N VAL VD 46 49.29 -56.69 -81.91
CA VAL VD 46 50.20 -57.82 -81.80
C VAL VD 46 49.42 -59.10 -82.03
N LYS VD 47 50.12 -60.16 -82.43
CA LYS VD 47 49.48 -61.45 -82.65
C LYS VD 47 50.39 -62.56 -82.18
N GLY VD 48 49.76 -63.66 -81.77
CA GLY VD 48 50.48 -64.79 -81.22
C GLY VD 48 49.50 -65.74 -80.57
N ASP VD 49 50.02 -66.69 -79.81
CA ASP VD 49 49.15 -67.64 -79.14
C ASP VD 49 48.33 -66.93 -78.06
N VAL VD 50 47.26 -67.59 -77.62
CA VAL VD 50 46.28 -66.93 -76.77
C VAL VD 50 46.87 -66.66 -75.39
N GLY VD 51 47.65 -67.58 -74.85
CA GLY VD 51 48.26 -67.35 -73.55
C GLY VD 51 49.37 -66.33 -73.61
N ALA VD 52 50.12 -66.31 -74.72
CA ALA VD 52 51.15 -65.30 -74.88
C ALA VD 52 50.55 -63.92 -75.07
N VAL VD 53 49.60 -63.80 -76.00
CA VAL VD 53 49.01 -62.50 -76.30
C VAL VD 53 48.31 -61.93 -75.08
N ASN VD 54 47.68 -62.79 -74.29
CA ASN VD 54 47.05 -62.32 -73.06
C ASN VD 54 48.08 -61.79 -72.09
N ALA VD 55 49.27 -62.38 -72.09
CA ALA VD 55 50.33 -61.96 -71.18
C ALA VD 55 51.04 -60.72 -71.68
N ALA VD 56 51.00 -60.47 -72.99
CA ALA VD 56 51.64 -59.27 -73.51
C ALA VD 56 50.78 -58.04 -73.28
N VAL VD 57 49.46 -58.19 -73.38
CA VAL VD 57 48.60 -57.01 -73.33
C VAL VD 57 48.53 -56.43 -71.92
N ASP VD 58 48.52 -57.28 -70.89
CA ASP VD 58 48.42 -56.73 -69.55
C ASP VD 58 49.74 -56.11 -69.10
N SER VD 59 50.85 -56.53 -69.69
CA SER VD 59 52.11 -55.85 -69.40
C SER VD 59 52.22 -54.54 -70.17
N GLY VD 60 51.80 -54.55 -71.43
CA GLY VD 60 51.85 -53.34 -72.23
C GLY VD 60 50.92 -52.25 -71.72
N VAL VD 61 49.77 -52.62 -71.19
CA VAL VD 61 48.88 -51.63 -70.58
C VAL VD 61 49.50 -51.08 -69.32
N GLU VD 62 50.23 -51.91 -68.59
CA GLU VD 62 50.85 -51.49 -67.34
C GLU VD 62 51.92 -50.43 -67.59
N ALA VD 63 52.65 -50.56 -68.69
CA ALA VD 63 53.74 -49.63 -68.99
C ALA VD 63 53.22 -48.30 -69.52
N ALA VD 64 52.31 -48.35 -70.49
CA ALA VD 64 51.80 -47.12 -71.08
C ALA VD 64 50.94 -46.33 -70.10
N LYS VD 65 50.26 -47.02 -69.19
CA LYS VD 65 49.50 -46.35 -68.15
C LYS VD 65 50.40 -45.53 -67.24
N ARG VD 66 51.69 -45.81 -67.24
CA ARG VD 66 52.63 -45.14 -66.36
C ARG VD 66 52.89 -43.71 -66.80
N ILE VD 67 53.01 -43.48 -68.10
CA ILE VD 67 53.40 -42.18 -68.63
C ILE VD 67 52.32 -41.53 -69.49
N GLY VD 68 51.24 -42.23 -69.80
CA GLY VD 68 50.21 -41.65 -70.63
C GLY VD 68 48.83 -42.18 -70.30
N LYS VD 69 47.91 -42.04 -71.23
CA LYS VD 69 46.54 -42.52 -71.06
C LYS VD 69 46.34 -43.73 -71.94
N VAL VD 70 45.98 -44.86 -71.34
CA VAL VD 70 45.53 -46.03 -72.08
C VAL VD 70 44.02 -45.95 -72.19
N VAL VD 71 43.52 -45.88 -73.42
CA VAL VD 71 42.09 -45.71 -73.65
C VAL VD 71 41.36 -47.04 -73.61
N SER VD 72 41.88 -48.05 -74.32
CA SER VD 72 41.21 -49.33 -74.38
C SER VD 72 42.24 -50.43 -74.66
N SER VD 73 41.91 -51.64 -74.24
CA SER VD 73 42.69 -52.82 -74.55
C SER VD 73 41.73 -53.98 -74.76
N ARG VD 74 42.16 -54.96 -75.55
CA ARG VD 74 41.25 -56.04 -75.90
C ARG VD 74 42.04 -57.16 -76.55
N VAL VD 75 41.68 -58.40 -76.21
CA VAL VD 75 42.25 -59.59 -76.83
C VAL VD 75 41.12 -60.33 -77.55
N ILE VD 76 41.39 -60.76 -78.77
CA ILE VD 76 40.43 -61.53 -79.56
C ILE VD 76 41.03 -62.93 -79.73
N ALA VD 77 40.37 -63.93 -79.16
CA ALA VD 77 40.98 -65.25 -79.07
C ALA VD 77 41.02 -65.94 -80.42
N ARG VD 78 40.02 -65.72 -81.26
CA ARG VD 78 40.01 -66.26 -82.62
C ARG VD 78 39.41 -65.20 -83.54
N PRO VD 79 40.24 -64.39 -84.19
CA PRO VD 79 39.71 -63.39 -85.10
C PRO VD 79 39.14 -64.05 -86.34
N HIS VD 80 38.01 -63.53 -86.81
CA HIS VD 80 37.37 -64.09 -87.98
C HIS VD 80 38.23 -63.90 -89.21
N ASN VD 81 38.17 -64.86 -90.13
CA ASN VD 81 39.05 -64.86 -91.28
C ASN VD 81 38.91 -63.58 -92.09
N ASP VD 82 37.69 -63.05 -92.19
CA ASP VD 82 37.46 -61.82 -92.94
C ASP VD 82 38.27 -60.67 -92.40
N ILE VD 83 38.43 -60.61 -91.07
CA ILE VD 83 39.13 -59.52 -90.43
C ILE VD 83 40.63 -59.75 -90.51
N GLU WD 3 71.00 -49.01 -81.46
CA GLU WD 3 71.29 -47.81 -80.70
C GLU WD 3 70.04 -47.32 -79.98
N ALA WD 4 70.24 -46.52 -78.93
CA ALA WD 4 69.13 -46.06 -78.10
C ALA WD 4 68.19 -45.17 -78.89
N LEU WD 5 67.11 -44.72 -78.26
CA LEU WD 5 66.08 -43.98 -78.99
C LEU WD 5 65.36 -43.07 -78.00
N GLY WD 6 65.28 -41.80 -78.33
CA GLY WD 6 64.65 -40.82 -77.46
C GLY WD 6 63.51 -40.11 -78.14
N LEU WD 7 62.49 -39.78 -77.36
CA LEU WD 7 61.27 -39.17 -77.87
C LEU WD 7 60.87 -37.99 -77.01
N ILE WD 8 60.50 -36.89 -77.66
CA ILE WD 8 59.85 -35.77 -77.00
C ILE WD 8 58.55 -35.49 -77.73
N GLU WD 9 57.47 -35.27 -76.99
CA GLU WD 9 56.16 -34.99 -77.55
C GLU WD 9 55.68 -33.65 -77.05
N THR WD 10 55.35 -32.76 -77.98
CA THR WD 10 55.01 -31.39 -77.66
C THR WD 10 53.71 -31.01 -78.34
N LYS WD 11 53.05 -30.00 -77.78
CA LYS WD 11 51.82 -29.46 -78.34
C LYS WD 11 52.17 -28.28 -79.24
N GLY WD 12 52.03 -28.47 -80.54
CA GLY WD 12 52.42 -27.44 -81.49
C GLY WD 12 53.77 -27.71 -82.11
N LEU WD 13 53.96 -27.22 -83.33
CA LEU WD 13 55.19 -27.51 -84.04
C LEU WD 13 56.35 -26.63 -83.61
N VAL WD 14 56.08 -25.38 -83.22
CA VAL WD 14 57.16 -24.48 -82.86
C VAL WD 14 57.93 -25.03 -81.66
N ALA WD 15 57.21 -25.47 -80.63
CA ALA WD 15 57.88 -26.02 -79.46
C ALA WD 15 58.67 -27.27 -79.81
N CYS WD 16 58.36 -27.93 -80.91
CA CYS WD 16 59.08 -29.15 -81.27
C CYS WD 16 60.37 -28.84 -82.02
N ILE WD 17 60.44 -27.71 -82.73
CA ILE WD 17 61.69 -27.35 -83.39
C ILE WD 17 62.67 -26.77 -82.40
N GLU WD 18 62.20 -26.08 -81.38
CA GLU WD 18 63.09 -25.67 -80.30
C GLU WD 18 63.63 -26.89 -79.56
N ALA WD 19 62.77 -27.86 -79.29
CA ALA WD 19 63.22 -29.08 -78.63
C ALA WD 19 64.23 -29.83 -79.48
N ALA WD 20 63.97 -29.94 -80.78
CA ALA WD 20 64.90 -30.67 -81.64
C ALA WD 20 66.20 -29.93 -81.85
N ASP WD 21 66.19 -28.60 -81.73
CA ASP WD 21 67.42 -27.85 -81.87
C ASP WD 21 68.29 -28.01 -80.64
N ALA WD 22 67.69 -28.00 -79.45
CA ALA WD 22 68.46 -28.23 -78.24
C ALA WD 22 69.01 -29.64 -78.19
N MET WD 23 68.22 -30.62 -78.67
CA MET WD 23 68.68 -31.99 -78.68
C MET WD 23 69.90 -32.16 -79.57
N CYS WD 24 69.86 -31.58 -80.76
CA CYS WD 24 70.92 -31.82 -81.73
C CYS WD 24 72.22 -31.10 -81.37
N LYS WD 25 72.16 -30.07 -80.54
CA LYS WD 25 73.35 -29.37 -80.10
C LYS WD 25 73.96 -29.96 -78.84
N ALA WD 26 73.17 -30.70 -78.06
CA ALA WD 26 73.60 -31.15 -76.75
C ALA WD 26 74.53 -32.35 -76.82
N ALA WD 27 74.43 -33.16 -77.86
CA ALA WD 27 75.25 -34.36 -77.96
C ALA WD 27 75.31 -34.80 -79.42
N ASN WD 28 75.97 -35.92 -79.65
CA ASN WD 28 76.20 -36.42 -81.00
C ASN WD 28 75.13 -37.46 -81.32
N VAL WD 29 73.94 -36.98 -81.60
CA VAL WD 29 72.81 -37.82 -81.98
C VAL WD 29 72.34 -37.39 -83.36
N GLU WD 30 71.82 -38.34 -84.13
CA GLU WD 30 71.24 -38.05 -85.42
C GLU WD 30 69.73 -37.99 -85.30
N LEU WD 31 69.13 -36.98 -85.91
CA LEU WD 31 67.71 -36.73 -85.79
C LEU WD 31 66.96 -37.47 -86.89
N ILE WD 32 65.96 -38.24 -86.50
CA ILE WD 32 65.25 -39.11 -87.44
C ILE WD 32 64.17 -38.36 -88.19
N GLY WD 33 63.27 -37.70 -87.48
CA GLY WD 33 62.24 -36.91 -88.13
C GLY WD 33 61.03 -36.76 -87.25
N TYR WD 34 60.12 -35.90 -87.70
CA TYR WD 34 58.91 -35.59 -86.96
C TYR WD 34 57.79 -36.56 -87.33
N GLU WD 35 56.74 -36.55 -86.51
CA GLU WD 35 55.57 -37.36 -86.78
C GLU WD 35 54.42 -36.78 -85.95
N ASN WD 36 53.44 -36.19 -86.61
CA ASN WD 36 52.29 -35.63 -85.91
C ASN WD 36 51.09 -36.53 -86.10
N VAL WD 37 50.36 -36.76 -85.00
CA VAL WD 37 49.28 -37.72 -84.96
C VAL WD 37 47.93 -37.04 -84.82
N GLY WD 38 47.88 -35.73 -84.98
CA GLY WD 38 46.64 -35.01 -84.83
C GLY WD 38 46.44 -34.49 -83.42
N SER WD 39 45.48 -33.58 -83.29
CA SER WD 39 45.16 -32.89 -82.05
C SER WD 39 46.27 -31.97 -81.59
N GLY WD 40 47.19 -31.62 -82.49
CA GLY WD 40 48.27 -30.72 -82.16
C GLY WD 40 49.50 -31.35 -81.57
N LEU WD 41 49.56 -32.68 -81.51
CA LEU WD 41 50.68 -33.37 -80.90
C LEU WD 41 51.73 -33.67 -81.96
N VAL WD 42 52.94 -33.18 -81.75
CA VAL WD 42 54.06 -33.43 -82.64
C VAL WD 42 55.18 -34.08 -81.84
N THR WD 43 55.88 -35.03 -82.46
CA THR WD 43 56.90 -35.83 -81.79
C THR WD 43 58.19 -35.80 -82.59
N ALA WD 44 59.30 -35.57 -81.91
CA ALA WD 44 60.63 -35.63 -82.49
C ALA WD 44 61.35 -36.87 -81.98
N MET WD 45 62.14 -37.51 -82.85
CA MET WD 45 62.78 -38.76 -82.52
C MET WD 45 64.25 -38.70 -82.89
N VAL WD 46 65.13 -39.00 -81.94
CA VAL WD 46 66.57 -39.04 -82.16
C VAL WD 46 67.06 -40.43 -81.85
N LYS WD 47 68.28 -40.72 -82.29
CA LYS WD 47 68.87 -42.03 -82.01
C LYS WD 47 70.39 -41.91 -81.95
N GLY WD 48 70.98 -42.67 -81.04
CA GLY WD 48 72.41 -42.64 -80.85
C GLY WD 48 72.76 -43.49 -79.64
N ASP WD 49 74.00 -43.34 -79.17
CA ASP WD 49 74.42 -44.03 -77.97
C ASP WD 49 73.60 -43.57 -76.77
N VAL WD 50 73.49 -44.44 -75.77
CA VAL WD 50 72.55 -44.19 -74.68
C VAL WD 50 73.03 -43.11 -73.73
N GLY WD 51 74.32 -42.84 -73.67
CA GLY WD 51 74.79 -41.70 -72.89
C GLY WD 51 74.51 -40.38 -73.58
N ALA WD 52 74.58 -40.37 -74.91
CA ALA WD 52 74.28 -39.17 -75.67
C ALA WD 52 72.78 -38.92 -75.71
N VAL WD 53 72.00 -39.96 -75.98
CA VAL WD 53 70.55 -39.79 -76.10
C VAL WD 53 69.96 -39.36 -74.77
N ASN WD 54 70.50 -39.87 -73.67
CA ASN WD 54 70.02 -39.45 -72.35
C ASN WD 54 70.30 -37.98 -72.12
N ALA WD 55 71.45 -37.49 -72.57
CA ALA WD 55 71.80 -36.10 -72.37
C ALA WD 55 70.98 -35.19 -73.26
N ALA WD 56 70.69 -35.63 -74.48
CA ALA WD 56 69.94 -34.81 -75.42
C ALA WD 56 68.50 -34.64 -74.98
N VAL WD 57 67.84 -35.72 -74.56
CA VAL WD 57 66.43 -35.64 -74.21
C VAL WD 57 66.23 -34.76 -72.99
N ASP WD 58 67.15 -34.82 -72.02
CA ASP WD 58 67.02 -33.96 -70.85
C ASP WD 58 67.18 -32.50 -71.23
N SER WD 59 68.05 -32.21 -72.19
CA SER WD 59 68.26 -30.83 -72.62
C SER WD 59 67.08 -30.34 -73.45
N GLY WD 60 66.61 -31.18 -74.38
CA GLY WD 60 65.49 -30.78 -75.22
C GLY WD 60 64.21 -30.55 -74.44
N VAL WD 61 64.02 -31.30 -73.36
CA VAL WD 61 62.80 -31.12 -72.56
C VAL WD 61 62.81 -29.76 -71.88
N GLU WD 62 63.95 -29.35 -71.33
CA GLU WD 62 64.00 -28.10 -70.60
C GLU WD 62 63.87 -26.90 -71.53
N ALA WD 63 64.36 -27.00 -72.76
CA ALA WD 63 64.25 -25.89 -73.69
C ALA WD 63 62.83 -25.73 -74.22
N ALA WD 64 62.20 -26.84 -74.62
CA ALA WD 64 60.82 -26.77 -75.09
C ALA WD 64 59.86 -26.39 -73.97
N LYS WD 65 60.15 -26.84 -72.75
CA LYS WD 65 59.32 -26.48 -71.61
C LYS WD 65 59.27 -24.98 -71.41
N ARG WD 66 60.31 -24.27 -71.85
CA ARG WD 66 60.41 -22.84 -71.60
C ARG WD 66 59.42 -22.05 -72.44
N ILE WD 67 59.10 -22.51 -73.65
CA ILE WD 67 58.33 -21.75 -74.61
C ILE WD 67 57.06 -22.46 -75.05
N GLY WD 68 56.78 -23.63 -74.52
CA GLY WD 68 55.59 -24.35 -74.90
C GLY WD 68 55.23 -25.38 -73.87
N LYS WD 69 54.41 -26.33 -74.28
CA LYS WD 69 53.99 -27.43 -73.42
C LYS WD 69 54.66 -28.70 -73.90
N VAL WD 70 55.40 -29.35 -73.01
CA VAL WD 70 55.95 -30.67 -73.27
C VAL WD 70 54.99 -31.69 -72.68
N VAL WD 71 54.48 -32.58 -73.51
CA VAL WD 71 53.49 -33.54 -73.07
C VAL WD 71 54.15 -34.76 -72.44
N SER WD 72 55.21 -35.25 -73.06
CA SER WD 72 55.81 -36.50 -72.63
C SER WD 72 57.21 -36.61 -73.21
N SER WD 73 58.06 -37.37 -72.52
CA SER WD 73 59.41 -37.66 -72.98
C SER WD 73 59.77 -39.07 -72.54
N ARG WD 74 60.74 -39.66 -73.23
CA ARG WD 74 61.05 -41.06 -72.97
C ARG WD 74 62.35 -41.43 -73.66
N VAL WD 75 63.17 -42.22 -72.99
CA VAL WD 75 64.36 -42.83 -73.58
C VAL WD 75 64.18 -44.34 -73.54
N ILE WD 76 64.48 -44.99 -74.66
CA ILE WD 76 64.42 -46.44 -74.77
C ILE WD 76 65.84 -46.91 -75.02
N ALA WD 77 66.43 -47.57 -74.03
CA ALA WD 77 67.86 -47.89 -74.08
C ALA WD 77 68.16 -49.00 -75.07
N ARG WD 78 67.47 -50.12 -74.97
CA ARG WD 78 67.61 -51.21 -75.94
C ARG WD 78 66.27 -51.43 -76.62
N PRO WD 79 66.02 -50.79 -77.76
CA PRO WD 79 64.75 -50.98 -78.45
C PRO WD 79 64.73 -52.31 -79.17
N HIS WD 80 63.55 -52.91 -79.19
CA HIS WD 80 63.38 -54.21 -79.83
C HIS WD 80 63.52 -54.08 -81.35
N ASN WD 81 63.95 -55.16 -81.99
CA ASN WD 81 64.20 -55.11 -83.43
C ASN WD 81 62.91 -55.00 -84.22
N ASP WD 82 61.80 -55.47 -83.66
CA ASP WD 82 60.51 -55.27 -84.31
C ASP WD 82 60.11 -53.80 -84.32
N ILE WD 83 60.61 -53.03 -83.36
CA ILE WD 83 60.31 -51.61 -83.29
C ILE WD 83 61.27 -50.83 -84.19
N GLU XD 3 84.04 -51.23 -65.55
CA GLU XD 3 82.75 -50.66 -65.94
C GLU XD 3 81.90 -50.39 -64.72
N ALA XD 4 80.76 -49.73 -64.92
CA ALA XD 4 79.95 -49.28 -63.80
C ALA XD 4 79.34 -50.47 -63.07
N LEU XD 5 78.65 -50.17 -61.98
CA LEU XD 5 78.11 -51.21 -61.11
C LEU XD 5 76.78 -50.74 -60.53
N GLY XD 6 75.74 -51.54 -60.72
CA GLY XD 6 74.43 -51.18 -60.21
C GLY XD 6 73.86 -52.20 -59.25
N LEU XD 7 73.30 -51.74 -58.14
CA LEU XD 7 72.84 -52.59 -57.07
C LEU XD 7 71.40 -52.27 -56.71
N ILE XD 8 70.60 -53.31 -56.51
CA ILE XD 8 69.25 -53.17 -55.97
C ILE XD 8 69.12 -54.16 -54.82
N GLU XD 9 68.46 -53.74 -53.75
CA GLU XD 9 68.29 -54.57 -52.57
C GLU XD 9 66.82 -54.61 -52.18
N THR XD 10 66.31 -55.80 -51.96
CA THR XD 10 64.89 -56.02 -51.72
C THR XD 10 64.71 -56.97 -50.55
N LYS XD 11 63.50 -56.99 -50.02
CA LYS XD 11 63.09 -57.98 -49.04
C LYS XD 11 62.47 -59.17 -49.75
N GLY XD 12 63.09 -60.32 -49.65
CA GLY XD 12 62.49 -61.48 -50.30
C GLY XD 12 63.06 -61.72 -51.68
N LEU XD 13 62.99 -62.97 -52.12
CA LEU XD 13 63.62 -63.35 -53.38
C LEU XD 13 62.75 -63.03 -54.58
N VAL XD 14 61.43 -63.02 -54.42
CA VAL XD 14 60.56 -62.81 -55.58
C VAL XD 14 60.72 -61.40 -56.13
N ALA XD 15 60.75 -60.41 -55.24
CA ALA XD 15 60.94 -59.04 -55.71
C ALA XD 15 62.31 -58.83 -56.34
N CYS XD 16 63.27 -59.69 -56.05
CA CYS XD 16 64.59 -59.54 -56.64
C CYS XD 16 64.72 -60.24 -57.98
N ILE XD 17 63.90 -61.26 -58.23
CA ILE XD 17 63.89 -61.86 -59.55
C ILE XD 17 63.13 -60.98 -60.53
N GLU XD 18 62.14 -60.25 -60.05
CA GLU XD 18 61.46 -59.30 -60.92
C GLU XD 18 62.35 -58.10 -61.21
N ALA XD 19 63.11 -57.64 -60.22
CA ALA XD 19 64.06 -56.56 -60.48
C ALA XD 19 65.15 -57.01 -61.43
N ALA XD 20 65.67 -58.21 -61.25
CA ALA XD 20 66.75 -58.69 -62.11
C ALA XD 20 66.26 -58.92 -63.53
N ASP XD 21 65.00 -59.33 -63.69
CA ASP XD 21 64.47 -59.56 -65.02
C ASP XD 21 64.25 -58.24 -65.76
N ALA XD 22 63.70 -57.25 -65.07
CA ALA XD 22 63.47 -55.96 -65.70
C ALA XD 22 64.78 -55.28 -66.08
N MET XD 23 65.81 -55.42 -65.23
CA MET XD 23 67.10 -54.80 -65.51
C MET XD 23 67.71 -55.37 -66.79
N CYS XD 24 67.73 -56.69 -66.92
CA CYS XD 24 68.38 -57.29 -68.07
C CYS XD 24 67.63 -57.04 -69.36
N LYS XD 25 66.34 -56.71 -69.29
CA LYS XD 25 65.57 -56.44 -70.50
C LYS XD 25 65.75 -55.01 -70.98
N ALA XD 26 65.92 -54.07 -70.05
CA ALA XD 26 65.80 -52.66 -70.35
C ALA XD 26 67.12 -51.98 -70.69
N ALA XD 27 68.21 -52.73 -70.84
CA ALA XD 27 69.50 -52.15 -71.20
C ALA XD 27 70.48 -53.28 -71.47
N ASN XD 28 71.61 -52.92 -72.05
CA ASN XD 28 72.65 -53.89 -72.36
C ASN XD 28 73.60 -53.98 -71.18
N VAL XD 29 73.20 -54.79 -70.19
CA VAL XD 29 73.97 -55.01 -68.98
C VAL XD 29 74.19 -56.50 -68.81
N GLU XD 30 75.09 -56.84 -67.91
CA GLU XD 30 75.42 -58.22 -67.59
C GLU XD 30 75.07 -58.47 -66.12
N LEU XD 31 74.32 -59.53 -65.86
CA LEU XD 31 73.95 -59.87 -64.50
C LEU XD 31 75.07 -60.68 -63.86
N ILE XD 32 75.56 -60.21 -62.72
CA ILE XD 32 76.64 -60.87 -62.02
C ILE XD 32 76.13 -61.96 -61.09
N GLY XD 33 75.12 -61.65 -60.29
CA GLY XD 33 74.51 -62.68 -59.47
C GLY XD 33 73.77 -62.05 -58.30
N TYR XD 34 73.21 -62.93 -57.48
CA TYR XD 34 72.53 -62.56 -56.26
C TYR XD 34 73.44 -62.82 -55.07
N GLU XD 35 73.16 -62.14 -53.97
CA GLU XD 35 73.95 -62.30 -52.76
C GLU XD 35 73.08 -61.87 -51.57
N ASN XD 36 72.57 -62.83 -50.83
CA ASN XD 36 71.72 -62.55 -49.69
C ASN XD 36 72.52 -62.62 -48.39
N VAL XD 37 72.07 -61.87 -47.39
CA VAL XD 37 72.79 -61.73 -46.14
C VAL XD 37 71.88 -62.05 -44.96
N GLY XD 38 70.86 -62.85 -45.19
CA GLY XD 38 69.91 -63.16 -44.13
C GLY XD 38 69.00 -61.99 -43.84
N SER XD 39 68.01 -62.25 -42.98
CA SER XD 39 66.90 -61.35 -42.70
C SER XD 39 66.03 -61.09 -43.92
N GLY XD 40 66.18 -61.89 -44.96
CA GLY XD 40 65.37 -61.72 -46.15
C GLY XD 40 65.87 -60.68 -47.12
N LEU XD 41 67.00 -60.03 -46.84
CA LEU XD 41 67.56 -59.07 -47.77
C LEU XD 41 68.32 -59.80 -48.86
N VAL XD 42 67.93 -59.56 -50.11
CA VAL XD 42 68.62 -60.12 -51.27
C VAL XD 42 69.02 -58.97 -52.18
N THR XD 43 70.18 -59.11 -52.82
CA THR XD 43 70.76 -58.03 -53.60
C THR XD 43 71.14 -58.55 -54.98
N ALA XD 44 70.80 -57.78 -56.01
CA ALA XD 44 71.15 -58.08 -57.39
C ALA XD 44 72.25 -57.12 -57.85
N MET XD 45 73.17 -57.63 -58.66
CA MET XD 45 74.31 -56.84 -59.12
C MET XD 45 74.41 -56.94 -60.64
N VAL XD 46 74.31 -55.81 -61.31
CA VAL XD 46 74.49 -55.74 -62.76
C VAL XD 46 75.75 -54.95 -63.06
N LYS XD 47 76.26 -55.13 -64.28
CA LYS XD 47 77.53 -54.54 -64.65
C LYS XD 47 77.52 -54.18 -66.13
N GLY XD 48 77.87 -52.95 -66.44
CA GLY XD 48 77.92 -52.51 -67.82
C GLY XD 48 78.41 -51.08 -67.90
N ASP XD 49 78.23 -50.48 -69.07
CA ASP XD 49 78.60 -49.07 -69.24
C ASP XD 49 77.73 -48.20 -68.35
N VAL XD 50 78.20 -46.98 -68.10
CA VAL XD 50 77.57 -46.13 -67.09
C VAL XD 50 76.16 -45.74 -67.53
N GLY XD 51 75.99 -45.40 -68.81
CA GLY XD 51 74.68 -45.00 -69.27
C GLY XD 51 73.68 -46.13 -69.26
N ALA XD 52 74.12 -47.32 -69.65
CA ALA XD 52 73.25 -48.50 -69.59
C ALA XD 52 72.90 -48.85 -68.16
N VAL XD 53 73.91 -49.00 -67.30
CA VAL XD 53 73.68 -49.40 -65.93
C VAL XD 53 72.77 -48.40 -65.22
N ASN XD 54 72.94 -47.12 -65.51
CA ASN XD 54 72.04 -46.12 -64.95
C ASN XD 54 70.61 -46.45 -65.32
N ALA XD 55 70.33 -46.58 -66.63
CA ALA XD 55 68.98 -46.84 -67.11
C ALA XD 55 68.42 -48.14 -66.54
N ALA XD 56 69.25 -49.17 -66.44
CA ALA XD 56 68.76 -50.46 -65.94
C ALA XD 56 68.26 -50.33 -64.51
N VAL XD 57 69.04 -49.69 -63.64
CA VAL XD 57 68.66 -49.62 -62.23
C VAL XD 57 67.35 -48.85 -62.05
N ASP XD 58 67.12 -47.83 -62.88
CA ASP XD 58 65.86 -47.10 -62.77
C ASP XD 58 64.67 -47.99 -63.12
N SER XD 59 64.79 -48.78 -64.18
CA SER XD 59 63.70 -49.66 -64.57
C SER XD 59 63.53 -50.81 -63.58
N GLY XD 60 64.65 -51.36 -63.09
CA GLY XD 60 64.56 -52.47 -62.16
C GLY XD 60 63.92 -52.11 -60.85
N VAL XD 61 64.19 -50.91 -60.35
CA VAL XD 61 63.56 -50.49 -59.10
C VAL XD 61 62.08 -50.23 -59.33
N GLU XD 62 61.71 -49.81 -60.52
CA GLU XD 62 60.32 -49.49 -60.80
C GLU XD 62 59.47 -50.76 -60.89
N ALA XD 63 60.03 -51.83 -61.44
CA ALA XD 63 59.30 -53.09 -61.49
C ALA XD 63 59.25 -53.77 -60.14
N ALA XD 64 60.37 -53.77 -59.41
CA ALA XD 64 60.42 -54.47 -58.13
C ALA XD 64 59.56 -53.80 -57.08
N LYS XD 65 59.60 -52.47 -57.02
CA LYS XD 65 58.77 -51.73 -56.07
C LYS XD 65 57.29 -52.02 -56.27
N ARG XD 66 56.92 -52.55 -57.42
CA ARG XD 66 55.52 -52.73 -57.78
C ARG XD 66 54.89 -53.90 -57.06
N ILE XD 67 55.69 -54.92 -56.72
CA ILE XD 67 55.18 -56.11 -56.07
C ILE XD 67 55.76 -56.33 -54.68
N GLY XD 68 56.93 -55.76 -54.37
CA GLY XD 68 57.56 -55.99 -53.09
C GLY XD 68 58.20 -54.72 -52.56
N LYS XD 69 59.23 -54.84 -51.75
CA LYS XD 69 59.86 -53.69 -51.13
C LYS XD 69 61.29 -53.56 -51.63
N VAL XD 70 61.61 -52.39 -52.19
CA VAL XD 70 62.97 -52.07 -52.61
C VAL XD 70 63.62 -51.31 -51.47
N VAL XD 71 64.65 -51.90 -50.87
CA VAL XD 71 65.27 -51.30 -49.70
C VAL XD 71 66.22 -50.18 -50.10
N SER XD 72 67.03 -50.40 -51.12
CA SER XD 72 67.96 -49.37 -51.57
C SER XD 72 68.46 -49.71 -52.97
N SER XD 73 68.92 -48.68 -53.67
CA SER XD 73 69.53 -48.83 -54.98
C SER XD 73 70.69 -47.86 -55.08
N ARG XD 74 71.62 -48.15 -55.99
CA ARG XD 74 72.85 -47.38 -56.06
C ARG XD 74 73.59 -47.72 -57.33
N VAL XD 75 74.22 -46.72 -57.94
CA VAL XD 75 75.09 -46.91 -59.10
C VAL XD 75 76.46 -46.37 -58.75
N ILE XD 76 77.48 -47.19 -58.91
CA ILE XD 76 78.87 -46.77 -58.78
C ILE XD 76 79.44 -46.66 -60.18
N ALA XD 77 79.80 -45.44 -60.59
CA ALA XD 77 80.21 -45.22 -61.97
C ALA XD 77 81.55 -45.87 -62.26
N ARG XD 78 82.50 -45.79 -61.33
CA ARG XD 78 83.80 -46.43 -61.49
C ARG XD 78 84.21 -47.01 -60.15
N PRO XD 79 84.01 -48.30 -59.93
CA PRO XD 79 84.39 -48.89 -58.65
C PRO XD 79 85.89 -49.09 -58.57
N HIS XD 80 86.40 -49.03 -57.34
CA HIS XD 80 87.79 -49.34 -57.10
C HIS XD 80 88.07 -50.79 -57.43
N ASN XD 81 89.31 -51.08 -57.81
CA ASN XD 81 89.65 -52.45 -58.17
C ASN XD 81 89.51 -53.40 -57.00
N ASP XD 82 89.69 -52.90 -55.78
CA ASP XD 82 89.49 -53.74 -54.60
C ASP XD 82 88.04 -54.18 -54.48
N ILE XD 83 87.11 -53.31 -54.86
CA ILE XD 83 85.70 -53.65 -54.79
C ILE XD 83 85.35 -54.79 -55.73
N GLU XD 84 86.11 -54.98 -56.81
CA GLU XD 84 85.84 -56.11 -57.70
C GLU XD 84 86.61 -57.35 -57.25
N LYS XD 85 86.53 -57.59 -55.95
CA LYS XD 85 86.91 -58.84 -55.32
C LYS XD 85 85.92 -59.23 -54.24
N ILE XD 86 85.04 -58.32 -53.85
CA ILE XD 86 83.96 -58.59 -52.91
C ILE XD 86 82.70 -59.03 -53.63
N ALA XD 87 82.38 -58.35 -54.74
CA ALA XD 87 81.24 -58.76 -55.55
C ALA XD 87 81.53 -60.08 -56.25
N GLY XD 88 82.53 -60.10 -57.11
CA GLY XD 88 82.91 -61.32 -57.81
C GLY XD 88 83.90 -62.17 -57.02
N MET YD 1 -3.86 -40.13 -101.77
CA MET YD 1 -4.03 -39.15 -102.83
C MET YD 1 -4.21 -39.84 -104.17
N ILE YD 2 -4.70 -39.09 -105.16
CA ILE YD 2 -4.79 -39.57 -106.53
C ILE YD 2 -4.38 -38.44 -107.47
N LEU YD 3 -3.78 -38.80 -108.59
CA LEU YD 3 -3.52 -37.83 -109.64
C LEU YD 3 -4.81 -37.53 -110.38
N ALA YD 4 -5.09 -36.25 -110.56
CA ALA YD 4 -6.33 -35.84 -111.22
C ALA YD 4 -6.07 -34.54 -111.95
N LYS YD 5 -7.03 -34.17 -112.78
CA LYS YD 5 -6.94 -32.96 -113.59
C LYS YD 5 -8.20 -32.13 -113.38
N VAL YD 6 -8.03 -30.83 -113.15
CA VAL YD 6 -9.18 -29.95 -112.98
C VAL YD 6 -9.85 -29.75 -114.33
N THR YD 7 -11.15 -30.02 -114.39
CA THR YD 7 -11.88 -29.97 -115.65
C THR YD 7 -13.10 -29.04 -115.62
N GLY YD 8 -13.31 -28.30 -114.54
CA GLY YD 8 -14.45 -27.40 -114.48
C GLY YD 8 -14.61 -26.84 -113.09
N HIS YD 9 -15.81 -26.35 -112.81
CA HIS YD 9 -16.14 -25.85 -111.48
C HIS YD 9 -17.64 -25.93 -111.29
N VAL YD 10 -18.06 -25.76 -110.05
CA VAL YD 10 -19.46 -25.89 -109.66
C VAL YD 10 -19.85 -24.64 -108.90
N VAL YD 11 -20.98 -24.04 -109.25
CA VAL YD 11 -21.50 -22.85 -108.60
C VAL YD 11 -22.73 -23.26 -107.80
N ALA YD 12 -22.62 -23.23 -106.47
CA ALA YD 12 -23.68 -23.64 -105.58
C ALA YD 12 -23.97 -22.50 -104.62
N THR YD 13 -25.21 -22.03 -104.59
CA THR YD 13 -25.61 -20.91 -103.75
C THR YD 13 -26.18 -21.36 -102.41
N GLN YD 14 -27.11 -22.31 -102.44
CA GLN YD 14 -27.74 -22.84 -101.23
C GLN YD 14 -26.89 -24.01 -100.75
N LYS YD 15 -26.10 -23.78 -99.71
CA LYS YD 15 -25.20 -24.81 -99.21
C LYS YD 15 -24.94 -24.60 -97.74
N CYS YD 16 -24.27 -25.56 -97.13
CA CYS YD 16 -23.99 -25.51 -95.70
C CYS YD 16 -23.00 -24.39 -95.40
N ASP YD 17 -22.69 -24.24 -94.12
CA ASP YD 17 -21.79 -23.19 -93.66
C ASP YD 17 -20.34 -23.64 -93.59
N GLU YD 18 -20.09 -24.93 -93.50
CA GLU YD 18 -18.72 -25.44 -93.53
C GLU YD 18 -18.07 -25.24 -94.88
N LEU YD 19 -18.82 -24.81 -95.89
CA LEU YD 19 -18.32 -24.64 -97.24
C LEU YD 19 -18.33 -23.19 -97.71
N ARG YD 20 -18.60 -22.24 -96.84
CA ARG YD 20 -18.67 -20.84 -97.25
C ARG YD 20 -17.28 -20.31 -97.57
N GLY YD 21 -17.16 -19.66 -98.72
CA GLY YD 21 -15.91 -19.03 -99.10
C GLY YD 21 -14.84 -20.01 -99.54
N SER YD 22 -15.16 -20.86 -100.50
CA SER YD 22 -14.21 -21.84 -101.01
C SER YD 22 -14.61 -22.19 -102.43
N ASN YD 23 -13.63 -22.67 -103.19
CA ASN YD 23 -13.87 -23.07 -104.56
C ASN YD 23 -14.36 -24.51 -104.59
N LEU YD 24 -15.08 -24.87 -105.64
CA LEU YD 24 -15.56 -26.23 -105.82
C LEU YD 24 -15.24 -26.66 -107.25
N LEU YD 25 -14.19 -27.46 -107.41
CA LEU YD 25 -13.68 -27.84 -108.71
C LEU YD 25 -14.13 -29.24 -109.07
N LEU YD 26 -14.35 -29.47 -110.36
CA LEU YD 26 -14.55 -30.82 -110.87
C LEU YD 26 -13.18 -31.44 -111.12
N ILE YD 27 -13.00 -32.65 -110.63
CA ILE YD 27 -11.70 -33.28 -110.51
C ILE YD 27 -11.81 -34.64 -111.18
N THR YD 28 -11.14 -34.82 -112.31
CA THR YD 28 -11.25 -36.06 -113.06
C THR YD 28 -9.99 -36.88 -112.90
N ARG YD 29 -10.14 -38.12 -112.47
CA ARG YD 29 -9.01 -39.01 -112.31
C ARG YD 29 -8.45 -39.41 -113.67
N LEU YD 30 -7.12 -39.32 -113.82
CA LEU YD 30 -6.48 -39.59 -115.09
C LEU YD 30 -5.63 -40.86 -115.01
N ASP YD 31 -5.54 -41.56 -116.14
CA ASP YD 31 -4.94 -42.89 -116.18
C ASP YD 31 -3.42 -42.84 -116.36
N ASP YD 32 -2.79 -43.99 -116.63
CA ASP YD 32 -1.34 -44.09 -116.65
C ASP YD 32 -0.70 -43.50 -117.90
N LYS YD 33 -1.47 -42.87 -118.77
CA LYS YD 33 -0.94 -42.08 -119.87
C LYS YD 33 -1.17 -40.60 -119.67
N GLN YD 34 -1.51 -40.20 -118.44
CA GLN YD 34 -1.89 -38.83 -118.12
C GLN YD 34 -3.03 -38.36 -119.03
N GLN YD 35 -4.13 -39.11 -118.98
CA GLN YD 35 -5.29 -38.85 -119.80
C GLN YD 35 -6.53 -39.11 -118.95
N PRO YD 36 -7.50 -38.19 -118.93
CA PRO YD 36 -8.67 -38.37 -118.07
C PRO YD 36 -9.46 -39.63 -118.43
N MET YD 37 -10.09 -40.21 -117.42
CA MET YD 37 -10.89 -41.41 -117.57
C MET YD 37 -12.36 -41.02 -117.73
N LYS YD 38 -13.22 -42.03 -117.83
CA LYS YD 38 -14.65 -41.85 -118.00
C LYS YD 38 -15.37 -42.16 -116.70
N ASP YD 39 -16.32 -41.30 -116.33
CA ASP YD 39 -17.15 -41.50 -115.14
C ASP YD 39 -16.30 -41.59 -113.88
N GLN YD 40 -15.38 -40.64 -113.74
CA GLN YD 40 -14.46 -40.63 -112.60
C GLN YD 40 -14.29 -39.23 -112.05
N THR YD 41 -15.38 -38.50 -111.91
CA THR YD 41 -15.33 -37.09 -111.53
C THR YD 41 -15.85 -36.91 -110.11
N TRP YD 42 -15.09 -36.17 -109.31
CA TRP YD 42 -15.51 -35.78 -107.97
C TRP YD 42 -15.48 -34.27 -107.87
N VAL YD 43 -16.03 -33.75 -106.79
CA VAL YD 43 -16.02 -32.32 -106.51
C VAL YD 43 -15.10 -32.08 -105.32
N ALA YD 44 -14.10 -31.23 -105.52
CA ALA YD 44 -13.07 -31.02 -104.51
C ALA YD 44 -13.03 -29.56 -104.11
N VAL YD 45 -12.87 -29.30 -102.81
CA VAL YD 45 -12.72 -27.95 -102.31
C VAL YD 45 -11.27 -27.54 -102.51
N ASP YD 46 -11.04 -26.62 -103.45
CA ASP YD 46 -9.68 -26.16 -103.70
C ASP YD 46 -9.08 -25.58 -102.44
N ASN YD 47 -7.78 -25.78 -102.27
CA ASN YD 47 -7.10 -25.33 -101.07
C ASN YD 47 -5.78 -24.62 -101.33
N VAL YD 48 -5.18 -24.76 -102.51
CA VAL YD 48 -3.89 -24.16 -102.82
C VAL YD 48 -3.95 -23.24 -104.03
N GLY YD 49 -5.10 -23.11 -104.67
CA GLY YD 49 -5.19 -22.20 -105.79
C GLY YD 49 -4.95 -22.84 -107.14
N ALA YD 50 -5.70 -23.89 -107.44
CA ALA YD 50 -5.61 -24.56 -108.73
C ALA YD 50 -6.71 -24.05 -109.65
N GLY YD 51 -6.42 -24.07 -110.95
CA GLY YD 51 -7.38 -23.63 -111.94
C GLY YD 51 -7.59 -24.66 -113.02
N MET YD 52 -8.14 -24.26 -114.16
CA MET YD 52 -8.46 -25.22 -115.19
C MET YD 52 -7.21 -25.84 -115.78
N HIS YD 53 -7.33 -27.09 -116.22
CA HIS YD 53 -6.32 -27.83 -116.97
C HIS YD 53 -5.10 -28.20 -116.13
N ASP YD 54 -5.10 -27.92 -114.84
CA ASP YD 54 -3.93 -28.16 -114.00
C ASP YD 54 -4.00 -29.56 -113.41
N ILE YD 55 -2.87 -30.25 -113.40
CA ILE YD 55 -2.80 -31.58 -112.79
C ILE YD 55 -2.55 -31.42 -111.30
N VAL YD 56 -3.47 -31.91 -110.48
CA VAL YD 56 -3.43 -31.69 -109.05
C VAL YD 56 -3.39 -33.02 -108.32
N LEU YD 57 -3.37 -32.96 -107.00
CA LEU YD 57 -3.21 -34.13 -106.13
C LEU YD 57 -4.36 -34.09 -105.12
N ALA YD 58 -5.47 -34.75 -105.45
CA ALA YD 58 -6.68 -34.66 -104.66
C ALA YD 58 -6.66 -35.68 -103.54
N GLU YD 59 -6.94 -35.22 -102.33
CA GLU YD 59 -6.89 -36.06 -101.14
C GLU YD 59 -8.30 -36.42 -100.69
N GLU YD 60 -8.41 -37.57 -100.03
CA GLU YD 60 -9.70 -38.09 -99.59
C GLU YD 60 -10.12 -37.43 -98.28
N TYR YD 61 -11.05 -38.06 -97.58
CA TYR YD 61 -11.96 -37.40 -96.63
C TYR YD 61 -11.35 -36.27 -95.80
N PHE YD 62 -10.38 -36.57 -94.95
CA PHE YD 62 -10.03 -35.64 -93.88
C PHE YD 62 -8.89 -34.74 -94.31
N ALA YD 63 -9.21 -33.45 -94.53
CA ALA YD 63 -8.20 -32.43 -94.76
C ALA YD 63 -8.58 -31.11 -94.07
N LEU YD 64 -9.50 -31.14 -93.10
CA LEU YD 64 -9.90 -29.97 -92.33
C LEU YD 64 -10.44 -28.87 -93.23
N ASN YD 65 -11.54 -29.17 -93.91
CA ASN YD 65 -12.14 -28.23 -94.84
C ASN YD 65 -13.67 -28.26 -94.79
N TYR YD 69 -14.48 -31.71 -89.75
CA TYR YD 69 -14.36 -31.28 -91.14
C TYR YD 69 -13.71 -32.37 -91.98
N LYS YD 70 -14.44 -32.87 -92.99
CA LYS YD 70 -13.96 -33.99 -93.78
C LYS YD 70 -14.20 -33.82 -95.27
N ALA YD 71 -14.08 -32.61 -95.81
CA ALA YD 71 -14.32 -32.43 -97.24
C ALA YD 71 -13.11 -32.87 -98.04
N MET YD 72 -13.37 -33.39 -99.24
CA MET YD 72 -12.33 -33.84 -100.15
C MET YD 72 -11.73 -32.61 -100.80
N SER YD 73 -10.44 -32.38 -100.56
CA SER YD 73 -9.79 -31.16 -101.02
C SER YD 73 -8.57 -31.47 -101.87
N VAL YD 74 -8.07 -30.45 -102.54
CA VAL YD 74 -6.84 -30.50 -103.31
C VAL YD 74 -5.71 -30.01 -102.43
N VAL YD 75 -4.61 -30.75 -102.40
CA VAL YD 75 -3.54 -30.47 -101.45
C VAL YD 75 -2.20 -30.21 -102.12
N ALA YD 76 -2.10 -30.30 -103.43
CA ALA YD 76 -0.82 -30.10 -104.10
C ALA YD 76 -1.04 -29.90 -105.58
N ILE YD 77 -0.25 -29.02 -106.18
CA ILE YD 77 -0.20 -28.84 -107.62
C ILE YD 77 1.08 -29.48 -108.12
N VAL YD 78 0.95 -30.37 -109.09
CA VAL YD 78 2.03 -31.28 -109.48
C VAL YD 78 2.83 -30.67 -110.61
N GLU YD 79 4.16 -30.63 -110.44
CA GLU YD 79 5.08 -30.15 -111.46
C GLU YD 79 5.48 -31.26 -112.43
N LYS YD 80 6.05 -32.34 -111.91
CA LYS YD 80 6.57 -33.43 -112.72
C LYS YD 80 6.06 -34.76 -112.20
N VAL YD 81 5.70 -35.65 -113.11
CA VAL YD 81 5.29 -37.01 -112.79
C VAL YD 81 6.27 -37.93 -113.52
N PHE YD 82 7.32 -38.34 -112.84
CA PHE YD 82 8.28 -39.29 -113.41
C PHE YD 82 7.75 -40.70 -113.18
N ARG YD 83 7.60 -41.46 -114.26
CA ARG YD 83 6.93 -42.75 -114.20
C ARG YD 83 7.57 -43.69 -115.22
N ASP YD 84 8.23 -44.74 -114.74
CA ASP YD 84 8.72 -45.78 -115.62
C ASP YD 84 9.05 -47.03 -114.81
N GLU ZD 3 -30.86 23.69 -111.42
CA GLU ZD 3 -31.22 22.65 -110.49
C GLU ZD 3 -30.27 22.63 -109.30
N ALA ZD 4 -30.65 21.94 -108.24
CA ALA ZD 4 -29.86 21.92 -107.03
C ALA ZD 4 -28.63 21.03 -107.20
N LEU ZD 5 -27.89 20.83 -106.12
CA LEU ZD 5 -26.65 20.09 -106.17
C LEU ZD 5 -26.41 19.38 -104.85
N GLY ZD 6 -26.12 18.08 -104.92
CA GLY ZD 6 -25.90 17.29 -103.72
C GLY ZD 6 -24.54 16.65 -103.74
N LEU ZD 7 -23.93 16.53 -102.56
CA LEU ZD 7 -22.54 16.11 -102.43
C LEU ZD 7 -22.39 15.19 -101.24
N ILE ZD 8 -21.75 14.05 -101.45
CA ILE ZD 8 -21.35 13.15 -100.37
C ILE ZD 8 -19.86 12.88 -100.53
N GLU ZD 9 -19.16 12.81 -99.40
CA GLU ZD 9 -17.72 12.54 -99.39
C GLU ZD 9 -17.44 11.40 -98.44
N THR ZD 10 -16.67 10.41 -98.91
CA THR ZD 10 -16.39 9.21 -98.14
C THR ZD 10 -14.91 8.89 -98.20
N LYS ZD 11 -14.48 8.06 -97.26
CA LYS ZD 11 -13.13 7.52 -97.26
C LYS ZD 11 -13.17 6.15 -97.94
N GLY ZD 12 -12.51 6.03 -99.08
CA GLY ZD 12 -12.53 4.79 -99.82
C GLY ZD 12 -13.48 4.84 -100.99
N LEU ZD 13 -13.20 4.02 -102.00
CA LEU ZD 13 -14.03 4.05 -103.21
C LEU ZD 13 -15.27 3.21 -103.06
N VAL ZD 14 -15.20 2.10 -102.34
CA VAL ZD 14 -16.35 1.21 -102.23
C VAL ZD 14 -17.51 1.92 -101.57
N ALA ZD 15 -17.24 2.61 -100.46
CA ALA ZD 15 -18.31 3.29 -99.74
C ALA ZD 15 -18.97 4.36 -100.61
N CYS ZD 16 -18.25 4.90 -101.59
CA CYS ZD 16 -18.83 5.93 -102.43
C CYS ZD 16 -19.70 5.34 -103.52
N ILE ZD 17 -19.34 4.18 -104.07
CA ILE ZD 17 -20.17 3.56 -105.10
C ILE ZD 17 -21.47 3.08 -104.50
N GLU ZD 18 -21.44 2.61 -103.27
CA GLU ZD 18 -22.66 2.25 -102.57
C GLU ZD 18 -23.54 3.49 -102.37
N ALA ZD 19 -22.94 4.60 -101.97
CA ALA ZD 19 -23.71 5.82 -101.75
C ALA ZD 19 -24.29 6.35 -103.05
N ALA ZD 20 -23.51 6.33 -104.12
CA ALA ZD 20 -24.00 6.87 -105.39
C ALA ZD 20 -25.06 5.99 -106.02
N ASP ZD 21 -25.11 4.71 -105.63
CA ASP ZD 21 -26.17 3.84 -106.12
C ASP ZD 21 -27.45 4.06 -105.35
N ALA ZD 22 -27.35 4.20 -104.03
CA ALA ZD 22 -28.53 4.49 -103.23
C ALA ZD 22 -29.16 5.82 -103.62
N MET ZD 23 -28.34 6.84 -103.85
CA MET ZD 23 -28.85 8.14 -104.28
C MET ZD 23 -29.64 8.00 -105.57
N CYS ZD 24 -29.09 7.32 -106.57
CA CYS ZD 24 -29.73 7.25 -107.87
C CYS ZD 24 -31.04 6.48 -107.81
N LYS ZD 25 -31.17 5.54 -106.89
CA LYS ZD 25 -32.39 4.73 -106.80
C LYS ZD 25 -33.49 5.43 -106.02
N ALA ZD 26 -33.12 6.27 -105.04
CA ALA ZD 26 -34.07 6.79 -104.07
C ALA ZD 26 -34.84 8.00 -104.55
N ALA ZD 27 -34.45 8.63 -105.65
CA ALA ZD 27 -35.17 9.81 -106.13
C ALA ZD 27 -34.76 10.07 -107.56
N ASN ZD 28 -35.44 11.03 -108.17
CA ASN ZD 28 -35.19 11.38 -109.58
C ASN ZD 28 -34.06 12.40 -109.65
N VAL ZD 29 -32.83 11.90 -109.50
CA VAL ZD 29 -31.64 12.71 -109.62
C VAL ZD 29 -30.70 12.02 -110.59
N GLU ZD 30 -29.82 12.80 -111.22
CA GLU ZD 30 -28.86 12.27 -112.18
C GLU ZD 30 -27.46 12.44 -111.62
N LEU ZD 31 -26.60 11.47 -111.93
CA LEU ZD 31 -25.25 11.44 -111.38
C LEU ZD 31 -24.32 12.25 -112.27
N ILE ZD 32 -23.62 13.22 -111.67
CA ILE ZD 32 -22.70 14.06 -112.44
C ILE ZD 32 -21.37 13.34 -112.63
N GLY ZD 33 -20.75 12.90 -111.55
CA GLY ZD 33 -19.51 12.16 -111.66
C GLY ZD 33 -18.85 12.01 -110.31
N TYR ZD 34 -17.69 11.37 -110.34
CA TYR ZD 34 -16.84 11.22 -109.17
C TYR ZD 34 -15.64 12.15 -109.28
N GLU ZD 35 -15.00 12.39 -108.15
CA GLU ZD 35 -13.79 13.22 -108.12
C GLU ZD 35 -13.06 12.92 -106.81
N ASN ZD 36 -11.92 12.23 -106.90
CA ASN ZD 36 -11.11 12.01 -105.71
C ASN ZD 36 -9.98 13.02 -105.64
N VAL ZD 37 -9.78 13.57 -104.45
CA VAL ZD 37 -8.76 14.58 -104.23
C VAL ZD 37 -7.79 14.00 -103.20
N GLY ZD 38 -6.78 13.31 -103.70
CA GLY ZD 38 -5.73 12.84 -102.81
C GLY ZD 38 -6.22 11.79 -101.84
N SER ZD 39 -5.86 11.98 -100.57
CA SER ZD 39 -5.79 10.89 -99.61
C SER ZD 39 -7.16 10.29 -99.33
N GLY ZD 40 -7.42 9.14 -99.96
CA GLY ZD 40 -8.61 8.34 -99.76
C GLY ZD 40 -9.95 9.06 -99.70
N LEU ZD 41 -10.11 10.18 -100.41
CA LEU ZD 41 -11.35 10.93 -100.35
C LEU ZD 41 -11.98 10.95 -101.73
N VAL ZD 42 -13.13 10.32 -101.87
CA VAL ZD 42 -13.90 10.31 -103.11
C VAL ZD 42 -15.23 11.02 -102.86
N THR ZD 43 -15.68 11.76 -103.86
CA THR ZD 43 -16.89 12.56 -103.75
C THR ZD 43 -17.77 12.30 -104.96
N ALA ZD 44 -19.06 12.06 -104.72
CA ALA ZD 44 -20.06 11.90 -105.76
C ALA ZD 44 -20.98 13.12 -105.77
N MET ZD 45 -21.38 13.54 -106.97
CA MET ZD 45 -22.20 14.73 -107.15
C MET ZD 45 -23.44 14.37 -107.93
N VAL ZD 46 -24.61 14.76 -107.41
CA VAL ZD 46 -25.88 14.54 -108.08
C VAL ZD 46 -26.58 15.88 -108.24
N LYS ZD 47 -27.47 15.96 -109.22
CA LYS ZD 47 -28.23 17.19 -109.42
C LYS ZD 47 -29.67 16.84 -109.77
N GLY ZD 48 -30.57 17.77 -109.45
CA GLY ZD 48 -31.99 17.57 -109.64
C GLY ZD 48 -32.74 18.65 -108.91
N ASP ZD 49 -34.05 18.44 -108.77
CA ASP ZD 49 -34.85 19.42 -108.04
C ASP ZD 49 -34.50 19.41 -106.56
N VAL ZD 50 -34.94 20.44 -105.85
CA VAL ZD 50 -34.49 20.65 -104.48
C VAL ZD 50 -35.10 19.61 -103.55
N GLY ZD 51 -36.36 19.26 -103.77
CA GLY ZD 51 -36.98 18.26 -102.92
C GLY ZD 51 -36.48 16.86 -103.22
N ALA ZD 52 -36.16 16.59 -104.48
CA ALA ZD 52 -35.58 15.29 -104.84
C ALA ZD 52 -34.17 15.17 -104.32
N VAL ZD 53 -33.32 16.16 -104.60
CA VAL ZD 53 -31.91 16.09 -104.22
C VAL ZD 53 -31.79 15.97 -102.71
N ASN ZD 54 -32.66 16.66 -101.97
CA ASN ZD 54 -32.63 16.54 -100.52
C ASN ZD 54 -32.98 15.13 -100.08
N ALA ZD 55 -33.84 14.45 -100.84
CA ALA ZD 55 -34.25 13.11 -100.48
C ALA ZD 55 -33.22 12.07 -100.92
N ALA ZD 56 -32.41 12.40 -101.92
CA ALA ZD 56 -31.37 11.48 -102.35
C ALA ZD 56 -30.18 11.50 -101.40
N VAL ZD 57 -29.85 12.66 -100.86
CA VAL ZD 57 -28.62 12.78 -100.09
C VAL ZD 57 -28.76 12.09 -98.73
N ASP ZD 58 -29.93 12.21 -98.09
CA ASP ZD 58 -30.08 11.56 -96.79
C ASP ZD 58 -30.21 10.06 -96.92
N SER ZD 59 -30.60 9.57 -98.10
CA SER ZD 59 -30.62 8.13 -98.34
C SER ZD 59 -29.22 7.63 -98.63
N GLY ZD 60 -28.47 8.34 -99.46
CA GLY ZD 60 -27.12 7.93 -99.78
C GLY ZD 60 -26.18 8.00 -98.60
N VAL ZD 61 -26.37 8.96 -97.71
CA VAL ZD 61 -25.56 9.02 -96.50
C VAL ZD 61 -25.86 7.83 -95.62
N GLU ZD 62 -27.11 7.39 -95.61
CA GLU ZD 62 -27.53 6.29 -94.74
C GLU ZD 62 -26.90 4.97 -95.17
N ALA ZD 63 -26.71 4.78 -96.47
CA ALA ZD 63 -26.16 3.53 -96.98
C ALA ZD 63 -24.64 3.48 -96.83
N ALA ZD 64 -23.95 4.55 -97.22
CA ALA ZD 64 -22.50 4.56 -97.11
C ALA ZD 64 -22.05 4.53 -95.66
N LYS ZD 65 -22.81 5.15 -94.76
CA LYS ZD 65 -22.51 5.10 -93.34
C LYS ZD 65 -22.55 3.68 -92.80
N ARG ZD 66 -23.16 2.76 -93.54
CA ARG ZD 66 -23.31 1.38 -93.08
C ARG ZD 66 -22.00 0.61 -93.18
N ILE ZD 67 -21.26 0.83 -94.26
CA ILE ZD 67 -20.06 0.05 -94.54
C ILE ZD 67 -18.79 0.88 -94.52
N GLY ZD 68 -18.88 2.20 -94.47
CA GLY ZD 68 -17.69 3.02 -94.48
C GLY ZD 68 -17.84 4.28 -93.66
N LYS ZD 69 -16.98 5.27 -93.93
CA LYS ZD 69 -17.02 6.54 -93.25
C LYS ZD 69 -17.56 7.59 -94.21
N VAL ZD 70 -18.66 8.23 -93.83
CA VAL ZD 70 -19.15 9.40 -94.55
C VAL ZD 70 -18.53 10.62 -93.87
N VAL ZD 71 -17.75 11.38 -94.64
CA VAL ZD 71 -17.04 12.53 -94.08
C VAL ZD 71 -17.92 13.76 -94.04
N SER ZD 72 -18.58 14.08 -95.16
CA SER ZD 72 -19.40 15.28 -95.22
C SER ZD 72 -20.51 15.07 -96.24
N SER ZD 73 -21.60 15.80 -96.06
CA SER ZD 73 -22.67 15.86 -97.03
C SER ZD 73 -23.25 17.26 -97.04
N ARG ZD 74 -23.82 17.66 -98.17
CA ARG ZD 74 -24.25 19.04 -98.31
C ARG ZD 74 -25.13 19.16 -99.54
N VAL ZD 75 -26.18 19.97 -99.42
CA VAL ZD 75 -27.08 20.28 -100.53
C VAL ZD 75 -26.99 21.78 -100.78
N ILE ZD 76 -26.87 22.16 -102.04
CA ILE ZD 76 -26.82 23.56 -102.44
C ILE ZD 76 -28.08 23.82 -103.26
N ALA ZD 77 -28.95 24.68 -102.74
CA ALA ZD 77 -30.28 24.82 -103.33
C ALA ZD 77 -30.24 25.56 -104.64
N ARG ZD 78 -29.37 26.56 -104.78
CA ARG ZD 78 -29.17 27.26 -106.04
C ARG ZD 78 -27.68 27.49 -106.21
N PRO ZD 79 -26.99 26.64 -106.96
CA PRO ZD 79 -25.56 26.86 -107.19
C PRO ZD 79 -25.36 28.04 -108.11
N HIS ZD 80 -24.33 28.83 -107.82
CA HIS ZD 80 -24.04 30.00 -108.62
C HIS ZD 80 -23.59 29.60 -110.02
N ASN ZD 81 -23.95 30.42 -110.99
CA ASN ZD 81 -23.71 30.07 -112.39
C ASN ZD 81 -22.23 29.83 -112.65
N ASP ZD 82 -21.36 30.57 -111.96
CA ASP ZD 82 -19.92 30.39 -112.15
C ASP ZD 82 -19.48 28.99 -111.78
N ILE ZD 83 -20.07 28.43 -110.73
CA ILE ZD 83 -19.70 27.12 -110.25
C ILE ZD 83 -20.34 26.04 -111.12
N GLU AE 3 -25.66 -6.69 -115.62
CA GLU AE 3 -25.10 -7.78 -114.83
C GLU AE 3 -24.61 -7.25 -113.49
N ALA AE 4 -24.48 -8.14 -112.51
CA ALA AE 4 -24.14 -7.75 -111.16
C ALA AE 4 -22.73 -7.16 -111.13
N LEU AE 5 -22.30 -6.73 -109.95
CA LEU AE 5 -21.03 -6.05 -109.81
C LEU AE 5 -20.52 -6.25 -108.40
N GLY AE 6 -19.27 -6.66 -108.29
CA GLY AE 6 -18.68 -6.92 -106.98
C GLY AE 6 -17.39 -6.17 -106.80
N LEU AE 7 -17.14 -5.74 -105.57
CA LEU AE 7 -15.99 -4.92 -105.24
C LEU AE 7 -15.29 -5.47 -104.02
N ILE AE 8 -13.96 -5.44 -104.04
CA ILE AE 8 -13.15 -5.71 -102.87
C ILE AE 8 -12.14 -4.58 -102.75
N GLU AE 9 -11.97 -4.06 -101.54
CA GLU AE 9 -11.03 -2.99 -101.29
C GLU AE 9 -9.99 -3.45 -100.29
N THR AE 10 -8.71 -3.33 -100.67
CA THR AE 10 -7.61 -3.84 -99.88
C THR AE 10 -6.56 -2.77 -99.70
N LYS AE 11 -5.78 -2.90 -98.63
CA LYS AE 11 -4.67 -2.01 -98.36
C LYS AE 11 -3.40 -2.58 -98.98
N GLY AE 12 -2.92 -1.97 -100.04
CA GLY AE 12 -1.76 -2.49 -100.73
C GLY AE 12 -2.14 -3.25 -101.98
N LEU AE 13 -1.24 -3.24 -102.96
CA LEU AE 13 -1.54 -3.85 -104.25
C LEU AE 13 -1.41 -5.37 -104.22
N VAL AE 14 -0.50 -5.91 -103.41
CA VAL AE 14 -0.28 -7.35 -103.42
C VAL AE 14 -1.53 -8.08 -102.96
N ALA AE 15 -2.13 -7.63 -101.86
CA ALA AE 15 -3.35 -8.26 -101.38
C ALA AE 15 -4.48 -8.16 -102.39
N CYS AE 16 -4.42 -7.19 -103.30
CA CYS AE 16 -5.47 -7.04 -104.29
C CYS AE 16 -5.29 -8.00 -105.46
N ILE AE 17 -4.05 -8.36 -105.80
CA ILE AE 17 -3.84 -9.32 -106.86
C ILE AE 17 -4.15 -10.73 -106.38
N GLU AE 18 -3.90 -11.02 -105.11
CA GLU AE 18 -4.34 -12.30 -104.56
C GLU AE 18 -5.86 -12.38 -104.53
N ALA AE 19 -6.52 -11.30 -104.12
CA ALA AE 19 -7.98 -11.28 -104.13
C ALA AE 19 -8.52 -11.47 -105.54
N ALA AE 20 -7.93 -10.81 -106.53
CA ALA AE 20 -8.47 -10.92 -107.88
C ALA AE 20 -8.15 -12.25 -108.52
N ASP AE 21 -7.11 -12.93 -108.04
CA ASP AE 21 -6.83 -14.26 -108.57
C ASP AE 21 -7.84 -15.28 -108.05
N ALA AE 22 -8.20 -15.17 -106.77
CA ALA AE 22 -9.20 -16.06 -106.22
C ALA AE 22 -10.57 -15.80 -106.82
N MET AE 23 -10.88 -14.54 -107.10
CA MET AE 23 -12.17 -14.20 -107.69
C MET AE 23 -12.31 -14.80 -109.08
N CYS AE 24 -11.25 -14.73 -109.88
CA CYS AE 24 -11.35 -15.17 -111.27
C CYS AE 24 -11.32 -16.67 -111.43
N LYS AE 25 -10.86 -17.40 -110.41
CA LYS AE 25 -10.88 -18.85 -110.45
C LYS AE 25 -12.14 -19.45 -109.86
N ALA AE 26 -12.86 -18.68 -109.04
CA ALA AE 26 -13.98 -19.23 -108.29
C ALA AE 26 -15.26 -19.31 -109.11
N ALA AE 27 -15.39 -18.51 -110.15
CA ALA AE 27 -16.59 -18.53 -110.97
C ALA AE 27 -16.29 -17.92 -112.31
N ASN AE 28 -17.33 -17.80 -113.14
CA ASN AE 28 -17.18 -17.30 -114.50
C ASN AE 28 -17.52 -15.81 -114.52
N VAL AE 29 -16.59 -15.01 -114.05
CA VAL AE 29 -16.73 -13.56 -114.02
C VAL AE 29 -15.59 -12.95 -114.81
N GLU AE 30 -15.86 -11.82 -115.45
CA GLU AE 30 -14.84 -11.06 -116.15
C GLU AE 30 -14.36 -9.93 -115.26
N LEU AE 31 -13.06 -9.76 -115.18
CA LEU AE 31 -12.45 -8.76 -114.31
C LEU AE 31 -12.33 -7.44 -115.07
N ILE AE 32 -12.79 -6.37 -114.45
CA ILE AE 32 -12.84 -5.07 -115.12
C ILE AE 32 -11.51 -4.33 -114.99
N GLY AE 33 -11.02 -4.16 -113.78
CA GLY AE 33 -9.72 -3.53 -113.59
C GLY AE 33 -9.61 -2.90 -112.22
N TYR AE 34 -8.39 -2.49 -111.90
CA TYR AE 34 -8.06 -1.90 -110.62
C TYR AE 34 -8.25 -0.39 -110.66
N GLU AE 35 -8.39 0.19 -109.47
CA GLU AE 35 -8.50 1.63 -109.32
C GLU AE 35 -8.04 1.99 -107.91
N ASN AE 36 -6.91 2.67 -107.79
CA ASN AE 36 -6.44 3.14 -106.49
C ASN AE 36 -6.79 4.60 -106.30
N VAL AE 37 -7.19 4.95 -105.08
CA VAL AE 37 -7.65 6.29 -104.75
C VAL AE 37 -6.69 6.98 -103.79
N GLY AE 38 -5.54 6.39 -103.54
CA GLY AE 38 -4.57 6.97 -102.63
C GLY AE 38 -4.75 6.45 -101.22
N SER AE 39 -3.73 6.72 -100.40
CA SER AE 39 -3.62 6.25 -99.03
C SER AE 39 -3.43 4.74 -98.95
N GLY AE 40 -3.06 4.11 -100.06
CA GLY AE 40 -2.80 2.68 -100.07
C GLY AE 40 -4.00 1.82 -100.37
N LEU AE 41 -5.14 2.40 -100.71
CA LEU AE 41 -6.35 1.65 -100.96
C LEU AE 41 -6.45 1.30 -102.44
N VAL AE 42 -6.53 0.01 -102.73
CA VAL AE 42 -6.69 -0.48 -104.09
C VAL AE 42 -7.98 -1.30 -104.15
N THR AE 43 -8.72 -1.18 -105.25
CA THR AE 43 -10.02 -1.80 -105.40
C THR AE 43 -10.06 -2.60 -106.69
N ALA AE 44 -10.56 -3.83 -106.62
CA ALA AE 44 -10.77 -4.68 -107.77
C ALA AE 44 -12.26 -4.81 -108.04
N MET AE 45 -12.64 -4.84 -109.31
CA MET AE 45 -14.03 -4.82 -109.71
C MET AE 45 -14.28 -5.93 -110.73
N VAL AE 46 -15.25 -6.79 -110.44
CA VAL AE 46 -15.65 -7.86 -111.35
C VAL AE 46 -17.11 -7.67 -111.72
N LYS AE 47 -17.53 -8.36 -112.78
CA LYS AE 47 -18.92 -8.28 -113.19
C LYS AE 47 -19.33 -9.59 -113.84
N GLY AE 48 -20.57 -9.98 -113.60
CA GLY AE 48 -21.11 -11.22 -114.12
C GLY AE 48 -22.50 -11.44 -113.56
N ASP AE 49 -22.98 -12.67 -113.71
CA ASP AE 49 -24.26 -13.02 -113.14
C ASP AE 49 -24.18 -13.00 -111.62
N VAL AE 50 -25.33 -12.78 -110.98
CA VAL AE 50 -25.34 -12.48 -109.55
C VAL AE 50 -25.04 -13.72 -108.71
N GLY AE 51 -25.23 -14.91 -109.25
CA GLY AE 51 -24.85 -16.11 -108.53
C GLY AE 51 -23.35 -16.33 -108.59
N ALA AE 52 -22.75 -15.98 -109.74
CA ALA AE 52 -21.31 -16.10 -109.89
C ALA AE 52 -20.58 -15.02 -109.13
N VAL AE 53 -21.06 -13.78 -109.22
CA VAL AE 53 -20.39 -12.67 -108.55
C VAL AE 53 -20.45 -12.83 -107.04
N ASN AE 54 -21.55 -13.38 -106.53
CA ASN AE 54 -21.66 -13.61 -105.10
C ASN AE 54 -20.64 -14.63 -104.63
N ALA AE 55 -20.40 -15.66 -105.44
CA ALA AE 55 -19.44 -16.69 -105.08
C ALA AE 55 -18.01 -16.19 -105.18
N ALA AE 56 -17.73 -15.34 -106.18
CA ALA AE 56 -16.38 -14.85 -106.37
C ALA AE 56 -15.96 -13.92 -105.24
N VAL AE 57 -16.83 -13.00 -104.84
CA VAL AE 57 -16.46 -12.03 -103.83
C VAL AE 57 -16.25 -12.71 -102.48
N ASP AE 58 -17.04 -13.73 -102.18
CA ASP AE 58 -16.85 -14.45 -100.92
C ASP AE 58 -15.52 -15.19 -100.91
N SER AE 59 -15.09 -15.70 -102.06
CA SER AE 59 -13.82 -16.40 -102.12
C SER AE 59 -12.65 -15.43 -102.11
N GLY AE 60 -12.78 -14.34 -102.87
CA GLY AE 60 -11.71 -13.35 -102.90
C GLY AE 60 -11.47 -12.69 -101.56
N VAL AE 61 -12.52 -12.49 -100.78
CA VAL AE 61 -12.36 -11.85 -99.48
C VAL AE 61 -11.57 -12.75 -98.55
N GLU AE 62 -11.80 -14.05 -98.59
CA GLU AE 62 -11.12 -14.95 -97.66
C GLU AE 62 -9.66 -15.14 -98.04
N ALA AE 63 -9.34 -15.13 -99.33
CA ALA AE 63 -7.95 -15.31 -99.74
C ALA AE 63 -7.11 -14.07 -99.43
N ALA AE 64 -7.64 -12.89 -99.75
CA ALA AE 64 -6.92 -11.66 -99.43
C ALA AE 64 -6.83 -11.43 -97.94
N LYS AE 65 -7.85 -11.84 -97.18
CA LYS AE 65 -7.80 -11.72 -95.73
C LYS AE 65 -6.63 -12.48 -95.15
N ARG AE 66 -6.20 -13.53 -95.83
CA ARG AE 66 -5.16 -14.41 -95.30
C ARG AE 66 -3.80 -13.73 -95.30
N ILE AE 67 -3.53 -12.87 -96.28
CA ILE AE 67 -2.20 -12.32 -96.49
C ILE AE 67 -2.17 -10.80 -96.42
N GLY AE 68 -3.27 -10.16 -96.11
CA GLY AE 68 -3.30 -8.72 -96.03
C GLY AE 68 -4.52 -8.26 -95.28
N LYS AE 69 -4.83 -6.98 -95.42
CA LYS AE 69 -6.00 -6.39 -94.80
C LYS AE 69 -7.05 -6.13 -95.88
N VAL AE 70 -8.24 -6.68 -95.66
CA VAL AE 70 -9.39 -6.38 -96.52
C VAL AE 70 -10.19 -5.29 -95.83
N VAL AE 71 -10.36 -4.17 -96.52
CA VAL AE 71 -11.03 -3.02 -95.92
C VAL AE 71 -12.54 -3.14 -96.05
N SER AE 72 -13.02 -3.53 -97.23
CA SER AE 72 -14.44 -3.54 -97.51
C SER AE 72 -14.73 -4.44 -98.70
N SER AE 73 -15.95 -4.96 -98.74
CA SER AE 73 -16.42 -5.75 -99.86
C SER AE 73 -17.90 -5.49 -100.06
N ARG AE 74 -18.40 -5.76 -101.26
CA ARG AE 74 -19.76 -5.38 -101.58
C ARG AE 74 -20.17 -6.02 -102.89
N VAL AE 75 -21.41 -6.50 -102.96
CA VAL AE 75 -22.03 -6.96 -104.19
C VAL AE 75 -23.22 -6.06 -104.49
N ILE AE 76 -23.34 -5.63 -105.73
CA ILE AE 76 -24.45 -4.81 -106.19
C ILE AE 76 -25.19 -5.63 -107.24
N ALA AE 77 -26.39 -6.09 -106.91
CA ALA AE 77 -27.07 -7.06 -107.74
C ALA AE 77 -27.66 -6.43 -109.00
N ARG AE 78 -28.38 -5.32 -108.86
CA ARG AE 78 -28.90 -4.58 -109.99
C ARG AE 78 -28.33 -3.17 -109.95
N PRO AE 79 -27.19 -2.93 -110.59
CA PRO AE 79 -26.61 -1.59 -110.58
C PRO AE 79 -27.37 -0.68 -111.51
N HIS AE 80 -27.48 0.58 -111.11
CA HIS AE 80 -28.19 1.57 -111.90
C HIS AE 80 -27.43 1.88 -113.19
N ASN AE 81 -28.17 2.28 -114.23
CA ASN AE 81 -27.54 2.51 -115.52
C ASN AE 81 -26.67 3.76 -115.51
N ASP AE 82 -26.94 4.71 -114.62
CA ASP AE 82 -26.06 5.85 -114.45
C ASP AE 82 -24.71 5.43 -113.87
N ILE AE 83 -24.68 4.33 -113.13
CA ILE AE 83 -23.45 3.84 -112.55
C ILE AE 83 -22.71 2.98 -113.57
N GLU BE 3 -38.97 -21.17 -109.57
CA GLU BE 3 -37.94 -20.26 -109.10
C GLU BE 3 -38.04 -20.09 -107.59
N ALA BE 4 -37.02 -19.46 -107.00
CA ALA BE 4 -36.93 -19.39 -105.55
C ALA BE 4 -38.05 -18.54 -104.98
N LEU BE 5 -38.09 -18.47 -103.65
CA LEU BE 5 -39.18 -17.80 -102.95
C LEU BE 5 -38.63 -17.14 -101.69
N GLY BE 6 -38.87 -15.85 -101.55
CA GLY BE 6 -38.37 -15.10 -100.40
C GLY BE 6 -39.51 -14.47 -99.61
N LEU BE 7 -39.43 -14.57 -98.29
CA LEU BE 7 -40.49 -14.13 -97.40
C LEU BE 7 -39.92 -13.24 -96.31
N ILE BE 8 -40.62 -12.14 -96.02
CA ILE BE 8 -40.31 -11.29 -94.89
C ILE BE 8 -41.61 -11.05 -94.13
N GLU BE 9 -41.54 -11.11 -92.80
CA GLU BE 9 -42.72 -10.94 -91.96
C GLU BE 9 -42.45 -9.86 -90.94
N THR BE 10 -43.36 -8.90 -90.85
CA THR BE 10 -43.20 -7.72 -90.01
C THR BE 10 -44.46 -7.47 -89.22
N LYS BE 11 -44.33 -6.64 -88.19
CA LYS BE 11 -45.47 -6.12 -87.45
C LYS BE 11 -45.91 -4.80 -88.06
N GLY BE 12 -47.12 -4.76 -88.60
CA GLY BE 12 -47.57 -3.50 -89.16
C GLY BE 12 -47.31 -3.41 -90.65
N LEU BE 13 -48.11 -2.59 -91.31
CA LEU BE 13 -48.04 -2.50 -92.76
C LEU BE 13 -46.92 -1.58 -93.24
N VAL BE 14 -46.57 -0.57 -92.45
CA VAL BE 14 -45.57 0.39 -92.93
C VAL BE 14 -44.21 -0.27 -93.05
N ALA BE 15 -43.82 -1.08 -92.05
CA ALA BE 15 -42.55 -1.76 -92.14
C ALA BE 15 -42.51 -2.74 -93.31
N CYS BE 16 -43.68 -3.19 -93.77
CA CYS BE 16 -43.71 -4.14 -94.86
C CYS BE 16 -43.70 -3.46 -96.23
N ILE BE 17 -44.17 -2.22 -96.31
CA ILE BE 17 -44.05 -1.51 -97.58
C ILE BE 17 -42.63 -1.02 -97.77
N GLU BE 18 -41.91 -0.75 -96.68
CA GLU BE 18 -40.50 -0.40 -96.83
C GLU BE 18 -39.67 -1.62 -97.18
N ALA BE 19 -39.99 -2.77 -96.61
CA ALA BE 19 -39.29 -4.00 -96.98
C ALA BE 19 -39.55 -4.37 -98.43
N ALA BE 20 -40.81 -4.22 -98.88
CA ALA BE 20 -41.13 -4.59 -100.25
C ALA BE 20 -40.54 -3.62 -101.25
N ASP BE 21 -40.39 -2.35 -100.86
CA ASP BE 21 -39.77 -1.38 -101.75
C ASP BE 21 -38.28 -1.65 -101.90
N ALA BE 22 -37.60 -1.90 -100.78
CA ALA BE 22 -36.18 -2.18 -100.84
C ALA BE 22 -35.89 -3.45 -101.63
N MET BE 23 -36.72 -4.48 -101.45
CA MET BE 23 -36.50 -5.74 -102.15
C MET BE 23 -36.59 -5.55 -103.66
N CYS BE 24 -37.62 -4.85 -104.13
CA CYS BE 24 -37.80 -4.69 -105.56
C CYS BE 24 -36.74 -3.82 -106.19
N LYS BE 25 -36.07 -2.97 -105.41
CA LYS BE 25 -35.04 -2.10 -105.94
C LYS BE 25 -33.70 -2.82 -106.05
N ALA BE 26 -33.40 -3.71 -105.12
CA ALA BE 26 -32.06 -4.22 -104.92
C ALA BE 26 -31.79 -5.51 -105.66
N ALA BE 27 -32.69 -5.97 -106.52
CA ALA BE 27 -32.48 -7.20 -107.26
C ALA BE 27 -33.59 -7.36 -108.28
N ASN BE 28 -33.37 -8.25 -109.24
CA ASN BE 28 -34.36 -8.50 -110.28
C ASN BE 28 -35.31 -9.59 -109.81
N VAL BE 29 -36.30 -9.16 -109.02
CA VAL BE 29 -37.30 -10.07 -108.46
C VAL BE 29 -38.67 -9.54 -108.82
N GLU BE 30 -39.68 -10.40 -108.66
CA GLU BE 30 -41.06 -10.06 -108.91
C GLU BE 30 -41.83 -10.14 -107.60
N LEU BE 31 -42.60 -9.10 -107.30
CA LEU BE 31 -43.39 -9.08 -106.07
C LEU BE 31 -44.71 -9.78 -106.31
N ILE BE 32 -45.01 -10.78 -105.49
CA ILE BE 32 -46.24 -11.54 -105.64
C ILE BE 32 -47.40 -10.87 -104.93
N GLY BE 33 -47.19 -10.46 -103.68
CA GLY BE 33 -48.22 -9.72 -102.96
C GLY BE 33 -48.03 -9.82 -101.48
N TYR BE 34 -48.92 -9.15 -100.77
CA TYR BE 34 -48.96 -9.18 -99.31
C TYR BE 34 -50.03 -10.17 -98.85
N GLU BE 35 -49.88 -10.63 -97.61
CA GLU BE 35 -50.84 -11.58 -97.04
C GLU BE 35 -50.75 -11.47 -95.52
N ASN BE 36 -51.72 -10.80 -94.92
CA ASN BE 36 -51.74 -10.63 -93.48
C ASN BE 36 -52.65 -11.66 -92.82
N VAL BE 37 -52.36 -11.96 -91.56
CA VAL BE 37 -53.06 -13.01 -90.84
C VAL BE 37 -53.56 -12.50 -89.49
N GLY BE 38 -53.80 -11.20 -89.39
CA GLY BE 38 -54.23 -10.62 -88.14
C GLY BE 38 -53.12 -10.57 -87.13
N SER BE 39 -53.41 -9.93 -86.00
CA SER BE 39 -52.44 -9.56 -84.98
C SER BE 39 -51.39 -8.59 -85.49
N GLY BE 40 -51.63 -7.97 -86.64
CA GLY BE 40 -50.68 -7.03 -87.19
C GLY BE 40 -49.53 -7.64 -87.95
N LEU BE 41 -49.50 -8.96 -88.12
CA LEU BE 41 -48.45 -9.59 -88.89
C LEU BE 41 -48.78 -9.50 -90.37
N VAL BE 42 -47.87 -8.90 -91.14
CA VAL BE 42 -48.00 -8.81 -92.58
C VAL BE 42 -46.77 -9.44 -93.20
N THR BE 43 -46.95 -10.08 -94.36
CA THR BE 43 -45.90 -10.84 -95.00
C THR BE 43 -45.80 -10.45 -96.47
N ALA BE 44 -44.57 -10.25 -96.95
CA ALA BE 44 -44.29 -9.96 -98.34
C ALA BE 44 -43.64 -11.17 -98.99
N MET BE 45 -43.98 -11.43 -100.25
CA MET BE 45 -43.47 -12.58 -100.97
C MET BE 45 -42.90 -12.14 -102.30
N VAL BE 46 -41.61 -12.37 -102.51
CA VAL BE 46 -40.96 -12.09 -103.78
C VAL BE 46 -40.59 -13.41 -104.44
N LYS BE 47 -40.31 -13.35 -105.73
CA LYS BE 47 -40.07 -14.55 -106.51
C LYS BE 47 -39.07 -14.27 -107.61
N GLY BE 48 -38.08 -15.13 -107.75
CA GLY BE 48 -37.09 -14.95 -108.80
C GLY BE 48 -36.01 -16.00 -108.69
N ASP BE 49 -34.92 -15.80 -109.43
CA ASP BE 49 -33.79 -16.71 -109.35
C ASP BE 49 -33.21 -16.70 -107.95
N VAL BE 50 -32.48 -17.77 -107.62
CA VAL BE 50 -32.05 -17.97 -106.24
C VAL BE 50 -31.07 -16.89 -105.81
N GLY BE 51 -30.13 -16.52 -106.67
CA GLY BE 51 -29.16 -15.52 -106.31
C GLY BE 51 -29.78 -14.15 -106.12
N ALA BE 52 -30.71 -13.79 -107.01
CA ALA BE 52 -31.42 -12.53 -106.87
C ALA BE 52 -32.26 -12.52 -105.62
N VAL BE 53 -33.08 -13.55 -105.43
CA VAL BE 53 -33.99 -13.60 -104.28
C VAL BE 53 -33.21 -13.58 -102.99
N ASN BE 54 -32.07 -14.28 -102.95
CA ASN BE 54 -31.23 -14.22 -101.77
C ASN BE 54 -30.84 -12.79 -101.45
N ALA BE 55 -30.28 -12.09 -102.44
CA ALA BE 55 -29.83 -10.71 -102.25
C ALA BE 55 -30.98 -9.80 -101.83
N ALA BE 56 -32.14 -9.96 -102.45
CA ALA BE 56 -33.28 -9.10 -102.15
C ALA BE 56 -33.67 -9.21 -100.68
N VAL BE 57 -33.80 -10.44 -100.18
CA VAL BE 57 -34.27 -10.63 -98.81
C VAL BE 57 -33.30 -10.02 -97.81
N ASP BE 58 -32.01 -10.03 -98.13
CA ASP BE 58 -31.03 -9.43 -97.22
C ASP BE 58 -31.21 -7.92 -97.14
N SER BE 59 -31.40 -7.26 -98.28
CA SER BE 59 -31.60 -5.82 -98.26
C SER BE 59 -32.96 -5.46 -97.70
N GLY BE 60 -33.98 -6.23 -98.03
CA GLY BE 60 -35.32 -5.93 -97.54
C GLY BE 60 -35.44 -6.02 -96.03
N VAL BE 61 -34.71 -6.94 -95.42
CA VAL BE 61 -34.75 -7.04 -93.96
C VAL BE 61 -33.96 -5.91 -93.34
N GLU BE 62 -32.91 -5.46 -94.02
CA GLU BE 62 -32.09 -4.39 -93.48
C GLU BE 62 -32.84 -3.06 -93.48
N ALA BE 63 -33.66 -2.82 -94.51
CA ALA BE 63 -34.44 -1.59 -94.55
C ALA BE 63 -35.61 -1.64 -93.59
N ALA BE 64 -36.31 -2.77 -93.52
CA ALA BE 64 -37.49 -2.86 -92.68
C ALA BE 64 -37.14 -2.82 -91.20
N LYS BE 65 -36.07 -3.52 -90.81
CA LYS BE 65 -35.64 -3.52 -89.42
C LYS BE 65 -35.31 -2.13 -88.92
N ARG BE 66 -35.11 -1.19 -89.84
CA ARG BE 66 -34.62 0.14 -89.50
C ARG BE 66 -35.72 1.01 -88.92
N ILE BE 67 -36.96 0.79 -89.30
CA ILE BE 67 -38.09 1.58 -88.83
C ILE BE 67 -39.11 0.77 -88.05
N GLY BE 68 -39.13 -0.55 -88.19
CA GLY BE 68 -40.12 -1.36 -87.52
C GLY BE 68 -39.53 -2.66 -87.05
N LYS BE 69 -40.34 -3.70 -86.90
CA LYS BE 69 -39.89 -4.98 -86.38
C LYS BE 69 -40.01 -6.04 -87.45
N VAL BE 70 -38.90 -6.71 -87.76
CA VAL BE 70 -38.90 -7.84 -88.68
C VAL BE 70 -39.01 -9.11 -87.87
N VAL BE 71 -40.11 -9.83 -88.05
CA VAL BE 71 -40.37 -11.01 -87.23
C VAL BE 71 -39.59 -12.21 -87.74
N SER BE 72 -39.58 -12.44 -89.04
CA SER BE 72 -38.87 -13.57 -89.62
C SER BE 72 -38.63 -13.34 -91.09
N SER BE 73 -37.59 -13.97 -91.61
CA SER BE 73 -37.27 -13.98 -93.03
C SER BE 73 -36.82 -15.38 -93.42
N ARG BE 74 -36.93 -15.68 -94.70
CA ARG BE 74 -36.66 -17.04 -95.15
C ARG BE 74 -36.59 -17.06 -96.67
N VAL BE 75 -35.69 -17.88 -97.21
CA VAL BE 75 -35.59 -18.12 -98.64
C VAL BE 75 -35.74 -19.61 -98.89
N ILE BE 76 -36.68 -19.97 -99.76
CA ILE BE 76 -36.85 -21.34 -100.21
C ILE BE 76 -36.28 -21.43 -101.61
N ALA BE 77 -35.19 -22.17 -101.77
CA ALA BE 77 -34.50 -22.19 -103.06
C ALA BE 77 -35.34 -22.87 -104.14
N ARG BE 78 -36.20 -23.79 -103.75
CA ARG BE 78 -37.05 -24.51 -104.70
C ARG BE 78 -38.29 -24.97 -103.97
N PRO BE 79 -39.39 -24.24 -104.09
CA PRO BE 79 -40.61 -24.67 -103.42
C PRO BE 79 -41.22 -25.87 -104.13
N HIS BE 80 -41.87 -26.72 -103.34
CA HIS BE 80 -42.66 -27.79 -103.91
C HIS BE 80 -43.80 -27.20 -104.72
N ASN BE 81 -44.25 -27.94 -105.73
CA ASN BE 81 -45.32 -27.43 -106.57
C ASN BE 81 -46.61 -27.21 -105.78
N ASP BE 82 -46.82 -27.98 -104.71
CA ASP BE 82 -47.99 -27.76 -103.87
C ASP BE 82 -47.92 -26.41 -103.17
N ILE BE 83 -46.72 -25.98 -102.80
CA ILE BE 83 -46.57 -24.69 -102.14
C ILE BE 83 -46.95 -23.55 -103.06
N GLU BE 84 -46.83 -23.73 -104.38
CA GLU BE 84 -47.29 -22.69 -105.29
C GLU BE 84 -48.77 -22.83 -105.61
N LYS BE 85 -49.56 -23.05 -104.57
CA LYS BE 85 -51.00 -22.92 -104.59
C LYS BE 85 -51.51 -22.28 -103.31
N ILE BE 86 -50.66 -22.18 -102.29
CA ILE BE 86 -50.97 -21.47 -101.06
C ILE BE 86 -50.56 -20.01 -101.15
N ALA BE 87 -49.41 -19.75 -101.76
CA ALA BE 87 -48.98 -18.37 -101.98
C ALA BE 87 -49.82 -17.70 -103.04
N GLY BE 88 -49.77 -18.22 -104.26
CA GLY BE 88 -50.57 -17.69 -105.35
C GLY BE 88 -51.96 -18.31 -105.44
N MET CE 1 91.41 -3.07 -60.06
CA MET CE 1 91.32 -2.45 -61.36
C MET CE 1 92.59 -2.67 -62.14
N ILE CE 2 92.53 -2.43 -63.45
CA ILE CE 2 93.70 -2.46 -64.31
C ILE CE 2 93.62 -1.31 -65.29
N LEU CE 3 94.78 -0.78 -65.67
CA LEU CE 3 94.83 0.19 -66.75
C LEU CE 3 94.68 -0.50 -68.08
N ALA CE 4 93.79 0.01 -68.91
CA ALA CE 4 93.53 -0.60 -70.21
C ALA CE 4 93.15 0.49 -71.19
N LYS CE 5 93.10 0.11 -72.45
CA LYS CE 5 92.78 1.02 -73.53
C LYS CE 5 91.67 0.44 -74.38
N VAL CE 6 90.66 1.24 -74.68
CA VAL CE 6 89.57 0.76 -75.52
C VAL CE 6 90.06 0.64 -76.96
N THR CE 7 89.88 -0.55 -77.54
CA THR CE 7 90.40 -0.83 -78.87
C THR CE 7 89.34 -1.28 -79.87
N GLY CE 8 88.06 -1.28 -79.50
CA GLY CE 8 87.03 -1.71 -80.41
C GLY CE 8 85.70 -1.84 -79.70
N HIS CE 9 84.79 -2.58 -80.32
CA HIS CE 9 83.50 -2.86 -79.71
C HIS CE 9 82.96 -4.15 -80.30
N VAL CE 10 81.93 -4.68 -79.66
CA VAL CE 10 81.32 -5.95 -80.02
C VAL CE 10 79.83 -5.73 -80.20
N VAL CE 11 79.27 -6.23 -81.30
CA VAL CE 11 77.85 -6.14 -81.59
C VAL CE 11 77.25 -7.52 -81.43
N ALA CE 12 76.44 -7.70 -80.40
CA ALA CE 12 75.81 -8.98 -80.10
C ALA CE 12 74.31 -8.78 -80.03
N THR CE 13 73.57 -9.53 -80.84
CA THR CE 13 72.12 -9.41 -80.90
C THR CE 13 71.41 -10.41 -80.01
N GLN CE 14 71.80 -11.68 -80.08
CA GLN CE 14 71.22 -12.73 -79.26
C GLN CE 14 72.01 -12.81 -77.96
N LYS CE 15 71.45 -12.28 -76.88
CA LYS CE 15 72.15 -12.25 -75.61
C LYS CE 15 71.15 -12.24 -74.48
N CYS CE 16 71.67 -12.37 -73.26
CA CYS CE 16 70.82 -12.42 -72.08
C CYS CE 16 70.15 -11.08 -71.84
N ASP CE 17 69.34 -11.03 -70.79
CA ASP CE 17 68.59 -9.83 -70.46
C ASP CE 17 69.32 -8.93 -69.49
N GLU CE 18 70.26 -9.47 -68.72
CA GLU CE 18 71.07 -8.65 -67.82
C GLU CE 18 72.00 -7.71 -68.60
N LEU CE 19 72.08 -7.86 -69.92
CA LEU CE 19 72.97 -7.06 -70.74
C LEU CE 19 72.25 -6.15 -71.73
N ARG CE 20 70.93 -6.04 -71.63
CA ARG CE 20 70.18 -5.23 -72.58
C ARG CE 20 70.44 -3.76 -72.35
N GLY CE 21 70.75 -3.04 -73.43
CA GLY CE 21 70.94 -1.61 -73.35
C GLY CE 21 72.25 -1.20 -72.71
N SER CE 22 73.36 -1.72 -73.22
CA SER CE 22 74.67 -1.38 -72.69
C SER CE 22 75.69 -1.59 -73.79
N ASN CE 23 76.82 -0.91 -73.65
CA ASN CE 23 77.89 -1.02 -74.63
C ASN CE 23 78.76 -2.20 -74.27
N LEU CE 24 79.46 -2.75 -75.27
CA LEU CE 24 80.38 -3.85 -75.05
C LEU CE 24 81.69 -3.52 -75.76
N LEU CE 25 82.69 -3.09 -74.99
CA LEU CE 25 83.94 -2.60 -75.54
C LEU CE 25 85.03 -3.66 -75.42
N LEU CE 26 85.93 -3.68 -76.39
CA LEU CE 26 87.13 -4.47 -76.30
C LEU CE 26 88.17 -3.68 -75.51
N ILE CE 27 88.78 -4.31 -74.53
CA ILE CE 27 89.57 -3.64 -73.51
C ILE CE 27 90.91 -4.34 -73.47
N THR CE 28 91.97 -3.67 -73.90
CA THR CE 28 93.29 -4.26 -73.97
C THR CE 28 94.17 -3.74 -72.85
N ARG CE 29 94.72 -4.66 -72.07
CA ARG CE 29 95.62 -4.27 -70.99
C ARG CE 29 96.93 -3.75 -71.54
N LEU CE 30 97.39 -2.61 -71.02
CA LEU CE 30 98.58 -1.95 -71.53
C LEU CE 30 99.70 -2.00 -70.48
N ASP CE 31 100.93 -2.06 -70.97
CA ASP CE 31 102.09 -2.32 -70.13
C ASP CE 31 102.65 -1.03 -69.52
N ASP CE 32 103.84 -1.11 -68.90
CA ASP CE 32 104.39 0.01 -68.13
C ASP CE 32 104.96 1.12 -69.00
N LYS CE 33 104.81 1.04 -70.32
CA LYS CE 33 105.11 2.15 -71.20
C LYS CE 33 103.86 2.74 -71.81
N GLN CE 34 102.70 2.42 -71.25
CA GLN CE 34 101.41 2.81 -71.80
C GLN CE 34 101.29 2.35 -73.25
N GLN CE 35 101.44 1.04 -73.45
CA GLN CE 35 101.40 0.44 -74.75
C GLN CE 35 100.66 -0.88 -74.65
N PRO CE 36 99.69 -1.16 -75.51
CA PRO CE 36 98.90 -2.39 -75.39
C PRO CE 36 99.76 -3.64 -75.51
N MET CE 37 99.34 -4.69 -74.82
CA MET CE 37 100.03 -5.97 -74.82
C MET CE 37 99.39 -6.89 -75.85
N LYS CE 38 99.89 -8.12 -75.91
CA LYS CE 38 99.41 -9.13 -76.85
C LYS CE 38 98.59 -10.16 -76.11
N ASP CE 39 97.45 -10.53 -76.69
CA ASP CE 39 96.57 -11.57 -76.13
C ASP CE 39 96.10 -11.20 -74.73
N GLN CE 40 95.63 -9.97 -74.56
CA GLN CE 40 95.22 -9.48 -73.25
C GLN CE 40 93.93 -8.68 -73.37
N THR CE 41 92.97 -9.19 -74.14
CA THR CE 41 91.75 -8.45 -74.44
C THR CE 41 90.56 -9.08 -73.73
N TRP CE 42 89.77 -8.23 -73.07
CA TRP CE 42 88.52 -8.65 -72.46
C TRP CE 42 87.39 -7.81 -73.02
N VAL CE 43 86.16 -8.20 -72.72
CA VAL CE 43 84.98 -7.45 -73.13
C VAL CE 43 84.37 -6.84 -71.89
N ALA CE 44 84.19 -5.53 -71.90
CA ALA CE 44 83.74 -4.80 -70.72
C ALA CE 44 82.47 -4.04 -71.04
N VAL CE 45 81.53 -4.06 -70.10
CA VAL CE 45 80.29 -3.29 -70.24
C VAL CE 45 80.59 -1.86 -69.84
N ASP CE 46 80.62 -0.96 -70.81
CA ASP CE 46 80.87 0.44 -70.52
C ASP CE 46 79.85 0.97 -69.53
N ASN CE 47 80.30 1.86 -68.66
CA ASN CE 47 79.45 2.39 -67.62
C ASN CE 47 79.53 3.90 -67.45
N VAL CE 48 80.56 4.56 -67.97
CA VAL CE 48 80.74 6.00 -67.81
C VAL CE 48 80.83 6.73 -69.14
N GLY CE 49 80.78 6.03 -70.26
CA GLY CE 49 80.81 6.70 -71.54
C GLY CE 49 82.19 6.82 -72.14
N ALA CE 50 82.89 5.71 -72.28
CA ALA CE 50 84.20 5.69 -72.91
C ALA CE 50 84.08 5.29 -74.38
N GLY CE 51 85.00 5.80 -75.18
CA GLY CE 51 85.00 5.50 -76.60
C GLY CE 51 86.35 4.99 -77.06
N MET CE 52 86.60 5.02 -78.35
CA MET CE 52 87.84 4.46 -78.86
C MET CE 52 89.05 5.25 -78.40
N HIS CE 53 90.17 4.55 -78.24
CA HIS CE 53 91.49 5.12 -77.96
C HIS CE 53 91.61 5.71 -76.57
N ASP CE 54 90.59 5.58 -75.73
CA ASP CE 54 90.62 6.20 -74.41
C ASP CE 54 91.20 5.23 -73.40
N ILE CE 55 92.05 5.75 -72.51
CA ILE CE 55 92.63 4.94 -71.45
C ILE CE 55 91.65 4.90 -70.28
N VAL CE 56 91.20 3.71 -69.93
CA VAL CE 56 90.15 3.56 -68.93
C VAL CE 56 90.64 2.68 -67.79
N LEU CE 57 89.77 2.44 -66.81
CA LEU CE 57 90.11 1.72 -65.59
C LEU CE 57 89.08 0.61 -65.44
N ALA CE 58 89.40 -0.56 -65.95
CA ALA CE 58 88.45 -1.67 -66.01
C ALA CE 58 88.47 -2.47 -64.73
N GLU CE 59 87.30 -2.71 -64.17
CA GLU CE 59 87.16 -3.39 -62.89
C GLU CE 59 86.68 -4.81 -63.11
N GLU CE 60 87.04 -5.68 -62.18
CA GLU CE 60 86.71 -7.10 -62.27
C GLU CE 60 85.29 -7.37 -61.79
N TYR CE 61 84.99 -8.62 -61.47
CA TYR CE 61 83.65 -9.19 -61.52
C TYR CE 61 82.52 -8.26 -61.08
N PHE CE 62 82.50 -7.82 -59.82
CA PHE CE 62 81.28 -7.27 -59.26
C PHE CE 62 81.27 -5.75 -59.40
N ALA CE 63 80.41 -5.25 -60.29
CA ALA CE 63 80.14 -3.82 -60.38
C ALA CE 63 78.66 -3.54 -60.64
N LEU CE 64 77.78 -4.51 -60.36
CA LEU CE 64 76.33 -4.35 -60.50
C LEU CE 64 75.94 -3.97 -61.93
N ASN CE 65 76.23 -4.88 -62.86
CA ASN CE 65 75.97 -4.63 -64.27
C ASN CE 65 75.47 -5.88 -65.00
N TYR CE 69 74.48 -9.56 -60.14
CA TYR CE 69 75.09 -8.92 -61.31
C TYR CE 69 76.60 -8.82 -61.13
N LYS CE 70 77.35 -9.46 -62.03
CA LYS CE 70 78.80 -9.52 -61.89
C LYS CE 70 79.54 -9.30 -63.19
N ALA CE 71 79.07 -8.41 -64.06
CA ALA CE 71 79.76 -8.19 -65.32
C ALA CE 71 80.96 -7.28 -65.12
N MET CE 72 82.00 -7.52 -65.91
CA MET CE 72 83.23 -6.73 -65.88
C MET CE 72 82.95 -5.42 -66.59
N SER CE 73 83.05 -4.32 -65.86
CA SER CE 73 82.69 -3.02 -66.41
C SER CE 73 83.84 -2.03 -66.28
N VAL CE 74 83.69 -0.92 -66.98
CA VAL CE 74 84.60 0.22 -66.90
C VAL CE 74 84.06 1.20 -65.89
N VAL CE 75 84.91 1.67 -64.99
CA VAL CE 75 84.45 2.48 -63.86
C VAL CE 75 85.12 3.85 -63.79
N ALA CE 76 86.04 4.16 -64.68
CA ALA CE 76 86.73 5.44 -64.62
C ALA CE 76 87.46 5.70 -65.92
N ILE CE 77 87.46 6.96 -66.34
CA ILE CE 77 88.26 7.42 -67.48
C ILE CE 77 89.44 8.19 -66.92
N VAL CE 78 90.64 7.81 -67.33
CA VAL CE 78 91.85 8.25 -66.67
C VAL CE 78 92.40 9.48 -67.38
N GLU CE 79 92.69 10.53 -66.60
CA GLU CE 79 93.28 11.76 -67.11
C GLU CE 79 94.81 11.68 -67.13
N LYS CE 80 95.43 11.43 -65.99
CA LYS CE 80 96.88 11.41 -65.85
C LYS CE 80 97.32 10.15 -65.14
N VAL CE 81 98.41 9.56 -65.62
CA VAL CE 81 99.05 8.41 -64.98
C VAL CE 81 100.47 8.84 -64.64
N PHE CE 82 100.66 9.31 -63.41
CA PHE CE 82 101.99 9.67 -62.95
C PHE CE 82 102.69 8.42 -62.43
N ARG CE 83 103.86 8.12 -62.99
CA ARG CE 83 104.52 6.85 -62.71
C ARG CE 83 106.03 7.05 -62.75
N ASP CE 84 106.68 6.90 -61.60
CA ASP CE 84 108.13 6.90 -61.55
C ASP CE 84 108.62 6.31 -60.22
N GLU DE 3 43.63 12.90 -108.69
CA GLU DE 3 43.79 11.84 -107.72
C GLU DE 3 43.35 12.30 -106.34
N ALA DE 4 43.03 11.35 -105.47
CA ALA DE 4 42.56 11.69 -104.14
C ALA DE 4 43.71 12.21 -103.28
N LEU DE 5 43.41 12.48 -102.02
CA LEU DE 5 44.38 13.07 -101.12
C LEU DE 5 44.15 12.56 -99.71
N GLY DE 6 45.20 12.12 -99.05
CA GLY DE 6 45.09 11.57 -97.71
C GLY DE 6 46.00 12.28 -96.75
N LEU DE 7 45.52 12.46 -95.52
CA LEU DE 7 46.20 13.29 -94.53
C LEU DE 7 46.15 12.63 -93.17
N ILE DE 8 47.28 12.60 -92.49
CA ILE DE 8 47.36 12.17 -91.10
C ILE DE 8 48.14 13.24 -90.34
N GLU DE 9 47.70 13.53 -89.12
CA GLU DE 9 48.35 14.51 -88.26
C GLU DE 9 48.66 13.88 -86.92
N THR DE 10 49.90 14.02 -86.47
CA THR DE 10 50.36 13.40 -85.24
C THR DE 10 51.12 14.41 -84.41
N LYS DE 11 51.28 14.09 -83.13
CA LYS DE 11 52.15 14.85 -82.23
C LYS DE 11 53.53 14.21 -82.22
N GLY DE 12 54.52 14.95 -82.66
CA GLY DE 12 55.87 14.41 -82.70
C GLY DE 12 56.24 13.91 -84.07
N LEU DE 13 57.54 13.91 -84.37
CA LEU DE 13 57.99 13.51 -85.68
C LEU DE 13 58.10 12.00 -85.82
N VAL DE 14 58.42 11.30 -84.73
CA VAL DE 14 58.62 9.86 -84.83
C VAL DE 14 57.32 9.18 -85.22
N ALA DE 15 56.22 9.54 -84.55
CA ALA DE 15 54.95 8.90 -84.86
C ALA DE 15 54.51 9.16 -86.28
N CYS DE 16 54.98 10.24 -86.89
CA CYS DE 16 54.59 10.56 -88.26
C CYS DE 16 55.40 9.77 -89.27
N ILE DE 17 56.68 9.54 -89.00
CA ILE DE 17 57.50 8.76 -89.94
C ILE DE 17 57.05 7.32 -89.95
N GLU DE 18 56.64 6.79 -88.79
CA GLU DE 18 56.04 5.46 -88.76
C GLU DE 18 54.76 5.42 -89.57
N ALA DE 19 53.91 6.43 -89.42
CA ALA DE 19 52.66 6.47 -90.17
C ALA DE 19 52.92 6.58 -91.67
N ALA DE 20 53.86 7.43 -92.07
CA ALA DE 20 54.11 7.61 -93.49
C ALA DE 20 54.79 6.40 -94.11
N ASP DE 21 55.42 5.55 -93.30
CA ASP DE 21 55.99 4.33 -93.84
C ASP DE 21 54.94 3.26 -94.00
N ALA DE 22 54.05 3.14 -93.02
CA ALA DE 22 52.94 2.19 -93.15
C ALA DE 22 52.06 2.53 -94.34
N MET DE 23 51.77 3.82 -94.54
CA MET DE 23 50.96 4.23 -95.67
C MET DE 23 51.58 3.80 -96.99
N CYS DE 24 52.88 4.02 -97.14
CA CYS DE 24 53.52 3.75 -98.43
C CYS DE 24 53.62 2.27 -98.73
N LYS DE 25 53.67 1.44 -97.68
CA LYS DE 25 53.76 -0.01 -97.90
C LYS DE 25 52.40 -0.64 -98.15
N ALA DE 26 51.35 -0.10 -97.54
CA ALA DE 26 50.06 -0.77 -97.51
C ALA DE 26 49.25 -0.62 -98.79
N ALA DE 27 49.64 0.27 -99.70
CA ALA DE 27 48.86 0.46 -100.92
C ALA DE 27 49.70 1.26 -101.90
N ASN DE 28 49.19 1.39 -103.11
CA ASN DE 28 49.90 2.08 -104.19
C ASN DE 28 49.59 3.58 -104.12
N VAL DE 29 50.24 4.24 -103.17
CA VAL DE 29 50.12 5.68 -103.00
C VAL DE 29 51.52 6.28 -102.97
N GLU DE 30 51.61 7.56 -103.32
CA GLU DE 30 52.86 8.28 -103.39
C GLU DE 30 52.90 9.35 -102.32
N LEU DE 31 54.06 9.53 -101.70
CA LEU DE 31 54.20 10.48 -100.60
C LEU DE 31 54.49 11.87 -101.14
N ILE DE 32 53.67 12.84 -100.74
CA ILE DE 32 53.86 14.21 -101.22
C ILE DE 32 54.92 14.92 -100.40
N GLY DE 33 54.75 14.94 -99.09
CA GLY DE 33 55.75 15.55 -98.22
C GLY DE 33 55.22 15.72 -96.82
N TYR DE 34 56.09 16.25 -95.97
CA TYR DE 34 55.76 16.58 -94.59
C TYR DE 34 55.55 18.08 -94.47
N GLU DE 35 54.84 18.47 -93.41
CA GLU DE 35 54.62 19.89 -93.14
C GLU DE 35 54.23 20.03 -91.67
N ASN DE 36 55.13 20.56 -90.87
CA ASN DE 36 54.85 20.78 -89.46
C ASN DE 36 54.51 22.25 -89.23
N VAL DE 37 53.44 22.50 -88.49
CA VAL DE 37 52.93 23.84 -88.25
C VAL DE 37 53.00 24.09 -86.75
N GLY DE 38 54.12 24.60 -86.30
CA GLY DE 38 54.20 25.00 -84.91
C GLY DE 38 54.18 23.83 -83.96
N SER DE 39 53.33 23.91 -82.95
CA SER DE 39 53.54 23.17 -81.71
C SER DE 39 53.40 21.67 -81.89
N GLY DE 40 54.53 21.00 -82.08
CA GLY DE 40 54.61 19.55 -82.20
C GLY DE 40 53.54 18.89 -83.04
N LEU DE 41 53.26 19.43 -84.21
CA LEU DE 41 52.23 18.84 -85.07
C LEU DE 41 52.83 18.66 -86.45
N VAL DE 42 53.01 17.42 -86.86
CA VAL DE 42 53.53 17.10 -88.18
C VAL DE 42 52.44 16.39 -88.97
N THR DE 43 52.40 16.65 -90.26
CA THR DE 43 51.37 16.12 -91.14
C THR DE 43 52.01 15.53 -92.39
N ALA DE 44 51.62 14.31 -92.74
CA ALA DE 44 52.06 13.65 -93.95
C ALA DE 44 50.91 13.60 -94.95
N MET DE 45 51.23 13.76 -96.23
CA MET DE 45 50.23 13.81 -97.28
C MET DE 45 50.57 12.80 -98.36
N VAL DE 46 49.60 11.98 -98.73
CA VAL DE 46 49.75 10.99 -99.78
C VAL DE 46 48.68 11.22 -100.82
N LYS DE 47 48.93 10.73 -102.04
CA LYS DE 47 47.96 10.87 -103.11
C LYS DE 47 47.93 9.62 -103.97
N GLY DE 48 46.76 9.32 -104.51
CA GLY DE 48 46.55 8.13 -105.31
C GLY DE 48 45.08 7.97 -105.59
N ASP DE 49 44.72 6.79 -106.09
CA ASP DE 49 43.32 6.51 -106.37
C ASP DE 49 42.52 6.48 -105.07
N VAL DE 50 41.20 6.58 -105.19
CA VAL DE 50 40.35 6.74 -104.02
C VAL DE 50 40.32 5.47 -103.20
N GLY DE 51 40.29 4.31 -103.85
CA GLY DE 51 40.29 3.06 -103.12
C GLY DE 51 41.64 2.77 -102.48
N ALA DE 52 42.72 3.13 -103.16
CA ALA DE 52 44.05 2.95 -102.59
C ALA DE 52 44.28 3.90 -101.43
N VAL DE 53 44.00 5.19 -101.62
CA VAL DE 53 44.26 6.17 -100.58
C VAL DE 53 43.44 5.88 -99.34
N ASN DE 54 42.21 5.42 -99.52
CA ASN DE 54 41.38 5.06 -98.38
C ASN DE 54 41.99 3.89 -97.62
N ALA DE 55 42.66 2.98 -98.33
CA ALA DE 55 43.27 1.82 -97.70
C ALA DE 55 44.60 2.17 -97.04
N ALA DE 56 45.25 3.23 -97.52
CA ALA DE 56 46.52 3.61 -96.93
C ALA DE 56 46.31 4.39 -95.63
N VAL DE 57 45.26 5.18 -95.55
CA VAL DE 57 45.09 6.06 -94.40
C VAL DE 57 44.67 5.27 -93.16
N ASP DE 58 43.84 4.25 -93.32
CA ASP DE 58 43.41 3.51 -92.14
C ASP DE 58 44.51 2.58 -91.64
N SER DE 59 45.45 2.21 -92.50
CA SER DE 59 46.61 1.45 -92.03
C SER DE 59 47.61 2.36 -91.36
N GLY DE 60 47.86 3.53 -91.93
CA GLY DE 60 48.79 4.48 -91.33
C GLY DE 60 48.32 5.03 -90.00
N VAL DE 61 47.02 5.24 -89.86
CA VAL DE 61 46.49 5.67 -88.57
C VAL DE 61 46.70 4.58 -87.54
N GLU DE 62 46.61 3.34 -87.97
CA GLU DE 62 46.68 2.21 -87.04
C GLU DE 62 48.09 2.02 -86.51
N ALA DE 63 49.09 2.33 -87.33
CA ALA DE 63 50.49 2.18 -86.91
C ALA DE 63 50.92 3.33 -85.99
N ALA DE 64 50.62 4.57 -86.37
CA ALA DE 64 51.03 5.70 -85.56
C ALA DE 64 50.29 5.75 -84.23
N LYS DE 65 49.05 5.26 -84.22
CA LYS DE 65 48.30 5.16 -82.97
C LYS DE 65 48.96 4.23 -81.98
N ARG DE 66 49.86 3.36 -82.45
CA ARG DE 66 50.50 2.38 -81.60
C ARG DE 66 51.53 3.02 -80.68
N ILE DE 67 52.30 3.97 -81.20
CA ILE DE 67 53.42 4.54 -80.47
C ILE DE 67 53.26 6.02 -80.18
N GLY DE 68 52.25 6.68 -80.73
CA GLY DE 68 52.08 8.09 -80.50
C GLY DE 68 50.63 8.50 -80.51
N LYS DE 69 50.37 9.79 -80.70
CA LYS DE 69 49.03 10.32 -80.75
C LYS DE 69 48.71 10.70 -82.18
N VAL DE 70 47.65 10.11 -82.73
CA VAL DE 70 47.11 10.53 -84.02
C VAL DE 70 46.02 11.55 -83.73
N VAL DE 71 46.22 12.77 -84.22
CA VAL DE 71 45.29 13.86 -83.93
C VAL DE 71 44.10 13.84 -84.88
N SER DE 72 44.36 13.71 -86.18
CA SER DE 72 43.29 13.74 -87.16
C SER DE 72 43.71 13.00 -88.42
N SER DE 73 42.72 12.49 -89.15
CA SER DE 73 42.93 11.87 -90.45
C SER DE 73 41.76 12.23 -91.34
N ARG DE 74 42.00 12.23 -92.64
CA ARG DE 74 40.99 12.69 -93.57
C ARG DE 74 41.38 12.32 -94.99
N VAL DE 75 40.41 11.87 -95.77
CA VAL DE 75 40.58 11.58 -97.18
C VAL DE 75 39.70 12.53 -97.98
N ILE DE 76 40.27 13.16 -98.98
CA ILE DE 76 39.54 14.06 -99.88
C ILE DE 76 39.45 13.37 -101.23
N ALA DE 77 38.23 13.03 -101.65
CA ALA DE 77 38.05 12.16 -102.80
C ALA DE 77 38.37 12.90 -104.10
N ARG DE 78 38.06 14.18 -104.18
CA ARG DE 78 38.43 15.00 -105.33
C ARG DE 78 38.83 16.38 -104.82
N PRO DE 79 40.12 16.63 -104.65
CA PRO DE 79 40.55 17.95 -104.20
C PRO DE 79 40.36 18.97 -105.30
N HIS DE 80 39.93 20.16 -104.90
CA HIS DE 80 39.71 21.22 -105.86
C HIS DE 80 41.01 21.66 -106.49
N ASN DE 81 40.93 22.06 -107.76
CA ASN DE 81 42.13 22.36 -108.52
C ASN DE 81 42.96 23.46 -107.85
N ASP DE 82 42.29 24.44 -107.25
CA ASP DE 82 43.00 25.52 -106.57
C ASP DE 82 43.90 25.00 -105.47
N ILE DE 83 43.44 23.99 -104.75
CA ILE DE 83 44.20 23.44 -103.63
C ILE DE 83 45.29 22.52 -104.15
N GLU EE 3 69.66 1.07 -96.03
CA GLU EE 3 70.08 0.69 -94.68
C GLU EE 3 69.01 1.08 -93.67
N ALA EE 4 69.08 0.48 -92.48
CA ALA EE 4 68.05 0.70 -91.47
C ALA EE 4 68.06 2.15 -91.00
N LEU EE 5 67.15 2.45 -90.09
CA LEU EE 5 66.95 3.83 -89.66
C LEU EE 5 66.41 3.82 -88.24
N GLY EE 6 67.04 4.56 -87.35
CA GLY EE 6 66.61 4.61 -85.97
C GLY EE 6 66.34 6.03 -85.52
N LEU EE 7 65.35 6.17 -84.64
CA LEU EE 7 64.91 7.48 -84.17
C LEU EE 7 64.74 7.46 -82.66
N ILE EE 8 65.18 8.52 -82.01
CA ILE EE 8 64.88 8.78 -80.60
C ILE EE 8 64.33 10.18 -80.50
N GLU EE 9 63.26 10.36 -79.75
CA GLU EE 9 62.64 11.66 -79.56
C GLU EE 9 62.66 12.03 -78.09
N THR EE 10 63.23 13.19 -77.78
CA THR EE 10 63.43 13.61 -76.41
C THR EE 10 62.90 15.02 -76.21
N LYS EE 11 62.57 15.32 -74.97
CA LYS EE 11 62.12 16.65 -74.59
C LYS EE 11 63.33 17.47 -74.15
N GLY EE 12 63.72 18.43 -74.96
CA GLY EE 12 64.90 19.23 -74.66
C GLY EE 12 66.10 18.78 -75.46
N LEU EE 13 67.01 19.72 -75.73
CA LEU EE 13 68.16 19.40 -76.57
C LEU EE 13 69.25 18.67 -75.82
N VAL EE 14 69.42 18.94 -74.53
CA VAL EE 14 70.49 18.31 -73.77
C VAL EE 14 70.31 16.80 -73.75
N ALA EE 15 69.10 16.34 -73.45
CA ALA EE 15 68.85 14.90 -73.44
C ALA EE 15 69.08 14.27 -74.80
N CYS EE 16 68.98 15.06 -75.87
CA CYS EE 16 69.18 14.51 -77.20
C CYS EE 16 70.65 14.38 -77.54
N ILE EE 17 71.51 15.22 -76.98
CA ILE EE 17 72.94 15.08 -77.25
C ILE EE 17 73.54 13.94 -76.42
N GLU EE 18 73.01 13.71 -75.22
CA GLU EE 18 73.42 12.51 -74.50
C GLU EE 18 72.97 11.25 -75.22
N ALA EE 19 71.75 11.26 -75.76
CA ALA EE 19 71.28 10.11 -76.51
C ALA EE 19 72.12 9.88 -77.76
N ALA EE 20 72.44 10.94 -78.49
CA ALA EE 20 73.20 10.78 -79.72
C ALA EE 20 74.64 10.39 -79.44
N ASP EE 21 75.16 10.72 -78.26
CA ASP EE 21 76.52 10.33 -77.94
C ASP EE 21 76.59 8.85 -77.60
N ALA EE 22 75.62 8.34 -76.86
CA ALA EE 22 75.58 6.91 -76.58
C ALA EE 22 75.34 6.11 -77.84
N MET EE 23 74.49 6.60 -78.74
CA MET EE 23 74.21 5.90 -79.98
C MET EE 23 75.47 5.75 -80.83
N CYS EE 24 76.26 6.81 -80.94
CA CYS EE 24 77.41 6.80 -81.82
C CYS EE 24 78.59 6.02 -81.27
N LYS EE 25 78.62 5.78 -79.97
CA LYS EE 25 79.67 4.98 -79.36
C LYS EE 25 79.32 3.50 -79.32
N ALA EE 26 78.03 3.16 -79.38
CA ALA EE 26 77.58 1.81 -79.16
C ALA EE 26 77.79 0.91 -80.37
N ALA EE 27 77.81 1.47 -81.57
CA ALA EE 27 77.97 0.66 -82.78
C ALA EE 27 78.46 1.56 -83.90
N ASN EE 28 78.59 0.96 -85.08
CA ASN EE 28 79.14 1.65 -86.25
C ASN EE 28 77.99 2.20 -87.09
N VAL EE 29 77.38 3.25 -86.59
CA VAL EE 29 76.30 3.95 -87.28
C VAL EE 29 76.74 5.37 -87.55
N GLU EE 30 76.26 5.93 -88.64
CA GLU EE 30 76.53 7.31 -88.97
C GLU EE 30 75.32 8.16 -88.60
N LEU EE 31 75.57 9.31 -87.98
CA LEU EE 31 74.51 10.16 -87.45
C LEU EE 31 74.11 11.18 -88.50
N ILE EE 32 72.81 11.23 -88.78
CA ILE EE 32 72.30 12.08 -89.86
C ILE EE 32 72.12 13.52 -89.40
N GLY EE 33 71.37 13.74 -88.34
CA GLY EE 33 71.22 15.09 -87.82
C GLY EE 33 69.95 15.22 -87.00
N TYR EE 34 69.84 16.36 -86.33
CA TYR EE 34 68.72 16.66 -85.47
C TYR EE 34 67.59 17.32 -86.25
N GLU EE 35 66.42 17.36 -85.63
CA GLU EE 35 65.26 18.01 -86.23
C GLU EE 35 64.26 18.28 -85.12
N ASN EE 36 64.05 19.55 -84.78
CA ASN EE 36 63.05 19.90 -83.78
C ASN EE 36 61.79 20.40 -84.46
N VAL EE 37 60.64 19.99 -83.90
CA VAL EE 37 59.34 20.29 -84.47
C VAL EE 37 58.55 21.24 -83.58
N GLY EE 38 59.17 21.80 -82.56
CA GLY EE 38 58.49 22.68 -81.65
C GLY EE 38 57.92 21.95 -80.46
N SER EE 39 57.54 22.73 -79.44
CA SER EE 39 57.05 22.24 -78.16
C SER EE 39 58.13 21.53 -77.36
N GLY EE 40 59.39 21.75 -77.70
CA GLY EE 40 60.49 21.17 -76.96
C GLY EE 40 60.92 19.79 -77.42
N LEU EE 41 60.34 19.27 -78.50
CA LEU EE 41 60.63 17.93 -78.97
C LEU EE 41 61.77 17.97 -79.97
N VAL EE 42 62.86 17.27 -79.66
CA VAL EE 42 64.00 17.15 -80.55
C VAL EE 42 64.22 15.68 -80.88
N THR EE 43 64.61 15.40 -82.12
CA THR EE 43 64.73 14.04 -82.61
C THR EE 43 66.10 13.84 -83.25
N ALA EE 44 66.77 12.75 -82.90
CA ALA EE 44 68.02 12.36 -83.50
C ALA EE 44 67.81 11.15 -84.39
N MET EE 45 68.51 11.11 -85.53
CA MET EE 45 68.31 10.08 -86.53
C MET EE 45 69.66 9.49 -86.93
N VAL EE 46 69.79 8.17 -86.81
CA VAL EE 46 70.99 7.46 -87.23
C VAL EE 46 70.60 6.49 -88.33
N LYS EE 47 71.60 5.94 -89.00
CA LYS EE 47 71.32 4.90 -89.98
C LYS EE 47 72.55 4.06 -90.22
N GLY EE 48 72.30 2.77 -90.45
CA GLY EE 48 73.36 1.80 -90.63
C GLY EE 48 72.72 0.44 -90.81
N ASP EE 49 73.53 -0.60 -90.65
CA ASP EE 49 72.99 -1.95 -90.71
C ASP EE 49 72.03 -2.17 -89.55
N VAL EE 50 71.12 -3.14 -89.74
CA VAL EE 50 70.01 -3.30 -88.79
C VAL EE 50 70.45 -3.94 -87.48
N GLY EE 51 71.58 -4.64 -87.46
CA GLY EE 51 72.09 -5.13 -86.19
C GLY EE 51 72.77 -4.03 -85.40
N ALA EE 52 73.41 -3.08 -86.10
CA ALA EE 52 74.05 -1.97 -85.43
C ALA EE 52 73.03 -0.94 -84.97
N VAL EE 53 72.06 -0.63 -85.82
CA VAL EE 53 71.06 0.38 -85.46
C VAL EE 53 70.21 -0.10 -84.31
N ASN EE 54 69.90 -1.39 -84.27
CA ASN EE 54 69.14 -1.93 -83.14
C ASN EE 54 69.91 -1.78 -81.85
N ALA EE 55 71.22 -1.99 -81.88
CA ALA EE 55 72.04 -1.89 -80.68
C ALA EE 55 72.20 -0.45 -80.24
N ALA EE 56 72.32 0.47 -81.20
CA ALA EE 56 72.53 1.87 -80.87
C ALA EE 56 71.29 2.48 -80.23
N VAL EE 57 70.11 2.21 -80.80
CA VAL EE 57 68.89 2.82 -80.28
C VAL EE 57 68.59 2.33 -78.88
N ASP EE 58 68.89 1.07 -78.58
CA ASP EE 58 68.64 0.55 -77.24
C ASP EE 58 69.54 1.22 -76.22
N SER EE 59 70.80 1.48 -76.59
CA SER EE 59 71.71 2.12 -75.66
C SER EE 59 71.40 3.60 -75.53
N GLY EE 60 71.11 4.27 -76.64
CA GLY EE 60 70.76 5.67 -76.58
C GLY EE 60 69.52 5.94 -75.76
N VAL EE 61 68.56 5.02 -75.78
CA VAL EE 61 67.34 5.24 -75.00
C VAL EE 61 67.63 5.17 -73.52
N GLU EE 62 68.49 4.23 -73.11
CA GLU EE 62 68.77 4.09 -71.68
C GLU EE 62 69.61 5.24 -71.14
N ALA EE 63 70.50 5.78 -71.95
CA ALA EE 63 71.34 6.89 -71.48
C ALA EE 63 70.52 8.18 -71.36
N ALA EE 64 69.73 8.49 -72.37
CA ALA EE 64 68.90 9.69 -72.31
C ALA EE 64 67.82 9.57 -71.25
N LYS EE 65 67.29 8.37 -71.04
CA LYS EE 65 66.31 8.16 -69.98
C LYS EE 65 66.86 8.55 -68.62
N ARG EE 66 68.17 8.44 -68.45
CA ARG EE 66 68.79 8.67 -67.15
C ARG EE 66 68.76 10.13 -66.75
N ILE EE 67 68.85 11.05 -67.71
CA ILE EE 67 69.03 12.47 -67.43
C ILE EE 67 67.92 13.32 -68.01
N GLY EE 68 66.93 12.73 -68.64
CA GLY EE 68 65.85 13.50 -69.22
C GLY EE 68 64.66 12.64 -69.48
N LYS EE 69 63.76 13.12 -70.33
CA LYS EE 69 62.57 12.39 -70.71
C LYS EE 69 62.72 11.93 -72.15
N VAL EE 70 62.60 10.62 -72.36
CA VAL EE 70 62.55 10.05 -73.70
C VAL EE 70 61.08 9.87 -74.05
N VAL EE 71 60.66 10.49 -75.14
CA VAL EE 71 59.25 10.46 -75.54
C VAL EE 71 58.95 9.22 -76.37
N SER EE 72 59.83 8.86 -77.30
CA SER EE 72 59.54 7.80 -78.24
C SER EE 72 60.84 7.33 -78.88
N SER EE 73 60.84 6.07 -79.32
CA SER EE 73 61.96 5.50 -80.04
C SER EE 73 61.43 4.50 -81.04
N ARG EE 74 62.23 4.22 -82.07
CA ARG EE 74 61.73 3.39 -83.16
C ARG EE 74 62.88 3.00 -84.07
N VAL EE 75 62.88 1.75 -84.52
CA VAL EE 75 63.79 1.28 -85.56
C VAL EE 75 62.96 0.88 -86.77
N ILE EE 76 63.39 1.31 -87.94
CA ILE EE 76 62.74 0.97 -89.20
C ILE EE 76 63.74 0.14 -90.00
N ALA EE 77 63.47 -1.16 -90.11
CA ALA EE 77 64.46 -2.07 -90.67
C ALA EE 77 64.63 -1.88 -92.18
N ARG EE 78 63.53 -1.91 -92.93
CA ARG EE 78 63.57 -1.65 -94.36
C ARG EE 78 62.74 -0.40 -94.65
N PRO EE 79 63.34 0.77 -94.69
CA PRO EE 79 62.57 1.98 -94.97
C PRO EE 79 62.25 2.09 -96.45
N HIS EE 80 61.08 2.63 -96.75
CA HIS EE 80 60.65 2.78 -98.12
C HIS EE 80 61.49 3.84 -98.82
N ASN EE 81 61.61 3.71 -100.14
CA ASN EE 81 62.47 4.62 -100.90
C ASN EE 81 61.87 6.02 -100.98
N ASP EE 82 60.54 6.13 -100.89
CA ASP EE 82 59.91 7.44 -100.80
C ASP EE 82 60.30 8.15 -99.52
N ILE EE 83 60.58 7.39 -98.46
CA ILE EE 83 60.98 7.98 -97.19
C ILE EE 83 62.46 8.31 -97.21
N GLU FE 3 71.75 -19.08 -91.75
CA GLU FE 3 71.14 -17.84 -91.29
C GLU FE 3 70.03 -18.12 -90.30
N ALA FE 4 69.55 -17.07 -89.64
CA ALA FE 4 68.60 -17.24 -88.55
C ALA FE 4 67.29 -17.80 -89.08
N LEU FE 5 66.39 -18.11 -88.15
CA LEU FE 5 65.13 -18.76 -88.50
C LEU FE 5 64.05 -18.23 -87.58
N GLY FE 6 62.96 -17.76 -88.17
CA GLY FE 6 61.86 -17.21 -87.38
C GLY FE 6 60.54 -17.90 -87.62
N LEU FE 7 59.82 -18.21 -86.56
CA LEU FE 7 58.58 -18.98 -86.65
C LEU FE 7 57.46 -18.25 -85.94
N ILE FE 8 56.28 -18.29 -86.55
CA ILE FE 8 55.05 -17.83 -85.93
C ILE FE 8 54.00 -18.91 -86.12
N GLU FE 9 53.21 -19.16 -85.09
CA GLU FE 9 52.19 -20.20 -85.13
C GLU FE 9 50.86 -19.60 -84.71
N THR FE 10 49.84 -19.82 -85.52
CA THR FE 10 48.53 -19.21 -85.33
C THR FE 10 47.45 -20.26 -85.46
N LYS FE 11 46.26 -19.92 -84.99
CA LYS FE 11 45.07 -20.72 -85.25
C LYS FE 11 44.38 -20.20 -86.51
N GLY FE 12 44.33 -21.02 -87.54
CA GLY FE 12 43.66 -20.57 -88.74
C GLY FE 12 44.62 -19.99 -89.76
N LEU FE 13 44.20 -20.04 -91.02
CA LEU FE 13 45.07 -19.62 -92.10
C LEU FE 13 45.06 -18.12 -92.32
N VAL FE 14 43.97 -17.44 -91.99
CA VAL FE 14 43.89 -16.02 -92.26
C VAL FE 14 44.88 -15.25 -91.38
N ALA FE 15 44.92 -15.57 -90.10
CA ALA FE 15 45.89 -14.91 -89.22
C ALA FE 15 47.32 -15.20 -89.61
N CYS FE 16 47.57 -16.28 -90.34
CA CYS FE 16 48.93 -16.61 -90.75
C CYS FE 16 49.32 -15.91 -92.04
N ILE FE 17 48.37 -15.62 -92.92
CA ILE FE 17 48.70 -14.85 -94.12
C ILE FE 17 48.95 -13.40 -93.76
N GLU FE 18 48.28 -12.90 -92.73
CA GLU FE 18 48.55 -11.54 -92.28
C GLU FE 18 49.90 -11.45 -91.57
N ALA FE 19 50.24 -12.46 -90.79
CA ALA FE 19 51.57 -12.49 -90.17
C ALA FE 19 52.66 -12.60 -91.23
N ALA FE 20 52.45 -13.44 -92.24
CA ALA FE 20 53.47 -13.62 -93.26
C ALA FE 20 53.61 -12.39 -94.14
N ASP FE 21 52.53 -11.64 -94.32
CA ASP FE 21 52.61 -10.42 -95.12
C ASP FE 21 53.33 -9.32 -94.37
N ALA FE 22 53.04 -9.17 -93.08
CA ALA FE 22 53.70 -8.15 -92.29
C ALA FE 22 55.18 -8.46 -92.13
N MET FE 23 55.53 -9.73 -91.92
CA MET FE 23 56.92 -10.11 -91.76
C MET FE 23 57.72 -9.76 -93.01
N CYS FE 24 57.18 -10.05 -94.18
CA CYS FE 24 57.93 -9.83 -95.40
C CYS FE 24 58.04 -8.36 -95.77
N LYS FE 25 57.16 -7.52 -95.24
CA LYS FE 25 57.25 -6.09 -95.53
C LYS FE 25 58.24 -5.39 -94.62
N ALA FE 26 58.35 -5.83 -93.38
CA ALA FE 26 59.01 -5.08 -92.33
C ALA FE 26 60.49 -5.42 -92.16
N ALA FE 27 61.08 -6.20 -93.05
CA ALA FE 27 62.50 -6.52 -92.97
C ALA FE 27 62.88 -7.28 -94.23
N ASN FE 28 64.19 -7.43 -94.42
CA ASN FE 28 64.72 -8.13 -95.60
C ASN FE 28 64.88 -9.61 -95.25
N VAL FE 29 63.77 -10.34 -95.35
CA VAL FE 29 63.74 -11.76 -95.04
C VAL FE 29 63.16 -12.51 -96.22
N GLU FE 30 63.36 -13.82 -96.21
CA GLU FE 30 62.84 -14.72 -97.24
C GLU FE 30 61.81 -15.64 -96.61
N LEU FE 31 60.66 -15.76 -97.26
CA LEU FE 31 59.62 -16.64 -96.76
C LEU FE 31 59.87 -18.05 -97.29
N ILE FE 32 59.94 -19.02 -96.38
CA ILE FE 32 60.17 -20.41 -96.76
C ILE FE 32 58.86 -21.11 -97.11
N GLY FE 33 57.85 -20.98 -96.27
CA GLY FE 33 56.56 -21.54 -96.58
C GLY FE 33 55.75 -21.79 -95.33
N TYR FE 34 54.56 -22.33 -95.55
CA TYR FE 34 53.64 -22.69 -94.48
C TYR FE 34 53.70 -24.19 -94.23
N GLU FE 35 53.28 -24.58 -93.02
CA GLU FE 35 53.29 -25.99 -92.65
C GLU FE 35 52.27 -26.17 -91.53
N ASN FE 36 51.11 -26.73 -91.86
CA ASN FE 36 50.07 -26.96 -90.87
C ASN FE 36 50.09 -28.41 -90.39
N VAL FE 37 49.61 -28.61 -89.17
CA VAL FE 37 49.67 -29.91 -88.52
C VAL FE 37 48.30 -30.31 -88.00
N GLY FE 38 47.25 -29.80 -88.62
CA GLY FE 38 45.90 -30.09 -88.17
C GLY FE 38 45.57 -29.35 -86.89
N SER FE 39 44.31 -29.48 -86.47
CA SER FE 39 43.72 -28.72 -85.38
C SER FE 39 43.70 -27.22 -85.67
N GLY FE 40 43.92 -26.82 -86.91
CA GLY FE 40 43.91 -25.43 -87.26
C GLY FE 40 45.19 -24.69 -87.00
N LEU FE 41 46.23 -25.35 -86.49
CA LEU FE 41 47.50 -24.70 -86.26
C LEU FE 41 48.26 -24.60 -87.58
N VAL FE 42 48.63 -23.39 -87.97
CA VAL FE 42 49.42 -23.13 -89.16
C VAL FE 42 50.65 -22.34 -88.74
N THR FE 43 51.78 -22.62 -89.38
CA THR FE 43 53.06 -22.04 -88.99
C THR FE 43 53.74 -21.44 -90.21
N ALA FE 44 54.28 -20.23 -90.05
CA ALA FE 44 55.04 -19.55 -91.08
C ALA FE 44 56.51 -19.54 -90.71
N MET FE 45 57.38 -19.71 -91.69
CA MET FE 45 58.81 -19.77 -91.47
C MET FE 45 59.51 -18.77 -92.37
N VAL FE 46 60.21 -17.81 -91.77
CA VAL FE 46 61.03 -16.85 -92.51
C VAL FE 46 62.50 -17.14 -92.23
N LYS FE 47 63.37 -16.60 -93.07
CA LYS FE 47 64.78 -16.90 -92.98
C LYS FE 47 65.61 -15.72 -93.45
N GLY FE 48 66.59 -15.33 -92.64
CA GLY FE 48 67.44 -14.21 -93.00
C GLY FE 48 68.47 -13.97 -91.91
N ASP FE 49 69.12 -12.81 -91.98
CA ASP FE 49 70.08 -12.45 -90.95
C ASP FE 49 69.38 -12.27 -89.61
N VAL FE 50 70.16 -12.35 -88.54
CA VAL FE 50 69.58 -12.40 -87.20
C VAL FE 50 68.86 -11.11 -86.87
N GLY FE 51 69.44 -9.97 -87.22
CA GLY FE 51 68.81 -8.69 -86.91
C GLY FE 51 67.54 -8.50 -87.69
N ALA FE 52 67.55 -8.84 -88.98
CA ALA FE 52 66.34 -8.74 -89.79
C ALA FE 52 65.27 -9.69 -89.28
N VAL FE 53 65.62 -10.95 -89.10
CA VAL FE 53 64.65 -11.95 -88.68
C VAL FE 53 64.06 -11.59 -87.33
N ASN FE 54 64.88 -11.07 -86.43
CA ASN FE 54 64.35 -10.61 -85.15
C ASN FE 54 63.25 -9.59 -85.36
N ALA FE 55 63.55 -8.52 -86.11
CA ALA FE 55 62.59 -7.45 -86.36
C ALA FE 55 61.33 -7.97 -87.05
N ALA FE 56 61.49 -8.88 -88.01
CA ALA FE 56 60.34 -9.40 -88.74
C ALA FE 56 59.36 -10.09 -87.80
N VAL FE 57 59.87 -10.93 -86.91
CA VAL FE 57 58.98 -11.71 -86.04
C VAL FE 57 58.21 -10.81 -85.09
N ASP FE 58 58.85 -9.73 -84.62
CA ASP FE 58 58.13 -8.80 -83.75
C ASP FE 58 56.98 -8.14 -84.47
N SER FE 59 57.21 -7.70 -85.72
CA SER FE 59 56.15 -7.08 -86.49
C SER FE 59 55.08 -8.08 -86.88
N GLY FE 60 55.49 -9.28 -87.30
CA GLY FE 60 54.53 -10.28 -87.74
C GLY FE 60 53.60 -10.74 -86.63
N VAL FE 61 54.10 -10.82 -85.41
CA VAL FE 61 53.25 -11.21 -84.29
C VAL FE 61 52.28 -10.09 -83.95
N GLU FE 62 52.73 -8.85 -84.11
CA GLU FE 62 51.89 -7.71 -83.76
C GLU FE 62 50.73 -7.56 -84.73
N ALA FE 63 50.95 -7.85 -86.01
CA ALA FE 63 49.86 -7.78 -86.98
C ALA FE 63 48.90 -8.95 -86.83
N ALA FE 64 49.43 -10.15 -86.61
CA ALA FE 64 48.58 -11.34 -86.57
C ALA FE 64 47.75 -11.37 -85.30
N LYS FE 65 48.33 -10.99 -84.17
CA LYS FE 65 47.59 -10.97 -82.90
C LYS FE 65 46.39 -10.04 -82.97
N ARG FE 66 46.36 -9.16 -83.96
CA ARG FE 66 45.35 -8.12 -84.01
C ARG FE 66 44.02 -8.64 -84.55
N ILE FE 67 44.06 -9.67 -85.39
CA ILE FE 67 42.85 -10.24 -85.98
C ILE FE 67 42.60 -11.67 -85.56
N GLY FE 68 43.61 -12.39 -85.07
CA GLY FE 68 43.44 -13.77 -84.70
C GLY FE 68 44.24 -14.12 -83.46
N LYS FE 69 44.60 -15.39 -83.30
CA LYS FE 69 45.35 -15.84 -82.14
C LYS FE 69 46.74 -16.28 -82.57
N VAL FE 70 47.76 -15.68 -81.96
CA VAL FE 70 49.14 -16.10 -82.15
C VAL FE 70 49.48 -17.08 -81.03
N VAL FE 71 49.76 -18.32 -81.40
CA VAL FE 71 49.98 -19.35 -80.39
C VAL FE 71 51.39 -19.27 -79.82
N SER FE 72 52.39 -19.11 -80.68
CA SER FE 72 53.76 -19.02 -80.22
C SER FE 72 54.62 -18.41 -81.31
N SER FE 73 55.73 -17.81 -80.90
CA SER FE 73 56.73 -17.26 -81.80
C SER FE 73 58.11 -17.57 -81.26
N ARG FE 74 59.10 -17.57 -82.14
CA ARG FE 74 60.43 -18.02 -81.75
C ARG FE 74 61.42 -17.65 -82.84
N VAL FE 75 62.62 -17.25 -82.42
CA VAL FE 75 63.72 -16.98 -83.33
C VAL FE 75 64.89 -17.87 -82.94
N ILE FE 76 65.41 -18.62 -83.90
CA ILE FE 76 66.60 -19.44 -83.71
C ILE FE 76 67.74 -18.73 -84.42
N ALA FE 77 68.70 -18.21 -83.65
CA ALA FE 77 69.75 -17.38 -84.23
C ALA FE 77 70.68 -18.18 -85.12
N ARG FE 78 70.87 -19.46 -84.82
CA ARG FE 78 71.75 -20.30 -85.63
C ARG FE 78 71.28 -21.74 -85.51
N PRO FE 79 70.46 -22.21 -86.43
CA PRO FE 79 69.95 -23.56 -86.33
C PRO FE 79 71.00 -24.58 -86.69
N HIS FE 80 70.87 -25.77 -86.10
CA HIS FE 80 71.71 -26.88 -86.48
C HIS FE 80 71.43 -27.27 -87.92
N ASN FE 81 72.44 -27.86 -88.57
CA ASN FE 81 72.26 -28.24 -89.96
C ASN FE 81 71.20 -29.33 -90.12
N ASP FE 82 71.02 -30.17 -89.10
CA ASP FE 82 69.97 -31.18 -89.15
C ASP FE 82 68.60 -30.52 -89.21
N ILE FE 83 68.41 -29.42 -88.48
CA ILE FE 83 67.15 -28.71 -88.49
C ILE FE 83 66.80 -28.19 -89.87
N GLU FE 84 67.81 -27.94 -90.72
CA GLU FE 84 67.51 -27.51 -92.08
C GLU FE 84 67.37 -28.70 -93.02
N LYS FE 85 66.62 -29.69 -92.55
CA LYS FE 85 66.06 -30.76 -93.35
C LYS FE 85 64.65 -31.07 -92.92
N ILE FE 86 64.21 -30.52 -91.80
CA ILE FE 86 62.85 -30.64 -91.32
C ILE FE 86 61.98 -29.51 -91.87
N ALA FE 87 62.49 -28.29 -91.81
CA ALA FE 87 61.78 -27.14 -92.38
C ALA FE 87 61.73 -27.25 -93.89
N GLY FE 88 62.89 -27.22 -94.55
CA GLY FE 88 62.96 -27.35 -95.99
C GLY FE 88 63.02 -28.79 -96.46
N MET GE 1 -4.56 -52.63 -95.75
CA MET GE 1 -3.39 -52.48 -96.60
C MET GE 1 -3.61 -53.17 -97.93
N ILE GE 2 -2.77 -52.84 -98.91
CA ILE GE 2 -2.78 -53.53 -100.20
C ILE GE 2 -1.33 -53.74 -100.64
N LEU GE 3 -1.10 -54.84 -101.36
CA LEU GE 3 0.19 -55.04 -101.99
C LEU GE 3 0.30 -54.17 -103.22
N ALA GE 4 1.42 -53.45 -103.33
CA ALA GE 4 1.61 -52.54 -104.45
C ALA GE 4 3.09 -52.48 -104.76
N LYS GE 5 3.40 -51.87 -105.89
CA LYS GE 5 4.77 -51.75 -106.37
C LYS GE 5 5.05 -50.29 -106.70
N VAL GE 6 6.19 -49.78 -106.23
CA VAL GE 6 6.55 -48.40 -106.53
C VAL GE 6 6.97 -48.31 -108.00
N THR GE 7 6.35 -47.40 -108.73
CA THR GE 7 6.58 -47.28 -110.16
C THR GE 7 7.02 -45.89 -110.60
N GLY GE 8 7.26 -44.97 -109.68
CA GLY GE 8 7.69 -43.64 -110.06
C GLY GE 8 7.67 -42.71 -108.87
N HIS GE 9 7.66 -41.42 -109.16
CA HIS GE 9 7.56 -40.41 -108.11
C HIS GE 9 6.96 -39.15 -108.70
N VAL GE 10 6.57 -38.23 -107.83
CA VAL GE 10 5.90 -37.00 -108.20
C VAL GE 10 6.64 -35.84 -107.56
N VAL GE 11 6.94 -34.82 -108.35
CA VAL GE 11 7.63 -33.62 -107.88
C VAL GE 11 6.60 -32.49 -107.86
N ALA GE 12 6.24 -32.04 -106.66
CA ALA GE 12 5.25 -30.98 -106.49
C ALA GE 12 5.87 -29.89 -105.64
N THR GE 13 5.88 -28.67 -106.17
CA THR GE 13 6.48 -27.53 -105.49
C THR GE 13 5.47 -26.73 -104.69
N GLN GE 14 4.34 -26.39 -105.31
CA GLN GE 14 3.27 -25.63 -104.66
C GLN GE 14 2.34 -26.63 -103.99
N LYS GE 15 2.44 -26.76 -102.67
CA LYS GE 15 1.64 -27.73 -101.96
C LYS GE 15 1.43 -27.26 -100.52
N CYS GE 16 0.57 -27.98 -99.81
CA CYS GE 16 0.24 -27.62 -98.45
C CYS GE 16 1.44 -27.81 -97.53
N ASP GE 17 1.25 -27.50 -96.26
CA ASP GE 17 2.32 -27.59 -95.28
C ASP GE 17 2.35 -28.94 -94.56
N GLU GE 18 1.24 -29.66 -94.54
CA GLU GE 18 1.22 -31.00 -93.95
C GLU GE 18 2.04 -31.98 -94.77
N LEU GE 19 2.53 -31.57 -95.95
CA LEU GE 19 3.28 -32.45 -96.82
C LEU GE 19 4.72 -32.02 -97.02
N ARG GE 20 5.21 -31.03 -96.27
CA ARG GE 20 6.56 -30.55 -96.46
C ARG GE 20 7.58 -31.56 -95.98
N GLY GE 21 8.58 -31.84 -96.80
CA GLY GE 21 9.65 -32.74 -96.42
C GLY GE 21 9.24 -34.20 -96.40
N SER GE 22 8.70 -34.69 -97.51
CA SER GE 22 8.30 -36.08 -97.62
C SER GE 22 8.32 -36.48 -99.08
N ASN GE 23 8.45 -37.78 -99.31
CA ASN GE 23 8.47 -38.30 -100.66
C ASN GE 23 7.04 -38.53 -101.13
N LEU GE 24 6.85 -38.51 -102.44
CA LEU GE 24 5.54 -38.78 -103.04
C LEU GE 24 5.73 -39.80 -104.16
N LEU GE 25 5.39 -41.05 -103.89
CA LEU GE 25 5.64 -42.15 -104.80
C LEU GE 25 4.36 -42.53 -105.53
N LEU GE 26 4.52 -42.97 -106.78
CA LEU GE 26 3.43 -43.59 -107.51
C LEU GE 26 3.38 -45.05 -107.13
N ILE GE 27 2.19 -45.53 -106.80
CA ILE GE 27 2.00 -46.81 -106.14
C ILE GE 27 0.96 -47.57 -106.96
N THR GE 28 1.39 -48.63 -107.63
CA THR GE 28 0.49 -49.38 -108.50
C THR GE 28 0.10 -50.70 -107.85
N ARG GE 29 -1.20 -50.93 -107.74
CA ARG GE 29 -1.68 -52.18 -107.17
C ARG GE 29 -1.42 -53.33 -108.10
N LEU GE 30 -0.89 -54.43 -107.57
CA LEU GE 30 -0.51 -55.57 -108.37
C LEU GE 30 -1.40 -56.77 -108.07
N ASP GE 31 -1.62 -57.59 -109.09
CA ASP GE 31 -2.60 -58.67 -109.03
C ASP GE 31 -2.04 -59.95 -108.41
N ASP GE 32 -2.78 -61.06 -108.50
CA ASP GE 32 -2.41 -62.29 -107.81
C ASP GE 32 -1.28 -63.05 -108.48
N LYS GE 33 -0.67 -62.50 -109.53
CA LYS GE 33 0.56 -63.04 -110.08
C LYS GE 33 1.75 -62.13 -109.80
N GLN GE 34 1.60 -61.20 -108.87
CA GLN GE 34 2.60 -60.17 -108.59
C GLN GE 34 2.96 -59.40 -109.86
N GLN GE 35 1.92 -58.82 -110.47
CA GLN GE 35 2.07 -58.09 -111.72
C GLN GE 35 1.17 -56.86 -111.64
N PRO GE 36 1.69 -55.67 -111.97
CA PRO GE 36 0.87 -54.46 -111.85
C PRO GE 36 -0.37 -54.50 -112.72
N MET GE 37 -1.41 -53.84 -112.25
CA MET GE 37 -2.68 -53.75 -112.96
C MET GE 37 -2.74 -52.47 -113.76
N LYS GE 38 -3.88 -52.24 -114.42
CA LYS GE 38 -4.10 -51.08 -115.25
C LYS GE 38 -5.03 -50.10 -114.54
N ASP GE 39 -4.68 -48.82 -114.57
CA ASP GE 39 -5.51 -47.77 -113.99
C ASP GE 39 -5.73 -47.99 -112.49
N GLN GE 40 -4.65 -48.27 -111.78
CA GLN GE 40 -4.73 -48.56 -110.36
C GLN GE 40 -3.61 -47.88 -109.59
N THR GE 41 -3.34 -46.62 -109.91
CA THR GE 41 -2.20 -45.90 -109.36
C THR GE 41 -2.66 -44.84 -108.38
N TRP GE 42 -2.03 -44.82 -107.20
CA TRP GE 42 -2.26 -43.78 -106.21
C TRP GE 42 -0.93 -43.12 -105.90
N VAL GE 43 -1.00 -42.01 -105.17
CA VAL GE 43 0.19 -41.29 -104.72
C VAL GE 43 0.30 -41.48 -103.22
N ALA GE 44 1.44 -41.99 -102.76
CA ALA GE 44 1.61 -42.32 -101.36
C ALA GE 44 2.80 -41.59 -100.78
N VAL GE 45 2.64 -41.09 -99.56
CA VAL GE 45 3.73 -40.43 -98.86
C VAL GE 45 4.62 -41.51 -98.26
N ASP GE 46 5.81 -41.68 -98.82
CA ASP GE 46 6.74 -42.68 -98.30
C ASP GE 46 7.02 -42.41 -96.83
N ASN GE 47 7.19 -43.49 -96.06
CA ASN GE 47 7.41 -43.37 -94.63
C ASN GE 47 8.53 -44.24 -94.10
N VAL GE 48 8.99 -45.26 -94.84
CA VAL GE 48 10.02 -46.16 -94.38
C VAL GE 48 11.23 -46.21 -95.32
N GLY GE 49 11.20 -45.47 -96.41
CA GLY GE 49 12.35 -45.45 -97.29
C GLY GE 49 12.29 -46.46 -98.42
N ALA GE 50 11.22 -46.42 -99.19
CA ALA GE 50 11.08 -47.29 -100.35
C ALA GE 50 11.49 -46.55 -101.61
N GLY GE 51 11.99 -47.31 -102.59
CA GLY GE 51 12.41 -46.73 -103.84
C GLY GE 51 11.78 -47.44 -105.02
N MET GE 52 12.34 -47.27 -106.20
CA MET GE 52 11.72 -47.84 -107.39
C MET GE 52 11.76 -49.36 -107.36
N HIS GE 53 10.75 -49.97 -107.98
CA HIS GE 53 10.65 -51.41 -108.22
C HIS GE 53 10.43 -52.22 -106.96
N ASP GE 54 10.24 -51.59 -105.80
CA ASP GE 54 10.12 -52.31 -104.55
C ASP GE 54 8.66 -52.61 -104.27
N ILE GE 55 8.38 -53.82 -103.80
CA ILE GE 55 7.03 -54.21 -103.44
C ILE GE 55 6.76 -53.74 -102.01
N VAL GE 56 5.76 -52.89 -101.84
CA VAL GE 56 5.50 -52.25 -100.56
C VAL GE 56 4.09 -52.56 -100.11
N LEU GE 57 3.71 -52.02 -98.95
CA LEU GE 57 2.43 -52.31 -98.31
C LEU GE 57 1.79 -50.97 -98.01
N ALA GE 58 0.96 -50.48 -98.93
CA ALA GE 58 0.40 -49.14 -98.84
C ALA GE 58 -0.88 -49.15 -98.01
N GLU GE 59 -0.95 -48.25 -97.05
CA GLU GE 59 -2.07 -48.17 -96.13
C GLU GE 59 -2.98 -47.00 -96.49
N GLU GE 60 -4.25 -47.14 -96.15
CA GLU GE 60 -5.26 -46.14 -96.47
C GLU GE 60 -5.24 -45.01 -95.47
N TYR GE 61 -6.32 -44.23 -95.43
CA TYR GE 61 -6.32 -42.85 -94.97
C TYR GE 61 -5.41 -42.52 -93.80
N PHE GE 62 -5.64 -43.10 -92.63
CA PHE GE 62 -5.06 -42.55 -91.41
C PHE GE 62 -3.76 -43.27 -91.08
N ALA GE 63 -2.64 -42.54 -91.26
CA ALA GE 63 -1.34 -43.00 -90.79
C ALA GE 63 -0.51 -41.87 -90.21
N LEU GE 64 -1.14 -40.75 -89.83
CA LEU GE 64 -0.47 -39.60 -89.20
C LEU GE 64 0.64 -39.06 -90.09
N ASN GE 65 0.24 -38.56 -91.26
CA ASN GE 65 1.21 -38.04 -92.22
C ASN GE 65 0.70 -36.80 -92.94
N TYR GE 69 -4.30 -35.62 -89.53
CA TYR GE 69 -3.42 -36.09 -90.59
C TYR GE 69 -3.91 -37.42 -91.15
N LYS GE 70 -4.26 -37.43 -92.43
CA LYS GE 70 -4.84 -38.62 -93.03
C LYS GE 70 -4.28 -38.94 -94.41
N ALA GE 71 -2.99 -38.74 -94.64
CA ALA GE 71 -2.43 -39.03 -95.95
C ALA GE 71 -2.17 -40.53 -96.10
N MET GE 72 -2.33 -41.01 -97.33
CA MET GE 72 -2.10 -42.41 -97.67
C MET GE 72 -0.61 -42.64 -97.75
N SER GE 73 -0.08 -43.48 -96.87
CA SER GE 73 1.36 -43.67 -96.77
C SER GE 73 1.73 -45.14 -96.93
N VAL GE 74 3.03 -45.35 -97.12
CA VAL GE 74 3.61 -46.69 -97.18
C VAL GE 74 4.11 -47.04 -95.79
N VAL GE 75 3.79 -48.25 -95.31
CA VAL GE 75 4.05 -48.62 -93.93
C VAL GE 75 4.92 -49.85 -93.80
N ALA GE 76 5.31 -50.50 -94.89
CA ALA GE 76 6.10 -51.71 -94.79
C ALA GE 76 6.70 -52.04 -96.14
N ILE GE 77 7.93 -52.54 -96.14
CA ILE GE 77 8.58 -53.08 -97.33
C ILE GE 77 8.56 -54.59 -97.21
N VAL GE 78 8.05 -55.25 -98.24
CA VAL GE 78 7.71 -56.67 -98.15
C VAL GE 78 8.87 -57.51 -98.64
N GLU GE 79 9.25 -58.50 -97.84
CA GLU GE 79 10.31 -59.44 -98.19
C GLU GE 79 9.77 -60.64 -98.97
N LYS GE 80 8.81 -61.36 -98.40
CA LYS GE 80 8.26 -62.56 -98.99
C LYS GE 80 6.74 -62.51 -98.99
N VAL GE 81 6.14 -62.97 -100.08
CA VAL GE 81 4.69 -63.10 -100.20
C VAL GE 81 4.42 -64.57 -100.47
N PHE GE 82 4.14 -65.33 -99.42
CA PHE GE 82 3.79 -66.73 -99.58
C PHE GE 82 2.31 -66.82 -99.85
N ARG GE 83 1.93 -67.47 -100.96
CA ARG GE 83 0.55 -67.45 -101.42
C ARG GE 83 0.25 -68.77 -102.11
N ASP GE 84 -0.64 -69.56 -101.52
CA ASP GE 84 -1.13 -70.76 -102.18
C ASP GE 84 -2.41 -71.25 -101.49
N GLU HE 3 46.89 -7.06 -107.97
CA GLU HE 3 45.53 -6.84 -107.50
C GLU HE 3 45.43 -7.16 -106.02
N ALA HE 4 44.35 -6.73 -105.38
CA ALA HE 4 44.18 -6.93 -103.96
C ALA HE 4 43.84 -8.39 -103.67
N LEU HE 5 43.55 -8.68 -102.40
CA LEU HE 5 43.31 -10.04 -101.98
C LEU HE 5 42.32 -10.04 -100.81
N GLY HE 6 41.31 -10.87 -100.91
CA GLY HE 6 40.27 -10.93 -99.88
C GLY HE 6 40.11 -12.33 -99.34
N LEU HE 7 39.88 -12.41 -98.03
CA LEU HE 7 39.88 -13.69 -97.32
C LEU HE 7 38.71 -13.75 -96.36
N ILE HE 8 37.98 -14.86 -96.39
CA ILE HE 8 36.95 -15.16 -95.40
C ILE HE 8 37.22 -16.55 -94.86
N GLU HE 9 37.04 -16.73 -93.56
CA GLU HE 9 37.24 -18.01 -92.90
C GLU HE 9 35.99 -18.37 -92.11
N THR HE 10 35.51 -19.59 -92.29
CA THR HE 10 34.27 -20.03 -91.67
C THR HE 10 34.47 -21.41 -91.06
N LYS HE 11 33.55 -21.78 -90.19
CA LYS HE 11 33.48 -23.14 -89.65
C LYS HE 11 32.51 -23.95 -90.48
N GLY HE 12 32.99 -25.01 -91.10
CA GLY HE 12 32.13 -25.82 -91.94
C GLY HE 12 32.22 -25.42 -93.40
N LEU HE 13 31.94 -26.38 -94.28
CA LEU HE 13 32.10 -26.13 -95.71
C LEU HE 13 30.89 -25.42 -96.30
N VAL HE 14 29.70 -25.67 -95.77
CA VAL HE 14 28.51 -25.07 -96.35
C VAL HE 14 28.55 -23.57 -96.22
N ALA HE 15 28.86 -23.07 -95.02
CA ALA HE 15 28.90 -21.62 -94.82
C ALA HE 15 29.94 -20.96 -95.71
N CYS HE 16 30.95 -21.71 -96.15
CA CYS HE 16 31.98 -21.13 -97.01
C CYS HE 16 31.53 -21.06 -98.46
N ILE HE 17 30.78 -22.06 -98.94
CA ILE HE 17 30.30 -22.03 -100.31
C ILE HE 17 29.26 -20.94 -100.49
N GLU HE 18 28.44 -20.72 -99.46
CA GLU HE 18 27.53 -19.58 -99.50
C GLU HE 18 28.29 -18.26 -99.58
N ALA HE 19 29.34 -18.13 -98.76
CA ALA HE 19 30.13 -16.90 -98.78
C ALA HE 19 30.81 -16.69 -100.11
N ALA HE 20 31.40 -17.74 -100.68
CA ALA HE 20 32.12 -17.59 -101.94
C ALA HE 20 31.19 -17.33 -103.10
N ASP HE 21 29.91 -17.71 -102.98
CA ASP HE 21 28.96 -17.39 -104.04
C ASP HE 21 28.51 -15.94 -103.95
N ALA HE 22 28.26 -15.45 -102.74
CA ALA HE 22 27.87 -14.06 -102.58
C ALA HE 22 28.99 -13.13 -103.02
N MET HE 23 30.24 -13.47 -102.68
CA MET HE 23 31.36 -12.66 -103.11
C MET HE 23 31.42 -12.54 -104.63
N CYS HE 24 31.29 -13.67 -105.32
CA CYS HE 24 31.43 -13.66 -106.77
C CYS HE 24 30.31 -12.90 -107.45
N LYS HE 25 29.12 -12.85 -106.84
CA LYS HE 25 28.00 -12.15 -107.44
C LYS HE 25 28.03 -10.66 -107.16
N ALA HE 26 28.57 -10.26 -106.02
CA ALA HE 26 28.42 -8.89 -105.54
C ALA HE 26 29.40 -7.91 -106.15
N ALA HE 27 30.44 -8.37 -106.83
CA ALA HE 27 31.41 -7.44 -107.44
C ALA HE 27 32.23 -8.22 -108.45
N ASN HE 28 33.06 -7.47 -109.18
CA ASN HE 28 33.91 -8.06 -110.23
C ASN HE 28 35.20 -8.58 -109.60
N VAL HE 29 35.11 -9.75 -108.99
CA VAL HE 29 36.24 -10.43 -108.38
C VAL HE 29 36.29 -11.85 -108.87
N GLU HE 30 37.48 -12.44 -108.87
CA GLU HE 30 37.70 -13.80 -109.34
C GLU HE 30 38.08 -14.69 -108.18
N LEU HE 31 37.55 -15.91 -108.17
CA LEU HE 31 37.75 -16.83 -107.06
C LEU HE 31 39.06 -17.59 -107.27
N ILE HE 32 39.94 -17.53 -106.27
CA ILE HE 32 41.22 -18.22 -106.38
C ILE HE 32 41.07 -19.69 -106.02
N GLY HE 33 40.51 -19.99 -104.86
CA GLY HE 33 40.29 -21.37 -104.48
C GLY HE 33 39.94 -21.46 -103.01
N TYR HE 34 39.72 -22.71 -102.59
CA TYR HE 34 39.47 -23.04 -101.19
C TYR HE 34 40.72 -23.64 -100.58
N GLU HE 35 40.78 -23.60 -99.25
CA GLU HE 35 41.91 -24.21 -98.53
C GLU HE 35 41.47 -24.43 -97.09
N ASN HE 36 41.24 -25.68 -96.71
CA ASN HE 36 40.86 -26.01 -95.36
C ASN HE 36 42.08 -26.53 -94.60
N VAL HE 37 42.27 -26.02 -93.39
CA VAL HE 37 43.44 -26.35 -92.57
C VAL HE 37 42.91 -26.99 -91.30
N GLY HE 38 42.76 -28.32 -91.34
CA GLY HE 38 42.41 -29.03 -90.13
C GLY HE 38 41.00 -28.73 -89.65
N SER HE 39 40.89 -28.40 -88.37
CA SER HE 39 39.64 -28.58 -87.65
C SER HE 39 38.54 -27.64 -88.14
N GLY HE 40 37.70 -28.16 -89.03
CA GLY HE 40 36.53 -27.47 -89.53
C GLY HE 40 36.70 -26.03 -89.91
N LEU HE 41 37.81 -25.67 -90.54
CA LEU HE 41 38.08 -24.30 -90.94
C LEU HE 41 38.37 -24.29 -92.43
N VAL HE 42 37.49 -23.68 -93.21
CA VAL HE 42 37.66 -23.52 -94.64
C VAL HE 42 37.79 -22.05 -94.94
N THR HE 43 38.63 -21.72 -95.93
CA THR HE 43 38.93 -20.34 -96.29
C THR HE 43 38.80 -20.18 -97.80
N ALA HE 44 38.11 -19.14 -98.22
CA ALA HE 44 37.97 -18.79 -99.63
C ALA HE 44 38.76 -17.53 -99.91
N MET HE 45 39.40 -17.48 -101.09
CA MET HE 45 40.25 -16.36 -101.46
C MET HE 45 39.80 -15.79 -102.79
N VAL HE 46 39.64 -14.47 -102.85
CA VAL HE 46 39.25 -13.77 -104.07
C VAL HE 46 40.28 -12.69 -104.34
N LYS HE 47 40.36 -12.27 -105.61
CA LYS HE 47 41.29 -11.22 -105.99
C LYS HE 47 40.65 -10.31 -107.02
N GLY HE 48 41.03 -9.04 -106.98
CA GLY HE 48 40.49 -8.04 -107.86
C GLY HE 48 40.97 -6.66 -107.42
N ASP HE 49 40.34 -5.64 -107.97
CA ASP HE 49 40.71 -4.28 -107.57
C ASP HE 49 40.31 -4.02 -106.13
N VAL HE 50 40.90 -2.97 -105.56
CA VAL HE 50 40.76 -2.74 -104.12
C VAL HE 50 39.34 -2.33 -103.77
N GLY HE 51 38.70 -1.52 -104.62
CA GLY HE 51 37.32 -1.14 -104.35
C GLY HE 51 36.36 -2.28 -104.57
N ALA HE 52 36.64 -3.13 -105.55
CA ALA HE 52 35.79 -4.30 -105.78
C ALA HE 52 35.96 -5.33 -104.68
N VAL HE 53 37.20 -5.66 -104.35
CA VAL HE 53 37.45 -6.69 -103.35
C VAL HE 53 36.90 -6.27 -101.99
N ASN HE 54 37.01 -4.99 -101.67
CA ASN HE 54 36.45 -4.50 -100.41
C ASN HE 54 34.94 -4.65 -100.39
N ALA HE 55 34.30 -4.53 -101.55
CA ALA HE 55 32.85 -4.64 -101.63
C ALA HE 55 32.40 -6.10 -101.65
N ALA HE 56 33.26 -7.00 -102.13
CA ALA HE 56 32.88 -8.41 -102.15
C ALA HE 56 32.98 -9.03 -100.77
N VAL HE 57 33.93 -8.59 -99.96
CA VAL HE 57 34.17 -9.25 -98.69
C VAL HE 57 33.07 -8.92 -97.68
N ASP HE 58 32.63 -7.67 -97.63
CA ASP HE 58 31.60 -7.33 -96.66
C ASP HE 58 30.25 -7.91 -97.06
N SER HE 59 30.06 -8.20 -98.34
CA SER HE 59 28.85 -8.91 -98.76
C SER HE 59 28.94 -10.38 -98.45
N GLY HE 60 30.10 -10.99 -98.70
CA GLY HE 60 30.28 -12.40 -98.39
C GLY HE 60 30.25 -12.71 -96.92
N VAL HE 61 30.73 -11.80 -96.09
CA VAL HE 61 30.65 -12.01 -94.65
C VAL HE 61 29.21 -11.94 -94.20
N GLU HE 62 28.42 -11.08 -94.84
CA GLU HE 62 27.03 -10.89 -94.46
C GLU HE 62 26.20 -12.14 -94.73
N ALA HE 63 26.53 -12.86 -95.80
CA ALA HE 63 25.77 -14.04 -96.19
C ALA HE 63 26.14 -15.25 -95.35
N ALA HE 64 27.43 -15.49 -95.17
CA ALA HE 64 27.86 -16.65 -94.39
C ALA HE 64 27.53 -16.49 -92.92
N LYS HE 65 27.54 -15.26 -92.40
CA LYS HE 65 27.13 -15.01 -91.04
C LYS HE 65 25.68 -15.39 -90.79
N ARG HE 66 24.90 -15.54 -91.86
CA ARG HE 66 23.48 -15.84 -91.73
C ARG HE 66 23.25 -17.27 -91.30
N ILE HE 67 24.01 -18.21 -91.87
CA ILE HE 67 23.78 -19.63 -91.65
C ILE HE 67 24.92 -20.32 -90.92
N GLY HE 68 26.04 -19.65 -90.70
CA GLY HE 68 27.15 -20.29 -90.03
C GLY HE 68 27.97 -19.31 -89.21
N LYS HE 69 29.19 -19.69 -88.90
CA LYS HE 69 30.09 -18.84 -88.13
C LYS HE 69 31.18 -18.33 -89.06
N VAL HE 70 31.28 -17.01 -89.19
CA VAL HE 70 32.41 -16.39 -89.86
C VAL HE 70 33.47 -16.10 -88.80
N VAL HE 71 34.65 -16.69 -88.98
CA VAL HE 71 35.70 -16.57 -87.98
C VAL HE 71 36.52 -15.31 -88.19
N SER HE 72 36.91 -15.01 -89.42
CA SER HE 72 37.73 -13.85 -89.69
C SER HE 72 37.57 -13.45 -91.15
N SER HE 73 37.81 -12.16 -91.40
CA SER HE 73 37.83 -11.63 -92.75
C SER HE 73 38.92 -10.57 -92.83
N ARG HE 74 39.46 -10.37 -94.04
CA ARG HE 74 40.59 -9.48 -94.17
C ARG HE 74 40.81 -9.17 -95.64
N VAL HE 75 41.15 -7.91 -95.92
CA VAL HE 75 41.52 -7.47 -97.26
C VAL HE 75 42.95 -6.98 -97.22
N ILE HE 76 43.76 -7.43 -98.17
CA ILE HE 76 45.14 -6.99 -98.31
C ILE HE 76 45.24 -6.17 -99.58
N ALA HE 77 45.54 -4.88 -99.42
CA ALA HE 77 45.43 -3.96 -100.55
C ALA HE 77 46.53 -4.17 -101.57
N ARG HE 78 47.74 -4.50 -101.12
CA ARG HE 78 48.83 -4.84 -102.03
C ARG HE 78 49.58 -6.02 -101.42
N PRO HE 79 49.28 -7.24 -101.85
CA PRO HE 79 50.02 -8.39 -101.32
C PRO HE 79 51.43 -8.41 -101.86
N HIS HE 80 52.37 -8.76 -100.97
CA HIS HE 80 53.76 -8.81 -101.37
C HIS HE 80 53.98 -9.88 -102.43
N ASN HE 81 54.93 -9.62 -103.33
CA ASN HE 81 55.14 -10.49 -104.47
C ASN HE 81 55.45 -11.92 -104.03
N ASP HE 82 56.19 -12.07 -102.93
CA ASP HE 82 56.56 -13.39 -102.45
C ASP HE 82 55.34 -14.21 -102.08
N ILE HE 83 54.31 -13.56 -101.56
CA ILE HE 83 53.10 -14.25 -101.14
C ILE HE 83 52.21 -14.52 -102.35
N GLU IE 3 22.79 -25.99 -113.48
CA GLU IE 3 21.74 -26.57 -112.68
C GLU IE 3 21.93 -26.23 -111.21
N ALA IE 4 20.86 -26.36 -110.43
CA ALA IE 4 20.90 -25.97 -109.03
C ALA IE 4 21.87 -26.84 -108.25
N LEU IE 5 22.02 -26.56 -106.96
CA LEU IE 5 23.01 -27.25 -106.15
C LEU IE 5 22.55 -27.25 -104.70
N GLY IE 6 22.53 -28.41 -104.08
CA GLY IE 6 22.06 -28.52 -102.70
C GLY IE 6 23.10 -29.16 -101.82
N LEU IE 7 23.16 -28.70 -100.58
CA LEU IE 7 24.16 -29.14 -99.62
C LEU IE 7 23.51 -29.47 -98.29
N ILE IE 8 23.93 -30.58 -97.69
CA ILE IE 8 23.60 -30.90 -96.31
C ILE IE 8 24.89 -31.20 -95.59
N GLU IE 9 25.03 -30.68 -94.37
CA GLU IE 9 26.22 -30.87 -93.56
C GLU IE 9 25.83 -31.52 -92.24
N THR IE 10 26.44 -32.66 -91.95
CA THR IE 10 26.09 -33.46 -90.80
C THR IE 10 27.34 -33.79 -90.00
N LYS IE 11 27.13 -34.08 -88.71
CA LYS IE 11 28.21 -34.51 -87.83
C LYS IE 11 28.26 -36.03 -87.83
N GLY IE 12 29.30 -36.59 -88.42
CA GLY IE 12 29.41 -38.03 -88.55
C GLY IE 12 29.03 -38.50 -89.94
N LEU IE 13 29.62 -39.63 -90.34
CA LEU IE 13 29.38 -40.13 -91.69
C LEU IE 13 28.06 -40.87 -91.81
N VAL IE 14 27.63 -41.55 -90.76
CA VAL IE 14 26.41 -42.35 -90.85
C VAL IE 14 25.21 -41.46 -91.14
N ALA IE 15 25.08 -40.36 -90.41
CA ALA IE 15 23.97 -39.44 -90.66
C ALA IE 15 24.03 -38.85 -92.06
N CYS IE 16 25.18 -38.86 -92.70
CA CYS IE 16 25.29 -38.32 -94.05
C CYS IE 16 24.87 -39.32 -95.10
N ILE IE 17 25.02 -40.62 -94.84
CA ILE IE 17 24.55 -41.61 -95.79
C ILE IE 17 23.04 -41.78 -95.70
N GLU IE 18 22.46 -41.59 -94.53
CA GLU IE 18 21.01 -41.54 -94.44
C GLU IE 18 20.47 -40.31 -95.16
N ALA IE 19 21.09 -39.16 -94.94
CA ALA IE 19 20.68 -37.94 -95.64
C ALA IE 19 20.78 -38.11 -97.14
N ALA IE 20 21.88 -38.69 -97.61
CA ALA IE 20 22.06 -38.86 -99.05
C ALA IE 20 21.05 -39.85 -99.61
N ASP IE 21 20.76 -40.91 -98.87
CA ASP IE 21 19.81 -41.90 -99.37
C ASP IE 21 18.43 -41.30 -99.55
N ALA IE 22 17.98 -40.50 -98.59
CA ALA IE 22 16.68 -39.84 -98.72
C ALA IE 22 16.69 -38.86 -99.88
N MET IE 23 17.79 -38.14 -100.07
CA MET IE 23 17.87 -37.17 -101.16
C MET IE 23 17.73 -37.86 -102.51
N CYS IE 24 18.38 -39.00 -102.70
CA CYS IE 24 18.39 -39.65 -104.01
C CYS IE 24 17.08 -40.34 -104.34
N LYS IE 25 16.25 -40.64 -103.34
CA LYS IE 25 14.96 -41.26 -103.57
C LYS IE 25 13.85 -40.25 -103.75
N ALA IE 26 14.04 -39.02 -103.27
CA ALA IE 26 12.97 -38.04 -103.23
C ALA IE 26 12.73 -37.39 -104.58
N ALA IE 27 13.74 -37.33 -105.44
CA ALA IE 27 13.59 -36.65 -106.72
C ALA IE 27 14.69 -37.15 -107.65
N ASN IE 28 14.72 -36.58 -108.85
CA ASN IE 28 15.64 -37.01 -109.89
C ASN IE 28 16.86 -36.09 -109.87
N VAL IE 29 17.72 -36.32 -108.89
CA VAL IE 29 18.96 -35.58 -108.75
C VAL IE 29 20.12 -36.55 -108.81
N GLU IE 30 21.26 -36.09 -109.31
CA GLU IE 30 22.47 -36.89 -109.35
C GLU IE 30 23.37 -36.47 -108.20
N LEU IE 31 23.91 -37.46 -107.48
CA LEU IE 31 24.72 -37.21 -106.31
C LEU IE 31 26.17 -37.02 -106.71
N ILE IE 32 26.76 -35.92 -106.29
CA ILE IE 32 28.13 -35.58 -106.70
C ILE IE 32 29.16 -36.30 -105.86
N GLY IE 33 29.11 -36.15 -104.55
CA GLY IE 33 30.03 -36.86 -103.68
C GLY IE 33 30.19 -36.16 -102.35
N TYR IE 34 30.86 -36.87 -101.44
CA TYR IE 34 31.08 -36.38 -100.10
C TYR IE 34 32.34 -35.55 -100.02
N GLU IE 35 32.48 -34.83 -98.92
CA GLU IE 35 33.68 -34.03 -98.66
C GLU IE 35 33.71 -33.73 -97.17
N ASN IE 36 34.66 -34.30 -96.45
CA ASN IE 36 34.81 -34.00 -95.04
C ASN IE 36 35.95 -33.00 -94.84
N VAL IE 37 35.73 -32.05 -93.94
CA VAL IE 37 36.68 -30.98 -93.67
C VAL IE 37 37.30 -31.11 -92.30
N GLY IE 38 37.08 -32.23 -91.63
CA GLY IE 38 37.60 -32.44 -90.30
C GLY IE 38 36.65 -31.95 -89.24
N SER IE 39 36.95 -32.36 -88.00
CA SER IE 39 36.12 -32.11 -86.82
C SER IE 39 34.81 -32.87 -86.86
N GLY IE 40 34.72 -33.89 -87.69
CA GLY IE 40 33.53 -34.70 -87.79
C GLY IE 40 32.48 -34.21 -88.75
N LEU IE 41 32.74 -33.15 -89.49
CA LEU IE 41 31.76 -32.56 -90.39
C LEU IE 41 31.88 -33.19 -91.75
N VAL IE 42 30.79 -33.78 -92.25
CA VAL IE 42 30.73 -34.39 -93.56
C VAL IE 42 29.60 -33.72 -94.34
N THR IE 43 29.84 -33.47 -95.62
CA THR IE 43 28.89 -32.75 -96.46
C THR IE 43 28.58 -33.58 -97.70
N ALA IE 44 27.30 -33.64 -98.06
CA ALA IE 44 26.84 -34.28 -99.27
C ALA IE 44 26.33 -33.22 -100.23
N MET IE 45 26.57 -33.43 -101.53
CA MET IE 45 26.26 -32.43 -102.54
C MET IE 45 25.53 -33.09 -103.70
N VAL IE 46 24.34 -32.58 -104.02
CA VAL IE 46 23.56 -33.05 -105.15
C VAL IE 46 23.39 -31.91 -106.14
N LYS IE 47 22.95 -32.26 -107.34
CA LYS IE 47 22.72 -31.23 -108.36
C LYS IE 47 21.63 -31.70 -109.31
N GLY IE 48 20.78 -30.76 -109.70
CA GLY IE 48 19.70 -31.05 -110.61
C GLY IE 48 18.87 -29.80 -110.81
N ASP IE 49 17.67 -29.98 -111.36
CA ASP IE 49 16.76 -28.86 -111.50
C ASP IE 49 16.35 -28.33 -110.14
N VAL IE 50 15.98 -27.05 -110.10
CA VAL IE 50 15.80 -26.38 -108.82
C VAL IE 50 14.53 -26.83 -108.11
N GLY IE 51 13.54 -27.36 -108.85
CA GLY IE 51 12.38 -27.92 -108.19
C GLY IE 51 12.67 -29.28 -107.58
N ALA IE 52 13.54 -30.06 -108.23
CA ALA IE 52 13.93 -31.35 -107.68
C ALA IE 52 14.87 -31.17 -106.50
N VAL IE 53 15.87 -30.30 -106.65
CA VAL IE 53 16.86 -30.13 -105.60
C VAL IE 53 16.22 -29.54 -104.35
N ASN IE 54 15.23 -28.68 -104.52
CA ASN IE 54 14.54 -28.12 -103.36
C ASN IE 54 13.79 -29.21 -102.61
N ALA IE 55 13.26 -30.19 -103.33
CA ALA IE 55 12.51 -31.26 -102.69
C ALA IE 55 13.44 -32.27 -102.03
N ALA IE 56 14.58 -32.54 -102.66
CA ALA IE 56 15.52 -33.52 -102.11
C ALA IE 56 16.13 -33.02 -100.80
N VAL IE 57 16.57 -31.76 -100.78
CA VAL IE 57 17.24 -31.23 -99.60
C VAL IE 57 16.29 -31.17 -98.42
N ASP IE 58 15.03 -30.84 -98.67
CA ASP IE 58 14.07 -30.79 -97.57
C ASP IE 58 13.79 -32.19 -97.03
N SER IE 59 13.84 -33.20 -97.89
CA SER IE 59 13.61 -34.56 -97.45
C SER IE 59 14.83 -35.12 -96.74
N GLY IE 60 16.02 -34.89 -97.30
CA GLY IE 60 17.23 -35.36 -96.66
C GLY IE 60 17.48 -34.75 -95.31
N VAL IE 61 17.10 -33.48 -95.13
CA VAL IE 61 17.31 -32.84 -93.83
C VAL IE 61 16.46 -33.50 -92.76
N GLU IE 62 15.23 -33.86 -93.10
CA GLU IE 62 14.34 -34.44 -92.10
C GLU IE 62 14.74 -35.86 -91.72
N ALA IE 63 15.28 -36.63 -92.67
CA ALA IE 63 15.68 -38.00 -92.37
C ALA IE 63 16.95 -38.02 -91.54
N ALA IE 64 17.95 -37.23 -91.92
CA ALA IE 64 19.18 -37.19 -91.15
C ALA IE 64 18.94 -36.59 -89.77
N LYS IE 65 18.02 -35.63 -89.67
CA LYS IE 65 17.69 -35.05 -88.37
C LYS IE 65 17.19 -36.11 -87.39
N ARG IE 66 16.62 -37.18 -87.92
CA ARG IE 66 15.99 -38.19 -87.07
C ARG IE 66 17.01 -39.02 -86.31
N ILE IE 67 18.19 -39.24 -86.89
CA ILE IE 67 19.18 -40.16 -86.36
C ILE IE 67 20.52 -39.52 -86.08
N GLY IE 68 20.65 -38.23 -86.31
CA GLY IE 68 21.91 -37.56 -86.06
C GLY IE 68 21.72 -36.08 -85.93
N LYS IE 69 22.81 -35.34 -86.05
CA LYS IE 69 22.76 -33.89 -85.98
C LYS IE 69 22.99 -33.34 -87.39
N VAL IE 70 22.06 -32.52 -87.85
CA VAL IE 70 22.21 -31.78 -89.08
C VAL IE 70 22.73 -30.39 -88.73
N VAL IE 71 23.89 -30.04 -89.25
CA VAL IE 71 24.52 -28.78 -88.89
C VAL IE 71 23.97 -27.64 -89.74
N SER IE 72 23.81 -27.87 -91.04
CA SER IE 72 23.46 -26.82 -91.97
C SER IE 72 22.94 -27.43 -93.26
N SER IE 73 22.12 -26.66 -93.97
CA SER IE 73 21.61 -27.06 -95.27
C SER IE 73 21.43 -25.80 -96.12
N ARG IE 74 21.42 -25.99 -97.43
CA ARG IE 74 21.41 -24.84 -98.32
C ARG IE 74 21.11 -25.29 -99.74
N VAL IE 75 20.31 -24.51 -100.45
CA VAL IE 75 20.09 -24.67 -101.88
C VAL IE 75 20.60 -23.43 -102.58
N ILE IE 76 21.37 -23.62 -103.64
CA ILE IE 76 21.88 -22.53 -104.45
C ILE IE 76 21.24 -22.67 -105.82
N ALA IE 77 20.34 -21.75 -106.16
CA ALA IE 77 19.52 -21.92 -107.35
C ALA IE 77 20.30 -21.67 -108.62
N ARG IE 78 20.98 -20.53 -108.72
CA ARG IE 78 21.85 -20.24 -109.87
C ARG IE 78 23.27 -20.10 -109.36
N PRO IE 79 24.07 -21.16 -109.36
CA PRO IE 79 25.44 -21.05 -108.90
C PRO IE 79 26.32 -20.40 -109.95
N HIS IE 80 27.31 -19.65 -109.47
CA HIS IE 80 28.21 -18.95 -110.36
C HIS IE 80 29.13 -19.94 -111.07
N ASN IE 81 29.57 -19.56 -112.27
CA ASN IE 81 30.39 -20.48 -113.07
C ASN IE 81 31.77 -20.66 -112.47
N ASP IE 82 32.25 -19.68 -111.71
CA ASP IE 82 33.51 -19.86 -110.98
C ASP IE 82 33.39 -20.90 -109.91
N ILE IE 83 32.17 -21.16 -109.44
CA ILE IE 83 31.95 -22.13 -108.37
C ILE IE 83 31.73 -23.51 -108.97
N GLU JE 3 3.66 -18.95 -116.58
CA GLU JE 3 4.63 -19.27 -115.54
C GLU JE 3 4.31 -18.56 -114.25
N ALA JE 4 4.99 -18.91 -113.17
CA ALA JE 4 4.64 -18.41 -111.86
C ALA JE 4 4.87 -16.91 -111.78
N LEU JE 5 4.48 -16.33 -110.65
CA LEU JE 5 4.53 -14.89 -110.47
C LEU JE 5 4.85 -14.58 -109.02
N GLY JE 6 5.89 -13.77 -108.80
CA GLY JE 6 6.32 -13.41 -107.47
C GLY JE 6 6.27 -11.90 -107.26
N LEU JE 7 5.80 -11.50 -106.09
CA LEU JE 7 5.59 -10.10 -105.76
C LEU JE 7 6.21 -9.78 -104.42
N ILE JE 8 6.91 -8.65 -104.34
CA ILE JE 8 7.38 -8.09 -103.08
C ILE JE 8 6.92 -6.64 -103.03
N GLU JE 9 6.51 -6.20 -101.84
CA GLU JE 9 6.00 -4.85 -101.66
C GLU JE 9 6.71 -4.20 -100.49
N THR JE 10 7.27 -3.02 -100.73
CA THR JE 10 8.10 -2.32 -99.76
C THR JE 10 7.65 -0.88 -99.63
N LYS JE 11 8.10 -0.24 -98.55
CA LYS JE 11 7.94 1.20 -98.38
C LYS JE 11 9.18 1.89 -98.94
N GLY JE 12 8.99 2.70 -99.96
CA GLY JE 12 10.14 3.40 -100.50
C GLY JE 12 10.78 2.65 -101.65
N LEU JE 13 11.50 3.41 -102.49
CA LEU JE 13 12.05 2.82 -103.70
C LEU JE 13 13.38 2.15 -103.47
N VAL JE 14 14.16 2.59 -102.47
CA VAL JE 14 15.48 2.01 -102.27
C VAL JE 14 15.36 0.56 -101.82
N ALA JE 15 14.47 0.28 -100.88
CA ALA JE 15 14.28 -1.10 -100.46
C ALA JE 15 13.76 -1.99 -101.58
N CYS JE 16 13.17 -1.40 -102.61
CA CYS JE 16 12.64 -2.20 -103.71
C CYS JE 16 13.69 -2.44 -104.79
N ILE JE 17 14.68 -1.57 -104.91
CA ILE JE 17 15.76 -1.84 -105.85
C ILE JE 17 16.71 -2.87 -105.27
N GLU JE 18 16.85 -2.91 -103.95
CA GLU JE 18 17.65 -3.96 -103.35
C GLU JE 18 16.95 -5.31 -103.44
N ALA JE 19 15.62 -5.33 -103.26
CA ALA JE 19 14.88 -6.57 -103.42
C ALA JE 19 14.92 -7.05 -104.86
N ALA JE 20 14.77 -6.14 -105.81
CA ALA JE 20 14.77 -6.55 -107.21
C ALA JE 20 16.15 -7.00 -107.66
N ASP JE 21 17.20 -6.46 -107.06
CA ASP JE 21 18.55 -6.88 -107.43
C ASP JE 21 18.85 -8.27 -106.87
N ALA JE 22 18.48 -8.51 -105.61
CA ALA JE 22 18.72 -9.81 -105.00
C ALA JE 22 17.93 -10.91 -105.70
N MET JE 23 16.70 -10.60 -106.13
CA MET JE 23 15.89 -11.60 -106.80
C MET JE 23 16.50 -12.01 -108.12
N CYS JE 24 16.95 -11.04 -108.92
CA CYS JE 24 17.48 -11.38 -110.23
C CYS JE 24 18.81 -12.12 -110.15
N LYS JE 25 19.53 -11.97 -109.04
CA LYS JE 25 20.81 -12.66 -108.89
C LYS JE 25 20.61 -14.10 -108.44
N ALA JE 26 19.62 -14.35 -107.61
CA ALA JE 26 19.52 -15.60 -106.86
C ALA JE 26 18.70 -16.67 -107.56
N ALA JE 27 18.26 -16.45 -108.79
CA ALA JE 27 17.49 -17.46 -109.52
C ALA JE 27 17.32 -16.99 -110.95
N ASN JE 28 16.90 -17.93 -111.81
CA ASN JE 28 16.69 -17.63 -113.22
C ASN JE 28 15.26 -17.14 -113.41
N VAL JE 29 15.05 -15.85 -113.11
CA VAL JE 29 13.75 -15.22 -113.23
C VAL JE 29 13.89 -14.00 -114.14
N GLU JE 30 12.76 -13.50 -114.59
CA GLU JE 30 12.69 -12.32 -115.44
C GLU JE 30 11.96 -11.22 -114.67
N LEU JE 31 12.53 -10.02 -114.66
CA LEU JE 31 11.94 -8.89 -113.97
C LEU JE 31 10.96 -8.20 -114.91
N ILE JE 32 9.72 -8.07 -114.48
CA ILE JE 32 8.69 -7.44 -115.30
C ILE JE 32 8.69 -5.93 -115.13
N GLY JE 33 8.71 -5.45 -113.90
CA GLY JE 33 8.81 -4.02 -113.67
C GLY JE 33 8.32 -3.65 -112.29
N TYR JE 34 8.40 -2.36 -112.01
CA TYR JE 34 7.90 -1.78 -110.78
C TYR JE 34 6.53 -1.16 -111.01
N GLU JE 35 5.77 -1.01 -109.93
CA GLU JE 35 4.45 -0.41 -110.02
C GLU JE 35 4.09 0.14 -108.63
N ASN JE 36 4.15 1.46 -108.49
CA ASN JE 36 3.85 2.10 -107.23
C ASN JE 36 2.43 2.66 -107.24
N VAL JE 37 1.86 2.77 -106.04
CA VAL JE 37 0.47 3.17 -105.89
C VAL JE 37 0.34 4.31 -104.89
N GLY JE 38 1.39 5.09 -104.73
CA GLY JE 38 1.36 6.19 -103.77
C GLY JE 38 1.49 5.67 -102.35
N SER JE 39 1.60 6.61 -101.43
CA SER JE 39 1.91 6.37 -100.02
C SER JE 39 3.27 5.71 -99.82
N GLY JE 40 4.12 5.72 -100.85
CA GLY JE 40 5.43 5.14 -100.74
C GLY JE 40 5.49 3.65 -100.96
N LEU JE 41 4.37 3.00 -101.25
CA LEU JE 41 4.36 1.58 -101.52
C LEU JE 41 4.81 1.33 -102.95
N VAL JE 42 5.88 0.56 -103.11
CA VAL JE 42 6.37 0.16 -104.42
C VAL JE 42 6.41 -1.36 -104.46
N THR JE 43 6.15 -1.92 -105.65
CA THR JE 43 6.01 -3.36 -105.81
C THR JE 43 6.86 -3.82 -106.98
N ALA JE 44 7.60 -4.91 -106.77
CA ALA JE 44 8.39 -5.53 -107.81
C ALA JE 44 7.73 -6.84 -108.23
N MET JE 45 7.79 -7.15 -109.53
CA MET JE 45 7.16 -8.34 -110.07
C MET JE 45 8.16 -9.13 -110.88
N VAL JE 46 8.41 -10.37 -110.49
CA VAL JE 46 9.28 -11.28 -111.23
C VAL JE 46 8.44 -12.40 -111.80
N LYS JE 47 9.00 -13.11 -112.76
CA LYS JE 47 8.25 -14.12 -113.49
C LYS JE 47 9.19 -15.24 -113.94
N GLY JE 48 8.80 -16.48 -113.70
CA GLY JE 48 9.61 -17.61 -114.10
C GLY JE 48 8.98 -18.89 -113.63
N ASP JE 49 9.73 -19.99 -113.75
CA ASP JE 49 9.24 -21.27 -113.27
C ASP JE 49 8.99 -21.22 -111.76
N VAL JE 50 8.16 -22.14 -111.28
CA VAL JE 50 7.68 -22.06 -109.91
C VAL JE 50 8.82 -22.23 -108.92
N GLY JE 51 9.74 -23.17 -109.19
CA GLY JE 51 10.83 -23.40 -108.27
C GLY JE 51 11.78 -22.23 -108.22
N ALA JE 52 12.09 -21.65 -109.37
CA ALA JE 52 12.95 -20.47 -109.41
C ALA JE 52 12.28 -19.30 -108.69
N VAL JE 53 11.04 -18.98 -109.08
CA VAL JE 53 10.35 -17.84 -108.51
C VAL JE 53 10.19 -17.98 -107.01
N ASN JE 54 9.93 -19.19 -106.54
CA ASN JE 54 9.86 -19.42 -105.11
C ASN JE 54 11.16 -19.01 -104.44
N ALA JE 55 12.29 -19.52 -104.94
CA ALA JE 55 13.59 -19.22 -104.38
C ALA JE 55 13.91 -17.73 -104.44
N ALA JE 56 13.59 -17.09 -105.56
CA ALA JE 56 13.88 -15.67 -105.72
C ALA JE 56 13.20 -14.85 -104.65
N VAL JE 57 11.90 -15.07 -104.43
CA VAL JE 57 11.16 -14.25 -103.50
C VAL JE 57 11.70 -14.40 -102.09
N ASP JE 58 12.19 -15.58 -101.73
CA ASP JE 58 12.75 -15.77 -100.40
C ASP JE 58 14.02 -14.95 -100.21
N SER JE 59 14.89 -14.95 -101.21
CA SER JE 59 16.12 -14.17 -101.12
C SER JE 59 15.82 -12.67 -101.22
N GLY JE 60 14.91 -12.28 -102.10
CA GLY JE 60 14.59 -10.88 -102.26
C GLY JE 60 14.01 -10.25 -101.02
N VAL JE 61 13.18 -10.99 -100.28
CA VAL JE 61 12.62 -10.45 -99.05
C VAL JE 61 13.69 -10.36 -97.98
N GLU JE 62 14.66 -11.26 -98.02
CA GLU JE 62 15.70 -11.28 -97.00
C GLU JE 62 16.67 -10.12 -97.17
N ALA JE 63 16.97 -9.73 -98.40
CA ALA JE 63 17.83 -8.58 -98.64
C ALA JE 63 17.10 -7.28 -98.37
N ALA JE 64 15.84 -7.19 -98.76
CA ALA JE 64 15.10 -5.94 -98.63
C ALA JE 64 14.76 -5.63 -97.18
N LYS JE 65 14.36 -6.66 -96.41
CA LYS JE 65 14.06 -6.48 -95.01
C LYS JE 65 15.25 -5.96 -94.23
N ARG JE 66 16.44 -6.08 -94.80
CA ARG JE 66 17.68 -5.78 -94.10
C ARG JE 66 17.92 -4.27 -93.99
N ILE JE 67 17.43 -3.51 -94.97
CA ILE JE 67 17.63 -2.06 -94.99
C ILE JE 67 16.34 -1.28 -94.89
N GLY JE 68 15.20 -1.86 -95.23
CA GLY JE 68 13.95 -1.13 -95.21
C GLY JE 68 12.83 -2.00 -94.71
N LYS JE 69 11.60 -1.73 -95.15
CA LYS JE 69 10.44 -2.48 -94.67
C LYS JE 69 9.78 -3.23 -95.81
N VAL JE 70 9.65 -4.54 -95.64
CA VAL JE 70 8.94 -5.38 -96.58
C VAL JE 70 7.51 -5.52 -96.10
N VAL JE 71 6.56 -5.01 -96.88
CA VAL JE 71 5.18 -4.98 -96.44
C VAL JE 71 4.51 -6.33 -96.65
N SER JE 72 4.73 -6.95 -97.81
CA SER JE 72 4.14 -8.24 -98.09
C SER JE 72 4.87 -8.90 -99.25
N SER JE 73 4.78 -10.22 -99.30
CA SER JE 73 5.35 -11.02 -100.38
C SER JE 73 4.39 -12.15 -100.69
N ARG JE 74 4.47 -12.67 -101.91
CA ARG JE 74 3.49 -13.65 -102.36
C ARG JE 74 3.97 -14.28 -103.65
N VAL JE 75 3.72 -15.58 -103.80
CA VAL JE 75 4.00 -16.30 -105.03
C VAL JE 75 2.70 -16.92 -105.53
N ILE JE 76 2.35 -16.63 -106.77
CA ILE JE 76 1.21 -17.26 -107.44
C ILE JE 76 1.77 -18.29 -108.40
N ALA JE 77 1.52 -19.57 -108.12
CA ALA JE 77 2.14 -20.63 -108.90
C ALA JE 77 1.61 -20.68 -110.31
N ARG JE 78 0.35 -20.33 -110.51
CA ARG JE 78 -0.24 -20.33 -111.85
C ARG JE 78 -1.32 -19.27 -111.89
N PRO JE 79 -0.99 -18.08 -112.38
CA PRO JE 79 -1.99 -17.00 -112.41
C PRO JE 79 -3.00 -17.22 -113.52
N HIS JE 80 -4.21 -16.72 -113.29
CA HIS JE 80 -5.22 -16.71 -114.33
C HIS JE 80 -4.78 -15.83 -115.48
N ASN JE 81 -5.27 -16.14 -116.68
CA ASN JE 81 -4.88 -15.36 -117.85
C ASN JE 81 -5.36 -13.92 -117.75
N ASP JE 82 -6.46 -13.67 -117.03
CA ASP JE 82 -6.91 -12.30 -116.84
C ASP JE 82 -5.91 -11.51 -116.01
N ILE JE 83 -5.27 -12.17 -115.04
CA ILE JE 83 -4.28 -11.49 -114.21
C ILE JE 83 -3.09 -11.03 -115.04
N GLU JE 84 -2.79 -11.71 -116.14
CA GLU JE 84 -1.72 -11.24 -117.01
C GLU JE 84 -2.21 -10.22 -118.01
N LYS JE 85 -3.00 -9.26 -117.52
CA LYS JE 85 -3.32 -8.03 -118.20
C LYS JE 85 -3.32 -6.85 -117.24
N ILE JE 86 -3.29 -7.12 -115.93
CA ILE JE 86 -3.15 -6.09 -114.92
C ILE JE 86 -1.69 -5.84 -114.61
N ALA JE 87 -0.88 -6.90 -114.55
CA ALA JE 87 0.55 -6.73 -114.34
C ALA JE 87 1.21 -6.17 -115.58
N GLY JE 88 1.16 -6.90 -116.69
CA GLY JE 88 1.72 -6.43 -117.94
C GLY JE 88 0.75 -5.59 -118.76
N MET KE 1 2.52 60.61 -91.26
CA MET KE 1 2.67 59.87 -92.49
C MET KE 1 2.82 60.80 -93.68
N ILE KE 2 3.29 60.27 -94.80
CA ILE KE 2 3.35 61.02 -96.05
C ILE KE 2 2.93 60.10 -97.19
N LEU KE 3 2.30 60.69 -98.21
CA LEU KE 3 2.01 59.95 -99.42
C LEU KE 3 3.28 59.80 -100.24
N ALA KE 4 3.55 58.58 -100.68
CA ALA KE 4 4.76 58.31 -101.43
C ALA KE 4 4.48 57.18 -102.40
N LYS KE 5 5.42 56.97 -103.31
CA LYS KE 5 5.30 55.96 -104.35
C LYS KE 5 6.55 55.09 -104.34
N VAL KE 6 6.37 53.78 -104.37
CA VAL KE 6 7.51 52.88 -104.42
C VAL KE 6 8.16 52.95 -105.79
N THR KE 7 9.46 53.23 -105.83
CA THR KE 7 10.17 53.43 -107.07
C THR KE 7 11.37 52.50 -107.26
N GLY KE 8 11.60 51.55 -106.36
CA GLY KE 8 12.72 50.65 -106.51
C GLY KE 8 12.91 49.82 -105.25
N HIS KE 9 14.10 49.26 -105.12
CA HIS KE 9 14.45 48.51 -103.92
C HIS KE 9 15.96 48.54 -103.75
N VAL KE 10 16.40 48.13 -102.57
CA VAL KE 10 17.81 48.15 -102.20
C VAL KE 10 18.20 46.76 -101.72
N VAL KE 11 19.32 46.24 -102.22
CA VAL KE 11 19.83 44.94 -101.82
C VAL KE 11 21.08 45.18 -100.98
N ALA KE 12 20.99 44.88 -99.69
CA ALA KE 12 22.08 45.08 -98.75
C ALA KE 12 22.37 43.77 -98.05
N THR KE 13 23.61 43.30 -98.15
CA THR KE 13 24.01 42.03 -97.56
C THR KE 13 24.61 42.19 -96.18
N GLN KE 14 25.56 43.12 -96.03
CA GLN KE 14 26.21 43.38 -94.75
C GLN KE 14 25.38 44.44 -94.01
N LYS KE 15 24.61 44.01 -93.02
CA LYS KE 15 23.73 44.93 -92.32
C LYS KE 15 23.50 44.42 -90.91
N CYS KE 16 22.84 45.24 -90.10
CA CYS KE 16 22.59 44.91 -88.71
C CYS KE 16 21.60 43.75 -88.62
N ASP KE 17 21.30 43.36 -87.39
CA ASP KE 17 20.41 42.24 -87.14
C ASP KE 17 18.96 42.67 -86.95
N GLU KE 18 18.73 43.93 -86.58
CA GLU KE 18 17.37 44.44 -86.48
C GLU KE 18 16.69 44.52 -87.84
N LEU KE 19 17.42 44.29 -88.93
CA LEU KE 19 16.89 44.41 -90.28
C LEU KE 19 16.86 43.09 -91.03
N ARG KE 20 17.15 41.97 -90.37
CA ARG KE 20 17.20 40.69 -91.07
C ARG KE 20 15.80 40.24 -91.46
N GLY KE 21 15.64 39.83 -92.71
CA GLY KE 21 14.38 39.32 -93.19
C GLY KE 21 13.31 40.37 -93.39
N SER KE 22 13.63 41.40 -94.17
CA SER KE 22 12.68 42.46 -94.44
C SER KE 22 13.06 43.10 -95.77
N ASN KE 23 12.07 43.72 -96.40
CA ASN KE 23 12.28 44.40 -97.67
C ASN KE 23 12.79 45.80 -97.41
N LEU KE 24 13.50 46.36 -98.39
CA LEU KE 24 13.99 47.73 -98.30
C LEU KE 24 13.64 48.45 -99.60
N LEU KE 25 12.60 49.27 -99.56
CA LEU KE 25 12.07 49.91 -100.75
C LEU KE 25 12.53 51.36 -100.84
N LEU KE 26 12.72 51.83 -102.05
CA LEU KE 26 12.93 53.25 -102.29
C LEU KE 26 11.57 53.93 -102.38
N ILE KE 27 11.41 55.02 -101.64
CA ILE KE 27 10.11 55.61 -101.37
C ILE KE 27 10.23 57.09 -101.74
N THR KE 28 9.54 57.50 -102.81
CA THR KE 28 9.65 58.86 -103.30
C THR KE 28 8.40 59.65 -102.95
N ARG KE 29 8.58 60.77 -102.27
CA ARG KE 29 7.45 61.61 -101.91
C ARG KE 29 6.87 62.28 -103.15
N LEU KE 30 5.55 62.24 -103.28
CA LEU KE 30 4.88 62.76 -104.45
C LEU KE 30 4.05 64.00 -104.10
N ASP KE 31 3.94 64.91 -105.07
CA ASP KE 31 3.36 66.23 -104.83
C ASP KE 31 1.84 66.23 -104.98
N ASP KE 32 1.23 67.42 -105.00
CA ASP KE 32 -0.24 67.53 -104.97
C ASP KE 32 -0.90 67.21 -106.30
N LYS KE 33 -0.15 66.76 -107.29
CA LYS KE 33 -0.72 66.22 -108.52
C LYS KE 33 -0.50 64.73 -108.63
N GLN KE 34 -0.14 64.08 -107.52
CA GLN KE 34 0.23 62.67 -107.49
C GLN KE 34 1.35 62.39 -108.49
N GLN KE 35 2.46 63.11 -108.32
CA GLN KE 35 3.60 63.00 -109.20
C GLN KE 35 4.86 63.08 -108.34
N PRO KE 36 5.81 62.17 -108.53
CA PRO KE 36 7.01 62.17 -107.67
C PRO KE 36 7.81 63.46 -107.78
N MET KE 37 8.46 63.82 -106.69
CA MET KE 37 9.27 65.01 -106.62
C MET KE 37 10.74 64.67 -106.88
N LYS KE 38 11.60 65.67 -106.78
CA LYS KE 38 13.03 65.51 -107.03
C LYS KE 38 13.78 65.55 -105.71
N ASP KE 39 14.72 64.62 -105.53
CA ASP KE 39 15.58 64.57 -104.34
C ASP KE 39 14.75 64.40 -103.08
N GLN KE 40 13.81 63.45 -103.11
CA GLN KE 40 12.93 63.23 -101.98
C GLN KE 40 12.74 61.73 -101.72
N THR KE 41 13.83 60.99 -101.76
CA THR KE 41 13.77 59.53 -101.67
C THR KE 41 14.32 59.06 -100.33
N TRP KE 42 13.56 58.18 -99.68
CA TRP KE 42 14.00 57.52 -98.46
C TRP KE 42 13.95 56.02 -98.66
N VAL KE 43 14.53 55.29 -97.72
CA VAL KE 43 14.50 53.83 -97.73
C VAL KE 43 13.60 53.37 -96.61
N ALA KE 44 12.59 52.57 -96.94
CA ALA KE 44 11.58 52.17 -95.99
C ALA KE 44 11.53 50.66 -95.90
N VAL KE 45 11.38 50.15 -94.67
CA VAL KE 45 11.23 48.72 -94.45
C VAL KE 45 9.78 48.37 -94.70
N ASP KE 46 9.51 47.68 -95.80
CA ASP KE 46 8.15 47.28 -96.11
C ASP KE 46 7.56 46.45 -94.98
N ASN KE 47 6.27 46.63 -94.74
CA ASN KE 47 5.61 45.95 -93.64
C ASN KE 47 4.27 45.32 -94.02
N VAL KE 48 3.66 45.70 -95.14
CA VAL KE 48 2.36 45.18 -95.53
C VAL KE 48 2.38 44.53 -96.90
N GLY KE 49 3.51 44.52 -97.59
CA GLY KE 49 3.57 43.85 -98.87
C GLY KE 49 3.31 44.76 -100.06
N ALA KE 50 4.07 45.85 -100.14
CA ALA KE 50 3.97 46.76 -101.27
C ALA KE 50 5.04 46.45 -102.30
N GLY KE 51 4.73 46.73 -103.56
CA GLY KE 51 5.67 46.49 -104.64
C GLY KE 51 5.86 47.72 -105.49
N MET KE 52 6.39 47.55 -106.70
CA MET KE 52 6.70 48.71 -107.52
C MET KE 52 5.44 49.44 -107.95
N HIS KE 53 5.57 50.75 -108.12
CA HIS KE 53 4.55 51.63 -108.69
C HIS KE 53 3.35 51.84 -107.77
N ASP KE 54 3.37 51.30 -106.56
CA ASP KE 54 2.22 51.37 -105.66
C ASP KE 54 2.32 52.62 -104.81
N ILE KE 55 1.20 53.31 -104.63
CA ILE KE 55 1.15 54.48 -103.76
C ILE KE 55 0.94 54.02 -102.34
N VAL KE 56 1.88 54.33 -101.46
CA VAL KE 56 1.86 53.82 -100.09
C VAL KE 56 1.85 54.98 -99.11
N LEU KE 57 1.85 54.65 -97.82
CA LEU KE 57 1.73 55.62 -96.74
C LEU KE 57 2.89 55.37 -95.78
N ALA KE 58 3.99 56.08 -95.98
CA ALA KE 58 5.23 55.81 -95.26
C ALA KE 58 5.24 56.58 -93.95
N GLU KE 59 5.54 55.89 -92.87
CA GLU KE 59 5.52 56.47 -91.54
C GLU KE 59 6.94 56.72 -91.04
N GLU KE 60 7.07 57.71 -90.18
CA GLU KE 60 8.38 58.11 -89.66
C GLU KE 60 8.81 57.20 -88.52
N TYR KE 61 9.77 57.66 -87.73
CA TYR KE 61 10.68 56.83 -86.95
C TYR KE 61 10.09 55.56 -86.35
N PHE KE 62 9.13 55.69 -85.44
CA PHE KE 62 8.79 54.56 -84.58
C PHE KE 62 7.63 53.77 -85.16
N ALA KE 63 7.93 52.56 -85.65
CA ALA KE 63 6.90 51.60 -86.04
C ALA KE 63 7.28 50.17 -85.66
N LEU KE 64 8.21 50.00 -84.72
CA LEU KE 64 8.62 48.70 -84.20
C LEU KE 64 9.13 47.79 -85.34
N ASN KE 65 10.23 48.22 -85.95
CA ASN KE 65 10.80 47.48 -87.07
C ASN KE 65 12.33 47.49 -87.04
N TYR KE 69 13.28 49.84 -81.43
CA TYR KE 69 13.12 49.70 -82.87
C TYR KE 69 12.46 50.94 -83.46
N LYS KE 70 13.19 51.63 -84.36
CA LYS KE 70 12.70 52.90 -84.89
C LYS KE 70 12.92 53.03 -86.39
N ALA KE 71 12.77 51.96 -87.16
CA ALA KE 71 12.98 52.07 -88.61
C ALA KE 71 11.76 52.67 -89.28
N MET KE 72 12.01 53.41 -90.35
CA MET KE 72 10.96 54.05 -91.14
C MET KE 72 10.31 52.98 -92.01
N SER KE 73 9.03 52.71 -91.79
CA SER KE 73 8.36 51.62 -92.48
C SER KE 73 7.13 52.12 -93.21
N VAL KE 74 6.61 51.25 -94.07
CA VAL KE 74 5.36 51.47 -94.79
C VAL KE 74 4.25 50.81 -94.00
N VAL KE 75 3.15 51.54 -93.79
CA VAL KE 75 2.10 51.09 -92.90
C VAL KE 75 0.75 50.98 -93.58
N ALA KE 76 0.62 51.33 -94.85
CA ALA KE 76 -0.67 51.28 -95.50
C ALA KE 76 -0.48 51.39 -97.01
N ILE KE 77 -1.30 50.65 -97.75
CA ILE KE 77 -1.38 50.77 -99.20
C ILE KE 77 -2.65 51.52 -99.53
N VAL KE 78 -2.53 52.57 -100.32
CA VAL KE 78 -3.61 53.54 -100.48
C VAL KE 78 -4.44 53.19 -101.69
N GLU KE 79 -5.76 53.13 -101.51
CA GLU KE 79 -6.71 52.87 -102.58
C GLU KE 79 -7.12 54.16 -103.31
N LYS KE 80 -7.67 55.12 -102.56
CA LYS KE 80 -8.19 56.35 -103.13
C LYS KE 80 -7.65 57.54 -102.36
N VAL KE 81 -7.29 58.59 -103.07
CA VAL KE 81 -6.87 59.86 -102.49
C VAL KE 81 -7.85 60.92 -103.00
N PHE KE 82 -8.89 61.19 -102.22
CA PHE KE 82 -9.84 62.24 -102.56
C PHE KE 82 -9.30 63.57 -102.08
N ARG KE 83 -9.16 64.53 -102.99
CA ARG KE 83 -8.47 65.78 -102.67
C ARG KE 83 -9.11 66.92 -103.47
N ASP KE 84 -9.75 67.84 -102.78
CA ASP KE 84 -10.25 69.05 -103.40
C ASP KE 84 -10.55 70.12 -102.35
N GLU LE 3 29.16 0.15 -114.21
CA GLU LE 3 29.56 1.00 -113.10
C GLU LE 3 28.62 0.79 -111.91
N ALA LE 4 29.03 1.24 -110.74
CA ALA LE 4 28.25 1.03 -109.53
C ALA LE 4 27.02 1.94 -109.55
N LEU LE 5 26.29 1.92 -108.44
CA LEU LE 5 25.04 2.67 -108.34
C LEU LE 5 24.82 3.10 -106.91
N GLY LE 6 24.49 4.36 -106.71
CA GLY LE 6 24.31 4.90 -105.37
C GLY LE 6 22.96 5.56 -105.22
N LEU LE 7 22.36 5.41 -104.04
CA LEU LE 7 20.98 5.81 -103.81
C LEU LE 7 20.85 6.48 -102.45
N ILE LE 8 20.20 7.63 -102.42
CA ILE LE 8 19.82 8.28 -101.17
C ILE LE 8 18.33 8.58 -101.24
N GLU LE 9 17.64 8.42 -100.11
CA GLU LE 9 16.22 8.68 -100.03
C GLU LE 9 15.94 9.61 -98.87
N THR LE 10 15.21 10.69 -99.13
CA THR LE 10 14.95 11.71 -98.13
C THR LE 10 13.47 12.05 -98.10
N LYS LE 11 13.06 12.71 -97.03
CA LYS LE 11 11.72 13.28 -96.94
C LYS LE 11 11.77 14.74 -97.37
N GLY LE 12 11.07 15.05 -98.43
CA GLY LE 12 11.07 16.42 -98.93
C GLY LE 12 12.04 16.59 -100.08
N LEU LE 13 11.74 17.58 -100.92
CA LEU LE 13 12.57 17.79 -102.11
C LEU LE 13 13.82 18.61 -101.80
N VAL LE 14 13.73 19.51 -100.82
CA VAL LE 14 14.88 20.36 -100.53
C VAL LE 14 16.04 19.54 -100.03
N ALA LE 15 15.78 18.63 -99.10
CA ALA LE 15 16.86 17.82 -98.55
C ALA LE 15 17.49 16.93 -99.61
N CYS LE 16 16.78 16.65 -100.69
CA CYS LE 16 17.33 15.79 -101.74
C CYS LE 16 18.19 16.58 -102.70
N ILE LE 17 17.83 17.82 -103.01
CA ILE LE 17 18.66 18.63 -103.89
C ILE LE 17 19.97 18.97 -103.22
N GLU LE 18 19.94 19.20 -101.91
CA GLU LE 18 21.18 19.39 -101.17
C GLU LE 18 22.05 18.14 -101.25
N ALA LE 19 21.45 16.97 -101.04
CA ALA LE 19 22.21 15.72 -101.10
C ALA LE 19 22.77 15.48 -102.49
N ALA LE 20 21.99 15.74 -103.53
CA ALA LE 20 22.46 15.47 -104.87
C ALA LE 20 23.53 16.46 -105.31
N ASP LE 21 23.55 17.65 -104.71
CA ASP LE 21 24.63 18.58 -105.02
C ASP LE 21 25.92 18.18 -104.33
N ALA LE 22 25.83 17.76 -103.07
CA ALA LE 22 27.02 17.33 -102.36
C ALA LE 22 27.64 16.10 -103.02
N MET LE 23 26.81 15.15 -103.45
CA MET LE 23 27.33 13.97 -104.13
C MET LE 23 28.11 14.35 -105.38
N CYS LE 24 27.55 15.24 -106.20
CA CYS LE 24 28.19 15.56 -107.47
C CYS LE 24 29.49 16.31 -107.28
N LYS LE 25 29.64 17.04 -106.18
CA LYS LE 25 30.86 17.80 -105.94
C LYS LE 25 31.94 16.94 -105.31
N ALA LE 26 31.57 15.94 -104.51
CA ALA LE 26 32.50 15.22 -103.66
C ALA LE 26 33.27 14.13 -104.37
N ALA LE 27 32.88 13.73 -105.58
CA ALA LE 27 33.60 12.68 -106.28
C ALA LE 27 33.17 12.70 -107.73
N ASN LE 28 33.85 11.90 -108.55
CA ASN LE 28 33.58 11.84 -109.98
C ASN LE 28 32.44 10.86 -110.25
N VAL LE 29 31.22 11.34 -110.04
CA VAL LE 29 30.02 10.56 -110.29
C VAL LE 29 29.06 11.40 -111.12
N GLU LE 30 28.17 10.72 -111.83
CA GLU LE 30 27.21 11.37 -112.71
C GLU LE 30 25.80 11.16 -112.17
N LEU LE 31 24.98 12.20 -112.22
CA LEU LE 31 23.63 12.15 -111.67
C LEU LE 31 22.67 11.56 -112.69
N ILE LE 32 21.99 10.48 -112.30
CA ILE LE 32 21.07 9.82 -113.21
C ILE LE 32 19.73 10.55 -113.26
N GLY LE 33 19.11 10.77 -112.10
CA GLY LE 33 17.87 11.51 -112.05
C GLY LE 33 17.22 11.39 -110.70
N TYR LE 34 16.07 12.05 -110.58
CA TYR LE 34 15.24 11.98 -109.39
C TYR LE 34 14.03 11.10 -109.67
N GLU LE 35 13.42 10.62 -108.59
CA GLU LE 35 12.21 9.81 -108.71
C GLU LE 35 11.50 9.82 -107.36
N ASN LE 36 10.37 10.53 -107.29
CA ASN LE 36 9.57 10.51 -106.07
C ASN LE 36 8.43 9.51 -106.21
N VAL LE 37 8.22 8.73 -105.16
CA VAL LE 37 7.18 7.71 -105.15
C VAL LE 37 6.23 8.07 -104.02
N GLY LE 38 5.22 8.86 -104.32
CA GLY LE 38 4.19 9.12 -103.35
C GLY LE 38 4.69 9.96 -102.19
N SER LE 39 4.40 9.50 -100.98
CA SER LE 39 4.33 10.37 -99.82
C SER LE 39 5.68 10.93 -99.42
N GLY LE 40 5.96 12.15 -99.88
CA GLY LE 40 7.13 12.91 -99.51
C GLY LE 40 8.45 12.18 -99.54
N LEU LE 41 8.64 11.28 -100.50
CA LEU LE 41 9.87 10.51 -100.60
C LEU LE 41 10.48 10.74 -101.97
N VAL LE 42 11.62 11.42 -102.00
CA VAL LE 42 12.37 11.65 -103.23
C VAL LE 42 13.68 10.90 -103.14
N THR LE 43 14.15 10.38 -104.27
CA THR LE 43 15.35 9.56 -104.33
C THR LE 43 16.24 10.05 -105.47
N ALA LE 44 17.53 10.20 -105.19
CA ALA LE 44 18.51 10.57 -106.20
C ALA LE 44 19.42 9.37 -106.47
N MET LE 45 19.81 9.21 -107.73
CA MET LE 45 20.62 8.08 -108.15
C MET LE 45 21.86 8.60 -108.87
N VAL LE 46 23.03 8.10 -108.46
CA VAL LE 46 24.30 8.46 -109.09
C VAL LE 46 24.98 7.19 -109.54
N LYS LE 47 25.89 7.32 -110.51
CA LYS LE 47 26.61 6.18 -111.03
C LYS LE 47 28.06 6.55 -111.29
N GLY LE 48 28.94 5.57 -111.11
CA GLY LE 48 30.37 5.78 -111.29
C GLY LE 48 31.12 4.57 -110.81
N ASP LE 49 32.42 4.75 -110.60
CA ASP LE 49 33.22 3.65 -110.10
C ASP LE 49 32.88 3.38 -108.63
N VAL LE 50 33.29 2.21 -108.15
CA VAL LE 50 32.87 1.76 -106.83
C VAL LE 50 33.50 2.61 -105.74
N GLY LE 51 34.77 2.96 -105.91
CA GLY LE 51 35.43 3.80 -104.92
C GLY LE 51 34.91 5.23 -104.93
N ALA LE 52 34.57 5.74 -106.11
CA ALA LE 52 33.99 7.06 -106.21
C ALA LE 52 32.58 7.09 -105.64
N VAL LE 53 31.75 6.13 -106.06
CA VAL LE 53 30.35 6.14 -105.66
C VAL LE 53 30.23 5.95 -104.16
N ASN LE 54 31.11 5.15 -103.58
CA ASN LE 54 31.09 4.97 -102.13
C ASN LE 54 31.44 6.27 -101.42
N ALA LE 55 32.31 7.07 -102.03
CA ALA LE 55 32.71 8.34 -101.42
C ALA LE 55 31.68 9.43 -101.64
N ALA LE 56 30.86 9.30 -102.69
CA ALA LE 56 29.83 10.30 -102.93
C ALA LE 56 28.65 10.10 -102.00
N VAL LE 57 28.32 8.84 -101.68
CA VAL LE 57 27.12 8.58 -100.92
C VAL LE 57 27.28 8.99 -99.47
N ASP LE 58 28.45 8.77 -98.88
CA ASP LE 58 28.63 9.13 -97.48
C ASP LE 58 28.74 10.63 -97.30
N SER LE 59 29.16 11.36 -98.35
CA SER LE 59 29.14 12.81 -98.30
C SER LE 59 27.73 13.35 -98.45
N GLY LE 60 26.98 12.81 -99.42
CA GLY LE 60 25.62 13.27 -99.64
C GLY LE 60 24.69 12.96 -98.49
N VAL LE 61 24.89 11.84 -97.81
CA VAL LE 61 24.09 11.54 -96.63
C VAL LE 61 24.38 12.53 -95.53
N GLU LE 62 25.63 12.96 -95.45
CA GLU LE 62 26.04 13.85 -94.37
C GLU LE 62 25.46 15.25 -94.55
N ALA LE 63 25.32 15.69 -95.79
CA ALA LE 63 24.76 17.01 -96.07
C ALA LE 63 23.25 17.03 -95.86
N ALA LE 64 22.55 16.04 -96.41
CA ALA LE 64 21.10 16.04 -96.30
C ALA LE 64 20.64 15.77 -94.87
N LYS LE 65 21.43 15.02 -94.11
CA LYS LE 65 21.12 14.80 -92.70
C LYS LE 65 21.17 16.08 -91.90
N ARG LE 66 21.81 17.12 -92.44
CA ARG LE 66 21.96 18.37 -91.71
C ARG LE 66 20.66 19.14 -91.65
N ILE LE 67 19.90 19.17 -92.75
CA ILE LE 67 18.71 20.00 -92.86
C ILE LE 67 17.44 19.19 -93.01
N GLY LE 68 17.51 17.89 -93.20
CA GLY LE 68 16.32 17.10 -93.36
C GLY LE 68 16.47 15.69 -92.83
N LYS LE 69 15.60 14.78 -93.28
CA LYS LE 69 15.64 13.40 -92.86
C LYS LE 69 16.15 12.55 -94.00
N VAL LE 70 17.24 11.83 -93.78
CA VAL LE 70 17.72 10.82 -94.70
C VAL LE 70 17.11 9.49 -94.28
N VAL LE 71 16.31 8.90 -95.16
CA VAL LE 71 15.60 7.67 -94.83
C VAL LE 71 16.48 6.45 -95.06
N SER LE 72 17.16 6.39 -96.19
CA SER LE 72 17.97 5.22 -96.51
C SER LE 72 19.05 5.60 -97.52
N SER LE 73 20.14 4.85 -97.48
CA SER LE 73 21.20 4.98 -98.47
C SER LE 73 21.73 3.59 -98.77
N ARG LE 74 22.31 3.43 -99.96
CA ARG LE 74 22.72 2.10 -100.39
C ARG LE 74 23.58 2.23 -101.63
N VAL LE 75 24.66 1.43 -101.69
CA VAL LE 75 25.52 1.34 -102.85
C VAL LE 75 25.44 -0.08 -103.39
N ILE LE 76 25.25 -0.21 -104.69
CA ILE LE 76 25.20 -1.50 -105.36
C ILE LE 76 26.45 -1.59 -106.23
N ALA LE 77 27.33 -2.53 -105.88
CA ALA LE 77 28.66 -2.54 -106.49
C ALA LE 77 28.62 -2.99 -107.93
N ARG LE 78 27.73 -3.93 -108.26
CA ARG LE 78 27.53 -4.35 -109.64
C ARG LE 78 26.04 -4.57 -109.86
N PRO LE 79 25.33 -3.59 -110.40
CA PRO LE 79 23.91 -3.76 -110.64
C PRO LE 79 23.69 -4.73 -111.78
N HIS LE 80 22.67 -5.57 -111.63
CA HIS LE 80 22.37 -6.56 -112.64
C HIS LE 80 21.89 -5.89 -113.92
N ASN LE 81 22.23 -6.50 -115.05
CA ASN LE 81 21.97 -5.88 -116.35
C ASN LE 81 20.50 -5.57 -116.54
N ASP LE 82 19.62 -6.44 -116.03
CA ASP LE 82 18.19 -6.22 -116.17
C ASP LE 82 17.76 -4.92 -115.51
N ILE LE 83 18.37 -4.59 -114.37
CA ILE LE 83 18.01 -3.39 -113.63
C ILE LE 83 18.65 -2.18 -114.27
N GLU ME 3 23.97 30.87 -111.89
CA GLU ME 3 23.41 31.77 -110.88
C GLU ME 3 22.93 30.99 -109.69
N ALA ME 4 22.83 31.65 -108.54
CA ALA ME 4 22.48 30.97 -107.30
C ALA ME 4 21.07 30.42 -107.38
N LEU ME 5 20.65 29.75 -106.32
CA LEU ME 5 19.39 29.03 -106.34
C LEU ME 5 18.89 28.90 -104.91
N GLY ME 6 17.65 29.28 -104.68
CA GLY ME 6 17.06 29.23 -103.35
C GLY ME 6 15.77 28.46 -103.34
N LEU ME 7 15.53 27.76 -102.24
CA LEU ME 7 14.35 26.92 -102.09
C LEU ME 7 13.71 27.17 -100.74
N ILE ME 8 12.38 27.24 -100.73
CA ILE ME 8 11.59 27.24 -99.50
C ILE ME 8 10.58 26.10 -99.61
N GLU ME 9 10.42 25.34 -98.54
CA GLU ME 9 9.49 24.23 -98.51
C GLU ME 9 8.45 24.46 -97.43
N THR ME 10 7.19 24.40 -97.81
CA THR ME 10 6.09 24.73 -96.92
C THR ME 10 5.04 23.63 -96.97
N LYS ME 11 4.25 23.58 -95.90
CA LYS ME 11 3.14 22.62 -95.81
C LYS ME 11 1.87 23.32 -96.28
N GLY ME 12 1.40 22.95 -97.44
CA GLY ME 12 0.22 23.58 -98.00
C GLY ME 12 0.58 24.59 -99.08
N LEU ME 13 -0.34 24.77 -100.03
CA LEU ME 13 -0.05 25.65 -101.15
C LEU ME 13 -0.20 27.12 -100.79
N VAL ME 14 -1.09 27.46 -99.86
CA VAL ME 14 -1.33 28.86 -99.54
C VAL ME 14 -0.07 29.49 -98.97
N ALA ME 15 0.56 28.83 -97.99
CA ALA ME 15 1.79 29.36 -97.42
C ALA ME 15 2.90 29.48 -98.44
N CYS ME 16 2.83 28.71 -99.53
CA CYS ME 16 3.86 28.79 -100.55
C CYS ME 16 3.65 29.98 -101.48
N ILE ME 17 2.41 30.39 -101.70
CA ILE ME 17 2.20 31.57 -102.54
C ILE ME 17 2.50 32.84 -101.77
N GLU ME 18 2.29 32.86 -100.47
CA GLU ME 18 2.76 33.98 -99.68
C GLU ME 18 4.28 34.05 -99.67
N ALA ME 19 4.95 32.91 -99.53
CA ALA ME 19 6.41 32.89 -99.57
C ALA ME 19 6.93 33.37 -100.91
N ALA ME 20 6.33 32.93 -102.01
CA ALA ME 20 6.82 33.32 -103.32
C ALA ME 20 6.51 34.77 -103.63
N ASP ME 21 5.47 35.34 -103.02
CA ASP ME 21 5.18 36.74 -103.24
C ASP ME 21 6.17 37.62 -102.52
N ALA ME 22 6.55 37.24 -101.30
CA ALA ME 22 7.55 38.00 -100.56
C ALA ME 22 8.91 37.90 -101.21
N MET ME 23 9.25 36.73 -101.75
CA MET ME 23 10.53 36.56 -102.42
C MET ME 23 10.63 37.45 -103.65
N CYS ME 24 9.59 37.47 -104.47
CA CYS ME 24 9.66 38.18 -105.73
C CYS ME 24 9.64 39.70 -105.56
N LYS ME 25 9.14 40.19 -104.43
CA LYS ME 25 9.14 41.62 -104.17
C LYS ME 25 10.41 42.10 -103.49
N ALA ME 26 11.17 41.19 -102.88
CA ALA ME 26 12.28 41.56 -102.03
C ALA ME 26 13.55 41.84 -102.83
N ALA ME 27 13.70 41.25 -104.00
CA ALA ME 27 14.90 41.45 -104.79
C ALA ME 27 14.58 41.11 -106.24
N ASN ME 28 15.60 41.19 -107.07
CA ASN ME 28 15.44 40.99 -108.51
C ASN ME 28 15.80 39.55 -108.86
N VAL ME 29 14.89 38.64 -108.51
CA VAL ME 29 15.04 37.22 -108.80
C VAL ME 29 13.90 36.81 -109.71
N GLU ME 30 14.17 35.84 -110.57
CA GLU ME 30 13.14 35.26 -111.42
C GLU ME 30 12.67 33.96 -110.79
N LEU ME 31 11.35 33.78 -110.71
CA LEU ME 31 10.77 32.63 -110.06
C LEU ME 31 10.59 31.50 -111.05
N ILE ME 32 11.08 30.32 -110.70
CA ILE ME 32 11.12 29.20 -111.64
C ILE ME 32 9.82 28.43 -111.65
N GLY ME 33 9.35 27.99 -110.51
CA GLY ME 33 8.07 27.31 -110.45
C GLY ME 33 7.96 26.43 -109.23
N TYR ME 34 6.75 25.95 -109.00
CA TYR ME 34 6.43 25.11 -107.86
C TYR ME 34 6.65 23.64 -108.19
N GLU ME 35 6.70 22.82 -107.15
CA GLU ME 35 6.85 21.38 -107.31
C GLU ME 35 6.41 20.72 -106.02
N ASN ME 36 5.30 20.00 -106.03
CA ASN ME 36 4.86 19.28 -104.85
C ASN ME 36 5.21 17.81 -104.96
N VAL ME 37 5.61 17.23 -103.84
CA VAL ME 37 6.08 15.86 -103.80
C VAL ME 37 5.14 14.97 -103.00
N GLY ME 38 3.98 15.48 -102.64
CA GLY ME 38 3.02 14.72 -101.85
C GLY ME 38 3.22 14.93 -100.37
N SER ME 39 2.23 14.50 -99.61
CA SER ME 39 2.14 14.69 -98.16
C SER ME 39 1.93 16.15 -97.78
N GLY ME 40 1.52 16.99 -98.73
CA GLY ME 40 1.26 18.38 -98.47
C GLY ME 40 2.45 19.29 -98.58
N LEU ME 41 3.59 18.78 -99.04
CA LEU ME 41 4.81 19.58 -99.11
C LEU ME 41 4.91 20.22 -100.49
N VAL ME 42 4.98 21.55 -100.53
CA VAL ME 42 5.14 22.31 -101.75
C VAL ME 42 6.41 23.13 -101.64
N THR ME 43 7.14 23.24 -102.75
CA THR ME 43 8.42 23.91 -102.78
C THR ME 43 8.43 24.97 -103.88
N ALA ME 44 8.91 26.16 -103.53
CA ALA ME 44 9.11 27.25 -104.49
C ALA ME 44 10.60 27.44 -104.72
N MET ME 45 10.97 27.75 -105.96
CA MET ME 45 12.36 27.82 -106.37
C MET ME 45 12.62 29.09 -107.15
N VAL ME 46 13.58 29.89 -106.71
CA VAL ME 46 13.96 31.11 -107.39
C VAL ME 46 15.41 31.00 -107.83
N LYS ME 47 15.84 31.93 -108.68
CA LYS ME 47 17.23 31.94 -109.11
C LYS ME 47 17.66 33.34 -109.51
N GLY ME 48 18.90 33.68 -109.19
CA GLY ME 48 19.44 34.99 -109.47
C GLY ME 48 20.80 35.11 -108.84
N ASP ME 49 21.30 36.34 -108.78
CA ASP ME 49 22.58 36.59 -108.13
C ASP ME 49 22.49 36.19 -106.66
N VAL ME 50 23.65 35.86 -106.08
CA VAL ME 50 23.66 35.28 -104.74
C VAL ME 50 23.37 36.31 -103.65
N GLY ME 51 23.60 37.59 -103.91
CA GLY ME 51 23.17 38.60 -102.96
C GLY ME 51 21.67 38.82 -103.00
N ALA ME 52 21.09 38.74 -104.20
CA ALA ME 52 19.65 38.88 -104.33
C ALA ME 52 18.93 37.65 -103.81
N VAL ME 53 19.41 36.47 -104.17
CA VAL ME 53 18.75 35.23 -103.77
C VAL ME 53 18.79 35.06 -102.26
N ASN ME 54 19.92 35.43 -101.65
CA ASN ME 54 19.98 35.42 -100.19
C ASN ME 54 18.87 36.29 -99.62
N ALA ME 55 18.85 37.56 -100.00
CA ALA ME 55 17.86 38.49 -99.47
C ALA ME 55 16.44 37.98 -99.66
N ALA ME 56 16.16 37.36 -100.80
CA ALA ME 56 14.80 36.91 -101.08
C ALA ME 56 14.38 35.77 -100.17
N VAL ME 57 15.26 34.81 -99.95
CA VAL ME 57 14.88 33.63 -99.16
C VAL ME 57 14.67 34.01 -97.71
N ASP ME 58 15.48 34.94 -97.18
CA ASP ME 58 15.27 35.37 -95.79
C ASP ME 58 13.93 36.06 -95.63
N SER ME 59 13.53 36.85 -96.62
CA SER ME 59 12.23 37.53 -96.53
C SER ME 59 11.09 36.56 -96.74
N GLY ME 60 11.22 35.66 -97.70
CA GLY ME 60 10.16 34.69 -97.95
C GLY ME 60 9.92 33.77 -96.78
N VAL ME 61 10.95 33.44 -96.03
CA VAL ME 61 10.79 32.54 -94.89
C VAL ME 61 10.00 33.22 -93.79
N GLU ME 62 10.28 34.50 -93.52
CA GLU ME 62 9.58 35.19 -92.44
C GLU ME 62 8.12 35.43 -92.76
N ALA ME 63 7.80 35.70 -94.02
CA ALA ME 63 6.41 35.94 -94.39
C ALA ME 63 5.58 34.66 -94.34
N ALA ME 64 6.12 33.58 -94.90
CA ALA ME 64 5.39 32.31 -94.86
C ALA ME 64 5.31 31.75 -93.45
N LYS ME 65 6.33 32.01 -92.63
CA LYS ME 65 6.28 31.58 -91.23
C LYS ME 65 5.11 32.20 -90.50
N ARG ME 66 4.68 33.38 -90.94
CA ARG ME 66 3.65 34.12 -90.22
C ARG ME 66 2.29 33.47 -90.34
N ILE ME 67 1.99 32.83 -91.48
CA ILE ME 67 0.66 32.32 -91.78
C ILE ME 67 0.63 30.83 -92.01
N GLY ME 68 1.76 30.15 -91.89
CA GLY ME 68 1.79 28.72 -92.10
C GLY ME 68 3.01 28.11 -91.47
N LYS ME 69 3.33 26.90 -91.92
CA LYS ME 69 4.50 26.18 -91.44
C LYS ME 69 5.54 26.16 -92.54
N VAL ME 70 6.73 26.67 -92.22
CA VAL ME 70 7.87 26.56 -93.11
C VAL ME 70 8.69 25.35 -92.68
N VAL ME 71 8.87 24.40 -93.58
CA VAL ME 71 9.54 23.15 -93.24
C VAL ME 71 11.05 23.30 -93.38
N SER ME 72 11.51 23.95 -94.44
CA SER ME 72 12.94 24.00 -94.72
C SER ME 72 13.21 25.11 -95.72
N SER ME 73 14.42 25.64 -95.66
CA SER ME 73 14.88 26.65 -96.61
C SER ME 73 16.35 26.43 -96.87
N ARG ME 74 16.82 26.94 -98.00
CA ARG ME 74 18.19 26.65 -98.41
C ARG ME 74 18.59 27.56 -99.56
N VAL ME 75 19.81 28.06 -99.52
CA VAL ME 75 20.42 28.76 -100.64
C VAL ME 75 21.61 27.96 -101.12
N ILE ME 76 21.72 27.79 -102.43
CA ILE ME 76 22.84 27.09 -103.05
C ILE ME 76 23.58 28.12 -103.89
N ALA ME 77 24.78 28.48 -103.46
CA ALA ME 77 25.47 29.61 -104.06
C ALA ME 77 26.00 29.28 -105.45
N ARG ME 78 26.76 28.19 -105.57
CA ARG ME 78 27.23 27.72 -106.86
C ARG ME 78 26.66 26.33 -107.11
N PRO ME 79 25.52 26.22 -107.77
CA PRO ME 79 24.94 24.90 -108.03
C PRO ME 79 25.69 24.20 -109.15
N HIS ME 80 25.81 22.90 -109.00
CA HIS ME 80 26.53 22.10 -109.99
C HIS ME 80 25.76 22.07 -111.31
N ASN ME 81 26.50 21.90 -112.40
CA ASN ME 81 25.88 21.95 -113.71
C ASN ME 81 24.99 20.73 -113.96
N ASP ME 82 25.29 19.61 -113.29
CA ASP ME 82 24.41 18.45 -113.36
C ASP ME 82 23.07 18.74 -112.71
N ILE ME 83 23.05 19.64 -111.73
CA ILE ME 83 21.82 19.99 -111.05
C ILE ME 83 21.05 21.03 -111.85
N GLU NE 3 37.49 43.78 -103.20
CA GLU NE 3 36.42 42.82 -102.92
C GLU NE 3 36.52 42.32 -101.49
N ALA NE 4 35.52 41.56 -101.05
CA ALA NE 4 35.43 41.17 -99.66
C ALA NE 4 36.55 40.20 -99.30
N LEU NE 5 36.62 39.86 -98.02
CA LEU NE 5 37.70 39.04 -97.50
C LEU NE 5 37.17 38.15 -96.39
N GLY NE 6 37.38 36.85 -96.51
CA GLY NE 6 36.90 35.89 -95.53
C GLY NE 6 38.04 35.10 -94.92
N LEU NE 7 37.99 34.93 -93.60
CA LEU NE 7 39.06 34.30 -92.85
C LEU NE 7 38.51 33.20 -91.97
N ILE NE 8 39.19 32.06 -91.93
CA ILE NE 8 38.91 31.00 -90.99
C ILE NE 8 40.22 30.61 -90.32
N GLU NE 9 40.17 30.36 -89.02
CA GLU NE 9 41.36 30.02 -88.25
C GLU NE 9 41.12 28.75 -87.48
N THR NE 10 42.02 27.79 -87.63
CA THR NE 10 41.86 26.46 -87.06
C THR NE 10 43.14 26.05 -86.34
N LYS NE 11 43.02 25.02 -85.51
CA LYS NE 11 44.17 24.36 -84.92
C LYS NE 11 44.58 23.20 -85.81
N GLY NE 12 45.78 23.26 -86.37
CA GLY NE 12 46.27 22.19 -87.20
C GLY NE 12 45.97 22.41 -88.67
N LEU NE 13 46.75 21.73 -89.51
CA LEU NE 13 46.64 21.94 -90.94
C LEU NE 13 45.51 21.14 -91.58
N VAL NE 14 45.18 19.98 -91.01
CA VAL NE 14 44.17 19.14 -91.65
C VAL NE 14 42.80 19.81 -91.62
N ALA NE 15 42.42 20.37 -90.48
CA ALA NE 15 41.15 21.06 -90.40
C ALA NE 15 41.10 22.29 -91.29
N CYS NE 16 42.26 22.82 -91.67
CA CYS NE 16 42.28 23.99 -92.53
C CYS NE 16 42.24 23.62 -94.00
N ILE NE 17 42.72 22.43 -94.38
CA ILE NE 17 42.57 22.01 -95.76
C ILE NE 17 41.14 21.58 -96.03
N GLU NE 18 40.45 21.06 -95.01
CA GLU NE 18 39.03 20.76 -95.21
C GLU NE 18 38.20 22.03 -95.29
N ALA NE 19 38.54 23.04 -94.49
CA ALA NE 19 37.85 24.32 -94.59
C ALA NE 19 38.11 24.97 -95.93
N ALA NE 20 39.35 24.92 -96.41
CA ALA NE 20 39.66 25.57 -97.68
C ALA NE 20 39.03 24.84 -98.85
N ASP NE 21 38.87 23.52 -98.74
CA ASP NE 21 38.24 22.76 -99.81
C ASP NE 21 36.75 23.04 -99.86
N ALA NE 22 36.09 23.09 -98.71
CA ALA NE 22 34.66 23.37 -98.69
C ALA NE 22 34.36 24.78 -99.17
N MET NE 23 35.22 25.74 -98.82
CA MET NE 23 34.98 27.12 -99.23
C MET NE 23 35.05 27.26 -100.74
N CYS NE 24 36.07 26.67 -101.36
CA CYS NE 24 36.23 26.82 -102.80
C CYS NE 24 35.15 26.10 -103.60
N LYS NE 25 34.48 25.12 -102.99
CA LYS NE 25 33.42 24.39 -103.69
C LYS NE 25 32.10 25.11 -103.61
N ALA NE 26 31.83 25.80 -102.50
CA ALA NE 26 30.50 26.27 -102.18
C ALA NE 26 30.22 27.69 -102.63
N ALA NE 27 31.11 28.31 -103.39
CA ALA NE 27 30.88 29.67 -103.88
C ALA NE 27 31.98 30.02 -104.87
N ASN NE 28 31.76 31.10 -105.60
CA ASN NE 28 32.73 31.58 -106.59
C ASN NE 28 33.71 32.53 -105.90
N VAL NE 29 34.68 31.94 -105.21
CA VAL NE 29 35.70 32.70 -104.49
C VAL NE 29 37.07 32.25 -104.97
N GLU NE 30 38.07 33.05 -104.63
CA GLU NE 30 39.45 32.77 -104.98
C GLU NE 30 40.24 32.56 -103.69
N LEU NE 31 41.02 31.48 -103.64
CA LEU NE 31 41.83 31.21 -102.47
C LEU NE 31 43.15 31.95 -102.57
N ILE NE 32 43.47 32.73 -101.55
CA ILE NE 32 44.70 33.50 -101.55
C ILE NE 32 45.87 32.68 -101.00
N GLY NE 33 45.68 32.03 -99.88
CA GLY NE 33 46.71 31.15 -99.36
C GLY NE 33 46.53 30.93 -97.87
N TYR NE 34 47.45 30.14 -97.34
CA TYR NE 34 47.52 29.84 -95.91
C TYR NE 34 48.58 30.70 -95.26
N GLU NE 35 48.45 30.88 -93.95
CA GLU NE 35 49.42 31.68 -93.20
C GLU NE 35 49.35 31.24 -91.74
N ASN NE 36 50.33 30.46 -91.31
CA ASN NE 36 50.39 29.98 -89.94
C ASN NE 36 51.32 30.86 -89.10
N VAL NE 37 51.04 30.89 -87.80
CA VAL NE 37 51.77 31.76 -86.88
C VAL NE 37 52.28 30.97 -85.69
N GLY NE 38 52.51 29.68 -85.86
CA GLY NE 38 52.96 28.84 -84.77
C GLY NE 38 51.84 28.55 -83.80
N SER NE 39 52.15 27.69 -82.83
CA SER NE 39 51.19 27.13 -81.89
C SER NE 39 50.11 26.31 -82.59
N GLY NE 40 50.31 25.93 -83.84
CA GLY NE 40 49.35 25.14 -84.55
C GLY NE 40 48.21 25.91 -85.17
N LEU NE 41 48.18 27.23 -85.04
CA LEU NE 41 47.14 28.03 -85.63
C LEU NE 41 47.45 28.25 -87.10
N VAL NE 42 46.52 27.86 -87.97
CA VAL NE 42 46.64 28.05 -89.41
C VAL NE 42 45.40 28.80 -89.88
N THR NE 43 45.58 29.70 -90.84
CA THR NE 43 44.52 30.57 -91.29
C THR NE 43 44.40 30.50 -92.81
N ALA NE 44 43.16 30.39 -93.30
CA ALA NE 44 42.86 30.41 -94.71
C ALA NE 44 42.20 31.72 -95.08
N MET NE 45 42.53 32.25 -96.25
CA MET NE 45 42.02 33.53 -96.72
C MET NE 45 41.42 33.37 -98.10
N VAL NE 46 40.13 33.67 -98.24
CA VAL NE 46 39.46 33.67 -99.53
C VAL NE 46 39.09 35.10 -99.88
N LYS NE 47 38.78 35.32 -101.15
CA LYS NE 47 38.54 36.66 -101.66
C LYS NE 47 37.53 36.60 -102.79
N GLY NE 48 36.49 37.42 -102.70
CA GLY NE 48 35.49 37.47 -103.74
C GLY NE 48 34.44 38.49 -103.42
N ASP NE 49 33.34 38.44 -104.15
CA ASP NE 49 32.22 39.34 -103.88
C ASP NE 49 31.64 39.05 -102.50
N VAL NE 50 30.92 40.03 -101.95
CA VAL NE 50 30.51 39.95 -100.56
C VAL NE 50 29.53 38.81 -100.34
N GLY NE 51 28.58 38.64 -101.24
CA GLY NE 51 27.59 37.58 -101.07
C GLY NE 51 28.22 36.20 -101.20
N ALA NE 52 29.14 36.04 -102.15
CA ALA NE 52 29.84 34.77 -102.29
C ALA NE 52 30.71 34.48 -101.08
N VAL NE 53 31.55 35.45 -100.71
CA VAL NE 53 32.47 35.26 -99.59
C VAL NE 53 31.71 34.97 -98.32
N ASN NE 54 30.56 35.63 -98.14
CA ASN NE 54 29.74 35.32 -96.98
C ASN NE 54 29.37 33.85 -96.97
N ALA NE 55 28.75 33.37 -98.06
CA ALA NE 55 28.32 31.98 -98.15
C ALA NE 55 29.47 31.01 -97.97
N ALA NE 56 30.64 31.32 -98.54
CA ALA NE 56 31.78 30.42 -98.45
C ALA NE 56 32.20 30.21 -97.01
N VAL NE 57 32.31 31.30 -96.25
CA VAL NE 57 32.80 31.18 -94.87
C VAL NE 57 31.84 30.37 -94.02
N ASP NE 58 30.55 30.50 -94.25
CA ASP NE 58 29.58 29.70 -93.49
C ASP NE 58 29.77 28.21 -93.77
N SER NE 59 29.96 27.86 -95.03
CA SER NE 59 30.14 26.45 -95.38
C SER NE 59 31.49 25.93 -94.91
N GLY NE 60 32.54 26.74 -95.04
CA GLY NE 60 33.86 26.28 -94.65
C GLY NE 60 33.99 26.05 -93.16
N VAL NE 61 33.35 26.89 -92.35
CA VAL NE 61 33.39 26.66 -90.91
C VAL NE 61 32.61 25.43 -90.54
N GLU NE 62 31.55 25.13 -91.28
CA GLU NE 62 30.71 23.99 -90.96
C GLU NE 62 31.43 22.67 -91.26
N ALA NE 63 32.23 22.63 -92.32
CA ALA NE 63 32.99 21.43 -92.64
C ALA NE 63 34.17 21.27 -91.70
N ALA NE 64 34.88 22.36 -91.40
CA ALA NE 64 36.09 22.26 -90.59
C ALA NE 64 35.76 21.94 -89.14
N LYS NE 65 34.72 22.56 -88.60
CA LYS NE 65 34.31 22.28 -87.22
C LYS NE 65 34.00 20.82 -87.01
N ARG NE 66 33.78 20.09 -88.08
CA ARG NE 66 33.27 18.73 -87.99
C ARG NE 66 34.37 17.73 -87.67
N ILE NE 67 35.60 18.03 -88.05
CA ILE NE 67 36.73 17.14 -87.79
C ILE NE 67 37.77 17.75 -86.87
N GLY NE 68 37.81 19.07 -86.71
CA GLY NE 68 38.80 19.70 -85.88
C GLY NE 68 38.21 20.88 -85.12
N LYS NE 69 39.03 21.87 -84.82
CA LYS NE 69 38.60 23.02 -84.05
C LYS NE 69 38.72 24.28 -84.90
N VAL NE 70 37.60 25.00 -85.02
CA VAL NE 70 37.58 26.30 -85.68
C VAL NE 70 37.72 27.36 -84.61
N VAL NE 71 38.83 28.10 -84.65
CA VAL NE 71 39.09 29.08 -83.60
C VAL NE 71 38.30 30.36 -83.82
N SER NE 72 38.31 30.87 -85.05
CA SER NE 72 37.60 32.10 -85.34
C SER NE 72 37.32 32.20 -86.83
N SER NE 73 36.27 32.94 -87.17
CA SER NE 73 35.92 33.24 -88.56
C SER NE 73 35.45 34.67 -88.63
N ARG NE 74 35.55 35.25 -89.84
CA ARG NE 74 35.28 36.68 -89.98
C ARG NE 74 35.19 37.02 -91.46
N VAL NE 75 34.30 37.95 -91.79
CA VAL NE 75 34.19 38.49 -93.14
C VAL NE 75 34.35 40.01 -93.06
N ILE NE 76 35.28 40.53 -93.85
CA ILE NE 76 35.46 41.96 -94.01
C ILE NE 76 34.87 42.35 -95.36
N ALA NE 77 33.79 43.12 -95.35
CA ALA NE 77 33.08 43.40 -96.59
C ALA NE 77 33.87 44.30 -97.51
N ARG NE 78 34.64 45.23 -96.95
CA ARG NE 78 35.45 46.15 -97.74
C ARG NE 78 36.72 46.44 -96.96
N PRO NE 79 37.81 45.73 -97.21
CA PRO NE 79 39.04 46.00 -96.47
C PRO NE 79 39.70 47.28 -96.92
N HIS NE 80 40.43 47.90 -96.01
CA HIS NE 80 41.24 49.05 -96.35
C HIS NE 80 42.36 48.62 -97.29
N ASN NE 81 42.83 49.56 -98.11
CA ASN NE 81 43.89 49.23 -99.05
C ASN NE 81 45.18 48.84 -98.35
N ASP NE 82 45.40 49.37 -97.15
CA ASP NE 82 46.59 48.98 -96.39
C ASP NE 82 46.52 47.51 -95.99
N ILE NE 83 45.32 47.01 -95.68
CA ILE NE 83 45.17 45.61 -95.31
C ILE NE 83 45.54 44.70 -96.47
N GLU NE 84 45.40 45.15 -97.72
CA GLU NE 84 45.85 44.33 -98.84
C GLU NE 84 47.31 44.53 -99.14
N LYS NE 85 48.12 44.53 -98.09
CA LYS NE 85 49.57 44.38 -98.15
C LYS NE 85 50.09 43.48 -97.04
N ILE NE 86 49.27 43.17 -96.05
CA ILE NE 86 49.59 42.21 -95.00
C ILE NE 86 49.17 40.81 -95.40
N ALA NE 87 48.00 40.68 -96.04
CA ALA NE 87 47.56 39.39 -96.53
C ALA NE 87 48.39 38.96 -97.74
N GLY NE 88 48.32 39.73 -98.82
CA GLY NE 88 49.10 39.43 -100.01
C GLY NE 88 50.49 40.05 -99.97
N MET OE 1 91.98 -25.05 -53.60
CA MET OE 1 93.19 -25.04 -52.79
C MET OE 1 94.40 -25.29 -53.65
N ILE OE 2 95.58 -25.00 -53.11
CA ILE OE 2 96.85 -25.30 -53.76
C ILE OE 2 97.82 -25.83 -52.72
N LEU OE 3 98.71 -26.72 -53.15
CA LEU OE 3 99.79 -27.15 -52.29
C LEU OE 3 100.87 -26.07 -52.25
N ALA OE 4 101.30 -25.72 -51.05
CA ALA OE 4 102.29 -24.68 -50.90
C ALA OE 4 103.13 -24.97 -49.67
N LYS OE 5 104.20 -24.23 -49.53
CA LYS OE 5 105.15 -24.41 -48.43
C LYS OE 5 105.38 -23.08 -47.75
N VAL OE 6 105.33 -23.07 -46.42
CA VAL OE 6 105.57 -21.83 -45.69
C VAL OE 6 107.06 -21.52 -45.74
N THR OE 7 107.38 -20.30 -46.19
CA THR OE 7 108.77 -19.90 -46.39
C THR OE 7 109.18 -18.66 -45.63
N GLY OE 8 108.31 -18.10 -44.79
CA GLY OE 8 108.66 -16.92 -44.04
C GLY OE 8 107.45 -16.35 -43.33
N HIS OE 9 107.54 -15.08 -42.95
CA HIS OE 9 106.42 -14.39 -42.34
C HIS OE 9 106.59 -12.89 -42.58
N VAL OE 10 105.52 -12.15 -42.32
CA VAL OE 10 105.46 -10.72 -42.56
C VAL OE 10 105.01 -10.04 -41.28
N VAL OE 11 105.72 -8.98 -40.88
CA VAL OE 11 105.40 -8.21 -39.69
C VAL OE 11 104.86 -6.86 -40.15
N ALA OE 12 103.57 -6.64 -39.94
CA ALA OE 12 102.90 -5.42 -40.36
C ALA OE 12 102.23 -4.80 -39.14
N THR OE 13 102.57 -3.55 -38.85
CA THR OE 13 102.03 -2.85 -37.69
C THR OE 13 100.82 -2.00 -38.02
N GLN OE 14 100.92 -1.20 -39.08
CA GLN OE 14 99.82 -0.34 -39.53
C GLN OE 14 98.98 -1.14 -40.51
N LYS OE 15 97.82 -1.62 -40.05
CA LYS OE 15 96.98 -2.45 -40.89
C LYS OE 15 95.53 -2.31 -40.45
N CYS OE 16 94.64 -2.90 -41.24
CA CYS OE 16 93.21 -2.80 -40.97
C CYS OE 16 92.86 -3.56 -39.71
N ASP OE 17 91.58 -3.53 -39.36
CA ASP OE 17 91.10 -4.19 -38.15
C ASP OE 17 90.62 -5.60 -38.40
N GLU OE 18 90.26 -5.94 -39.63
CA GLU OE 18 89.88 -7.31 -39.96
C GLU OE 18 91.06 -8.26 -39.86
N LEU OE 19 92.28 -7.75 -39.65
CA LEU OE 19 93.47 -8.57 -39.60
C LEU OE 19 94.16 -8.55 -38.24
N ARG OE 20 93.53 -7.97 -37.21
CA ARG OE 20 94.16 -7.88 -35.90
C ARG OE 20 94.22 -9.25 -35.25
N GLY OE 21 95.40 -9.60 -34.74
CA GLY OE 21 95.56 -10.85 -34.02
C GLY OE 21 95.57 -12.07 -34.90
N SER OE 22 96.44 -12.09 -35.91
CA SER OE 22 96.54 -13.22 -36.80
C SER OE 22 97.95 -13.23 -37.39
N ASN OE 23 98.37 -14.41 -37.83
CA ASN OE 23 99.68 -14.56 -38.43
C ASN OE 23 99.60 -14.22 -39.90
N LEU OE 24 100.73 -13.83 -40.48
CA LEU OE 24 100.81 -13.54 -41.91
C LEU OE 24 102.02 -14.26 -42.48
N LEU OE 25 101.80 -15.37 -43.15
CA LEU OE 25 102.87 -16.22 -43.63
C LEU OE 25 103.10 -16.01 -45.11
N LEU OE 26 104.36 -16.15 -45.52
CA LEU OE 26 104.69 -16.21 -46.93
C LEU OE 26 104.51 -17.63 -47.41
N ILE OE 27 103.80 -17.81 -48.52
CA ILE OE 27 103.28 -19.08 -48.97
C ILE OE 27 103.74 -19.26 -50.40
N THR OE 28 104.64 -20.21 -50.63
CA THR OE 28 105.19 -20.42 -51.96
C THR OE 28 104.61 -21.67 -52.60
N ARG OE 29 104.04 -21.52 -53.78
CA ARG OE 29 103.48 -22.66 -54.49
C ARG OE 29 104.59 -23.58 -54.98
N LEU OE 30 104.43 -24.87 -54.75
CA LEU OE 30 105.45 -25.84 -55.09
C LEU OE 30 104.98 -26.75 -56.22
N ASP OE 31 105.93 -27.20 -57.05
CA ASP OE 31 105.63 -27.91 -58.29
C ASP OE 31 105.45 -29.40 -58.07
N ASP OE 32 105.38 -30.18 -59.16
CA ASP OE 32 105.03 -31.60 -59.08
C ASP OE 32 106.17 -32.47 -58.57
N LYS OE 33 107.29 -31.89 -58.17
CA LYS OE 33 108.34 -32.62 -57.46
C LYS OE 33 108.42 -32.21 -56.01
N GLN OE 34 107.39 -31.54 -55.49
CA GLN OE 34 107.39 -30.96 -54.16
C GLN OE 34 108.60 -30.05 -53.95
N GLN OE 35 108.70 -29.05 -54.83
CA GLN OE 35 109.81 -28.11 -54.82
C GLN OE 35 109.24 -26.73 -55.13
N PRO OE 36 109.60 -25.71 -54.35
CA PRO OE 36 109.02 -24.38 -54.56
C PRO OE 36 109.36 -23.82 -55.93
N MET OE 37 108.44 -23.01 -56.46
CA MET OE 37 108.61 -22.38 -57.76
C MET OE 37 109.17 -20.97 -57.59
N LYS OE 38 109.30 -20.27 -58.70
CA LYS OE 38 109.84 -18.91 -58.72
C LYS OE 38 108.72 -17.92 -58.96
N ASP OE 39 108.72 -16.84 -58.19
CA ASP OE 39 107.75 -15.75 -58.33
C ASP OE 39 106.32 -16.26 -58.14
N GLN OE 40 106.11 -17.03 -57.07
CA GLN OE 40 104.80 -17.62 -56.82
C GLN OE 40 104.45 -17.52 -55.35
N THR OE 41 104.69 -16.37 -54.73
CA THR OE 41 104.53 -16.19 -53.30
C THR OE 41 103.32 -15.31 -53.01
N TRP OE 42 102.48 -15.77 -52.08
CA TRP OE 42 101.37 -15.00 -51.58
C TRP OE 42 101.50 -14.86 -50.07
N VAL OE 43 100.67 -14.01 -49.49
CA VAL OE 43 100.62 -13.82 -48.05
C VAL OE 43 99.30 -14.39 -47.55
N ALA OE 44 99.38 -15.31 -46.60
CA ALA OE 44 98.21 -16.03 -46.14
C ALA OE 44 98.05 -15.84 -44.64
N VAL OE 45 96.80 -15.65 -44.21
CA VAL OE 45 96.48 -15.54 -42.80
C VAL OE 45 96.40 -16.95 -42.24
N ASP OE 46 97.39 -17.33 -41.43
CA ASP OE 46 97.39 -18.66 -40.83
C ASP OE 46 96.12 -18.86 -40.02
N ASN OE 47 95.62 -20.09 -40.03
CA ASN OE 47 94.37 -20.40 -39.35
C ASN OE 47 94.42 -21.68 -38.52
N VAL OE 48 95.39 -22.56 -38.73
CA VAL OE 48 95.48 -23.83 -38.02
C VAL OE 48 96.79 -24.00 -37.27
N GLY OE 49 97.71 -23.04 -37.37
CA GLY OE 49 98.94 -23.16 -36.63
C GLY OE 49 100.07 -23.78 -37.41
N ALA OE 50 100.37 -23.23 -38.58
CA ALA OE 50 101.49 -23.70 -39.39
C ALA OE 50 102.72 -22.83 -39.15
N GLY OE 51 103.89 -23.44 -39.29
CA GLY OE 51 105.13 -22.73 -39.10
C GLY OE 51 106.06 -22.89 -40.29
N MET OE 52 107.34 -22.61 -40.11
CA MET OE 52 108.25 -22.66 -41.23
C MET OE 52 108.42 -24.08 -41.75
N HIS OE 53 108.69 -24.17 -43.06
CA HIS OE 53 109.04 -25.41 -43.75
C HIS OE 53 107.90 -26.40 -43.85
N ASP OE 54 106.70 -26.06 -43.41
CA ASP OE 54 105.58 -26.99 -43.39
C ASP OE 54 104.82 -26.90 -44.70
N ILE OE 55 104.42 -28.04 -45.25
CA ILE OE 55 103.61 -28.08 -46.46
C ILE OE 55 102.16 -27.92 -46.07
N VAL OE 56 101.52 -26.87 -46.58
CA VAL OE 56 100.17 -26.54 -46.17
C VAL OE 56 99.26 -26.50 -47.38
N LEU OE 57 97.98 -26.18 -47.14
CA LEU OE 57 96.94 -26.22 -48.17
C LEU OE 57 96.25 -24.87 -48.14
N ALA OE 58 96.72 -23.94 -48.97
CA ALA OE 58 96.27 -22.55 -48.92
C ALA OE 58 95.03 -22.39 -49.79
N GLU OE 59 94.01 -21.77 -49.22
CA GLU OE 59 92.73 -21.59 -49.89
C GLU OE 59 92.57 -20.16 -50.36
N GLU OE 60 91.79 -19.98 -51.42
CA GLU OE 60 91.59 -18.68 -52.03
C GLU OE 60 90.54 -17.89 -51.27
N TYR OE 61 89.99 -16.86 -51.92
CA TYR OE 61 89.39 -15.69 -51.26
C TYR OE 61 88.64 -15.96 -49.98
N PHE OE 62 87.54 -16.71 -50.03
CA PHE OE 62 86.58 -16.69 -48.94
C PHE OE 62 86.86 -17.82 -47.96
N ALA OE 63 87.35 -17.45 -46.78
CA ALA OE 63 87.48 -18.38 -45.66
C ALA OE 63 87.12 -17.73 -44.33
N LEU OE 64 86.40 -16.60 -44.35
CA LEU OE 64 85.93 -15.92 -43.15
C LEU OE 64 87.11 -15.52 -42.25
N ASN OE 65 87.97 -14.66 -42.77
CA ASN OE 65 89.16 -14.23 -42.03
C ASN OE 65 89.47 -12.75 -42.26
N TYR OE 69 84.29 -11.00 -45.11
CA TYR OE 69 85.66 -11.44 -44.85
C TYR OE 69 86.14 -12.37 -45.95
N LYS OE 70 87.19 -11.96 -46.66
CA LYS OE 70 87.66 -12.74 -47.80
C LYS OE 70 89.19 -12.86 -47.87
N ALA OE 71 89.86 -13.00 -46.73
CA ALA OE 71 91.30 -13.12 -46.75
C ALA OE 71 91.73 -14.53 -47.13
N MET OE 72 92.85 -14.62 -47.83
CA MET OE 72 93.42 -15.90 -48.27
C MET OE 72 94.09 -16.55 -47.06
N SER OE 73 93.58 -17.70 -46.64
CA SER OE 73 94.06 -18.33 -45.42
C SER OE 73 94.54 -19.75 -45.68
N VAL OE 74 95.22 -20.30 -44.70
CA VAL OE 74 95.66 -21.69 -44.69
C VAL OE 74 94.62 -22.50 -43.95
N VAL OE 75 94.21 -23.63 -44.53
CA VAL OE 75 93.09 -24.39 -44.01
C VAL OE 75 93.45 -25.83 -43.66
N ALA OE 76 94.69 -26.26 -43.91
CA ALA OE 76 95.04 -27.64 -43.63
C ALA OE 76 96.55 -27.80 -43.66
N ILE OE 77 97.06 -28.63 -42.77
CA ILE OE 77 98.47 -29.03 -42.77
C ILE OE 77 98.55 -30.45 -43.32
N VAL OE 78 99.37 -30.65 -44.32
CA VAL OE 78 99.34 -31.86 -45.12
C VAL OE 78 100.33 -32.87 -44.57
N GLU OE 79 99.86 -34.09 -44.35
CA GLU OE 79 100.70 -35.20 -43.89
C GLU OE 79 101.36 -35.94 -45.05
N LYS OE 80 100.55 -36.45 -45.98
CA LYS OE 80 101.04 -37.26 -47.09
C LYS OE 80 100.45 -36.75 -48.40
N VAL OE 81 101.28 -36.72 -49.43
CA VAL OE 81 100.85 -36.37 -50.79
C VAL OE 81 101.17 -37.57 -51.66
N PHE OE 82 100.21 -38.45 -51.85
CA PHE OE 82 100.38 -39.59 -52.72
C PHE OE 82 100.07 -39.16 -54.15
N ARG OE 83 101.03 -39.37 -55.06
CA ARG OE 83 100.92 -38.82 -56.40
C ARG OE 83 101.62 -39.77 -57.37
N ASP OE 84 100.83 -40.38 -58.26
CA ASP OE 84 101.39 -41.17 -59.34
C ASP OE 84 100.34 -41.41 -60.42
N GLU PE 3 117.78 4.54 4.28
CA GLU PE 3 116.82 5.03 3.31
C GLU PE 3 115.45 4.40 3.57
N ALA PE 4 114.41 4.97 2.97
CA ALA PE 4 113.06 4.51 3.22
C ALA PE 4 112.81 3.20 2.48
N LEU PE 5 111.57 2.73 2.53
CA LEU PE 5 111.21 1.44 1.96
C LEU PE 5 109.78 1.48 1.45
N GLY PE 6 109.57 1.06 0.22
CA GLY PE 6 108.25 1.08 -0.38
C GLY PE 6 107.84 -0.31 -0.84
N LEU PE 7 106.56 -0.60 -0.72
CA LEU PE 7 106.04 -1.95 -0.92
C LEU PE 7 104.71 -1.89 -1.65
N ILE PE 8 104.59 -2.66 -2.73
CA ILE PE 8 103.31 -2.86 -3.42
C ILE PE 8 103.07 -4.36 -3.49
N GLU PE 9 101.82 -4.76 -3.34
CA GLU PE 9 101.44 -6.16 -3.40
C GLU PE 9 100.26 -6.31 -4.36
N THR PE 10 100.37 -7.25 -5.29
CA THR PE 10 99.37 -7.43 -6.32
C THR PE 10 99.03 -8.90 -6.46
N LYS PE 11 97.88 -9.16 -7.06
CA LYS PE 11 97.48 -10.51 -7.43
C LYS PE 11 97.92 -10.77 -8.87
N GLY PE 12 98.84 -11.71 -9.05
CA GLY PE 12 99.35 -11.99 -10.37
C GLY PE 12 100.70 -11.36 -10.60
N LEU PE 13 101.47 -11.95 -11.51
CA LEU PE 13 102.82 -11.46 -11.75
C LEU PE 13 102.84 -10.28 -12.71
N VAL PE 14 101.97 -10.29 -13.72
CA VAL PE 14 102.00 -9.24 -14.73
C VAL PE 14 101.74 -7.89 -14.07
N ALA PE 15 100.73 -7.82 -13.22
CA ALA PE 15 100.39 -6.54 -12.59
C ALA PE 15 101.54 -6.03 -11.75
N CYS PE 16 102.42 -6.91 -11.26
CA CYS PE 16 103.53 -6.48 -10.42
C CYS PE 16 104.68 -5.94 -11.26
N ILE PE 17 104.93 -6.53 -12.43
CA ILE PE 17 106.01 -6.04 -13.28
C ILE PE 17 105.66 -4.68 -13.85
N GLU PE 18 104.38 -4.46 -14.17
CA GLU PE 18 103.95 -3.13 -14.57
C GLU PE 18 104.16 -2.13 -13.44
N ALA PE 19 103.82 -2.52 -12.21
CA ALA PE 19 103.98 -1.62 -11.07
C ALA PE 19 105.44 -1.33 -10.80
N ALA PE 20 106.30 -2.35 -10.87
CA ALA PE 20 107.71 -2.14 -10.57
C ALA PE 20 108.42 -1.36 -11.66
N ASP PE 21 107.85 -1.32 -12.87
CA ASP PE 21 108.44 -0.51 -13.93
C ASP PE 21 108.03 0.94 -13.79
N ALA PE 22 106.76 1.19 -13.44
CA ALA PE 22 106.32 2.55 -13.21
C ALA PE 22 107.05 3.17 -12.03
N MET PE 23 107.24 2.42 -10.95
CA MET PE 23 107.98 2.92 -9.82
C MET PE 23 109.39 3.36 -10.22
N CYS PE 24 110.10 2.51 -10.96
CA CYS PE 24 111.48 2.81 -11.27
C CYS PE 24 111.63 4.02 -12.19
N LYS PE 25 110.61 4.28 -13.02
CA LYS PE 25 110.68 5.41 -13.95
C LYS PE 25 110.29 6.72 -13.29
N ALA PE 26 109.39 6.68 -12.31
CA ALA PE 26 108.77 7.88 -11.78
C ALA PE 26 109.62 8.63 -10.76
N ALA PE 27 110.68 8.04 -10.23
CA ALA PE 27 111.50 8.72 -9.25
C ALA PE 27 112.82 7.99 -9.12
N ASN PE 28 113.73 8.59 -8.34
CA ASN PE 28 115.07 8.02 -8.16
C ASN PE 28 115.04 7.02 -7.02
N VAL PE 29 114.52 5.83 -7.33
CA VAL PE 29 114.48 4.71 -6.40
C VAL PE 29 115.09 3.50 -7.08
N GLU PE 30 115.62 2.58 -6.29
CA GLU PE 30 116.23 1.36 -6.81
C GLU PE 30 115.40 0.16 -6.39
N LEU PE 31 115.35 -0.84 -7.25
CA LEU PE 31 114.50 -2.00 -7.04
C LEU PE 31 115.26 -3.05 -6.23
N ILE PE 32 114.67 -3.48 -5.12
CA ILE PE 32 115.33 -4.48 -4.28
C ILE PE 32 115.09 -5.89 -4.83
N GLY PE 33 113.83 -6.25 -5.05
CA GLY PE 33 113.54 -7.54 -5.62
C GLY PE 33 112.06 -7.85 -5.51
N TYR PE 34 111.71 -9.05 -5.99
CA TYR PE 34 110.37 -9.59 -5.88
C TYR PE 34 110.34 -10.69 -4.84
N GLU PE 35 109.14 -11.00 -4.35
CA GLU PE 35 108.97 -12.07 -3.38
C GLU PE 35 107.50 -12.47 -3.39
N ASN PE 36 107.20 -13.65 -3.92
CA ASN PE 36 105.83 -14.15 -3.88
C ASN PE 36 105.67 -15.13 -2.73
N VAL PE 37 104.56 -14.99 -2.01
CA VAL PE 37 104.26 -15.83 -0.86
C VAL PE 37 102.96 -16.55 -1.18
N GLY PE 38 103.09 -17.71 -1.81
CA GLY PE 38 101.92 -18.54 -2.01
C GLY PE 38 100.92 -17.93 -2.98
N SER PE 39 99.66 -17.94 -2.57
CA SER PE 39 98.55 -17.86 -3.50
C SER PE 39 98.51 -16.53 -4.24
N GLY PE 40 98.99 -16.55 -5.48
CA GLY PE 40 98.96 -15.42 -6.39
C GLY PE 40 99.29 -14.06 -5.83
N LEU PE 41 100.21 -13.96 -4.89
CA LEU PE 41 100.56 -12.69 -4.28
C LEU PE 41 102.04 -12.43 -4.52
N VAL PE 42 102.35 -11.40 -5.29
CA VAL PE 42 103.73 -10.99 -5.56
C VAL PE 42 103.91 -9.58 -5.01
N THR PE 43 105.10 -9.32 -4.47
CA THR PE 43 105.41 -8.06 -3.83
C THR PE 43 106.73 -7.53 -4.37
N ALA PE 44 106.76 -6.25 -4.74
CA ALA PE 44 107.97 -5.58 -5.17
C ALA PE 44 108.39 -4.57 -4.10
N MET PE 45 109.70 -4.44 -3.90
CA MET PE 45 110.26 -3.58 -2.87
C MET PE 45 111.24 -2.61 -3.48
N VAL PE 46 111.08 -1.33 -3.19
CA VAL PE 46 111.98 -0.29 -3.65
C VAL PE 46 112.51 0.48 -2.45
N LYS PE 47 113.66 1.12 -2.62
CA LYS PE 47 114.23 1.90 -1.55
C LYS PE 47 114.84 3.18 -2.11
N GLY PE 48 114.89 4.20 -1.27
CA GLY PE 48 115.38 5.51 -1.67
C GLY PE 48 115.02 6.52 -0.61
N ASP PE 49 115.15 7.79 -0.96
CA ASP PE 49 114.80 8.83 0.00
C ASP PE 49 113.29 8.86 0.22
N VAL PE 50 112.89 9.56 1.29
CA VAL PE 50 111.50 9.47 1.73
C VAL PE 50 110.58 10.20 0.76
N GLY PE 51 111.04 11.34 0.22
CA GLY PE 51 110.21 12.06 -0.73
C GLY PE 51 110.15 11.37 -2.07
N ALA PE 52 111.24 10.72 -2.47
CA ALA PE 52 111.24 9.97 -3.72
C ALA PE 52 110.40 8.71 -3.60
N VAL PE 53 110.63 7.91 -2.55
CA VAL PE 53 109.91 6.66 -2.40
C VAL PE 53 108.42 6.89 -2.30
N ASN PE 54 108.02 7.96 -1.61
CA ASN PE 54 106.61 8.30 -1.54
C ASN PE 54 106.04 8.61 -2.91
N ALA PE 55 106.86 9.19 -3.79
CA ALA PE 55 106.41 9.55 -5.12
C ALA PE 55 106.41 8.36 -6.06
N ALA PE 56 107.23 7.35 -5.77
CA ALA PE 56 107.25 6.16 -6.61
C ALA PE 56 106.07 5.25 -6.30
N VAL PE 57 105.66 5.16 -5.04
CA VAL PE 57 104.64 4.19 -4.67
C VAL PE 57 103.28 4.61 -5.18
N ASP PE 58 102.96 5.90 -5.11
CA ASP PE 58 101.63 6.31 -5.59
C ASP PE 58 101.56 6.28 -7.11
N SER PE 59 102.70 6.31 -7.78
CA SER PE 59 102.71 6.14 -9.23
C SER PE 59 102.58 4.67 -9.60
N GLY PE 60 103.31 3.80 -8.91
CA GLY PE 60 103.23 2.38 -9.18
C GLY PE 60 101.88 1.78 -8.85
N VAL PE 61 101.21 2.30 -7.82
CA VAL PE 61 99.88 1.82 -7.50
C VAL PE 61 98.91 2.22 -8.59
N GLU PE 62 99.10 3.41 -9.17
CA GLU PE 62 98.20 3.91 -10.19
C GLU PE 62 98.26 3.06 -11.44
N ALA PE 63 99.44 2.52 -11.77
CA ALA PE 63 99.62 1.74 -12.99
C ALA PE 63 99.10 0.33 -12.83
N ALA PE 64 99.48 -0.35 -11.75
CA ALA PE 64 99.04 -1.73 -11.55
C ALA PE 64 97.54 -1.80 -11.32
N LYS PE 65 96.96 -0.78 -10.68
CA LYS PE 65 95.51 -0.73 -10.50
C LYS PE 65 94.78 -0.69 -11.83
N ARG PE 66 95.49 -0.36 -12.91
CA ARG PE 66 94.85 -0.22 -14.22
C ARG PE 66 94.53 -1.57 -14.83
N ILE PE 67 95.42 -2.54 -14.66
CA ILE PE 67 95.27 -3.84 -15.31
C ILE PE 67 95.10 -4.98 -14.33
N GLY PE 68 95.30 -4.77 -13.04
CA GLY PE 68 95.16 -5.84 -12.09
C GLY PE 68 94.62 -5.38 -10.75
N LYS PE 69 94.84 -6.18 -9.72
CA LYS PE 69 94.39 -5.85 -8.37
C LYS PE 69 95.61 -5.49 -7.54
N VAL PE 70 95.63 -4.27 -7.02
CA VAL PE 70 96.60 -3.87 -6.02
C VAL PE 70 96.01 -4.18 -4.66
N VAL PE 71 96.67 -5.05 -3.90
CA VAL PE 71 96.15 -5.49 -2.62
C VAL PE 71 96.51 -4.52 -1.52
N SER PE 72 97.75 -4.07 -1.47
CA SER PE 72 98.20 -3.19 -0.40
C SER PE 72 99.44 -2.44 -0.84
N SER PE 73 99.64 -1.27 -0.25
CA SER PE 73 100.85 -0.49 -0.46
C SER PE 73 101.21 0.18 0.85
N ARG PE 74 102.50 0.48 1.02
CA ARG PE 74 102.96 0.99 2.30
C ARG PE 74 104.36 1.54 2.13
N VAL PE 75 104.62 2.67 2.79
CA VAL PE 75 105.95 3.28 2.83
C VAL PE 75 106.40 3.29 4.28
N ILE PE 76 107.64 2.89 4.52
CA ILE PE 76 108.24 2.87 5.84
C ILE PE 76 109.35 3.90 5.84
N ALA PE 77 109.19 4.96 6.63
CA ALA PE 77 110.08 6.11 6.52
C ALA PE 77 111.46 5.81 7.06
N ARG PE 78 111.54 5.03 8.14
CA ARG PE 78 112.83 4.59 8.69
C ARG PE 78 112.68 3.14 9.09
N PRO PE 79 113.09 2.20 8.24
CA PRO PE 79 113.01 0.80 8.62
C PRO PE 79 114.05 0.47 9.69
N HIS PE 80 113.64 -0.36 10.64
CA HIS PE 80 114.52 -0.72 11.72
C HIS PE 80 115.69 -1.55 11.21
N ASN PE 81 116.85 -1.37 11.84
CA ASN PE 81 118.07 -2.00 11.34
C ASN PE 81 117.92 -3.51 11.26
N ASP PE 82 117.19 -4.11 12.21
CA ASP PE 82 117.00 -5.56 12.21
C ASP PE 82 116.31 -6.01 10.92
N ILE PE 83 115.35 -5.25 10.44
CA ILE PE 83 114.59 -5.61 9.26
C ILE PE 83 115.40 -5.30 8.00
N GLU QE 3 115.73 -4.42 -25.47
CA GLU QE 3 114.68 -4.88 -26.35
C GLU QE 3 113.37 -4.97 -25.60
N ALA QE 4 112.25 -4.93 -26.33
CA ALA QE 4 110.94 -4.89 -25.71
C ALA QE 4 110.67 -6.19 -24.95
N LEU QE 5 109.51 -6.26 -24.31
CA LEU QE 5 109.20 -7.39 -23.45
C LEU QE 5 107.70 -7.56 -23.41
N GLY QE 6 107.23 -8.78 -23.63
CA GLY QE 6 105.81 -9.06 -23.65
C GLY QE 6 105.46 -10.18 -22.70
N LEU QE 7 104.28 -10.07 -22.09
CA LEU QE 7 103.84 -11.03 -21.09
C LEU QE 7 102.42 -11.44 -21.37
N ILE QE 8 102.14 -12.72 -21.19
CA ILE QE 8 100.78 -13.26 -21.19
C ILE QE 8 100.62 -14.10 -19.93
N GLU QE 9 99.50 -13.92 -19.25
CA GLU QE 9 99.21 -14.66 -18.03
C GLU QE 9 97.94 -15.48 -18.22
N THR QE 10 98.04 -16.78 -17.99
CA THR QE 10 96.94 -17.69 -18.24
C THR QE 10 96.70 -18.57 -17.02
N LYS QE 11 95.48 -19.07 -16.91
CA LYS QE 11 95.11 -19.99 -15.84
C LYS QE 11 95.33 -21.42 -16.34
N GLY QE 12 96.34 -22.09 -15.82
CA GLY QE 12 96.66 -23.42 -16.27
C GLY QE 12 97.83 -23.43 -17.23
N LEU QE 13 98.55 -24.54 -17.25
CA LEU QE 13 99.76 -24.61 -18.07
C LEU QE 13 99.45 -24.88 -19.53
N VAL QE 14 98.39 -25.62 -19.83
CA VAL QE 14 98.11 -25.97 -21.22
C VAL QE 14 97.83 -24.71 -22.04
N ALA QE 15 96.98 -23.83 -21.52
CA ALA QE 15 96.70 -22.59 -22.23
C ALA QE 15 97.93 -21.73 -22.42
N CYS QE 16 98.97 -21.94 -21.60
CA CYS QE 16 100.18 -21.15 -21.72
C CYS QE 16 101.11 -21.70 -22.78
N ILE QE 17 101.09 -23.02 -23.02
CA ILE QE 17 101.91 -23.56 -24.08
C ILE QE 17 101.29 -23.28 -25.44
N GLU QE 18 99.96 -23.23 -25.53
CA GLU QE 18 99.33 -22.79 -26.76
C GLU QE 18 99.64 -21.33 -27.03
N ALA QE 19 99.59 -20.48 -26.00
CA ALA QE 19 99.93 -19.08 -26.18
C ALA QE 19 101.37 -18.90 -26.63
N ALA QE 20 102.30 -19.66 -26.04
CA ALA QE 20 103.70 -19.49 -26.40
C ALA QE 20 104.02 -20.08 -27.76
N ASP QE 21 103.24 -21.05 -28.22
CA ASP QE 21 103.45 -21.57 -29.56
C ASP QE 21 103.02 -20.56 -30.61
N ALA QE 22 101.90 -19.88 -30.37
CA ALA QE 22 101.44 -18.86 -31.31
C ALA QE 22 102.38 -17.66 -31.31
N MET QE 23 102.92 -17.31 -30.15
CA MET QE 23 103.84 -16.18 -30.07
C MET QE 23 105.11 -16.44 -30.86
N CYS QE 24 105.66 -17.64 -30.75
CA CYS QE 24 106.94 -17.93 -31.38
C CYS QE 24 106.84 -18.14 -32.88
N LYS QE 25 105.65 -18.43 -33.39
CA LYS QE 25 105.45 -18.56 -34.83
C LYS QE 25 105.08 -17.26 -35.49
N ALA QE 26 104.58 -16.29 -34.73
CA ALA QE 26 104.02 -15.07 -35.30
C ALA QE 26 105.07 -14.05 -35.66
N ALA QE 27 106.25 -14.10 -35.04
CA ALA QE 27 107.30 -13.14 -35.32
C ALA QE 27 108.63 -13.70 -34.84
N ASN QE 28 109.67 -12.89 -34.98
CA ASN QE 28 111.03 -13.32 -34.65
C ASN QE 28 111.36 -12.86 -33.24
N VAL QE 29 110.82 -13.57 -32.26
CA VAL QE 29 111.06 -13.29 -30.85
C VAL QE 29 111.66 -14.52 -30.21
N GLU QE 30 112.51 -14.31 -29.21
CA GLU QE 30 113.07 -15.39 -28.43
C GLU QE 30 112.28 -15.54 -27.14
N LEU QE 31 111.94 -16.77 -26.80
CA LEU QE 31 111.14 -17.06 -25.62
C LEU QE 31 112.04 -17.23 -24.42
N ILE QE 32 111.72 -16.54 -23.33
CA ILE QE 32 112.57 -16.54 -22.15
C ILE QE 32 112.26 -17.72 -21.24
N GLY QE 33 111.01 -17.88 -20.84
CA GLY QE 33 110.63 -19.02 -20.03
C GLY QE 33 109.40 -18.73 -19.21
N TYR QE 34 108.86 -19.79 -18.63
CA TYR QE 34 107.65 -19.72 -17.84
C TYR QE 34 107.97 -19.42 -16.39
N GLU QE 35 106.96 -18.94 -15.67
CA GLU QE 35 107.07 -18.65 -14.24
C GLU QE 35 105.68 -18.72 -13.64
N ASN QE 36 105.42 -19.72 -12.80
CA ASN QE 36 104.15 -19.81 -12.10
C ASN QE 36 104.28 -19.28 -10.69
N VAL QE 37 103.25 -18.57 -10.24
CA VAL QE 37 103.23 -17.93 -8.94
C VAL QE 37 102.19 -18.54 -8.02
N GLY QE 38 101.60 -19.66 -8.41
CA GLY QE 38 100.59 -20.30 -7.60
C GLY QE 38 99.19 -19.83 -7.94
N SER QE 39 98.22 -20.59 -7.44
CA SER QE 39 96.80 -20.41 -7.72
C SER QE 39 96.46 -20.69 -9.17
N GLY QE 40 97.33 -21.41 -9.89
CA GLY QE 40 97.07 -21.78 -11.25
C GLY QE 40 97.50 -20.78 -12.29
N LEU QE 41 98.19 -19.71 -11.90
CA LEU QE 41 98.58 -18.67 -12.83
C LEU QE 41 99.97 -18.97 -13.38
N VAL QE 42 100.07 -19.10 -14.70
CA VAL QE 42 101.34 -19.31 -15.37
C VAL QE 42 101.54 -18.16 -16.35
N THR QE 43 102.79 -17.72 -16.49
CA THR QE 43 103.13 -16.55 -17.29
C THR QE 43 104.25 -16.89 -18.24
N ALA QE 44 104.09 -16.51 -19.50
CA ALA QE 44 105.11 -16.66 -20.52
C ALA QE 44 105.68 -15.30 -20.88
N MET QE 45 106.99 -15.25 -21.12
CA MET QE 45 107.69 -14.00 -21.35
C MET QE 45 108.56 -14.12 -22.59
N VAL QE 46 108.35 -13.20 -23.54
CA VAL QE 46 109.15 -13.14 -24.76
C VAL QE 46 109.87 -11.80 -24.81
N LYS QE 47 110.87 -11.73 -25.67
CA LYS QE 47 111.60 -10.48 -25.83
C LYS QE 47 112.13 -10.37 -27.25
N GLY QE 48 112.13 -9.15 -27.76
CA GLY QE 48 112.56 -8.88 -29.11
C GLY QE 48 112.29 -7.42 -29.45
N ASP QE 49 112.36 -7.11 -30.74
CA ASP QE 49 112.04 -5.76 -31.17
C ASP QE 49 110.56 -5.46 -30.93
N VAL QE 50 110.25 -4.18 -30.80
CA VAL QE 50 108.93 -3.78 -30.33
C VAL QE 50 107.85 -3.97 -31.40
N GLY QE 51 108.21 -4.03 -32.67
CA GLY QE 51 107.24 -4.35 -33.69
C GLY QE 51 106.93 -5.83 -33.72
N ALA QE 52 107.95 -6.64 -33.45
CA ALA QE 52 107.76 -8.08 -33.40
C ALA QE 52 107.04 -8.49 -32.13
N VAL QE 53 107.45 -7.93 -30.99
CA VAL QE 53 106.85 -8.31 -29.72
C VAL QE 53 105.38 -7.91 -29.68
N ASN QE 54 105.05 -6.77 -30.28
CA ASN QE 54 103.66 -6.39 -30.38
C ASN QE 54 102.87 -7.42 -31.17
N ALA QE 55 103.37 -7.80 -32.34
CA ALA QE 55 102.66 -8.76 -33.17
C ALA QE 55 102.49 -10.10 -32.46
N ALA QE 56 103.50 -10.51 -31.70
CA ALA QE 56 103.45 -11.82 -31.05
C ALA QE 56 102.41 -11.86 -29.94
N VAL QE 57 102.37 -10.83 -29.10
CA VAL QE 57 101.46 -10.86 -27.96
C VAL QE 57 100.01 -10.79 -28.41
N ASP QE 58 99.74 -10.12 -29.52
CA ASP QE 58 98.37 -10.08 -30.03
C ASP QE 58 97.95 -11.43 -30.58
N SER QE 59 98.88 -12.17 -31.18
CA SER QE 59 98.56 -13.50 -31.66
C SER QE 59 98.39 -14.49 -30.52
N GLY QE 60 99.34 -14.47 -29.58
CA GLY QE 60 99.28 -15.39 -28.46
C GLY QE 60 98.03 -15.23 -27.62
N VAL QE 61 97.53 -13.99 -27.50
CA VAL QE 61 96.34 -13.77 -26.70
C VAL QE 61 95.13 -14.40 -27.36
N GLU QE 62 95.00 -14.25 -28.68
CA GLU QE 62 93.83 -14.79 -29.36
C GLU QE 62 93.84 -16.32 -29.39
N ALA QE 63 95.01 -16.93 -29.50
CA ALA QE 63 95.07 -18.38 -29.55
C ALA QE 63 94.77 -19.00 -28.19
N ALA QE 64 95.38 -18.46 -27.13
CA ALA QE 64 95.12 -18.98 -25.79
C ALA QE 64 93.70 -18.67 -25.34
N LYS QE 65 93.13 -17.55 -25.78
CA LYS QE 65 91.74 -17.24 -25.46
C LYS QE 65 90.80 -18.29 -25.99
N ARG QE 66 91.18 -18.97 -27.07
CA ARG QE 66 90.30 -19.92 -27.73
C ARG QE 66 90.10 -21.18 -26.89
N ILE QE 67 91.12 -21.60 -26.14
CA ILE QE 67 91.12 -22.89 -25.45
C ILE QE 67 91.27 -22.76 -23.95
N GLY QE 68 91.36 -21.56 -23.42
CA GLY QE 68 91.50 -21.38 -22.00
C GLY QE 68 91.13 -19.98 -21.60
N LYS QE 69 91.53 -19.60 -20.39
CA LYS QE 69 91.29 -18.26 -19.90
C LYS QE 69 92.61 -17.48 -19.91
N VAL QE 70 92.59 -16.33 -20.57
CA VAL QE 70 93.72 -15.41 -20.54
C VAL QE 70 93.42 -14.36 -19.48
N VAL QE 71 94.31 -14.26 -18.49
CA VAL QE 71 94.06 -13.36 -17.36
C VAL QE 71 94.52 -11.95 -17.70
N SER QE 72 95.69 -11.81 -18.29
CA SER QE 72 96.27 -10.50 -18.52
C SER QE 72 97.34 -10.61 -19.58
N SER QE 73 97.59 -9.48 -20.27
CA SER QE 73 98.64 -9.38 -21.26
C SER QE 73 99.21 -7.97 -21.21
N ARG QE 74 100.43 -7.82 -21.70
CA ARG QE 74 101.11 -6.54 -21.55
C ARG QE 74 102.37 -6.53 -22.40
N VAL QE 75 102.63 -5.39 -23.04
CA VAL QE 75 103.89 -5.14 -23.74
C VAL QE 75 104.59 -3.98 -23.06
N ILE QE 76 105.88 -4.13 -22.79
CA ILE QE 76 106.71 -3.09 -22.21
C ILE QE 76 107.75 -2.71 -23.24
N ALA QE 77 107.62 -1.52 -23.81
CA ALA QE 77 108.43 -1.16 -24.97
C ALA QE 77 109.87 -0.85 -24.59
N ARG QE 78 110.09 -0.03 -23.58
CA ARG QE 78 111.42 0.27 -23.07
C ARG QE 78 111.49 -0.14 -21.61
N PRO QE 79 111.87 -1.37 -21.31
CA PRO QE 79 111.95 -1.79 -19.92
C PRO QE 79 113.16 -1.21 -19.23
N HIS QE 80 113.00 -0.89 -17.96
CA HIS QE 80 114.08 -0.31 -17.18
C HIS QE 80 115.18 -1.33 -16.94
N ASN QE 81 116.41 -0.84 -16.78
CA ASN QE 81 117.54 -1.76 -16.64
C ASN QE 81 117.52 -2.48 -15.31
N ASP QE 82 116.88 -1.90 -14.29
CA ASP QE 82 116.70 -2.62 -13.04
C ASP QE 82 115.78 -3.82 -13.21
N ILE QE 83 114.88 -3.75 -14.18
CA ILE QE 83 113.96 -4.85 -14.44
C ILE QE 83 114.64 -5.90 -15.31
N GLU RE 3 110.57 8.62 -40.68
CA GLU RE 3 110.03 7.82 -39.58
C GLU RE 3 108.64 8.29 -39.21
N ALA RE 4 107.96 7.52 -38.37
CA ALA RE 4 106.55 7.79 -38.09
C ALA RE 4 106.40 9.10 -37.33
N LEU RE 5 105.15 9.47 -37.08
CA LEU RE 5 104.84 10.75 -36.46
C LEU RE 5 103.62 10.60 -35.58
N GLY RE 6 103.73 10.97 -34.32
CA GLY RE 6 102.64 10.85 -33.36
C GLY RE 6 102.25 12.20 -32.80
N LEU RE 7 100.95 12.43 -32.70
CA LEU RE 7 100.41 13.72 -32.29
C LEU RE 7 99.39 13.53 -31.19
N ILE RE 8 99.45 14.38 -30.17
CA ILE RE 8 98.42 14.44 -29.13
C ILE RE 8 98.03 15.90 -28.97
N GLU RE 9 96.74 16.16 -28.84
CA GLU RE 9 96.22 17.51 -28.71
C GLU RE 9 95.34 17.61 -27.48
N THR RE 10 95.63 18.60 -26.64
CA THR RE 10 94.97 18.74 -25.35
C THR RE 10 94.53 20.18 -25.15
N LYS RE 11 93.63 20.37 -24.20
CA LYS RE 11 93.26 21.70 -23.73
C LYS RE 11 94.16 22.08 -22.56
N GLY RE 12 94.96 23.12 -22.73
CA GLY RE 12 95.82 23.57 -21.67
C GLY RE 12 97.21 22.94 -21.75
N LEU RE 13 98.16 23.61 -21.10
CA LEU RE 13 99.55 23.19 -21.21
C LEU RE 13 99.89 22.08 -20.22
N VAL RE 14 99.25 22.03 -19.07
CA VAL RE 14 99.62 21.04 -18.07
C VAL RE 14 99.31 19.64 -18.56
N ALA RE 15 98.14 19.44 -19.17
CA ALA RE 15 97.82 18.13 -19.70
C ALA RE 15 98.78 17.71 -20.81
N CYS RE 16 99.41 18.69 -21.47
CA CYS RE 16 100.33 18.36 -22.56
C CYS RE 16 101.74 18.07 -22.07
N ILE RE 17 102.13 18.60 -20.92
CA ILE RE 17 103.43 18.24 -20.38
C ILE RE 17 103.36 16.86 -19.74
N GLU RE 18 102.20 16.47 -19.21
CA GLU RE 18 102.07 15.11 -18.72
C GLU RE 18 102.02 14.11 -19.86
N ALA RE 19 101.36 14.47 -20.97
CA ALA RE 19 101.35 13.60 -22.14
C ALA RE 19 102.74 13.46 -22.73
N ALA RE 20 103.48 14.56 -22.80
CA ALA RE 20 104.81 14.51 -23.40
C ALA RE 20 105.80 13.78 -22.50
N ASP RE 21 105.60 13.84 -21.19
CA ASP RE 21 106.48 13.11 -20.28
C ASP RE 21 106.23 11.61 -20.36
N ALA RE 22 104.96 11.21 -20.37
CA ALA RE 22 104.65 9.79 -20.47
C ALA RE 22 105.13 9.21 -21.80
N MET RE 23 104.98 9.97 -22.88
CA MET RE 23 105.40 9.48 -24.19
C MET RE 23 106.89 9.20 -24.22
N CYS RE 24 107.69 10.14 -23.71
CA CYS RE 24 109.14 9.97 -23.79
C CYS RE 24 109.64 8.87 -22.88
N LYS RE 25 108.87 8.49 -21.86
CA LYS RE 25 109.30 7.43 -20.95
C LYS RE 25 108.97 6.05 -21.50
N ALA RE 26 107.85 5.92 -22.21
CA ALA RE 26 107.27 4.63 -22.52
C ALA RE 26 107.72 4.06 -23.85
N ALA RE 27 108.67 4.68 -24.53
CA ALA RE 27 109.15 4.17 -25.81
C ALA RE 27 110.36 4.98 -26.23
N ASN RE 28 111.08 4.46 -27.21
CA ASN RE 28 112.27 5.13 -27.72
C ASN RE 28 111.86 6.07 -28.85
N VAL RE 29 111.39 7.25 -28.46
CA VAL RE 29 110.93 8.27 -29.39
C VAL RE 29 111.69 9.56 -29.11
N GLU RE 30 111.62 10.48 -30.06
CA GLU RE 30 112.23 11.80 -29.94
C GLU RE 30 111.13 12.85 -29.93
N LEU RE 31 111.20 13.76 -28.97
CA LEU RE 31 110.22 14.83 -28.87
C LEU RE 31 110.64 15.99 -29.77
N ILE RE 32 109.76 16.39 -30.67
CA ILE RE 32 110.04 17.48 -31.60
C ILE RE 32 109.73 18.83 -30.98
N GLY RE 33 108.56 18.98 -30.40
CA GLY RE 33 108.23 20.22 -29.72
C GLY RE 33 106.74 20.39 -29.58
N TYR RE 34 106.37 21.50 -28.95
CA TYR RE 34 104.98 21.90 -28.78
C TYR RE 34 104.62 22.94 -29.82
N GLU RE 35 103.32 23.06 -30.08
CA GLU RE 35 102.84 24.03 -31.06
C GLU RE 35 101.39 24.34 -30.74
N ASN RE 36 101.14 25.48 -30.13
CA ASN RE 36 99.78 25.87 -29.76
C ASN RE 36 99.19 26.81 -30.80
N VAL RE 37 97.86 26.81 -30.88
CA VAL RE 37 97.15 27.56 -31.90
C VAL RE 37 96.05 28.42 -31.29
N GLY RE 38 96.22 28.80 -30.03
CA GLY RE 38 95.21 29.59 -29.35
C GLY RE 38 93.99 28.75 -29.01
N SER RE 39 93.08 29.37 -28.28
CA SER RE 39 91.94 28.71 -27.65
C SER RE 39 92.35 27.66 -26.63
N GLY RE 40 93.62 27.67 -26.22
CA GLY RE 40 94.09 26.72 -25.25
C GLY RE 40 94.45 25.35 -25.80
N LEU RE 41 94.39 25.16 -27.11
CA LEU RE 41 94.78 23.90 -27.72
C LEU RE 41 96.30 23.87 -27.86
N VAL RE 42 96.93 22.86 -27.26
CA VAL RE 42 98.36 22.65 -27.38
C VAL RE 42 98.58 21.25 -27.93
N THR RE 43 99.61 21.08 -28.73
CA THR RE 43 99.88 19.83 -29.44
C THR RE 43 101.32 19.41 -29.24
N ALA RE 44 101.53 18.13 -28.94
CA ALA RE 44 102.86 17.56 -28.82
C ALA RE 44 103.13 16.64 -30.00
N MET RE 45 104.38 16.63 -30.47
CA MET RE 45 104.76 15.85 -31.64
C MET RE 45 105.99 15.02 -31.31
N VAL RE 46 105.84 13.70 -31.39
CA VAL RE 46 106.97 12.78 -31.21
C VAL RE 46 107.30 12.15 -32.56
N LYS RE 47 108.49 11.57 -32.63
CA LYS RE 47 108.98 11.03 -33.89
C LYS RE 47 109.86 9.83 -33.62
N GLY RE 48 109.62 8.74 -34.35
CA GLY RE 48 110.42 7.55 -34.19
C GLY RE 48 109.90 6.44 -35.09
N ASP RE 49 110.38 5.23 -34.85
CA ASP RE 49 109.90 4.08 -35.59
C ASP RE 49 108.42 3.85 -35.32
N VAL RE 50 107.77 3.13 -36.24
CA VAL RE 50 106.31 3.04 -36.20
C VAL RE 50 105.85 2.30 -34.96
N GLY RE 51 106.54 1.22 -34.60
CA GLY RE 51 106.13 0.45 -33.44
C GLY RE 51 106.32 1.22 -32.14
N ALA RE 52 107.43 1.93 -32.03
CA ALA RE 52 107.66 2.76 -30.85
C ALA RE 52 106.65 3.89 -30.77
N VAL RE 53 106.50 4.65 -31.87
CA VAL RE 53 105.60 5.79 -31.87
C VAL RE 53 104.17 5.36 -31.59
N ASN RE 54 103.77 4.22 -32.14
CA ASN RE 54 102.45 3.70 -31.81
C ASN RE 54 102.29 3.55 -30.31
N ALA RE 55 103.21 2.80 -29.68
CA ALA RE 55 103.15 2.54 -28.24
C ALA RE 55 103.15 3.83 -27.43
N ALA RE 56 103.99 4.79 -27.82
CA ALA RE 56 104.10 6.04 -27.07
C ALA RE 56 102.76 6.77 -27.04
N VAL RE 57 102.12 6.92 -28.20
CA VAL RE 57 100.88 7.69 -28.27
C VAL RE 57 99.80 7.04 -27.41
N ASP RE 58 99.78 5.71 -27.33
CA ASP RE 58 98.79 5.05 -26.48
C ASP RE 58 99.01 5.39 -25.02
N SER RE 59 100.26 5.36 -24.55
CA SER RE 59 100.55 5.67 -23.17
C SER RE 59 100.36 7.15 -22.88
N GLY RE 60 100.79 8.01 -23.81
CA GLY RE 60 100.67 9.44 -23.59
C GLY RE 60 99.23 9.90 -23.48
N VAL RE 61 98.33 9.30 -24.24
CA VAL RE 61 96.93 9.68 -24.14
C VAL RE 61 96.34 9.17 -22.85
N GLU RE 62 96.82 8.03 -22.37
CA GLU RE 62 96.29 7.46 -21.14
C GLU RE 62 96.68 8.29 -19.92
N ALA RE 63 97.88 8.87 -19.93
CA ALA RE 63 98.31 9.72 -18.83
C ALA RE 63 97.64 11.09 -18.89
N ALA RE 64 97.56 11.68 -20.07
CA ALA RE 64 97.00 13.02 -20.19
C ALA RE 64 95.50 13.03 -19.90
N LYS RE 65 94.78 12.02 -20.39
CA LYS RE 65 93.35 11.94 -20.13
C LYS RE 65 93.04 11.85 -18.64
N ARG RE 66 94.04 11.49 -17.84
CA ARG RE 66 93.83 11.26 -16.42
C ARG RE 66 93.62 12.55 -15.65
N ILE RE 67 94.23 13.65 -16.11
CA ILE RE 67 94.15 14.91 -15.40
C ILE RE 67 93.51 16.02 -16.23
N GLY RE 68 93.46 15.90 -17.55
CA GLY RE 68 92.91 16.95 -18.38
C GLY RE 68 92.11 16.38 -19.52
N LYS RE 69 91.99 17.10 -20.62
CA LYS RE 69 91.17 16.68 -21.75
C LYS RE 69 92.06 16.45 -22.97
N VAL RE 70 92.00 15.25 -23.51
CA VAL RE 70 92.70 14.91 -24.74
C VAL RE 70 91.73 15.11 -25.90
N VAL RE 71 92.04 16.05 -26.78
CA VAL RE 71 91.12 16.40 -27.85
C VAL RE 71 91.22 15.40 -28.99
N SER RE 72 92.43 15.06 -29.41
CA SER RE 72 92.61 14.10 -30.48
C SER RE 72 94.02 13.54 -30.45
N SER RE 73 94.19 12.35 -31.00
CA SER RE 73 95.48 11.72 -31.17
C SER RE 73 95.53 11.05 -32.53
N ARG RE 74 96.74 10.82 -33.02
CA ARG RE 74 96.90 10.32 -34.38
C ARG RE 74 98.34 9.87 -34.58
N VAL RE 75 98.51 8.80 -35.35
CA VAL RE 75 99.83 8.33 -35.76
C VAL RE 75 99.87 8.27 -37.28
N ILE RE 76 100.85 8.93 -37.87
CA ILE RE 76 101.10 8.86 -39.31
C ILE RE 76 102.31 7.96 -39.51
N ALA RE 77 102.09 6.80 -40.13
CA ALA RE 77 103.15 5.81 -40.22
C ALA RE 77 104.26 6.27 -41.17
N ARG RE 78 103.91 6.98 -42.22
CA ARG RE 78 104.89 7.46 -43.19
C ARG RE 78 104.42 8.80 -43.73
N PRO RE 79 104.88 9.89 -43.13
CA PRO RE 79 104.44 11.21 -43.59
C PRO RE 79 105.10 11.58 -44.91
N HIS RE 80 104.37 12.37 -45.69
CA HIS RE 80 104.93 12.93 -46.90
C HIS RE 80 106.07 13.89 -46.56
N ASN RE 81 107.01 14.05 -47.48
CA ASN RE 81 108.14 14.92 -47.22
C ASN RE 81 107.71 16.37 -47.05
N ASP RE 82 106.61 16.77 -47.71
CA ASP RE 82 106.11 18.13 -47.53
C ASP RE 82 105.65 18.36 -46.10
N ILE RE 83 105.08 17.32 -45.47
CA ILE RE 83 104.63 17.46 -44.09
C ILE RE 83 105.78 17.71 -43.15
N GLU RE 84 106.99 17.28 -43.50
CA GLU RE 84 108.15 17.57 -42.65
C GLU RE 84 108.78 18.90 -43.02
N LYS RE 85 107.93 19.90 -43.20
CA LYS RE 85 108.29 21.30 -43.25
C LYS RE 85 107.28 22.15 -42.51
N ILE RE 86 106.13 21.59 -42.16
CA ILE RE 86 105.12 22.26 -41.34
C ILE RE 86 105.36 21.98 -39.87
N ALA RE 87 105.70 20.73 -39.54
CA ALA RE 87 106.03 20.40 -38.15
C ALA RE 87 107.37 21.02 -37.75
N GLY RE 88 108.43 20.62 -38.43
CA GLY RE 88 109.75 21.17 -38.15
C GLY RE 88 110.05 22.43 -38.95
N MET SE 1 -25.78 -44.57 -96.61
CA MET SE 1 -26.54 -45.80 -96.54
C MET SE 1 -26.74 -46.38 -97.93
N ILE SE 2 -27.13 -47.65 -97.98
CA ILE SE 2 -27.49 -48.31 -99.23
C ILE SE 2 -28.73 -49.16 -99.00
N LEU SE 3 -29.56 -49.29 -100.02
CA LEU SE 3 -30.66 -50.23 -99.98
C LEU SE 3 -30.14 -51.64 -100.18
N ALA SE 4 -30.55 -52.55 -99.31
CA ALA SE 4 -30.08 -53.92 -99.39
C ALA SE 4 -31.17 -54.83 -98.87
N LYS SE 5 -30.98 -56.13 -99.10
CA LYS SE 5 -31.94 -57.14 -98.72
C LYS SE 5 -31.24 -58.21 -97.91
N VAL SE 6 -31.82 -58.60 -96.77
CA VAL SE 6 -31.23 -59.65 -95.96
C VAL SE 6 -31.43 -60.99 -96.65
N THR SE 7 -30.33 -61.71 -96.85
CA THR SE 7 -30.36 -62.96 -97.59
C THR SE 7 -29.81 -64.16 -96.83
N GLY SE 8 -29.47 -64.01 -95.55
CA GLY SE 8 -28.96 -65.12 -94.79
C GLY SE 8 -28.42 -64.65 -93.46
N HIS SE 9 -27.58 -65.48 -92.85
CA HIS SE 9 -26.93 -65.12 -91.60
C HIS SE 9 -25.64 -65.92 -91.48
N VAL SE 10 -24.81 -65.51 -90.53
CA VAL SE 10 -23.50 -66.11 -90.31
C VAL SE 10 -23.39 -66.50 -88.85
N VAL SE 11 -22.93 -67.72 -88.60
CA VAL SE 11 -22.74 -68.23 -87.24
C VAL SE 11 -21.24 -68.32 -87.00
N ALA SE 12 -20.73 -67.46 -86.12
CA ALA SE 12 -19.31 -67.40 -85.79
C ALA SE 12 -19.15 -67.55 -84.30
N THR SE 13 -18.37 -68.55 -83.88
CA THR SE 13 -18.17 -68.84 -82.47
C THR SE 13 -16.91 -68.17 -81.92
N GLN SE 14 -15.79 -68.32 -82.62
CA GLN SE 14 -14.52 -67.72 -82.21
C GLN SE 14 -14.45 -66.32 -82.82
N LYS SE 15 -14.68 -65.30 -82.00
CA LYS SE 15 -14.70 -63.94 -82.51
C LYS SE 15 -14.32 -62.98 -81.38
N CYS SE 16 -14.14 -61.72 -81.75
CA CYS SE 16 -13.72 -60.71 -80.79
C CYS SE 16 -14.83 -60.45 -79.78
N ASP SE 17 -14.55 -59.54 -78.85
CA ASP SE 17 -15.48 -59.21 -77.79
C ASP SE 17 -16.38 -58.05 -78.14
N GLU SE 18 -15.97 -57.19 -79.08
CA GLU SE 18 -16.82 -56.10 -79.53
C GLU SE 18 -18.04 -56.61 -80.29
N LEU SE 19 -18.11 -57.90 -80.58
CA LEU SE 19 -19.20 -58.48 -81.35
C LEU SE 19 -20.03 -59.47 -80.56
N ARG SE 20 -19.83 -59.59 -79.25
CA ARG SE 20 -20.57 -60.55 -78.46
C ARG SE 20 -22.02 -60.14 -78.32
N GLY SE 21 -22.93 -61.07 -78.57
CA GLY SE 21 -24.35 -60.80 -78.39
C GLY SE 21 -24.95 -59.92 -79.45
N SER SE 22 -24.77 -60.28 -80.72
CA SER SE 22 -25.33 -59.53 -81.82
C SER SE 22 -25.52 -60.46 -83.00
N ASN SE 23 -26.42 -60.07 -83.89
CA ASN SE 23 -26.70 -60.85 -85.07
C ASN SE 23 -25.70 -60.49 -86.16
N LEU SE 24 -25.48 -61.41 -87.10
CA LEU SE 24 -24.60 -61.16 -88.24
C LEU SE 24 -25.32 -61.61 -89.50
N LEU SE 25 -25.86 -60.65 -90.25
CA LEU SE 25 -26.69 -60.93 -91.40
C LEU SE 25 -25.90 -60.75 -92.69
N LEU SE 26 -26.24 -61.56 -93.69
CA LEU SE 26 -25.73 -61.35 -95.03
C LEU SE 26 -26.63 -60.33 -95.72
N ILE SE 27 -26.02 -59.33 -96.33
CA ILE SE 27 -26.70 -58.13 -96.78
C ILE SE 27 -26.33 -57.95 -98.24
N THR SE 28 -27.30 -58.12 -99.14
CA THR SE 28 -27.02 -58.04 -100.57
C THR SE 28 -27.57 -56.75 -101.13
N ARG SE 29 -26.71 -55.98 -101.79
CA ARG SE 29 -27.14 -54.74 -102.41
C ARG SE 29 -28.02 -55.02 -103.61
N LEU SE 30 -29.15 -54.30 -103.69
CA LEU SE 30 -30.13 -54.54 -104.74
C LEU SE 30 -30.19 -53.34 -105.68
N ASP SE 31 -30.48 -53.62 -106.96
CA ASP SE 31 -30.39 -52.63 -108.02
C ASP SE 31 -31.66 -51.80 -108.15
N ASP SE 32 -31.78 -51.02 -109.23
CA ASP SE 32 -32.88 -50.05 -109.37
C ASP SE 32 -34.20 -50.70 -109.76
N LYS SE 33 -34.28 -52.02 -109.82
CA LYS SE 33 -35.54 -52.72 -109.95
C LYS SE 33 -35.91 -53.46 -108.68
N GLN SE 34 -35.26 -53.13 -107.57
CA GLN SE 34 -35.41 -53.85 -106.31
C GLN SE 34 -35.14 -55.34 -106.50
N GLN SE 35 -33.94 -55.64 -107.00
CA GLN SE 35 -33.53 -57.00 -107.28
C GLN SE 35 -32.07 -57.14 -106.89
N PRO SE 36 -31.70 -58.19 -106.14
CA PRO SE 36 -30.32 -58.31 -105.68
C PRO SE 36 -29.34 -58.43 -106.83
N MET SE 37 -28.14 -57.92 -106.59
CA MET SE 37 -27.06 -57.95 -107.57
C MET SE 37 -26.16 -59.16 -107.33
N LYS SE 38 -25.10 -59.26 -108.12
CA LYS SE 38 -24.16 -60.37 -108.05
C LYS SE 38 -22.87 -59.89 -107.41
N ASP SE 39 -22.33 -60.68 -106.48
CA ASP SE 39 -21.05 -60.38 -105.83
C ASP SE 39 -21.10 -59.04 -105.10
N GLN SE 40 -22.16 -58.84 -104.32
CA GLN SE 40 -22.34 -57.57 -103.62
C GLN SE 40 -22.83 -57.81 -102.21
N THR SE 41 -22.24 -58.77 -101.51
CA THR SE 41 -22.71 -59.19 -100.20
C THR SE 41 -21.74 -58.75 -99.12
N TRP SE 42 -22.27 -58.15 -98.07
CA TRP SE 42 -21.50 -57.78 -96.88
C TRP SE 42 -22.13 -58.44 -95.68
N VAL SE 43 -21.42 -58.39 -94.56
CA VAL SE 43 -21.92 -58.90 -93.28
C VAL SE 43 -22.20 -57.73 -92.37
N ALA SE 44 -23.41 -57.62 -91.88
CA ALA SE 44 -23.85 -56.47 -91.11
C ALA SE 44 -24.33 -56.90 -89.75
N VAL SE 45 -23.97 -56.15 -88.72
CA VAL SE 45 -24.43 -56.40 -87.36
C VAL SE 45 -25.84 -55.81 -87.24
N ASP SE 46 -26.84 -56.67 -87.17
CA ASP SE 46 -28.21 -56.20 -87.03
C ASP SE 46 -28.34 -55.33 -85.78
N ASN SE 47 -29.18 -54.32 -85.88
CA ASN SE 47 -29.35 -53.38 -84.78
C ASN SE 47 -30.80 -53.04 -84.47
N VAL SE 48 -31.75 -53.31 -85.36
CA VAL SE 48 -33.15 -52.98 -85.16
C VAL SE 48 -34.06 -54.18 -85.24
N GLY SE 49 -33.53 -55.37 -85.51
CA GLY SE 49 -34.37 -56.55 -85.55
C GLY SE 49 -34.90 -56.90 -86.92
N ALA SE 50 -33.99 -57.04 -87.89
CA ALA SE 50 -34.36 -57.44 -89.23
C ALA SE 50 -34.16 -58.94 -89.40
N GLY SE 51 -34.98 -59.54 -90.28
CA GLY SE 51 -34.88 -60.96 -90.54
C GLY SE 51 -34.77 -61.24 -92.01
N MET SE 52 -35.04 -62.47 -92.43
CA MET SE 52 -34.85 -62.83 -93.83
C MET SE 52 -35.84 -62.09 -94.72
N HIS SE 53 -35.39 -61.82 -95.95
CA HIS SE 53 -36.21 -61.28 -97.04
C HIS SE 53 -36.60 -59.82 -96.82
N ASP SE 54 -36.13 -59.18 -95.76
CA ASP SE 54 -36.55 -57.82 -95.45
C ASP SE 54 -35.61 -56.83 -96.13
N ILE SE 55 -36.18 -55.76 -96.69
CA ILE SE 55 -35.38 -54.71 -97.31
C ILE SE 55 -34.96 -53.73 -96.22
N VAL SE 56 -33.65 -53.58 -96.04
CA VAL SE 56 -33.12 -52.80 -94.93
C VAL SE 56 -32.23 -51.69 -95.48
N LEU SE 57 -31.66 -50.90 -94.57
CA LEU SE 57 -30.88 -49.71 -94.91
C LEU SE 57 -29.55 -49.85 -94.18
N ALA SE 58 -28.56 -50.42 -94.85
CA ALA SE 58 -27.29 -50.76 -94.22
C ALA SE 58 -26.34 -49.57 -94.27
N GLU SE 59 -25.77 -49.23 -93.12
CA GLU SE 59 -24.90 -48.08 -93.00
C GLU SE 59 -23.45 -48.52 -92.92
N GLU SE 60 -22.56 -47.64 -93.36
CA GLU SE 60 -21.14 -47.93 -93.41
C GLU SE 60 -20.49 -47.73 -92.05
N TYR SE 61 -19.17 -47.59 -92.03
CA TYR SE 61 -18.31 -47.90 -90.89
C TYR SE 61 -18.89 -47.57 -89.52
N PHE SE 62 -19.13 -46.30 -89.23
CA PHE SE 62 -19.30 -45.88 -87.85
C PHE SE 62 -20.78 -45.85 -87.48
N ALA SE 63 -21.18 -46.82 -86.64
CA ALA SE 63 -22.50 -46.81 -86.04
C ALA SE 63 -22.48 -47.27 -84.58
N LEU SE 64 -21.31 -47.25 -83.94
CA LEU SE 64 -21.14 -47.61 -82.53
C LEU SE 64 -21.61 -49.03 -82.26
N ASN SE 65 -20.94 -49.99 -82.89
CA ASN SE 65 -21.31 -51.39 -82.75
C ASN SE 65 -20.10 -52.31 -82.69
N TYR SE 69 -15.65 -48.10 -82.01
CA TYR SE 69 -16.57 -49.07 -82.59
C TYR SE 69 -17.00 -48.64 -83.99
N LYS SE 70 -16.67 -49.47 -84.98
CA LYS SE 70 -16.92 -49.10 -86.37
C LYS SE 70 -17.49 -50.24 -87.21
N ALA SE 71 -18.37 -51.08 -86.64
CA ALA SE 71 -18.91 -52.17 -87.41
C ALA SE 71 -20.04 -51.69 -88.32
N MET SE 72 -20.15 -52.32 -89.47
CA MET SE 72 -21.19 -52.00 -90.46
C MET SE 72 -22.50 -52.61 -89.97
N SER SE 73 -23.48 -51.76 -89.68
CA SER SE 73 -24.71 -52.22 -89.09
C SER SE 73 -25.92 -51.80 -89.92
N VAL SE 74 -27.06 -52.40 -89.60
CA VAL SE 74 -28.35 -52.06 -90.18
C VAL SE 74 -29.02 -51.05 -89.28
N VAL SE 75 -29.54 -49.97 -89.86
CA VAL SE 75 -30.05 -48.86 -89.07
C VAL SE 75 -31.51 -48.55 -89.35
N ALA SE 76 -32.15 -49.23 -90.29
CA ALA SE 76 -33.54 -48.93 -90.61
C ALA SE 76 -34.15 -50.05 -91.42
N ILE SE 77 -35.41 -50.35 -91.16
CA ILE SE 77 -36.20 -51.27 -91.98
C ILE SE 77 -37.13 -50.46 -92.83
N VAL SE 78 -37.10 -50.70 -94.13
CA VAL SE 78 -37.73 -49.81 -95.10
C VAL SE 78 -39.13 -50.28 -95.42
N GLU SE 79 -40.09 -49.36 -95.33
CA GLU SE 79 -41.49 -49.63 -95.66
C GLU SE 79 -41.77 -49.42 -97.15
N LYS SE 80 -41.50 -48.22 -97.65
CA LYS SE 80 -41.80 -47.85 -99.03
C LYS SE 80 -40.59 -47.22 -99.68
N VAL SE 81 -40.35 -47.56 -100.93
CA VAL SE 81 -39.29 -46.96 -101.73
C VAL SE 81 -39.99 -46.34 -102.95
N PHE SE 82 -40.31 -45.07 -102.86
CA PHE SE 82 -40.90 -44.35 -103.98
C PHE SE 82 -39.78 -43.86 -104.89
N ARG SE 83 -39.84 -44.24 -106.17
CA ARG SE 83 -38.73 -44.00 -107.08
C ARG SE 83 -39.28 -43.77 -108.48
N ASP SE 84 -39.12 -42.55 -108.98
CA ASP SE 84 -39.45 -42.26 -110.37
C ASP SE 84 -38.80 -40.94 -110.81
N GLU TE 3 -36.66 -98.46 -53.33
CA GLU TE 3 -35.54 -97.58 -53.62
C GLU TE 3 -35.71 -96.26 -52.90
N ALA TE 4 -34.61 -95.54 -52.71
CA ALA TE 4 -34.65 -94.28 -51.99
C ALA TE 4 -35.30 -93.20 -52.85
N LEU TE 5 -35.33 -91.98 -52.34
CA LEU TE 5 -36.00 -90.88 -53.00
C LEU TE 5 -35.27 -89.59 -52.70
N GLY TE 6 -34.99 -88.81 -53.74
CA GLY TE 6 -34.26 -87.57 -53.59
C GLY TE 6 -35.03 -86.40 -54.16
N LEU TE 7 -34.93 -85.26 -53.48
CA LEU TE 7 -35.76 -84.10 -53.79
C LEU TE 7 -34.94 -82.83 -53.73
N ILE TE 8 -35.08 -81.97 -54.74
CA ILE TE 8 -34.51 -80.64 -54.72
C ILE TE 8 -35.61 -79.67 -55.11
N GLU TE 9 -35.63 -78.51 -54.45
CA GLU TE 9 -36.62 -77.47 -54.72
C GLU TE 9 -35.90 -76.17 -55.00
N THR TE 10 -36.27 -75.51 -56.08
CA THR TE 10 -35.62 -74.28 -56.51
C THR TE 10 -36.66 -73.24 -56.88
N LYS TE 11 -36.21 -72.00 -56.95
CA LYS TE 11 -37.03 -70.90 -57.47
C LYS TE 11 -36.72 -70.73 -58.95
N GLY TE 12 -37.73 -70.93 -59.79
CA GLY TE 12 -37.53 -70.80 -61.21
C GLY TE 12 -37.30 -72.14 -61.87
N LEU TE 13 -37.65 -72.22 -63.16
CA LEU TE 13 -37.53 -73.49 -63.87
C LEU TE 13 -36.12 -73.74 -64.36
N VAL TE 14 -35.38 -72.68 -64.70
CA VAL TE 14 -34.04 -72.88 -65.25
C VAL TE 14 -33.13 -73.54 -64.24
N ALA TE 15 -33.13 -73.03 -63.00
CA ALA TE 15 -32.27 -73.59 -61.97
C ALA TE 15 -32.61 -75.04 -61.68
N CYS TE 16 -33.85 -75.45 -61.96
CA CYS TE 16 -34.24 -76.83 -61.68
C CYS TE 16 -33.79 -77.77 -62.79
N ILE TE 17 -33.83 -77.33 -64.04
CA ILE TE 17 -33.40 -78.18 -65.14
C ILE TE 17 -31.89 -78.39 -65.07
N GLU TE 18 -31.15 -77.38 -64.65
CA GLU TE 18 -29.73 -77.57 -64.39
C GLU TE 18 -29.50 -78.58 -63.29
N ALA TE 19 -30.25 -78.48 -62.20
CA ALA TE 19 -30.10 -79.42 -61.09
C ALA TE 19 -30.46 -80.84 -61.51
N ALA TE 20 -31.54 -80.99 -62.27
CA ALA TE 20 -31.97 -82.33 -62.65
C ALA TE 20 -31.04 -82.95 -63.68
N ASP TE 21 -30.27 -82.13 -64.39
CA ASP TE 21 -29.29 -82.67 -65.32
C ASP TE 21 -28.03 -83.10 -64.58
N ALA TE 22 -27.58 -82.31 -63.63
CA ALA TE 22 -26.42 -82.71 -62.83
C ALA TE 22 -26.71 -83.97 -62.04
N MET TE 23 -27.91 -84.11 -61.48
CA MET TE 23 -28.26 -85.31 -60.75
C MET TE 23 -28.17 -86.54 -61.64
N CYS TE 24 -28.70 -86.46 -62.85
CA CYS TE 24 -28.76 -87.64 -63.70
C CYS TE 24 -27.39 -88.05 -64.20
N LYS TE 25 -26.46 -87.11 -64.31
CA LYS TE 25 -25.12 -87.44 -64.79
C LYS TE 25 -24.23 -87.97 -63.67
N ALA TE 26 -24.42 -87.49 -62.45
CA ALA TE 26 -23.48 -87.73 -61.36
C ALA TE 26 -23.62 -89.10 -60.73
N ALA TE 27 -24.67 -89.84 -61.00
CA ALA TE 27 -24.84 -91.15 -60.37
C ALA TE 27 -25.93 -91.90 -61.11
N ASN TE 28 -26.10 -93.18 -60.75
CA ASN TE 28 -27.07 -94.04 -61.41
C ASN TE 28 -28.43 -93.88 -60.74
N VAL TE 29 -29.10 -92.78 -61.08
CA VAL TE 29 -30.45 -92.50 -60.58
C VAL TE 29 -31.33 -92.19 -61.77
N GLU TE 30 -32.64 -92.40 -61.59
CA GLU TE 30 -33.62 -92.20 -62.62
C GLU TE 30 -34.53 -91.04 -62.25
N LEU TE 31 -34.89 -90.22 -63.23
CA LEU TE 31 -35.68 -89.02 -62.99
C LEU TE 31 -37.16 -89.38 -63.00
N ILE TE 32 -37.86 -89.04 -61.92
CA ILE TE 32 -39.28 -89.33 -61.82
C ILE TE 32 -40.11 -88.28 -62.56
N GLY TE 33 -39.92 -87.02 -62.21
CA GLY TE 33 -40.63 -85.96 -62.91
C GLY TE 33 -40.48 -84.65 -62.17
N TYR TE 34 -41.07 -83.63 -62.75
CA TYR TE 34 -41.14 -82.30 -62.16
C TYR TE 34 -42.52 -82.06 -61.58
N GLU TE 35 -42.59 -81.11 -60.66
CA GLU TE 35 -43.88 -80.74 -60.06
C GLU TE 35 -43.73 -79.35 -59.46
N ASN TE 36 -44.35 -78.35 -60.09
CA ASN TE 36 -44.32 -77.00 -59.58
C ASN TE 36 -45.62 -76.69 -58.86
N VAL TE 37 -45.51 -76.12 -57.67
CA VAL TE 37 -46.66 -75.83 -56.82
C VAL TE 37 -46.71 -74.33 -56.62
N GLY TE 38 -47.42 -73.65 -57.51
CA GLY TE 38 -47.63 -72.23 -57.28
C GLY TE 38 -46.36 -71.42 -57.44
N SER TE 39 -46.13 -70.53 -56.47
CA SER TE 39 -45.29 -69.36 -56.72
C SER TE 39 -43.85 -69.72 -56.96
N GLY TE 40 -43.47 -69.79 -58.23
CA GLY TE 40 -42.11 -70.03 -58.68
C GLY TE 40 -41.35 -71.10 -57.93
N LEU TE 41 -41.95 -72.24 -57.68
CA LEU TE 41 -41.27 -73.30 -56.95
C LEU TE 41 -41.41 -74.58 -57.75
N VAL TE 42 -40.30 -75.06 -58.29
CA VAL TE 42 -40.29 -76.31 -59.05
C VAL TE 42 -39.47 -77.33 -58.28
N THR TE 43 -39.87 -78.59 -58.36
CA THR TE 43 -39.23 -79.66 -57.61
C THR TE 43 -38.98 -80.83 -58.53
N ALA TE 44 -37.75 -81.36 -58.51
CA ALA TE 44 -37.38 -82.54 -59.27
C ALA TE 44 -37.19 -83.71 -58.31
N MET TE 45 -37.60 -84.90 -58.73
CA MET TE 45 -37.55 -86.09 -57.90
C MET TE 45 -36.80 -87.19 -58.63
N VAL TE 46 -35.82 -87.79 -57.95
CA VAL TE 46 -35.04 -88.89 -58.49
C VAL TE 46 -35.15 -90.07 -57.53
N LYS TE 47 -34.91 -91.27 -58.06
CA LYS TE 47 -34.96 -92.46 -57.24
C LYS TE 47 -33.86 -93.44 -57.64
N GLY TE 48 -33.38 -94.19 -56.66
CA GLY TE 48 -32.29 -95.11 -56.86
C GLY TE 48 -31.82 -95.64 -55.53
N ASP TE 49 -30.68 -96.31 -55.54
CA ASP TE 49 -30.12 -96.83 -54.30
C ASP TE 49 -29.74 -95.68 -53.37
N VAL TE 50 -29.55 -96.02 -52.09
CA VAL TE 50 -29.35 -94.99 -51.08
C VAL TE 50 -28.01 -94.30 -51.25
N GLY TE 51 -26.98 -95.07 -51.60
CA GLY TE 51 -25.67 -94.45 -51.82
C GLY TE 51 -25.62 -93.64 -53.09
N ALA TE 52 -26.30 -94.10 -54.13
CA ALA TE 52 -26.37 -93.34 -55.37
C ALA TE 52 -27.17 -92.08 -55.20
N VAL TE 53 -28.38 -92.19 -54.64
CA VAL TE 53 -29.26 -91.03 -54.50
C VAL TE 53 -28.60 -89.97 -53.63
N ASN TE 54 -27.91 -90.39 -52.58
CA ASN TE 54 -27.22 -89.44 -51.73
C ASN TE 54 -26.14 -88.71 -52.49
N ALA TE 55 -25.52 -89.38 -53.46
CA ALA TE 55 -24.45 -88.76 -54.23
C ALA TE 55 -25.00 -87.88 -55.34
N ALA TE 56 -26.23 -88.14 -55.78
CA ALA TE 56 -26.82 -87.31 -56.82
C ALA TE 56 -27.35 -86.00 -56.25
N VAL TE 57 -27.87 -86.03 -55.03
CA VAL TE 57 -28.52 -84.84 -54.49
C VAL TE 57 -27.50 -83.77 -54.13
N ASP TE 58 -26.35 -84.15 -53.59
CA ASP TE 58 -25.37 -83.13 -53.22
C ASP TE 58 -24.67 -82.55 -54.43
N SER TE 59 -24.64 -83.28 -55.55
CA SER TE 59 -24.12 -82.70 -56.78
C SER TE 59 -25.14 -81.78 -57.43
N GLY TE 60 -26.41 -82.20 -57.45
CA GLY TE 60 -27.44 -81.37 -58.03
C GLY TE 60 -27.69 -80.09 -57.27
N VAL TE 61 -27.56 -80.13 -55.94
CA VAL TE 61 -27.69 -78.92 -55.15
C VAL TE 61 -26.55 -77.98 -55.48
N GLU TE 62 -25.38 -78.52 -55.75
CA GLU TE 62 -24.19 -77.71 -55.99
C GLU TE 62 -24.28 -76.98 -57.31
N ALA TE 63 -24.92 -77.59 -58.32
CA ALA TE 63 -25.05 -76.97 -59.63
C ALA TE 63 -26.13 -75.90 -59.63
N ALA TE 64 -27.30 -76.20 -59.10
CA ALA TE 64 -28.38 -75.22 -59.10
C ALA TE 64 -28.08 -74.04 -58.20
N LYS TE 65 -27.32 -74.26 -57.13
CA LYS TE 65 -26.89 -73.17 -56.26
C LYS TE 65 -26.02 -72.17 -57.01
N ARG TE 66 -25.45 -72.58 -58.13
CA ARG TE 66 -24.53 -71.73 -58.88
C ARG TE 66 -25.26 -70.60 -59.59
N ILE TE 67 -26.43 -70.90 -60.16
CA ILE TE 67 -27.14 -69.95 -61.00
C ILE TE 67 -28.50 -69.54 -60.44
N GLY TE 68 -28.97 -70.19 -59.38
CA GLY TE 68 -30.26 -69.86 -58.84
C GLY TE 68 -30.34 -70.06 -57.34
N LYS TE 69 -31.54 -70.16 -56.81
CA LYS TE 69 -31.75 -70.38 -55.38
C LYS TE 69 -32.24 -71.81 -55.19
N VAL TE 70 -31.49 -72.57 -54.38
CA VAL TE 70 -31.94 -73.88 -53.94
C VAL TE 70 -32.64 -73.69 -52.60
N VAL TE 71 -33.93 -74.01 -52.56
CA VAL TE 71 -34.72 -73.77 -51.36
C VAL TE 71 -34.56 -74.90 -50.35
N SER TE 72 -34.65 -76.15 -50.81
CA SER TE 72 -34.56 -77.28 -49.91
C SER TE 72 -34.11 -78.51 -50.66
N SER TE 73 -33.49 -79.44 -49.93
CA SER TE 73 -33.12 -80.74 -50.46
C SER TE 73 -33.31 -81.78 -49.38
N ARG TE 74 -33.54 -83.02 -49.79
CA ARG TE 74 -33.87 -84.05 -48.82
C ARG TE 74 -33.77 -85.42 -49.48
N VAL TE 75 -33.23 -86.38 -48.75
CA VAL TE 75 -33.18 -87.77 -49.18
C VAL TE 75 -34.00 -88.61 -48.21
N ILE TE 76 -34.87 -89.44 -48.74
CA ILE TE 76 -35.68 -90.35 -47.93
C ILE TE 76 -35.18 -91.76 -48.20
N ALA TE 77 -34.63 -92.40 -47.17
CA ALA TE 77 -33.90 -93.65 -47.38
C ALA TE 77 -34.84 -94.80 -47.68
N ARG TE 78 -36.03 -94.81 -47.06
CA ARG TE 78 -37.05 -95.80 -47.37
C ARG TE 78 -38.40 -95.10 -47.35
N PRO TE 79 -38.91 -94.69 -48.51
CA PRO TE 79 -40.23 -94.06 -48.54
C PRO TE 79 -41.31 -95.08 -48.24
N HIS TE 80 -42.31 -94.64 -47.50
CA HIS TE 80 -43.41 -95.52 -47.13
C HIS TE 80 -44.22 -95.89 -48.38
N ASN TE 81 -44.75 -97.11 -48.37
CA ASN TE 81 -45.43 -97.63 -49.56
C ASN TE 81 -46.58 -96.74 -49.98
N ASP TE 82 -47.29 -96.16 -49.01
CA ASP TE 82 -48.41 -95.28 -49.33
C ASP TE 82 -47.97 -94.10 -50.18
N ILE TE 83 -46.80 -93.56 -49.90
CA ILE TE 83 -46.29 -92.39 -50.60
C ILE TE 83 -45.72 -92.81 -51.95
N GLU UE 3 -29.58 -82.87 -79.57
CA GLU UE 3 -29.14 -81.51 -79.87
C GLU UE 3 -29.13 -80.68 -78.61
N ALA UE 4 -28.42 -79.55 -78.65
CA ALA UE 4 -28.26 -78.73 -77.46
C ALA UE 4 -29.58 -78.11 -77.05
N LEU UE 5 -29.56 -77.35 -75.96
CA LEU UE 5 -30.78 -76.81 -75.38
C LEU UE 5 -30.45 -75.51 -74.67
N GLY UE 6 -31.21 -74.47 -74.97
CA GLY UE 6 -30.97 -73.17 -74.36
C GLY UE 6 -32.22 -72.65 -73.68
N LEU UE 7 -32.01 -71.93 -72.58
CA LEU UE 7 -33.11 -71.42 -71.77
C LEU UE 7 -32.86 -69.98 -71.39
N ILE UE 8 -33.90 -69.16 -71.47
CA ILE UE 8 -33.89 -67.81 -70.92
C ILE UE 8 -35.12 -67.67 -70.04
N GLU UE 9 -34.93 -67.09 -68.86
CA GLU UE 9 -36.02 -66.88 -67.92
C GLU UE 9 -36.18 -65.40 -67.65
N THR UE 10 -37.39 -64.89 -67.87
CA THR UE 10 -37.67 -63.47 -67.77
C THR UE 10 -38.88 -63.23 -66.89
N LYS UE 11 -38.93 -62.04 -66.30
CA LYS UE 11 -40.07 -61.61 -65.50
C LYS UE 11 -41.07 -60.90 -66.40
N GLY UE 12 -42.18 -61.54 -66.66
CA GLY UE 12 -43.19 -60.98 -67.55
C GLY UE 12 -43.13 -61.61 -68.93
N LEU UE 13 -44.28 -61.64 -69.60
CA LEU UE 13 -44.35 -62.29 -70.90
C LEU UE 13 -43.80 -61.43 -72.02
N VAL UE 14 -43.94 -60.11 -71.93
CA VAL UE 14 -43.47 -59.25 -73.01
C VAL UE 14 -41.97 -59.40 -73.21
N ALA UE 15 -41.20 -59.37 -72.12
CA ALA UE 15 -39.76 -59.53 -72.23
C ALA UE 15 -39.39 -60.89 -72.79
N CYS UE 16 -40.27 -61.88 -72.64
CA CYS UE 16 -39.97 -63.21 -73.15
C CYS UE 16 -40.22 -63.32 -74.64
N ILE UE 17 -41.15 -62.53 -75.19
CA ILE UE 17 -41.37 -62.58 -76.63
C ILE UE 17 -40.31 -61.78 -77.37
N GLU UE 18 -39.80 -60.71 -76.77
CA GLU UE 18 -38.65 -60.03 -77.34
C GLU UE 18 -37.43 -60.94 -77.33
N ALA UE 19 -37.23 -61.68 -76.24
CA ALA UE 19 -36.10 -62.59 -76.17
C ALA UE 19 -36.22 -63.70 -77.21
N ALA UE 20 -37.42 -64.27 -77.36
CA ALA UE 20 -37.58 -65.36 -78.30
C ALA UE 20 -37.51 -64.89 -79.74
N ASP UE 21 -37.82 -63.62 -79.99
CA ASP UE 21 -37.70 -63.10 -81.35
C ASP UE 21 -36.25 -62.91 -81.74
N ALA UE 22 -35.43 -62.39 -80.82
CA ALA UE 22 -34.01 -62.25 -81.08
C ALA UE 22 -33.35 -63.61 -81.25
N MET UE 23 -33.75 -64.58 -80.43
CA MET UE 23 -33.16 -65.91 -80.51
C MET UE 23 -33.42 -66.55 -81.86
N CYS UE 24 -34.65 -66.43 -82.37
CA CYS UE 24 -35.01 -67.11 -83.61
C CYS UE 24 -34.44 -66.45 -84.85
N LYS UE 25 -34.08 -65.17 -84.76
CA LYS UE 25 -33.46 -64.48 -85.88
C LYS UE 25 -31.94 -64.64 -85.89
N ALA UE 26 -31.35 -64.96 -84.75
CA ALA UE 26 -29.90 -64.95 -84.62
C ALA UE 26 -29.25 -66.17 -85.22
N ALA UE 27 -29.94 -67.30 -85.26
CA ALA UE 27 -29.36 -68.52 -85.78
C ALA UE 27 -30.48 -69.46 -86.19
N ASN UE 28 -30.09 -70.68 -86.59
CA ASN UE 28 -31.04 -71.65 -87.12
C ASN UE 28 -31.42 -72.63 -86.01
N VAL UE 29 -32.27 -72.16 -85.11
CA VAL UE 29 -32.77 -72.95 -84.00
C VAL UE 29 -34.29 -73.00 -84.10
N GLU UE 30 -34.86 -74.11 -83.65
CA GLU UE 30 -36.31 -74.26 -83.60
C GLU UE 30 -36.78 -73.99 -82.19
N LEU UE 31 -37.83 -73.17 -82.07
CA LEU UE 31 -38.34 -72.76 -80.77
C LEU UE 31 -39.36 -73.77 -80.29
N ILE UE 32 -39.17 -74.27 -79.07
CA ILE UE 32 -40.00 -75.33 -78.54
C ILE UE 32 -41.28 -74.79 -77.93
N GLY UE 33 -41.18 -73.85 -77.00
CA GLY UE 33 -42.38 -73.25 -76.44
C GLY UE 33 -42.11 -72.64 -75.10
N TYR UE 34 -43.10 -71.88 -74.64
CA TYR UE 34 -43.02 -71.18 -73.37
C TYR UE 34 -43.49 -72.08 -72.23
N GLU UE 35 -43.16 -71.67 -71.01
CA GLU UE 35 -43.59 -72.40 -69.83
C GLU UE 35 -43.48 -71.45 -68.64
N ASN UE 36 -44.61 -71.03 -68.09
CA ASN UE 36 -44.60 -70.15 -66.92
C ASN UE 36 -44.93 -70.94 -65.67
N VAL UE 37 -44.19 -70.67 -64.61
CA VAL UE 37 -44.26 -71.43 -63.37
C VAL UE 37 -44.87 -70.61 -62.25
N GLY UE 38 -45.40 -69.44 -62.55
CA GLY UE 38 -45.98 -68.57 -61.54
C GLY UE 38 -44.97 -67.58 -60.99
N SER UE 39 -45.51 -66.59 -60.29
CA SER UE 39 -44.75 -65.45 -59.77
C SER UE 39 -44.21 -64.56 -60.87
N GLY UE 40 -44.77 -64.64 -62.06
CA GLY UE 40 -44.36 -63.80 -63.16
C GLY UE 40 -43.18 -64.30 -63.96
N LEU UE 41 -42.70 -65.50 -63.70
CA LEU UE 41 -41.53 -66.04 -64.37
C LEU UE 41 -41.97 -66.83 -65.59
N VAL UE 42 -41.49 -66.42 -66.76
CA VAL UE 42 -41.76 -67.11 -68.02
C VAL UE 42 -40.44 -67.54 -68.63
N THR UE 43 -40.42 -68.71 -69.26
CA THR UE 43 -39.20 -69.30 -69.77
C THR UE 43 -39.41 -69.72 -71.22
N ALA UE 44 -38.44 -69.38 -72.07
CA ALA UE 44 -38.44 -69.79 -73.47
C ALA UE 44 -37.34 -70.82 -73.67
N MET UE 45 -37.61 -71.82 -74.52
CA MET UE 45 -36.69 -72.93 -74.72
C MET UE 45 -36.50 -73.16 -76.20
N VAL UE 46 -35.23 -73.16 -76.64
CA VAL UE 46 -34.89 -73.44 -78.02
C VAL UE 46 -34.01 -74.68 -78.06
N LYS UE 47 -33.82 -75.22 -79.26
CA LYS UE 47 -32.97 -76.39 -79.41
C LYS UE 47 -32.40 -76.43 -80.81
N GLY UE 48 -31.14 -76.85 -80.90
CA GLY UE 48 -30.44 -76.92 -82.17
C GLY UE 48 -29.00 -77.30 -81.90
N ASP UE 49 -28.17 -77.13 -82.92
CA ASP UE 49 -26.75 -77.40 -82.75
C ASP UE 49 -26.15 -76.44 -81.72
N VAL UE 50 -25.04 -76.85 -81.13
CA VAL UE 50 -24.50 -76.13 -79.97
C VAL UE 50 -23.80 -74.83 -80.37
N GLY UE 51 -23.38 -74.69 -81.62
CA GLY UE 51 -22.87 -73.41 -82.07
C GLY UE 51 -23.99 -72.42 -82.34
N ALA UE 52 -25.13 -72.92 -82.80
CA ALA UE 52 -26.28 -72.05 -83.05
C ALA UE 52 -26.96 -71.66 -81.74
N VAL UE 53 -27.16 -72.63 -80.85
CA VAL UE 53 -27.84 -72.35 -79.60
C VAL UE 53 -27.04 -71.40 -78.74
N ASN UE 54 -25.71 -71.52 -78.77
CA ASN UE 54 -24.88 -70.59 -78.02
C ASN UE 54 -25.02 -69.18 -78.54
N ALA UE 55 -25.12 -69.03 -79.85
CA ALA UE 55 -25.25 -67.70 -80.44
C ALA UE 55 -26.62 -67.11 -80.18
N ALA UE 56 -27.66 -67.94 -80.20
CA ALA UE 56 -29.02 -67.46 -80.00
C ALA UE 56 -29.23 -66.98 -78.58
N VAL UE 57 -28.77 -67.75 -77.59
CA VAL UE 57 -29.02 -67.39 -76.20
C VAL UE 57 -28.29 -66.10 -75.84
N ASP UE 58 -27.11 -65.88 -76.40
CA ASP UE 58 -26.37 -64.65 -76.10
C ASP UE 58 -27.09 -63.43 -76.66
N SER UE 59 -27.67 -63.57 -77.85
CA SER UE 59 -28.40 -62.45 -78.44
C SER UE 59 -29.72 -62.23 -77.75
N GLY UE 60 -30.45 -63.31 -77.46
CA GLY UE 60 -31.72 -63.19 -76.77
C GLY UE 60 -31.59 -62.56 -75.40
N VAL UE 61 -30.49 -62.84 -74.70
CA VAL UE 61 -30.31 -62.27 -73.38
C VAL UE 61 -30.11 -60.76 -73.47
N GLU UE 62 -29.37 -60.31 -74.47
CA GLU UE 62 -29.09 -58.88 -74.57
C GLU UE 62 -30.30 -58.08 -75.01
N ALA UE 63 -31.16 -58.67 -75.86
CA ALA UE 63 -32.34 -57.95 -76.30
C ALA UE 63 -33.39 -57.85 -75.20
N ALA UE 64 -33.64 -58.96 -74.50
CA ALA UE 64 -34.61 -58.91 -73.40
C ALA UE 64 -34.10 -58.06 -72.25
N LYS UE 65 -32.78 -58.05 -72.02
CA LYS UE 65 -32.22 -57.20 -70.97
C LYS UE 65 -32.54 -55.73 -71.22
N ARG UE 66 -32.72 -55.35 -72.48
CA ARG UE 66 -32.91 -53.95 -72.82
C ARG UE 66 -34.27 -53.43 -72.37
N ILE UE 67 -35.30 -54.27 -72.36
CA ILE UE 67 -36.67 -53.84 -72.15
C ILE UE 67 -37.31 -54.51 -70.95
N GLY UE 68 -36.60 -55.37 -70.24
CA GLY UE 68 -37.17 -56.04 -69.10
C GLY UE 68 -36.09 -56.57 -68.21
N LYS UE 69 -36.48 -57.50 -67.34
CA LYS UE 69 -35.55 -58.15 -66.43
C LYS UE 69 -35.32 -59.58 -66.90
N VAL UE 70 -34.06 -59.93 -67.14
CA VAL UE 70 -33.67 -61.30 -67.41
C VAL UE 70 -33.21 -61.91 -66.10
N VAL UE 71 -33.86 -63.00 -65.69
CA VAL UE 71 -33.56 -63.62 -64.42
C VAL UE 71 -32.40 -64.60 -64.54
N SER UE 72 -32.37 -65.39 -65.60
CA SER UE 72 -31.41 -66.48 -65.72
C SER UE 72 -31.34 -66.92 -67.17
N SER UE 73 -30.20 -67.47 -67.54
CA SER UE 73 -29.99 -68.05 -68.87
C SER UE 73 -29.03 -69.22 -68.74
N ARG UE 74 -29.08 -70.11 -69.72
CA ARG UE 74 -28.31 -71.35 -69.60
C ARG UE 74 -28.32 -72.09 -70.92
N VAL UE 75 -27.17 -72.65 -71.29
CA VAL UE 75 -27.06 -73.56 -72.42
C VAL UE 75 -26.64 -74.92 -71.88
N ILE UE 76 -27.31 -75.97 -72.36
CA ILE UE 76 -27.00 -77.34 -71.99
C ILE UE 76 -26.53 -78.04 -73.27
N ALA UE 77 -25.24 -78.33 -73.34
CA ALA UE 77 -24.65 -78.79 -74.59
C ALA UE 77 -25.08 -80.21 -74.91
N ARG UE 78 -24.89 -81.14 -73.97
CA ARG UE 78 -25.36 -82.51 -74.16
C ARG UE 78 -26.40 -82.82 -73.10
N PRO UE 79 -27.69 -82.63 -73.39
CA PRO UE 79 -28.71 -82.93 -72.40
C PRO UE 79 -28.94 -84.43 -72.29
N HIS UE 80 -29.23 -84.86 -71.06
CA HIS UE 80 -29.46 -86.27 -70.82
C HIS UE 80 -30.78 -86.72 -71.45
N ASN UE 81 -30.84 -88.01 -71.80
CA ASN UE 81 -32.01 -88.51 -72.50
C ASN UE 81 -33.24 -88.56 -71.59
N ASP UE 82 -33.03 -88.67 -70.27
CA ASP UE 82 -34.14 -88.58 -69.35
C ASP UE 82 -34.74 -87.18 -69.34
N ILE UE 83 -33.95 -86.17 -69.67
CA ILE UE 83 -34.42 -84.80 -69.71
C ILE UE 83 -35.09 -84.54 -71.05
N GLU VE 3 -10.03 -80.44 -85.97
CA GLU VE 3 -11.02 -79.95 -85.03
C GLU VE 3 -10.36 -79.18 -83.91
N ALA VE 4 -11.16 -78.49 -83.11
CA ALA VE 4 -10.63 -77.59 -82.10
C ALA VE 4 -9.87 -78.37 -81.03
N LEU VE 5 -9.23 -77.63 -80.14
CA LEU VE 5 -8.37 -78.22 -79.13
C LEU VE 5 -8.52 -77.44 -77.83
N GLY VE 6 -8.81 -78.15 -76.75
CA GLY VE 6 -8.99 -77.48 -75.47
C GLY VE 6 -8.06 -78.02 -74.39
N LEU VE 7 -7.44 -77.12 -73.64
CA LEU VE 7 -6.43 -77.47 -72.66
C LEU VE 7 -6.76 -76.89 -71.30
N ILE VE 8 -6.53 -77.68 -70.25
CA ILE VE 8 -6.61 -77.21 -68.87
C ILE VE 8 -5.35 -77.68 -68.16
N GLU VE 9 -4.79 -76.81 -67.33
CA GLU VE 9 -3.57 -77.11 -66.61
C GLU VE 9 -3.79 -76.86 -65.13
N THR VE 10 -3.47 -77.85 -64.31
CA THR VE 10 -3.72 -77.81 -62.87
C THR VE 10 -2.48 -78.24 -62.11
N LYS VE 11 -2.48 -77.94 -60.82
CA LYS VE 11 -1.46 -78.45 -59.92
C LYS VE 11 -1.98 -79.74 -59.29
N GLY VE 12 -1.30 -80.84 -59.56
CA GLY VE 12 -1.75 -82.08 -58.95
C GLY VE 12 -2.66 -82.87 -59.86
N LEU VE 13 -2.68 -84.18 -59.64
CA LEU VE 13 -3.43 -85.07 -60.52
C LEU VE 13 -4.91 -85.12 -60.18
N VAL VE 14 -5.28 -84.90 -58.92
CA VAL VE 14 -6.67 -85.04 -58.54
C VAL VE 14 -7.51 -83.94 -59.17
N ALA VE 15 -7.04 -82.70 -59.14
CA ALA VE 15 -7.77 -81.62 -59.78
C ALA VE 15 -7.87 -81.81 -61.28
N CYS VE 16 -6.99 -82.60 -61.87
CA CYS VE 16 -7.05 -82.82 -63.32
C CYS VE 16 -7.98 -83.96 -63.69
N ILE VE 17 -8.17 -84.94 -62.81
CA ILE VE 17 -9.15 -85.98 -63.11
C ILE VE 17 -10.55 -85.45 -62.92
N GLU VE 18 -10.73 -84.47 -62.04
CA GLU VE 18 -12.05 -83.85 -61.90
C GLU VE 18 -12.34 -82.95 -63.08
N ALA VE 19 -11.34 -82.21 -63.56
CA ALA VE 19 -11.53 -81.41 -64.76
C ALA VE 19 -11.82 -82.28 -65.98
N ALA VE 20 -11.10 -83.40 -66.11
CA ALA VE 20 -11.31 -84.26 -67.26
C ALA VE 20 -12.65 -84.97 -67.21
N ASP VE 21 -13.15 -85.24 -66.00
CA ASP VE 21 -14.46 -85.89 -65.88
C ASP VE 21 -15.57 -84.92 -66.22
N ALA VE 22 -15.48 -83.69 -65.72
CA ALA VE 22 -16.51 -82.70 -66.01
C ALA VE 22 -16.52 -82.34 -67.49
N MET VE 23 -15.35 -82.21 -68.10
CA MET VE 23 -15.28 -81.89 -69.52
C MET VE 23 -15.96 -82.94 -70.36
N CYS VE 24 -15.71 -84.21 -70.07
CA CYS VE 24 -16.27 -85.27 -70.89
C CYS VE 24 -17.77 -85.45 -70.69
N LYS VE 25 -18.30 -84.99 -69.57
CA LYS VE 25 -19.74 -85.11 -69.33
C LYS VE 25 -20.51 -83.99 -70.00
N ALA VE 26 -19.95 -82.80 -70.06
CA ALA VE 26 -20.69 -81.59 -70.37
C ALA VE 26 -20.67 -81.22 -71.85
N ALA VE 27 -20.17 -82.09 -72.72
CA ALA VE 27 -20.17 -81.82 -74.15
C ALA VE 27 -19.71 -83.07 -74.87
N ASN VE 28 -19.89 -83.07 -76.19
CA ASN VE 28 -19.48 -84.20 -77.02
C ASN VE 28 -18.06 -83.99 -77.50
N VAL VE 29 -17.11 -84.35 -76.63
CA VAL VE 29 -15.69 -84.18 -76.90
C VAL VE 29 -15.00 -85.52 -76.69
N GLU VE 30 -13.78 -85.61 -77.21
CA GLU VE 30 -12.94 -86.80 -77.06
C GLU VE 30 -11.73 -86.44 -76.22
N LEU VE 31 -11.45 -87.25 -75.21
CA LEU VE 31 -10.29 -87.02 -74.37
C LEU VE 31 -9.06 -87.65 -75.02
N ILE VE 32 -8.02 -86.84 -75.21
CA ILE VE 32 -6.78 -87.32 -75.83
C ILE VE 32 -5.86 -87.93 -74.79
N GLY VE 33 -5.64 -87.25 -73.68
CA GLY VE 33 -4.84 -87.82 -72.61
C GLY VE 33 -4.25 -86.75 -71.73
N TYR VE 34 -3.50 -87.20 -70.75
CA TYR VE 34 -2.79 -86.33 -69.82
C TYR VE 34 -1.33 -86.23 -70.22
N GLU VE 35 -0.68 -85.15 -69.77
CA GLU VE 35 0.73 -84.95 -70.07
C GLU VE 35 1.29 -84.03 -68.99
N ASN VE 36 2.03 -84.60 -68.06
CA ASN VE 36 2.64 -83.83 -66.98
C ASN VE 36 4.08 -83.50 -67.30
N VAL VE 37 4.57 -82.40 -66.74
CA VAL VE 37 5.91 -81.89 -67.04
C VAL VE 37 6.67 -81.64 -65.74
N GLY VE 38 6.34 -82.37 -64.69
CA GLY VE 38 6.99 -82.17 -63.41
C GLY VE 38 6.53 -80.88 -62.76
N SER VE 39 7.00 -80.68 -61.52
CA SER VE 39 6.55 -79.62 -60.63
C SER VE 39 5.08 -79.74 -60.28
N GLY VE 40 4.47 -80.89 -60.54
CA GLY VE 40 3.07 -81.08 -60.21
C GLY VE 40 2.10 -80.54 -61.23
N LEU VE 41 2.57 -79.96 -62.32
CA LEU VE 41 1.68 -79.47 -63.36
C LEU VE 41 1.23 -80.63 -64.24
N VAL VE 42 -0.08 -80.82 -64.33
CA VAL VE 42 -0.67 -81.85 -65.18
C VAL VE 42 -1.66 -81.15 -66.12
N THR VE 43 -1.73 -81.63 -67.36
CA THR VE 43 -2.53 -80.99 -68.39
C THR VE 43 -3.44 -82.01 -69.06
N ALA VE 44 -4.70 -81.63 -69.25
CA ALA VE 44 -5.67 -82.46 -69.95
C ALA VE 44 -5.96 -81.85 -71.32
N MET VE 45 -6.12 -82.70 -72.32
CA MET VE 45 -6.36 -82.26 -73.70
C MET VE 45 -7.61 -82.94 -74.23
N VAL VE 46 -8.61 -82.14 -74.59
CA VAL VE 46 -9.82 -82.63 -75.24
C VAL VE 46 -9.83 -82.15 -76.68
N LYS VE 47 -10.67 -82.78 -77.50
CA LYS VE 47 -10.68 -82.51 -78.92
C LYS VE 47 -12.09 -82.71 -79.46
N GLY VE 48 -12.58 -81.74 -80.21
CA GLY VE 48 -13.91 -81.84 -80.79
C GLY VE 48 -14.23 -80.60 -81.58
N ASP VE 49 -15.51 -80.44 -81.93
CA ASP VE 49 -15.94 -79.25 -82.63
C ASP VE 49 -15.77 -78.02 -81.74
N VAL VE 50 -15.71 -76.85 -82.38
CA VAL VE 50 -15.35 -75.63 -81.67
C VAL VE 50 -16.37 -75.29 -80.61
N GLY VE 51 -17.66 -75.43 -80.93
CA GLY VE 51 -18.69 -75.08 -79.97
C GLY VE 51 -18.70 -76.03 -78.78
N ALA VE 52 -18.56 -77.32 -79.05
CA ALA VE 52 -18.50 -78.30 -77.97
C ALA VE 52 -17.26 -78.07 -77.10
N VAL VE 53 -16.09 -77.99 -77.73
CA VAL VE 53 -14.84 -77.83 -76.99
C VAL VE 53 -14.87 -76.56 -76.17
N ASN VE 54 -15.44 -75.49 -76.71
CA ASN VE 54 -15.58 -74.27 -75.93
C ASN VE 54 -16.35 -74.55 -74.65
N ALA VE 55 -17.55 -75.12 -74.76
CA ALA VE 55 -18.39 -75.40 -73.61
C ALA VE 55 -17.70 -76.33 -72.62
N ALA VE 56 -17.00 -77.34 -73.11
CA ALA VE 56 -16.34 -78.30 -72.22
C ALA VE 56 -15.32 -77.59 -71.34
N VAL VE 57 -14.49 -76.74 -71.93
CA VAL VE 57 -13.41 -76.11 -71.17
C VAL VE 57 -13.98 -75.21 -70.09
N ASP VE 58 -15.10 -74.53 -70.36
CA ASP VE 58 -15.71 -73.68 -69.34
C ASP VE 58 -16.18 -74.50 -68.15
N SER VE 59 -16.82 -75.64 -68.42
CA SER VE 59 -17.30 -76.49 -67.34
C SER VE 59 -16.15 -77.16 -66.62
N GLY VE 60 -15.16 -77.65 -67.35
CA GLY VE 60 -14.03 -78.33 -66.72
C GLY VE 60 -13.23 -77.43 -65.80
N VAL VE 61 -13.07 -76.17 -66.17
CA VAL VE 61 -12.35 -75.25 -65.30
C VAL VE 61 -13.16 -74.95 -64.07
N GLU VE 62 -14.48 -74.92 -64.19
CA GLU VE 62 -15.33 -74.58 -63.06
C GLU VE 62 -15.35 -75.69 -62.03
N ALA VE 63 -15.31 -76.95 -62.46
CA ALA VE 63 -15.26 -78.06 -61.52
C ALA VE 63 -13.88 -78.19 -60.88
N ALA VE 64 -12.82 -78.03 -61.67
CA ALA VE 64 -11.48 -78.22 -61.14
C ALA VE 64 -11.08 -77.12 -60.18
N LYS VE 65 -11.42 -75.87 -60.51
CA LYS VE 65 -11.11 -74.75 -59.64
C LYS VE 65 -11.73 -74.91 -58.26
N ARG VE 66 -12.71 -75.80 -58.13
CA ARG VE 66 -13.49 -75.91 -56.92
C ARG VE 66 -12.75 -76.69 -55.84
N ILE VE 67 -11.88 -77.61 -56.24
CA ILE VE 67 -11.13 -78.43 -55.28
C ILE VE 67 -9.63 -78.20 -55.36
N GLY VE 68 -9.12 -77.63 -56.43
CA GLY VE 68 -7.69 -77.44 -56.56
C GLY VE 68 -7.36 -76.16 -57.28
N LYS VE 69 -6.22 -76.11 -57.94
CA LYS VE 69 -5.77 -74.89 -58.60
C LYS VE 69 -5.73 -75.11 -60.11
N VAL VE 70 -6.44 -74.26 -60.83
CA VAL VE 70 -6.39 -74.25 -62.29
C VAL VE 70 -5.38 -73.21 -62.71
N VAL VE 71 -4.30 -73.65 -63.35
CA VAL VE 71 -3.22 -72.74 -63.69
C VAL VE 71 -3.53 -71.97 -64.95
N SER VE 72 -4.03 -72.65 -65.97
CA SER VE 72 -4.32 -72.00 -67.24
C SER VE 72 -5.30 -72.84 -68.03
N SER VE 73 -6.08 -72.18 -68.89
CA SER VE 73 -6.98 -72.85 -69.81
C SER VE 73 -6.94 -72.11 -71.14
N ARG VE 74 -7.29 -72.81 -72.21
CA ARG VE 74 -7.11 -72.27 -73.54
C ARG VE 74 -7.84 -73.13 -74.54
N VAL VE 75 -8.44 -72.50 -75.55
CA VAL VE 75 -9.06 -73.19 -76.67
C VAL VE 75 -8.42 -72.71 -77.96
N ILE VE 76 -7.92 -73.65 -78.76
CA ILE VE 76 -7.40 -73.35 -80.08
C ILE VE 76 -8.44 -73.80 -81.08
N ALA VE 77 -9.04 -72.85 -81.80
CA ALA VE 77 -10.16 -73.17 -82.67
C ALA VE 77 -9.73 -73.99 -83.87
N ARG VE 78 -8.50 -73.80 -84.34
CA ARG VE 78 -7.99 -74.55 -85.48
C ARG VE 78 -6.48 -74.64 -85.37
N PRO VE 79 -5.97 -75.73 -84.81
CA PRO VE 79 -4.53 -75.85 -84.64
C PRO VE 79 -3.84 -76.14 -85.96
N HIS VE 80 -2.58 -75.71 -86.05
CA HIS VE 80 -1.76 -76.06 -87.18
C HIS VE 80 -1.51 -77.56 -87.20
N ASN VE 81 -1.29 -78.10 -88.39
CA ASN VE 81 -1.05 -79.54 -88.51
C ASN VE 81 0.21 -79.97 -87.78
N ASP VE 82 1.20 -79.08 -87.68
CA ASP VE 82 2.40 -79.40 -86.92
C ASP VE 82 2.09 -79.60 -85.45
N ILE VE 83 1.13 -78.83 -84.91
CA ILE VE 83 0.75 -78.96 -83.51
C ILE VE 83 0.14 -80.33 -83.24
N GLU VE 84 -0.45 -80.97 -84.24
CA GLU VE 84 -0.98 -82.32 -84.03
C GLU VE 84 0.08 -83.38 -84.31
N LYS VE 85 1.27 -83.13 -83.76
CA LYS VE 85 2.33 -84.11 -83.60
C LYS VE 85 3.02 -83.96 -82.26
N ILE VE 86 2.74 -82.88 -81.54
CA ILE VE 86 3.24 -82.68 -80.18
C ILE VE 86 2.25 -83.22 -79.17
N ALA VE 87 0.97 -82.94 -79.38
CA ALA VE 87 -0.06 -83.49 -78.50
C ALA VE 87 -0.17 -85.00 -78.66
N GLY VE 88 -0.53 -85.45 -79.85
CA GLY VE 88 -0.62 -86.88 -80.13
C GLY VE 88 0.68 -87.47 -80.59
N MET WE 1 16.72 73.77 -79.10
CA MET WE 1 15.93 74.98 -79.01
C MET WE 1 16.16 75.85 -80.21
N ILE WE 2 15.27 76.82 -80.42
CA ILE WE 2 15.42 77.82 -81.46
C ILE WE 2 15.01 79.17 -80.90
N LEU WE 3 15.66 80.23 -81.39
CA LEU WE 3 15.21 81.58 -81.08
C LEU WE 3 13.98 81.92 -81.88
N ALA WE 4 12.96 82.43 -81.22
CA ALA WE 4 11.72 82.76 -81.87
C ALA WE 4 11.08 83.93 -81.17
N LYS WE 5 10.06 84.49 -81.80
CA LYS WE 5 9.35 85.65 -81.29
C LYS WE 5 7.87 85.36 -81.26
N VAL WE 6 7.22 85.68 -80.14
CA VAL WE 6 5.78 85.47 -80.04
C VAL WE 6 5.07 86.51 -80.89
N THR WE 7 4.20 86.04 -81.78
CA THR WE 7 3.53 86.91 -82.73
C THR WE 7 2.01 86.83 -82.69
N GLY WE 8 1.44 86.07 -81.75
CA GLY WE 8 -0.01 85.97 -81.68
C GLY WE 8 -0.41 84.89 -80.70
N HIS WE 9 -1.65 84.44 -80.83
CA HIS WE 9 -2.15 83.34 -80.01
C HIS WE 9 -3.29 82.66 -80.76
N VAL WE 10 -3.66 81.49 -80.27
CA VAL WE 10 -4.68 80.65 -80.89
C VAL WE 10 -5.72 80.30 -79.83
N VAL WE 11 -6.99 80.46 -80.17
CA VAL WE 11 -8.10 80.13 -79.29
C VAL WE 11 -8.77 78.89 -79.83
N ALA WE 12 -8.64 77.78 -79.11
CA ALA WE 12 -9.20 76.51 -79.52
C ALA WE 12 -10.08 75.97 -78.40
N THR WE 13 -11.35 75.71 -78.70
CA THR WE 13 -12.30 75.24 -77.70
C THR WE 13 -12.42 73.72 -77.69
N GLN WE 14 -12.58 73.11 -78.84
CA GLN WE 14 -12.69 71.66 -78.96
C GLN WE 14 -11.28 71.10 -79.12
N LYS WE 15 -10.75 70.52 -78.05
CA LYS WE 15 -9.39 70.01 -78.08
C LYS WE 15 -9.24 68.88 -77.08
N CYS WE 16 -8.08 68.23 -77.12
CA CYS WE 16 -7.84 67.09 -76.26
C CYS WE 16 -7.73 67.54 -74.80
N ASP WE 17 -7.51 66.57 -73.93
CA ASP WE 17 -7.42 66.84 -72.50
C ASP WE 17 -6.00 67.09 -72.03
N GLU WE 18 -5.00 66.63 -72.78
CA GLU WE 18 -3.62 66.92 -72.44
C GLU WE 18 -3.28 68.39 -72.62
N LEU WE 19 -4.19 69.18 -73.18
CA LEU WE 19 -3.96 70.59 -73.44
C LEU WE 19 -4.86 71.52 -72.65
N ARG WE 20 -5.63 71.00 -71.69
CA ARG WE 20 -6.56 71.84 -70.94
C ARG WE 20 -5.80 72.77 -70.00
N GLY WE 21 -6.15 74.04 -70.03
CA GLY WE 21 -5.56 75.00 -69.12
C GLY WE 21 -4.14 75.38 -69.47
N SER WE 22 -3.91 75.82 -70.70
CA SER WE 22 -2.60 76.22 -71.14
C SER WE 22 -2.75 77.21 -72.28
N ASN WE 23 -1.73 78.03 -72.48
CA ASN WE 23 -1.73 79.01 -73.54
C ASN WE 23 -1.25 78.36 -74.83
N LEU WE 24 -1.65 78.93 -75.96
CA LEU WE 24 -1.21 78.44 -77.27
C LEU WE 24 -0.76 79.64 -78.09
N LEU WE 25 0.55 79.83 -78.18
CA LEU WE 25 1.13 81.01 -78.82
C LEU WE 25 1.62 80.68 -80.22
N LEU WE 26 1.53 81.66 -81.11
CA LEU WE 26 2.16 81.57 -82.41
C LEU WE 26 3.60 82.00 -82.26
N ILE WE 27 4.51 81.19 -82.79
CA ILE WE 27 5.94 81.30 -82.51
C ILE WE 27 6.64 81.35 -83.85
N THR WE 28 7.23 82.50 -84.17
CA THR WE 28 7.87 82.69 -85.47
C THR WE 28 9.38 82.66 -85.32
N ARG WE 29 10.03 81.79 -86.07
CA ARG WE 29 11.48 81.71 -86.03
C ARG WE 29 12.10 82.94 -86.67
N LEU WE 30 13.09 83.53 -86.00
CA LEU WE 30 13.71 84.75 -86.46
C LEU WE 30 15.15 84.52 -86.88
N ASP WE 31 15.60 85.29 -87.87
CA ASP WE 31 16.88 85.05 -88.53
C ASP WE 31 18.04 85.71 -87.80
N ASP WE 32 19.23 85.74 -88.42
CA ASP WE 32 20.44 86.20 -87.74
C ASP WE 32 20.53 87.72 -87.60
N LYS WE 33 19.48 88.45 -87.97
CA LYS WE 33 19.39 89.87 -87.66
C LYS WE 33 18.31 90.14 -86.63
N GLN WE 34 17.85 89.10 -85.93
CA GLN WE 34 16.73 89.18 -85.01
C GLN WE 34 15.50 89.77 -85.70
N GLN WE 35 15.09 89.10 -86.78
CA GLN WE 35 13.97 89.54 -87.60
C GLN WE 35 13.19 88.29 -88.01
N PRO WE 36 11.87 88.29 -87.86
CA PRO WE 36 11.09 87.09 -88.18
C PRO WE 36 11.21 86.70 -89.65
N MET WE 37 11.13 85.40 -89.90
CA MET WE 37 11.20 84.85 -91.24
C MET WE 37 9.80 84.65 -91.80
N LYS WE 38 9.73 84.09 -93.01
CA LYS WE 38 8.48 83.85 -93.70
C LYS WE 38 8.16 82.36 -93.67
N ASP WE 39 6.91 82.03 -93.38
CA ASP WE 39 6.43 80.65 -93.38
C ASP WE 39 7.21 79.79 -92.39
N GLN WE 40 7.37 80.31 -91.17
CA GLN WE 40 8.15 79.61 -90.15
C GLN WE 40 7.45 79.69 -88.80
N THR WE 41 6.15 79.47 -88.77
CA THR WE 41 5.35 79.65 -87.57
C THR WE 41 4.88 78.30 -87.03
N TRP WE 42 5.07 78.10 -85.73
CA TRP WE 42 4.57 76.94 -85.02
C TRP WE 42 3.68 77.40 -83.89
N VAL WE 43 2.97 76.46 -83.29
CA VAL WE 43 2.12 76.72 -82.15
C VAL WE 43 2.76 76.07 -80.92
N ALA WE 44 3.01 76.86 -79.90
CA ALA WE 44 3.74 76.40 -78.74
C ALA WE 44 2.90 76.59 -77.49
N VAL WE 45 2.94 75.59 -76.60
CA VAL WE 45 2.26 75.67 -75.32
C VAL WE 45 3.14 76.47 -74.37
N ASP WE 46 2.73 77.69 -74.07
CA ASP WE 46 3.50 78.53 -73.15
C ASP WE 46 3.68 77.82 -71.83
N ASN WE 47 4.84 78.03 -71.21
CA ASN WE 47 5.16 77.36 -69.96
C ASN WE 47 5.76 78.26 -68.91
N VAL WE 48 6.27 79.45 -69.25
CA VAL WE 48 6.90 80.35 -68.31
C VAL WE 48 6.25 81.72 -68.27
N GLY WE 49 5.21 81.96 -69.08
CA GLY WE 49 4.53 83.23 -69.03
C GLY WE 49 5.06 84.26 -70.00
N ALA WE 50 5.09 83.90 -71.28
CA ALA WE 50 5.51 84.82 -72.33
C ALA WE 50 4.29 85.45 -72.99
N GLY WE 51 4.46 86.68 -73.47
CA GLY WE 51 3.39 87.38 -74.12
C GLY WE 51 3.81 87.90 -75.48
N MET WE 52 3.07 88.86 -76.03
CA MET WE 52 3.37 89.31 -77.38
C MET WE 52 4.71 90.03 -77.44
N HIS WE 53 5.35 89.92 -78.61
CA HIS WE 53 6.57 90.65 -78.96
C HIS WE 53 7.79 90.18 -78.19
N ASP WE 54 7.68 89.15 -77.37
CA ASP WE 54 8.80 88.71 -76.54
C ASP WE 54 9.62 87.67 -77.27
N ILE WE 55 10.94 87.78 -77.19
CA ILE WE 55 11.83 86.79 -77.79
C ILE WE 55 11.99 85.63 -76.83
N VAL WE 56 11.61 84.44 -77.27
CA VAL WE 56 11.57 83.28 -76.40
C VAL WE 56 12.44 82.17 -76.97
N LEU WE 57 12.49 81.04 -76.28
CA LEU WE 57 13.36 79.93 -76.61
C LEU WE 57 12.49 78.69 -76.69
N ALA WE 58 11.99 78.37 -77.89
CA ALA WE 58 11.01 77.32 -78.07
C ALA WE 58 11.70 75.98 -78.25
N GLU WE 59 11.26 74.99 -77.49
CA GLU WE 59 11.88 73.67 -77.49
C GLU WE 59 11.00 72.69 -78.25
N GLU WE 60 11.63 71.66 -78.80
CA GLU WE 60 10.95 70.67 -79.62
C GLU WE 60 10.29 69.63 -78.74
N TYR WE 61 9.95 68.48 -79.34
CA TYR WE 61 8.89 67.59 -78.89
C TYR WE 61 8.72 67.47 -77.39
N PHE WE 62 9.70 66.93 -76.68
CA PHE WE 62 9.47 66.44 -75.33
C PHE WE 62 9.79 67.51 -74.30
N ALA WE 63 8.76 68.06 -73.67
CA ALA WE 63 8.91 68.93 -72.52
C ALA WE 63 7.84 68.69 -71.46
N LEU WE 64 7.19 67.52 -71.49
CA LEU WE 64 6.18 67.14 -70.49
C LEU WE 64 5.04 68.15 -70.43
N ASN WE 65 4.32 68.27 -71.55
CA ASN WE 65 3.23 69.23 -71.64
C ASN WE 65 2.04 68.67 -72.43
N TYR WE 69 3.74 62.76 -72.87
CA TYR WE 69 3.51 64.17 -73.17
C TYR WE 69 4.65 64.74 -74.00
N LYS WE 70 4.33 65.20 -75.22
CA LYS WE 70 5.35 65.65 -76.14
C LYS WE 70 4.98 66.94 -76.87
N ALA WE 71 4.32 67.88 -76.21
CA ALA WE 71 3.96 69.12 -76.89
C ALA WE 71 5.15 70.07 -76.95
N MET WE 72 5.20 70.84 -78.03
CA MET WE 72 6.25 71.83 -78.26
C MET WE 72 5.96 73.03 -77.38
N SER WE 73 6.84 73.32 -76.44
CA SER WE 73 6.60 74.36 -75.47
C SER WE 73 7.71 75.39 -75.46
N VAL WE 74 7.44 76.51 -74.80
CA VAL WE 74 8.42 77.57 -74.57
C VAL WE 74 9.05 77.34 -73.21
N VAL WE 75 10.37 77.40 -73.14
CA VAL WE 75 11.10 77.02 -71.94
C VAL WE 75 11.97 78.13 -71.37
N ALA WE 76 12.03 79.29 -72.03
CA ALA WE 76 12.89 80.35 -71.54
C ALA WE 76 12.54 81.65 -72.23
N ILE WE 77 12.59 82.75 -71.48
CA ILE WE 77 12.46 84.10 -72.03
C ILE WE 77 13.84 84.72 -72.06
N VAL WE 78 14.23 85.22 -73.22
CA VAL WE 78 15.62 85.58 -73.48
C VAL WE 78 15.83 87.05 -73.18
N GLU WE 79 16.87 87.35 -72.39
CA GLU WE 79 17.25 88.71 -72.06
C GLU WE 79 18.20 89.30 -73.10
N LYS WE 80 19.33 88.65 -73.32
CA LYS WE 80 20.37 89.13 -74.21
C LYS WE 80 20.81 88.03 -75.17
N VAL WE 81 21.02 88.40 -76.43
CA VAL WE 81 21.55 87.49 -77.44
C VAL WE 81 22.84 88.13 -77.94
N PHE WE 82 23.96 87.72 -77.36
CA PHE WE 82 25.26 88.20 -77.80
C PHE WE 82 25.72 87.34 -78.97
N ARG WE 83 26.01 87.97 -80.10
CA ARG WE 83 26.28 87.23 -81.34
C ARG WE 83 27.31 88.00 -82.16
N ASP WE 84 28.49 87.42 -82.33
CA ASP WE 84 29.47 87.97 -83.24
C ASP WE 84 30.55 86.93 -83.56
N GLU XE 3 -44.20 95.83 -52.79
CA GLU XE 3 -43.81 94.51 -53.27
C GLU XE 3 -42.99 93.78 -52.21
N ALA XE 4 -42.84 92.48 -52.37
CA ALA XE 4 -42.14 91.67 -51.40
C ALA XE 4 -40.64 91.93 -51.48
N LEU XE 5 -39.87 91.16 -50.71
CA LEU XE 5 -38.44 91.36 -50.62
C LEU XE 5 -37.75 90.04 -50.36
N GLY XE 6 -36.72 89.73 -51.13
CA GLY XE 6 -36.01 88.47 -51.00
C GLY XE 6 -34.53 88.69 -50.78
N LEU XE 7 -33.94 87.85 -49.93
CA LEU XE 7 -32.57 88.04 -49.47
C LEU XE 7 -31.84 86.72 -49.48
N ILE XE 8 -30.63 86.72 -50.03
CA ILE XE 8 -29.71 85.59 -49.94
C ILE XE 8 -28.38 86.12 -49.44
N GLU XE 9 -27.73 85.35 -48.58
CA GLU XE 9 -26.43 85.71 -48.02
C GLU XE 9 -25.46 84.57 -48.23
N THR XE 10 -24.28 84.89 -48.76
CA THR XE 10 -23.29 83.88 -49.09
C THR XE 10 -21.92 84.30 -48.59
N LYS XE 11 -21.01 83.34 -48.54
CA LYS XE 11 -19.61 83.60 -48.25
C LYS XE 11 -18.86 83.74 -49.57
N GLY XE 12 -18.29 84.90 -49.80
CA GLY XE 12 -17.58 85.12 -51.04
C GLY XE 12 -18.44 85.81 -52.07
N LEU XE 13 -17.79 86.53 -52.98
CA LEU XE 13 -18.53 87.31 -53.97
C LEU XE 13 -18.97 86.47 -55.14
N VAL XE 14 -18.20 85.44 -55.51
CA VAL XE 14 -18.55 84.65 -56.68
C VAL XE 14 -19.87 83.93 -56.46
N ALA XE 15 -20.01 83.27 -55.31
CA ALA XE 15 -21.25 82.54 -55.05
C ALA XE 15 -22.45 83.46 -55.03
N CYS XE 16 -22.24 84.75 -54.77
CA CYS XE 16 -23.36 85.68 -54.74
C CYS XE 16 -23.76 86.13 -56.13
N ILE XE 17 -22.80 86.30 -57.04
CA ILE XE 17 -23.15 86.71 -58.39
C ILE XE 17 -23.85 85.58 -59.13
N GLU XE 18 -23.45 84.34 -58.84
CA GLU XE 18 -24.18 83.20 -59.39
C GLU XE 18 -25.61 83.19 -58.88
N ALA XE 19 -25.80 83.42 -57.58
CA ALA XE 19 -27.14 83.44 -57.00
C ALA XE 19 -27.98 84.55 -57.59
N ALA XE 20 -27.41 85.74 -57.72
CA ALA XE 20 -28.19 86.88 -58.21
C ALA XE 20 -28.52 86.74 -59.69
N ASP XE 21 -27.75 85.94 -60.42
CA ASP XE 21 -28.08 85.72 -61.82
C ASP XE 21 -29.20 84.69 -61.95
N ALA XE 22 -29.15 83.63 -61.16
CA ALA XE 22 -30.22 82.64 -61.18
C ALA XE 22 -31.55 83.25 -60.74
N MET XE 23 -31.52 84.11 -59.73
CA MET XE 23 -32.74 84.76 -59.29
C MET XE 23 -33.36 85.58 -60.40
N CYS XE 24 -32.55 86.38 -61.10
CA CYS XE 24 -33.09 87.26 -62.12
C CYS XE 24 -33.63 86.50 -63.31
N LYS XE 25 -33.10 85.31 -63.59
CA LYS XE 25 -33.58 84.53 -64.73
C LYS XE 25 -34.82 83.73 -64.40
N ALA XE 26 -34.95 83.30 -63.15
CA ALA XE 26 -35.97 82.31 -62.79
C ALA XE 26 -37.35 82.90 -62.57
N ALA XE 27 -37.50 84.20 -62.46
CA ALA XE 27 -38.81 84.79 -62.24
C ALA XE 27 -38.74 86.28 -62.54
N ASN XE 28 -39.89 86.93 -62.53
CA ASN XE 28 -39.98 88.35 -62.84
C ASN XE 28 -39.72 89.16 -61.57
N VAL XE 29 -38.45 89.29 -61.22
CA VAL XE 29 -38.01 90.06 -60.06
C VAL XE 29 -36.91 91.01 -60.52
N GLU XE 30 -36.77 92.11 -59.79
CA GLU XE 30 -35.78 93.14 -60.10
C GLU XE 30 -34.73 93.19 -59.02
N LEU XE 31 -33.47 93.33 -59.43
CA LEU XE 31 -32.34 93.30 -58.50
C LEU XE 31 -32.14 94.67 -57.88
N ILE XE 32 -32.14 94.73 -56.55
CA ILE XE 32 -31.95 96.00 -55.86
C ILE XE 32 -30.49 96.37 -55.76
N GLY XE 33 -29.66 95.47 -55.24
CA GLY XE 33 -28.25 95.73 -55.16
C GLY XE 33 -27.56 94.73 -54.28
N TYR XE 34 -26.24 94.89 -54.18
CA TYR XE 34 -25.41 94.09 -53.28
C TYR XE 34 -25.04 94.92 -52.06
N GLU XE 35 -24.64 94.22 -50.99
CA GLU XE 35 -24.21 94.89 -49.78
C GLU XE 35 -23.39 93.89 -48.97
N ASN XE 36 -22.08 94.09 -48.89
CA ASN XE 36 -21.24 93.25 -48.05
C ASN XE 36 -20.97 93.94 -46.72
N VAL XE 37 -21.08 93.17 -45.64
CA VAL XE 37 -20.88 93.67 -44.29
C VAL XE 37 -19.70 92.90 -43.71
N GLY XE 38 -18.49 93.42 -43.92
CA GLY XE 38 -17.35 92.83 -43.27
C GLY XE 38 -17.01 91.45 -43.79
N SER XE 39 -16.84 90.52 -42.87
CA SER XE 39 -16.04 89.33 -43.12
C SER XE 39 -16.70 88.39 -44.13
N GLY XE 40 -16.29 88.52 -45.38
CA GLY XE 40 -16.70 87.64 -46.47
C GLY XE 40 -18.17 87.36 -46.59
N LEU XE 41 -19.03 88.32 -46.31
CA LEU XE 41 -20.47 88.12 -46.37
C LEU XE 41 -21.07 89.12 -47.33
N VAL XE 42 -21.56 88.63 -48.46
CA VAL XE 42 -22.24 89.46 -49.45
C VAL XE 42 -23.69 89.06 -49.50
N THR XE 43 -24.57 90.03 -49.70
CA THR XE 43 -26.02 89.81 -49.70
C THR XE 43 -26.61 90.47 -50.93
N ALA XE 44 -27.46 89.75 -51.64
CA ALA XE 44 -28.21 90.27 -52.78
C ALA XE 44 -29.68 90.42 -52.41
N MET XE 45 -30.30 91.48 -52.90
CA MET XE 45 -31.70 91.78 -52.58
C MET XE 45 -32.50 91.93 -53.86
N VAL XE 46 -33.64 91.25 -53.93
CA VAL XE 46 -34.54 91.33 -55.06
C VAL XE 46 -35.92 91.72 -54.55
N LYS XE 47 -36.74 92.28 -55.44
CA LYS XE 47 -38.08 92.66 -55.07
C LYS XE 47 -39.04 92.37 -56.22
N GLY XE 48 -40.28 92.05 -55.85
CA GLY XE 48 -41.29 91.70 -56.82
C GLY XE 48 -42.52 91.18 -56.09
N ASP XE 49 -43.42 90.57 -56.85
CA ASP XE 49 -44.61 90.00 -56.24
C ASP XE 49 -44.23 88.81 -55.36
N VAL XE 50 -45.16 88.43 -54.48
CA VAL XE 50 -44.84 87.44 -53.46
C VAL XE 50 -44.64 86.06 -54.07
N GLY XE 51 -45.44 85.71 -55.06
CA GLY XE 51 -45.27 84.42 -55.72
C GLY XE 51 -44.02 84.38 -56.57
N ALA XE 52 -43.68 85.50 -57.20
CA ALA XE 52 -42.46 85.56 -58.00
C ALA XE 52 -41.23 85.53 -57.10
N VAL XE 53 -41.21 86.38 -56.07
CA VAL XE 53 -40.04 86.47 -55.21
C VAL XE 53 -39.79 85.16 -54.50
N ASN XE 54 -40.85 84.47 -54.10
CA ASN XE 54 -40.70 83.18 -53.47
C ASN XE 54 -40.09 82.17 -54.42
N ALA XE 55 -40.37 82.31 -55.72
CA ALA XE 55 -39.85 81.37 -56.71
C ALA XE 55 -38.42 81.72 -57.10
N ALA XE 56 -38.04 82.99 -56.98
CA ALA XE 56 -36.68 83.38 -57.32
C ALA XE 56 -35.69 82.98 -56.23
N VAL XE 57 -36.12 83.01 -54.97
CA VAL XE 57 -35.18 82.77 -53.88
C VAL XE 57 -34.80 81.30 -53.80
N ASP XE 58 -35.76 80.39 -53.95
CA ASP XE 58 -35.41 78.98 -53.85
C ASP XE 58 -34.61 78.52 -55.05
N SER XE 59 -34.71 79.21 -56.18
CA SER XE 59 -33.85 78.90 -57.30
C SER XE 59 -32.46 79.47 -57.10
N GLY XE 60 -32.36 80.70 -56.60
CA GLY XE 60 -31.06 81.29 -56.35
C GLY XE 60 -30.29 80.61 -55.25
N VAL XE 61 -30.98 80.08 -54.24
CA VAL XE 61 -30.29 79.33 -53.21
C VAL XE 61 -29.76 78.03 -53.77
N GLU XE 62 -30.48 77.44 -54.71
CA GLU XE 62 -30.09 76.17 -55.30
C GLU XE 62 -28.80 76.30 -56.11
N ALA XE 63 -28.62 77.43 -56.78
CA ALA XE 63 -27.45 77.64 -57.62
C ALA XE 63 -26.22 77.99 -56.81
N ALA XE 64 -26.35 78.92 -55.87
CA ALA XE 64 -25.20 79.32 -55.07
C ALA XE 64 -24.76 78.20 -54.14
N LYS XE 65 -25.68 77.37 -53.68
CA LYS XE 65 -25.33 76.22 -52.86
C LYS XE 65 -24.45 75.24 -53.63
N ARG XE 66 -24.41 75.34 -54.95
CA ARG XE 66 -23.67 74.40 -55.77
C ARG XE 66 -22.17 74.66 -55.68
N ILE XE 67 -21.76 75.92 -55.68
CA ILE XE 67 -20.35 76.29 -55.74
C ILE XE 67 -19.86 76.99 -54.49
N GLY XE 68 -20.74 77.37 -53.57
CA GLY XE 68 -20.30 78.07 -52.39
C GLY XE 68 -21.15 77.75 -51.18
N LYS XE 69 -21.10 78.62 -50.18
CA LYS XE 69 -21.88 78.46 -48.96
C LYS XE 69 -22.98 79.50 -48.96
N VAL XE 70 -24.23 79.03 -48.89
CA VAL XE 70 -25.36 79.92 -48.65
C VAL XE 70 -25.58 79.95 -47.15
N VAL XE 71 -25.50 81.15 -46.57
CA VAL XE 71 -25.61 81.30 -45.12
C VAL XE 71 -27.05 81.42 -44.69
N SER XE 72 -27.84 82.25 -45.37
CA SER XE 72 -29.22 82.46 -44.98
C SER XE 72 -30.02 82.93 -46.19
N SER XE 73 -31.32 82.66 -46.15
CA SER XE 73 -32.25 83.16 -47.15
C SER XE 73 -33.56 83.49 -46.45
N ARG XE 74 -34.32 84.43 -47.02
CA ARG XE 74 -35.51 84.91 -46.33
C ARG XE 74 -36.34 85.73 -47.30
N VAL XE 75 -37.65 85.56 -47.23
CA VAL XE 75 -38.61 86.35 -47.99
C VAL XE 75 -39.47 87.12 -47.01
N ILE XE 76 -39.65 88.41 -47.26
CA ILE XE 76 -40.52 89.26 -46.45
C ILE XE 76 -41.70 89.65 -47.32
N ALA XE 77 -42.89 89.21 -46.92
CA ALA XE 77 -44.05 89.31 -47.80
C ALA XE 77 -44.55 90.75 -47.90
N ARG XE 78 -44.47 91.51 -46.81
CA ARG XE 78 -44.81 92.93 -46.83
C ARG XE 78 -43.80 93.66 -45.96
N PRO XE 79 -42.75 94.23 -46.55
CA PRO XE 79 -41.79 94.98 -45.75
C PRO XE 79 -42.40 96.28 -45.26
N HIS XE 80 -42.07 96.63 -44.03
CA HIS XE 80 -42.61 97.85 -43.44
C HIS XE 80 -42.08 99.07 -44.18
N ASN XE 81 -42.92 100.10 -44.26
CA ASN XE 81 -42.58 101.27 -45.07
C ASN XE 81 -41.28 101.91 -44.63
N ASP XE 82 -41.00 101.87 -43.32
CA ASP XE 82 -39.78 102.48 -42.80
C ASP XE 82 -38.54 101.79 -43.35
N ILE XE 83 -38.61 100.49 -43.56
CA ILE XE 83 -37.48 99.73 -44.05
C ILE XE 83 -37.37 99.88 -45.56
N GLU YE 3 -21.61 90.59 -73.50
CA GLU YE 3 -20.49 89.67 -73.60
C GLU YE 3 -20.37 88.83 -72.35
N ALA YE 4 -19.68 87.70 -72.44
CA ALA YE 4 -19.57 86.78 -71.33
C ALA YE 4 -18.84 87.41 -70.16
N LEU YE 5 -18.71 86.69 -69.06
CA LEU YE 5 -18.13 87.23 -67.84
C LEU YE 5 -17.50 86.10 -67.05
N GLY YE 6 -16.26 86.28 -66.64
CA GLY YE 6 -15.55 85.25 -65.91
C GLY YE 6 -15.00 85.76 -64.59
N LEU YE 7 -15.01 84.90 -63.59
CA LEU YE 7 -14.60 85.27 -62.25
C LEU YE 7 -13.66 84.22 -61.68
N ILE YE 8 -12.59 84.68 -61.04
CA ILE YE 8 -11.74 83.83 -60.22
C ILE YE 8 -11.64 84.46 -58.85
N GLU YE 9 -11.72 83.64 -57.81
CA GLU YE 9 -11.65 84.12 -56.44
C GLU YE 9 -10.51 83.43 -55.72
N THR YE 10 -9.59 84.21 -55.17
CA THR YE 10 -8.39 83.69 -54.56
C THR YE 10 -8.22 84.27 -53.17
N LYS YE 11 -7.46 83.56 -52.36
CA LYS YE 11 -7.11 84.01 -51.01
C LYS YE 11 -5.77 84.75 -51.07
N GLY YE 12 -5.81 86.04 -50.87
CA GLY YE 12 -4.62 86.86 -50.99
C GLY YE 12 -4.54 87.58 -52.32
N LEU YE 13 -3.85 88.71 -52.34
CA LEU YE 13 -3.77 89.51 -53.56
C LEU YE 13 -2.73 88.99 -54.53
N VAL YE 14 -1.63 88.41 -54.04
CA VAL YE 14 -0.58 87.95 -54.93
C VAL YE 14 -1.10 86.88 -55.86
N ALA YE 15 -1.83 85.90 -55.33
CA ALA YE 15 -2.39 84.85 -56.17
C ALA YE 15 -3.38 85.39 -57.18
N CYS YE 16 -3.94 86.58 -56.94
CA CYS YE 16 -4.89 87.15 -57.86
C CYS YE 16 -4.23 87.89 -59.01
N ILE YE 17 -3.03 88.44 -58.78
CA ILE YE 17 -2.33 89.08 -59.88
C ILE YE 17 -1.68 88.05 -60.78
N GLU YE 18 -1.27 86.90 -60.24
CA GLU YE 18 -0.83 85.82 -61.11
C GLU YE 18 -2.01 85.27 -61.92
N ALA YE 19 -3.16 85.10 -61.29
CA ALA YE 19 -4.33 84.64 -62.02
C ALA YE 19 -4.73 85.63 -63.11
N ALA YE 20 -4.70 86.92 -62.81
CA ALA YE 20 -5.08 87.90 -63.82
C ALA YE 20 -4.08 87.96 -64.95
N ASP YE 21 -2.78 87.84 -64.64
CA ASP YE 21 -1.78 87.89 -65.68
C ASP YE 21 -1.94 86.74 -66.66
N ALA YE 22 -2.22 85.54 -66.16
CA ALA YE 22 -2.45 84.41 -67.04
C ALA YE 22 -3.71 84.60 -67.88
N MET YE 23 -4.75 85.17 -67.28
CA MET YE 23 -6.00 85.38 -68.01
C MET YE 23 -5.80 86.35 -69.17
N CYS YE 24 -5.06 87.44 -68.96
CA CYS YE 24 -4.92 88.45 -69.98
C CYS YE 24 -4.01 88.03 -71.13
N LYS YE 25 -3.14 87.04 -70.91
CA LYS YE 25 -2.26 86.56 -71.95
C LYS YE 25 -2.86 85.42 -72.75
N ALA YE 26 -3.86 84.74 -72.20
CA ALA YE 26 -4.39 83.52 -72.81
C ALA YE 26 -5.37 83.81 -73.93
N ALA YE 27 -6.04 84.94 -73.90
CA ALA YE 27 -7.03 85.25 -74.92
C ALA YE 27 -7.23 86.75 -74.97
N ASN YE 28 -8.14 87.18 -75.85
CA ASN YE 28 -8.39 88.60 -76.07
C ASN YE 28 -9.58 89.04 -75.21
N VAL YE 29 -9.32 89.20 -73.92
CA VAL YE 29 -10.32 89.64 -72.95
C VAL YE 29 -9.83 90.93 -72.32
N GLU YE 30 -10.76 91.78 -71.95
CA GLU YE 30 -10.45 93.02 -71.24
C GLU YE 30 -10.72 92.82 -69.76
N LEU YE 31 -9.76 93.22 -68.94
CA LEU YE 31 -9.84 93.01 -67.50
C LEU YE 31 -10.58 94.17 -66.86
N ILE YE 32 -11.60 93.86 -66.07
CA ILE YE 32 -12.46 94.88 -65.49
C ILE YE 32 -11.85 95.47 -64.22
N GLY YE 33 -11.55 94.63 -63.24
CA GLY YE 33 -10.91 95.13 -62.04
C GLY YE 33 -11.12 94.18 -60.88
N TYR YE 34 -10.39 94.45 -59.81
CA TYR YE 34 -10.43 93.64 -58.61
C TYR YE 34 -11.54 94.11 -57.68
N GLU YE 35 -11.85 93.26 -56.71
CA GLU YE 35 -12.85 93.58 -55.70
C GLU YE 35 -12.64 92.65 -54.51
N ASN YE 36 -12.20 93.18 -53.39
CA ASN YE 36 -12.04 92.37 -52.18
C ASN YE 36 -13.20 92.61 -51.24
N VAL YE 37 -13.66 91.52 -50.63
CA VAL YE 37 -14.83 91.55 -49.75
C VAL YE 37 -14.44 91.26 -48.31
N GLY YE 38 -13.15 91.27 -48.01
CA GLY YE 38 -12.69 90.98 -46.66
C GLY YE 38 -12.45 89.50 -46.45
N SER YE 39 -11.77 89.20 -45.35
CA SER YE 39 -11.33 87.85 -44.99
C SER YE 39 -10.26 87.32 -45.93
N GLY YE 40 -9.60 88.19 -46.68
CA GLY YE 40 -8.54 87.78 -47.56
C GLY YE 40 -8.99 87.35 -48.94
N LEU YE 41 -10.27 87.48 -49.26
CA LEU YE 41 -10.80 87.02 -50.53
C LEU YE 41 -10.75 88.16 -51.55
N VAL YE 42 -10.05 87.93 -52.64
CA VAL YE 42 -9.94 88.90 -53.73
C VAL YE 42 -10.45 88.24 -55.01
N THR YE 43 -11.15 89.00 -55.84
CA THR YE 43 -11.79 88.48 -57.03
C THR YE 43 -11.38 89.31 -58.23
N ALA YE 44 -11.02 88.64 -59.33
CA ALA YE 44 -10.73 89.29 -60.60
C ALA YE 44 -11.84 88.98 -61.58
N MET YE 45 -12.17 89.95 -62.43
CA MET YE 45 -13.31 89.84 -63.33
C MET YE 45 -12.89 90.27 -64.72
N VAL YE 46 -13.07 89.39 -65.70
CA VAL YE 46 -12.78 89.68 -67.10
C VAL YE 46 -14.07 89.60 -67.88
N LYS YE 47 -14.04 90.12 -69.11
CA LYS YE 47 -15.22 90.06 -69.96
C LYS YE 47 -14.78 90.04 -71.42
N GLY YE 48 -15.49 89.26 -72.21
CA GLY YE 48 -15.20 89.14 -73.63
C GLY YE 48 -16.11 88.09 -74.23
N ASP YE 49 -15.77 87.66 -75.44
CA ASP YE 49 -16.54 86.60 -76.07
C ASP YE 49 -16.41 85.32 -75.27
N VAL YE 50 -17.42 84.45 -75.40
CA VAL YE 50 -17.52 83.30 -74.51
C VAL YE 50 -16.49 82.23 -74.82
N GLY YE 51 -15.96 82.17 -76.04
CA GLY YE 51 -14.87 81.25 -76.31
C GLY YE 51 -13.56 81.75 -75.73
N ALA YE 52 -13.35 83.06 -75.73
CA ALA YE 52 -12.15 83.63 -75.14
C ALA YE 52 -12.21 83.56 -73.62
N VAL YE 53 -13.35 83.92 -73.04
CA VAL YE 53 -13.46 83.96 -71.58
C VAL YE 53 -13.35 82.55 -71.01
N ASN YE 54 -13.86 81.56 -71.72
CA ASN YE 54 -13.74 80.19 -71.26
C ASN YE 54 -12.29 79.75 -71.23
N ALA YE 55 -11.50 80.20 -72.21
CA ALA YE 55 -10.10 79.82 -72.28
C ALA YE 55 -9.28 80.57 -71.23
N ALA YE 56 -9.62 81.83 -70.98
CA ALA YE 56 -8.87 82.62 -70.01
C ALA YE 56 -9.06 82.09 -68.60
N VAL YE 57 -10.29 81.78 -68.22
CA VAL YE 57 -10.56 81.36 -66.85
C VAL YE 57 -9.91 80.01 -66.57
N ASP YE 58 -9.89 79.11 -67.54
CA ASP YE 58 -9.23 77.83 -67.34
C ASP YE 58 -7.74 78.00 -67.17
N SER YE 59 -7.14 78.95 -67.89
CA SER YE 59 -5.71 79.18 -67.77
C SER YE 59 -5.39 79.89 -66.45
N GLY YE 60 -6.17 80.91 -66.10
CA GLY YE 60 -5.93 81.63 -64.88
C GLY YE 60 -6.09 80.77 -63.64
N VAL YE 61 -7.02 79.82 -63.67
CA VAL YE 61 -7.22 78.97 -62.51
C VAL YE 61 -6.01 78.08 -62.28
N GLU YE 62 -5.42 77.56 -63.36
CA GLU YE 62 -4.29 76.65 -63.20
C GLU YE 62 -3.04 77.38 -62.75
N ALA YE 63 -2.84 78.62 -63.19
CA ALA YE 63 -1.65 79.36 -62.79
C ALA YE 63 -1.73 79.80 -61.34
N ALA YE 64 -2.87 80.35 -60.93
CA ALA YE 64 -3.03 80.75 -59.54
C ALA YE 64 -3.03 79.57 -58.59
N LYS YE 65 -3.54 78.43 -59.04
CA LYS YE 65 -3.51 77.22 -58.22
C LYS YE 65 -2.09 76.81 -57.89
N ARG YE 66 -1.14 77.15 -58.75
CA ARG YE 66 0.24 76.73 -58.58
C ARG YE 66 0.92 77.40 -57.40
N ILE YE 67 0.56 78.64 -57.11
CA ILE YE 67 1.27 79.47 -56.13
C ILE YE 67 0.38 79.93 -54.99
N GLY YE 68 -0.89 79.57 -54.99
CA GLY YE 68 -1.77 80.00 -53.94
C GLY YE 68 -3.00 79.12 -53.87
N LYS YE 69 -4.03 79.62 -53.22
CA LYS YE 69 -5.30 78.90 -53.10
C LYS YE 69 -6.33 79.58 -53.98
N VAL YE 70 -6.93 78.81 -54.88
CA VAL YE 70 -8.05 79.28 -55.67
C VAL YE 70 -9.33 78.79 -54.98
N VAL YE 71 -10.19 79.73 -54.60
CA VAL YE 71 -11.39 79.39 -53.86
C VAL YE 71 -12.52 78.98 -54.78
N SER YE 72 -12.71 79.70 -55.88
CA SER YE 72 -13.85 79.49 -56.74
C SER YE 72 -13.59 80.13 -58.10
N SER YE 73 -14.23 79.58 -59.13
CA SER YE 73 -14.17 80.14 -60.47
C SER YE 73 -15.51 79.92 -61.14
N ARG YE 74 -15.79 80.73 -62.17
CA ARG YE 74 -17.11 80.68 -62.77
C ARG YE 74 -17.10 81.48 -64.07
N VAL YE 75 -17.77 80.94 -65.09
CA VAL YE 75 -18.04 81.65 -66.33
C VAL YE 75 -19.55 81.83 -66.45
N ILE YE 76 -19.98 83.04 -66.76
CA ILE YE 76 -21.38 83.36 -67.00
C ILE YE 76 -21.50 83.73 -68.46
N ALA YE 77 -22.17 82.88 -69.24
CA ALA YE 77 -22.17 83.04 -70.69
C ALA YE 77 -23.05 84.19 -71.14
N ARG YE 78 -24.31 84.20 -70.71
CA ARG YE 78 -25.21 85.31 -71.00
C ARG YE 78 -25.61 85.97 -69.69
N PRO YE 79 -24.90 87.00 -69.24
CA PRO YE 79 -25.26 87.66 -67.99
C PRO YE 79 -26.47 88.56 -68.19
N HIS YE 80 -27.29 88.63 -67.15
CA HIS YE 80 -28.49 89.44 -67.20
C HIS YE 80 -28.12 90.92 -67.20
N ASN YE 81 -29.01 91.73 -67.79
CA ASN YE 81 -28.72 93.15 -67.92
C ASN YE 81 -28.79 93.87 -66.58
N ASP YE 82 -29.54 93.33 -65.62
CA ASP YE 82 -29.52 93.88 -64.27
C ASP YE 82 -28.18 93.68 -63.61
N ILE YE 83 -27.44 92.66 -64.02
CA ILE YE 83 -26.14 92.37 -63.46
C ILE YE 83 -25.07 93.20 -64.16
N GLU ZE 3 -22.99 75.70 -87.81
CA GLU ZE 3 -22.67 75.96 -86.41
C GLU ZE 3 -22.77 74.68 -85.59
N ALA ZE 4 -22.31 74.75 -84.34
CA ALA ZE 4 -22.20 73.55 -83.53
C ALA ZE 4 -23.59 72.99 -83.23
N LEU ZE 5 -23.60 71.82 -82.58
CA LEU ZE 5 -24.83 71.10 -82.33
C LEU ZE 5 -24.74 70.39 -80.99
N GLY ZE 6 -25.70 70.63 -80.12
CA GLY ZE 6 -25.71 70.04 -78.79
C GLY ZE 6 -26.96 69.21 -78.57
N LEU ZE 7 -26.78 68.04 -77.96
CA LEU ZE 7 -27.86 67.08 -77.76
C LEU ZE 7 -27.90 66.63 -76.31
N ILE ZE 8 -29.09 66.56 -75.75
CA ILE ZE 8 -29.32 65.94 -74.45
C ILE ZE 8 -30.45 64.93 -74.60
N GLU ZE 9 -30.31 63.79 -73.94
CA GLU ZE 9 -31.29 62.73 -74.04
C GLU ZE 9 -31.71 62.27 -72.66
N THR ZE 10 -33.01 62.26 -72.41
CA THR ZE 10 -33.56 62.00 -71.09
C THR ZE 10 -34.66 60.95 -71.18
N LYS ZE 11 -35.01 60.39 -70.04
CA LYS ZE 11 -36.18 59.53 -69.92
C LYS ZE 11 -37.38 60.39 -69.51
N GLY ZE 12 -38.38 60.46 -70.36
CA GLY ZE 12 -39.54 61.24 -69.99
C GLY ZE 12 -39.46 62.66 -70.51
N LEU ZE 13 -40.63 63.28 -70.64
CA LEU ZE 13 -40.70 64.60 -71.25
C LEU ZE 13 -40.43 65.72 -70.26
N VAL ZE 14 -40.73 65.51 -68.97
CA VAL ZE 14 -40.56 66.60 -68.01
C VAL ZE 14 -39.08 66.92 -67.83
N ALA ZE 15 -38.24 65.91 -67.70
CA ALA ZE 15 -36.81 66.17 -67.58
C ALA ZE 15 -36.24 66.82 -68.82
N CYS ZE 16 -36.91 66.70 -69.96
CA CYS ZE 16 -36.41 67.30 -71.18
C CYS ZE 16 -36.88 68.74 -71.35
N ILE ZE 17 -38.02 69.11 -70.76
CA ILE ZE 17 -38.42 70.50 -70.79
C ILE ZE 17 -37.61 71.32 -69.82
N GLU ZE 18 -37.17 70.71 -68.72
CA GLU ZE 18 -36.29 71.42 -67.81
C GLU ZE 18 -34.90 71.58 -68.41
N ALA ZE 19 -34.40 70.56 -69.11
CA ALA ZE 19 -33.12 70.70 -69.80
C ALA ZE 19 -33.19 71.74 -70.89
N ALA ZE 20 -34.27 71.73 -71.67
CA ALA ZE 20 -34.38 72.69 -72.77
C ALA ZE 20 -34.56 74.11 -72.25
N ASP ZE 21 -35.16 74.27 -71.08
CA ASP ZE 21 -35.32 75.61 -70.52
C ASP ZE 21 -34.00 76.14 -69.98
N ALA ZE 22 -33.25 75.30 -69.27
CA ALA ZE 22 -31.97 75.73 -68.74
C ALA ZE 22 -30.98 76.06 -69.85
N MET ZE 23 -31.01 75.28 -70.93
CA MET ZE 23 -30.09 75.53 -72.04
C MET ZE 23 -30.36 76.88 -72.67
N CYS ZE 24 -31.62 77.20 -72.93
CA CYS ZE 24 -31.94 78.44 -73.63
C CYS ZE 24 -31.67 79.65 -72.76
N LYS ZE 25 -31.64 79.48 -71.44
CA LYS ZE 25 -31.38 80.61 -70.55
C LYS ZE 25 -29.90 80.89 -70.41
N ALA ZE 26 -29.07 79.85 -70.44
CA ALA ZE 26 -27.69 79.94 -70.00
C ALA ZE 26 -26.71 80.24 -71.12
N ALA ZE 27 -27.18 80.52 -72.33
CA ALA ZE 27 -26.30 80.83 -73.44
C ALA ZE 27 -27.12 81.28 -74.63
N ASN ZE 28 -26.46 81.89 -75.60
CA ASN ZE 28 -27.12 82.38 -76.81
C ASN ZE 28 -27.17 81.25 -77.84
N VAL ZE 29 -28.16 80.37 -77.66
CA VAL ZE 29 -28.36 79.24 -78.55
C VAL ZE 29 -29.79 79.28 -79.07
N GLU ZE 30 -30.03 78.51 -80.12
CA GLU ZE 30 -31.35 78.38 -80.74
C GLU ZE 30 -31.83 76.95 -80.55
N LEU ZE 31 -33.07 76.81 -80.11
CA LEU ZE 31 -33.67 75.50 -79.89
C LEU ZE 31 -34.28 75.02 -81.19
N ILE ZE 32 -33.85 73.85 -81.66
CA ILE ZE 32 -34.36 73.30 -82.90
C ILE ZE 32 -35.66 72.54 -82.67
N GLY ZE 33 -35.69 71.65 -81.69
CA GLY ZE 33 -36.91 70.95 -81.36
C GLY ZE 33 -36.63 69.68 -80.59
N TYR ZE 34 -37.71 68.99 -80.27
CA TYR ZE 34 -37.65 67.69 -79.61
C TYR ZE 34 -37.85 66.58 -80.63
N GLU ZE 35 -37.39 65.38 -80.28
CA GLU ZE 35 -37.54 64.23 -81.16
C GLU ZE 35 -37.47 62.98 -80.29
N ASN ZE 36 -38.60 62.34 -80.07
CA ASN ZE 36 -38.66 61.14 -79.25
C ASN ZE 36 -38.70 59.90 -80.14
N VAL ZE 37 -38.23 58.78 -79.58
CA VAL ZE 37 -38.08 57.55 -80.33
C VAL ZE 37 -38.74 56.39 -79.59
N GLY ZE 38 -39.72 56.68 -78.74
CA GLY ZE 38 -40.36 55.64 -77.96
C GLY ZE 38 -39.47 55.19 -76.82
N SER ZE 39 -40.04 54.32 -75.99
CA SER ZE 39 -39.45 53.87 -74.74
C SER ZE 39 -39.23 55.01 -73.75
N GLY ZE 40 -39.83 56.16 -73.98
CA GLY ZE 40 -39.69 57.29 -73.09
C GLY ZE 40 -38.46 58.13 -73.32
N LEU ZE 41 -37.63 57.79 -74.31
CA LEU ZE 41 -36.45 58.58 -74.59
C LEU ZE 41 -36.85 59.80 -75.42
N VAL ZE 42 -36.54 60.99 -74.90
CA VAL ZE 42 -36.79 62.24 -75.60
C VAL ZE 42 -35.46 62.97 -75.71
N THR ZE 43 -35.27 63.70 -76.82
CA THR ZE 43 -34.00 64.34 -77.11
C THR ZE 43 -34.25 65.79 -77.49
N ALA ZE 44 -33.44 66.69 -76.93
CA ALA ZE 44 -33.48 68.10 -77.25
C ALA ZE 44 -32.26 68.47 -78.06
N MET ZE 45 -32.43 69.35 -79.05
CA MET ZE 45 -31.35 69.75 -79.94
C MET ZE 45 -31.24 71.26 -79.96
N VAL ZE 46 -30.08 71.78 -79.58
CA VAL ZE 46 -29.79 73.20 -79.65
C VAL ZE 46 -28.71 73.44 -80.69
N LYS ZE 47 -28.58 74.70 -81.11
CA LYS ZE 47 -27.69 75.04 -82.20
C LYS ZE 47 -27.15 76.44 -82.01
N GLY ZE 48 -25.85 76.60 -82.16
CA GLY ZE 48 -25.22 77.90 -82.00
C GLY ZE 48 -23.72 77.79 -82.13
N ASP ZE 49 -23.03 78.86 -81.79
CA ASP ZE 49 -21.57 78.85 -81.82
C ASP ZE 49 -21.04 77.81 -80.84
N VAL ZE 50 -19.79 77.38 -81.06
CA VAL ZE 50 -19.26 76.25 -80.32
C VAL ZE 50 -19.13 76.59 -78.83
N GLY ZE 51 -18.68 77.80 -78.52
CA GLY ZE 51 -18.51 78.15 -77.12
C GLY ZE 51 -19.83 78.25 -76.39
N ALA ZE 52 -20.83 78.85 -77.04
CA ALA ZE 52 -22.16 78.93 -76.44
C ALA ZE 52 -22.75 77.55 -76.27
N VAL ZE 53 -22.79 76.76 -77.34
CA VAL ZE 53 -23.39 75.43 -77.29
C VAL ZE 53 -22.71 74.56 -76.25
N ASN ZE 54 -21.39 74.67 -76.14
CA ASN ZE 54 -20.70 73.93 -75.10
C ASN ZE 54 -21.26 74.28 -73.74
N ALA ZE 55 -21.30 75.58 -73.41
CA ALA ZE 55 -21.78 76.04 -72.12
C ALA ZE 55 -23.22 75.62 -71.87
N ALA ZE 56 -24.07 75.74 -72.90
CA ALA ZE 56 -25.47 75.39 -72.74
C ALA ZE 56 -25.64 73.94 -72.31
N VAL ZE 57 -24.96 73.02 -73.00
CA VAL ZE 57 -25.15 71.60 -72.71
C VAL ZE 57 -24.72 71.27 -71.30
N ASP ZE 58 -23.68 71.93 -70.78
CA ASP ZE 58 -23.26 71.67 -69.41
C ASP ZE 58 -24.33 72.11 -68.42
N SER ZE 59 -24.93 73.28 -68.65
CA SER ZE 59 -25.98 73.75 -67.76
C SER ZE 59 -27.25 72.93 -67.90
N GLY ZE 60 -27.60 72.58 -69.14
CA GLY ZE 60 -28.82 71.82 -69.35
C GLY ZE 60 -28.79 70.43 -68.72
N VAL ZE 61 -27.62 69.79 -68.75
CA VAL ZE 61 -27.51 68.47 -68.14
C VAL ZE 61 -27.57 68.58 -66.63
N GLU ZE 62 -27.08 69.69 -66.08
CA GLU ZE 62 -27.05 69.87 -64.64
C GLU ZE 62 -28.45 70.10 -64.07
N ALA ZE 63 -29.29 70.82 -64.81
CA ALA ZE 63 -30.67 71.03 -64.36
C ALA ZE 63 -31.51 69.78 -64.55
N ALA ZE 64 -31.33 69.07 -65.65
CA ALA ZE 64 -32.16 67.91 -65.95
C ALA ZE 64 -31.83 66.75 -65.04
N LYS ZE 65 -30.55 66.51 -64.78
CA LYS ZE 65 -30.15 65.44 -63.88
C LYS ZE 65 -30.73 65.61 -62.49
N ARG ZE 66 -31.18 66.82 -62.18
CA ARG ZE 66 -31.60 67.16 -60.83
C ARG ZE 66 -32.98 66.59 -60.50
N ILE ZE 67 -33.83 66.43 -61.51
CA ILE ZE 67 -35.17 65.91 -61.31
C ILE ZE 67 -35.43 64.60 -62.02
N GLY ZE 68 -34.64 64.24 -63.02
CA GLY ZE 68 -34.87 63.02 -63.75
C GLY ZE 68 -33.59 62.35 -64.17
N LYS ZE 69 -33.62 61.60 -65.26
CA LYS ZE 69 -32.46 60.84 -65.71
C LYS ZE 69 -31.96 61.38 -67.03
N VAL ZE 70 -30.69 61.78 -67.06
CA VAL ZE 70 -30.04 62.20 -68.29
C VAL ZE 70 -29.29 61.00 -68.85
N VAL ZE 71 -29.73 60.54 -70.02
CA VAL ZE 71 -29.18 59.32 -70.59
C VAL ZE 71 -27.83 59.59 -71.25
N SER ZE 72 -27.75 60.66 -72.04
CA SER ZE 72 -26.50 60.99 -72.71
C SER ZE 72 -26.54 62.44 -73.17
N SER ZE 73 -25.34 63.00 -73.35
CA SER ZE 73 -25.17 64.35 -73.87
C SER ZE 73 -23.97 64.36 -74.78
N ARG ZE 74 -23.94 65.33 -75.70
CA ARG ZE 74 -22.92 65.34 -76.73
C ARG ZE 74 -22.93 66.67 -77.45
N VAL ZE 75 -21.74 67.17 -77.79
CA VAL ZE 75 -21.60 68.37 -78.61
C VAL ZE 75 -20.81 68.01 -79.86
N ILE ZE 76 -21.38 68.33 -81.02
CA ILE ZE 76 -20.69 68.19 -82.29
C ILE ZE 76 -20.26 69.58 -82.73
N ALA ZE 77 -18.95 69.82 -82.75
CA ALA ZE 77 -18.46 71.17 -83.03
C ALA ZE 77 -18.73 71.60 -84.46
N ARG ZE 78 -18.69 70.67 -85.40
CA ARG ZE 78 -18.93 70.98 -86.80
C ARG ZE 78 -19.56 69.77 -87.46
N PRO ZE 79 -20.89 69.73 -87.54
CA PRO ZE 79 -21.55 68.58 -88.14
C PRO ZE 79 -21.42 68.57 -89.65
N HIS ZE 80 -21.42 67.38 -90.22
CA HIS ZE 80 -21.46 67.23 -91.66
C HIS ZE 80 -22.77 67.78 -92.20
N ASN ZE 81 -22.74 68.23 -93.46
CA ASN ZE 81 -23.94 68.79 -94.05
C ASN ZE 81 -25.03 67.75 -94.19
N ASP ZE 82 -24.67 66.48 -94.33
CA ASP ZE 82 -25.68 65.42 -94.38
C ASP ZE 82 -26.42 65.31 -93.07
N ILE ZE 83 -25.72 65.51 -91.95
CA ILE ZE 83 -26.36 65.45 -90.64
C ILE ZE 83 -27.41 66.54 -90.49
N GLU ZE 84 -27.28 67.66 -91.19
CA GLU ZE 84 -28.33 68.69 -91.12
C GLU ZE 84 -29.41 68.44 -92.16
N LYS ZE 85 -29.84 67.18 -92.22
CA LYS ZE 85 -31.06 66.75 -92.88
C LYS ZE 85 -31.78 65.69 -92.07
N ILE ZE 86 -31.13 65.12 -91.06
CA ILE ZE 86 -31.74 64.19 -90.13
C ILE ZE 86 -32.33 64.93 -88.94
N ALA ZE 87 -31.62 65.94 -88.43
CA ALA ZE 87 -32.14 66.75 -87.34
C ALA ZE 87 -33.27 67.64 -87.84
N GLY ZE 88 -32.97 68.55 -88.77
CA GLY ZE 88 -33.97 69.42 -89.33
C GLY ZE 88 -34.69 68.81 -90.52
N MET AF 1 3.14 71.74 -82.58
CA MET AF 1 1.98 71.76 -83.44
C MET AF 1 2.18 72.70 -84.61
N ILE AF 2 1.35 72.57 -85.63
CA ILE AF 2 1.34 73.49 -86.76
C ILE AF 2 -0.10 73.79 -87.14
N LEU AF 3 -0.34 75.00 -87.63
CA LEU AF 3 -1.62 75.33 -88.20
C LEU AF 3 -1.74 74.71 -89.59
N ALA AF 4 -2.85 74.04 -89.83
CA ALA AF 4 -3.05 73.38 -91.10
C ALA AF 4 -4.54 73.36 -91.42
N LYS AF 5 -4.85 72.99 -92.64
CA LYS AF 5 -6.22 72.96 -93.13
C LYS AF 5 -6.51 71.61 -93.74
N VAL AF 6 -7.64 71.01 -93.38
CA VAL AF 6 -8.01 69.72 -93.94
C VAL AF 6 -8.43 69.92 -95.40
N THR AF 7 -7.81 69.16 -96.30
CA THR AF 7 -8.04 69.32 -97.73
C THR AF 7 -8.49 68.07 -98.43
N GLY AF 8 -8.73 66.97 -97.72
CA GLY AF 8 -9.16 65.75 -98.35
C GLY AF 8 -9.14 64.60 -97.36
N HIS AF 9 -9.13 63.39 -97.90
CA HIS AF 9 -9.02 62.19 -97.07
C HIS AF 9 -8.42 61.08 -97.90
N VAL AF 10 -8.02 60.01 -97.22
CA VAL AF 10 -7.36 58.87 -97.84
C VAL AF 10 -8.10 57.61 -97.44
N VAL AF 11 -8.40 56.76 -98.41
CA VAL AF 11 -9.08 55.49 -98.18
C VAL AF 11 -8.07 54.39 -98.39
N ALA AF 12 -7.69 53.71 -97.31
CA ALA AF 12 -6.71 52.63 -97.35
C ALA AF 12 -7.32 51.39 -96.73
N THR AF 13 -7.35 50.30 -97.49
CA THR AF 13 -7.94 49.05 -97.04
C THR AF 13 -6.92 48.10 -96.43
N GLN AF 14 -5.80 47.89 -97.10
CA GLN AF 14 -4.74 47.02 -96.61
C GLN AF 14 -3.79 47.87 -95.76
N LYS AF 15 -3.89 47.74 -94.44
CA LYS AF 15 -3.09 48.55 -93.55
C LYS AF 15 -2.87 47.81 -92.25
N CYS AF 16 -2.02 48.37 -91.41
CA CYS AF 16 -1.68 47.75 -90.14
C CYS AF 16 -2.88 47.76 -89.20
N ASP AF 17 -2.68 47.20 -88.02
CA ASP AF 17 -3.75 47.10 -87.03
C ASP AF 17 -3.77 48.27 -86.07
N GLU AF 18 -2.66 48.98 -85.90
CA GLU AF 18 -2.64 50.17 -85.07
C GLU AF 18 -3.47 51.29 -85.67
N LEU AF 19 -3.96 51.14 -86.90
CA LEU AF 19 -4.71 52.17 -87.59
C LEU AF 19 -6.16 51.78 -87.87
N ARG AF 20 -6.63 50.66 -87.32
CA ARG AF 20 -7.99 50.22 -87.60
C ARG AF 20 -9.00 51.13 -86.92
N GLY AF 21 -10.01 51.56 -87.68
CA GLY AF 21 -11.07 52.37 -87.11
C GLY AF 21 -10.67 53.79 -86.81
N SER AF 22 -10.13 54.48 -87.80
CA SER AF 22 -9.72 55.87 -87.63
C SER AF 22 -9.75 56.56 -88.98
N ASN AF 23 -9.88 57.88 -88.96
CA ASN AF 23 -9.90 58.65 -90.18
C ASN AF 23 -8.49 58.97 -90.60
N LEU AF 24 -8.30 59.22 -91.89
CA LEU AF 24 -6.98 59.60 -92.42
C LEU AF 24 -7.17 60.82 -93.32
N LEU AF 25 -6.84 61.99 -92.81
CA LEU AF 25 -7.08 63.25 -93.49
C LEU AF 25 -5.82 63.77 -94.14
N LEU AF 26 -5.97 64.44 -95.27
CA LEU AF 26 -4.89 65.18 -95.87
C LEU AF 26 -4.83 66.56 -95.21
N ILE AF 27 -3.64 66.95 -94.79
CA ILE AF 27 -3.45 68.08 -93.89
C ILE AF 27 -2.41 68.98 -94.56
N THR AF 28 -2.84 70.16 -94.99
CA THR AF 28 -1.95 71.07 -95.71
C THR AF 28 -1.55 72.23 -94.81
N ARG AF 29 -0.26 72.44 -94.66
CA ARG AF 29 0.23 73.54 -93.84
C ARG AF 29 -0.04 74.86 -94.54
N LEU AF 30 -0.57 75.82 -93.80
CA LEU AF 30 -0.95 77.11 -94.36
C LEU AF 30 -0.05 78.22 -93.83
N ASP AF 31 0.16 79.24 -94.67
CA ASP AF 31 1.15 80.28 -94.39
C ASP AF 31 0.59 81.41 -93.55
N ASP AF 32 1.32 82.52 -93.41
CA ASP AF 32 0.96 83.59 -92.49
C ASP AF 32 -0.18 84.47 -92.99
N LYS AF 33 -0.79 84.12 -94.12
CA LYS AF 33 -2.02 84.77 -94.56
C LYS AF 33 -3.21 83.82 -94.46
N GLN AF 34 -3.06 82.72 -93.73
CA GLN AF 34 -4.05 81.66 -93.66
C GLN AF 34 -4.42 81.16 -95.05
N GLN AF 35 -3.39 80.71 -95.78
CA GLN AF 35 -3.54 80.24 -97.14
C GLN AF 35 -2.64 79.02 -97.31
N PRO AF 36 -3.15 77.92 -97.86
CA PRO AF 36 -2.34 76.71 -97.98
C PRO AF 36 -1.10 76.91 -98.84
N MET AF 37 -0.05 76.18 -98.50
CA MET AF 37 1.21 76.23 -99.22
C MET AF 37 1.27 75.13 -100.26
N LYS AF 38 2.40 75.04 -100.95
CA LYS AF 38 2.62 74.05 -102.00
C LYS AF 38 3.56 72.97 -101.50
N ASP AF 39 3.21 71.71 -101.78
CA ASP AF 39 4.04 70.56 -101.42
C ASP AF 39 4.26 70.49 -99.92
N GLN AF 40 3.18 70.63 -99.16
CA GLN AF 40 3.27 70.63 -97.70
C GLN AF 40 2.16 69.81 -97.08
N THR AF 41 1.87 68.64 -97.65
CA THR AF 41 0.74 67.83 -97.23
C THR AF 41 1.20 66.59 -96.49
N TRP AF 42 0.58 66.34 -95.35
CA TRP AF 42 0.80 65.12 -94.57
C TRP AF 42 -0.53 64.41 -94.39
N VAL AF 43 -0.46 63.19 -93.89
CA VAL AF 43 -1.64 62.40 -93.59
C VAL AF 43 -1.75 62.27 -92.08
N ALA AF 44 -2.88 62.68 -91.54
CA ALA AF 44 -3.05 62.75 -90.09
C ALA AF 44 -4.24 61.91 -89.68
N VAL AF 45 -4.08 61.18 -88.57
CA VAL AF 45 -5.17 60.39 -88.01
C VAL AF 45 -6.05 61.33 -87.20
N ASP AF 46 -7.25 61.61 -87.71
CA ASP AF 46 -8.16 62.48 -87.00
C ASP AF 46 -8.45 61.93 -85.62
N ASN AF 47 -8.61 62.83 -84.66
CA ASN AF 47 -8.83 62.44 -83.28
C ASN AF 47 -9.95 63.18 -82.58
N VAL AF 48 -10.40 64.32 -83.09
CA VAL AF 48 -11.45 65.12 -82.46
C VAL AF 48 -12.65 65.35 -83.37
N GLY AF 49 -12.63 64.85 -84.60
CA GLY AF 49 -13.78 65.00 -85.45
C GLY AF 49 -13.72 66.21 -86.36
N ALA AF 50 -12.65 66.33 -87.14
CA ALA AF 50 -12.51 67.40 -88.10
C ALA AF 50 -12.93 66.93 -89.48
N GLY AF 51 -13.43 67.87 -90.28
CA GLY AF 51 -13.86 67.55 -91.63
C GLY AF 51 -13.23 68.46 -92.64
N MET AF 52 -13.80 68.55 -93.84
CA MET AF 52 -13.18 69.33 -94.89
C MET AF 52 -13.21 70.81 -94.56
N HIS AF 53 -12.20 71.54 -95.04
CA HIS AF 53 -12.11 72.99 -95.00
C HIS AF 53 -11.88 73.54 -93.60
N ASP AF 54 -11.70 72.69 -92.60
CA ASP AF 54 -11.56 73.15 -91.22
C ASP AF 54 -10.10 73.39 -90.90
N ILE AF 55 -9.82 74.49 -90.20
CA ILE AF 55 -8.47 74.79 -89.77
C ILE AF 55 -8.20 74.06 -88.47
N VAL AF 56 -7.19 73.18 -88.47
CA VAL AF 56 -6.93 72.31 -87.34
C VAL AF 56 -5.51 72.53 -86.84
N LEU AF 57 -5.14 71.77 -85.81
CA LEU AF 57 -3.85 71.92 -85.13
C LEU AF 57 -3.20 70.55 -85.09
N ALA AF 58 -2.40 70.25 -86.10
CA ALA AF 58 -1.84 68.92 -86.28
C ALA AF 58 -0.55 68.77 -85.47
N GLU AF 59 -0.48 67.69 -84.71
CA GLU AF 59 0.65 67.44 -83.83
C GLU AF 59 1.56 66.37 -84.42
N GLU AF 60 2.83 66.44 -84.06
CA GLU AF 60 3.83 65.52 -84.57
C GLU AF 60 3.82 64.20 -83.82
N TYR AF 61 4.89 63.44 -83.93
CA TYR AF 61 4.90 61.99 -83.75
C TYR AF 61 3.99 61.44 -82.67
N PHE AF 62 4.23 61.77 -81.41
CA PHE AF 62 3.65 61.01 -80.32
C PHE AF 62 2.35 61.63 -79.85
N ALA AF 63 1.23 60.97 -80.16
CA ALA AF 63 -0.07 61.32 -79.60
C ALA AF 63 -0.89 60.09 -79.26
N LEU AF 64 -0.27 58.93 -79.12
CA LEU AF 64 -0.93 57.68 -78.71
C LEU AF 64 -2.05 57.32 -79.69
N ASN AF 65 -1.66 57.06 -80.93
CA ASN AF 65 -2.62 56.74 -81.98
C ASN AF 65 -2.11 55.66 -82.93
N TYR AF 69 2.89 53.83 -79.83
CA TYR AF 69 2.01 54.50 -80.78
C TYR AF 69 2.50 55.91 -81.07
N LYS AF 70 2.84 56.18 -82.32
CA LYS AF 70 3.42 57.47 -82.68
C LYS AF 70 2.86 58.06 -83.97
N ALA AF 71 1.56 57.90 -84.23
CA ALA AF 71 1.00 58.44 -85.45
C ALA AF 71 0.75 59.95 -85.31
N MET AF 72 0.90 60.65 -86.41
CA MET AF 72 0.67 62.10 -86.47
C MET AF 72 -0.82 62.34 -86.50
N SER AF 73 -1.35 62.99 -85.46
CA SER AF 73 -2.78 63.16 -85.33
C SER AF 73 -3.16 64.62 -85.20
N VAL AF 74 -4.45 64.88 -85.33
CA VAL AF 74 -5.04 66.19 -85.12
C VAL AF 74 -5.53 66.26 -83.69
N VAL AF 75 -5.21 67.35 -82.99
CA VAL AF 75 -5.47 67.44 -81.56
C VAL AF 75 -6.33 68.63 -81.19
N ALA AF 76 -6.72 69.47 -82.13
CA ALA AF 76 -7.52 70.64 -81.79
C ALA AF 76 -8.12 71.24 -83.04
N ILE AF 77 -9.35 71.73 -82.94
CA ILE AF 77 -10.00 72.49 -84.00
C ILE AF 77 -9.98 73.95 -83.58
N VAL AF 78 -9.48 74.80 -84.46
CA VAL AF 78 -9.13 76.16 -84.11
C VAL AF 78 -10.29 77.09 -84.41
N GLU AF 79 -10.68 77.90 -83.42
CA GLU AF 79 -11.74 78.90 -83.58
C GLU AF 79 -11.19 80.22 -84.12
N LYS AF 80 -10.23 80.81 -83.42
CA LYS AF 80 -9.68 82.12 -83.76
C LYS AF 80 -8.17 82.06 -83.77
N VAL AF 81 -7.57 82.73 -84.76
CA VAL AF 81 -6.11 82.87 -84.84
C VAL AF 81 -5.85 84.37 -84.83
N PHE AF 82 -5.57 84.91 -83.65
CA PHE AF 82 -5.21 86.32 -83.51
C PHE AF 82 -3.72 86.47 -83.78
N ARG AF 83 -3.36 87.31 -84.73
CA ARG AF 83 -1.97 87.38 -85.19
C ARG AF 83 -1.67 88.82 -85.62
N ASP AF 84 -0.78 89.48 -84.88
CA ASP AF 84 -0.29 90.78 -85.30
C ASP AF 84 0.99 91.13 -84.53
N GLU BF 3 -48.43 29.41 -103.46
CA GLU BF 3 -47.06 29.11 -103.05
C GLU BF 3 -46.95 29.15 -101.54
N ALA BF 4 -45.87 28.61 -101.00
CA ALA BF 4 -45.71 28.50 -99.56
C ALA BF 4 -45.36 29.86 -98.97
N LEU BF 5 -45.04 29.88 -97.68
CA LEU BF 5 -44.80 31.12 -96.97
C LEU BF 5 -43.78 30.88 -95.86
N GLY BF 6 -42.76 31.71 -95.81
CA GLY BF 6 -41.72 31.56 -94.81
C GLY BF 6 -41.57 32.82 -93.99
N LEU BF 7 -41.26 32.64 -92.70
CA LEU BF 7 -41.27 33.73 -91.73
C LEU BF 7 -40.09 33.60 -90.78
N ILE BF 8 -39.34 34.67 -90.62
CA ILE BF 8 -38.31 34.76 -89.59
C ILE BF 8 -38.59 36.01 -88.78
N GLU BF 9 -38.35 35.93 -87.47
CA GLU BF 9 -38.55 37.05 -86.56
C GLU BF 9 -37.30 37.24 -85.73
N THR BF 10 -36.82 38.49 -85.65
CA THR BF 10 -35.59 38.80 -84.97
C THR BF 10 -35.78 40.03 -84.09
N LYS BF 11 -34.85 40.21 -83.16
CA LYS BF 11 -34.79 41.41 -82.34
C LYS BF 11 -33.80 42.38 -82.98
N GLY BF 12 -34.29 43.51 -83.43
CA GLY BF 12 -33.44 44.48 -84.09
C GLY BF 12 -33.58 44.42 -85.60
N LEU BF 13 -33.28 45.54 -86.24
CA LEU BF 13 -33.44 45.61 -87.69
C LEU BF 13 -32.24 45.04 -88.43
N VAL BF 14 -31.05 45.20 -87.87
CA VAL BF 14 -29.85 44.73 -88.57
C VAL BF 14 -29.90 43.22 -88.77
N ALA BF 15 -30.25 42.49 -87.71
CA ALA BF 15 -30.29 41.04 -87.81
C ALA BF 15 -31.32 40.57 -88.82
N CYS BF 16 -32.34 41.38 -89.09
CA CYS BF 16 -33.36 40.97 -90.05
C CYS BF 16 -32.93 41.22 -91.48
N ILE BF 17 -32.19 42.30 -91.73
CA ILE BF 17 -31.73 42.57 -93.09
C ILE BF 17 -30.69 41.54 -93.50
N GLU BF 18 -29.88 41.09 -92.55
CA GLU BF 18 -28.95 40.01 -92.83
C GLU BF 18 -29.70 38.72 -93.17
N ALA BF 19 -30.76 38.43 -92.41
CA ALA BF 19 -31.53 37.22 -92.64
C ALA BF 19 -32.26 37.27 -93.98
N ALA BF 20 -32.84 38.42 -94.31
CA ALA BF 20 -33.59 38.53 -95.56
C ALA BF 20 -32.68 38.53 -96.77
N ASP BF 21 -31.41 38.88 -96.60
CA ASP BF 21 -30.46 38.80 -97.70
C ASP BF 21 -30.00 37.36 -97.91
N ALA BF 22 -29.73 36.65 -96.82
CA ALA BF 22 -29.34 35.25 -96.94
C ALA BF 22 -30.46 34.43 -97.57
N MET BF 23 -31.70 34.66 -97.16
CA MET BF 23 -32.82 33.94 -97.75
C MET BF 23 -32.88 34.16 -99.25
N CYS BF 24 -32.79 35.41 -99.69
CA CYS BF 24 -32.97 35.71 -101.11
C CYS BF 24 -31.85 35.10 -101.95
N LYS BF 25 -30.66 34.94 -101.39
CA LYS BF 25 -29.54 34.39 -102.15
C LYS BF 25 -29.57 32.88 -102.20
N ALA BF 26 -30.09 32.24 -101.16
CA ALA BF 26 -29.94 30.80 -100.98
C ALA BF 26 -30.94 29.97 -101.77
N ALA BF 27 -31.99 30.57 -102.32
CA ALA BF 27 -32.97 29.79 -103.06
C ALA BF 27 -33.82 30.74 -103.89
N ASN BF 28 -34.67 30.16 -104.74
CA ASN BF 28 -35.52 30.94 -105.64
C ASN BF 28 -36.81 31.31 -104.90
N VAL BF 29 -36.69 32.30 -104.02
CA VAL BF 29 -37.83 32.86 -103.29
C VAL BF 29 -37.83 34.35 -103.50
N GLU BF 30 -39.01 34.96 -103.35
CA GLU BF 30 -39.15 36.40 -103.51
C GLU BF 30 -39.56 37.02 -102.17
N LEU BF 31 -39.07 38.22 -101.91
CA LEU BF 31 -39.28 38.88 -100.63
C LEU BF 31 -40.59 39.65 -100.66
N ILE BF 32 -41.46 39.37 -99.69
CA ILE BF 32 -42.74 40.06 -99.63
C ILE BF 32 -42.60 41.42 -98.98
N GLY BF 33 -42.03 41.46 -97.78
CA GLY BF 33 -41.80 42.73 -97.12
C GLY BF 33 -41.44 42.52 -95.67
N TYR BF 34 -41.19 43.64 -95.00
CA TYR BF 34 -40.93 43.66 -93.57
C TYR BF 34 -42.17 44.14 -92.82
N GLU BF 35 -42.20 43.86 -91.52
CA GLU BF 35 -43.29 44.32 -90.69
C GLU BF 35 -42.83 44.25 -89.23
N ASN BF 36 -42.63 45.40 -88.61
CA ASN BF 36 -42.27 45.43 -87.20
C ASN BF 36 -43.49 45.73 -86.35
N VAL BF 37 -43.65 44.98 -85.27
CA VAL BF 37 -44.79 45.10 -84.38
C VAL BF 37 -44.23 45.48 -83.01
N GLY BF 38 -44.10 46.78 -82.78
CA GLY BF 38 -43.71 47.21 -81.45
C GLY BF 38 -42.30 46.80 -81.08
N SER BF 39 -42.15 46.26 -79.88
CA SER BF 39 -40.88 46.27 -79.19
C SER BF 39 -39.82 45.45 -79.90
N GLY BF 40 -38.94 46.14 -80.62
CA GLY BF 40 -37.79 45.56 -81.28
C GLY BF 40 -37.99 44.26 -82.03
N LEU BF 41 -39.16 44.04 -82.63
CA LEU BF 41 -39.43 42.79 -83.32
C LEU BF 41 -39.72 43.10 -84.78
N VAL BF 42 -38.84 42.65 -85.67
CA VAL BF 42 -39.03 42.80 -87.11
C VAL BF 42 -39.16 41.42 -87.71
N THR BF 43 -40.00 41.31 -88.74
CA THR BF 43 -40.29 40.03 -89.37
C THR BF 43 -40.20 40.19 -90.89
N ALA BF 44 -39.50 39.27 -91.53
CA ALA BF 44 -39.40 39.20 -92.98
C ALA BF 44 -40.21 38.02 -93.49
N MET BF 45 -40.86 38.21 -94.64
CA MET BF 45 -41.72 37.19 -95.22
C MET BF 45 -41.29 36.92 -96.65
N VAL BF 46 -41.10 35.64 -96.98
CA VAL BF 46 -40.73 35.21 -98.31
C VAL BF 46 -41.75 34.20 -98.79
N LYS BF 47 -41.87 34.07 -100.11
CA LYS BF 47 -42.79 33.10 -100.68
C LYS BF 47 -42.16 32.43 -101.89
N GLY BF 48 -42.61 31.22 -102.16
CA GLY BF 48 -42.05 30.42 -103.22
C GLY BF 48 -42.52 28.99 -103.08
N ASP BF 49 -41.90 28.09 -103.84
CA ASP BF 49 -42.27 26.69 -103.73
C ASP BF 49 -41.86 26.14 -102.36
N VAL BF 50 -42.40 24.96 -102.03
CA VAL BF 50 -42.25 24.44 -100.67
C VAL BF 50 -40.83 23.97 -100.42
N GLY BF 51 -40.21 23.34 -101.42
CA GLY BF 51 -38.83 22.91 -101.24
C GLY BF 51 -37.85 24.07 -101.24
N ALA BF 52 -38.14 25.10 -102.02
CA ALA BF 52 -37.31 26.29 -102.02
C ALA BF 52 -37.47 27.07 -100.72
N VAL BF 53 -38.70 27.35 -100.32
CA VAL BF 53 -38.94 28.15 -99.13
C VAL BF 53 -38.36 27.46 -97.90
N ASN BF 54 -38.46 26.14 -97.85
CA ASN BF 54 -37.87 25.42 -96.73
C ASN BF 54 -36.36 25.57 -96.71
N ALA BF 55 -35.74 25.68 -97.89
CA ALA BF 55 -34.30 25.81 -97.98
C ALA BF 55 -33.86 27.25 -97.72
N ALA BF 56 -34.74 28.21 -97.93
CA ALA BF 56 -34.39 29.60 -97.67
C ALA BF 56 -34.45 29.90 -96.17
N VAL BF 57 -35.39 29.29 -95.45
CA VAL BF 57 -35.60 29.68 -94.06
C VAL BF 57 -34.48 29.15 -93.18
N ASP BF 58 -34.01 27.93 -93.43
CA ASP BF 58 -32.95 27.41 -92.57
C ASP BF 58 -31.61 28.09 -92.86
N SER BF 59 -31.46 28.64 -94.06
CA SER BF 59 -30.26 29.44 -94.35
C SER BF 59 -30.35 30.81 -93.71
N GLY BF 60 -31.52 31.45 -93.80
CA GLY BF 60 -31.69 32.77 -93.21
C GLY BF 60 -31.65 32.77 -91.70
N VAL BF 61 -32.12 31.69 -91.08
CA VAL BF 61 -32.03 31.59 -89.62
C VAL BF 61 -30.59 31.46 -89.19
N GLU BF 62 -29.80 30.76 -90.00
CA GLU BF 62 -28.41 30.49 -89.65
C GLU BF 62 -27.57 31.74 -89.71
N ALA BF 63 -27.89 32.65 -90.62
CA ALA BF 63 -27.15 33.90 -90.75
C ALA BF 63 -27.51 34.89 -89.65
N ALA BF 64 -28.80 35.11 -89.43
CA ALA BF 64 -29.21 36.08 -88.42
C ALA BF 64 -28.85 35.62 -87.02
N LYS BF 65 -28.83 34.30 -86.79
CA LYS BF 65 -28.40 33.77 -85.50
C LYS BF 65 -26.95 34.10 -85.21
N ARG BF 66 -26.18 34.46 -86.24
CA ARG BF 66 -24.77 34.74 -86.06
C ARG BF 66 -24.53 36.06 -85.35
N ILE BF 67 -25.29 37.10 -85.72
CA ILE BF 67 -25.06 38.45 -85.22
C ILE BF 67 -26.18 38.95 -84.32
N GLY BF 68 -27.30 38.25 -84.24
CA GLY BF 68 -28.40 38.72 -83.43
C GLY BF 68 -29.21 37.60 -82.83
N LYS BF 69 -30.44 37.89 -82.42
CA LYS BF 69 -31.33 36.91 -81.85
C LYS BF 69 -32.42 36.60 -82.84
N VAL BF 70 -32.53 35.32 -83.20
CA VAL BF 70 -33.66 34.84 -83.99
C VAL BF 70 -34.71 34.34 -83.00
N VAL BF 71 -35.89 34.94 -83.03
CA VAL BF 71 -36.93 34.63 -82.07
C VAL BF 71 -37.76 33.44 -82.52
N SER BF 72 -38.19 33.42 -83.77
CA SER BF 72 -39.03 32.35 -84.27
C SER BF 72 -38.88 32.23 -85.78
N SER BF 73 -39.12 31.04 -86.29
CA SER BF 73 -39.17 30.78 -87.71
C SER BF 73 -40.24 29.76 -87.99
N ARG BF 74 -40.80 29.80 -89.20
CA ARG BF 74 -41.95 28.96 -89.50
C ARG BF 74 -42.20 28.96 -90.99
N VAL BF 75 -42.53 27.78 -91.53
CA VAL BF 75 -42.90 27.63 -92.93
C VAL BF 75 -44.35 27.14 -92.96
N ILE BF 76 -45.16 27.75 -93.81
CA ILE BF 76 -46.54 27.37 -94.00
C ILE BF 76 -46.66 26.81 -95.42
N ALA BF 77 -46.97 25.52 -95.52
CA ALA BF 77 -46.89 24.84 -96.81
C ALA BF 77 -48.00 25.27 -97.75
N ARG BF 78 -49.19 25.51 -97.23
CA ARG BF 78 -50.30 26.03 -98.04
C ARG BF 78 -51.03 27.06 -97.20
N PRO BF 79 -50.72 28.35 -97.37
CA PRO BF 79 -51.44 29.37 -96.62
C PRO BF 79 -52.88 29.49 -97.12
N HIS BF 80 -53.78 29.68 -96.18
CA HIS BF 80 -55.19 29.78 -96.53
C HIS BF 80 -55.45 31.05 -97.33
N ASN BF 81 -56.40 30.96 -98.25
CA ASN BF 81 -56.64 32.05 -99.19
C ASN BF 81 -56.96 33.34 -98.46
N ASP BF 82 -57.66 33.25 -97.32
CA ASP BF 82 -58.01 34.44 -96.56
C ASP BF 82 -56.77 35.18 -96.09
N ILE BF 83 -55.74 34.45 -95.70
CA ILE BF 83 -54.52 35.05 -95.17
C ILE BF 83 -53.67 35.57 -96.32
N GLU CF 3 -24.40 49.21 -105.13
CA GLU CF 3 -23.35 49.66 -104.23
C GLU CF 3 -23.52 49.01 -102.86
N ALA CF 4 -22.44 48.95 -102.09
CA ALA CF 4 -22.47 48.27 -100.82
C ALA CF 4 -23.41 48.97 -99.84
N LEU CF 5 -23.53 48.40 -98.65
CA LEU CF 5 -24.49 48.91 -97.68
C LEU CF 5 -24.01 48.58 -96.29
N GLY CF 6 -24.00 49.57 -95.42
CA GLY CF 6 -23.51 49.41 -94.06
C GLY CF 6 -24.53 49.85 -93.05
N LEU CF 7 -24.57 49.14 -91.93
CA LEU CF 7 -25.55 49.40 -90.88
C LEU CF 7 -24.87 49.44 -89.52
N ILE CF 8 -25.29 50.39 -88.70
CA ILE CF 8 -24.91 50.43 -87.30
C ILE CF 8 -26.19 50.57 -86.49
N GLU CF 9 -26.29 49.78 -85.42
CA GLU CF 9 -27.46 49.80 -84.56
C GLU CF 9 -27.04 50.19 -83.15
N THR CF 10 -27.67 51.24 -82.62
CA THR CF 10 -27.30 51.80 -81.34
C THR CF 10 -28.53 51.94 -80.47
N LYS CF 11 -28.29 51.97 -79.15
CA LYS CF 11 -29.36 52.18 -78.18
C LYS CF 11 -29.44 53.67 -77.87
N GLY CF 12 -30.50 54.31 -78.32
CA GLY CF 12 -30.64 55.73 -78.14
C GLY CF 12 -30.26 56.50 -79.39
N LEU CF 13 -30.87 57.68 -79.55
CA LEU CF 13 -30.65 58.45 -80.76
C LEU CF 13 -29.34 59.22 -80.74
N VAL CF 14 -28.88 59.66 -79.58
CA VAL CF 14 -27.68 60.47 -79.52
C VAL CF 14 -26.47 59.67 -80.02
N ALA CF 15 -26.33 58.44 -79.54
CA ALA CF 15 -25.22 57.60 -79.99
C ALA CF 15 -25.30 57.32 -81.48
N CYS CF 16 -26.47 57.45 -82.09
CA CYS CF 16 -26.61 57.20 -83.52
C CYS CF 16 -26.21 58.41 -84.35
N ILE CF 17 -26.40 59.61 -83.82
CA ILE CF 17 -25.95 60.80 -84.56
C ILE CF 17 -24.44 60.94 -84.47
N GLU CF 18 -23.84 60.55 -83.35
CA GLU CF 18 -22.38 60.51 -83.30
C GLU CF 18 -21.83 59.47 -84.26
N ALA CF 19 -22.45 58.30 -84.33
CA ALA CF 19 -22.01 57.28 -85.27
C ALA CF 19 -22.14 57.75 -86.71
N ALA CF 20 -23.23 58.43 -87.05
CA ALA CF 20 -23.42 58.86 -88.43
C ALA CF 20 -22.55 60.04 -88.78
N ASP CF 21 -22.12 60.84 -87.81
CA ASP CF 21 -21.20 61.92 -88.11
C ASP CF 21 -19.82 61.38 -88.41
N ALA CF 22 -19.38 60.36 -87.66
CA ALA CF 22 -18.08 59.76 -87.92
C ALA CF 22 -18.08 59.02 -89.26
N MET CF 23 -19.20 58.39 -89.61
CA MET CF 23 -19.28 57.66 -90.87
C MET CF 23 -19.18 58.61 -92.05
N CYS CF 24 -19.85 59.75 -92.00
CA CYS CF 24 -19.90 60.64 -93.15
C CYS CF 24 -18.61 61.43 -93.32
N LYS CF 25 -17.79 61.55 -92.29
CA LYS CF 25 -16.51 62.22 -92.42
C LYS CF 25 -15.39 61.27 -92.81
N ALA CF 26 -15.57 59.96 -92.63
CA ALA CF 26 -14.51 59.00 -92.79
C ALA CF 26 -14.29 58.62 -94.25
N ALA CF 27 -15.31 58.72 -95.09
CA ALA CF 27 -15.17 58.34 -96.48
C ALA CF 27 -16.28 59.01 -97.27
N ASN CF 28 -16.33 58.69 -98.57
CA ASN CF 28 -17.27 59.33 -99.48
C ASN CF 28 -18.49 58.42 -99.63
N VAL CF 29 -19.34 58.45 -98.60
CA VAL CF 29 -20.56 57.67 -98.58
C VAL CF 29 -21.72 58.64 -98.42
N GLU CF 30 -22.86 58.27 -99.01
CA GLU CF 30 -24.09 59.04 -98.85
C GLU CF 30 -24.95 58.36 -97.78
N LEU CF 31 -25.48 59.15 -96.87
CA LEU CF 31 -26.26 58.65 -95.76
C LEU CF 31 -27.72 58.56 -96.16
N ILE CF 32 -28.33 57.41 -95.92
CA ILE CF 32 -29.69 57.15 -96.38
C ILE CF 32 -30.72 57.67 -95.39
N GLY CF 33 -30.63 57.26 -94.14
CA GLY CF 33 -31.53 57.77 -93.13
C GLY CF 33 -31.66 56.81 -91.97
N TYR CF 34 -32.29 57.30 -90.91
CA TYR CF 34 -32.48 56.55 -89.68
C TYR CF 34 -33.78 55.76 -89.74
N GLU CF 35 -33.85 54.74 -88.88
CA GLU CF 35 -35.05 53.92 -88.76
C GLU CF 35 -35.05 53.30 -87.37
N ASN CF 36 -35.97 53.70 -86.51
CA ASN CF 36 -36.09 53.09 -85.19
C ASN CF 36 -37.23 52.08 -85.18
N VAL CF 37 -37.00 50.97 -84.48
CA VAL CF 37 -37.93 49.86 -84.43
C VAL CF 37 -38.51 49.68 -83.03
N GLY CF 38 -38.29 50.62 -82.14
CA GLY CF 38 -38.78 50.52 -80.78
C GLY CF 38 -37.79 49.85 -79.85
N SER CF 39 -38.07 50.00 -78.56
CA SER CF 39 -37.21 49.54 -77.47
C SER CF 39 -35.91 50.31 -77.40
N GLY CF 40 -35.85 51.48 -78.03
CA GLY CF 40 -34.67 52.32 -77.98
C GLY CF 40 -33.63 52.03 -79.03
N LEU CF 41 -33.92 51.16 -79.99
CA LEU CF 41 -32.95 50.78 -81.02
C LEU CF 41 -33.11 51.68 -82.22
N VAL CF 42 -32.05 52.38 -82.58
CA VAL CF 42 -32.02 53.24 -83.76
C VAL CF 42 -30.90 52.75 -84.67
N THR CF 43 -31.14 52.80 -85.98
CA THR CF 43 -30.23 52.26 -86.97
C THR CF 43 -29.94 53.30 -88.03
N ALA CF 44 -28.67 53.46 -88.37
CA ALA CF 44 -28.22 54.34 -89.44
C ALA CF 44 -27.74 53.50 -90.61
N MET CF 45 -28.02 53.96 -91.82
CA MET CF 45 -27.73 53.20 -93.02
C MET CF 45 -27.01 54.09 -94.02
N VAL CF 46 -25.84 53.65 -94.49
CA VAL CF 46 -25.06 54.36 -95.49
C VAL CF 46 -24.91 53.46 -96.70
N LYS CF 47 -24.52 54.06 -97.82
CA LYS CF 47 -24.30 53.29 -99.03
C LYS CF 47 -23.23 53.95 -99.88
N GLY CF 48 -22.42 53.13 -100.53
CA GLY CF 48 -21.34 53.61 -101.36
C GLY CF 48 -20.49 52.44 -101.81
N ASP CF 49 -19.32 52.75 -102.34
CA ASP CF 49 -18.40 51.69 -102.74
C ASP CF 49 -17.94 50.91 -101.53
N VAL CF 50 -17.56 49.65 -101.77
CA VAL CF 50 -17.33 48.73 -100.66
C VAL CF 50 -16.04 49.02 -99.90
N GLY CF 51 -15.09 49.73 -100.50
CA GLY CF 51 -13.92 50.14 -99.77
C GLY CF 51 -14.22 51.32 -98.88
N ALA CF 52 -15.09 52.21 -99.36
CA ALA CF 52 -15.50 53.36 -98.56
C ALA CF 52 -16.44 52.95 -97.45
N VAL CF 53 -17.42 52.10 -97.76
CA VAL CF 53 -18.40 51.69 -96.76
C VAL CF 53 -17.74 50.90 -95.65
N ASN CF 54 -16.75 50.08 -96.00
CA ASN CF 54 -16.01 49.39 -94.96
C ASN CF 54 -15.32 50.38 -94.03
N ALA CF 55 -14.59 51.34 -94.59
CA ALA CF 55 -13.88 52.31 -93.77
C ALA CF 55 -14.83 53.10 -92.89
N ALA CF 56 -16.03 53.41 -93.39
CA ALA CF 56 -16.96 54.24 -92.64
C ALA CF 56 -17.54 53.50 -91.45
N VAL CF 57 -17.94 52.25 -91.63
CA VAL CF 57 -18.59 51.51 -90.54
C VAL CF 57 -17.59 51.21 -89.43
N ASP CF 58 -16.32 51.02 -89.76
CA ASP CF 58 -15.34 50.77 -88.72
C ASP CF 58 -15.10 52.01 -87.87
N SER CF 59 -15.14 53.19 -88.50
CA SER CF 59 -14.95 54.43 -87.75
C SER CF 59 -16.19 54.78 -86.95
N GLY CF 60 -17.37 54.62 -87.57
CA GLY CF 60 -18.61 54.92 -86.87
C GLY CF 60 -18.81 54.05 -85.65
N VAL CF 61 -18.37 52.81 -85.69
CA VAL CF 61 -18.54 51.92 -84.56
C VAL CF 61 -17.69 52.39 -83.38
N GLU CF 62 -16.45 52.78 -83.66
CA GLU CF 62 -15.55 53.18 -82.58
C GLU CF 62 -15.99 54.49 -81.94
N ALA CF 63 -16.53 55.42 -82.73
CA ALA CF 63 -16.95 56.70 -82.16
C ALA CF 63 -18.20 56.54 -81.32
N ALA CF 64 -19.20 55.81 -81.82
CA ALA CF 64 -20.41 55.60 -81.04
C ALA CF 64 -20.16 54.73 -79.82
N LYS CF 65 -19.22 53.79 -79.92
CA LYS CF 65 -18.86 52.97 -78.77
C LYS CF 65 -18.34 53.82 -77.62
N ARG CF 66 -17.76 54.97 -77.93
CA ARG CF 66 -17.12 55.80 -76.91
C ARG CF 66 -18.15 56.45 -76.00
N ILE CF 67 -19.33 56.80 -76.53
CA ILE CF 67 -20.30 57.60 -75.81
C ILE CF 67 -21.63 56.89 -75.63
N GLY CF 68 -21.76 55.65 -76.06
CA GLY CF 68 -23.00 54.94 -75.91
C GLY CF 68 -22.78 53.46 -76.11
N LYS CF 69 -23.87 52.74 -76.34
CA LYS CF 69 -23.82 51.32 -76.58
C LYS CF 69 -24.08 51.05 -78.04
N VAL CF 70 -23.16 50.35 -78.70
CA VAL CF 70 -23.35 49.89 -80.06
C VAL CF 70 -23.84 48.44 -79.99
N VAL CF 71 -25.02 48.18 -80.54
CA VAL CF 71 -25.61 46.86 -80.46
C VAL CF 71 -25.09 45.94 -81.55
N SER CF 72 -25.00 46.43 -82.78
CA SER CF 72 -24.64 45.59 -83.90
C SER CF 72 -24.16 46.46 -85.06
N SER CF 73 -23.33 45.87 -85.91
CA SER CF 73 -22.85 46.52 -87.11
C SER CF 73 -22.69 45.47 -88.20
N ARG CF 74 -22.70 45.92 -89.45
CA ARG CF 74 -22.72 44.97 -90.54
C ARG CF 74 -22.47 45.69 -91.86
N VAL CF 75 -21.67 45.08 -92.73
CA VAL CF 75 -21.48 45.54 -94.09
C VAL CF 75 -22.00 44.46 -95.03
N ILE CF 76 -22.75 44.88 -96.04
CA ILE CF 76 -23.28 43.97 -97.04
C ILE CF 76 -22.69 44.41 -98.38
N ALA CF 77 -21.78 43.59 -98.91
CA ALA CF 77 -20.98 44.03 -100.06
C ALA CF 77 -21.79 44.04 -101.34
N ARG CF 78 -22.49 42.94 -101.65
CA ARG CF 78 -23.37 42.89 -102.80
C ARG CF 78 -24.78 42.63 -102.32
N PRO CF 79 -25.57 43.66 -102.04
CA PRO CF 79 -26.94 43.45 -101.58
C PRO CF 79 -27.83 43.02 -102.73
N HIS CF 80 -28.78 42.15 -102.41
CA HIS CF 80 -29.69 41.64 -103.41
C HIS CF 80 -30.64 42.74 -103.88
N ASN CF 81 -31.11 42.61 -105.12
CA ASN CF 81 -31.95 43.65 -105.69
C ASN CF 81 -33.32 43.70 -105.04
N ASP CF 82 -33.79 42.58 -104.48
CA ASP CF 82 -35.02 42.59 -103.71
C ASP CF 82 -34.87 43.41 -102.44
N ILE CF 83 -33.65 43.51 -101.91
CA ILE CF 83 -33.40 44.28 -100.70
C ILE CF 83 -33.22 45.75 -101.06
N GLU DF 3 -5.33 43.01 -109.94
CA GLU DF 3 -6.31 43.06 -108.87
C GLU DF 3 -5.94 42.08 -107.77
N ALA DF 4 -6.63 42.17 -106.65
CA ALA DF 4 -6.25 41.40 -105.47
C ALA DF 4 -6.47 39.91 -105.70
N LEU DF 5 -6.08 39.12 -104.72
CA LEU DF 5 -6.10 37.67 -104.82
C LEU DF 5 -6.44 37.07 -103.48
N GLY DF 6 -7.46 36.23 -103.44
CA GLY DF 6 -7.91 35.60 -102.21
C GLY DF 6 -7.84 34.09 -102.30
N LEU DF 7 -7.33 33.46 -101.23
CA LEU DF 7 -7.10 32.03 -101.22
C LEU DF 7 -7.71 31.42 -99.98
N ILE DF 8 -8.36 30.27 -100.14
CA ILE DF 8 -8.84 29.46 -99.03
C ILE DF 8 -8.40 28.04 -99.26
N GLU DF 9 -7.92 27.37 -98.22
CA GLU DF 9 -7.42 26.01 -98.31
C GLU DF 9 -8.12 25.14 -97.30
N THR DF 10 -8.66 24.03 -97.76
CA THR DF 10 -9.49 23.15 -96.94
C THR DF 10 -9.04 21.71 -97.11
N LYS DF 11 -9.48 20.85 -96.18
CA LYS DF 11 -9.33 19.41 -96.31
C LYS DF 11 -10.57 18.85 -96.98
N GLY DF 12 -10.41 18.28 -98.16
CA GLY DF 12 -11.58 17.71 -98.80
C GLY DF 12 -12.23 18.67 -99.77
N LEU DF 13 -12.94 18.11 -100.74
CA LEU DF 13 -13.51 18.92 -101.80
C LEU DF 13 -14.83 19.55 -101.41
N VAL DF 14 -15.60 18.90 -100.54
CA VAL DF 14 -16.92 19.42 -100.21
C VAL DF 14 -16.82 20.74 -99.46
N ALA DF 15 -15.90 20.83 -98.50
CA ALA DF 15 -15.73 22.09 -97.78
C ALA DF 15 -15.25 23.19 -98.70
N CYS DF 16 -14.64 22.84 -99.83
CA CYS DF 16 -14.13 23.85 -100.75
C CYS DF 16 -15.19 24.30 -101.74
N ILE DF 17 -16.17 23.45 -102.06
CA ILE DF 17 -17.27 23.92 -102.90
C ILE DF 17 -18.22 24.79 -102.12
N GLU DF 18 -18.30 24.59 -100.80
CA GLU DF 18 -19.10 25.48 -99.99
C GLU DF 18 -18.41 26.83 -99.79
N ALA DF 19 -17.09 26.81 -99.61
CA ALA DF 19 -16.36 28.07 -99.52
C ALA DF 19 -16.41 28.84 -100.82
N ALA DF 20 -16.29 28.14 -101.95
CA ALA DF 20 -16.31 28.83 -103.24
C ALA DF 20 -17.69 29.36 -103.56
N ASP DF 21 -18.73 28.69 -103.10
CA ASP DF 21 -20.08 29.17 -103.34
C ASP DF 21 -20.38 30.41 -102.51
N ALA DF 22 -20.00 30.40 -101.24
CA ALA DF 22 -20.23 31.55 -100.38
C ALA DF 22 -19.44 32.76 -100.87
N MET DF 23 -18.19 32.55 -101.31
CA MET DF 23 -17.38 33.65 -101.78
C MET DF 23 -18.01 34.34 -102.97
N CYS DF 24 -18.47 33.56 -103.96
CA CYS DF 24 -19.02 34.15 -105.16
C CYS DF 24 -20.35 34.85 -104.91
N LYS DF 25 -21.05 34.51 -103.84
CA LYS DF 25 -22.33 35.13 -103.54
C LYS DF 25 -22.16 36.45 -102.82
N ALA DF 26 -21.15 36.56 -101.96
CA ALA DF 26 -21.06 37.61 -100.98
C ALA DF 26 -20.24 38.81 -101.44
N ALA DF 27 -19.84 38.85 -102.70
CA ALA DF 27 -19.05 39.98 -103.21
C ALA DF 27 -18.91 39.82 -104.71
N ASN DF 28 -18.50 40.90 -105.36
CA ASN DF 28 -18.30 40.90 -106.81
C ASN DF 28 -16.86 40.46 -107.11
N VAL DF 29 -16.68 39.14 -107.14
CA VAL DF 29 -15.38 38.54 -107.39
C VAL DF 29 -15.53 37.53 -108.52
N GLU DF 30 -14.39 37.14 -109.09
CA GLU DF 30 -14.34 36.14 -110.15
C GLU DF 30 -13.60 34.93 -109.64
N LEU DF 31 -14.18 33.75 -109.85
CA LEU DF 31 -13.55 32.51 -109.43
C LEU DF 31 -12.59 32.03 -110.49
N ILE DF 32 -11.33 31.82 -110.10
CA ILE DF 32 -10.31 31.38 -111.05
C ILE DF 32 -10.32 29.87 -111.21
N GLY DF 33 -10.35 29.15 -110.10
CA GLY DF 33 -10.44 27.70 -110.17
C GLY DF 33 -9.92 27.05 -108.91
N TYR DF 34 -9.96 25.73 -108.93
CA TYR DF 34 -9.44 24.90 -107.85
C TYR DF 34 -8.07 24.35 -108.23
N GLU DF 35 -7.30 23.98 -107.20
CA GLU DF 35 -5.97 23.43 -107.42
C GLU DF 35 -5.60 22.60 -106.19
N ASN DF 36 -5.68 21.29 -106.32
CA ASN DF 36 -5.35 20.40 -105.22
C ASN DF 36 -3.93 19.86 -105.37
N VAL DF 37 -3.34 19.51 -104.23
CA VAL DF 37 -1.94 19.09 -104.17
C VAL DF 37 -1.80 17.77 -103.44
N GLY DF 38 -2.85 16.96 -103.45
CA GLY DF 38 -2.81 15.69 -102.73
C GLY DF 38 -2.89 15.90 -101.23
N SER DF 39 -2.96 14.79 -100.53
CA SER DF 39 -3.26 14.73 -99.09
C SER DF 39 -4.63 15.31 -98.76
N GLY DF 40 -5.48 15.51 -99.77
CA GLY DF 40 -6.80 16.04 -99.53
C GLY DF 40 -6.88 17.54 -99.41
N LEU DF 41 -5.78 18.25 -99.59
CA LEU DF 41 -5.79 19.71 -99.53
C LEU DF 41 -6.27 20.25 -100.87
N VAL DF 42 -7.34 21.03 -100.84
CA VAL DF 42 -7.87 21.70 -102.03
C VAL DF 42 -7.90 23.19 -101.75
N THR DF 43 -7.65 23.99 -102.79
CA THR DF 43 -7.51 25.43 -102.66
C THR DF 43 -8.39 26.13 -103.70
N ALA DF 44 -9.10 27.16 -103.26
CA ALA DF 44 -9.92 27.99 -104.14
C ALA DF 44 -9.27 29.35 -104.27
N MET DF 45 -9.34 29.93 -105.47
CA MET DF 45 -8.72 31.21 -105.76
C MET DF 45 -9.73 32.15 -106.39
N VAL DF 46 -10.01 33.27 -105.74
CA VAL DF 46 -10.87 34.30 -106.27
C VAL DF 46 -10.03 35.52 -106.62
N LYS DF 47 -10.59 36.40 -107.44
CA LYS DF 47 -9.86 37.55 -107.94
C LYS DF 47 -10.81 38.72 -108.12
N GLY DF 48 -10.41 39.89 -107.63
CA GLY DF 48 -11.23 41.06 -107.79
C GLY DF 48 -10.59 42.24 -107.08
N ASP DF 49 -11.35 43.32 -106.94
CA ASP DF 49 -10.87 44.48 -106.21
C ASP DF 49 -10.59 44.12 -104.75
N VAL DF 50 -9.76 44.93 -104.10
CA VAL DF 50 -9.25 44.57 -102.79
C VAL DF 50 -10.38 44.53 -101.76
N GLY DF 51 -11.29 45.49 -101.80
CA GLY DF 51 -12.37 45.51 -100.84
C GLY DF 51 -13.32 44.35 -101.01
N ALA DF 52 -13.66 44.04 -102.26
CA ALA DF 52 -14.51 42.89 -102.54
C ALA DF 52 -13.83 41.60 -102.12
N VAL DF 53 -12.60 41.39 -102.58
CA VAL DF 53 -11.88 40.15 -102.28
C VAL DF 53 -11.70 39.98 -100.79
N ASN DF 54 -11.43 41.06 -100.07
CA ASN DF 54 -11.36 40.97 -98.62
C ASN DF 54 -12.65 40.41 -98.07
N ALA DF 55 -13.77 41.04 -98.40
CA ALA DF 55 -15.08 40.63 -97.88
C ALA DF 55 -15.39 39.18 -98.24
N ALA DF 56 -15.09 38.77 -99.48
CA ALA DF 56 -15.41 37.43 -99.92
C ALA DF 56 -14.69 36.39 -99.06
N VAL DF 57 -13.39 36.58 -98.84
CA VAL DF 57 -12.61 35.58 -98.10
C VAL DF 57 -13.13 35.43 -96.68
N ASP DF 58 -13.62 36.52 -96.08
CA ASP DF 58 -14.16 36.42 -94.72
C ASP DF 58 -15.43 35.57 -94.70
N SER DF 59 -16.32 35.78 -95.67
CA SER DF 59 -17.54 34.99 -95.72
C SER DF 59 -17.26 33.56 -96.13
N GLY DF 60 -16.34 33.36 -97.07
CA GLY DF 60 -16.05 32.01 -97.52
C GLY DF 60 -15.45 31.14 -96.44
N VAL DF 61 -14.62 31.71 -95.58
CA VAL DF 61 -14.04 30.93 -94.49
C VAL DF 61 -15.09 30.62 -93.46
N GLU DF 62 -16.05 31.52 -93.28
CA GLU DF 62 -17.07 31.32 -92.26
C GLU DF 62 -18.04 30.21 -92.66
N ALA DF 63 -18.34 30.08 -93.95
CA ALA DF 63 -19.20 29.01 -94.42
C ALA DF 63 -18.46 27.67 -94.43
N ALA DF 64 -17.21 27.67 -94.89
CA ALA DF 64 -16.49 26.42 -95.02
C ALA DF 64 -16.14 25.83 -93.65
N LYS DF 65 -15.71 26.68 -92.72
CA LYS DF 65 -15.37 26.21 -91.39
C LYS DF 65 -16.52 25.53 -90.70
N ARG DF 66 -17.73 25.72 -91.22
CA ARG DF 66 -18.94 25.28 -90.54
C ARG DF 66 -19.20 23.80 -90.76
N ILE DF 67 -18.77 23.25 -91.89
CA ILE DF 67 -18.96 21.85 -92.20
C ILE DF 67 -17.66 21.07 -92.31
N GLY DF 68 -16.53 21.73 -92.53
CA GLY DF 68 -15.27 21.04 -92.71
C GLY DF 68 -14.14 21.79 -92.04
N LYS DF 69 -12.92 21.62 -92.52
CA LYS DF 69 -11.75 22.22 -91.90
C LYS DF 69 -11.11 23.20 -92.87
N VAL DF 70 -10.98 24.46 -92.42
CA VAL DF 70 -10.28 25.48 -93.18
C VAL DF 70 -8.85 25.53 -92.69
N VAL DF 71 -7.91 25.19 -93.59
CA VAL DF 71 -6.51 25.08 -93.19
C VAL DF 71 -5.86 26.46 -93.13
N SER DF 72 -6.08 27.28 -94.15
CA SER DF 72 -5.50 28.62 -94.14
C SER DF 72 -6.26 29.49 -95.14
N SER DF 73 -6.20 30.80 -94.90
CA SER DF 73 -6.76 31.79 -95.80
C SER DF 73 -5.79 32.96 -95.90
N ARG DF 74 -5.91 33.73 -96.97
CA ARG DF 74 -4.95 34.79 -97.22
C ARG DF 74 -5.46 35.68 -98.33
N VAL DF 75 -5.20 36.98 -98.21
CA VAL DF 75 -5.49 37.95 -99.26
C VAL DF 75 -4.20 38.66 -99.63
N ILE DF 76 -3.87 38.64 -100.92
CA ILE DF 76 -2.74 39.39 -101.46
C ILE DF 76 -3.31 40.61 -102.17
N ALA DF 77 -3.04 41.80 -101.64
CA ALA DF 77 -3.66 43.00 -102.18
C ALA DF 77 -3.14 43.32 -103.57
N ARG DF 78 -1.91 42.96 -103.87
CA ARG DF 78 -1.33 43.21 -105.19
C ARG DF 78 -0.28 42.13 -105.45
N PRO DF 79 -0.63 41.11 -106.20
CA PRO DF 79 0.35 40.06 -106.50
C PRO DF 79 1.37 40.56 -107.50
N HIS DF 80 2.59 40.06 -107.37
CA HIS DF 80 3.60 40.30 -108.39
C HIS DF 80 3.16 39.69 -109.70
N ASN DF 81 3.63 40.25 -110.81
CA ASN DF 81 3.24 39.72 -112.11
C ASN DF 81 3.70 38.29 -112.31
N ASP DF 82 4.81 37.91 -111.68
CA ASP DF 82 5.28 36.53 -111.77
C ASP DF 82 4.29 35.58 -111.11
N ILE DF 83 3.63 36.02 -110.04
CA ILE DF 83 2.66 35.18 -109.36
C ILE DF 83 1.46 34.90 -110.25
N GLU DF 84 1.16 35.77 -111.20
CA GLU DF 84 0.05 35.50 -112.13
C GLU DF 84 0.54 34.71 -113.34
N LYS DF 85 1.33 33.69 -113.04
CA LYS DF 85 1.67 32.62 -113.97
C LYS DF 85 1.68 31.28 -113.27
N ILE DF 86 1.66 31.27 -111.95
CA ILE DF 86 1.53 30.05 -111.15
C ILE DF 86 0.07 29.71 -110.90
N ALA DF 87 -0.73 30.73 -110.58
CA ALA DF 87 -2.16 30.51 -110.40
C ALA DF 87 -2.83 30.21 -111.73
N GLY DF 88 -2.80 31.16 -112.65
CA GLY DF 88 -3.38 30.95 -113.97
C GLY DF 88 -2.42 30.33 -114.95
N MET EF 1 96.38 -12.09 -50.34
CA MET EF 1 97.16 -10.87 -50.47
C MET EF 1 98.41 -11.13 -51.30
N ILE EF 2 99.05 -10.07 -51.75
CA ILE EF 2 100.33 -10.15 -52.44
C ILE EF 2 101.22 -9.02 -51.95
N LEU EF 3 102.51 -9.27 -51.92
CA LEU EF 3 103.48 -8.20 -51.67
C LEU EF 3 103.64 -7.36 -52.91
N ALA EF 4 103.55 -6.04 -52.74
CA ALA EF 4 103.65 -5.13 -53.86
C ALA EF 4 104.27 -3.84 -53.39
N LYS EF 5 104.63 -2.99 -54.35
CA LYS EF 5 105.28 -1.73 -54.07
C LYS EF 5 104.53 -0.62 -54.80
N VAL EF 6 104.23 0.47 -54.10
CA VAL EF 6 103.55 1.59 -54.72
C VAL EF 6 104.52 2.30 -55.65
N THR EF 7 104.11 2.47 -56.91
CA THR EF 7 104.98 3.03 -57.93
C THR EF 7 104.40 4.25 -58.63
N GLY EF 8 103.24 4.75 -58.20
CA GLY EF 8 102.67 5.92 -58.84
C GLY EF 8 101.25 6.14 -58.34
N HIS EF 9 100.49 6.91 -59.10
CA HIS EF 9 99.09 7.15 -58.79
C HIS EF 9 98.36 7.50 -60.07
N VAL EF 10 97.03 7.48 -60.00
CA VAL EF 10 96.17 7.72 -61.14
C VAL EF 10 95.17 8.81 -60.78
N VAL EF 11 95.01 9.79 -61.66
CA VAL EF 11 94.08 10.89 -61.46
C VAL EF 11 92.93 10.69 -62.44
N ALA EF 12 91.76 10.38 -61.90
CA ALA EF 12 90.57 10.12 -62.71
C ALA EF 12 89.45 11.04 -62.23
N THR EF 13 88.91 11.84 -63.13
CA THR EF 13 87.86 12.80 -62.80
C THR EF 13 86.47 12.25 -63.05
N GLN EF 14 86.25 11.66 -64.21
CA GLN EF 14 84.95 11.08 -64.58
C GLN EF 14 84.96 9.63 -64.12
N LYS EF 15 84.28 9.34 -63.03
CA LYS EF 15 84.27 7.99 -62.48
C LYS EF 15 82.99 7.77 -61.70
N CYS EF 16 82.79 6.53 -61.28
CA CYS EF 16 81.58 6.15 -60.57
C CYS EF 16 81.55 6.81 -59.20
N ASP EF 17 80.47 6.53 -58.46
CA ASP EF 17 80.28 7.12 -57.15
C ASP EF 17 80.81 6.26 -56.02
N GLU EF 18 80.96 4.95 -56.25
CA GLU EF 18 81.56 4.08 -55.26
C GLU EF 18 83.04 4.38 -55.04
N LEU EF 19 83.63 5.25 -55.86
CA LEU EF 19 85.04 5.57 -55.78
C LEU EF 19 85.32 7.02 -55.39
N ARG EF 20 84.30 7.78 -55.01
CA ARG EF 20 84.50 9.19 -54.67
C ARG EF 20 85.26 9.33 -53.37
N GLY EF 21 86.29 10.16 -53.38
CA GLY EF 21 87.04 10.44 -52.16
C GLY EF 21 87.96 9.31 -51.73
N SER EF 22 88.81 8.85 -52.64
CA SER EF 22 89.74 7.78 -52.33
C SER EF 22 90.93 7.91 -53.25
N ASN EF 23 92.06 7.35 -52.82
CA ASN EF 23 93.28 7.38 -53.61
C ASN EF 23 93.27 6.22 -54.58
N LEU EF 24 94.01 6.36 -55.67
CA LEU EF 24 94.14 5.29 -56.66
C LEU EF 24 95.63 5.13 -56.98
N LEU EF 25 96.25 4.11 -56.41
CA LEU EF 25 97.68 3.91 -56.52
C LEU EF 25 98.01 2.84 -57.55
N LEU EF 26 99.14 3.01 -58.22
CA LEU EF 26 99.68 1.95 -59.06
C LEU EF 26 100.49 1.02 -58.19
N ILE EF 27 100.24 -0.28 -58.33
CA ILE EF 27 100.69 -1.28 -57.38
C ILE EF 27 101.41 -2.34 -58.20
N THR EF 28 102.73 -2.45 -58.04
CA THR EF 28 103.52 -3.38 -58.83
C THR EF 28 103.93 -4.57 -57.97
N ARG EF 29 103.61 -5.77 -58.44
CA ARG EF 29 104.00 -6.97 -57.72
C ARG EF 29 105.50 -7.18 -57.81
N LEU EF 30 106.12 -7.48 -56.68
CA LEU EF 30 107.56 -7.63 -56.61
C LEU EF 30 107.95 -9.07 -56.32
N ASP EF 31 109.10 -9.47 -56.85
CA ASP EF 31 109.52 -10.88 -56.84
C ASP EF 31 110.24 -11.26 -55.55
N ASP EF 32 110.87 -12.45 -55.52
CA ASP EF 32 111.44 -12.98 -54.29
C ASP EF 32 112.77 -12.34 -53.90
N LYS EF 33 113.20 -11.31 -54.63
CA LYS EF 33 114.33 -10.50 -54.21
C LYS EF 33 113.89 -9.11 -53.79
N GLN EF 34 112.60 -8.92 -53.55
CA GLN EF 34 112.00 -7.62 -53.28
C GLN EF 34 112.35 -6.62 -54.38
N GLN EF 35 111.97 -6.99 -55.60
CA GLN EF 35 112.26 -6.19 -56.77
C GLN EF 35 111.04 -6.25 -57.70
N PRO EF 36 110.56 -5.12 -58.19
CA PRO EF 36 109.35 -5.13 -59.01
C PRO EF 36 109.52 -5.94 -60.28
N MET EF 37 108.41 -6.54 -60.73
CA MET EF 37 108.38 -7.35 -61.92
C MET EF 37 107.93 -6.51 -63.11
N LYS EF 38 107.81 -7.15 -64.27
CA LYS EF 38 107.41 -6.50 -65.50
C LYS EF 38 105.98 -6.87 -65.85
N ASP EF 39 105.18 -5.88 -66.23
CA ASP EF 39 103.80 -6.09 -66.66
C ASP EF 39 102.97 -6.72 -65.54
N GLN EF 40 103.07 -6.17 -64.34
CA GLN EF 40 102.39 -6.72 -63.19
C GLN EF 40 101.78 -5.61 -62.34
N THR EF 41 101.17 -4.63 -62.98
CA THR EF 41 100.67 -3.44 -62.29
C THR EF 41 99.15 -3.44 -62.23
N TRP EF 42 98.62 -3.19 -61.04
CA TRP EF 42 97.19 -3.01 -60.84
C TRP EF 42 96.95 -1.66 -60.22
N VAL EF 43 95.68 -1.26 -60.17
CA VAL EF 43 95.27 -0.03 -59.54
C VAL EF 43 94.51 -0.37 -58.28
N ALA EF 44 94.96 0.16 -57.15
CA ALA EF 44 94.41 -0.20 -55.86
C ALA EF 44 93.89 1.04 -55.15
N VAL EF 45 92.74 0.92 -54.50
CA VAL EF 45 92.17 2.00 -53.72
C VAL EF 45 92.87 1.98 -52.35
N ASP EF 46 93.72 2.96 -52.11
CA ASP EF 46 94.41 3.04 -50.83
C ASP EF 46 93.41 3.09 -49.69
N ASN EF 47 93.77 2.47 -48.58
CA ASN EF 47 92.87 2.39 -47.44
C ASN EF 47 93.53 2.69 -46.10
N VAL EF 48 94.86 2.67 -46.00
CA VAL EF 48 95.56 2.90 -44.75
C VAL EF 48 96.55 4.04 -44.83
N GLY EF 49 96.70 4.68 -45.99
CA GLY EF 49 97.59 5.81 -46.08
C GLY EF 49 98.99 5.46 -46.54
N ALA EF 50 99.11 4.79 -47.68
CA ALA EF 50 100.40 4.45 -48.26
C ALA EF 50 100.77 5.47 -49.33
N GLY EF 51 102.07 5.68 -49.49
CA GLY EF 51 102.57 6.62 -50.47
C GLY EF 51 103.60 5.98 -51.37
N MET EF 52 104.39 6.79 -52.06
CA MET EF 52 105.33 6.24 -53.03
C MET EF 52 106.42 5.44 -52.34
N HIS EF 53 106.91 4.42 -53.06
CA HIS EF 53 108.05 3.61 -52.67
C HIS EF 53 107.80 2.69 -51.49
N ASP EF 54 106.58 2.64 -50.98
CA ASP EF 54 106.27 1.86 -49.79
C ASP EF 54 105.86 0.46 -50.18
N ILE EF 55 106.35 -0.54 -49.45
CA ILE EF 55 105.96 -1.92 -49.69
C ILE EF 55 104.66 -2.20 -48.95
N VAL EF 56 103.62 -2.57 -49.68
CA VAL EF 56 102.29 -2.71 -49.10
C VAL EF 56 101.79 -4.13 -49.35
N LEU EF 57 100.57 -4.39 -48.88
CA LEU EF 57 99.96 -5.72 -48.91
C LEU EF 57 98.60 -5.57 -49.58
N ALA EF 58 98.56 -5.76 -50.89
CA ALA EF 58 97.36 -5.48 -51.68
C ALA EF 58 96.45 -6.70 -51.69
N GLU EF 59 95.18 -6.48 -51.38
CA GLU EF 59 94.20 -7.55 -51.28
C GLU EF 59 93.29 -7.55 -52.49
N GLU EF 60 92.77 -8.73 -52.81
CA GLU EF 60 91.94 -8.91 -53.99
C GLU EF 60 90.50 -8.48 -53.70
N TYR EF 61 89.56 -8.95 -54.54
CA TYR EF 61 88.29 -8.29 -54.78
C TYR EF 61 87.63 -7.64 -53.58
N PHE EF 62 87.25 -8.40 -52.57
CA PHE EF 62 86.29 -7.91 -51.59
C PHE EF 62 87.02 -7.32 -50.38
N ALA EF 63 86.97 -6.00 -50.26
CA ALA EF 63 87.43 -5.31 -49.06
C ALA EF 63 86.52 -4.14 -48.68
N LEU EF 64 85.28 -4.11 -49.19
CA LEU EF 64 84.29 -3.10 -48.87
C LEU EF 64 84.79 -1.69 -49.21
N ASN EF 65 85.03 -1.48 -50.51
CA ASN EF 65 85.56 -0.21 -50.97
C ASN EF 65 84.94 0.23 -52.30
N TYR EF 69 80.38 -3.90 -52.71
CA TYR EF 69 81.65 -3.21 -52.88
C TYR EF 69 82.80 -4.22 -52.98
N LYS EF 70 83.50 -4.21 -54.12
CA LYS EF 70 84.53 -5.20 -54.36
C LYS EF 70 85.79 -4.62 -54.99
N ALA EF 71 86.20 -3.42 -54.61
CA ALA EF 71 87.40 -2.84 -55.19
C ALA EF 71 88.65 -3.42 -54.54
N MET EF 72 89.71 -3.54 -55.35
CA MET EF 72 90.99 -4.05 -54.90
C MET EF 72 91.68 -2.95 -54.11
N SER EF 73 91.92 -3.20 -52.82
CA SER EF 73 92.46 -2.16 -51.95
C SER EF 73 93.74 -2.63 -51.26
N VAL EF 74 94.42 -1.68 -50.67
CA VAL EF 74 95.60 -1.93 -49.85
C VAL EF 74 95.16 -2.03 -48.41
N VAL EF 75 95.63 -3.06 -47.70
CA VAL EF 75 95.13 -3.36 -46.36
C VAL EF 75 96.22 -3.37 -45.30
N ALA EF 76 97.48 -3.18 -45.67
CA ALA EF 76 98.55 -3.22 -44.69
C ALA EF 76 99.81 -2.63 -45.26
N ILE EF 77 100.56 -1.92 -44.43
CA ILE EF 77 101.88 -1.43 -44.78
C ILE EF 77 102.90 -2.29 -44.06
N VAL EF 78 103.85 -2.84 -44.80
CA VAL EF 78 104.70 -3.91 -44.32
C VAL EF 78 105.98 -3.33 -43.75
N GLU EF 79 106.32 -3.75 -42.53
CA GLU EF 79 107.56 -3.35 -41.87
C GLU EF 79 108.72 -4.26 -42.22
N LYS EF 80 108.58 -5.56 -41.98
CA LYS EF 80 109.64 -6.53 -42.17
C LYS EF 80 109.11 -7.72 -42.95
N VAL EF 81 109.92 -8.21 -43.89
CA VAL EF 81 109.61 -9.42 -44.64
C VAL EF 81 110.75 -10.39 -44.37
N PHE EF 82 110.56 -11.26 -43.39
CA PHE EF 82 111.55 -12.29 -43.09
C PHE EF 82 111.31 -13.48 -44.00
N ARG EF 83 112.33 -13.87 -44.76
CA ARG EF 83 112.17 -14.88 -45.80
C ARG EF 83 113.44 -15.70 -45.92
N ASP EF 84 113.37 -16.98 -45.58
CA ASP EF 84 114.47 -17.88 -45.82
C ASP EF 84 114.00 -19.33 -45.73
N GLU FF 3 88.13 57.35 -53.36
CA GLU FF 3 87.26 56.28 -53.81
C GLU FF 3 86.52 55.69 -52.62
N ALA FF 4 85.47 54.90 -52.90
CA ALA FF 4 84.65 54.33 -51.85
C ALA FF 4 85.40 53.20 -51.16
N LEU FF 5 84.72 52.51 -50.25
CA LEU FF 5 85.34 51.46 -49.47
C LEU FF 5 84.30 50.42 -49.11
N GLY FF 6 84.61 49.15 -49.32
CA GLY FF 6 83.67 48.07 -49.07
C GLY FF 6 84.27 47.04 -48.14
N LEU FF 7 83.42 46.50 -47.28
CA LEU FF 7 83.88 45.64 -46.19
C LEU FF 7 82.93 44.45 -46.03
N ILE FF 8 83.50 43.26 -45.95
CA ILE FF 8 82.75 42.06 -45.59
C ILE FF 8 83.48 41.38 -44.44
N GLU FF 9 82.72 40.83 -43.50
CA GLU FF 9 83.27 40.14 -42.35
C GLU FF 9 82.62 38.78 -42.22
N THR FF 10 83.45 37.74 -42.11
CA THR FF 10 82.97 36.37 -42.08
C THR FF 10 83.63 35.63 -40.92
N LYS FF 11 83.03 34.49 -40.58
CA LYS FF 11 83.62 33.56 -39.62
C LYS FF 11 84.41 32.51 -40.40
N GLY FF 12 85.71 32.48 -40.19
CA GLY FF 12 86.54 31.52 -40.89
C GLY FF 12 87.23 32.15 -42.08
N LEU FF 13 88.36 31.55 -42.48
CA LEU FF 13 89.13 32.12 -43.56
C LEU FF 13 88.61 31.68 -44.93
N VAL FF 14 88.08 30.46 -45.02
CA VAL FF 14 87.63 29.96 -46.33
C VAL FF 14 86.50 30.82 -46.85
N ALA FF 15 85.52 31.11 -45.99
CA ALA FF 15 84.38 31.92 -46.44
C ALA FF 15 84.82 33.30 -46.89
N CYS FF 16 85.95 33.78 -46.40
CA CYS FF 16 86.39 35.13 -46.76
C CYS FF 16 87.13 35.14 -48.08
N ILE FF 17 87.89 34.08 -48.39
CA ILE FF 17 88.59 34.03 -49.67
C ILE FF 17 87.59 33.84 -50.80
N GLU FF 18 86.54 33.07 -50.57
CA GLU FF 18 85.47 32.98 -51.54
C GLU FF 18 84.83 34.33 -51.77
N ALA FF 19 84.55 35.06 -50.69
CA ALA FF 19 83.93 36.39 -50.82
C ALA FF 19 84.84 37.36 -51.53
N ALA FF 20 86.15 37.33 -51.23
CA ALA FF 20 87.06 38.27 -51.85
C ALA FF 20 87.32 37.94 -53.30
N ASP FF 21 87.10 36.69 -53.71
CA ASP FF 21 87.24 36.35 -55.12
C ASP FF 21 86.03 36.79 -55.91
N ALA FF 22 84.83 36.58 -55.35
CA ALA FF 22 83.62 37.04 -56.03
C ALA FF 22 83.61 38.56 -56.18
N MET FF 23 84.05 39.27 -55.16
CA MET FF 23 84.10 40.74 -55.25
C MET FF 23 85.00 41.17 -56.39
N CYS FF 24 86.19 40.58 -56.50
CA CYS FF 24 87.15 41.03 -57.50
C CYS FF 24 86.69 40.72 -58.91
N LYS FF 25 85.86 39.68 -59.08
CA LYS FF 25 85.40 39.33 -60.42
C LYS FF 25 84.18 40.12 -60.85
N ALA FF 26 83.34 40.51 -59.90
CA ALA FF 26 82.02 41.05 -60.21
C ALA FF 26 82.04 42.52 -60.59
N ALA FF 27 83.13 43.24 -60.38
CA ALA FF 27 83.17 44.65 -60.73
C ALA FF 27 84.62 45.13 -60.70
N ASN FF 28 84.83 46.35 -61.15
CA ASN FF 28 86.17 46.93 -61.23
C ASN FF 28 86.54 47.53 -59.87
N VAL FF 29 86.98 46.65 -58.97
CA VAL FF 29 87.43 47.05 -57.64
C VAL FF 29 88.77 46.39 -57.36
N GLU FF 30 89.53 47.01 -56.47
CA GLU FF 30 90.87 46.54 -56.11
C GLU FF 30 90.87 46.06 -54.67
N LEU FF 31 91.56 44.95 -54.41
CA LEU FF 31 91.57 44.35 -53.09
C LEU FF 31 92.66 44.99 -52.24
N ILE FF 32 92.27 45.54 -51.09
CA ILE FF 32 93.24 46.20 -50.22
C ILE FF 32 94.00 45.18 -49.38
N GLY FF 33 93.29 44.32 -48.67
CA GLY FF 33 93.94 43.29 -47.91
C GLY FF 33 92.98 42.62 -46.96
N TYR FF 34 93.52 41.68 -46.20
CA TYR FF 34 92.79 40.97 -45.16
C TYR FF 34 93.23 41.47 -43.79
N GLU FF 35 92.38 41.24 -42.79
CA GLU FF 35 92.72 41.63 -41.43
C GLU FF 35 91.82 40.82 -40.49
N ASN FF 36 92.40 39.85 -39.78
CA ASN FF 36 91.64 39.11 -38.78
C ASN FF 36 91.92 39.67 -37.40
N VAL FF 37 90.85 39.81 -36.62
CA VAL FF 37 90.94 40.37 -35.28
C VAL FF 37 90.41 39.30 -34.33
N GLY FF 38 91.30 38.43 -33.87
CA GLY FF 38 90.91 37.49 -32.85
C GLY FF 38 89.96 36.42 -33.36
N SER FF 39 88.87 36.23 -32.63
CA SER FF 39 88.14 34.98 -32.67
C SER FF 39 87.46 34.74 -34.00
N GLY FF 40 88.13 33.98 -34.87
CA GLY FF 40 87.60 33.54 -36.14
C GLY FF 40 86.92 34.57 -37.00
N LEU FF 41 87.37 35.82 -36.95
CA LEU FF 41 86.75 36.89 -37.73
C LEU FF 41 87.79 37.46 -38.68
N VAL FF 42 87.57 37.25 -39.97
CA VAL FF 42 88.42 37.79 -41.03
C VAL FF 42 87.61 38.80 -41.82
N THR FF 43 88.27 39.85 -42.28
CA THR FF 43 87.61 40.94 -43.00
C THR FF 43 88.40 41.28 -44.24
N ALA FF 44 87.72 41.41 -45.37
CA ALA FF 44 88.31 41.83 -46.63
C ALA FF 44 87.85 43.24 -46.99
N MET FF 45 88.75 44.03 -47.56
CA MET FF 45 88.48 45.42 -47.88
C MET FF 45 88.78 45.66 -49.35
N VAL FF 46 87.81 46.26 -50.06
CA VAL FF 46 87.98 46.60 -51.46
C VAL FF 46 87.73 48.10 -51.63
N LYS FF 47 88.28 48.66 -52.70
CA LYS FF 47 88.12 50.08 -52.97
C LYS FF 47 87.90 50.31 -54.46
N GLY FF 48 87.10 51.32 -54.77
CA GLY FF 48 86.76 51.64 -56.13
C GLY FF 48 85.70 52.72 -56.15
N ASP FF 49 85.06 52.87 -57.31
CA ASP FF 49 83.99 53.85 -57.41
C ASP FF 49 82.75 53.37 -56.67
N VAL FF 50 81.85 54.30 -56.39
CA VAL FF 50 80.72 54.00 -55.51
C VAL FF 50 79.76 53.02 -56.16
N GLY FF 51 79.54 53.15 -57.47
CA GLY FF 51 78.66 52.22 -58.15
C GLY FF 51 79.27 50.85 -58.30
N ALA FF 52 80.59 50.80 -58.53
CA ALA FF 52 81.27 49.51 -58.62
C ALA FF 52 81.33 48.83 -57.26
N VAL FF 53 81.76 49.56 -56.23
CA VAL FF 53 81.96 48.97 -54.92
C VAL FF 53 80.63 48.46 -54.37
N ASN FF 54 79.55 49.18 -54.64
CA ASN FF 54 78.24 48.73 -54.19
C ASN FF 54 77.84 47.43 -54.89
N ALA FF 55 78.32 47.24 -56.12
CA ALA FF 55 77.98 46.03 -56.87
C ALA FF 55 78.89 44.87 -56.51
N ALA FF 56 80.07 45.16 -56.00
CA ALA FF 56 80.97 44.09 -55.60
C ALA FF 56 80.56 43.51 -54.24
N VAL FF 57 80.09 44.35 -53.33
CA VAL FF 57 79.79 43.91 -51.98
C VAL FF 57 78.57 43.01 -51.96
N ASP FF 58 77.53 43.35 -52.71
CA ASP FF 58 76.33 42.52 -52.68
C ASP FF 58 76.56 41.19 -53.36
N SER FF 59 77.53 41.12 -54.27
CA SER FF 59 77.87 39.85 -54.90
C SER FF 59 78.74 39.01 -53.99
N GLY FF 60 79.73 39.63 -53.34
CA GLY FF 60 80.58 38.90 -52.42
C GLY FF 60 79.86 38.38 -51.20
N VAL FF 61 78.88 39.12 -50.72
CA VAL FF 61 78.06 38.62 -49.62
C VAL FF 61 77.25 37.42 -50.07
N GLU FF 62 76.79 37.45 -51.30
CA GLU FF 62 75.99 36.36 -51.84
C GLU FF 62 76.77 35.06 -51.91
N ALA FF 63 78.06 35.15 -52.21
CA ALA FF 63 78.89 33.96 -52.37
C ALA FF 63 79.31 33.38 -51.03
N ALA FF 64 79.79 34.24 -50.13
CA ALA FF 64 80.25 33.74 -48.83
C ALA FF 64 79.11 33.24 -47.98
N LYS FF 65 77.92 33.83 -48.12
CA LYS FF 65 76.74 33.34 -47.42
C LYS FF 65 76.39 31.93 -47.82
N ARG FF 66 76.91 31.46 -48.96
CA ARG FF 66 76.57 30.14 -49.47
C ARG FF 66 77.25 29.05 -48.67
N ILE FF 67 78.50 29.26 -48.27
CA ILE FF 67 79.30 28.23 -47.62
C ILE FF 67 79.70 28.58 -46.21
N GLY FF 68 79.46 29.80 -45.76
CA GLY FF 68 79.85 30.18 -44.42
C GLY FF 68 78.91 31.21 -43.81
N LYS FF 69 79.37 31.91 -42.79
CA LYS FF 69 78.57 32.93 -42.13
C LYS FF 69 79.14 34.29 -42.48
N VAL FF 70 78.32 35.13 -43.08
CA VAL FF 70 78.66 36.54 -43.28
C VAL FF 70 78.13 37.31 -42.08
N VAL FF 71 79.03 37.94 -41.34
CA VAL FF 71 78.65 38.63 -40.12
C VAL FF 71 78.15 40.04 -40.40
N SER FF 72 78.86 40.78 -41.25
CA SER FF 72 78.48 42.15 -41.54
C SER FF 72 79.05 42.57 -42.87
N SER FF 73 78.38 43.54 -43.50
CA SER FF 73 78.88 44.18 -44.71
C SER FF 73 78.52 45.66 -44.66
N ARG FF 74 79.29 46.46 -45.37
CA ARG FF 74 79.12 47.90 -45.27
C ARG FF 74 79.90 48.58 -46.39
N VAL FF 75 79.30 49.61 -46.98
CA VAL FF 75 79.97 50.44 -47.97
C VAL FF 75 80.05 51.85 -47.42
N ILE FF 76 81.23 52.45 -47.52
CA ILE FF 76 81.46 53.82 -47.09
C ILE FF 76 81.71 54.64 -48.33
N ALA FF 77 80.79 55.58 -48.63
CA ALA FF 77 80.82 56.24 -49.93
C ALA FF 77 81.96 57.23 -50.03
N ARG FF 78 82.30 57.90 -48.93
CA ARG FF 78 83.45 58.80 -48.91
C ARG FF 78 84.15 58.63 -47.57
N PRO FF 79 85.19 57.80 -47.50
CA PRO FF 79 85.90 57.62 -46.25
C PRO FF 79 86.71 58.86 -45.90
N HIS FF 80 86.72 59.20 -44.62
CA HIS FF 80 87.44 60.37 -44.18
C HIS FF 80 88.94 60.18 -44.37
N ASN FF 81 89.63 61.28 -44.66
CA ASN FF 81 91.05 61.21 -45.01
C ASN FF 81 91.85 60.57 -43.89
N ASP FF 82 91.49 60.85 -42.64
CA ASP FF 82 92.21 60.28 -41.50
C ASP FF 82 92.19 58.76 -41.55
N ILE FF 83 91.07 58.19 -41.94
CA ILE FF 83 90.91 56.74 -41.98
C ILE FF 83 91.58 56.16 -43.22
N GLU GF 3 97.41 28.66 -61.40
CA GLU GF 3 96.99 27.30 -61.10
C GLU GF 3 95.88 27.33 -60.07
N ALA GF 4 95.11 26.24 -60.00
CA ALA GF 4 93.96 26.19 -59.13
C ALA GF 4 94.40 26.25 -57.67
N LEU GF 5 93.42 26.25 -56.77
CA LEU GF 5 93.70 26.48 -55.37
C LEU GF 5 92.61 25.83 -54.54
N GLY GF 6 93.00 25.04 -53.55
CA GLY GF 6 92.05 24.34 -52.72
C GLY GF 6 92.31 24.58 -51.25
N LEU GF 7 91.24 24.65 -50.48
CA LEU GF 7 91.32 24.94 -49.06
C LEU GF 7 90.47 23.96 -48.28
N ILE GF 8 90.98 23.53 -47.13
CA ILE GF 8 90.21 22.77 -46.15
C ILE GF 8 90.37 23.48 -44.81
N GLU GF 9 89.26 23.63 -44.09
CA GLU GF 9 89.26 24.28 -42.79
C GLU GF 9 88.79 23.30 -41.73
N THR GF 10 89.59 23.13 -40.69
CA THR GF 10 89.32 22.14 -39.67
C THR GF 10 89.46 22.77 -38.29
N LYS GF 11 88.78 22.16 -37.33
CA LYS GF 11 88.86 22.58 -35.94
C LYS GF 11 89.95 21.79 -35.24
N GLY GF 12 91.06 22.44 -34.93
CA GLY GF 12 92.18 21.77 -34.32
C GLY GF 12 93.27 21.47 -35.34
N LEU GF 13 94.51 21.41 -34.85
CA LEU GF 13 95.64 21.21 -35.75
C LEU GF 13 95.81 19.76 -36.16
N VAL GF 14 95.47 18.80 -35.31
CA VAL GF 14 95.69 17.40 -35.64
C VAL GF 14 94.87 17.01 -36.86
N ALA GF 15 93.59 17.37 -36.87
CA ALA GF 15 92.75 17.07 -38.02
C ALA GF 15 93.25 17.73 -39.29
N CYS GF 16 94.03 18.80 -39.17
CA CYS GF 16 94.54 19.48 -40.35
C CYS GF 16 95.77 18.80 -40.92
N ILE GF 17 96.56 18.12 -40.08
CA ILE GF 17 97.72 17.41 -40.61
C ILE GF 17 97.30 16.08 -41.23
N GLU GF 18 96.24 15.46 -40.72
CA GLU GF 18 95.69 14.31 -41.42
C GLU GF 18 95.09 14.73 -42.76
N ALA GF 19 94.42 15.88 -42.80
CA ALA GF 19 93.88 16.37 -44.06
C ALA GF 19 94.99 16.69 -45.05
N ALA GF 20 96.07 17.32 -44.59
CA ALA GF 20 97.14 17.69 -45.51
C ALA GF 20 97.96 16.50 -45.95
N ASP GF 21 97.98 15.43 -45.14
CA ASP GF 21 98.69 14.23 -45.56
C ASP GF 21 97.93 13.48 -46.64
N ALA GF 22 96.60 13.40 -46.51
CA ALA GF 22 95.79 12.75 -47.54
C ALA GF 22 95.82 13.54 -48.83
N MET GF 23 95.83 14.87 -48.73
CA MET GF 23 95.88 15.71 -49.92
C MET GF 23 97.16 15.49 -50.70
N CYS GF 24 98.30 15.46 -50.00
CA CYS GF 24 99.58 15.41 -50.68
C CYS GF 24 99.89 14.04 -51.27
N LYS GF 25 99.21 12.99 -50.80
CA LYS GF 25 99.40 11.66 -51.35
C LYS GF 25 98.44 11.38 -52.50
N ALA GF 26 97.34 12.11 -52.59
CA ALA GF 26 96.28 11.77 -53.54
C ALA GF 26 96.58 12.26 -54.94
N ALA GF 27 97.39 13.30 -55.09
CA ALA GF 27 97.68 13.83 -56.41
C ALA GF 27 98.97 14.63 -56.34
N ASN GF 28 99.33 15.24 -57.47
CA ASN GF 28 100.59 15.96 -57.59
C ASN GF 28 100.34 17.45 -57.36
N VAL GF 29 100.13 17.79 -56.09
CA VAL GF 29 99.92 19.17 -55.68
C VAL GF 29 101.02 19.55 -54.72
N GLU GF 30 101.38 20.83 -54.72
CA GLU GF 30 102.35 21.36 -53.78
C GLU GF 30 101.63 22.07 -52.64
N LEU GF 31 102.00 21.74 -51.42
CA LEU GF 31 101.34 22.29 -50.25
C LEU GF 31 101.96 23.63 -49.88
N ILE GF 32 101.13 24.64 -49.71
CA ILE GF 32 101.61 26.00 -49.49
C ILE GF 32 101.88 26.26 -48.02
N GLY GF 33 100.92 26.03 -47.15
CA GLY GF 33 101.15 26.19 -45.73
C GLY GF 33 99.87 26.41 -44.96
N TYR GF 34 99.99 26.29 -43.65
CA TYR GF 34 98.87 26.45 -42.74
C TYR GF 34 98.64 27.92 -42.40
N GLU GF 35 97.47 28.19 -41.82
CA GLU GF 35 97.14 29.53 -41.39
C GLU GF 35 96.00 29.44 -40.40
N ASN GF 36 96.25 29.73 -39.12
CA ASN GF 36 95.19 29.72 -38.13
C ASN GF 36 94.73 31.14 -37.85
N VAL GF 37 93.42 31.29 -37.69
CA VAL GF 37 92.79 32.59 -37.47
C VAL GF 37 92.20 32.71 -36.09
N GLY GF 38 92.48 31.76 -35.20
CA GLY GF 38 91.93 31.78 -33.86
C GLY GF 38 90.61 31.06 -33.78
N SER GF 39 90.20 30.81 -32.54
CA SER GF 39 89.02 30.01 -32.20
C SER GF 39 89.19 28.54 -32.56
N GLY GF 40 90.42 28.10 -32.79
CA GLY GF 40 90.68 26.72 -33.10
C GLY GF 40 90.60 26.36 -34.56
N LEU GF 41 90.41 27.33 -35.45
CA LEU GF 41 90.26 27.06 -36.87
C LEU GF 41 91.62 27.12 -37.55
N VAL GF 42 91.99 26.03 -38.20
CA VAL GF 42 93.23 25.94 -38.96
C VAL GF 42 92.90 25.57 -40.39
N THR GF 43 93.61 26.17 -41.33
CA THR GF 43 93.32 26.00 -42.75
C THR GF 43 94.59 25.57 -43.48
N ALA GF 44 94.46 24.54 -44.32
CA ALA GF 44 95.54 24.08 -45.19
C ALA GF 44 95.22 24.45 -46.63
N MET GF 45 96.24 24.83 -47.38
CA MET GF 45 96.07 25.38 -48.72
C MET GF 45 97.04 24.70 -49.68
N VAL GF 46 96.51 24.12 -50.75
CA VAL GF 46 97.32 23.48 -51.78
C VAL GF 46 97.11 24.20 -53.10
N LYS GF 47 97.96 23.89 -54.08
CA LYS GF 47 97.81 24.50 -55.39
C LYS GF 47 98.41 23.58 -56.44
N GLY GF 48 97.76 23.56 -57.60
CA GLY GF 48 98.18 22.72 -58.70
C GLY GF 48 97.13 22.77 -59.79
N ASP GF 49 97.24 21.84 -60.74
CA ASP GF 49 96.26 21.77 -61.80
C ASP GF 49 94.88 21.44 -61.23
N VAL GF 50 93.84 21.85 -61.94
CA VAL GF 50 92.49 21.78 -61.39
C VAL GF 50 91.95 20.36 -61.31
N GLY GF 51 92.47 19.44 -62.13
CA GLY GF 51 92.08 18.04 -61.97
C GLY GF 51 92.75 17.40 -60.78
N ALA GF 52 93.99 17.79 -60.51
CA ALA GF 52 94.69 17.28 -59.34
C ALA GF 52 94.15 17.90 -58.06
N VAL GF 53 93.98 19.21 -58.06
CA VAL GF 53 93.53 19.91 -56.85
C VAL GF 53 92.14 19.46 -56.46
N ASN GF 54 91.27 19.24 -57.44
CA ASN GF 54 89.97 18.66 -57.15
C ASN GF 54 90.15 17.36 -56.40
N ALA GF 55 90.82 16.38 -57.03
CA ALA GF 55 90.98 15.07 -56.43
C ALA GF 55 91.56 15.13 -55.03
N ALA GF 56 92.50 16.04 -54.79
CA ALA GF 56 93.14 16.11 -53.47
C ALA GF 56 92.17 16.59 -52.40
N VAL GF 57 91.37 17.60 -52.70
CA VAL GF 57 90.50 18.16 -51.69
C VAL GF 57 89.39 17.19 -51.33
N ASP GF 58 88.88 16.43 -52.31
CA ASP GF 58 87.88 15.42 -52.00
C ASP GF 58 88.45 14.35 -51.08
N SER GF 59 89.72 13.99 -51.28
CA SER GF 59 90.33 12.97 -50.46
C SER GF 59 90.67 13.49 -49.08
N GLY GF 60 91.22 14.69 -48.99
CA GLY GF 60 91.56 15.26 -47.71
C GLY GF 60 90.35 15.50 -46.83
N VAL GF 61 89.20 15.81 -47.43
CA VAL GF 61 88.01 16.06 -46.63
C VAL GF 61 87.52 14.77 -45.99
N GLU GF 62 87.57 13.66 -46.72
CA GLU GF 62 87.06 12.40 -46.18
C GLU GF 62 87.96 11.86 -45.08
N ALA GF 63 89.27 12.08 -45.18
CA ALA GF 63 90.18 11.59 -44.16
C ALA GF 63 90.10 12.40 -42.88
N ALA GF 64 90.10 13.73 -42.99
CA ALA GF 64 89.97 14.57 -41.81
C ALA GF 64 88.59 14.43 -41.17
N LYS GF 65 87.56 14.20 -41.98
CA LYS GF 65 86.22 13.98 -41.45
C LYS GF 65 86.20 12.78 -40.52
N ARG GF 66 87.09 11.82 -40.74
CA ARG GF 66 87.08 10.57 -39.99
C ARG GF 66 87.52 10.77 -38.55
N ILE GF 67 88.44 11.70 -38.30
CA ILE GF 67 89.06 11.85 -36.99
C ILE GF 67 88.85 13.21 -36.38
N GLY GF 68 88.12 14.10 -37.03
CA GLY GF 68 87.89 15.42 -36.49
C GLY GF 68 86.69 16.05 -37.14
N LYS GF 69 86.60 17.36 -37.01
CA LYS GF 69 85.53 18.13 -37.61
C LYS GF 69 86.09 18.93 -38.77
N VAL GF 70 85.51 18.74 -39.95
CA VAL GF 70 85.82 19.55 -41.11
C VAL GF 70 84.78 20.66 -41.18
N VAL GF 71 85.24 21.91 -41.13
CA VAL GF 71 84.32 23.04 -41.12
C VAL GF 71 83.89 23.43 -42.52
N SER GF 72 84.84 23.45 -43.46
CA SER GF 72 84.56 23.97 -44.79
C SER GF 72 85.64 23.50 -45.74
N SER GF 73 85.29 23.41 -47.02
CA SER GF 73 86.23 23.07 -48.07
C SER GF 73 85.83 23.81 -49.33
N ARG GF 74 86.78 23.98 -50.24
CA ARG GF 74 86.53 24.83 -51.39
C ARG GF 74 87.65 24.65 -52.41
N VAL GF 75 87.28 24.63 -53.68
CA VAL GF 75 88.25 24.66 -54.78
C VAL GF 75 87.97 25.92 -55.60
N ILE GF 76 89.03 26.66 -55.90
CA ILE GF 76 88.94 27.86 -56.73
C ILE GF 76 89.69 27.55 -58.01
N ALA GF 77 88.97 27.42 -59.11
CA ALA GF 77 89.57 26.93 -60.34
C ALA GF 77 90.46 27.97 -61.00
N ARG GF 78 89.96 29.18 -61.20
CA ARG GF 78 90.77 30.28 -61.73
C ARG GF 78 90.81 31.39 -60.70
N PRO GF 79 91.81 31.41 -59.82
CA PRO GF 79 91.88 32.48 -58.82
C PRO GF 79 92.37 33.76 -59.44
N HIS GF 80 91.84 34.87 -58.94
CA HIS GF 80 92.21 36.18 -59.45
C HIS GF 80 93.65 36.50 -59.06
N ASN GF 81 94.29 37.34 -59.89
CA ASN GF 81 95.69 37.65 -59.66
C ASN GF 81 95.89 38.52 -58.43
N ASP GF 82 94.87 39.29 -58.04
CA ASP GF 82 94.95 40.04 -56.80
C ASP GF 82 94.95 39.11 -55.60
N ILE GF 83 94.38 37.92 -55.74
CA ILE GF 83 94.36 36.95 -54.66
C ILE GF 83 95.67 36.16 -54.64
N GLU HF 3 88.17 17.85 -76.48
CA GLU HF 3 88.05 18.24 -75.08
C GLU HF 3 86.61 18.09 -74.62
N ALA HF 4 86.39 18.23 -73.31
CA ALA HF 4 85.09 17.94 -72.74
C ALA HF 4 84.06 18.96 -73.22
N LEU HF 5 82.81 18.72 -72.82
CA LEU HF 5 81.70 19.52 -73.30
C LEU HF 5 80.66 19.66 -72.19
N GLY HF 6 80.31 20.89 -71.85
CA GLY HF 6 79.35 21.16 -70.80
C GLY HF 6 78.14 21.89 -71.31
N LEU HF 7 76.96 21.47 -70.86
CA LEU HF 7 75.70 22.01 -71.35
C LEU HF 7 74.82 22.41 -70.17
N ILE HF 8 74.19 23.57 -70.26
CA ILE HF 8 73.16 24.00 -69.34
C ILE HF 8 71.95 24.42 -70.15
N GLU HF 9 70.76 24.06 -69.67
CA GLU HF 9 69.53 24.37 -70.39
C GLU HF 9 68.55 25.04 -69.44
N THR HF 10 68.05 26.19 -69.85
CA THR HF 10 67.21 27.03 -69.01
C THR HF 10 65.96 27.44 -69.76
N LYS HF 11 64.97 27.91 -69.02
CA LYS HF 11 63.81 28.56 -69.59
C LYS HF 11 64.07 30.06 -69.67
N GLY HF 12 64.10 30.59 -70.88
CA GLY HF 12 64.32 32.01 -71.06
C GLY HF 12 65.78 32.35 -71.25
N LEU HF 13 66.00 33.54 -71.81
CA LEU HF 13 67.36 33.94 -72.18
C LEU HF 13 68.12 34.57 -71.01
N VAL HF 14 67.42 35.23 -70.09
CA VAL HF 14 68.13 35.93 -69.01
C VAL HF 14 68.83 34.93 -68.11
N ALA HF 15 68.14 33.85 -67.73
CA ALA HF 15 68.77 32.85 -66.89
C ALA HF 15 69.94 32.17 -67.59
N CYS HF 16 69.99 32.24 -68.92
CA CYS HF 16 71.07 31.59 -69.65
C CYS HF 16 72.26 32.52 -69.82
N ILE HF 17 72.04 33.83 -69.82
CA ILE HF 17 73.19 34.75 -69.85
C ILE HF 17 73.84 34.81 -68.48
N GLU HF 18 73.08 34.62 -67.41
CA GLU HF 18 73.70 34.55 -66.10
C GLU HF 18 74.47 33.24 -65.94
N ALA HF 19 73.94 32.14 -66.48
CA ALA HF 19 74.67 30.89 -66.44
C ALA HF 19 75.94 30.97 -67.27
N ALA HF 20 75.87 31.58 -68.44
CA ALA HF 20 77.05 31.66 -69.30
C ALA HF 20 78.08 32.60 -68.73
N ASP HF 21 77.66 33.64 -68.02
CA ASP HF 21 78.61 34.56 -67.42
C ASP HF 21 79.33 33.91 -66.24
N ALA HF 22 78.59 33.18 -65.41
CA ALA HF 22 79.22 32.51 -64.28
C ALA HF 22 80.18 31.42 -64.74
N MET HF 23 79.83 30.70 -65.80
CA MET HF 23 80.69 29.64 -66.29
C MET HF 23 82.02 30.18 -66.78
N CYS HF 24 82.00 31.26 -67.54
CA CYS HF 24 83.23 31.79 -68.11
C CYS HF 24 84.12 32.42 -67.05
N LYS HF 25 83.57 32.81 -65.91
CA LYS HF 25 84.36 33.41 -64.85
C LYS HF 25 85.04 32.36 -63.98
N ALA HF 26 84.38 31.23 -63.77
CA ALA HF 26 84.74 30.29 -62.72
C ALA HF 26 85.68 29.19 -63.18
N ALA HF 27 86.18 29.24 -64.41
CA ALA HF 27 87.10 28.22 -64.90
C ALA HF 27 87.63 28.67 -66.25
N ASN HF 28 88.67 27.98 -66.71
CA ASN HF 28 89.29 28.30 -67.99
C ASN HF 28 88.62 27.49 -69.08
N VAL HF 29 87.45 27.97 -69.52
CA VAL HF 29 86.66 27.32 -70.54
C VAL HF 29 86.41 28.31 -71.67
N GLU HF 30 85.95 27.79 -72.80
CA GLU HF 30 85.62 28.58 -73.97
C GLU HF 30 84.13 28.46 -74.25
N LEU HF 31 83.47 29.57 -74.46
CA LEU HF 31 82.05 29.56 -74.77
C LEU HF 31 81.85 29.37 -76.26
N ILE HF 32 81.07 28.36 -76.63
CA ILE HF 32 80.82 28.06 -78.03
C ILE HF 32 79.66 28.87 -78.57
N GLY HF 33 78.54 28.89 -77.85
CA GLY HF 33 77.42 29.71 -78.26
C GLY HF 33 76.13 29.23 -77.65
N TYR HF 34 75.06 29.95 -77.98
CA TYR HF 34 73.71 29.61 -77.55
C TYR HF 34 72.98 28.91 -78.68
N GLU HF 35 71.94 28.16 -78.32
CA GLU HF 35 71.16 27.44 -79.31
C GLU HF 35 69.78 27.16 -78.71
N ASN HF 36 68.78 27.92 -79.13
CA ASN HF 36 67.43 27.76 -78.62
C ASN HF 36 66.60 26.93 -79.60
N VAL HF 37 65.58 26.26 -79.05
CA VAL HF 37 64.76 25.33 -79.82
C VAL HF 37 63.28 25.65 -79.64
N GLY HF 38 62.96 26.90 -79.34
CA GLY HF 38 61.58 27.27 -79.11
C GLY HF 38 61.09 26.79 -77.76
N SER HF 39 59.86 27.20 -77.43
CA SER HF 39 59.26 26.99 -76.12
C SER HF 39 60.03 27.68 -75.00
N GLY HF 40 60.93 28.59 -75.34
CA GLY HF 40 61.71 29.29 -74.34
C GLY HF 40 62.91 28.56 -73.83
N LEU HF 41 63.20 27.37 -74.34
CA LEU HF 41 64.37 26.62 -73.92
C LEU HF 41 65.60 27.16 -74.65
N VAL HF 42 66.60 27.60 -73.89
CA VAL HF 42 67.86 28.08 -74.44
C VAL HF 42 68.99 27.28 -73.79
N THR HF 43 70.02 26.98 -74.56
CA THR HF 43 71.09 26.11 -74.11
C THR HF 43 72.44 26.78 -74.36
N ALA HF 44 73.31 26.74 -73.35
CA ALA HF 44 74.66 27.25 -73.45
C ALA HF 44 75.64 26.09 -73.51
N MET HF 45 76.69 26.24 -74.31
CA MET HF 45 77.68 25.19 -74.51
C MET HF 45 79.07 25.74 -74.26
N VAL HF 46 79.78 25.17 -73.29
CA VAL HF 46 81.16 25.52 -73.03
C VAL HF 46 82.04 24.34 -73.41
N LYS HF 47 83.33 24.60 -73.54
CA LYS HF 47 84.26 23.59 -74.03
C LYS HF 47 85.64 23.81 -73.41
N GLY HF 48 86.21 22.76 -72.84
CA GLY HF 48 87.53 22.86 -72.25
C GLY HF 48 87.95 21.53 -71.67
N ASP HF 49 89.02 21.56 -70.87
CA ASP HF 49 89.47 20.36 -70.19
C ASP HF 49 88.42 19.84 -69.23
N VAL HF 50 88.50 18.56 -68.89
CA VAL HF 50 87.43 17.91 -68.15
C VAL HF 50 87.29 18.52 -66.76
N GLY HF 51 88.42 18.76 -66.08
CA GLY HF 51 88.35 19.31 -64.74
C GLY HF 51 87.80 20.72 -64.73
N ALA HF 52 88.21 21.54 -65.69
CA ALA HF 52 87.68 22.89 -65.80
C ALA HF 52 86.20 22.87 -66.14
N VAL HF 53 85.83 22.12 -67.18
CA VAL HF 53 84.44 22.08 -67.62
C VAL HF 53 83.55 21.55 -66.51
N ASN HF 54 84.03 20.57 -65.75
CA ASN HF 54 83.25 20.10 -64.62
C ASN HF 54 82.95 21.25 -63.67
N ALA HF 55 84.00 21.94 -63.21
CA ALA HF 55 83.84 23.05 -62.27
C ALA HF 55 82.92 24.13 -62.82
N ALA HF 56 83.06 24.45 -64.11
CA ALA HF 56 82.26 25.53 -64.69
C ALA HF 56 80.77 25.21 -64.61
N VAL HF 57 80.39 23.99 -64.98
CA VAL HF 57 78.97 23.64 -65.03
C VAL HF 57 78.36 23.70 -63.63
N ASP HF 58 79.13 23.32 -62.61
CA ASP HF 58 78.60 23.39 -61.24
C ASP HF 58 78.31 24.82 -60.84
N SER HF 59 79.21 25.75 -61.15
CA SER HF 59 79.00 27.14 -60.79
C SER HF 59 77.90 27.76 -61.65
N GLY HF 60 77.88 27.44 -62.94
CA GLY HF 60 76.89 28.03 -63.82
C GLY HF 60 75.47 27.64 -63.47
N VAL HF 61 75.27 26.40 -63.06
CA VAL HF 61 73.93 25.97 -62.64
C VAL HF 61 73.54 26.66 -61.35
N GLU HF 62 74.52 26.90 -60.48
CA GLU HF 62 74.24 27.50 -59.19
C GLU HF 62 73.82 28.96 -59.33
N ALA HF 63 74.42 29.68 -60.28
CA ALA HF 63 74.04 31.08 -60.52
C ALA HF 63 72.70 31.16 -61.24
N ALA HF 64 72.49 30.32 -62.25
CA ALA HF 64 71.27 30.40 -63.05
C ALA HF 64 70.05 29.97 -62.25
N LYS HF 65 70.18 28.91 -61.46
CA LYS HF 65 69.06 28.44 -60.65
C LYS HF 65 68.59 29.52 -59.68
N ARG HF 66 69.42 30.53 -59.44
CA ARG HF 66 69.14 31.53 -58.43
C ARG HF 66 68.08 32.52 -58.89
N ILE HF 67 68.00 32.78 -60.19
CA ILE HF 67 67.06 33.75 -60.72
C ILE HF 67 66.04 33.15 -61.67
N GLY HF 68 66.29 31.98 -62.24
CA GLY HF 68 65.36 31.39 -63.18
C GLY HF 68 65.29 29.89 -63.01
N LYS HF 69 64.98 29.15 -64.07
CA LYS HF 69 64.84 27.71 -63.99
C LYS HF 69 65.91 27.03 -64.83
N VAL HF 70 66.67 26.15 -64.20
CA VAL HF 70 67.64 25.31 -64.90
C VAL HF 70 66.98 23.99 -65.19
N VAL HF 71 66.80 23.69 -66.47
CA VAL HF 71 66.07 22.49 -66.86
C VAL HF 71 66.94 21.26 -66.76
N SER HF 72 68.18 21.34 -67.26
CA SER HF 72 69.08 20.21 -67.21
C SER HF 72 70.50 20.67 -67.43
N SER HF 73 71.45 19.90 -66.90
CA SER HF 73 72.87 20.14 -67.08
C SER HF 73 73.57 18.80 -67.32
N ARG HF 74 74.72 18.85 -67.95
CA ARG HF 74 75.39 17.62 -68.35
C ARG HF 74 76.81 17.93 -68.79
N VAL HF 75 77.73 17.02 -68.48
CA VAL HF 75 79.12 17.11 -68.94
C VAL HF 75 79.45 15.83 -69.70
N ILE HF 76 79.93 15.98 -70.92
CA ILE HF 76 80.42 14.87 -71.73
C ILE HF 76 81.94 14.94 -71.71
N ALA HF 77 82.59 13.96 -71.08
CA ALA HF 77 84.03 14.04 -70.88
C ALA HF 77 84.79 13.89 -72.19
N ARG HF 78 84.29 13.10 -73.11
CA ARG HF 78 84.94 12.88 -74.40
C ARG HF 78 83.86 12.67 -75.43
N PRO HF 79 83.45 13.70 -76.14
CA PRO HF 79 82.39 13.54 -77.14
C PRO HF 79 82.91 12.82 -78.36
N HIS HF 80 82.00 12.12 -79.04
CA HIS HF 80 82.33 11.53 -80.32
C HIS HF 80 82.57 12.63 -81.34
N ASN HF 81 83.38 12.31 -82.36
CA ASN HF 81 83.69 13.32 -83.37
C ASN HF 81 82.46 13.73 -84.16
N ASP HF 82 81.48 12.83 -84.29
CA ASP HF 82 80.24 13.20 -84.97
C ASP HF 82 79.48 14.26 -84.19
N ILE HF 83 79.52 14.18 -82.85
CA ILE HF 83 78.84 15.17 -82.03
C ILE HF 83 79.43 16.56 -82.25
N GLU HF 84 80.70 16.68 -82.63
CA GLU HF 84 81.26 17.98 -82.93
C GLU HF 84 81.02 18.38 -84.38
N LYS HF 85 79.79 18.18 -84.83
CA LYS HF 85 79.24 18.77 -86.05
C LYS HF 85 77.81 19.21 -85.85
N ILE HF 86 77.18 18.80 -84.75
CA ILE HF 86 75.86 19.25 -84.35
C ILE HF 86 75.95 20.52 -83.51
N ALA HF 87 76.89 20.54 -82.57
CA ALA HF 87 77.10 21.72 -81.75
C ALA HF 87 77.70 22.85 -82.59
N GLY HF 88 78.90 22.65 -83.12
CA GLY HF 88 79.54 23.62 -83.96
C GLY HF 88 79.16 23.49 -85.43
N MET IF 1 -18.06 -55.80 -92.59
CA MET IF 1 -17.25 -57.00 -92.76
C MET IF 1 -17.49 -57.61 -94.12
N ILE IF 2 -16.60 -58.52 -94.52
CA ILE IF 2 -16.77 -59.29 -95.74
C ILE IF 2 -16.34 -60.72 -95.48
N LEU IF 3 -16.98 -61.67 -96.16
CA LEU IF 3 -16.53 -63.05 -96.13
C LEU IF 3 -15.31 -63.20 -97.02
N ALA IF 4 -14.28 -63.83 -96.47
CA ALA IF 4 -13.04 -64.01 -97.21
C ALA IF 4 -12.39 -65.30 -96.77
N LYS IF 5 -11.37 -65.70 -97.52
CA LYS IF 5 -10.66 -66.94 -97.26
C LYS IF 5 -9.17 -66.65 -97.19
N VAL IF 6 -8.51 -67.17 -96.17
CA VAL IF 6 -7.07 -66.97 -96.04
C VAL IF 6 -6.36 -67.81 -97.10
N THR IF 7 -5.51 -67.17 -97.90
CA THR IF 7 -4.85 -67.83 -99.02
C THR IF 7 -3.33 -67.74 -98.98
N GLY IF 8 -2.74 -67.18 -97.92
CA GLY IF 8 -1.30 -67.09 -97.86
C GLY IF 8 -0.89 -66.23 -96.68
N HIS IF 9 0.35 -65.74 -96.74
CA HIS IF 9 0.85 -64.83 -95.72
C HIS IF 9 1.97 -64.00 -96.33
N VAL IF 10 2.35 -62.95 -95.61
CA VAL IF 10 3.35 -62.00 -96.07
C VAL IF 10 4.41 -61.85 -94.99
N VAL IF 11 5.68 -61.93 -95.37
CA VAL IF 11 6.79 -61.78 -94.45
C VAL IF 11 7.45 -60.44 -94.75
N ALA IF 12 7.33 -59.51 -93.82
CA ALA IF 12 7.88 -58.17 -93.97
C ALA IF 12 8.77 -57.88 -92.77
N THR IF 13 10.03 -57.54 -93.04
CA THR IF 13 11.00 -57.27 -91.99
C THR IF 13 11.12 -55.80 -91.66
N GLN IF 14 11.24 -54.95 -92.67
CA GLN IF 14 11.35 -53.51 -92.50
C GLN IF 14 9.94 -52.94 -92.52
N LYS IF 15 9.42 -52.59 -91.34
CA LYS IF 15 8.05 -52.11 -91.26
C LYS IF 15 7.92 -51.20 -90.04
N CYS IF 16 6.76 -50.56 -89.93
CA CYS IF 16 6.51 -49.62 -88.84
C CYS IF 16 6.44 -50.36 -87.52
N ASP IF 17 6.23 -49.59 -86.45
CA ASP IF 17 6.16 -50.14 -85.11
C ASP IF 17 4.75 -50.50 -84.67
N GLU IF 18 3.74 -49.90 -85.30
CA GLU IF 18 2.36 -50.27 -85.01
C GLU IF 18 2.03 -51.68 -85.47
N LEU IF 19 2.94 -52.33 -86.20
CA LEU IF 19 2.71 -53.66 -86.74
C LEU IF 19 3.64 -54.72 -86.16
N ARG IF 20 4.41 -54.39 -85.13
CA ARG IF 20 5.35 -55.35 -84.59
C ARG IF 20 4.62 -56.46 -83.84
N GLY IF 21 4.97 -57.71 -84.13
CA GLY IF 21 4.41 -58.84 -83.42
C GLY IF 21 2.99 -59.15 -83.82
N SER IF 22 2.74 -59.33 -85.11
CA SER IF 22 1.42 -59.65 -85.60
C SER IF 22 1.56 -60.38 -86.92
N ASN IF 23 0.53 -61.15 -87.27
CA ASN IF 23 0.52 -61.90 -88.51
C ASN IF 23 0.02 -61.01 -89.63
N LEU IF 24 0.41 -61.33 -90.85
CA LEU IF 24 -0.06 -60.60 -92.03
C LEU IF 24 -0.53 -61.61 -93.07
N LEU IF 25 -1.84 -61.79 -93.17
CA LEU IF 25 -2.42 -62.82 -94.03
C LEU IF 25 -2.93 -62.21 -95.32
N LEU IF 26 -2.84 -62.99 -96.39
CA LEU IF 26 -3.51 -62.64 -97.63
C LEU IF 26 -4.94 -63.12 -97.56
N ILE IF 27 -5.87 -62.23 -97.90
CA ILE IF 27 -7.28 -62.39 -97.62
C ILE IF 27 -8.01 -62.19 -98.94
N THR IF 28 -8.60 -63.25 -99.48
CA THR IF 28 -9.26 -63.18 -100.77
C THR IF 28 -10.77 -63.21 -100.60
N ARG IF 29 -11.44 -62.20 -101.15
CA ARG IF 29 -12.89 -62.14 -101.07
C ARG IF 29 -13.51 -63.22 -101.94
N LEU IF 30 -14.48 -63.93 -101.39
CA LEU IF 30 -15.10 -65.06 -102.08
C LEU IF 30 -16.56 -64.74 -102.42
N ASP IF 31 -17.02 -65.30 -103.53
CA ASP IF 31 -18.31 -64.95 -104.11
C ASP IF 31 -19.46 -65.76 -103.50
N ASP IF 32 -20.65 -65.67 -104.10
CA ASP IF 32 -21.85 -66.28 -103.51
C ASP IF 32 -21.92 -67.78 -103.67
N LYS IF 33 -20.89 -68.42 -104.21
CA LYS IF 33 -20.77 -69.87 -104.19
C LYS IF 33 -19.67 -70.33 -103.25
N GLN IF 34 -19.21 -69.45 -102.37
CA GLN IF 34 -18.07 -69.71 -101.50
C GLN IF 34 -16.85 -70.13 -102.31
N GLN IF 35 -16.47 -69.26 -103.25
CA GLN IF 35 -15.36 -69.51 -104.14
C GLN IF 35 -14.59 -68.20 -104.32
N PRO IF 36 -13.27 -68.21 -104.18
CA PRO IF 36 -12.50 -66.97 -104.26
C PRO IF 36 -12.65 -66.29 -105.62
N MET IF 37 -12.57 -64.97 -105.60
CA MET IF 37 -12.68 -64.16 -106.81
C MET IF 37 -11.29 -63.84 -107.35
N LYS IF 38 -11.25 -63.04 -108.42
CA LYS IF 38 -10.00 -62.66 -109.06
C LYS IF 38 -9.69 -61.20 -108.74
N ASP IF 39 -8.43 -60.93 -108.40
CA ASP IF 39 -7.97 -59.57 -108.13
C ASP IF 39 -8.73 -58.94 -106.96
N GLN IF 40 -8.87 -59.68 -105.88
CA GLN IF 40 -9.64 -59.22 -104.72
C GLN IF 40 -8.91 -59.56 -103.44
N THR IF 41 -7.61 -59.35 -103.39
CA THR IF 41 -6.79 -59.75 -102.26
C THR IF 41 -6.32 -58.54 -101.46
N TRP IF 42 -6.49 -58.61 -100.15
CA TRP IF 42 -5.98 -57.61 -99.23
C TRP IF 42 -5.06 -58.28 -98.23
N VAL IF 43 -4.35 -57.46 -97.46
CA VAL IF 43 -3.48 -57.95 -96.40
C VAL IF 43 -4.11 -57.57 -95.07
N ALA IF 44 -4.34 -58.56 -94.22
CA ALA IF 44 -5.05 -58.34 -92.97
C ALA IF 44 -4.20 -58.77 -91.80
N VAL IF 45 -4.23 -57.98 -90.74
CA VAL IF 45 -3.51 -58.31 -89.51
C VAL IF 45 -4.37 -59.30 -88.73
N ASP IF 46 -3.96 -60.55 -88.68
CA ASP IF 46 -4.70 -61.55 -87.94
C ASP IF 46 -4.86 -61.13 -86.49
N ASN IF 47 -6.01 -61.47 -85.92
CA ASN IF 47 -6.31 -61.07 -84.55
C ASN IF 47 -6.89 -62.18 -83.69
N VAL IF 48 -7.39 -63.27 -84.26
CA VAL IF 48 -8.00 -64.35 -83.52
C VAL IF 48 -7.34 -65.69 -83.77
N GLY IF 49 -6.33 -65.75 -84.62
CA GLY IF 49 -5.64 -67.01 -84.84
C GLY IF 49 -6.17 -67.81 -86.00
N ALA IF 50 -6.23 -67.21 -87.18
CA ALA IF 50 -6.66 -67.90 -88.37
C ALA IF 50 -5.44 -68.38 -89.17
N GLY IF 51 -5.63 -69.48 -89.89
CA GLY IF 51 -4.55 -70.03 -90.69
C GLY IF 51 -5.00 -70.26 -92.11
N MET IF 52 -4.27 -71.09 -92.85
CA MET IF 52 -4.58 -71.26 -94.27
C MET IF 52 -5.91 -71.96 -94.45
N HIS IF 53 -6.59 -71.63 -95.55
CA HIS IF 53 -7.80 -72.27 -96.03
C HIS IF 53 -9.02 -71.99 -95.16
N ASP IF 54 -8.90 -71.14 -94.16
CA ASP IF 54 -10.00 -70.89 -93.22
C ASP IF 54 -10.84 -69.73 -93.73
N ILE IF 55 -12.16 -69.87 -93.64
CA ILE IF 55 -13.06 -68.79 -94.03
C ILE IF 55 -13.22 -67.84 -92.85
N VAL IF 56 -12.85 -66.58 -93.04
CA VAL IF 56 -12.80 -65.62 -91.95
C VAL IF 56 -13.69 -64.43 -92.28
N LEU IF 57 -13.72 -63.46 -91.37
CA LEU IF 57 -14.62 -62.31 -91.46
C LEU IF 57 -13.74 -61.07 -91.30
N ALA IF 58 -13.28 -60.52 -92.41
CA ALA IF 58 -12.30 -59.44 -92.39
C ALA IF 58 -13.01 -58.10 -92.29
N GLU IF 59 -12.56 -57.28 -91.35
CA GLU IF 59 -13.17 -56.00 -91.07
C GLU IF 59 -12.31 -54.87 -91.64
N GLU IF 60 -12.97 -53.76 -91.96
CA GLU IF 60 -12.31 -52.62 -92.57
C GLU IF 60 -11.63 -51.76 -91.51
N TYR IF 61 -11.32 -50.52 -91.87
CA TYR IF 61 -10.25 -49.74 -91.26
C TYR IF 61 -10.05 -49.91 -89.76
N PHE IF 62 -11.03 -49.54 -88.95
CA PHE IF 62 -10.77 -49.32 -87.53
C PHE IF 62 -11.08 -50.59 -86.74
N ALA IF 63 -10.02 -51.24 -86.25
CA ALA IF 63 -10.15 -52.34 -85.30
C ALA IF 63 -9.07 -52.30 -84.23
N LEU IF 64 -8.42 -51.15 -84.02
CA LEU IF 64 -7.40 -50.96 -83.00
C LEU IF 64 -6.25 -51.95 -83.15
N ASN IF 65 -5.55 -51.84 -84.27
CA ASN IF 65 -4.45 -52.75 -84.58
C ASN IF 65 -3.29 -52.04 -85.25
N TYR IF 69 -5.03 -46.18 -84.47
CA TYR IF 69 -4.79 -47.50 -85.06
C TYR IF 69 -5.94 -47.89 -85.97
N LYS IF 70 -5.64 -48.08 -87.25
CA LYS IF 70 -6.68 -48.36 -88.23
C LYS IF 70 -6.31 -49.47 -89.21
N ALA IF 71 -5.64 -50.51 -88.77
CA ALA IF 71 -5.27 -51.59 -89.68
C ALA IF 71 -6.46 -52.51 -89.93
N MET IF 72 -6.52 -53.05 -91.13
CA MET IF 72 -7.58 -53.98 -91.54
C MET IF 72 -7.26 -55.33 -90.93
N SER IF 73 -8.13 -55.82 -90.05
CA SER IF 73 -7.86 -57.04 -89.31
C SER IF 73 -8.97 -58.06 -89.50
N VAL IF 74 -8.68 -59.28 -89.08
CA VAL IF 74 -9.64 -60.37 -89.06
C VAL IF 74 -10.26 -60.42 -87.66
N VAL IF 75 -11.58 -60.51 -87.59
CA VAL IF 75 -12.29 -60.39 -86.33
C VAL IF 75 -13.13 -61.60 -85.99
N ALA IF 76 -13.21 -62.59 -86.86
CA ALA IF 76 -14.05 -63.76 -86.58
C ALA IF 76 -13.70 -64.89 -87.52
N ILE IF 77 -13.74 -66.11 -87.00
CA ILE IF 77 -13.60 -67.31 -87.82
C ILE IF 77 -14.99 -67.94 -87.96
N VAL IF 78 -15.39 -68.19 -89.19
CA VAL IF 78 -16.78 -68.50 -89.50
C VAL IF 78 -16.98 -70.00 -89.50
N GLU IF 79 -18.01 -70.47 -88.77
CA GLU IF 79 -18.37 -71.87 -88.72
C GLU IF 79 -19.34 -72.25 -89.84
N LYS IF 80 -20.48 -71.57 -89.90
CA LYS IF 80 -21.53 -71.88 -90.85
C LYS IF 80 -21.99 -70.61 -91.56
N VAL IF 81 -22.22 -70.72 -92.86
CA VAL IF 81 -22.77 -69.64 -93.67
C VAL IF 81 -24.07 -70.16 -94.27
N PHE IF 82 -25.18 -69.89 -93.60
CA PHE IF 82 -26.49 -70.28 -94.11
C PHE IF 82 -26.97 -69.20 -95.07
N ARG IF 83 -27.28 -69.59 -96.30
CA ARG IF 83 -27.57 -68.62 -97.35
C ARG IF 83 -28.60 -69.22 -98.30
N ASP IF 84 -29.79 -68.63 -98.33
CA ASP IF 84 -30.80 -69.00 -99.32
C ASP IF 84 -31.87 -67.92 -99.40
N GLU JF 3 43.29 -82.53 -72.05
CA GLU JF 3 42.83 -81.18 -72.33
C GLU JF 3 42.03 -80.64 -71.15
N ALA JF 4 41.87 -79.32 -71.09
CA ALA JF 4 41.18 -78.71 -69.97
C ALA JF 4 39.68 -78.97 -70.09
N LEU JF 5 38.92 -78.38 -69.18
CA LEU JF 5 37.48 -78.61 -69.11
C LEU JF 5 36.80 -77.36 -68.60
N GLY JF 6 35.75 -76.94 -69.27
CA GLY JF 6 35.05 -75.73 -68.90
C GLY JF 6 33.57 -75.98 -68.70
N LEU JF 7 33.00 -75.31 -67.70
CA LEU JF 7 31.64 -75.59 -67.27
C LEU JF 7 30.90 -74.29 -67.01
N ILE JF 8 29.68 -74.19 -67.53
CA ILE JF 8 28.77 -73.10 -67.20
C ILE JF 8 27.45 -73.71 -66.79
N GLU JF 9 26.78 -73.11 -65.81
CA GLU JF 9 25.51 -73.59 -65.32
C GLU JF 9 24.53 -72.44 -65.27
N THR JF 10 23.34 -72.64 -65.83
CA THR JF 10 22.35 -71.59 -65.93
C THR JF 10 20.99 -72.11 -65.51
N LYS JF 11 20.08 -71.19 -65.24
CA LYS JF 11 18.68 -71.50 -65.00
C LYS JF 11 17.93 -71.38 -66.32
N GLY JF 12 17.36 -72.48 -66.79
CA GLY JF 12 16.65 -72.45 -68.05
C GLY JF 12 17.51 -72.93 -69.19
N LEU JF 13 16.85 -73.42 -70.25
CA LEU JF 13 17.59 -73.99 -71.35
C LEU JF 13 18.02 -72.93 -72.35
N VAL JF 14 17.22 -71.86 -72.51
CA VAL JF 14 17.55 -70.84 -73.51
C VAL JF 14 18.87 -70.17 -73.16
N ALA JF 15 19.03 -69.77 -71.90
CA ALA JF 15 20.26 -69.11 -71.49
C ALA JF 15 21.47 -70.00 -71.70
N CYS JF 16 21.28 -71.32 -71.69
CA CYS JF 16 22.41 -72.23 -71.86
C CYS JF 16 22.79 -72.40 -73.31
N ILE JF 17 21.81 -72.42 -74.22
CA ILE JF 17 22.13 -72.55 -75.64
C ILE JF 17 22.83 -71.30 -76.14
N GLU JF 18 22.42 -70.14 -75.63
CA GLU JF 18 23.15 -68.91 -75.94
C GLU JF 18 24.59 -68.99 -75.44
N ALA JF 19 24.76 -69.42 -74.18
CA ALA JF 19 26.11 -69.54 -73.63
C ALA JF 19 26.94 -70.53 -74.41
N ALA JF 20 26.38 -71.68 -74.75
CA ALA JF 20 27.14 -72.68 -75.48
C ALA JF 20 27.49 -72.23 -76.89
N ASP JF 21 26.67 -71.37 -77.49
CA ASP JF 21 26.99 -70.87 -78.81
C ASP JF 21 28.13 -69.87 -78.76
N ALA JF 22 28.09 -68.96 -77.79
CA ALA JF 22 29.17 -67.99 -77.64
C ALA JF 22 30.50 -68.68 -77.36
N MET JF 23 30.48 -69.71 -76.52
CA MET JF 23 31.70 -70.45 -76.22
C MET JF 23 32.31 -71.04 -77.48
N CYS JF 24 31.49 -71.65 -78.33
CA CYS JF 24 32.03 -72.32 -79.51
C CYS JF 24 32.58 -71.32 -80.52
N LYS JF 25 32.05 -70.10 -80.55
CA LYS JF 25 32.51 -69.12 -81.52
C LYS JF 25 33.75 -68.40 -81.05
N ALA JF 26 33.91 -68.20 -79.75
CA ALA JF 26 34.92 -67.32 -79.20
C ALA JF 26 36.31 -67.92 -79.13
N ALA JF 27 36.45 -69.24 -79.29
CA ALA JF 27 37.77 -69.85 -79.20
C ALA JF 27 37.67 -71.26 -79.77
N ASN JF 28 38.84 -71.90 -79.92
CA ASN JF 28 38.91 -73.23 -80.49
C ASN JF 28 38.67 -74.28 -79.40
N VAL JF 29 37.39 -74.45 -79.06
CA VAL JF 29 36.97 -75.45 -78.10
C VAL JF 29 35.86 -76.30 -78.71
N GLU JF 30 35.71 -77.51 -78.21
CA GLU JF 30 34.71 -78.44 -78.71
C GLU JF 30 33.66 -78.70 -77.64
N LEU JF 31 32.41 -78.82 -78.06
CA LEU JF 31 31.28 -78.97 -77.14
C LEU JF 31 31.10 -80.44 -76.80
N ILE JF 32 31.14 -80.75 -75.51
CA ILE JF 32 30.98 -82.13 -75.07
C ILE JF 32 29.51 -82.52 -75.03
N GLY JF 33 28.69 -81.75 -74.33
CA GLY JF 33 27.27 -82.02 -74.30
C GLY JF 33 26.60 -81.22 -73.20
N TYR JF 34 25.28 -81.40 -73.13
CA TYR JF 34 24.46 -80.80 -72.09
C TYR JF 34 24.12 -81.85 -71.05
N GLU JF 35 23.76 -81.37 -69.86
CA GLU JF 35 23.33 -82.27 -68.79
C GLU JF 35 22.52 -81.45 -67.79
N ASN JF 36 21.22 -81.66 -67.76
CA ASN JF 36 20.36 -80.96 -66.82
C ASN JF 36 20.02 -81.88 -65.66
N VAL JF 37 20.16 -81.37 -64.45
CA VAL JF 37 19.96 -82.14 -63.23
C VAL JF 37 18.80 -81.50 -62.48
N GLY JF 38 17.60 -81.95 -62.77
CA GLY JF 38 16.47 -81.52 -61.97
C GLY JF 38 16.14 -80.06 -62.17
N SER JF 39 15.97 -79.34 -61.06
CA SER JF 39 15.19 -78.11 -61.06
C SER JF 39 15.85 -77.02 -61.89
N GLY JF 40 15.37 -76.85 -63.12
CA GLY JF 40 15.77 -75.81 -64.04
C GLY JF 40 17.26 -75.48 -64.09
N LEU JF 41 18.11 -76.50 -64.04
CA LEU JF 41 19.56 -76.27 -64.07
C LEU JF 41 20.14 -77.08 -65.22
N VAL JF 42 20.64 -76.39 -66.24
CA VAL JF 42 21.29 -77.02 -67.37
C VAL JF 42 22.76 -76.60 -67.36
N THR JF 43 23.63 -77.51 -67.78
CA THR JF 43 25.07 -77.29 -67.76
C THR JF 43 25.66 -77.72 -69.08
N ALA JF 44 26.52 -76.86 -69.65
CA ALA JF 44 27.24 -77.16 -70.88
C ALA JF 44 28.71 -77.35 -70.57
N MET JF 45 29.35 -78.29 -71.26
CA MET JF 45 30.73 -78.65 -71.00
C MET JF 45 31.53 -78.55 -72.30
N VAL JF 46 32.65 -77.83 -72.26
CA VAL JF 46 33.55 -77.68 -73.39
C VAL JF 46 34.93 -78.15 -72.98
N LYS JF 47 35.73 -78.53 -73.97
CA LYS JF 47 37.10 -78.97 -73.70
C LYS JF 47 38.04 -78.46 -74.77
N GLY JF 48 39.29 -78.24 -74.38
CA GLY JF 48 40.28 -77.69 -75.27
C GLY JF 48 41.51 -77.30 -74.47
N ASP JF 49 42.41 -76.58 -75.11
CA ASP JF 49 43.61 -76.13 -74.41
C ASP JF 49 43.25 -75.14 -73.31
N VAL JF 50 44.19 -74.94 -72.39
CA VAL JF 50 43.88 -74.18 -71.18
C VAL JF 50 43.66 -72.70 -71.49
N GLY JF 51 44.45 -72.16 -72.41
CA GLY JF 51 44.26 -70.75 -72.77
C GLY JF 51 43.00 -70.54 -73.60
N ALA JF 52 42.67 -71.51 -74.44
CA ALA JF 52 41.44 -71.41 -75.21
C ALA JF 52 40.22 -71.58 -74.31
N VAL JF 53 40.20 -72.63 -73.49
CA VAL JF 53 39.05 -72.89 -72.65
C VAL JF 53 38.81 -71.75 -71.68
N ASN JF 54 39.89 -71.15 -71.18
CA ASN JF 54 39.72 -70.00 -70.30
C ASN JF 54 39.11 -68.83 -71.04
N ALA JF 55 39.40 -68.70 -72.33
CA ALA JF 55 38.86 -67.60 -73.13
C ALA JF 55 37.44 -67.87 -73.57
N ALA JF 56 37.04 -69.14 -73.64
CA ALA JF 56 35.67 -69.45 -74.03
C ALA JF 56 34.71 -69.25 -72.87
N VAL JF 57 35.15 -69.54 -71.65
CA VAL JF 57 34.23 -69.53 -70.52
C VAL JF 57 33.85 -68.10 -70.14
N ASP JF 58 34.79 -67.17 -70.19
CA ASP JF 58 34.44 -65.80 -69.80
C ASP JF 58 33.60 -65.11 -70.86
N SER JF 59 33.67 -65.55 -72.12
CA SER JF 59 32.77 -65.02 -73.12
C SER JF 59 31.39 -65.65 -73.01
N GLY JF 60 31.34 -66.96 -72.77
CA GLY JF 60 30.06 -67.62 -72.61
C GLY JF 60 29.29 -67.16 -71.40
N VAL JF 61 29.99 -66.86 -70.31
CA VAL JF 61 29.32 -66.32 -69.13
C VAL JF 61 28.78 -64.93 -69.44
N GLU JF 62 29.51 -64.17 -70.26
CA GLU JF 62 29.11 -62.81 -70.59
C GLU JF 62 27.80 -62.80 -71.38
N ALA JF 63 27.63 -63.76 -72.27
CA ALA JF 63 26.44 -63.80 -73.12
C ALA JF 63 25.22 -64.28 -72.37
N ALA JF 64 25.35 -65.38 -71.63
CA ALA JF 64 24.21 -65.93 -70.91
C ALA JF 64 23.77 -65.04 -69.77
N LYS JF 65 24.70 -64.29 -69.18
CA LYS JF 65 24.35 -63.32 -68.15
C LYS JF 65 23.47 -62.21 -68.70
N ARG JF 66 23.44 -62.04 -70.01
CA ARG JF 66 22.67 -60.97 -70.63
C ARG JF 66 21.19 -61.24 -70.58
N ILE JF 67 20.79 -62.48 -70.83
CA ILE JF 67 19.37 -62.83 -70.96
C ILE JF 67 18.89 -63.76 -69.87
N GLY JF 68 19.77 -64.32 -69.05
CA GLY JF 68 19.34 -65.24 -68.02
C GLY JF 68 20.21 -65.17 -66.79
N LYS JF 69 20.16 -66.22 -65.97
CA LYS JF 69 20.95 -66.30 -64.75
C LYS JF 69 22.05 -67.31 -64.95
N VAL JF 70 23.30 -66.88 -64.80
CA VAL JF 70 24.44 -67.78 -64.76
C VAL JF 70 24.69 -68.12 -63.30
N VAL JF 71 24.58 -69.40 -62.97
CA VAL JF 71 24.71 -69.83 -61.58
C VAL JF 71 26.17 -70.03 -61.19
N SER JF 72 26.93 -70.74 -62.02
CA SER JF 72 28.32 -71.02 -61.70
C SER JF 72 29.10 -71.25 -62.98
N SER JF 73 30.41 -70.98 -62.92
CA SER JF 73 31.33 -71.28 -64.00
C SER JF 73 32.64 -71.73 -63.38
N ARG JF 74 33.39 -72.52 -64.14
CA ARG JF 74 34.59 -73.12 -63.59
C ARG JF 74 35.42 -73.73 -64.70
N VAL JF 75 36.74 -73.58 -64.61
CA VAL JF 75 37.69 -74.21 -65.52
C VAL JF 75 38.56 -75.14 -64.71
N ILE JF 76 38.75 -76.35 -65.23
CA ILE JF 76 39.60 -77.35 -64.61
C ILE JF 76 40.80 -77.56 -65.53
N ALA JF 77 41.98 -77.17 -65.07
CA ALA JF 77 43.14 -77.11 -65.96
C ALA JF 77 43.62 -78.50 -66.35
N ARG JF 78 43.54 -79.46 -65.44
CA ARG JF 78 43.88 -80.85 -65.75
C ARG JF 78 42.89 -81.75 -65.04
N PRO JF 79 41.84 -82.20 -65.71
CA PRO JF 79 40.89 -83.09 -65.07
C PRO JF 79 41.50 -84.45 -64.85
N HIS JF 80 41.21 -85.03 -63.69
CA HIS JF 80 41.76 -86.33 -63.35
C HIS JF 80 41.21 -87.39 -64.31
N ASN JF 81 42.05 -88.40 -64.57
CA ASN JF 81 41.69 -89.40 -65.57
C ASN JF 81 40.39 -90.09 -65.23
N ASP JF 82 40.15 -90.35 -63.93
CA ASP JF 82 38.91 -91.00 -63.51
C ASP JF 82 37.69 -90.23 -63.95
N ILE JF 83 37.76 -88.90 -63.91
CA ILE JF 83 36.63 -88.06 -64.24
C ILE JF 83 36.49 -87.91 -65.74
N GLU KF 3 20.37 -73.18 -91.14
CA GLU KF 3 19.22 -72.29 -91.02
C GLU KF 3 19.12 -71.74 -89.61
N ALA KF 4 18.44 -70.61 -89.47
CA ALA KF 4 18.36 -69.92 -88.19
C ALA KF 4 17.62 -70.78 -87.17
N LEU KF 5 17.51 -70.28 -85.96
CA LEU KF 5 16.95 -71.06 -84.87
C LEU KF 5 16.36 -70.12 -83.83
N GLY KF 6 15.10 -70.34 -83.46
CA GLY KF 6 14.41 -69.48 -82.52
C GLY KF 6 13.92 -70.28 -81.33
N LEU KF 7 13.94 -69.65 -80.16
CA LEU KF 7 13.56 -70.28 -78.91
C LEU KF 7 12.62 -69.39 -78.12
N ILE KF 8 11.58 -69.99 -77.57
CA ILE KF 8 10.74 -69.33 -76.58
C ILE KF 8 10.66 -70.24 -75.36
N GLU KF 9 10.81 -69.65 -74.18
CA GLU KF 9 10.76 -70.40 -72.92
C GLU KF 9 9.64 -69.85 -72.06
N THR KF 10 8.74 -70.73 -71.65
CA THR KF 10 7.53 -70.34 -70.94
C THR KF 10 7.38 -71.19 -69.69
N LYS KF 11 6.64 -70.64 -68.73
CA LYS KF 11 6.32 -71.34 -67.49
C LYS KF 11 4.98 -72.06 -67.67
N GLY KF 12 5.03 -73.37 -67.75
CA GLY KF 12 3.83 -74.14 -67.98
C GLY KF 12 3.69 -74.55 -69.44
N LEU KF 13 3.03 -75.69 -69.66
CA LEU KF 13 2.92 -76.22 -71.01
C LEU KF 13 1.85 -75.52 -71.84
N VAL KF 14 0.77 -75.07 -71.21
CA VAL KF 14 -0.31 -74.45 -71.98
C VAL KF 14 0.20 -73.21 -72.70
N ALA KF 15 0.92 -72.34 -71.99
CA ALA KF 15 1.45 -71.15 -72.62
C ALA KF 15 2.42 -71.46 -73.74
N CYS KF 16 3.00 -72.66 -73.74
CA CYS KF 16 3.96 -73.02 -74.77
C CYS KF 16 3.28 -73.53 -76.03
N ILE KF 17 2.09 -74.11 -75.91
CA ILE KF 17 1.37 -74.55 -77.11
C ILE KF 17 0.70 -73.36 -77.79
N GLU KF 18 0.29 -72.36 -77.02
CA GLU KF 18 -0.18 -71.12 -77.65
C GLU KF 18 0.96 -70.42 -78.37
N ALA KF 19 2.14 -70.36 -77.74
CA ALA KF 19 3.29 -69.75 -78.40
C ALA KF 19 3.67 -70.52 -79.67
N ALA KF 20 3.68 -71.85 -79.61
CA ALA KF 20 4.06 -72.62 -80.79
C ALA KF 20 3.01 -72.54 -81.87
N ASP KF 21 1.75 -72.31 -81.52
CA ASP KF 21 0.72 -72.17 -82.54
C ASP KF 21 0.84 -70.84 -83.27
N ALA KF 22 1.11 -69.78 -82.53
CA ALA KF 22 1.30 -68.47 -83.17
C ALA KF 22 2.56 -68.47 -84.03
N MET KF 23 3.62 -69.13 -83.57
CA MET KF 23 4.85 -69.20 -84.36
C MET KF 23 4.61 -69.91 -85.69
N CYS KF 24 3.89 -71.03 -85.65
CA CYS KF 24 3.76 -71.84 -86.86
C CYS KF 24 2.81 -71.22 -87.88
N LYS KF 25 1.93 -70.31 -87.46
CA LYS KF 25 1.03 -69.64 -88.37
C LYS KF 25 1.62 -68.35 -88.94
N ALA KF 26 2.63 -67.79 -88.28
CA ALA KF 26 3.12 -66.47 -88.64
C ALA KF 26 4.07 -66.51 -89.82
N ALA KF 27 4.73 -67.63 -90.08
CA ALA KF 27 5.68 -67.71 -91.18
C ALA KF 27 5.90 -69.17 -91.52
N ASN KF 28 6.80 -69.41 -92.47
CA ASN KF 28 7.06 -70.74 -92.99
C ASN KF 28 8.28 -71.33 -92.26
N VAL KF 29 8.05 -71.76 -91.02
CA VAL KF 29 9.06 -72.39 -90.20
C VAL KF 29 8.58 -73.77 -89.82
N GLU KF 30 9.52 -74.69 -89.67
CA GLU KF 30 9.22 -76.04 -89.20
C GLU KF 30 9.51 -76.13 -87.71
N LEU KF 31 8.61 -76.76 -86.97
CA LEU KF 31 8.70 -76.83 -85.53
C LEU KF 31 9.44 -78.10 -85.13
N ILE KF 32 10.46 -77.95 -84.30
CA ILE KF 32 11.34 -79.07 -83.96
C ILE KF 32 10.77 -79.89 -82.81
N GLY KF 33 10.42 -79.26 -81.71
CA GLY KF 33 9.81 -79.99 -80.61
C GLY KF 33 10.07 -79.30 -79.28
N TYR KF 34 9.37 -79.78 -78.27
CA TYR KF 34 9.45 -79.25 -76.92
C TYR KF 34 10.55 -79.92 -76.14
N GLU KF 35 10.98 -79.26 -75.06
CA GLU KF 35 11.98 -79.80 -74.15
C GLU KF 35 11.79 -79.12 -72.81
N ASN KF 36 11.33 -79.85 -71.81
CA ASN KF 36 11.17 -79.30 -70.47
C ASN KF 36 12.31 -79.75 -69.57
N VAL KF 37 12.82 -78.81 -68.79
CA VAL KF 37 14.01 -79.02 -67.98
C VAL KF 37 13.68 -79.03 -66.49
N GLY KF 38 12.40 -79.07 -66.14
CA GLY KF 38 12.00 -79.05 -64.76
C GLY KF 38 11.76 -77.65 -64.24
N SER KF 39 11.11 -77.59 -63.08
CA SER KF 39 10.68 -76.36 -62.44
C SER KF 39 9.58 -75.65 -63.21
N GLY KF 40 8.94 -76.34 -64.13
CA GLY KF 40 7.85 -75.77 -64.90
C GLY KF 40 8.26 -75.05 -66.15
N LEU KF 41 9.53 -75.10 -66.54
CA LEU KF 41 10.01 -74.39 -67.71
C LEU KF 41 9.93 -75.30 -68.92
N VAL KF 42 9.20 -74.86 -69.94
CA VAL KF 42 9.06 -75.58 -71.20
C VAL KF 42 9.54 -74.67 -72.32
N THR KF 43 10.20 -75.26 -73.31
CA THR KF 43 10.83 -74.51 -74.39
C THR KF 43 10.41 -75.10 -75.73
N ALA KF 44 10.03 -74.22 -76.66
CA ALA KF 44 9.70 -74.60 -78.01
C ALA KF 44 10.79 -74.08 -78.95
N MET KF 45 11.11 -74.87 -79.98
CA MET KF 45 12.23 -74.58 -80.87
C MET KF 45 11.77 -74.70 -82.31
N VAL KF 46 11.97 -73.65 -83.10
CA VAL KF 46 11.65 -73.65 -84.52
C VAL KF 46 12.93 -73.39 -85.29
N LYS KF 47 12.88 -73.67 -86.59
CA LYS KF 47 14.04 -73.43 -87.45
C LYS KF 47 13.57 -73.12 -88.86
N GLY KF 48 14.28 -72.20 -89.50
CA GLY KF 48 13.94 -71.77 -90.85
C GLY KF 48 14.84 -70.62 -91.24
N ASP KF 49 14.48 -69.95 -92.32
CA ASP KF 49 15.22 -68.77 -92.74
C ASP KF 49 15.11 -67.67 -91.69
N VAL KF 50 16.10 -66.79 -91.68
CA VAL KF 50 16.22 -65.84 -90.58
C VAL KF 50 15.19 -64.72 -90.64
N GLY KF 51 14.63 -64.43 -91.81
CA GLY KF 51 13.53 -63.48 -91.87
C GLY KF 51 12.23 -64.08 -91.36
N ALA KF 52 12.02 -65.38 -91.61
CA ALA KF 52 10.84 -66.05 -91.11
C ALA KF 52 10.95 -66.31 -89.61
N VAL KF 53 12.10 -66.81 -89.17
CA VAL KF 53 12.27 -67.13 -87.75
C VAL KF 53 12.15 -65.88 -86.90
N ASN KF 54 12.65 -64.75 -87.41
CA ASN KF 54 12.54 -63.51 -86.67
C ASN KF 54 11.10 -63.08 -86.53
N ALA KF 55 10.29 -63.30 -87.57
CA ALA KF 55 8.89 -62.91 -87.53
C ALA KF 55 8.09 -63.84 -86.63
N ALA KF 56 8.43 -65.13 -86.63
CA ALA KF 56 7.68 -66.10 -85.83
C ALA KF 56 7.91 -65.87 -84.35
N VAL KF 57 9.16 -65.66 -83.94
CA VAL KF 57 9.46 -65.53 -82.52
C VAL KF 57 8.81 -64.28 -81.93
N ASP KF 58 8.76 -63.20 -82.71
CA ASP KF 58 8.11 -61.99 -82.22
C ASP KF 58 6.61 -62.20 -82.07
N SER KF 59 6.02 -62.99 -82.96
CA SER KF 59 4.60 -63.26 -82.88
C SER KF 59 4.29 -64.20 -81.72
N GLY KF 60 5.08 -65.28 -81.59
CA GLY KF 60 4.85 -66.23 -80.53
C GLY KF 60 5.03 -65.63 -79.15
N VAL KF 61 5.93 -64.67 -79.00
CA VAL KF 61 6.15 -64.07 -77.70
C VAL KF 61 4.93 -63.27 -77.28
N GLU KF 62 4.33 -62.52 -78.20
CA GLU KF 62 3.20 -61.68 -77.84
C GLU KF 62 1.96 -62.49 -77.53
N ALA KF 63 1.78 -63.63 -78.20
CA ALA KF 63 0.61 -64.47 -77.94
C ALA KF 63 0.73 -65.19 -76.60
N ALA KF 64 1.88 -65.79 -76.33
CA ALA KF 64 2.07 -66.46 -75.05
C ALA KF 64 2.08 -65.48 -73.89
N LYS KF 65 2.60 -64.27 -74.12
CA LYS KF 65 2.59 -63.25 -73.08
C LYS KF 65 1.18 -62.92 -72.63
N ARG KF 66 0.20 -63.12 -73.51
CA ARG KF 66 -1.17 -62.73 -73.22
C ARG KF 66 -1.81 -63.63 -72.18
N ILE KF 67 -1.45 -64.91 -72.16
CA ILE KF 67 -2.13 -65.91 -71.35
C ILE KF 67 -1.22 -66.62 -70.37
N GLY KF 68 0.05 -66.25 -70.31
CA GLY KF 68 0.96 -66.89 -69.41
C GLY KF 68 2.18 -66.03 -69.19
N LYS KF 69 3.23 -66.64 -68.67
CA LYS KF 69 4.49 -65.97 -68.44
C LYS KF 69 5.51 -66.45 -69.46
N VAL KF 70 6.08 -65.51 -70.21
CA VAL KF 70 7.19 -65.80 -71.09
C VAL KF 70 8.47 -65.47 -70.34
N VAL KF 71 9.33 -66.46 -70.18
CA VAL KF 71 10.55 -66.27 -69.41
C VAL KF 71 11.66 -65.67 -70.27
N SER KF 72 11.82 -66.16 -71.49
CA SER KF 72 12.94 -65.76 -72.32
C SER KF 72 12.64 -66.11 -73.76
N SER KF 73 13.28 -65.37 -74.68
CA SER KF 73 13.18 -65.64 -76.10
C SER KF 73 14.51 -65.28 -76.75
N ARG KF 74 14.77 -65.85 -77.92
CA ARG KF 74 16.08 -65.69 -78.52
C ARG KF 74 16.04 -66.19 -79.96
N VAL KF 75 16.71 -65.47 -80.85
CA VAL KF 75 16.95 -65.91 -82.21
C VAL KF 75 18.44 -66.05 -82.41
N ILE KF 76 18.86 -67.17 -83.00
CA ILE KF 76 20.25 -67.43 -83.32
C ILE KF 76 20.35 -67.50 -84.83
N ALA KF 77 20.99 -66.49 -85.43
CA ALA KF 77 20.94 -66.36 -86.88
C ALA KF 77 21.83 -67.38 -87.57
N ARG KF 78 23.08 -67.49 -87.18
CA ARG KF 78 23.97 -68.53 -87.71
C ARG KF 78 24.40 -69.43 -86.57
N PRO KF 79 23.69 -70.53 -86.32
CA PRO KF 79 24.09 -71.44 -85.24
C PRO KF 79 25.29 -72.27 -85.64
N HIS KF 80 26.14 -72.54 -84.66
CA HIS KF 80 27.33 -73.32 -84.90
C HIS KF 80 26.98 -74.78 -85.19
N ASN KF 81 27.84 -75.44 -85.96
CA ASN KF 81 27.54 -76.81 -86.37
C ASN KF 81 27.63 -77.78 -85.20
N ASP KF 82 28.41 -77.46 -84.18
CA ASP KF 82 28.44 -78.27 -82.97
C ASP KF 82 27.10 -78.20 -82.24
N ILE KF 83 26.37 -77.12 -82.40
CA ILE KF 83 25.08 -76.96 -81.76
C ILE KF 83 23.99 -77.62 -82.60
N GLU LF 3 21.51 -55.55 -102.05
CA GLU LF 3 21.23 -56.09 -100.72
C GLU LF 3 21.34 -55.01 -99.66
N ALA LF 4 20.95 -55.33 -98.44
CA ALA LF 4 20.86 -54.33 -97.40
C ALA LF 4 22.25 -53.84 -97.01
N LEU LF 5 22.28 -52.85 -96.13
CA LEU LF 5 23.51 -52.19 -95.75
C LEU LF 5 23.45 -51.79 -94.28
N GLY LF 6 24.43 -52.23 -93.50
CA GLY LF 6 24.46 -51.92 -92.09
C GLY LF 6 25.70 -51.15 -91.67
N LEU LF 7 25.52 -50.12 -90.85
CA LEU LF 7 26.59 -49.22 -90.48
C LEU LF 7 26.67 -49.08 -88.97
N ILE LF 8 27.88 -49.13 -88.43
CA ILE LF 8 28.13 -48.81 -87.03
C ILE LF 8 29.26 -47.80 -87.00
N GLU LF 9 29.15 -46.82 -86.10
CA GLU LF 9 30.15 -45.77 -85.98
C GLU LF 9 30.58 -45.64 -84.54
N THR LF 10 31.89 -45.63 -84.31
CA THR LF 10 32.45 -45.65 -82.98
C THR LF 10 33.57 -44.62 -82.88
N LYS LF 11 33.96 -44.31 -81.64
CA LYS LF 11 35.15 -43.52 -81.38
C LYS LF 11 36.33 -44.46 -81.18
N GLY LF 12 37.31 -44.36 -82.05
CA GLY LF 12 38.47 -45.20 -81.87
C GLY LF 12 38.37 -46.49 -82.66
N LEU LF 13 39.53 -47.06 -82.97
CA LEU LF 13 39.59 -48.23 -83.83
C LEU LF 13 39.33 -49.52 -83.08
N VAL LF 14 39.63 -49.56 -81.78
CA VAL LF 14 39.49 -50.82 -81.06
C VAL LF 14 38.02 -51.19 -80.93
N ALA LF 15 37.17 -50.22 -80.60
CA ALA LF 15 35.74 -50.51 -80.49
C ALA LF 15 35.14 -50.88 -81.84
N CYS LF 16 35.79 -50.54 -82.95
CA CYS LF 16 35.25 -50.87 -84.25
C CYS LF 16 35.73 -52.24 -84.73
N ILE LF 17 36.87 -52.71 -84.24
CA ILE LF 17 37.26 -54.08 -84.57
C ILE LF 17 36.46 -55.07 -83.75
N GLU LF 18 36.04 -54.68 -82.55
CA GLU LF 18 35.16 -55.55 -81.79
C GLU LF 18 33.76 -55.59 -82.38
N ALA LF 19 33.27 -54.45 -82.86
CA ALA LF 19 31.99 -54.44 -83.54
C ALA LF 19 32.03 -55.24 -84.83
N ALA LF 20 33.11 -55.09 -85.60
CA ALA LF 20 33.20 -55.79 -86.87
C ALA LF 20 33.35 -57.30 -86.66
N ASP LF 21 34.01 -57.70 -85.58
CA ASP LF 21 34.18 -59.12 -85.31
C ASP LF 21 32.86 -59.75 -84.86
N ALA LF 22 32.12 -59.06 -84.00
CA ALA LF 22 30.83 -59.59 -83.55
C ALA LF 22 29.83 -59.67 -84.68
N MET LF 23 29.85 -58.70 -85.59
CA MET LF 23 28.91 -58.70 -86.70
C MET LF 23 29.14 -59.91 -87.61
N CYS LF 24 30.40 -60.16 -87.98
CA CYS LF 24 30.68 -61.23 -88.91
C CYS LF 24 30.44 -62.61 -88.31
N LYS LF 25 30.42 -62.72 -86.98
CA LYS LF 25 30.17 -64.00 -86.33
C LYS LF 25 28.69 -64.29 -86.23
N ALA LF 26 27.87 -63.27 -86.02
CA ALA LF 26 26.50 -63.44 -85.59
C ALA LF 26 25.49 -63.50 -86.73
N ALA LF 27 25.95 -63.53 -87.98
CA ALA LF 27 25.04 -63.61 -89.11
C ALA LF 27 25.87 -63.83 -90.38
N ASN LF 28 25.17 -64.17 -91.46
CA ASN LF 28 25.82 -64.41 -92.74
C ASN LF 28 25.86 -63.09 -93.51
N VAL LF 29 26.85 -62.27 -93.18
CA VAL LF 29 27.05 -60.97 -93.82
C VAL LF 29 28.46 -60.92 -94.37
N GLU LF 30 28.70 -59.91 -95.20
CA GLU LF 30 30.00 -59.67 -95.80
C GLU LF 30 30.53 -58.32 -95.34
N LEU LF 31 31.75 -58.29 -94.85
CA LEU LF 31 32.35 -57.04 -94.40
C LEU LF 31 32.94 -56.31 -95.59
N ILE LF 32 32.54 -55.06 -95.77
CA ILE LF 32 33.02 -54.27 -96.89
C ILE LF 32 34.31 -53.54 -96.54
N GLY LF 33 34.37 -52.90 -95.38
CA GLY LF 33 35.59 -52.28 -94.94
C GLY LF 33 35.33 -51.21 -93.91
N TYR LF 34 36.41 -50.59 -93.47
CA TYR LF 34 36.37 -49.46 -92.56
C TYR LF 34 36.58 -48.17 -93.33
N GLU LF 35 36.13 -47.07 -92.73
CA GLU LF 35 36.28 -45.76 -93.37
C GLU LF 35 36.22 -44.71 -92.26
N ASN LF 36 37.37 -44.16 -91.92
CA ASN LF 36 37.45 -43.15 -90.87
C ASN LF 36 37.49 -41.75 -91.47
N VAL LF 37 37.03 -40.78 -90.71
CA VAL LF 37 36.88 -39.41 -91.19
C VAL LF 37 37.54 -38.44 -90.23
N GLY LF 38 38.54 -38.90 -89.48
CA GLY LF 38 39.20 -38.05 -88.52
C GLY LF 38 38.34 -37.80 -87.30
N SER LF 39 38.91 -37.16 -86.29
CA SER LF 39 38.32 -36.99 -84.96
C SER LF 39 38.10 -38.31 -84.25
N GLY LF 40 38.71 -39.39 -84.72
CA GLY LF 40 38.58 -40.68 -84.08
C GLY LF 40 37.33 -41.44 -84.44
N LEU LF 41 36.49 -40.92 -85.32
CA LEU LF 41 35.30 -41.62 -85.75
C LEU LF 41 35.68 -42.63 -86.82
N VAL LF 42 35.39 -43.91 -86.56
CA VAL LF 42 35.62 -44.98 -87.52
C VAL LF 42 34.28 -45.68 -87.74
N THR LF 43 34.06 -46.14 -88.96
CA THR LF 43 32.78 -46.71 -89.37
C THR LF 43 33.00 -48.05 -90.05
N ALA LF 44 32.21 -49.05 -89.67
CA ALA LF 44 32.23 -50.37 -90.29
C ALA LF 44 31.00 -50.54 -91.15
N MET LF 45 31.15 -51.23 -92.28
CA MET LF 45 30.07 -51.41 -93.23
C MET LF 45 29.94 -52.89 -93.58
N VAL LF 46 28.78 -53.46 -93.28
CA VAL LF 46 28.48 -54.85 -93.63
C VAL LF 46 27.40 -54.86 -94.69
N LYS LF 47 27.28 -55.99 -95.38
CA LYS LF 47 26.37 -56.08 -96.51
C LYS LF 47 25.82 -57.49 -96.62
N GLY LF 48 24.49 -57.62 -96.68
CA GLY LF 48 23.88 -58.92 -96.81
C GLY LF 48 22.38 -58.77 -96.93
N ASP LF 49 21.68 -59.89 -96.78
CA ASP LF 49 20.22 -59.86 -96.80
C ASP LF 49 19.70 -59.04 -95.62
N VAL LF 50 18.44 -58.60 -95.74
CA VAL LF 50 17.91 -57.65 -94.77
C VAL LF 50 17.80 -58.29 -93.39
N GLY LF 51 17.35 -59.54 -93.32
CA GLY LF 51 17.19 -60.19 -92.03
C GLY LF 51 18.53 -60.44 -91.36
N ALA LF 52 19.53 -60.86 -92.14
CA ALA LF 52 20.86 -61.07 -91.60
C ALA LF 52 21.48 -59.76 -91.15
N VAL LF 53 21.50 -58.76 -92.03
CA VAL LF 53 22.12 -57.48 -91.72
C VAL LF 53 21.46 -56.85 -90.49
N ASN LF 54 20.15 -56.97 -90.39
CA ASN LF 54 19.49 -56.48 -89.19
C ASN LF 54 20.08 -57.13 -87.95
N ALA LF 55 20.09 -58.46 -87.91
CA ALA LF 55 20.60 -59.18 -86.75
C ALA LF 55 22.06 -58.84 -86.45
N ALA LF 56 22.87 -58.70 -87.49
CA ALA LF 56 24.29 -58.41 -87.28
C ALA LF 56 24.47 -57.08 -86.56
N VAL LF 57 23.79 -56.03 -87.02
CA VAL LF 57 23.98 -54.71 -86.44
C VAL LF 57 23.58 -54.69 -84.97
N ASP LF 58 22.56 -55.46 -84.60
CA ASP LF 58 22.16 -55.49 -83.20
C ASP LF 58 23.24 -56.09 -82.32
N SER LF 59 23.84 -57.20 -82.77
CA SER LF 59 24.89 -57.83 -81.98
C SER LF 59 26.16 -57.00 -82.00
N GLY LF 60 26.48 -56.40 -83.15
CA GLY LF 60 27.70 -55.61 -83.25
C GLY LF 60 27.68 -54.38 -82.36
N VAL LF 61 26.52 -53.73 -82.23
CA VAL LF 61 26.43 -52.59 -81.34
C VAL LF 61 26.50 -53.02 -79.89
N GLU LF 62 26.01 -54.21 -79.60
CA GLU LF 62 26.00 -54.70 -78.22
C GLU LF 62 27.40 -55.04 -77.74
N ALA LF 63 28.23 -55.61 -78.63
CA ALA LF 63 29.61 -55.90 -78.26
C ALA LF 63 30.46 -54.64 -78.19
N ALA LF 64 30.28 -53.73 -79.15
CA ALA LF 64 31.13 -52.54 -79.20
C ALA LF 64 30.83 -51.59 -78.06
N LYS LF 65 29.55 -51.39 -77.75
CA LYS LF 65 29.16 -50.53 -76.65
C LYS LF 65 29.75 -50.99 -75.33
N ARG LF 66 30.19 -52.24 -75.27
CA ARG LF 66 30.63 -52.84 -74.02
C ARG LF 66 32.02 -52.39 -73.61
N ILE LF 67 32.86 -52.04 -74.59
CA ILE LF 67 34.21 -51.59 -74.30
C ILE LF 67 34.48 -50.15 -74.71
N GLY LF 68 33.69 -49.58 -75.62
CA GLY LF 68 33.92 -48.22 -76.08
C GLY LF 68 32.63 -47.49 -76.29
N LYS LF 69 32.63 -46.52 -77.21
CA LYS LF 69 31.46 -45.69 -77.46
C LYS LF 69 30.94 -45.94 -78.86
N VAL LF 70 29.67 -46.31 -78.95
CA VAL LF 70 28.99 -46.46 -80.24
C VAL LF 70 28.25 -45.17 -80.53
N VAL LF 71 28.66 -44.48 -81.58
CA VAL LF 71 28.11 -43.15 -81.86
C VAL LF 71 26.75 -43.28 -82.54
N SER LF 72 26.64 -44.16 -83.53
CA SER LF 72 25.37 -44.34 -84.23
C SER LF 72 25.40 -45.65 -84.99
N SER LF 73 24.20 -46.17 -85.27
CA SER LF 73 24.03 -47.37 -86.07
C SER LF 73 22.81 -47.19 -86.95
N ARG LF 74 22.76 -47.95 -88.04
CA ARG LF 74 21.72 -47.73 -89.03
C ARG LF 74 21.71 -48.89 -90.01
N VAL LF 75 20.51 -49.30 -90.44
CA VAL LF 75 20.34 -50.30 -91.49
C VAL LF 75 19.54 -49.68 -92.62
N ILE LF 76 20.07 -49.76 -93.83
CA ILE LF 76 19.36 -49.35 -95.03
C ILE LF 76 18.93 -50.62 -95.75
N ALA LF 77 17.62 -50.84 -95.84
CA ALA LF 77 17.12 -52.10 -96.36
C ALA LF 77 17.35 -52.22 -97.86
N ARG LF 78 17.26 -51.11 -98.58
CA ARG LF 78 17.46 -51.10 -100.03
C ARG LF 78 18.12 -49.79 -100.41
N PRO LF 79 19.44 -49.77 -100.50
CA PRO LF 79 20.12 -48.53 -100.84
C PRO LF 79 19.98 -48.20 -102.31
N HIS LF 80 19.97 -46.91 -102.61
CA HIS LF 80 19.97 -46.46 -103.99
C HIS LF 80 21.28 -46.88 -104.65
N ASN LF 81 21.22 -47.05 -105.98
CA ASN LF 81 22.42 -47.48 -106.69
C ASN LF 81 23.53 -46.44 -106.62
N ASP LF 82 23.16 -45.16 -106.51
CA ASP LF 82 24.18 -44.13 -106.35
C ASP LF 82 24.94 -44.29 -105.06
N ILE LF 83 24.27 -44.73 -104.00
CA ILE LF 83 24.93 -44.93 -102.72
C ILE LF 83 25.98 -46.03 -102.81
N GLU LF 84 25.84 -46.98 -103.73
CA GLU LF 84 26.87 -48.00 -103.89
C GLU LF 84 27.94 -47.56 -104.88
N LYS LF 85 28.38 -46.31 -104.68
CA LYS LF 85 29.59 -45.77 -105.27
C LYS LF 85 30.34 -44.92 -104.26
N ILE LF 86 29.70 -44.57 -103.14
CA ILE LF 86 30.34 -43.86 -102.05
C ILE LF 86 30.96 -44.83 -101.06
N ALA LF 87 30.24 -45.90 -100.73
CA ALA LF 87 30.78 -46.92 -99.85
C ALA LF 87 31.90 -47.68 -100.55
N GLY LF 88 31.57 -48.38 -101.64
CA GLY LF 88 32.56 -49.11 -102.40
C GLY LF 88 33.25 -48.26 -103.45
N MET MF 1 84.05 -28.57 63.93
CA MET MF 1 84.33 -27.67 65.03
C MET MF 1 85.58 -28.09 65.76
N ILE MF 2 86.14 -27.21 66.58
CA ILE MF 2 87.26 -27.52 67.45
C ILE MF 2 87.04 -26.86 68.79
N LEU MF 3 87.52 -27.51 69.85
CA LEU MF 3 87.53 -26.88 71.16
C LEU MF 3 88.65 -25.86 71.23
N ALA MF 4 88.32 -24.66 71.69
CA ALA MF 4 89.30 -23.59 71.76
C ALA MF 4 88.96 -22.70 72.94
N LYS MF 5 89.89 -21.82 73.26
CA LYS MF 5 89.75 -20.91 74.39
C LYS MF 5 90.01 -19.49 73.92
N VAL MF 6 89.14 -18.56 74.29
CA VAL MF 6 89.34 -17.16 73.91
C VAL MF 6 90.49 -16.59 74.73
N THR MF 7 91.48 -16.02 74.04
CA THR MF 7 92.68 -15.53 74.69
C THR MF 7 92.98 -14.06 74.42
N GLY MF 8 92.10 -13.34 73.72
CA GLY MF 8 92.34 -11.94 73.45
C GLY MF 8 91.32 -11.41 72.46
N HIS MF 9 91.67 -10.28 71.84
CA HIS MF 9 90.83 -9.71 70.81
C HIS MF 9 91.69 -8.86 69.89
N VAL MF 10 91.12 -8.49 68.76
CA VAL MF 10 91.82 -7.74 67.73
C VAL MF 10 91.00 -6.50 67.39
N VAL MF 11 91.64 -5.35 67.33
CA VAL MF 11 90.99 -4.09 67.00
C VAL MF 11 91.48 -3.69 65.61
N ALA MF 12 90.59 -3.74 64.63
CA ALA MF 12 90.91 -3.42 63.25
C ALA MF 12 89.94 -2.34 62.77
N THR MF 13 90.49 -1.23 62.30
CA THR MF 13 89.69 -0.09 61.85
C THR MF 13 89.45 -0.10 60.35
N GLN MF 14 90.51 -0.31 59.57
CA GLN MF 14 90.41 -0.36 58.11
C GLN MF 14 90.15 -1.81 57.72
N LYS MF 15 88.90 -2.11 57.37
CA LYS MF 15 88.54 -3.48 57.04
C LYS MF 15 87.36 -3.48 56.08
N CYS MF 16 87.03 -4.65 55.57
CA CYS MF 16 85.96 -4.79 54.59
C CYS MF 16 84.62 -4.49 55.24
N ASP MF 17 83.57 -4.58 54.44
CA ASP MF 17 82.22 -4.28 54.91
C ASP MF 17 81.47 -5.51 55.39
N GLU MF 18 81.89 -6.71 54.97
CA GLU MF 18 81.29 -7.93 55.48
C GLU MF 18 81.61 -8.16 56.94
N LEU MF 19 82.49 -7.35 57.53
CA LEU MF 19 82.92 -7.51 58.91
C LEU MF 19 82.51 -6.35 59.81
N ARG MF 20 81.69 -5.43 59.33
CA ARG MF 20 81.32 -4.26 60.12
C ARG MF 20 80.40 -4.68 61.26
N GLY MF 21 80.69 -4.22 62.46
CA GLY MF 21 79.84 -4.48 63.60
C GLY MF 21 79.91 -5.91 64.11
N SER MF 22 81.10 -6.38 64.40
CA SER MF 22 81.29 -7.73 64.92
C SER MF 22 82.58 -7.77 65.72
N ASN MF 23 82.66 -8.73 66.64
CA ASN MF 23 83.83 -8.90 67.45
C ASN MF 23 84.85 -9.75 66.71
N LEU MF 24 86.12 -9.58 67.06
CA LEU MF 24 87.19 -10.39 66.47
C LEU MF 24 88.06 -10.92 67.60
N LEU MF 25 87.88 -12.19 67.95
CA LEU MF 25 88.54 -12.79 69.09
C LEU MF 25 89.72 -13.63 68.65
N LEU MF 26 90.75 -13.67 69.48
CA LEU MF 26 91.84 -14.62 69.30
C LEU MF 26 91.43 -15.95 69.93
N ILE MF 27 91.61 -17.02 69.19
CA ILE MF 27 91.01 -18.32 69.51
C ILE MF 27 92.15 -19.33 69.48
N THR MF 28 92.50 -19.86 70.64
CA THR MF 28 93.63 -20.78 70.73
C THR MF 28 93.13 -22.20 70.93
N ARG MF 29 93.56 -23.10 70.06
CA ARG MF 29 93.17 -24.50 70.17
C ARG MF 29 93.84 -25.14 71.37
N LEU MF 30 93.07 -25.87 72.16
CA LEU MF 30 93.56 -26.47 73.39
C LEU MF 30 93.58 -27.98 73.28
N ASP MF 31 94.55 -28.59 73.96
CA ASP MF 31 94.85 -30.02 73.81
C ASP MF 31 93.99 -30.89 74.70
N ASP MF 32 94.31 -32.18 74.82
CA ASP MF 32 93.44 -33.15 75.50
C ASP MF 32 93.53 -33.05 77.02
N LYS MF 33 94.24 -32.07 77.56
CA LYS MF 33 94.20 -31.77 78.98
C LYS MF 33 93.50 -30.44 79.24
N GLN MF 34 92.78 -29.92 78.26
CA GLN MF 34 92.17 -28.61 78.32
C GLN MF 34 93.21 -27.54 78.64
N GLN MF 35 94.23 -27.48 77.79
CA GLN MF 35 95.34 -26.56 77.97
C GLN MF 35 95.72 -26.03 76.60
N PRO MF 36 95.88 -24.71 76.44
CA PRO MF 36 96.19 -24.16 75.11
C PRO MF 36 97.50 -24.67 74.56
N MET MF 37 97.56 -24.77 73.24
CA MET MF 37 98.74 -25.23 72.52
C MET MF 37 99.58 -24.04 72.07
N LYS MF 38 100.65 -24.32 71.36
CA LYS MF 38 101.58 -23.31 70.87
C LYS MF 38 101.38 -23.14 69.37
N ASP MF 39 101.34 -21.88 68.93
CA ASP MF 39 101.23 -21.54 67.51
C ASP MF 39 99.96 -22.14 66.90
N GLN MF 40 98.84 -21.93 67.58
CA GLN MF 40 97.57 -22.50 67.13
C GLN MF 40 96.45 -21.48 67.29
N THR MF 41 96.69 -20.24 66.92
CA THR MF 41 95.76 -19.16 67.14
C THR MF 41 95.13 -18.70 65.83
N TRP MF 42 93.81 -18.58 65.84
CA TRP MF 42 93.06 -18.02 64.72
C TRP MF 42 92.25 -16.83 65.21
N VAL MF 43 91.69 -16.08 64.26
CA VAL MF 43 90.83 -14.96 64.57
C VAL MF 43 89.41 -15.34 64.17
N ALA MF 44 88.48 -15.25 65.12
CA ALA MF 44 87.13 -15.71 64.90
C ALA MF 44 86.15 -14.58 65.15
N VAL MF 45 85.14 -14.48 64.30
CA VAL MF 45 84.08 -13.50 64.45
C VAL MF 45 83.10 -14.04 65.48
N ASP MF 46 83.09 -13.46 66.66
CA ASP MF 46 82.16 -13.89 67.70
C ASP MF 46 80.73 -13.81 67.20
N ASN MF 47 79.91 -14.75 67.63
CA ASN MF 47 78.53 -14.81 67.18
C ASN MF 47 77.52 -15.04 68.30
N VAL MF 48 77.93 -15.50 69.47
CA VAL MF 48 77.02 -15.80 70.57
C VAL MF 48 77.35 -15.03 71.83
N GLY MF 49 78.41 -14.22 71.83
CA GLY MF 49 78.71 -13.43 73.00
C GLY MF 49 79.70 -14.08 73.95
N ALA MF 50 80.86 -14.47 73.44
CA ALA MF 50 81.91 -15.04 74.25
C ALA MF 50 82.92 -13.97 74.63
N GLY MF 51 83.54 -14.15 75.80
CA GLY MF 51 84.53 -13.21 76.27
C GLY MF 51 85.82 -13.90 76.64
N MET MF 52 86.67 -13.24 77.42
CA MET MF 52 87.96 -13.82 77.73
C MET MF 52 87.82 -15.06 78.60
N HIS MF 53 88.78 -15.99 78.42
CA HIS MF 53 88.95 -17.18 79.24
C HIS MF 53 87.85 -18.21 79.04
N ASP MF 54 86.92 -18.00 78.12
CA ASP MF 54 85.80 -18.90 77.94
C ASP MF 54 86.16 -19.97 76.93
N ILE MF 55 85.77 -21.22 77.22
CA ILE MF 55 85.99 -22.32 76.29
C ILE MF 55 84.85 -22.34 75.29
N VAL MF 56 85.17 -22.18 74.01
CA VAL MF 56 84.16 -22.04 72.98
C VAL MF 56 84.33 -23.13 71.93
N LEU MF 57 83.48 -23.11 70.91
CA LEU MF 57 83.42 -24.14 69.88
C LEU MF 57 83.50 -23.42 68.54
N ALA MF 58 84.71 -23.28 68.02
CA ALA MF 58 84.95 -22.47 66.84
C ALA MF 58 84.74 -23.31 65.58
N GLU MF 59 83.96 -22.79 64.64
CA GLU MF 59 83.62 -23.50 63.43
C GLU MF 59 84.39 -22.93 62.25
N GLU MF 60 84.62 -23.78 61.25
CA GLU MF 60 85.40 -23.41 60.09
C GLU MF 60 84.55 -22.64 59.09
N TYR MF 61 85.02 -22.58 57.84
CA TYR MF 61 84.68 -21.53 56.89
C TYR MF 61 83.26 -21.00 56.94
N PHE MF 62 82.27 -21.82 56.63
CA PHE MF 62 80.95 -21.30 56.29
C PHE MF 62 80.05 -21.27 57.53
N ALA MF 63 79.78 -20.06 58.01
CA ALA MF 63 78.78 -19.84 59.04
C ALA MF 63 77.97 -18.57 58.81
N LEU MF 64 77.97 -18.05 57.58
CA LEU MF 64 77.19 -16.87 57.20
C LEU MF 64 77.55 -15.66 58.06
N ASN MF 65 78.80 -15.23 57.94
CA ASN MF 65 79.30 -14.11 58.72
C ASN MF 65 80.24 -13.22 57.93
N TYR MF 69 79.34 -15.51 52.28
CA TYR MF 69 79.90 -15.23 53.60
C TYR MF 69 80.53 -16.49 54.19
N LYS MF 70 81.84 -16.43 54.43
CA LYS MF 70 82.55 -17.62 54.89
C LYS MF 70 83.55 -17.33 56.01
N ALA MF 71 83.22 -16.43 56.94
CA ALA MF 71 84.15 -16.13 58.02
C ALA MF 71 84.09 -17.21 59.09
N MET MF 72 85.23 -17.46 59.72
CA MET MF 72 85.36 -18.43 60.79
C MET MF 72 84.78 -17.82 62.06
N SER MF 73 83.72 -18.41 62.58
CA SER MF 73 83.00 -17.84 63.71
C SER MF 73 82.90 -18.82 64.86
N VAL MF 74 82.51 -18.29 66.01
CA VAL MF 74 82.24 -19.07 67.20
C VAL MF 74 80.74 -19.37 67.23
N VAL MF 75 80.37 -20.63 67.48
CA VAL MF 75 78.99 -21.05 67.36
C VAL MF 75 78.43 -21.65 68.63
N ALA MF 76 79.23 -21.77 69.69
CA ALA MF 76 78.73 -22.38 70.91
C ALA MF 76 79.68 -22.08 72.06
N ILE MF 77 79.11 -21.86 73.23
CA ILE MF 77 79.88 -21.74 74.47
C ILE MF 77 79.69 -23.02 75.26
N VAL MF 78 80.79 -23.63 75.65
CA VAL MF 78 80.79 -25.00 76.14
C VAL MF 78 80.68 -25.01 77.66
N GLU MF 79 79.73 -25.78 78.18
CA GLU MF 79 79.54 -25.94 79.62
C GLU MF 79 80.41 -27.06 80.18
N LYS MF 80 80.25 -28.27 79.65
CA LYS MF 80 80.95 -29.45 80.15
C LYS MF 80 81.59 -30.20 79.00
N VAL MF 81 82.80 -30.68 79.22
CA VAL MF 81 83.51 -31.54 78.27
C VAL MF 81 83.79 -32.85 78.99
N PHE MF 82 82.90 -33.82 78.82
CA PHE MF 82 83.11 -35.14 79.39
C PHE MF 82 83.98 -35.95 78.45
N ARG MF 83 85.10 -36.46 78.96
CA ARG MF 83 86.11 -37.08 78.10
C ARG MF 83 86.78 -38.22 78.88
N ASP MF 84 86.58 -39.44 78.44
CA ASP MF 84 87.31 -40.57 78.99
C ASP MF 84 87.21 -41.78 78.06
N GLU NF 3 76.15 38.79 81.19
CA GLU NF 3 76.35 38.12 79.91
C GLU NF 3 75.05 37.52 79.42
N ALA NF 4 74.98 37.20 78.13
CA ALA NF 4 73.77 36.68 77.56
C ALA NF 4 73.54 35.24 78.00
N LEU NF 5 72.51 34.62 77.44
CA LEU NF 5 72.13 33.28 77.85
C LEU NF 5 71.51 32.55 76.67
N GLY NF 6 71.97 31.33 76.42
CA GLY NF 6 71.47 30.55 75.29
C GLY NF 6 70.97 29.20 75.73
N LEU NF 7 69.89 28.74 75.09
CA LEU NF 7 69.18 27.54 75.52
C LEU NF 7 68.83 26.70 74.31
N ILE NF 8 69.11 25.40 74.38
CA ILE NF 8 68.64 24.44 73.40
C ILE NF 8 67.92 23.32 74.15
N GLU NF 9 66.82 22.84 73.59
CA GLU NF 9 66.05 21.76 74.19
C GLU NF 9 65.88 20.65 73.18
N THR NF 10 66.17 19.42 73.58
CA THR NF 10 66.13 18.28 72.69
C THR NF 10 65.39 17.13 73.36
N LYS NF 11 65.00 16.16 72.55
CA LYS NF 11 64.42 14.92 73.03
C LYS NF 11 65.51 13.86 73.08
N GLY NF 12 65.81 13.37 74.27
CA GLY NF 12 66.87 12.40 74.43
C GLY NF 12 68.16 13.05 74.87
N LEU NF 13 69.00 12.26 75.55
CA LEU NF 13 70.23 12.82 76.09
C LEU NF 13 71.34 12.89 75.06
N VAL NF 14 71.35 11.96 74.10
CA VAL NF 14 72.43 11.93 73.13
C VAL NF 14 72.41 13.20 72.27
N ALA NF 15 71.24 13.56 71.77
CA ALA NF 15 71.14 14.74 70.93
C ALA NF 15 71.56 16.00 71.68
N CYS NF 16 71.47 15.98 73.00
CA CYS NF 16 71.84 17.17 73.77
C CYS NF 16 73.35 17.25 73.98
N ILE NF 17 74.02 16.11 74.15
CA ILE NF 17 75.46 16.15 74.33
C ILE NF 17 76.15 16.54 73.03
N GLU NF 18 75.60 16.10 71.90
CA GLU NF 18 76.10 16.57 70.61
C GLU NF 18 75.92 18.08 70.48
N ALA NF 19 74.74 18.59 70.85
CA ALA NF 19 74.50 20.02 70.77
C ALA NF 19 75.42 20.80 71.69
N ALA NF 20 75.62 20.33 72.91
CA ALA NF 20 76.44 21.06 73.86
C ALA NF 20 77.92 21.02 73.48
N ASP NF 21 78.34 20.02 72.71
CA ASP NF 21 79.72 19.99 72.26
C ASP NF 21 79.93 20.95 71.10
N ALA NF 22 78.99 20.97 70.16
CA ALA NF 22 79.10 21.90 69.03
C ALA NF 22 79.07 23.34 69.52
N MET NF 23 78.23 23.64 70.51
CA MET NF 23 78.17 24.99 71.04
C MET NF 23 79.51 25.40 71.63
N CYS NF 24 80.12 24.52 72.42
CA CYS NF 24 81.36 24.90 73.10
C CYS NF 24 82.52 25.07 72.13
N LYS NF 25 82.47 24.37 70.99
CA LYS NF 25 83.56 24.48 70.02
C LYS NF 25 83.39 25.69 69.11
N ALA NF 26 82.14 26.08 68.82
CA ALA NF 26 81.88 27.05 67.77
C ALA NF 26 82.08 28.49 68.19
N ALA NF 27 82.19 28.78 69.47
CA ALA NF 27 82.38 30.16 69.91
C ALA NF 27 82.87 30.17 71.35
N ASN NF 28 83.25 31.34 71.81
CA ASN NF 28 83.78 31.51 73.17
C ASN NF 28 82.63 31.64 74.14
N VAL NF 29 82.01 30.51 74.46
CA VAL NF 29 80.93 30.45 75.43
C VAL NF 29 81.25 29.37 76.44
N GLU NF 30 80.68 29.50 77.64
CA GLU NF 30 80.93 28.58 78.74
C GLU NF 30 79.65 27.82 79.07
N LEU NF 31 79.79 26.54 79.37
CA LEU NF 31 78.64 25.68 79.59
C LEU NF 31 78.20 25.77 81.03
N ILE NF 32 76.92 26.10 81.25
CA ILE NF 32 76.39 26.23 82.60
C ILE NF 32 76.04 24.86 83.18
N GLY NF 33 75.21 24.10 82.47
CA GLY NF 33 74.86 22.77 82.92
C GLY NF 33 73.71 22.21 82.14
N TYR NF 34 73.33 20.99 82.50
CA TYR NF 34 72.18 20.31 81.94
C TYR NF 34 71.04 20.34 82.95
N GLU NF 35 69.83 20.13 82.44
CA GLU NF 35 68.65 20.09 83.31
C GLU NF 35 67.52 19.40 82.53
N ASN NF 36 67.17 18.18 82.93
CA ASN NF 36 66.05 17.50 82.32
C ASN NF 36 64.81 17.61 83.18
N VAL NF 37 63.69 17.91 82.54
CA VAL NF 37 62.42 18.09 83.23
C VAL NF 37 61.47 17.02 82.70
N GLY NF 38 61.47 15.86 83.34
CA GLY NF 38 60.48 14.86 83.00
C GLY NF 38 60.73 14.25 81.63
N SER NF 39 59.66 14.18 80.84
CA SER NF 39 59.59 13.22 79.75
C SER NF 39 60.57 13.54 78.63
N GLY NF 40 61.71 12.87 78.65
CA GLY NF 40 62.71 12.93 77.61
C GLY NF 40 63.04 14.31 77.10
N LEU NF 41 63.17 15.29 77.98
CA LEU NF 41 63.49 16.66 77.57
C LEU NF 41 64.69 17.11 78.36
N VAL NF 42 65.82 17.26 77.68
CA VAL NF 42 67.06 17.75 78.28
C VAL NF 42 67.37 19.10 77.68
N THR NF 43 67.91 19.99 78.50
CA THR NF 43 68.23 21.35 78.09
C THR NF 43 69.66 21.67 78.49
N ALA NF 44 70.41 22.27 77.57
CA ALA NF 44 71.76 22.77 77.84
C ALA NF 44 71.74 24.28 77.85
N MET NF 45 72.52 24.88 78.75
CA MET NF 45 72.56 26.33 78.92
C MET NF 45 73.99 26.81 78.79
N VAL NF 46 74.21 27.85 77.98
CA VAL NF 46 75.52 28.45 77.80
C VAL NF 46 75.40 29.94 78.05
N LYS NF 47 76.53 30.57 78.36
CA LYS NF 47 76.53 32.01 78.59
C LYS NF 47 77.81 32.64 78.06
N GLY NF 48 77.68 33.87 77.59
CA GLY NF 48 78.78 34.60 77.00
C GLY NF 48 78.28 35.89 76.41
N ASP NF 49 79.14 36.54 75.62
CA ASP NF 49 78.73 37.77 74.95
C ASP NF 49 77.60 37.48 73.97
N VAL NF 50 76.89 38.54 73.59
CA VAL NF 50 75.68 38.36 72.79
C VAL NF 50 76.01 37.88 71.39
N GLY NF 51 77.08 38.39 70.80
CA GLY NF 51 77.47 37.93 69.47
C GLY NF 51 78.02 36.52 69.49
N ALA NF 52 78.73 36.15 70.55
CA ALA NF 52 79.24 34.79 70.67
C ALA NF 52 78.11 33.81 70.93
N VAL NF 53 77.23 34.11 71.89
CA VAL NF 53 76.17 33.19 72.25
C VAL NF 53 75.22 32.99 71.07
N ASN NF 54 74.96 34.06 70.32
CA ASN NF 54 74.12 33.93 69.14
C ASN NF 54 74.75 33.00 68.11
N ALA NF 55 76.08 32.98 68.06
CA ALA NF 55 76.78 32.15 67.09
C ALA NF 55 76.89 30.71 67.56
N ALA NF 56 76.87 30.50 68.88
CA ALA NF 56 76.95 29.14 69.39
C ALA NF 56 75.63 28.41 69.26
N VAL NF 57 74.51 29.13 69.40
CA VAL NF 57 73.22 28.46 69.43
C VAL NF 57 72.82 27.96 68.04
N ASP NF 58 73.06 28.78 67.00
CA ASP NF 58 72.67 28.33 65.66
C ASP NF 58 73.57 27.22 65.17
N SER NF 59 74.79 27.12 65.69
CA SER NF 59 75.64 25.99 65.36
C SER NF 59 75.21 24.74 66.12
N GLY NF 60 74.89 24.90 67.41
CA GLY NF 60 74.46 23.75 68.20
C GLY NF 60 73.12 23.20 67.77
N VAL NF 61 72.22 24.05 67.28
CA VAL NF 61 70.96 23.55 66.77
C VAL NF 61 71.17 22.78 65.48
N GLU NF 62 72.14 23.22 64.68
CA GLU NF 62 72.44 22.57 63.42
C GLU NF 62 72.93 21.15 63.62
N ALA NF 63 73.71 20.92 64.68
CA ALA NF 63 74.30 19.61 64.93
C ALA NF 63 73.29 18.65 65.55
N ALA NF 64 72.55 19.10 66.55
CA ALA NF 64 71.59 18.22 67.20
C ALA NF 64 70.42 17.88 66.28
N LYS NF 65 70.04 18.81 65.41
CA LYS NF 65 69.01 18.54 64.42
C LYS NF 65 69.40 17.43 63.48
N ARG NF 66 70.69 17.10 63.41
CA ARG NF 66 71.18 16.09 62.48
C ARG NF 66 70.80 14.69 62.94
N ILE NF 67 70.90 14.43 64.24
CA ILE NF 67 70.71 13.08 64.77
C ILE NF 67 69.50 12.96 65.69
N GLY NF 68 68.86 14.06 66.05
CA GLY NF 68 67.73 13.99 66.94
C GLY NF 68 66.70 15.07 66.68
N LYS NF 69 65.88 15.37 67.67
CA LYS NF 69 64.86 16.39 67.57
C LYS NF 69 65.26 17.57 68.45
N VAL NF 70 65.41 18.73 67.83
CA VAL NF 70 65.57 19.98 68.56
C VAL NF 70 64.18 20.58 68.75
N VAL NF 71 63.77 20.74 70.00
CA VAL NF 71 62.43 21.21 70.30
C VAL NF 71 62.35 22.73 70.30
N SER NF 72 63.31 23.41 70.92
CA SER NF 72 63.27 24.85 70.99
C SER NF 72 64.69 25.37 71.20
N SER NF 73 64.91 26.61 70.77
CA SER NF 73 66.15 27.33 71.03
C SER NF 73 65.80 28.78 71.28
N ARG NF 74 66.66 29.46 72.04
CA ARG NF 74 66.35 30.83 72.43
C ARG NF 74 67.59 31.47 73.01
N VAL NF 75 67.81 32.74 72.66
CA VAL NF 75 68.87 33.55 73.23
C VAL NF 75 68.24 34.71 73.99
N ILE NF 76 68.73 34.96 75.20
CA ILE NF 76 68.27 36.06 76.01
C ILE NF 76 69.43 37.05 76.14
N ALA NF 77 69.26 38.24 75.57
CA ALA NF 77 70.38 39.15 75.43
C ALA NF 77 70.80 39.75 76.77
N ARG NF 78 69.85 40.03 77.64
CA ARG NF 78 70.15 40.49 79.00
C ARG NF 78 69.19 39.80 79.95
N PRO NF 79 69.61 38.70 80.58
CA PRO NF 79 68.73 38.04 81.55
C PRO NF 79 68.59 38.87 82.80
N HIS NF 80 67.39 38.90 83.34
CA HIS NF 80 67.13 39.68 84.54
C HIS NF 80 67.91 39.11 85.71
N ASN NF 81 68.35 40.00 86.60
CA ASN NF 81 69.22 39.61 87.69
C ASN NF 81 68.59 38.52 88.55
N ASP NF 82 67.26 38.59 88.72
CA ASP NF 82 66.57 37.60 89.54
C ASP NF 82 66.71 36.20 88.96
N ILE NF 83 66.73 36.09 87.64
CA ILE NF 83 66.83 34.80 86.98
C ILE NF 83 68.28 34.34 86.97
N GLU OF 3 90.05 11.39 76.18
CA GLU OF 3 89.76 10.18 75.43
C GLU OF 3 88.39 10.28 74.78
N ALA OF 4 88.16 9.47 73.75
CA ALA OF 4 86.91 9.54 73.01
C ALA OF 4 85.73 9.16 73.88
N LEU OF 5 84.52 9.23 73.33
CA LEU OF 5 83.32 9.02 74.12
C LEU OF 5 82.23 8.51 73.18
N GLY OF 6 81.58 7.43 73.57
CA GLY OF 6 80.53 6.85 72.75
C GLY OF 6 79.25 6.67 73.53
N LEU OF 7 78.13 6.86 72.83
CA LEU OF 7 76.81 6.80 73.45
C LEU OF 7 75.88 5.96 72.60
N ILE OF 8 75.10 5.11 73.26
CA ILE OF 8 73.98 4.42 72.63
C ILE OF 8 72.74 4.73 73.45
N GLU OF 9 71.63 4.97 72.78
CA GLU OF 9 70.37 5.28 73.42
C GLU OF 9 69.31 4.29 73.00
N THR OF 10 68.71 3.62 73.96
CA THR OF 10 67.77 2.55 73.69
C THR OF 10 66.48 2.78 74.47
N LYS OF 11 65.41 2.17 73.98
CA LYS OF 11 64.11 2.21 74.65
C LYS OF 11 64.00 0.99 75.55
N GLY OF 12 64.02 1.20 76.85
CA GLY OF 12 63.99 0.11 77.79
C GLY OF 12 65.37 -0.23 78.33
N LEU OF 13 65.41 -0.78 79.53
CA LEU OF 13 66.69 -1.08 80.16
C LEU OF 13 67.30 -2.38 79.67
N VAL OF 14 66.48 -3.36 79.31
CA VAL OF 14 67.01 -4.64 78.87
C VAL OF 14 67.87 -4.47 77.63
N ALA OF 15 67.37 -3.74 76.64
CA ALA OF 15 68.13 -3.52 75.43
C ALA OF 15 69.42 -2.75 75.69
N CYS OF 16 69.50 -2.04 76.80
CA CYS OF 16 70.70 -1.27 77.11
C CYS OF 16 71.76 -2.13 77.79
N ILE OF 17 71.36 -3.17 78.53
CA ILE OF 17 72.36 -4.06 79.11
C ILE OF 17 72.92 -5.00 78.06
N GLU OF 18 72.12 -5.38 77.06
CA GLU OF 18 72.68 -6.12 75.94
C GLU OF 18 73.64 -5.25 75.15
N ALA OF 19 73.27 -4.00 74.89
CA ALA OF 19 74.17 -3.10 74.18
C ALA OF 19 75.46 -2.89 74.95
N ALA OF 20 75.38 -2.70 76.26
CA ALA OF 20 76.58 -2.47 77.05
C ALA OF 20 77.45 -3.72 77.10
N ASP OF 21 76.84 -4.89 77.19
CA ASP OF 21 77.63 -6.12 77.24
C ASP OF 21 78.43 -6.31 75.96
N ALA OF 22 77.81 -6.05 74.81
CA ALA OF 22 78.53 -6.16 73.55
C ALA OF 22 79.64 -5.13 73.46
N MET OF 23 79.39 -3.91 73.94
CA MET OF 23 80.42 -2.87 73.90
C MET OF 23 81.64 -3.26 74.72
N CYS OF 24 81.42 -3.80 75.92
CA CYS OF 24 82.55 -4.08 76.80
C CYS OF 24 83.37 -5.28 76.35
N LYS OF 25 82.80 -6.16 75.53
CA LYS OF 25 83.53 -7.32 75.04
C LYS OF 25 84.26 -7.06 73.74
N ALA OF 26 83.86 -6.01 73.01
CA ALA OF 26 84.37 -5.78 71.67
C ALA OF 26 85.71 -5.09 71.66
N ALA OF 27 86.04 -4.34 72.70
CA ALA OF 27 87.29 -3.60 72.73
C ALA OF 27 87.62 -3.25 74.17
N ASN OF 28 88.73 -2.55 74.35
CA ASN OF 28 89.22 -2.21 75.68
C ASN OF 28 88.73 -0.82 76.05
N VAL OF 29 87.46 -0.74 76.42
CA VAL OF 29 86.83 0.50 76.85
C VAL OF 29 86.32 0.31 78.26
N GLU OF 30 86.32 1.39 79.03
CA GLU OF 30 85.75 1.38 80.37
C GLU OF 30 84.36 1.98 80.33
N LEU OF 31 83.41 1.31 80.97
CA LEU OF 31 82.03 1.72 80.94
C LEU OF 31 81.75 2.71 82.07
N ILE OF 32 81.18 3.86 81.73
CA ILE OF 32 80.97 4.92 82.70
C ILE OF 32 79.71 4.70 83.51
N GLY OF 33 78.56 4.56 82.87
CA GLY OF 33 77.34 4.29 83.59
C GLY OF 33 76.13 4.68 82.79
N TYR OF 34 74.97 4.25 83.28
CA TYR OF 34 73.69 4.52 82.65
C TYR OF 34 73.12 5.85 83.10
N GLU OF 35 72.16 6.35 82.34
CA GLU OF 35 71.45 7.59 82.67
C GLU OF 35 70.12 7.56 81.93
N ASN OF 36 69.02 7.45 82.66
CA ASN OF 36 67.71 7.52 82.04
C ASN OF 36 67.10 8.91 82.24
N VAL OF 37 66.44 9.38 81.19
CA VAL OF 37 65.86 10.71 81.18
C VAL OF 37 64.34 10.66 81.14
N GLY OF 38 63.75 9.50 81.35
CA GLY OF 38 62.32 9.36 81.30
C GLY OF 38 61.82 9.03 79.91
N SER OF 39 60.56 8.61 79.85
CA SER OF 39 59.90 8.14 78.64
C SER OF 39 60.48 6.83 78.14
N GLY OF 40 61.18 6.10 79.00
CA GLY OF 40 61.73 4.82 78.63
C GLY OF 40 63.08 4.88 77.95
N LEU OF 41 63.70 6.04 77.85
CA LEU OF 41 64.97 6.20 77.17
C LEU OF 41 66.11 6.01 78.17
N VAL OF 42 66.98 5.04 77.90
CA VAL OF 42 68.15 4.77 78.71
C VAL OF 42 69.38 4.87 77.82
N THR OF 43 70.46 5.43 78.37
CA THR OF 43 71.67 5.70 77.61
C THR OF 43 72.87 5.09 78.32
N ALA OF 44 73.71 4.40 77.57
CA ALA OF 44 74.96 3.86 78.07
C ALA OF 44 76.13 4.64 77.47
N MET OF 45 77.17 4.83 78.26
CA MET OF 45 78.26 5.73 77.90
C MET OF 45 79.59 5.06 78.20
N VAL OF 46 80.43 4.90 77.17
CA VAL OF 46 81.75 4.32 77.33
C VAL OF 46 82.79 5.37 76.98
N LYS OF 47 84.05 5.09 77.33
CA LYS OF 47 85.13 6.00 77.00
C LYS OF 47 86.42 5.23 76.86
N GLY OF 48 87.22 5.63 75.88
CA GLY OF 48 88.49 4.98 75.61
C GLY OF 48 89.11 5.62 74.38
N ASP OF 49 90.13 4.95 73.84
CA ASP OF 49 90.74 5.42 72.61
C ASP OF 49 89.74 5.38 71.47
N VAL OF 50 89.96 6.23 70.47
CA VAL OF 50 88.94 6.43 69.44
C VAL OF 50 88.83 5.25 68.48
N GLY OF 51 89.88 4.45 68.34
CA GLY OF 51 89.75 3.23 67.56
C GLY OF 51 88.97 2.15 68.29
N ALA OF 52 89.13 2.09 69.61
CA ALA OF 52 88.37 1.14 70.40
C ALA OF 52 86.92 1.56 70.53
N VAL OF 53 86.68 2.84 70.82
CA VAL OF 53 85.32 3.31 71.02
C VAL OF 53 84.52 3.21 69.74
N ASN OF 54 85.16 3.41 68.59
CA ASN OF 54 84.45 3.28 67.33
C ASN OF 54 84.04 1.84 67.10
N ALA OF 55 84.86 0.89 67.51
CA ALA OF 55 84.55 -0.52 67.32
C ALA OF 55 83.48 -0.98 68.30
N ALA OF 56 83.52 -0.46 69.53
CA ALA OF 56 82.55 -0.87 70.54
C ALA OF 56 81.16 -0.39 70.18
N VAL OF 57 81.02 0.87 69.76
CA VAL OF 57 79.70 1.42 69.49
C VAL OF 57 79.06 0.72 68.31
N ASP OF 58 79.84 0.36 67.30
CA ASP OF 58 79.27 -0.34 66.15
C ASP OF 58 78.80 -1.74 66.54
N SER OF 59 79.53 -2.41 67.43
CA SER OF 59 79.11 -3.73 67.88
C SER OF 59 77.89 -3.64 68.78
N GLY OF 60 77.91 -2.68 69.72
CA GLY OF 60 76.79 -2.54 70.63
C GLY OF 60 75.51 -2.16 69.94
N VAL OF 61 75.58 -1.38 68.86
CA VAL OF 61 74.38 -0.99 68.15
C VAL OF 61 73.74 -2.20 67.48
N GLU OF 62 74.55 -3.08 66.90
CA GLU OF 62 74.00 -4.22 66.19
C GLU OF 62 73.40 -5.24 67.14
N ALA OF 63 73.98 -5.42 68.32
CA ALA OF 63 73.45 -6.39 69.27
C ALA OF 63 72.15 -5.91 69.87
N ALA OF 64 72.09 -4.65 70.31
CA ALA OF 64 70.86 -4.12 70.87
C ALA OF 64 69.76 -4.01 69.84
N LYS OF 65 70.12 -3.74 68.59
CA LYS OF 65 69.13 -3.70 67.51
C LYS OF 65 68.42 -5.03 67.37
N ARG OF 66 69.10 -6.12 67.71
CA ARG OF 66 68.55 -7.45 67.50
C ARG OF 66 67.38 -7.75 68.41
N ILE OF 67 67.39 -7.22 69.63
CA ILE OF 67 66.42 -7.57 70.65
C ILE OF 67 65.61 -6.39 71.15
N GLY OF 68 65.82 -5.20 70.62
CA GLY OF 68 65.08 -4.05 71.05
C GLY OF 68 65.15 -2.95 70.03
N LYS OF 69 64.84 -1.74 70.47
CA LYS OF 69 64.89 -0.57 69.61
C LYS OF 69 66.08 0.29 70.02
N VAL OF 70 66.96 0.57 69.06
CA VAL OF 70 68.04 1.52 69.26
C VAL OF 70 67.59 2.86 68.71
N VAL OF 71 67.58 3.87 69.57
CA VAL OF 71 67.07 5.18 69.17
C VAL OF 71 68.15 6.01 68.49
N SER OF 72 69.36 6.00 69.02
CA SER OF 72 70.42 6.86 68.53
C SER OF 72 71.76 6.35 69.03
N SER OF 73 72.80 6.66 68.27
CA SER OF 73 74.17 6.33 68.64
C SER OF 73 75.08 7.44 68.16
N ARG OF 74 76.26 7.54 68.79
CA ARG OF 74 77.14 8.65 68.48
C ARG OF 74 78.51 8.41 69.09
N VAL OF 75 79.55 8.76 68.34
CA VAL OF 75 80.92 8.77 68.84
C VAL OF 75 81.42 10.22 68.79
N ILE OF 76 82.01 10.68 69.88
CA ILE OF 76 82.60 12.00 69.98
C ILE OF 76 84.10 11.80 70.13
N ALA OF 77 84.86 12.17 69.10
CA ALA OF 77 86.27 11.82 69.07
C ALA OF 77 87.09 12.68 70.01
N ARG OF 78 86.97 14.00 69.92
CA ARG OF 78 87.63 14.91 70.85
C ARG OF 78 86.56 15.68 71.61
N PRO OF 79 86.15 15.21 72.79
CA PRO OF 79 85.14 15.94 73.54
C PRO OF 79 85.73 17.15 74.22
N HIS OF 80 84.93 18.20 74.31
CA HIS OF 80 85.38 19.43 74.94
C HIS OF 80 85.54 19.23 76.44
N ASN OF 81 86.43 20.01 77.04
CA ASN OF 81 86.71 19.84 78.46
C ASN OF 81 85.55 20.30 79.33
N ASP OF 82 84.73 21.23 78.83
CA ASP OF 82 83.52 21.60 79.55
C ASP OF 82 82.55 20.44 79.64
N ILE OF 83 82.62 19.51 78.68
CA ILE OF 83 81.71 18.38 78.65
C ILE OF 83 82.25 17.24 79.50
N GLU PF 3 101.80 7.72 59.50
CA GLU PF 3 100.43 7.77 59.99
C GLU PF 3 99.46 7.95 58.84
N ALA PF 4 98.17 7.82 59.12
CA ALA PF 4 97.17 7.82 58.07
C ALA PF 4 97.10 9.17 57.37
N LEU PF 5 96.30 9.23 56.32
CA LEU PF 5 96.22 10.42 55.48
C LEU PF 5 94.80 10.59 54.98
N GLY PF 6 94.23 11.76 55.21
CA GLY PF 6 92.86 12.05 54.81
C GLY PF 6 92.80 13.22 53.85
N LEU PF 7 91.98 13.09 52.81
CA LEU PF 7 91.88 14.08 51.76
C LEU PF 7 90.43 14.43 51.50
N ILE PF 8 90.15 15.72 51.36
CA ILE PF 8 88.85 16.20 50.89
C ILE PF 8 89.10 17.14 49.73
N GLU PF 9 88.25 17.07 48.71
CA GLU PF 9 88.40 17.90 47.52
C GLU PF 9 87.08 18.60 47.21
N THR PF 10 87.15 19.91 47.07
CA THR PF 10 85.97 20.75 46.91
C THR PF 10 86.14 21.68 45.73
N LYS PF 11 85.03 22.24 45.27
CA LYS PF 11 85.05 23.33 44.31
C LYS PF 11 85.05 24.65 45.05
N GLY PF 12 86.10 25.43 44.88
CA GLY PF 12 86.20 26.72 45.53
C GLY PF 12 86.88 26.64 46.88
N LEU PF 13 87.38 27.79 47.33
CA LEU PF 13 88.18 27.84 48.54
C LEU PF 13 87.35 27.92 49.79
N VAL PF 14 86.15 28.51 49.72
CA VAL PF 14 85.35 28.69 50.93
C VAL PF 14 84.90 27.34 51.47
N ALA PF 15 84.42 26.45 50.60
CA ALA PF 15 84.01 25.13 51.05
C ALA PF 15 85.18 24.34 51.61
N CYS PF 16 86.41 24.69 51.25
CA CYS PF 16 87.56 23.96 51.75
C CYS PF 16 88.06 24.51 53.08
N ILE PF 17 87.81 25.78 53.36
CA ILE PF 17 88.18 26.30 54.68
C ILE PF 17 87.17 25.84 55.72
N GLU PF 18 85.92 25.63 55.32
CA GLU PF 18 84.95 25.07 56.25
C GLU PF 18 85.24 23.60 56.52
N ALA PF 19 85.65 22.85 55.48
CA ALA PF 19 86.02 21.45 55.70
C ALA PF 19 87.27 21.34 56.56
N ALA PF 20 88.26 22.19 56.31
CA ALA PF 20 89.49 22.12 57.10
C ALA PF 20 89.27 22.55 58.53
N ASP PF 21 88.30 23.44 58.77
CA ASP PF 21 88.02 23.86 60.14
C ASP PF 21 87.29 22.78 60.90
N ALA PF 22 86.30 22.14 60.26
CA ALA PF 22 85.56 21.08 60.92
C ALA PF 22 86.45 19.88 61.22
N MET PF 23 87.38 19.57 60.32
CA MET PF 23 88.26 18.43 60.54
C MET PF 23 89.15 18.67 61.75
N CYS PF 24 89.75 19.84 61.86
CA CYS PF 24 90.68 20.09 62.95
C CYS PF 24 89.98 20.16 64.29
N LYS PF 25 88.68 20.45 64.30
CA LYS PF 25 87.95 20.53 65.56
C LYS PF 25 87.52 19.16 66.05
N ALA PF 26 87.19 18.26 65.13
CA ALA PF 26 86.47 17.03 65.45
C ALA PF 26 87.37 15.84 65.72
N ALA PF 27 88.68 16.02 65.77
CA ALA PF 27 89.59 14.93 66.04
C ALA PF 27 90.99 15.48 66.23
N ASN PF 28 91.87 14.65 66.77
CA ASN PF 28 93.26 15.04 67.00
C ASN PF 28 94.08 14.73 65.76
N VAL PF 29 94.01 15.64 64.79
CA VAL PF 29 94.72 15.51 63.52
C VAL PF 29 95.56 16.76 63.32
N GLU PF 30 96.51 16.66 62.39
CA GLU PF 30 97.37 17.78 62.00
C GLU PF 30 97.07 18.15 60.56
N LEU PF 31 96.90 19.45 60.32
CA LEU PF 31 96.61 19.94 58.98
C LEU PF 31 97.93 20.18 58.26
N ILE PF 32 98.09 19.54 57.10
CA ILE PF 32 99.32 19.68 56.32
C ILE PF 32 99.26 20.91 55.44
N GLY PF 33 98.18 21.09 54.70
CA GLY PF 33 98.04 22.29 53.89
C GLY PF 33 97.04 22.08 52.78
N TYR PF 34 96.85 23.15 52.00
CA TYR PF 34 96.00 23.13 50.83
C TYR PF 34 96.85 22.97 49.58
N GLU PF 35 96.21 22.50 48.51
CA GLU PF 35 96.90 22.32 47.23
C GLU PF 35 95.85 22.33 46.13
N ASN PF 36 95.79 23.43 45.38
CA ASN PF 36 94.84 23.57 44.30
C ASN PF 36 95.50 23.28 42.96
N VAL PF 37 94.67 22.86 42.00
CA VAL PF 37 95.17 22.43 40.70
C VAL PF 37 94.41 23.13 39.58
N GLY PF 38 93.87 24.31 39.86
CA GLY PF 38 93.08 25.02 38.86
C GLY PF 38 91.72 24.39 38.68
N SER PF 39 90.91 25.05 37.87
CA SER PF 39 89.49 24.75 37.67
C SER PF 39 88.69 24.89 38.96
N GLY PF 40 89.23 25.54 39.98
CA GLY PF 40 88.53 25.72 41.22
C GLY PF 40 88.60 24.55 42.18
N LEU PF 41 89.31 23.48 41.82
CA LEU PF 41 89.44 22.34 42.72
C LEU PF 41 90.52 22.64 43.75
N VAL PF 42 90.15 22.59 45.02
CA VAL PF 42 91.08 22.77 46.13
C VAL PF 42 91.00 21.54 47.00
N THR PF 43 92.12 21.15 47.59
CA THR PF 43 92.23 19.91 48.35
C THR PF 43 92.88 20.18 49.69
N ALA PF 44 92.30 19.64 50.76
CA ALA PF 44 92.85 19.73 52.10
C ALA PF 44 93.41 18.37 52.51
N MET PF 45 94.53 18.39 53.22
CA MET PF 45 95.20 17.16 53.62
C MET PF 45 95.45 17.19 55.13
N VAL PF 46 94.89 16.22 55.84
CA VAL PF 46 95.13 16.06 57.26
C VAL PF 46 95.92 14.79 57.50
N LYS PF 47 96.49 14.68 58.69
CA LYS PF 47 97.39 13.57 58.99
C LYS PF 47 97.32 13.23 60.47
N GLY PF 48 97.18 11.95 60.77
CA GLY PF 48 97.10 11.51 62.15
C GLY PF 48 96.85 10.03 62.22
N ASP PF 49 96.56 9.53 63.41
CA ASP PF 49 96.25 8.12 63.57
C ASP PF 49 95.01 7.75 62.77
N VAL PF 50 94.87 6.45 62.48
CA VAL PF 50 93.84 6.01 61.55
C VAL PF 50 92.45 6.29 62.09
N GLY PF 51 92.24 6.04 63.38
CA GLY PF 51 90.92 6.25 63.95
C GLY PF 51 90.54 7.72 63.97
N ALA PF 52 91.48 8.58 64.34
CA ALA PF 52 91.24 10.01 64.32
C ALA PF 52 90.97 10.50 62.91
N VAL PF 53 91.88 10.18 61.98
CA VAL PF 53 91.76 10.67 60.61
C VAL PF 53 90.46 10.18 59.98
N ASN PF 54 90.07 8.94 60.27
CA ASN PF 54 88.79 8.47 59.78
C ASN PF 54 87.67 9.38 60.23
N ALA PF 55 87.58 9.62 61.54
CA ALA PF 55 86.52 10.45 62.11
C ALA PF 55 86.55 11.86 61.53
N ALA PF 56 87.74 12.44 61.40
CA ALA PF 56 87.86 13.80 60.89
C ALA PF 56 87.25 13.92 59.50
N VAL PF 57 87.61 13.01 58.60
CA VAL PF 57 87.15 13.13 57.22
C VAL PF 57 85.63 13.04 57.15
N ASP PF 58 85.02 12.22 58.01
CA ASP PF 58 83.55 12.13 57.99
C ASP PF 58 82.92 13.45 58.41
N SER PF 59 83.46 14.08 59.44
CA SER PF 59 82.91 15.36 59.89
C SER PF 59 83.22 16.46 58.89
N GLY PF 60 84.43 16.48 58.34
CA GLY PF 60 84.80 17.52 57.40
C GLY PF 60 83.97 17.50 56.13
N VAL PF 61 83.62 16.31 55.64
CA VAL PF 61 82.80 16.24 54.45
C VAL PF 61 81.38 16.68 54.75
N GLU PF 62 80.92 16.46 55.97
CA GLU PF 62 79.55 16.78 56.33
C GLU PF 62 79.37 18.29 56.48
N ALA PF 63 80.39 18.99 56.97
CA ALA PF 63 80.31 20.45 57.07
C ALA PF 63 80.47 21.10 55.70
N ALA PF 64 81.38 20.59 54.88
CA ALA PF 64 81.67 21.21 53.60
C ALA PF 64 80.52 21.01 52.62
N LYS PF 65 79.94 19.82 52.59
CA LYS PF 65 78.83 19.55 51.70
C LYS PF 65 77.65 20.46 51.98
N ARG PF 66 77.64 21.09 53.15
CA ARG PF 66 76.48 21.87 53.60
C ARG PF 66 76.40 23.22 52.90
N ILE PF 67 77.55 23.78 52.51
CA ILE PF 67 77.58 25.09 51.87
C ILE PF 67 78.10 25.04 50.44
N GLY PF 68 78.88 24.03 50.08
CA GLY PF 68 79.44 23.97 48.75
C GLY PF 68 79.42 22.56 48.20
N LYS PF 69 80.37 22.22 47.34
CA LYS PF 69 80.40 20.92 46.69
C LYS PF 69 81.65 20.16 47.10
N VAL PF 70 81.45 18.96 47.66
CA VAL PF 70 82.53 18.06 47.97
C VAL PF 70 82.70 17.10 46.79
N VAL PF 71 83.84 17.19 46.12
CA VAL PF 71 84.05 16.40 44.92
C VAL PF 71 84.42 14.96 45.27
N SER PF 72 85.32 14.77 46.23
CA SER PF 72 85.72 13.43 46.63
C SER PF 72 86.41 13.49 47.98
N SER PF 73 86.40 12.35 48.66
CA SER PF 73 87.08 12.19 49.94
C SER PF 73 87.69 10.81 49.99
N ARG PF 74 88.72 10.65 50.83
CA ARG PF 74 89.47 9.40 50.83
C ARG PF 74 90.38 9.36 52.04
N VAL PF 75 90.53 8.19 52.63
CA VAL PF 75 91.47 7.96 53.72
C VAL PF 75 92.43 6.86 53.30
N ILE PF 76 93.73 7.14 53.39
CA ILE PF 76 94.77 6.15 53.17
C ILE PF 76 95.33 5.76 54.53
N ALA PF 77 95.10 4.52 54.93
CA ALA PF 77 95.44 4.11 56.29
C ALA PF 77 96.95 4.04 56.49
N ARG PF 78 97.69 3.68 55.46
CA ARG PF 78 99.14 3.58 55.55
C ARG PF 78 99.73 3.91 54.19
N PRO PF 79 100.10 5.17 53.98
CA PRO PF 79 100.64 5.56 52.67
C PRO PF 79 102.06 5.08 52.49
N HIS PF 80 102.40 4.83 51.22
CA HIS PF 80 103.78 4.50 50.88
C HIS PF 80 104.68 5.68 51.17
N ASN PF 81 105.96 5.39 51.44
CA ASN PF 81 106.90 6.46 51.76
C ASN PF 81 107.11 7.38 50.57
N ASP PF 82 106.96 6.88 49.36
CA ASP PF 82 107.07 7.73 48.18
C ASP PF 82 105.96 8.77 48.15
N ILE PF 83 104.76 8.38 48.59
CA ILE PF 83 103.64 9.32 48.62
C ILE PF 83 103.91 10.47 49.57
N GLU PF 84 104.74 10.28 50.59
CA GLU PF 84 105.08 11.39 51.48
C GLU PF 84 106.28 12.17 50.95
N LYS PF 85 106.23 12.45 49.65
CA LYS PF 85 107.07 13.43 48.99
C LYS PF 85 106.29 14.22 47.97
N ILE PF 86 105.09 13.78 47.62
CA ILE PF 86 104.18 14.52 46.77
C ILE PF 86 103.29 15.46 47.57
N ALA PF 87 102.80 14.97 48.72
CA ALA PF 87 102.00 15.82 49.59
C ALA PF 87 102.89 16.88 50.26
N GLY PF 88 103.86 16.45 51.05
CA GLY PF 88 104.77 17.36 51.70
C GLY PF 88 105.98 17.70 50.85
N MET QF 1 -80.64 -74.00 3.39
CA MET QF 1 -80.50 -75.01 4.42
C MET QF 1 -81.62 -76.03 4.32
N ILE QF 2 -81.44 -77.17 4.97
CA ILE QF 2 -82.48 -78.18 5.08
C ILE QF 2 -82.47 -78.74 6.49
N LEU QF 3 -83.65 -79.12 6.97
CA LEU QF 3 -83.74 -79.84 8.23
C LEU QF 3 -83.32 -81.28 8.03
N ALA QF 4 -82.44 -81.76 8.90
CA ALA QF 4 -81.93 -83.11 8.78
C ALA QF 4 -81.62 -83.63 10.16
N LYS QF 5 -81.35 -84.92 10.24
CA LYS QF 5 -81.08 -85.60 11.49
C LYS QF 5 -79.79 -86.39 11.35
N VAL QF 6 -78.90 -86.26 12.33
CA VAL QF 6 -77.64 -87.01 12.29
C VAL QF 6 -77.93 -88.48 12.59
N THR QF 7 -77.48 -89.35 11.69
CA THR QF 7 -77.78 -90.78 11.79
C THR QF 7 -76.56 -91.67 11.82
N GLY QF 8 -75.35 -91.11 11.85
CA GLY QF 8 -74.16 -91.93 11.88
C GLY QF 8 -72.93 -91.07 11.70
N HIS QF 9 -71.83 -91.73 11.31
CA HIS QF 9 -70.60 -91.02 11.01
C HIS QF 9 -69.78 -91.89 10.06
N VAL QF 10 -68.75 -91.26 9.49
CA VAL QF 10 -67.90 -91.90 8.49
C VAL QF 10 -66.45 -91.75 8.93
N VAL QF 11 -65.70 -92.84 8.90
CA VAL QF 11 -64.29 -92.83 9.26
C VAL QF 11 -63.49 -93.02 7.98
N ALA QF 12 -62.77 -91.98 7.57
CA ALA QF 12 -61.98 -91.98 6.35
C ALA QF 12 -60.55 -91.59 6.71
N THR QF 13 -59.61 -92.46 6.35
CA THR QF 13 -58.20 -92.24 6.67
C THR QF 13 -57.44 -91.58 5.53
N GLN QF 14 -57.60 -92.11 4.31
CA GLN QF 14 -56.95 -91.56 3.13
C GLN QF 14 -57.87 -90.50 2.53
N LYS QF 15 -57.53 -89.24 2.74
CA LYS QF 15 -58.38 -88.15 2.27
C LYS QF 15 -57.54 -86.93 2.04
N CYS QF 16 -58.17 -85.91 1.45
CA CYS QF 16 -57.47 -84.68 1.11
C CYS QF 16 -57.07 -83.93 2.37
N ASP QF 17 -56.41 -82.79 2.18
CA ASP QF 17 -55.93 -81.99 3.29
C ASP QF 17 -56.91 -80.92 3.72
N GLU QF 18 -57.83 -80.53 2.85
CA GLU QF 18 -58.87 -79.58 3.22
C GLU QF 18 -59.84 -80.16 4.24
N LEU QF 19 -59.74 -81.47 4.53
CA LEU QF 19 -60.65 -82.14 5.44
C LEU QF 19 -59.98 -82.67 6.69
N ARG QF 20 -58.72 -82.32 6.93
CA ARG QF 20 -58.01 -82.83 8.09
C ARG QF 20 -58.55 -82.22 9.37
N GLY QF 21 -58.84 -83.06 10.35
CA GLY QF 21 -59.28 -82.57 11.65
C GLY QF 21 -60.70 -82.07 11.66
N SER QF 22 -61.64 -82.89 11.20
CA SER QF 22 -63.04 -82.51 11.18
C SER QF 22 -63.87 -83.78 11.22
N ASN QF 23 -65.11 -83.64 11.69
CA ASN QF 23 -66.03 -84.75 11.77
C ASN QF 23 -66.72 -84.93 10.42
N LEU QF 24 -67.19 -86.15 10.16
CA LEU QF 24 -67.94 -86.44 8.94
C LEU QF 24 -69.18 -87.22 9.32
N LEU QF 25 -70.32 -86.54 9.36
CA LEU QF 25 -71.57 -87.11 9.83
C LEU QF 25 -72.46 -87.51 8.67
N LEU QF 26 -73.22 -88.58 8.86
CA LEU QF 26 -74.29 -88.93 7.93
C LEU QF 26 -75.52 -88.13 8.30
N ILE QF 27 -76.12 -87.49 7.31
CA ILE QF 27 -77.13 -86.47 7.50
C ILE QF 27 -78.33 -86.88 6.67
N THR QF 28 -79.43 -87.24 7.31
CA THR QF 28 -80.61 -87.72 6.62
C THR QF 28 -81.69 -86.66 6.63
N ARG QF 29 -82.18 -86.30 5.45
CA ARG QF 29 -83.25 -85.31 5.34
C ARG QF 29 -84.55 -85.89 5.86
N LEU QF 30 -85.25 -85.14 6.69
CA LEU QF 30 -86.47 -85.61 7.32
C LEU QF 30 -87.68 -84.83 6.80
N ASP QF 31 -88.82 -85.52 6.75
CA ASP QF 31 -90.01 -85.00 6.10
C ASP QF 31 -90.86 -84.12 7.02
N ASP QF 32 -92.08 -83.76 6.61
CA ASP QF 32 -92.89 -82.80 7.33
C ASP QF 32 -93.54 -83.37 8.59
N LYS QF 33 -93.23 -84.61 8.96
CA LYS QF 33 -93.61 -85.14 10.26
C LYS QF 33 -92.41 -85.32 11.16
N GLN QF 34 -91.29 -84.70 10.83
CA GLN QF 34 -90.02 -84.88 11.53
C GLN QF 34 -89.64 -86.35 11.59
N GLN QF 35 -89.55 -86.97 10.41
CA GLN QF 35 -89.25 -88.38 10.28
C GLN QF 35 -88.31 -88.55 9.09
N PRO QF 36 -87.21 -89.29 9.24
CA PRO QF 36 -86.26 -89.41 8.15
C PRO QF 36 -86.87 -90.05 6.90
N MET QF 37 -86.36 -89.65 5.75
CA MET QF 37 -86.82 -90.16 4.47
C MET QF 37 -85.91 -91.31 4.01
N LYS QF 38 -86.18 -91.82 2.82
CA LYS QF 38 -85.43 -92.93 2.26
C LYS QF 38 -84.54 -92.41 1.13
N ASP QF 39 -83.28 -92.88 1.13
CA ASP QF 39 -82.33 -92.53 0.08
C ASP QF 39 -82.10 -91.02 0.01
N GLN QF 40 -81.86 -90.41 1.17
CA GLN QF 40 -81.69 -88.96 1.25
C GLN QF 40 -80.56 -88.61 2.20
N THR QF 41 -79.44 -89.33 2.10
CA THR QF 41 -78.34 -89.18 3.04
C THR QF 41 -77.15 -88.50 2.37
N TRP QF 42 -76.60 -87.50 3.03
CA TRP QF 42 -75.38 -86.84 2.60
C TRP QF 42 -74.36 -86.92 3.72
N VAL QF 43 -73.13 -86.56 3.40
CA VAL QF 43 -72.05 -86.52 4.37
C VAL QF 43 -71.69 -85.06 4.61
N ALA QF 44 -71.75 -84.64 5.87
CA ALA QF 44 -71.57 -83.24 6.21
C ALA QF 44 -70.41 -83.09 7.19
N VAL QF 45 -69.61 -82.06 6.98
CA VAL QF 45 -68.51 -81.74 7.89
C VAL QF 45 -69.09 -80.98 9.07
N ASP QF 46 -69.16 -81.63 10.23
CA ASP QF 46 -69.68 -80.96 11.41
C ASP QF 46 -68.89 -79.71 11.71
N ASN QF 47 -69.59 -78.69 12.20
CA ASN QF 47 -68.96 -77.40 12.46
C ASN QF 47 -69.32 -76.80 13.81
N VAL QF 48 -70.38 -77.26 14.47
CA VAL QF 48 -70.82 -76.70 15.75
C VAL QF 48 -70.88 -77.73 16.86
N GLY QF 49 -70.57 -78.99 16.57
CA GLY QF 49 -70.57 -79.99 17.63
C GLY QF 49 -71.87 -80.74 17.76
N ALA QF 50 -72.34 -81.34 16.68
CA ALA QF 50 -73.54 -82.15 16.71
C ALA QF 50 -73.18 -83.63 16.83
N GLY QF 51 -74.08 -84.38 17.46
CA GLY QF 51 -73.85 -85.80 17.64
C GLY QF 51 -75.02 -86.61 17.15
N MET QF 52 -75.13 -87.86 17.57
CA MET QF 52 -76.17 -88.72 17.05
C MET QF 52 -77.56 -88.25 17.50
N HIS QF 53 -78.55 -88.50 16.65
CA HIS QF 53 -79.97 -88.29 16.93
C HIS QF 53 -80.36 -86.81 17.01
N ASP QF 54 -79.45 -85.90 16.74
CA ASP QF 54 -79.73 -84.48 16.88
C ASP QF 54 -80.26 -83.92 15.57
N ILE QF 55 -81.28 -83.08 15.67
CA ILE QF 55 -81.83 -82.43 14.48
C ILE QF 55 -81.01 -81.18 14.19
N VAL QF 56 -80.41 -81.13 13.01
CA VAL QF 56 -79.47 -80.07 12.67
C VAL QF 56 -79.94 -79.35 11.42
N LEU QF 57 -79.17 -78.37 10.98
CA LEU QF 57 -79.52 -77.50 9.87
C LEU QF 57 -78.34 -77.52 8.90
N ALA QF 58 -78.39 -78.42 7.92
CA ALA QF 58 -77.27 -78.65 7.04
C ALA QF 58 -77.31 -77.70 5.86
N GLU QF 59 -76.19 -77.05 5.60
CA GLU QF 59 -76.09 -76.04 4.55
C GLU QF 59 -75.35 -76.60 3.35
N GLU QF 60 -75.66 -76.06 2.18
CA GLU QF 60 -75.09 -76.52 0.93
C GLU QF 60 -73.72 -75.92 0.70
N TYR QF 61 -73.25 -75.95 -0.54
CA TYR QF 61 -71.83 -75.93 -0.90
C TYR QF 61 -70.94 -75.05 -0.03
N PHE QF 62 -71.14 -73.75 -0.04
CA PHE QF 62 -70.12 -72.83 0.45
C PHE QF 62 -70.35 -72.50 1.92
N ALA QF 63 -69.48 -73.03 2.79
CA ALA QF 63 -69.45 -72.63 4.19
C ALA QF 63 -68.01 -72.55 4.72
N LEU QF 64 -67.03 -72.44 3.83
CA LEU QF 64 -65.61 -72.28 4.20
C LEU QF 64 -65.14 -73.45 5.07
N ASN QF 65 -65.16 -74.64 4.49
CA ASN QF 65 -64.77 -75.83 5.22
C ASN QF 65 -63.98 -76.81 4.35
N TYR QF 69 -62.96 -73.23 -0.57
CA TYR QF 69 -63.54 -74.22 0.34
C TYR QF 69 -65.05 -74.27 0.20
N LYS QF 70 -65.56 -75.44 -0.21
CA LYS QF 70 -66.99 -75.56 -0.49
C LYS QF 70 -67.59 -76.85 0.05
N ALA QF 71 -67.18 -77.32 1.23
CA ALA QF 71 -67.75 -78.55 1.77
C ALA QF 71 -69.10 -78.28 2.41
N MET QF 72 -69.98 -79.27 2.32
CA MET QF 72 -71.32 -79.21 2.88
C MET QF 72 -71.20 -79.42 4.38
N SER QF 73 -71.56 -78.42 5.16
CA SER QF 73 -71.37 -78.47 6.60
C SER QF 73 -72.67 -78.24 7.36
N VAL QF 74 -72.62 -78.53 8.64
CA VAL QF 74 -73.72 -78.27 9.56
C VAL QF 74 -73.48 -76.92 10.22
N VAL QF 75 -74.50 -76.08 10.26
CA VAL QF 75 -74.33 -74.70 10.69
C VAL QF 75 -75.22 -74.33 11.87
N ALA QF 76 -76.07 -75.22 12.34
CA ALA QF 76 -76.95 -74.88 13.44
C ALA QF 76 -77.56 -76.14 14.02
N ILE QF 77 -77.73 -76.16 15.34
CA ILE QF 77 -78.45 -77.21 16.03
C ILE QF 77 -79.81 -76.65 16.44
N VAL QF 78 -80.86 -77.35 16.07
CA VAL QF 78 -82.21 -76.81 16.12
C VAL QF 78 -82.88 -77.18 17.44
N GLU QF 79 -83.43 -76.17 18.12
CA GLU QF 79 -84.16 -76.38 19.37
C GLU QF 79 -85.63 -76.69 19.12
N LYS QF 80 -86.32 -75.79 18.43
CA LYS QF 80 -87.76 -75.91 18.19
C LYS QF 80 -88.07 -75.71 16.72
N VAL QF 81 -88.97 -76.51 16.19
CA VAL QF 81 -89.48 -76.38 14.83
C VAL QF 81 -90.98 -76.16 14.95
N PHE QF 82 -91.40 -74.90 14.95
CA PHE QF 82 -92.82 -74.58 14.98
C PHE QF 82 -93.34 -74.60 13.55
N ARG QF 83 -94.38 -75.41 13.30
CA ARG QF 83 -94.84 -75.65 11.95
C ARG QF 83 -96.35 -75.86 11.97
N ASP QF 84 -97.09 -74.95 11.36
CA ASP QF 84 -98.52 -75.14 11.17
C ASP QF 84 -99.05 -74.17 10.12
N GLU RF 3 -30.87 -106.79 39.73
CA GLU RF 3 -30.81 -106.19 38.41
C GLU RF 3 -30.66 -104.68 38.54
N ALA RF 4 -30.30 -104.03 37.43
CA ALA RF 4 -30.04 -102.60 37.46
C ALA RF 4 -31.35 -101.83 37.54
N LEU RF 5 -31.26 -100.51 37.42
CA LEU RF 5 -32.42 -99.65 37.57
C LEU RF 5 -32.26 -98.41 36.72
N GLY RF 6 -33.28 -98.09 35.95
CA GLY RF 6 -33.24 -96.95 35.05
C GLY RF 6 -34.38 -95.99 35.32
N LEU RF 7 -34.11 -94.70 35.15
CA LEU RF 7 -35.04 -93.65 35.56
C LEU RF 7 -35.04 -92.53 34.53
N ILE RF 8 -36.23 -92.14 34.08
CA ILE RF 8 -36.41 -90.96 33.25
C ILE RF 8 -37.44 -90.07 33.93
N GLU RF 9 -37.20 -88.76 33.91
CA GLU RF 9 -38.11 -87.80 34.51
C GLU RF 9 -38.49 -86.76 33.47
N THR RF 10 -39.78 -86.45 33.41
CA THR RF 10 -40.31 -85.60 32.35
C THR RF 10 -41.34 -84.64 32.93
N LYS RF 11 -41.51 -83.51 32.27
CA LYS RF 11 -42.60 -82.59 32.57
C LYS RF 11 -43.82 -82.96 31.74
N GLY RF 12 -44.89 -83.35 32.42
CA GLY RF 12 -46.09 -83.75 31.72
C GLY RF 12 -46.22 -85.25 31.64
N LEU RF 13 -47.46 -85.72 31.53
CA LEU RF 13 -47.70 -87.16 31.51
C LEU RF 13 -47.53 -87.75 30.11
N VAL RF 14 -47.90 -87.01 29.08
CA VAL RF 14 -47.85 -87.56 27.73
C VAL RF 14 -46.42 -87.94 27.38
N ALA RF 15 -45.48 -87.03 27.60
CA ALA RF 15 -44.10 -87.32 27.21
C ALA RF 15 -43.49 -88.42 28.04
N CYS RF 16 -44.09 -88.79 29.17
CA CYS RF 16 -43.57 -89.91 29.95
C CYS RF 16 -44.10 -91.24 29.42
N ILE RF 17 -45.34 -91.27 28.92
CA ILE RF 17 -45.88 -92.49 28.35
C ILE RF 17 -45.18 -92.82 27.04
N GLU RF 18 -44.83 -91.80 26.27
CA GLU RF 18 -44.01 -92.03 25.09
C GLU RF 18 -42.65 -92.59 25.47
N ALA RF 19 -42.04 -92.04 26.53
CA ALA RF 19 -40.74 -92.53 26.95
C ALA RF 19 -40.81 -93.95 27.47
N ALA RF 20 -41.84 -94.28 28.24
CA ALA RF 20 -41.95 -95.60 28.80
C ALA RF 20 -42.31 -96.64 27.76
N ASP RF 21 -42.92 -96.22 26.65
CA ASP RF 21 -43.18 -97.17 25.57
C ASP RF 21 -41.92 -97.44 24.77
N ALA RF 22 -41.15 -96.39 24.48
CA ALA RF 22 -39.89 -96.59 23.76
C ALA RF 22 -38.95 -97.48 24.54
N MET RF 23 -38.87 -97.28 25.86
CA MET RF 23 -37.99 -98.11 26.68
C MET RF 23 -38.39 -99.57 26.60
N CYS RF 24 -39.67 -99.87 26.73
CA CYS RF 24 -40.10 -101.27 26.77
C CYS RF 24 -39.90 -101.96 25.43
N LYS RF 25 -39.92 -101.22 24.33
CA LYS RF 25 -39.74 -101.84 23.02
C LYS RF 25 -38.27 -102.02 22.67
N ALA RF 26 -37.40 -101.15 23.18
CA ALA RF 26 -36.02 -101.09 22.71
C ALA RF 26 -35.11 -102.13 23.34
N ALA RF 27 -35.52 -102.76 24.43
CA ALA RF 27 -34.65 -103.74 25.07
C ALA RF 27 -35.49 -104.61 26.00
N ASN RF 28 -34.85 -105.65 26.52
CA ASN RF 28 -35.53 -106.60 27.40
C ASN RF 28 -35.49 -106.06 28.83
N VAL RF 29 -36.34 -105.06 29.09
CA VAL RF 29 -36.51 -104.49 30.42
C VAL RF 29 -37.99 -104.53 30.76
N GLU RF 30 -38.29 -104.54 32.05
CA GLU RF 30 -39.67 -104.56 32.51
C GLU RF 30 -39.98 -103.25 33.24
N LEU RF 31 -41.23 -102.82 33.13
CA LEU RF 31 -41.65 -101.54 33.66
C LEU RF 31 -42.11 -101.70 35.10
N ILE RF 32 -41.50 -100.92 36.00
CA ILE RF 32 -41.86 -101.00 37.41
C ILE RF 32 -43.13 -100.21 37.69
N GLY RF 33 -43.13 -98.93 37.36
CA GLY RF 33 -44.32 -98.12 37.53
C GLY RF 33 -44.02 -96.66 37.31
N TYR RF 34 -45.06 -95.85 37.44
CA TYR RF 34 -44.95 -94.41 37.39
C TYR RF 34 -45.04 -93.83 38.80
N GLU RF 35 -44.58 -92.60 38.93
CA GLU RF 35 -44.65 -91.91 40.22
C GLU RF 35 -44.47 -90.41 39.97
N ASN RF 36 -45.55 -89.65 40.15
CA ASN RF 36 -45.45 -88.20 40.01
C ASN RF 36 -45.35 -87.54 41.38
N VAL RF 37 -44.45 -86.59 41.49
CA VAL RF 37 -44.18 -85.89 42.74
C VAL RF 37 -44.48 -84.42 42.50
N GLY RF 38 -45.73 -84.04 42.72
CA GLY RF 38 -46.06 -82.63 42.64
C GLY RF 38 -45.98 -82.08 41.23
N SER RF 39 -45.31 -80.94 41.10
CA SER RF 39 -45.54 -80.03 39.98
C SER RF 39 -45.09 -80.62 38.66
N GLY RF 40 -46.05 -81.16 37.92
CA GLY RF 40 -45.84 -81.68 36.58
C GLY RF 40 -44.59 -82.48 36.36
N LEU RF 41 -44.24 -83.37 37.29
CA LEU RF 41 -43.05 -84.19 37.14
C LEU RF 41 -43.45 -85.64 37.31
N VAL RF 42 -43.35 -86.42 36.25
CA VAL RF 42 -43.65 -87.83 36.27
C VAL RF 42 -42.37 -88.59 35.98
N THR RF 43 -42.22 -89.75 36.62
CA THR RF 43 -41.01 -90.56 36.51
C THR RF 43 -41.40 -92.00 36.23
N ALA RF 44 -40.72 -92.61 35.25
CA ALA RF 44 -40.88 -94.01 34.93
C ALA RF 44 -39.64 -94.78 35.35
N MET RF 45 -39.83 -95.99 35.85
CA MET RF 45 -38.74 -96.82 36.36
C MET RF 45 -38.77 -98.16 35.66
N VAL RF 46 -37.62 -98.59 35.14
CA VAL RF 46 -37.47 -99.88 34.50
C VAL RF 46 -36.33 -100.62 35.16
N LYS RF 47 -36.35 -101.95 35.04
CA LYS RF 47 -35.29 -102.76 35.62
C LYS RF 47 -34.97 -103.93 34.71
N GLY RF 48 -33.70 -104.35 34.76
CA GLY RF 48 -33.21 -105.40 33.91
C GLY RF 48 -31.70 -105.47 34.02
N ASP RF 49 -31.09 -106.19 33.10
CA ASP RF 49 -29.64 -106.29 33.11
C ASP RF 49 -29.01 -104.94 32.79
N VAL RF 50 -27.73 -104.80 33.08
CA VAL RF 50 -27.07 -103.50 33.01
C VAL RF 50 -26.91 -103.06 31.57
N GLY RF 51 -26.57 -103.99 30.67
CA GLY RF 51 -26.43 -103.63 29.27
C GLY RF 51 -27.77 -103.35 28.62
N ALA RF 52 -28.81 -104.07 29.03
CA ALA RF 52 -30.14 -103.81 28.50
C ALA RF 52 -30.69 -102.49 29.02
N VAL RF 53 -30.64 -102.28 30.33
CA VAL RF 53 -31.19 -101.06 30.91
C VAL RF 53 -30.51 -99.83 30.36
N ASN RF 54 -29.19 -99.91 30.17
CA ASN RF 54 -28.47 -98.80 29.58
C ASN RF 54 -28.97 -98.51 28.18
N ALA RF 55 -29.36 -99.56 27.44
CA ALA RF 55 -29.82 -99.40 26.07
C ALA RF 55 -31.26 -98.92 26.02
N ALA RF 56 -32.03 -99.17 27.08
CA ALA RF 56 -33.41 -98.71 27.10
C ALA RF 56 -33.49 -97.23 27.43
N VAL RF 57 -32.62 -96.75 28.31
CA VAL RF 57 -32.76 -95.38 28.79
C VAL RF 57 -32.36 -94.37 27.72
N ASP RF 58 -31.31 -94.65 26.95
CA ASP RF 58 -30.92 -93.69 25.92
C ASP RF 58 -31.91 -93.69 24.77
N SER RF 59 -32.66 -94.78 24.58
CA SER RF 59 -33.71 -94.78 23.57
C SER RF 59 -34.94 -94.04 24.08
N GLY RF 60 -35.31 -94.26 25.34
CA GLY RF 60 -36.46 -93.58 25.89
C GLY RF 60 -36.28 -92.09 26.06
N VAL RF 61 -35.05 -91.66 26.35
CA VAL RF 61 -34.78 -90.22 26.42
C VAL RF 61 -34.89 -89.60 25.04
N GLU RF 62 -34.46 -90.33 24.02
CA GLU RF 62 -34.48 -89.84 22.65
C GLU RF 62 -35.90 -89.57 22.18
N ALA RF 63 -36.85 -90.40 22.62
CA ALA RF 63 -38.23 -90.28 22.16
C ALA RF 63 -38.97 -89.18 22.91
N ALA RF 64 -38.86 -89.14 24.23
CA ALA RF 64 -39.56 -88.12 25.01
C ALA RF 64 -39.01 -86.74 24.74
N LYS RF 65 -37.71 -86.63 24.48
CA LYS RF 65 -37.10 -85.36 24.11
C LYS RF 65 -37.71 -84.79 22.84
N ARG RF 66 -38.37 -85.64 22.05
CA ARG RF 66 -38.91 -85.22 20.76
C ARG RF 66 -40.15 -84.35 20.95
N ILE RF 67 -41.02 -84.72 21.89
CA ILE RF 67 -42.30 -84.05 22.08
C ILE RF 67 -42.41 -83.32 23.40
N GLY RF 68 -41.48 -83.53 24.32
CA GLY RF 68 -41.58 -82.90 25.63
C GLY RF 68 -40.23 -82.50 26.18
N LYS RF 69 -40.16 -82.36 27.50
CA LYS RF 69 -38.93 -81.95 28.17
C LYS RF 69 -38.48 -83.07 29.08
N VAL RF 70 -37.37 -83.73 28.71
CA VAL RF 70 -36.74 -84.70 29.59
C VAL RF 70 -35.90 -83.94 30.60
N VAL RF 71 -36.22 -84.11 31.88
CA VAL RF 71 -35.53 -83.36 32.94
C VAL RF 71 -34.27 -84.06 33.38
N SER RF 72 -34.32 -85.37 33.59
CA SER RF 72 -33.16 -86.10 34.07
C SER RF 72 -33.29 -87.57 33.71
N SER RF 73 -32.15 -88.22 33.58
CA SER RF 73 -32.11 -89.67 33.37
C SER RF 73 -30.91 -90.21 34.13
N ARG RF 74 -31.00 -91.48 34.51
CA ARG RF 74 -29.97 -92.05 35.36
C ARG RF 74 -30.11 -93.56 35.39
N VAL RF 75 -28.98 -94.26 35.34
CA VAL RF 75 -28.93 -95.71 35.48
C VAL RF 75 -28.15 -96.04 36.74
N ILE RF 76 -28.66 -96.96 37.54
CA ILE RF 76 -28.00 -97.41 38.76
C ILE RF 76 -27.63 -98.87 38.54
N ALA RF 77 -26.33 -99.16 38.50
CA ALA RF 77 -25.88 -100.47 38.07
C ALA RF 77 -26.16 -101.54 39.12
N ARG RF 78 -26.05 -101.20 40.39
CA ARG RF 78 -26.42 -102.11 41.47
C ARG RF 78 -27.13 -101.30 42.54
N PRO RF 79 -28.46 -101.30 42.54
CA PRO RF 79 -29.18 -100.58 43.59
C PRO RF 79 -29.04 -101.29 44.91
N HIS RF 80 -28.91 -100.51 45.97
CA HIS RF 80 -28.74 -101.09 47.30
C HIS RF 80 -30.02 -101.79 47.73
N ASN RF 81 -29.85 -102.89 48.48
CA ASN RF 81 -30.99 -103.73 48.84
C ASN RF 81 -32.06 -102.93 49.57
N ASP RF 82 -31.64 -101.95 50.37
CA ASP RF 82 -32.60 -101.13 51.11
C ASP RF 82 -33.53 -100.39 50.17
N ILE RF 83 -33.00 -99.91 49.06
CA ILE RF 83 -33.78 -99.13 48.11
C ILE RF 83 -34.62 -100.06 47.25
N GLU SF 3 -55.53 -102.54 21.39
CA GLU SF 3 -56.10 -101.44 20.63
C GLU SF 3 -55.26 -100.19 20.82
N ALA SF 4 -55.36 -99.26 19.88
CA ALA SF 4 -54.52 -98.07 19.89
C ALA SF 4 -54.86 -97.21 21.10
N LEU SF 5 -54.13 -96.11 21.24
CA LEU SF 5 -54.28 -95.27 22.42
C LEU SF 5 -53.90 -93.84 22.06
N GLY SF 6 -54.75 -92.90 22.42
CA GLY SF 6 -54.52 -91.50 22.09
C GLY SF 6 -54.57 -90.63 23.32
N LEU SF 7 -53.74 -89.61 23.34
CA LEU SF 7 -53.62 -88.72 24.48
C LEU SF 7 -53.65 -87.27 24.03
N ILE SF 8 -54.35 -86.45 24.78
CA ILE SF 8 -54.29 -85.00 24.62
C ILE SF 8 -54.02 -84.40 25.99
N GLU SF 9 -53.10 -83.45 26.05
CA GLU SF 9 -52.74 -82.78 27.29
C GLU SF 9 -53.03 -81.30 27.18
N THR SF 10 -53.83 -80.78 28.10
CA THR SF 10 -54.28 -79.40 28.06
C THR SF 10 -54.04 -78.73 29.38
N LYS SF 11 -53.93 -77.40 29.35
CA LYS SF 11 -53.77 -76.59 30.54
C LYS SF 11 -55.15 -76.17 31.03
N GLY SF 12 -55.60 -76.73 32.13
CA GLY SF 12 -56.91 -76.43 32.64
C GLY SF 12 -57.90 -77.53 32.29
N LEU SF 13 -58.92 -77.67 33.14
CA LEU SF 13 -59.88 -78.75 32.96
C LEU SF 13 -60.91 -78.46 31.88
N VAL SF 14 -61.30 -77.19 31.72
CA VAL SF 14 -62.34 -76.87 30.75
C VAL SF 14 -61.91 -77.24 29.35
N ALA SF 15 -60.69 -76.84 28.96
CA ALA SF 15 -60.18 -77.19 27.64
C ALA SF 15 -60.10 -78.70 27.44
N CYS SF 16 -60.03 -79.46 28.52
CA CYS SF 16 -59.93 -80.91 28.39
C CYS SF 16 -61.30 -81.56 28.19
N ILE SF 17 -62.37 -80.96 28.73
CA ILE SF 17 -63.70 -81.50 28.49
C ILE SF 17 -64.17 -81.15 27.08
N GLU SF 18 -63.78 -80.00 26.56
CA GLU SF 18 -64.07 -79.70 25.17
C GLU SF 18 -63.32 -80.65 24.25
N ALA SF 19 -62.05 -80.93 24.56
CA ALA SF 19 -61.28 -81.88 23.77
C ALA SF 19 -61.90 -83.27 23.80
N ALA SF 20 -62.34 -83.72 24.97
CA ALA SF 20 -62.89 -85.07 25.07
C ALA SF 20 -64.29 -85.17 24.47
N ASP SF 21 -65.01 -84.05 24.38
CA ASP SF 21 -66.31 -84.10 23.72
C ASP SF 21 -66.14 -84.23 22.22
N ALA SF 22 -65.17 -83.51 21.65
CA ALA SF 22 -64.91 -83.62 20.22
C ALA SF 22 -64.37 -85.00 19.86
N MET SF 23 -63.55 -85.57 20.74
CA MET SF 23 -62.99 -86.90 20.48
C MET SF 23 -64.07 -87.96 20.45
N CYS SF 24 -65.02 -87.89 21.36
CA CYS SF 24 -66.03 -88.95 21.47
C CYS SF 24 -67.12 -88.85 20.41
N LYS SF 25 -67.27 -87.69 19.78
CA LYS SF 25 -68.22 -87.54 18.68
C LYS SF 25 -67.61 -87.85 17.33
N ALA SF 26 -66.29 -87.80 17.22
CA ALA SF 26 -65.62 -87.89 15.93
C ALA SF 26 -65.50 -89.30 15.43
N ALA SF 27 -65.48 -90.28 16.32
CA ALA SF 27 -65.32 -91.67 15.91
C ALA SF 27 -65.82 -92.57 17.02
N ASN SF 28 -65.66 -93.87 16.83
CA ASN SF 28 -66.18 -94.87 17.76
C ASN SF 28 -65.06 -95.30 18.70
N VAL SF 29 -64.75 -94.43 19.66
CA VAL SF 29 -63.73 -94.68 20.65
C VAL SF 29 -64.37 -94.62 22.03
N GLU SF 30 -63.85 -95.41 22.96
CA GLU SF 30 -64.29 -95.37 24.35
C GLU SF 30 -63.31 -94.54 25.15
N LEU SF 31 -63.85 -93.65 25.98
CA LEU SF 31 -63.02 -92.74 26.76
C LEU SF 31 -62.66 -93.40 28.07
N ILE SF 32 -61.37 -93.37 28.42
CA ILE SF 32 -60.88 -94.07 29.60
C ILE SF 32 -61.01 -93.21 30.85
N GLY SF 33 -60.48 -92.00 30.83
CA GLY SF 33 -60.64 -91.11 31.95
C GLY SF 33 -59.54 -90.08 32.00
N TYR SF 34 -59.73 -89.10 32.88
CA TYR SF 34 -58.80 -88.00 33.04
C TYR SF 34 -57.76 -88.33 34.09
N GLU SF 35 -56.64 -87.61 34.04
CA GLU SF 35 -55.56 -87.76 35.00
C GLU SF 35 -54.78 -86.45 35.03
N ASN SF 36 -54.85 -85.72 36.14
CA ASN SF 36 -54.06 -84.51 36.28
C ASN SF 36 -52.82 -84.78 37.13
N VAL SF 37 -51.72 -84.16 36.74
CA VAL SF 37 -50.43 -84.37 37.37
C VAL SF 37 -49.94 -83.11 38.07
N GLY SF 38 -50.78 -82.09 38.20
CA GLY SF 38 -50.41 -80.86 38.83
C GLY SF 38 -49.85 -79.85 37.85
N SER SF 39 -49.75 -78.61 38.33
CA SER SF 39 -49.37 -77.45 37.55
C SER SF 39 -50.39 -77.09 36.48
N GLY SF 40 -51.61 -77.59 36.62
CA GLY SF 40 -52.68 -77.26 35.71
C GLY SF 40 -52.78 -78.16 34.50
N LEU SF 41 -52.00 -79.23 34.43
CA LEU SF 41 -51.98 -80.11 33.27
C LEU SF 41 -52.98 -81.23 33.47
N VAL SF 42 -53.95 -81.35 32.58
CA VAL SF 42 -54.94 -82.42 32.60
C VAL SF 42 -54.83 -83.18 31.28
N THR SF 43 -55.00 -84.50 31.35
CA THR SF 43 -54.80 -85.37 30.21
C THR SF 43 -56.01 -86.27 30.04
N ALA SF 44 -56.50 -86.37 28.81
CA ALA SF 44 -57.59 -87.27 28.46
C ALA SF 44 -57.05 -88.42 27.62
N MET SF 45 -57.59 -89.61 27.83
CA MET SF 45 -57.07 -90.82 27.20
C MET SF 45 -58.22 -91.60 26.59
N VAL SF 46 -58.12 -91.90 25.31
CA VAL SF 46 -59.13 -92.70 24.60
C VAL SF 46 -58.45 -93.95 24.06
N LYS SF 47 -59.26 -94.93 23.68
CA LYS SF 47 -58.72 -96.15 23.11
C LYS SF 47 -59.71 -96.75 22.13
N GLY SF 48 -59.18 -97.33 21.07
CA GLY SF 48 -59.99 -97.91 20.03
C GLY SF 48 -59.11 -98.35 18.87
N ASP SF 49 -59.74 -98.63 17.74
CA ASP SF 49 -58.98 -98.97 16.55
C ASP SF 49 -58.16 -97.78 16.09
N VAL SF 50 -57.06 -98.07 15.38
CA VAL SF 50 -56.08 -97.04 15.09
C VAL SF 50 -56.56 -96.06 14.03
N GLY SF 51 -57.54 -96.44 13.21
CA GLY SF 51 -58.11 -95.49 12.27
C GLY SF 51 -59.06 -94.55 12.97
N ALA SF 52 -59.78 -95.07 13.98
CA ALA SF 52 -60.70 -94.24 14.73
C ALA SF 52 -59.94 -93.32 15.69
N VAL SF 53 -58.93 -93.86 16.37
CA VAL SF 53 -58.20 -93.06 17.34
C VAL SF 53 -57.43 -91.95 16.66
N ASN SF 54 -56.93 -92.21 15.46
CA ASN SF 54 -56.22 -91.16 14.73
C ASN SF 54 -57.16 -90.02 14.36
N ALA SF 55 -58.41 -90.36 14.00
CA ALA SF 55 -59.36 -89.33 13.64
C ALA SF 55 -59.83 -88.55 14.86
N ALA SF 56 -59.98 -89.23 16.00
CA ALA SF 56 -60.46 -88.56 17.19
C ALA SF 56 -59.45 -87.55 17.72
N VAL SF 57 -58.18 -87.93 17.78
CA VAL SF 57 -57.18 -87.04 18.36
C VAL SF 57 -56.96 -85.81 17.49
N ASP SF 58 -57.12 -85.94 16.18
CA ASP SF 58 -56.96 -84.78 15.31
C ASP SF 58 -58.11 -83.80 15.49
N SER SF 59 -59.32 -84.31 15.73
CA SER SF 59 -60.45 -83.43 15.96
C SER SF 59 -60.41 -82.81 17.35
N GLY SF 60 -60.08 -83.62 18.35
CA GLY SF 60 -59.99 -83.11 19.70
C GLY SF 60 -58.94 -82.03 19.86
N VAL SF 61 -57.84 -82.14 19.12
CA VAL SF 61 -56.79 -81.13 19.22
C VAL SF 61 -57.28 -79.80 18.66
N GLU SF 62 -57.98 -79.83 17.53
CA GLU SF 62 -58.42 -78.59 16.92
C GLU SF 62 -59.51 -77.90 17.74
N ALA SF 63 -60.37 -78.67 18.39
CA ALA SF 63 -61.43 -78.06 19.18
C ALA SF 63 -60.90 -77.45 20.46
N ALA SF 64 -60.04 -78.17 21.19
CA ALA SF 64 -59.46 -77.62 22.40
C ALA SF 64 -58.51 -76.47 22.10
N LYS SF 65 -57.84 -76.51 20.96
CA LYS SF 65 -56.97 -75.40 20.57
C LYS SF 65 -57.75 -74.10 20.44
N ARG SF 66 -59.04 -74.21 20.11
CA ARG SF 66 -59.84 -73.03 19.85
C ARG SF 66 -60.12 -72.23 21.12
N ILE SF 67 -60.26 -72.90 22.26
CA ILE SF 67 -60.71 -72.28 23.49
C ILE SF 67 -59.71 -72.39 24.63
N GLY SF 68 -58.55 -72.98 24.39
CA GLY SF 68 -57.56 -73.11 25.43
C GLY SF 68 -56.21 -73.39 24.83
N LYS SF 69 -55.30 -73.85 25.67
CA LYS SF 69 -53.96 -74.22 25.24
C LYS SF 69 -53.84 -75.73 25.23
N VAL SF 70 -53.46 -76.29 24.08
CA VAL SF 70 -53.14 -77.70 23.97
C VAL SF 70 -51.64 -77.85 24.10
N VAL SF 71 -51.20 -78.62 25.09
CA VAL SF 71 -49.78 -78.74 25.36
C VAL SF 71 -49.15 -79.80 24.48
N SER SF 72 -49.81 -80.95 24.34
CA SER SF 72 -49.22 -82.07 23.63
C SER SF 72 -50.31 -83.04 23.23
N SER SF 73 -50.05 -83.80 22.17
CA SER SF 73 -50.94 -84.85 21.71
C SER SF 73 -50.11 -85.99 21.15
N ARG SF 74 -50.70 -87.17 21.10
CA ARG SF 74 -49.93 -88.35 20.73
C ARG SF 74 -50.86 -89.52 20.49
N VAL SF 75 -50.56 -90.31 19.45
CA VAL SF 75 -51.24 -91.58 19.21
C VAL SF 75 -50.20 -92.68 19.31
N ILE SF 76 -50.54 -93.76 20.01
CA ILE SF 76 -49.70 -94.92 20.17
C ILE SF 76 -50.42 -96.09 19.51
N ALA SF 77 -49.91 -96.54 18.37
CA ALA SF 77 -50.66 -97.49 17.56
C ALA SF 77 -50.65 -98.89 18.15
N ARG SF 78 -49.49 -99.40 18.52
CA ARG SF 78 -49.37 -100.68 19.19
C ARG SF 78 -48.73 -100.46 20.55
N PRO SF 79 -49.52 -100.24 21.60
CA PRO SF 79 -48.94 -100.03 22.92
C PRO SF 79 -48.47 -101.34 23.52
N HIS SF 80 -47.38 -101.26 24.26
CA HIS SF 80 -46.81 -102.44 24.88
C HIS SF 80 -47.72 -102.95 25.99
N ASN SF 81 -47.66 -104.26 26.25
CA ASN SF 81 -48.55 -104.85 27.23
C ASN SF 81 -48.20 -104.43 28.65
N ASP SF 82 -46.94 -104.07 28.90
CA ASP SF 82 -46.57 -103.51 30.19
C ASP SF 82 -47.23 -102.16 30.42
N ILE SF 83 -47.53 -101.43 29.34
CA ILE SF 83 -48.17 -100.14 29.46
C ILE SF 83 -49.68 -100.32 29.60
N GLU TF 3 -54.59 -104.81 0.98
CA GLU TF 3 -54.28 -103.89 2.07
C GLU TF 3 -53.28 -102.84 1.60
N ALA TF 4 -53.07 -101.82 2.43
CA ALA TF 4 -52.26 -100.68 2.02
C ALA TF 4 -50.81 -101.09 1.84
N LEU TF 5 -50.00 -100.14 1.40
CA LEU TF 5 -48.61 -100.40 1.06
C LEU TF 5 -47.78 -99.18 1.40
N GLY TF 6 -46.73 -99.38 2.19
CA GLY TF 6 -45.86 -98.30 2.63
C GLY TF 6 -44.43 -98.52 2.18
N LEU TF 7 -43.80 -97.46 1.69
CA LEU TF 7 -42.47 -97.53 1.12
C LEU TF 7 -41.58 -96.46 1.71
N ILE TF 8 -40.35 -96.83 2.05
CA ILE TF 8 -39.32 -95.89 2.46
C ILE TF 8 -38.07 -96.20 1.65
N GLU TF 9 -37.41 -95.15 1.18
CA GLU TF 9 -36.22 -95.30 0.36
C GLU TF 9 -35.09 -94.49 0.95
N THR TF 10 -33.94 -95.13 1.14
CA THR TF 10 -32.81 -94.54 1.82
C THR TF 10 -31.54 -94.78 1.02
N LYS TF 11 -30.50 -94.03 1.36
CA LYS TF 11 -29.16 -94.28 0.84
C LYS TF 11 -28.41 -95.18 1.81
N GLY TF 12 -28.06 -96.37 1.36
CA GLY TF 12 -27.33 -97.25 2.25
C GLY TF 12 -28.24 -98.20 2.99
N LEU TF 13 -27.65 -99.32 3.42
CA LEU TF 13 -28.44 -100.37 4.04
C LEU TF 13 -28.70 -100.12 5.52
N VAL TF 14 -27.78 -99.45 6.20
CA VAL TF 14 -27.94 -99.28 7.64
C VAL TF 14 -29.14 -98.40 7.94
N ALA TF 15 -29.31 -97.31 7.20
CA ALA TF 15 -30.47 -96.46 7.41
C ALA TF 15 -31.77 -97.19 7.11
N CYS TF 16 -31.72 -98.24 6.30
CA CYS TF 16 -32.92 -98.96 5.94
C CYS TF 16 -33.25 -100.06 6.95
N ILE TF 17 -32.26 -100.58 7.66
CA ILE TF 17 -32.58 -101.53 8.71
C ILE TF 17 -33.10 -100.82 9.94
N GLU TF 18 -32.68 -99.58 10.17
CA GLU TF 18 -33.26 -98.81 11.26
C GLU TF 18 -34.68 -98.38 10.92
N ALA TF 19 -34.94 -98.04 9.66
CA ALA TF 19 -36.31 -97.70 9.26
C ALA TF 19 -37.21 -98.91 9.34
N ALA TF 20 -36.73 -100.07 8.92
CA ALA TF 20 -37.56 -101.27 8.94
C ALA TF 20 -37.79 -101.76 10.36
N ASP TF 21 -36.84 -101.53 11.27
CA ASP TF 21 -37.03 -101.92 12.65
C ASP TF 21 -38.06 -101.03 13.33
N ALA TF 22 -37.96 -99.73 13.12
CA ALA TF 22 -38.91 -98.81 13.72
C ALA TF 22 -40.32 -99.05 13.20
N MET TF 23 -40.45 -99.34 11.91
CA MET TF 23 -41.76 -99.56 11.32
C MET TF 23 -42.44 -100.78 11.95
N CYS TF 24 -41.72 -101.88 12.08
CA CYS TF 24 -42.33 -103.09 12.60
C CYS TF 24 -42.67 -102.99 14.07
N LYS TF 25 -42.03 -102.08 14.81
CA LYS TF 25 -42.31 -101.91 16.22
C LYS TF 25 -43.53 -101.04 16.46
N ALA TF 26 -43.72 -100.03 15.62
CA ALA TF 26 -44.64 -98.94 15.91
C ALA TF 26 -46.04 -99.15 15.36
N ALA TF 27 -46.34 -100.32 14.81
CA ALA TF 27 -47.67 -100.59 14.27
C ALA TF 27 -47.75 -102.06 13.90
N ASN TF 28 -48.98 -102.53 13.69
CA ASN TF 28 -49.21 -103.92 13.33
C ASN TF 28 -49.15 -104.05 11.80
N VAL TF 29 -47.92 -104.15 11.28
CA VAL TF 29 -47.68 -104.27 9.86
C VAL TF 29 -46.82 -105.51 9.62
N GLU TF 30 -46.77 -105.91 8.36
CA GLU TF 30 -45.96 -107.05 7.93
C GLU TF 30 -44.88 -106.56 6.98
N LEU TF 31 -43.64 -106.94 7.25
CA LEU TF 31 -42.53 -106.55 6.38
C LEU TF 31 -42.44 -107.51 5.21
N ILE TF 32 -42.46 -106.96 4.00
CA ILE TF 32 -42.39 -107.77 2.79
C ILE TF 32 -40.95 -108.07 2.41
N GLY TF 33 -40.11 -107.06 2.37
CA GLY TF 33 -38.70 -107.28 2.10
C GLY TF 33 -38.03 -106.02 1.60
N TYR TF 34 -36.73 -106.15 1.37
CA TYR TF 34 -35.92 -105.09 0.81
C TYR TF 34 -35.74 -105.30 -0.68
N GLU TF 35 -35.42 -104.21 -1.38
CA GLU TF 35 -35.23 -104.29 -2.83
C GLU TF 35 -34.35 -103.11 -3.23
N ASN TF 36 -33.08 -103.37 -3.49
CA ASN TF 36 -32.15 -102.32 -3.88
C ASN TF 36 -31.98 -102.30 -5.40
N VAL TF 37 -31.62 -101.12 -5.91
CA VAL TF 37 -31.53 -100.89 -7.34
C VAL TF 37 -30.19 -100.27 -7.71
N GLY TF 38 -29.17 -100.51 -6.90
CA GLY TF 38 -27.88 -99.92 -7.16
C GLY TF 38 -27.86 -98.44 -6.85
N SER TF 39 -26.67 -97.86 -6.93
CA SER TF 39 -26.37 -96.50 -6.48
C SER TF 39 -26.58 -96.33 -4.98
N GLY TF 40 -26.70 -97.44 -4.24
CA GLY TF 40 -26.89 -97.37 -2.82
C GLY TF 40 -28.30 -97.10 -2.37
N LEU TF 41 -29.26 -97.05 -3.28
CA LEU TF 41 -30.66 -96.86 -2.91
C LEU TF 41 -31.24 -98.20 -2.49
N VAL TF 42 -31.75 -98.27 -1.27
CA VAL TF 42 -32.42 -99.45 -0.76
C VAL TF 42 -33.83 -99.04 -0.33
N THR TF 43 -34.79 -99.95 -0.50
CA THR TF 43 -36.19 -99.65 -0.27
C THR TF 43 -36.81 -100.74 0.61
N ALA TF 44 -37.58 -100.33 1.61
CA ALA TF 44 -38.32 -101.23 2.47
C ALA TF 44 -39.80 -101.14 2.15
N MET TF 45 -40.49 -102.27 2.22
CA MET TF 45 -41.91 -102.33 1.89
C MET TF 45 -42.66 -103.02 3.01
N VAL TF 46 -43.59 -102.32 3.63
CA VAL TF 46 -44.46 -102.88 4.65
C VAL TF 46 -45.87 -102.97 4.09
N LYS TF 47 -46.70 -103.77 4.75
CA LYS TF 47 -48.04 -104.04 4.25
C LYS TF 47 -48.99 -104.27 5.42
N GLY TF 48 -50.15 -103.62 5.37
CA GLY TF 48 -51.13 -103.79 6.42
C GLY TF 48 -52.30 -102.87 6.19
N ASP TF 49 -53.15 -102.75 7.21
CA ASP TF 49 -54.28 -101.84 7.12
C ASP TF 49 -53.81 -100.41 6.96
N VAL TF 50 -54.70 -99.56 6.44
CA VAL TF 50 -54.29 -98.21 6.03
C VAL TF 50 -53.85 -97.39 7.24
N GLY TF 51 -54.60 -97.49 8.34
CA GLY TF 51 -54.25 -96.70 9.52
C GLY TF 51 -52.94 -97.14 10.13
N ALA TF 52 -52.72 -98.45 10.20
CA ALA TF 52 -51.45 -98.96 10.71
C ALA TF 52 -50.30 -98.56 9.80
N VAL TF 53 -50.44 -98.84 8.51
CA VAL TF 53 -49.36 -98.56 7.57
C VAL TF 53 -49.04 -97.08 7.54
N ASN TF 54 -50.06 -96.23 7.63
CA ASN TF 54 -49.80 -94.80 7.73
C ASN TF 54 -48.88 -94.51 8.91
N ALA TF 55 -49.29 -94.94 10.10
CA ALA TF 55 -48.53 -94.69 11.32
C ALA TF 55 -47.10 -95.23 11.23
N ALA TF 56 -46.94 -96.43 10.67
CA ALA TF 56 -45.63 -97.04 10.59
C ALA TF 56 -44.68 -96.18 9.75
N VAL TF 57 -45.12 -95.73 8.59
CA VAL TF 57 -44.24 -94.98 7.70
C VAL TF 57 -43.80 -93.68 8.35
N ASP TF 58 -44.66 -93.08 9.16
CA ASP TF 58 -44.27 -91.84 9.83
C ASP TF 58 -43.15 -92.08 10.83
N SER TF 59 -43.27 -93.14 11.63
CA SER TF 59 -42.22 -93.44 12.60
C SER TF 59 -40.96 -93.94 11.92
N GLY TF 60 -41.10 -94.77 10.89
CA GLY TF 60 -39.93 -95.30 10.21
C GLY TF 60 -39.09 -94.23 9.56
N VAL TF 61 -39.73 -93.20 9.00
CA VAL TF 61 -38.97 -92.11 8.40
C VAL TF 61 -38.30 -91.28 9.47
N GLU TF 62 -38.93 -91.16 10.63
CA GLU TF 62 -38.37 -90.35 11.70
C GLU TF 62 -37.13 -90.99 12.31
N ALA TF 63 -37.11 -92.33 12.38
CA ALA TF 63 -35.93 -93.03 12.89
C ALA TF 63 -34.81 -93.05 11.87
N ALA TF 64 -35.14 -93.31 10.61
CA ALA TF 64 -34.10 -93.44 9.58
C ALA TF 64 -33.45 -92.10 9.29
N LYS TF 65 -34.25 -91.03 9.22
CA LYS TF 65 -33.70 -89.71 8.96
C LYS TF 65 -32.70 -89.28 10.01
N ARG TF 66 -32.70 -89.96 11.16
CA ARG TF 66 -31.90 -89.56 12.30
C ARG TF 66 -30.43 -89.93 12.13
N ILE TF 67 -30.16 -91.02 11.42
CA ILE TF 67 -28.79 -91.48 11.24
C ILE TF 67 -28.35 -91.46 9.78
N GLY TF 68 -29.27 -91.45 8.83
CA GLY TF 68 -28.91 -91.48 7.42
C GLY TF 68 -29.80 -90.58 6.60
N LYS TF 69 -29.98 -90.89 5.32
CA LYS TF 69 -30.73 -90.04 4.42
C LYS TF 69 -31.97 -90.80 3.94
N VAL TF 70 -33.13 -90.22 4.17
CA VAL TF 70 -34.39 -90.76 3.64
C VAL TF 70 -34.69 -90.05 2.33
N VAL TF 71 -34.69 -90.81 1.24
CA VAL TF 71 -34.84 -90.21 -0.08
C VAL TF 71 -36.31 -89.91 -0.37
N SER TF 72 -37.20 -90.85 -0.07
CA SER TF 72 -38.62 -90.65 -0.29
C SER TF 72 -39.41 -91.66 0.50
N SER TF 73 -40.66 -91.30 0.80
CA SER TF 73 -41.61 -92.18 1.45
C SER TF 73 -42.97 -92.01 0.80
N ARG TF 74 -43.82 -93.01 0.96
CA ARG TF 74 -45.09 -93.00 0.25
C ARG TF 74 -45.99 -94.10 0.82
N VAL TF 75 -47.29 -93.81 0.89
CA VAL TF 75 -48.29 -94.79 1.28
C VAL TF 75 -49.31 -94.89 0.16
N ILE TF 76 -49.54 -96.10 -0.34
CA ILE TF 76 -50.59 -96.38 -1.30
C ILE TF 76 -51.72 -97.05 -0.55
N ALA TF 77 -52.88 -96.39 -0.47
CA ALA TF 77 -53.96 -96.90 0.38
C ALA TF 77 -54.59 -98.15 -0.21
N ARG TF 78 -54.62 -98.25 -1.54
CA ARG TF 78 -55.22 -99.42 -2.21
C ARG TF 78 -54.50 -99.64 -3.51
N PRO TF 79 -53.48 -100.48 -3.53
CA PRO TF 79 -52.72 -100.70 -4.77
C PRO TF 79 -53.53 -101.53 -5.75
N HIS TF 80 -53.25 -101.30 -7.03
CA HIS TF 80 -53.82 -102.12 -8.07
C HIS TF 80 -53.29 -103.54 -7.96
N ASN TF 81 -54.08 -104.51 -8.42
CA ASN TF 81 -53.65 -105.89 -8.33
C ASN TF 81 -52.40 -106.16 -9.16
N ASP TF 82 -52.19 -105.40 -10.23
CA ASP TF 82 -50.97 -105.55 -11.02
C ASP TF 82 -49.74 -105.15 -10.21
N ILE TF 83 -49.89 -104.15 -9.35
CA ILE TF 83 -48.77 -103.71 -8.52
C ILE TF 83 -48.34 -104.80 -7.55
N GLU TF 84 -49.26 -105.68 -7.16
CA GLU TF 84 -48.86 -106.80 -6.31
C GLU TF 84 -48.36 -107.99 -7.12
N LYS TF 85 -47.51 -107.68 -8.10
CA LYS TF 85 -46.66 -108.64 -8.78
C LYS TF 85 -45.27 -108.09 -9.05
N ILE TF 86 -45.08 -106.79 -8.86
CA ILE TF 86 -43.77 -106.15 -8.94
C ILE TF 86 -43.09 -106.12 -7.58
N ALA TF 87 -43.87 -105.88 -6.53
CA ALA TF 87 -43.33 -105.93 -5.18
C ALA TF 87 -43.05 -107.38 -4.76
N GLY TF 88 -44.09 -108.19 -4.70
CA GLY TF 88 -43.94 -109.59 -4.35
C GLY TF 88 -43.66 -110.48 -5.54
N MET UF 1 -36.05 100.81 22.94
CA MET UF 1 -37.41 100.89 23.42
C MET UF 1 -37.84 102.32 23.58
N ILE UF 2 -39.15 102.55 23.71
CA ILE UF 2 -39.69 103.86 24.01
C ILE UF 2 -40.83 103.70 25.01
N LEU UF 3 -41.00 104.70 25.86
CA LEU UF 3 -42.15 104.75 26.74
C LEU UF 3 -43.37 105.17 25.94
N ALA UF 4 -44.45 104.42 26.09
CA ALA UF 4 -45.66 104.71 25.36
C ALA UF 4 -46.87 104.29 26.20
N LYS UF 5 -48.04 104.69 25.75
CA LYS UF 5 -49.28 104.41 26.45
C LYS UF 5 -50.26 103.79 25.48
N VAL UF 6 -50.91 102.70 25.90
CA VAL UF 6 -51.90 102.07 25.05
C VAL UF 6 -53.15 102.93 25.00
N THR UF 7 -53.59 103.27 23.80
CA THR UF 7 -54.71 104.18 23.61
C THR UF 7 -55.85 103.61 22.77
N GLY UF 8 -55.78 102.34 22.38
CA GLY UF 8 -56.86 101.77 21.60
C GLY UF 8 -56.46 100.40 21.09
N HIS UF 9 -57.15 99.94 20.06
CA HIS UF 9 -56.83 98.68 19.41
C HIS UF 9 -57.33 98.73 17.98
N VAL UF 10 -56.88 97.76 17.20
CA VAL UF 10 -57.20 97.69 15.77
C VAL UF 10 -57.74 96.29 15.48
N VAL UF 11 -58.86 96.23 14.76
CA VAL UF 11 -59.48 94.97 14.38
C VAL UF 11 -59.27 94.79 12.88
N ALA UF 12 -58.45 93.82 12.51
CA ALA UF 12 -58.13 93.56 11.12
C ALA UF 12 -58.43 92.09 10.82
N THR UF 13 -59.28 91.85 9.83
CA THR UF 13 -59.69 90.50 9.47
C THR UF 13 -58.85 89.91 8.35
N GLN UF 14 -58.66 90.67 7.27
CA GLN UF 14 -57.85 90.23 6.14
C GLN UF 14 -56.41 90.64 6.40
N LYS UF 15 -55.57 89.68 6.78
CA LYS UF 15 -54.19 89.99 7.12
C LYS UF 15 -53.33 88.76 6.87
N CYS UF 16 -52.02 88.95 6.99
CA CYS UF 16 -51.08 87.88 6.74
C CYS UF 16 -51.19 86.80 7.79
N ASP UF 17 -50.38 85.76 7.65
CA ASP UF 17 -50.39 84.63 8.56
C ASP UF 17 -49.41 84.77 9.71
N GLU UF 18 -48.38 85.60 9.55
CA GLU UF 18 -47.46 85.87 10.64
C GLU UF 18 -48.11 86.64 11.77
N LEU UF 19 -49.34 87.10 11.59
CA LEU UF 19 -50.04 87.91 12.58
C LEU UF 19 -51.28 87.23 13.14
N ARG UF 20 -51.51 85.96 12.82
CA ARG UF 20 -52.72 85.28 13.29
C ARG UF 20 -52.64 85.02 14.79
N GLY UF 21 -53.71 85.37 15.50
CA GLY UF 21 -53.79 85.11 16.92
C GLY UF 21 -52.92 86.01 17.76
N SER UF 22 -53.09 87.32 17.60
CA SER UF 22 -52.32 88.29 18.37
C SER UF 22 -53.11 89.57 18.44
N ASN UF 23 -52.82 90.37 19.46
CA ASN UF 23 -53.48 91.64 19.65
C ASN UF 23 -52.78 92.71 18.82
N LEU UF 24 -53.50 93.77 18.48
CA LEU UF 24 -52.92 94.89 17.75
C LEU UF 24 -53.35 96.17 18.44
N LEU UF 25 -52.44 96.75 19.22
CA LEU UF 25 -52.75 97.91 20.04
C LEU UF 25 -52.23 99.18 19.40
N LEU UF 26 -52.96 100.27 19.62
CA LEU UF 26 -52.47 101.59 19.27
C LEU UF 26 -51.59 102.10 20.40
N ILE UF 27 -50.42 102.59 20.06
CA ILE UF 27 -49.35 102.84 21.00
C ILE UF 27 -48.90 104.27 20.78
N THR UF 28 -49.16 105.16 21.74
CA THR UF 28 -48.85 106.56 21.59
C THR UF 28 -47.64 106.92 22.43
N ARG UF 29 -46.62 107.50 21.81
CA ARG UF 29 -45.43 107.91 22.53
C ARG UF 29 -45.73 109.11 23.41
N LEU UF 30 -45.29 109.05 24.65
CA LEU UF 30 -45.59 110.08 25.63
C LEU UF 30 -44.32 110.85 26.01
N ASP UF 31 -44.50 112.13 26.32
CA ASP UF 31 -43.38 113.05 26.52
C ASP UF 31 -42.84 113.02 27.94
N ASP UF 32 -41.95 113.97 28.29
CA ASP UF 32 -41.25 113.93 29.57
C ASP UF 32 -42.11 114.36 30.75
N LYS UF 33 -43.40 114.60 30.55
CA LYS UF 33 -44.33 114.79 31.64
C LYS UF 33 -45.30 113.61 31.76
N GLN UF 34 -44.98 112.49 31.13
CA GLN UF 34 -45.86 111.34 31.03
C GLN UF 34 -47.23 111.74 30.47
N GLN UF 35 -47.19 112.33 29.27
CA GLN UF 35 -48.38 112.81 28.61
C GLN UF 35 -48.26 112.50 27.13
N PRO UF 36 -49.28 111.92 26.51
CA PRO UF 36 -49.17 111.52 25.10
C PRO UF 36 -48.91 112.72 24.19
N MET UF 37 -48.19 112.46 23.10
CA MET UF 37 -47.86 113.48 22.12
C MET UF 37 -48.87 113.44 20.97
N LYS UF 38 -48.65 114.28 19.97
CA LYS UF 38 -49.52 114.39 18.82
C LYS UF 38 -48.85 113.75 17.61
N ASP UF 39 -49.61 112.95 16.86
CA ASP UF 39 -49.14 112.32 15.63
C ASP UF 39 -47.94 111.41 15.91
N GLN UF 40 -48.07 110.57 16.93
CA GLN UF 40 -46.98 109.70 17.33
C GLN UF 40 -47.49 108.31 17.66
N THR UF 41 -48.38 107.78 16.83
CA THR UF 41 -49.06 106.52 17.12
C THR UF 41 -48.57 105.43 16.18
N TRP UF 42 -48.23 104.28 16.76
CA TRP UF 42 -47.87 103.09 16.01
C TRP UF 42 -48.80 101.96 16.41
N VAL UF 43 -48.73 100.87 15.65
CA VAL UF 43 -49.51 99.67 15.94
C VAL UF 43 -48.54 98.59 16.40
N ALA UF 44 -48.78 98.05 17.58
CA ALA UF 44 -47.85 97.11 18.19
C ALA UF 44 -48.55 95.80 18.48
N VAL UF 45 -47.87 94.69 18.22
CA VAL UF 45 -48.39 93.37 18.53
C VAL UF 45 -48.14 93.11 20.01
N ASP UF 46 -49.19 93.13 20.80
CA ASP UF 46 -49.05 92.87 22.23
C ASP UF 46 -48.41 91.51 22.45
N ASN UF 47 -47.59 91.43 23.49
CA ASN UF 47 -46.87 90.20 23.78
C ASN UF 47 -46.89 89.79 25.24
N VAL UF 48 -47.25 90.68 26.18
CA VAL UF 48 -47.26 90.37 27.60
C VAL UF 48 -48.62 90.59 28.24
N GLY UF 49 -49.61 91.04 27.49
CA GLY UF 49 -50.93 91.22 28.06
C GLY UF 49 -51.20 92.60 28.59
N ALA UF 50 -51.02 93.61 27.75
CA ALA UF 50 -51.31 94.99 28.12
C ALA UF 50 -52.70 95.38 27.61
N GLY UF 51 -53.34 96.28 28.34
CA GLY UF 51 -54.66 96.75 27.97
C GLY UF 51 -54.72 98.26 27.90
N MET UF 52 -55.91 98.82 27.94
CA MET UF 52 -56.04 100.27 27.77
C MET UF 52 -55.43 101.01 28.94
N HIS UF 53 -54.92 102.21 28.66
CA HIS UF 53 -54.42 103.17 29.64
C HIS UF 53 -53.14 102.75 30.31
N ASP UF 54 -52.53 101.63 29.92
CA ASP UF 54 -51.35 101.11 30.58
C ASP UF 54 -50.10 101.67 29.93
N ILE UF 55 -49.13 102.07 30.74
CA ILE UF 55 -47.85 102.55 30.22
C ILE UF 55 -46.96 101.36 29.94
N VAL UF 56 -46.55 101.21 28.69
CA VAL UF 56 -45.81 100.03 28.26
C VAL UF 56 -44.48 100.43 27.66
N LEU UF 57 -43.71 99.46 27.22
CA LEU UF 57 -42.35 99.65 26.73
C LEU UF 57 -42.28 99.00 25.35
N ALA UF 58 -42.54 99.78 24.31
CA ALA UF 58 -42.67 99.25 22.96
C ALA UF 58 -41.31 99.17 22.29
N GLU UF 59 -41.01 98.01 21.72
CA GLU UF 59 -39.72 97.75 21.10
C GLU UF 59 -39.84 97.80 19.59
N GLU UF 60 -38.73 98.14 18.93
CA GLU UF 60 -38.70 98.29 17.49
C GLU UF 60 -38.54 96.93 16.82
N TYR UF 61 -38.11 96.95 15.55
CA TYR UF 61 -38.39 95.90 14.58
C TYR UF 61 -38.36 94.48 15.11
N PHE UF 62 -37.22 93.99 15.59
CA PHE UF 62 -37.03 92.56 15.76
C PHE UF 62 -37.38 92.14 17.18
N ALA UF 63 -38.50 91.43 17.31
CA ALA UF 63 -38.86 90.78 18.57
C ALA UF 63 -39.49 89.41 18.35
N LEU UF 64 -39.30 88.81 17.17
CA LEU UF 64 -39.79 87.47 16.83
C LEU UF 64 -41.31 87.39 16.98
N ASN UF 65 -42.01 88.17 16.17
CA ASN UF 65 -43.46 88.22 16.22
C ASN UF 65 -44.09 88.32 14.84
N TYR UF 69 -39.14 87.24 11.34
CA TYR UF 69 -40.20 87.91 12.07
C TYR UF 69 -39.70 89.22 12.66
N LYS UF 70 -40.30 90.33 12.25
CA LYS UF 70 -39.81 91.64 12.67
C LYS UF 70 -40.94 92.61 13.04
N ALA UF 71 -42.01 92.14 13.67
CA ALA UF 71 -43.10 93.04 14.03
C ALA UF 71 -42.75 93.81 15.30
N MET UF 72 -43.24 95.05 15.35
CA MET UF 72 -43.03 95.94 16.49
C MET UF 72 -43.97 95.48 17.61
N SER UF 73 -43.39 95.05 18.72
CA SER UF 73 -44.18 94.47 19.80
C SER UF 73 -43.94 95.19 21.11
N VAL UF 74 -44.80 94.91 22.08
CA VAL UF 74 -44.67 95.40 23.44
C VAL UF 74 -43.96 94.34 24.25
N VAL UF 75 -42.96 94.75 25.03
CA VAL UF 75 -42.10 93.79 25.71
C VAL UF 75 -42.07 93.97 27.21
N ALA UF 76 -42.76 94.97 27.76
CA ALA UF 76 -42.72 95.18 29.20
C ALA UF 76 -43.84 96.12 29.60
N ILE UF 77 -44.42 95.86 30.76
CA ILE UF 77 -45.39 96.76 31.39
C ILE UF 77 -44.69 97.47 32.53
N VAL UF 78 -44.75 98.78 32.54
CA VAL UF 78 -43.90 99.60 33.39
C VAL UF 78 -44.62 99.92 34.69
N GLU UF 79 -43.95 99.67 35.81
CA GLU UF 79 -44.47 99.98 37.13
C GLU UF 79 -44.15 101.40 37.55
N LYS UF 80 -42.86 101.76 37.58
CA LYS UF 80 -42.39 103.05 38.04
C LYS UF 80 -41.43 103.65 37.03
N VAL UF 81 -41.56 104.95 36.81
CA VAL UF 81 -40.63 105.71 35.96
C VAL UF 81 -40.04 106.79 36.85
N PHE UF 82 -38.87 106.51 37.43
CA PHE UF 82 -38.17 107.50 38.23
C PHE UF 82 -37.34 108.38 37.30
N ARG UF 83 -37.56 109.68 37.37
CA ARG UF 83 -36.96 110.60 36.39
C ARG UF 83 -36.68 111.92 37.08
N ASP UF 84 -35.39 112.26 37.20
CA ASP UF 84 -35.01 113.59 37.69
C ASP UF 84 -33.54 113.85 37.36
N GLU VF 3 -96.27 65.40 19.31
CA GLU VF 3 -95.19 65.50 18.35
C GLU VF 3 -94.04 64.59 18.76
N ALA VF 4 -93.11 64.35 17.84
CA ALA VF 4 -92.00 63.44 18.09
C ALA VF 4 -90.99 64.10 19.02
N LEU VF 5 -89.88 63.42 19.24
CA LEU VF 5 -88.87 63.90 20.19
C LEU VF 5 -87.50 63.43 19.73
N GLY VF 6 -86.53 64.33 19.70
CA GLY VF 6 -85.20 64.02 19.23
C GLY VF 6 -84.16 64.39 20.25
N LEU VF 7 -83.12 63.56 20.35
CA LEU VF 7 -82.13 63.67 21.42
C LEU VF 7 -80.74 63.45 20.87
N ILE VF 8 -79.82 64.34 21.23
CA ILE VF 8 -78.40 64.16 20.95
C ILE VF 8 -77.64 64.33 22.26
N GLU VF 9 -76.62 63.52 22.46
CA GLU VF 9 -75.79 63.58 23.66
C GLU VF 9 -74.34 63.67 23.27
N THR VF 10 -73.63 64.65 23.82
CA THR VF 10 -72.25 64.91 23.46
C THR VF 10 -71.41 65.07 24.72
N LYS VF 11 -70.10 64.97 24.54
CA LYS VF 11 -69.14 65.28 25.59
C LYS VF 11 -68.69 66.72 25.44
N GLY VF 12 -69.00 67.54 26.43
CA GLY VF 12 -68.63 68.94 26.36
C GLY VF 12 -69.79 69.81 25.94
N LEU VF 13 -69.74 71.07 26.33
CA LEU VF 13 -70.85 71.97 26.03
C LEU VF 13 -70.75 72.56 24.63
N VAL VF 14 -69.52 72.78 24.14
CA VAL VF 14 -69.37 73.40 22.83
C VAL VF 14 -69.95 72.51 21.75
N ALA VF 15 -69.63 71.22 21.78
CA ALA VF 15 -70.14 70.32 20.75
C ALA VF 15 -71.65 70.25 20.77
N CYS VF 16 -72.28 70.55 21.91
CA CYS VF 16 -73.73 70.46 21.99
C CYS VF 16 -74.41 71.70 21.45
N ILE VF 17 -73.80 72.88 21.64
CA ILE VF 17 -74.38 74.10 21.11
C ILE VF 17 -74.28 74.13 19.59
N GLU VF 18 -73.18 73.59 19.06
CA GLU VF 18 -73.08 73.43 17.62
C GLU VF 18 -74.18 72.49 17.11
N ALA VF 19 -74.38 71.37 17.80
CA ALA VF 19 -75.41 70.42 17.38
C ALA VF 19 -76.80 71.03 17.48
N ALA VF 20 -77.08 71.77 18.54
CA ALA VF 20 -78.41 72.34 18.71
C ALA VF 20 -78.67 73.48 17.73
N ASP VF 21 -77.62 74.11 17.22
CA ASP VF 21 -77.82 75.14 16.21
C ASP VF 21 -78.09 74.52 14.85
N ALA VF 22 -77.35 73.47 14.50
CA ALA VF 22 -77.60 72.80 13.23
C ALA VF 22 -78.99 72.20 13.19
N MET VF 23 -79.45 71.61 14.30
CA MET VF 23 -80.79 71.04 14.34
C MET VF 23 -81.85 72.11 14.07
N CYS VF 24 -81.71 73.27 14.71
CA CYS VF 24 -82.75 74.28 14.59
C CYS VF 24 -82.78 74.90 13.19
N LYS VF 25 -81.65 74.88 12.48
CA LYS VF 25 -81.62 75.46 11.14
C LYS VF 25 -82.10 74.47 10.08
N ALA VF 26 -81.87 73.18 10.29
CA ALA VF 26 -82.04 72.18 9.24
C ALA VF 26 -83.48 71.74 9.05
N ALA VF 27 -84.40 72.07 9.95
CA ALA VF 27 -85.79 71.66 9.78
C ALA VF 27 -86.64 72.45 10.76
N ASN VF 28 -87.96 72.29 10.62
CA ASN VF 28 -88.91 73.02 11.45
C ASN VF 28 -89.12 72.26 12.76
N VAL VF 29 -88.19 72.47 13.69
CA VAL VF 29 -88.25 71.86 15.01
C VAL VF 29 -88.00 72.95 16.04
N GLU VF 30 -88.49 72.72 17.25
CA GLU VF 30 -88.36 73.67 18.35
C GLU VF 30 -87.47 73.09 19.43
N LEU VF 31 -86.60 73.92 20.00
CA LEU VF 31 -85.64 73.47 20.98
C LEU VF 31 -86.27 73.48 22.37
N ILE VF 32 -86.26 72.33 23.03
CA ILE VF 32 -86.88 72.23 24.35
C ILE VF 32 -85.93 72.75 25.42
N GLY VF 33 -84.72 72.23 25.49
CA GLY VF 33 -83.75 72.73 26.43
C GLY VF 33 -82.55 71.83 26.49
N TYR VF 34 -81.60 72.22 27.34
CA TYR VF 34 -80.41 71.45 27.64
C TYR VF 34 -80.56 70.78 29.00
N GLU VF 35 -79.76 69.73 29.21
CA GLU VF 35 -79.76 69.04 30.50
C GLU VF 35 -78.45 68.25 30.59
N ASN VF 36 -77.54 68.70 31.45
CA ASN VF 36 -76.32 67.95 31.69
C ASN VF 36 -76.44 67.13 32.96
N VAL VF 37 -76.00 65.88 32.87
CA VAL VF 37 -76.09 64.95 33.99
C VAL VF 37 -74.66 64.54 34.32
N GLY VF 38 -74.03 65.30 35.19
CA GLY VF 38 -72.72 64.88 35.67
C GLY VF 38 -71.64 64.97 34.62
N SER VF 39 -70.89 63.89 34.49
CA SER VF 39 -69.54 63.97 33.92
C SER VF 39 -69.54 64.32 32.44
N GLY VF 40 -69.35 65.60 32.16
CA GLY VF 40 -69.18 66.12 30.82
C GLY VF 40 -70.15 65.60 29.78
N LEU VF 41 -71.41 65.44 30.14
CA LEU VF 41 -72.44 64.94 29.21
C LEU VF 41 -73.57 65.93 29.18
N VAL VF 42 -73.76 66.58 28.04
CA VAL VF 42 -74.86 67.51 27.82
C VAL VF 42 -75.76 66.94 26.75
N THR VF 43 -77.07 67.17 26.88
CA THR VF 43 -78.06 66.63 25.99
C THR VF 43 -79.02 67.73 25.54
N ALA VF 44 -79.29 67.80 24.26
CA ALA VF 44 -80.26 68.74 23.70
C ALA VF 44 -81.49 67.97 23.22
N MET VF 45 -82.66 68.57 23.40
CA MET VF 45 -83.93 67.92 23.05
C MET VF 45 -84.71 68.84 22.14
N VAL VF 46 -85.19 68.30 21.02
CA VAL VF 46 -86.01 69.03 20.07
C VAL VF 46 -87.31 68.27 19.87
N LYS VF 47 -88.33 69.00 19.43
CA LYS VF 47 -89.65 68.41 19.20
C LYS VF 47 -90.26 68.97 17.93
N GLY VF 48 -91.03 68.13 17.25
CA GLY VF 48 -91.65 68.50 16.00
C GLY VF 48 -92.29 67.29 15.36
N ASP VF 49 -92.61 67.42 14.08
CA ASP VF 49 -93.18 66.29 13.37
C ASP VF 49 -92.11 65.22 13.12
N VAL VF 50 -92.56 64.01 12.80
CA VAL VF 50 -91.66 62.87 12.73
C VAL VF 50 -90.70 63.00 11.56
N GLY VF 51 -91.18 63.51 10.44
CA GLY VF 51 -90.29 63.68 9.29
C GLY VF 51 -89.32 64.82 9.49
N ALA VF 52 -89.76 65.89 10.16
CA ALA VF 52 -88.86 66.99 10.46
C ALA VF 52 -87.82 66.58 11.50
N VAL VF 53 -88.26 65.99 12.60
CA VAL VF 53 -87.36 65.66 13.70
C VAL VF 53 -86.32 64.66 13.24
N ASN VF 54 -86.71 63.73 12.38
CA ASN VF 54 -85.75 62.76 11.85
C ASN VF 54 -84.69 63.46 11.00
N ALA VF 55 -85.08 64.55 10.35
CA ALA VF 55 -84.15 65.27 9.48
C ALA VF 55 -83.27 66.22 10.28
N ALA VF 56 -83.74 66.65 11.45
CA ALA VF 56 -82.93 67.53 12.28
C ALA VF 56 -81.84 66.76 13.01
N VAL VF 57 -82.16 65.54 13.45
CA VAL VF 57 -81.21 64.79 14.27
C VAL VF 57 -80.03 64.32 13.45
N ASP VF 58 -80.26 63.85 12.22
CA ASP VF 58 -79.13 63.36 11.43
C ASP VF 58 -78.24 64.50 10.98
N SER VF 59 -78.77 65.72 10.91
CA SER VF 59 -77.95 66.87 10.58
C SER VF 59 -77.17 67.36 11.78
N GLY VF 60 -77.82 67.42 12.94
CA GLY VF 60 -77.14 67.84 14.16
C GLY VF 60 -76.05 66.88 14.59
N VAL VF 61 -76.25 65.59 14.38
CA VAL VF 61 -75.19 64.63 14.67
C VAL VF 61 -74.02 64.84 13.74
N GLU VF 62 -74.30 65.22 12.50
CA GLU VF 62 -73.24 65.42 11.51
C GLU VF 62 -72.35 66.60 11.88
N ALA VF 63 -72.93 67.64 12.48
CA ALA VF 63 -72.18 68.83 12.82
C ALA VF 63 -71.36 68.64 14.09
N ALA VF 64 -71.98 68.09 15.14
CA ALA VF 64 -71.26 67.92 16.39
C ALA VF 64 -70.17 66.87 16.28
N LYS VF 65 -70.38 65.85 15.44
CA LYS VF 65 -69.35 64.86 15.18
C LYS VF 65 -68.09 65.47 14.57
N ARG VF 66 -68.22 66.67 14.01
CA ARG VF 66 -67.10 67.31 13.34
C ARG VF 66 -66.07 67.82 14.34
N ILE VF 67 -66.53 68.38 15.45
CA ILE VF 67 -65.65 69.04 16.40
C ILE VF 67 -65.63 68.38 17.77
N GLY VF 68 -66.49 67.41 18.03
CA GLY VF 68 -66.52 66.77 19.32
C GLY VF 68 -66.95 65.32 19.24
N LYS VF 69 -67.37 64.76 20.36
CA LYS VF 69 -67.82 63.38 20.42
C LYS VF 69 -69.34 63.37 20.58
N VAL VF 70 -70.03 62.73 19.65
CA VAL VF 70 -71.45 62.45 19.79
C VAL VF 70 -71.58 61.07 20.41
N VAL VF 71 -72.18 61.03 21.60
CA VAL VF 71 -72.28 59.77 22.33
C VAL VF 71 -73.49 58.96 21.88
N SER VF 72 -74.65 59.59 21.74
CA SER VF 72 -75.85 58.88 21.37
C SER VF 72 -76.83 59.83 20.69
N SER VF 73 -77.69 59.27 19.85
CA SER VF 73 -78.80 59.99 19.26
C SER VF 73 -79.99 59.05 19.16
N ARG VF 74 -81.18 59.63 19.15
CA ARG VF 74 -82.38 58.81 19.20
C ARG VF 74 -83.59 59.66 18.88
N VAL VF 75 -84.52 59.11 18.10
CA VAL VF 75 -85.79 59.75 17.82
C VAL VF 75 -86.89 58.87 18.37
N ILE VF 76 -87.83 59.48 19.09
CA ILE VF 76 -88.99 58.79 19.64
C ILE VF 76 -90.21 59.29 18.89
N ALA VF 77 -90.85 58.39 18.14
CA ALA VF 77 -91.88 58.83 17.20
C ALA VF 77 -93.15 59.25 17.90
N ARG VF 78 -93.50 58.58 19.01
CA ARG VF 78 -94.64 58.98 19.82
C ARG VF 78 -94.26 58.81 21.29
N PRO VF 79 -93.83 59.88 21.94
CA PRO VF 79 -93.48 59.76 23.36
C PRO VF 79 -94.73 59.58 24.20
N HIS VF 80 -94.61 58.74 25.21
CA HIS VF 80 -95.75 58.47 26.09
C HIS VF 80 -96.10 59.71 26.89
N ASN VF 81 -97.41 59.87 27.14
CA ASN VF 81 -97.90 61.09 27.77
C ASN VF 81 -97.23 61.33 29.11
N ASP VF 82 -96.94 60.27 29.85
CA ASP VF 82 -96.30 60.41 31.15
C ASP VF 82 -94.95 61.10 31.03
N ILE VF 83 -94.21 60.78 29.97
CA ILE VF 83 -92.88 61.34 29.78
C ILE VF 83 -92.98 62.75 29.22
N GLU WF 3 -76.22 89.20 17.45
CA GLU WF 3 -74.77 89.35 17.35
C GLU WF 3 -74.12 87.99 17.46
N ALA WF 4 -72.89 87.90 16.96
CA ALA WF 4 -72.20 86.62 16.88
C ALA WF 4 -71.92 86.09 18.29
N LEU WF 5 -71.34 84.90 18.34
CA LEU WF 5 -71.16 84.21 19.61
C LEU WF 5 -69.94 83.32 19.52
N GLY WF 6 -69.05 83.41 20.49
CA GLY WF 6 -67.82 82.64 20.48
C GLY WF 6 -67.66 81.84 21.76
N LEU WF 7 -67.09 80.65 21.62
CA LEU WF 7 -66.92 79.74 22.74
C LEU WF 7 -65.52 79.19 22.76
N ILE WF 8 -64.94 79.09 23.96
CA ILE WF 8 -63.69 78.38 24.19
C ILE WF 8 -63.93 77.43 25.35
N GLU WF 9 -63.48 76.19 25.20
CA GLU WF 9 -63.63 75.18 26.24
C GLU WF 9 -62.26 74.71 26.68
N THR WF 10 -62.02 74.76 27.98
CA THR WF 10 -60.72 74.46 28.55
C THR WF 10 -60.87 73.50 29.71
N LYS WF 11 -59.79 72.78 29.99
CA LYS WF 11 -59.73 71.87 31.13
C LYS WF 11 -59.14 72.61 32.31
N GLY WF 12 -59.96 72.92 33.30
CA GLY WF 12 -59.52 73.68 34.44
C GLY WF 12 -59.93 75.13 34.36
N LEU WF 13 -60.11 75.75 35.52
CA LEU WF 13 -60.59 77.12 35.56
C LEU WF 13 -59.49 78.13 35.27
N VAL WF 14 -58.25 77.84 35.64
CA VAL WF 14 -57.18 78.81 35.45
C VAL WF 14 -56.98 79.09 33.97
N ALA WF 15 -56.89 78.05 33.15
CA ALA WF 15 -56.73 78.24 31.72
C ALA WF 15 -57.90 79.00 31.11
N CYS WF 16 -59.06 78.98 31.76
CA CYS WF 16 -60.22 79.69 31.21
C CYS WF 16 -60.18 81.18 31.55
N ILE WF 17 -59.57 81.56 32.66
CA ILE WF 17 -59.47 82.98 32.98
C ILE WF 17 -58.38 83.64 32.15
N GLU WF 18 -57.32 82.90 31.81
CA GLU WF 18 -56.36 83.43 30.86
C GLU WF 18 -56.98 83.57 29.48
N ALA WF 19 -57.79 82.59 29.06
CA ALA WF 19 -58.48 82.70 27.78
C ALA WF 19 -59.43 83.89 27.76
N ALA WF 20 -60.19 84.08 28.84
CA ALA WF 20 -61.15 85.17 28.85
C ALA WF 20 -60.50 86.53 28.97
N ASP WF 21 -59.29 86.57 29.53
CA ASP WF 21 -58.58 87.85 29.62
C ASP WF 21 -58.03 88.25 28.26
N ALA WF 22 -57.50 87.30 27.50
CA ALA WF 22 -57.00 87.59 26.17
C ALA WF 22 -58.14 87.97 25.23
N MET WF 23 -59.30 87.32 25.38
CA MET WF 23 -60.44 87.64 24.54
C MET WF 23 -60.90 89.07 24.77
N CYS WF 24 -61.02 89.48 26.04
CA CYS WF 24 -61.60 90.78 26.34
C CYS WF 24 -60.67 91.93 26.00
N LYS WF 25 -59.37 91.68 25.89
CA LYS WF 25 -58.43 92.71 25.51
C LYS WF 25 -58.25 92.82 24.01
N ALA WF 26 -58.59 91.77 23.26
CA ALA WF 26 -58.28 91.70 21.85
C ALA WF 26 -59.26 92.47 20.99
N ALA WF 27 -60.49 92.65 21.45
CA ALA WF 27 -61.50 93.35 20.65
C ALA WF 27 -62.58 93.85 21.59
N ASN WF 28 -63.61 94.45 21.00
CA ASN WF 28 -64.69 95.06 21.76
C ASN WF 28 -65.85 94.09 21.85
N VAL WF 29 -65.69 93.09 22.71
CA VAL WF 29 -66.71 92.08 22.96
C VAL WF 29 -67.07 92.15 24.43
N GLU WF 30 -68.34 91.82 24.73
CA GLU WF 30 -68.80 91.74 26.10
C GLU WF 30 -68.82 90.28 26.54
N LEU WF 31 -68.24 90.01 27.69
CA LEU WF 31 -68.13 88.65 28.19
C LEU WF 31 -69.39 88.27 28.94
N ILE WF 32 -69.98 87.12 28.60
CA ILE WF 32 -71.27 86.72 29.16
C ILE WF 32 -71.10 85.99 30.48
N GLY WF 33 -70.29 84.94 30.51
CA GLY WF 33 -70.04 84.24 31.75
C GLY WF 33 -69.58 82.83 31.51
N TYR WF 34 -69.11 82.23 32.60
CA TYR WF 34 -68.58 80.87 32.58
C TYR WF 34 -69.70 79.86 32.76
N GLU WF 35 -69.38 78.60 32.47
CA GLU WF 35 -70.33 77.51 32.67
C GLU WF 35 -69.55 76.21 32.68
N ASN WF 36 -69.46 75.55 33.84
CA ASN WF 36 -68.80 74.26 33.91
C ASN WF 36 -69.82 73.13 33.91
N VAL WF 37 -69.50 72.07 33.20
CA VAL WF 37 -70.38 70.93 33.03
C VAL WF 37 -69.84 69.69 33.72
N GLY WF 38 -68.80 69.83 34.51
CA GLY WF 38 -68.21 68.70 35.19
C GLY WF 38 -67.11 68.05 34.37
N SER WF 39 -66.35 67.20 35.04
CA SER WF 39 -65.17 66.55 34.49
C SER WF 39 -64.02 67.52 34.24
N GLY WF 40 -64.09 68.72 34.83
CA GLY WF 40 -63.05 69.70 34.69
C GLY WF 40 -63.18 70.61 33.49
N LEU WF 41 -64.28 70.54 32.75
CA LEU WF 41 -64.46 71.33 31.55
C LEU WF 41 -65.16 72.63 31.90
N VAL WF 42 -64.52 73.76 31.60
CA VAL WF 42 -65.08 75.08 31.81
C VAL WF 42 -65.13 75.80 30.47
N THR WF 43 -66.20 76.56 30.24
CA THR WF 43 -66.43 77.21 28.97
C THR WF 43 -66.69 78.70 29.20
N ALA WF 44 -66.04 79.54 28.41
CA ALA WF 44 -66.26 80.98 28.42
C ALA WF 44 -66.99 81.39 27.14
N MET WF 45 -67.90 82.34 27.26
CA MET WF 45 -68.76 82.73 26.16
C MET WF 45 -68.74 84.25 26.02
N VAL WF 46 -68.41 84.73 24.82
CA VAL WF 46 -68.42 86.16 24.52
C VAL WF 46 -69.42 86.41 23.41
N LYS WF 47 -69.76 87.68 23.21
CA LYS WF 47 -70.69 88.03 22.15
C LYS WF 47 -70.41 89.44 21.66
N GLY WF 48 -70.59 89.64 20.37
CA GLY WF 48 -70.31 90.91 19.74
C GLY WF 48 -70.40 90.76 18.24
N ASP WF 49 -69.92 91.78 17.54
CA ASP WF 49 -69.91 91.70 16.08
C ASP WF 49 -68.97 90.60 15.62
N VAL WF 50 -69.23 90.09 14.41
CA VAL WF 50 -68.57 88.87 13.96
C VAL WF 50 -67.11 89.09 13.59
N GLY WF 51 -66.72 90.32 13.24
CA GLY WF 51 -65.31 90.61 13.05
C GLY WF 51 -64.57 90.70 14.36
N ALA WF 52 -65.22 91.25 15.38
CA ALA WF 52 -64.60 91.32 16.70
C ALA WF 52 -64.56 89.95 17.36
N VAL WF 53 -65.68 89.23 17.32
CA VAL WF 53 -65.76 87.94 17.99
C VAL WF 53 -64.78 86.96 17.38
N ASN WF 54 -64.63 87.00 16.05
CA ASN WF 54 -63.61 86.18 15.41
C ASN WF 54 -62.25 86.49 16.04
N ALA WF 55 -61.80 87.74 15.92
CA ALA WF 55 -60.48 88.12 16.41
C ALA WF 55 -60.27 87.71 17.86
N ALA WF 56 -61.29 87.83 18.69
CA ALA WF 56 -61.14 87.52 20.11
C ALA WF 56 -60.89 86.03 20.33
N VAL WF 57 -61.64 85.18 19.63
CA VAL WF 57 -61.53 83.74 19.88
C VAL WF 57 -60.18 83.22 19.39
N ASP WF 58 -59.67 83.75 18.27
CA ASP WF 58 -58.35 83.32 17.82
C ASP WF 58 -57.28 83.70 18.83
N SER WF 59 -57.42 84.86 19.47
CA SER WF 59 -56.43 85.31 20.43
C SER WF 59 -56.56 84.54 21.73
N GLY WF 60 -57.79 84.33 22.21
CA GLY WF 60 -57.97 83.59 23.44
C GLY WF 60 -57.52 82.16 23.35
N VAL WF 61 -57.62 81.54 22.17
CA VAL WF 61 -57.19 80.16 22.02
C VAL WF 61 -55.68 80.06 22.14
N GLU WF 62 -54.96 80.99 21.55
CA GLU WF 62 -53.49 80.91 21.58
C GLU WF 62 -52.93 81.18 22.96
N ALA WF 63 -53.57 82.05 23.74
CA ALA WF 63 -53.09 82.35 25.08
C ALA WF 63 -53.37 81.21 26.05
N ALA WF 64 -54.59 80.67 26.03
CA ALA WF 64 -54.91 79.53 26.89
C ALA WF 64 -54.14 78.28 26.49
N LYS WF 65 -53.87 78.12 25.19
CA LYS WF 65 -53.07 76.99 24.74
C LYS WF 65 -51.68 77.00 25.37
N ARG WF 66 -51.19 78.19 25.72
CA ARG WF 66 -49.83 78.32 26.21
C ARG WF 66 -49.66 77.73 27.60
N ILE WF 67 -50.70 77.81 28.44
CA ILE WF 67 -50.59 77.46 29.85
C ILE WF 67 -51.55 76.35 30.26
N GLY WF 68 -52.32 75.80 29.34
CA GLY WF 68 -53.24 74.75 29.67
C GLY WF 68 -53.64 73.99 28.44
N LYS WF 69 -54.73 73.25 28.57
CA LYS WF 69 -55.27 72.48 27.46
C LYS WF 69 -56.55 73.16 26.97
N VAL WF 70 -56.58 73.49 25.69
CA VAL WF 70 -57.79 73.98 25.05
C VAL WF 70 -58.47 72.80 24.38
N VAL WF 71 -59.70 72.52 24.78
CA VAL WF 71 -60.42 71.36 24.26
C VAL WF 71 -61.10 71.67 22.95
N SER WF 72 -61.72 72.84 22.83
CA SER WF 72 -62.53 73.14 21.66
C SER WF 72 -62.77 74.64 21.61
N SER WF 73 -63.00 75.14 20.40
CA SER WF 73 -63.35 76.54 20.19
C SER WF 73 -64.29 76.63 19.00
N ARG WF 74 -65.05 77.71 18.94
CA ARG WF 74 -66.11 77.80 17.94
C ARG WF 74 -66.63 79.21 17.87
N VAL WF 75 -66.92 79.68 16.67
CA VAL WF 75 -67.61 80.94 16.44
C VAL WF 75 -68.91 80.64 15.71
N ILE WF 76 -70.01 81.20 16.20
CA ILE WF 76 -71.32 81.06 15.59
C ILE WF 76 -71.71 82.43 15.07
N ALA WF 77 -71.74 82.59 13.75
CA ALA WF 77 -71.89 83.92 13.17
C ALA WF 77 -73.31 84.44 13.31
N ARG WF 78 -74.30 83.66 12.90
CA ARG WF 78 -75.70 84.02 13.08
C ARG WF 78 -76.36 82.97 13.96
N PRO WF 79 -76.40 83.17 15.28
CA PRO WF 79 -77.03 82.18 16.14
C PRO WF 79 -78.54 82.28 16.05
N HIS WF 80 -79.19 81.13 16.15
CA HIS WF 80 -80.64 81.08 16.07
C HIS WF 80 -81.27 81.72 17.30
N ASN WF 81 -82.49 82.25 17.13
CA ASN WF 81 -83.14 82.97 18.22
C ASN WF 81 -83.56 82.03 19.34
N ASP WF 82 -83.79 80.75 19.03
CA ASP WF 82 -84.07 79.77 20.07
C ASP WF 82 -82.85 79.53 20.94
N ILE WF 83 -81.66 79.75 20.40
CA ILE WF 83 -80.43 79.58 21.15
C ILE WF 83 -80.14 80.83 21.97
N GLU XF 3 -68.90 96.04 -0.64
CA GLU XF 3 -68.73 95.01 0.37
C GLU XF 3 -67.97 93.83 -0.20
N ALA XF 4 -67.59 92.89 0.66
CA ALA XF 4 -66.74 91.79 0.25
C ALA XF 4 -67.47 90.87 -0.71
N LEU XF 5 -66.74 89.90 -1.22
CA LEU XF 5 -67.26 89.00 -2.25
C LEU XF 5 -66.68 87.61 -2.05
N GLY XF 6 -67.53 86.60 -1.96
CA GLY XF 6 -67.11 85.23 -1.74
C GLY XF 6 -67.56 84.34 -2.87
N LEU XF 7 -66.67 83.46 -3.31
CA LEU XF 7 -66.90 82.59 -4.45
C LEU XF 7 -66.59 81.15 -4.11
N ILE XF 8 -67.46 80.24 -4.51
CA ILE XF 8 -67.21 78.81 -4.44
C ILE XF 8 -67.48 78.22 -5.82
N GLU XF 9 -66.64 77.29 -6.25
CA GLU XF 9 -66.76 76.68 -7.56
C GLU XF 9 -66.74 75.17 -7.43
N THR XF 10 -67.75 74.52 -7.98
CA THR XF 10 -67.95 73.09 -7.83
C THR XF 10 -68.18 72.45 -9.19
N LYS XF 11 -68.04 71.13 -9.23
CA LYS XF 11 -68.45 70.33 -10.38
C LYS XF 11 -69.89 69.88 -10.18
N GLY XF 12 -70.77 70.32 -11.05
CA GLY XF 12 -72.16 69.92 -10.97
C GLY XF 12 -73.00 70.90 -10.16
N LEU XF 13 -74.31 70.84 -10.38
CA LEU XF 13 -75.21 71.80 -9.77
C LEU XF 13 -75.61 71.40 -8.36
N VAL XF 14 -75.67 70.12 -8.06
CA VAL XF 14 -76.15 69.69 -6.76
C VAL XF 14 -75.19 70.14 -5.66
N ALA XF 15 -73.88 69.94 -5.87
CA ALA XF 15 -72.91 70.38 -4.88
C ALA XF 15 -72.92 71.88 -4.71
N CYS XF 16 -73.42 72.62 -5.69
CA CYS XF 16 -73.44 74.07 -5.59
C CYS XF 16 -74.70 74.57 -4.89
N ILE XF 17 -75.81 73.82 -4.97
CA ILE XF 17 -76.98 74.22 -4.21
C ILE XF 17 -76.79 73.90 -2.74
N GLU XF 18 -76.01 72.86 -2.42
CA GLU XF 18 -75.71 72.61 -1.01
C GLU XF 18 -74.75 73.65 -0.47
N ALA XF 19 -73.77 74.07 -1.27
CA ALA XF 19 -72.88 75.15 -0.84
C ALA XF 19 -73.63 76.45 -0.67
N ALA XF 20 -74.55 76.76 -1.58
CA ALA XF 20 -75.28 78.02 -1.48
C ALA XF 20 -76.25 78.02 -0.32
N ASP XF 21 -76.79 76.84 0.01
CA ASP XF 21 -77.70 76.76 1.15
C ASP XF 21 -76.96 76.90 2.46
N ALA XF 22 -75.79 76.27 2.58
CA ALA XF 22 -75.03 76.37 3.81
C ALA XF 22 -74.51 77.78 4.02
N MET XF 23 -74.09 78.45 2.95
CA MET XF 23 -73.57 79.80 3.07
C MET XF 23 -74.63 80.76 3.58
N CYS XF 24 -75.85 80.68 3.04
CA CYS XF 24 -76.89 81.62 3.42
C CYS XF 24 -77.40 81.37 4.82
N LYS XF 25 -77.20 80.17 5.37
CA LYS XF 25 -77.65 79.88 6.73
C LYS XF 25 -76.63 80.34 7.76
N ALA XF 26 -75.34 80.29 7.44
CA ALA XF 26 -74.28 80.40 8.42
C ALA XF 26 -73.75 81.81 8.59
N ALA XF 27 -74.36 82.82 7.98
CA ALA XF 27 -73.91 84.19 8.13
C ALA XF 27 -74.92 85.10 7.46
N ASN XF 28 -74.79 86.40 7.75
CA ASN XF 28 -75.70 87.40 7.18
C ASN XF 28 -75.11 87.89 5.86
N VAL XF 29 -75.33 87.10 4.82
CA VAL XF 29 -74.85 87.41 3.48
C VAL XF 29 -76.02 87.40 2.52
N GLU XF 30 -75.79 87.96 1.34
CA GLU XF 30 -76.79 88.01 0.28
C GLU XF 30 -76.29 87.18 -0.90
N LEU XF 31 -77.15 86.31 -1.42
CA LEU XF 31 -76.78 85.50 -2.57
C LEU XF 31 -77.05 86.27 -3.84
N ILE XF 32 -76.02 86.38 -4.68
CA ILE XF 32 -76.15 87.12 -5.94
C ILE XF 32 -76.68 86.22 -7.05
N GLY XF 33 -76.11 85.05 -7.21
CA GLY XF 33 -76.63 84.11 -8.18
C GLY XF 33 -75.58 83.09 -8.58
N TYR XF 34 -75.98 82.21 -9.47
CA TYR XF 34 -75.13 81.18 -10.04
C TYR XF 34 -74.65 81.62 -11.41
N GLU XF 35 -73.54 81.04 -11.85
CA GLU XF 35 -72.98 81.36 -13.15
C GLU XF 35 -72.10 80.19 -13.59
N ASN XF 36 -72.61 79.39 -14.50
CA ASN XF 36 -71.87 78.24 -15.00
C ASN XF 36 -71.19 78.56 -16.33
N VAL XF 37 -70.11 77.86 -16.61
CA VAL XF 37 -69.29 78.13 -17.79
C VAL XF 37 -69.04 76.86 -18.58
N GLY XF 38 -69.95 75.89 -18.47
CA GLY XF 38 -69.77 74.63 -19.16
C GLY XF 38 -68.74 73.76 -18.48
N SER XF 39 -68.60 72.54 -18.99
CA SER XF 39 -67.81 71.48 -18.40
C SER XF 39 -68.28 71.10 -17.00
N GLY XF 40 -69.48 71.50 -16.62
CA GLY XF 40 -70.01 71.16 -15.32
C GLY XF 40 -69.56 72.05 -14.19
N LEU XF 41 -68.77 73.08 -14.46
CA LEU XF 41 -68.34 74.00 -13.43
C LEU XF 41 -69.45 75.01 -13.17
N VAL XF 42 -69.89 75.10 -11.92
CA VAL XF 42 -70.89 76.06 -11.50
C VAL XF 42 -70.32 76.85 -10.34
N THR XF 43 -70.63 78.14 -10.27
CA THR XF 43 -70.05 79.03 -9.30
C THR XF 43 -71.15 79.80 -8.58
N ALA XF 44 -71.04 79.88 -7.26
CA ALA XF 44 -71.95 80.65 -6.41
C ALA XF 44 -71.25 81.90 -5.92
N MET XF 45 -71.98 83.01 -5.85
CA MET XF 45 -71.42 84.29 -5.43
C MET XF 45 -72.27 84.87 -4.32
N VAL XF 46 -71.65 85.10 -3.16
CA VAL XF 46 -72.31 85.76 -2.04
C VAL XF 46 -71.66 87.12 -1.84
N LYS XF 47 -72.35 87.97 -1.09
CA LYS XF 47 -71.92 89.35 -0.92
C LYS XF 47 -72.34 89.86 0.45
N GLY XF 48 -71.41 90.42 1.19
CA GLY XF 48 -71.72 90.96 2.50
C GLY XF 48 -70.49 91.55 3.13
N ASP XF 49 -70.60 91.84 4.43
CA ASP XF 49 -69.44 92.35 5.17
C ASP XF 49 -68.33 91.30 5.19
N VAL XF 50 -67.10 91.76 5.43
CA VAL XF 50 -65.95 90.89 5.27
C VAL XF 50 -65.97 89.74 6.27
N GLY XF 51 -66.29 90.04 7.53
CA GLY XF 51 -66.30 89.00 8.53
C GLY XF 51 -67.38 87.96 8.27
N ALA XF 52 -68.56 88.42 7.86
CA ALA XF 52 -69.64 87.50 7.51
C ALA XF 52 -69.27 86.67 6.29
N VAL XF 53 -68.84 87.33 5.22
CA VAL XF 53 -68.52 86.62 3.99
C VAL XF 53 -67.40 85.62 4.22
N ASN XF 54 -66.43 85.98 5.06
CA ASN XF 54 -65.39 85.02 5.40
C ASN XF 54 -66.00 83.76 6.00
N ALA XF 55 -66.79 83.92 7.06
CA ALA XF 55 -67.40 82.79 7.75
C ALA XF 55 -68.28 81.96 6.81
N ALA XF 56 -69.02 82.62 5.93
CA ALA XF 56 -69.92 81.91 5.03
C ALA XF 56 -69.14 80.97 4.12
N VAL XF 57 -68.06 81.46 3.53
CA VAL XF 57 -67.33 80.65 2.56
C VAL XF 57 -66.71 79.43 3.23
N ASP XF 58 -66.25 79.58 4.48
CA ASP XF 58 -65.71 78.42 5.18
C ASP XF 58 -66.76 77.35 5.39
N SER XF 59 -67.97 77.75 5.78
CA SER XF 59 -69.03 76.79 6.01
C SER XF 59 -69.53 76.19 4.71
N GLY XF 60 -69.66 77.02 3.66
CA GLY XF 60 -70.18 76.52 2.40
C GLY XF 60 -69.26 75.52 1.74
N VAL XF 61 -67.95 75.71 1.85
CA VAL XF 61 -67.02 74.74 1.28
C VAL XF 61 -67.08 73.45 2.07
N GLU XF 62 -67.31 73.54 3.37
CA GLU XF 62 -67.32 72.36 4.21
C GLU XF 62 -68.54 71.48 3.90
N ALA XF 63 -69.68 72.09 3.62
CA ALA XF 63 -70.87 71.32 3.27
C ALA XF 63 -70.78 70.76 1.86
N ALA XF 64 -70.30 71.55 0.91
CA ALA XF 64 -70.26 71.11 -0.48
C ALA XF 64 -69.23 70.01 -0.68
N LYS XF 65 -68.06 70.15 -0.06
CA LYS XF 65 -67.02 69.12 -0.18
C LYS XF 65 -67.52 67.77 0.32
N ARG XF 66 -68.59 67.76 1.10
CA ARG XF 66 -69.06 66.55 1.75
C ARG XF 66 -69.76 65.61 0.78
N ILE XF 67 -70.40 66.16 -0.26
CA ILE XF 67 -71.14 65.36 -1.22
C ILE XF 67 -70.59 65.44 -2.63
N GLY XF 68 -69.81 66.46 -2.97
CA GLY XF 68 -69.31 66.61 -4.31
C GLY XF 68 -67.89 67.14 -4.30
N LYS XF 69 -67.49 67.84 -5.34
CA LYS XF 69 -66.12 68.34 -5.47
C LYS XF 69 -66.14 69.86 -5.48
N VAL XF 70 -65.39 70.45 -4.55
CA VAL XF 70 -65.19 71.89 -4.50
C VAL XF 70 -63.90 72.21 -5.24
N VAL XF 71 -64.01 72.90 -6.36
CA VAL XF 71 -62.85 73.15 -7.19
C VAL XF 71 -62.00 74.27 -6.61
N SER XF 72 -62.62 75.37 -6.22
CA SER XF 72 -61.87 76.49 -5.65
C SER XF 72 -62.81 77.39 -4.87
N SER XF 73 -62.23 78.13 -3.92
CA SER XF 73 -62.95 79.11 -3.14
C SER XF 73 -62.06 80.33 -2.95
N ARG XF 74 -62.68 81.47 -2.67
CA ARG XF 74 -61.92 82.72 -2.62
C ARG XF 74 -62.79 83.80 -2.02
N VAL XF 75 -62.17 84.70 -1.24
CA VAL XF 75 -62.83 85.88 -0.71
C VAL XF 75 -62.05 87.11 -1.16
N ILE XF 76 -62.75 88.06 -1.78
CA ILE XF 76 -62.18 89.35 -2.13
C ILE XF 76 -62.72 90.37 -1.13
N ALA XF 77 -61.85 90.91 -0.31
CA ALA XF 77 -62.31 91.77 0.78
C ALA XF 77 -62.86 93.08 0.27
N ARG XF 78 -62.29 93.61 -0.81
CA ARG XF 78 -62.74 94.88 -1.38
C ARG XF 78 -62.53 94.82 -2.88
N PRO XF 79 -63.56 94.44 -3.63
CA PRO XF 79 -63.40 94.33 -5.08
C PRO XF 79 -63.37 95.70 -5.74
N HIS XF 80 -62.69 95.76 -6.88
CA HIS XF 80 -62.70 96.95 -7.69
C HIS XF 80 -64.10 97.20 -8.24
N ASN XF 81 -64.41 98.47 -8.50
CA ASN XF 81 -65.74 98.78 -9.02
C ASN XF 81 -65.96 98.14 -10.39
N ASP XF 82 -64.90 97.97 -11.17
CA ASP XF 82 -65.05 97.31 -12.47
C ASP XF 82 -65.50 95.87 -12.30
N ILE XF 83 -65.02 95.19 -11.26
CA ILE XF 83 -65.41 93.82 -11.02
C ILE XF 83 -66.90 93.71 -10.73
N GLU XF 84 -67.52 94.76 -10.19
CA GLU XF 84 -68.97 94.73 -9.99
C GLU XF 84 -69.71 95.17 -11.23
N LYS XF 85 -69.29 94.64 -12.37
CA LYS XF 85 -70.04 94.65 -13.62
C LYS XF 85 -69.92 93.34 -14.37
N ILE XF 86 -69.00 92.47 -13.95
CA ILE XF 86 -68.87 91.13 -14.48
C ILE XF 86 -69.73 90.15 -13.69
N ALA XF 87 -69.74 90.30 -12.37
CA ALA XF 87 -70.61 89.45 -11.54
C ALA XF 87 -72.07 89.83 -11.74
N GLY XF 88 -72.42 91.06 -11.39
CA GLY XF 88 -73.78 91.53 -11.57
C GLY XF 88 -74.03 92.13 -12.93
N MET YF 1 -97.24 22.16 -45.14
CA MET YF 1 -98.05 21.00 -45.51
C MET YF 1 -99.30 21.44 -46.24
N ILE YF 2 -99.95 20.49 -46.90
CA ILE YF 2 -101.24 20.72 -47.53
C ILE YF 2 -102.13 19.52 -47.30
N LEU YF 3 -103.43 19.76 -47.19
CA LEU YF 3 -104.38 18.67 -47.15
C LEU YF 3 -104.58 18.11 -48.55
N ALA YF 4 -104.49 16.78 -48.66
CA ALA YF 4 -104.62 16.14 -49.96
C ALA YF 4 -105.23 14.77 -49.77
N LYS YF 5 -105.62 14.15 -50.87
CA LYS YF 5 -106.26 12.86 -50.87
C LYS YF 5 -105.53 11.94 -51.82
N VAL YF 6 -105.23 10.72 -51.37
CA VAL YF 6 -104.56 9.77 -52.24
C VAL YF 6 -105.55 9.27 -53.29
N THR YF 7 -105.16 9.37 -54.56
CA THR YF 7 -106.05 9.03 -55.66
C THR YF 7 -105.48 7.99 -56.61
N GLY YF 8 -104.32 7.42 -56.33
CA GLY YF 8 -103.76 6.42 -57.20
C GLY YF 8 -102.35 6.07 -56.79
N HIS YF 9 -101.61 5.49 -57.72
CA HIS YF 9 -100.20 5.19 -57.49
C HIS YF 9 -99.49 5.13 -58.83
N VAL YF 10 -98.16 5.12 -58.77
CA VAL YF 10 -97.31 5.14 -59.95
C VAL YF 10 -96.32 3.99 -59.84
N VAL YF 11 -96.19 3.22 -60.91
CA VAL YF 11 -95.25 2.10 -60.97
C VAL YF 11 -94.12 2.50 -61.90
N ALA YF 12 -92.93 2.69 -61.34
CA ALA YF 12 -91.76 3.11 -62.10
C ALA YF 12 -90.64 2.12 -61.84
N THR YF 13 -90.11 1.52 -62.90
CA THR YF 13 -89.07 0.52 -62.79
C THR YF 13 -87.67 1.10 -62.95
N GLN YF 14 -87.46 1.93 -63.96
CA GLN YF 14 -86.18 2.58 -64.21
C GLN YF 14 -86.17 3.89 -63.45
N LYS YF 15 -85.47 3.93 -62.33
CA LYS YF 15 -85.45 5.13 -61.51
C LYS YF 15 -84.15 5.17 -60.71
N CYS YF 16 -83.94 6.30 -60.04
CA CYS YF 16 -82.72 6.51 -59.29
C CYS YF 16 -82.66 5.57 -58.09
N ASP YF 17 -81.58 5.68 -57.34
CA ASP YF 17 -81.36 4.82 -56.18
C ASP YF 17 -81.87 5.43 -54.89
N GLU YF 18 -82.02 6.75 -54.83
CA GLU YF 18 -82.60 7.39 -53.67
C GLU YF 18 -84.07 7.05 -53.49
N LEU YF 19 -84.68 6.38 -54.46
CA LEU YF 19 -86.09 6.05 -54.43
C LEU YF 19 -86.37 4.56 -54.36
N ARG YF 20 -85.35 3.73 -54.17
CA ARG YF 20 -85.55 2.28 -54.14
C ARG YF 20 -86.30 1.87 -52.88
N GLY YF 21 -87.34 1.06 -53.05
CA GLY YF 21 -88.08 0.53 -51.92
C GLY YF 21 -88.96 1.54 -51.24
N SER YF 22 -89.84 2.19 -52.01
CA SER YF 22 -90.76 3.16 -51.46
C SER YF 22 -91.97 3.24 -52.38
N ASN YF 23 -93.08 3.70 -51.81
CA ASN YF 23 -94.31 3.83 -52.56
C ASN YF 23 -94.31 5.18 -53.26
N LEU YF 24 -95.07 5.28 -54.36
CA LEU YF 24 -95.22 6.53 -55.08
C LEU YF 24 -96.70 6.76 -55.34
N LEU YF 25 -97.31 7.64 -54.55
CA LEU YF 25 -98.74 7.86 -54.59
C LEU YF 25 -99.07 9.13 -55.36
N LEU YF 26 -100.21 9.12 -56.04
CA LEU YF 26 -100.76 10.32 -56.62
C LEU YF 26 -101.55 11.06 -55.55
N ILE YF 27 -101.30 12.35 -55.41
CA ILE YF 27 -101.73 13.14 -54.27
C ILE YF 27 -102.45 14.35 -54.83
N THR YF 28 -103.76 14.41 -54.63
CA THR YF 28 -104.56 15.50 -55.18
C THR YF 28 -104.96 16.47 -54.09
N ARG YF 29 -104.64 17.74 -54.29
CA ARG YF 29 -105.01 18.76 -53.33
C ARG YF 29 -106.51 19.00 -53.34
N LEU YF 30 -107.11 19.04 -52.16
CA LEU YF 30 -108.55 19.18 -52.04
C LEU YF 30 -108.92 20.53 -51.44
N ASP YF 31 -110.08 21.04 -51.84
CA ASP YF 31 -110.49 22.40 -51.52
C ASP YF 31 -111.19 22.50 -50.18
N ASP YF 32 -111.81 23.66 -49.88
CA ASP YF 32 -112.37 23.92 -48.55
C ASP YF 32 -113.68 23.20 -48.30
N LYS YF 33 -114.14 22.36 -49.21
CA LYS YF 33 -115.27 21.48 -48.96
C LYS YF 33 -114.83 20.02 -48.86
N GLN YF 34 -113.53 19.79 -48.69
CA GLN YF 34 -112.94 18.46 -48.71
C GLN YF 34 -113.31 17.72 -49.99
N GLN YF 35 -112.96 18.35 -51.13
CA GLN YF 35 -113.26 17.82 -52.43
C GLN YF 35 -112.06 18.07 -53.33
N PRO YF 36 -111.59 17.06 -54.07
CA PRO YF 36 -110.39 17.25 -54.89
C PRO YF 36 -110.58 18.33 -55.96
N MET YF 37 -109.47 19.00 -56.28
CA MET YF 37 -109.46 20.04 -57.27
C MET YF 37 -109.03 19.48 -58.62
N LYS YF 38 -108.92 20.36 -59.62
CA LYS YF 38 -108.55 19.98 -60.97
C LYS YF 38 -107.11 20.42 -61.24
N ASP YF 39 -106.33 19.53 -61.85
CA ASP YF 39 -104.95 19.83 -62.24
C ASP YF 39 -104.10 20.20 -61.03
N GLN YF 40 -104.20 19.41 -59.98
CA GLN YF 40 -103.48 19.69 -58.74
C GLN YF 40 -102.88 18.42 -58.16
N THR YF 41 -102.27 17.60 -59.00
CA THR YF 41 -101.78 16.30 -58.60
C THR YF 41 -100.25 16.28 -58.57
N TRP YF 42 -99.70 15.78 -57.47
CA TRP YF 42 -98.28 15.56 -57.33
C TRP YF 42 -98.02 14.09 -57.03
N VAL YF 43 -96.77 13.70 -57.08
CA VAL YF 43 -96.35 12.35 -56.74
C VAL YF 43 -95.56 12.41 -55.44
N ALA YF 44 -96.00 11.66 -54.45
CA ALA YF 44 -95.42 11.73 -53.12
C ALA YF 44 -94.91 10.36 -52.70
N VAL YF 45 -93.75 10.35 -52.06
CA VAL YF 45 -93.18 9.12 -51.53
C VAL YF 45 -93.85 8.84 -50.19
N ASP YF 46 -94.70 7.83 -50.15
CA ASP YF 46 -95.37 7.49 -48.91
C ASP YF 46 -94.35 7.19 -47.82
N ASN YF 47 -94.69 7.56 -46.59
CA ASN YF 47 -93.78 7.39 -45.47
C ASN YF 47 -94.42 6.81 -44.23
N VAL YF 48 -95.74 6.82 -44.10
CA VAL YF 48 -96.43 6.32 -42.92
C VAL YF 48 -97.43 5.22 -43.23
N GLY YF 49 -97.59 4.85 -44.50
CA GLY YF 49 -98.50 3.77 -44.82
C GLY YF 49 -99.90 4.22 -45.16
N ALA YF 50 -100.02 5.11 -46.13
CA ALA YF 50 -101.32 5.56 -46.60
C ALA YF 50 -101.72 4.80 -47.85
N GLY YF 51 -103.03 4.64 -48.04
CA GLY YF 51 -103.54 3.92 -49.19
C GLY YF 51 -104.59 4.75 -49.91
N MET YF 52 -105.40 4.10 -50.75
CA MET YF 52 -106.34 4.85 -51.56
C MET YF 52 -107.42 5.50 -50.70
N HIS YF 53 -107.91 6.64 -51.17
CA HIS YF 53 -109.05 7.36 -50.60
C HIS YF 53 -108.76 7.99 -49.26
N ASP YF 54 -107.54 7.93 -48.75
CA ASP YF 54 -107.20 8.44 -47.44
C ASP YF 54 -106.79 9.89 -47.53
N ILE YF 55 -107.26 10.71 -46.60
CA ILE YF 55 -106.87 12.11 -46.53
C ILE YF 55 -105.57 12.22 -45.77
N VAL YF 56 -104.54 12.74 -46.43
CA VAL YF 56 -103.20 12.75 -45.86
C VAL YF 56 -102.68 14.17 -45.79
N LEU YF 57 -101.45 14.34 -45.31
CA LEU YF 57 -100.85 15.64 -45.06
C LEU YF 57 -99.49 15.63 -45.77
N ALA YF 58 -99.47 16.10 -47.00
CA ALA YF 58 -98.28 15.99 -47.85
C ALA YF 58 -97.36 17.18 -47.61
N GLU YF 59 -96.09 16.90 -47.38
CA GLU YF 59 -95.11 17.92 -47.07
C GLU YF 59 -94.21 18.18 -48.27
N GLU YF 60 -93.70 19.40 -48.34
CA GLU YF 60 -92.88 19.84 -49.46
C GLU YF 60 -91.45 19.36 -49.29
N TYR YF 61 -90.52 19.98 -50.03
CA TYR YF 61 -89.25 19.39 -50.43
C TYR YF 61 -88.58 18.49 -49.40
N PHE YF 62 -88.17 19.02 -48.26
CA PHE YF 62 -87.20 18.33 -47.42
C PHE YF 62 -87.91 17.49 -46.36
N ALA YF 63 -87.86 16.17 -46.53
CA ALA YF 63 -88.31 15.24 -45.50
C ALA YF 63 -87.40 14.02 -45.39
N LEU YF 64 -86.18 14.10 -45.92
CA LEU YF 64 -85.19 13.03 -45.83
C LEU YF 64 -85.72 11.74 -46.47
N ASN YF 65 -85.96 11.80 -47.77
CA ASN YF 65 -86.51 10.66 -48.49
C ASN YF 65 -85.91 10.52 -49.88
N TYR YF 69 -81.34 14.63 -49.47
CA TYR YF 69 -82.62 14.00 -49.78
C TYR YF 69 -83.76 15.01 -49.63
N LYS YF 70 -84.47 15.25 -50.74
CA LYS YF 70 -85.50 16.28 -50.74
C LYS YF 70 -86.78 15.84 -51.46
N ALA YF 71 -87.19 14.59 -51.34
CA ALA YF 71 -88.40 14.15 -52.01
C ALA YF 71 -89.64 14.58 -51.24
N MET YF 72 -90.70 14.87 -51.97
CA MET YF 72 -91.98 15.28 -51.40
C MET YF 72 -92.67 14.04 -50.86
N SER YF 73 -92.88 14.00 -49.54
CA SER YF 73 -93.41 12.81 -48.91
C SER YF 73 -94.67 13.12 -48.12
N VAL YF 74 -95.36 12.06 -47.72
CA VAL YF 74 -96.52 12.12 -46.86
C VAL YF 74 -96.06 11.91 -45.43
N VAL YF 75 -96.51 12.77 -44.51
CA VAL YF 75 -95.99 12.77 -43.15
C VAL YF 75 -97.06 12.56 -42.10
N ALA YF 76 -98.32 12.44 -42.48
CA ALA YF 76 -99.38 12.29 -41.48
C ALA YF 76 -100.65 11.84 -42.16
N ILE YF 77 -101.39 10.96 -41.49
CA ILE YF 77 -102.73 10.56 -41.91
C ILE YF 77 -103.73 11.26 -41.00
N VAL YF 78 -104.68 11.95 -41.61
CA VAL YF 78 -105.52 12.89 -40.88
C VAL YF 78 -106.79 12.21 -40.43
N GLU YF 79 -107.12 12.36 -39.14
CA GLU YF 79 -108.34 11.81 -38.56
C GLU YF 79 -109.51 12.80 -38.70
N LYS YF 80 -109.35 14.01 -38.17
CA LYS YF 80 -110.40 15.00 -38.15
C LYS YF 80 -109.89 16.33 -38.66
N VAL YF 81 -110.70 17.01 -39.45
CA VAL YF 81 -110.40 18.36 -39.93
C VAL YF 81 -111.54 19.25 -39.44
N PHE YF 82 -111.32 19.89 -38.29
CA PHE YF 82 -112.30 20.83 -37.77
C PHE YF 82 -112.07 22.19 -38.41
N ARG YF 83 -113.10 22.74 -39.04
CA ARG YF 83 -112.94 23.94 -39.85
C ARG YF 83 -114.22 24.76 -39.76
N ASP YF 84 -114.13 25.94 -39.15
CA ASP YF 84 -115.23 26.89 -39.18
C ASP YF 84 -114.75 28.29 -38.80
N GLU ZF 3 -89.05 -44.91 -62.98
CA GLU ZF 3 -88.16 -43.78 -63.17
C GLU ZF 3 -87.41 -43.47 -61.88
N ALA ZF 4 -86.35 -42.67 -61.99
CA ALA ZF 4 -85.53 -42.35 -60.83
C ALA ZF 4 -86.26 -41.38 -59.92
N LEU ZF 5 -85.55 -40.92 -58.90
CA LEU ZF 5 -86.15 -40.05 -57.89
C LEU ZF 5 -85.10 -39.11 -57.34
N GLY ZF 6 -85.41 -37.83 -57.28
CA GLY ZF 6 -84.47 -36.83 -56.80
C GLY ZF 6 -85.04 -36.02 -55.67
N LEU ZF 7 -84.19 -35.69 -54.71
CA LEU ZF 7 -84.63 -35.07 -53.47
C LEU ZF 7 -83.68 -33.95 -53.08
N ILE ZF 8 -84.25 -32.79 -52.73
CA ILE ZF 8 -83.50 -31.69 -52.15
C ILE ZF 8 -84.22 -31.28 -50.88
N GLU ZF 9 -83.44 -30.94 -49.85
CA GLU ZF 9 -83.99 -30.50 -48.57
C GLU ZF 9 -83.35 -29.19 -48.18
N THR ZF 10 -84.17 -28.21 -47.81
CA THR ZF 10 -83.69 -26.87 -47.50
C THR ZF 10 -84.33 -26.38 -46.21
N LYS ZF 11 -83.74 -25.34 -45.64
CA LYS ZF 11 -84.33 -24.65 -44.51
C LYS ZF 11 -85.13 -23.45 -45.03
N GLY ZF 12 -86.42 -23.45 -44.76
CA GLY ZF 12 -87.25 -22.37 -45.23
C GLY ZF 12 -87.94 -22.71 -46.53
N LEU ZF 13 -89.09 -22.08 -46.78
CA LEU ZF 13 -89.86 -22.40 -47.96
C LEU ZF 13 -89.36 -21.68 -49.20
N VAL ZF 14 -88.82 -20.48 -49.04
CA VAL ZF 14 -88.38 -19.72 -50.21
C VAL ZF 14 -87.26 -20.44 -50.92
N ALA ZF 15 -86.25 -20.88 -50.17
CA ALA ZF 15 -85.12 -21.57 -50.80
C ALA ZF 15 -85.57 -22.83 -51.51
N CYS ZF 16 -86.70 -23.40 -51.11
CA CYS ZF 16 -87.16 -24.64 -51.74
C CYS ZF 16 -87.90 -24.36 -53.04
N ILE ZF 17 -88.65 -23.26 -53.11
CA ILE ZF 17 -89.36 -22.94 -54.35
C ILE ZF 17 -88.37 -22.50 -55.42
N GLU ZF 18 -87.31 -21.82 -55.04
CA GLU ZF 18 -86.24 -21.53 -55.98
C GLU ZF 18 -85.61 -22.81 -56.51
N ALA ZF 19 -85.34 -23.76 -55.61
CA ALA ZF 19 -84.74 -25.03 -56.03
C ALA ZF 19 -85.67 -25.81 -56.95
N ALA ZF 20 -86.96 -25.86 -56.63
CA ALA ZF 20 -87.88 -26.65 -57.43
C ALA ZF 20 -88.15 -26.00 -58.78
N ASP ZF 21 -87.94 -24.70 -58.90
CA ASP ZF 21 -88.08 -24.05 -60.19
C ASP ZF 21 -86.86 -24.31 -61.07
N ALA ZF 22 -85.67 -24.24 -60.49
CA ALA ZF 22 -84.46 -24.52 -61.25
C ALA ZF 22 -84.44 -25.97 -61.73
N MET ZF 23 -84.89 -26.90 -60.89
CA MET ZF 23 -84.94 -28.30 -61.31
C MET ZF 23 -85.85 -28.49 -62.50
N CYS ZF 24 -87.04 -27.89 -62.46
CA CYS ZF 24 -88.00 -28.12 -63.54
C CYS ZF 24 -87.54 -27.50 -64.84
N LYS ZF 25 -86.76 -26.42 -64.78
CA LYS ZF 25 -86.29 -25.78 -66.00
C LYS ZF 25 -85.08 -26.48 -66.60
N ALA ZF 26 -84.23 -27.06 -65.76
CA ALA ZF 26 -82.92 -27.53 -66.19
C ALA ZF 26 -82.94 -28.88 -66.87
N ALA ZF 27 -84.02 -29.64 -66.80
CA ALA ZF 27 -84.07 -30.95 -67.43
C ALA ZF 27 -85.50 -31.41 -67.52
N ASN ZF 28 -85.72 -32.52 -68.22
CA ASN ZF 28 -87.06 -33.05 -68.42
C ASN ZF 28 -87.43 -33.95 -67.24
N VAL ZF 29 -87.81 -33.29 -66.14
CA VAL ZF 29 -88.27 -33.97 -64.95
C VAL ZF 29 -89.59 -33.35 -64.54
N GLU ZF 30 -90.42 -34.12 -63.84
CA GLU ZF 30 -91.71 -33.65 -63.38
C GLU ZF 30 -91.71 -33.56 -61.86
N LEU ZF 31 -92.41 -32.58 -61.33
CA LEU ZF 31 -92.40 -32.30 -59.90
C LEU ZF 31 -93.48 -33.12 -59.21
N ILE ZF 32 -93.09 -33.88 -58.19
CA ILE ZF 32 -94.04 -34.72 -57.47
C ILE ZF 32 -94.79 -33.90 -56.44
N GLY ZF 33 -94.09 -33.21 -55.56
CA GLY ZF 33 -94.74 -32.37 -54.57
C GLY ZF 33 -93.75 -31.93 -53.52
N TYR ZF 34 -94.26 -31.12 -52.60
CA TYR ZF 34 -93.53 -30.67 -51.43
C TYR ZF 34 -93.97 -31.46 -50.21
N GLU ZF 35 -93.11 -31.46 -49.19
CA GLU ZF 35 -93.44 -32.13 -47.94
C GLU ZF 35 -92.54 -31.56 -46.85
N ASN ZF 36 -93.10 -30.77 -45.94
CA ASN ZF 36 -92.34 -30.24 -44.82
C ASN ZF 36 -92.59 -31.08 -43.57
N VAL ZF 37 -91.52 -31.38 -42.85
CA VAL ZF 37 -91.59 -32.22 -41.66
C VAL ZF 37 -91.06 -31.39 -40.50
N GLY ZF 38 -91.96 -30.67 -39.84
CA GLY ZF 38 -91.55 -29.97 -38.65
C GLY ZF 38 -90.61 -28.81 -38.93
N SER ZF 39 -89.52 -28.75 -38.17
CA SER ZF 39 -88.82 -27.49 -37.95
C SER ZF 39 -88.13 -26.98 -39.20
N GLY ZF 40 -88.80 -26.07 -39.90
CA GLY ZF 40 -88.25 -25.37 -41.05
C GLY ZF 40 -87.53 -26.21 -42.06
N LEU ZF 41 -88.05 -27.39 -42.36
CA LEU ZF 41 -87.43 -28.29 -43.34
C LEU ZF 41 -88.46 -28.65 -44.39
N VAL ZF 42 -88.27 -28.15 -45.60
CA VAL ZF 42 -89.14 -28.47 -46.73
C VAL ZF 42 -88.33 -29.28 -47.73
N THR ZF 43 -88.99 -30.22 -48.39
CA THR ZF 43 -88.34 -31.13 -49.32
C THR ZF 43 -89.15 -31.18 -50.61
N ALA ZF 44 -88.47 -31.05 -51.74
CA ALA ZF 44 -89.09 -31.18 -53.05
C ALA ZF 44 -88.64 -32.48 -53.71
N MET ZF 45 -89.55 -33.13 -54.41
CA MET ZF 45 -89.27 -34.42 -55.04
C MET ZF 45 -89.58 -34.35 -56.53
N VAL ZF 46 -88.64 -34.79 -57.35
CA VAL ZF 46 -88.82 -34.84 -58.79
C VAL ZF 46 -88.55 -36.26 -59.26
N LYS ZF 47 -89.08 -36.60 -60.43
CA LYS ZF 47 -88.82 -37.92 -60.98
C LYS ZF 47 -88.71 -37.86 -62.49
N GLY ZF 48 -87.93 -38.78 -63.03
CA GLY ZF 48 -87.63 -38.80 -64.45
C GLY ZF 48 -86.54 -39.81 -64.71
N ASP ZF 49 -85.96 -39.75 -65.91
CA ASP ZF 49 -84.89 -40.66 -66.23
C ASP ZF 49 -83.65 -40.35 -65.40
N VAL ZF 50 -82.73 -41.31 -65.34
CA VAL ZF 50 -81.61 -41.21 -64.42
C VAL ZF 50 -80.65 -40.11 -64.84
N GLY ZF 51 -80.42 -39.97 -66.14
CA GLY ZF 51 -79.55 -38.90 -66.61
C GLY ZF 51 -80.17 -37.53 -66.46
N ALA ZF 52 -81.49 -37.45 -66.66
CA ALA ZF 52 -82.19 -36.19 -66.47
C ALA ZF 52 -82.25 -35.81 -65.01
N VAL ZF 53 -82.67 -36.74 -64.16
CA VAL ZF 53 -82.83 -36.45 -62.74
C VAL ZF 53 -81.50 -36.07 -62.11
N ASN ZF 54 -80.42 -36.71 -62.54
CA ASN ZF 54 -79.11 -36.37 -62.04
C ASN ZF 54 -78.72 -34.94 -62.43
N ALA ZF 55 -79.18 -34.50 -63.60
CA ALA ZF 55 -78.85 -33.17 -64.08
C ALA ZF 55 -79.74 -32.11 -63.44
N ALA ZF 56 -80.95 -32.49 -63.03
CA ALA ZF 56 -81.83 -31.53 -62.40
C ALA ZF 56 -81.41 -31.25 -60.96
N VAL ZF 57 -80.88 -32.25 -60.27
CA VAL ZF 57 -80.60 -32.09 -58.85
C VAL ZF 57 -79.39 -31.19 -58.64
N ASP ZF 58 -78.35 -31.34 -59.44
CA ASP ZF 58 -77.16 -30.54 -59.21
C ASP ZF 58 -77.37 -29.09 -59.63
N SER ZF 59 -78.32 -28.84 -60.53
CA SER ZF 59 -78.69 -27.46 -60.83
C SER ZF 59 -79.57 -26.87 -59.75
N GLY ZF 60 -80.52 -27.65 -59.25
CA GLY ZF 60 -81.39 -27.18 -58.19
C GLY ZF 60 -80.66 -26.94 -56.89
N VAL ZF 61 -79.63 -27.71 -56.60
CA VAL ZF 61 -78.83 -27.47 -55.41
C VAL ZF 61 -78.03 -26.19 -55.58
N GLU ZF 62 -77.59 -25.92 -56.80
CA GLU ZF 62 -76.78 -24.74 -57.07
C GLU ZF 62 -77.57 -23.46 -56.86
N ALA ZF 63 -78.86 -23.49 -57.19
CA ALA ZF 63 -79.69 -22.30 -57.08
C ALA ZF 63 -80.12 -22.03 -55.65
N ALA ZF 64 -80.58 -23.06 -54.95
CA ALA ZF 64 -81.03 -22.87 -53.57
C ALA ZF 64 -79.87 -22.56 -52.64
N LYS ZF 65 -78.69 -23.10 -52.92
CA LYS ZF 65 -77.50 -22.77 -52.15
C LYS ZF 65 -77.16 -21.28 -52.23
N ARG ZF 66 -77.70 -20.59 -53.22
CA ARG ZF 66 -77.37 -19.18 -53.44
C ARG ZF 66 -78.03 -18.30 -52.39
N ILE ZF 67 -79.28 -18.58 -52.06
CA ILE ZF 67 -80.07 -17.72 -51.19
C ILE ZF 67 -80.44 -18.37 -49.87
N GLY ZF 68 -80.20 -19.67 -49.70
CA GLY ZF 68 -80.57 -20.33 -48.46
C GLY ZF 68 -79.62 -21.44 -48.10
N LYS ZF 69 -80.08 -22.35 -47.25
CA LYS ZF 69 -79.28 -23.50 -46.83
C LYS ZF 69 -79.86 -24.75 -47.47
N VAL ZF 70 -79.04 -25.44 -48.25
CA VAL ZF 70 -79.39 -26.77 -48.73
C VAL ZF 70 -78.85 -27.77 -47.73
N VAL ZF 71 -79.74 -28.57 -47.16
CA VAL ZF 71 -79.35 -29.51 -46.11
C VAL ZF 71 -78.87 -30.83 -46.69
N SER ZF 72 -79.59 -31.38 -47.67
CA SER ZF 72 -79.23 -32.66 -48.24
C SER ZF 72 -79.80 -32.77 -49.64
N SER ZF 73 -79.13 -33.57 -50.46
CA SER ZF 73 -79.62 -33.91 -51.79
C SER ZF 73 -79.28 -35.37 -52.07
N ARG ZF 74 -80.07 -35.99 -52.92
CA ARG ZF 74 -79.89 -37.42 -53.14
C ARG ZF 74 -80.68 -37.86 -54.36
N VAL ZF 75 -80.10 -38.74 -55.15
CA VAL ZF 75 -80.76 -39.35 -56.31
C VAL ZF 75 -80.84 -40.85 -56.06
N ILE ZF 76 -82.02 -41.42 -56.28
CA ILE ZF 76 -82.24 -42.85 -56.16
C ILE ZF 76 -82.50 -43.38 -57.56
N ALA ZF 77 -81.60 -44.24 -58.05
CA ALA ZF 77 -81.63 -44.62 -59.46
C ALA ZF 77 -82.79 -45.56 -59.76
N ARG ZF 78 -83.12 -46.45 -58.83
CA ARG ZF 78 -84.30 -47.32 -58.97
C ARG ZF 78 -84.97 -47.42 -57.62
N PRO ZF 79 -85.99 -46.61 -57.37
CA PRO ZF 79 -86.71 -46.70 -56.09
C PRO ZF 79 -87.50 -47.99 -56.04
N HIS ZF 80 -87.51 -48.60 -54.85
CA HIS ZF 80 -88.24 -49.85 -54.68
C HIS ZF 80 -89.74 -49.61 -54.82
N ASN ZF 81 -90.43 -50.62 -55.35
CA ASN ZF 81 -91.84 -50.47 -55.68
C ASN ZF 81 -92.66 -50.08 -54.46
N ASP ZF 82 -92.29 -50.59 -53.29
CA ASP ZF 82 -93.04 -50.28 -52.07
C ASP ZF 82 -92.99 -48.81 -51.76
N ILE ZF 83 -91.87 -48.16 -52.03
CA ILE ZF 83 -91.71 -46.74 -51.74
C ILE ZF 83 -92.39 -45.91 -52.80
N GLU AG 3 -98.32 -15.30 -64.59
CA GLU AG 3 -97.88 -14.05 -64.01
C GLU AG 3 -96.76 -14.28 -63.03
N ALA AG 4 -96.00 -13.23 -62.71
CA ALA AG 4 -94.84 -13.35 -61.85
C ALA AG 4 -95.24 -13.78 -60.45
N LEU AG 5 -94.26 -13.96 -59.57
CA LEU AG 5 -94.53 -14.48 -58.24
C LEU AG 5 -93.45 -13.97 -57.30
N GLY AG 6 -93.86 -13.41 -56.18
CA GLY AG 6 -92.92 -12.84 -55.22
C GLY AG 6 -93.11 -13.43 -53.85
N LEU AG 7 -92.00 -13.60 -53.13
CA LEU AG 7 -92.01 -14.22 -51.82
C LEU AG 7 -91.18 -13.41 -50.84
N ILE AG 8 -91.70 -13.22 -49.64
CA ILE AG 8 -90.94 -12.69 -48.52
C ILE AG 8 -91.08 -13.68 -47.37
N GLU AG 9 -89.97 -13.94 -46.69
CA GLU AG 9 -89.96 -14.87 -45.56
C GLU AG 9 -89.45 -14.15 -44.33
N THR AG 10 -90.26 -14.18 -43.26
CA THR AG 10 -89.96 -13.43 -42.05
C THR AG 10 -90.06 -14.34 -40.85
N LYS AG 11 -89.38 -13.94 -39.79
CA LYS AG 11 -89.44 -14.64 -38.51
C LYS AG 11 -90.52 -14.02 -37.64
N GLY AG 12 -91.61 -14.74 -37.45
CA GLY AG 12 -92.74 -14.22 -36.71
C GLY AG 12 -93.85 -13.75 -37.63
N LEU AG 13 -95.08 -13.77 -37.13
CA LEU AG 13 -96.23 -13.42 -37.95
C LEU AG 13 -96.42 -11.92 -38.07
N VAL AG 14 -96.09 -11.16 -37.03
CA VAL AG 14 -96.33 -9.72 -37.06
C VAL AG 14 -95.52 -9.08 -38.18
N ALA AG 15 -94.24 -9.42 -38.27
CA ALA AG 15 -93.40 -8.86 -39.33
C ALA AG 15 -93.91 -9.25 -40.72
N CYS AG 16 -94.70 -10.31 -40.81
CA CYS AG 16 -95.21 -10.73 -42.10
C CYS AG 16 -96.48 -9.98 -42.50
N ILE AG 17 -97.27 -9.52 -41.53
CA ILE AG 17 -98.43 -8.72 -41.88
C ILE AG 17 -98.03 -7.30 -42.21
N GLU AG 18 -96.96 -6.79 -41.61
CA GLU AG 18 -96.43 -5.51 -42.06
C GLU AG 18 -95.86 -5.63 -43.47
N ALA AG 19 -95.11 -6.69 -43.74
CA ALA AG 19 -94.57 -6.90 -45.08
C ALA AG 19 -95.69 -7.02 -46.11
N ALA AG 20 -96.75 -7.76 -45.78
CA ALA AG 20 -97.84 -7.92 -46.72
C ALA AG 20 -98.59 -6.62 -46.93
N ASP AG 21 -98.78 -5.84 -45.87
CA ASP AG 21 -99.50 -4.58 -46.01
C ASP AG 21 -98.75 -3.63 -46.95
N ALA AG 22 -97.43 -3.55 -46.81
CA ALA AG 22 -96.65 -2.70 -47.71
C ALA AG 22 -96.71 -3.20 -49.13
N MET AG 23 -96.67 -4.52 -49.32
CA MET AG 23 -96.73 -5.08 -50.67
C MET AG 23 -98.04 -4.74 -51.36
N CYS AG 24 -99.16 -4.84 -50.65
CA CYS AG 24 -100.45 -4.64 -51.29
C CYS AG 24 -100.75 -3.19 -51.59
N LYS AG 25 -100.07 -2.25 -50.92
CA LYS AG 25 -100.26 -0.84 -51.18
C LYS AG 25 -99.33 -0.29 -52.24
N ALA AG 26 -98.23 -0.99 -52.51
CA ALA AG 26 -97.19 -0.47 -53.39
C ALA AG 26 -97.52 -0.65 -54.86
N ALA AG 27 -98.32 -1.65 -55.20
CA ALA AG 27 -98.63 -1.91 -56.60
C ALA AG 27 -99.91 -2.71 -56.68
N ASN AG 28 -100.29 -3.06 -57.90
CA ASN AG 28 -101.55 -3.76 -58.14
C ASN AG 28 -101.26 -5.26 -58.23
N VAL AG 29 -101.07 -5.87 -57.06
CA VAL AG 29 -100.83 -7.30 -56.96
C VAL AG 29 -101.92 -7.90 -56.07
N GLU AG 30 -102.25 -9.16 -56.32
CA GLU AG 30 -103.20 -9.88 -55.51
C GLU AG 30 -102.45 -10.80 -54.56
N LEU AG 31 -102.83 -10.76 -53.29
CA LEU AG 31 -102.14 -11.52 -52.26
C LEU AG 31 -102.73 -12.92 -52.20
N ILE AG 32 -101.85 -13.93 -52.26
CA ILE AG 32 -102.30 -15.32 -52.30
C ILE AG 32 -102.57 -15.86 -50.90
N GLY AG 33 -101.59 -15.80 -50.02
CA GLY AG 33 -101.81 -16.24 -48.65
C GLY AG 33 -100.53 -16.62 -47.97
N TYR AG 34 -100.63 -16.80 -46.66
CA TYR AG 34 -99.49 -17.14 -45.82
C TYR AG 34 -99.29 -18.64 -45.78
N GLU AG 35 -98.09 -19.04 -45.38
CA GLU AG 35 -97.76 -20.45 -45.20
C GLU AG 35 -96.59 -20.52 -44.23
N ASN AG 36 -96.82 -21.05 -43.03
CA ASN AG 36 -95.73 -21.23 -42.08
C ASN AG 36 -95.25 -22.67 -42.10
N VAL AG 37 -93.94 -22.85 -42.00
CA VAL AG 37 -93.32 -24.15 -42.07
C VAL AG 37 -92.69 -24.55 -40.74
N GLY AG 38 -92.99 -23.82 -39.67
CA GLY AG 38 -92.43 -24.11 -38.37
C GLY AG 38 -91.11 -23.40 -38.15
N SER AG 39 -90.68 -23.40 -36.89
CA SER AG 39 -89.50 -22.69 -36.41
C SER AG 39 -89.68 -21.18 -36.47
N GLY AG 40 -90.91 -20.70 -36.56
CA GLY AG 40 -91.18 -19.28 -36.58
C GLY AG 40 -91.13 -18.64 -37.94
N LEU AG 41 -90.94 -19.41 -39.00
CA LEU AG 41 -90.80 -18.86 -40.35
C LEU AG 41 -92.16 -18.78 -41.01
N VAL AG 42 -92.56 -17.58 -41.41
CA VAL AG 42 -93.82 -17.34 -42.11
C VAL AG 42 -93.51 -16.68 -43.44
N THR AG 43 -94.23 -17.07 -44.48
CA THR AG 43 -93.98 -16.61 -45.84
C THR AG 43 -95.25 -16.04 -46.43
N ALA AG 44 -95.13 -14.88 -47.09
CA ALA AG 44 -96.22 -14.26 -47.82
C ALA AG 44 -95.94 -14.35 -49.31
N MET AG 45 -96.97 -14.56 -50.11
CA MET AG 45 -96.83 -14.80 -51.52
C MET AG 45 -97.81 -13.93 -52.29
N VAL AG 46 -97.30 -13.11 -53.21
CA VAL AG 46 -98.12 -12.27 -54.07
C VAL AG 46 -97.90 -12.71 -55.51
N LYS AG 47 -98.79 -12.25 -56.39
CA LYS AG 47 -98.66 -12.57 -57.80
C LYS AG 47 -99.27 -11.45 -58.63
N GLY AG 48 -98.62 -11.15 -59.74
CA GLY AG 48 -99.07 -10.10 -60.64
C GLY AG 48 -98.07 -9.93 -61.76
N ASP AG 49 -98.20 -8.83 -62.48
CA ASP AG 49 -97.23 -8.52 -63.53
C ASP AG 49 -95.86 -8.30 -62.91
N VAL AG 50 -94.82 -8.52 -63.71
CA VAL AG 50 -93.47 -8.56 -63.18
C VAL AG 50 -92.94 -7.19 -62.80
N GLY AG 51 -93.46 -6.12 -63.40
CA GLY AG 51 -93.08 -4.79 -62.95
C GLY AG 51 -93.74 -4.42 -61.64
N ALA AG 52 -94.97 -4.88 -61.42
CA ALA AG 52 -95.65 -4.63 -60.16
C ALA AG 52 -95.06 -5.48 -59.05
N VAL AG 53 -94.83 -6.77 -59.32
CA VAL AG 53 -94.33 -7.67 -58.29
C VAL AG 53 -92.93 -7.27 -57.86
N ASN AG 54 -92.12 -6.76 -58.80
CA ASN AG 54 -90.79 -6.32 -58.44
C ASN AG 54 -90.86 -5.12 -57.51
N ALA AG 55 -91.82 -4.23 -57.73
CA ALA AG 55 -91.95 -3.04 -56.89
C ALA AG 55 -92.51 -3.39 -55.53
N ALA AG 56 -93.45 -4.34 -55.47
CA ALA AG 56 -94.05 -4.72 -54.20
C ALA AG 56 -93.05 -5.39 -53.28
N VAL AG 57 -92.26 -6.32 -53.82
CA VAL AG 57 -91.34 -7.08 -52.97
C VAL AG 57 -90.25 -6.17 -52.42
N ASP AG 58 -89.78 -5.20 -53.20
CA ASP AG 58 -88.78 -4.28 -52.69
C ASP AG 58 -89.35 -3.40 -51.59
N SER AG 59 -90.62 -3.04 -51.71
CA SER AG 59 -91.26 -2.22 -50.68
C SER AG 59 -91.53 -3.03 -49.44
N GLY AG 60 -92.07 -4.24 -49.59
CA GLY AG 60 -92.36 -5.08 -48.45
C GLY AG 60 -91.14 -5.48 -47.67
N VAL AG 61 -90.01 -5.67 -48.35
CA VAL AG 61 -88.79 -6.06 -47.65
C VAL AG 61 -88.32 -4.95 -46.75
N GLU AG 62 -88.40 -3.71 -47.22
CA GLU AG 62 -87.89 -2.59 -46.42
C GLU AG 62 -88.78 -2.29 -45.23
N ALA AG 63 -90.09 -2.48 -45.36
CA ALA AG 63 -90.99 -2.21 -44.25
C ALA AG 63 -90.86 -3.27 -43.16
N ALA AG 64 -90.84 -4.54 -43.55
CA ALA AG 64 -90.69 -5.61 -42.58
C ALA AG 64 -89.32 -5.59 -41.92
N LYS AG 65 -88.29 -5.18 -42.67
CA LYS AG 65 -86.96 -5.05 -42.10
C LYS AG 65 -86.93 -4.07 -40.95
N ARG AG 66 -87.83 -3.09 -40.97
CA ARG AG 66 -87.81 -2.02 -39.98
C ARG AG 66 -88.22 -2.52 -38.60
N ILE AG 67 -89.12 -3.49 -38.53
CA ILE AG 67 -89.73 -3.91 -37.28
C ILE AG 67 -89.49 -5.38 -36.97
N GLY AG 68 -88.77 -6.11 -37.80
CA GLY AG 68 -88.53 -7.50 -37.55
C GLY AG 68 -87.34 -7.99 -38.34
N LYS AG 69 -87.25 -9.30 -38.48
CA LYS AG 69 -86.17 -9.92 -39.24
C LYS AG 69 -86.75 -10.46 -40.54
N VAL AG 70 -86.19 -10.02 -41.66
CA VAL AG 70 -86.51 -10.58 -42.96
C VAL AG 70 -85.46 -11.63 -43.28
N VAL AG 71 -85.89 -12.86 -43.49
CA VAL AG 71 -84.96 -13.96 -43.72
C VAL AG 71 -84.56 -14.06 -45.18
N SER AG 72 -85.51 -13.90 -46.10
CA SER AG 72 -85.25 -14.13 -47.51
C SER AG 72 -86.36 -13.48 -48.33
N SER AG 73 -86.02 -13.11 -49.56
CA SER AG 73 -86.97 -12.58 -50.51
C SER AG 73 -86.59 -13.05 -51.90
N ARG AG 74 -87.57 -13.04 -52.81
CA ARG AG 74 -87.33 -13.60 -54.12
C ARG AG 74 -88.46 -13.23 -55.06
N VAL AG 75 -88.12 -12.90 -56.30
CA VAL AG 75 -89.09 -12.72 -57.38
C VAL AG 75 -88.81 -13.78 -58.43
N ILE AG 76 -89.86 -14.46 -58.86
CA ILE AG 76 -89.78 -15.45 -59.93
C ILE AG 76 -90.56 -14.90 -61.11
N ALA AG 77 -89.86 -14.55 -62.19
CA ALA AG 77 -90.48 -13.81 -63.27
C ALA AG 77 -91.38 -14.70 -64.11
N ARG AG 78 -90.87 -15.82 -64.59
CA ARG AG 78 -91.67 -16.79 -65.34
C ARG AG 78 -91.69 -18.09 -64.55
N PRO AG 79 -92.68 -18.31 -63.69
CA PRO AG 79 -92.73 -19.55 -62.93
C PRO AG 79 -93.20 -20.70 -63.81
N HIS AG 80 -92.66 -21.88 -63.54
CA HIS AG 80 -93.02 -23.06 -64.30
C HIS AG 80 -94.46 -23.48 -63.98
N ASN AG 81 -95.09 -24.13 -64.95
CA ASN AG 81 -96.49 -24.51 -64.77
C ASN AG 81 -96.66 -25.62 -63.75
N ASP AG 82 -95.62 -26.44 -63.54
CA ASP AG 82 -95.65 -27.43 -62.48
C ASP AG 82 -95.68 -26.76 -61.11
N ILE AG 83 -95.13 -25.56 -61.01
CA ILE AG 83 -95.10 -24.83 -59.75
C ILE AG 83 -96.41 -24.08 -59.55
N GLU BG 3 -89.38 -1.63 -77.36
CA GLU BG 3 -89.25 -2.28 -76.06
C GLU BG 3 -87.81 -2.23 -75.57
N ALA BG 4 -87.60 -2.62 -74.32
CA ALA BG 4 -86.29 -2.46 -73.70
C ALA BG 4 -85.25 -3.34 -74.39
N LEU BG 5 -84.01 -3.17 -73.97
CA LEU BG 5 -82.89 -3.85 -74.61
C LEU BG 5 -81.84 -4.21 -73.56
N GLY BG 6 -81.47 -5.47 -73.50
CA GLY BG 6 -80.49 -5.95 -72.53
C GLY BG 6 -79.29 -6.56 -73.22
N LEU BG 7 -78.11 -6.24 -72.71
CA LEU BG 7 -76.85 -6.67 -73.30
C LEU BG 7 -75.95 -7.29 -72.25
N ILE BG 8 -75.32 -8.41 -72.59
CA ILE BG 8 -74.27 -9.01 -71.79
C ILE BG 8 -73.08 -9.26 -72.69
N GLU BG 9 -71.88 -9.01 -72.17
CA GLU BG 9 -70.66 -9.16 -72.94
C GLU BG 9 -69.67 -10.00 -72.16
N THR BG 10 -69.17 -11.05 -72.81
CA THR BG 10 -68.31 -12.04 -72.17
C THR BG 10 -67.08 -12.28 -73.01
N LYS BG 11 -66.08 -12.91 -72.39
CA LYS BG 11 -64.91 -13.40 -73.11
C LYS BG 11 -65.16 -14.86 -73.51
N GLY BG 12 -65.20 -15.11 -74.80
CA GLY BG 12 -65.41 -16.50 -75.21
C GLY BG 12 -66.87 -16.79 -75.47
N LEU BG 13 -67.10 -17.81 -76.29
CA LEU BG 13 -68.45 -18.13 -76.71
C LEU BG 13 -69.20 -18.99 -75.71
N VAL BG 14 -68.50 -19.82 -74.94
CA VAL BG 14 -69.19 -20.72 -74.04
C VAL BG 14 -69.88 -19.94 -72.93
N ALA BG 15 -69.20 -18.96 -72.34
CA ALA BG 15 -69.84 -18.15 -71.31
C ALA BG 15 -71.02 -17.37 -71.86
N CYS BG 16 -71.07 -17.14 -73.16
CA CYS BG 16 -72.18 -16.38 -73.74
C CYS BG 16 -73.36 -17.27 -74.08
N ILE BG 17 -73.13 -18.56 -74.35
CA ILE BG 17 -74.27 -19.45 -74.56
C ILE BG 17 -74.91 -19.80 -73.23
N GLU BG 18 -74.15 -19.82 -72.15
CA GLU BG 18 -74.75 -20.03 -70.84
C GLU BG 18 -75.53 -18.80 -70.40
N ALA BG 19 -75.02 -17.61 -70.68
CA ALA BG 19 -75.77 -16.40 -70.37
C ALA BG 19 -77.04 -16.31 -71.19
N ALA BG 20 -76.95 -16.62 -72.48
CA ALA BG 20 -78.13 -16.53 -73.32
C ALA BG 20 -79.17 -17.58 -72.97
N ASP BG 21 -78.73 -18.72 -72.44
CA ASP BG 21 -79.69 -19.75 -72.04
C ASP BG 21 -80.39 -19.37 -70.75
N ALA BG 22 -79.65 -18.85 -69.78
CA ALA BG 22 -80.25 -18.45 -68.52
C ALA BG 22 -81.22 -17.29 -68.71
N MET BG 23 -80.88 -16.36 -69.60
CA MET BG 23 -81.76 -15.21 -69.84
C MET BG 23 -83.09 -15.67 -70.42
N CYS BG 24 -83.06 -16.54 -71.41
CA CYS BG 24 -84.29 -16.95 -72.07
C CYS BG 24 -85.17 -17.80 -71.16
N LYS BG 25 -84.59 -18.42 -70.15
CA LYS BG 25 -85.37 -19.25 -69.23
C LYS BG 25 -86.04 -18.41 -68.15
N ALA BG 26 -85.38 -17.35 -67.71
CA ALA BG 26 -85.76 -16.66 -66.48
C ALA BG 26 -86.70 -15.50 -66.69
N ALA BG 27 -87.20 -15.28 -67.90
CA ALA BG 27 -88.13 -14.19 -68.16
C ALA BG 27 -88.66 -14.33 -69.58
N ASN BG 28 -89.74 -13.59 -69.86
CA ASN BG 28 -90.36 -13.61 -71.18
C ASN BG 28 -89.69 -12.57 -72.06
N VAL BG 29 -88.55 -12.96 -72.63
CA VAL BG 29 -87.77 -12.09 -73.51
C VAL BG 29 -87.53 -12.82 -74.82
N GLU BG 30 -87.13 -12.06 -75.83
CA GLU BG 30 -86.81 -12.58 -77.14
C GLU BG 30 -85.32 -12.39 -77.40
N LEU BG 31 -84.65 -13.44 -77.86
CA LEU BG 31 -83.22 -13.37 -78.15
C LEU BG 31 -83.04 -12.88 -79.57
N ILE BG 32 -82.29 -11.78 -79.72
CA ILE BG 32 -82.04 -11.21 -81.04
C ILE BG 32 -80.89 -11.90 -81.73
N GLY BG 33 -79.76 -12.06 -81.06
CA GLY BG 33 -78.66 -12.78 -81.62
C GLY BG 33 -77.36 -12.42 -80.94
N TYR BG 34 -76.29 -13.04 -81.44
CA TYR BG 34 -74.94 -12.78 -80.97
C TYR BG 34 -74.23 -11.85 -81.95
N GLU BG 35 -73.20 -11.19 -81.45
CA GLU BG 35 -72.41 -10.29 -82.29
C GLU BG 35 -71.04 -10.13 -81.66
N ASN BG 36 -70.03 -10.78 -82.25
CA ASN BG 36 -68.68 -10.72 -81.74
C ASN BG 36 -67.86 -9.70 -82.53
N VAL BG 37 -66.83 -9.17 -81.86
CA VAL BG 37 -66.02 -8.10 -82.42
C VAL BG 37 -64.54 -8.43 -82.34
N GLY BG 38 -64.22 -9.72 -82.30
CA GLY BG 38 -62.83 -10.14 -82.17
C GLY BG 38 -62.31 -9.93 -80.76
N SER BG 39 -61.09 -10.39 -80.54
CA SER BG 39 -60.46 -10.46 -79.23
C SER BG 39 -61.20 -11.38 -78.27
N GLY BG 40 -62.12 -12.20 -78.77
CA GLY BG 40 -62.87 -13.10 -77.93
C GLY BG 40 -64.08 -12.49 -77.26
N LEU BG 41 -64.37 -11.22 -77.50
CA LEU BG 41 -65.55 -10.59 -76.91
C LEU BG 41 -66.77 -10.97 -77.72
N VAL BG 42 -67.76 -11.57 -77.06
CA VAL BG 42 -69.03 -11.92 -77.67
C VAL BG 42 -70.13 -11.27 -76.86
N THR BG 43 -71.20 -10.85 -77.53
CA THR BG 43 -72.27 -10.09 -76.92
C THR BG 43 -73.61 -10.71 -77.27
N ALA BG 44 -74.47 -10.87 -76.28
CA ALA BG 44 -75.83 -11.35 -76.46
C ALA BG 44 -76.81 -10.21 -76.28
N MET BG 45 -77.86 -10.19 -77.08
CA MET BG 45 -78.85 -9.12 -77.05
C MET BG 45 -80.23 -9.71 -76.90
N VAL BG 46 -80.93 -9.35 -75.83
CA VAL BG 46 -82.32 -9.76 -75.62
C VAL BG 46 -83.21 -8.53 -75.71
N LYS BG 47 -84.49 -8.78 -75.88
CA LYS BG 47 -85.44 -7.70 -76.12
C LYS BG 47 -86.80 -8.08 -75.53
N GLY BG 48 -87.41 -7.15 -74.80
CA GLY BG 48 -88.71 -7.39 -74.21
C GLY BG 48 -89.12 -6.22 -73.35
N ASP BG 49 -90.18 -6.41 -72.59
CA ASP BG 49 -90.63 -5.37 -71.67
C ASP BG 49 -89.55 -5.06 -70.63
N VAL BG 50 -89.64 -3.87 -70.03
CA VAL BG 50 -88.56 -3.39 -69.19
C VAL BG 50 -88.39 -4.27 -67.96
N GLY BG 51 -89.52 -4.68 -67.35
CA GLY BG 51 -89.42 -5.49 -66.15
C GLY BG 51 -88.85 -6.86 -66.43
N ALA BG 52 -89.28 -7.48 -67.53
CA ALA BG 52 -88.74 -8.77 -67.93
C ALA BG 52 -87.25 -8.66 -68.24
N VAL BG 53 -86.90 -7.74 -69.14
CA VAL BG 53 -85.52 -7.59 -69.58
C VAL BG 53 -84.62 -7.29 -68.40
N ASN BG 54 -85.09 -6.47 -67.46
CA ASN BG 54 -84.29 -6.22 -66.26
C ASN BG 54 -83.97 -7.53 -65.56
N ALA BG 55 -85.00 -8.32 -65.27
CA ALA BG 55 -84.83 -9.59 -64.55
C ALA BG 55 -83.93 -10.55 -65.32
N ALA BG 56 -84.10 -10.63 -66.63
CA ALA BG 56 -83.31 -11.55 -67.44
C ALA BG 56 -81.82 -11.24 -67.31
N VAL BG 57 -81.44 -9.97 -67.45
CA VAL BG 57 -80.04 -9.61 -67.44
C VAL BG 57 -79.40 -9.94 -66.10
N ASP BG 58 -80.15 -9.79 -65.01
CA ASP BG 58 -79.59 -10.13 -63.71
C ASP BG 58 -79.31 -11.63 -63.60
N SER BG 59 -80.23 -12.44 -64.09
CA SER BG 59 -80.03 -13.89 -64.04
C SER BG 59 -78.95 -14.33 -65.02
N GLY BG 60 -78.93 -13.75 -66.21
CA GLY BG 60 -77.95 -14.14 -67.20
C GLY BG 60 -76.52 -13.83 -66.77
N VAL BG 61 -76.32 -12.70 -66.11
CA VAL BG 61 -74.98 -12.37 -65.65
C VAL BG 61 -74.56 -13.29 -64.52
N GLU BG 62 -75.51 -13.76 -63.74
CA GLU BG 62 -75.19 -14.60 -62.60
C GLU BG 62 -74.78 -16.00 -63.03
N ALA BG 63 -75.41 -16.52 -64.09
CA ALA BG 63 -75.01 -17.82 -64.62
C ALA BG 63 -73.70 -17.74 -65.38
N ALA BG 64 -73.50 -16.68 -66.16
CA ALA BG 64 -72.31 -16.57 -66.99
C ALA BG 64 -71.07 -16.31 -66.15
N LYS BG 65 -71.17 -15.45 -65.14
CA LYS BG 65 -70.04 -15.18 -64.27
C LYS BG 65 -69.55 -16.43 -63.56
N ARG BG 66 -70.37 -17.46 -63.53
CA ARG BG 66 -70.08 -18.65 -62.75
C ARG BG 66 -69.04 -19.54 -63.43
N ILE BG 67 -68.98 -19.51 -64.75
CA ILE BG 67 -68.03 -20.34 -65.49
C ILE BG 67 -67.02 -19.52 -66.28
N GLY BG 68 -67.29 -18.26 -66.58
CA GLY BG 68 -66.39 -17.47 -67.38
C GLY BG 68 -66.33 -16.04 -66.90
N LYS BG 69 -66.02 -15.11 -67.80
CA LYS BG 69 -65.85 -13.71 -67.42
C LYS BG 69 -66.93 -12.87 -68.09
N VAL BG 70 -67.69 -12.15 -67.28
CA VAL BG 70 -68.68 -11.20 -67.76
C VAL BG 70 -68.02 -9.83 -67.80
N VAL BG 71 -67.87 -9.28 -69.00
CA VAL BG 71 -67.14 -8.03 -69.15
C VAL BG 71 -68.02 -6.84 -68.78
N SER BG 72 -69.27 -6.83 -69.24
CA SER BG 72 -70.17 -5.74 -68.93
C SER BG 72 -71.61 -6.18 -69.22
N SER BG 73 -72.54 -5.50 -68.56
CA SER BG 73 -73.97 -5.70 -68.77
C SER BG 73 -74.66 -4.35 -68.70
N ARG BG 74 -75.83 -4.27 -69.32
CA ARG BG 74 -76.50 -2.98 -69.44
C ARG BG 74 -77.93 -3.21 -69.92
N VAL BG 75 -78.85 -2.41 -69.40
CA VAL BG 75 -80.24 -2.40 -69.85
C VAL BG 75 -80.58 -1.00 -70.33
N ILE BG 76 -81.08 -0.90 -71.56
CA ILE BG 76 -81.58 0.36 -72.10
C ILE BG 76 -83.10 0.26 -72.08
N ALA BG 77 -83.74 1.09 -71.26
CA ALA BG 77 -85.18 0.96 -71.07
C ALA BG 77 -85.97 1.37 -72.30
N ARG BG 78 -85.47 2.34 -73.06
CA ARG BG 78 -86.15 2.80 -74.27
C ARG BG 78 -85.10 3.29 -75.24
N PRO BG 79 -84.66 2.41 -76.15
CA PRO BG 79 -83.61 2.81 -77.09
C PRO BG 79 -84.16 3.72 -78.17
N HIS BG 80 -83.28 4.58 -78.68
CA HIS BG 80 -83.61 5.42 -79.82
C HIS BG 80 -83.87 4.55 -81.04
N ASN BG 81 -84.70 5.05 -81.95
CA ASN BG 81 -85.03 4.29 -83.15
C ASN BG 81 -83.80 4.06 -84.03
N ASP BG 82 -82.83 4.97 -83.97
CA ASP BG 82 -81.60 4.78 -84.73
C ASP BG 82 -80.82 3.58 -84.20
N ILE BG 83 -80.86 3.36 -82.89
CA ILE BG 83 -80.16 2.22 -82.31
C ILE BG 83 -80.75 0.90 -82.80
N GLU BG 84 -82.02 0.88 -83.19
CA GLU BG 84 -82.58 -0.36 -83.74
C GLU BG 84 -82.35 -0.44 -85.24
N LYS BG 85 -81.12 -0.14 -85.63
CA LYS BG 85 -80.58 -0.43 -86.94
C LYS BG 85 -79.14 -0.90 -86.84
N ILE BG 86 -78.51 -0.74 -85.70
CA ILE BG 86 -77.17 -1.25 -85.44
C ILE BG 86 -77.25 -2.65 -84.84
N ALA BG 87 -78.21 -2.89 -83.96
CA ALA BG 87 -78.41 -4.23 -83.42
C ALA BG 87 -79.01 -5.15 -84.47
N GLY BG 88 -80.21 -4.83 -84.92
CA GLY BG 88 -80.86 -5.63 -85.95
C GLY BG 88 -80.49 -5.21 -87.36
N MET CG 1 71.00 81.55 16.67
CA MET CG 1 70.48 82.89 16.45
C MET CG 1 71.59 83.92 16.58
N ILE CG 2 71.33 85.12 16.09
CA ILE CG 2 72.24 86.25 16.27
C ILE CG 2 71.43 87.50 16.58
N LEU CG 3 72.00 88.38 17.37
CA LEU CG 3 71.40 89.69 17.59
C LEU CG 3 71.64 90.56 16.39
N ALA CG 4 70.58 91.19 15.89
CA ALA CG 4 70.68 92.02 14.71
C ALA CG 4 69.66 93.15 14.81
N LYS CG 5 69.80 94.11 13.92
CA LYS CG 5 68.93 95.28 13.90
C LYS CG 5 68.37 95.45 12.50
N VAL CG 6 67.07 95.68 12.41
CA VAL CG 6 66.45 95.90 11.10
C VAL CG 6 66.85 97.28 10.59
N THR CG 7 67.39 97.31 9.37
CA THR CG 7 67.91 98.54 8.81
C THR CG 7 67.31 98.91 7.46
N GLY CG 8 66.31 98.18 6.97
CA GLY CG 8 65.71 98.50 5.70
C GLY CG 8 64.78 97.40 5.27
N HIS CG 9 64.47 97.38 3.97
CA HIS CG 9 63.66 96.33 3.39
C HIS CG 9 63.99 96.22 1.92
N VAL CG 10 63.51 95.14 1.31
CA VAL CG 10 63.79 94.82 -0.08
C VAL CG 10 62.48 94.56 -0.79
N VAL CG 11 62.28 95.18 -1.95
CA VAL CG 11 61.08 95.00 -2.75
C VAL CG 11 61.46 94.19 -3.98
N ALA CG 12 60.98 92.95 -4.05
CA ALA CG 12 61.28 92.04 -5.14
C ALA CG 12 59.97 91.55 -5.74
N THR CG 13 59.80 91.76 -7.04
CA THR CG 13 58.58 91.40 -7.73
C THR CG 13 58.67 90.03 -8.39
N GLN CG 14 59.75 89.77 -9.12
CA GLN CG 14 59.97 88.49 -9.79
C GLN CG 14 60.71 87.58 -8.81
N LYS CG 15 59.99 86.64 -8.21
CA LYS CG 15 60.60 85.76 -7.22
C LYS CG 15 59.85 84.45 -7.20
N CYS CG 16 60.39 83.50 -6.44
CA CYS CG 16 59.81 82.16 -6.37
C CYS CG 16 58.47 82.21 -5.65
N ASP CG 17 57.85 81.04 -5.52
CA ASP CG 17 56.55 80.93 -4.90
C ASP CG 17 56.63 80.63 -3.42
N GLU CG 18 57.74 80.07 -2.95
CA GLU CG 18 57.93 79.83 -1.53
C GLU CG 18 58.05 81.14 -0.74
N LEU CG 19 58.13 82.28 -1.43
CA LEU CG 19 58.32 83.57 -0.79
C LEU CG 19 57.15 84.51 -1.00
N ARG CG 20 56.04 84.05 -1.55
CA ARG CG 20 54.91 84.92 -1.82
C ARG CG 20 54.23 85.33 -0.51
N GLY CG 21 53.98 86.62 -0.36
CA GLY CG 21 53.26 87.11 0.80
C GLY CG 21 54.07 87.11 2.07
N SER CG 22 55.25 87.74 2.04
CA SER CG 22 56.11 87.82 3.20
C SER CG 22 56.98 89.05 3.06
N ASN CG 23 57.47 89.53 4.19
CA ASN CG 23 58.34 90.69 4.22
C ASN CG 23 59.77 90.25 3.99
N LEU CG 24 60.60 91.16 3.49
CA LEU CG 24 62.02 90.89 3.29
C LEU CG 24 62.82 92.04 3.86
N LEU CG 25 63.38 91.85 5.04
CA LEU CG 25 64.06 92.90 5.78
C LEU CG 25 65.56 92.78 5.65
N LEU CG 26 66.23 93.92 5.64
CA LEU CG 26 67.69 93.95 5.75
C LEU CG 26 68.05 93.88 7.22
N ILE CG 27 68.96 92.99 7.55
CA ILE CG 27 69.23 92.58 8.92
C ILE CG 27 70.72 92.74 9.14
N THR CG 28 71.13 93.69 9.97
CA THR CG 28 72.54 93.97 10.18
C THR CG 28 72.97 93.46 11.54
N ARG CG 29 74.01 92.63 11.56
CA ARG CG 29 74.53 92.11 12.81
C ARG CG 29 75.22 93.20 13.60
N LEU CG 30 74.91 93.29 14.88
CA LEU CG 30 75.44 94.35 15.74
C LEU CG 30 76.39 93.78 16.77
N ASP CG 31 77.39 94.59 17.14
CA ASP CG 31 78.50 94.14 17.96
C ASP CG 31 78.20 94.23 19.45
N ASP CG 32 79.21 94.04 20.31
CA ASP CG 32 79.00 93.94 21.75
C ASP CG 32 78.74 95.28 22.43
N LYS CG 33 78.61 96.36 21.67
CA LYS CG 33 78.13 97.63 22.20
C LYS CG 33 76.74 97.97 21.68
N GLN CG 34 76.05 96.98 21.12
CA GLN CG 34 74.76 97.18 20.46
C GLN CG 34 74.87 98.25 19.38
N GLN CG 35 75.78 98.02 18.44
CA GLN CG 35 76.05 98.94 17.36
C GLN CG 35 76.27 98.14 16.09
N PRO CG 36 75.63 98.49 14.98
CA PRO CG 36 75.77 97.69 13.75
C PRO CG 36 77.20 97.65 13.26
N MET CG 37 77.54 96.53 12.62
CA MET CG 37 78.87 96.31 12.07
C MET CG 37 78.87 96.68 10.58
N LYS CG 38 80.01 96.47 9.94
CA LYS CG 38 80.20 96.79 8.54
C LYS CG 38 80.22 95.51 7.72
N ASP CG 39 79.51 95.50 6.60
CA ASP CG 39 79.47 94.38 5.67
C ASP CG 39 78.96 93.11 6.35
N GLN CG 40 77.84 93.25 7.07
CA GLN CG 40 77.27 92.14 7.81
C GLN CG 40 75.77 92.10 7.66
N THR CG 41 75.27 92.29 6.45
CA THR CG 41 73.84 92.41 6.19
C THR CG 41 73.31 91.19 5.47
N TRP CG 42 72.22 90.65 5.97
CA TRP CG 42 71.50 89.56 5.32
C TRP CG 42 70.07 89.99 5.07
N VAL CG 43 69.35 89.19 4.29
CA VAL CG 43 67.95 89.42 4.02
C VAL CG 43 67.14 88.34 4.72
N ALA CG 44 66.20 88.76 5.56
CA ALA CG 44 65.47 87.83 6.40
C ALA CG 44 63.99 87.97 6.13
N VAL CG 45 63.30 86.83 6.08
CA VAL CG 45 61.85 86.82 5.92
C VAL CG 45 61.22 87.07 7.28
N ASP CG 46 60.65 88.25 7.47
CA ASP CG 46 60.01 88.57 8.74
C ASP CG 46 58.93 87.55 9.06
N ASN CG 47 58.80 87.24 10.34
CA ASN CG 47 57.83 86.23 10.77
C ASN CG 47 56.98 86.65 11.96
N VAL CG 48 57.38 87.67 12.73
CA VAL CG 48 56.66 88.09 13.91
C VAL CG 48 56.22 89.54 13.85
N GLY CG 49 56.54 90.26 12.79
CA GLY CG 49 56.10 91.63 12.69
C GLY CG 49 57.09 92.65 13.20
N ALA CG 50 58.32 92.61 12.70
CA ALA CG 50 59.33 93.58 13.07
C ALA CG 50 59.40 94.69 12.02
N GLY CG 51 59.79 95.88 12.47
CA GLY CG 51 59.90 97.01 11.59
C GLY CG 51 61.25 97.68 11.71
N MET CG 52 61.37 98.91 11.25
CA MET CG 52 62.67 99.56 11.24
C MET CG 52 63.17 99.83 12.65
N HIS CG 53 64.49 99.81 12.81
CA HIS CG 53 65.20 100.19 14.03
C HIS CG 53 65.00 99.21 15.18
N ASP CG 54 64.32 98.09 14.96
CA ASP CG 54 64.03 97.16 16.04
C ASP CG 54 65.13 96.12 16.13
N ILE CG 55 65.53 95.80 17.37
CA ILE CG 55 66.53 94.77 17.59
C ILE CG 55 65.84 93.41 17.61
N VAL CG 56 66.22 92.54 16.70
CA VAL CG 56 65.53 91.27 16.51
C VAL CG 56 66.51 90.12 16.70
N LEU CG 57 66.02 88.89 16.53
CA LEU CG 57 66.78 87.68 16.78
C LEU CG 57 66.65 86.81 15.53
N ALA CG 58 67.60 86.97 14.61
CA ALA CG 58 67.51 86.32 13.30
C ALA CG 58 68.08 84.92 13.36
N GLU CG 59 67.32 83.96 12.85
CA GLU CG 59 67.70 82.56 12.90
C GLU CG 59 68.17 82.10 11.53
N GLU CG 60 69.03 81.09 11.54
CA GLU CG 60 69.64 80.57 10.32
C GLU CG 60 68.69 79.60 9.63
N TYR CG 61 69.24 78.77 8.73
CA TYR CG 61 68.51 78.18 7.61
C TYR CG 61 67.08 77.76 7.90
N PHE CG 62 66.86 76.80 8.79
CA PHE CG 62 65.59 76.10 8.82
C PHE CG 62 64.65 76.74 9.83
N ALA CG 63 63.62 77.42 9.32
CA ALA CG 63 62.52 77.92 10.14
C ALA CG 63 61.17 77.76 9.46
N LEU CG 64 61.07 76.90 8.45
CA LEU CG 64 59.83 76.62 7.74
C LEU CG 64 59.22 77.88 7.14
N ASN CG 65 59.96 78.47 6.20
CA ASN CG 65 59.52 79.70 5.56
C ASN CG 65 59.86 79.74 4.08
N TYR CG 69 61.55 73.87 3.25
CA TYR CG 69 61.59 75.31 3.48
C TYR CG 69 62.72 75.68 4.41
N LYS CG 70 63.67 76.49 3.91
CA LYS CG 70 64.86 76.81 4.69
C LYS CG 70 65.25 78.28 4.61
N ALA CG 71 64.30 79.21 4.57
CA ALA CG 71 64.64 80.61 4.50
C ALA CG 71 65.05 81.14 5.86
N MET CG 72 65.97 82.10 5.85
CA MET CG 72 66.47 82.73 7.06
C MET CG 72 65.42 83.73 7.52
N SER CG 73 64.86 83.51 8.70
CA SER CG 73 63.76 84.32 9.19
C SER CG 73 64.07 84.93 10.53
N VAL CG 74 63.24 85.89 10.92
CA VAL CG 74 63.28 86.52 12.23
C VAL CG 74 62.30 85.80 13.13
N VAL CG 75 62.73 85.44 14.33
CA VAL CG 75 61.94 84.59 15.21
C VAL CG 75 61.63 85.22 16.56
N ALA CG 76 62.13 86.42 16.83
CA ALA CG 76 61.89 87.02 18.13
C ALA CG 76 62.24 88.49 18.08
N ILE CG 77 61.46 89.32 18.77
CA ILE CG 77 61.76 90.72 18.98
C ILE CG 77 62.25 90.90 20.41
N VAL CG 78 63.40 91.51 20.56
CA VAL CG 78 64.13 91.48 21.82
C VAL CG 78 63.78 92.71 22.64
N GLU CG 79 63.41 92.48 23.90
CA GLU CG 79 63.11 93.56 24.84
C GLU CG 79 64.36 94.05 25.56
N LYS CG 80 65.06 93.15 26.25
CA LYS CG 80 66.23 93.50 27.05
C LYS CG 80 67.38 92.57 26.72
N VAL CG 81 68.58 93.14 26.65
CA VAL CG 81 69.82 92.39 26.46
C VAL CG 81 70.69 92.70 27.67
N PHE CG 82 70.63 91.84 28.68
CA PHE CG 82 71.48 92.00 29.85
C PHE CG 82 72.81 91.33 29.56
N ARG CG 83 73.90 92.09 29.69
CA ARG CG 83 75.21 91.62 29.26
C ARG CG 83 76.27 92.22 30.18
N ASP CG 84 76.94 91.36 30.95
CA ASP CG 84 78.09 91.79 31.73
C ASP CG 84 78.91 90.57 32.17
N GLU DG 3 21.34 114.21 -20.12
CA GLU DG 3 22.10 113.00 -20.42
C GLU DG 3 21.53 111.82 -19.65
N ALA DG 4 21.89 110.61 -20.05
CA ALA DG 4 21.36 109.42 -19.43
C ALA DG 4 21.97 109.24 -18.04
N LEU DG 5 21.64 108.11 -17.41
CA LEU DG 5 22.08 107.85 -16.04
C LEU DG 5 22.25 106.35 -15.86
N GLY DG 6 23.38 105.95 -15.29
CA GLY DG 6 23.67 104.54 -15.11
C GLY DG 6 24.01 104.23 -13.67
N LEU DG 7 23.56 103.07 -13.21
CA LEU DG 7 23.63 102.71 -11.80
C LEU DG 7 24.08 101.26 -11.65
N ILE DG 8 25.04 101.03 -10.77
CA ILE DG 8 25.43 99.69 -10.36
C ILE DG 8 25.41 99.64 -8.85
N GLU DG 9 24.98 98.51 -8.29
CA GLU DG 9 24.91 98.32 -6.85
C GLU DG 9 25.58 97.02 -6.48
N THR DG 10 26.47 97.07 -5.50
CA THR DG 10 27.26 95.91 -5.12
C THR DG 10 27.28 95.77 -3.61
N LYS DG 11 27.64 94.57 -3.15
CA LYS DG 11 27.88 94.32 -1.75
C LYS DG 11 29.36 94.55 -1.46
N GLY DG 12 29.66 95.50 -0.60
CA GLY DG 12 31.05 95.78 -0.30
C GLY DG 12 31.57 96.94 -1.12
N LEU DG 13 32.62 97.60 -0.59
CA LEU DG 13 33.15 98.77 -1.28
C LEU DG 13 34.16 98.40 -2.35
N VAL DG 14 34.92 97.33 -2.15
CA VAL DG 14 35.96 96.98 -3.12
C VAL DG 14 35.33 96.66 -4.47
N ALA DG 15 34.28 95.84 -4.46
CA ALA DG 15 33.63 95.47 -5.71
C ALA DG 15 33.08 96.69 -6.43
N CYS DG 16 32.79 97.76 -5.70
CA CYS DG 16 32.22 98.94 -6.33
C CYS DG 16 33.29 99.83 -6.95
N ILE DG 17 34.47 99.91 -6.34
CA ILE DG 17 35.54 100.72 -6.91
C ILE DG 17 36.08 100.07 -8.17
N GLU DG 18 36.14 98.74 -8.18
CA GLU DG 18 36.47 98.04 -9.42
C GLU DG 18 35.44 98.33 -10.49
N ALA DG 19 34.16 98.26 -10.15
CA ALA DG 19 33.10 98.53 -11.11
C ALA DG 19 33.18 99.96 -11.62
N ALA DG 20 33.40 100.92 -10.73
CA ALA DG 20 33.42 102.32 -11.16
C ALA DG 20 34.66 102.63 -11.97
N ASP DG 21 35.75 101.88 -11.79
CA ASP DG 21 36.93 102.10 -12.61
C ASP DG 21 36.72 101.56 -14.02
N ALA DG 22 36.16 100.37 -14.14
CA ALA DG 22 35.87 99.80 -15.45
C ALA DG 22 34.90 100.68 -16.24
N MET DG 23 33.89 101.22 -15.56
CA MET DG 23 32.94 102.09 -16.24
C MET DG 23 33.62 103.31 -16.83
N CYS DG 24 34.51 103.95 -16.06
CA CYS DG 24 35.13 105.17 -16.54
C CYS DG 24 36.09 104.92 -17.69
N LYS DG 25 36.69 103.73 -17.76
CA LYS DG 25 37.64 103.42 -18.82
C LYS DG 25 36.95 102.98 -20.10
N ALA DG 26 35.81 102.30 -19.98
CA ALA DG 26 35.19 101.63 -21.11
C ALA DG 26 34.42 102.55 -22.04
N ALA DG 27 34.11 103.77 -21.63
CA ALA DG 27 33.35 104.67 -22.49
C ALA DG 27 33.46 106.08 -21.96
N ASN DG 28 32.96 107.03 -22.73
CA ASN DG 28 33.04 108.45 -22.38
C ASN DG 28 31.88 108.81 -21.46
N VAL DG 29 32.02 108.42 -20.18
CA VAL DG 29 31.05 108.75 -19.15
C VAL DG 29 31.80 109.39 -17.98
N GLU DG 30 31.05 110.16 -17.19
CA GLU DG 30 31.61 110.88 -16.06
C GLU DG 30 31.01 110.35 -14.77
N LEU DG 31 31.85 110.22 -13.74
CA LEU DG 31 31.42 109.63 -12.47
C LEU DG 31 30.77 110.69 -11.60
N ILE DG 32 29.54 110.43 -11.17
CA ILE DG 32 28.82 111.39 -10.33
C ILE DG 32 29.25 111.25 -8.88
N GLY DG 33 29.15 110.06 -8.32
CA GLY DG 33 29.60 109.84 -6.96
C GLY DG 33 29.14 108.50 -6.45
N TYR DG 34 29.56 108.20 -5.22
CA TYR DG 34 29.15 107.01 -4.50
C TYR DG 34 28.06 107.36 -3.50
N GLU DG 35 27.30 106.34 -3.10
CA GLU DG 35 26.26 106.53 -2.09
C GLU DG 35 25.94 105.16 -1.49
N ASN DG 36 26.36 104.94 -0.26
CA ASN DG 36 26.07 103.69 0.43
C ASN DG 36 24.92 103.89 1.39
N VAL DG 37 23.96 102.97 1.35
CA VAL DG 37 22.74 103.07 2.16
C VAL DG 37 22.72 101.85 3.08
N GLY DG 38 23.31 101.99 4.25
CA GLY DG 38 23.18 100.93 5.23
C GLY DG 38 23.91 99.67 4.84
N SER DG 39 23.23 98.54 4.96
CA SER DG 39 23.89 97.26 5.10
C SER DG 39 24.67 96.87 3.86
N GLY DG 40 25.98 97.09 3.91
CA GLY DG 40 26.92 96.70 2.88
C GLY DG 40 26.48 96.88 1.44
N LEU DG 41 25.84 98.00 1.13
CA LEU DG 41 25.36 98.27 -0.22
C LEU DG 41 25.90 99.62 -0.65
N VAL DG 42 26.79 99.61 -1.65
CA VAL DG 42 27.33 100.83 -2.22
C VAL DG 42 26.89 100.91 -3.67
N THR DG 43 26.65 102.14 -4.13
CA THR DG 43 26.13 102.38 -5.47
C THR DG 43 26.94 103.48 -6.13
N ALA DG 44 27.34 103.25 -7.37
CA ALA DG 44 28.05 104.24 -8.18
C ALA DG 44 27.14 104.72 -9.30
N MET DG 45 27.23 106.01 -9.63
CA MET DG 45 26.37 106.62 -10.61
C MET DG 45 27.21 107.31 -11.67
N VAL DG 46 26.95 107.03 -12.94
CA VAL DG 46 27.63 107.65 -14.06
C VAL DG 46 26.59 108.29 -14.97
N LYS DG 47 27.02 109.28 -15.74
CA LYS DG 47 26.13 109.96 -16.67
C LYS DG 47 26.85 110.27 -17.97
N GLY DG 48 26.09 110.30 -19.05
CA GLY DG 48 26.64 110.51 -20.37
C GLY DG 48 25.58 110.21 -21.41
N ASP DG 49 26.02 110.11 -22.66
CA ASP DG 49 25.07 109.80 -23.71
C ASP DG 49 24.53 108.38 -23.56
N VAL DG 50 23.41 108.11 -24.24
CA VAL DG 50 22.70 106.86 -24.01
C VAL DG 50 23.48 105.67 -24.53
N GLY DG 51 24.15 105.82 -25.67
CA GLY DG 51 24.95 104.72 -26.18
C GLY DG 51 26.21 104.50 -25.39
N ALA DG 52 26.81 105.58 -24.89
CA ALA DG 52 27.99 105.45 -24.05
C ALA DG 52 27.63 104.84 -22.70
N VAL DG 53 26.61 105.39 -22.04
CA VAL DG 53 26.24 104.92 -20.71
C VAL DG 53 25.82 103.46 -20.76
N ASN DG 54 25.15 103.05 -21.83
CA ASN DG 54 24.77 101.66 -21.97
C ASN DG 54 26.00 100.77 -22.11
N ALA DG 55 27.05 101.31 -22.74
CA ALA DG 55 28.27 100.53 -22.94
C ALA DG 55 29.14 100.51 -21.69
N ALA DG 56 28.99 101.50 -20.82
CA ALA DG 56 29.77 101.52 -19.60
C ALA DG 56 29.20 100.57 -18.57
N VAL DG 57 27.87 100.45 -18.50
CA VAL DG 57 27.25 99.68 -17.43
C VAL DG 57 27.48 98.19 -17.63
N ASP DG 58 27.42 97.70 -18.86
CA ASP DG 58 27.60 96.27 -19.05
C ASP DG 58 29.05 95.85 -18.89
N SER DG 59 29.99 96.78 -19.06
CA SER DG 59 31.38 96.46 -18.75
C SER DG 59 31.64 96.54 -17.26
N GLY DG 60 31.09 97.53 -16.59
CA GLY DG 60 31.26 97.65 -15.15
C GLY DG 60 30.63 96.51 -14.38
N VAL DG 61 29.49 96.01 -14.84
CA VAL DG 61 28.88 94.84 -14.21
C VAL DG 61 29.76 93.62 -14.42
N GLU DG 62 30.41 93.53 -15.58
CA GLU DG 62 31.24 92.39 -15.90
C GLU DG 62 32.45 92.31 -14.99
N ALA DG 63 33.01 93.46 -14.61
CA ALA DG 63 34.20 93.50 -13.78
C ALA DG 63 33.88 93.22 -12.32
N ALA DG 64 32.87 93.89 -11.78
CA ALA DG 64 32.54 93.71 -10.37
C ALA DG 64 31.97 92.32 -10.10
N LYS DG 65 31.28 91.74 -11.09
CA LYS DG 65 30.80 90.36 -10.94
C LYS DG 65 31.94 89.37 -10.79
N ARG DG 66 33.15 89.78 -11.16
CA ARG DG 66 34.30 88.88 -11.12
C ARG DG 66 34.76 88.64 -9.69
N ILE DG 67 34.77 89.67 -8.86
CA ILE DG 67 35.32 89.59 -7.53
C ILE DG 67 34.30 89.80 -6.43
N GLY DG 68 33.08 90.20 -6.76
CA GLY DG 68 32.07 90.42 -5.74
C GLY DG 68 30.68 90.11 -6.21
N LYS DG 69 29.69 90.65 -5.53
CA LYS DG 69 28.29 90.45 -5.89
C LYS DG 69 27.75 91.75 -6.46
N VAL DG 70 27.26 91.69 -7.69
CA VAL DG 70 26.51 92.79 -8.28
C VAL DG 70 25.04 92.55 -8.00
N VAL DG 71 24.43 93.47 -7.27
CA VAL DG 71 23.04 93.30 -6.86
C VAL DG 71 22.08 93.75 -7.95
N SER DG 72 22.30 94.93 -8.52
CA SER DG 72 21.40 95.46 -9.53
C SER DG 72 22.15 96.43 -10.43
N SER DG 73 21.65 96.57 -11.65
CA SER DG 73 22.14 97.56 -12.59
C SER DG 73 20.97 98.08 -13.39
N ARG DG 74 21.11 99.32 -13.89
CA ARG DG 74 19.97 99.95 -14.54
C ARG DG 74 20.45 101.20 -15.27
N VAL DG 75 19.91 101.42 -16.45
CA VAL DG 75 20.15 102.63 -17.24
C VAL DG 75 18.84 103.37 -17.40
N ILE DG 76 18.86 104.67 -17.17
CA ILE DG 76 17.69 105.53 -17.35
C ILE DG 76 17.98 106.45 -18.51
N ALA DG 77 17.22 106.30 -19.60
CA ALA DG 77 17.57 106.97 -20.84
C ALA DG 77 17.31 108.47 -20.77
N ARG DG 78 16.26 108.89 -20.05
CA ARG DG 78 16.00 110.30 -19.83
C ARG DG 78 15.50 110.48 -18.41
N PRO DG 79 16.38 110.82 -17.47
CA PRO DG 79 15.94 111.02 -16.10
C PRO DG 79 15.11 112.29 -15.99
N HIS DG 80 14.04 112.22 -15.20
CA HIS DG 80 13.17 113.36 -15.03
C HIS DG 80 13.90 114.48 -14.32
N ASN DG 81 13.55 115.72 -14.69
CA ASN DG 81 14.28 116.88 -14.20
C ASN DG 81 14.29 116.94 -12.68
N ASP DG 82 13.17 116.53 -12.05
CA ASP DG 82 13.09 116.54 -10.60
C ASP DG 82 14.18 115.69 -9.96
N ILE DG 83 14.50 114.56 -10.58
CA ILE DG 83 15.47 113.64 -10.05
C ILE DG 83 16.87 114.12 -10.36
N GLU EG 3 49.54 107.40 -8.84
CA GLU EG 3 50.16 106.25 -8.21
C GLU EG 3 49.14 105.15 -8.00
N ALA EG 4 49.61 103.91 -7.86
CA ALA EG 4 48.73 102.75 -7.76
C ALA EG 4 47.88 102.82 -6.51
N LEU EG 5 47.00 101.85 -6.32
CA LEU EG 5 46.05 101.90 -5.22
C LEU EG 5 45.66 100.49 -4.84
N GLY EG 6 45.77 100.15 -3.56
CA GLY EG 6 45.47 98.82 -3.09
C GLY EG 6 44.40 98.83 -2.03
N LEU EG 7 43.57 97.80 -2.03
CA LEU EG 7 42.44 97.70 -1.12
C LEU EG 7 42.38 96.31 -0.49
N ILE EG 8 42.14 96.27 0.81
CA ILE EG 8 41.82 95.05 1.51
C ILE EG 8 40.51 95.28 2.26
N GLU EG 9 39.60 94.32 2.19
CA GLU EG 9 38.31 94.42 2.86
C GLU EG 9 38.16 93.26 3.82
N THR EG 10 37.90 93.57 5.08
CA THR EG 10 37.87 92.57 6.13
C THR EG 10 36.59 92.72 6.94
N LYS EG 11 36.21 91.64 7.61
CA LYS EG 11 35.06 91.62 8.49
C LYS EG 11 35.52 91.92 9.91
N GLY EG 12 35.19 93.09 10.42
CA GLY EG 12 35.63 93.49 11.73
C GLY EG 12 36.82 94.43 11.65
N LEU EG 13 36.95 95.28 12.66
CA LEU EG 13 38.00 96.29 12.63
C LEU EG 13 39.36 95.74 13.06
N VAL EG 14 39.37 94.75 13.95
CA VAL EG 14 40.64 94.24 14.45
C VAL EG 14 41.44 93.61 13.31
N ALA EG 15 40.79 92.80 12.48
CA ALA EG 15 41.48 92.19 11.35
C ALA EG 15 41.97 93.23 10.36
N CYS EG 16 41.41 94.43 10.37
CA CYS EG 16 41.83 95.45 9.43
C CYS EG 16 43.05 96.22 9.94
N ILE EG 17 43.22 96.32 11.25
CA ILE EG 17 44.43 96.98 11.76
C ILE EG 17 45.62 96.04 11.66
N GLU EG 18 45.41 94.74 11.79
CA GLU EG 18 46.49 93.81 11.52
C GLU EG 18 46.89 93.85 10.05
N ALA EG 19 45.91 93.91 9.15
CA ALA EG 19 46.21 94.00 7.73
C ALA EG 19 46.94 95.29 7.41
N ALA EG 20 46.50 96.41 7.98
CA ALA EG 20 47.14 97.68 7.68
C ALA EG 20 48.53 97.77 8.29
N ASP EG 21 48.78 97.06 9.39
CA ASP EG 21 50.11 97.07 9.97
C ASP EG 21 51.09 96.27 9.12
N ALA EG 22 50.64 95.13 8.60
CA ALA EG 22 51.50 94.33 7.72
C ALA EG 22 51.77 95.07 6.43
N MET EG 23 50.76 95.77 5.90
CA MET EG 23 50.95 96.52 4.67
C MET EG 23 51.99 97.62 4.84
N CYS EG 24 51.91 98.37 5.94
CA CYS EG 24 52.78 99.53 6.10
C CYS EG 24 54.21 99.14 6.40
N LYS EG 25 54.45 97.93 6.89
CA LYS EG 25 55.81 97.47 7.16
C LYS EG 25 56.44 96.79 5.96
N ALA EG 26 55.64 96.31 5.01
CA ALA EG 26 56.13 95.49 3.92
C ALA EG 26 56.79 96.30 2.82
N ALA EG 27 56.41 97.56 2.65
CA ALA EG 27 56.97 98.38 1.59
C ALA EG 27 56.76 99.84 1.93
N ASN EG 28 57.16 100.70 1.01
CA ASN EG 28 57.11 102.14 1.23
C ASN EG 28 55.83 102.71 0.60
N VAL EG 29 54.72 102.46 1.29
CA VAL EG 29 53.41 102.96 0.88
C VAL EG 29 52.87 103.84 1.98
N GLU EG 30 52.08 104.85 1.59
CA GLU EG 30 51.41 105.70 2.56
C GLU EG 30 49.97 105.24 2.70
N LEU EG 31 49.51 105.18 3.94
CA LEU EG 31 48.18 104.67 4.25
C LEU EG 31 47.17 105.80 4.24
N ILE EG 32 46.09 105.63 3.49
CA ILE EG 32 45.13 106.70 3.28
C ILE EG 32 44.11 106.77 4.43
N GLY EG 33 43.45 105.66 4.73
CA GLY EG 33 42.52 105.65 5.83
C GLY EG 33 41.48 104.57 5.65
N TYR EG 34 40.72 104.35 6.71
CA TYR EG 34 39.71 103.32 6.74
C TYR EG 34 38.39 103.86 6.22
N GLU EG 35 37.47 102.94 5.93
CA GLU EG 35 36.12 103.31 5.49
C GLU EG 35 35.23 102.10 5.70
N ASN EG 36 34.30 102.19 6.64
CA ASN EG 36 33.38 101.11 6.91
C ASN EG 36 32.01 101.44 6.33
N VAL EG 37 31.41 100.46 5.66
CA VAL EG 37 30.17 100.66 4.93
C VAL EG 37 29.00 99.94 5.59
N GLY EG 38 29.18 99.44 6.80
CA GLY EG 38 28.13 98.72 7.48
C GLY EG 38 28.20 97.23 7.23
N SER EG 39 27.48 96.49 8.07
CA SER EG 39 27.46 95.04 8.09
C SER EG 39 28.79 94.44 8.54
N GLY EG 40 29.63 95.24 9.18
CA GLY EG 40 30.90 94.75 9.69
C GLY EG 40 32.04 94.79 8.71
N LEU EG 41 31.85 95.38 7.54
CA LEU EG 41 32.88 95.41 6.51
C LEU EG 41 33.71 96.68 6.67
N VAL EG 42 35.01 96.51 6.86
CA VAL EG 42 35.94 97.63 6.97
C VAL EG 42 37.00 97.48 5.89
N THR EG 43 37.43 98.59 5.32
CA THR EG 43 38.35 98.60 4.18
C THR EG 43 39.49 99.54 4.46
N ALA EG 44 40.71 99.07 4.20
CA ALA EG 44 41.92 99.88 4.30
C ALA EG 44 42.46 100.16 2.90
N MET EG 45 42.98 101.36 2.69
CA MET EG 45 43.41 101.81 1.38
C MET EG 45 44.81 102.39 1.47
N VAL EG 46 45.72 101.89 0.65
CA VAL EG 46 47.08 102.40 0.58
C VAL EG 46 47.34 102.88 -0.84
N LYS EG 47 48.40 103.66 -1.01
CA LYS EG 47 48.77 104.16 -2.32
C LYS EG 47 50.26 104.36 -2.40
N GLY EG 48 50.81 104.07 -3.58
CA GLY EG 48 52.24 104.17 -3.81
C GLY EG 48 52.57 103.60 -5.17
N ASP EG 49 53.86 103.38 -5.40
CA ASP EG 49 54.27 102.76 -6.65
C ASP EG 49 53.73 101.35 -6.75
N VAL EG 50 53.59 100.87 -7.99
CA VAL EG 50 52.85 99.63 -8.22
C VAL EG 50 53.65 98.40 -7.82
N GLY EG 51 54.98 98.50 -7.75
CA GLY EG 51 55.74 97.39 -7.21
C GLY EG 51 55.64 97.30 -5.70
N ALA EG 52 55.54 98.45 -5.04
CA ALA EG 52 55.38 98.48 -3.59
C ALA EG 52 53.96 98.08 -3.20
N VAL EG 53 52.97 98.66 -3.89
CA VAL EG 53 51.58 98.37 -3.54
C VAL EG 53 51.26 96.91 -3.76
N ASN EG 54 51.83 96.31 -4.79
CA ASN EG 54 51.60 94.89 -5.03
C ASN EG 54 52.18 94.05 -3.91
N ALA EG 55 53.35 94.44 -3.40
CA ALA EG 55 53.98 93.68 -2.32
C ALA EG 55 53.24 93.86 -1.02
N ALA EG 56 52.72 95.06 -0.77
CA ALA EG 56 52.03 95.33 0.49
C ALA EG 56 50.71 94.57 0.57
N VAL EG 57 49.93 94.58 -0.50
CA VAL EG 57 48.61 93.95 -0.46
C VAL EG 57 48.73 92.45 -0.29
N ASP EG 58 49.73 91.83 -0.90
CA ASP EG 58 49.93 90.40 -0.70
C ASP EG 58 50.33 90.08 0.72
N SER EG 59 51.12 90.95 1.34
CA SER EG 59 51.52 90.73 2.72
C SER EG 59 50.36 90.97 3.67
N GLY EG 60 49.61 92.05 3.46
CA GLY EG 60 48.48 92.35 4.33
C GLY EG 60 47.39 91.31 4.27
N VAL EG 61 47.20 90.68 3.12
CA VAL EG 61 46.16 89.68 3.00
C VAL EG 61 46.50 88.45 3.83
N GLU EG 62 47.77 88.02 3.80
CA GLU EG 62 48.15 86.81 4.52
C GLU EG 62 48.11 87.02 6.03
N ALA EG 63 48.44 88.23 6.49
CA ALA EG 63 48.43 88.48 7.93
C ALA EG 63 47.01 88.58 8.46
N ALA EG 64 46.14 89.30 7.77
CA ALA EG 64 44.75 89.40 8.22
C ALA EG 64 44.02 88.07 8.08
N LYS EG 65 44.38 87.28 7.07
CA LYS EG 65 43.78 85.95 6.92
C LYS EG 65 44.04 85.08 8.12
N ARG EG 66 45.14 85.32 8.82
CA ARG EG 66 45.55 84.47 9.92
C ARG EG 66 44.63 84.61 11.14
N ILE EG 67 44.11 85.82 11.37
CA ILE EG 67 43.38 86.13 12.59
C ILE EG 67 41.95 86.58 12.34
N GLY EG 68 41.51 86.61 11.10
CA GLY EG 68 40.16 87.03 10.79
C GLY EG 68 39.75 86.56 9.43
N LYS EG 69 38.71 87.18 8.90
CA LYS EG 69 38.20 86.87 7.58
C LYS EG 69 38.55 88.01 6.64
N VAL EG 70 39.24 87.70 5.56
CA VAL EG 70 39.49 88.65 4.49
C VAL EG 70 38.44 88.43 3.42
N VAL EG 71 37.66 89.46 3.14
CA VAL EG 71 36.56 89.33 2.18
C VAL EG 71 37.05 89.51 0.75
N SER EG 72 37.90 90.49 0.51
CA SER EG 72 38.30 90.83 -0.84
C SER EG 72 39.56 91.67 -0.80
N SER EG 73 40.33 91.60 -1.88
CA SER EG 73 41.53 92.41 -2.05
C SER EG 73 41.66 92.77 -3.52
N ARG EG 74 42.42 93.84 -3.79
CA ARG EG 74 42.47 94.35 -5.15
C ARG EG 74 43.58 95.38 -5.26
N VAL EG 75 44.32 95.34 -6.37
CA VAL EG 75 45.28 96.36 -6.73
C VAL EG 75 44.82 97.00 -8.02
N ILE EG 76 44.84 98.32 -8.06
CA ILE EG 76 44.49 99.09 -9.25
C ILE EG 76 45.75 99.83 -9.69
N ALA EG 77 46.32 99.41 -10.81
CA ALA EG 77 47.63 99.89 -11.20
C ALA EG 77 47.60 101.33 -11.69
N ARG EG 78 46.72 101.63 -12.64
CA ARG EG 78 46.53 103.00 -13.11
C ARG EG 78 45.10 103.43 -12.81
N PRO EG 79 44.84 104.06 -11.67
CA PRO EG 79 43.48 104.48 -11.35
C PRO EG 79 43.11 105.71 -12.15
N HIS EG 80 41.84 105.77 -12.53
CA HIS EG 80 41.35 106.90 -13.30
C HIS EG 80 41.31 108.16 -12.45
N ASN EG 81 41.44 109.31 -13.11
CA ASN EG 81 41.51 110.57 -12.38
C ASN EG 81 40.17 110.94 -11.74
N ASP EG 82 39.07 110.44 -12.30
CA ASP EG 82 37.77 110.64 -11.67
C ASP EG 82 37.67 109.88 -10.36
N ILE EG 83 38.42 108.79 -10.22
CA ILE EG 83 38.42 108.02 -9.01
C ILE EG 83 39.37 108.62 -8.00
N GLU FG 3 63.89 97.49 -20.08
CA GLU FG 3 62.63 97.35 -19.38
C GLU FG 3 62.01 95.99 -19.65
N ALA FG 4 61.01 95.62 -18.86
CA ALA FG 4 60.45 94.28 -18.94
C ALA FG 4 59.71 94.08 -20.26
N LEU FG 5 59.23 92.86 -20.47
CA LEU FG 5 58.61 92.50 -21.72
C LEU FG 5 57.48 91.50 -21.46
N GLY FG 6 56.29 91.83 -21.94
CA GLY FG 6 55.14 90.95 -21.75
C GLY FG 6 54.52 90.50 -23.05
N LEU FG 7 54.20 89.22 -23.13
CA LEU FG 7 53.72 88.60 -24.36
C LEU FG 7 52.42 87.84 -24.11
N ILE FG 8 51.47 88.00 -25.01
CA ILE FG 8 50.25 87.20 -25.03
C ILE FG 8 50.07 86.65 -26.42
N GLU FG 9 49.65 85.40 -26.53
CA GLU FG 9 49.48 84.74 -27.81
C GLU FG 9 48.09 84.12 -27.88
N THR FG 10 47.38 84.40 -28.96
CA THR FG 10 45.99 83.99 -29.11
C THR FG 10 45.77 83.39 -30.48
N LYS FG 11 44.64 82.71 -30.63
CA LYS FG 11 44.17 82.24 -31.93
C LYS FG 11 43.25 83.29 -32.53
N GLY FG 12 43.64 83.87 -33.63
CA GLY FG 12 42.75 84.86 -34.24
C GLY FG 12 43.09 86.27 -33.81
N LEU FG 13 42.73 87.22 -34.66
CA LEU FG 13 43.10 88.61 -34.44
C LEU FG 13 42.17 89.32 -33.47
N VAL FG 14 40.91 88.90 -33.39
CA VAL FG 14 39.97 89.63 -32.56
C VAL FG 14 40.32 89.46 -31.09
N ALA FG 15 40.65 88.24 -30.66
CA ALA FG 15 41.04 88.04 -29.27
C ALA FG 15 42.33 88.76 -28.93
N CYS FG 16 43.14 89.11 -29.92
CA CYS FG 16 44.39 89.81 -29.64
C CYS FG 16 44.21 91.32 -29.60
N ILE FG 17 43.19 91.85 -30.27
CA ILE FG 17 42.90 93.27 -30.12
C ILE FG 17 42.21 93.54 -28.80
N GLU FG 18 41.45 92.57 -28.29
CA GLU FG 18 40.86 92.74 -26.97
C GLU FG 18 41.92 92.61 -25.89
N ALA FG 19 42.87 91.70 -26.05
CA ALA FG 19 43.97 91.60 -25.10
C ALA FG 19 44.84 92.85 -25.13
N ALA FG 20 45.13 93.37 -26.32
CA ALA FG 20 45.98 94.55 -26.41
C ALA FG 20 45.29 95.78 -25.86
N ASP FG 21 43.97 95.84 -25.99
CA ASP FG 21 43.23 96.99 -25.47
C ASP FG 21 43.18 96.96 -23.94
N ALA FG 22 42.93 95.79 -23.37
CA ALA FG 22 42.88 95.68 -21.92
C ALA FG 22 44.24 95.95 -21.29
N MET FG 23 45.31 95.49 -21.94
CA MET FG 23 46.65 95.71 -21.40
C MET FG 23 46.98 97.19 -21.32
N CYS FG 24 46.73 97.93 -22.41
CA CYS FG 24 47.10 99.34 -22.43
C CYS FG 24 46.26 100.18 -21.49
N LYS FG 25 45.08 99.70 -21.10
CA LYS FG 25 44.22 100.44 -20.19
C LYS FG 25 44.62 100.24 -18.73
N ALA FG 26 45.09 99.04 -18.40
CA ALA FG 26 45.21 98.60 -17.02
C ALA FG 26 46.58 98.84 -16.41
N ALA FG 27 47.46 99.55 -17.10
CA ALA FG 27 48.79 99.84 -16.55
C ALA FG 27 49.49 100.80 -17.50
N ASN FG 28 50.61 101.34 -17.04
CA ASN FG 28 51.40 102.28 -17.83
C ASN FG 28 52.44 101.50 -18.61
N VAL FG 29 52.02 100.97 -19.76
CA VAL FG 29 52.88 100.19 -20.63
C VAL FG 29 52.82 100.79 -22.03
N GLU FG 30 53.75 100.38 -22.88
CA GLU FG 30 53.79 100.79 -24.27
C GLU FG 30 53.59 99.58 -25.15
N LEU FG 31 52.68 99.69 -26.12
CA LEU FG 31 52.43 98.62 -27.06
C LEU FG 31 53.46 98.69 -28.18
N ILE FG 32 54.16 97.59 -28.40
CA ILE FG 32 55.18 97.52 -29.45
C ILE FG 32 54.58 97.13 -30.78
N GLY FG 33 53.75 96.10 -30.80
CA GLY FG 33 53.07 95.74 -32.03
C GLY FG 33 52.63 94.29 -31.99
N TYR FG 34 52.00 93.89 -33.09
CA TYR FG 34 51.57 92.52 -33.30
C TYR FG 34 52.55 91.81 -34.21
N GLU FG 35 52.55 90.48 -34.15
CA GLU FG 35 53.43 89.69 -34.99
C GLU FG 35 52.82 88.30 -35.11
N ASN FG 36 52.22 88.01 -36.25
CA ASN FG 36 51.60 86.72 -36.49
C ASN FG 36 52.52 85.81 -37.27
N VAL FG 37 52.34 84.50 -37.08
CA VAL FG 37 53.23 83.51 -37.65
C VAL FG 37 52.44 82.46 -38.41
N GLY FG 38 51.25 82.82 -38.89
CA GLY FG 38 50.41 81.88 -39.57
C GLY FG 38 49.79 80.88 -38.61
N SER FG 39 48.89 80.07 -39.15
CA SER FG 39 48.02 79.17 -38.40
C SER FG 39 47.07 79.91 -37.47
N GLY FG 40 46.92 81.22 -37.66
CA GLY FG 40 46.03 81.99 -36.83
C GLY FG 40 46.59 82.44 -35.51
N LEU FG 41 47.85 82.13 -35.23
CA LEU FG 41 48.47 82.59 -33.99
C LEU FG 41 48.93 84.03 -34.15
N VAL FG 42 48.45 84.91 -33.29
CA VAL FG 42 48.85 86.30 -33.26
C VAL FG 42 49.36 86.62 -31.87
N THR FG 43 50.38 87.47 -31.79
CA THR FG 43 51.06 87.76 -30.53
C THR FG 43 51.15 89.27 -30.34
N ALA FG 44 50.85 89.72 -29.13
CA ALA FG 44 50.97 91.12 -28.74
C ALA FG 44 52.15 91.28 -27.80
N MET FG 45 52.87 92.40 -27.93
CA MET FG 45 54.06 92.65 -27.14
C MET FG 45 53.96 94.02 -26.49
N VAL FG 46 53.99 94.05 -25.17
CA VAL FG 46 54.00 95.29 -24.41
C VAL FG 46 55.34 95.45 -23.72
N LYS FG 47 55.65 96.67 -23.33
CA LYS FG 47 56.96 96.97 -22.77
C LYS FG 47 56.84 98.07 -21.72
N GLY FG 48 57.39 97.83 -20.55
CA GLY FG 48 57.35 98.83 -19.50
C GLY FG 48 58.09 98.33 -18.27
N ASP FG 49 57.90 99.03 -17.16
CA ASP FG 49 58.48 98.60 -15.90
C ASP FG 49 57.93 97.23 -15.51
N VAL FG 50 58.66 96.55 -14.62
CA VAL FG 50 58.34 95.16 -14.32
C VAL FG 50 57.00 95.04 -13.61
N GLY FG 51 56.74 95.94 -12.67
CA GLY FG 51 55.48 95.88 -11.95
C GLY FG 51 54.29 96.19 -12.83
N ALA FG 52 54.43 97.18 -13.70
CA ALA FG 52 53.37 97.51 -14.64
C ALA FG 52 53.14 96.37 -15.62
N VAL FG 53 54.20 95.92 -16.28
CA VAL FG 53 54.09 94.86 -17.28
C VAL FG 53 53.48 93.62 -16.69
N ASN FG 54 53.85 93.29 -15.45
CA ASN FG 54 53.24 92.16 -14.79
C ASN FG 54 51.73 92.34 -14.73
N ALA FG 55 51.27 93.46 -14.16
CA ALA FG 55 49.84 93.71 -13.99
C ALA FG 55 49.12 93.72 -15.33
N ALA FG 56 49.73 94.30 -16.36
CA ALA FG 56 49.08 94.37 -17.67
C ALA FG 56 48.79 92.98 -18.21
N VAL FG 57 49.77 92.09 -18.17
CA VAL FG 57 49.60 90.77 -18.76
C VAL FG 57 48.50 89.99 -18.05
N ASP FG 58 48.36 90.18 -16.74
CA ASP FG 58 47.30 89.49 -16.02
C ASP FG 58 45.92 89.94 -16.49
N SER FG 59 45.74 91.26 -16.66
CA SER FG 59 44.45 91.76 -17.11
C SER FG 59 44.20 91.42 -18.57
N GLY FG 60 45.23 91.51 -19.40
CA GLY FG 60 45.06 91.22 -20.81
C GLY FG 60 44.68 89.78 -21.09
N VAL FG 61 45.23 88.85 -20.32
CA VAL FG 61 44.86 87.45 -20.51
C VAL FG 61 43.45 87.21 -20.03
N GLU FG 62 43.01 87.98 -19.03
CA GLU FG 62 41.68 87.78 -18.47
C GLU FG 62 40.61 88.27 -19.42
N ALA FG 63 40.86 89.37 -20.13
CA ALA FG 63 39.91 89.86 -21.11
C ALA FG 63 39.89 89.01 -22.37
N ALA FG 64 41.07 88.60 -22.85
CA ALA FG 64 41.15 87.85 -24.09
C ALA FG 64 40.56 86.46 -23.92
N LYS FG 65 40.87 85.79 -22.82
CA LYS FG 65 40.33 84.46 -22.57
C LYS FG 65 38.81 84.45 -22.55
N ARG FG 66 38.21 85.63 -22.41
CA ARG FG 66 36.76 85.73 -22.23
C ARG FG 66 36.01 85.53 -23.53
N ILE FG 67 36.63 85.88 -24.65
CA ILE FG 67 35.98 85.77 -25.95
C ILE FG 67 36.68 84.81 -26.90
N GLY FG 68 37.97 84.51 -26.69
CA GLY FG 68 38.70 83.65 -27.59
C GLY FG 68 39.63 82.73 -26.83
N LYS FG 69 40.71 82.30 -27.45
CA LYS FG 69 41.63 81.35 -26.84
C LYS FG 69 42.98 82.01 -26.63
N VAL FG 70 43.44 82.02 -25.39
CA VAL FG 70 44.77 82.50 -25.06
C VAL FG 70 45.71 81.30 -25.03
N VAL FG 71 46.66 81.28 -25.96
CA VAL FG 71 47.54 80.12 -26.10
C VAL FG 71 48.62 80.12 -25.04
N SER FG 72 49.24 81.27 -24.79
CA SER FG 72 50.28 81.36 -23.78
C SER FG 72 50.54 82.82 -23.45
N SER FG 73 51.11 83.03 -22.27
CA SER FG 73 51.50 84.35 -21.80
C SER FG 73 52.81 84.23 -21.03
N ARG FG 74 53.54 85.34 -20.94
CA ARG FG 74 54.87 85.27 -20.39
C ARG FG 74 55.37 86.69 -20.12
N VAL FG 75 56.10 86.87 -19.02
CA VAL FG 75 56.77 88.11 -18.71
C VAL FG 75 58.26 87.84 -18.56
N ILE FG 76 59.06 88.59 -19.30
CA ILE FG 76 60.52 88.55 -19.16
C ILE FG 76 60.92 89.83 -18.42
N ALA FG 77 61.48 89.67 -17.23
CA ALA FG 77 61.75 90.84 -16.39
C ALA FG 77 62.89 91.68 -16.95
N ARG FG 78 63.95 91.04 -17.43
CA ARG FG 78 65.06 91.74 -18.06
C ARG FG 78 65.50 90.93 -19.27
N PRO FG 79 65.07 91.31 -20.47
CA PRO FG 79 65.49 90.58 -21.65
C PRO FG 79 66.92 90.91 -22.04
N HIS FG 80 67.57 89.94 -22.65
CA HIS FG 80 68.90 90.16 -23.19
C HIS FG 80 68.84 91.18 -24.31
N ASN FG 81 69.95 91.91 -24.49
CA ASN FG 81 69.96 92.93 -25.54
C ASN FG 81 69.78 92.33 -26.92
N ASP FG 82 70.21 91.08 -27.11
CA ASP FG 82 69.99 90.40 -28.39
C ASP FG 82 68.51 90.19 -28.65
N ILE FG 83 67.73 89.98 -27.59
CA ILE FG 83 66.30 89.78 -27.79
C ILE FG 83 65.62 91.05 -28.28
N GLU FG 84 66.21 92.22 -28.02
CA GLU FG 84 65.64 93.46 -28.53
C GLU FG 84 66.21 93.82 -29.90
N LYS FG 85 66.24 92.81 -30.76
CA LYS FG 85 66.41 92.96 -32.19
C LYS FG 85 65.48 92.03 -32.95
N ILE FG 86 64.83 91.11 -32.25
CA ILE FG 86 63.86 90.19 -32.84
C ILE FG 86 62.45 90.73 -32.71
N ALA FG 87 62.13 91.28 -31.53
CA ALA FG 87 60.84 91.94 -31.35
C ALA FG 87 60.78 93.22 -32.18
N GLY FG 88 61.66 94.17 -31.88
CA GLY FG 88 61.71 95.41 -32.63
C GLY FG 88 62.59 95.32 -33.86
N MET GG 1 36.23 -103.35 0.67
CA MET GG 1 37.60 -103.53 1.11
C MET GG 1 38.03 -104.97 0.96
N ILE GG 2 39.34 -105.21 1.02
CA ILE GG 2 39.89 -106.55 1.03
C ILE GG 2 41.03 -106.60 2.03
N LEU GG 3 41.21 -107.76 2.65
CA LEU GG 3 42.38 -107.99 3.49
C LEU GG 3 43.60 -108.23 2.62
N ALA GG 4 44.68 -107.52 2.90
CA ALA GG 4 45.89 -107.65 2.11
C ALA GG 4 47.09 -107.41 3.00
N LYS GG 5 48.25 -107.71 2.47
CA LYS GG 5 49.50 -107.59 3.20
C LYS GG 5 50.48 -106.77 2.37
N VAL GG 6 51.13 -105.79 2.99
CA VAL GG 6 52.11 -104.99 2.28
C VAL GG 6 53.36 -105.83 2.04
N THR GG 7 53.79 -105.90 0.78
CA THR GG 7 54.90 -106.75 0.40
C THR GG 7 56.03 -106.02 -0.31
N GLY GG 8 55.97 -104.70 -0.43
CA GLY GG 8 57.02 -103.97 -1.09
C GLY GG 8 56.61 -102.53 -1.30
N HIS GG 9 57.31 -101.87 -2.22
CA HIS GG 9 56.97 -100.50 -2.59
C HIS GG 9 57.47 -100.24 -4.00
N VAL GG 10 57.00 -99.14 -4.57
CA VAL GG 10 57.30 -98.76 -5.94
C VAL GG 10 57.84 -97.34 -5.95
N VAL GG 11 58.95 -97.13 -6.64
CA VAL GG 11 59.57 -95.81 -6.77
C VAL GG 11 59.34 -95.33 -8.19
N ALA GG 12 58.51 -94.31 -8.34
CA ALA GG 12 58.17 -93.75 -9.65
C ALA GG 12 58.48 -92.27 -9.63
N THR GG 13 59.31 -91.82 -10.56
CA THR GG 13 59.72 -90.42 -10.64
C THR GG 13 58.87 -89.61 -11.60
N GLN GG 14 58.66 -90.13 -12.80
CA GLN GG 14 57.84 -89.47 -13.82
C GLN GG 14 56.40 -89.92 -13.63
N LYS GG 15 55.57 -89.06 -13.05
CA LYS GG 15 54.20 -89.44 -12.77
C LYS GG 15 53.34 -88.19 -12.74
N CYS GG 16 52.03 -88.40 -12.65
CA CYS GG 16 51.07 -87.30 -12.68
C CYS GG 16 51.21 -86.47 -11.41
N ASP GG 17 50.39 -85.43 -11.32
CA ASP GG 17 50.42 -84.52 -10.20
C ASP GG 17 49.45 -84.89 -9.09
N GLU GG 18 48.41 -85.67 -9.41
CA GLU GG 18 47.51 -86.15 -8.39
C GLU GG 18 48.18 -87.14 -7.45
N LEU GG 19 49.40 -87.55 -7.75
CA LEU GG 19 50.11 -88.55 -6.94
C LEU GG 19 51.36 -88.00 -6.28
N ARG GG 20 51.59 -86.69 -6.32
CA ARG GG 20 52.79 -86.12 -5.74
C ARG GG 20 52.74 -86.19 -4.22
N GLY GG 21 53.82 -86.67 -3.61
CA GLY GG 21 53.91 -86.71 -2.17
C GLY GG 21 53.06 -87.77 -1.52
N SER GG 22 53.21 -89.01 -1.95
CA SER GG 22 52.45 -90.12 -1.39
C SER GG 22 53.25 -91.40 -1.60
N ASN GG 23 52.97 -92.39 -0.76
CA ASN GG 23 53.64 -93.67 -0.86
C ASN GG 23 52.92 -94.54 -1.86
N LEU GG 24 53.64 -95.50 -2.44
CA LEU GG 24 53.05 -96.45 -3.38
C LEU GG 24 53.48 -97.85 -2.97
N LEU GG 25 52.59 -98.59 -2.33
CA LEU GG 25 52.90 -99.88 -1.76
C LEU GG 25 52.38 -101.00 -2.64
N LEU GG 26 53.11 -102.11 -2.67
CA LEU GG 26 52.61 -103.33 -3.28
C LEU GG 26 51.75 -104.06 -2.27
N ILE GG 27 50.56 -104.46 -2.70
CA ILE GG 27 49.51 -104.91 -1.81
C ILE GG 27 49.05 -106.28 -2.32
N THR GG 28 49.33 -107.33 -1.56
CA THR GG 28 49.01 -108.67 -2.01
C THR GG 28 47.81 -109.21 -1.24
N ARG GG 29 46.79 -109.64 -1.96
CA ARG GG 29 45.60 -110.20 -1.33
C ARG GG 29 45.92 -111.56 -0.71
N LEU GG 30 45.49 -111.75 0.52
CA LEU GG 30 45.80 -112.97 1.26
C LEU GG 30 44.54 -113.79 1.48
N ASP GG 31 44.72 -115.12 1.52
CA ASP GG 31 43.60 -116.05 1.53
C ASP GG 31 43.07 -116.32 2.93
N ASP GG 32 42.20 -117.32 3.09
CA ASP GG 32 41.51 -117.56 4.36
C ASP GG 32 42.38 -118.22 5.41
N LYS GG 33 43.67 -118.41 5.16
CA LYS GG 33 44.62 -118.81 6.18
C LYS GG 33 45.58 -117.70 6.53
N GLN GG 34 45.26 -116.47 6.14
CA GLN GG 34 46.14 -115.32 6.27
C GLN GG 34 47.50 -115.59 5.63
N GLN GG 35 47.45 -115.92 4.33
CA GLN GG 35 48.63 -116.25 3.57
C GLN GG 35 48.49 -115.63 2.19
N PRO GG 36 49.50 -114.94 1.68
CA PRO GG 36 49.37 -114.27 0.39
C PRO GG 36 49.10 -115.24 -0.74
N MET GG 37 48.37 -114.76 -1.75
CA MET GG 37 48.03 -115.55 -2.92
C MET GG 37 49.02 -115.28 -4.04
N LYS GG 38 48.78 -115.89 -5.20
CA LYS GG 38 49.64 -115.75 -6.36
C LYS GG 38 48.96 -114.88 -7.39
N ASP GG 39 49.71 -113.94 -7.97
CA ASP GG 39 49.23 -113.07 -9.03
C ASP GG 39 48.03 -112.24 -8.56
N GLN GG 40 48.17 -111.63 -7.39
CA GLN GG 40 47.09 -110.86 -6.80
C GLN GG 40 47.61 -109.57 -6.19
N THR GG 41 48.49 -108.88 -6.90
CA THR GG 41 49.17 -107.70 -6.37
C THR GG 41 48.67 -106.44 -7.05
N TRP GG 42 48.34 -105.44 -6.24
CA TRP GG 42 47.97 -104.12 -6.73
C TRP GG 42 48.91 -103.09 -6.12
N VAL GG 43 48.84 -101.87 -6.62
CA VAL GG 43 49.61 -100.77 -6.10
C VAL GG 43 48.65 -99.80 -5.42
N ALA GG 44 48.89 -99.51 -4.15
CA ALA GG 44 47.98 -98.72 -3.35
C ALA GG 44 48.69 -97.50 -2.80
N VAL GG 45 48.00 -96.37 -2.82
CA VAL GG 45 48.52 -95.14 -2.25
C VAL GG 45 48.29 -95.19 -0.75
N ASP GG 46 49.37 -95.37 0.02
CA ASP GG 46 49.24 -95.41 1.47
C ASP GG 46 48.59 -94.13 1.98
N ASN GG 47 47.79 -94.27 3.03
CA ASN GG 47 47.06 -93.13 3.57
C ASN GG 47 47.12 -93.04 5.09
N VAL GG 48 47.48 -94.09 5.80
CA VAL GG 48 47.50 -94.09 7.26
C VAL GG 48 48.88 -94.44 7.83
N GLY GG 49 49.85 -94.73 6.99
CA GLY GG 49 51.18 -95.01 7.49
C GLY GG 49 51.46 -96.48 7.73
N ALA GG 50 51.27 -97.29 6.70
CA ALA GG 50 51.57 -98.70 6.76
C ALA GG 50 52.94 -98.98 6.17
N GLY GG 51 53.59 -100.02 6.69
CA GLY GG 51 54.91 -100.39 6.21
C GLY GG 51 54.96 -101.85 5.82
N MET GG 52 56.16 -102.42 5.73
CA MET GG 52 56.28 -103.79 5.27
C MET GG 52 55.68 -104.77 6.27
N HIS GG 53 55.17 -105.87 5.74
CA HIS GG 53 54.68 -107.02 6.51
C HIS GG 53 53.40 -106.74 7.28
N ASP GG 54 52.81 -105.57 7.13
CA ASP GG 54 51.63 -105.21 7.91
C ASP GG 54 50.37 -105.63 7.15
N ILE GG 55 49.40 -106.18 7.88
CA ILE GG 55 48.13 -106.55 7.29
C ILE GG 55 47.22 -105.33 7.27
N VAL GG 56 46.80 -104.92 6.08
CA VAL GG 56 46.07 -103.68 5.93
C VAL GG 56 44.72 -103.96 5.27
N LEU GG 57 43.95 -102.90 5.04
CA LEU GG 57 42.58 -103.00 4.54
C LEU GG 57 42.50 -102.07 3.33
N ALA GG 58 42.74 -102.62 2.14
CA ALA GG 58 42.86 -101.82 0.93
C ALA GG 58 41.49 -101.60 0.31
N GLU GG 59 41.17 -100.36 0.00
CA GLU GG 59 39.88 -99.98 -0.54
C GLU GG 59 39.99 -99.70 -2.03
N GLU GG 60 38.87 -99.90 -2.72
CA GLU GG 60 38.82 -99.74 -4.17
C GLU GG 60 38.65 -98.28 -4.55
N TYR GG 61 38.22 -98.04 -5.79
CA TYR GG 61 38.48 -96.80 -6.51
C TYR GG 61 38.46 -95.52 -5.69
N PHE GG 62 37.32 -95.15 -5.12
CA PHE GG 62 37.13 -93.78 -4.66
C PHE GG 62 37.50 -93.67 -3.18
N ALA GG 63 38.63 -93.01 -2.91
CA ALA GG 63 39.00 -92.63 -1.55
C ALA GG 63 39.63 -91.24 -1.50
N LEU GG 64 39.42 -90.41 -2.52
CA LEU GG 64 39.91 -89.04 -2.57
C LEU GG 64 41.43 -88.98 -2.42
N ASN GG 65 42.12 -89.57 -3.40
CA ASN GG 65 43.57 -89.63 -3.37
C ASN GG 65 44.19 -89.44 -4.75
N TYR GG 69 39.20 -87.66 -7.89
CA TYR GG 69 40.26 -88.47 -7.33
C TYR GG 69 39.78 -89.87 -7.01
N LYS GG 70 40.37 -90.87 -7.66
CA LYS GG 70 39.89 -92.24 -7.51
C LYS GG 70 41.01 -93.26 -7.37
N ALA GG 71 42.09 -92.93 -6.67
CA ALA GG 71 43.18 -93.88 -6.51
C ALA GG 71 42.85 -94.91 -5.43
N MET GG 72 43.34 -96.12 -5.64
CA MET GG 72 43.14 -97.23 -4.71
C MET GG 72 44.09 -97.02 -3.54
N SER GG 73 43.53 -96.83 -2.35
CA SER GG 73 44.33 -96.49 -1.18
C SER GG 73 44.11 -97.47 -0.04
N VAL GG 74 44.98 -97.39 0.94
CA VAL GG 74 44.88 -98.15 2.18
C VAL GG 74 44.17 -97.28 3.20
N VAL GG 75 43.18 -97.84 3.89
CA VAL GG 75 42.32 -97.06 4.76
C VAL GG 75 42.31 -97.54 6.21
N ALA GG 76 43.00 -98.62 6.52
CA ALA GG 76 42.98 -99.14 7.87
C ALA GG 76 44.10 -100.14 8.06
N ILE GG 77 44.71 -100.12 9.25
CA ILE GG 77 45.68 -101.14 9.66
C ILE GG 77 44.99 -102.07 10.64
N VAL GG 78 45.05 -103.35 10.38
CA VAL GG 78 44.21 -104.32 11.05
C VAL GG 78 44.95 -104.91 12.24
N GLU GG 79 44.29 -104.90 13.40
CA GLU GG 79 44.83 -105.49 14.62
C GLU GG 79 44.51 -106.96 14.74
N LYS GG 80 43.22 -107.31 14.71
CA LYS GG 80 42.76 -108.68 14.90
C LYS GG 80 41.78 -109.05 13.80
N VAL GG 81 41.90 -110.28 13.31
CA VAL GG 81 40.98 -110.84 12.33
C VAL GG 81 40.38 -112.09 12.98
N PHE GG 82 39.23 -111.94 13.62
CA PHE GG 82 38.53 -113.08 14.20
C PHE GG 82 37.69 -113.74 13.13
N ARG GG 83 37.91 -115.03 12.91
CA ARG GG 83 37.30 -115.72 11.78
C ARG GG 83 37.02 -117.17 12.18
N ASP GG 84 35.74 -117.53 12.25
CA ASP GG 84 35.36 -118.92 12.45
C ASP GG 84 33.89 -119.12 12.08
N GLU HG 3 96.40 -67.63 3.74
CA GLU HG 3 95.26 -67.65 2.84
C GLU HG 3 94.11 -66.85 3.43
N ALA HG 4 93.19 -66.42 2.58
CA ALA HG 4 92.08 -65.59 3.03
C ALA HG 4 91.08 -66.44 3.81
N LEU HG 5 89.98 -65.82 4.20
CA LEU HG 5 88.99 -66.49 5.03
C LEU HG 5 87.61 -65.96 4.67
N GLY HG 6 86.66 -66.86 4.48
CA GLY HG 6 85.32 -66.47 4.09
C GLY HG 6 84.29 -67.05 5.05
N LEU HG 7 83.25 -66.26 5.32
CA LEU HG 7 82.29 -66.58 6.36
C LEU HG 7 80.88 -66.26 5.89
N ILE HG 8 79.97 -67.20 6.09
CA ILE HG 8 78.54 -66.97 5.88
C ILE HG 8 77.81 -67.43 7.13
N GLU HG 9 76.78 -66.68 7.52
CA GLU HG 9 75.97 -67.01 8.68
C GLU HG 9 74.51 -67.03 8.28
N THR HG 10 73.81 -68.10 8.65
CA THR HG 10 72.43 -68.29 8.27
C THR HG 10 71.62 -68.73 9.48
N LYS HG 11 70.30 -68.61 9.35
CA LYS HG 11 69.37 -69.15 10.32
C LYS HG 11 68.94 -70.54 9.88
N GLY HG 12 69.25 -71.54 10.69
CA GLY HG 12 68.89 -72.89 10.33
C GLY HG 12 70.05 -73.63 9.69
N LEU HG 13 70.02 -74.96 9.82
CA LEU HG 13 71.12 -75.76 9.31
C LEU HG 13 70.99 -76.05 7.82
N VAL HG 14 69.75 -76.16 7.33
CA VAL HG 14 69.56 -76.50 5.92
C VAL HG 14 70.12 -75.40 5.03
N ALA HG 15 69.80 -74.15 5.32
CA ALA HG 15 70.27 -73.05 4.49
C ALA HG 15 71.79 -72.96 4.50
N CYS HG 16 72.44 -73.47 5.55
CA CYS HG 16 73.89 -73.39 5.62
C CYS HG 16 74.56 -74.50 4.82
N ILE HG 17 73.96 -75.69 4.79
CA ILE HG 17 74.56 -76.78 4.01
C ILE HG 17 74.42 -76.48 2.52
N GLU HG 18 73.33 -75.86 2.12
CA GLU HG 18 73.21 -75.40 0.74
C GLU HG 18 74.28 -74.37 0.42
N ALA HG 19 74.50 -73.41 1.32
CA ALA HG 19 75.52 -72.39 1.10
C ALA HG 19 76.91 -72.99 1.03
N ALA HG 20 77.21 -73.93 1.94
CA ALA HG 20 78.55 -74.49 1.96
C ALA HG 20 78.80 -75.42 0.78
N ASP HG 21 77.73 -75.91 0.14
CA ASP HG 21 77.91 -76.72 -1.06
C ASP HG 21 78.14 -75.84 -2.28
N ALA HG 22 77.40 -74.74 -2.38
CA ALA HG 22 77.62 -73.81 -3.48
C ALA HG 22 79.01 -73.20 -3.41
N MET HG 23 79.48 -72.87 -2.21
CA MET HG 23 80.82 -72.31 -2.07
C MET HG 23 81.87 -73.28 -2.58
N CYS HG 24 81.76 -74.56 -2.22
CA CYS HG 24 82.80 -75.51 -2.57
C CYS HG 24 82.82 -75.81 -4.05
N LYS HG 25 81.68 -75.69 -4.73
CA LYS HG 25 81.62 -75.97 -6.16
C LYS HG 25 82.08 -74.78 -6.99
N ALA HG 26 81.82 -73.57 -6.53
CA ALA HG 26 81.97 -72.38 -7.35
C ALA HG 26 83.41 -71.90 -7.47
N ALA HG 27 84.34 -72.40 -6.67
CA ALA HG 27 85.71 -71.94 -6.75
C ALA HG 27 86.59 -72.91 -5.98
N ASN HG 28 87.91 -72.71 -6.10
CA ASN HG 28 88.88 -73.59 -5.46
C ASN HG 28 89.12 -73.14 -4.03
N VAL HG 29 88.18 -73.48 -3.16
CA VAL HG 29 88.28 -73.18 -1.74
C VAL HG 29 88.03 -74.45 -0.96
N GLU HG 30 88.55 -74.51 0.25
CA GLU HG 30 88.44 -75.68 1.12
C GLU HG 30 87.59 -75.35 2.33
N LEU HG 31 86.76 -76.29 2.74
CA LEU HG 31 85.82 -76.07 3.83
C LEU HG 31 86.49 -76.35 5.16
N ILE HG 32 86.46 -75.37 6.06
CA ILE HG 32 87.09 -75.54 7.36
C ILE HG 32 86.17 -76.29 8.32
N GLY HG 33 84.96 -75.80 8.50
CA GLY HG 33 84.00 -76.50 9.34
C GLY HG 33 82.81 -75.63 9.63
N TYR HG 34 81.87 -76.20 10.37
CA TYR HG 34 80.69 -75.50 10.83
C TYR HG 34 80.85 -75.13 12.30
N GLU HG 35 80.06 -74.15 12.74
CA GLU HG 35 80.09 -73.73 14.13
C GLU HG 35 78.79 -72.99 14.42
N ASN HG 36 77.89 -73.61 15.17
CA ASN HG 36 76.64 -72.98 15.54
C ASN HG 36 76.74 -72.46 16.96
N VAL HG 37 76.31 -71.21 17.17
CA VAL HG 37 76.42 -70.53 18.45
C VAL HG 37 75.01 -70.20 18.90
N GLY HG 38 74.39 -71.12 19.62
CA GLY HG 38 73.10 -70.81 20.21
C GLY HG 38 72.00 -70.68 19.17
N SER HG 39 71.22 -69.61 19.29
CA SER HG 39 69.87 -69.60 18.74
C SER HG 39 69.85 -69.64 17.23
N GLY HG 40 69.67 -70.84 16.67
CA GLY HG 40 69.51 -71.07 15.26
C GLY HG 40 70.42 -70.29 14.35
N LEU HG 41 71.71 -70.27 14.66
CA LEU HG 41 72.70 -69.54 13.86
C LEU HG 41 73.86 -70.47 13.59
N VAL HG 42 74.02 -70.88 12.34
CA VAL HG 42 75.12 -71.74 11.92
C VAL HG 42 76.01 -70.95 10.98
N THR HG 43 77.31 -71.21 11.05
CA THR HG 43 78.30 -70.47 10.27
C THR HG 43 79.25 -71.45 9.61
N ALA HG 44 79.47 -71.28 8.32
CA ALA HG 44 80.43 -72.07 7.56
C ALA HG 44 81.64 -71.21 7.22
N MET HG 45 82.82 -71.81 7.26
CA MET HG 45 84.08 -71.10 7.04
C MET HG 45 84.87 -71.79 5.94
N VAL HG 46 85.31 -71.02 4.95
CA VAL HG 46 86.12 -71.53 3.86
C VAL HG 46 87.41 -70.72 3.80
N LYS HG 47 88.44 -71.31 3.19
CA LYS HG 47 89.71 -70.63 3.06
C LYS HG 47 90.35 -70.94 1.71
N GLY HG 48 91.09 -69.95 1.20
CA GLY HG 48 91.71 -70.07 -0.10
C GLY HG 48 92.29 -68.73 -0.51
N ASP HG 49 92.66 -68.63 -1.77
CA ASP HG 49 93.20 -67.36 -2.26
C ASP HG 49 92.13 -66.28 -2.22
N VAL HG 50 92.58 -65.02 -2.31
CA VAL HG 50 91.67 -63.91 -2.11
C VAL HG 50 90.67 -63.79 -3.26
N GLY HG 51 91.12 -64.03 -4.49
CA GLY HG 51 90.22 -63.98 -5.62
C GLY HG 51 89.25 -65.15 -5.64
N ALA HG 52 89.71 -66.33 -5.24
CA ALA HG 52 88.83 -67.49 -5.16
C ALA HG 52 87.83 -67.32 -4.04
N VAL HG 53 88.28 -66.98 -2.84
CA VAL HG 53 87.38 -66.88 -1.69
C VAL HG 53 86.33 -65.81 -1.94
N ASN HG 54 86.71 -64.70 -2.57
CA ASN HG 54 85.75 -63.67 -2.88
C ASN HG 54 84.69 -64.18 -3.84
N ALA HG 55 85.07 -65.09 -4.73
CA ALA HG 55 84.14 -65.63 -5.71
C ALA HG 55 83.26 -66.72 -5.11
N ALA HG 56 83.74 -67.36 -4.05
CA ALA HG 56 82.94 -68.41 -3.42
C ALA HG 56 81.87 -67.81 -2.52
N VAL HG 57 82.17 -66.69 -1.86
CA VAL HG 57 81.24 -66.16 -0.87
C VAL HG 57 80.02 -65.54 -1.54
N ASP HG 58 80.20 -64.86 -2.67
CA ASP HG 58 79.04 -64.24 -3.29
C ASP HG 58 78.17 -65.26 -3.99
N SER HG 59 78.71 -66.42 -4.34
CA SER HG 59 77.87 -67.49 -4.87
C SER HG 59 77.14 -68.21 -3.76
N GLY HG 60 77.83 -68.47 -2.64
CA GLY HG 60 77.19 -69.13 -1.52
C GLY HG 60 76.12 -68.30 -0.86
N VAL HG 61 76.31 -66.99 -0.81
CA VAL HG 61 75.26 -66.12 -0.28
C VAL HG 61 74.05 -66.17 -1.19
N GLU HG 62 74.28 -66.31 -2.48
CA GLU HG 62 73.19 -66.26 -3.46
C GLU HG 62 72.33 -67.51 -3.38
N ALA HG 63 72.93 -68.66 -3.05
CA ALA HG 63 72.20 -69.90 -2.95
C ALA HG 63 71.40 -69.98 -1.66
N ALA HG 64 72.03 -69.67 -0.53
CA ALA HG 64 71.33 -69.76 0.75
C ALA HG 64 70.24 -68.71 0.87
N LYS HG 65 70.42 -67.55 0.23
CA LYS HG 65 69.38 -66.54 0.20
C LYS HG 65 68.13 -67.03 -0.50
N ARG HG 66 68.24 -68.09 -1.29
CA ARG HG 66 67.11 -68.59 -2.06
C ARG HG 66 66.10 -69.30 -1.17
N ILE HG 67 66.58 -70.07 -0.21
CA ILE HG 67 65.72 -70.92 0.60
C ILE HG 67 65.72 -70.55 2.07
N GLY HG 68 66.58 -69.65 2.51
CA GLY HG 68 66.62 -69.29 3.91
C GLY HG 68 67.04 -67.86 4.12
N LYS HG 69 67.48 -67.53 5.33
CA LYS HG 69 67.92 -66.20 5.66
C LYS HG 69 69.43 -66.21 5.80
N VAL HG 70 70.10 -65.38 5.02
CA VAL HG 70 71.53 -65.15 5.18
C VAL HG 70 71.68 -63.93 6.09
N VAL HG 71 72.31 -64.13 7.24
CA VAL HG 71 72.40 -63.07 8.23
C VAL HG 71 73.57 -62.14 7.92
N SER HG 72 74.73 -62.72 7.62
CA SER HG 72 75.92 -61.91 7.38
C SER HG 72 76.92 -62.70 6.56
N SER HG 73 77.77 -61.98 5.84
CA SER HG 73 78.86 -62.57 5.10
C SER HG 73 80.05 -61.63 5.18
N ARG HG 74 81.25 -62.19 5.02
CA ARG HG 74 82.45 -61.39 5.22
C ARG HG 74 83.65 -62.15 4.71
N VAL HG 75 84.56 -61.44 4.04
CA VAL HG 75 85.83 -61.99 3.59
C VAL HG 75 86.95 -61.24 4.31
N ILE HG 76 87.90 -61.98 4.87
CA ILE HG 76 89.06 -61.40 5.52
C ILE HG 76 90.27 -61.72 4.67
N ALA HG 77 90.89 -60.68 4.11
CA ALA HG 77 91.90 -60.88 3.08
C ALA HG 77 93.19 -61.43 3.66
N ARG HG 78 93.55 -61.03 4.88
CA ARG HG 78 94.70 -61.59 5.57
C ARG HG 78 94.34 -61.73 7.04
N PRO HG 79 93.92 -62.90 7.47
CA PRO HG 79 93.61 -63.08 8.89
C PRO HG 79 94.87 -63.07 9.72
N HIS HG 80 94.78 -62.45 10.89
CA HIS HG 80 95.92 -62.36 11.78
C HIS HG 80 96.30 -63.74 12.29
N ASN HG 81 97.60 -63.94 12.51
CA ASN HG 81 98.11 -65.26 12.86
C ASN HG 81 97.45 -65.79 14.13
N ASP HG 82 97.18 -64.90 15.09
CA ASP HG 82 96.55 -65.31 16.34
C ASP HG 82 95.19 -65.96 16.10
N ILE HG 83 94.44 -65.43 15.14
CA ILE HG 83 93.11 -65.94 14.85
C ILE HG 83 93.21 -67.20 14.02
N GLU IG 3 76.34 -90.70 -2.75
CA GLU IG 3 74.90 -90.82 -2.86
C GLU IG 3 74.24 -89.51 -2.49
N ALA IG 4 72.98 -89.34 -2.90
CA ALA IG 4 72.28 -88.09 -2.70
C ALA IG 4 72.06 -87.83 -1.21
N LEU IG 5 71.44 -86.69 -0.91
CA LEU IG 5 71.28 -86.26 0.47
C LEU IG 5 70.05 -85.41 0.58
N GLY IG 6 69.18 -85.72 1.52
CA GLY IG 6 67.95 -84.98 1.70
C GLY IG 6 67.82 -84.45 3.11
N LEU IG 7 67.22 -83.27 3.24
CA LEU IG 7 67.08 -82.60 4.52
C LEU IG 7 65.68 -82.05 4.68
N ILE IG 8 65.12 -82.23 5.87
CA ILE IG 8 63.89 -81.57 6.27
C ILE IG 8 64.14 -80.88 7.59
N GLU IG 9 63.68 -79.65 7.72
CA GLU IG 9 63.85 -78.88 8.94
C GLU IG 9 62.50 -78.50 9.50
N THR IG 10 62.26 -78.85 10.76
CA THR IG 10 60.96 -78.67 11.39
C THR IG 10 61.12 -77.97 12.73
N LYS IG 11 60.06 -77.29 13.13
CA LYS IG 11 60.01 -76.64 14.44
C LYS IG 11 59.44 -77.62 15.45
N GLY IG 12 60.30 -78.11 16.33
CA GLY IG 12 59.87 -79.09 17.31
C GLY IG 12 60.28 -80.49 16.92
N LEU IG 13 60.48 -81.34 17.93
CA LEU IG 13 60.98 -82.69 17.66
C LEU IG 13 59.91 -83.64 17.18
N VAL IG 14 58.66 -83.48 17.65
CA VAL IG 14 57.61 -84.41 17.26
C VAL IG 14 57.38 -84.36 15.77
N ALA IG 15 57.27 -83.16 15.20
CA ALA IG 15 57.09 -83.04 13.76
C ALA IG 15 58.25 -83.65 12.99
N CYS IG 16 59.42 -83.73 13.61
CA CYS IG 16 60.57 -84.30 12.93
C CYS IG 16 60.55 -85.83 12.95
N ILE IG 17 59.94 -86.44 13.96
CA ILE IG 17 59.85 -87.89 13.97
C ILE IG 17 58.74 -88.38 13.05
N GLU IG 18 57.67 -87.61 12.91
CA GLU IG 18 56.68 -87.94 11.89
C GLU IG 18 57.27 -87.81 10.50
N ALA IG 19 58.07 -86.76 10.27
CA ALA IG 19 58.71 -86.60 8.97
C ALA IG 19 59.67 -87.74 8.68
N ALA IG 20 60.47 -88.13 9.65
CA ALA IG 20 61.45 -89.18 9.42
C ALA IG 20 60.79 -90.54 9.28
N ASP IG 21 59.61 -90.72 9.86
CA ASP IG 21 58.91 -92.00 9.69
C ASP IG 21 58.34 -92.13 8.29
N ALA IG 22 57.77 -91.05 7.75
CA ALA IG 22 57.27 -91.08 6.39
C ALA IG 22 58.41 -91.25 5.41
N MET IG 23 59.54 -90.59 5.65
CA MET IG 23 60.68 -90.71 4.75
C MET IG 23 61.19 -92.13 4.66
N CYS IG 24 61.31 -92.81 5.81
CA CYS IG 24 61.89 -94.14 5.82
C CYS IG 24 60.96 -95.21 5.27
N LYS IG 25 59.66 -94.95 5.25
CA LYS IG 25 58.70 -95.90 4.68
C LYS IG 25 58.50 -95.69 3.19
N ALA IG 26 58.80 -94.50 2.68
CA ALA IG 26 58.48 -94.15 1.30
C ALA IG 26 59.45 -94.74 0.30
N ALA IG 27 60.68 -95.00 0.69
CA ALA IG 27 61.67 -95.53 -0.25
C ALA IG 27 62.78 -96.19 0.55
N ASN IG 28 63.81 -96.64 -0.17
CA ASN IG 28 64.91 -97.38 0.43
C ASN IG 28 66.07 -96.43 0.70
N VAL IG 29 65.93 -95.66 1.76
CA VAL IG 29 66.94 -94.71 2.19
C VAL IG 29 67.35 -95.05 3.62
N GLU IG 30 68.61 -94.77 3.95
CA GLU IG 30 69.11 -94.96 5.30
C GLU IG 30 69.10 -93.62 6.03
N LEU IG 31 68.59 -93.63 7.24
CA LEU IG 31 68.46 -92.41 8.03
C LEU IG 31 69.74 -92.17 8.80
N ILE IG 32 70.32 -90.98 8.66
CA ILE IG 32 71.61 -90.68 9.27
C ILE IG 32 71.45 -90.24 10.72
N GLY IG 33 70.63 -89.23 10.98
CA GLY IG 33 70.38 -88.83 12.35
C GLY IG 33 69.90 -87.40 12.42
N TYR IG 34 69.48 -87.02 13.63
CA TYR IG 34 68.95 -85.70 13.89
C TYR IG 34 70.06 -84.74 14.28
N GLU IG 35 69.73 -83.45 14.24
CA GLU IG 35 70.68 -82.41 14.64
C GLU IG 35 69.90 -81.14 14.92
N ASN IG 36 69.83 -80.73 16.18
CA ASN IG 36 69.16 -79.49 16.52
C ASN IG 36 70.17 -78.38 16.75
N VAL IG 37 69.83 -77.18 16.28
CA VAL IG 37 70.71 -76.03 16.33
C VAL IG 37 70.18 -74.96 17.27
N GLY IG 38 69.16 -75.26 18.04
CA GLY IG 38 68.57 -74.29 18.93
C GLY IG 38 67.44 -73.52 18.29
N SER IG 39 66.69 -72.82 19.13
CA SER IG 39 65.49 -72.09 18.76
C SER IG 39 64.36 -73.01 18.31
N GLY IG 40 64.44 -74.29 18.67
CA GLY IG 40 63.40 -75.23 18.34
C GLY IG 40 63.51 -75.87 16.98
N LEU IG 41 64.60 -75.64 16.25
CA LEU IG 41 64.76 -76.16 14.90
C LEU IG 41 65.47 -77.51 14.97
N VAL IG 42 64.82 -78.55 14.46
CA VAL IG 42 65.39 -79.88 14.38
C VAL IG 42 65.42 -80.31 12.93
N THR IG 43 66.46 -81.03 12.53
CA THR IG 43 66.69 -81.39 11.15
C THR IG 43 66.97 -82.89 11.05
N ALA IG 44 66.31 -83.55 10.10
CA ALA IG 44 66.52 -84.95 9.81
C ALA IG 44 67.24 -85.08 8.47
N MET IG 45 68.15 -86.04 8.38
CA MET IG 45 69.00 -86.20 7.20
C MET IG 45 68.98 -87.65 6.75
N VAL IG 46 68.64 -87.88 5.49
CA VAL IG 46 68.65 -89.21 4.90
C VAL IG 46 69.63 -89.21 3.73
N LYS IG 47 69.98 -90.40 3.27
CA LYS IG 47 70.88 -90.52 2.14
C LYS IG 47 70.62 -91.82 1.40
N GLY IG 48 70.70 -91.75 0.08
CA GLY IG 48 70.45 -92.88 -0.78
C GLY IG 48 70.53 -92.43 -2.23
N ASP IG 49 70.03 -93.28 -3.12
CA ASP IG 49 70.00 -92.91 -4.53
C ASP IG 49 69.07 -91.73 -4.72
N VAL IG 50 69.28 -91.00 -5.82
CA VAL IG 50 68.60 -89.71 -6.01
C VAL IG 50 67.15 -89.88 -6.41
N GLY IG 51 66.76 -91.03 -6.95
CA GLY IG 51 65.35 -91.28 -7.18
C GLY IG 51 64.61 -91.62 -5.90
N ALA IG 52 65.30 -92.32 -4.99
CA ALA IG 52 64.69 -92.65 -3.70
C ALA IG 52 64.65 -91.45 -2.79
N VAL IG 53 65.73 -90.68 -2.72
CA VAL IG 53 65.79 -89.54 -1.82
C VAL IG 53 64.79 -88.48 -2.24
N ASN IG 54 64.59 -88.31 -3.55
CA ASN IG 54 63.61 -87.35 -4.02
C ASN IG 54 62.21 -87.76 -3.61
N ALA IG 55 61.92 -89.06 -3.64
CA ALA IG 55 60.59 -89.53 -3.27
C ALA IG 55 60.37 -89.45 -1.77
N ALA IG 56 61.42 -89.71 -0.98
CA ALA IG 56 61.28 -89.67 0.46
C ALA IG 56 61.06 -88.27 0.98
N VAL IG 57 61.81 -87.30 0.47
CA VAL IG 57 61.69 -85.94 0.98
C VAL IG 57 60.33 -85.35 0.65
N ASP IG 58 59.78 -85.69 -0.50
CA ASP IG 58 58.46 -85.17 -0.85
C ASP IG 58 57.39 -85.73 0.06
N SER IG 59 57.49 -87.00 0.43
CA SER IG 59 56.51 -87.60 1.31
C SER IG 59 56.69 -87.11 2.73
N GLY IG 60 57.94 -87.04 3.20
CA GLY IG 60 58.19 -86.55 4.53
C GLY IG 60 57.73 -85.13 4.75
N VAL IG 61 57.83 -84.28 3.73
CA VAL IG 61 57.40 -82.90 3.87
C VAL IG 61 55.89 -82.84 4.04
N GLU IG 62 55.16 -83.66 3.30
CA GLU IG 62 53.70 -83.58 3.36
C GLU IG 62 53.17 -84.14 4.67
N ALA IG 63 53.81 -85.16 5.23
CA ALA IG 63 53.35 -85.73 6.50
C ALA IG 63 53.62 -84.80 7.67
N ALA IG 64 54.83 -84.24 7.73
CA ALA IG 64 55.15 -83.32 8.81
C ALA IG 64 54.36 -82.02 8.69
N LYS IG 65 54.07 -81.58 7.47
CA LYS IG 65 53.25 -80.39 7.28
C LYS IG 65 51.88 -80.56 7.91
N ARG IG 66 51.40 -81.79 8.00
CA ARG IG 66 50.05 -82.05 8.48
C ARG IG 66 49.90 -81.77 9.97
N ILE IG 67 50.96 -82.01 10.75
CA ILE IG 67 50.88 -81.97 12.20
C ILE IG 67 51.83 -80.95 12.82
N GLY IG 68 52.58 -80.22 12.03
CA GLY IG 68 53.49 -79.25 12.56
C GLY IG 68 53.87 -78.25 11.51
N LYS IG 69 54.97 -77.54 11.76
CA LYS IG 69 55.49 -76.56 10.82
C LYS IG 69 56.77 -77.09 10.20
N VAL IG 70 56.78 -77.17 8.88
CA VAL IG 70 57.99 -77.50 8.14
C VAL IG 70 58.63 -76.19 7.72
N VAL IG 71 59.89 -75.99 8.12
CA VAL IG 71 60.58 -74.75 7.84
C VAL IG 71 61.25 -74.77 6.47
N SER IG 72 61.87 -75.88 6.12
CA SER IG 72 62.68 -75.94 4.92
C SER IG 72 62.92 -77.39 4.54
N SER IG 73 63.14 -77.62 3.25
CA SER IG 73 63.48 -78.94 2.75
C SER IG 73 64.40 -78.76 1.55
N ARG IG 74 65.16 -79.82 1.25
CA ARG IG 74 66.18 -79.68 0.23
C ARG IG 74 66.73 -81.06 -0.13
N VAL IG 75 66.95 -81.28 -1.42
CA VAL IG 75 67.66 -82.46 -1.91
C VAL IG 75 68.95 -81.99 -2.57
N ILE IG 76 70.05 -82.66 -2.24
CA ILE IG 76 71.35 -82.37 -2.83
C ILE IG 76 71.76 -83.60 -3.63
N ALA IG 77 71.72 -83.51 -4.95
CA ALA IG 77 71.88 -84.69 -5.79
C ALA IG 77 73.32 -85.20 -5.79
N ARG IG 78 74.29 -84.33 -6.06
CA ARG IG 78 75.70 -84.70 -5.98
C ARG IG 78 76.37 -83.85 -4.92
N PRO IG 79 76.45 -84.32 -3.69
CA PRO IG 79 77.10 -83.53 -2.63
C PRO IG 79 78.60 -83.59 -2.77
N HIS IG 80 79.24 -82.46 -2.45
CA HIS IG 80 80.68 -82.38 -2.54
C HIS IG 80 81.33 -83.25 -1.47
N ASN IG 81 82.55 -83.70 -1.76
CA ASN IG 81 83.23 -84.61 -0.85
C ASN IG 81 83.67 -83.91 0.43
N ASP IG 82 83.91 -82.60 0.37
CA ASP IG 82 84.18 -81.85 1.58
C ASP IG 82 82.97 -81.84 2.51
N ILE IG 83 81.77 -81.93 1.95
CA ILE IG 83 80.56 -81.94 2.73
C ILE IG 83 80.29 -83.34 3.26
N GLU JG 3 68.56 -93.70 -21.78
CA GLU JG 3 68.43 -92.89 -20.58
C GLU JG 3 67.70 -91.60 -20.87
N ALA JG 4 67.33 -90.87 -19.81
CA ALA JG 4 66.49 -89.71 -19.96
C ALA JG 4 67.21 -88.61 -20.73
N LEU JG 5 66.48 -87.55 -21.04
CA LEU JG 5 66.98 -86.48 -21.87
C LEU JG 5 66.44 -85.15 -21.36
N GLY JG 6 67.33 -84.20 -21.11
CA GLY JG 6 66.91 -82.91 -20.61
C GLY JG 6 67.34 -81.76 -21.48
N LEU JG 7 66.44 -80.83 -21.74
CA LEU JG 7 66.69 -79.73 -22.67
C LEU JG 7 66.39 -78.40 -22.01
N ILE JG 8 67.24 -77.42 -22.26
CA ILE JG 8 67.00 -76.04 -21.88
C ILE JG 8 67.25 -75.17 -23.10
N GLU JG 9 66.41 -74.17 -23.31
CA GLU JG 9 66.52 -73.29 -24.46
C GLU JG 9 66.53 -71.85 -23.99
N THR JG 10 67.52 -71.09 -24.43
CA THR JG 10 67.73 -69.73 -23.98
C THR JG 10 67.96 -68.82 -25.18
N LYS JG 11 67.86 -67.52 -24.93
CA LYS JG 11 68.27 -66.52 -25.91
C LYS JG 11 69.71 -66.12 -25.64
N GLY JG 12 70.57 -66.36 -26.61
CA GLY JG 12 71.96 -65.98 -26.40
C GLY JG 12 72.80 -67.10 -25.85
N LEU JG 13 74.10 -67.01 -26.10
CA LEU JG 13 75.00 -68.09 -25.71
C LEU JG 13 75.43 -67.99 -24.26
N VAL JG 14 75.46 -66.79 -23.69
CA VAL JG 14 75.95 -66.65 -22.33
C VAL JG 14 74.99 -67.31 -21.34
N ALA JG 15 73.70 -67.08 -21.50
CA ALA JG 15 72.73 -67.74 -20.64
C ALA JG 15 72.73 -69.24 -20.79
N CYS JG 16 73.24 -69.76 -21.90
CA CYS JG 16 73.27 -71.20 -22.11
C CYS JG 16 74.52 -71.83 -21.52
N ILE JG 17 75.63 -71.10 -21.45
CA ILE JG 17 76.81 -71.65 -20.80
C ILE JG 17 76.65 -71.65 -19.30
N GLU JG 18 75.86 -70.71 -18.76
CA GLU JG 18 75.57 -70.75 -17.34
C GLU JG 18 74.60 -71.87 -17.00
N ALA JG 19 73.62 -72.11 -17.86
CA ALA JG 19 72.73 -73.24 -17.66
C ALA JG 19 73.48 -74.56 -17.76
N ALA JG 20 74.38 -74.66 -18.73
CA ALA JG 20 75.11 -75.92 -18.90
C ALA JG 20 76.10 -76.15 -17.78
N ASP JG 21 76.64 -75.09 -17.20
CA ASP JG 21 77.57 -75.25 -16.08
C ASP JG 21 76.83 -75.67 -14.82
N ALA JG 22 75.69 -75.05 -14.54
CA ALA JG 22 74.91 -75.41 -13.37
C ALA JG 22 74.39 -76.83 -13.46
N MET JG 23 73.96 -77.24 -14.65
CA MET JG 23 73.43 -78.58 -14.84
C MET JG 23 74.49 -79.63 -14.54
N CYS JG 24 75.69 -79.42 -15.05
CA CYS JG 24 76.73 -80.44 -14.88
C CYS JG 24 77.27 -80.50 -13.47
N LYS JG 25 77.07 -79.44 -12.67
CA LYS JG 25 77.54 -79.45 -11.30
C LYS JG 25 76.53 -80.12 -10.37
N ALA JG 26 75.25 -79.96 -10.64
CA ALA JG 26 74.20 -80.28 -9.70
C ALA JG 26 73.66 -81.70 -9.82
N ALA JG 27 74.27 -82.55 -10.64
CA ALA JG 27 73.80 -83.92 -10.78
C ALA JG 27 74.82 -84.68 -11.62
N ASN JG 28 74.68 -86.01 -11.61
CA ASN JG 28 75.58 -86.87 -12.38
C ASN JG 28 74.97 -87.07 -13.77
N VAL JG 29 75.22 -86.10 -14.64
CA VAL JG 29 74.69 -86.11 -16.00
C VAL JG 29 75.85 -85.91 -16.97
N GLU JG 30 75.61 -86.23 -18.23
CA GLU JG 30 76.56 -86.07 -19.30
C GLU JG 30 76.07 -85.01 -20.26
N LEU JG 31 76.91 -84.04 -20.59
CA LEU JG 31 76.54 -83.01 -21.54
C LEU JG 31 76.78 -83.50 -22.96
N ILE JG 32 75.74 -83.44 -23.78
CA ILE JG 32 75.84 -83.88 -25.17
C ILE JG 32 76.36 -82.78 -26.07
N GLY JG 33 75.80 -81.58 -25.97
CA GLY JG 33 76.31 -80.47 -26.72
C GLY JG 33 75.26 -79.39 -26.90
N TYR JG 34 75.67 -78.33 -27.58
CA TYR JG 34 74.81 -77.21 -27.92
C TYR JG 34 74.32 -77.36 -29.35
N GLU JG 35 73.21 -76.69 -29.65
CA GLU JG 35 72.64 -76.74 -30.99
C GLU JG 35 71.76 -75.50 -31.16
N ASN JG 36 72.27 -74.51 -31.89
CA ASN JG 36 71.54 -73.28 -32.13
C ASN JG 36 70.85 -73.32 -33.49
N VAL JG 37 69.75 -72.58 -33.59
CA VAL JG 37 68.93 -72.58 -34.79
C VAL JG 37 68.68 -71.17 -35.29
N GLY JG 38 69.60 -70.25 -35.00
CA GLY JG 38 69.42 -68.87 -35.39
C GLY JG 38 68.36 -68.18 -34.55
N SER JG 39 68.25 -66.87 -34.77
CA SER JG 39 67.45 -65.96 -33.95
C SER JG 39 67.95 -65.89 -32.51
N GLY JG 40 69.16 -66.35 -32.25
CA GLY JG 40 69.72 -66.31 -30.92
C GLY JG 40 69.27 -67.41 -29.99
N LEU JG 41 68.46 -68.35 -30.48
CA LEU JG 41 68.04 -69.47 -29.64
C LEU JG 41 69.14 -70.52 -29.63
N VAL JG 42 69.62 -70.84 -28.44
CA VAL JG 42 70.61 -71.89 -28.24
C VAL JG 42 70.03 -72.90 -27.26
N THR JG 43 70.36 -74.18 -27.46
CA THR JG 43 69.77 -75.25 -26.68
C THR JG 43 70.87 -76.15 -26.14
N ALA JG 44 70.78 -76.53 -24.87
CA ALA JG 44 71.69 -77.46 -24.23
C ALA JG 44 70.98 -78.78 -24.01
N MET JG 45 71.71 -79.88 -24.18
CA MET JG 45 71.15 -81.21 -24.04
C MET JG 45 72.02 -82.01 -23.07
N VAL JG 46 71.42 -82.46 -21.98
CA VAL JG 46 72.08 -83.35 -21.03
C VAL JG 46 71.43 -84.71 -21.10
N LYS JG 47 72.12 -85.71 -20.56
CA LYS JG 47 71.68 -87.09 -20.67
C LYS JG 47 72.11 -87.87 -19.44
N GLY JG 48 71.18 -88.59 -18.83
CA GLY JG 48 71.50 -89.39 -17.67
C GLY JG 48 70.26 -90.10 -17.17
N ASP JG 49 70.36 -90.63 -15.95
CA ASP JG 49 69.20 -91.28 -15.35
C ASP JG 49 68.10 -90.26 -15.08
N VAL JG 50 66.88 -90.76 -14.96
CA VAL JG 50 65.71 -89.88 -14.90
C VAL JG 50 65.77 -88.97 -13.69
N GLY JG 51 66.16 -89.51 -12.53
CA GLY JG 51 66.18 -88.71 -11.33
C GLY JG 51 67.25 -87.65 -11.37
N ALA JG 52 68.44 -88.00 -11.88
CA ALA JG 52 69.52 -87.04 -12.01
C ALA JG 52 69.13 -85.95 -13.02
N VAL JG 53 68.71 -86.36 -14.21
CA VAL JG 53 68.36 -85.41 -15.26
C VAL JG 53 67.26 -84.48 -14.81
N ASN JG 54 66.28 -85.01 -14.07
CA ASN JG 54 65.24 -84.14 -13.53
C ASN JG 54 65.87 -83.05 -12.69
N ALA JG 55 66.67 -83.43 -11.70
CA ALA JG 55 67.30 -82.47 -10.79
C ALA JG 55 68.17 -81.47 -11.54
N ALA JG 56 68.92 -81.94 -12.54
CA ALA JG 56 69.80 -81.05 -13.28
C ALA JG 56 69.02 -79.94 -13.97
N VAL JG 57 67.94 -80.29 -14.65
CA VAL JG 57 67.19 -79.30 -15.42
C VAL JG 57 66.59 -78.25 -14.50
N ASP JG 58 66.15 -78.64 -13.31
CA ASP JG 58 65.60 -77.67 -12.37
C ASP JG 58 66.67 -76.67 -11.93
N SER JG 59 67.87 -77.15 -11.64
CA SER JG 59 68.96 -76.26 -11.23
C SER JG 59 69.44 -75.42 -12.40
N GLY JG 60 69.54 -76.01 -13.58
CA GLY JG 60 70.05 -75.27 -14.73
C GLY JG 60 69.14 -74.16 -15.17
N VAL JG 61 67.83 -74.34 -15.05
CA VAL JG 61 66.91 -73.28 -15.41
C VAL JG 61 66.97 -72.16 -14.38
N GLU JG 62 67.20 -72.53 -13.12
CA GLU JG 62 67.23 -71.54 -12.05
C GLU JG 62 68.45 -70.63 -12.18
N ALA JG 63 69.59 -71.18 -12.60
CA ALA JG 63 70.78 -70.36 -12.78
C ALA JG 63 70.69 -69.51 -14.04
N ALA JG 64 70.18 -70.07 -15.13
CA ALA JG 64 70.16 -69.36 -16.39
C ALA JG 64 69.13 -68.24 -16.39
N LYS JG 65 67.96 -68.49 -15.81
CA LYS JG 65 66.92 -67.47 -15.71
C LYS JG 65 67.39 -66.24 -14.96
N ARG JG 66 68.48 -66.36 -14.23
CA ARG JG 66 68.91 -65.32 -13.32
C ARG JG 66 69.69 -64.22 -14.04
N ILE JG 67 70.35 -64.56 -15.15
CA ILE JG 67 71.09 -63.58 -15.94
C ILE JG 67 70.52 -63.36 -17.32
N GLY JG 68 69.71 -64.27 -17.83
CA GLY JG 68 69.17 -64.13 -19.17
C GLY JG 68 67.76 -64.66 -19.27
N LYS JG 69 67.37 -65.11 -20.46
CA LYS JG 69 66.00 -65.57 -20.68
C LYS JG 69 66.00 -67.06 -20.99
N VAL JG 70 65.25 -67.81 -20.21
CA VAL JG 70 65.02 -69.22 -20.45
C VAL JG 70 63.71 -69.37 -21.22
N VAL JG 71 63.80 -69.85 -22.45
CA VAL JG 71 62.63 -69.90 -23.31
C VAL JG 71 61.77 -71.12 -22.98
N SER JG 72 62.40 -72.27 -22.80
CA SER JG 72 61.65 -73.48 -22.48
C SER JG 72 62.60 -74.52 -21.91
N SER JG 73 62.03 -75.43 -21.13
CA SER JG 73 62.75 -76.57 -20.58
C SER JG 73 61.85 -77.80 -20.66
N ARG JG 74 62.47 -78.98 -20.63
CA ARG JG 74 61.71 -80.19 -20.86
C ARG JG 74 62.58 -81.39 -20.50
N VAL JG 75 61.97 -82.41 -19.91
CA VAL JG 75 62.62 -83.68 -19.63
C VAL JG 75 61.84 -84.79 -20.32
N ILE JG 76 62.52 -85.59 -21.12
CA ILE JG 76 61.94 -86.77 -21.74
C ILE JG 76 62.47 -87.98 -20.99
N ALA JG 77 61.59 -88.68 -20.27
CA ALA JG 77 62.04 -89.75 -19.40
C ALA JG 77 62.57 -90.93 -20.18
N ARG JG 78 62.03 -91.17 -21.38
CA ARG JG 78 62.48 -92.28 -22.21
C ARG JG 78 62.25 -91.93 -23.66
N PRO JG 79 63.25 -91.42 -24.34
CA PRO JG 79 63.07 -91.01 -25.74
C PRO JG 79 63.01 -92.21 -26.65
N HIS JG 80 62.29 -92.05 -27.75
CA HIS JG 80 62.29 -93.06 -28.80
C HIS JG 80 63.68 -93.18 -29.40
N ASN JG 81 63.99 -94.37 -29.93
CA ASN JG 81 65.31 -94.57 -30.52
C ASN JG 81 65.53 -93.69 -31.73
N ASP JG 82 64.45 -93.34 -32.45
CA ASP JG 82 64.61 -92.42 -33.57
C ASP JG 82 65.07 -91.05 -33.11
N ILE JG 83 64.60 -90.61 -31.94
CA ILE JG 83 65.02 -89.32 -31.41
C ILE JG 83 66.51 -89.29 -31.12
N GLU JG 84 67.13 -90.44 -30.87
CA GLU JG 84 68.57 -90.46 -30.65
C GLU JG 84 69.32 -90.66 -31.96
N LYS JG 85 68.88 -89.90 -32.97
CA LYS JG 85 69.61 -89.67 -34.20
C LYS JG 85 69.49 -88.23 -34.63
N ILE JG 86 68.61 -87.46 -33.99
CA ILE JG 86 68.47 -86.04 -34.24
C ILE JG 86 69.33 -85.23 -33.28
N ALA JG 87 69.36 -85.63 -32.01
CA ALA JG 87 70.23 -84.98 -31.04
C ALA JG 87 71.70 -85.31 -31.34
N GLY JG 88 72.05 -86.58 -31.26
CA GLY JG 88 73.40 -87.01 -31.56
C GLY JG 88 73.62 -87.31 -33.03
N MET KG 1 2.72 49.96 97.40
CA MET KG 1 2.58 51.40 97.35
C MET KG 1 2.76 51.99 98.73
N ILE KG 2 2.98 53.30 98.79
CA ILE KG 2 3.03 54.04 100.04
C ILE KG 2 2.29 55.35 99.87
N LEU KG 3 1.68 55.82 100.95
CA LEU KG 3 1.11 57.16 100.96
C LEU KG 3 2.21 58.18 101.11
N ALA KG 4 2.19 59.19 100.25
CA ALA KG 4 3.22 60.21 100.26
C ALA KG 4 2.62 61.53 99.81
N LYS KG 5 3.38 62.59 99.98
CA LYS KG 5 2.95 63.93 99.65
C LYS KG 5 4.00 64.58 98.77
N VAL KG 6 3.57 65.21 97.68
CA VAL KG 6 4.51 65.89 96.80
C VAL KG 6 4.98 67.18 97.48
N THR KG 7 6.30 67.33 97.59
CA THR KG 7 6.87 68.45 98.31
C THR KG 7 7.83 69.29 97.49
N GLY KG 8 7.99 69.02 96.20
CA GLY KG 8 8.89 69.79 95.38
C GLY KG 8 9.07 69.15 94.02
N HIS KG 9 10.15 69.54 93.35
CA HIS KG 9 10.49 68.93 92.06
C HIS KG 9 11.98 69.08 91.85
N VAL KG 10 12.49 68.36 90.85
CA VAL KG 10 13.90 68.30 90.54
C VAL KG 10 14.08 68.63 89.06
N VAL KG 11 15.01 69.52 88.75
CA VAL KG 11 15.32 69.90 87.38
C VAL KG 11 16.68 69.32 87.04
N ALA KG 12 16.69 68.34 86.14
CA ALA KG 12 17.91 67.66 85.74
C ALA KG 12 18.02 67.74 84.22
N THR KG 13 19.13 68.29 83.73
CA THR KG 13 19.35 68.47 82.31
C THR KG 13 20.14 67.33 81.69
N GLN KG 14 21.25 66.95 82.31
CA GLN KG 14 22.09 65.85 81.84
C GLN KG 14 21.57 64.56 82.47
N LYS KG 15 20.86 63.76 81.68
CA LYS KG 15 20.27 62.54 82.21
C LYS KG 15 20.11 61.53 81.09
N CYS KG 16 19.74 60.31 81.47
CA CYS KG 16 19.60 59.23 80.51
C CYS KG 16 18.42 59.50 79.57
N ASP KG 17 18.21 58.58 78.65
CA ASP KG 17 17.16 58.71 77.66
C ASP KG 17 15.86 58.06 78.08
N GLU KG 18 15.91 57.10 79.01
CA GLU KG 18 14.70 56.50 79.54
C GLU KG 18 13.88 57.49 80.37
N LEU KG 19 14.42 58.68 80.63
CA LEU KG 19 13.75 59.67 81.46
C LEU KG 19 13.39 60.94 80.70
N ARG KG 20 13.54 60.96 79.39
CA ARG KG 20 13.25 62.17 78.62
C ARG KG 20 11.76 62.44 78.59
N GLY KG 21 11.38 63.67 78.88
CA GLY KG 21 9.98 64.08 78.80
C GLY KG 21 9.13 63.54 79.92
N SER KG 22 9.53 63.78 81.16
CA SER KG 22 8.77 63.32 82.32
C SER KG 22 9.10 64.23 83.48
N ASN KG 23 8.18 64.27 84.44
CA ASN KG 23 8.36 65.08 85.63
C ASN KG 23 9.15 64.30 86.65
N LEU KG 24 9.83 65.02 87.54
CA LEU KG 24 10.59 64.39 88.63
C LEU KG 24 10.22 65.10 89.93
N LEU KG 25 9.36 64.47 90.73
CA LEU KG 25 8.83 65.08 91.94
C LEU KG 25 9.53 64.55 93.17
N LEU KG 26 9.67 65.41 94.17
CA LEU KG 26 10.11 64.98 95.49
C LEU KG 26 8.91 64.46 96.24
N ILE KG 27 9.05 63.28 96.84
CA ILE KG 27 7.94 62.51 97.35
C ILE KG 27 8.28 62.17 98.79
N THR KG 28 7.56 62.74 99.75
CA THR KG 28 7.86 62.53 101.16
C THR KG 28 6.84 61.60 101.78
N ARG KG 29 7.31 60.53 102.39
CA ARG KG 29 6.41 59.60 103.06
C ARG KG 29 5.83 60.23 104.32
N LEU KG 30 4.52 60.09 104.48
CA LEU KG 30 3.81 60.72 105.59
C LEU KG 30 3.29 59.67 106.56
N ASP KG 31 3.24 60.04 107.84
CA ASP KG 31 2.95 59.10 108.92
C ASP KG 31 1.45 58.92 109.15
N ASP KG 32 1.08 58.25 110.25
CA ASP KG 32 -0.32 57.87 110.48
C ASP KG 32 -1.19 59.04 110.94
N LYS KG 33 -0.67 60.25 110.98
CA LYS KG 33 -1.47 61.45 111.18
C LYS KG 33 -1.56 62.29 109.93
N GLN KG 34 -1.19 61.72 108.78
CA GLN KG 34 -1.10 62.43 107.52
C GLN KG 34 -0.19 63.66 107.65
N GLN KG 35 1.05 63.39 108.07
CA GLN KG 35 2.04 64.41 108.30
C GLN KG 35 3.38 63.90 107.81
N PRO KG 36 4.12 64.68 107.02
CA PRO KG 36 5.38 64.18 106.46
C PRO KG 36 6.39 63.83 107.55
N MET KG 37 7.23 62.85 107.24
CA MET KG 37 8.27 62.39 108.15
C MET KG 37 9.58 63.07 107.82
N LYS KG 38 10.63 62.69 108.55
CA LYS KG 38 11.96 63.26 108.38
C LYS KG 38 12.86 62.26 107.68
N ASP KG 39 13.62 62.74 106.70
CA ASP KG 39 14.59 61.92 105.97
C ASP KG 39 13.90 60.74 105.27
N GLN KG 40 12.82 61.03 104.57
CA GLN KG 40 12.04 59.99 103.91
C GLN KG 40 11.61 60.44 102.52
N THR KG 41 12.52 61.05 101.76
CA THR KG 41 12.20 61.65 100.48
C THR KG 41 12.81 60.83 99.34
N TRP KG 42 11.99 60.54 98.35
CA TRP KG 42 12.44 59.89 97.13
C TRP KG 42 12.08 60.77 95.94
N VAL KG 43 12.62 60.42 94.78
CA VAL KG 43 12.31 61.12 93.55
C VAL KG 43 11.48 60.19 92.67
N ALA KG 44 10.31 60.65 92.27
CA ALA KG 44 9.37 59.82 91.55
C ALA KG 44 9.04 60.45 90.20
N VAL KG 45 8.94 59.61 89.18
CA VAL KG 45 8.56 60.06 87.85
C VAL KG 45 7.03 60.15 87.83
N ASP KG 46 6.52 61.37 87.81
CA ASP KG 46 5.07 61.56 87.76
C ASP KG 46 4.49 60.86 86.55
N ASN KG 47 3.29 60.32 86.72
CA ASN KG 47 2.64 59.56 85.66
C ASN KG 47 1.19 59.92 85.45
N VAL KG 48 0.52 60.57 86.39
CA VAL KG 48 -0.90 60.90 86.28
C VAL KG 48 -1.17 62.39 86.41
N GLY KG 49 -0.15 63.21 86.61
CA GLY KG 49 -0.37 64.63 86.68
C GLY KG 49 -0.59 65.16 88.08
N ALA KG 50 0.33 64.88 88.98
CA ALA KG 50 0.28 65.39 90.34
C ALA KG 50 1.13 66.64 90.47
N GLY KG 51 0.72 67.52 91.38
CA GLY KG 51 1.46 68.75 91.61
C GLY KG 51 1.79 68.94 93.08
N MET KG 52 2.11 70.15 93.48
CA MET KG 52 2.54 70.37 94.84
C MET KG 52 1.39 70.15 95.83
N HIS KG 53 1.75 69.69 97.03
CA HIS KG 53 0.86 69.55 98.17
C HIS KG 53 -0.16 68.43 98.02
N ASP KG 54 -0.10 67.65 96.95
CA ASP KG 54 -1.09 66.63 96.69
C ASP KG 54 -0.64 65.31 97.32
N ILE KG 55 -1.59 64.60 97.94
CA ILE KG 55 -1.30 63.30 98.52
C ILE KG 55 -1.42 62.26 97.43
N VAL KG 56 -0.34 61.54 97.16
CA VAL KG 56 -0.29 60.61 96.04
C VAL KG 56 0.04 59.22 96.54
N LEU KG 57 0.14 58.27 95.62
CA LEU KG 57 0.33 56.85 95.93
C LEU KG 57 1.53 56.39 95.11
N ALA KG 58 2.72 56.46 95.70
CA ALA KG 58 3.96 56.20 94.98
C ALA KG 58 4.28 54.72 94.99
N GLU KG 59 4.56 54.17 93.82
CA GLU KG 59 4.83 52.75 93.66
C GLU KG 59 6.31 52.51 93.47
N GLU KG 60 6.75 51.31 93.87
CA GLU KG 60 8.15 50.94 93.83
C GLU KG 60 8.54 50.48 92.44
N TYR KG 61 9.66 49.77 92.33
CA TYR KG 61 10.49 49.68 91.13
C TYR KG 61 9.73 49.66 89.80
N PHE KG 62 8.94 48.63 89.56
CA PHE KG 62 8.50 48.34 88.19
C PHE KG 62 7.15 48.99 87.92
N ALA KG 63 7.16 50.04 87.10
CA ALA KG 63 5.93 50.63 86.58
C ALA KG 63 6.06 51.05 85.12
N LEU KG 64 7.06 50.51 84.40
CA LEU KG 64 7.27 50.78 82.98
C LEU KG 64 7.45 52.27 82.71
N ASN KG 65 8.52 52.82 83.28
CA ASN KG 65 8.81 54.25 83.14
C ASN KG 65 10.30 54.53 82.97
N TYR KG 69 12.36 48.78 82.09
CA TYR KG 69 12.01 50.05 82.71
C TYR KG 69 11.53 49.84 84.14
N LYS KG 70 12.26 50.43 85.10
CA LYS KG 70 11.95 50.19 86.50
C LYS KG 70 12.01 51.46 87.35
N ALA KG 71 11.56 52.60 86.83
CA ALA KG 71 11.62 53.82 87.62
C ALA KG 71 10.45 53.88 88.60
N MET KG 72 10.71 54.48 89.75
CA MET KG 72 9.70 54.65 90.81
C MET KG 72 8.78 55.77 90.39
N SER KG 73 7.51 55.45 90.19
CA SER KG 73 6.56 56.42 89.67
C SER KG 73 5.36 56.58 90.59
N VAL KG 74 4.59 57.62 90.32
CA VAL KG 74 3.33 57.89 91.00
C VAL KG 74 2.21 57.29 90.16
N VAL KG 75 1.30 56.55 90.80
CA VAL KG 75 0.30 55.79 90.07
C VAL KG 75 -1.12 56.15 90.45
N ALA KG 76 -1.33 57.05 91.41
CA ALA KG 76 -2.67 57.38 91.83
C ALA KG 76 -2.66 58.65 92.65
N ILE KG 77 -3.69 59.47 92.48
CA ILE KG 77 -3.92 60.64 93.32
C ILE KG 77 -5.06 60.32 94.26
N VAL KG 78 -4.84 60.51 95.54
CA VAL KG 78 -5.72 59.98 96.57
C VAL KG 78 -6.75 61.02 96.97
N GLU KG 79 -8.02 60.63 96.96
CA GLU KG 79 -9.13 61.49 97.38
C GLU KG 79 -9.37 61.41 98.88
N LYS KG 80 -9.63 60.20 99.39
CA LYS KG 80 -9.97 60.00 100.79
C LYS KG 80 -9.12 58.88 101.37
N VAL KG 81 -8.67 59.07 102.60
CA VAL KG 81 -7.95 58.04 103.35
C VAL KG 81 -8.75 57.79 104.61
N PHE KG 82 -9.61 56.79 104.57
CA PHE KG 82 -10.39 56.40 105.74
C PHE KG 82 -9.54 55.45 106.59
N ARG KG 83 -9.34 55.81 107.86
CA ARG KG 83 -8.40 55.08 108.70
C ARG KG 83 -8.90 55.10 110.14
N ASP KG 84 -9.26 53.94 110.65
CA ASP KG 84 -9.59 53.81 112.07
C ASP KG 84 -9.56 52.33 112.48
N GLU LG 3 14.15 103.74 54.20
CA GLU LG 3 14.83 102.47 54.34
C GLU LG 3 14.03 101.37 53.66
N ALA LG 4 14.67 100.23 53.42
CA ALA LG 4 14.03 99.14 52.72
C ALA LG 4 13.00 98.47 53.62
N LEU LG 5 12.44 97.36 53.13
CA LEU LG 5 11.38 96.67 53.86
C LEU LG 5 11.44 95.19 53.53
N GLY LG 6 11.37 94.35 54.55
CA GLY LG 6 11.48 92.92 54.36
C GLY LG 6 10.31 92.20 55.00
N LEU LG 7 9.85 91.15 54.33
CA LEU LG 7 8.61 90.47 54.70
C LEU LG 7 8.79 88.97 54.60
N ILE LG 8 8.38 88.25 55.65
CA ILE LG 8 8.31 86.80 55.62
C ILE LG 8 6.90 86.41 56.06
N GLU LG 9 6.36 85.37 55.45
CA GLU LG 9 5.02 84.89 55.77
C GLU LG 9 5.08 83.39 56.00
N THR LG 10 4.55 82.95 57.14
CA THR LG 10 4.63 81.55 57.54
C THR LG 10 3.24 81.07 57.95
N LYS LG 11 3.12 79.75 58.05
CA LYS LG 11 1.93 79.12 58.61
C LYS LG 11 2.19 78.82 60.07
N GLY LG 12 1.43 79.44 60.95
CA GLY LG 12 1.63 79.22 62.37
C GLY LG 12 2.45 80.32 63.01
N LEU LG 13 2.26 80.49 64.31
CA LEU LG 13 2.95 81.58 65.00
C LEU LG 13 4.36 81.18 65.41
N VAL LG 14 4.57 79.90 65.72
CA VAL LG 14 5.89 79.49 66.19
C VAL LG 14 6.92 79.68 65.11
N ALA LG 15 6.61 79.28 63.89
CA ALA LG 15 7.57 79.41 62.79
C ALA LG 15 7.89 80.87 62.51
N CYS LG 16 7.00 81.78 62.89
CA CYS LG 16 7.25 83.19 62.61
C CYS LG 16 8.11 83.84 63.67
N ILE LG 17 7.96 83.43 64.93
CA ILE LG 17 8.79 83.98 65.98
C ILE LG 17 10.22 83.51 65.82
N GLU LG 18 10.41 82.27 65.37
CA GLU LG 18 11.75 81.81 65.04
C GLU LG 18 12.35 82.64 63.91
N ALA LG 19 11.56 82.90 62.86
CA ALA LG 19 12.05 83.70 61.74
C ALA LG 19 12.38 85.12 62.15
N ALA LG 20 11.54 85.72 62.99
CA ALA LG 20 11.77 87.10 63.38
C ALA LG 20 12.94 87.23 64.35
N ASP LG 21 13.26 86.16 65.07
CA ASP LG 21 14.45 86.20 65.92
C ASP LG 21 15.72 86.07 65.09
N ALA LG 22 15.71 85.17 64.10
CA ALA LG 22 16.88 85.02 63.25
C ALA LG 22 17.17 86.29 62.47
N MET LG 23 16.13 86.95 61.95
CA MET LG 23 16.32 88.20 61.23
C MET LG 23 16.99 89.24 62.10
N CYS LG 24 16.50 89.41 63.32
CA CYS LG 24 17.01 90.47 64.17
C CYS LG 24 18.46 90.22 64.59
N LYS LG 25 18.88 88.96 64.65
CA LYS LG 25 20.24 88.65 65.06
C LYS LG 25 21.21 88.75 63.89
N ALA LG 26 20.76 88.46 62.68
CA ALA LG 26 21.65 88.27 61.55
C ALA LG 26 22.10 89.56 60.87
N ALA LG 27 21.49 90.70 61.18
CA ALA LG 27 21.90 91.96 60.57
C ALA LG 27 21.28 93.10 61.35
N ASN LG 28 21.68 94.32 61.00
CA ASN LG 28 21.22 95.52 61.69
C ASN LG 28 19.89 95.96 61.09
N VAL LG 29 18.81 95.30 61.54
CA VAL LG 29 17.46 95.63 61.11
C VAL LG 29 16.59 95.76 62.35
N GLU LG 30 15.50 96.50 62.21
CA GLU LG 30 14.56 96.74 63.30
C GLU LG 30 13.24 96.08 62.99
N LEU LG 31 12.63 95.47 64.00
CA LEU LG 31 11.38 94.73 63.81
C LEU LG 31 10.20 95.69 63.91
N ILE LG 32 9.38 95.72 62.87
CA ILE LG 32 8.23 96.62 62.85
C ILE LG 32 7.07 96.04 63.64
N GLY LG 33 6.66 94.82 63.31
CA GLY LG 33 5.61 94.16 64.05
C GLY LG 33 5.13 92.92 63.33
N TYR LG 34 4.15 92.27 63.95
CA TYR LG 34 3.48 91.12 63.39
C TYR LG 34 2.10 91.51 62.89
N GLU LG 35 1.55 90.69 62.00
CA GLU LG 35 0.21 90.93 61.48
C GLU LG 35 -0.31 89.62 60.90
N ASN LG 36 -1.27 89.00 61.57
CA ASN LG 36 -1.89 87.80 61.03
C ASN LG 36 -3.21 88.15 60.37
N VAL LG 37 -3.43 87.58 59.20
CA VAL LG 37 -4.64 87.83 58.41
C VAL LG 37 -5.33 86.49 58.24
N GLY LG 38 -6.21 86.16 59.19
CA GLY LG 38 -7.03 84.99 59.03
C GLY LG 38 -6.23 83.70 59.11
N SER LG 39 -6.45 82.83 58.13
CA SER LG 39 -6.19 81.41 58.31
C SER LG 39 -4.71 81.10 58.47
N GLY LG 40 -4.28 80.97 59.72
CA GLY LG 40 -2.94 80.54 60.08
C GLY LG 40 -1.80 81.19 59.34
N LEU LG 41 -1.93 82.47 59.00
CA LEU LG 41 -0.88 83.18 58.26
C LEU LG 41 -0.44 84.37 59.10
N VAL LG 42 0.81 84.32 59.57
CA VAL LG 42 1.41 85.42 60.31
C VAL LG 42 2.56 85.97 59.49
N THR LG 43 2.77 87.28 59.56
CA THR LG 43 3.78 87.96 58.76
C THR LG 43 4.59 88.89 59.66
N ALA LG 44 5.90 88.84 59.53
CA ALA LG 44 6.81 89.74 60.24
C ALA LG 44 7.43 90.72 59.25
N MET LG 45 7.62 91.96 59.70
CA MET LG 45 8.13 93.03 58.87
C MET LG 45 9.34 93.66 59.54
N VAL LG 46 10.43 93.78 58.79
CA VAL LG 46 11.66 94.40 59.28
C VAL LG 46 12.02 95.54 58.34
N LYS LG 47 12.79 96.50 58.85
CA LYS LG 47 13.21 97.63 58.06
C LYS LG 47 14.65 97.99 58.37
N GLY LG 48 15.35 98.47 57.35
CA GLY LG 48 16.76 98.82 57.48
C GLY LG 48 17.32 99.14 56.11
N ASP LG 49 18.65 99.15 56.04
CA ASP LG 49 19.29 99.40 54.76
C ASP LG 49 19.11 98.22 53.82
N VAL LG 50 19.34 98.45 52.53
CA VAL LG 50 19.03 97.44 51.53
C VAL LG 50 19.95 96.24 51.64
N GLY LG 51 21.23 96.48 51.91
CA GLY LG 51 22.15 95.36 52.06
C GLY LG 51 21.91 94.60 53.34
N ALA LG 52 21.53 95.29 54.41
CA ALA LG 52 21.20 94.62 55.66
C ALA LG 52 19.91 93.83 55.53
N VAL LG 53 18.86 94.47 55.01
CA VAL LG 53 17.55 93.84 54.96
C VAL LG 53 17.59 92.62 54.06
N ASN LG 54 18.37 92.68 52.98
CA ASN LG 54 18.51 91.52 52.11
C ASN LG 54 19.18 90.37 52.83
N ALA LG 55 20.10 90.69 53.74
CA ALA LG 55 20.82 89.66 54.48
C ALA LG 55 19.99 89.11 55.64
N ALA LG 56 19.04 89.90 56.13
CA ALA LG 56 18.20 89.43 57.22
C ALA LG 56 17.13 88.47 56.69
N VAL LG 57 16.61 88.73 55.50
CA VAL LG 57 15.49 87.95 55.01
C VAL LG 57 15.93 86.54 54.61
N ASP LG 58 17.10 86.40 54.01
CA ASP LG 58 17.52 85.06 53.61
C ASP LG 58 17.94 84.22 54.80
N SER LG 59 18.34 84.85 55.90
CA SER LG 59 18.61 84.12 57.13
C SER LG 59 17.32 83.70 57.81
N GLY LG 60 16.36 84.63 57.90
CA GLY LG 60 15.10 84.32 58.55
C GLY LG 60 14.28 83.28 57.81
N VAL LG 61 14.34 83.29 56.48
CA VAL LG 61 13.64 82.25 55.72
C VAL LG 61 14.27 80.91 55.99
N GLU LG 62 15.58 80.88 56.17
CA GLU LG 62 16.30 79.64 56.35
C GLU LG 62 16.00 79.00 57.69
N ALA LG 63 15.77 79.82 58.71
CA ALA LG 63 15.45 79.32 60.04
C ALA LG 63 14.02 78.82 60.12
N ALA LG 64 13.06 79.60 59.63
CA ALA LG 64 11.66 79.21 59.73
C ALA LG 64 11.35 78.03 58.82
N LYS LG 65 12.05 77.89 57.71
CA LYS LG 65 11.89 76.73 56.85
C LYS LG 65 12.29 75.45 57.55
N ARG LG 66 13.05 75.55 58.63
CA ARG LG 66 13.54 74.37 59.33
C ARG LG 66 12.43 73.67 60.10
N ILE LG 67 11.56 74.45 60.75
CA ILE LG 67 10.55 73.90 61.64
C ILE LG 67 9.13 74.13 61.16
N GLY LG 68 8.93 74.93 60.13
CA GLY LG 68 7.59 75.20 59.65
C GLY LG 68 7.54 75.44 58.16
N LYS LG 69 6.48 76.08 57.70
CA LYS LG 69 6.30 76.39 56.29
C LYS LG 69 6.48 77.87 56.08
N VAL LG 70 7.44 78.25 55.24
CA VAL LG 70 7.58 79.63 54.80
C VAL LG 70 6.80 79.76 53.51
N VAL LG 71 5.79 80.63 53.51
CA VAL LG 71 4.91 80.77 52.36
C VAL LG 71 5.49 81.72 51.34
N SER LG 72 6.01 82.87 51.78
CA SER LG 72 6.53 83.86 50.85
C SER LG 72 7.51 84.77 51.56
N SER LG 73 8.44 85.32 50.79
CA SER LG 73 9.37 86.33 51.28
C SER LG 73 9.58 87.36 50.19
N ARG LG 74 9.95 88.57 50.59
CA ARG LG 74 10.04 89.66 49.63
C ARG LG 74 10.75 90.84 50.27
N VAL LG 75 11.63 91.47 49.50
CA VAL LG 75 12.31 92.71 49.91
C VAL LG 75 11.88 93.82 48.97
N ILE LG 76 11.50 94.96 49.53
CA ILE LG 76 11.12 96.13 48.76
C ILE LG 76 12.21 97.17 48.98
N ALA LG 77 12.94 97.50 47.92
CA ALA LG 77 14.14 98.30 48.07
C ALA LG 77 13.83 99.75 48.41
N ARG LG 78 12.73 100.29 47.87
CA ARG LG 78 12.29 101.63 48.22
C ARG LG 78 10.77 101.61 48.29
N PRO LG 79 10.20 101.47 49.48
CA PRO LG 79 8.75 101.46 49.60
C PRO LG 79 8.19 102.85 49.36
N HIS LG 80 7.07 102.90 48.67
CA HIS LG 80 6.44 104.18 48.35
C HIS LG 80 5.94 104.85 49.63
N ASN LG 81 6.00 106.18 49.63
CA ASN LG 81 5.70 106.94 50.84
C ASN LG 81 4.30 106.63 51.35
N ASP LG 82 3.34 106.44 50.42
CA ASP LG 82 1.97 106.14 50.82
C ASP LG 82 1.90 104.88 51.67
N ILE LG 83 2.69 103.88 51.32
CA ILE LG 83 2.68 102.61 52.01
C ILE LG 83 3.45 102.71 53.32
N GLU MG 3 15.22 86.24 79.92
CA GLU MG 3 15.00 84.85 80.25
C GLU MG 3 14.53 84.10 79.02
N ALA MG 4 14.69 82.77 79.05
CA ALA MG 4 14.41 81.96 77.88
C ALA MG 4 12.92 82.00 77.57
N LEU MG 5 12.55 81.33 76.48
CA LEU MG 5 11.18 81.41 75.98
C LEU MG 5 10.85 80.09 75.30
N GLY MG 6 9.71 79.52 75.64
CA GLY MG 6 9.29 78.25 75.06
C GLY MG 6 7.90 78.35 74.47
N LEU MG 7 7.71 77.66 73.35
CA LEU MG 7 6.46 77.69 72.62
C LEU MG 7 6.03 76.27 72.26
N ILE MG 8 4.74 76.00 72.42
CA ILE MG 8 4.11 74.79 71.91
C ILE MG 8 2.91 75.21 71.09
N GLU MG 9 2.75 74.63 69.92
CA GLU MG 9 1.63 74.93 69.04
C GLU MG 9 0.80 73.67 68.82
N THR MG 10 -0.49 73.76 69.07
CA THR MG 10 -1.38 72.61 69.02
C THR MG 10 -2.62 72.95 68.22
N LYS MG 11 -3.24 71.92 67.67
CA LYS MG 11 -4.49 72.05 66.95
C LYS MG 11 -5.65 71.85 67.92
N GLY MG 12 -6.35 72.91 68.24
CA GLY MG 12 -7.43 72.85 69.19
C GLY MG 12 -7.02 73.37 70.55
N LEU MG 13 -8.01 73.90 71.28
CA LEU MG 13 -7.69 74.51 72.57
C LEU MG 13 -7.51 73.48 73.68
N VAL MG 14 -8.20 72.35 73.60
CA VAL MG 14 -8.12 71.37 74.68
C VAL MG 14 -6.70 70.84 74.81
N ALA MG 15 -6.10 70.43 73.68
CA ALA MG 15 -4.73 69.94 73.71
C ALA MG 15 -3.75 71.00 74.21
N CYS MG 16 -4.11 72.27 74.12
CA CYS MG 16 -3.22 73.33 74.57
C CYS MG 16 -3.31 73.54 76.07
N ILE MG 17 -4.46 73.26 76.68
CA ILE MG 17 -4.55 73.39 78.14
C ILE MG 17 -3.90 72.19 78.82
N GLU MG 18 -3.94 71.01 78.20
CA GLU MG 18 -3.16 69.90 78.73
C GLU MG 18 -1.67 70.17 78.61
N ALA MG 19 -1.24 70.75 77.49
CA ALA MG 19 0.16 71.09 77.33
C ALA MG 19 0.60 72.12 78.36
N ALA MG 20 -0.21 73.14 78.59
CA ALA MG 20 0.18 74.19 79.52
C ALA MG 20 0.12 73.71 80.96
N ASP MG 21 -0.69 72.70 81.25
CA ASP MG 21 -0.74 72.17 82.61
C ASP MG 21 0.50 71.34 82.91
N ALA MG 22 0.95 70.54 81.94
CA ALA MG 22 2.16 69.76 82.13
C ALA MG 22 3.38 70.66 82.21
N MET MG 23 3.41 71.73 81.42
CA MET MG 23 4.53 72.67 81.47
C MET MG 23 4.64 73.31 82.85
N CYS MG 24 3.52 73.78 83.39
CA CYS MG 24 3.57 74.55 84.62
C CYS MG 24 3.86 73.69 85.84
N LYS MG 25 3.64 72.38 85.75
CA LYS MG 25 3.94 71.48 86.86
C LYS MG 25 5.35 70.94 86.80
N ALA MG 26 6.00 70.98 85.63
CA ALA MG 26 7.27 70.32 85.43
C ALA MG 26 8.45 71.13 85.93
N ALA MG 27 8.31 72.45 86.00
CA ALA MG 27 9.42 73.29 86.44
C ALA MG 27 8.85 74.63 86.91
N ASN MG 28 9.75 75.52 87.27
CA ASN MG 28 9.37 76.82 87.84
C ASN MG 28 9.40 77.86 86.73
N VAL MG 29 8.37 77.82 85.89
CA VAL MG 29 8.20 78.77 84.79
C VAL MG 29 6.89 79.49 84.99
N GLU MG 30 6.85 80.74 84.56
CA GLU MG 30 5.63 81.53 84.57
C GLU MG 30 5.00 81.50 83.19
N LEU MG 31 3.70 81.25 83.15
CA LEU MG 31 2.96 81.12 81.90
C LEU MG 31 2.48 82.48 81.45
N ILE MG 32 2.76 82.83 80.20
CA ILE MG 32 2.45 84.17 79.70
C ILE MG 32 1.02 84.26 79.18
N GLY MG 33 0.65 83.38 78.27
CA GLY MG 33 -0.73 83.37 77.80
C GLY MG 33 -0.84 82.73 76.44
N TYR MG 34 -2.08 82.50 76.04
CA TYR MG 34 -2.40 81.86 74.77
C TYR MG 34 -2.53 82.89 73.67
N GLU MG 35 -2.41 82.42 72.43
CA GLU MG 35 -2.58 83.27 71.25
C GLU MG 35 -2.98 82.36 70.10
N ASN MG 36 -4.22 82.48 69.64
CA ASN MG 36 -4.67 81.70 68.50
C ASN MG 36 -4.70 82.55 67.24
N VAL MG 37 -4.22 81.98 66.15
CA VAL MG 37 -4.03 82.69 64.89
C VAL MG 37 -5.02 82.22 63.83
N GLY MG 38 -5.98 81.40 64.19
CA GLY MG 38 -6.94 80.89 63.23
C GLY MG 38 -6.51 79.57 62.64
N SER MG 39 -7.46 78.93 61.97
CA SER MG 39 -7.32 77.58 61.43
C SER MG 39 -7.19 76.52 62.51
N GLY MG 40 -7.55 76.86 63.74
CA GLY MG 40 -7.49 75.92 64.84
C GLY MG 40 -6.17 75.84 65.56
N LEU MG 41 -5.22 76.71 65.23
CA LEU MG 41 -3.90 76.67 65.83
C LEU MG 41 -3.87 77.56 67.07
N VAL MG 42 -3.53 76.98 68.21
CA VAL MG 42 -3.39 77.70 69.46
C VAL MG 42 -1.98 77.49 69.99
N THR MG 43 -1.40 78.54 70.56
CA THR MG 43 -0.01 78.51 71.01
C THR MG 43 0.05 78.95 72.47
N ALA MG 44 0.81 78.21 73.27
CA ALA MG 44 1.08 78.55 74.66
C ALA MG 44 2.53 78.98 74.80
N MET MG 45 2.77 79.98 75.64
CA MET MG 45 4.08 80.60 75.75
C MET MG 45 4.46 80.70 77.22
N VAL MG 46 5.62 80.13 77.58
CA VAL MG 46 6.15 80.20 78.94
C VAL MG 46 7.48 80.92 78.89
N LYS MG 47 7.96 81.32 80.07
CA LYS MG 47 9.25 81.98 80.16
C LYS MG 47 9.87 81.73 81.51
N GLY MG 48 11.18 81.57 81.52
CA GLY MG 48 11.92 81.28 82.72
C GLY MG 48 13.38 80.99 82.37
N ASP MG 49 14.10 80.43 83.33
CA ASP MG 49 15.48 80.08 83.06
C ASP MG 49 15.53 78.94 82.05
N VAL MG 50 16.68 78.84 81.35
CA VAL MG 50 16.75 77.97 80.19
C VAL MG 50 16.81 76.50 80.56
N GLY MG 51 17.24 76.18 81.78
CA GLY MG 51 17.16 74.80 82.22
C GLY MG 51 15.73 74.40 82.58
N ALA MG 52 14.99 75.33 83.17
CA ALA MG 52 13.60 75.08 83.50
C ALA MG 52 12.74 75.07 82.25
N VAL MG 53 12.92 76.06 81.39
CA VAL MG 53 12.08 76.18 80.20
C VAL MG 53 12.29 74.99 79.28
N ASN MG 54 13.53 74.52 79.16
CA ASN MG 54 13.78 73.30 78.42
C ASN MG 54 12.92 72.17 78.98
N ALA MG 55 13.12 71.83 80.25
CA ALA MG 55 12.41 70.72 80.87
C ALA MG 55 10.90 70.84 80.70
N ALA MG 56 10.36 72.04 80.78
CA ALA MG 56 8.92 72.22 80.68
C ALA MG 56 8.42 71.89 79.28
N VAL MG 57 9.11 72.35 78.25
CA VAL MG 57 8.62 72.16 76.89
C VAL MG 57 8.69 70.69 76.49
N ASP MG 58 9.73 69.98 76.93
CA ASP MG 58 9.79 68.55 76.65
C ASP MG 58 8.63 67.80 77.30
N SER MG 59 8.25 68.22 78.50
CA SER MG 59 7.16 67.55 79.20
C SER MG 59 5.82 67.92 78.60
N GLY MG 60 5.61 69.20 78.28
CA GLY MG 60 4.37 69.62 77.69
C GLY MG 60 4.11 69.01 76.34
N VAL MG 61 5.17 68.75 75.57
CA VAL MG 61 4.98 68.16 74.25
C VAL MG 61 4.50 66.73 74.36
N GLU MG 62 5.04 65.97 75.30
CA GLU MG 62 4.67 64.56 75.42
C GLU MG 62 3.25 64.41 75.94
N ALA MG 63 2.80 65.31 76.81
CA ALA MG 63 1.45 65.20 77.35
C ALA MG 63 0.39 65.60 76.32
N ALA MG 64 0.62 66.70 75.62
CA ALA MG 64 -0.32 67.12 74.59
C ALA MG 64 -0.31 66.15 73.41
N LYS MG 65 0.84 65.55 73.11
CA LYS MG 65 0.91 64.55 72.05
C LYS MG 65 -0.02 63.38 72.33
N ARG MG 66 -0.28 63.11 73.62
CA ARG MG 66 -1.05 61.93 74.00
C ARG MG 66 -2.51 62.07 73.63
N ILE MG 67 -3.07 63.28 73.68
CA ILE MG 67 -4.50 63.49 73.53
C ILE MG 67 -4.85 64.39 72.36
N GLY MG 68 -3.87 64.86 71.61
CA GLY MG 68 -4.15 65.72 70.48
C GLY MG 68 -2.99 65.73 69.51
N LYS MG 69 -2.98 66.74 68.65
CA LYS MG 69 -1.90 66.90 67.69
C LYS MG 69 -1.04 68.07 68.12
N VAL MG 70 0.25 67.83 68.27
CA VAL MG 70 1.22 68.88 68.50
C VAL MG 70 1.83 69.25 67.16
N VAL MG 71 1.69 70.50 66.77
CA VAL MG 71 2.15 70.95 65.47
C VAL MG 71 3.63 71.31 65.50
N SER MG 72 4.08 72.00 66.54
CA SER MG 72 5.44 72.52 66.58
C SER MG 72 5.77 72.90 68.01
N SER MG 73 7.07 72.85 68.32
CA SER MG 73 7.58 73.29 69.61
C SER MG 73 8.95 73.90 69.41
N ARG MG 74 9.36 74.74 70.36
CA ARG MG 74 10.58 75.50 70.17
C ARG MG 74 10.99 76.14 71.48
N VAL MG 75 12.29 76.15 71.75
CA VAL MG 75 12.87 76.90 72.87
C VAL MG 75 13.82 77.93 72.29
N ILE MG 76 13.70 79.16 72.77
CA ILE MG 76 14.56 80.26 72.37
C ILE MG 76 15.37 80.65 73.60
N ALA MG 77 16.66 80.36 73.58
CA ALA MG 77 17.47 80.49 74.78
C ALA MG 77 17.76 81.95 75.11
N ARG MG 78 18.26 82.71 74.16
CA ARG MG 78 18.47 84.15 74.34
C ARG MG 78 17.62 84.89 73.33
N PRO MG 79 16.41 85.28 73.69
CA PRO MG 79 15.56 86.01 72.75
C PRO MG 79 16.01 87.46 72.62
N HIS MG 80 15.88 87.98 71.41
CA HIS MG 80 16.28 89.35 71.16
C HIS MG 80 15.35 90.32 71.87
N ASN MG 81 15.88 91.50 72.19
CA ASN MG 81 15.10 92.47 72.94
C ASN MG 81 13.98 93.07 72.11
N ASP MG 82 14.14 93.10 70.78
CA ASP MG 82 13.04 93.52 69.92
C ASP MG 82 11.88 92.54 69.98
N ILE MG 83 12.17 91.28 70.26
CA ILE MG 83 11.13 90.26 70.35
C ILE MG 83 10.49 90.30 71.74
N GLU NG 3 32.06 75.29 85.20
CA GLU NG 3 30.88 75.30 84.35
C GLU NG 3 31.04 74.32 83.20
N ALA NG 4 29.97 74.11 82.46
CA ALA NG 4 29.98 73.08 81.43
C ALA NG 4 30.92 73.47 80.29
N LEU NG 5 31.08 72.54 79.35
CA LEU NG 5 32.03 72.71 78.27
C LEU NG 5 31.48 72.08 77.00
N GLY NG 6 31.43 72.85 75.92
CA GLY NG 6 30.89 72.37 74.66
C GLY NG 6 31.94 72.44 73.57
N LEU NG 7 32.00 71.38 72.76
CA LEU NG 7 33.02 71.25 71.73
C LEU NG 7 32.36 70.90 70.40
N ILE NG 8 32.81 71.57 69.33
CA ILE NG 8 32.44 71.21 67.97
C ILE NG 8 33.72 71.07 67.17
N GLU NG 9 33.77 70.07 66.30
CA GLU NG 9 34.97 69.81 65.50
C GLU NG 9 34.59 69.69 64.03
N THR NG 10 35.26 70.46 63.20
CA THR NG 10 34.93 70.56 61.78
C THR NG 10 36.18 70.40 60.94
N LYS NG 11 35.97 70.13 59.65
CA LYS NG 11 37.04 70.18 58.67
C LYS NG 11 37.10 71.58 58.08
N GLY NG 12 38.22 72.26 58.29
CA GLY NG 12 38.39 73.58 57.74
C GLY NG 12 37.96 74.68 58.70
N LEU NG 13 38.47 75.88 58.44
CA LEU NG 13 38.25 76.99 59.35
C LEU NG 13 36.91 77.70 59.10
N VAL NG 14 36.43 77.70 57.86
CA VAL NG 14 35.22 78.45 57.57
C VAL NG 14 34.02 77.83 58.27
N ALA NG 15 33.90 76.50 58.21
CA ALA NG 15 32.80 75.84 58.90
C ALA NG 15 32.88 76.02 60.41
N CYS NG 16 34.05 76.35 60.94
CA CYS NG 16 34.20 76.52 62.37
C CYS NG 16 33.91 77.95 62.80
N ILE NG 17 34.12 78.93 61.92
CA ILE NG 17 33.72 80.29 62.26
C ILE NG 17 32.22 80.44 62.18
N GLU NG 18 31.56 79.68 61.31
CA GLU NG 18 30.10 79.71 61.29
C GLU NG 18 29.53 79.01 62.52
N ALA NG 19 30.14 77.91 62.95
CA ALA NG 19 29.71 77.25 64.16
C ALA NG 19 29.92 78.13 65.38
N ALA NG 20 31.06 78.82 65.45
CA ALA NG 20 31.34 79.66 66.60
C ALA NG 20 30.44 80.88 66.62
N ASP NG 21 30.07 81.39 65.46
CA ASP NG 21 29.19 82.54 65.41
C ASP NG 21 27.77 82.17 65.83
N ALA NG 22 27.28 81.01 65.38
CA ALA NG 22 25.95 80.59 65.75
C ALA NG 22 25.86 80.27 67.24
N MET NG 23 26.91 79.67 67.81
CA MET NG 23 26.89 79.33 69.21
C MET NG 23 26.80 80.58 70.08
N CYS NG 24 27.61 81.58 69.79
CA CYS NG 24 27.63 82.78 70.62
C CYS NG 24 26.35 83.58 70.50
N LYS NG 25 25.59 83.40 69.43
CA LYS NG 25 24.34 84.14 69.27
C LYS NG 25 23.19 83.47 69.99
N ALA NG 26 23.19 82.14 70.06
CA ALA NG 26 22.02 81.38 70.44
C ALA NG 26 21.96 81.02 71.92
N ALA NG 27 22.85 81.57 72.74
CA ALA NG 27 22.83 81.30 74.17
C ALA NG 27 23.86 82.18 74.85
N ASN NG 28 23.77 82.25 76.17
CA ASN NG 28 24.70 83.06 76.96
C ASN NG 28 25.90 82.20 77.34
N VAL NG 29 26.83 82.10 76.39
CA VAL NG 29 28.04 81.32 76.55
C VAL NG 29 29.25 82.22 76.27
N GLU NG 30 30.41 81.75 76.67
CA GLU NG 30 31.67 82.44 76.45
C GLU NG 30 32.54 81.59 75.53
N LEU NG 31 33.10 82.22 74.50
CA LEU NG 31 33.98 81.51 73.60
C LEU NG 31 35.40 81.51 74.14
N ILE NG 32 35.98 80.32 74.27
CA ILE NG 32 37.33 80.19 74.80
C ILE NG 32 38.37 80.35 73.69
N GLY NG 33 38.19 79.66 72.58
CA GLY NG 33 39.10 79.83 71.46
C GLY NG 33 39.06 78.63 70.54
N TYR NG 34 39.87 78.72 69.50
CA TYR NG 34 40.04 77.66 68.52
C TYR NG 34 41.32 76.90 68.82
N GLU NG 35 41.38 75.66 68.32
CA GLU NG 35 42.55 74.84 68.53
C GLU NG 35 42.58 73.77 67.42
N ASN NG 36 43.45 73.96 66.45
CA ASN NG 36 43.57 73.03 65.34
C ASN NG 36 44.73 72.07 65.55
N VAL NG 37 44.61 70.89 64.95
CA VAL NG 37 45.58 69.82 65.16
C VAL NG 37 46.08 69.27 63.84
N GLY NG 38 46.05 70.08 62.79
CA GLY NG 38 46.44 69.62 61.47
C GLY NG 38 45.40 68.72 60.85
N SER NG 39 45.65 68.35 59.60
CA SER NG 39 44.71 67.63 58.75
C SER NG 39 43.43 68.42 58.52
N GLY NG 40 43.42 69.72 58.80
CA GLY NG 40 42.26 70.53 58.59
C GLY NG 40 41.22 70.46 59.68
N LEU NG 41 41.47 69.71 60.75
CA LEU NG 41 40.53 69.63 61.86
C LEU NG 41 40.71 70.85 62.75
N VAL NG 42 39.63 71.61 62.95
CA VAL NG 42 39.62 72.76 63.83
C VAL NG 42 38.50 72.57 64.83
N THR NG 43 38.72 73.00 66.07
CA THR NG 43 37.80 72.76 67.16
C THR NG 43 37.49 74.06 67.88
N ALA NG 44 36.21 74.30 68.15
CA ALA NG 44 35.75 75.46 68.90
C ALA NG 44 35.31 75.01 70.29
N MET NG 45 35.59 75.83 71.30
CA MET NG 45 35.28 75.51 72.68
C MET NG 45 34.51 76.66 73.30
N VAL NG 46 33.28 76.38 73.75
CA VAL NG 46 32.48 77.35 74.47
C VAL NG 46 32.36 76.90 75.92
N LYS NG 47 31.95 77.83 76.78
CA LYS NG 47 31.91 77.56 78.21
C LYS NG 47 30.79 78.36 78.85
N GLY NG 48 29.94 77.70 79.61
CA GLY NG 48 28.86 78.37 80.29
C GLY NG 48 28.06 77.39 81.12
N ASP NG 49 26.88 77.83 81.56
CA ASP NG 49 25.99 76.95 82.31
C ASP NG 49 25.53 75.80 81.43
N VAL NG 50 25.09 74.72 82.08
CA VAL NG 50 24.83 73.48 81.36
C VAL NG 50 23.69 73.64 80.37
N GLY NG 51 22.60 74.30 80.79
CA GLY NG 51 21.47 74.48 79.89
C GLY NG 51 21.80 75.36 78.71
N ALA NG 52 22.56 76.43 78.95
CA ALA NG 52 22.98 77.30 77.87
C ALA NG 52 23.93 76.57 76.93
N VAL NG 53 24.96 75.94 77.49
CA VAL NG 53 25.95 75.25 76.66
C VAL NG 53 25.31 74.15 75.86
N ASN NG 54 24.33 73.46 76.43
CA ASN NG 54 23.61 72.45 75.67
C ASN NG 54 22.97 73.09 74.45
N ALA NG 55 22.15 74.12 74.65
CA ALA NG 55 21.46 74.78 73.55
C ALA NG 55 22.42 75.32 72.51
N ALA NG 56 23.55 75.88 72.94
CA ALA NG 56 24.50 76.45 72.00
C ALA NG 56 25.05 75.40 71.05
N VAL NG 57 25.43 74.24 71.58
CA VAL NG 57 26.06 73.22 70.75
C VAL NG 57 25.08 72.69 69.72
N ASP NG 58 23.80 72.58 70.08
CA ASP NG 58 22.80 72.13 69.12
C ASP NG 58 22.67 73.10 67.95
N SER NG 59 22.63 74.40 68.26
CA SER NG 59 22.51 75.41 67.22
C SER NG 59 23.78 75.50 66.39
N GLY NG 60 24.94 75.41 67.05
CA GLY NG 60 26.20 75.56 66.33
C GLY NG 60 26.46 74.43 65.37
N VAL NG 61 26.07 73.21 65.73
CA VAL NG 61 26.24 72.09 64.81
C VAL NG 61 25.30 72.22 63.63
N GLU NG 62 24.12 72.77 63.87
CA GLU NG 62 23.12 72.89 62.82
C GLU NG 62 23.53 73.91 61.77
N ALA NG 63 24.18 75.01 62.20
CA ALA NG 63 24.66 76.00 61.25
C ALA NG 63 25.89 75.51 60.50
N ALA NG 64 26.82 74.86 61.20
CA ALA NG 64 28.07 74.46 60.58
C ALA NG 64 27.86 73.30 59.61
N LYS NG 65 27.03 72.33 59.98
CA LYS NG 65 26.77 71.21 59.10
C LYS NG 65 26.20 71.65 57.77
N ARG NG 66 25.72 72.87 57.69
CA ARG NG 66 24.96 73.33 56.54
C ARG NG 66 25.87 73.76 55.40
N ILE NG 67 27.07 74.23 55.72
CA ILE NG 67 28.03 74.64 54.71
C ILE NG 67 29.27 73.76 54.65
N GLY NG 68 29.57 73.00 55.70
CA GLY NG 68 30.76 72.17 55.71
C GLY NG 68 30.51 70.87 56.42
N LYS NG 69 31.54 70.29 57.01
CA LYS NG 69 31.43 68.98 57.65
C LYS NG 69 31.69 69.12 59.14
N VAL NG 70 30.73 68.68 59.95
CA VAL NG 70 30.89 68.64 61.39
C VAL NG 70 31.34 67.24 61.76
N VAL NG 71 32.54 67.14 62.32
CA VAL NG 71 33.12 65.83 62.59
C VAL NG 71 32.56 65.25 63.88
N SER NG 72 32.55 66.05 64.95
CA SER NG 72 32.06 65.57 66.23
C SER NG 72 31.63 66.76 67.09
N SER NG 73 30.69 66.50 68.00
CA SER NG 73 30.25 67.46 68.98
C SER NG 73 30.07 66.76 70.31
N ARG NG 74 30.14 67.53 71.40
CA ARG NG 74 30.13 66.92 72.72
C ARG NG 74 29.93 68.00 73.77
N VAL NG 75 29.19 67.66 74.83
CA VAL NG 75 29.02 68.54 75.98
C VAL NG 75 29.47 67.80 77.23
N ILE NG 76 30.39 68.39 77.97
CA ILE NG 76 30.83 67.87 79.26
C ILE NG 76 30.17 68.73 80.32
N ALA NG 77 29.27 68.14 81.10
CA ALA NG 77 28.48 68.93 82.04
C ALA NG 77 29.34 69.46 83.18
N ARG NG 78 30.27 68.66 83.68
CA ARG NG 78 31.18 69.08 84.74
C ARG NG 78 32.56 68.51 84.44
N PRO NG 79 33.45 69.30 83.85
CA PRO NG 79 34.79 68.79 83.57
C PRO NG 79 35.61 68.70 84.84
N HIS NG 80 36.53 67.74 84.83
CA HIS NG 80 37.51 67.65 85.91
C HIS NG 80 38.41 68.88 85.88
N ASN NG 81 38.97 69.22 87.05
CA ASN NG 81 39.83 70.39 87.11
C ASN NG 81 41.08 70.22 86.29
N ASP NG 82 41.55 68.99 86.11
CA ASP NG 82 42.72 68.75 85.26
C ASP NG 82 42.42 69.11 83.82
N ILE NG 83 41.20 68.84 83.37
CA ILE NG 83 40.82 69.17 82.00
C ILE NG 83 40.88 70.66 81.74
N GLU NG 84 40.72 71.49 82.78
CA GLU NG 84 40.84 72.93 82.58
C GLU NG 84 42.27 73.40 82.76
N LYS NG 85 43.18 72.65 82.13
CA LYS NG 85 44.55 73.04 81.88
C LYS NG 85 45.00 72.63 80.49
N ILE NG 86 44.24 71.76 79.83
CA ILE NG 86 44.49 71.39 78.45
C ILE NG 86 43.78 72.32 77.49
N ALA NG 87 42.54 72.68 77.82
CA ALA NG 87 41.81 73.65 77.00
C ALA NG 87 42.40 75.04 77.14
N GLY NG 88 42.36 75.59 78.36
CA GLY NG 88 42.93 76.90 78.62
C GLY NG 88 44.40 76.84 78.98
N MET OG 1 -4.96 -57.96 92.61
CA MET OG 1 -3.72 -58.57 93.05
C MET OG 1 -3.95 -59.46 94.26
N ILE OG 2 -2.99 -60.31 94.56
CA ILE OG 2 -3.01 -61.11 95.77
C ILE OG 2 -1.60 -61.15 96.36
N LEU OG 3 -1.53 -61.23 97.69
CA LEU OG 3 -0.25 -61.46 98.34
C LEU OG 3 0.14 -62.92 98.20
N ALA OG 4 1.37 -63.16 97.78
CA ALA OG 4 1.85 -64.51 97.57
C ALA OG 4 3.33 -64.56 97.85
N LYS OG 5 3.85 -65.77 97.92
CA LYS OG 5 5.25 -66.01 98.22
C LYS OG 5 5.85 -66.91 97.16
N VAL OG 6 7.01 -66.55 96.64
CA VAL OG 6 7.67 -67.39 95.64
C VAL OG 6 8.23 -68.64 96.33
N THR OG 7 7.86 -69.80 95.81
CA THR OG 7 8.24 -71.06 96.43
C THR OG 7 8.97 -72.01 95.51
N GLY OG 8 9.32 -71.60 94.29
CA GLY OG 8 10.03 -72.47 93.39
C GLY OG 8 10.09 -71.87 92.00
N HIS OG 9 10.36 -72.72 91.01
CA HIS OG 9 10.37 -72.28 89.63
C HIS OG 9 10.08 -73.49 88.75
N VAL OG 10 9.80 -73.21 87.48
CA VAL OG 10 9.43 -74.23 86.51
C VAL OG 10 10.33 -74.08 85.30
N VAL OG 11 10.89 -75.19 84.83
CA VAL OG 11 11.75 -75.21 83.65
C VAL OG 11 10.98 -75.89 82.53
N ALA OG 12 10.60 -75.13 81.52
CA ALA OG 12 9.83 -75.63 80.39
C ALA OG 12 10.57 -75.29 79.11
N THR OG 13 10.88 -76.31 78.31
CA THR OG 13 11.63 -76.14 77.08
C THR OG 13 10.73 -76.00 75.86
N GLN OG 14 9.74 -76.88 75.72
CA GLN OG 14 8.80 -76.85 74.62
C GLN OG 14 7.63 -75.97 75.04
N LYS OG 15 7.59 -74.74 74.51
CA LYS OG 15 6.54 -73.81 74.90
C LYS OG 15 6.31 -72.82 73.78
N CYS OG 16 5.27 -72.01 73.95
CA CYS OG 16 4.89 -71.04 72.92
C CYS OG 16 5.95 -69.96 72.81
N ASP OG 17 5.71 -69.03 71.89
CA ASP OG 17 6.65 -67.95 71.64
C ASP OG 17 6.35 -66.70 72.44
N GLU OG 18 5.12 -66.54 72.92
CA GLU OG 18 4.79 -65.42 73.79
C GLU OG 18 5.47 -65.52 75.14
N LEU OG 19 6.14 -66.65 75.42
CA LEU OG 19 6.77 -66.88 76.71
C LEU OG 19 8.28 -67.01 76.63
N ARG OG 20 8.88 -66.73 75.47
CA ARG OG 20 10.32 -66.89 75.31
C ARG OG 20 11.06 -65.82 76.10
N GLY OG 21 12.06 -66.24 76.87
CA GLY OG 21 12.89 -65.31 77.60
C GLY OG 21 12.21 -64.68 78.80
N SER OG 22 11.68 -65.51 79.69
CA SER OG 22 11.01 -65.03 80.88
C SER OG 22 11.09 -66.11 81.95
N ASN OG 23 10.98 -65.70 83.19
CA ASN OG 23 11.02 -66.62 84.31
C ASN OG 23 9.62 -67.18 84.55
N LEU OG 24 9.55 -68.36 85.15
CA LEU OG 24 8.27 -68.97 85.50
C LEU OG 24 8.36 -69.44 86.94
N LEU OG 25 7.75 -68.68 87.85
CA LEU OG 25 7.86 -68.94 89.28
C LEU OG 25 6.61 -69.61 89.81
N LEU OG 26 6.78 -70.47 90.80
CA LEU OG 26 5.66 -71.01 91.54
C LEU OG 26 5.28 -70.01 92.62
N ILE OG 27 4.00 -69.70 92.72
CA ILE OG 27 3.49 -68.57 93.48
C ILE OG 27 2.42 -69.11 94.40
N THR OG 28 2.67 -69.13 95.70
CA THR OG 28 1.74 -69.70 96.65
C THR OG 28 1.03 -68.60 97.42
N ARG OG 29 -0.29 -68.61 97.40
CA ARG OG 29 -1.07 -67.61 98.13
C ARG OG 29 -0.95 -67.85 99.62
N LEU OG 30 -0.69 -66.78 100.37
CA LEU OG 30 -0.48 -66.89 101.81
C LEU OG 30 -1.61 -66.23 102.57
N ASP OG 31 -1.91 -66.76 103.75
CA ASP OG 31 -3.08 -66.38 104.53
C ASP OG 31 -2.83 -65.16 105.42
N ASP OG 32 -3.76 -64.85 106.32
CA ASP OG 32 -3.71 -63.62 107.09
C ASP OG 32 -2.69 -63.65 108.22
N LYS OG 33 -1.89 -64.72 108.33
CA LYS OG 33 -0.75 -64.74 109.23
C LYS OG 33 0.56 -64.72 108.47
N GLN OG 34 0.51 -64.36 107.19
CA GLN OG 34 1.67 -64.41 106.29
C GLN OG 34 2.28 -65.82 106.29
N GLN OG 35 1.44 -66.80 105.95
CA GLN OG 35 1.84 -68.19 105.94
C GLN OG 35 1.20 -68.85 104.73
N PRO OG 36 1.96 -69.60 103.92
CA PRO OG 36 1.40 -70.18 102.71
C PRO OG 36 0.25 -71.15 103.01
N MET OG 37 -0.68 -71.22 102.07
CA MET OG 37 -1.84 -72.09 102.18
C MET OG 37 -1.57 -73.40 101.45
N LYS OG 38 -2.58 -74.26 101.42
CA LYS OG 38 -2.49 -75.57 100.78
C LYS OG 38 -3.28 -75.56 99.48
N ASP OG 39 -2.68 -76.11 98.43
CA ASP OG 39 -3.33 -76.24 97.13
C ASP OG 39 -3.72 -74.88 96.56
N GLN OG 40 -2.77 -73.94 96.61
CA GLN OG 40 -3.04 -72.58 96.15
C GLN OG 40 -1.88 -72.05 95.34
N THR OG 41 -1.34 -72.86 94.45
CA THR OG 41 -0.14 -72.51 93.71
C THR OG 41 -0.46 -72.22 92.25
N TRP OG 42 0.05 -71.10 91.74
CA TRP OG 42 -0.05 -70.76 90.34
C TRP OG 42 1.35 -70.57 89.79
N VAL OG 43 1.44 -70.46 88.47
CA VAL OG 43 2.69 -70.19 87.79
C VAL OG 43 2.64 -68.79 87.22
N ALA OG 44 3.60 -67.95 87.59
CA ALA OG 44 3.59 -66.55 87.24
C ALA OG 44 4.85 -66.18 86.47
N VAL OG 45 4.68 -65.38 85.43
CA VAL OG 45 5.81 -64.89 84.66
C VAL OG 45 6.42 -63.71 85.41
N ASP OG 46 7.59 -63.91 86.00
CA ASP OG 46 8.25 -62.84 86.72
C ASP OG 46 8.46 -61.64 85.81
N ASN OG 47 8.34 -60.45 86.40
CA ASN OG 47 8.45 -59.22 85.63
C ASN OG 47 9.33 -58.17 86.27
N VAL OG 48 9.64 -58.25 87.57
CA VAL OG 48 10.43 -57.26 88.26
C VAL OG 48 11.68 -57.84 88.91
N GLY OG 49 11.90 -59.14 88.81
CA GLY OG 49 13.10 -59.72 89.37
C GLY OG 49 12.94 -60.24 90.78
N ALA OG 50 11.97 -61.11 90.98
CA ALA OG 50 11.76 -61.75 92.27
C ALA OG 50 12.42 -63.12 92.31
N GLY OG 51 12.85 -63.53 93.49
CA GLY OG 51 13.49 -64.82 93.66
C GLY OG 51 12.83 -65.62 94.75
N MET OG 52 13.52 -66.63 95.26
CA MET OG 52 12.91 -67.51 96.25
C MET OG 52 12.64 -66.78 97.56
N HIS OG 53 11.58 -67.20 98.24
CA HIS OG 53 11.23 -66.77 99.59
C HIS OG 53 10.73 -65.33 99.65
N ASP OG 54 10.59 -64.65 98.52
CA ASP OG 54 10.21 -63.25 98.52
C ASP OG 54 8.69 -63.12 98.46
N ILE OG 55 8.15 -62.20 99.24
CA ILE OG 55 6.71 -61.94 99.21
C ILE OG 55 6.42 -60.96 98.09
N VAL OG 56 5.60 -61.38 97.13
CA VAL OG 56 5.36 -60.59 95.93
C VAL OG 56 3.88 -60.30 95.79
N LEU OG 57 3.51 -59.61 94.72
CA LEU OG 57 2.15 -59.14 94.49
C LEU OG 57 1.76 -59.60 93.09
N ALA OG 58 1.13 -60.77 93.01
CA ALA OG 58 0.84 -61.41 91.74
C ALA OG 58 -0.48 -60.91 91.18
N GLU OG 59 -0.46 -60.51 89.93
CA GLU OG 59 -1.63 -59.94 89.27
C GLU OG 59 -2.24 -60.95 88.31
N GLU OG 60 -3.54 -60.80 88.10
CA GLU OG 60 -4.30 -61.72 87.26
C GLU OG 60 -4.14 -61.36 85.79
N TYR OG 61 -5.05 -61.87 84.96
CA TYR OG 61 -4.82 -62.11 83.54
C TYR OG 61 -3.97 -61.09 82.82
N PHE OG 62 -4.42 -59.85 82.71
CA PHE OG 62 -3.85 -58.93 81.72
C PHE OG 62 -2.74 -58.09 82.36
N ALA OG 63 -1.50 -58.39 81.96
CA ALA OG 63 -0.36 -57.55 82.31
C ALA OG 63 0.63 -57.42 81.14
N LEU OG 64 0.20 -57.72 79.91
CA LEU OG 64 1.02 -57.59 78.71
C LEU OG 64 2.30 -58.42 78.81
N ASN OG 65 2.11 -59.73 78.90
CA ASN OG 65 3.24 -60.65 79.04
C ASN OG 65 3.04 -61.94 78.25
N TYR OG 69 -1.90 -60.37 74.92
CA TYR OG 69 -1.04 -60.93 75.96
C TYR OG 69 -1.74 -60.88 77.31
N LYS OG 70 -1.96 -62.05 77.89
CA LYS OG 70 -2.71 -62.13 79.14
C LYS OG 70 -2.11 -63.08 80.16
N ALA OG 71 -0.78 -63.15 80.27
CA ALA OG 71 -0.17 -64.06 81.23
C ALA OG 71 -0.21 -63.46 82.63
N MET OG 72 -0.35 -64.33 83.63
CA MET OG 72 -0.38 -63.93 85.03
C MET OG 72 1.05 -63.64 85.46
N SER OG 73 1.31 -62.40 85.83
CA SER OG 73 2.67 -61.97 86.13
C SER OG 73 2.77 -61.37 87.53
N VAL OG 74 4.00 -61.21 87.97
CA VAL OG 74 4.31 -60.55 89.23
C VAL OG 74 4.62 -59.09 88.93
N VAL OG 75 4.01 -58.18 89.69
CA VAL OG 75 4.08 -56.76 89.38
C VAL OG 75 4.67 -55.92 90.50
N ALA OG 76 5.02 -56.51 91.64
CA ALA OG 76 5.54 -55.73 92.74
C ALA OG 76 6.18 -56.64 93.76
N ILE OG 77 7.28 -56.20 94.35
CA ILE OG 77 7.90 -56.87 95.49
C ILE OG 77 7.59 -56.08 96.74
N VAL OG 78 7.05 -56.75 97.73
CA VAL OG 78 6.43 -56.08 98.87
C VAL OG 78 7.44 -55.93 100.00
N GLU OG 79 7.55 -54.69 100.51
CA GLU OG 79 8.42 -54.38 101.63
C GLU OG 79 7.73 -54.61 102.97
N LYS OG 80 6.59 -53.94 103.19
CA LYS OG 80 5.88 -53.99 104.45
C LYS OG 80 4.41 -54.27 104.21
N VAL OG 81 3.83 -55.11 105.05
CA VAL OG 81 2.39 -55.40 105.02
C VAL OG 81 1.86 -55.01 106.40
N PHE OG 82 1.35 -53.79 106.51
CA PHE OG 82 0.75 -53.33 107.75
C PHE OG 82 -0.71 -53.78 107.77
N ARG OG 83 -1.09 -54.52 108.81
CA ARG OG 83 -2.41 -55.17 108.83
C ARG OG 83 -2.90 -55.21 110.27
N ASP OG 84 -3.97 -54.48 110.56
CA ASP OG 84 -4.63 -54.59 111.85
C ASP OG 84 -6.04 -53.99 111.77
N GLU PG 3 55.57 -80.56 65.80
CA GLU PG 3 54.23 -80.51 65.25
C GLU PG 3 53.90 -79.10 64.77
N ALA PG 4 52.88 -78.98 63.93
CA ALA PG 4 52.54 -77.69 63.37
C ALA PG 4 51.88 -76.82 64.43
N LEU PG 5 51.42 -75.64 64.01
CA LEU PG 5 50.85 -74.67 64.94
C LEU PG 5 49.79 -73.85 64.22
N GLY PG 6 48.64 -73.72 64.84
CA GLY PG 6 47.52 -72.99 64.24
C GLY PG 6 47.00 -71.92 65.16
N LEU PG 7 46.63 -70.79 64.58
CA LEU PG 7 46.27 -69.59 65.32
C LEU PG 7 45.02 -68.96 64.74
N ILE PG 8 44.05 -68.63 65.60
CA ILE PG 8 42.91 -67.83 65.22
C ILE PG 8 42.83 -66.65 66.18
N GLU PG 9 42.47 -65.49 65.66
CA GLU PG 9 42.35 -64.28 66.45
C GLU PG 9 40.99 -63.66 66.21
N THR PG 10 40.28 -63.35 67.29
CA THR PG 10 38.93 -62.82 67.21
C THR PG 10 38.78 -61.61 68.12
N LYS PG 11 37.71 -60.86 67.87
CA LYS PG 11 37.33 -59.74 68.73
C LYS PG 11 36.27 -60.21 69.71
N GLY PG 12 36.61 -60.21 70.98
CA GLY PG 12 35.69 -60.70 71.99
C GLY PG 12 36.01 -62.13 72.41
N LEU PG 13 35.60 -62.48 73.62
CA LEU PG 13 35.95 -63.80 74.15
C LEU PG 13 34.99 -64.88 73.67
N VAL PG 14 33.70 -64.54 73.48
CA VAL PG 14 32.74 -65.55 73.09
C VAL PG 14 33.10 -66.13 71.74
N ALA PG 15 33.40 -65.27 70.76
CA ALA PG 15 33.74 -65.76 69.43
C ALA PG 15 34.95 -66.66 69.45
N CYS PG 16 35.81 -66.51 70.46
CA CYS PG 16 37.01 -67.33 70.53
C CYS PG 16 36.73 -68.70 71.13
N ILE PG 17 35.83 -68.78 72.09
CA ILE PG 17 35.51 -70.08 72.69
C ILE PG 17 34.73 -70.94 71.70
N GLU PG 18 33.86 -70.32 70.90
CA GLU PG 18 33.22 -71.05 69.81
C GLU PG 18 34.27 -71.57 68.83
N ALA PG 19 35.23 -70.72 68.48
CA ALA PG 19 36.27 -71.14 67.54
C ALA PG 19 37.11 -72.27 68.12
N ALA PG 20 37.48 -72.18 69.39
CA ALA PG 20 38.34 -73.19 69.98
C ALA PG 20 37.62 -74.50 70.21
N ASP PG 21 36.28 -74.47 70.28
CA ASP PG 21 35.53 -75.71 70.39
C ASP PG 21 35.40 -76.40 69.04
N ALA PG 22 35.11 -75.63 68.00
CA ALA PG 22 35.02 -76.20 66.67
C ALA PG 22 36.36 -76.80 66.24
N MET PG 23 37.46 -76.14 66.59
CA MET PG 23 38.77 -76.66 66.24
C MET PG 23 39.00 -78.01 66.90
N CYS PG 24 38.70 -78.12 68.19
CA CYS PG 24 39.01 -79.35 68.90
C CYS PG 24 38.13 -80.52 68.45
N LYS PG 25 36.94 -80.23 67.94
CA LYS PG 25 36.06 -81.30 67.47
C LYS PG 25 36.39 -81.74 66.05
N ALA PG 26 36.87 -80.83 65.22
CA ALA PG 26 36.96 -81.08 63.79
C ALA PG 26 38.18 -81.89 63.39
N ALA PG 27 39.18 -82.05 64.26
CA ALA PG 27 40.36 -82.81 63.90
C ALA PG 27 41.10 -83.18 65.16
N ASN PG 28 42.12 -84.02 65.00
CA ASN PG 28 42.92 -84.49 66.12
C ASN PG 28 44.01 -83.48 66.43
N VAL PG 29 43.61 -82.39 67.08
CA VAL PG 29 44.53 -81.34 67.51
C VAL PG 29 44.32 -81.09 68.98
N GLU PG 30 45.35 -80.58 69.65
CA GLU PG 30 45.33 -80.32 71.07
C GLU PG 30 45.42 -78.83 71.32
N LEU PG 31 44.65 -78.34 72.29
CA LEU PG 31 44.54 -76.92 72.56
C LEU PG 31 45.67 -76.48 73.49
N ILE PG 32 46.43 -75.48 73.06
CA ILE PG 32 47.56 -75.00 73.86
C ILE PG 32 47.09 -74.03 74.93
N GLY PG 33 46.38 -72.98 74.53
CA GLY PG 33 45.86 -72.05 75.50
C GLY PG 33 45.31 -70.81 74.82
N TYR PG 34 44.79 -69.91 75.65
CA TYR PG 34 44.33 -68.61 75.21
C TYR PG 34 45.33 -67.54 75.60
N GLU PG 35 45.26 -66.40 74.91
CA GLU PG 35 46.15 -65.29 75.22
C GLU PG 35 45.54 -64.02 74.63
N ASN PG 36 45.06 -63.13 75.49
CA ASN PG 36 44.54 -61.85 75.01
C ASN PG 36 45.56 -60.75 75.21
N VAL PG 37 45.71 -59.91 74.19
CA VAL PG 37 46.68 -58.82 74.21
C VAL PG 37 45.89 -57.53 74.07
N GLY PG 38 45.47 -56.98 75.20
CA GLY PG 38 44.85 -55.67 75.16
C GLY PG 38 43.49 -55.68 74.51
N SER PG 39 43.27 -54.74 73.59
CA SER PG 39 41.94 -54.31 73.23
C SER PG 39 41.14 -55.39 72.52
N GLY PG 40 40.31 -56.10 73.27
CA GLY PG 40 39.36 -57.06 72.76
C GLY PG 40 39.89 -58.09 71.79
N LEU PG 41 41.15 -58.48 71.92
CA LEU PG 41 41.75 -59.43 70.99
C LEU PG 41 42.18 -60.66 71.77
N VAL PG 42 41.50 -61.79 71.53
CA VAL PG 42 41.83 -63.06 72.13
C VAL PG 42 42.31 -64.00 71.02
N THR PG 43 43.28 -64.84 71.35
CA THR PG 43 43.88 -65.75 70.39
C THR PG 43 43.92 -67.15 70.98
N ALA PG 44 43.52 -68.15 70.19
CA ALA PG 44 43.60 -69.54 70.57
C ALA PG 44 44.67 -70.23 69.74
N MET PG 45 45.40 -71.16 70.36
CA MET PG 45 46.51 -71.85 69.71
C MET PG 45 46.31 -73.34 69.82
N VAL PG 46 46.45 -74.05 68.70
CA VAL PG 46 46.34 -75.49 68.66
C VAL PG 46 47.59 -76.05 68.00
N LYS PG 47 47.86 -77.33 68.25
CA LYS PG 47 49.02 -77.97 67.65
C LYS PG 47 48.70 -79.42 67.30
N GLY PG 48 49.34 -79.89 66.25
CA GLY PG 48 49.12 -81.24 65.75
C GLY PG 48 49.82 -81.41 64.41
N ASP PG 49 49.50 -82.51 63.74
CA ASP PG 49 50.06 -82.74 62.41
C ASP PG 49 49.60 -81.66 61.45
N VAL PG 50 50.32 -81.53 60.33
CA VAL PG 50 50.08 -80.42 59.42
C VAL PG 50 48.74 -80.57 58.71
N GLY PG 51 48.39 -81.80 58.34
CA GLY PG 51 47.11 -82.00 57.69
C GLY PG 51 45.94 -81.85 58.65
N ALA PG 52 46.13 -82.25 59.90
CA ALA PG 52 45.10 -82.09 60.91
C ALA PG 52 44.92 -80.62 61.28
N VAL PG 53 46.02 -79.93 61.57
CA VAL PG 53 45.93 -78.54 62.00
C VAL PG 53 45.34 -77.68 60.89
N ASN PG 54 45.71 -77.96 59.65
CA ASN PG 54 45.13 -77.22 58.53
C ASN PG 54 43.62 -77.43 58.46
N ALA PG 55 43.16 -78.61 58.86
CA ALA PG 55 41.73 -78.91 58.79
C ALA PG 55 40.98 -78.34 59.98
N ALA PG 56 41.67 -78.13 61.11
CA ALA PG 56 41.01 -77.56 62.27
C ALA PG 56 40.83 -76.06 62.13
N VAL PG 57 41.78 -75.39 61.49
CA VAL PG 57 41.74 -73.93 61.46
C VAL PG 57 40.64 -73.43 60.53
N ASP PG 58 40.49 -74.05 59.35
CA ASP PG 58 39.46 -73.59 58.44
C ASP PG 58 38.07 -73.92 58.96
N SER PG 59 37.96 -74.92 59.83
CA SER PG 59 36.67 -75.19 60.47
C SER PG 59 36.40 -74.21 61.60
N GLY PG 60 37.44 -73.91 62.40
CA GLY PG 60 37.25 -72.97 63.49
C GLY PG 60 37.03 -71.55 63.03
N VAL PG 61 37.61 -71.16 61.90
CA VAL PG 61 37.33 -69.84 61.35
C VAL PG 61 35.90 -69.77 60.87
N GLU PG 62 35.40 -70.88 60.32
CA GLU PG 62 34.04 -70.91 59.80
C GLU PG 62 33.00 -70.71 60.89
N ALA PG 63 33.29 -71.21 62.08
CA ALA PG 63 32.33 -71.14 63.19
C ALA PG 63 32.35 -69.79 63.87
N ALA PG 64 33.54 -69.25 64.13
CA ALA PG 64 33.62 -67.96 64.81
C ALA PG 64 33.20 -66.83 63.90
N LYS PG 65 33.45 -66.95 62.60
CA LYS PG 65 32.96 -65.97 61.63
C LYS PG 65 31.44 -65.85 61.65
N ARG PG 66 30.77 -66.86 62.20
CA ARG PG 66 29.31 -66.90 62.20
C ARG PG 66 28.72 -65.90 63.18
N ILE PG 67 29.32 -65.77 64.37
CA ILE PG 67 28.78 -64.98 65.45
C ILE PG 67 29.66 -63.80 65.84
N GLY PG 68 30.87 -63.72 65.29
CA GLY PG 68 31.75 -62.63 65.66
C GLY PG 68 32.67 -62.23 64.52
N LYS PG 69 33.77 -61.57 64.86
CA LYS PG 69 34.75 -61.13 63.88
C LYS PG 69 36.00 -61.97 64.04
N VAL PG 70 36.38 -62.68 62.99
CA VAL PG 70 37.67 -63.34 62.93
C VAL PG 70 38.66 -62.36 62.29
N VAL PG 71 39.70 -62.01 63.03
CA VAL PG 71 40.64 -61.01 62.56
C VAL PG 71 41.73 -61.63 61.69
N SER PG 72 42.30 -62.75 62.12
CA SER PG 72 43.37 -63.38 61.37
C SER PG 72 43.42 -64.86 61.71
N SER PG 73 43.95 -65.64 60.78
CA SER PG 73 44.23 -67.04 60.98
C SER PG 73 45.52 -67.40 60.27
N ARG PG 74 46.22 -68.42 60.76
CA ARG PG 74 47.52 -68.73 60.21
C ARG PG 74 47.96 -70.09 60.72
N VAL PG 75 48.54 -70.89 59.82
CA VAL PG 75 49.13 -72.17 60.16
C VAL PG 75 50.62 -72.09 59.91
N ILE PG 76 51.42 -72.56 60.86
CA ILE PG 76 52.87 -72.61 60.72
C ILE PG 76 53.26 -74.08 60.66
N ALA PG 77 53.80 -74.50 59.51
CA ALA PG 77 54.00 -75.93 59.27
C ALA PG 77 55.13 -76.49 60.11
N ARG PG 78 56.19 -75.72 60.32
CA ARG PG 78 57.27 -76.12 61.21
C ARG PG 78 57.70 -74.90 62.00
N PRO PG 79 57.21 -74.74 63.23
CA PRO PG 79 57.63 -73.60 64.04
C PRO PG 79 59.06 -73.79 64.51
N HIS PG 80 59.80 -72.69 64.51
CA HIS PG 80 61.20 -72.75 64.92
C HIS PG 80 61.30 -73.11 66.39
N ASN PG 81 62.35 -73.85 66.73
CA ASN PG 81 62.49 -74.39 68.08
C ASN PG 81 62.47 -73.29 69.12
N ASP PG 82 63.04 -72.13 68.79
CA ASP PG 82 63.08 -71.02 69.74
C ASP PG 82 61.69 -70.54 70.10
N ILE PG 83 60.77 -70.58 69.15
CA ILE PG 83 59.40 -70.13 69.38
C ILE PG 83 58.61 -71.21 70.09
N GLU QG 3 28.89 -80.85 81.84
CA GLU QG 3 27.64 -80.09 81.81
C GLU QG 3 27.74 -78.96 80.81
N ALA QG 4 26.60 -78.43 80.39
CA ALA QG 4 26.56 -77.40 79.37
C ALA QG 4 27.24 -76.13 79.84
N LEU QG 5 27.31 -75.12 78.98
CA LEU QG 5 28.05 -73.91 79.28
C LEU QG 5 27.45 -72.77 78.50
N GLY QG 6 27.13 -71.68 79.18
CA GLY QG 6 26.50 -70.54 78.54
C GLY QG 6 27.29 -69.27 78.77
N LEU QG 7 27.30 -68.41 77.75
CA LEU QG 7 28.08 -67.19 77.79
C LEU QG 7 27.23 -66.02 77.32
N ILE QG 8 27.35 -64.90 78.02
CA ILE QG 8 26.82 -63.62 77.56
C ILE QG 8 27.95 -62.61 77.61
N GLU QG 9 28.05 -61.78 76.58
CA GLU QG 9 29.08 -60.76 76.48
C GLU QG 9 28.44 -59.40 76.33
N THR QG 10 28.77 -58.49 77.24
CA THR QG 10 28.13 -57.18 77.29
C THR QG 10 29.20 -56.10 77.33
N LYS QG 11 28.80 -54.91 76.89
CA LYS QG 11 29.66 -53.73 76.94
C LYS QG 11 29.40 -53.00 78.25
N GLY QG 12 30.36 -53.05 79.16
CA GLY QG 12 30.21 -52.45 80.47
C GLY QG 12 29.88 -53.50 81.52
N LEU QG 13 30.26 -53.20 82.77
CA LEU QG 13 30.07 -54.16 83.84
C LEU QG 13 28.65 -54.17 84.37
N VAL QG 14 27.98 -53.03 84.40
CA VAL QG 14 26.64 -52.97 84.98
C VAL QG 14 25.69 -53.87 84.21
N ALA QG 15 25.71 -53.79 82.88
CA ALA QG 15 24.84 -54.64 82.08
C ALA QG 15 25.16 -56.11 82.28
N CYS QG 16 26.35 -56.44 82.76
CA CYS QG 16 26.71 -57.83 82.97
C CYS QG 16 26.22 -58.34 84.33
N ILE QG 17 26.06 -57.47 85.31
CA ILE QG 17 25.51 -57.93 86.58
C ILE QG 17 24.00 -58.05 86.51
N GLU QG 18 23.34 -57.24 85.68
CA GLU QG 18 21.93 -57.47 85.42
C GLU QG 18 21.73 -58.77 84.65
N ALA QG 19 22.56 -59.01 83.63
CA ALA QG 19 22.48 -60.26 82.89
C ALA QG 19 22.72 -61.46 83.80
N ALA QG 20 23.71 -61.38 84.67
CA ALA QG 20 24.00 -62.50 85.54
C ALA QG 20 22.89 -62.71 86.56
N ASP QG 21 22.31 -61.63 87.07
CA ASP QG 21 21.24 -61.77 88.04
C ASP QG 21 20.03 -62.48 87.45
N ALA QG 22 19.65 -62.12 86.23
CA ALA QG 22 18.54 -62.80 85.58
C ALA QG 22 18.87 -64.26 85.31
N MET QG 23 20.11 -64.54 84.92
CA MET QG 23 20.50 -65.92 84.66
C MET QG 23 20.37 -66.79 85.91
N CYS QG 24 20.80 -66.29 87.05
CA CYS QG 24 20.81 -67.10 88.27
C CYS QG 24 19.43 -67.31 88.86
N LYS QG 25 18.46 -66.47 88.51
CA LYS QG 25 17.10 -66.62 89.01
C LYS QG 25 16.23 -67.47 88.10
N ALA QG 26 16.60 -67.61 86.83
CA ALA QG 26 15.75 -68.25 85.84
C ALA QG 26 15.81 -69.77 85.92
N ALA QG 27 16.89 -70.32 86.42
CA ALA QG 27 17.04 -71.77 86.46
C ALA QG 27 18.09 -72.13 87.49
N ASN QG 28 18.38 -73.42 87.61
CA ASN QG 28 19.31 -73.93 88.61
C ASN QG 28 20.68 -74.12 87.97
N VAL QG 29 21.37 -73.00 87.79
CA VAL QG 29 22.71 -72.98 87.22
C VAL QG 29 23.65 -72.34 88.23
N GLU QG 30 24.90 -72.78 88.22
CA GLU QG 30 25.93 -72.21 89.08
C GLU QG 30 26.77 -71.24 88.26
N LEU QG 31 27.00 -70.06 88.81
CA LEU QG 31 27.72 -69.00 88.11
C LEU QG 31 29.21 -69.17 88.33
N ILE QG 32 29.97 -69.18 87.24
CA ILE QG 32 31.41 -69.43 87.32
C ILE QG 32 32.18 -68.15 87.64
N GLY QG 33 32.01 -67.11 86.84
CA GLY QG 33 32.65 -65.85 87.14
C GLY QG 33 32.82 -65.01 85.89
N TYR QG 34 33.20 -63.76 86.12
CA TYR QG 34 33.39 -62.79 85.06
C TYR QG 34 34.80 -62.85 84.50
N GLU QG 35 34.97 -62.30 83.30
CA GLU QG 35 36.27 -62.20 82.65
C GLU QG 35 36.19 -61.07 81.65
N ASN QG 36 36.91 -59.98 81.90
CA ASN QG 36 36.97 -58.88 80.94
C ASN QG 36 38.25 -58.96 80.14
N VAL QG 37 38.13 -58.68 78.85
CA VAL QG 37 39.23 -58.77 77.91
C VAL QG 37 39.66 -57.40 77.41
N GLY QG 38 39.15 -56.34 78.01
CA GLY QG 38 39.48 -55.00 77.58
C GLY QG 38 38.53 -54.50 76.50
N SER QG 39 38.60 -53.20 76.26
CA SER QG 39 37.72 -52.46 75.36
C SER QG 39 36.30 -52.38 75.87
N GLY QG 40 36.10 -52.64 77.16
CA GLY QG 40 34.79 -52.56 77.76
C GLY QG 40 33.97 -53.83 77.69
N LEU QG 41 34.52 -54.92 77.17
CA LEU QG 41 33.78 -56.16 77.00
C LEU QG 41 33.92 -57.01 78.25
N VAL QG 42 32.80 -57.37 78.86
CA VAL QG 42 32.76 -58.23 80.03
C VAL QG 42 31.88 -59.43 79.72
N THR QG 43 32.30 -60.61 80.18
CA THR QG 43 31.62 -61.85 79.87
C THR QG 43 31.29 -62.59 81.15
N ALA QG 44 30.06 -63.10 81.24
CA ALA QG 44 29.61 -63.94 82.34
C ALA QG 44 29.44 -65.35 81.85
N MET QG 45 29.76 -66.33 82.70
CA MET QG 45 29.78 -67.72 82.32
C MET QG 45 29.06 -68.55 83.37
N VAL QG 46 28.04 -69.29 82.95
CA VAL QG 46 27.30 -70.19 83.82
C VAL QG 46 27.48 -71.62 83.32
N LYS QG 47 27.12 -72.57 84.16
CA LYS QG 47 27.20 -73.97 83.76
C LYS QG 47 26.15 -74.78 84.51
N GLY QG 48 25.55 -75.73 83.79
CA GLY QG 48 24.54 -76.58 84.37
C GLY QG 48 24.01 -77.52 83.29
N ASP QG 49 22.86 -78.12 83.58
CA ASP QG 49 22.23 -78.96 82.58
C ASP QG 49 21.78 -78.11 81.39
N VAL QG 50 21.68 -78.77 80.23
CA VAL QG 50 21.49 -78.03 78.99
C VAL QG 50 20.08 -77.45 78.87
N GLY QG 51 19.10 -78.03 79.56
CA GLY QG 51 17.78 -77.42 79.58
C GLY QG 51 17.73 -76.20 80.46
N ALA QG 52 18.48 -76.21 81.57
CA ALA QG 52 18.54 -75.05 82.44
C ALA QG 52 19.37 -73.94 81.82
N VAL QG 53 20.53 -74.29 81.27
CA VAL QG 53 21.42 -73.28 80.71
C VAL QG 53 20.78 -72.60 79.51
N ASN QG 54 20.01 -73.36 78.73
CA ASN QG 54 19.34 -72.76 77.59
C ASN QG 54 18.30 -71.74 78.05
N ALA QG 55 17.66 -72.00 79.19
CA ALA QG 55 16.64 -71.09 79.70
C ALA QG 55 17.27 -69.86 80.34
N ALA QG 56 18.40 -70.05 81.03
CA ALA QG 56 19.05 -68.93 81.70
C ALA QG 56 19.60 -67.93 80.70
N VAL QG 57 20.30 -68.42 79.67
CA VAL QG 57 20.92 -67.53 78.70
C VAL QG 57 19.88 -66.72 77.95
N ASP QG 58 18.74 -67.34 77.62
CA ASP QG 58 17.70 -66.61 76.92
C ASP QG 58 17.10 -65.53 77.80
N SER QG 59 17.03 -65.79 79.11
CA SER QG 59 16.48 -64.80 80.03
C SER QG 59 17.48 -63.69 80.30
N GLY QG 60 18.74 -64.04 80.54
CA GLY QG 60 19.75 -63.04 80.78
C GLY QG 60 19.98 -62.12 79.61
N VAL QG 61 19.84 -62.63 78.39
CA VAL QG 61 20.04 -61.79 77.20
C VAL QG 61 18.97 -60.72 77.14
N GLU QG 62 17.72 -61.09 77.46
CA GLU QG 62 16.64 -60.13 77.33
C GLU QG 62 16.69 -59.06 78.42
N ALA QG 63 17.16 -59.41 79.61
CA ALA QG 63 17.25 -58.42 80.68
C ALA QG 63 18.39 -57.44 80.45
N ALA QG 64 19.57 -57.94 80.09
CA ALA QG 64 20.69 -57.05 79.81
C ALA QG 64 20.43 -56.20 78.58
N LYS QG 65 19.71 -56.74 77.59
CA LYS QG 65 19.37 -55.98 76.40
C LYS QG 65 18.56 -54.75 76.76
N ARG QG 66 17.83 -54.81 77.88
CA ARG QG 66 16.93 -53.72 78.24
C ARG QG 66 17.68 -52.47 78.69
N ILE QG 67 18.84 -52.65 79.32
CA ILE QG 67 19.54 -51.54 79.96
C ILE QG 67 20.96 -51.35 79.43
N GLY QG 68 21.38 -52.13 78.46
CA GLY QG 68 22.72 -51.99 77.92
C GLY QG 68 22.80 -52.62 76.56
N LYS QG 69 24.03 -52.85 76.11
CA LYS QG 69 24.28 -53.50 74.84
C LYS QG 69 24.77 -54.91 75.10
N VAL QG 70 24.07 -55.88 74.52
CA VAL QG 70 24.51 -57.27 74.52
C VAL QG 70 25.25 -57.52 73.22
N VAL QG 71 26.52 -57.91 73.32
CA VAL QG 71 27.34 -58.08 72.13
C VAL QG 71 27.12 -59.46 71.52
N SER QG 72 27.08 -60.50 72.35
CA SER QG 72 27.06 -61.86 71.87
C SER QG 72 26.56 -62.77 72.97
N SER QG 73 25.99 -63.90 72.58
CA SER QG 73 25.56 -64.94 73.50
C SER QG 73 25.73 -66.29 72.83
N ARG QG 74 25.82 -67.33 73.65
CA ARG QG 74 26.13 -68.64 73.10
C ARG QG 74 25.91 -69.70 74.17
N VAL QG 75 25.36 -70.84 73.75
CA VAL QG 75 25.27 -72.04 74.58
C VAL QG 75 26.09 -73.13 73.93
N ILE QG 76 26.92 -73.80 74.71
CA ILE QG 76 27.72 -74.92 74.26
C ILE QG 76 27.22 -76.15 74.98
N ALA QG 77 26.56 -77.05 74.25
CA ALA QG 77 25.86 -78.15 74.89
C ALA QG 77 26.82 -79.21 75.41
N ARG QG 78 27.72 -79.70 74.56
CA ARG QG 78 28.74 -80.65 74.99
C ARG QG 78 30.10 -80.02 74.79
N PRO QG 79 30.65 -79.36 75.81
CA PRO QG 79 31.97 -78.74 75.65
C PRO QG 79 33.07 -79.79 75.72
N HIS QG 80 34.13 -79.54 74.95
CA HIS QG 80 35.24 -80.46 74.91
C HIS QG 80 36.01 -80.41 76.23
N ASN QG 81 36.67 -81.53 76.56
CA ASN QG 81 37.36 -81.62 77.84
C ASN QG 81 38.62 -80.75 77.86
N ASP QG 82 39.20 -80.47 76.69
CA ASP QG 82 40.30 -79.52 76.63
C ASP QG 82 39.84 -78.12 76.99
N ILE QG 83 38.56 -77.82 76.77
CA ILE QG 83 38.01 -76.51 77.09
C ILE QG 83 37.60 -76.45 78.55
N GLU RG 3 11.99 -90.55 74.95
CA GLU RG 3 12.76 -89.31 74.85
C GLU RG 3 12.45 -88.61 73.54
N ALA RG 4 12.93 -87.38 73.40
CA ALA RG 4 12.56 -86.54 72.28
C ALA RG 4 13.08 -87.14 70.97
N LEU RG 5 12.69 -86.52 69.87
CA LEU RG 5 13.00 -87.04 68.55
C LEU RG 5 13.24 -85.88 67.59
N GLY RG 6 14.39 -85.88 66.92
CA GLY RG 6 14.76 -84.82 66.01
C GLY RG 6 14.97 -85.36 64.61
N LEU RG 7 14.48 -84.62 63.61
CA LEU RG 7 14.52 -85.04 62.22
C LEU RG 7 15.05 -83.92 61.35
N ILE RG 8 15.95 -84.26 60.43
CA ILE RG 8 16.39 -83.35 59.38
C ILE RG 8 16.22 -84.06 58.05
N GLU RG 9 15.79 -83.33 57.04
CA GLU RG 9 15.55 -83.90 55.72
C GLU RG 9 16.24 -83.07 54.67
N THR RG 10 17.05 -83.73 53.84
CA THR RG 10 17.89 -83.06 52.86
C THR RG 10 17.73 -83.70 51.50
N LYS RG 11 18.16 -82.99 50.48
CA LYS RG 11 18.29 -83.55 49.13
C LYS RG 11 19.70 -84.10 48.97
N GLY RG 12 19.80 -85.40 48.75
CA GLY RG 12 21.09 -86.03 48.57
C GLY RG 12 21.69 -86.53 49.86
N LEU RG 13 22.63 -87.46 49.72
CA LEU RG 13 23.19 -88.13 50.90
C LEU RG 13 24.33 -87.34 51.53
N VAL RG 14 25.06 -86.56 50.74
CA VAL RG 14 26.21 -85.86 51.32
C VAL RG 14 25.77 -84.82 52.32
N ALA RG 15 24.73 -84.04 51.99
CA ALA RG 15 24.23 -83.05 52.93
C ALA RG 15 23.67 -83.70 54.19
N CYS RG 16 23.31 -84.98 54.13
CA CYS RG 16 22.75 -85.65 55.30
C CYS RG 16 23.83 -86.26 56.17
N ILE RG 17 24.99 -86.60 55.60
CA ILE RG 17 26.09 -87.08 56.44
C ILE RG 17 26.74 -85.91 57.16
N GLU RG 18 26.74 -84.73 56.55
CA GLU RG 18 27.24 -83.56 57.25
C GLU RG 18 26.30 -83.13 58.36
N ALA RG 19 24.99 -83.23 58.12
CA ALA RG 19 24.04 -82.92 59.18
C ALA RG 19 24.12 -83.92 60.31
N ALA RG 20 24.24 -85.21 59.99
CA ALA RG 20 24.32 -86.21 61.04
C ALA RG 20 25.61 -86.14 61.82
N ASP RG 21 26.69 -85.66 61.19
CA ASP RG 21 27.96 -85.53 61.89
C ASP RG 21 27.91 -84.33 62.84
N ALA RG 22 27.36 -83.21 62.38
CA ALA RG 22 27.29 -82.03 63.23
C ALA RG 22 26.36 -82.26 64.42
N MET RG 23 25.28 -83.00 64.22
CA MET RG 23 24.35 -83.26 65.30
C MET RG 23 25.01 -84.08 66.39
N CYS RG 24 25.72 -85.15 66.02
CA CYS RG 24 26.30 -86.03 67.02
C CYS RG 24 27.44 -85.35 67.77
N LYS RG 25 28.06 -84.34 67.18
CA LYS RG 25 29.15 -83.63 67.86
C LYS RG 25 28.63 -82.61 68.85
N ALA RG 26 27.52 -81.97 68.53
CA ALA RG 26 27.09 -80.75 69.22
C ALA RG 26 26.16 -81.00 70.38
N ALA RG 27 25.91 -82.24 70.76
CA ALA RG 27 25.02 -82.54 71.89
C ALA RG 27 25.09 -84.03 72.18
N ASN RG 28 24.58 -84.41 73.34
CA ASN RG 28 24.58 -85.80 73.77
C ASN RG 28 23.31 -86.47 73.27
N VAL RG 29 23.34 -86.87 71.99
CA VAL RG 29 22.21 -87.52 71.35
C VAL RG 29 22.69 -88.85 70.77
N GLU RG 30 21.73 -89.70 70.43
CA GLU RG 30 21.99 -90.98 69.81
C GLU RG 30 21.43 -90.97 68.40
N LEU RG 31 22.24 -91.43 67.44
CA LEU RG 31 21.79 -91.47 66.05
C LEU RG 31 21.08 -92.79 65.80
N ILE RG 32 19.84 -92.72 65.32
CA ILE RG 32 19.06 -93.91 65.07
C ILE RG 32 19.36 -94.48 63.69
N GLY RG 33 19.34 -93.64 62.65
CA GLY RG 33 19.70 -94.10 61.33
C GLY RG 33 19.14 -93.18 60.26
N TYR RG 34 19.45 -93.54 59.03
CA TYR RG 34 18.95 -92.84 57.85
C TYR RG 34 17.77 -93.59 57.27
N GLU RG 35 16.96 -92.87 56.50
CA GLU RG 35 15.78 -93.48 55.86
C GLU RG 35 15.41 -92.63 54.67
N ASN RG 36 15.72 -93.11 53.46
CA ASN RG 36 15.42 -92.38 52.25
C ASN RG 36 14.14 -92.91 51.60
N VAL RG 37 13.49 -92.05 50.83
CA VAL RG 37 12.20 -92.36 50.25
C VAL RG 37 12.19 -92.06 48.76
N GLY RG 38 13.36 -92.09 48.13
CA GLY RG 38 13.46 -91.78 46.72
C GLY RG 38 13.33 -90.30 46.47
N SER RG 39 13.53 -89.93 45.21
CA SER RG 39 13.63 -88.54 44.76
C SER RG 39 14.81 -87.81 45.39
N GLY RG 40 15.75 -88.53 46.00
CA GLY RG 40 16.89 -87.91 46.62
C GLY RG 40 16.68 -87.40 48.02
N LEU RG 41 15.48 -87.57 48.58
CA LEU RG 41 15.22 -87.12 49.93
C LEU RG 41 15.75 -88.16 50.91
N VAL RG 42 16.65 -87.73 51.79
CA VAL RG 42 17.19 -88.58 52.84
C VAL RG 42 16.93 -87.89 54.17
N THR RG 43 16.68 -88.69 55.21
CA THR RG 43 16.28 -88.18 56.51
C THR RG 43 17.13 -88.81 57.59
N ALA RG 44 17.62 -87.98 58.51
CA ALA RG 44 18.37 -88.43 59.67
C ALA RG 44 17.51 -88.29 60.92
N MET RG 45 17.64 -89.25 61.83
CA MET RG 45 16.83 -89.27 63.05
C MET RG 45 17.75 -89.42 64.25
N VAL RG 46 17.70 -88.44 65.16
CA VAL RG 46 18.45 -88.49 66.41
C VAL RG 46 17.45 -88.60 67.55
N LYS RG 47 17.97 -89.00 68.71
CA LYS RG 47 17.11 -89.29 69.85
C LYS RG 47 17.85 -88.98 71.14
N GLY RG 48 17.19 -88.26 72.04
CA GLY RG 48 17.79 -87.92 73.32
C GLY RG 48 16.87 -87.02 74.11
N ASP RG 49 17.39 -86.47 75.19
CA ASP RG 49 16.61 -85.54 76.01
C ASP RG 49 16.22 -84.32 75.17
N VAL RG 50 15.18 -83.63 75.64
CA VAL RG 50 14.59 -82.57 74.83
C VAL RG 50 15.56 -81.41 74.62
N GLY RG 51 16.28 -81.04 75.67
CA GLY RG 51 17.21 -79.93 75.55
C GLY RG 51 18.37 -80.25 74.63
N ALA RG 52 18.90 -81.46 74.75
CA ALA RG 52 19.97 -81.89 73.85
C ALA RG 52 19.49 -81.96 72.41
N VAL RG 53 18.38 -82.67 72.18
CA VAL RG 53 17.87 -82.87 70.83
C VAL RG 53 17.54 -81.53 70.20
N ASN RG 54 16.98 -80.60 70.96
CA ASN RG 54 16.73 -79.28 70.43
C ASN RG 54 18.01 -78.66 69.90
N ALA RG 55 19.05 -78.62 70.73
CA ALA RG 55 20.32 -78.02 70.36
C ALA RG 55 20.93 -78.72 69.15
N ALA RG 56 20.88 -80.05 69.12
CA ALA RG 56 21.46 -80.80 68.02
C ALA RG 56 20.85 -80.38 66.68
N VAL RG 57 19.52 -80.34 66.62
CA VAL RG 57 18.85 -80.06 65.35
C VAL RG 57 19.22 -78.68 64.84
N ASP RG 58 19.42 -77.72 65.74
CA ASP RG 58 19.79 -76.38 65.30
C ASP RG 58 21.17 -76.37 64.66
N SER RG 59 22.13 -77.06 65.27
CA SER RG 59 23.47 -77.12 64.69
C SER RG 59 23.49 -77.97 63.42
N GLY RG 60 22.76 -79.09 63.43
CA GLY RG 60 22.75 -79.95 62.26
C GLY RG 60 22.18 -79.28 61.03
N VAL RG 61 21.15 -78.46 61.20
CA VAL RG 61 20.59 -77.76 60.05
C VAL RG 61 21.54 -76.67 59.58
N GLU RG 62 22.31 -76.10 60.49
CA GLU RG 62 23.21 -75.01 60.14
C GLU RG 62 24.40 -75.52 59.34
N ALA RG 63 24.89 -76.71 59.66
CA ALA RG 63 25.99 -77.29 58.90
C ALA RG 63 25.52 -77.82 57.54
N ALA RG 64 24.34 -78.44 57.50
CA ALA RG 64 23.87 -79.04 56.27
C ALA RG 64 23.45 -77.99 55.25
N LYS RG 65 22.78 -76.94 55.71
CA LYS RG 65 22.36 -75.87 54.82
C LYS RG 65 23.55 -75.22 54.13
N ARG RG 66 24.75 -75.42 54.66
CA ARG RG 66 25.94 -74.73 54.19
C ARG RG 66 26.45 -75.30 52.88
N ILE RG 67 26.24 -76.60 52.65
CA ILE RG 67 26.73 -77.25 51.45
C ILE RG 67 25.61 -77.78 50.57
N GLY RG 68 24.42 -78.03 51.10
CA GLY RG 68 23.33 -78.59 50.32
C GLY RG 68 22.01 -77.95 50.67
N LYS RG 69 20.92 -78.68 50.51
CA LYS RG 69 19.58 -78.14 50.73
C LYS RG 69 18.93 -78.89 51.87
N VAL RG 70 18.53 -78.16 52.91
CA VAL RG 70 17.77 -78.71 54.01
C VAL RG 70 16.29 -78.50 53.72
N VAL RG 71 15.56 -79.60 53.55
CA VAL RG 71 14.17 -79.50 53.14
C VAL RG 71 13.27 -79.17 54.32
N SER RG 72 13.48 -79.84 55.45
CA SER RG 72 12.67 -79.58 56.64
C SER RG 72 13.38 -80.13 57.86
N SER RG 73 13.03 -79.57 59.01
CA SER RG 73 13.53 -80.02 60.30
C SER RG 73 12.40 -79.94 61.31
N ARG RG 74 12.50 -80.73 62.37
CA ARG RG 74 11.40 -80.83 63.32
C ARG RG 74 11.88 -81.56 64.56
N VAL RG 75 11.39 -81.12 65.72
CA VAL RG 75 11.64 -81.79 66.99
C VAL RG 75 10.30 -82.17 67.61
N ILE RG 76 10.15 -83.45 67.95
CA ILE RG 76 8.99 -83.94 68.67
C ILE RG 76 9.42 -84.18 70.11
N ALA RG 77 8.87 -83.38 71.03
CA ALA RG 77 9.34 -83.45 72.41
C ALA RG 77 8.95 -84.76 73.07
N ARG RG 78 7.83 -85.34 72.70
CA ARG RG 78 7.39 -86.62 73.25
C ARG RG 78 6.61 -87.35 72.17
N PRO RG 79 7.23 -88.30 71.49
CA PRO RG 79 6.51 -89.04 70.46
C PRO RG 79 5.57 -90.04 71.09
N HIS RG 80 4.45 -90.28 70.42
CA HIS RG 80 3.56 -91.35 70.81
C HIS RG 80 4.28 -92.68 70.68
N ASN RG 81 3.86 -93.66 71.50
CA ASN RG 81 4.51 -94.96 71.46
C ASN RG 81 4.33 -95.64 70.11
N ASP RG 82 3.24 -95.34 69.40
CA ASP RG 82 3.05 -95.89 68.06
C ASP RG 82 4.10 -95.37 67.10
N ILE RG 83 4.49 -94.10 67.26
CA ILE RG 83 5.51 -93.52 66.40
C ILE RG 83 6.85 -94.22 66.56
N GLU RG 84 7.12 -94.80 67.73
CA GLU RG 84 8.35 -95.56 67.88
C GLU RG 84 8.18 -97.00 67.44
N LYS RG 85 7.55 -97.18 66.28
CA LYS RG 85 7.55 -98.41 65.51
C LYS RG 85 7.68 -98.13 64.03
N ILE RG 86 7.51 -96.87 63.62
CA ILE RG 86 7.76 -96.45 62.25
C ILE RG 86 9.21 -96.04 62.05
N ALA RG 87 9.77 -95.33 63.03
CA ALA RG 87 11.17 -94.95 62.96
C ALA RG 87 12.07 -96.18 63.18
N GLY RG 88 11.98 -96.79 64.35
CA GLY RG 88 12.76 -97.98 64.64
C GLY RG 88 12.07 -99.26 64.20
N MET SG 1 -89.22 3.48 63.36
CA MET SG 1 -90.33 2.64 62.93
C MET SG 1 -91.53 2.88 63.80
N ILE SG 2 -92.69 2.43 63.33
CA ILE SG 2 -93.92 2.45 64.12
C ILE SG 2 -94.68 1.17 63.89
N LEU SG 3 -95.39 0.71 64.93
CA LEU SG 3 -96.30 -0.41 64.76
C LEU SG 3 -97.55 0.05 64.05
N ALA SG 4 -97.95 -0.69 63.03
CA ALA SG 4 -99.12 -0.33 62.24
C ALA SG 4 -99.76 -1.59 61.72
N LYS SG 5 -100.96 -1.42 61.19
CA LYS SG 5 -101.75 -2.53 60.68
C LYS SG 5 -102.19 -2.21 59.26
N VAL SG 6 -102.02 -3.17 58.34
CA VAL SG 6 -102.46 -2.96 56.97
C VAL SG 6 -103.98 -3.01 56.91
N THR SG 7 -104.57 -1.96 56.35
CA THR SG 7 -106.03 -1.83 56.33
C THR SG 7 -106.61 -1.66 54.94
N GLY SG 8 -105.81 -1.74 53.89
CA GLY SG 8 -106.33 -1.59 52.55
C GLY SG 8 -105.20 -1.50 51.54
N HIS SG 9 -105.53 -0.98 50.37
CA HIS SG 9 -104.53 -0.75 49.33
C HIS SG 9 -105.01 0.36 48.43
N VAL SG 10 -104.09 0.86 47.60
CA VAL SG 10 -104.36 1.99 46.72
C VAL SG 10 -103.95 1.58 45.30
N VAL SG 11 -104.83 1.83 44.34
CA VAL SG 11 -104.57 1.53 42.93
C VAL SG 11 -104.37 2.84 42.21
N ALA SG 12 -103.13 3.09 41.78
CA ALA SG 12 -102.76 4.33 41.09
C ALA SG 12 -102.13 3.97 39.77
N THR SG 13 -102.69 4.49 38.68
CA THR SG 13 -102.21 4.21 37.33
C THR SG 13 -101.23 5.25 36.83
N GLN SG 14 -101.58 6.52 36.95
CA GLN SG 14 -100.72 7.63 36.53
C GLN SG 14 -99.82 8.00 37.69
N LYS SG 15 -98.56 7.57 37.63
CA LYS SG 15 -97.64 7.82 38.72
C LYS SG 15 -96.22 7.89 38.18
N CYS SG 16 -95.30 8.27 39.05
CA CYS SG 16 -93.91 8.42 38.67
C CYS SG 16 -93.29 7.06 38.34
N ASP SG 17 -92.02 7.07 37.97
CA ASP SG 17 -91.32 5.87 37.58
C ASP SG 17 -90.58 5.23 38.74
N GLU SG 18 -90.27 5.99 39.79
CA GLU SG 18 -89.65 5.42 40.97
C GLU SG 18 -90.59 4.48 41.71
N LEU SG 19 -91.86 4.42 41.32
CA LEU SG 19 -92.87 3.61 41.99
C LEU SG 19 -93.41 2.49 41.13
N ARG SG 20 -92.84 2.24 39.96
CA ARG SG 20 -93.35 1.21 39.07
C ARG SG 20 -93.09 -0.18 39.63
N GLY SG 21 -94.11 -1.01 39.66
CA GLY SG 21 -93.95 -2.38 40.09
C GLY SG 21 -93.78 -2.54 41.59
N SER SG 22 -94.71 -1.98 42.36
CA SER SG 22 -94.67 -2.08 43.82
C SER SG 22 -96.08 -1.94 44.35
N ASN SG 23 -96.29 -2.47 45.54
CA ASN SG 23 -97.58 -2.38 46.19
C ASN SG 23 -97.70 -1.07 46.93
N LEU SG 24 -98.93 -0.61 47.14
CA LEU SG 24 -99.19 0.62 47.89
C LEU SG 24 -100.28 0.32 48.92
N LEU SG 25 -99.89 0.13 50.16
CA LEU SG 25 -100.79 -0.29 51.22
C LEU SG 25 -101.20 0.89 52.08
N LEU SG 26 -102.43 0.86 52.58
CA LEU SG 26 -102.85 1.79 53.61
C LEU SG 26 -102.42 1.25 54.96
N ILE SG 27 -101.80 2.09 55.76
CA ILE SG 27 -101.06 1.69 56.95
C ILE SG 27 -101.60 2.53 58.09
N THR SG 28 -102.30 1.91 59.03
CA THR SG 28 -102.91 2.64 60.13
C THR SG 28 -102.14 2.41 61.41
N ARG SG 29 -101.70 3.49 62.05
CA ARG SG 29 -100.99 3.38 63.31
C ARG SG 29 -101.92 2.92 64.41
N LEU SG 30 -101.48 1.95 65.20
CA LEU SG 30 -102.31 1.36 66.24
C LEU SG 30 -101.76 1.70 67.62
N ASP SG 31 -102.67 1.82 68.58
CA ASP SG 31 -102.34 2.33 69.92
C ASP SG 31 -101.82 1.24 70.85
N ASP SG 32 -101.70 1.54 72.14
CA ASP SG 32 -101.06 0.63 73.09
C ASP SG 32 -101.95 -0.54 73.51
N LYS SG 33 -103.12 -0.68 72.91
CA LYS SG 33 -103.94 -1.88 73.07
C LYS SG 33 -103.98 -2.70 71.79
N GLN SG 34 -103.08 -2.43 70.86
CA GLN SG 34 -103.08 -3.03 69.54
C GLN SG 34 -104.42 -2.83 68.84
N GLN SG 35 -104.80 -1.56 68.72
CA GLN SG 35 -106.07 -1.18 68.13
C GLN SG 35 -105.83 0.05 67.26
N PRO SG 36 -106.32 0.07 66.02
CA PRO SG 36 -106.05 1.20 65.15
C PRO SG 36 -106.61 2.51 65.70
N MET SG 37 -105.93 3.60 65.37
CA MET SG 37 -106.33 4.94 65.80
C MET SG 37 -107.14 5.61 64.70
N LYS SG 38 -107.51 6.87 64.95
CA LYS SG 38 -108.33 7.65 64.03
C LYS SG 38 -107.45 8.68 63.35
N ASP SG 39 -107.60 8.83 62.04
CA ASP SG 39 -106.89 9.83 61.24
C ASP SG 39 -105.38 9.65 61.36
N GLN SG 40 -104.93 8.41 61.18
CA GLN SG 40 -103.51 8.09 61.31
C GLN SG 40 -103.06 7.15 60.21
N THR SG 41 -103.48 7.40 58.98
CA THR SG 41 -103.24 6.50 57.87
C THR SG 41 -102.22 7.10 56.91
N TRP SG 42 -101.23 6.29 56.55
CA TRP SG 42 -100.25 6.64 55.54
C TRP SG 42 -100.28 5.59 54.43
N VAL SG 43 -99.60 5.90 53.33
CA VAL SG 43 -99.47 4.97 52.22
C VAL SG 43 -98.03 4.50 52.18
N ALA SG 44 -97.84 3.19 52.22
CA ALA SG 44 -96.50 2.61 52.32
C ALA SG 44 -96.26 1.66 51.16
N VAL SG 45 -95.05 1.73 50.61
CA VAL SG 45 -94.64 0.83 49.55
C VAL SG 45 -94.22 -0.49 50.19
N ASP SG 46 -95.04 -1.52 50.02
CA ASP SG 46 -94.72 -2.82 50.59
C ASP SG 46 -93.37 -3.29 50.06
N ASN SG 47 -92.63 -3.98 50.93
CA ASN SG 47 -91.29 -4.43 50.58
C ASN SG 47 -91.01 -5.88 50.96
N VAL SG 48 -91.79 -6.50 51.84
CA VAL SG 48 -91.55 -7.86 52.29
C VAL SG 48 -92.73 -8.78 52.05
N GLY SG 49 -93.83 -8.27 51.49
CA GLY SG 49 -94.95 -9.14 51.20
C GLY SG 49 -95.99 -9.20 52.29
N ALA SG 50 -96.50 -8.05 52.71
CA ALA SG 50 -97.56 -7.98 53.70
C ALA SG 50 -98.91 -7.84 53.03
N GLY SG 51 -99.94 -8.36 53.67
CA GLY SG 51 -101.28 -8.28 53.14
C GLY SG 51 -102.25 -7.71 54.14
N MET SG 52 -103.54 -7.91 53.95
CA MET SG 52 -104.52 -7.30 54.82
C MET SG 52 -104.44 -7.87 56.23
N HIS SG 53 -104.78 -7.03 57.21
CA HIS SG 53 -104.94 -7.40 58.62
C HIS SG 53 -103.63 -7.74 59.30
N ASP SG 54 -102.49 -7.60 58.63
CA ASP SG 54 -101.22 -7.99 59.20
C ASP SG 54 -100.59 -6.82 59.94
N ILE SG 55 -100.03 -7.09 61.10
CA ILE SG 55 -99.34 -6.06 61.88
C ILE SG 55 -97.91 -5.95 61.36
N VAL SG 56 -97.54 -4.77 60.87
CA VAL SG 56 -96.26 -4.58 60.22
C VAL SG 56 -95.49 -3.49 60.92
N LEU SG 57 -94.29 -3.20 60.42
CA LEU SG 57 -93.35 -2.27 61.04
C LEU SG 57 -92.96 -1.26 59.95
N ALA SG 58 -93.68 -0.15 59.88
CA ALA SG 58 -93.51 0.81 58.80
C ALA SG 58 -92.41 1.80 59.13
N GLU SG 59 -91.49 1.99 58.21
CA GLU SG 59 -90.34 2.85 58.41
C GLU SG 59 -90.51 4.16 57.66
N GLU SG 60 -89.88 5.21 58.16
CA GLU SG 60 -90.00 6.54 57.60
C GLU SG 60 -89.08 6.71 56.41
N TYR SG 61 -88.80 7.97 56.04
CA TYR SG 61 -88.41 8.35 54.69
C TYR SG 61 -87.50 7.39 53.95
N PHE SG 62 -86.29 7.17 54.43
CA PHE SG 62 -85.26 6.57 53.58
C PHE SG 62 -85.22 5.06 53.78
N ALA SG 63 -85.67 4.33 52.76
CA ALA SG 63 -85.51 2.88 52.70
C ALA SG 63 -85.18 2.40 51.29
N LEU SG 64 -84.72 3.30 50.41
CA LEU SG 64 -84.31 2.95 49.05
C LEU SG 64 -85.45 2.31 48.27
N ASN SG 65 -86.51 3.09 48.07
CA ASN SG 65 -87.70 2.59 47.37
C ASN SG 65 -88.32 3.65 46.47
N TYR SG 69 -83.87 7.91 46.61
CA TYR SG 69 -85.09 7.17 46.89
C TYR SG 69 -85.47 7.26 48.37
N LYS SG 70 -86.64 7.84 48.65
CA LYS SG 70 -87.04 8.08 50.02
C LYS SG 70 -88.50 7.75 50.30
N ALA SG 71 -89.04 6.68 49.70
CA ALA SG 71 -90.43 6.33 49.94
C ALA SG 71 -90.58 5.61 51.28
N MET SG 72 -91.71 5.84 51.92
CA MET SG 72 -92.04 5.21 53.20
C MET SG 72 -92.46 3.78 52.92
N SER SG 73 -91.70 2.82 53.44
CA SER SG 73 -91.93 1.42 53.13
C SER SG 73 -92.12 0.60 54.39
N VAL SG 74 -92.60 -0.62 54.19
CA VAL SG 74 -92.74 -1.61 55.25
C VAL SG 74 -91.49 -2.48 55.25
N VAL SG 75 -90.91 -2.69 56.42
CA VAL SG 75 -89.62 -3.36 56.53
C VAL SG 75 -89.64 -4.62 57.37
N ALA SG 76 -90.78 -4.97 57.98
CA ALA SG 76 -90.82 -6.13 58.84
C ALA SG 76 -92.26 -6.51 59.11
N ILE SG 77 -92.53 -7.81 59.17
CA ILE SG 77 -93.81 -8.35 59.59
C ILE SG 77 -93.63 -8.89 61.00
N VAL SG 78 -94.49 -8.44 61.91
CA VAL SG 78 -94.28 -8.63 63.34
C VAL SG 78 -94.99 -9.90 63.80
N GLU SG 79 -94.26 -10.76 64.51
CA GLU SG 79 -94.81 -11.98 65.08
C GLU SG 79 -95.40 -11.74 66.47
N LYS SG 80 -94.59 -11.24 67.38
CA LYS SG 80 -95.00 -11.04 68.77
C LYS SG 80 -94.64 -9.63 69.23
N VAL SG 81 -95.54 -9.01 69.98
CA VAL SG 81 -95.29 -7.71 70.60
C VAL SG 81 -95.45 -7.93 72.10
N PHE SG 82 -94.34 -8.16 72.77
CA PHE SG 82 -94.35 -8.29 74.23
C PHE SG 82 -94.26 -6.91 74.84
N ARG SG 83 -95.22 -6.57 75.69
CA ARG SG 83 -95.36 -5.20 76.19
C ARG SG 83 -95.90 -5.25 77.61
N ASP SG 84 -95.10 -4.83 78.58
CA ASP SG 84 -95.57 -4.67 79.94
C ASP SG 84 -94.59 -3.82 80.74
N GLU TG 3 -115.12 -25.46 5.21
CA GLU TG 3 -114.36 -24.23 5.40
C GLU TG 3 -112.89 -24.54 5.54
N ALA TG 4 -112.04 -23.52 5.41
CA ALA TG 4 -110.61 -23.72 5.46
C ALA TG 4 -110.16 -23.99 6.89
N LEU TG 5 -108.85 -24.04 7.09
CA LEU TG 5 -108.28 -24.37 8.39
C LEU TG 5 -106.94 -23.68 8.55
N GLY TG 6 -106.74 -23.04 9.68
CA GLY TG 6 -105.51 -22.29 9.92
C GLY TG 6 -104.86 -22.71 11.22
N LEU TG 7 -103.54 -22.76 11.20
CA LEU TG 7 -102.78 -23.33 12.32
C LEU TG 7 -101.57 -22.45 12.63
N ILE TG 8 -101.37 -22.17 13.91
CA ILE TG 8 -100.15 -21.52 14.39
C ILE TG 8 -99.61 -22.35 15.53
N GLU TG 9 -98.29 -22.46 15.61
CA GLU TG 9 -97.62 -23.22 16.65
C GLU TG 9 -96.55 -22.36 17.29
N THR TG 10 -96.54 -22.31 18.62
CA THR TG 10 -95.63 -21.45 19.35
C THR TG 10 -95.01 -22.22 20.50
N LYS TG 11 -93.93 -21.66 21.03
CA LYS TG 11 -93.31 -22.16 22.25
C LYS TG 11 -93.88 -21.38 23.44
N GLY TG 12 -94.54 -22.08 24.33
CA GLY TG 12 -95.12 -21.40 25.48
C GLY TG 12 -96.59 -21.11 25.26
N LEU TG 13 -97.32 -20.97 26.37
CA LEU TG 13 -98.75 -20.76 26.27
C LEU TG 13 -99.10 -19.28 26.08
N VAL TG 14 -98.29 -18.38 26.64
CA VAL TG 14 -98.62 -16.96 26.55
C VAL TG 14 -98.58 -16.50 25.10
N ALA TG 15 -97.53 -16.87 24.38
CA ALA TG 15 -97.43 -16.46 22.98
C ALA TG 15 -98.58 -16.99 22.15
N CYS TG 16 -99.19 -18.09 22.58
CA CYS TG 16 -100.29 -18.67 21.81
C CYS TG 16 -101.61 -17.97 22.08
N ILE TG 17 -101.85 -17.55 23.33
CA ILE TG 17 -103.08 -16.83 23.63
C ILE TG 17 -103.08 -15.47 22.97
N GLU TG 18 -101.92 -14.82 22.91
CA GLU TG 18 -101.81 -13.58 22.15
C GLU TG 18 -102.11 -13.82 20.68
N ALA TG 19 -101.53 -14.88 20.10
CA ALA TG 19 -101.78 -15.20 18.70
C ALA TG 19 -103.24 -15.52 18.45
N ALA TG 20 -103.86 -16.29 19.32
CA ALA TG 20 -105.25 -16.65 19.11
C ALA TG 20 -106.18 -15.47 19.30
N ASP TG 21 -105.80 -14.48 20.10
CA ASP TG 21 -106.63 -13.30 20.24
C ASP TG 21 -106.56 -12.42 19.00
N ALA TG 22 -105.34 -12.23 18.47
CA ALA TG 22 -105.20 -11.43 17.26
C ALA TG 22 -105.94 -12.06 16.10
N MET TG 23 -105.88 -13.39 15.96
CA MET TG 23 -106.59 -14.07 14.89
C MET TG 23 -108.09 -13.81 14.97
N CYS TG 24 -108.66 -13.90 16.16
CA CYS TG 24 -110.10 -13.75 16.28
C CYS TG 24 -110.56 -12.33 16.01
N LYS TG 25 -109.70 -11.34 16.27
CA LYS TG 25 -110.08 -9.95 16.06
C LYS TG 25 -109.90 -9.52 14.61
N ALA TG 26 -108.92 -10.09 13.92
CA ALA TG 26 -108.50 -9.60 12.62
C ALA TG 26 -109.38 -10.04 11.46
N ALA TG 27 -110.24 -11.02 11.64
CA ALA TG 27 -111.08 -11.49 10.55
C ALA TG 27 -112.20 -12.34 11.12
N ASN TG 28 -113.16 -12.69 10.27
CA ASN TG 28 -114.33 -13.46 10.68
C ASN TG 28 -113.97 -14.95 10.67
N VAL TG 29 -113.27 -15.39 11.71
CA VAL TG 29 -112.92 -16.79 11.89
C VAL TG 29 -113.34 -17.22 13.29
N GLU TG 30 -113.52 -18.52 13.45
CA GLU TG 30 -113.96 -19.10 14.71
C GLU TG 30 -112.85 -19.97 15.29
N LEU TG 31 -112.65 -19.88 16.60
CA LEU TG 31 -111.57 -20.61 17.26
C LEU TG 31 -112.02 -22.02 17.58
N ILE TG 32 -111.28 -23.01 17.07
CA ILE TG 32 -111.63 -24.40 17.32
C ILE TG 32 -111.17 -24.84 18.70
N GLY TG 33 -109.88 -24.71 18.98
CA GLY TG 33 -109.38 -25.04 20.29
C GLY TG 33 -107.88 -25.05 20.30
N TYR TG 34 -107.33 -25.29 21.49
CA TYR TG 34 -105.90 -25.44 21.70
C TYR TG 34 -105.56 -26.92 21.79
N GLU TG 35 -104.28 -27.23 21.55
CA GLU TG 35 -103.81 -28.60 21.67
C GLU TG 35 -102.29 -28.55 21.83
N ASN TG 36 -101.80 -28.83 23.04
CA ASN TG 36 -100.37 -28.84 23.29
C ASN TG 36 -99.87 -30.28 23.30
N VAL TG 37 -98.78 -30.52 22.59
CA VAL TG 37 -98.23 -31.86 22.43
C VAL TG 37 -96.83 -31.85 23.03
N GLY TG 38 -96.75 -32.16 24.32
CA GLY TG 38 -95.45 -32.32 24.92
C GLY TG 38 -94.68 -31.02 25.02
N SER TG 39 -93.42 -31.07 24.61
CA SER TG 39 -92.43 -30.11 25.07
C SER TG 39 -92.73 -28.69 24.60
N GLY TG 40 -93.32 -27.90 25.49
CA GLY TG 40 -93.59 -26.49 25.28
C GLY TG 40 -94.09 -26.08 23.92
N LEU TG 41 -95.01 -26.85 23.34
CA LEU TG 41 -95.53 -26.56 22.01
C LEU TG 41 -97.05 -26.53 22.10
N VAL TG 42 -97.64 -25.36 21.93
CA VAL TG 42 -99.08 -25.20 21.91
C VAL TG 42 -99.49 -24.75 20.52
N THR TG 43 -100.67 -25.20 20.09
CA THR TG 43 -101.17 -24.94 18.75
C THR TG 43 -102.62 -24.49 18.83
N ALA TG 44 -102.95 -23.42 18.12
CA ALA TG 44 -104.31 -22.92 18.01
C ALA TG 44 -104.83 -23.15 16.60
N MET TG 45 -106.11 -23.50 16.49
CA MET TG 45 -106.71 -23.83 15.21
C MET TG 45 -107.94 -22.97 15.00
N VAL TG 46 -108.03 -22.32 13.84
CA VAL TG 46 -109.17 -21.50 13.47
C VAL TG 46 -109.75 -22.02 12.16
N LYS TG 47 -111.03 -21.73 11.93
CA LYS TG 47 -111.68 -22.15 10.71
C LYS TG 47 -112.57 -21.04 10.19
N GLY TG 48 -112.74 -21.01 8.87
CA GLY TG 48 -113.51 -19.97 8.22
C GLY TG 48 -113.27 -20.01 6.73
N ASP TG 49 -113.73 -18.97 6.04
CA ASP TG 49 -113.51 -18.91 4.61
C ASP TG 49 -112.03 -18.72 4.30
N VAL TG 50 -111.68 -19.00 3.04
CA VAL TG 50 -110.26 -19.07 2.68
C VAL TG 50 -109.61 -17.70 2.72
N GLY TG 51 -110.33 -16.67 2.29
CA GLY TG 51 -109.76 -15.32 2.35
C GLY TG 51 -109.70 -14.79 3.76
N ALA TG 52 -110.68 -15.12 4.58
CA ALA TG 52 -110.66 -14.72 5.98
C ALA TG 52 -109.55 -15.45 6.72
N VAL TG 53 -109.50 -16.77 6.61
CA VAL TG 53 -108.52 -17.56 7.35
C VAL TG 53 -107.11 -17.16 6.96
N ASN TG 54 -106.90 -16.85 5.68
CA ASN TG 54 -105.58 -16.41 5.26
C ASN TG 54 -105.22 -15.07 5.88
N ALA TG 55 -106.23 -14.22 6.11
CA ALA TG 55 -105.98 -12.92 6.70
C ALA TG 55 -105.82 -12.99 8.21
N ALA TG 56 -106.38 -14.03 8.83
CA ALA TG 56 -106.23 -14.18 10.28
C ALA TG 56 -104.86 -14.72 10.63
N VAL TG 57 -104.33 -15.62 9.81
CA VAL TG 57 -103.09 -16.31 10.18
C VAL TG 57 -101.89 -15.38 10.10
N ASP TG 58 -101.86 -14.49 9.09
CA ASP TG 58 -100.69 -13.62 8.98
C ASP TG 58 -100.71 -12.52 10.01
N SER TG 59 -101.89 -12.18 10.54
CA SER TG 59 -101.94 -11.23 11.65
C SER TG 59 -101.57 -11.91 12.97
N GLY TG 60 -102.09 -13.12 13.18
CA GLY TG 60 -101.76 -13.86 14.39
C GLY TG 60 -100.29 -14.21 14.49
N VAL TG 61 -99.64 -14.51 13.37
CA VAL TG 61 -98.21 -14.78 13.41
C VAL TG 61 -97.45 -13.50 13.74
N GLU TG 62 -97.96 -12.37 13.27
CA GLU TG 62 -97.30 -11.09 13.50
C GLU TG 62 -97.30 -10.72 14.97
N ALA TG 63 -98.38 -11.04 15.68
CA ALA TG 63 -98.51 -10.69 17.08
C ALA TG 63 -97.68 -11.61 17.97
N ALA TG 64 -97.79 -12.92 17.76
CA ALA TG 64 -97.05 -13.85 18.61
C ALA TG 64 -95.57 -13.78 18.37
N LYS TG 65 -95.15 -13.43 17.16
CA LYS TG 65 -93.73 -13.24 16.87
C LYS TG 65 -93.15 -12.08 17.66
N ARG TG 66 -94.00 -11.21 18.19
CA ARG TG 66 -93.54 -10.03 18.91
C ARG TG 66 -93.00 -10.39 20.28
N ILE TG 67 -93.65 -11.31 20.98
CA ILE TG 67 -93.30 -11.63 22.35
C ILE TG 67 -92.80 -13.05 22.53
N GLY TG 68 -92.89 -13.90 21.52
CA GLY TG 68 -92.45 -15.27 21.67
C GLY TG 68 -91.89 -15.84 20.38
N LYS TG 69 -91.85 -17.17 20.29
CA LYS TG 69 -91.35 -17.85 19.11
C LYS TG 69 -92.53 -18.49 18.40
N VAL TG 70 -92.72 -18.13 17.13
CA VAL TG 70 -93.67 -18.81 16.26
C VAL TG 70 -92.91 -19.89 15.53
N VAL TG 71 -93.29 -21.14 15.73
CA VAL TG 71 -92.57 -22.26 15.15
C VAL TG 71 -93.05 -22.53 13.72
N SER TG 72 -94.36 -22.60 13.51
CA SER TG 72 -94.90 -22.91 12.20
C SER TG 72 -96.28 -22.29 12.04
N SER TG 73 -96.66 -22.04 10.80
CA SER TG 73 -98.00 -21.62 10.46
C SER TG 73 -98.38 -22.22 9.12
N ARG TG 74 -99.67 -22.40 8.90
CA ARG TG 74 -100.11 -23.12 7.71
C ARG TG 74 -101.61 -22.94 7.54
N VAL TG 75 -102.03 -22.79 6.28
CA VAL TG 75 -103.44 -22.72 5.92
C VAL TG 75 -103.75 -23.89 4.99
N ILE TG 76 -104.84 -24.58 5.26
CA ILE TG 76 -105.30 -25.69 4.43
C ILE TG 76 -106.60 -25.25 3.79
N ALA TG 77 -106.60 -25.12 2.46
CA ALA TG 77 -107.72 -24.48 1.78
C ALA TG 77 -108.95 -25.37 1.75
N ARG TG 78 -108.76 -26.69 1.66
CA ARG TG 78 -109.86 -27.64 1.75
C ARG TG 78 -109.38 -28.85 2.53
N PRO TG 79 -109.65 -28.90 3.83
CA PRO TG 79 -109.25 -30.07 4.61
C PRO TG 79 -110.10 -31.27 4.23
N HIS TG 80 -109.44 -32.43 4.17
CA HIS TG 80 -110.13 -33.65 3.80
C HIS TG 80 -111.14 -34.03 4.88
N ASN TG 81 -112.26 -34.62 4.44
CA ASN TG 81 -113.36 -34.90 5.35
C ASN TG 81 -112.91 -35.78 6.51
N ASP TG 82 -112.00 -36.71 6.26
CA ASP TG 82 -111.51 -37.58 7.32
C ASP TG 82 -110.86 -36.79 8.45
N ILE TG 83 -110.17 -35.72 8.11
CA ILE TG 83 -109.47 -34.92 9.10
C ILE TG 83 -110.43 -33.98 9.79
N GLU UG 3 -114.05 -8.91 31.57
CA GLU UG 3 -112.99 -8.31 32.37
C GLU UG 3 -111.64 -8.64 31.79
N ALA UG 4 -110.63 -7.84 32.12
CA ALA UG 4 -109.30 -8.00 31.55
C ALA UG 4 -108.69 -9.33 31.98
N LEU UG 5 -107.49 -9.60 31.49
CA LEU UG 5 -106.87 -10.89 31.71
C LEU UG 5 -105.36 -10.75 31.65
N GLY UG 6 -104.68 -11.22 32.68
CA GLY UG 6 -103.23 -11.09 32.76
C GLY UG 6 -102.56 -12.43 32.89
N LEU UG 7 -101.38 -12.55 32.30
CA LEU UG 7 -100.64 -13.80 32.27
C LEU UG 7 -99.19 -13.58 32.61
N ILE UG 8 -98.64 -14.44 33.46
CA ILE UG 8 -97.21 -14.51 33.70
C ILE UG 8 -96.77 -15.94 33.44
N GLU UG 9 -95.66 -16.11 32.74
CA GLU UG 9 -95.12 -17.42 32.43
C GLU UG 9 -93.71 -17.54 33.00
N THR UG 10 -93.50 -18.56 33.81
CA THR UG 10 -92.24 -18.73 34.54
C THR UG 10 -91.72 -20.14 34.34
N LYS UG 11 -90.42 -20.28 34.56
CA LYS UG 11 -89.76 -21.58 34.47
C LYS UG 11 -89.68 -22.18 35.87
N GLY UG 12 -90.45 -23.22 36.11
CA GLY UG 12 -90.52 -23.82 37.43
C GLY UG 12 -91.75 -23.36 38.19
N LEU UG 13 -92.22 -24.23 39.09
CA LEU UG 13 -93.45 -23.92 39.81
C LEU UG 13 -93.23 -22.97 40.97
N VAL UG 14 -92.05 -23.00 41.60
CA VAL UG 14 -91.82 -22.15 42.77
C VAL UG 14 -91.90 -20.69 42.37
N ALA UG 15 -91.24 -20.32 41.27
CA ALA UG 15 -91.29 -18.94 40.82
C ALA UG 15 -92.70 -18.50 40.44
N CYS UG 16 -93.59 -19.45 40.15
CA CYS UG 16 -94.95 -19.09 39.77
C CYS UG 16 -95.83 -18.87 40.99
N ILE UG 17 -95.54 -19.51 42.12
CA ILE UG 17 -96.32 -19.25 43.32
C ILE UG 17 -95.90 -17.94 43.96
N GLU UG 18 -94.63 -17.56 43.83
CA GLU UG 18 -94.23 -16.23 44.27
C GLU UG 18 -94.88 -15.16 43.41
N ALA UG 19 -94.91 -15.38 42.09
CA ALA UG 19 -95.58 -14.42 41.21
C ALA UG 19 -97.05 -14.32 41.52
N ALA UG 20 -97.73 -15.45 41.74
CA ALA UG 20 -99.14 -15.40 42.00
C ALA UG 20 -99.45 -14.82 43.37
N ASP UG 21 -98.52 -14.92 44.32
CA ASP UG 21 -98.75 -14.31 45.63
C ASP UG 21 -98.62 -12.80 45.55
N ALA UG 22 -97.64 -12.31 44.80
CA ALA UG 22 -97.49 -10.87 44.64
C ALA UG 22 -98.67 -10.29 43.86
N MET UG 23 -99.15 -11.02 42.85
CA MET UG 23 -100.29 -10.54 42.08
C MET UG 23 -101.54 -10.41 42.95
N CYS UG 24 -101.81 -11.41 43.79
CA CYS UG 24 -103.06 -11.41 44.54
C CYS UG 24 -103.05 -10.40 45.67
N LYS UG 25 -101.89 -9.96 46.12
CA LYS UG 25 -101.81 -8.95 47.17
C LYS UG 25 -101.78 -7.53 46.62
N ALA UG 26 -101.44 -7.36 45.35
CA ALA UG 26 -101.22 -6.04 44.78
C ALA UG 26 -102.51 -5.34 44.42
N ALA UG 27 -103.57 -6.07 44.12
CA ALA UG 27 -104.82 -5.46 43.73
C ALA UG 27 -105.95 -6.45 43.94
N ASN UG 28 -107.16 -6.05 43.55
CA ASN UG 28 -108.36 -6.85 43.77
C ASN UG 28 -108.66 -7.64 42.51
N VAL UG 29 -107.88 -8.70 42.30
CA VAL UG 29 -108.05 -9.60 41.18
C VAL UG 29 -108.30 -10.99 41.73
N GLU UG 30 -109.08 -11.78 40.99
CA GLU UG 30 -109.32 -13.17 41.34
C GLU UG 30 -108.41 -14.05 40.49
N LEU UG 31 -107.79 -15.03 41.13
CA LEU UG 31 -106.82 -15.90 40.48
C LEU UG 31 -107.53 -17.11 39.90
N ILE UG 32 -107.31 -17.37 38.62
CA ILE UG 32 -108.03 -18.41 37.90
C ILE UG 32 -107.40 -19.78 38.13
N GLY UG 33 -106.12 -19.91 37.87
CA GLY UG 33 -105.44 -21.18 38.11
C GLY UG 33 -104.22 -21.32 37.23
N TYR UG 34 -103.43 -22.34 37.54
CA TYR UG 34 -102.19 -22.61 36.84
C TYR UG 34 -102.44 -23.49 35.62
N GLU UG 35 -101.44 -23.55 34.76
CA GLU UG 35 -101.51 -24.41 33.58
C GLU UG 35 -100.08 -24.61 33.08
N ASN UG 36 -99.56 -25.82 33.21
CA ASN UG 36 -98.22 -26.12 32.75
C ASN UG 36 -98.29 -26.92 31.45
N VAL UG 37 -97.45 -26.54 30.50
CA VAL UG 37 -97.50 -27.09 29.15
C VAL UG 37 -96.28 -27.95 28.86
N GLY UG 38 -95.49 -28.27 29.87
CA GLY UG 38 -94.29 -29.06 29.68
C GLY UG 38 -93.08 -28.21 29.44
N SER UG 39 -91.91 -28.85 29.58
CA SER UG 39 -90.60 -28.22 29.48
C SER UG 39 -90.32 -27.27 30.63
N GLY UG 40 -91.07 -27.39 31.71
CA GLY UG 40 -90.85 -26.56 32.89
C GLY UG 40 -91.57 -25.23 32.88
N LEU UG 41 -92.43 -24.98 31.91
CA LEU UG 41 -93.12 -23.70 31.79
C LEU UG 41 -94.44 -23.78 32.52
N VAL UG 42 -94.64 -22.89 33.50
CA VAL UG 42 -95.88 -22.81 34.26
C VAL UG 42 -96.43 -21.40 34.10
N THR UG 43 -97.75 -21.28 34.01
CA THR UG 43 -98.41 -20.02 33.72
C THR UG 43 -99.52 -19.78 34.74
N ALA UG 44 -99.57 -18.58 35.30
CA ALA UG 44 -100.62 -18.16 36.20
C ALA UG 44 -101.50 -17.14 35.49
N MET UG 45 -102.80 -17.19 35.74
CA MET UG 45 -103.78 -16.36 35.04
C MET UG 45 -104.69 -15.70 36.05
N VAL UG 46 -104.80 -14.38 35.98
CA VAL UG 46 -105.71 -13.61 36.83
C VAL UG 46 -106.69 -12.86 35.94
N LYS UG 47 -107.75 -12.37 36.56
CA LYS UG 47 -108.75 -11.62 35.81
C LYS UG 47 -109.42 -10.61 36.73
N GLY UG 48 -109.72 -9.44 36.17
CA GLY UG 48 -110.33 -8.37 36.92
C GLY UG 48 -110.38 -7.13 36.06
N ASP UG 49 -110.67 -6.00 36.71
CA ASP UG 49 -110.66 -4.73 35.99
C ASP UG 49 -109.27 -4.43 35.47
N VAL UG 50 -109.21 -3.63 34.40
CA VAL UG 50 -107.95 -3.45 33.67
C VAL UG 50 -106.96 -2.57 34.42
N GLY UG 51 -107.42 -1.71 35.33
CA GLY UG 51 -106.49 -0.99 36.17
C GLY UG 51 -105.88 -1.86 37.25
N ALA UG 52 -106.66 -2.80 37.77
CA ALA UG 52 -106.15 -3.74 38.76
C ALA UG 52 -105.24 -4.77 38.12
N VAL UG 53 -105.66 -5.34 37.01
CA VAL UG 53 -104.87 -6.38 36.35
C VAL UG 53 -103.54 -5.83 35.89
N ASN UG 54 -103.53 -4.58 35.43
CA ASN UG 54 -102.27 -3.97 35.01
C ASN UG 54 -101.32 -3.81 36.18
N ALA UG 55 -101.86 -3.45 37.36
CA ALA UG 55 -101.03 -3.26 38.53
C ALA UG 55 -100.52 -4.58 39.06
N ALA UG 56 -101.35 -5.63 39.00
CA ALA UG 56 -100.95 -6.93 39.51
C ALA UG 56 -99.85 -7.55 38.69
N VAL UG 57 -99.97 -7.50 37.37
CA VAL UG 57 -98.98 -8.18 36.52
C VAL UG 57 -97.62 -7.51 36.64
N ASP UG 58 -97.59 -6.19 36.78
CA ASP UG 58 -96.30 -5.52 36.95
C ASP UG 58 -95.66 -5.88 38.28
N SER UG 59 -96.48 -6.06 39.31
CA SER UG 59 -95.95 -6.45 40.61
C SER UG 59 -95.48 -7.90 40.60
N GLY UG 60 -96.29 -8.79 40.04
CA GLY UG 60 -95.92 -10.20 39.99
C GLY UG 60 -94.68 -10.46 39.18
N VAL UG 61 -94.45 -9.67 38.14
CA VAL UG 61 -93.26 -9.89 37.31
C VAL UG 61 -92.00 -9.56 38.09
N GLU UG 62 -92.02 -8.47 38.85
CA GLU UG 62 -90.82 -8.06 39.57
C GLU UG 62 -90.50 -9.01 40.72
N ALA UG 63 -91.52 -9.58 41.36
CA ALA UG 63 -91.26 -10.50 42.45
C ALA UG 63 -90.72 -11.83 41.95
N ALA UG 64 -91.33 -12.39 40.92
CA ALA UG 64 -90.85 -13.65 40.36
C ALA UG 64 -89.48 -13.48 39.71
N LYS UG 65 -89.23 -12.31 39.12
CA LYS UG 65 -87.92 -12.05 38.52
C LYS UG 65 -86.81 -12.14 39.56
N ARG UG 66 -87.14 -11.88 40.81
CA ARG UG 66 -86.13 -11.82 41.86
C ARG UG 66 -85.58 -13.20 42.20
N ILE UG 67 -86.40 -14.24 42.12
CA ILE UG 67 -86.04 -15.57 42.59
C ILE UG 67 -86.09 -16.62 41.51
N GLY UG 68 -86.40 -16.26 40.28
CA GLY UG 68 -86.46 -17.22 39.22
C GLY UG 68 -86.37 -16.55 37.88
N LYS UG 69 -86.79 -17.26 36.84
CA LYS UG 69 -86.80 -16.73 35.49
C LYS UG 69 -88.23 -16.48 35.07
N VAL UG 70 -88.52 -15.25 34.68
CA VAL UG 70 -89.81 -14.91 34.07
C VAL UG 70 -89.63 -14.96 32.57
N VAL UG 71 -90.41 -15.81 31.91
CA VAL UG 71 -90.28 -15.99 30.47
C VAL UG 71 -91.06 -14.93 29.70
N SER UG 72 -92.28 -14.63 30.14
CA SER UG 72 -93.16 -13.77 29.38
C SER UG 72 -94.28 -13.27 30.28
N SER UG 73 -94.82 -12.11 29.94
CA SER UG 73 -95.96 -11.54 30.64
C SER UG 73 -96.81 -10.79 29.62
N ARG UG 74 -98.08 -10.60 29.97
CA ARG UG 74 -99.01 -10.03 29.01
C ARG UG 74 -100.31 -9.65 29.70
N VAL UG 75 -100.86 -8.52 29.31
CA VAL UG 75 -102.19 -8.10 29.73
C VAL UG 75 -103.06 -8.00 28.48
N ILE UG 76 -104.26 -8.56 28.55
CA ILE UG 76 -105.23 -8.48 27.47
C ILE UG 76 -106.42 -7.69 27.99
N ALA UG 77 -106.60 -6.48 27.47
CA ALA UG 77 -107.56 -5.56 28.06
C ALA UG 77 -109.00 -5.97 27.74
N ARG UG 78 -109.30 -6.19 26.48
CA ARG UG 78 -110.63 -6.68 26.08
C ARG UG 78 -110.46 -8.04 25.42
N PRO UG 79 -110.54 -9.13 26.16
CA PRO UG 79 -110.41 -10.45 25.55
C PRO UG 79 -111.66 -10.83 24.79
N HIS UG 80 -111.46 -11.53 23.69
CA HIS UG 80 -112.57 -11.96 22.85
C HIS UG 80 -113.40 -13.02 23.56
N ASN UG 81 -114.69 -13.07 23.22
CA ASN UG 81 -115.58 -14.00 23.90
C ASN UG 81 -115.30 -15.45 23.53
N ASP UG 82 -114.71 -15.70 22.36
CA ASP UG 82 -114.28 -17.05 22.02
C ASP UG 82 -113.13 -17.50 22.91
N ILE UG 83 -112.35 -16.56 23.43
CA ILE UG 83 -111.24 -16.87 24.32
C ILE UG 83 -111.74 -17.05 25.74
N GLU VG 3 -113.45 11.73 31.54
CA GLU VG 3 -112.62 10.54 31.40
C GLU VG 3 -111.32 10.88 30.70
N ALA VG 4 -110.41 9.91 30.64
CA ALA VG 4 -109.08 10.16 30.12
C ALA VG 4 -109.12 10.46 28.64
N LEU VG 5 -107.96 10.80 28.08
CA LEU VG 5 -107.86 11.24 26.70
C LEU VG 5 -106.55 10.75 26.11
N GLY VG 6 -106.62 10.03 24.99
CA GLY VG 6 -105.43 9.52 24.36
C GLY VG 6 -105.26 10.00 22.93
N LEU VG 7 -104.04 10.42 22.58
CA LEU VG 7 -103.76 11.03 21.29
C LEU VG 7 -102.60 10.33 20.60
N ILE VG 8 -102.75 10.08 19.31
CA ILE VG 8 -101.66 9.61 18.47
C ILE VG 8 -101.59 10.50 17.25
N GLU VG 9 -100.37 10.83 16.82
CA GLU VG 9 -100.16 11.71 15.68
C GLU VG 9 -99.22 11.06 14.70
N THR VG 10 -99.62 11.03 13.44
CA THR VG 10 -98.88 10.32 12.39
C THR VG 10 -98.74 11.20 11.17
N LYS VG 11 -97.84 10.81 10.28
CA LYS VG 11 -97.73 11.42 8.96
C LYS VG 11 -98.57 10.62 7.97
N GLY VG 12 -99.58 11.24 7.41
CA GLY VG 12 -100.39 10.52 6.44
C GLY VG 12 -101.60 9.87 7.08
N LEU VG 13 -102.63 9.68 6.25
CA LEU VG 13 -103.90 9.18 6.76
C LEU VG 13 -103.91 7.68 6.93
N VAL VG 14 -103.11 6.95 6.16
CA VAL VG 14 -103.17 5.49 6.24
C VAL VG 14 -102.64 5.00 7.58
N ALA VG 15 -101.53 5.55 8.05
CA ALA VG 15 -101.00 5.16 9.34
C ALA VG 15 -101.93 5.54 10.48
N CYS VG 16 -102.83 6.50 10.26
CA CYS VG 16 -103.75 6.89 11.32
C CYS VG 16 -105.01 6.05 11.33
N ILE VG 17 -105.38 5.46 10.20
CA ILE VG 17 -106.51 4.53 10.21
C ILE VG 17 -106.08 3.20 10.78
N GLU VG 18 -104.82 2.84 10.63
CA GLU VG 18 -104.34 1.62 11.27
C GLU VG 18 -104.19 1.82 12.78
N ALA VG 19 -103.73 3.00 13.21
CA ALA VG 19 -103.67 3.29 14.63
C ALA VG 19 -105.07 3.33 15.24
N ALA VG 20 -106.01 3.95 14.54
CA ALA VG 20 -107.36 4.06 15.09
C ALA VG 20 -108.04 2.71 15.15
N ASP VG 21 -107.74 1.83 14.20
CA ASP VG 21 -108.36 0.51 14.20
C ASP VG 21 -107.80 -0.35 15.33
N ALA VG 22 -106.48 -0.31 15.54
CA ALA VG 22 -105.88 -1.10 16.60
C ALA VG 22 -106.34 -0.61 17.97
N MET VG 23 -106.50 0.70 18.14
CA MET VG 23 -106.93 1.24 19.42
C MET VG 23 -108.32 0.76 19.78
N CYS VG 24 -109.26 0.84 18.84
CA CYS VG 24 -110.63 0.47 19.15
C CYS VG 24 -110.79 -1.02 19.39
N LYS VG 25 -109.87 -1.83 18.90
CA LYS VG 25 -109.96 -3.28 19.10
C LYS VG 25 -109.40 -3.70 20.45
N ALA VG 26 -108.37 -3.01 20.92
CA ALA VG 26 -107.56 -3.48 22.02
C ALA VG 26 -108.00 -2.97 23.39
N ALA VG 27 -109.13 -2.28 23.47
CA ALA VG 27 -109.62 -1.79 24.75
C ALA VG 27 -111.01 -1.22 24.55
N ASN VG 28 -111.70 -0.97 25.67
CA ASN VG 28 -113.04 -0.41 25.63
C ASN VG 28 -112.93 1.12 25.66
N VAL VG 29 -112.69 1.69 24.48
CA VAL VG 29 -112.56 3.13 24.32
C VAL VG 29 -113.54 3.58 23.26
N GLU VG 30 -113.74 4.89 23.19
CA GLU VG 30 -114.62 5.51 22.21
C GLU VG 30 -113.79 6.42 21.32
N LEU VG 31 -113.93 6.26 20.01
CA LEU VG 31 -113.20 7.09 19.07
C LEU VG 31 -113.95 8.40 18.87
N ILE VG 32 -113.25 9.51 19.09
CA ILE VG 32 -113.86 10.82 18.95
C ILE VG 32 -113.78 11.32 17.51
N GLY VG 33 -112.63 11.23 16.90
CA GLY VG 33 -112.50 11.59 15.50
C GLY VG 33 -111.07 11.91 15.14
N TYR VG 34 -110.88 12.25 13.88
CA TYR VG 34 -109.61 12.70 13.35
C TYR VG 34 -109.59 14.20 13.24
N GLU VG 35 -108.38 14.77 13.21
CA GLU VG 35 -108.23 16.22 13.09
C GLU VG 35 -106.85 16.48 12.52
N ASN VG 36 -106.79 16.82 11.24
CA ASN VG 36 -105.53 17.09 10.57
C ASN VG 36 -105.27 18.59 10.52
N VAL VG 37 -103.99 18.95 10.47
CA VAL VG 37 -103.57 20.34 10.54
C VAL VG 37 -102.65 20.69 9.38
N GLY VG 38 -102.78 19.97 8.29
CA GLY VG 38 -101.91 20.20 7.15
C GLY VG 38 -100.50 19.68 7.38
N SER VG 39 -99.67 19.70 6.34
CA SER VG 39 -98.35 19.09 6.32
C SER VG 39 -98.41 17.57 6.46
N GLY VG 40 -99.58 16.97 6.31
CA GLY VG 40 -99.72 15.54 6.41
C GLY VG 40 -99.84 15.01 7.82
N LEU VG 41 -99.86 15.87 8.83
CA LEU VG 41 -100.04 15.42 10.20
C LEU VG 41 -101.51 15.18 10.45
N VAL VG 42 -101.85 13.96 10.85
CA VAL VG 42 -103.21 13.60 11.22
C VAL VG 42 -103.18 13.04 12.64
N THR VG 43 -104.23 13.31 13.40
CA THR VG 43 -104.28 12.96 14.82
C THR VG 43 -105.57 12.23 15.12
N ALA VG 44 -105.47 11.15 15.89
CA ALA VG 44 -106.62 10.38 16.35
C ALA VG 44 -106.83 10.63 17.83
N MET VG 45 -108.09 10.68 18.26
CA MET VG 45 -108.43 10.99 19.64
C MET VG 45 -109.38 9.92 20.16
N VAL VG 46 -108.98 9.20 21.20
CA VAL VG 46 -109.83 8.23 21.86
C VAL VG 46 -110.15 8.72 23.25
N LYS VG 47 -111.20 8.14 23.84
CA LYS VG 47 -111.68 8.62 25.12
C LYS VG 47 -112.28 7.45 25.90
N GLY VG 48 -111.84 7.30 27.15
CA GLY VG 48 -112.35 6.24 27.99
C GLY VG 48 -111.72 6.31 29.36
N ASP VG 49 -111.91 5.24 30.13
CA ASP VG 49 -111.28 5.17 31.45
C ASP VG 49 -109.76 5.16 31.31
N VAL VG 50 -109.07 5.52 32.40
CA VAL VG 50 -107.64 5.75 32.32
C VAL VG 50 -106.89 4.47 31.98
N GLY VG 51 -107.29 3.36 32.60
CA GLY VG 51 -106.60 2.10 32.33
C GLY VG 51 -106.81 1.61 30.92
N ALA VG 52 -108.03 1.75 30.40
CA ALA VG 52 -108.31 1.37 29.03
C ALA VG 52 -107.55 2.27 28.05
N VAL VG 53 -107.70 3.58 28.19
CA VAL VG 53 -107.07 4.52 27.27
C VAL VG 53 -105.57 4.33 27.27
N ASN VG 54 -104.98 4.07 28.44
CA ASN VG 54 -103.56 3.78 28.48
C ASN VG 54 -103.24 2.61 27.57
N ALA VG 55 -103.90 1.47 27.79
CA ALA VG 55 -103.64 0.26 27.01
C ALA VG 55 -103.86 0.48 25.52
N ALA VG 56 -104.92 1.22 25.17
CA ALA VG 56 -105.21 1.46 23.76
C ALA VG 56 -104.08 2.18 23.07
N VAL VG 57 -103.58 3.27 23.67
CA VAL VG 57 -102.56 4.07 23.01
C VAL VG 57 -101.29 3.25 22.81
N ASP VG 58 -100.96 2.36 23.73
CA ASP VG 58 -99.77 1.53 23.55
C ASP VG 58 -99.92 0.61 22.35
N SER VG 59 -101.09 0.00 22.19
CA SER VG 59 -101.30 -0.89 21.06
C SER VG 59 -101.41 -0.13 19.75
N GLY VG 60 -102.06 1.04 19.79
CA GLY VG 60 -102.23 1.81 18.56
C GLY VG 60 -100.92 2.35 18.01
N VAL VG 61 -100.01 2.75 18.89
CA VAL VG 61 -98.72 3.22 18.42
C VAL VG 61 -97.90 2.07 17.87
N GLU VG 62 -98.11 0.88 18.40
CA GLU VG 62 -97.33 -0.28 17.96
C GLU VG 62 -97.76 -0.73 16.57
N ALA VG 63 -99.06 -0.65 16.26
CA ALA VG 63 -99.52 -1.01 14.93
C ALA VG 63 -99.18 0.07 13.91
N ALA VG 64 -99.36 1.34 14.28
CA ALA VG 64 -99.13 2.41 13.33
C ALA VG 64 -97.66 2.56 12.99
N LYS VG 65 -96.78 2.47 13.99
CA LYS VG 65 -95.35 2.55 13.74
C LYS VG 65 -94.87 1.48 12.78
N ARG VG 66 -95.67 0.45 12.58
CA ARG VG 66 -95.26 -0.72 11.80
C ARG VG 66 -95.29 -0.43 10.30
N ILE VG 67 -96.18 0.48 9.87
CA ILE VG 67 -96.31 0.79 8.45
C ILE VG 67 -95.99 2.23 8.13
N GLY VG 68 -96.05 3.15 9.08
CA GLY VG 68 -95.80 4.55 8.83
C GLY VG 68 -95.02 5.18 9.95
N LYS VG 69 -95.18 6.49 10.15
CA LYS VG 69 -94.41 7.21 11.15
C LYS VG 69 -95.35 7.74 12.22
N VAL VG 70 -95.08 7.39 13.48
CA VAL VG 70 -95.81 7.92 14.62
C VAL VG 70 -95.02 9.10 15.16
N VAL VG 71 -95.61 10.29 15.07
CA VAL VG 71 -94.89 11.50 15.47
C VAL VG 71 -94.91 11.68 16.98
N SER VG 72 -96.06 11.47 17.61
CA SER VG 72 -96.15 11.64 19.05
C SER VG 72 -97.38 10.91 19.57
N SER VG 73 -97.32 10.55 20.84
CA SER VG 73 -98.45 9.95 21.55
C SER VG 73 -98.48 10.52 22.96
N ARG VG 74 -99.66 10.49 23.58
CA ARG VG 74 -99.83 11.14 24.86
C ARG VG 74 -101.15 10.70 25.47
N VAL VG 75 -101.17 10.52 26.79
CA VAL VG 75 -102.38 10.24 27.54
C VAL VG 75 -102.54 11.33 28.59
N ILE VG 76 -103.71 11.98 28.59
CA ILE VG 76 -104.09 12.92 29.64
C ILE VG 76 -105.10 12.22 30.54
N ALA VG 77 -104.72 12.01 31.80
CA ALA VG 77 -105.56 11.20 32.68
C ALA VG 77 -106.85 11.92 33.05
N ARG VG 78 -106.76 13.23 33.32
CA ARG VG 78 -107.94 14.04 33.61
C ARG VG 78 -107.77 15.37 32.91
N PRO VG 79 -108.37 15.57 31.75
CA PRO VG 79 -108.25 16.85 31.07
C PRO VG 79 -109.11 17.91 31.73
N HIS VG 80 -108.67 19.16 31.60
CA HIS VG 80 -109.45 20.29 32.07
C HIS VG 80 -110.73 20.40 31.25
N ASN VG 81 -111.78 20.92 31.87
CA ASN VG 81 -113.04 21.06 31.16
C ASN VG 81 -112.91 21.98 29.96
N ASP VG 82 -111.98 22.93 30.01
CA ASP VG 82 -111.76 23.81 28.86
C ASP VG 82 -111.19 23.02 27.68
N ILE VG 83 -110.41 21.98 27.95
CA ILE VG 83 -109.87 21.17 26.87
C ILE VG 83 -110.97 20.40 26.14
N GLU VG 84 -112.09 20.14 26.80
CA GLU VG 84 -113.20 19.46 26.13
C GLU VG 84 -114.14 20.47 25.48
N LYS VG 85 -113.53 21.41 24.78
CA LYS VG 85 -114.19 22.26 23.80
C LYS VG 85 -113.34 22.44 22.57
N ILE VG 86 -112.06 22.06 22.64
CA ILE VG 86 -111.15 22.11 21.51
C ILE VG 86 -111.17 20.81 20.73
N ALA VG 87 -111.18 19.68 21.45
CA ALA VG 87 -111.30 18.39 20.81
C ALA VG 87 -112.69 18.21 20.21
N GLY VG 88 -113.72 18.22 21.06
CA GLY VG 88 -115.08 18.09 20.60
C GLY VG 88 -115.70 19.43 20.23
N MET WG 1 -70.95 -83.44 0.30
CA MET WG 1 -70.43 -84.69 -0.21
C MET WG 1 -71.52 -85.72 -0.28
N ILE WG 2 -71.27 -86.81 -1.01
CA ILE WG 2 -72.17 -87.95 -1.07
C ILE WG 2 -71.35 -89.23 -1.04
N LEU WG 3 -71.91 -90.27 -0.43
CA LEU WG 3 -71.30 -91.59 -0.51
C LEU WG 3 -71.55 -92.19 -1.88
N ALA WG 4 -70.49 -92.69 -2.50
CA ALA WG 4 -70.61 -93.26 -3.83
C ALA WG 4 -69.60 -94.37 -3.98
N LYS WG 5 -69.73 -95.13 -5.06
CA LYS WG 5 -68.87 -96.26 -5.34
C LYS WG 5 -68.32 -96.13 -6.75
N VAL WG 6 -67.02 -96.32 -6.91
CA VAL WG 6 -66.43 -96.25 -8.23
C VAL WG 6 -66.83 -97.49 -9.02
N THR WG 7 -67.38 -97.28 -10.21
CA THR WG 7 -67.91 -98.37 -11.02
C THR WG 7 -67.33 -98.44 -12.42
N GLY WG 8 -66.35 -97.61 -12.75
CA GLY WG 8 -65.76 -97.66 -14.07
C GLY WG 8 -64.84 -96.48 -14.28
N HIS WG 9 -64.55 -96.20 -15.54
CA HIS WG 9 -63.74 -95.04 -15.90
C HIS WG 9 -64.10 -94.62 -17.32
N VAL WG 10 -63.65 -93.43 -17.69
CA VAL WG 10 -63.94 -92.82 -18.98
C VAL WG 10 -62.63 -92.41 -19.63
N VAL WG 11 -62.46 -92.77 -20.89
CA VAL WG 11 -61.27 -92.42 -21.66
C VAL WG 11 -61.68 -91.36 -22.68
N ALA WG 12 -61.20 -90.14 -22.49
CA ALA WG 12 -61.51 -89.02 -23.36
C ALA WG 12 -60.21 -88.42 -23.86
N THR WG 13 -60.06 -88.34 -25.19
CA THR WG 13 -58.86 -87.82 -25.80
C THR WG 13 -58.96 -86.34 -26.15
N GLN WG 14 -60.06 -85.95 -26.80
CA GLN WG 14 -60.29 -84.56 -27.18
C GLN WG 14 -61.01 -83.89 -26.02
N LYS WG 15 -60.29 -83.08 -25.25
CA LYS WG 15 -60.88 -82.44 -24.09
C LYS WG 15 -60.14 -81.16 -23.79
N CYS WG 16 -60.67 -80.39 -22.85
CA CYS WG 16 -60.11 -79.10 -22.49
C CYS WG 16 -58.75 -79.29 -21.83
N ASP WG 17 -58.13 -78.16 -21.47
CA ASP WG 17 -56.82 -78.18 -20.86
C ASP WG 17 -56.87 -78.20 -19.34
N GLU WG 18 -57.98 -77.76 -18.75
CA GLU WG 18 -58.14 -77.84 -17.31
C GLU WG 18 -58.26 -79.27 -16.81
N LEU WG 19 -58.35 -80.24 -17.73
CA LEU WG 19 -58.51 -81.64 -17.37
C LEU WG 19 -57.35 -82.51 -17.78
N ARG WG 20 -56.24 -81.92 -18.24
CA ARG WG 20 -55.11 -82.72 -18.70
C ARG WG 20 -54.42 -83.39 -17.53
N GLY WG 21 -54.15 -84.69 -17.66
CA GLY WG 21 -53.42 -85.40 -16.64
C GLY WG 21 -54.22 -85.68 -15.38
N SER WG 22 -55.39 -86.29 -15.54
CA SER WG 22 -56.23 -86.62 -14.40
C SER WG 22 -57.11 -87.80 -14.78
N ASN WG 23 -57.57 -88.52 -13.77
CA ASN WG 23 -58.43 -89.66 -13.98
C ASN WG 23 -59.87 -89.18 -14.09
N LEU WG 24 -60.71 -89.97 -14.76
CA LEU WG 24 -62.14 -89.67 -14.88
C LEU WG 24 -62.91 -90.94 -14.55
N LEU WG 25 -63.46 -91.00 -13.34
CA LEU WG 25 -64.11 -92.19 -12.84
C LEU WG 25 -65.63 -92.05 -12.92
N LEU WG 26 -66.30 -93.17 -13.16
CA LEU WG 26 -67.74 -93.22 -13.04
C LEU WG 26 -68.09 -93.47 -11.58
N ILE WG 27 -69.01 -92.67 -11.06
CA ILE WG 27 -69.25 -92.56 -9.63
C ILE WG 27 -70.75 -92.78 -9.42
N THR WG 28 -71.13 -93.88 -8.82
CA THR WG 28 -72.53 -94.22 -8.64
C THR WG 28 -72.94 -94.00 -7.20
N ARG WG 29 -73.98 -93.21 -6.99
CA ARG WG 29 -74.49 -92.96 -5.65
C ARG WG 29 -75.16 -94.20 -5.11
N LEU WG 30 -74.84 -94.55 -3.87
CA LEU WG 30 -75.35 -95.77 -3.25
C LEU WG 30 -76.29 -95.44 -2.11
N ASP WG 31 -77.28 -96.32 -1.91
CA ASP WG 31 -78.38 -96.06 -0.98
C ASP WG 31 -78.06 -96.46 0.45
N ASP WG 32 -79.05 -96.47 1.33
CA ASP WG 32 -78.82 -96.67 2.76
C ASP WG 32 -78.54 -98.12 3.13
N LYS WG 33 -78.42 -99.01 2.16
CA LYS WG 33 -77.93 -100.36 2.40
C LYS WG 33 -76.55 -100.58 1.81
N GLN WG 34 -75.87 -99.49 1.46
CA GLN WG 34 -74.59 -99.53 0.76
C GLN WG 34 -74.71 -100.36 -0.52
N GLN WG 35 -75.64 -99.94 -1.38
CA GLN WG 35 -75.92 -100.61 -2.62
C GLN WG 35 -76.17 -99.56 -3.69
N PRO WG 36 -75.54 -99.67 -4.86
CA PRO WG 36 -75.70 -98.63 -5.88
C PRO WG 36 -77.14 -98.49 -6.34
N MET WG 37 -77.49 -97.26 -6.73
CA MET WG 37 -78.82 -96.93 -7.20
C MET WG 37 -78.85 -96.99 -8.73
N LYS WG 38 -80.01 -96.66 -9.29
CA LYS WG 38 -80.21 -96.67 -10.74
C LYS WG 38 -80.25 -95.24 -11.26
N ASP WG 39 -79.55 -95.01 -12.38
CA ASP WG 39 -79.54 -93.70 -13.04
C ASP WG 39 -79.00 -92.61 -12.11
N GLN WG 40 -77.89 -92.89 -11.47
CA GLN WG 40 -77.31 -91.95 -10.50
C GLN WG 40 -75.80 -91.88 -10.66
N THR WG 41 -75.33 -91.81 -11.91
CA THR WG 41 -73.90 -91.86 -12.19
C THR WG 41 -73.39 -90.51 -12.65
N TRP WG 42 -72.28 -90.08 -12.06
CA TRP WG 42 -71.59 -88.87 -12.48
C TRP WG 42 -70.16 -89.23 -12.83
N VAL WG 43 -69.46 -88.28 -13.43
CA VAL WG 43 -68.05 -88.44 -13.77
C VAL WG 43 -67.24 -87.53 -12.87
N ALA WG 44 -66.29 -88.10 -12.15
CA ALA WG 44 -65.55 -87.37 -11.15
C ALA WG 44 -64.06 -87.44 -11.45
N VAL WG 45 -63.38 -86.31 -11.27
CA VAL WG 45 -61.93 -86.24 -11.45
C VAL WG 45 -61.28 -86.78 -10.17
N ASP WG 46 -60.71 -87.97 -10.26
CA ASP WG 46 -60.05 -88.55 -9.09
C ASP WG 46 -58.97 -87.61 -8.57
N ASN WG 47 -58.81 -87.58 -7.26
CA ASN WG 47 -57.85 -86.68 -6.65
C ASN WG 47 -56.99 -87.34 -5.57
N VAL WG 48 -57.36 -88.49 -5.04
CA VAL WG 48 -56.60 -89.15 -3.98
C VAL WG 48 -56.18 -90.56 -4.35
N GLY WG 49 -56.52 -91.04 -5.54
CA GLY WG 49 -56.07 -92.35 -5.94
C GLY WG 49 -57.05 -93.46 -5.64
N ALA WG 50 -58.28 -93.33 -6.10
CA ALA WG 50 -59.29 -94.36 -5.92
C ALA WG 50 -59.37 -95.23 -7.18
N GLY WG 51 -59.74 -96.48 -6.98
CA GLY WG 51 -59.87 -97.40 -8.09
C GLY WG 51 -61.21 -98.08 -8.09
N MET WG 52 -61.34 -99.20 -8.80
CA MET WG 52 -62.63 -99.84 -8.93
C MET WG 52 -63.10 -100.40 -7.59
N HIS WG 53 -64.42 -100.42 -7.42
CA HIS WG 53 -65.11 -101.06 -6.30
C HIS WG 53 -64.91 -100.34 -4.97
N ASP WG 54 -64.22 -99.20 -4.95
CA ASP WG 54 -63.92 -98.52 -3.71
C ASP WG 54 -65.02 -97.53 -3.38
N ILE WG 55 -65.41 -97.48 -2.11
CA ILE WG 55 -66.40 -96.52 -1.65
C ILE WG 55 -65.73 -95.20 -1.36
N VAL WG 56 -66.13 -94.15 -2.06
CA VAL WG 56 -65.44 -92.86 -1.98
C VAL WG 56 -66.42 -91.79 -1.55
N LEU WG 57 -65.93 -90.55 -1.46
CA LEU WG 57 -66.70 -89.42 -0.94
C LEU WG 57 -66.59 -88.31 -1.98
N ALA WG 58 -67.55 -88.26 -2.90
CA ALA WG 58 -67.48 -87.37 -4.05
C ALA WG 58 -68.06 -86.01 -3.68
N GLU WG 59 -67.31 -84.96 -3.99
CA GLU WG 59 -67.69 -83.60 -3.65
C GLU WG 59 -68.19 -82.86 -4.87
N GLU WG 60 -69.05 -81.89 -4.65
CA GLU WG 60 -69.67 -81.12 -5.72
C GLU WG 60 -68.74 -80.03 -6.20
N TYR WG 61 -69.30 -79.04 -6.90
CA TYR WG 61 -68.60 -78.20 -7.88
C TYR WG 61 -67.16 -77.85 -7.53
N PHE WG 62 -66.94 -77.10 -6.46
CA PHE WG 62 -65.66 -76.41 -6.29
C PHE WG 62 -64.71 -77.25 -5.46
N ALA WG 63 -63.68 -77.80 -6.12
CA ALA WG 63 -62.58 -78.46 -5.43
C ALA WG 63 -61.23 -78.15 -6.09
N LEU WG 64 -61.15 -77.09 -6.90
CA LEU WG 64 -59.91 -76.65 -7.54
C LEU WG 64 -59.31 -77.75 -8.41
N ASN WG 65 -60.07 -78.14 -9.44
CA ASN WG 65 -59.63 -79.21 -10.33
C ASN WG 65 -60.00 -78.93 -11.79
N TYR WG 69 -61.72 -73.04 -11.33
CA TYR WG 69 -61.75 -74.49 -11.42
C TYR WG 69 -62.87 -75.06 -10.56
N LYS WG 70 -63.83 -75.75 -11.21
CA LYS WG 70 -65.00 -76.23 -10.50
C LYS WG 70 -65.38 -77.65 -10.89
N ALA WG 71 -64.42 -78.55 -11.12
CA ALA WG 71 -64.77 -79.90 -11.49
C ALA WG 71 -65.15 -80.72 -10.25
N MET WG 72 -66.08 -81.65 -10.46
CA MET WG 72 -66.56 -82.53 -9.40
C MET WG 72 -65.50 -83.60 -9.18
N SER WG 73 -64.91 -83.62 -7.99
CA SER WG 73 -63.81 -84.52 -7.71
C SER WG 73 -64.09 -85.41 -6.51
N VAL WG 74 -63.25 -86.41 -6.35
CA VAL WG 74 -63.27 -87.31 -5.20
C VAL WG 74 -62.27 -86.78 -4.17
N VAL WG 75 -62.69 -86.70 -2.91
CA VAL WG 75 -61.89 -86.03 -1.90
C VAL WG 75 -61.55 -86.93 -0.72
N ALA WG 76 -62.05 -88.17 -0.69
CA ALA WG 76 -61.78 -89.04 0.44
C ALA WG 76 -62.13 -90.46 0.08
N ILE WG 77 -61.34 -91.41 0.58
CA ILE WG 77 -61.63 -92.83 0.48
C ILE WG 77 -62.10 -93.30 1.85
N VAL WG 78 -63.25 -93.94 1.89
CA VAL WG 78 -63.96 -94.18 3.14
C VAL WG 78 -63.59 -95.56 3.68
N GLU WG 79 -63.20 -95.59 4.95
CA GLU WG 79 -62.88 -96.84 5.64
C GLU WG 79 -64.12 -97.48 6.27
N LYS WG 80 -64.82 -96.76 7.13
CA LYS WG 80 -65.96 -97.28 7.86
C LYS WG 80 -67.13 -96.31 7.74
N VAL WG 81 -68.33 -96.86 7.57
CA VAL WG 81 -69.57 -96.08 7.56
C VAL WG 81 -70.42 -96.65 8.69
N PHE WG 82 -70.35 -96.03 9.86
CA PHE WG 82 -71.18 -96.43 10.98
C PHE WG 82 -72.53 -95.73 10.86
N ARG WG 83 -73.61 -96.50 10.84
CA ARG WG 83 -74.92 -95.96 10.54
C ARG WG 83 -75.97 -96.74 11.33
N ASP WG 84 -76.63 -96.07 12.26
CA ASP WG 84 -77.77 -96.66 12.95
C ASP WG 84 -78.57 -95.57 13.66
N GLU XG 3 -21.75 -107.50 -43.31
CA GLU XG 3 -22.51 -106.25 -43.34
C GLU XG 3 -21.93 -105.26 -42.33
N ALA XG 4 -22.31 -103.99 -42.45
CA ALA XG 4 -21.77 -102.96 -41.60
C ALA XG 4 -22.36 -103.07 -40.20
N LEU XG 5 -22.03 -102.10 -39.35
CA LEU XG 5 -22.46 -102.14 -37.95
C LEU XG 5 -22.63 -100.72 -37.45
N GLY XG 6 -23.75 -100.46 -36.79
CA GLY XG 6 -24.04 -99.11 -36.31
C GLY XG 6 -24.35 -99.12 -34.83
N LEU XG 7 -23.91 -98.08 -34.14
CA LEU XG 7 -23.95 -98.02 -32.69
C LEU XG 7 -24.39 -96.65 -32.22
N ILE XG 8 -25.34 -96.61 -31.30
CA ILE XG 8 -25.71 -95.38 -30.61
C ILE XG 8 -25.67 -95.66 -29.12
N GLU XG 9 -25.20 -94.69 -28.34
CA GLU XG 9 -25.12 -94.81 -26.91
C GLU XG 9 -25.79 -93.62 -26.26
N THR XG 10 -26.70 -93.87 -25.32
CA THR XG 10 -27.49 -92.82 -24.69
C THR XG 10 -27.46 -93.02 -23.18
N LYS XG 11 -27.86 -91.96 -22.47
CA LYS XG 11 -28.08 -92.02 -21.04
C LYS XG 11 -29.55 -92.28 -20.78
N GLY XG 12 -29.86 -93.42 -20.18
CA GLY XG 12 -31.24 -93.75 -19.92
C GLY XG 12 -31.79 -94.72 -20.94
N LEU XG 13 -32.80 -95.49 -20.53
CA LEU XG 13 -33.35 -96.49 -21.43
C LEU XG 13 -34.37 -95.91 -22.39
N VAL XG 14 -35.11 -94.88 -21.96
CA VAL XG 14 -36.15 -94.33 -22.82
C VAL XG 14 -35.54 -93.74 -24.08
N ALA XG 15 -34.48 -92.94 -23.92
CA ALA XG 15 -33.86 -92.31 -25.08
C ALA XG 15 -33.31 -93.34 -26.05
N CYS XG 16 -33.01 -94.55 -25.57
CA CYS XG 16 -32.44 -95.57 -26.44
C CYS XG 16 -33.52 -96.30 -27.22
N ILE XG 17 -34.69 -96.52 -26.62
CA ILE XG 17 -35.77 -97.20 -27.33
C ILE XG 17 -36.33 -96.29 -28.41
N GLU XG 18 -36.37 -94.99 -28.14
CA GLU XG 18 -36.74 -94.04 -29.19
C GLU XG 18 -35.73 -94.09 -30.33
N ALA XG 19 -34.44 -94.11 -30.01
CA ALA XG 19 -33.41 -94.16 -31.05
C ALA XG 19 -33.49 -95.46 -31.84
N ALA XG 20 -33.70 -96.58 -31.16
CA ALA XG 20 -33.74 -97.86 -31.86
C ALA XG 20 -34.99 -98.03 -32.69
N ASP XG 21 -36.06 -97.30 -32.38
CA ASP XG 21 -37.25 -97.34 -33.21
C ASP XG 21 -37.06 -96.49 -34.46
N ALA XG 22 -36.47 -95.31 -34.31
CA ALA XG 22 -36.22 -94.47 -35.48
C ALA XG 22 -35.27 -95.15 -36.45
N MET XG 23 -34.23 -95.81 -35.92
CA MET XG 23 -33.29 -96.51 -36.80
C MET XG 23 -34.00 -97.57 -37.62
N CYS XG 24 -34.85 -98.37 -36.98
CA CYS XG 24 -35.47 -99.48 -37.69
C CYS XG 24 -36.48 -99.01 -38.73
N LYS XG 25 -37.05 -97.82 -38.55
CA LYS XG 25 -38.02 -97.32 -39.52
C LYS XG 25 -37.35 -96.62 -40.68
N ALA XG 26 -36.20 -95.99 -40.45
CA ALA XG 26 -35.62 -95.07 -41.42
C ALA XG 26 -34.84 -95.76 -42.52
N ALA XG 27 -34.54 -97.05 -42.41
CA ALA XG 27 -33.79 -97.74 -43.45
C ALA XG 27 -33.90 -99.24 -43.22
N ASN XG 28 -33.39 -100.00 -44.17
CA ASN XG 28 -33.47 -101.46 -44.12
C ASN XG 28 -32.29 -102.00 -43.30
N VAL XG 29 -32.45 -101.94 -41.98
CA VAL XG 29 -31.46 -102.45 -41.05
C VAL XG 29 -32.16 -103.33 -40.03
N GLU XG 30 -31.40 -104.25 -39.44
CA GLU XG 30 -31.91 -105.20 -38.47
C GLU XG 30 -31.32 -104.92 -37.10
N LEU XG 31 -32.15 -105.01 -36.06
CA LEU XG 31 -31.72 -104.67 -34.71
C LEU XG 31 -31.07 -105.89 -34.08
N ILE XG 32 -29.82 -105.74 -33.62
CA ILE XG 32 -29.10 -106.84 -33.01
C ILE XG 32 -29.50 -107.02 -31.56
N GLY XG 33 -29.41 -105.97 -30.77
CA GLY XG 33 -29.84 -106.06 -29.39
C GLY XG 33 -29.40 -104.83 -28.62
N TYR XG 34 -29.75 -104.84 -27.34
CA TYR XG 34 -29.34 -103.81 -26.39
C TYR XG 34 -28.25 -104.36 -25.48
N GLU XG 35 -27.50 -103.45 -24.87
CA GLU XG 35 -26.45 -103.85 -23.93
C GLU XG 35 -26.13 -102.63 -23.06
N ASN XG 36 -26.54 -102.67 -21.80
CA ASN XG 36 -26.17 -101.61 -20.86
C ASN XG 36 -24.98 -102.02 -20.03
N VAL XG 37 -24.04 -101.12 -19.89
CA VAL XG 37 -22.81 -101.37 -19.14
C VAL XG 37 -22.78 -100.37 -17.99
N GLY XG 38 -23.36 -100.75 -16.87
CA GLY XG 38 -23.24 -99.94 -15.68
C GLY XG 38 -24.02 -98.63 -15.79
N SER XG 39 -23.33 -97.54 -15.47
CA SER XG 39 -24.01 -96.33 -15.03
C SER XG 39 -24.81 -95.67 -16.13
N GLY XG 40 -26.11 -95.95 -16.16
CA GLY XG 40 -27.06 -95.33 -17.05
C GLY XG 40 -26.65 -95.24 -18.50
N LEU XG 41 -25.96 -96.23 -19.03
CA LEU XG 41 -25.52 -96.18 -20.41
C LEU XG 41 -26.06 -97.40 -21.13
N VAL XG 42 -26.97 -97.19 -22.07
CA VAL XG 42 -27.53 -98.26 -22.90
C VAL XG 42 -27.10 -98.02 -24.34
N THR XG 43 -26.85 -99.12 -25.06
CA THR XG 43 -26.35 -99.07 -26.42
C THR XG 43 -27.17 -99.99 -27.29
N ALA XG 44 -27.58 -99.51 -28.46
CA ALA XG 44 -28.29 -100.29 -29.45
C ALA XG 44 -27.38 -100.53 -30.65
N MET XG 45 -27.48 -101.72 -31.25
CA MET XG 45 -26.64 -102.12 -32.35
C MET XG 45 -27.51 -102.58 -33.51
N VAL XG 46 -27.24 -102.04 -34.70
CA VAL XG 46 -27.96 -102.42 -35.91
C VAL XG 46 -26.95 -102.87 -36.94
N LYS XG 47 -27.42 -103.67 -37.90
CA LYS XG 47 -26.55 -104.18 -38.95
C LYS XG 47 -27.28 -104.17 -40.29
N GLY XG 48 -26.51 -103.93 -41.35
CA GLY XG 48 -27.06 -103.85 -42.68
C GLY XG 48 -26.00 -103.39 -43.65
N ASP XG 49 -26.44 -102.96 -44.83
CA ASP XG 49 -25.49 -102.44 -45.80
C ASP XG 49 -24.96 -101.08 -45.36
N VAL XG 50 -23.85 -100.67 -45.96
CA VAL XG 50 -23.15 -99.48 -45.49
C VAL XG 50 -23.96 -98.22 -45.76
N GLY XG 51 -24.62 -98.16 -46.91
CA GLY XG 51 -25.44 -96.99 -47.19
C GLY XG 51 -26.69 -96.94 -46.35
N ALA XG 52 -27.28 -98.10 -46.06
CA ALA XG 52 -28.44 -98.14 -45.19
C ALA XG 52 -28.06 -97.81 -43.75
N VAL XG 53 -27.01 -98.46 -43.23
CA VAL XG 53 -26.66 -98.28 -41.83
C VAL XG 53 -26.24 -96.85 -41.57
N ASN XG 54 -25.58 -96.22 -42.54
CA ASN XG 54 -25.20 -94.82 -42.38
C ASN XG 54 -26.44 -93.93 -42.30
N ALA XG 55 -27.50 -94.33 -42.98
CA ALA XG 55 -28.73 -93.53 -42.99
C ALA XG 55 -29.58 -93.80 -41.77
N ALA XG 56 -29.42 -94.97 -41.15
CA ALA XG 56 -30.18 -95.26 -39.95
C ALA XG 56 -29.59 -94.56 -38.74
N VAL XG 57 -28.26 -94.46 -38.68
CA VAL XG 57 -27.62 -93.92 -37.49
C VAL XG 57 -27.84 -92.43 -37.37
N ASP XG 58 -27.77 -91.70 -38.48
CA ASP XG 58 -27.95 -90.26 -38.38
C ASP XG 58 -29.40 -89.89 -38.09
N SER XG 59 -30.33 -90.78 -38.42
CA SER XG 59 -31.73 -90.56 -38.08
C SER XG 59 -32.00 -90.91 -36.63
N GLY XG 60 -31.45 -92.02 -36.16
CA GLY XG 60 -31.65 -92.41 -34.77
C GLY XG 60 -30.98 -91.46 -33.79
N VAL XG 61 -29.85 -90.88 -34.17
CA VAL XG 61 -29.23 -89.88 -33.31
C VAL XG 61 -30.10 -88.64 -33.25
N GLU XG 62 -30.76 -88.31 -34.36
CA GLU XG 62 -31.61 -87.14 -34.41
C GLU XG 62 -32.81 -87.25 -33.48
N ALA XG 63 -33.36 -88.46 -33.36
CA ALA XG 63 -34.54 -88.67 -32.53
C ALA XG 63 -34.20 -88.72 -31.05
N ALA XG 64 -33.17 -89.47 -30.68
CA ALA XG 64 -32.82 -89.60 -29.27
C ALA XG 64 -32.26 -88.29 -28.72
N LYS XG 65 -31.59 -87.51 -29.56
CA LYS XG 65 -31.11 -86.20 -29.13
C LYS XG 65 -32.25 -85.27 -28.76
N ARG XG 66 -33.46 -85.58 -29.19
CA ARG XG 66 -34.61 -84.72 -28.95
C ARG XG 66 -35.05 -84.79 -27.49
N ILE XG 67 -35.05 -85.98 -26.90
CA ILE XG 67 -35.59 -86.19 -25.57
C ILE XG 67 -34.54 -86.63 -24.56
N GLY XG 68 -33.33 -86.94 -24.98
CA GLY XG 68 -32.32 -87.39 -24.05
C GLY XG 68 -30.93 -86.99 -24.47
N LYS XG 69 -29.92 -87.65 -23.92
CA LYS XG 69 -28.53 -87.37 -24.25
C LYS XG 69 -27.99 -88.50 -25.09
N VAL XG 70 -27.52 -88.17 -26.28
CA VAL XG 70 -26.78 -89.12 -27.11
C VAL XG 70 -25.30 -88.93 -26.80
N VAL XG 71 -24.68 -89.99 -26.29
CA VAL XG 71 -23.29 -89.90 -25.87
C VAL XG 71 -22.34 -90.11 -27.04
N SER XG 72 -22.57 -91.12 -27.86
CA SER XG 72 -21.69 -91.43 -28.97
C SER XG 72 -22.45 -92.18 -30.04
N SER XG 73 -21.97 -92.05 -31.27
CA SER XG 73 -22.45 -92.83 -32.39
C SER XG 73 -21.28 -93.18 -33.30
N ARG XG 74 -21.42 -94.27 -34.04
CA ARG XG 74 -20.30 -94.76 -34.82
C ARG XG 74 -20.79 -95.82 -35.79
N VAL XG 75 -20.27 -95.78 -37.01
CA VAL XG 75 -20.53 -96.81 -38.02
C VAL XG 75 -19.21 -97.48 -38.36
N ILE XG 76 -19.22 -98.80 -38.37
CA ILE XG 76 -18.06 -99.61 -38.74
C ILE XG 76 -18.38 -100.26 -40.07
N ALA XG 77 -17.63 -99.87 -41.11
CA ALA XG 77 -18.00 -100.26 -42.46
C ALA XG 77 -17.74 -101.74 -42.73
N ARG XG 78 -16.68 -102.29 -42.14
CA ARG XG 78 -16.41 -103.72 -42.23
C ARG XG 78 -15.89 -104.19 -40.89
N PRO XG 79 -16.75 -104.75 -40.04
CA PRO XG 79 -16.29 -105.23 -38.75
C PRO XG 79 -15.45 -106.48 -38.92
N HIS XG 80 -14.40 -106.59 -38.13
CA HIS XG 80 -13.51 -107.73 -38.21
C HIS XG 80 -14.23 -108.99 -37.77
N ASN XG 81 -13.88 -110.12 -38.40
CA ASN XG 81 -14.59 -111.36 -38.17
C ASN XG 81 -14.58 -111.75 -36.70
N ASP XG 82 -13.47 -111.48 -36.01
CA ASP XG 82 -13.36 -111.82 -34.60
C ASP XG 82 -14.44 -111.12 -33.78
N ILE XG 83 -14.74 -109.88 -34.12
CA ILE XG 83 -15.71 -109.09 -33.39
C ILE XG 83 -17.12 -109.49 -33.78
N GLU YG 3 -49.88 -103.19 -30.45
CA GLU YG 3 -50.49 -102.19 -29.57
C GLU YG 3 -49.45 -101.18 -29.14
N ALA YG 4 -49.92 -100.00 -28.73
CA ALA YG 4 -49.01 -98.91 -28.42
C ALA YG 4 -48.16 -99.26 -27.21
N LEU YG 5 -47.25 -98.35 -26.86
CA LEU YG 5 -46.28 -98.62 -25.82
C LEU YG 5 -45.89 -97.32 -25.16
N GLY YG 6 -45.93 -97.28 -23.85
CA GLY YG 6 -45.62 -96.07 -23.10
C GLY YG 6 -44.55 -96.31 -22.07
N LEU YG 7 -43.70 -95.31 -21.87
CA LEU YG 7 -42.57 -95.40 -20.97
C LEU YG 7 -42.50 -94.17 -20.07
N ILE YG 8 -42.22 -94.39 -18.80
CA ILE YG 8 -41.89 -93.32 -17.87
C ILE YG 8 -40.59 -93.70 -17.19
N GLU YG 9 -39.66 -92.75 -17.09
CA GLU YG 9 -38.38 -92.97 -16.46
C GLU YG 9 -38.23 -92.05 -15.27
N THR YG 10 -37.92 -92.63 -14.12
CA THR YG 10 -37.87 -91.88 -12.87
C THR YG 10 -36.58 -92.20 -12.13
N LYS YG 11 -36.18 -91.27 -11.27
CA LYS YG 11 -35.02 -91.45 -10.42
C LYS YG 11 -35.46 -92.03 -9.09
N GLY YG 12 -35.15 -93.29 -8.85
CA GLY YG 12 -35.58 -93.96 -7.64
C GLY YG 12 -36.77 -94.86 -7.89
N LEU YG 13 -36.88 -95.91 -7.08
CA LEU YG 13 -37.93 -96.89 -7.29
C LEU YG 13 -39.28 -96.42 -6.75
N VAL YG 14 -39.29 -95.63 -5.68
CA VAL YG 14 -40.55 -95.22 -5.08
C VAL YG 14 -41.37 -94.39 -6.06
N ALA YG 15 -40.73 -93.40 -6.68
CA ALA YG 15 -41.43 -92.58 -7.66
C ALA YG 15 -41.94 -93.40 -8.84
N CYS YG 16 -41.33 -94.56 -9.09
CA CYS YG 16 -41.78 -95.39 -10.20
C CYS YG 16 -43.00 -96.22 -9.84
N ILE YG 17 -43.16 -96.57 -8.57
CA ILE YG 17 -44.36 -97.33 -8.19
C ILE YG 17 -45.55 -96.40 -8.06
N GLU YG 18 -45.35 -95.14 -7.68
CA GLU YG 18 -46.44 -94.18 -7.75
C GLU YG 18 -46.82 -93.91 -9.20
N ALA YG 19 -45.85 -93.81 -10.09
CA ALA YG 19 -46.15 -93.61 -11.50
C ALA YG 19 -46.92 -94.80 -12.07
N ALA YG 20 -46.51 -96.02 -11.73
CA ALA YG 20 -47.18 -97.18 -12.29
C ALA YG 20 -48.55 -97.40 -11.68
N ASP YG 21 -48.78 -96.91 -10.47
CA ASP YG 21 -50.10 -97.03 -9.87
C ASP YG 21 -51.09 -96.07 -10.53
N ALA YG 22 -50.64 -94.85 -10.81
CA ALA YG 22 -51.51 -93.90 -11.50
C ALA YG 22 -51.80 -94.34 -12.93
N MET YG 23 -50.81 -94.95 -13.58
CA MET YG 23 -51.01 -95.42 -14.95
C MET YG 23 -52.07 -96.52 -14.99
N CYS YG 24 -51.98 -97.48 -14.08
CA CYS YG 24 -52.85 -98.65 -14.14
C CYS YG 24 -54.28 -98.34 -13.72
N LYS YG 25 -54.50 -97.24 -12.99
CA LYS YG 25 -55.84 -96.84 -12.62
C LYS YG 25 -56.50 -95.93 -13.64
N ALA YG 26 -55.70 -95.28 -14.48
CA ALA YG 26 -56.21 -94.24 -15.37
C ALA YG 26 -56.87 -94.80 -16.61
N ALA YG 27 -56.48 -95.99 -17.04
CA ALA YG 27 -57.06 -96.57 -18.24
C ALA YG 27 -56.87 -98.07 -18.22
N ASN YG 28 -57.27 -98.73 -19.29
CA ASN YG 28 -57.23 -100.19 -19.36
C ASN YG 28 -55.98 -100.61 -20.11
N VAL YG 29 -54.85 -100.52 -19.41
CA VAL YG 29 -53.55 -100.92 -19.93
C VAL YG 29 -53.01 -102.02 -19.04
N GLU YG 30 -52.22 -102.91 -19.64
CA GLU YG 30 -51.54 -103.96 -18.90
C GLU YG 30 -50.10 -103.55 -18.66
N LEU YG 31 -49.65 -103.69 -17.43
CA LEU YG 31 -48.30 -103.28 -17.06
C LEU YG 31 -47.33 -104.42 -17.34
N ILE YG 32 -46.25 -104.10 -18.05
CA ILE YG 32 -45.31 -105.12 -18.49
C ILE YG 32 -44.26 -105.42 -17.42
N GLY YG 33 -43.57 -104.39 -16.93
CA GLY YG 33 -42.63 -104.60 -15.86
C GLY YG 33 -41.58 -103.51 -15.82
N TYR YG 34 -40.83 -103.51 -14.73
CA TYR YG 34 -39.80 -102.52 -14.48
C TYR YG 34 -38.48 -102.97 -15.09
N GLU YG 35 -37.56 -102.02 -15.21
CA GLU YG 35 -36.22 -102.32 -15.72
C GLU YG 35 -35.31 -101.17 -15.31
N ASN YG 36 -34.37 -101.43 -14.41
CA ASN YG 36 -33.40 -100.42 -14.01
C ASN YG 36 -32.08 -100.63 -14.73
N VAL YG 37 -31.47 -99.52 -15.13
CA VAL YG 37 -30.23 -99.53 -15.91
C VAL YG 37 -29.07 -98.99 -15.11
N GLY YG 38 -29.25 -98.75 -13.81
CA GLY YG 38 -28.20 -98.20 -12.99
C GLY YG 38 -28.24 -96.69 -12.94
N SER YG 39 -27.49 -96.14 -11.99
CA SER YG 39 -27.46 -94.72 -11.68
C SER YG 39 -28.76 -94.23 -11.07
N GLY YG 40 -29.60 -95.14 -10.60
CA GLY YG 40 -30.85 -94.78 -9.98
C GLY YG 40 -32.02 -94.63 -10.92
N LEU YG 41 -31.86 -94.94 -12.20
CA LEU YG 41 -32.91 -94.76 -13.18
C LEU YG 41 -33.74 -96.03 -13.28
N VAL YG 42 -35.04 -95.91 -13.05
CA VAL YG 42 -35.98 -97.02 -13.17
C VAL YG 42 -37.04 -96.64 -14.17
N THR YG 43 -37.47 -97.60 -14.99
CA THR YG 43 -38.41 -97.37 -16.07
C THR YG 43 -39.57 -98.32 -15.96
N ALA YG 44 -40.79 -97.81 -16.10
CA ALA YG 44 -42.01 -98.62 -16.14
C ALA YG 44 -42.56 -98.61 -17.55
N MET YG 45 -43.10 -99.75 -17.98
CA MET YG 45 -43.53 -99.94 -19.36
C MET YG 45 -44.93 -100.52 -19.37
N VAL YG 46 -45.86 -99.84 -20.05
CA VAL YG 46 -47.22 -100.31 -20.20
C VAL YG 46 -47.51 -100.51 -21.68
N LYS YG 47 -48.60 -101.21 -21.98
CA LYS YG 47 -48.98 -101.42 -23.36
C LYS YG 47 -50.48 -101.59 -23.47
N GLY YG 48 -51.04 -101.07 -24.55
CA GLY YG 48 -52.47 -101.12 -24.78
C GLY YG 48 -52.80 -100.27 -25.99
N ASP YG 49 -54.09 -100.00 -26.16
CA ASP YG 49 -54.51 -99.16 -27.27
C ASP YG 49 -53.98 -97.74 -27.08
N VAL YG 50 -53.83 -97.03 -28.19
CA VAL YG 50 -53.10 -95.77 -28.18
C VAL YG 50 -53.89 -94.64 -27.50
N GLY YG 51 -55.21 -94.73 -27.45
CA GLY YG 51 -55.97 -93.76 -26.68
C GLY YG 51 -55.85 -94.02 -25.19
N ALA YG 52 -55.79 -95.29 -24.80
CA ALA YG 52 -55.62 -95.62 -23.38
C ALA YG 52 -54.19 -95.35 -22.94
N VAL YG 53 -53.21 -95.77 -23.73
CA VAL YG 53 -51.81 -95.61 -23.35
C VAL YG 53 -51.45 -94.14 -23.24
N ASN YG 54 -51.97 -93.33 -24.16
CA ASN YG 54 -51.78 -91.89 -24.02
C ASN YG 54 -52.27 -91.42 -22.67
N ALA YG 55 -53.55 -91.63 -22.40
CA ALA YG 55 -54.16 -91.15 -21.15
C ALA YG 55 -53.37 -91.62 -19.93
N ALA YG 56 -52.87 -92.85 -19.95
CA ALA YG 56 -52.17 -93.38 -18.78
C ALA YG 56 -50.85 -92.66 -18.55
N VAL YG 57 -50.08 -92.41 -19.61
CA VAL YG 57 -48.77 -91.81 -19.43
C VAL YG 57 -48.88 -90.37 -18.97
N ASP YG 58 -49.88 -89.64 -19.47
CA ASP YG 58 -50.08 -88.28 -18.98
C ASP YG 58 -50.41 -88.26 -17.50
N SER YG 59 -51.18 -89.24 -17.04
CA SER YG 59 -51.56 -89.28 -15.64
C SER YG 59 -50.40 -89.75 -14.77
N GLY YG 60 -49.67 -90.77 -15.21
CA GLY YG 60 -48.55 -91.25 -14.44
C GLY YG 60 -47.43 -90.23 -14.30
N VAL YG 61 -47.27 -89.38 -15.29
CA VAL YG 61 -46.21 -88.38 -15.22
C VAL YG 61 -46.54 -87.33 -14.16
N GLU YG 62 -47.80 -86.92 -14.08
CA GLU YG 62 -48.17 -85.88 -13.13
C GLU YG 62 -48.12 -86.38 -11.69
N ALA YG 63 -48.44 -87.65 -11.47
CA ALA YG 63 -48.41 -88.19 -10.11
C ALA YG 63 -46.98 -88.42 -9.62
N ALA YG 64 -46.14 -89.00 -10.46
CA ALA YG 64 -44.74 -89.20 -10.07
C ALA YG 64 -44.00 -87.87 -9.98
N LYS YG 65 -44.36 -86.89 -10.79
CA LYS YG 65 -43.77 -85.56 -10.68
C LYS YG 65 -43.99 -84.96 -9.31
N ARG YG 66 -45.08 -85.35 -8.66
CA ARG YG 66 -45.45 -84.73 -7.39
C ARG YG 66 -44.52 -85.13 -6.25
N ILE YG 67 -44.00 -86.35 -6.28
CA ILE YG 67 -43.23 -86.90 -5.16
C ILE YG 67 -41.82 -87.28 -5.53
N GLY YG 68 -41.41 -87.07 -6.77
CA GLY YG 68 -40.07 -87.42 -7.17
C GLY YG 68 -39.68 -86.67 -8.42
N LYS YG 69 -38.63 -87.17 -9.07
CA LYS YG 69 -38.16 -86.58 -10.31
C LYS YG 69 -38.52 -87.51 -11.46
N VAL YG 70 -39.24 -86.97 -12.44
CA VAL YG 70 -39.51 -87.68 -13.68
C VAL YG 70 -38.47 -87.25 -14.69
N VAL YG 71 -37.71 -88.22 -15.20
CA VAL YG 71 -36.62 -87.91 -16.12
C VAL YG 71 -37.13 -87.78 -17.56
N SER YG 72 -38.01 -88.68 -17.97
CA SER YG 72 -38.42 -88.73 -19.36
C SER YG 72 -39.70 -89.56 -19.47
N SER YG 73 -40.48 -89.27 -20.50
CA SER YG 73 -41.68 -90.02 -20.81
C SER YG 73 -41.85 -90.06 -22.31
N ARG YG 74 -42.60 -91.05 -22.78
CA ARG YG 74 -42.69 -91.27 -24.22
C ARG YG 74 -43.82 -92.24 -24.52
N VAL YG 75 -44.55 -91.97 -25.60
CA VAL YG 75 -45.52 -92.91 -26.15
C VAL YG 75 -45.09 -93.28 -27.55
N ILE YG 76 -45.10 -94.56 -27.85
CA ILE YG 76 -44.77 -95.07 -29.17
C ILE YG 76 -46.04 -95.68 -29.74
N ALA YG 77 -46.61 -95.03 -30.75
CA ALA YG 77 -47.94 -95.41 -31.21
C ALA YG 77 -47.92 -96.72 -31.99
N ARG YG 78 -47.05 -96.81 -33.00
CA ARG YG 78 -46.88 -98.06 -33.75
C ARG YG 78 -45.44 -98.53 -33.57
N PRO YG 79 -45.17 -99.38 -32.58
CA PRO YG 79 -43.81 -99.86 -32.39
C PRO YG 79 -43.45 -100.92 -33.42
N HIS YG 80 -42.19 -100.90 -33.83
CA HIS YG 80 -41.72 -101.84 -34.82
C HIS YG 80 -41.70 -103.25 -34.27
N ASN YG 81 -41.85 -104.24 -35.15
CA ASN YG 81 -41.92 -105.62 -34.70
C ASN YG 81 -40.59 -106.12 -34.18
N ASP YG 82 -39.47 -105.53 -34.65
CA ASP YG 82 -38.17 -105.86 -34.09
C ASP YG 82 -38.06 -105.39 -32.66
N ILE YG 83 -38.79 -104.35 -32.28
CA ILE YG 83 -38.76 -103.83 -30.93
C ILE YG 83 -39.69 -104.63 -30.04
N GLU ZG 3 -64.25 -91.12 -39.00
CA GLU ZG 3 -63.04 -91.11 -38.20
C GLU ZG 3 -62.39 -89.73 -38.23
N ALA ZG 4 -61.38 -89.53 -37.39
CA ALA ZG 4 -60.81 -88.21 -37.22
C ALA ZG 4 -60.09 -87.77 -38.49
N LEU ZG 5 -59.59 -86.54 -38.47
CA LEU ZG 5 -59.00 -85.94 -39.65
C LEU ZG 5 -57.87 -85.01 -39.22
N GLY ZG 6 -56.69 -85.22 -39.77
CA GLY ZG 6 -55.51 -84.43 -39.41
C GLY ZG 6 -54.95 -83.72 -40.62
N LEU ZG 7 -54.59 -82.45 -40.43
CA LEU ZG 7 -54.13 -81.60 -41.52
C LEU ZG 7 -52.82 -80.93 -41.13
N ILE ZG 8 -51.88 -80.90 -42.07
CA ILE ZG 8 -50.66 -80.11 -41.94
C ILE ZG 8 -50.51 -79.28 -43.20
N GLU ZG 9 -50.08 -78.03 -43.04
CA GLU ZG 9 -49.94 -77.12 -44.16
C GLU ZG 9 -48.56 -76.50 -44.13
N THR ZG 10 -47.85 -76.60 -45.26
CA THR ZG 10 -46.47 -76.19 -45.36
C THR ZG 10 -46.27 -75.31 -46.59
N LYS ZG 11 -45.15 -74.60 -46.62
CA LYS ZG 11 -44.70 -73.91 -47.81
C LYS ZG 11 -43.78 -74.83 -48.60
N GLY ZG 12 -44.19 -75.17 -49.82
CA GLY ZG 12 -43.39 -76.01 -50.66
C GLY ZG 12 -43.72 -77.49 -50.51
N LEU ZG 13 -43.35 -78.25 -51.54
CA LEU ZG 13 -43.72 -79.66 -51.58
C LEU ZG 13 -42.78 -80.55 -50.78
N VAL ZG 14 -41.50 -80.16 -50.67
CA VAL ZG 14 -40.54 -81.03 -50.00
C VAL ZG 14 -40.87 -81.15 -48.52
N ALA ZG 15 -41.17 -80.03 -47.86
CA ALA ZG 15 -41.53 -80.10 -46.45
C ALA ZG 15 -42.82 -80.86 -46.23
N CYS ZG 16 -43.65 -81.01 -47.26
CA CYS ZG 16 -44.90 -81.73 -47.10
C CYS ZG 16 -44.72 -83.23 -47.35
N ILE ZG 17 -43.74 -83.62 -48.15
CA ILE ZG 17 -43.47 -85.05 -48.30
C ILE ZG 17 -42.77 -85.57 -47.06
N GLU ZG 18 -41.97 -84.75 -46.40
CA GLU ZG 18 -41.37 -85.19 -45.15
C GLU ZG 18 -42.42 -85.28 -44.05
N ALA ZG 19 -43.37 -84.35 -44.02
CA ALA ZG 19 -44.46 -84.43 -43.05
C ALA ZG 19 -45.33 -85.65 -43.32
N ALA ZG 20 -45.63 -85.93 -44.57
CA ALA ZG 20 -46.49 -87.07 -44.89
C ALA ZG 20 -45.79 -88.37 -44.62
N ASP ZG 21 -44.47 -88.42 -44.79
CA ASP ZG 21 -43.74 -89.65 -44.51
C ASP ZG 21 -43.66 -89.92 -43.02
N ALA ZG 22 -43.41 -88.88 -42.22
CA ALA ZG 22 -43.34 -89.06 -40.78
C ALA ZG 22 -44.69 -89.46 -40.21
N MET ZG 23 -45.77 -88.89 -40.74
CA MET ZG 23 -47.10 -89.19 -40.23
C MET ZG 23 -47.45 -90.65 -40.46
N CYS ZG 24 -47.19 -91.16 -41.66
CA CYS ZG 24 -47.57 -92.54 -41.97
C CYS ZG 24 -46.72 -93.55 -41.22
N LYS ZG 25 -45.54 -93.16 -40.74
CA LYS ZG 25 -44.70 -94.09 -40.00
C LYS ZG 25 -45.07 -94.15 -38.54
N ALA ZG 26 -45.53 -93.05 -37.97
CA ALA ZG 26 -45.62 -92.88 -36.53
C ALA ZG 26 -46.98 -93.24 -35.96
N ALA ZG 27 -47.89 -93.78 -36.76
CA ALA ZG 27 -49.21 -94.17 -36.26
C ALA ZG 27 -49.93 -94.93 -37.37
N ASN ZG 28 -51.03 -95.58 -36.99
CA ASN ZG 28 -51.82 -96.35 -37.94
C ASN ZG 28 -52.89 -95.44 -38.55
N VAL ZG 29 -52.46 -94.66 -39.53
CA VAL ZG 29 -53.32 -93.72 -40.22
C VAL ZG 29 -53.28 -94.01 -41.71
N GLU ZG 30 -54.23 -93.44 -42.43
CA GLU ZG 30 -54.32 -93.58 -43.88
C GLU ZG 30 -54.14 -92.21 -44.51
N LEU ZG 31 -53.27 -92.13 -45.51
CA LEU ZG 31 -53.04 -90.89 -46.22
C LEU ZG 31 -54.08 -90.71 -47.31
N ILE ZG 32 -54.77 -89.58 -47.29
CA ILE ZG 32 -55.80 -89.31 -48.28
C ILE ZG 32 -55.22 -88.67 -49.53
N GLY ZG 33 -54.40 -87.64 -49.36
CA GLY ZG 33 -53.73 -87.05 -50.49
C GLY ZG 33 -53.27 -85.64 -50.18
N TYR ZG 34 -52.64 -85.04 -51.19
CA TYR ZG 34 -52.19 -83.67 -51.14
C TYR ZG 34 -53.18 -82.77 -51.86
N GLU ZG 35 -53.15 -81.48 -51.51
CA GLU ZG 35 -54.05 -80.52 -52.14
C GLU ZG 35 -53.42 -79.13 -51.98
N ASN ZG 36 -52.84 -78.63 -53.07
CA ASN ZG 36 -52.21 -77.32 -53.04
C ASN ZG 36 -53.15 -76.25 -53.60
N VAL ZG 37 -52.94 -75.02 -53.16
CA VAL ZG 37 -53.84 -73.92 -53.50
C VAL ZG 37 -53.05 -72.73 -54.03
N GLY ZG 38 -51.88 -73.00 -54.61
CA GLY ZG 38 -51.04 -71.92 -55.10
C GLY ZG 38 -50.36 -71.18 -53.97
N SER ZG 39 -49.49 -70.25 -54.35
CA SER ZG 39 -48.59 -69.55 -53.45
C SER ZG 39 -47.65 -70.48 -52.71
N GLY ZG 40 -47.50 -71.71 -53.17
CA GLY ZG 40 -46.60 -72.65 -52.54
C GLY ZG 40 -47.15 -73.35 -51.33
N LEU ZG 41 -48.41 -73.11 -50.97
CA LEU ZG 41 -49.02 -73.78 -49.84
C LEU ZG 41 -49.50 -75.17 -50.28
N VAL ZG 42 -49.01 -76.20 -49.61
CA VAL ZG 42 -49.42 -77.58 -49.87
C VAL ZG 42 -49.91 -78.16 -48.55
N THR ZG 43 -50.94 -79.00 -48.63
CA THR ZG 43 -51.60 -79.54 -47.46
C THR ZG 43 -51.71 -81.05 -47.56
N ALA ZG 44 -51.37 -81.73 -46.48
CA ALA ZG 44 -51.50 -83.18 -46.38
C ALA ZG 44 -52.66 -83.53 -45.46
N MET ZG 45 -53.40 -84.58 -45.80
CA MET ZG 45 -54.57 -84.99 -45.05
C MET ZG 45 -54.45 -86.47 -44.70
N VAL ZG 46 -54.47 -86.78 -43.42
CA VAL ZG 46 -54.48 -88.16 -42.93
C VAL ZG 46 -55.83 -88.43 -42.28
N LYS ZG 47 -56.12 -89.70 -42.10
CA LYS ZG 47 -57.43 -90.11 -41.59
C LYS ZG 47 -57.30 -91.39 -40.79
N GLY ZG 48 -57.84 -91.39 -39.58
CA GLY ZG 48 -57.79 -92.57 -38.75
C GLY ZG 48 -58.50 -92.31 -37.43
N ASP ZG 49 -58.29 -93.23 -36.48
CA ASP ZG 49 -58.85 -93.04 -35.15
C ASP ZG 49 -58.25 -91.80 -34.49
N VAL ZG 50 -58.97 -91.29 -33.48
CA VAL ZG 50 -58.60 -89.99 -32.92
C VAL ZG 50 -57.25 -90.06 -32.25
N GLY ZG 51 -56.99 -91.12 -31.48
CA GLY ZG 51 -55.71 -91.22 -30.79
C GLY ZG 51 -54.55 -91.38 -31.74
N ALA ZG 52 -54.72 -92.17 -32.79
CA ALA ZG 52 -53.69 -92.32 -33.79
C ALA ZG 52 -53.46 -91.02 -34.54
N VAL ZG 53 -54.54 -90.41 -35.05
CA VAL ZG 53 -54.41 -89.19 -35.82
C VAL ZG 53 -53.79 -88.09 -34.98
N ASN ZG 54 -54.13 -88.02 -33.71
CA ASN ZG 54 -53.49 -87.05 -32.84
C ASN ZG 54 -51.99 -87.25 -32.85
N ALA ZG 55 -51.52 -88.46 -32.53
CA ALA ZG 55 -50.10 -88.76 -32.48
C ALA ZG 55 -49.40 -88.48 -33.80
N ALA ZG 56 -50.06 -88.82 -34.92
CA ALA ZG 56 -49.44 -88.63 -36.22
C ALA ZG 56 -49.15 -87.17 -36.48
N VAL ZG 57 -50.11 -86.29 -36.21
CA VAL ZG 57 -49.94 -84.88 -36.53
C VAL ZG 57 -48.82 -84.27 -35.70
N ASP ZG 58 -48.68 -84.69 -34.45
CA ASP ZG 58 -47.59 -84.18 -33.63
C ASP ZG 58 -46.23 -84.57 -34.21
N SER ZG 59 -46.10 -85.80 -34.66
CA SER ZG 59 -44.83 -86.25 -35.23
C SER ZG 59 -44.58 -85.62 -36.59
N GLY ZG 60 -45.62 -85.50 -37.41
CA GLY ZG 60 -45.44 -84.94 -38.74
C GLY ZG 60 -45.04 -83.48 -38.72
N VAL ZG 61 -45.59 -82.72 -37.79
CA VAL ZG 61 -45.21 -81.32 -37.68
C VAL ZG 61 -43.77 -81.19 -37.20
N GLU ZG 62 -43.35 -82.12 -36.35
CA GLU ZG 62 -42.01 -82.06 -35.80
C GLU ZG 62 -40.96 -82.36 -36.85
N ALA ZG 63 -41.24 -83.28 -37.77
CA ALA ZG 63 -40.30 -83.58 -38.85
C ALA ZG 63 -40.29 -82.48 -39.90
N ALA ZG 64 -41.46 -81.98 -40.27
CA ALA ZG 64 -41.55 -80.98 -41.33
C ALA ZG 64 -40.96 -79.66 -40.90
N LYS ZG 65 -41.23 -79.23 -39.67
CA LYS ZG 65 -40.68 -77.98 -39.16
C LYS ZG 65 -39.16 -77.99 -39.18
N ARG ZG 66 -38.56 -79.17 -39.28
CA ARG ZG 66 -37.12 -79.32 -39.15
C ARG ZG 66 -36.39 -78.86 -40.41
N ILE ZG 67 -37.03 -78.97 -41.56
CA ILE ZG 67 -36.39 -78.61 -42.83
C ILE ZG 67 -37.10 -77.49 -43.55
N GLY ZG 68 -38.36 -77.20 -43.25
CA GLY ZG 68 -39.09 -76.16 -43.93
C GLY ZG 68 -39.99 -75.40 -42.98
N LYS ZG 69 -41.10 -74.87 -43.49
CA LYS ZG 69 -42.01 -74.08 -42.68
C LYS ZG 69 -43.35 -74.77 -42.59
N VAL ZG 70 -43.80 -75.02 -41.37
CA VAL ZG 70 -45.14 -75.55 -41.12
C VAL ZG 70 -46.06 -74.37 -40.84
N VAL ZG 71 -47.03 -74.16 -41.73
CA VAL ZG 71 -47.88 -72.99 -41.61
C VAL ZG 71 -48.95 -73.21 -40.55
N SER ZG 72 -49.61 -74.36 -40.57
CA SER ZG 72 -50.64 -74.64 -39.58
C SER ZG 72 -50.91 -76.14 -39.53
N SER ZG 73 -51.43 -76.59 -38.41
CA SER ZG 73 -51.82 -77.97 -38.19
C SER ZG 73 -53.11 -78.00 -37.39
N ARG ZG 74 -53.85 -79.11 -37.51
CA ARG ZG 74 -55.17 -79.16 -36.92
C ARG ZG 74 -55.68 -80.59 -36.94
N VAL ZG 75 -56.41 -80.98 -35.90
CA VAL ZG 75 -57.08 -82.27 -35.84
C VAL ZG 75 -58.56 -82.04 -35.60
N ILE ZG 76 -59.39 -82.61 -36.47
CA ILE ZG 76 -60.84 -82.60 -36.30
C ILE ZG 76 -61.25 -83.98 -35.83
N ALA ZG 77 -61.73 -84.07 -34.59
CA ALA ZG 77 -62.00 -85.38 -34.00
C ALA ZG 77 -63.18 -86.07 -34.66
N ARG ZG 78 -64.18 -85.31 -35.10
CA ARG ZG 78 -65.35 -85.87 -35.74
C ARG ZG 78 -65.84 -84.87 -36.77
N PRO ZG 79 -65.44 -85.01 -38.03
CA PRO ZG 79 -65.88 -84.06 -39.05
C PRO ZG 79 -67.32 -84.27 -39.42
N HIS ZG 80 -67.97 -83.19 -39.85
CA HIS ZG 80 -69.31 -83.29 -40.39
C HIS ZG 80 -69.27 -84.07 -41.69
N ASN ZG 81 -70.40 -84.70 -42.03
CA ASN ZG 81 -70.45 -85.49 -43.24
C ASN ZG 81 -70.29 -84.64 -44.48
N ASP ZG 82 -70.69 -83.37 -44.42
CA ASP ZG 82 -70.48 -82.47 -45.55
C ASP ZG 82 -69.00 -82.23 -45.79
N ILE ZG 83 -68.21 -82.16 -44.73
CA ILE ZG 83 -66.77 -81.96 -44.87
C ILE ZG 83 -66.12 -83.12 -45.61
N GLU ZG 84 -66.69 -84.32 -45.53
CA GLU ZG 84 -66.15 -85.43 -46.30
C GLU ZG 84 -66.72 -85.48 -47.70
N LYS ZG 85 -66.76 -84.31 -48.34
CA LYS ZG 85 -66.96 -84.16 -49.77
C LYS ZG 85 -66.07 -83.07 -50.34
N ILE ZG 86 -65.47 -82.25 -49.50
CA ILE ZG 86 -64.48 -81.26 -49.91
C ILE ZG 86 -63.08 -81.86 -49.91
N ALA ZG 87 -62.77 -82.68 -48.91
CA ALA ZG 87 -61.48 -83.35 -48.87
C ALA ZG 87 -61.41 -84.45 -49.93
N GLY ZG 88 -62.28 -85.45 -49.81
CA GLY ZG 88 -62.33 -86.52 -50.79
C GLY ZG 88 -63.25 -86.21 -51.96
N MET AH 1 -45.63 98.68 12.73
CA MET AH 1 -46.59 99.05 11.71
C MET AH 1 -47.06 100.47 11.92
N ILE AH 2 -47.69 101.03 10.90
CA ILE AH 2 -48.31 102.35 10.99
C ILE AH 2 -49.64 102.31 10.27
N LEU AH 3 -50.61 103.09 10.76
CA LEU AH 3 -51.85 103.28 10.03
C LEU AH 3 -51.63 104.23 8.88
N ALA AH 4 -52.09 103.83 7.69
CA ALA AH 4 -51.90 104.64 6.51
C ALA AH 4 -53.08 104.42 5.57
N LYS AH 5 -53.15 105.26 4.55
CA LYS AH 5 -54.24 105.22 3.59
C LYS AH 5 -53.64 105.17 2.19
N VAL AH 6 -54.15 104.27 1.36
CA VAL AH 6 -53.68 104.18 -0.02
C VAL AH 6 -54.20 105.38 -0.80
N THR AH 7 -53.29 106.11 -1.45
CA THR AH 7 -53.64 107.33 -2.14
C THR AH 7 -53.24 107.36 -3.61
N GLY AH 8 -52.72 106.25 -4.15
CA GLY AH 8 -52.34 106.23 -5.54
C GLY AH 8 -51.56 104.97 -5.85
N HIS AH 9 -50.83 105.00 -6.96
CA HIS AH 9 -49.97 103.89 -7.34
C HIS AH 9 -48.85 104.42 -8.23
N VAL AH 10 -47.84 103.58 -8.43
CA VAL AH 10 -46.66 103.93 -9.18
C VAL AH 10 -46.44 102.89 -10.26
N VAL AH 11 -46.20 103.34 -11.49
CA VAL AH 11 -45.94 102.46 -12.62
C VAL AH 11 -44.46 102.59 -12.97
N ALA AH 12 -43.70 101.53 -12.73
CA ALA AH 12 -42.27 101.51 -12.98
C ALA AH 12 -41.95 100.32 -13.87
N THR AH 13 -41.33 100.59 -15.02
CA THR AH 13 -41.01 99.56 -16.00
C THR AH 13 -39.59 99.02 -15.83
N GLN AH 14 -38.61 99.91 -15.71
CA GLN AH 14 -37.22 99.53 -15.52
C GLN AH 14 -36.97 99.40 -14.03
N LYS AH 15 -36.89 98.17 -13.54
CA LYS AH 15 -36.72 97.95 -12.12
C LYS AH 15 -36.04 96.61 -11.90
N CYS AH 16 -35.67 96.36 -10.64
CA CYS AH 16 -34.96 95.15 -10.29
C CYS AH 16 -35.87 93.94 -10.47
N ASP AH 17 -35.31 92.76 -10.17
CA ASP AH 17 -36.03 91.51 -10.32
C ASP AH 17 -36.73 91.07 -9.06
N GLU AH 18 -36.28 91.56 -7.89
CA GLU AH 18 -36.97 91.26 -6.64
C GLU AH 18 -38.34 91.91 -6.58
N LEU AH 19 -38.68 92.76 -7.54
CA LEU AH 19 -39.95 93.48 -7.54
C LEU AH 19 -40.85 93.11 -8.71
N ARG AH 20 -40.51 92.08 -9.47
CA ARG AH 20 -41.32 91.71 -10.63
C ARG AH 20 -42.64 91.11 -10.19
N GLY AH 21 -43.74 91.58 -10.78
CA GLY AH 21 -45.05 91.02 -10.49
C GLY AH 21 -45.60 91.40 -9.14
N SER AH 22 -45.64 92.69 -8.84
CA SER AH 22 -46.18 93.17 -7.58
C SER AH 22 -46.68 94.59 -7.77
N ASN AH 23 -47.60 94.99 -6.90
CA ASN AH 23 -48.15 96.32 -6.95
C ASN AH 23 -47.25 97.28 -6.20
N LEU AH 24 -47.32 98.56 -6.55
CA LEU AH 24 -46.55 99.60 -5.85
C LEU AH 24 -47.50 100.75 -5.54
N LEU AH 25 -47.93 100.82 -4.28
CA LEU AH 25 -48.93 101.79 -3.87
C LEU AH 25 -48.29 102.96 -3.14
N LEU AH 26 -48.88 104.13 -3.31
CA LEU AH 26 -48.52 105.29 -2.50
C LEU AH 26 -49.28 105.21 -1.20
N ILE AH 27 -48.58 105.38 -0.09
CA ILE AH 27 -49.08 105.07 1.24
C ILE AH 27 -48.85 106.31 2.09
N THR AH 28 -49.94 106.97 2.48
CA THR AH 28 -49.83 108.21 3.23
C THR AH 28 -50.20 107.97 4.69
N ARG AH 29 -49.29 108.34 5.59
CA ARG AH 29 -49.55 108.19 7.01
C ARG AH 29 -50.62 109.18 7.46
N LEU AH 30 -51.59 108.70 8.23
CA LEU AH 30 -52.72 109.51 8.66
C LEU AH 30 -52.67 109.74 10.16
N ASP AH 31 -53.16 110.91 10.59
CA ASP AH 31 -53.02 111.37 11.96
C ASP AH 31 -54.12 110.84 12.87
N ASP AH 32 -54.22 111.36 14.10
CA ASP AH 32 -55.12 110.81 15.11
C ASP AH 32 -56.58 111.19 14.88
N LYS AH 33 -56.91 111.85 13.78
CA LYS AH 33 -58.28 112.06 13.37
C LYS AH 33 -58.63 111.24 12.14
N GLN AH 34 -57.80 110.26 11.80
CA GLN AH 34 -57.92 109.49 10.57
C GLN AH 34 -57.97 110.41 9.35
N GLN AH 35 -56.92 111.22 9.22
CA GLN AH 35 -56.80 112.19 8.15
C GLN AH 35 -55.35 112.20 7.69
N PRO AH 36 -55.11 112.14 6.38
CA PRO AH 36 -53.72 112.07 5.89
C PRO AH 36 -52.92 113.30 6.27
N MET AH 37 -51.63 113.10 6.46
CA MET AH 37 -50.71 114.17 6.82
C MET AH 37 -50.02 114.71 5.57
N LYS AH 38 -49.11 115.65 5.76
CA LYS AH 38 -48.38 116.29 4.67
C LYS AH 38 -46.96 115.77 4.64
N ASP AH 39 -46.47 115.46 3.44
CA ASP AH 39 -45.09 115.01 3.24
C ASP AH 39 -44.79 113.75 4.04
N GLN AH 40 -45.69 112.76 3.93
CA GLN AH 40 -45.55 111.53 4.69
C GLN AH 40 -45.90 110.33 3.83
N THR AH 41 -45.42 110.31 2.59
CA THR AH 41 -45.79 109.29 1.63
C THR AH 41 -44.63 108.35 1.35
N TRP AH 42 -44.91 107.05 1.41
CA TRP AH 42 -43.95 106.03 1.05
C TRP AH 42 -44.54 105.16 -0.06
N VAL AH 43 -43.71 104.32 -0.64
CA VAL AH 43 -44.13 103.38 -1.66
C VAL AH 43 -44.07 101.98 -1.07
N ALA AH 44 -45.19 101.28 -1.11
CA ALA AH 44 -45.29 99.98 -0.46
C ALA AH 44 -45.69 98.92 -1.48
N VAL AH 45 -45.06 97.75 -1.36
CA VAL AH 45 -45.39 96.62 -2.21
C VAL AH 45 -46.63 95.95 -1.62
N ASP AH 46 -47.76 96.11 -2.29
CA ASP AH 46 -49.00 95.49 -1.81
C ASP AH 46 -48.82 93.99 -1.68
N ASN AH 47 -49.45 93.42 -0.67
CA ASN AH 47 -49.31 92.00 -0.39
C ASN AH 47 -50.62 91.28 -0.12
N VAL AH 48 -51.71 91.99 0.19
CA VAL AH 48 -52.98 91.37 0.52
C VAL AH 48 -54.11 91.85 -0.38
N GLY AH 49 -53.85 92.74 -1.31
CA GLY AH 49 -54.89 93.17 -2.23
C GLY AH 49 -55.64 94.41 -1.79
N ALA AH 50 -54.91 95.48 -1.52
CA ALA AH 50 -55.51 96.75 -1.16
C ALA AH 50 -55.61 97.65 -2.38
N GLY AH 51 -56.61 98.51 -2.38
CA GLY AH 51 -56.82 99.43 -3.48
C GLY AH 51 -56.94 100.86 -2.99
N MET AH 52 -57.49 101.74 -3.82
CA MET AH 52 -57.54 103.14 -3.45
C MET AH 52 -58.47 103.38 -2.27
N HIS AH 53 -58.14 104.39 -1.46
CA HIS AH 53 -58.97 104.90 -0.37
C HIS AH 53 -59.06 103.94 0.81
N ASP AH 54 -58.35 102.82 0.80
CA ASP AH 54 -58.46 101.83 1.85
C ASP AH 54 -57.43 102.13 2.94
N ILE AH 55 -57.87 101.99 4.19
CA ILE AH 55 -56.96 102.18 5.32
C ILE AH 55 -56.23 100.87 5.58
N VAL AH 56 -54.92 100.90 5.49
CA VAL AH 56 -54.12 99.68 5.56
C VAL AH 56 -53.11 99.79 6.69
N LEU AH 57 -52.30 98.76 6.86
CA LEU AH 57 -51.35 98.64 7.97
C LEU AH 57 -49.99 98.34 7.36
N ALA AH 58 -49.21 99.38 7.09
CA ALA AH 58 -47.97 99.26 6.36
C ALA AH 58 -46.83 98.93 7.31
N GLU AH 59 -46.07 97.89 6.97
CA GLU AH 59 -44.99 97.41 7.81
C GLU AH 59 -43.64 97.84 7.24
N GLU AH 60 -42.66 97.97 8.13
CA GLU AH 60 -41.34 98.44 7.76
C GLU AH 60 -40.51 97.30 7.19
N TYR AH 61 -39.18 97.48 7.17
CA TYR AH 61 -38.28 96.81 6.24
C TYR AH 61 -38.61 95.38 5.90
N PHE AH 62 -38.56 94.47 6.87
CA PHE AH 62 -38.48 93.04 6.55
C PHE AH 62 -39.88 92.44 6.54
N ALA AH 63 -40.35 92.10 5.34
CA ALA AH 63 -41.57 91.30 5.18
C ALA AH 63 -41.44 90.28 4.05
N LEU AH 64 -40.22 89.96 3.63
CA LEU AH 64 -39.96 88.95 2.61
C LEU AH 64 -40.65 89.30 1.29
N ASN AH 65 -40.25 90.42 0.71
CA ASN AH 65 -40.86 90.90 -0.52
C ASN AH 65 -39.83 91.52 -1.47
N TYR AH 69 -34.63 89.83 1.36
CA TYR AH 69 -35.78 90.60 0.91
C TYR AH 69 -36.28 91.51 2.02
N LYS AH 70 -36.25 92.82 1.77
CA LYS AH 70 -36.59 93.78 2.81
C LYS AH 70 -37.46 94.93 2.30
N ALA AH 71 -38.40 94.67 1.39
CA ALA AH 71 -39.23 95.74 0.88
C ALA AH 71 -40.35 96.07 1.87
N MET AH 72 -40.73 97.34 1.92
CA MET AH 72 -41.79 97.83 2.78
C MET AH 72 -43.11 97.44 2.16
N SER AH 73 -43.88 96.60 2.84
CA SER AH 73 -45.11 96.06 2.28
C SER AH 73 -46.30 96.34 3.18
N VAL AH 74 -47.48 96.11 2.61
CA VAL AH 74 -48.74 96.20 3.33
C VAL AH 74 -49.10 94.81 3.81
N VAL AH 75 -49.49 94.69 5.09
CA VAL AH 75 -49.68 93.40 5.70
C VAL AH 75 -51.08 93.19 6.26
N ALA AH 76 -51.95 94.20 6.20
CA ALA AH 76 -53.27 94.06 6.77
C ALA AH 76 -54.17 95.16 6.26
N ILE AH 77 -55.44 94.84 6.02
CA ILE AH 77 -56.46 95.81 5.71
C ILE AH 77 -57.34 95.98 6.94
N VAL AH 78 -57.52 97.20 7.37
CA VAL AH 78 -58.06 97.50 8.69
C VAL AH 78 -59.56 97.72 8.58
N GLU AH 79 -60.32 97.01 9.43
CA GLU AH 79 -61.77 97.15 9.50
C GLU AH 79 -62.19 98.26 10.45
N LYS AH 80 -61.76 98.18 11.71
CA LYS AH 80 -62.16 99.13 12.74
C LYS AH 80 -60.93 99.62 13.49
N VAL AH 81 -60.91 100.92 13.80
CA VAL AH 81 -59.87 101.53 14.61
C VAL AH 81 -60.58 102.14 15.82
N PHE AH 82 -60.65 101.39 16.91
CA PHE AH 82 -61.22 101.90 18.13
C PHE AH 82 -60.15 102.67 18.90
N ARG AH 83 -60.44 103.93 19.21
CA ARG AH 83 -59.42 104.81 19.76
C ARG AH 83 -60.09 105.80 20.72
N ASP AH 84 -59.76 105.68 22.01
CA ASP AH 84 -60.20 106.67 22.98
C ASP AH 84 -59.37 106.56 24.26
N GLU BH 3 -61.19 84.90 -54.13
CA GLU BH 3 -59.96 84.96 -53.36
C GLU BH 3 -59.78 83.68 -52.56
N ALA BH 4 -58.55 83.41 -52.15
CA ALA BH 4 -58.26 82.19 -51.43
C ALA BH 4 -58.79 82.28 -50.00
N LEU BH 5 -58.52 81.25 -49.21
CA LEU BH 5 -59.05 81.17 -47.86
C LEU BH 5 -58.06 80.45 -46.98
N GLY BH 6 -57.77 81.02 -45.82
CA GLY BH 6 -56.79 80.45 -44.91
C GLY BH 6 -57.40 80.24 -43.54
N LEU BH 7 -57.00 79.13 -42.90
CA LEU BH 7 -57.62 78.68 -41.67
C LEU BH 7 -56.57 78.20 -40.69
N ILE BH 8 -56.67 78.64 -39.45
CA ILE BH 8 -55.86 78.11 -38.35
C ILE BH 8 -56.79 77.74 -37.21
N GLU BH 9 -56.52 76.63 -36.54
CA GLU BH 9 -57.31 76.17 -35.42
C GLU BH 9 -56.39 75.93 -34.23
N THR BH 10 -56.76 76.47 -33.08
CA THR BH 10 -55.94 76.39 -31.88
C THR BH 10 -56.80 76.01 -30.69
N LYS BH 11 -56.14 75.57 -29.63
CA LYS BH 11 -56.78 75.32 -28.34
C LYS BH 11 -56.64 76.58 -27.48
N GLY BH 12 -57.75 77.18 -27.13
CA GLY BH 12 -57.71 78.39 -26.33
C GLY BH 12 -57.84 79.63 -27.18
N LEU BH 13 -58.33 80.70 -26.56
CA LEU BH 13 -58.57 81.93 -27.30
C LEU BH 13 -57.30 82.76 -27.42
N VAL BH 14 -56.41 82.70 -26.43
CA VAL BH 14 -55.22 83.53 -26.46
C VAL BH 14 -54.34 83.15 -27.64
N ALA BH 15 -54.10 81.86 -27.81
CA ALA BH 15 -53.23 81.42 -28.90
C ALA BH 15 -53.80 81.80 -30.26
N CYS BH 16 -55.11 81.97 -30.35
CA CYS BH 16 -55.73 82.31 -31.63
C CYS BH 16 -55.61 83.79 -31.92
N ILE BH 17 -55.72 84.65 -30.91
CA ILE BH 17 -55.59 86.08 -31.15
C ILE BH 17 -54.16 86.43 -31.53
N GLU BH 18 -53.19 85.74 -30.94
CA GLU BH 18 -51.80 85.90 -31.38
C GLU BH 18 -51.65 85.48 -32.83
N ALA BH 19 -52.22 84.33 -33.21
CA ALA BH 19 -52.12 83.87 -34.58
C ALA BH 19 -52.80 84.82 -35.55
N ALA BH 20 -53.98 85.33 -35.19
CA ALA BH 20 -54.70 86.20 -36.11
C ALA BH 20 -54.04 87.57 -36.22
N ASP BH 21 -53.21 87.94 -35.24
CA ASP BH 21 -52.48 89.20 -35.36
C ASP BH 21 -51.25 89.03 -36.23
N ALA BH 22 -50.52 87.93 -36.06
CA ALA BH 22 -49.38 87.66 -36.93
C ALA BH 22 -49.81 87.53 -38.38
N MET BH 23 -50.93 86.87 -38.63
CA MET BH 23 -51.42 86.73 -40.00
C MET BH 23 -51.69 88.09 -40.63
N CYS BH 24 -52.33 88.99 -39.89
CA CYS BH 24 -52.71 90.28 -40.49
C CYS BH 24 -51.52 91.18 -40.74
N LYS BH 25 -50.44 91.01 -39.97
CA LYS BH 25 -49.27 91.84 -40.15
C LYS BH 25 -48.36 91.31 -41.26
N ALA BH 26 -48.30 90.00 -41.44
CA ALA BH 26 -47.29 89.38 -42.29
C ALA BH 26 -47.61 89.46 -43.76
N ALA BH 27 -48.83 89.83 -44.16
CA ALA BH 27 -49.16 89.88 -45.57
C ALA BH 27 -50.46 90.64 -45.74
N ASN BH 28 -50.81 90.91 -47.00
CA ASN BH 28 -52.01 91.68 -47.32
C ASN BH 28 -53.22 90.76 -47.36
N VAL BH 29 -53.71 90.39 -46.18
CA VAL BH 29 -54.89 89.56 -46.04
C VAL BH 29 -55.85 90.25 -45.08
N GLU BH 30 -57.13 89.93 -45.22
CA GLU BH 30 -58.19 90.53 -44.43
C GLU BH 30 -58.80 89.46 -43.52
N LEU BH 31 -59.12 89.85 -42.29
CA LEU BH 31 -59.63 88.91 -41.30
C LEU BH 31 -61.15 88.79 -41.45
N ILE BH 32 -61.63 87.56 -41.62
CA ILE BH 32 -63.05 87.33 -41.78
C ILE BH 32 -63.75 87.29 -40.43
N GLY BH 33 -63.28 86.44 -39.53
CA GLY BH 33 -63.85 86.39 -38.19
C GLY BH 33 -63.36 85.16 -37.45
N TYR BH 34 -63.82 85.07 -36.21
CA TYR BH 34 -63.55 83.92 -35.36
C TYR BH 34 -64.79 83.02 -35.30
N GLU BH 35 -64.56 81.76 -34.93
CA GLU BH 35 -65.66 80.82 -34.78
C GLU BH 35 -65.18 79.68 -33.91
N ASN BH 36 -65.66 79.62 -32.67
CA ASN BH 36 -65.31 78.53 -31.77
C ASN BH 36 -66.43 77.51 -31.73
N VAL BH 37 -66.06 76.24 -31.84
CA VAL BH 37 -67.03 75.15 -31.91
C VAL BH 37 -66.77 74.26 -30.71
N GLY BH 38 -67.44 74.56 -29.60
CA GLY BH 38 -67.35 73.66 -28.47
C GLY BH 38 -65.98 73.65 -27.82
N SER BH 39 -65.46 72.46 -27.60
CA SER BH 39 -64.46 72.25 -26.56
C SER BH 39 -63.13 72.92 -26.88
N GLY BH 40 -62.95 74.12 -26.34
CA GLY BH 40 -61.73 74.90 -26.46
C GLY BH 40 -61.10 74.93 -27.83
N LEU BH 41 -61.87 75.13 -28.87
CA LEU BH 41 -61.31 75.15 -30.22
C LEU BH 41 -61.79 76.41 -30.90
N VAL BH 42 -60.87 77.34 -31.17
CA VAL BH 42 -61.19 78.57 -31.86
C VAL BH 42 -60.49 78.56 -33.20
N THR BH 43 -61.13 79.14 -34.21
CA THR BH 43 -60.62 79.15 -35.57
C THR BH 43 -60.71 80.54 -36.13
N ALA BH 44 -59.63 81.02 -36.74
CA ALA BH 44 -59.59 82.30 -37.42
C ALA BH 44 -59.50 82.08 -38.92
N MET BH 45 -60.18 82.92 -39.68
CA MET BH 45 -60.27 82.79 -41.13
C MET BH 45 -59.83 84.08 -41.79
N VAL BH 46 -58.91 83.98 -42.75
CA VAL BH 46 -58.42 85.12 -43.51
C VAL BH 46 -58.63 84.85 -44.99
N LYS BH 47 -58.70 85.91 -45.78
CA LYS BH 47 -58.88 85.76 -47.21
C LYS BH 47 -58.04 86.79 -47.96
N GLY BH 48 -57.58 86.40 -49.14
CA GLY BH 48 -56.73 87.24 -49.96
C GLY BH 48 -56.21 86.44 -51.14
N ASP BH 49 -55.22 86.99 -51.81
CA ASP BH 49 -54.62 86.28 -52.95
C ASP BH 49 -53.91 85.02 -52.46
N VAL BH 50 -53.65 84.13 -53.41
CA VAL BH 50 -53.13 82.81 -53.04
C VAL BH 50 -51.71 82.90 -52.52
N GLY BH 51 -50.89 83.77 -53.10
CA GLY BH 51 -49.53 83.93 -52.62
C GLY BH 51 -49.48 84.65 -51.28
N ALA BH 52 -50.36 85.62 -51.08
CA ALA BH 52 -50.43 86.32 -49.80
C ALA BH 52 -50.95 85.40 -48.71
N VAL BH 53 -52.08 84.74 -48.96
CA VAL BH 53 -52.70 83.89 -47.95
C VAL BH 53 -51.76 82.77 -47.55
N ASN BH 54 -51.03 82.22 -48.51
CA ASN BH 54 -50.07 81.16 -48.19
C ASN BH 54 -48.97 81.70 -47.27
N ALA BH 55 -48.61 82.97 -47.45
CA ALA BH 55 -47.55 83.57 -46.64
C ALA BH 55 -48.07 83.97 -45.27
N ALA BH 56 -49.36 84.22 -45.14
CA ALA BH 56 -49.90 84.61 -43.85
C ALA BH 56 -50.10 83.39 -42.94
N VAL BH 57 -50.46 82.25 -43.52
CA VAL BH 57 -50.80 81.10 -42.70
C VAL BH 57 -49.56 80.49 -42.07
N ASP BH 58 -48.45 80.45 -42.79
CA ASP BH 58 -47.26 79.83 -42.22
C ASP BH 58 -46.60 80.74 -41.18
N SER BH 59 -46.86 82.05 -41.24
CA SER BH 59 -46.38 82.93 -40.19
C SER BH 59 -47.28 82.85 -38.97
N GLY BH 60 -48.60 82.82 -39.18
CA GLY BH 60 -49.52 82.71 -38.06
C GLY BH 60 -49.42 81.39 -37.33
N VAL BH 61 -49.17 80.30 -38.04
CA VAL BH 61 -48.95 79.03 -37.38
C VAL BH 61 -47.70 79.09 -36.52
N GLU BH 62 -46.70 79.83 -36.98
CA GLU BH 62 -45.42 79.88 -36.29
C GLU BH 62 -45.52 80.66 -34.98
N ALA BH 63 -46.38 81.67 -34.94
CA ALA BH 63 -46.55 82.47 -33.74
C ALA BH 63 -47.39 81.75 -32.69
N ALA BH 64 -48.53 81.19 -33.10
CA ALA BH 64 -49.40 80.53 -32.14
C ALA BH 64 -48.78 79.25 -31.62
N LYS BH 65 -47.94 78.59 -32.42
CA LYS BH 65 -47.21 77.42 -31.96
C LYS BH 65 -46.25 77.76 -30.83
N ARG BH 66 -45.92 79.04 -30.68
CA ARG BH 66 -44.95 79.45 -29.67
C ARG BH 66 -45.53 79.38 -28.27
N ILE BH 67 -46.80 79.77 -28.11
CA ILE BH 67 -47.42 79.89 -26.80
C ILE BH 67 -48.59 78.95 -26.59
N GLY BH 68 -49.05 78.26 -27.63
CA GLY BH 68 -50.17 77.36 -27.47
C GLY BH 68 -50.09 76.17 -28.39
N LYS BH 69 -51.22 75.51 -28.62
CA LYS BH 69 -51.29 74.36 -29.49
C LYS BH 69 -52.00 74.77 -30.78
N VAL BH 70 -51.33 74.59 -31.90
CA VAL BH 70 -51.96 74.74 -33.21
C VAL BH 70 -52.44 73.37 -33.63
N VAL BH 71 -53.74 73.22 -33.80
CA VAL BH 71 -54.33 71.92 -34.11
C VAL BH 71 -54.26 71.62 -35.60
N SER BH 72 -54.64 72.59 -36.44
CA SER BH 72 -54.67 72.36 -37.88
C SER BH 72 -54.56 73.69 -38.60
N SER BH 73 -54.03 73.63 -39.83
CA SER BH 73 -53.99 74.78 -40.72
C SER BH 73 -54.24 74.30 -42.13
N ARG BH 74 -54.75 75.19 -42.97
CA ARG BH 74 -55.15 74.78 -44.31
C ARG BH 74 -55.40 76.02 -45.16
N VAL BH 75 -54.97 75.97 -46.41
CA VAL BH 75 -55.24 77.00 -47.40
C VAL BH 75 -56.07 76.39 -48.50
N ILE BH 76 -57.15 77.07 -48.88
CA ILE BH 76 -58.01 76.65 -49.97
C ILE BH 76 -57.83 77.64 -51.10
N ALA BH 77 -57.27 77.18 -52.22
CA ALA BH 77 -56.84 78.09 -53.27
C ALA BH 77 -58.02 78.70 -54.02
N ARG BH 78 -59.09 77.94 -54.21
CA ARG BH 78 -60.31 78.46 -54.80
C ARG BH 78 -61.49 77.84 -54.06
N PRO BH 79 -62.06 78.53 -53.09
CA PRO BH 79 -63.22 77.98 -52.39
C PRO BH 79 -64.44 78.00 -53.29
N HIS BH 80 -65.23 76.94 -53.19
CA HIS BH 80 -66.43 76.83 -54.01
C HIS BH 80 -67.43 77.90 -53.62
N ASN BH 81 -68.19 78.37 -54.62
CA ASN BH 81 -69.09 79.49 -54.41
C ASN BH 81 -70.09 79.20 -53.31
N ASP BH 82 -70.56 77.96 -53.21
CA ASP BH 82 -71.52 77.58 -52.19
C ASP BH 82 -70.97 77.84 -50.79
N ILE BH 83 -69.69 77.57 -50.59
CA ILE BH 83 -69.07 77.73 -49.29
C ILE BH 83 -68.76 79.20 -49.03
N GLU CH 3 -54.57 101.44 -28.35
CA GLU CH 3 -53.93 101.15 -27.08
C GLU CH 3 -53.61 99.67 -26.98
N ALA CH 4 -52.71 99.32 -26.07
CA ALA CH 4 -52.23 97.95 -25.96
C ALA CH 4 -53.37 97.03 -25.51
N LEU CH 5 -53.05 95.75 -25.39
CA LEU CH 5 -54.07 94.75 -25.10
C LEU CH 5 -53.42 93.59 -24.37
N GLY CH 6 -53.99 93.20 -23.25
CA GLY CH 6 -53.43 92.11 -22.45
C GLY CH 6 -54.47 91.03 -22.22
N LEU CH 7 -53.99 89.79 -22.18
CA LEU CH 7 -54.86 88.63 -22.03
C LEU CH 7 -54.29 87.67 -21.01
N ILE CH 8 -55.15 87.13 -20.17
CA ILE CH 8 -54.81 86.03 -19.28
C ILE CH 8 -55.88 84.95 -19.47
N GLU CH 9 -55.44 83.71 -19.58
CA GLU CH 9 -56.34 82.59 -19.76
C GLU CH 9 -56.19 81.61 -18.60
N THR CH 10 -57.30 81.31 -17.93
CA THR CH 10 -57.27 80.50 -16.73
C THR CH 10 -58.29 79.39 -16.84
N LYS CH 11 -58.05 78.31 -16.10
CA LYS CH 11 -58.98 77.19 -16.02
C LYS CH 11 -59.92 77.42 -14.85
N GLY CH 12 -61.17 77.72 -15.15
CA GLY CH 12 -62.15 78.01 -14.12
C GLY CH 12 -62.38 79.50 -13.98
N LEU CH 13 -63.58 79.86 -13.55
CA LEU CH 13 -63.96 81.27 -13.47
C LEU CH 13 -63.39 81.95 -12.24
N VAL CH 14 -63.25 81.23 -11.12
CA VAL CH 14 -62.78 81.85 -9.89
C VAL CH 14 -61.37 82.39 -10.09
N ALA CH 15 -60.48 81.59 -10.66
CA ALA CH 15 -59.12 82.04 -10.90
C ALA CH 15 -59.09 83.25 -11.83
N CYS CH 16 -60.10 83.40 -12.66
CA CYS CH 16 -60.13 84.53 -13.58
C CYS CH 16 -60.59 85.81 -12.90
N ILE CH 17 -61.41 85.72 -11.86
CA ILE CH 17 -61.82 86.93 -11.16
C ILE CH 17 -60.72 87.38 -10.21
N GLU CH 18 -59.95 86.47 -9.64
CA GLU CH 18 -58.78 86.88 -8.88
C GLU CH 18 -57.75 87.54 -9.79
N ALA CH 19 -57.55 86.99 -10.99
CA ALA CH 19 -56.62 87.61 -11.93
C ALA CH 19 -57.09 89.00 -12.35
N ALA CH 20 -58.37 89.15 -12.65
CA ALA CH 20 -58.87 90.44 -13.10
C ALA CH 20 -58.89 91.47 -11.98
N ASP CH 21 -58.97 91.01 -10.73
CA ASP CH 21 -58.93 91.96 -9.62
C ASP CH 21 -57.52 92.49 -9.40
N ALA CH 22 -56.52 91.62 -9.51
CA ALA CH 22 -55.14 92.07 -9.40
C ALA CH 22 -54.77 92.99 -10.56
N MET CH 23 -55.24 92.66 -11.77
CA MET CH 23 -54.93 93.49 -12.93
C MET CH 23 -55.48 94.90 -12.76
N CYS CH 24 -56.72 95.03 -12.29
CA CYS CH 24 -57.36 96.34 -12.22
C CYS CH 24 -56.83 97.20 -11.08
N LYS CH 25 -56.22 96.60 -10.07
CA LYS CH 25 -55.62 97.35 -8.98
C LYS CH 25 -54.19 97.76 -9.26
N ALA CH 26 -53.52 97.03 -10.17
CA ALA CH 26 -52.08 97.22 -10.37
C ALA CH 26 -51.76 98.44 -11.21
N ALA CH 27 -52.67 98.88 -12.06
CA ALA CH 27 -52.39 100.03 -12.92
C ALA CH 27 -53.72 100.59 -13.41
N ASN CH 28 -53.62 101.58 -14.28
CA ASN CH 28 -54.79 102.31 -14.76
C ASN CH 28 -55.21 101.74 -16.12
N VAL CH 29 -55.84 100.58 -16.07
CA VAL CH 29 -56.35 99.90 -17.26
C VAL CH 29 -57.83 99.70 -17.10
N GLU CH 30 -58.55 99.73 -18.22
CA GLU CH 30 -59.98 99.47 -18.22
C GLU CH 30 -60.21 98.02 -18.65
N LEU CH 31 -61.07 97.33 -17.92
CA LEU CH 31 -61.33 95.92 -18.15
C LEU CH 31 -62.46 95.77 -19.17
N ILE CH 32 -62.21 95.00 -20.21
CA ILE CH 32 -63.16 94.87 -21.31
C ILE CH 32 -64.22 93.83 -21.00
N GLY CH 33 -63.84 92.62 -20.67
CA GLY CH 33 -64.81 91.62 -20.28
C GLY CH 33 -64.26 90.22 -20.47
N TYR CH 34 -65.03 89.26 -19.96
CA TYR CH 34 -64.66 87.86 -20.01
C TYR CH 34 -65.15 87.22 -21.30
N GLU CH 35 -64.60 86.04 -21.59
CA GLU CH 35 -65.01 85.28 -22.76
C GLU CH 35 -64.57 83.85 -22.55
N ASN CH 36 -65.52 82.94 -22.35
CA ASN CH 36 -65.20 81.53 -22.18
C ASN CH 36 -65.52 80.77 -23.45
N VAL CH 37 -64.59 79.89 -23.84
CA VAL CH 37 -64.66 79.17 -25.09
C VAL CH 37 -64.96 77.69 -24.88
N GLY CH 38 -65.28 77.30 -23.66
CA GLY CH 38 -65.57 75.91 -23.37
C GLY CH 38 -64.33 75.17 -22.88
N SER CH 39 -64.57 73.98 -22.33
CA SER CH 39 -63.57 73.15 -21.70
C SER CH 39 -63.00 73.77 -20.43
N GLY CH 40 -63.70 74.73 -19.86
CA GLY CH 40 -63.28 75.36 -18.63
C GLY CH 40 -62.33 76.52 -18.77
N LEU CH 41 -62.05 76.96 -19.99
CA LEU CH 41 -61.10 78.03 -20.24
C LEU CH 41 -61.84 79.36 -20.25
N VAL CH 42 -61.44 80.26 -19.36
CA VAL CH 42 -61.99 81.61 -19.30
C VAL CH 42 -60.85 82.60 -19.50
N THR CH 43 -61.14 83.69 -20.19
CA THR CH 43 -60.13 84.67 -20.58
C THR CH 43 -60.59 86.07 -20.20
N ALA CH 44 -59.70 86.83 -19.57
CA ALA CH 44 -59.95 88.22 -19.23
C ALA CH 44 -59.09 89.12 -20.13
N MET CH 45 -59.65 90.25 -20.53
CA MET CH 45 -59.01 91.13 -21.49
C MET CH 45 -59.03 92.56 -20.96
N VAL CH 46 -57.87 93.19 -20.86
CA VAL CH 46 -57.74 94.58 -20.45
C VAL CH 46 -57.13 95.37 -21.59
N LYS CH 47 -57.21 96.70 -21.48
CA LYS CH 47 -56.62 97.55 -22.49
C LYS CH 47 -56.24 98.90 -21.89
N GLY CH 48 -55.10 99.41 -22.32
CA GLY CH 48 -54.59 100.66 -21.83
C GLY CH 48 -53.24 100.92 -22.44
N ASP CH 49 -52.52 101.89 -21.87
CA ASP CH 49 -51.17 102.15 -22.34
C ASP CH 49 -50.28 100.94 -22.09
N VAL CH 50 -49.20 100.86 -22.86
CA VAL CH 50 -48.40 99.64 -22.87
C VAL CH 50 -47.51 99.50 -21.63
N GLY CH 51 -47.23 100.60 -20.93
CA GLY CH 51 -46.55 100.48 -19.66
C GLY CH 51 -47.48 100.01 -18.55
N ALA CH 52 -48.75 100.41 -18.63
CA ALA CH 52 -49.73 99.97 -17.64
C ALA CH 52 -50.15 98.53 -17.90
N VAL CH 53 -50.41 98.18 -19.15
CA VAL CH 53 -50.88 96.84 -19.47
C VAL CH 53 -49.80 95.82 -19.16
N ASN CH 54 -48.54 96.17 -19.38
CA ASN CH 54 -47.46 95.25 -19.06
C ASN CH 54 -47.39 95.00 -17.57
N ALA CH 55 -47.63 96.03 -16.76
CA ALA CH 55 -47.57 95.88 -15.32
C ALA CH 55 -48.76 95.10 -14.80
N ALA CH 56 -49.93 95.31 -15.40
CA ALA CH 56 -51.13 94.63 -14.94
C ALA CH 56 -51.07 93.14 -15.22
N VAL CH 57 -50.65 92.75 -16.42
CA VAL CH 57 -50.64 91.34 -16.79
C VAL CH 57 -49.65 90.56 -15.93
N ASP CH 58 -48.51 91.17 -15.60
CA ASP CH 58 -47.55 90.48 -14.75
C ASP CH 58 -48.09 90.27 -13.36
N SER CH 59 -48.85 91.24 -12.84
CA SER CH 59 -49.43 91.11 -11.52
C SER CH 59 -50.57 90.11 -11.52
N GLY CH 60 -51.46 90.21 -12.51
CA GLY CH 60 -52.57 89.28 -12.60
C GLY CH 60 -52.13 87.83 -12.76
N VAL CH 61 -51.04 87.60 -13.47
CA VAL CH 61 -50.58 86.22 -13.66
C VAL CH 61 -50.11 85.64 -12.34
N GLU CH 62 -49.42 86.43 -11.53
CA GLU CH 62 -48.90 85.89 -10.27
C GLU CH 62 -49.98 85.64 -9.26
N ALA CH 63 -51.02 86.47 -9.23
CA ALA CH 63 -52.11 86.28 -8.27
C ALA CH 63 -52.96 85.07 -8.63
N ALA CH 64 -53.33 84.94 -9.91
CA ALA CH 64 -54.12 83.79 -10.33
C ALA CH 64 -53.32 82.50 -10.22
N LYS CH 65 -52.02 82.55 -10.46
CA LYS CH 65 -51.18 81.37 -10.30
C LYS CH 65 -51.24 80.83 -8.90
N ARG CH 66 -51.51 81.69 -7.91
CA ARG CH 66 -51.47 81.28 -6.52
C ARG CH 66 -52.62 80.37 -6.16
N ILE CH 67 -53.79 80.56 -6.78
CA ILE CH 67 -55.02 79.89 -6.37
C ILE CH 67 -55.62 79.05 -7.49
N GLY CH 68 -55.00 79.00 -8.64
CA GLY CH 68 -55.54 78.22 -9.73
C GLY CH 68 -54.48 77.92 -10.75
N LYS CH 69 -54.92 77.56 -11.95
CA LYS CH 69 -54.02 77.26 -13.05
C LYS CH 69 -54.13 78.38 -14.08
N VAL CH 70 -53.00 79.01 -14.38
CA VAL CH 70 -52.93 79.97 -15.46
C VAL CH 70 -52.44 79.24 -16.69
N VAL CH 71 -53.22 79.27 -17.76
CA VAL CH 71 -52.89 78.54 -18.97
C VAL CH 71 -51.96 79.34 -19.87
N SER CH 72 -52.22 80.63 -20.02
CA SER CH 72 -51.51 81.44 -20.99
C SER CH 72 -51.70 82.90 -20.66
N SER CH 73 -50.74 83.72 -21.07
CA SER CH 73 -50.81 85.17 -20.93
C SER CH 73 -50.09 85.81 -22.09
N ARG CH 74 -50.43 87.06 -22.36
CA ARG CH 74 -49.89 87.69 -23.56
C ARG CH 74 -50.21 89.18 -23.54
N VAL CH 75 -49.25 90.00 -23.96
CA VAL CH 75 -49.45 91.41 -24.18
C VAL CH 75 -49.24 91.69 -25.66
N ILE CH 76 -50.15 92.45 -26.25
CA ILE CH 76 -50.06 92.86 -27.65
C ILE CH 76 -49.90 94.37 -27.66
N ALA CH 77 -48.71 94.83 -28.00
CA ALA CH 77 -48.39 96.25 -27.84
C ALA CH 77 -49.11 97.12 -28.86
N ARG CH 78 -48.99 96.79 -30.14
CA ARG CH 78 -49.72 97.50 -31.18
C ARG CH 78 -50.67 96.52 -31.87
N PRO CH 79 -51.92 96.43 -31.44
CA PRO CH 79 -52.85 95.51 -32.08
C PRO CH 79 -53.34 96.07 -33.40
N HIS CH 80 -53.54 95.17 -34.34
CA HIS CH 80 -54.02 95.58 -35.66
C HIS CH 80 -55.46 96.07 -35.59
N ASN CH 81 -55.81 96.96 -36.52
CA ASN CH 81 -57.14 97.55 -36.49
C ASN CH 81 -58.22 96.56 -36.86
N ASP CH 82 -57.88 95.54 -37.64
CA ASP CH 82 -58.82 94.45 -37.91
C ASP CH 82 -59.14 93.68 -36.64
N ILE CH 83 -58.22 93.64 -35.70
CA ILE CH 83 -58.43 92.93 -34.44
C ILE CH 83 -59.19 93.82 -33.47
N GLU DH 3 -35.88 109.72 -25.09
CA GLU DH 3 -36.64 108.48 -25.04
C GLU DH 3 -35.71 107.29 -25.00
N ALA DH 4 -36.27 106.11 -24.73
CA ALA DH 4 -35.45 104.92 -24.52
C ALA DH 4 -34.73 104.54 -25.80
N LEU DH 5 -33.86 103.55 -25.69
CA LEU DH 5 -33.00 103.13 -26.79
C LEU DH 5 -32.83 101.63 -26.75
N GLY DH 6 -33.11 100.96 -27.87
CA GLY DH 6 -32.99 99.53 -27.93
C GLY DH 6 -32.06 99.05 -29.01
N LEU DH 7 -31.19 98.09 -28.68
CA LEU DH 7 -30.15 97.62 -29.59
C LEU DH 7 -30.21 96.12 -29.74
N ILE DH 8 -30.01 95.64 -30.95
CA ILE DH 8 -29.83 94.23 -31.24
C ILE DH 8 -28.60 94.09 -32.13
N GLU DH 9 -27.80 93.08 -31.86
CA GLU DH 9 -26.57 92.86 -32.61
C GLU DH 9 -26.53 91.42 -33.10
N THR DH 10 -26.30 91.25 -34.39
CA THR DH 10 -26.37 89.95 -35.05
C THR DH 10 -25.14 89.75 -35.92
N LYS DH 11 -24.92 88.50 -36.30
CA LYS DH 11 -23.91 88.17 -37.30
C LYS DH 11 -24.58 88.14 -38.68
N GLY DH 12 -24.16 89.04 -39.55
CA GLY DH 12 -24.75 89.03 -40.88
C GLY DH 12 -25.91 90.00 -41.00
N LEU DH 13 -26.16 90.43 -42.24
CA LEU DH 13 -27.15 91.46 -42.48
C LEU DH 13 -28.56 90.89 -42.57
N VAL DH 14 -28.71 89.63 -42.96
CA VAL DH 14 -30.05 89.08 -43.14
C VAL DH 14 -30.75 88.95 -41.80
N ALA DH 15 -30.05 88.41 -40.79
CA ALA DH 15 -30.65 88.30 -39.47
C ALA DH 15 -30.98 89.65 -38.87
N CYS DH 16 -30.33 90.72 -39.33
CA CYS DH 16 -30.60 92.04 -38.78
C CYS DH 16 -31.77 92.72 -39.49
N ILE DH 17 -32.02 92.41 -40.75
CA ILE DH 17 -33.20 92.96 -41.40
C ILE DH 17 -34.45 92.27 -40.89
N GLU DH 18 -34.35 91.01 -40.49
CA GLU DH 18 -35.50 90.34 -39.90
C GLU DH 18 -35.76 90.85 -38.49
N ALA DH 19 -34.71 91.12 -37.72
CA ALA DH 19 -34.90 91.72 -36.41
C ALA DH 19 -35.48 93.12 -36.53
N ALA DH 20 -35.01 93.91 -37.49
CA ALA DH 20 -35.51 95.27 -37.63
C ALA DH 20 -36.93 95.29 -38.13
N ASP DH 21 -37.33 94.29 -38.92
CA ASP DH 21 -38.70 94.24 -39.41
C ASP DH 21 -39.66 93.84 -38.30
N ALA DH 22 -39.28 92.84 -37.49
CA ALA DH 22 -40.13 92.41 -36.40
C ALA DH 22 -40.27 93.51 -35.35
N MET DH 23 -39.18 94.22 -35.06
CA MET DH 23 -39.23 95.29 -34.07
C MET DH 23 -40.21 96.38 -34.50
N CYS DH 24 -40.14 96.80 -35.75
CA CYS DH 24 -40.99 97.89 -36.19
C CYS DH 24 -42.45 97.50 -36.30
N LYS DH 25 -42.74 96.21 -36.40
CA LYS DH 25 -44.14 95.76 -36.49
C LYS DH 25 -44.78 95.64 -35.12
N ALA DH 26 -44.00 95.25 -34.11
CA ALA DH 26 -44.54 94.79 -32.84
C ALA DH 26 -44.64 95.88 -31.78
N ALA DH 27 -44.43 97.14 -32.14
CA ALA DH 27 -44.56 98.24 -31.18
C ALA DH 27 -44.42 99.54 -31.95
N ASN DH 28 -44.76 100.64 -31.26
CA ASN DH 28 -44.68 101.97 -31.87
C ASN DH 28 -43.31 102.55 -31.58
N VAL DH 29 -42.35 102.16 -32.42
CA VAL DH 29 -40.96 102.61 -32.29
C VAL DH 29 -40.51 103.20 -33.61
N GLU DH 30 -39.41 103.93 -33.56
CA GLU DH 30 -38.79 104.54 -34.73
C GLU DH 30 -37.43 103.89 -34.96
N LEU DH 31 -37.19 103.48 -36.20
CA LEU DH 31 -35.90 102.87 -36.53
C LEU DH 31 -34.90 103.97 -36.87
N ILE DH 32 -33.77 103.96 -36.19
CA ILE DH 32 -32.73 104.96 -36.41
C ILE DH 32 -31.81 104.55 -37.55
N GLY DH 33 -31.33 103.32 -37.55
CA GLY DH 33 -30.53 102.84 -38.65
C GLY DH 33 -29.65 101.69 -38.22
N TYR DH 34 -28.86 101.21 -39.18
CA TYR DH 34 -27.90 100.15 -38.97
C TYR DH 34 -26.50 100.74 -38.83
N GLU DH 35 -25.62 99.96 -38.20
CA GLU DH 35 -24.25 100.39 -38.01
C GLU DH 35 -23.39 99.15 -37.81
N ASN DH 36 -22.64 98.77 -38.84
CA ASN DH 36 -21.79 97.60 -38.77
C ASN DH 36 -20.35 98.00 -38.47
N VAL DH 37 -19.62 97.08 -37.86
CA VAL DH 37 -18.25 97.36 -37.41
C VAL DH 37 -17.30 96.30 -37.91
N GLY DH 38 -17.63 95.67 -39.04
CA GLY DH 38 -16.80 94.61 -39.56
C GLY DH 38 -16.92 93.33 -38.75
N SER DH 39 -16.28 92.29 -39.25
CA SER DH 39 -16.41 90.92 -38.75
C SER DH 39 -17.83 90.39 -38.89
N GLY DH 40 -18.67 91.05 -39.67
CA GLY DH 40 -20.02 90.59 -39.87
C GLY DH 40 -21.00 91.01 -38.80
N LEU DH 41 -20.57 91.77 -37.80
CA LEU DH 41 -21.47 92.24 -36.76
C LEU DH 41 -22.23 93.45 -37.28
N VAL DH 42 -23.56 93.36 -37.26
CA VAL DH 42 -24.43 94.46 -37.65
C VAL DH 42 -25.38 94.73 -36.49
N THR DH 43 -25.69 96.01 -36.28
CA THR DH 43 -26.48 96.43 -35.12
C THR DH 43 -27.63 97.30 -35.58
N ALA DH 44 -28.82 97.04 -35.03
CA ALA DH 44 -30.01 97.84 -35.30
C ALA DH 44 -30.35 98.66 -34.06
N MET DH 45 -30.80 99.89 -34.27
CA MET DH 45 -31.11 100.80 -33.18
C MET DH 45 -32.53 101.33 -33.37
N VAL DH 46 -33.39 101.06 -32.40
CA VAL DH 46 -34.74 101.61 -32.38
C VAL DH 46 -34.84 102.62 -31.24
N LYS DH 47 -35.89 103.44 -31.30
CA LYS DH 47 -36.03 104.53 -30.34
C LYS DH 47 -37.50 104.82 -30.10
N GLY DH 48 -37.89 104.89 -28.85
CA GLY DH 48 -39.27 105.18 -28.50
C GLY DH 48 -39.46 105.20 -27.01
N ASP DH 49 -40.71 105.17 -26.58
CA ASP DH 49 -41.01 105.11 -25.15
C ASP DH 49 -40.49 103.81 -24.56
N VAL DH 50 -40.31 103.80 -23.24
CA VAL DH 50 -39.64 102.68 -22.59
C VAL DH 50 -40.44 101.40 -22.72
N GLY DH 51 -41.76 101.48 -22.54
CA GLY DH 51 -42.57 100.29 -22.63
C GLY DH 51 -42.62 99.73 -24.04
N ALA DH 52 -42.75 100.61 -25.03
CA ALA DH 52 -42.73 100.17 -26.42
C ALA DH 52 -41.39 99.56 -26.78
N VAL DH 53 -40.30 100.29 -26.49
CA VAL DH 53 -38.97 99.83 -26.86
C VAL DH 53 -38.65 98.51 -26.18
N ASN DH 54 -39.09 98.34 -24.94
CA ASN DH 54 -38.90 97.06 -24.27
C ASN DH 54 -39.53 95.94 -25.08
N ALA DH 55 -40.83 96.07 -25.38
CA ALA DH 55 -41.57 95.06 -26.12
C ALA DH 55 -40.95 94.80 -27.49
N ALA DH 56 -40.50 95.85 -28.18
CA ALA DH 56 -39.92 95.67 -29.51
C ALA DH 56 -38.69 94.79 -29.46
N VAL DH 57 -37.80 95.04 -28.50
CA VAL DH 57 -36.54 94.30 -28.46
C VAL DH 57 -36.79 92.83 -28.16
N ASP DH 58 -37.80 92.53 -27.34
CA ASP DH 58 -38.10 91.12 -27.07
C ASP DH 58 -38.58 90.41 -28.32
N SER DH 59 -39.44 91.05 -29.10
CA SER DH 59 -39.94 90.44 -30.32
C SER DH 59 -38.84 90.37 -31.38
N GLY DH 60 -38.04 91.42 -31.50
CA GLY DH 60 -37.00 91.44 -32.52
C GLY DH 60 -35.94 90.39 -32.30
N VAL DH 61 -35.60 90.11 -31.04
CA VAL DH 61 -34.62 89.08 -30.76
C VAL DH 61 -35.20 87.71 -31.05
N GLU DH 62 -36.49 87.54 -30.82
CA GLU DH 62 -37.13 86.25 -31.01
C GLU DH 62 -37.22 85.89 -32.49
N ALA DH 63 -37.45 86.88 -33.35
CA ALA DH 63 -37.50 86.62 -34.78
C ALA DH 63 -36.11 86.40 -35.35
N ALA DH 64 -35.13 87.20 -34.92
CA ALA DH 64 -33.80 87.12 -35.50
C ALA DH 64 -33.09 85.85 -35.07
N LYS DH 65 -33.23 85.46 -33.80
CA LYS DH 65 -32.60 84.24 -33.32
C LYS DH 65 -33.07 83.01 -34.07
N ARG DH 66 -34.17 83.14 -34.80
CA ARG DH 66 -34.80 81.99 -35.43
C ARG DH 66 -34.10 81.59 -36.72
N ILE DH 67 -33.48 82.55 -37.40
CA ILE DH 67 -32.78 82.28 -38.65
C ILE DH 67 -31.28 82.52 -38.57
N GLY DH 68 -30.82 83.26 -37.59
CA GLY DH 68 -29.40 83.56 -37.50
C GLY DH 68 -28.92 83.62 -36.07
N LYS DH 69 -27.87 84.39 -35.81
CA LYS DH 69 -27.30 84.48 -34.48
C LYS DH 69 -27.48 85.89 -33.93
N VAL DH 70 -28.13 85.97 -32.76
CA VAL DH 70 -28.26 87.22 -32.03
C VAL DH 70 -27.12 87.28 -31.02
N VAL DH 71 -26.23 88.24 -31.20
CA VAL DH 71 -25.04 88.31 -30.35
C VAL DH 71 -25.38 88.93 -29.01
N SER DH 72 -26.14 90.03 -29.02
CA SER DH 72 -26.51 90.69 -27.77
C SER DH 72 -27.67 91.63 -28.02
N SER DH 73 -28.42 91.91 -26.95
CA SER DH 73 -29.50 92.87 -26.97
C SER DH 73 -29.46 93.68 -25.69
N ARG DH 74 -30.07 94.86 -25.73
CA ARG DH 74 -29.96 95.77 -24.60
C ARG DH 74 -30.96 96.91 -24.77
N VAL DH 75 -31.56 97.33 -23.67
CA VAL DH 75 -32.44 98.50 -23.63
C VAL DH 75 -31.87 99.49 -22.64
N ILE DH 76 -31.69 100.73 -23.09
CA ILE DH 76 -31.28 101.82 -22.22
C ILE DH 76 -32.50 102.69 -21.99
N ALA DH 77 -33.00 102.71 -20.75
CA ALA DH 77 -34.26 103.39 -20.48
C ALA DH 77 -34.13 104.89 -20.63
N ARG DH 78 -32.96 105.45 -20.35
CA ARG DH 78 -32.75 106.89 -20.47
C ARG DH 78 -31.28 107.14 -20.75
N PRO DH 79 -30.91 107.29 -22.02
CA PRO DH 79 -29.51 107.48 -22.35
C PRO DH 79 -29.05 108.88 -22.01
N HIS DH 80 -27.77 109.00 -21.73
CA HIS DH 80 -27.16 110.31 -21.54
C HIS DH 80 -27.21 111.09 -22.84
N ASN DH 81 -27.22 112.41 -22.73
CA ASN DH 81 -27.28 113.24 -23.93
C ASN DH 81 -26.04 113.08 -24.79
N ASP DH 82 -24.89 112.76 -24.17
CA ASP DH 82 -23.69 112.51 -24.95
C ASP DH 82 -23.86 111.28 -25.84
N ILE DH 83 -24.56 110.26 -25.34
CA ILE DH 83 -24.78 109.06 -26.12
C ILE DH 83 -25.60 109.34 -27.37
N GLU DH 84 -26.42 110.39 -27.36
CA GLU DH 84 -27.16 110.75 -28.56
C GLU DH 84 -26.37 111.70 -29.44
N LYS DH 85 -25.09 111.35 -29.62
CA LYS DH 85 -24.22 111.90 -30.64
C LYS DH 85 -23.36 110.81 -31.24
N ILE DH 86 -23.34 109.62 -30.64
CA ILE DH 86 -22.65 108.46 -31.16
C ILE DH 86 -23.56 107.63 -32.04
N ALA DH 87 -24.80 107.44 -31.61
CA ALA DH 87 -25.78 106.74 -32.43
C ALA DH 87 -26.18 107.58 -33.64
N GLY DH 88 -26.77 108.74 -33.39
CA GLY DH 88 -27.16 109.63 -34.46
C GLY DH 88 -26.07 110.60 -34.87
N MET EH 1 90.11 -16.54 59.82
CA MET EH 1 91.21 -15.64 59.55
C MET EH 1 92.43 -16.06 60.33
N ILE EH 2 93.59 -15.52 59.95
CA ILE EH 2 94.83 -15.73 60.69
C ILE EH 2 95.59 -14.41 60.73
N LEU EH 3 96.32 -14.20 61.82
CA LEU EH 3 97.24 -13.07 61.89
C LEU EH 3 98.48 -13.36 61.08
N ALA EH 4 98.86 -12.42 60.22
CA ALA EH 4 100.01 -12.61 59.36
C ALA EH 4 100.66 -11.26 59.11
N LYS EH 5 101.84 -11.30 58.53
CA LYS EH 5 102.63 -10.11 58.25
C LYS EH 5 103.04 -10.12 56.80
N VAL EH 6 102.86 -8.99 56.11
CA VAL EH 6 103.26 -8.90 54.72
C VAL EH 6 104.79 -8.84 54.64
N THR EH 7 105.37 -9.73 53.86
CA THR EH 7 106.82 -9.86 53.78
C THR EH 7 107.38 -9.73 52.37
N GLY EH 8 106.55 -9.41 51.38
CA GLY EH 8 107.05 -9.27 50.03
C GLY EH 8 105.91 -9.14 49.05
N HIS EH 9 106.20 -9.39 47.79
CA HIS EH 9 105.18 -9.38 46.75
C HIS EH 9 105.64 -10.28 45.61
N VAL EH 10 104.71 -10.59 44.72
CA VAL EH 10 104.94 -11.48 43.60
C VAL EH 10 104.52 -10.78 42.32
N VAL EH 11 105.37 -10.81 41.30
CA VAL EH 11 105.09 -10.21 40.00
C VAL EH 11 104.86 -11.35 39.02
N ALA EH 12 103.62 -11.49 38.56
CA ALA EH 12 103.23 -12.54 37.64
C ALA EH 12 102.58 -11.90 36.42
N THR EH 13 103.12 -12.17 35.24
CA THR EH 13 102.61 -11.60 34.00
C THR EH 13 101.62 -12.50 33.29
N GLN EH 14 101.96 -13.78 33.14
CA GLN EH 14 101.09 -14.76 32.50
C GLN EH 14 100.20 -15.37 33.57
N LYS EH 15 98.94 -14.95 33.62
CA LYS EH 15 98.05 -15.43 34.66
C LYS EH 15 96.61 -15.37 34.15
N CYS EH 16 95.71 -15.93 34.93
CA CYS EH 16 94.31 -15.99 34.55
C CYS EH 16 93.70 -14.59 34.54
N ASP EH 17 92.42 -14.53 34.19
CA ASP EH 17 91.71 -13.26 34.09
C ASP EH 17 91.00 -12.88 35.38
N GLU EH 18 90.70 -13.85 36.24
CA GLU EH 18 90.11 -13.55 37.54
C GLU EH 18 91.08 -12.80 38.45
N LEU EH 19 92.34 -12.66 38.05
CA LEU EH 19 93.36 -12.01 38.86
C LEU EH 19 93.90 -10.74 38.25
N ARG EH 20 93.29 -10.23 37.17
CA ARG EH 20 93.81 -9.03 36.53
C ARG EH 20 93.55 -7.81 37.39
N GLY EH 21 94.59 -7.00 37.57
CA GLY EH 21 94.45 -5.75 38.30
C GLY EH 21 94.31 -5.94 39.80
N SER EH 22 95.25 -6.64 40.40
CA SER EH 22 95.23 -6.87 41.84
C SER EH 22 96.65 -7.12 42.31
N ASN EH 23 96.88 -6.87 43.58
CA ASN EH 23 98.19 -7.09 44.17
C ASN EH 23 98.31 -8.54 44.61
N LEU EH 24 99.54 -9.03 44.68
CA LEU EH 24 99.81 -10.39 45.14
C LEU EH 24 100.92 -10.33 46.19
N LEU EH 25 100.55 -10.42 47.45
CA LEU EH 25 101.48 -10.25 48.56
C LEU EH 25 101.89 -11.58 49.14
N LEU EH 26 103.13 -11.66 49.60
CA LEU EH 26 103.57 -12.79 50.40
C LEU EH 26 103.16 -12.55 51.84
N ILE EH 27 102.55 -13.56 52.45
CA ILE EH 27 101.85 -13.42 53.70
C ILE EH 27 102.40 -14.49 54.63
N THR EH 28 103.11 -14.10 55.67
CA THR EH 28 103.75 -15.05 56.58
C THR EH 28 103.00 -15.10 57.89
N ARG EH 29 102.58 -16.29 58.29
CA ARG EH 29 101.88 -16.46 59.56
C ARG EH 29 102.84 -16.26 60.71
N LEU EH 30 102.42 -15.48 61.70
CA LEU EH 30 103.27 -15.13 62.83
C LEU EH 30 102.74 -15.76 64.11
N ASP EH 31 103.67 -16.10 65.01
CA ASP EH 31 103.35 -16.88 66.20
C ASP EH 31 102.87 -16.01 67.36
N ASP EH 32 102.76 -16.59 68.56
CA ASP EH 32 102.15 -15.91 69.70
C ASP EH 32 103.05 -14.87 70.34
N LYS EH 33 104.22 -14.60 69.76
CA LYS EH 33 105.04 -13.47 70.16
C LYS EH 33 105.07 -12.39 69.10
N GLN EH 34 104.15 -12.44 68.14
CA GLN EH 34 104.13 -11.56 66.98
C GLN EH 34 105.46 -11.61 66.24
N GLN EH 35 105.82 -12.82 65.82
CA GLN EH 35 107.08 -13.07 65.15
C GLN EH 35 106.81 -14.08 64.04
N PRO EH 36 107.28 -13.84 62.82
CA PRO EH 36 106.99 -14.76 61.72
C PRO EH 36 107.56 -16.14 61.96
N MET EH 37 106.85 -17.14 61.42
CA MET EH 37 107.25 -18.53 61.53
C MET EH 37 108.04 -18.96 60.31
N LYS EH 38 108.41 -20.23 60.27
CA LYS EH 38 109.19 -20.79 59.18
C LYS EH 38 108.31 -21.66 58.31
N ASP EH 39 108.44 -21.51 56.98
CA ASP EH 39 107.70 -22.32 56.01
C ASP EH 39 106.19 -22.16 56.19
N GLN EH 40 105.74 -20.91 56.29
CA GLN EH 40 104.33 -20.62 56.52
C GLN EH 40 103.87 -19.47 55.67
N THR EH 41 104.27 -19.45 54.41
CA THR EH 41 104.01 -18.32 53.52
C THR EH 41 102.97 -18.69 52.47
N TRP EH 42 101.98 -17.82 52.31
CA TRP EH 42 100.98 -17.94 51.27
C TRP EH 42 100.99 -16.68 50.42
N VAL EH 43 100.29 -16.73 49.30
CA VAL EH 43 100.14 -15.59 48.41
C VAL EH 43 98.70 -15.11 48.50
N ALA EH 44 98.52 -13.85 48.84
CA ALA EH 44 97.19 -13.30 49.09
C ALA EH 44 96.93 -12.13 48.17
N VAL EH 45 95.71 -12.07 47.64
CA VAL EH 45 95.29 -10.95 46.80
C VAL EH 45 94.89 -9.81 47.72
N ASP EH 46 95.72 -8.77 47.77
CA ASP EH 46 95.40 -7.62 48.61
C ASP EH 46 94.06 -7.04 48.24
N ASN EH 47 93.33 -6.55 49.25
CA ASN EH 47 91.99 -6.03 49.03
C ASN EH 47 91.72 -4.70 49.72
N VAL EH 48 92.53 -4.30 50.70
CA VAL EH 48 92.31 -3.06 51.44
C VAL EH 48 93.49 -2.12 51.38
N GLY EH 49 94.57 -2.49 50.71
CA GLY EH 49 95.69 -1.60 50.58
C GLY EH 49 96.76 -1.77 51.64
N ALA EH 50 97.26 -2.98 51.79
CA ALA EH 50 98.34 -3.27 52.72
C ALA EH 50 99.68 -3.27 52.00
N GLY EH 51 100.72 -2.90 52.74
CA GLY EH 51 102.06 -2.86 52.17
C GLY EH 51 103.04 -3.64 53.01
N MET EH 52 104.33 -3.40 52.83
CA MET EH 52 105.32 -4.20 53.53
C MET EH 52 105.27 -3.94 55.03
N HIS EH 53 105.62 -4.97 55.79
CA HIS EH 53 105.80 -4.92 57.24
C HIS EH 53 104.51 -4.74 58.01
N ASP EH 54 103.37 -4.73 57.35
CA ASP EH 54 102.10 -4.46 58.02
C ASP EH 54 101.49 -5.77 58.50
N ILE EH 55 100.94 -5.76 59.70
CA ILE EH 55 100.26 -6.93 60.25
C ILE EH 55 98.82 -6.93 59.75
N VAL EH 56 98.44 -7.97 59.02
CA VAL EH 56 97.14 -8.01 58.37
C VAL EH 56 96.37 -9.22 58.83
N LEU EH 57 95.16 -9.39 58.29
CA LEU EH 57 94.23 -10.44 58.71
C LEU EH 57 93.82 -11.18 57.45
N ALA EH 58 94.52 -12.25 57.12
CA ALA EH 58 94.33 -12.95 55.86
C ALA EH 58 93.23 -13.99 55.99
N GLU EH 59 92.29 -13.98 55.06
CA GLU EH 59 91.14 -14.85 55.08
C GLU EH 59 91.30 -15.97 54.06
N GLU EH 60 90.67 -17.09 54.35
CA GLU EH 60 90.77 -18.28 53.51
C GLU EH 60 89.82 -18.18 52.32
N TYR EH 61 89.53 -19.32 51.69
CA TYR EH 61 89.11 -19.41 50.30
C TYR EH 61 88.21 -18.31 49.81
N PHE EH 62 86.99 -18.18 50.35
CA PHE EH 62 85.95 -17.42 49.68
C PHE EH 62 85.93 -15.99 50.19
N ALA EH 63 86.37 -15.06 49.35
CA ALA EH 63 86.21 -13.63 49.61
C ALA EH 63 85.86 -12.84 48.34
N LEU EH 64 85.37 -13.53 47.31
CA LEU EH 64 84.94 -12.90 46.06
C LEU EH 64 86.07 -12.10 45.41
N ASN EH 65 87.13 -12.82 45.03
CA ASN EH 65 88.29 -12.19 44.44
C ASN EH 65 88.89 -13.02 43.30
N TYR EH 69 84.43 -17.20 42.62
CA TYR EH 69 85.66 -16.54 43.02
C TYR EH 69 86.06 -16.96 44.42
N LYS EH 70 87.23 -17.59 44.55
CA LYS EH 70 87.66 -18.12 45.84
C LYS EH 70 89.11 -17.86 46.15
N ALA EH 71 89.65 -16.69 45.79
CA ALA EH 71 91.05 -16.41 46.07
C ALA EH 71 91.23 -15.99 47.53
N MET EH 72 92.38 -16.36 48.08
CA MET EH 72 92.73 -16.04 49.46
C MET EH 72 93.15 -14.58 49.50
N SER EH 73 92.41 -13.74 50.21
CA SER EH 73 92.65 -12.31 50.23
C SER EH 73 92.86 -11.78 51.62
N VAL EH 74 93.34 -10.56 51.68
CA VAL EH 74 93.51 -9.82 52.93
C VAL EH 74 92.27 -8.97 53.15
N VAL EH 75 91.71 -9.01 54.35
CA VAL EH 75 90.43 -8.38 54.62
C VAL EH 75 90.48 -7.34 55.73
N ALA EH 76 91.63 -7.14 56.37
CA ALA EH 76 91.68 -6.18 57.46
C ALA EH 76 93.14 -5.87 57.78
N ILE EH 77 93.40 -4.62 58.12
CA ILE EH 77 94.70 -4.19 58.63
C ILE EH 77 94.57 -3.97 60.12
N VAL EH 78 95.43 -4.60 60.90
CA VAL EH 78 95.24 -4.73 62.33
C VAL EH 78 95.98 -3.60 63.04
N GLU EH 79 95.26 -2.91 63.93
CA GLU EH 79 95.83 -1.84 64.75
C GLU EH 79 96.46 -2.38 66.04
N LYS EH 80 95.65 -3.07 66.85
CA LYS EH 80 96.08 -3.57 68.14
C LYS EH 80 95.72 -5.04 68.29
N VAL EH 81 96.63 -5.80 68.87
CA VAL EH 81 96.39 -7.21 69.19
C VAL EH 81 96.57 -7.33 70.70
N PHE EH 82 95.47 -7.25 71.44
CA PHE EH 82 95.52 -7.43 72.88
C PHE EH 82 95.44 -8.92 73.18
N ARG EH 83 96.41 -9.44 73.91
CA ARG EH 83 96.54 -10.88 74.11
C ARG EH 83 97.12 -11.15 75.48
N ASP EH 84 96.32 -11.76 76.35
CA ASP EH 84 96.82 -12.22 77.63
C ASP EH 84 95.85 -13.23 78.25
N GLU FH 3 115.14 24.08 8.68
CA GLU FH 3 114.39 22.83 8.63
C GLU FH 3 112.91 23.09 8.86
N ALA FH 4 112.07 22.11 8.55
CA ALA FH 4 110.64 22.28 8.65
C ALA FH 4 110.20 22.21 10.12
N LEU FH 5 108.89 22.24 10.34
CA LEU FH 5 108.34 22.29 11.68
C LEU FH 5 107.01 21.55 11.72
N GLY FH 6 106.86 20.65 12.67
CA GLY FH 6 105.64 19.87 12.79
C GLY FH 6 105.01 20.06 14.15
N LEU FH 7 103.67 20.05 14.18
CA LEU FH 7 102.92 20.41 15.37
C LEU FH 7 101.72 19.50 15.52
N ILE FH 8 101.56 18.91 16.71
CA ILE FH 8 100.36 18.18 17.06
C ILE FH 8 99.83 18.77 18.35
N GLU FH 9 98.51 18.85 18.47
CA GLU FH 9 97.85 19.38 19.66
C GLU FH 9 96.79 18.39 20.12
N THR FH 10 96.80 18.06 21.41
CA THR FH 10 95.90 17.07 21.95
C THR FH 10 95.29 17.59 23.24
N LYS FH 11 94.18 16.96 23.63
CA LYS FH 11 93.57 17.21 24.92
C LYS FH 11 94.10 16.19 25.92
N GLY FH 12 94.82 16.66 26.92
CA GLY FH 12 95.41 15.76 27.89
C GLY FH 12 96.88 15.52 27.62
N LEU FH 13 97.60 15.16 28.69
CA LEU FH 13 99.04 14.99 28.54
C LEU FH 13 99.40 13.60 28.04
N VAL FH 14 98.65 12.58 28.45
CA VAL FH 14 99.00 11.21 28.04
C VAL FH 14 98.95 11.08 26.53
N ALA FH 15 97.88 11.59 25.91
CA ALA FH 15 97.76 11.47 24.47
C ALA FH 15 98.89 12.18 23.74
N CYS FH 16 99.51 13.17 24.37
CA CYS FH 16 100.59 13.89 23.71
C CYS FH 16 101.92 13.15 23.82
N ILE FH 17 102.15 12.48 24.93
CA ILE FH 17 103.40 11.73 25.07
C ILE FH 17 103.40 10.51 24.16
N GLU FH 18 102.23 9.91 23.95
CA GLU FH 18 102.13 8.85 22.97
C GLU FH 18 102.41 9.38 21.57
N ALA FH 19 101.88 10.55 21.23
CA ALA FH 19 102.10 11.12 19.92
C ALA FH 19 103.55 11.50 19.72
N ALA FH 20 104.18 12.09 20.72
CA ALA FH 20 105.56 12.53 20.57
C ALA FH 20 106.53 11.36 20.55
N ASP FH 21 106.12 10.20 21.05
CA ASP FH 21 106.96 9.02 20.96
C ASP FH 21 106.84 8.38 19.59
N ALA FH 22 105.62 8.31 19.06
CA ALA FH 22 105.44 7.78 17.71
C ALA FH 22 106.16 8.63 16.68
N MET FH 23 106.07 9.94 16.80
CA MET FH 23 106.78 10.83 15.89
C MET FH 23 108.28 10.55 15.89
N CYS FH 24 108.88 10.46 17.08
CA CYS FH 24 110.32 10.31 17.16
C CYS FH 24 110.80 8.97 16.60
N LYS FH 25 109.95 7.95 16.66
CA LYS FH 25 110.35 6.64 16.18
C LYS FH 25 110.17 6.49 14.68
N ALA FH 26 109.20 7.19 14.10
CA ALA FH 26 108.77 6.95 12.73
C ALA FH 26 109.63 7.64 11.68
N ALA FH 27 110.49 8.58 12.06
CA ALA FH 27 111.32 9.27 11.08
C ALA FH 27 112.45 9.98 11.80
N ASN FH 28 113.37 10.54 11.03
CA ASN FH 28 114.53 11.22 11.58
C ASN FH 28 114.17 12.67 11.88
N VAL FH 29 113.47 12.88 12.99
CA VAL FH 29 113.11 14.20 13.47
C VAL FH 29 113.52 14.29 14.92
N GLU FH 30 113.76 15.52 15.38
CA GLU FH 30 114.16 15.77 16.75
C GLU FH 30 113.06 16.53 17.48
N LEU FH 31 112.89 16.24 18.76
CA LEU FH 31 111.80 16.82 19.55
C LEU FH 31 112.25 18.15 20.13
N ILE FH 32 111.48 19.20 19.88
CA ILE FH 32 111.81 20.52 20.40
C ILE FH 32 111.36 20.66 21.84
N GLY FH 33 110.09 20.41 22.10
CA GLY FH 33 109.59 20.46 23.46
C GLY FH 33 108.08 20.42 23.49
N TYR FH 34 107.55 20.51 24.70
CA TYR FH 34 106.12 20.60 24.93
C TYR FH 34 105.75 22.02 25.36
N GLU FH 35 104.47 22.34 25.24
CA GLU FH 35 103.98 23.65 25.65
C GLU FH 35 102.47 23.55 25.82
N ASN FH 36 102.00 23.61 27.07
CA ASN FH 36 100.57 23.60 27.30
C ASN FH 36 100.07 25.02 27.55
N VAL FH 37 98.95 25.35 26.93
CA VAL FH 37 98.37 26.68 27.04
C VAL FH 37 96.99 26.50 27.66
N GLY FH 38 96.94 26.54 28.98
CA GLY FH 38 95.64 26.52 29.64
C GLY FH 38 94.91 25.22 29.47
N SER FH 39 93.63 25.33 29.10
CA SER FH 39 92.68 24.27 29.37
C SER FH 39 92.99 23.00 28.59
N GLY FH 40 93.59 22.04 29.29
CA GLY FH 40 93.88 20.71 28.79
C GLY FH 40 94.42 20.61 27.38
N LEU FH 41 95.25 21.55 26.95
CA LEU FH 41 95.79 21.55 25.59
C LEU FH 41 97.30 21.52 25.67
N VAL FH 42 97.90 20.42 25.22
CA VAL FH 42 99.34 20.26 25.17
C VAL FH 42 99.75 20.10 23.72
N THR FH 43 100.90 20.67 23.36
CA THR FH 43 101.39 20.68 22.00
C THR FH 43 102.84 20.23 21.98
N ALA FH 44 103.16 19.31 21.07
CA ALA FH 44 104.53 18.86 20.86
C ALA FH 44 105.03 19.38 19.52
N MET FH 45 106.31 19.75 19.46
CA MET FH 45 106.90 20.33 18.28
C MET FH 45 108.13 19.54 17.88
N VAL FH 46 108.19 19.14 16.61
CA VAL FH 46 109.34 18.42 16.06
C VAL FH 46 109.88 19.20 14.88
N LYS FH 47 111.15 18.98 14.56
CA LYS FH 47 111.75 19.64 13.42
C LYS FH 47 112.67 18.68 12.69
N GLY FH 48 112.84 18.92 11.40
CA GLY FH 48 113.62 18.05 10.55
C GLY FH 48 113.36 18.41 9.10
N ASP FH 49 113.80 17.53 8.20
CA ASP FH 49 113.57 17.79 6.80
C ASP FH 49 112.09 17.68 6.46
N VAL FH 50 111.71 18.17 5.28
CA VAL FH 50 110.30 18.31 4.95
C VAL FH 50 109.66 16.96 4.69
N GLY FH 51 110.38 16.05 4.04
CA GLY FH 51 109.83 14.73 3.81
C GLY FH 51 109.78 13.90 5.07
N ALA FH 52 110.75 14.08 5.96
CA ALA FH 52 110.73 13.38 7.23
C ALA FH 52 109.64 13.92 8.13
N VAL FH 53 109.59 15.24 8.31
CA VAL FH 53 108.63 15.84 9.23
C VAL FH 53 107.21 15.53 8.79
N ASN FH 54 106.98 15.51 7.48
CA ASN FH 54 105.65 15.15 6.98
C ASN FH 54 105.31 13.70 7.33
N ALA FH 55 106.32 12.84 7.36
CA ALA FH 55 106.09 11.43 7.67
C ALA FH 55 105.95 11.20 9.16
N ALA FH 56 106.52 12.09 9.98
CA ALA FH 56 106.39 11.94 11.42
C ALA FH 56 105.01 12.38 11.90
N VAL FH 57 104.46 13.43 11.29
CA VAL FH 57 103.23 14.02 11.81
C VAL FH 57 102.03 13.11 11.54
N ASP FH 58 101.97 12.48 10.37
CA ASP FH 58 100.84 11.61 10.10
C ASP FH 58 100.91 10.32 10.89
N SER FH 59 102.11 9.93 11.33
CA SER FH 59 102.23 8.78 12.21
C SER FH 59 101.85 9.14 13.64
N GLY FH 60 102.30 10.31 14.11
CA GLY FH 60 101.98 10.74 15.46
C GLY FH 60 100.51 11.06 15.65
N VAL FH 61 99.86 11.58 14.62
CA VAL FH 61 98.43 11.84 14.72
C VAL FH 61 97.68 10.52 14.80
N GLU FH 62 98.17 9.51 14.11
CA GLU FH 62 97.51 8.21 14.05
C GLU FH 62 97.54 7.51 15.40
N ALA FH 63 98.61 7.70 16.17
CA ALA FH 63 98.76 7.05 17.47
C ALA FH 63 97.93 7.76 18.54
N ALA FH 64 98.05 9.08 18.62
CA ALA FH 64 97.31 9.82 19.64
C ALA FH 64 95.82 9.76 19.41
N LYS FH 65 95.39 9.71 18.15
CA LYS FH 65 93.97 9.56 17.83
C LYS FH 65 93.41 8.26 18.38
N ARG FH 66 94.28 7.30 18.70
CA ARG FH 66 93.84 5.99 19.18
C ARG FH 66 93.30 6.05 20.59
N ILE FH 67 93.97 6.80 21.46
CA ILE FH 67 93.65 6.83 22.88
C ILE FH 67 93.13 8.18 23.35
N GLY FH 68 93.21 9.23 22.54
CA GLY FH 68 92.76 10.53 22.97
C GLY FH 68 92.18 11.35 21.84
N LYS FH 69 92.13 12.65 22.03
CA LYS FH 69 91.62 13.57 21.02
C LYS FH 69 92.78 14.36 20.45
N VAL FH 70 92.98 14.23 19.14
CA VAL FH 70 93.92 15.10 18.42
C VAL FH 70 93.12 16.30 17.93
N VAL FH 71 93.51 17.49 18.37
CA VAL FH 71 92.76 18.69 18.05
C VAL FH 71 93.19 19.25 16.70
N SER FH 72 94.49 19.32 16.45
CA SER FH 72 94.99 19.92 15.22
C SER FH 72 96.40 19.44 14.95
N SER FH 73 96.76 19.42 13.67
CA SER FH 73 98.12 19.11 13.26
C SER FH 73 98.48 19.99 12.07
N ARG FH 74 99.77 20.24 11.90
CA ARG FH 74 100.18 21.19 10.87
C ARG FH 74 101.68 21.06 10.65
N VAL FH 75 102.09 21.13 9.39
CA VAL FH 75 103.49 21.13 9.00
C VAL FH 75 103.79 22.46 8.33
N ILE FH 76 104.88 23.10 8.72
CA ILE FH 76 105.32 24.37 8.14
C ILE FH 76 106.62 24.08 7.40
N ALA FH 77 106.59 24.23 6.08
CA ALA FH 77 107.70 23.76 5.26
C ALA FH 77 108.92 24.65 5.41
N ARG FH 78 108.73 25.95 5.56
CA ARG FH 78 109.83 26.88 5.82
C ARG FH 78 109.36 27.89 6.85
N PRO FH 79 109.67 27.68 8.12
CA PRO FH 79 109.27 28.65 9.14
C PRO FH 79 110.08 29.92 9.00
N HIS FH 80 109.42 31.05 9.19
CA HIS FH 80 110.08 32.33 9.06
C HIS FH 80 111.10 32.50 10.19
N ASN FH 81 112.19 33.19 9.87
CA ASN FH 81 113.30 33.30 10.81
C ASN FH 81 112.86 33.91 12.13
N ASP FH 82 111.93 34.87 12.07
CA ASP FH 82 111.43 35.50 13.29
C ASP FH 82 110.82 34.49 14.24
N ILE FH 83 110.09 33.52 13.70
CA ILE FH 83 109.41 32.52 14.50
C ILE FH 83 110.39 31.47 14.98
N GLU GH 3 114.44 2.37 30.91
CA GLU GH 3 113.41 1.62 31.62
C GLU GH 3 112.03 2.06 31.15
N ALA GH 4 111.03 1.20 31.35
CA ALA GH 4 109.70 1.46 30.85
C ALA GH 4 109.10 2.67 31.54
N LEU GH 5 107.89 3.03 31.14
CA LEU GH 5 107.26 4.24 31.64
C LEU GH 5 105.76 4.07 31.57
N GLY GH 6 105.09 4.38 32.67
CA GLY GH 6 103.64 4.22 32.75
C GLY GH 6 102.97 5.50 33.18
N LEU GH 7 101.79 5.74 32.63
CA LEU GH 7 101.05 6.97 32.89
C LEU GH 7 99.61 6.64 33.22
N ILE GH 8 99.06 7.36 34.19
CA ILE GH 8 97.63 7.35 34.47
C ILE GH 8 97.17 8.79 34.54
N GLU GH 9 96.05 9.09 33.89
CA GLU GH 9 95.49 10.43 33.89
C GLU GH 9 94.10 10.40 34.51
N THR GH 10 93.89 11.24 35.51
CA THR GH 10 92.66 11.24 36.28
C THR GH 10 92.12 12.65 36.40
N LYS GH 11 90.80 12.73 36.59
CA LYS GH 11 90.12 14.00 36.80
C LYS GH 11 90.08 14.30 38.29
N GLY GH 12 90.90 15.25 38.72
CA GLY GH 12 90.98 15.57 40.13
C GLY GH 12 92.21 14.97 40.77
N LEU GH 13 92.68 15.62 41.84
CA LEU GH 13 93.93 15.18 42.46
C LEU GH 13 93.75 13.99 43.39
N VAL GH 14 92.61 13.88 44.06
CA VAL GH 14 92.42 12.80 45.02
C VAL GH 14 92.48 11.44 44.31
N ALA GH 15 91.77 11.32 43.19
CA ALA GH 15 91.81 10.07 42.44
C ALA GH 15 93.20 9.74 41.95
N CYS GH 16 94.09 10.72 41.86
CA CYS GH 16 95.44 10.47 41.40
C CYS GH 16 96.36 9.99 42.52
N ILE GH 17 96.10 10.41 43.76
CA ILE GH 17 96.90 9.90 44.87
C ILE GH 17 96.49 8.49 45.23
N GLU GH 18 95.21 8.15 45.07
CA GLU GH 18 94.82 6.76 45.21
C GLU GH 18 95.45 5.90 44.13
N ALA GH 19 95.47 6.39 42.90
CA ALA GH 19 96.11 5.64 41.82
C ALA GH 19 97.60 5.46 42.07
N ALA GH 20 98.27 6.51 42.56
CA ALA GH 20 99.71 6.41 42.76
C ALA GH 20 100.05 5.57 43.98
N ASP GH 21 99.13 5.45 44.93
CA ASP GH 21 99.39 4.58 46.08
C ASP GH 21 99.28 3.12 45.68
N ALA GH 22 98.30 2.78 44.86
CA ALA GH 22 98.17 1.41 44.39
C ALA GH 22 99.33 1.04 43.48
N MET GH 23 99.81 1.98 42.67
CA MET GH 23 100.92 1.69 41.77
C MET GH 23 102.19 1.38 42.55
N CYS GH 24 102.46 2.13 43.61
CA CYS GH 24 103.71 1.98 44.33
C CYS GH 24 103.73 0.77 45.25
N LYS GH 25 102.57 0.22 45.58
CA LYS GH 25 102.51 -0.99 46.39
C LYS GH 25 102.49 -2.25 45.55
N ALA GH 26 102.12 -2.15 44.27
CA ALA GH 26 101.88 -3.33 43.45
C ALA GH 26 103.16 -3.92 42.90
N ALA GH 27 104.22 -3.13 42.77
CA ALA GH 27 105.48 -3.63 42.22
C ALA GH 27 106.59 -2.70 42.64
N ASN GH 28 107.79 -2.98 42.14
CA ASN GH 28 108.99 -2.23 42.52
C ASN GH 28 109.26 -1.17 41.47
N VAL GH 29 108.48 -0.09 41.52
CA VAL GH 29 108.63 1.03 40.61
C VAL GH 29 108.89 2.28 41.42
N GLU GH 30 109.64 3.20 40.85
CA GLU GH 30 109.89 4.50 41.47
C GLU GH 30 108.97 5.53 40.84
N LEU GH 31 108.35 6.34 41.69
CA LEU GH 31 107.38 7.33 41.25
C LEU GH 31 108.10 8.62 40.90
N ILE GH 32 107.81 9.17 39.72
CA ILE GH 32 108.51 10.35 39.24
C ILE GH 32 107.87 11.63 39.75
N GLY GH 33 106.57 11.80 39.53
CA GLY GH 33 105.89 12.95 40.07
C GLY GH 33 104.66 13.28 39.25
N TYR GH 34 103.85 14.17 39.81
CA TYR GH 34 102.60 14.60 39.20
C TYR GH 34 102.84 15.75 38.24
N GLU GH 35 101.88 15.94 37.33
CA GLU GH 35 101.91 17.05 36.39
C GLU GH 35 100.48 17.33 35.96
N ASN GH 36 99.93 18.47 36.38
CA ASN GH 36 98.58 18.84 35.98
C ASN GH 36 98.64 19.88 34.88
N VAL GH 37 97.77 19.73 33.89
CA VAL GH 37 97.76 20.56 32.69
C VAL GH 37 96.53 21.43 32.62
N GLY GH 38 95.74 21.49 33.69
CA GLY GH 38 94.55 22.30 33.70
C GLY GH 38 93.33 21.53 33.27
N SER GH 39 92.16 22.13 33.53
CA SER GH 39 90.85 21.52 33.33
C SER GH 39 90.61 20.34 34.27
N GLY GH 40 91.39 20.24 35.34
CA GLY GH 40 91.21 19.20 36.31
C GLY GH 40 91.94 17.91 36.03
N LEU GH 41 92.78 17.87 34.99
CA LEU GH 41 93.48 16.65 34.61
C LEU GH 41 94.83 16.60 35.31
N VAL GH 42 95.04 15.55 36.10
CA VAL GH 42 96.29 15.31 36.79
C VAL GH 42 96.84 13.97 36.33
N THR GH 43 98.16 13.90 36.17
CA THR GH 43 98.82 12.72 35.62
C THR GH 43 99.94 12.28 36.53
N ALA GH 44 100.00 10.98 36.83
CA ALA GH 44 101.07 10.38 37.60
C ALA GH 44 101.94 9.54 36.69
N MET GH 45 103.25 9.55 36.94
CA MET GH 45 104.21 8.90 36.05
C MET GH 45 105.16 8.05 36.89
N VAL GH 46 105.25 6.76 36.55
CA VAL GH 46 106.17 5.84 37.21
C VAL GH 46 107.15 5.31 36.18
N LYS GH 47 108.22 4.70 36.67
CA LYS GH 47 109.21 4.13 35.77
C LYS GH 47 109.89 2.95 36.45
N GLY GH 48 110.19 1.94 35.65
CA GLY GH 48 110.81 0.73 36.15
C GLY GH 48 110.90 -0.30 35.04
N ASP GH 49 111.13 -1.54 35.42
CA ASP GH 49 111.16 -2.61 34.44
C ASP GH 49 109.76 -2.84 33.88
N VAL GH 50 109.70 -3.38 32.67
CA VAL GH 50 108.45 -3.43 31.92
C VAL GH 50 107.48 -4.45 32.48
N GLY GH 51 107.97 -5.44 33.22
CA GLY GH 51 107.07 -6.38 33.88
C GLY GH 51 106.46 -5.77 35.12
N ALA GH 52 107.24 -4.94 35.81
CA ALA GH 52 106.74 -4.26 37.00
C ALA GH 52 105.82 -3.12 36.63
N VAL GH 53 106.20 -2.33 35.62
CA VAL GH 53 105.39 -1.18 35.24
C VAL GH 53 104.05 -1.63 34.69
N ASN GH 54 104.03 -2.75 33.97
CA ASN GH 54 102.77 -3.27 33.45
C ASN GH 54 101.84 -3.67 34.58
N ALA GH 55 102.39 -4.25 35.65
CA ALA GH 55 101.57 -4.68 36.77
C ALA GH 55 101.08 -3.48 37.58
N ALA GH 56 101.91 -2.46 37.71
CA ALA GH 56 101.54 -1.29 38.51
C ALA GH 56 100.40 -0.52 37.86
N VAL GH 57 100.49 -0.28 36.55
CA VAL GH 57 99.48 0.53 35.88
C VAL GH 57 98.13 -0.18 35.88
N ASP GH 58 98.14 -1.50 35.75
CA ASP GH 58 96.88 -2.23 35.78
C ASP GH 58 96.22 -2.15 37.15
N SER GH 59 97.04 -2.14 38.20
CA SER GH 59 96.49 -2.04 39.55
C SER GH 59 96.04 -0.63 39.86
N GLY GH 60 96.84 0.36 39.47
CA GLY GH 60 96.48 1.74 39.72
C GLY GH 60 95.22 2.17 38.99
N VAL GH 61 95.00 1.64 37.80
CA VAL GH 61 93.80 2.00 37.04
C VAL GH 61 92.56 1.49 37.75
N GLU GH 62 92.61 0.27 38.28
CA GLU GH 62 91.43 -0.31 38.91
C GLU GH 62 91.11 0.37 40.23
N ALA GH 63 92.11 0.82 40.97
CA ALA GH 63 91.87 1.46 42.25
C ALA GH 63 91.31 2.87 42.08
N ALA GH 64 91.90 3.65 41.17
CA ALA GH 64 91.39 4.99 40.92
C ALA GH 64 90.03 4.96 40.25
N LYS GH 65 89.77 3.94 39.43
CA LYS GH 65 88.46 3.79 38.81
C LYS GH 65 87.37 3.64 39.87
N ARG GH 66 87.72 3.11 41.02
CA ARG GH 66 86.73 2.83 42.06
C ARG GH 66 86.19 4.10 42.69
N ILE GH 67 87.01 5.14 42.80
CA ILE GH 67 86.66 6.34 43.55
C ILE GH 67 86.69 7.60 42.71
N GLY GH 68 86.96 7.51 41.44
CA GLY GH 68 86.99 8.67 40.59
C GLY GH 68 86.89 8.29 39.14
N LYS GH 69 87.23 9.23 38.27
CA LYS GH 69 87.22 9.00 36.84
C LYS GH 69 88.66 8.86 36.36
N VAL GH 70 88.95 7.75 35.71
CA VAL GH 70 90.24 7.56 35.05
C VAL GH 70 90.06 7.91 33.58
N VAL GH 71 90.84 8.89 33.11
CA VAL GH 71 90.66 9.37 31.75
C VAL GH 71 91.42 8.51 30.77
N SER GH 72 92.66 8.16 31.10
CA SER GH 72 93.53 7.46 30.16
C SER GH 72 94.66 6.81 30.93
N SER GH 73 95.20 5.73 30.34
CA SER GH 73 96.36 5.04 30.89
C SER GH 73 97.19 4.52 29.73
N ARG GH 74 98.46 4.27 30.00
CA ARG GH 74 99.37 3.92 28.92
C ARG GH 74 100.68 3.42 29.49
N VAL GH 75 101.25 2.39 28.87
CA VAL GH 75 102.59 1.92 29.17
C VAL GH 75 103.45 2.08 27.92
N ILE GH 76 104.64 2.63 28.09
CA ILE GH 76 105.59 2.81 27.01
C ILE GH 76 106.80 1.95 27.33
N ALA GH 77 106.98 0.86 26.58
CA ALA GH 77 107.96 -0.14 26.95
C ALA GH 77 109.38 0.31 26.67
N ARG GH 78 109.66 0.83 25.49
CA ARG GH 78 110.97 1.39 25.15
C ARG GH 78 110.78 2.85 24.77
N PRO GH 79 110.88 3.76 25.72
CA PRO GH 79 110.71 5.18 25.40
C PRO GH 79 111.94 5.72 24.71
N HIS GH 80 111.71 6.63 23.78
CA HIS GH 80 112.80 7.24 23.04
C HIS GH 80 113.63 8.14 23.95
N ASN GH 81 114.91 8.29 23.60
CA ASN GH 81 115.81 9.06 24.45
C ASN GH 81 115.50 10.55 24.41
N ASP GH 82 114.90 11.02 23.32
CA ASP GH 82 114.43 12.41 23.28
C ASP GH 82 113.32 12.64 24.27
N ILE GH 83 112.55 11.60 24.59
CA ILE GH 83 111.46 11.73 25.54
C ILE GH 83 112.00 11.59 26.96
N GLU HH 3 113.64 -17.94 26.76
CA GLU HH 3 112.86 -16.72 26.83
C GLU HH 3 111.56 -16.86 26.06
N ALA HH 4 110.66 -15.90 26.21
CA ALA HH 4 109.32 -16.03 25.67
C ALA HH 4 109.35 -16.03 24.14
N LEU HH 5 108.19 -16.22 23.54
CA LEU HH 5 108.07 -16.36 22.11
C LEU HH 5 106.75 -15.77 21.64
N GLY HH 6 106.83 -14.84 20.71
CA GLY HH 6 105.64 -14.17 20.20
C GLY HH 6 105.47 -14.40 18.71
N LEU HH 7 104.23 -14.65 18.30
CA LEU HH 7 103.91 -15.02 16.92
C LEU HH 7 102.76 -14.16 16.41
N ILE HH 8 102.89 -13.67 15.19
CA ILE HH 8 101.81 -13.01 14.49
C ILE HH 8 101.69 -13.63 13.11
N GLU HH 9 100.47 -13.89 12.67
CA GLU HH 9 100.22 -14.52 11.39
C GLU HH 9 99.26 -13.67 10.58
N THR HH 10 99.63 -13.36 9.34
CA THR HH 10 98.89 -12.44 8.49
C THR HH 10 98.72 -13.04 7.12
N LYS HH 11 97.77 -12.49 6.36
CA LYS HH 11 97.63 -12.79 4.95
C LYS HH 11 98.46 -11.79 4.16
N GLY HH 12 99.45 -12.29 3.44
CA GLY HH 12 100.29 -11.44 2.62
C GLY HH 12 101.52 -10.95 3.37
N LEU HH 13 102.52 -10.53 2.59
CA LEU HH 13 103.80 -10.16 3.16
C LEU HH 13 103.82 -8.73 3.67
N VAL HH 14 103.08 -7.83 3.04
CA VAL HH 14 103.16 -6.42 3.44
C VAL HH 14 102.63 -6.24 4.86
N ALA HH 15 101.51 -6.88 5.18
CA ALA HH 15 100.99 -6.77 6.54
C ALA HH 15 101.96 -7.36 7.56
N CYS HH 16 102.83 -8.27 7.13
CA CYS HH 16 103.76 -8.89 8.06
C CYS HH 16 105.03 -8.06 8.24
N ILE HH 17 105.40 -7.26 7.25
CA ILE HH 17 106.54 -6.37 7.46
C ILE HH 17 106.15 -5.19 8.31
N GLU HH 18 104.89 -4.76 8.24
CA GLU HH 18 104.45 -3.71 9.14
C GLU HH 18 104.32 -4.24 10.57
N ALA HH 19 103.85 -5.46 10.73
CA ALA HH 19 103.79 -6.05 12.06
C ALA HH 19 105.18 -6.25 12.64
N ALA HH 20 106.13 -6.70 11.82
CA ALA HH 20 107.47 -6.94 12.32
C ALA HH 20 108.20 -5.64 12.63
N ASP HH 21 107.88 -4.58 11.90
CA ASP HH 21 108.51 -3.28 12.16
C ASP HH 21 107.99 -2.69 13.46
N ALA HH 22 106.67 -2.73 13.66
CA ALA HH 22 106.10 -2.20 14.90
C ALA HH 22 106.58 -2.98 16.12
N MET HH 23 106.69 -4.30 15.99
CA MET HH 23 107.13 -5.12 17.11
C MET HH 23 108.55 -4.74 17.54
N CYS HH 24 109.45 -4.60 16.58
CA CYS HH 24 110.84 -4.32 16.94
C CYS HH 24 111.04 -2.92 17.48
N LYS HH 25 110.10 -2.01 17.22
CA LYS HH 25 110.22 -0.64 17.71
C LYS HH 25 109.70 -0.51 19.13
N ALA HH 26 108.65 -1.26 19.46
CA ALA HH 26 107.86 -1.01 20.66
C ALA HH 26 108.32 -1.80 21.87
N ALA HH 27 109.44 -2.51 21.79
CA ALA HH 27 109.93 -3.29 22.92
C ALA HH 27 111.31 -3.81 22.59
N ASN HH 28 112.02 -4.26 23.62
CA ASN HH 28 113.36 -4.82 23.44
C ASN HH 28 113.24 -6.30 23.15
N VAL HH 29 112.98 -6.62 21.88
CA VAL HH 29 112.82 -7.99 21.42
C VAL HH 29 113.77 -8.22 20.25
N GLU HH 30 113.98 -9.49 19.94
CA GLU HH 30 114.82 -9.90 18.83
C GLU HH 30 113.96 -10.60 17.80
N LEU HH 31 114.12 -10.22 16.53
CA LEU HH 31 113.36 -10.83 15.45
C LEU HH 31 114.08 -12.06 14.96
N ILE HH 32 113.38 -13.20 14.96
CA ILE HH 32 113.96 -14.46 14.54
C ILE HH 32 113.86 -14.63 13.03
N GLY HH 33 112.70 -14.39 12.46
CA GLY HH 33 112.55 -14.45 11.02
C GLY HH 33 111.11 -14.69 10.61
N TYR HH 34 110.92 -14.78 9.31
CA TYR HH 34 109.63 -15.08 8.71
C TYR HH 34 109.57 -16.54 8.29
N GLU HH 35 108.36 -17.05 8.16
CA GLU HH 35 108.17 -18.45 7.78
C GLU HH 35 106.76 -18.58 7.18
N ASN HH 36 106.68 -18.66 5.86
CA ASN HH 36 105.39 -18.78 5.19
C ASN HH 36 105.10 -20.23 4.83
N VAL HH 37 103.81 -20.54 4.70
CA VAL HH 37 103.36 -21.91 4.48
C VAL HH 37 102.40 -21.98 3.30
N GLY HH 38 102.50 -21.05 2.37
CA GLY HH 38 101.61 -21.01 1.24
C GLY HH 38 100.22 -20.53 1.63
N SER HH 39 99.37 -20.37 0.63
CA SER HH 39 98.07 -19.73 0.74
C SER HH 39 98.19 -18.27 1.19
N GLY HH 40 99.39 -17.70 1.12
CA GLY HH 40 99.58 -16.31 1.51
C GLY HH 40 99.72 -16.09 2.99
N LEU HH 41 99.75 -17.13 3.81
CA LEU HH 41 99.94 -16.98 5.24
C LEU HH 41 101.42 -16.82 5.53
N VAL HH 42 101.78 -15.71 6.17
CA VAL HH 42 103.15 -15.45 6.59
C VAL HH 42 103.15 -15.20 8.08
N THR HH 43 104.21 -15.62 8.75
CA THR HH 43 104.29 -15.59 10.21
C THR HH 43 105.61 -14.95 10.63
N ALA HH 44 105.53 -14.05 11.61
CA ALA HH 44 106.70 -13.42 12.20
C ALA HH 44 106.91 -13.94 13.61
N MET HH 45 108.17 -14.11 14.00
CA MET HH 45 108.51 -14.67 15.30
C MET HH 45 109.51 -13.76 16.00
N VAL HH 46 109.12 -13.23 17.16
CA VAL HH 46 110.01 -12.43 17.98
C VAL HH 46 110.35 -13.23 19.24
N LYS HH 47 111.40 -12.79 19.92
CA LYS HH 47 111.91 -13.52 21.07
C LYS HH 47 112.50 -12.55 22.09
N GLY HH 48 112.12 -12.71 23.35
CA GLY HH 48 112.64 -11.85 24.39
C GLY HH 48 112.01 -12.19 25.72
N ASP HH 49 112.22 -11.32 26.70
CA ASP HH 49 111.61 -11.51 28.01
C ASP HH 49 110.09 -11.44 27.88
N VAL HH 50 109.41 -12.02 28.86
CA VAL HH 50 107.96 -12.20 28.76
C VAL HH 50 107.24 -10.86 28.70
N GLY HH 51 107.66 -9.91 29.54
CA GLY HH 51 107.00 -8.63 29.56
C GLY HH 51 107.20 -7.84 28.28
N ALA HH 52 108.42 -7.88 27.74
CA ALA HH 52 108.68 -7.21 26.47
C ALA HH 52 107.91 -7.87 25.35
N VAL HH 53 108.03 -9.19 25.23
CA VAL HH 53 107.38 -9.91 24.14
C VAL HH 53 105.87 -9.73 24.20
N ASN HH 54 105.30 -9.74 25.40
CA ASN HH 54 103.88 -9.45 25.53
C ASN HH 54 103.56 -8.12 24.88
N ALA HH 55 104.24 -7.05 25.32
CA ALA HH 55 103.99 -5.70 24.81
C ALA HH 55 104.16 -5.62 23.30
N ALA HH 56 105.21 -6.25 22.77
CA ALA HH 56 105.48 -6.19 21.35
C ALA HH 56 104.32 -6.75 20.54
N VAL HH 57 103.83 -7.93 20.92
CA VAL HH 57 102.78 -8.58 20.14
C VAL HH 57 101.51 -7.73 20.14
N ASP HH 58 101.23 -7.03 21.23
CA ASP HH 58 100.05 -6.17 21.25
C ASP HH 58 100.19 -5.03 20.25
N SER HH 59 101.36 -4.40 20.21
CA SER HH 59 101.57 -3.29 19.28
C SER HH 59 101.66 -3.80 17.84
N GLY HH 60 102.31 -4.94 17.63
CA GLY HH 60 102.46 -5.45 16.28
C GLY HH 60 101.15 -5.84 15.64
N VAL HH 61 100.21 -6.36 16.43
CA VAL HH 61 98.91 -6.72 15.88
C VAL HH 61 98.11 -5.47 15.60
N GLU HH 62 98.30 -4.43 16.40
CA GLU HH 62 97.55 -3.20 16.21
C GLU HH 62 97.97 -2.47 14.94
N ALA HH 63 99.25 -2.55 14.60
CA ALA HH 63 99.73 -1.93 13.37
C ALA HH 63 99.34 -2.74 12.14
N ALA HH 64 99.49 -4.06 12.21
CA ALA HH 64 99.23 -4.91 11.05
C ALA HH 64 97.75 -4.96 10.72
N LYS HH 65 96.90 -5.07 11.73
CA LYS HH 65 95.46 -5.10 11.51
C LYS HH 65 94.96 -3.87 10.79
N ARG HH 66 95.77 -2.81 10.77
CA ARG HH 66 95.34 -1.52 10.28
C ARG HH 66 95.38 -1.44 8.76
N ILE HH 67 96.27 -2.20 8.13
CA ILE HH 67 96.38 -2.21 6.67
C ILE HH 67 96.05 -3.55 6.06
N GLY HH 68 96.11 -4.65 6.82
CA GLY HH 68 95.86 -5.96 6.28
C GLY HH 68 95.08 -6.82 7.25
N LYS HH 69 95.21 -8.14 7.16
CA LYS HH 69 94.44 -9.05 7.99
C LYS HH 69 95.38 -9.82 8.90
N VAL HH 70 95.15 -9.72 10.21
CA VAL HH 70 95.89 -10.49 11.19
C VAL HH 70 95.08 -11.75 11.50
N VAL HH 71 95.66 -12.91 11.17
CA VAL HH 71 94.93 -14.16 11.30
C VAL HH 71 94.94 -14.64 12.75
N SER HH 72 96.10 -14.63 13.38
CA SER HH 72 96.18 -15.06 14.78
C SER HH 72 97.47 -14.52 15.39
N SER HH 73 97.44 -14.39 16.72
CA SER HH 73 98.60 -14.00 17.49
C SER HH 73 98.66 -14.86 18.74
N ARG HH 74 99.85 -14.95 19.34
CA ARG HH 74 100.03 -15.84 20.46
C ARG HH 74 101.36 -15.54 21.13
N VAL HH 75 101.41 -15.64 22.45
CA VAL HH 75 102.64 -15.53 23.21
C VAL HH 75 102.81 -16.80 24.04
N ILE HH 76 103.97 -17.44 23.89
CA ILE HH 76 104.34 -18.59 24.70
C ILE HH 76 105.36 -18.12 25.72
N ALA HH 77 104.99 -18.14 27.00
CA ALA HH 77 105.84 -17.55 28.02
C ALA HH 77 107.10 -18.38 28.24
N ARG HH 78 107.00 -19.70 28.13
CA ARG HH 78 108.13 -20.59 28.35
C ARG HH 78 108.00 -21.77 27.40
N PRO HH 79 108.59 -21.68 26.21
CA PRO HH 79 108.46 -22.78 25.25
C PRO HH 79 109.31 -23.97 25.66
N HIS HH 80 108.83 -25.15 25.30
CA HIS HH 80 109.61 -26.36 25.49
C HIS HH 80 110.86 -26.30 24.64
N ASN HH 81 111.90 -27.01 25.07
CA ASN HH 81 113.14 -27.00 24.33
C ASN HH 81 112.98 -27.64 22.95
N ASP HH 82 112.07 -28.60 22.81
CA ASP HH 82 111.81 -29.18 21.51
C ASP HH 82 111.27 -28.14 20.53
N ILE HH 83 110.45 -27.22 21.04
CA ILE HH 83 109.88 -26.19 20.18
C ILE HH 83 110.97 -25.28 19.63
N GLU HH 84 112.10 -25.15 20.32
CA GLU HH 84 113.20 -24.36 19.77
C GLU HH 84 114.10 -25.19 18.89
N LYS HH 85 113.49 -25.97 18.02
CA LYS HH 85 114.13 -26.61 16.87
C LYS HH 85 113.22 -26.57 15.66
N ILE HH 86 111.95 -26.24 15.84
CA ILE HH 86 111.02 -26.01 14.74
C ILE HH 86 111.08 -24.57 14.27
N ALA HH 87 111.13 -23.63 15.21
CA ALA HH 87 111.24 -22.23 14.84
C ALA HH 87 112.62 -21.93 14.27
N GLY HH 88 113.65 -22.11 15.08
CA GLY HH 88 115.02 -21.90 14.63
C GLY HH 88 115.63 -23.13 14.00
N MET IH 1 -39.77 102.15 0.28
CA MET IH 1 -39.25 103.01 -0.76
C MET IH 1 -39.76 104.42 -0.59
N ILE IH 2 -39.13 105.38 -1.26
CA ILE IH 2 -39.60 106.75 -1.31
C ILE IH 2 -39.43 107.29 -2.72
N LEU IH 3 -40.33 108.17 -3.12
CA LEU IH 3 -40.16 108.89 -4.36
C LEU IH 3 -39.12 109.97 -4.20
N ALA IH 4 -38.17 110.02 -5.13
CA ALA IH 4 -37.09 110.99 -5.04
C ALA IH 4 -36.66 111.35 -6.46
N LYS IH 5 -35.84 112.38 -6.54
CA LYS IH 5 -35.36 112.89 -7.82
C LYS IH 5 -33.84 113.00 -7.76
N VAL IH 6 -33.17 112.51 -8.80
CA VAL IH 6 -31.72 112.61 -8.85
C VAL IH 6 -31.33 114.06 -9.13
N THR IH 7 -30.48 114.61 -8.27
CA THR IH 7 -30.10 116.01 -8.36
C THR IH 7 -28.60 116.25 -8.46
N GLY IH 8 -27.79 115.20 -8.58
CA GLY IH 8 -26.36 115.39 -8.70
C GLY IH 8 -25.64 114.06 -8.59
N HIS IH 9 -24.35 114.14 -8.28
CA HIS IH 9 -23.55 112.94 -8.05
C HIS IH 9 -22.38 113.31 -7.16
N VAL IH 10 -21.72 112.27 -6.66
CA VAL IH 10 -20.61 112.42 -5.72
C VAL IH 10 -19.42 111.64 -6.25
N VAL IH 11 -18.26 112.26 -6.27
CA VAL IH 11 -17.02 111.64 -6.72
C VAL IH 11 -16.15 111.39 -5.50
N ALA IH 12 -15.97 110.13 -5.14
CA ALA IH 12 -15.19 109.74 -3.98
C ALA IH 12 -14.12 108.75 -4.42
N THR IH 13 -12.86 109.09 -4.13
CA THR IH 13 -11.73 108.26 -4.54
C THR IH 13 -11.29 107.30 -3.45
N GLN IH 14 -11.12 107.81 -2.23
CA GLN IH 14 -10.71 107.00 -1.08
C GLN IH 14 -11.98 106.45 -0.43
N LYS IH 15 -12.27 105.19 -0.66
CA LYS IH 15 -13.49 104.60 -0.13
C LYS IH 15 -13.28 103.11 0.06
N CYS IH 16 -14.27 102.47 0.68
CA CYS IH 16 -14.19 101.05 0.99
C CYS IH 16 -14.25 100.24 -0.30
N ASP IH 17 -14.18 98.92 -0.15
CA ASP IH 17 -14.18 98.02 -1.28
C ASP IH 17 -15.56 97.52 -1.65
N GLU IH 18 -16.51 97.57 -0.71
CA GLU IH 18 -17.88 97.20 -1.02
C GLU IH 18 -18.54 98.20 -1.96
N LEU IH 19 -17.88 99.31 -2.26
CA LEU IH 19 -18.43 100.35 -3.11
C LEU IH 19 -17.67 100.56 -4.41
N ARG IH 20 -16.72 99.68 -4.74
CA ARG IH 20 -15.93 99.84 -5.94
C ARG IH 20 -16.78 99.58 -7.18
N GLY IH 21 -16.70 100.48 -8.15
CA GLY IH 21 -17.39 100.29 -9.40
C GLY IH 21 -18.89 100.48 -9.32
N SER IH 22 -19.32 101.63 -8.80
CA SER IH 22 -20.73 101.93 -8.69
C SER IH 22 -20.90 103.44 -8.68
N ASN IH 23 -22.09 103.88 -9.06
CA ASN IH 23 -22.40 105.30 -9.09
C ASN IH 23 -22.85 105.74 -7.70
N LEU IH 24 -22.70 107.03 -7.41
CA LEU IH 24 -23.15 107.59 -6.14
C LEU IH 24 -23.93 108.86 -6.45
N LEU IH 25 -25.26 108.77 -6.40
CA LEU IH 25 -26.13 109.86 -6.79
C LEU IH 25 -26.67 110.60 -5.58
N LEU IH 26 -26.87 111.90 -5.72
CA LEU IH 26 -27.60 112.66 -4.73
C LEU IH 26 -29.08 112.53 -5.02
N ILE IH 27 -29.85 112.22 -3.97
CA ILE IH 27 -31.22 111.77 -4.10
C ILE IH 27 -32.06 112.65 -3.19
N THR IH 28 -32.90 113.49 -3.77
CA THR IH 28 -33.68 114.43 -2.99
C THR IH 28 -35.13 113.98 -2.93
N ARG IH 29 -35.66 113.85 -1.72
CA ARG IH 29 -37.05 113.45 -1.55
C ARG IH 29 -37.98 114.59 -1.97
N LEU IH 30 -39.00 114.25 -2.75
CA LEU IH 30 -39.90 115.24 -3.30
C LEU IH 30 -41.29 115.08 -2.70
N ASP IH 31 -41.99 116.21 -2.57
CA ASP IH 31 -43.25 116.28 -1.85
C ASP IH 31 -44.45 115.90 -2.71
N ASP IH 32 -45.67 116.13 -2.21
CA ASP IH 32 -46.88 115.66 -2.89
C ASP IH 32 -47.28 116.49 -4.09
N LYS IH 33 -46.45 117.47 -4.49
CA LYS IH 33 -46.62 118.15 -5.75
C LYS IH 33 -45.53 117.79 -6.75
N GLN IH 34 -44.80 116.71 -6.48
CA GLN IH 34 -43.64 116.32 -7.26
C GLN IH 34 -42.64 117.47 -7.36
N GLN IH 35 -42.20 117.93 -6.18
CA GLN IH 35 -41.29 119.04 -6.08
C GLN IH 35 -40.30 118.74 -4.96
N PRO IH 36 -39.00 118.90 -5.18
CA PRO IH 36 -38.03 118.54 -4.15
C PRO IH 36 -38.20 119.37 -2.88
N MET IH 37 -37.86 118.75 -1.76
CA MET IH 37 -37.95 119.38 -0.45
C MET IH 37 -36.61 119.96 -0.06
N LYS IH 38 -36.54 120.53 1.15
CA LYS IH 38 -35.33 121.15 1.67
C LYS IH 38 -34.70 120.25 2.71
N ASP IH 39 -33.38 120.09 2.64
CA ASP IH 39 -32.63 119.32 3.63
C ASP IH 39 -33.11 117.87 3.68
N GLN IH 40 -33.25 117.25 2.51
CA GLN IH 40 -33.76 115.89 2.42
C GLN IH 40 -32.97 115.09 1.41
N THR IH 41 -31.65 115.21 1.42
CA THR IH 41 -30.79 114.61 0.42
C THR IH 41 -30.00 113.45 1.02
N TRP IH 42 -30.02 112.32 0.33
CA TRP IH 42 -29.21 111.16 0.68
C TRP IH 42 -28.32 110.81 -0.51
N VAL IH 43 -27.38 109.91 -0.27
CA VAL IH 43 -26.49 109.41 -1.31
C VAL IH 43 -26.86 107.95 -1.57
N ALA IH 44 -27.17 107.64 -2.82
CA ALA IH 44 -27.68 106.32 -3.17
C ALA IH 44 -26.78 105.69 -4.23
N VAL IH 45 -26.52 104.40 -4.07
CA VAL IH 45 -25.74 103.65 -5.04
C VAL IH 45 -26.68 103.26 -6.18
N ASP IH 46 -26.51 103.90 -7.33
CA ASP IH 46 -27.34 103.58 -8.48
C ASP IH 46 -27.24 102.10 -8.82
N ASN IH 47 -28.35 101.54 -9.26
CA ASN IH 47 -28.40 100.11 -9.57
C ASN IH 47 -29.07 99.77 -10.88
N VAL IH 48 -29.85 100.68 -11.47
CA VAL IH 48 -30.56 100.41 -12.71
C VAL IH 48 -30.22 101.40 -13.82
N GLY IH 49 -29.35 102.37 -13.56
CA GLY IH 49 -28.96 103.28 -14.61
C GLY IH 49 -29.78 104.55 -14.67
N ALA IH 50 -29.86 105.26 -13.56
CA ALA IH 50 -30.56 106.54 -13.51
C ALA IH 50 -29.58 107.68 -13.66
N GLY IH 51 -30.06 108.79 -14.23
CA GLY IH 51 -29.22 109.96 -14.42
C GLY IH 51 -29.87 111.19 -13.86
N MET IH 52 -29.42 112.37 -14.29
CA MET IH 52 -29.93 113.60 -13.70
C MET IH 52 -31.39 113.81 -14.06
N HIS IH 53 -32.11 114.46 -13.14
CA HIS IH 53 -33.48 114.92 -13.34
C HIS IH 53 -34.50 113.79 -13.38
N ASP IH 54 -34.10 112.56 -13.17
CA ASP IH 54 -35.00 111.42 -13.28
C ASP IH 54 -35.65 111.14 -11.94
N ILE IH 55 -36.95 110.85 -11.96
CA ILE IH 55 -37.66 110.49 -10.75
C ILE IH 55 -37.48 109.00 -10.50
N VAL IH 56 -36.89 108.65 -9.37
CA VAL IH 56 -36.53 107.27 -9.08
C VAL IH 56 -37.20 106.82 -7.80
N LEU IH 57 -36.93 105.58 -7.41
CA LEU IH 57 -37.57 104.92 -6.27
C LEU IH 57 -36.46 104.39 -5.38
N ALA IH 58 -36.04 105.18 -4.41
CA ALA IH 58 -34.88 104.86 -3.60
C ALA IH 58 -35.28 103.99 -2.43
N GLU IH 59 -34.56 102.89 -2.23
CA GLU IH 59 -34.87 101.92 -1.19
C GLU IH 59 -33.89 102.05 -0.04
N GLU IH 60 -34.34 101.68 1.15
CA GLU IH 60 -33.54 101.81 2.36
C GLU IH 60 -32.59 100.63 2.50
N TYR IH 61 -32.09 100.42 3.71
CA TYR IH 61 -30.81 99.75 3.97
C TYR IH 61 -30.47 98.58 3.05
N PHE IH 62 -31.26 97.51 3.07
CA PHE IH 62 -30.78 96.25 2.52
C PHE IH 62 -31.23 96.09 1.07
N ALA IH 63 -30.27 96.20 0.15
CA ALA IH 63 -30.50 95.87 -1.25
C ALA IH 63 -29.30 95.15 -1.87
N LEU IH 64 -28.42 94.58 -1.06
CA LEU IH 64 -27.26 93.80 -1.52
C LEU IH 64 -26.36 94.64 -2.43
N ASN IH 65 -25.80 95.70 -1.85
CA ASN IH 65 -24.95 96.62 -2.60
C ASN IH 65 -23.75 97.10 -1.78
N TYR IH 69 -24.19 93.32 3.06
CA TYR IH 69 -24.30 94.49 2.19
C TYR IH 69 -25.61 95.22 2.44
N LYS IH 70 -25.50 96.48 2.87
CA LYS IH 70 -26.70 97.23 3.24
C LYS IH 70 -26.68 98.67 2.74
N ALA IH 71 -26.18 98.92 1.54
CA ALA IH 71 -26.14 100.29 1.03
C ALA IH 71 -27.52 100.68 0.48
N MET IH 72 -27.83 101.96 0.63
CA MET IH 72 -29.09 102.52 0.15
C MET IH 72 -28.98 102.70 -1.35
N SER IH 73 -29.80 101.99 -2.11
CA SER IH 73 -29.69 101.99 -3.55
C SER IH 73 -31.00 102.40 -4.21
N VAL IH 74 -30.91 102.67 -5.51
CA VAL IH 74 -32.06 102.97 -6.35
C VAL IH 74 -32.49 101.68 -7.02
N VAL IH 75 -33.78 101.39 -6.99
CA VAL IH 75 -34.29 100.10 -7.43
C VAL IH 75 -35.31 100.20 -8.54
N ALA IH 76 -35.69 101.41 -8.96
CA ALA IH 76 -36.71 101.52 -10.00
C ALA IH 76 -36.71 102.95 -10.55
N ILE IH 77 -36.92 103.06 -11.85
CA ILE IH 77 -37.13 104.36 -12.50
C ILE IH 77 -38.62 104.48 -12.81
N VAL IH 78 -39.21 105.58 -12.37
CA VAL IH 78 -40.66 105.70 -12.33
C VAL IH 78 -41.16 106.37 -13.60
N GLU IH 79 -42.14 105.75 -14.25
CA GLU IH 79 -42.78 106.30 -15.44
C GLU IH 79 -43.93 107.24 -15.10
N LYS IH 80 -44.92 106.74 -14.35
CA LYS IH 80 -46.12 107.49 -14.03
C LYS IH 80 -46.39 107.40 -12.53
N VAL IH 81 -46.80 108.53 -11.95
CA VAL IH 81 -47.22 108.60 -10.56
C VAL IH 81 -48.67 109.09 -10.58
N PHE IH 82 -49.61 108.16 -10.55
CA PHE IH 82 -51.02 108.52 -10.48
C PHE IH 82 -51.40 108.74 -9.03
N ARG IH 83 -51.92 109.92 -8.72
CA ARG IH 83 -52.15 110.31 -7.32
C ARG IH 83 -53.39 111.19 -7.26
N ASP IH 84 -54.43 110.69 -6.59
CA ASP IH 84 -55.60 111.51 -6.31
C ASP IH 84 -56.45 110.86 -5.22
N GLU JH 3 17.31 109.75 -39.42
CA GLU JH 3 17.15 109.20 -38.08
C GLU JH 3 16.62 107.78 -38.14
N ALA JH 4 16.73 107.07 -37.03
CA ALA JH 4 16.30 105.67 -36.99
C ALA JH 4 14.78 105.59 -37.01
N LEU JH 5 14.27 104.37 -36.87
CA LEU JH 5 12.85 104.13 -36.95
C LEU JH 5 12.49 102.95 -36.06
N GLY JH 6 11.46 103.11 -35.25
CA GLY JH 6 11.06 102.06 -34.32
C GLY JH 6 9.60 101.72 -34.47
N LEU JH 7 9.31 100.42 -34.34
CA LEU JH 7 7.98 99.90 -34.65
C LEU JH 7 7.55 98.91 -33.58
N ILE JH 8 6.32 99.07 -33.09
CA ILE JH 8 5.69 98.09 -32.22
C ILE JH 8 4.33 97.77 -32.81
N GLU JH 9 3.94 96.50 -32.71
CA GLU JH 9 2.66 96.04 -33.23
C GLU JH 9 1.93 95.24 -32.16
N THR JH 10 0.67 95.57 -31.94
CA THR JH 10 -0.10 94.97 -30.86
C THR JH 10 -1.48 94.57 -31.38
N LYS JH 11 -2.14 93.73 -30.61
CA LYS JH 11 -3.54 93.39 -30.85
C LYS JH 11 -4.42 94.31 -30.03
N GLY JH 12 -5.24 95.10 -30.69
CA GLY JH 12 -6.10 96.01 -29.97
C GLY JH 12 -5.51 97.40 -29.90
N LEU JH 13 -6.37 98.39 -29.72
CA LEU JH 13 -5.91 99.77 -29.72
C LEU JH 13 -5.41 100.21 -28.35
N VAL JH 14 -5.99 99.67 -27.28
CA VAL JH 14 -5.60 100.10 -25.94
C VAL JH 14 -4.15 99.76 -25.67
N ALA JH 15 -3.75 98.52 -26.00
CA ALA JH 15 -2.38 98.11 -25.76
C ALA JH 15 -1.40 98.96 -26.55
N CYS JH 16 -1.85 99.55 -27.66
CA CYS JH 16 -0.94 100.36 -28.47
C CYS JH 16 -0.79 101.76 -27.94
N ILE JH 17 -1.86 102.34 -27.39
CA ILE JH 17 -1.75 103.69 -26.83
C ILE JH 17 -0.90 103.67 -25.57
N GLU JH 18 -0.99 102.61 -24.79
CA GLU JH 18 -0.09 102.44 -23.65
C GLU JH 18 1.35 102.34 -24.14
N ALA JH 19 1.59 101.52 -25.17
CA ALA JH 19 2.94 101.37 -25.70
C ALA JH 19 3.47 102.68 -26.24
N ALA JH 20 2.65 103.42 -26.97
CA ALA JH 20 3.11 104.68 -27.54
C ALA JH 20 3.35 105.74 -26.49
N ASP JH 21 2.64 105.69 -25.37
CA ASP JH 21 2.89 106.65 -24.31
C ASP JH 21 4.21 106.35 -23.61
N ALA JH 22 4.47 105.07 -23.30
CA ALA JH 22 5.72 104.71 -22.67
C ALA JH 22 6.91 105.07 -23.54
N MET JH 23 6.80 104.84 -24.85
CA MET JH 23 7.89 105.19 -25.75
C MET JH 23 8.20 106.67 -25.70
N CYS JH 24 7.17 107.52 -25.72
CA CYS JH 24 7.41 108.96 -25.76
C CYS JH 24 8.01 109.47 -24.47
N LYS JH 25 7.74 108.81 -23.34
CA LYS JH 25 8.26 109.28 -22.06
C LYS JH 25 9.67 108.78 -21.79
N ALA JH 26 10.02 107.61 -22.31
CA ALA JH 26 11.25 106.93 -21.93
C ALA JH 26 12.49 107.45 -22.65
N ALA JH 27 12.35 108.22 -23.71
CA ALA JH 27 13.51 108.70 -24.43
C ALA JH 27 13.10 109.84 -25.35
N ASN JH 28 14.09 110.52 -25.92
CA ASN JH 28 13.82 111.66 -26.79
C ASN JH 28 13.53 111.15 -28.20
N VAL JH 29 12.29 110.69 -28.38
CA VAL JH 29 11.81 110.24 -29.68
C VAL JH 29 10.49 110.94 -29.97
N GLU JH 30 10.16 111.03 -31.25
CA GLU JH 30 8.95 111.71 -31.71
C GLU JH 30 8.02 110.70 -32.36
N LEU JH 31 6.72 110.85 -32.11
CA LEU JH 31 5.72 109.90 -32.58
C LEU JH 31 5.30 110.26 -33.99
N ILE JH 32 5.43 109.31 -34.92
CA ILE JH 32 5.07 109.55 -36.31
C ILE JH 32 3.56 109.41 -36.49
N GLY JH 33 3.01 108.25 -36.12
CA GLY JH 33 1.58 108.07 -36.21
C GLY JH 33 1.22 106.62 -35.98
N TYR JH 34 -0.08 106.37 -36.03
CA TYR JH 34 -0.64 105.03 -35.94
C TYR JH 34 -1.05 104.55 -37.33
N GLU JH 35 -1.16 103.23 -37.47
CA GLU JH 35 -1.59 102.65 -38.73
C GLU JH 35 -2.09 101.23 -38.45
N ASN JH 36 -3.40 101.04 -38.50
CA ASN JH 36 -3.98 99.73 -38.29
C ASN JH 36 -4.35 99.09 -39.63
N VAL JH 37 -3.96 97.83 -39.80
CA VAL JH 37 -4.15 97.11 -41.05
C VAL JH 37 -5.04 95.92 -40.76
N GLY JH 38 -6.35 96.12 -40.88
CA GLY JH 38 -7.24 94.97 -40.78
C GLY JH 38 -7.32 94.42 -39.36
N SER JH 39 -7.22 93.09 -39.26
CA SER JH 39 -7.73 92.39 -38.11
C SER JH 39 -6.98 92.73 -36.83
N GLY JH 40 -7.57 93.62 -36.04
CA GLY JH 40 -7.09 94.00 -34.73
C GLY JH 40 -5.59 94.19 -34.59
N LEU JH 41 -4.94 94.79 -35.58
CA LEU JH 41 -3.50 95.00 -35.54
C LEU JH 41 -3.23 96.49 -35.72
N VAL JH 42 -2.75 97.13 -34.67
CA VAL JH 42 -2.37 98.53 -34.72
C VAL JH 42 -0.87 98.63 -34.52
N THR JH 43 -0.26 99.61 -35.18
CA THR JH 43 1.19 99.78 -35.17
C THR JH 43 1.51 101.25 -34.92
N ALA JH 44 2.44 101.50 -34.00
CA ALA JH 44 2.93 102.84 -33.71
C ALA JH 44 4.37 102.96 -34.20
N MET JH 45 4.72 104.14 -34.73
CA MET JH 45 6.02 104.38 -35.31
C MET JH 45 6.66 105.60 -34.66
N VAL JH 46 7.89 105.45 -34.19
CA VAL JH 46 8.65 106.55 -33.59
C VAL JH 46 9.96 106.70 -34.35
N LYS JH 47 10.54 107.88 -34.27
CA LYS JH 47 11.81 108.14 -34.93
C LYS JH 47 12.68 109.03 -34.05
N GLY JH 48 13.99 108.85 -34.19
CA GLY JH 48 14.96 109.56 -33.38
C GLY JH 48 16.33 108.95 -33.57
N ASP JH 49 17.26 109.33 -32.71
CA ASP JH 49 18.59 108.77 -32.81
C ASP JH 49 18.58 107.29 -32.47
N VAL JH 50 19.65 106.59 -32.86
CA VAL JH 50 19.65 105.13 -32.78
C VAL JH 50 19.68 104.66 -31.33
N GLY JH 51 20.43 105.35 -30.48
CA GLY JH 51 20.47 104.96 -29.08
C GLY JH 51 19.18 105.32 -28.35
N ALA JH 52 18.57 106.43 -28.72
CA ALA JH 52 17.29 106.80 -28.14
C ALA JH 52 16.19 105.85 -28.58
N VAL JH 53 16.08 105.63 -29.89
CA VAL JH 53 15.01 104.79 -30.43
C VAL JH 53 15.12 103.38 -29.90
N ASN JH 54 16.35 102.89 -29.74
CA ASN JH 54 16.52 101.56 -29.18
C ASN JH 54 16.06 101.52 -27.73
N ALA JH 55 16.21 102.63 -27.00
CA ALA JH 55 15.81 102.68 -25.60
C ALA JH 55 14.31 102.89 -25.46
N ALA JH 56 13.67 103.47 -26.49
CA ALA JH 56 12.23 103.67 -26.42
C ALA JH 56 11.48 102.38 -26.72
N VAL JH 57 12.00 101.56 -27.62
CA VAL JH 57 11.24 100.39 -28.07
C VAL JH 57 11.21 99.32 -26.99
N ASP JH 58 12.30 99.12 -26.26
CA ASP JH 58 12.29 98.08 -25.25
C ASP JH 58 11.47 98.47 -24.03
N SER JH 59 11.30 99.77 -23.80
CA SER JH 59 10.39 100.20 -22.74
C SER JH 59 8.94 100.12 -23.18
N GLY JH 60 8.66 100.50 -24.42
CA GLY JH 60 7.31 100.42 -24.94
C GLY JH 60 6.79 99.01 -25.08
N VAL JH 61 7.67 98.07 -25.42
CA VAL JH 61 7.27 96.67 -25.46
C VAL JH 61 6.98 96.16 -24.06
N GLU JH 62 7.75 96.64 -23.08
CA GLU JH 62 7.59 96.22 -21.70
C GLU JH 62 6.23 96.62 -21.15
N ALA JH 63 5.74 97.81 -21.54
CA ALA JH 63 4.48 98.31 -21.02
C ALA JH 63 3.29 97.64 -21.68
N ALA JH 64 3.30 97.55 -23.02
CA ALA JH 64 2.16 96.97 -23.72
C ALA JH 64 2.05 95.47 -23.47
N LYS JH 65 3.17 94.81 -23.23
CA LYS JH 65 3.15 93.39 -22.87
C LYS JH 65 2.44 93.15 -21.55
N ARG JH 66 2.29 94.20 -20.75
CA ARG JH 66 1.69 94.06 -19.43
C ARG JH 66 0.19 93.84 -19.52
N ILE JH 67 -0.49 94.56 -20.42
CA ILE JH 67 -1.95 94.55 -20.50
C ILE JH 67 -2.46 93.95 -21.79
N GLY JH 68 -1.61 93.68 -22.77
CA GLY JH 68 -2.08 93.13 -24.02
C GLY JH 68 -1.07 92.23 -24.68
N LYS JH 69 -1.20 92.03 -25.98
CA LYS JH 69 -0.30 91.19 -26.74
C LYS JH 69 0.55 92.07 -27.64
N VAL JH 70 1.87 91.99 -27.47
CA VAL JH 70 2.81 92.61 -28.38
C VAL JH 70 3.18 91.57 -29.43
N VAL JH 71 2.88 91.86 -30.68
CA VAL JH 71 3.09 90.90 -31.75
C VAL JH 71 4.52 90.96 -32.28
N SER JH 72 5.02 92.16 -32.56
CA SER JH 72 6.35 92.31 -33.11
C SER JH 72 6.91 93.67 -32.76
N SER JH 73 8.23 93.76 -32.70
CA SER JH 73 8.94 95.02 -32.52
C SER JH 73 10.20 94.98 -33.35
N ARG JH 74 10.68 96.16 -33.74
CA ARG JH 74 11.80 96.21 -34.66
C ARG JH 74 12.34 97.62 -34.74
N VAL JH 75 13.67 97.75 -34.77
CA VAL JH 75 14.36 99.02 -34.96
C VAL JH 75 15.12 98.95 -36.27
N ILE JH 76 15.01 100.00 -37.06
CA ILE JH 76 15.74 100.11 -38.33
C ILE JH 76 16.73 101.25 -38.17
N ALA JH 77 18.03 100.91 -38.19
CA ALA JH 77 19.05 101.89 -37.82
C ALA JH 77 19.20 102.97 -38.87
N ARG JH 78 19.03 102.63 -40.14
CA ARG JH 78 19.06 103.63 -41.22
C ARG JH 78 18.01 103.23 -42.24
N PRO JH 79 16.81 103.81 -42.18
CA PRO JH 79 15.79 103.48 -43.16
C PRO JH 79 16.15 104.07 -44.51
N HIS JH 80 15.91 103.28 -45.55
CA HIS JH 80 16.23 103.72 -46.90
C HIS JH 80 15.37 104.92 -47.28
N ASN JH 81 15.95 105.80 -48.10
CA ASN JH 81 15.28 107.05 -48.42
C ASN JH 81 13.91 106.81 -49.05
N ASP JH 82 13.80 105.78 -49.88
CA ASP JH 82 12.52 105.47 -50.53
C ASP JH 82 11.42 105.23 -49.50
N ILE JH 83 11.76 104.58 -48.40
CA ILE JH 83 10.79 104.23 -47.39
C ILE JH 83 10.49 105.43 -46.50
N GLU KH 3 -5.52 116.86 -19.47
CA GLU KH 3 -6.46 116.10 -18.65
C GLU KH 3 -6.27 114.61 -18.86
N ALA KH 4 -6.70 113.82 -17.88
CA ALA KH 4 -6.49 112.38 -17.93
C ALA KH 4 -7.25 111.77 -19.10
N LEU KH 5 -7.11 110.46 -19.27
CA LEU KH 5 -7.67 109.79 -20.43
C LEU KH 5 -7.95 108.34 -20.08
N GLY KH 6 -9.16 107.89 -20.32
CA GLY KH 6 -9.54 106.52 -19.99
C GLY KH 6 -10.04 105.78 -21.21
N LEU KH 7 -9.75 104.48 -21.24
CA LEU KH 7 -10.09 103.64 -22.38
C LEU KH 7 -10.73 102.35 -21.91
N ILE KH 8 -11.78 101.93 -22.60
CA ILE KH 8 -12.37 100.61 -22.43
C ILE KH 8 -12.46 99.98 -23.81
N GLU KH 9 -12.06 98.72 -23.92
CA GLU KH 9 -12.09 97.99 -25.18
C GLU KH 9 -12.97 96.77 -25.02
N THR KH 10 -13.95 96.64 -25.89
CA THR KH 10 -14.97 95.60 -25.78
C THR KH 10 -15.13 94.89 -27.11
N LYS KH 11 -15.61 93.66 -27.04
CA LYS KH 11 -15.90 92.87 -28.23
C LYS KH 11 -17.36 93.08 -28.61
N GLY KH 12 -17.58 93.79 -29.70
CA GLY KH 12 -18.93 94.11 -30.12
C GLY KH 12 -19.31 95.54 -29.74
N LEU KH 13 -20.22 96.12 -30.53
CA LEU KH 13 -20.58 97.51 -30.31
C LEU KH 13 -21.57 97.70 -29.18
N VAL KH 14 -22.48 96.75 -28.97
CA VAL KH 14 -23.51 96.92 -27.96
C VAL KH 14 -22.87 97.03 -26.58
N ALA KH 15 -21.93 96.13 -26.27
CA ALA KH 15 -21.25 96.20 -24.98
C ALA KH 15 -20.51 97.50 -24.80
N CYS KH 16 -20.17 98.19 -25.89
CA CYS KH 16 -19.43 99.44 -25.78
C CYS KH 16 -20.34 100.63 -25.53
N ILE KH 17 -21.61 100.56 -25.96
CA ILE KH 17 -22.53 101.63 -25.65
C ILE KH 17 -23.05 101.52 -24.22
N GLU KH 18 -23.17 100.31 -23.70
CA GLU KH 18 -23.46 100.16 -22.28
C GLU KH 18 -22.31 100.68 -21.44
N ALA KH 19 -21.08 100.36 -21.83
CA ALA KH 19 -19.92 100.87 -21.10
C ALA KH 19 -19.85 102.39 -21.16
N ALA KH 20 -20.08 102.98 -22.33
CA ALA KH 20 -20.00 104.42 -22.44
C ALA KH 20 -21.15 105.12 -21.73
N ASP KH 21 -22.28 104.44 -21.57
CA ASP KH 21 -23.39 105.05 -20.85
C ASP KH 21 -23.12 105.06 -19.35
N ALA KH 22 -22.54 103.98 -18.82
CA ALA KH 22 -22.20 103.95 -17.41
C ALA KH 22 -21.08 104.93 -17.11
N MET KH 23 -20.12 105.07 -18.01
CA MET KH 23 -19.04 106.03 -17.81
C MET KH 23 -19.57 107.45 -17.73
N CYS KH 24 -20.47 107.82 -18.63
CA CYS KH 24 -20.91 109.21 -18.71
C CYS KH 24 -21.84 109.59 -17.57
N LYS KH 25 -22.47 108.63 -16.93
CA LYS KH 25 -23.33 108.92 -15.78
C LYS KH 25 -22.58 108.90 -14.46
N ALA KH 26 -21.41 108.26 -14.42
CA ALA KH 26 -20.70 108.05 -13.16
C ALA KH 26 -19.96 109.27 -12.69
N ALA KH 27 -19.54 110.15 -13.60
CA ALA KH 27 -18.79 111.33 -13.21
C ALA KH 27 -18.89 112.38 -14.31
N ASN KH 28 -18.16 113.47 -14.13
CA ASN KH 28 -18.23 114.59 -15.06
C ASN KH 28 -17.08 114.50 -16.05
N VAL KH 29 -17.23 113.60 -17.01
CA VAL KH 29 -16.26 113.39 -18.07
C VAL KH 29 -16.94 113.63 -19.41
N GLU KH 30 -16.18 114.10 -20.39
CA GLU KH 30 -16.68 114.28 -21.74
C GLU KH 30 -16.24 113.11 -22.60
N LEU KH 31 -17.16 112.59 -23.39
CA LEU KH 31 -16.91 111.41 -24.21
C LEU KH 31 -16.37 111.84 -25.56
N ILE KH 32 -15.24 111.25 -25.95
CA ILE KH 32 -14.55 111.67 -27.18
C ILE KH 32 -15.12 110.96 -28.40
N GLY KH 33 -15.19 109.64 -28.37
CA GLY KH 33 -15.80 108.92 -29.47
C GLY KH 33 -15.25 107.52 -29.58
N TYR KH 34 -15.89 106.73 -30.44
CA TYR KH 34 -15.55 105.34 -30.65
C TYR KH 34 -14.50 105.21 -31.75
N GLU KH 35 -13.83 104.06 -31.75
CA GLU KH 35 -12.84 103.74 -32.78
C GLU KH 35 -12.73 102.22 -32.83
N ASN KH 36 -13.19 101.62 -33.92
CA ASN KH 36 -13.07 100.18 -34.09
C ASN KH 36 -11.94 99.85 -35.05
N VAL KH 37 -11.16 98.84 -34.68
CA VAL KH 37 -9.94 98.48 -35.40
C VAL KH 37 -10.09 97.15 -36.11
N GLY KH 38 -11.29 96.60 -36.18
CA GLY KH 38 -11.51 95.33 -36.81
C GLY KH 38 -11.41 94.17 -35.85
N SER KH 39 -11.88 93.01 -36.31
CA SER KH 39 -11.98 91.79 -35.53
C SER KH 39 -13.01 91.90 -34.41
N GLY KH 40 -13.90 92.89 -34.48
CA GLY KH 40 -14.94 93.06 -33.50
C GLY KH 40 -14.57 93.88 -32.30
N LEU KH 41 -13.38 94.48 -32.28
CA LEU KH 41 -12.90 95.25 -31.13
C LEU KH 41 -13.33 96.70 -31.30
N VAL KH 42 -14.07 97.22 -30.34
CA VAL KH 42 -14.50 98.61 -30.31
C VAL KH 42 -14.00 99.24 -29.02
N THR KH 43 -13.59 100.51 -29.10
CA THR KH 43 -12.97 101.21 -27.99
C THR KH 43 -13.66 102.54 -27.77
N ALA KH 44 -13.98 102.84 -26.52
CA ALA KH 44 -14.54 104.12 -26.12
C ALA KH 44 -13.51 104.91 -25.33
N MET KH 45 -13.47 106.22 -25.53
CA MET KH 45 -12.44 107.07 -24.95
C MET KH 45 -13.09 108.28 -24.29
N VAL KH 46 -12.79 108.50 -23.02
CA VAL KH 46 -13.28 109.65 -22.28
C VAL KH 46 -12.08 110.46 -21.79
N LYS KH 47 -12.35 111.68 -21.36
CA LYS KH 47 -11.28 112.53 -20.86
C LYS KH 47 -11.85 113.51 -19.84
N GLY KH 48 -11.05 113.78 -18.81
CA GLY KH 48 -11.46 114.65 -17.73
C GLY KH 48 -10.42 114.61 -16.63
N ASP KH 49 -10.79 115.15 -15.48
CA ASP KH 49 -9.89 115.10 -14.33
C ASP KH 49 -9.67 113.66 -13.91
N VAL KH 50 -8.53 113.43 -13.25
CA VAL KH 50 -8.09 112.05 -13.00
C VAL KH 50 -8.89 111.38 -11.90
N GLY KH 51 -9.52 112.14 -11.01
CA GLY KH 51 -10.43 111.52 -10.05
C GLY KH 51 -11.74 111.11 -10.68
N ALA KH 52 -12.21 111.90 -11.65
CA ALA KH 52 -13.43 111.55 -12.36
C ALA KH 52 -13.19 110.40 -13.33
N VAL KH 53 -12.11 110.48 -14.11
CA VAL KH 53 -11.83 109.45 -15.11
C VAL KH 53 -11.60 108.12 -14.44
N ASN KH 54 -10.96 108.11 -13.28
CA ASN KH 54 -10.74 106.86 -12.57
C ASN KH 54 -12.06 106.25 -12.11
N ALA KH 55 -13.01 107.09 -11.70
CA ALA KH 55 -14.30 106.59 -11.24
C ALA KH 55 -15.14 106.09 -12.40
N ALA KH 56 -15.05 106.77 -13.54
CA ALA KH 56 -15.86 106.39 -14.69
C ALA KH 56 -15.41 105.06 -15.27
N VAL KH 57 -14.11 104.86 -15.43
CA VAL KH 57 -13.61 103.64 -16.06
C VAL KH 57 -13.93 102.42 -15.20
N ASP KH 58 -13.86 102.57 -13.87
CA ASP KH 58 -14.20 101.44 -13.01
C ASP KH 58 -15.69 101.10 -13.12
N SER KH 59 -16.53 102.12 -13.29
CA SER KH 59 -17.96 101.88 -13.41
C SER KH 59 -18.29 101.29 -14.77
N GLY KH 60 -17.72 101.85 -15.84
CA GLY KH 60 -17.98 101.34 -17.17
C GLY KH 60 -17.53 99.91 -17.37
N VAL KH 61 -16.45 99.52 -16.70
CA VAL KH 61 -15.95 98.14 -16.85
C VAL KH 61 -16.94 97.16 -16.25
N GLU KH 62 -17.50 97.48 -15.09
CA GLU KH 62 -18.39 96.54 -14.42
C GLU KH 62 -19.72 96.42 -15.14
N ALA KH 63 -20.19 97.49 -15.78
CA ALA KH 63 -21.45 97.42 -16.51
C ALA KH 63 -21.32 96.65 -17.80
N ALA KH 64 -20.27 96.92 -18.57
CA ALA KH 64 -20.05 96.19 -19.82
C ALA KH 64 -19.71 94.72 -19.54
N LYS KH 65 -19.00 94.45 -18.45
CA LYS KH 65 -18.68 93.08 -18.08
C LYS KH 65 -19.94 92.26 -17.88
N ARG KH 66 -21.05 92.91 -17.52
CA ARG KH 66 -22.26 92.19 -17.18
C ARG KH 66 -22.94 91.60 -18.41
N ILE KH 67 -22.82 92.26 -19.56
CA ILE KH 67 -23.57 91.90 -20.76
C ILE KH 67 -22.69 91.59 -21.94
N GLY KH 68 -21.38 91.63 -21.79
CA GLY KH 68 -20.50 91.32 -22.88
C GLY KH 68 -19.12 90.99 -22.38
N LYS KH 69 -18.15 91.03 -23.28
CA LYS KH 69 -16.77 90.77 -22.94
C LYS KH 69 -16.00 92.08 -22.95
N VAL KH 70 -15.36 92.39 -21.84
CA VAL KH 70 -14.44 93.53 -21.76
C VAL KH 70 -13.04 92.99 -21.99
N VAL KH 71 -12.37 93.51 -23.02
CA VAL KH 71 -11.06 92.99 -23.37
C VAL KH 71 -9.97 93.65 -22.53
N SER KH 72 -10.05 94.97 -22.38
CA SER KH 72 -9.00 95.70 -21.68
C SER KH 72 -9.53 97.06 -21.25
N SER KH 73 -8.91 97.62 -20.23
CA SER KH 73 -9.22 98.95 -19.74
C SER KH 73 -7.94 99.60 -19.25
N ARG KH 74 -7.95 100.93 -19.20
CA ARG KH 74 -6.71 101.63 -18.89
C ARG KH 74 -7.02 103.09 -18.60
N VAL KH 75 -6.35 103.65 -17.60
CA VAL KH 75 -6.37 105.08 -17.33
C VAL KH 75 -4.96 105.62 -17.50
N ILE KH 76 -4.84 106.73 -18.20
CA ILE KH 76 -3.57 107.41 -18.42
C ILE KH 76 -3.67 108.76 -17.73
N ALA KH 77 -2.94 108.93 -16.63
CA ALA KH 77 -3.13 110.09 -15.78
C ALA KH 77 -2.56 111.35 -16.41
N ARG KH 78 -1.31 111.32 -16.84
CA ARG KH 78 -0.70 112.44 -17.55
C ARG KH 78 -0.32 111.98 -18.95
N PRO KH 79 -1.18 112.16 -19.94
CA PRO KH 79 -0.84 111.73 -21.29
C PRO KH 79 0.12 112.71 -21.94
N HIS KH 80 1.02 112.17 -22.74
CA HIS KH 80 2.01 112.98 -23.42
C HIS KH 80 1.34 113.85 -24.48
N ASN KH 81 1.97 115.00 -24.77
CA ASN KH 81 1.37 115.93 -25.71
C ASN KH 81 1.41 115.42 -27.13
N ASP KH 82 2.37 114.54 -27.45
CA ASP KH 82 2.38 113.90 -28.76
C ASP KH 82 1.19 112.97 -28.92
N ILE KH 83 0.66 112.44 -27.83
CA ILE KH 83 -0.49 111.56 -27.88
C ILE KH 83 -1.77 112.37 -27.92
N GLU LH 3 -2.46 118.11 1.04
CA GLU LH 3 -2.55 117.22 -0.09
C GLU LH 3 -2.11 115.81 0.30
N ALA LH 4 -2.41 114.84 -0.55
CA ALA LH 4 -2.19 113.45 -0.20
C ALA LH 4 -0.69 113.16 -0.11
N LEU LH 5 -0.38 111.93 0.29
CA LEU LH 5 1.00 111.53 0.53
C LEU LH 5 1.17 110.07 0.16
N GLY LH 6 2.15 109.79 -0.70
CA GLY LH 6 2.41 108.45 -1.17
C GLY LH 6 3.81 108.00 -0.82
N LEU LH 7 3.94 106.77 -0.35
CA LEU LH 7 5.20 106.23 0.14
C LEU LH 7 5.47 104.88 -0.50
N ILE LH 8 6.71 104.69 -0.94
CA ILE LH 8 7.19 103.39 -1.40
C ILE LH 8 8.49 103.09 -0.66
N GLU LH 9 8.67 101.84 -0.25
CA GLU LH 9 9.85 101.43 0.50
C GLU LH 9 10.47 100.21 -0.16
N THR LH 10 11.76 100.27 -0.40
CA THR LH 10 12.48 99.24 -1.14
C THR LH 10 13.77 98.88 -0.43
N LYS LH 11 14.33 97.74 -0.80
CA LYS LH 11 15.67 97.36 -0.37
C LYS LH 11 16.67 97.85 -1.40
N GLY LH 12 17.55 98.75 -1.00
CA GLY LH 12 18.55 99.27 -1.89
C GLY LH 12 18.12 100.52 -2.62
N LEU LH 13 19.10 101.27 -3.09
CA LEU LH 13 18.83 102.58 -3.67
C LEU LH 13 18.42 102.50 -5.14
N VAL LH 14 18.89 101.49 -5.86
CA VAL LH 14 18.58 101.45 -7.29
C VAL LH 14 17.10 101.21 -7.51
N ALA LH 15 16.49 100.29 -6.76
CA ALA LH 15 15.06 100.07 -6.91
C ALA LH 15 14.24 101.27 -6.50
N CYS LH 16 14.81 102.18 -5.72
CA CYS LH 16 14.06 103.35 -5.29
C CYS LH 16 14.21 104.51 -6.26
N ILE LH 17 15.27 104.53 -7.05
CA ILE LH 17 15.36 105.56 -8.10
C ILE LH 17 14.50 105.17 -9.28
N GLU LH 18 14.32 103.87 -9.52
CA GLU LH 18 13.39 103.46 -10.56
C GLU LH 18 11.95 103.70 -10.14
N ALA LH 19 11.63 103.49 -8.87
CA ALA LH 19 10.30 103.80 -8.39
C ALA LH 19 10.04 105.29 -8.41
N ALA LH 20 11.01 106.10 -8.03
CA ALA LH 20 10.81 107.54 -8.01
C ALA LH 20 10.70 108.10 -9.41
N ASP LH 21 11.40 107.50 -10.37
CA ASP LH 21 11.33 107.98 -11.74
C ASP LH 21 9.98 107.64 -12.37
N ALA LH 22 9.49 106.42 -12.13
CA ALA LH 22 8.20 106.03 -12.69
C ALA LH 22 7.07 106.85 -12.08
N MET LH 23 7.16 107.16 -10.79
CA MET LH 23 6.12 107.93 -10.13
C MET LH 23 6.01 109.32 -10.74
N CYS LH 24 7.13 110.01 -10.90
CA CYS LH 24 7.09 111.37 -11.39
C CYS LH 24 6.66 111.46 -12.85
N LYS LH 25 6.78 110.38 -13.61
CA LYS LH 25 6.39 110.39 -15.01
C LYS LH 25 4.90 110.14 -15.17
N ALA LH 26 4.33 109.32 -14.31
CA ALA LH 26 2.99 108.75 -14.52
C ALA LH 26 1.87 109.56 -13.90
N ALA LH 27 2.15 110.74 -13.35
CA ALA LH 27 1.12 111.57 -12.76
C ALA LH 27 1.73 112.92 -12.40
N ASN LH 28 0.87 113.86 -12.06
CA ASN LH 28 1.31 115.21 -11.69
C ASN LH 28 1.49 115.26 -10.18
N VAL LH 29 2.67 114.79 -9.74
CA VAL LH 29 3.02 114.76 -8.32
C VAL LH 29 4.35 115.48 -8.15
N GLU LH 30 4.68 115.77 -6.90
CA GLU LH 30 5.94 116.40 -6.54
C GLU LH 30 6.73 115.45 -5.67
N LEU LH 31 8.01 115.26 -6.01
CA LEU LH 31 8.87 114.41 -5.23
C LEU LH 31 9.45 115.21 -4.06
N ILE LH 32 9.27 114.69 -2.85
CA ILE LH 32 9.75 115.37 -1.66
C ILE LH 32 11.18 114.98 -1.35
N GLY LH 33 11.49 113.70 -1.39
CA GLY LH 33 12.86 113.26 -1.20
C GLY LH 33 12.92 111.82 -0.75
N TYR LH 34 14.15 111.37 -0.55
CA TYR LH 34 14.43 110.03 -0.03
C TYR LH 34 14.79 110.12 1.44
N GLU LH 35 14.63 109.00 2.14
CA GLU LH 35 14.94 108.96 3.55
C GLU LH 35 15.21 107.50 3.92
N ASN LH 36 16.48 107.16 4.10
CA ASN LH 36 16.87 105.80 4.44
C ASN LH 36 17.10 105.66 5.94
N VAL LH 37 16.92 104.44 6.43
CA VAL LH 37 16.97 104.17 7.86
C VAL LH 37 17.92 103.02 8.15
N GLY LH 38 18.89 102.79 7.28
CA GLY LH 38 19.81 101.69 7.46
C GLY LH 38 19.14 100.36 7.15
N SER LH 39 19.95 99.31 7.14
CA SER LH 39 19.58 97.97 6.69
C SER LH 39 19.20 97.94 5.22
N GLY LH 40 19.55 98.98 4.47
CA GLY LH 40 19.26 99.04 3.06
C GLY LH 40 17.85 99.45 2.71
N LEU LH 41 17.02 99.79 3.69
CA LEU LH 41 15.67 100.27 3.41
C LEU LH 41 15.73 101.74 3.02
N VAL LH 42 15.23 102.06 1.85
CA VAL LH 42 15.13 103.44 1.39
C VAL LH 42 13.68 103.71 1.02
N THR LH 43 13.22 104.93 1.27
CA THR LH 43 11.83 105.30 1.11
C THR LH 43 11.72 106.57 0.28
N ALA LH 44 10.80 106.56 -0.69
CA ALA LH 44 10.50 107.72 -1.52
C ALA LH 44 9.15 108.29 -1.11
N MET LH 45 9.03 109.62 -1.16
CA MET LH 45 7.83 110.30 -0.73
C MET LH 45 7.39 111.27 -1.82
N VAL LH 46 6.19 111.06 -2.35
CA VAL LH 46 5.59 111.97 -3.33
C VAL LH 46 4.40 112.66 -2.69
N LYS LH 47 3.99 113.76 -3.29
CA LYS LH 47 2.94 114.59 -2.71
C LYS LH 47 2.13 115.25 -3.82
N GLY LH 48 0.82 115.12 -3.75
CA GLY LH 48 -0.04 115.74 -4.73
C GLY LH 48 -1.50 115.47 -4.41
N ASP LH 49 -2.37 115.74 -5.38
CA ASP LH 49 -3.78 115.45 -5.21
C ASP LH 49 -3.99 113.95 -5.03
N VAL LH 50 -5.16 113.60 -4.46
CA VAL LH 50 -5.38 112.22 -4.07
C VAL LH 50 -5.45 111.30 -5.28
N GLY LH 51 -6.12 111.74 -6.34
CA GLY LH 51 -6.24 110.91 -7.52
C GLY LH 51 -4.90 110.71 -8.22
N ALA LH 52 -4.10 111.77 -8.29
CA ALA LH 52 -2.78 111.66 -8.89
C ALA LH 52 -1.87 110.79 -8.05
N VAL LH 53 -1.77 111.08 -6.75
CA VAL LH 53 -0.89 110.32 -5.86
C VAL LH 53 -1.26 108.85 -5.88
N ASN LH 54 -2.55 108.55 -5.89
CA ASN LH 54 -2.96 107.16 -6.00
C ASN LH 54 -2.35 106.51 -7.23
N ALA LH 55 -2.58 107.12 -8.40
CA ALA LH 55 -2.09 106.56 -9.66
C ALA LH 55 -0.57 106.42 -9.66
N ALA LH 56 0.14 107.42 -9.11
CA ALA LH 56 1.59 107.37 -9.12
C ALA LH 56 2.11 106.16 -8.35
N VAL LH 57 1.59 105.92 -7.15
CA VAL LH 57 2.10 104.84 -6.32
C VAL LH 57 1.88 103.49 -6.99
N ASP LH 58 0.78 103.34 -7.73
CA ASP LH 58 0.54 102.07 -8.42
C ASP LH 58 1.59 101.82 -9.49
N SER LH 59 1.92 102.84 -10.28
CA SER LH 59 2.92 102.68 -11.32
C SER LH 59 4.31 102.54 -10.72
N GLY LH 60 4.61 103.31 -9.67
CA GLY LH 60 5.92 103.26 -9.07
C GLY LH 60 6.25 101.90 -8.46
N VAL LH 61 5.26 101.26 -7.84
CA VAL LH 61 5.49 99.94 -7.28
C VAL LH 61 5.66 98.92 -8.39
N GLU LH 62 4.99 99.14 -9.50
CA GLU LH 62 5.04 98.19 -10.60
C GLU LH 62 6.39 98.22 -11.31
N ALA LH 63 7.00 99.40 -11.42
CA ALA LH 63 8.33 99.50 -12.01
C ALA LH 63 9.40 99.00 -11.05
N ALA LH 64 9.30 99.35 -9.78
CA ALA LH 64 10.34 99.00 -8.82
C ALA LH 64 10.35 97.51 -8.54
N LYS LH 65 9.18 96.90 -8.38
CA LYS LH 65 9.09 95.47 -8.15
C LYS LH 65 9.73 94.67 -9.27
N ARG LH 66 9.94 95.31 -10.41
CA ARG LH 66 10.40 94.60 -11.60
C ARG LH 66 11.89 94.30 -11.54
N ILE LH 67 12.66 95.13 -10.85
CA ILE LH 67 14.10 94.93 -10.75
C ILE LH 67 14.57 94.67 -9.33
N GLY LH 68 13.81 95.04 -8.30
CA GLY LH 68 14.23 94.82 -6.94
C GLY LH 68 13.09 94.37 -6.07
N LYS LH 69 13.16 94.67 -4.78
CA LYS LH 69 12.14 94.27 -3.83
C LYS LH 69 11.43 95.50 -3.29
N VAL LH 70 10.11 95.53 -3.44
CA VAL LH 70 9.29 96.58 -2.85
C VAL LH 70 8.77 96.08 -1.51
N VAL LH 71 9.17 96.75 -0.44
CA VAL LH 71 8.84 96.27 0.90
C VAL LH 71 7.42 96.64 1.27
N SER LH 72 7.01 97.88 1.02
CA SER LH 72 5.66 98.31 1.35
C SER LH 72 5.35 99.59 0.60
N SER LH 73 4.05 99.84 0.42
CA SER LH 73 3.56 101.06 -0.20
C SER LH 73 2.30 101.49 0.53
N ARG LH 74 1.98 102.78 0.43
CA ARG LH 74 0.89 103.33 1.22
C ARG LH 74 0.54 104.71 0.70
N VAL LH 75 -0.75 105.03 0.70
CA VAL LH 75 -1.24 106.37 0.37
C VAL LH 75 -2.04 106.88 1.56
N ILE LH 76 -1.68 108.07 2.04
CA ILE LH 76 -2.44 108.76 3.06
C ILE LH 76 -3.18 109.90 2.37
N ALA LH 77 -4.51 109.82 2.36
CA ALA LH 77 -5.29 110.78 1.60
C ALA LH 77 -5.27 112.16 2.22
N ARG LH 78 -5.23 112.23 3.55
CA ARG LH 78 -5.23 113.51 4.26
C ARG LH 78 -4.38 113.35 5.51
N PRO LH 79 -3.09 113.68 5.43
CA PRO LH 79 -2.23 113.52 6.60
C PRO LH 79 -2.49 114.59 7.63
N HIS LH 80 -2.29 114.23 8.89
CA HIS LH 80 -2.36 115.21 9.97
C HIS LH 80 -1.24 116.23 9.80
N ASN LH 81 -1.48 117.44 10.32
CA ASN LH 81 -0.49 118.48 10.18
C ASN LH 81 0.79 118.15 10.92
N ASP LH 82 0.70 117.37 12.01
CA ASP LH 82 1.90 116.95 12.71
C ASP LH 82 2.77 116.06 11.84
N ILE LH 83 2.15 115.24 11.00
CA ILE LH 83 2.91 114.36 10.11
C ILE LH 83 3.72 115.15 9.11
N GLU LH 84 3.29 116.38 8.78
CA GLU LH 84 4.08 117.21 7.87
C GLU LH 84 5.10 118.05 8.64
N LYS LH 85 5.78 117.37 9.56
CA LYS LH 85 7.00 117.85 10.19
C LYS LH 85 8.00 116.71 10.35
N ILE LH 86 7.58 115.48 10.12
CA ILE LH 86 8.44 114.32 10.14
C ILE LH 86 9.00 114.03 8.75
N ALA LH 87 8.13 114.13 7.74
CA ALA LH 87 8.59 113.98 6.36
C ALA LH 87 9.45 115.16 5.95
N GLY LH 88 8.87 116.36 5.94
CA GLY LH 88 9.60 117.56 5.59
C GLY LH 88 10.32 118.18 6.76
N MET MH 1 96.69 -19.09 47.54
CA MET MH 1 97.72 -19.62 46.67
C MET MH 1 98.96 -19.96 47.45
N ILE MH 2 99.86 -20.74 46.84
CA ILE MH 2 101.15 -21.04 47.41
C ILE MH 2 102.20 -21.00 46.31
N LEU MH 3 103.41 -20.58 46.68
CA LEU MH 3 104.53 -20.68 45.75
C LEU MH 3 105.00 -22.12 45.67
N ALA MH 4 105.16 -22.61 44.45
CA ALA MH 4 105.57 -23.99 44.24
C ALA MH 4 106.38 -24.07 42.97
N LYS MH 5 107.01 -25.23 42.77
CA LYS MH 5 107.87 -25.47 41.63
C LYS MH 5 107.44 -26.76 40.95
N VAL MH 6 107.30 -26.71 39.63
CA VAL MH 6 106.92 -27.92 38.89
C VAL MH 6 108.12 -28.88 38.86
N THR MH 7 107.88 -30.11 39.30
CA THR MH 7 108.96 -31.09 39.43
C THR MH 7 108.72 -32.38 38.67
N GLY MH 8 107.64 -32.47 37.88
CA GLY MH 8 107.39 -33.68 37.12
C GLY MH 8 106.01 -33.63 36.50
N HIS MH 9 105.51 -34.80 36.12
CA HIS MH 9 104.17 -34.92 35.59
C HIS MH 9 103.67 -36.33 35.85
N VAL MH 10 102.36 -36.51 35.66
CA VAL MH 10 101.68 -37.77 35.92
C VAL MH 10 100.91 -38.16 34.67
N VAL MH 11 101.04 -39.41 34.25
CA VAL MH 11 100.34 -39.94 33.10
C VAL MH 11 99.28 -40.91 33.61
N ALA MH 12 98.02 -40.54 33.47
CA ALA MH 12 96.90 -41.33 33.94
C ALA MH 12 95.95 -41.57 32.78
N THR MH 13 95.68 -42.83 32.47
CA THR MH 13 94.82 -43.20 31.35
C THR MH 13 93.38 -43.43 31.77
N GLN MH 14 93.17 -44.20 32.83
CA GLN MH 14 91.83 -44.48 33.35
C GLN MH 14 91.49 -43.40 34.37
N LYS MH 15 90.65 -42.45 33.98
CA LYS MH 15 90.31 -41.35 34.85
C LYS MH 15 88.93 -40.83 34.50
N CYS MH 16 88.44 -39.91 35.34
CA CYS MH 16 87.11 -39.37 35.15
C CYS MH 16 87.07 -38.50 33.90
N ASP MH 17 85.89 -37.95 33.63
CA ASP MH 17 85.68 -37.13 32.44
C ASP MH 17 85.90 -35.65 32.70
N GLU MH 18 85.81 -35.21 33.95
CA GLU MH 18 86.10 -33.83 34.27
C GLU MH 18 87.58 -33.49 34.09
N LEU MH 19 88.41 -34.49 33.82
CA LEU MH 19 89.84 -34.30 33.69
C LEU MH 19 90.37 -34.59 32.29
N ARG MH 20 89.50 -34.82 31.31
CA ARG MH 20 89.94 -35.16 29.98
C ARG MH 20 90.58 -33.96 29.30
N GLY MH 21 91.75 -34.15 28.71
CA GLY MH 21 92.40 -33.11 27.97
C GLY MH 21 93.01 -32.02 28.82
N SER MH 22 93.85 -32.41 29.78
CA SER MH 22 94.51 -31.46 30.66
C SER MH 22 95.79 -32.09 31.16
N ASN MH 23 96.72 -31.23 31.56
CA ASN MH 23 98.00 -31.69 32.08
C ASN MH 23 97.86 -31.98 33.57
N LEU MH 24 98.73 -32.85 34.08
CA LEU MH 24 98.75 -33.16 35.51
C LEU MH 24 100.19 -33.08 35.99
N LEU MH 25 100.52 -31.98 36.66
CA LEU MH 25 101.89 -31.70 37.07
C LEU MH 25 102.10 -32.01 38.54
N LEU MH 26 103.30 -32.46 38.88
CA LEU MH 26 103.71 -32.58 40.26
C LEU MH 26 104.20 -31.23 40.73
N ILE MH 27 103.72 -30.78 41.88
CA ILE MH 27 103.85 -29.40 42.33
C ILE MH 27 104.42 -29.47 43.74
N THR MH 28 105.65 -29.03 43.91
CA THR MH 28 106.32 -29.11 45.21
C THR MH 28 106.40 -27.74 45.85
N ARG MH 29 105.88 -27.63 47.07
CA ARG MH 29 105.94 -26.37 47.79
C ARG MH 29 107.36 -26.06 48.21
N LEU MH 30 107.78 -24.82 47.97
CA LEU MH 30 109.15 -24.41 48.24
C LEU MH 30 109.20 -23.40 49.38
N ASP MH 31 110.30 -23.45 50.14
CA ASP MH 31 110.42 -22.70 51.38
C ASP MH 31 110.91 -21.28 51.16
N ASP MH 32 111.26 -20.57 52.25
CA ASP MH 32 111.58 -19.14 52.16
C ASP MH 32 112.96 -18.86 51.59
N LYS MH 33 113.68 -19.88 51.12
CA LYS MH 33 114.90 -19.68 50.35
C LYS MH 33 114.70 -20.07 48.89
N GLN MH 34 113.45 -20.20 48.46
CA GLN MH 34 113.11 -20.70 47.12
C GLN MH 34 113.78 -22.05 46.86
N GLN MH 35 113.47 -23.00 47.75
CA GLN MH 35 114.03 -24.33 47.69
C GLN MH 35 112.94 -25.33 48.04
N PRO MH 36 112.75 -26.38 47.25
CA PRO MH 36 111.66 -27.32 47.52
C PRO MH 36 111.78 -27.99 48.88
N MET MH 37 110.64 -28.31 49.46
CA MET MH 37 110.57 -28.96 50.76
C MET MH 37 110.44 -30.47 50.57
N LYS MH 38 110.31 -31.18 51.69
CA LYS MH 38 110.19 -32.64 51.69
C LYS MH 38 108.76 -33.03 52.00
N ASP MH 39 108.23 -33.98 51.25
CA ASP MH 39 106.88 -34.51 51.46
C ASP MH 39 105.83 -33.42 51.35
N GLN MH 40 105.91 -32.63 50.29
CA GLN MH 40 105.01 -31.50 50.10
C GLN MH 40 104.56 -31.42 48.64
N THR MH 41 104.22 -32.55 48.05
CA THR MH 41 103.92 -32.61 46.62
C THR MH 41 102.43 -32.86 46.41
N TRP MH 42 101.83 -32.06 45.53
CA TRP MH 42 100.46 -32.25 45.11
C TRP MH 42 100.43 -32.41 43.60
N VAL MH 43 99.28 -32.79 43.08
CA VAL MH 43 99.06 -32.92 41.64
C VAL MH 43 98.12 -31.81 41.21
N ALA MH 44 98.54 -31.00 40.25
CA ALA MH 44 97.79 -29.83 39.85
C ALA MH 44 97.47 -29.90 38.37
N VAL MH 45 96.25 -29.51 38.01
CA VAL MH 45 95.84 -29.45 36.62
C VAL MH 45 96.36 -28.14 36.04
N ASP MH 46 97.37 -28.23 35.18
CA ASP MH 46 97.92 -27.03 34.56
C ASP MH 46 96.84 -26.28 33.82
N ASN MH 47 96.93 -24.95 33.85
CA ASN MH 47 95.92 -24.10 33.24
C ASN MH 47 96.49 -22.97 32.39
N VAL MH 48 97.76 -22.62 32.54
CA VAL MH 48 98.35 -21.52 31.80
C VAL MH 48 99.56 -21.94 30.98
N GLY MH 49 99.97 -23.20 31.03
CA GLY MH 49 101.07 -23.64 30.22
C GLY MH 49 102.41 -23.60 30.93
N ALA MH 50 102.50 -24.25 32.08
CA ALA MH 50 103.75 -24.33 32.82
C ALA MH 50 104.44 -25.66 32.52
N GLY MH 51 105.77 -25.65 32.59
CA GLY MH 51 106.55 -26.84 32.33
C GLY MH 51 107.52 -27.12 33.46
N MET MH 52 108.53 -27.92 33.20
CA MET MH 52 109.42 -28.32 34.28
C MET MH 52 110.25 -27.14 34.76
N HIS MH 53 110.59 -27.18 36.06
CA HIS MH 53 111.50 -26.24 36.71
C HIS MH 53 110.93 -24.84 36.87
N ASP MH 54 109.69 -24.61 36.49
CA ASP MH 54 109.11 -23.28 36.54
C ASP MH 54 108.45 -23.04 37.89
N ILE MH 55 108.65 -21.85 38.44
CA ILE MH 55 108.02 -21.48 39.70
C ILE MH 55 106.62 -20.95 39.39
N VAL MH 56 105.61 -21.62 39.95
CA VAL MH 56 104.23 -21.31 39.63
C VAL MH 56 103.47 -20.94 40.88
N LEU MH 57 102.18 -20.66 40.74
CA LEU MH 57 101.32 -20.17 41.81
C LEU MH 57 100.10 -21.08 41.85
N ALA MH 58 100.16 -22.13 42.66
CA ALA MH 58 99.13 -23.16 42.67
C ALA MH 58 98.01 -22.78 43.60
N GLU MH 59 96.78 -22.86 43.10
CA GLU MH 59 95.60 -22.46 43.85
C GLU MH 59 94.84 -23.68 44.34
N GLU MH 60 94.13 -23.50 45.44
CA GLU MH 60 93.41 -24.59 46.08
C GLU MH 60 92.06 -24.82 45.39
N TYR MH 61 91.15 -25.51 46.08
CA TYR MH 61 90.06 -26.27 45.48
C TYR MH 61 89.43 -25.67 44.24
N PHE MH 62 88.79 -24.51 44.35
CA PHE MH 62 87.86 -24.08 43.32
C PHE MH 62 88.56 -23.18 42.30
N ALA MH 63 88.76 -23.72 41.09
CA ALA MH 63 89.23 -22.93 39.97
C ALA MH 63 88.54 -23.32 38.67
N LEU MH 64 87.39 -24.01 38.75
CA LEU MH 64 86.61 -24.42 37.57
C LEU MH 64 87.43 -25.27 36.61
N ASN MH 65 87.84 -26.44 37.10
CA ASN MH 65 88.66 -27.34 36.31
C ASN MH 65 88.28 -28.80 36.52
N TYR MH 69 83.05 -28.09 39.70
CA TYR MH 69 84.45 -28.32 39.35
C TYR MH 69 85.37 -27.71 40.41
N LYS MH 70 86.16 -28.56 41.05
CA LYS MH 70 87.00 -28.09 42.17
C LYS MH 70 88.41 -28.67 42.13
N ALA MH 71 89.02 -28.82 40.96
CA ALA MH 71 90.36 -29.36 40.90
C ALA MH 71 91.39 -28.29 41.24
N MET MH 72 92.48 -28.72 41.86
CA MET MH 72 93.58 -27.84 42.25
C MET MH 72 94.39 -27.55 41.00
N SER MH 73 94.43 -26.29 40.59
CA SER MH 73 95.07 -25.91 39.34
C SER MH 73 96.15 -24.86 39.57
N VAL MH 74 96.94 -24.66 38.53
CA VAL MH 74 97.96 -23.62 38.48
C VAL MH 74 97.35 -22.40 37.79
N VAL MH 75 97.53 -21.23 38.38
CA VAL MH 75 96.83 -20.03 37.91
C VAL MH 75 97.77 -18.90 37.53
N ALA MH 76 99.08 -19.07 37.70
CA ALA MH 76 100.00 -17.99 37.38
C ALA MH 76 101.42 -18.53 37.32
N ILE MH 77 102.21 -18.00 36.39
CA ILE MH 77 103.63 -18.27 36.31
C ILE MH 77 104.36 -17.04 36.82
N VAL MH 78 105.26 -17.25 37.77
CA VAL MH 78 105.81 -16.16 38.57
C VAL MH 78 107.12 -15.69 37.94
N GLU MH 79 107.23 -14.38 37.74
CA GLU MH 79 108.44 -13.77 37.21
C GLU MH 79 109.43 -13.42 38.32
N LYS MH 80 109.00 -12.61 39.29
CA LYS MH 80 109.86 -12.13 40.36
C LYS MH 80 109.18 -12.34 41.70
N VAL MH 81 109.96 -12.75 42.69
CA VAL MH 81 109.50 -12.89 44.07
C VAL MH 81 110.38 -11.97 44.91
N PHE MH 82 109.92 -10.75 45.14
CA PHE MH 82 110.64 -9.82 45.99
C PHE MH 82 110.26 -10.09 47.43
N ARG MH 83 111.26 -10.34 48.28
CA ARG MH 83 110.99 -10.81 49.64
C ARG MH 83 112.09 -10.28 50.56
N ASP MH 84 111.71 -9.40 51.48
CA ASP MH 84 112.63 -8.95 52.52
C ASP MH 84 111.85 -8.29 53.66
N GLU NH 3 103.09 -56.25 -11.43
CA GLU NH 3 102.05 -56.28 -10.41
C GLU NH 3 101.09 -55.11 -10.59
N ALA NH 4 99.95 -55.17 -9.93
CA ALA NH 4 98.93 -54.14 -10.08
C ALA NH 4 99.35 -52.88 -9.35
N LEU NH 5 98.45 -51.90 -9.31
CA LEU NH 5 98.76 -50.60 -8.73
C LEU NH 5 97.50 -50.00 -8.15
N GLY NH 6 97.57 -49.51 -6.92
CA GLY NH 6 96.40 -48.96 -6.25
C GLY NH 6 96.68 -47.57 -5.75
N LEU NH 7 95.66 -46.71 -5.82
CA LEU NH 7 95.82 -45.29 -5.57
C LEU NH 7 94.65 -44.76 -4.76
N ILE NH 8 94.94 -44.02 -3.71
CA ILE NH 8 93.93 -43.28 -2.95
C ILE NH 8 94.39 -41.83 -2.86
N GLU NH 9 93.45 -40.90 -2.97
CA GLU NH 9 93.74 -39.48 -2.89
C GLU NH 9 92.82 -38.85 -1.86
N THR NH 10 93.39 -38.11 -0.93
CA THR NH 10 92.65 -37.51 0.18
C THR NH 10 93.02 -36.04 0.31
N LYS NH 11 92.18 -35.32 1.05
CA LYS NH 11 92.48 -33.94 1.44
C LYS NH 11 93.10 -33.96 2.83
N GLY NH 12 94.34 -33.52 2.92
CA GLY NH 12 95.02 -33.52 4.20
C GLY NH 12 95.94 -34.71 4.35
N LEU NH 13 96.95 -34.54 5.19
CA LEU NH 13 97.94 -35.60 5.35
C LEU NH 13 97.48 -36.66 6.34
N VAL NH 14 96.71 -36.27 7.36
CA VAL NH 14 96.30 -37.22 8.38
C VAL NH 14 95.42 -38.30 7.77
N ALA NH 15 94.44 -37.89 6.97
CA ALA NH 15 93.55 -38.87 6.36
C ALA NH 15 94.29 -39.84 5.45
N CYS NH 16 95.45 -39.43 4.92
CA CYS NH 16 96.19 -40.29 4.03
C CYS NH 16 97.04 -41.30 4.77
N ILE NH 17 97.60 -40.91 5.92
CA ILE NH 17 98.39 -41.85 6.70
C ILE NH 17 97.51 -42.92 7.31
N GLU NH 18 96.29 -42.55 7.72
CA GLU NH 18 95.33 -43.54 8.15
C GLU NH 18 95.01 -44.51 7.02
N ALA NH 19 94.77 -43.98 5.82
CA ALA NH 19 94.45 -44.83 4.67
C ALA NH 19 95.62 -45.75 4.32
N ALA NH 20 96.84 -45.22 4.35
CA ALA NH 20 97.99 -46.03 3.98
C ALA NH 20 98.32 -47.08 5.03
N ASP NH 21 97.89 -46.87 6.27
CA ASP NH 21 98.10 -47.89 7.30
C ASP NH 21 97.07 -49.01 7.15
N ALA NH 22 95.82 -48.66 6.90
CA ALA NH 22 94.80 -49.68 6.70
C ALA NH 22 95.11 -50.54 5.48
N MET NH 23 95.58 -49.93 4.40
CA MET NH 23 95.94 -50.69 3.21
C MET NH 23 97.03 -51.71 3.52
N CYS NH 24 98.07 -51.29 4.23
CA CYS NH 24 99.20 -52.19 4.46
C CYS NH 24 98.83 -53.34 5.39
N LYS NH 25 97.83 -53.14 6.25
CA LYS NH 25 97.44 -54.20 7.17
C LYS NH 25 96.45 -55.18 6.55
N ALA NH 26 95.61 -54.70 5.63
CA ALA NH 26 94.48 -55.48 5.15
C ALA NH 26 94.83 -56.50 4.09
N ALA NH 27 96.02 -56.46 3.50
CA ALA NH 27 96.38 -57.43 2.47
C ALA NH 27 97.88 -57.36 2.26
N ASN NH 28 98.38 -58.29 1.45
CA ASN NH 28 99.81 -58.38 1.17
C ASN NH 28 100.16 -57.44 0.03
N VAL NH 29 100.32 -56.16 0.38
CA VAL NH 29 100.71 -55.12 -0.58
C VAL NH 29 101.85 -54.33 0.01
N GLU NH 30 102.64 -53.71 -0.86
CA GLU NH 30 103.81 -52.93 -0.46
C GLU NH 30 103.57 -51.47 -0.78
N LEU NH 31 103.98 -50.59 0.13
CA LEU NH 31 103.74 -49.16 -0.02
C LEU NH 31 104.85 -48.54 -0.85
N ILE NH 32 104.47 -47.88 -1.94
CA ILE NH 32 105.46 -47.27 -2.83
C ILE NH 32 105.91 -45.93 -2.28
N GLY NH 33 104.98 -45.03 -2.02
CA GLY NH 33 105.33 -43.75 -1.43
C GLY NH 33 104.15 -42.80 -1.46
N TYR NH 34 104.40 -41.61 -0.93
CA TYR NH 34 103.45 -40.51 -0.96
C TYR NH 34 103.84 -39.50 -2.02
N GLU NH 35 102.87 -38.68 -2.43
CA GLU NH 35 103.15 -37.63 -3.40
C GLU NH 35 102.02 -36.61 -3.30
N ASN NH 36 102.31 -35.44 -2.75
CA ASN NH 36 101.32 -34.36 -2.71
C ASN NH 36 101.57 -33.39 -3.84
N VAL NH 37 100.49 -33.01 -4.52
CA VAL NH 37 100.56 -32.10 -5.65
C VAL NH 37 99.73 -30.88 -5.28
N GLY NH 38 100.39 -29.90 -4.66
CA GLY NH 38 99.71 -28.64 -4.41
C GLY NH 38 98.62 -28.75 -3.38
N SER NH 39 97.46 -28.22 -3.71
CA SER NH 39 96.50 -27.78 -2.71
C SER NH 39 95.90 -28.94 -1.92
N GLY NH 40 96.46 -29.20 -0.75
CA GLY NH 40 95.96 -30.17 0.20
C GLY NH 40 95.59 -31.52 -0.38
N LEU NH 41 96.33 -32.02 -1.35
CA LEU NH 41 96.00 -33.30 -1.95
C LEU NH 41 97.20 -34.21 -1.83
N VAL NH 42 97.08 -35.27 -1.03
CA VAL NH 42 98.13 -36.27 -0.86
C VAL NH 42 97.62 -37.59 -1.43
N THR NH 43 98.52 -38.36 -2.02
CA THR NH 43 98.19 -39.61 -2.67
C THR NH 43 99.15 -40.69 -2.22
N ALA NH 44 98.62 -41.86 -1.88
CA ALA NH 44 99.41 -43.02 -1.52
C ALA NH 44 99.28 -44.08 -2.61
N MET NH 45 100.37 -44.79 -2.89
CA MET NH 45 100.42 -45.77 -3.95
C MET NH 45 100.90 -47.09 -3.38
N VAL NH 46 100.18 -48.17 -3.67
CA VAL NH 46 100.54 -49.51 -3.23
C VAL NH 46 100.62 -50.41 -4.46
N LYS NH 47 101.38 -51.49 -4.33
CA LYS NH 47 101.54 -52.43 -5.43
C LYS NH 47 101.51 -53.86 -4.91
N GLY NH 48 100.97 -54.76 -5.72
CA GLY NH 48 100.85 -56.14 -5.35
C GLY NH 48 100.04 -56.88 -6.40
N ASP NH 49 99.57 -58.06 -6.02
CA ASP NH 49 98.73 -58.82 -6.95
C ASP NH 49 97.35 -58.17 -7.06
N VAL NH 50 96.63 -58.56 -8.12
CA VAL NH 50 95.39 -57.87 -8.45
C VAL NH 50 94.31 -58.14 -7.40
N GLY NH 51 94.25 -59.36 -6.90
CA GLY NH 51 93.27 -59.67 -5.87
C GLY NH 51 93.62 -59.03 -4.53
N ALA NH 52 94.90 -58.96 -4.20
CA ALA NH 52 95.31 -58.30 -2.98
C ALA NH 52 95.10 -56.79 -3.07
N VAL NH 53 95.57 -56.18 -4.15
CA VAL NH 53 95.50 -54.73 -4.27
C VAL NH 53 94.06 -54.26 -4.30
N ASN NH 54 93.17 -55.05 -4.91
CA ASN NH 54 91.76 -54.69 -4.91
C ASN NH 54 91.18 -54.73 -3.50
N ALA NH 55 91.73 -55.61 -2.66
CA ALA NH 55 91.22 -55.75 -1.30
C ALA NH 55 91.83 -54.72 -0.37
N ALA NH 56 93.01 -54.19 -0.71
CA ALA NH 56 93.62 -53.16 0.11
C ALA NH 56 92.97 -51.82 -0.13
N VAL NH 57 92.59 -51.52 -1.37
CA VAL NH 57 92.08 -50.19 -1.70
C VAL NH 57 90.69 -49.99 -1.10
N ASP NH 58 89.83 -50.99 -1.15
CA ASP NH 58 88.48 -50.79 -0.62
C ASP NH 58 88.50 -50.70 0.90
N SER NH 59 89.53 -51.25 1.54
CA SER NH 59 89.66 -51.12 2.98
C SER NH 59 90.25 -49.78 3.36
N GLY NH 60 91.28 -49.33 2.63
CA GLY NH 60 91.87 -48.04 2.91
C GLY NH 60 90.93 -46.88 2.65
N VAL NH 61 90.08 -47.00 1.64
CA VAL NH 61 89.08 -45.97 1.40
C VAL NH 61 88.09 -45.94 2.55
N GLU NH 62 87.77 -47.10 3.10
CA GLU NH 62 86.81 -47.20 4.20
C GLU NH 62 87.32 -46.49 5.45
N ALA NH 63 88.63 -46.55 5.69
CA ALA NH 63 89.20 -45.96 6.90
C ALA NH 63 89.36 -44.45 6.76
N ALA NH 64 89.91 -44.00 5.63
CA ALA NH 64 90.14 -42.56 5.46
C ALA NH 64 88.82 -41.81 5.32
N LYS NH 65 87.81 -42.44 4.74
CA LYS NH 65 86.49 -41.84 4.65
C LYS NH 65 85.89 -41.56 6.02
N ARG NH 66 86.42 -42.22 7.05
CA ARG NH 66 85.89 -42.08 8.40
C ARG NH 66 86.23 -40.73 9.01
N ILE NH 67 87.46 -40.26 8.79
CA ILE NH 67 87.97 -39.07 9.45
C ILE NH 67 88.29 -37.94 8.48
N GLY NH 68 88.25 -38.19 7.18
CA GLY NH 68 88.57 -37.15 6.22
C GLY NH 68 87.81 -37.29 4.92
N LYS NH 69 88.30 -36.66 3.87
CA LYS NH 69 87.68 -36.73 2.56
C LYS NH 69 88.53 -37.59 1.65
N VAL NH 70 87.95 -38.64 1.11
CA VAL NH 70 88.58 -39.42 0.06
C VAL NH 70 88.11 -38.86 -1.27
N VAL NH 71 89.05 -38.36 -2.07
CA VAL NH 71 88.71 -37.71 -3.32
C VAL NH 71 88.55 -38.73 -4.44
N SER NH 72 89.50 -39.65 -4.57
CA SER NH 72 89.46 -40.62 -5.65
C SER NH 72 90.18 -41.90 -5.23
N SER NH 73 89.79 -43.01 -5.83
CA SER NH 73 90.50 -44.27 -5.70
C SER NH 73 90.45 -44.99 -7.04
N ARG NH 74 91.44 -45.84 -7.27
CA ARG NH 74 91.55 -46.48 -8.58
C ARG NH 74 92.55 -47.61 -8.50
N VAL NH 75 92.25 -48.72 -9.16
CA VAL NH 75 93.16 -49.84 -9.30
C VAL NH 75 93.48 -50.03 -10.77
N ILE NH 76 94.76 -50.17 -11.09
CA ILE NH 76 95.22 -50.41 -12.44
C ILE NH 76 95.76 -51.84 -12.48
N ALA NH 77 95.09 -52.71 -13.25
CA ALA NH 77 95.38 -54.13 -13.16
C ALA NH 77 96.70 -54.48 -13.81
N ARG NH 78 97.07 -53.78 -14.89
CA ARG NH 78 98.37 -53.97 -15.53
C ARG NH 78 98.88 -52.60 -15.96
N PRO NH 79 99.72 -51.97 -15.14
CA PRO NH 79 100.26 -50.67 -15.53
C PRO NH 79 101.26 -50.82 -16.66
N HIS NH 80 101.23 -49.87 -17.59
CA HIS NH 80 102.12 -49.92 -18.73
C HIS NH 80 103.56 -49.71 -18.28
N ASN NH 81 104.47 -50.38 -18.97
CA ASN NH 81 105.88 -50.39 -18.55
C ASN NH 81 106.44 -48.98 -18.47
N ASP NH 82 106.01 -48.11 -19.37
CA ASP NH 82 106.50 -46.72 -19.35
C ASP NH 82 106.17 -46.03 -18.05
N ILE NH 83 104.99 -46.30 -17.50
CA ILE NH 83 104.55 -45.66 -16.27
C ILE NH 83 105.21 -46.33 -15.07
N GLU OH 3 106.98 -47.77 18.26
CA GLU OH 3 106.28 -46.93 19.23
C GLU OH 3 105.12 -46.23 18.56
N ALA OH 4 104.16 -45.78 19.35
CA ALA OH 4 102.93 -45.22 18.82
C ALA OH 4 103.23 -43.93 18.06
N LEU OH 5 102.19 -43.36 17.49
CA LEU OH 5 102.34 -42.21 16.61
C LEU OH 5 101.08 -41.36 16.69
N GLY OH 6 101.25 -40.07 16.90
CA GLY OH 6 100.12 -39.17 17.01
C GLY OH 6 100.23 -38.00 16.06
N LEU OH 7 99.10 -37.59 15.51
CA LEU OH 7 99.04 -36.53 14.53
C LEU OH 7 97.96 -35.52 14.89
N ILE OH 8 98.28 -34.25 14.74
CA ILE OH 8 97.29 -33.18 14.80
C ILE OH 8 97.44 -32.35 13.55
N GLU OH 9 96.33 -32.00 12.91
CA GLU OH 9 96.33 -31.19 11.71
C GLU OH 9 95.55 -29.91 11.96
N THR OH 10 96.19 -28.77 11.68
CA THR OH 10 95.64 -27.48 11.98
C THR OH 10 95.74 -26.57 10.77
N LYS OH 11 94.87 -25.57 10.72
CA LYS OH 11 94.89 -24.57 9.68
C LYS OH 11 95.73 -23.39 10.15
N GLY OH 12 96.90 -23.22 9.57
CA GLY OH 12 97.81 -22.17 9.98
C GLY OH 12 98.92 -22.69 10.87
N LEU OH 13 100.06 -22.01 10.82
CA LEU OH 13 101.21 -22.47 11.57
C LEU OH 13 101.14 -22.12 13.05
N VAL OH 14 100.51 -21.00 13.38
CA VAL OH 14 100.49 -20.57 14.78
C VAL OH 14 99.75 -21.59 15.64
N ALA OH 15 98.56 -22.01 15.20
CA ALA OH 15 97.81 -23.01 15.95
C ALA OH 15 98.56 -24.31 16.06
N CYS OH 16 99.51 -24.57 15.16
CA CYS OH 16 100.27 -25.82 15.23
C CYS OH 16 101.39 -25.74 16.23
N ILE OH 17 101.94 -24.56 16.49
CA ILE OH 17 102.99 -24.46 17.51
C ILE OH 17 102.39 -24.46 18.90
N GLU OH 18 101.18 -23.93 19.06
CA GLU OH 18 100.50 -24.08 20.33
C GLU OH 18 100.14 -25.55 20.58
N ALA OH 19 99.70 -26.24 19.54
CA ALA OH 19 99.40 -27.66 19.68
C ALA OH 19 100.64 -28.46 20.04
N ALA OH 20 101.77 -28.17 19.40
CA ALA OH 20 102.97 -28.93 19.67
C ALA OH 20 103.58 -28.59 21.02
N ASP OH 21 103.31 -27.39 21.53
CA ASP OH 21 103.82 -27.03 22.86
C ASP OH 21 103.04 -27.75 23.94
N ALA OH 22 101.72 -27.85 23.78
CA ALA OH 22 100.91 -28.57 24.76
C ALA OH 22 101.22 -30.05 24.73
N MET OH 23 101.47 -30.60 23.54
CA MET OH 23 101.81 -32.02 23.43
C MET OH 23 103.10 -32.33 24.15
N CYS OH 24 104.12 -31.50 23.96
CA CYS OH 24 105.44 -31.81 24.49
C CYS OH 24 105.52 -31.61 26.00
N LYS OH 25 104.62 -30.85 26.58
CA LYS OH 25 104.59 -30.65 28.02
C LYS OH 25 103.74 -31.68 28.74
N ALA OH 26 102.81 -32.32 28.03
CA ALA OH 26 101.82 -33.17 28.67
C ALA OH 26 102.34 -34.56 28.99
N ALA OH 27 103.35 -35.03 28.27
CA ALA OH 27 103.88 -36.36 28.51
C ALA OH 27 105.29 -36.43 27.94
N ASN OH 28 105.88 -37.62 28.03
CA ASN OH 28 107.26 -37.82 27.62
C ASN OH 28 107.28 -38.38 26.20
N VAL OH 29 107.03 -37.51 25.25
CA VAL OH 29 107.04 -37.84 23.83
C VAL OH 29 108.10 -36.99 23.14
N GLU OH 30 108.71 -37.56 22.11
CA GLU OH 30 109.66 -36.83 21.29
C GLU OH 30 108.96 -36.34 20.04
N LEU OH 31 109.15 -35.08 19.72
CA LEU OH 31 108.47 -34.44 18.60
C LEU OH 31 109.30 -34.62 17.33
N ILE OH 32 108.66 -35.11 16.28
CA ILE OH 32 109.38 -35.47 15.06
C ILE OH 32 109.55 -34.28 14.14
N GLY OH 33 108.48 -33.59 13.79
CA GLY OH 33 108.60 -32.40 12.98
C GLY OH 33 107.31 -32.08 12.25
N TYR OH 34 107.28 -30.90 11.67
CA TYR OH 34 106.12 -30.40 10.94
C TYR OH 34 106.18 -30.79 9.48
N GLU OH 35 105.02 -30.74 8.83
CA GLU OH 35 104.92 -31.03 7.40
C GLU OH 35 103.67 -30.33 6.88
N ASN OH 36 103.83 -29.32 6.05
CA ASN OH 36 102.68 -28.67 5.43
C ASN OH 36 102.49 -29.18 4.02
N VAL OH 37 101.22 -29.35 3.64
CA VAL OH 37 100.85 -29.92 2.36
C VAL OH 37 100.15 -28.90 1.48
N GLY OH 38 100.14 -27.63 1.88
CA GLY OH 38 99.48 -26.59 1.13
C GLY OH 38 98.04 -26.43 1.55
N SER OH 39 97.46 -25.31 1.09
CA SER OH 39 96.12 -24.87 1.46
C SER OH 39 96.03 -24.44 2.92
N GLY OH 40 97.17 -24.20 3.57
CA GLY OH 40 97.19 -23.76 4.93
C GLY OH 40 97.18 -24.86 5.97
N LEU OH 41 97.28 -26.12 5.56
CA LEU OH 41 97.22 -27.24 6.48
C LEU OH 41 98.63 -27.61 6.94
N VAL OH 42 98.85 -27.56 8.25
CA VAL OH 42 100.12 -27.94 8.86
C VAL OH 42 99.86 -29.07 9.84
N THR OH 43 100.77 -30.03 9.89
CA THR OH 43 100.62 -31.22 10.71
C THR OH 43 101.84 -31.40 11.60
N ALA OH 44 101.59 -31.70 12.87
CA ALA OH 44 102.64 -32.00 13.84
C ALA OH 44 102.58 -33.48 14.18
N MET OH 45 103.75 -34.10 14.35
CA MET OH 45 103.85 -35.54 14.53
C MET OH 45 104.73 -35.83 15.74
N VAL OH 46 104.21 -36.60 16.69
CA VAL OH 46 104.96 -37.01 17.86
C VAL OH 46 105.02 -38.53 17.88
N LYS OH 47 105.90 -39.06 18.71
CA LYS OH 47 106.01 -40.50 18.84
C LYS OH 47 106.51 -40.87 20.23
N GLY OH 48 105.98 -41.96 20.76
CA GLY OH 48 106.32 -42.42 22.08
C GLY OH 48 105.45 -43.60 22.45
N ASP OH 49 105.44 -43.94 23.73
CA ASP OH 49 104.58 -45.02 24.18
C ASP OH 49 103.12 -44.62 24.06
N VAL OH 50 102.26 -45.63 23.93
CA VAL OH 50 100.87 -45.38 23.55
C VAL OH 50 100.06 -44.74 24.67
N GLY OH 51 100.47 -44.90 25.93
CA GLY OH 51 99.82 -44.19 27.00
C GLY OH 51 100.22 -42.73 27.03
N ALA OH 52 101.48 -42.44 26.72
CA ALA OH 52 101.94 -41.06 26.66
C ALA OH 52 101.41 -40.36 25.41
N VAL OH 53 101.50 -41.01 24.26
CA VAL OH 53 101.07 -40.39 23.01
C VAL OH 53 99.59 -40.10 23.04
N ASN OH 54 98.80 -41.01 23.61
CA ASN OH 54 97.39 -40.72 23.80
C ASN OH 54 97.22 -39.42 24.57
N ALA OH 55 97.75 -39.38 25.80
CA ALA OH 55 97.59 -38.21 26.65
C ALA OH 55 98.02 -36.92 25.96
N ALA OH 56 99.10 -36.97 25.17
CA ALA OH 56 99.60 -35.76 24.53
C ALA OH 56 98.63 -35.26 23.47
N VAL OH 57 98.08 -36.14 22.66
CA VAL OH 57 97.23 -35.70 21.56
C VAL OH 57 95.92 -35.13 22.09
N ASP OH 58 95.38 -35.71 23.16
CA ASP OH 58 94.17 -35.15 23.75
C ASP OH 58 94.42 -33.74 24.28
N SER OH 59 95.60 -33.51 24.84
CA SER OH 59 95.91 -32.20 25.38
C SER OH 59 96.22 -31.19 24.29
N GLY OH 60 96.98 -31.61 23.27
CA GLY OH 60 97.29 -30.71 22.18
C GLY OH 60 96.07 -30.30 21.39
N VAL OH 61 95.07 -31.16 21.28
CA VAL OH 61 93.87 -30.82 20.54
C VAL OH 61 93.09 -29.74 21.26
N GLU OH 62 92.99 -29.83 22.58
CA GLU OH 62 92.19 -28.85 23.32
C GLU OH 62 92.85 -27.49 23.35
N ALA OH 63 94.18 -27.43 23.37
CA ALA OH 63 94.87 -26.15 23.39
C ALA OH 63 94.82 -25.46 22.04
N ALA OH 64 95.08 -26.19 20.96
CA ALA OH 64 95.00 -25.61 19.63
C ALA OH 64 93.57 -25.25 19.26
N LYS OH 65 92.59 -26.02 19.74
CA LYS OH 65 91.21 -25.70 19.50
C LYS OH 65 90.85 -24.33 20.06
N ARG OH 66 91.56 -23.90 21.11
CA ARG OH 66 91.22 -22.66 21.79
C ARG OH 66 91.52 -21.44 20.96
N ILE OH 67 92.58 -21.49 20.14
CA ILE OH 67 93.09 -20.33 19.44
C ILE OH 67 93.08 -20.49 17.93
N GLY OH 68 92.61 -21.61 17.42
CA GLY OH 68 92.59 -21.81 15.99
C GLY OH 68 91.62 -22.90 15.62
N LYS OH 69 91.76 -23.42 14.41
CA LYS OH 69 90.93 -24.51 13.94
C LYS OH 69 91.76 -25.78 13.91
N VAL OH 70 91.28 -26.81 14.58
CA VAL OH 70 91.86 -28.14 14.50
C VAL OH 70 91.07 -28.92 13.47
N VAL OH 71 91.75 -29.39 12.44
CA VAL OH 71 91.08 -30.08 11.34
C VAL OH 71 90.89 -31.56 11.66
N SER OH 72 91.91 -32.21 12.21
CA SER OH 72 91.88 -33.64 12.41
C SER OH 72 92.93 -34.03 13.42
N SER OH 73 92.71 -35.15 14.10
CA SER OH 73 93.67 -35.72 15.02
C SER OH 73 93.55 -37.23 14.97
N ARG OH 74 94.62 -37.91 15.39
CA ARG OH 74 94.66 -39.35 15.22
C ARG OH 74 95.82 -39.93 16.01
N VAL OH 75 95.59 -41.08 16.64
CA VAL OH 75 96.65 -41.86 17.26
C VAL OH 75 96.71 -43.21 16.57
N ILE OH 76 97.91 -43.63 16.21
CA ILE OH 76 98.16 -44.92 15.59
C ILE OH 76 98.97 -45.74 16.58
N ALA OH 77 98.35 -46.76 17.16
CA ALA OH 77 98.96 -47.47 18.27
C ALA OH 77 100.11 -48.36 17.81
N ARG OH 78 99.87 -49.22 16.82
CA ARG OH 78 100.92 -50.04 16.24
C ARG OH 78 101.06 -49.67 14.77
N PRO OH 79 101.95 -48.75 14.42
CA PRO OH 79 102.13 -48.39 13.02
C PRO OH 79 102.92 -49.43 12.28
N HIS OH 80 102.56 -49.63 11.02
CA HIS OH 80 103.23 -50.62 10.20
C HIS OH 80 104.66 -50.19 9.91
N ASN OH 81 105.52 -51.17 9.68
CA ASN OH 81 106.94 -50.88 9.46
C ASN OH 81 107.17 -50.20 8.12
N ASP OH 82 106.29 -50.41 7.15
CA ASP OH 82 106.38 -49.69 5.89
C ASP OH 82 106.09 -48.21 6.10
N ILE OH 83 105.30 -47.87 7.11
CA ILE OH 83 104.97 -46.49 7.40
C ILE OH 83 106.09 -45.86 8.22
N GLU PH 3 97.52 -57.34 33.90
CA GLU PH 3 97.33 -56.34 32.86
C GLU PH 3 95.85 -56.14 32.58
N ALA PH 4 95.53 -55.13 31.79
CA ALA PH 4 94.15 -54.75 31.59
C ALA PH 4 93.39 -55.84 30.83
N LEU PH 5 92.09 -55.63 30.67
CA LEU PH 5 91.22 -56.62 30.09
C LEU PH 5 90.12 -55.93 29.29
N GLY PH 6 89.98 -56.30 28.03
CA GLY PH 6 88.99 -55.68 27.15
C GLY PH 6 88.01 -56.71 26.63
N LEU PH 7 86.73 -56.35 26.62
CA LEU PH 7 85.66 -57.26 26.24
C LEU PH 7 84.77 -56.61 25.21
N ILE PH 8 84.40 -57.36 24.17
CA ILE PH 8 83.38 -56.96 23.23
C ILE PH 8 82.38 -58.09 23.13
N GLU PH 9 81.09 -57.74 23.04
CA GLU PH 9 80.03 -58.73 22.98
C GLU PH 9 79.11 -58.42 21.81
N THR PH 10 78.89 -59.42 20.96
CA THR PH 10 78.15 -59.24 19.72
C THR PH 10 77.11 -60.33 19.59
N LYS PH 11 76.14 -60.10 18.71
CA LYS PH 11 75.20 -61.11 18.29
C LYS PH 11 75.77 -61.84 17.07
N GLY PH 12 76.03 -63.13 17.22
CA GLY PH 12 76.55 -63.91 16.12
C GLY PH 12 78.06 -63.96 16.10
N LEU PH 13 78.58 -64.95 15.39
CA LEU PH 13 80.02 -65.20 15.38
C LEU PH 13 80.76 -64.35 14.37
N VAL PH 14 80.13 -64.01 13.25
CA VAL PH 14 80.85 -63.28 12.21
C VAL PH 14 81.22 -61.89 12.70
N ALA PH 15 80.29 -61.18 13.35
CA ALA PH 15 80.62 -59.86 13.88
C ALA PH 15 81.70 -59.93 14.94
N CYS PH 16 81.90 -61.09 15.55
CA CYS PH 16 82.91 -61.21 16.60
C CYS PH 16 84.26 -61.57 16.03
N ILE PH 17 84.32 -62.23 14.88
CA ILE PH 17 85.62 -62.46 14.25
C ILE PH 17 86.13 -61.19 13.60
N GLU PH 18 85.23 -60.33 13.13
CA GLU PH 18 85.68 -59.04 12.62
C GLU PH 18 86.15 -58.15 13.76
N ALA PH 19 85.47 -58.19 14.89
CA ALA PH 19 85.93 -57.43 16.05
C ALA PH 19 87.27 -57.93 16.55
N ALA PH 20 87.44 -59.26 16.60
CA ALA PH 20 88.70 -59.80 17.10
C ALA PH 20 89.84 -59.56 16.13
N ASP PH 21 89.56 -59.52 14.83
CA ASP PH 21 90.61 -59.25 13.86
C ASP PH 21 91.05 -57.80 13.93
N ALA PH 22 90.10 -56.87 14.06
CA ALA PH 22 90.45 -55.46 14.14
C ALA PH 22 91.21 -55.16 15.42
N MET PH 23 90.85 -55.81 16.52
CA MET PH 23 91.52 -55.55 17.79
C MET PH 23 92.98 -55.97 17.73
N CYS PH 24 93.25 -57.15 17.19
CA CYS PH 24 94.62 -57.64 17.16
C CYS PH 24 95.51 -56.87 16.20
N LYS PH 25 94.92 -56.18 15.23
CA LYS PH 25 95.71 -55.40 14.28
C LYS PH 25 96.07 -54.04 14.84
N ALA PH 26 95.17 -53.44 15.62
CA ALA PH 26 95.22 -52.03 15.94
C ALA PH 26 95.96 -51.72 17.24
N ALA PH 27 96.59 -52.70 17.86
CA ALA PH 27 97.33 -52.47 19.10
C ALA PH 27 98.08 -53.74 19.45
N ASN PH 28 99.00 -53.61 20.40
CA ASN PH 28 99.81 -54.75 20.84
C ASN PH 28 99.10 -55.44 22.00
N VAL PH 29 98.11 -56.26 21.66
CA VAL PH 29 97.32 -56.99 22.63
C VAL PH 29 97.40 -58.47 22.31
N GLU PH 30 96.97 -59.28 23.27
CA GLU PH 30 96.93 -60.74 23.13
C GLU PH 30 95.48 -61.19 23.20
N LEU PH 31 95.08 -62.03 22.26
CA LEU PH 31 93.73 -62.57 22.24
C LEU PH 31 93.65 -63.80 23.12
N ILE PH 32 92.73 -63.78 24.08
CA ILE PH 32 92.57 -64.90 25.00
C ILE PH 32 91.66 -65.97 24.43
N GLY PH 33 90.50 -65.58 23.92
CA GLY PH 33 89.62 -66.53 23.28
C GLY PH 33 88.19 -66.02 23.24
N TYR PH 34 87.34 -66.84 22.66
CA TYR PH 34 85.92 -66.58 22.57
C TYR PH 34 85.18 -67.36 23.63
N GLU PH 35 83.97 -66.89 23.97
CA GLU PH 35 83.17 -67.55 24.99
C GLU PH 35 81.71 -67.16 24.75
N ASN PH 36 80.94 -68.08 24.19
CA ASN PH 36 79.54 -67.83 23.92
C ASN PH 36 78.66 -68.42 25.01
N VAL PH 37 77.48 -67.83 25.17
CA VAL PH 37 76.58 -68.20 26.26
C VAL PH 37 75.17 -68.47 25.73
N GLY PH 38 75.08 -68.88 24.46
CA GLY PH 38 73.79 -69.11 23.85
C GLY PH 38 73.07 -67.83 23.54
N SER PH 39 71.93 -67.97 22.87
CA SER PH 39 71.15 -66.86 22.31
C SER PH 39 71.94 -66.08 21.27
N GLY PH 40 73.04 -66.63 20.77
CA GLY PH 40 73.82 -65.96 19.76
C GLY PH 40 74.79 -64.93 20.29
N LEU PH 41 74.88 -64.75 21.60
CA LEU PH 41 75.84 -63.81 22.17
C LEU PH 41 77.21 -64.46 22.22
N VAL PH 42 78.19 -63.83 21.59
CA VAL PH 42 79.57 -64.29 21.61
C VAL PH 42 80.44 -63.14 22.11
N THR PH 43 81.47 -63.47 22.88
CA THR PH 43 82.29 -62.47 23.54
C THR PH 43 83.76 -62.73 23.25
N ALA PH 44 84.49 -61.68 22.88
CA ALA PH 44 85.93 -61.75 22.66
C ALA PH 44 86.65 -61.07 23.81
N MET PH 45 87.79 -61.62 24.21
CA MET PH 45 88.57 -61.10 25.33
C MET PH 45 90.01 -60.89 24.90
N VAL PH 46 90.48 -59.66 25.00
CA VAL PH 46 91.87 -59.32 24.74
C VAL PH 46 92.52 -58.92 26.06
N LYS PH 47 93.85 -58.92 26.05
CA LYS PH 47 94.61 -58.67 27.27
C LYS PH 47 95.93 -57.99 26.94
N GLY PH 48 96.21 -56.90 27.63
CA GLY PH 48 97.45 -56.18 27.41
C GLY PH 48 97.54 -54.98 28.32
N ASP PH 49 98.49 -54.10 28.02
CA ASP PH 49 98.63 -52.87 28.78
C ASP PH 49 97.39 -51.99 28.60
N VAL PH 50 97.19 -51.08 29.56
CA VAL PH 50 95.93 -50.33 29.61
C VAL PH 50 95.77 -49.45 28.37
N GLY PH 51 96.84 -48.77 27.98
CA GLY PH 51 96.74 -47.89 26.83
C GLY PH 51 96.48 -48.65 25.54
N ALA PH 52 97.16 -49.78 25.37
CA ALA PH 52 96.93 -50.61 24.20
C ALA PH 52 95.51 -51.19 24.21
N VAL PH 53 95.11 -51.79 25.32
CA VAL PH 53 93.80 -52.41 25.40
C VAL PH 53 92.70 -51.39 25.19
N ASN PH 54 92.90 -50.18 25.72
CA ASN PH 54 91.92 -49.13 25.46
C ASN PH 54 91.76 -48.92 23.96
N ALA PH 55 92.87 -48.65 23.27
CA ALA PH 55 92.84 -48.39 21.83
C ALA PH 55 92.23 -49.54 21.05
N ALA PH 56 92.55 -50.79 21.44
CA ALA PH 56 92.05 -51.95 20.72
C ALA PH 56 90.54 -52.01 20.77
N VAL PH 57 89.96 -51.82 21.94
CA VAL PH 57 88.51 -51.98 22.09
C VAL PH 57 87.78 -50.91 21.28
N ASP PH 58 88.34 -49.71 21.18
CA ASP PH 58 87.70 -48.67 20.39
C ASP PH 58 87.65 -49.05 18.91
N SER PH 59 88.76 -49.58 18.39
CA SER PH 59 88.79 -49.98 16.98
C SER PH 59 87.93 -51.22 16.75
N GLY PH 60 87.99 -52.18 17.66
CA GLY PH 60 87.23 -53.41 17.47
C GLY PH 60 85.74 -53.19 17.45
N VAL PH 61 85.24 -52.29 18.29
CA VAL PH 61 83.82 -51.98 18.28
C VAL PH 61 83.44 -51.26 17.00
N GLU PH 62 84.35 -50.45 16.48
CA GLU PH 62 84.06 -49.67 15.29
C GLU PH 62 83.96 -50.57 14.06
N ALA PH 63 84.78 -51.61 13.99
CA ALA PH 63 84.72 -52.54 12.87
C ALA PH 63 83.51 -53.47 12.97
N ALA PH 64 83.23 -53.96 14.18
CA ALA PH 64 82.16 -54.93 14.35
C ALA PH 64 80.79 -54.27 14.18
N LYS PH 65 80.62 -53.07 14.73
CA LYS PH 65 79.36 -52.36 14.57
C LYS PH 65 79.02 -52.12 13.11
N ARG PH 66 80.00 -52.23 12.23
CA ARG PH 66 79.83 -51.90 10.83
C ARG PH 66 79.05 -52.96 10.08
N ILE PH 67 79.14 -54.21 10.50
CA ILE PH 67 78.49 -55.31 9.82
C ILE PH 67 77.47 -56.03 10.68
N GLY PH 68 77.54 -55.91 12.00
CA GLY PH 68 76.61 -56.60 12.88
C GLY PH 68 76.20 -55.74 14.04
N LYS PH 69 75.85 -56.37 15.16
CA LYS PH 69 75.39 -55.65 16.35
C LYS PH 69 76.39 -55.85 17.47
N VAL PH 70 76.91 -54.76 18.01
CA VAL PH 70 77.78 -54.80 19.18
C VAL PH 70 76.90 -54.56 20.40
N VAL PH 71 76.81 -55.56 21.27
CA VAL PH 71 75.91 -55.48 22.41
C VAL PH 71 76.51 -54.63 23.51
N SER PH 72 77.77 -54.88 23.85
CA SER PH 72 78.42 -54.10 24.91
C SER PH 72 79.93 -54.25 24.80
N SER PH 73 80.64 -53.26 25.32
CA SER PH 73 82.09 -53.25 25.38
C SER PH 73 82.52 -52.70 26.72
N ARG PH 74 83.73 -53.03 27.14
CA ARG PH 74 84.17 -52.68 28.48
C ARG PH 74 85.67 -52.92 28.61
N VAL PH 75 86.34 -52.04 29.34
CA VAL PH 75 87.75 -52.22 29.67
C VAL PH 75 87.90 -52.22 31.18
N ILE PH 76 88.54 -53.24 31.72
CA ILE PH 76 88.88 -53.32 33.13
C ILE PH 76 90.37 -53.04 33.26
N ALA PH 77 90.73 -51.92 33.86
CA ALA PH 77 92.13 -51.51 33.87
C ALA PH 77 92.98 -52.42 34.75
N ARG PH 78 92.43 -52.94 35.82
CA ARG PH 78 93.16 -53.81 36.73
C ARG PH 78 92.17 -54.81 37.30
N PRO PH 79 92.05 -55.98 36.71
CA PRO PH 79 91.09 -56.97 37.22
C PRO PH 79 91.59 -57.60 38.50
N HIS PH 80 90.64 -58.01 39.33
CA HIS PH 80 90.97 -58.77 40.52
C HIS PH 80 91.53 -60.13 40.12
N ASN PH 81 92.36 -60.70 41.00
CA ASN PH 81 92.97 -61.98 40.68
C ASN PH 81 91.94 -63.09 40.57
N ASP PH 82 90.82 -62.97 41.27
CA ASP PH 82 89.76 -63.95 41.14
C ASP PH 82 89.15 -63.94 39.75
N ILE PH 83 89.03 -62.74 39.16
CA ILE PH 83 88.49 -62.64 37.82
C ILE PH 83 89.35 -63.36 36.80
N GLU PH 84 90.65 -63.50 37.06
CA GLU PH 84 91.50 -64.28 36.15
C GLU PH 84 91.48 -65.75 36.50
N LYS PH 85 90.29 -66.28 36.74
CA LYS PH 85 90.00 -67.70 36.77
C LYS PH 85 88.67 -68.00 36.12
N ILE PH 86 87.86 -66.98 35.85
CA ILE PH 86 86.63 -67.12 35.09
C ILE PH 86 86.87 -66.96 33.61
N ALA PH 87 87.71 -65.99 33.24
CA ALA PH 87 88.08 -65.82 31.84
C ALA PH 87 88.97 -66.96 31.36
N GLY PH 88 90.14 -67.08 31.96
CA GLY PH 88 91.06 -68.16 31.61
C GLY PH 88 90.82 -69.42 32.42
N MET QH 1 -69.45 -83.61 -13.70
CA MET QH 1 -69.81 -83.89 -15.08
C MET QH 1 -70.86 -84.97 -15.14
N ILE QH 2 -71.50 -85.10 -16.29
CA ILE QH 2 -72.45 -86.18 -16.55
C ILE QH 2 -72.23 -86.69 -17.97
N LEU QH 3 -72.46 -87.98 -18.17
CA LEU QH 3 -72.47 -88.53 -19.50
C LEU QH 3 -73.77 -88.17 -20.20
N ALA QH 4 -73.65 -87.65 -21.42
CA ALA QH 4 -74.82 -87.22 -22.16
C ALA QH 4 -74.56 -87.43 -23.64
N LYS QH 5 -75.62 -87.30 -24.43
CA LYS QH 5 -75.56 -87.50 -25.86
C LYS QH 5 -76.17 -86.29 -26.55
N VAL QH 6 -75.47 -85.77 -27.56
CA VAL QH 6 -75.99 -84.63 -28.31
C VAL QH 6 -77.16 -85.10 -29.18
N THR QH 7 -78.30 -84.44 -29.05
CA THR QH 7 -79.51 -84.85 -29.74
C THR QH 7 -80.14 -83.77 -30.60
N GLY QH 8 -79.50 -82.61 -30.74
CA GLY QH 8 -80.06 -81.55 -31.55
C GLY QH 8 -79.28 -80.27 -31.37
N HIS QH 9 -79.92 -79.17 -31.74
CA HIS QH 9 -79.31 -77.85 -31.54
C HIS QH 9 -80.44 -76.82 -31.46
N VAL QH 10 -80.07 -75.62 -31.02
CA VAL QH 10 -81.01 -74.53 -30.81
C VAL QH 10 -80.49 -73.31 -31.55
N VAL QH 11 -81.38 -72.67 -32.31
CA VAL QH 11 -81.04 -71.45 -33.05
C VAL QH 11 -81.74 -70.29 -32.36
N ALA QH 12 -80.95 -69.41 -31.74
CA ALA QH 12 -81.47 -68.27 -31.02
C ALA QH 12 -80.80 -67.01 -31.56
N THR QH 13 -81.62 -66.06 -32.02
CA THR QH 13 -81.12 -64.82 -32.62
C THR QH 13 -81.03 -63.69 -31.61
N GLN QH 14 -82.09 -63.47 -30.85
CA GLN QH 14 -82.14 -62.43 -29.82
C GLN QH 14 -81.61 -63.02 -28.53
N LYS QH 15 -80.37 -62.69 -28.17
CA LYS QH 15 -79.77 -63.26 -26.98
C LYS QH 15 -78.72 -62.30 -26.44
N CYS QH 16 -78.20 -62.63 -25.26
CA CYS QH 16 -77.23 -61.78 -24.61
C CYS QH 16 -75.92 -61.76 -25.39
N ASP QH 17 -74.96 -61.01 -24.87
CA ASP QH 17 -73.67 -60.87 -25.52
C ASP QH 17 -72.64 -61.87 -25.02
N GLU QH 18 -72.83 -62.41 -23.82
CA GLU QH 18 -71.94 -63.46 -23.32
C GLU QH 18 -72.06 -64.75 -24.12
N LEU QH 19 -73.03 -64.83 -25.03
CA LEU QH 19 -73.27 -66.04 -25.80
C LEU QH 19 -73.04 -65.85 -27.30
N ARG QH 20 -72.47 -64.72 -27.72
CA ARG QH 20 -72.28 -64.48 -29.14
C ARG QH 20 -71.17 -65.38 -29.68
N GLY QH 21 -71.45 -66.03 -30.81
CA GLY QH 21 -70.45 -66.85 -31.47
C GLY QH 21 -70.16 -68.15 -30.76
N SER QH 22 -71.20 -68.94 -30.50
CA SER QH 22 -71.04 -70.22 -29.85
C SER QH 22 -72.20 -71.11 -30.25
N ASN QH 23 -71.99 -72.41 -30.15
CA ASN QH 23 -73.02 -73.38 -30.48
C ASN QH 23 -73.91 -73.60 -29.27
N LEU QH 24 -75.14 -74.03 -29.51
CA LEU QH 24 -76.07 -74.34 -28.43
C LEU QH 24 -76.70 -75.70 -28.73
N LEU QH 25 -76.22 -76.74 -28.06
CA LEU QH 25 -76.62 -78.11 -28.32
C LEU QH 25 -77.64 -78.59 -27.30
N LEU QH 26 -78.54 -79.44 -27.74
CA LEU QH 26 -79.43 -80.16 -26.83
C LEU QH 26 -78.69 -81.38 -26.33
N ILE QH 27 -78.69 -81.58 -25.02
CA ILE QH 27 -77.83 -82.52 -24.34
C ILE QH 27 -78.71 -83.40 -23.49
N THR QH 28 -78.83 -84.67 -23.84
CA THR QH 28 -79.73 -85.58 -23.14
C THR QH 28 -78.93 -86.53 -22.27
N ARG QH 29 -79.25 -86.57 -20.98
CA ARG QH 29 -78.56 -87.48 -20.07
C ARG QH 29 -78.96 -88.91 -20.36
N LEU QH 30 -77.97 -89.80 -20.43
CA LEU QH 30 -78.21 -91.19 -20.77
C LEU QH 30 -77.92 -92.10 -19.58
N ASP QH 31 -78.67 -93.21 -19.52
CA ASP QH 31 -78.67 -94.08 -18.35
C ASP QH 31 -77.55 -95.11 -18.39
N ASP QH 32 -77.59 -96.10 -17.49
CA ASP QH 32 -76.48 -97.05 -17.33
C ASP QH 32 -76.43 -98.11 -18.42
N LYS QH 33 -77.28 -98.02 -19.44
CA LYS QH 33 -77.15 -98.85 -20.62
C LYS QH 33 -76.73 -98.04 -21.84
N GLN QH 34 -76.24 -96.82 -21.60
CA GLN QH 34 -75.91 -95.88 -22.66
C GLN QH 34 -77.11 -95.65 -23.58
N GLN QH 35 -78.21 -95.21 -22.95
CA GLN QH 35 -79.46 -94.98 -23.65
C GLN QH 35 -80.08 -93.71 -23.08
N PRO QH 36 -80.52 -92.78 -23.91
CA PRO QH 36 -81.06 -91.52 -23.40
C PRO QH 36 -82.29 -91.73 -22.53
N MET QH 37 -82.47 -90.83 -21.56
CA MET QH 37 -83.58 -90.87 -20.64
C MET QH 37 -84.69 -89.95 -21.13
N LYS QH 38 -85.76 -89.85 -20.34
CA LYS QH 38 -86.91 -89.02 -20.68
C LYS QH 38 -86.91 -87.78 -19.80
N ASP QH 39 -87.18 -86.63 -20.42
CA ASP QH 39 -87.28 -85.35 -19.71
C ASP QH 39 -85.99 -85.01 -18.99
N GLN QH 40 -84.86 -85.14 -19.69
CA GLN QH 40 -83.56 -84.91 -19.09
C GLN QH 40 -82.66 -84.12 -20.04
N THR QH 41 -83.20 -83.10 -20.68
CA THR QH 41 -82.49 -82.36 -21.70
C THR QH 41 -82.11 -80.97 -21.22
N TRP QH 42 -80.85 -80.61 -21.43
CA TRP QH 42 -80.35 -79.27 -21.14
C TRP QH 42 -79.77 -78.68 -22.41
N VAL QH 43 -79.47 -77.40 -22.37
CA VAL QH 43 -78.84 -76.70 -23.47
C VAL QH 43 -77.42 -76.35 -23.06
N ALA QH 44 -76.44 -76.78 -23.84
CA ALA QH 44 -75.05 -76.64 -23.49
C ALA QH 44 -74.32 -75.87 -24.57
N VAL QH 45 -73.43 -74.97 -24.15
CA VAL QH 45 -72.60 -74.22 -25.07
C VAL QH 45 -71.43 -75.11 -25.45
N ASP QH 46 -71.42 -75.60 -26.68
CA ASP QH 46 -70.33 -76.44 -27.14
C ASP QH 46 -69.00 -75.71 -27.00
N ASN QH 47 -67.96 -76.46 -26.68
CA ASN QH 47 -66.65 -75.88 -26.45
C ASN QH 47 -65.51 -76.61 -27.12
N VAL QH 48 -65.69 -77.87 -27.54
CA VAL QH 48 -64.64 -78.66 -28.15
C VAL QH 48 -65.00 -79.16 -29.53
N GLY QH 49 -66.19 -78.86 -30.03
CA GLY QH 49 -66.54 -79.28 -31.37
C GLY QH 49 -67.26 -80.60 -31.45
N ALA QH 50 -68.36 -80.72 -30.72
CA ALA QH 50 -69.18 -81.92 -30.75
C ALA QH 50 -70.36 -81.71 -31.71
N GLY QH 51 -70.80 -82.81 -32.31
CA GLY QH 51 -71.92 -82.76 -33.23
C GLY QH 51 -72.99 -83.75 -32.86
N MET QH 52 -73.87 -84.08 -33.80
CA MET QH 52 -74.99 -84.95 -33.47
C MET QH 52 -74.51 -86.37 -33.15
N HIS QH 53 -75.25 -87.04 -32.27
CA HIS QH 53 -75.08 -88.45 -31.94
C HIS QH 53 -73.82 -88.74 -31.15
N ASP QH 54 -73.06 -87.74 -30.77
CA ASP QH 54 -71.79 -87.95 -30.08
C ASP QH 54 -72.01 -87.98 -28.58
N ILE QH 55 -71.36 -88.91 -27.90
CA ILE QH 55 -71.42 -88.99 -26.45
C ILE QH 55 -70.40 -88.03 -25.86
N VAL QH 56 -70.88 -87.08 -25.08
CA VAL QH 56 -70.02 -86.01 -24.57
C VAL QH 56 -70.07 -85.98 -23.06
N LEU QH 57 -69.35 -85.05 -22.46
CA LEU QH 57 -69.17 -84.94 -21.01
C LEU QH 57 -69.54 -83.52 -20.63
N ALA QH 58 -70.79 -83.30 -20.27
CA ALA QH 58 -71.32 -81.96 -20.03
C ALA QH 58 -71.06 -81.54 -18.60
N GLU QH 59 -70.50 -80.36 -18.42
CA GLU QH 59 -70.14 -79.85 -17.11
C GLU QH 59 -71.13 -78.80 -16.65
N GLU QH 60 -71.27 -78.67 -15.34
CA GLU QH 60 -72.22 -77.75 -14.75
C GLU QH 60 -71.66 -76.34 -14.71
N TYR QH 61 -72.25 -75.49 -13.86
CA TYR QH 61 -72.24 -74.04 -14.02
C TYR QH 61 -70.96 -73.42 -14.57
N PHE QH 62 -69.86 -73.52 -13.85
CA PHE QH 62 -68.71 -72.65 -14.12
C PHE QH 62 -67.74 -73.34 -15.06
N ALA QH 63 -67.68 -72.84 -16.30
CA ALA QH 63 -66.64 -73.25 -17.25
C ALA QH 63 -66.15 -72.08 -18.09
N LEU QH 64 -66.37 -70.85 -17.63
CA LEU QH 64 -65.90 -69.63 -18.31
C LEU QH 64 -66.42 -69.55 -19.75
N ASN QH 65 -67.75 -69.45 -19.86
CA ASN QH 65 -68.38 -69.41 -21.17
C ASN QH 65 -69.56 -68.44 -21.21
N TYR QH 69 -68.76 -65.62 -15.79
CA TYR QH 69 -69.24 -66.52 -16.82
C TYR QH 69 -69.53 -67.90 -16.26
N LYS QH 70 -70.79 -68.32 -16.35
CA LYS QH 70 -71.20 -69.58 -15.73
C LYS QH 70 -72.11 -70.42 -16.61
N ALA QH 71 -71.89 -70.46 -17.92
CA ALA QH 71 -72.74 -71.24 -18.79
C ALA QH 71 -72.36 -72.71 -18.73
N MET QH 72 -73.35 -73.58 -18.87
CA MET QH 72 -73.16 -75.02 -18.87
C MET QH 72 -72.60 -75.43 -20.22
N SER QH 73 -71.39 -75.96 -20.23
CA SER QH 73 -70.71 -76.26 -21.48
C SER QH 73 -70.29 -77.71 -21.56
N VAL QH 74 -69.91 -78.12 -22.75
CA VAL QH 74 -69.35 -79.44 -23.01
C VAL QH 74 -67.84 -79.34 -22.95
N VAL QH 75 -67.19 -80.26 -22.23
CA VAL QH 75 -65.77 -80.15 -21.95
C VAL QH 75 -64.97 -81.34 -22.43
N ALA QH 76 -65.61 -82.37 -22.99
CA ALA QH 76 -64.87 -83.55 -23.41
C ALA QH 76 -65.75 -84.40 -24.31
N ILE QH 77 -65.14 -84.99 -25.33
CA ILE QH 77 -65.78 -85.97 -26.18
C ILE QH 77 -65.25 -87.35 -25.80
N VAL QH 78 -66.16 -88.26 -25.51
CA VAL QH 78 -65.81 -89.51 -24.85
C VAL QH 78 -65.56 -90.59 -25.88
N GLU QH 79 -64.42 -91.28 -25.75
CA GLU QH 79 -64.06 -92.39 -26.62
C GLU QH 79 -64.62 -93.71 -26.10
N LYS QH 80 -64.26 -94.08 -24.88
CA LYS QH 80 -64.64 -95.35 -24.29
C LYS QH 80 -65.21 -95.14 -22.91
N VAL QH 81 -66.28 -95.88 -22.60
CA VAL QH 81 -66.88 -95.89 -21.26
C VAL QH 81 -66.81 -97.32 -20.76
N PHE QH 82 -65.76 -97.64 -20.01
CA PHE QH 82 -65.62 -98.96 -19.42
C PHE QH 82 -66.40 -98.98 -18.11
N ARG QH 83 -67.33 -99.92 -17.99
CA ARG QH 83 -68.25 -99.92 -16.86
C ARG QH 83 -68.60 -101.37 -16.50
N ASP QH 84 -68.18 -101.80 -15.32
CA ASP QH 84 -68.60 -103.09 -14.81
C ASP QH 84 -68.34 -103.17 -13.30
N GLU RH 3 -74.48 -51.14 -75.63
CA GLU RH 3 -74.66 -50.74 -74.24
C GLU RH 3 -73.32 -50.48 -73.59
N ALA RH 4 -73.32 -49.72 -72.50
CA ALA RH 4 -72.07 -49.37 -71.84
C ALA RH 4 -71.52 -50.57 -71.09
N LEU RH 5 -70.43 -50.36 -70.37
CA LEU RH 5 -69.74 -51.44 -69.69
C LEU RH 5 -69.12 -50.91 -68.42
N GLY RH 6 -69.34 -51.61 -67.31
CA GLY RH 6 -68.82 -51.17 -66.03
C GLY RH 6 -67.99 -52.25 -65.37
N LEU RH 7 -66.92 -51.82 -64.70
CA LEU RH 7 -65.92 -52.74 -64.18
C LEU RH 7 -65.49 -52.32 -62.79
N ILE RH 8 -65.43 -53.29 -61.87
CA ILE RH 8 -64.85 -53.08 -60.56
C ILE RH 8 -63.86 -54.20 -60.30
N GLU RH 9 -62.73 -53.87 -59.68
CA GLU RH 9 -61.70 -54.85 -59.36
C GLU RH 9 -61.38 -54.76 -57.88
N THR RH 10 -61.36 -55.90 -57.20
CA THR RH 10 -61.15 -55.95 -55.77
C THR RH 10 -60.14 -57.04 -55.44
N LYS RH 11 -59.61 -56.97 -54.23
CA LYS RH 11 -58.77 -58.02 -53.68
C LYS RH 11 -59.64 -58.96 -52.85
N GLY RH 12 -59.71 -60.21 -53.27
CA GLY RH 12 -60.53 -61.16 -52.55
C GLY RH 12 -61.88 -61.35 -53.21
N LEU RH 13 -62.47 -62.53 -53.00
CA LEU RH 13 -63.74 -62.84 -53.64
C LEU RH 13 -64.92 -62.25 -52.87
N VAL RH 14 -64.81 -62.16 -51.54
CA VAL RH 14 -65.94 -61.68 -50.75
C VAL RH 14 -66.26 -60.24 -51.10
N ALA RH 15 -65.25 -59.38 -51.15
CA ALA RH 15 -65.48 -57.98 -51.46
C ALA RH 15 -66.09 -57.80 -52.83
N CYS RH 16 -65.87 -58.75 -53.74
CA CYS RH 16 -66.40 -58.61 -55.09
C CYS RH 16 -67.86 -59.04 -55.16
N ILE RH 17 -68.25 -60.06 -54.40
CA ILE RH 17 -69.64 -60.50 -54.41
C ILE RH 17 -70.53 -59.45 -53.76
N GLU RH 18 -70.02 -58.78 -52.73
CA GLU RH 18 -70.74 -57.64 -52.16
C GLU RH 18 -70.89 -56.53 -53.19
N ALA RH 19 -69.82 -56.21 -53.92
CA ALA RH 19 -69.89 -55.17 -54.93
C ALA RH 19 -70.85 -55.54 -56.05
N ALA RH 20 -70.82 -56.79 -56.50
CA ALA RH 20 -71.69 -57.17 -57.62
C ALA RH 20 -73.14 -57.26 -57.19
N ASP RH 21 -73.40 -57.40 -55.89
CA ASP RH 21 -74.78 -57.39 -55.43
C ASP RH 21 -75.31 -55.98 -55.32
N ALA RH 22 -74.49 -55.06 -54.80
CA ALA RH 22 -74.90 -53.66 -54.73
C ALA RH 22 -75.14 -53.10 -56.13
N MET RH 23 -74.28 -53.44 -57.09
CA MET RH 23 -74.47 -52.96 -58.45
C MET RH 23 -75.80 -53.41 -59.02
N CYS RH 24 -76.16 -54.68 -58.81
CA CYS RH 24 -77.37 -55.20 -59.44
C CYS RH 24 -78.63 -54.63 -58.81
N LYS RH 25 -78.56 -54.24 -57.54
CA LYS RH 25 -79.73 -53.68 -56.87
C LYS RH 25 -79.91 -52.20 -57.17
N ALA RH 26 -78.82 -51.47 -57.34
CA ALA RH 26 -78.87 -50.01 -57.38
C ALA RH 26 -79.32 -49.45 -58.71
N ALA RH 27 -79.41 -50.24 -59.77
CA ALA RH 27 -79.82 -49.72 -61.06
C ALA RH 27 -80.15 -50.88 -61.98
N ASN RH 28 -80.69 -50.55 -63.15
CA ASN RH 28 -81.12 -51.56 -64.11
C ASN RH 28 -79.94 -51.96 -64.98
N VAL RH 29 -79.06 -52.79 -64.41
CA VAL RH 29 -77.91 -53.32 -65.12
C VAL RH 29 -77.90 -54.83 -64.98
N GLU RH 30 -77.26 -55.51 -65.92
CA GLU RH 30 -77.20 -56.95 -65.95
C GLU RH 30 -75.77 -57.41 -65.72
N LEU RH 31 -75.60 -58.49 -64.96
CA LEU RH 31 -74.28 -58.97 -64.60
C LEU RH 31 -73.74 -59.89 -65.69
N ILE RH 32 -72.55 -59.58 -66.19
CA ILE RH 32 -71.96 -60.39 -67.25
C ILE RH 32 -71.26 -61.60 -66.67
N GLY RH 33 -70.35 -61.39 -65.73
CA GLY RH 33 -69.68 -62.50 -65.08
C GLY RH 33 -68.50 -62.02 -64.28
N TYR RH 34 -67.85 -62.98 -63.62
CA TYR RH 34 -66.63 -62.74 -62.88
C TYR RH 34 -65.44 -63.23 -63.68
N GLU RH 35 -64.25 -62.72 -63.32
CA GLU RH 35 -63.02 -63.14 -63.98
C GLU RH 35 -61.86 -62.78 -63.06
N ASN RH 36 -61.25 -63.77 -62.43
CA ASN RH 36 -60.10 -63.54 -61.59
C ASN RH 36 -58.83 -63.89 -62.34
N VAL RH 37 -57.85 -62.99 -62.26
CA VAL RH 37 -56.60 -63.13 -63.01
C VAL RH 37 -55.49 -63.22 -61.97
N GLY RH 38 -55.18 -64.43 -61.53
CA GLY RH 38 -54.03 -64.59 -60.67
C GLY RH 38 -54.24 -63.99 -59.30
N SER RH 39 -53.26 -63.21 -58.86
CA SER RH 39 -53.04 -62.99 -57.43
C SER RH 39 -54.17 -62.19 -56.79
N GLY RH 40 -55.11 -62.90 -56.19
CA GLY RH 40 -56.22 -62.34 -55.45
C GLY RH 40 -56.89 -61.14 -56.08
N LEU RH 41 -57.19 -61.19 -57.37
CA LEU RH 41 -57.82 -60.07 -58.03
C LEU RH 41 -59.02 -60.60 -58.79
N VAL RH 42 -60.22 -60.22 -58.34
CA VAL RH 42 -61.45 -60.63 -59.00
C VAL RH 42 -62.11 -59.39 -59.58
N THR RH 43 -62.76 -59.54 -60.72
CA THR RH 43 -63.37 -58.43 -61.43
C THR RH 43 -64.78 -58.81 -61.85
N ALA RH 44 -65.73 -57.93 -61.57
CA ALA RH 44 -67.12 -58.10 -61.99
C ALA RH 44 -67.44 -57.11 -63.09
N MET RH 45 -68.23 -57.54 -64.06
CA MET RH 45 -68.57 -56.74 -65.23
C MET RH 45 -70.07 -56.65 -65.37
N VAL RH 46 -70.59 -55.43 -65.52
CA VAL RH 46 -72.01 -55.20 -65.72
C VAL RH 46 -72.19 -54.39 -67.02
N LYS RH 47 -73.38 -54.47 -67.58
CA LYS RH 47 -73.67 -53.75 -68.81
C LYS RH 47 -75.10 -53.21 -68.77
N GLY RH 48 -75.28 -52.05 -69.40
CA GLY RH 48 -76.56 -51.39 -69.44
C GLY RH 48 -76.41 -50.01 -70.05
N ASP RH 49 -77.44 -49.20 -69.89
CA ASP RH 49 -77.37 -47.83 -70.41
C ASP RH 49 -76.30 -47.03 -69.67
N VAL RH 50 -75.90 -45.91 -70.26
CA VAL RH 50 -74.77 -45.16 -69.74
C VAL RH 50 -75.12 -44.51 -68.41
N GLY RH 51 -76.34 -44.00 -68.28
CA GLY RH 51 -76.75 -43.39 -67.03
C GLY RH 51 -76.96 -44.42 -65.93
N ALA RH 52 -77.48 -45.58 -66.29
CA ALA RH 52 -77.66 -46.66 -65.32
C ALA RH 52 -76.31 -47.22 -64.88
N VAL RH 53 -75.46 -47.56 -65.83
CA VAL RH 53 -74.18 -48.18 -65.50
C VAL RH 53 -73.34 -47.24 -64.66
N ASN RH 54 -73.39 -45.94 -64.96
CA ASN RH 54 -72.65 -44.97 -64.16
C ASN RH 54 -73.16 -44.95 -62.72
N ALA RH 55 -74.46 -45.18 -62.55
CA ALA RH 55 -75.06 -45.16 -61.22
C ALA RH 55 -74.81 -46.45 -60.47
N ALA RH 56 -74.58 -47.55 -61.19
CA ALA RH 56 -74.32 -48.82 -60.54
C ALA RH 56 -72.89 -48.90 -60.05
N VAL RH 57 -71.95 -48.31 -60.78
CA VAL RH 57 -70.54 -48.50 -60.45
C VAL RH 57 -70.17 -47.70 -59.21
N ASP RH 58 -70.73 -46.51 -59.04
CA ASP RH 58 -70.36 -45.72 -57.87
C ASP RH 58 -71.02 -46.24 -56.60
N SER RH 59 -72.13 -46.96 -56.74
CA SER RH 59 -72.71 -47.63 -55.57
C SER RH 59 -71.96 -48.90 -55.23
N GLY RH 60 -71.57 -49.67 -56.24
CA GLY RH 60 -70.84 -50.89 -55.99
C GLY RH 60 -69.45 -50.64 -55.44
N VAL RH 61 -68.80 -49.56 -55.88
CA VAL RH 61 -67.50 -49.21 -55.31
C VAL RH 61 -67.66 -48.84 -53.84
N GLU RH 62 -68.79 -48.22 -53.51
CA GLU RH 62 -69.01 -47.73 -52.16
C GLU RH 62 -69.23 -48.88 -51.18
N ALA RH 63 -69.85 -49.96 -51.64
CA ALA RH 63 -70.11 -51.11 -50.79
C ALA RH 63 -68.87 -51.95 -50.57
N ALA RH 64 -68.15 -52.26 -51.65
CA ALA RH 64 -66.95 -53.10 -51.52
C ALA RH 64 -65.84 -52.37 -50.79
N LYS RH 65 -65.79 -51.06 -50.90
CA LYS RH 65 -64.82 -50.27 -50.15
C LYS RH 65 -65.04 -50.38 -48.66
N ARG RH 66 -66.24 -50.81 -48.25
CA ARG RH 66 -66.57 -50.88 -46.83
C ARG RH 66 -65.85 -52.03 -46.14
N ILE RH 67 -65.76 -53.18 -46.81
CA ILE RH 67 -65.24 -54.40 -46.19
C ILE RH 67 -63.97 -54.90 -46.85
N GLY RH 68 -63.55 -54.33 -47.97
CA GLY RH 68 -62.35 -54.81 -48.64
C GLY RH 68 -61.62 -53.70 -49.36
N LYS RH 69 -60.77 -54.07 -50.29
CA LYS RH 69 -60.00 -53.11 -51.08
C LYS RH 69 -60.57 -53.08 -52.49
N VAL RH 70 -60.99 -51.91 -52.93
CA VAL RH 70 -61.36 -51.69 -54.32
C VAL RH 70 -60.13 -51.17 -55.04
N VAL RH 71 -59.64 -51.93 -56.02
CA VAL RH 71 -58.42 -51.57 -56.70
C VAL RH 71 -58.67 -50.57 -57.82
N SER RH 72 -59.69 -50.81 -58.65
CA SER RH 72 -59.95 -49.93 -59.77
C SER RH 72 -61.41 -50.05 -60.17
N SER RH 73 -61.93 -48.98 -60.77
CA SER RH 73 -63.25 -48.96 -61.35
C SER RH 73 -63.22 -48.13 -62.62
N ARG RH 74 -64.14 -48.43 -63.54
CA ARG RH 74 -64.09 -47.79 -64.84
C ARG RH 74 -65.39 -48.05 -65.58
N VAL RH 75 -65.89 -47.03 -66.26
CA VAL RH 75 -67.06 -47.14 -67.12
C VAL RH 75 -66.63 -46.82 -68.55
N ILE RH 76 -67.02 -47.69 -69.48
CA ILE RH 76 -66.74 -47.49 -70.90
C ILE RH 76 -68.06 -47.19 -71.58
N ALA RH 77 -68.18 -45.97 -72.12
CA ALA RH 77 -69.49 -45.50 -72.58
C ALA RH 77 -69.91 -46.19 -73.86
N ARG RH 78 -68.96 -46.48 -74.74
CA ARG RH 78 -69.24 -47.26 -75.95
C ARG RH 78 -68.08 -48.20 -76.19
N PRO RH 79 -68.19 -49.45 -75.77
CA PRO RH 79 -67.11 -50.41 -76.02
C PRO RH 79 -67.04 -50.76 -77.48
N HIS RH 80 -65.82 -50.90 -77.98
CA HIS RH 80 -65.63 -51.23 -79.38
C HIS RH 80 -66.14 -52.63 -79.67
N ASN RH 81 -66.65 -52.81 -80.89
CA ASN RH 81 -67.29 -54.08 -81.24
C ASN RH 81 -66.36 -55.26 -81.06
N ASP RH 82 -65.08 -55.07 -81.36
CA ASP RH 82 -64.10 -56.15 -81.21
C ASP RH 82 -64.04 -56.66 -79.78
N ILE RH 83 -64.14 -55.74 -78.82
CA ILE RH 83 -64.04 -56.10 -77.42
C ILE RH 83 -65.35 -56.68 -76.93
N GLU SH 3 -82.71 -68.24 -50.74
CA GLU SH 3 -82.24 -68.36 -49.37
C GLU SH 3 -80.99 -67.53 -49.18
N ALA SH 4 -80.65 -67.24 -47.92
CA ALA SH 4 -79.55 -66.36 -47.62
C ALA SH 4 -78.22 -66.99 -48.05
N LEU SH 5 -77.14 -66.26 -47.84
CA LEU SH 5 -75.83 -66.67 -48.33
C LEU SH 5 -74.76 -66.10 -47.42
N GLY SH 6 -73.87 -66.93 -46.94
CA GLY SH 6 -72.81 -66.50 -46.05
C GLY SH 6 -71.45 -66.87 -46.58
N LEU SH 7 -70.47 -66.00 -46.33
CA LEU SH 7 -69.13 -66.17 -46.84
C LEU SH 7 -68.11 -65.90 -45.74
N ILE SH 8 -67.09 -66.74 -45.68
CA ILE SH 8 -65.92 -66.49 -44.85
C ILE SH 8 -64.68 -66.64 -45.74
N GLU SH 9 -63.75 -65.72 -45.62
CA GLU SH 9 -62.52 -65.74 -46.41
C GLU SH 9 -61.33 -65.83 -45.48
N THR SH 10 -60.49 -66.84 -45.68
CA THR SH 10 -59.38 -67.13 -44.80
C THR SH 10 -58.10 -67.28 -45.60
N LYS SH 11 -56.98 -67.03 -44.94
CA LYS SH 11 -55.66 -67.21 -45.54
C LYS SH 11 -55.18 -68.62 -45.24
N GLY SH 12 -55.16 -69.46 -46.26
CA GLY SH 12 -54.78 -70.85 -46.08
C GLY SH 12 -55.98 -71.75 -46.03
N LEU SH 13 -55.77 -73.01 -46.45
CA LEU SH 13 -56.89 -73.95 -46.54
C LEU SH 13 -57.26 -74.54 -45.19
N VAL SH 14 -56.29 -74.74 -44.30
CA VAL SH 14 -56.60 -75.36 -43.02
C VAL SH 14 -57.59 -74.52 -42.23
N ALA SH 15 -57.33 -73.21 -42.14
CA ALA SH 15 -58.24 -72.33 -41.43
C ALA SH 15 -59.63 -72.34 -42.05
N CYS SH 16 -59.72 -72.67 -43.34
CA CYS SH 16 -61.03 -72.69 -43.99
C CYS SH 16 -61.80 -73.96 -43.69
N ILE SH 17 -61.12 -75.07 -43.41
CA ILE SH 17 -61.84 -76.29 -43.07
C ILE SH 17 -62.28 -76.25 -41.62
N GLU SH 18 -61.51 -75.62 -40.73
CA GLU SH 18 -62.00 -75.39 -39.39
C GLU SH 18 -63.21 -74.47 -39.40
N ALA SH 19 -63.18 -73.43 -40.22
CA ALA SH 19 -64.32 -72.52 -40.32
C ALA SH 19 -65.54 -73.25 -40.85
N ALA SH 20 -65.38 -74.06 -41.89
CA ALA SH 20 -66.53 -74.73 -42.47
C ALA SH 20 -67.06 -75.83 -41.57
N ASP SH 21 -66.23 -76.38 -40.69
CA ASP SH 21 -66.72 -77.38 -39.76
C ASP SH 21 -67.56 -76.76 -38.66
N ALA SH 22 -67.13 -75.61 -38.15
CA ALA SH 22 -67.94 -74.90 -37.15
C ALA SH 22 -69.25 -74.42 -37.76
N MET SH 23 -69.21 -73.95 -39.00
CA MET SH 23 -70.41 -73.46 -39.65
C MET SH 23 -71.45 -74.56 -39.80
N CYS SH 24 -71.03 -75.75 -40.20
CA CYS SH 24 -71.97 -76.82 -40.48
C CYS SH 24 -72.52 -77.47 -39.23
N LYS SH 25 -71.85 -77.34 -38.09
CA LYS SH 25 -72.36 -77.85 -36.84
C LYS SH 25 -73.25 -76.87 -36.11
N ALA SH 26 -73.12 -75.58 -36.40
CA ALA SH 26 -73.80 -74.56 -35.63
C ALA SH 26 -75.27 -74.41 -35.99
N ALA SH 27 -75.64 -74.76 -37.21
CA ALA SH 27 -77.03 -74.61 -37.63
C ALA SH 27 -77.28 -75.52 -38.82
N ASN SH 28 -78.49 -75.42 -39.37
CA ASN SH 28 -78.93 -76.31 -40.44
C ASN SH 28 -78.74 -75.59 -41.78
N VAL SH 29 -77.49 -75.54 -42.22
CA VAL SH 29 -77.12 -74.93 -43.49
C VAL SH 29 -76.43 -75.98 -44.34
N GLU SH 30 -76.60 -75.86 -45.66
CA GLU SH 30 -75.92 -76.74 -46.60
C GLU SH 30 -74.70 -76.02 -47.15
N LEU SH 31 -73.57 -76.72 -47.16
CA LEU SH 31 -72.31 -76.14 -47.59
C LEU SH 31 -72.15 -76.30 -49.09
N ILE SH 32 -71.89 -75.20 -49.78
CA ILE SH 32 -71.85 -75.20 -51.24
C ILE SH 32 -70.49 -75.64 -51.76
N GLY SH 33 -69.42 -75.00 -51.32
CA GLY SH 33 -68.10 -75.43 -51.72
C GLY SH 33 -67.08 -74.32 -51.60
N TYR SH 34 -65.82 -74.71 -51.74
CA TYR SH 34 -64.70 -73.81 -51.62
C TYR SH 34 -64.39 -73.15 -52.95
N GLU SH 35 -63.60 -72.08 -52.89
CA GLU SH 35 -63.18 -71.38 -54.11
C GLU SH 35 -61.97 -70.53 -53.74
N ASN SH 36 -60.80 -70.89 -54.27
CA ASN SH 36 -59.61 -70.10 -54.04
C ASN SH 36 -59.30 -69.23 -55.25
N VAL SH 37 -58.86 -68.01 -54.99
CA VAL SH 37 -58.62 -67.02 -56.03
C VAL SH 37 -57.14 -66.69 -56.13
N GLY SH 38 -56.28 -67.42 -55.45
CA GLY SH 38 -54.86 -67.15 -55.48
C GLY SH 38 -54.44 -66.24 -54.35
N SER SH 39 -53.13 -66.19 -54.14
CA SER SH 39 -52.49 -65.45 -53.06
C SER SH 39 -52.81 -66.04 -51.68
N GLY SH 40 -53.26 -67.29 -51.64
CA GLY SH 40 -53.54 -67.96 -50.39
C GLY SH 40 -54.92 -67.74 -49.83
N LEU SH 41 -55.81 -67.06 -50.57
CA LEU SH 41 -57.14 -66.75 -50.09
C LEU SH 41 -58.10 -67.85 -50.49
N VAL SH 42 -58.74 -68.47 -49.50
CA VAL SH 42 -59.74 -69.50 -49.73
C VAL SH 42 -61.04 -69.04 -49.10
N THR SH 43 -62.16 -69.35 -49.75
CA THR SH 43 -63.47 -68.87 -49.34
C THR SH 43 -64.44 -70.04 -49.26
N ALA SH 44 -65.20 -70.10 -48.16
CA ALA SH 44 -66.25 -71.09 -47.98
C ALA SH 44 -67.60 -70.41 -48.07
N MET SH 45 -68.57 -71.08 -48.66
CA MET SH 45 -69.88 -70.50 -48.93
C MET SH 45 -70.96 -71.46 -48.46
N VAL SH 46 -71.86 -70.97 -47.61
CA VAL SH 46 -73.00 -71.74 -47.13
C VAL SH 46 -74.28 -71.04 -47.57
N LYS SH 47 -75.39 -71.76 -47.47
CA LYS SH 47 -76.68 -71.17 -47.82
C LYS SH 47 -77.78 -71.85 -47.03
N GLY SH 48 -78.75 -71.03 -46.60
CA GLY SH 48 -79.86 -71.52 -45.81
C GLY SH 48 -80.72 -70.34 -45.40
N ASP SH 49 -81.60 -70.59 -44.45
CA ASP SH 49 -82.42 -69.51 -43.91
C ASP SH 49 -81.54 -68.47 -43.24
N VAL SH 50 -82.06 -67.25 -43.14
CA VAL SH 50 -81.23 -66.13 -42.70
C VAL SH 50 -80.97 -66.14 -41.20
N GLY SH 51 -81.80 -66.83 -40.42
CA GLY SH 51 -81.48 -66.99 -39.01
C GLY SH 51 -80.41 -68.04 -38.79
N ALA SH 52 -80.40 -69.08 -39.63
CA ALA SH 52 -79.38 -70.10 -39.52
C ALA SH 52 -78.04 -69.63 -40.07
N VAL SH 53 -78.06 -68.96 -41.23
CA VAL SH 53 -76.83 -68.50 -41.84
C VAL SH 53 -76.16 -67.46 -40.99
N ASN SH 54 -76.95 -66.60 -40.33
CA ASN SH 54 -76.36 -65.60 -39.45
C ASN SH 54 -75.66 -66.28 -38.27
N ALA SH 55 -76.23 -67.36 -37.75
CA ALA SH 55 -75.64 -68.04 -36.61
C ALA SH 55 -74.41 -68.81 -37.02
N ALA SH 56 -74.41 -69.40 -38.22
CA ALA SH 56 -73.28 -70.19 -38.67
C ALA SH 56 -72.07 -69.32 -38.93
N VAL SH 57 -72.25 -68.20 -39.61
CA VAL SH 57 -71.12 -67.35 -39.98
C VAL SH 57 -70.46 -66.78 -38.73
N ASP SH 58 -71.25 -66.45 -37.71
CA ASP SH 58 -70.67 -65.90 -36.48
C ASP SH 58 -69.83 -66.95 -35.76
N SER SH 59 -70.28 -68.20 -35.78
CA SER SH 59 -69.52 -69.25 -35.13
C SER SH 59 -68.29 -69.63 -35.94
N GLY SH 60 -68.45 -69.75 -37.26
CA GLY SH 60 -67.31 -70.07 -38.10
C GLY SH 60 -66.22 -69.03 -38.04
N VAL SH 61 -66.58 -67.76 -37.89
CA VAL SH 61 -65.56 -66.72 -37.83
C VAL SH 61 -64.75 -66.85 -36.56
N GLU SH 62 -65.40 -67.19 -35.44
CA GLU SH 62 -64.68 -67.25 -34.18
C GLU SH 62 -63.78 -68.47 -34.10
N ALA SH 63 -64.18 -69.58 -34.72
CA ALA SH 63 -63.35 -70.78 -34.68
C ALA SH 63 -62.12 -70.64 -35.58
N ALA SH 64 -62.31 -70.14 -36.79
CA ALA SH 64 -61.17 -69.94 -37.69
C ALA SH 64 -60.24 -68.86 -37.17
N LYS SH 65 -60.78 -67.84 -36.51
CA LYS SH 65 -59.95 -66.79 -35.92
C LYS SH 65 -58.98 -67.37 -34.91
N ARG SH 66 -59.34 -68.49 -34.29
CA ARG SH 66 -58.54 -69.04 -33.21
C ARG SH 66 -57.23 -69.65 -33.72
N ILE SH 67 -57.24 -70.20 -34.93
CA ILE SH 67 -56.12 -70.98 -35.45
C ILE SH 67 -55.56 -70.42 -36.74
N GLY SH 68 -56.08 -69.32 -37.24
CA GLY SH 68 -55.58 -68.74 -38.46
C GLY SH 68 -55.99 -67.31 -38.59
N LYS SH 69 -55.91 -66.79 -39.80
CA LYS SH 69 -56.30 -65.42 -40.08
C LYS SH 69 -57.60 -65.44 -40.87
N VAL SH 70 -58.61 -64.76 -40.35
CA VAL SH 70 -59.85 -64.54 -41.08
C VAL SH 70 -59.76 -63.17 -41.74
N VAL SH 71 -59.90 -63.16 -43.07
CA VAL SH 71 -59.75 -61.92 -43.82
C VAL SH 71 -61.05 -61.14 -43.87
N SER SH 72 -62.16 -61.82 -44.07
CA SER SH 72 -63.43 -61.15 -44.32
C SER SH 72 -64.56 -62.13 -44.09
N SER SH 73 -65.73 -61.59 -43.74
CA SER SH 73 -66.94 -62.38 -43.59
C SER SH 73 -68.12 -61.52 -43.97
N ARG SH 74 -69.23 -62.18 -44.33
CA ARG SH 74 -70.35 -61.42 -44.87
C ARG SH 74 -71.57 -62.33 -44.97
N VAL SH 75 -72.73 -61.78 -44.63
CA VAL SH 75 -74.01 -62.45 -44.86
C VAL SH 75 -74.81 -61.60 -45.83
N ILE SH 76 -75.40 -62.26 -46.83
CA ILE SH 76 -76.25 -61.61 -47.82
C ILE SH 76 -77.65 -62.17 -47.63
N ALA SH 77 -78.55 -61.35 -47.10
CA ALA SH 77 -79.86 -61.86 -46.69
C ALA SH 77 -80.74 -62.19 -47.88
N ARG SH 78 -80.90 -61.24 -48.80
CA ARG SH 78 -81.65 -61.50 -50.04
C ARG SH 78 -80.71 -61.33 -51.22
N PRO SH 79 -80.09 -62.41 -51.69
CA PRO SH 79 -79.20 -62.30 -52.84
C PRO SH 79 -79.98 -62.16 -54.14
N HIS SH 80 -79.42 -61.38 -55.05
CA HIS SH 80 -80.07 -61.17 -56.33
C HIS SH 80 -80.04 -62.44 -57.17
N ASN SH 81 -81.03 -62.58 -58.05
CA ASN SH 81 -81.14 -63.81 -58.84
C ASN SH 81 -80.02 -63.90 -59.88
N ASP SH 82 -79.47 -62.77 -60.31
CA ASP SH 82 -78.31 -62.80 -61.20
C ASP SH 82 -77.09 -63.36 -60.47
N ILE SH 83 -77.04 -63.22 -59.16
CA ILE SH 83 -75.93 -63.75 -58.37
C ILE SH 83 -76.16 -65.22 -58.08
N GLU TH 3 -94.85 -60.74 -35.76
CA GLU TH 3 -93.49 -60.74 -36.26
C GLU TH 3 -92.71 -59.57 -35.70
N ALA TH 4 -91.40 -59.58 -35.91
CA ALA TH 4 -90.53 -58.59 -35.30
C ALA TH 4 -90.83 -57.20 -35.83
N LEU TH 5 -90.18 -56.20 -35.24
CA LEU TH 5 -90.44 -54.81 -35.56
C LEU TH 5 -89.14 -54.04 -35.50
N GLY TH 6 -88.84 -53.32 -36.58
CA GLY TH 6 -87.61 -52.55 -36.64
C GLY TH 6 -87.83 -51.08 -36.90
N LEU TH 7 -87.15 -50.23 -36.14
CA LEU TH 7 -87.35 -48.79 -36.19
C LEU TH 7 -86.05 -48.06 -36.42
N ILE TH 8 -86.08 -47.03 -37.27
CA ILE TH 8 -84.97 -46.12 -37.44
C ILE TH 8 -85.53 -44.71 -37.33
N GLU TH 9 -84.79 -43.83 -36.67
CA GLU TH 9 -85.23 -42.46 -36.48
C GLU TH 9 -84.13 -41.51 -36.92
N THR TH 10 -84.48 -40.56 -37.78
CA THR TH 10 -83.52 -39.65 -38.39
C THR TH 10 -84.01 -38.23 -38.29
N LYS TH 11 -83.10 -37.29 -38.53
CA LYS TH 11 -83.45 -35.89 -38.67
C LYS TH 11 -83.67 -35.58 -40.14
N GLY TH 12 -84.89 -35.20 -40.50
CA GLY TH 12 -85.12 -34.87 -41.89
C GLY TH 12 -85.67 -36.06 -42.66
N LEU TH 13 -86.39 -35.74 -43.74
CA LEU TH 13 -87.05 -36.78 -44.51
C LEU TH 13 -86.12 -37.46 -45.50
N VAL TH 14 -85.09 -36.77 -45.98
CA VAL TH 14 -84.24 -37.37 -46.99
C VAL TH 14 -83.45 -38.53 -46.42
N ALA TH 15 -82.87 -38.35 -45.24
CA ALA TH 15 -82.15 -39.45 -44.60
C ALA TH 15 -83.06 -40.63 -44.28
N CYS TH 16 -84.36 -40.40 -44.18
CA CYS TH 16 -85.28 -41.49 -43.86
C CYS TH 16 -85.74 -42.23 -45.11
N ILE TH 17 -85.78 -41.56 -46.26
CA ILE TH 17 -86.12 -42.29 -47.49
C ILE TH 17 -84.93 -43.13 -47.94
N GLU TH 18 -83.72 -42.71 -47.61
CA GLU TH 18 -82.56 -43.54 -47.92
C GLU TH 18 -82.47 -44.73 -46.99
N ALA TH 19 -82.80 -44.54 -45.71
CA ALA TH 19 -82.86 -45.67 -44.79
C ALA TH 19 -83.95 -46.64 -45.18
N ALA TH 20 -85.12 -46.14 -45.59
CA ALA TH 20 -86.21 -47.03 -45.93
C ALA TH 20 -85.94 -47.76 -47.23
N ASP TH 21 -85.19 -47.15 -48.15
CA ASP TH 21 -84.86 -47.82 -49.40
C ASP TH 21 -83.84 -48.92 -49.17
N ALA TH 22 -82.81 -48.64 -48.36
CA ALA TH 22 -81.80 -49.65 -48.08
C ALA TH 22 -82.39 -50.82 -47.31
N MET TH 23 -83.27 -50.53 -46.35
CA MET TH 23 -83.88 -51.61 -45.57
C MET TH 23 -84.68 -52.55 -46.44
N CYS TH 24 -85.47 -52.00 -47.36
CA CYS TH 24 -86.32 -52.85 -48.17
C CYS TH 24 -85.56 -53.63 -49.22
N LYS TH 25 -84.34 -53.20 -49.56
CA LYS TH 25 -83.55 -53.93 -50.54
C LYS TH 25 -82.79 -55.08 -49.90
N ALA TH 26 -82.35 -54.91 -48.66
CA ALA TH 26 -81.36 -55.78 -48.05
C ALA TH 26 -81.96 -56.92 -47.25
N ALA TH 27 -83.26 -57.14 -47.31
CA ALA TH 27 -83.89 -58.25 -46.59
C ALA TH 27 -85.35 -58.34 -47.02
N ASN TH 28 -85.98 -59.44 -46.67
CA ASN TH 28 -87.38 -59.66 -47.00
C ASN TH 28 -88.26 -59.12 -45.88
N VAL TH 29 -88.48 -57.81 -45.92
CA VAL TH 29 -89.26 -57.11 -44.91
C VAL TH 29 -90.37 -56.33 -45.60
N GLU TH 30 -91.36 -55.93 -44.81
CA GLU TH 30 -92.48 -55.13 -45.28
C GLU TH 30 -92.42 -53.75 -44.63
N LEU TH 31 -92.49 -52.71 -45.44
CA LEU TH 31 -92.48 -51.35 -44.91
C LEU TH 31 -93.88 -50.96 -44.48
N ILE TH 32 -94.02 -50.54 -43.23
CA ILE TH 32 -95.31 -50.14 -42.69
C ILE TH 32 -95.61 -48.68 -42.99
N GLY TH 33 -94.67 -47.79 -42.74
CA GLY TH 33 -94.86 -46.40 -43.09
C GLY TH 33 -93.98 -45.50 -42.27
N TYR TH 34 -94.09 -44.21 -42.55
CA TYR TH 34 -93.38 -43.17 -41.84
C TYR TH 34 -94.30 -42.53 -40.80
N GLU TH 35 -93.69 -41.91 -39.80
CA GLU TH 35 -94.46 -41.26 -38.75
C GLU TH 35 -93.56 -40.20 -38.12
N ASN TH 36 -93.79 -38.94 -38.46
CA ASN TH 36 -93.00 -37.84 -37.92
C ASN TH 36 -93.72 -37.18 -36.75
N VAL TH 37 -92.94 -36.60 -35.85
CA VAL TH 37 -93.47 -36.01 -34.63
C VAL TH 37 -92.99 -34.58 -34.46
N GLY TH 38 -92.69 -33.90 -35.57
CA GLY TH 38 -92.19 -32.55 -35.50
C GLY TH 38 -90.74 -32.52 -35.03
N SER TH 39 -90.17 -31.32 -35.05
CA SER TH 39 -88.75 -31.07 -34.82
C SER TH 39 -87.87 -31.75 -35.86
N GLY TH 40 -88.44 -32.19 -36.97
CA GLY TH 40 -87.68 -32.83 -38.01
C GLY TH 40 -87.38 -34.30 -37.78
N LEU TH 41 -87.87 -34.88 -36.70
CA LEU TH 41 -87.66 -36.30 -36.46
C LEU TH 41 -88.67 -37.10 -37.27
N VAL TH 42 -88.17 -38.00 -38.11
CA VAL TH 42 -89.01 -38.89 -38.90
C VAL TH 42 -88.56 -40.32 -38.60
N THR TH 43 -89.52 -41.24 -38.57
CA THR TH 43 -89.27 -42.61 -38.17
C THR TH 43 -89.82 -43.57 -39.21
N ALA TH 44 -89.05 -44.58 -39.56
CA ALA TH 44 -89.46 -45.64 -40.48
C ALA TH 44 -89.68 -46.92 -39.69
N MET TH 45 -90.72 -47.67 -40.07
CA MET TH 45 -91.07 -48.91 -39.39
C MET TH 45 -91.15 -50.04 -40.41
N VAL TH 46 -90.33 -51.07 -40.23
CA VAL TH 46 -90.38 -52.26 -41.05
C VAL TH 46 -90.87 -53.42 -40.18
N LYS TH 47 -91.29 -54.49 -40.85
CA LYS TH 47 -91.91 -55.60 -40.14
C LYS TH 47 -91.62 -56.90 -40.89
N GLY TH 48 -91.15 -57.90 -40.17
CA GLY TH 48 -90.86 -59.18 -40.78
C GLY TH 48 -90.32 -60.15 -39.74
N ASP TH 49 -89.77 -61.26 -40.23
CA ASP TH 49 -89.15 -62.22 -39.33
C ASP TH 49 -87.95 -61.60 -38.62
N VAL TH 50 -87.57 -62.20 -37.49
CA VAL TH 50 -86.57 -61.57 -36.62
C VAL TH 50 -85.23 -61.49 -37.31
N GLY TH 51 -84.83 -62.54 -38.02
CA GLY TH 51 -83.54 -62.52 -38.66
C GLY TH 51 -83.48 -61.53 -39.81
N ALA TH 52 -84.55 -61.47 -40.60
CA ALA TH 52 -84.61 -60.49 -41.68
C ALA TH 52 -84.62 -59.08 -41.13
N VAL TH 53 -85.51 -58.80 -40.19
CA VAL TH 53 -85.64 -57.46 -39.63
C VAL TH 53 -84.35 -57.01 -38.98
N ASN TH 54 -83.65 -57.94 -38.31
CA ASN TH 54 -82.36 -57.59 -37.75
C ASN TH 54 -81.43 -57.09 -38.84
N ALA TH 55 -81.24 -57.88 -39.89
CA ALA TH 55 -80.35 -57.52 -40.99
C ALA TH 55 -80.75 -56.22 -41.65
N ALA TH 56 -82.05 -56.01 -41.84
CA ALA TH 56 -82.51 -54.80 -42.51
C ALA TH 56 -82.09 -53.55 -41.72
N VAL TH 57 -82.29 -53.57 -40.41
CA VAL TH 57 -82.02 -52.38 -39.61
C VAL TH 57 -80.53 -52.05 -39.63
N ASP TH 58 -79.68 -53.06 -39.64
CA ASP TH 58 -78.24 -52.80 -39.70
C ASP TH 58 -77.86 -52.13 -41.02
N SER TH 59 -78.42 -52.59 -42.12
CA SER TH 59 -78.12 -51.98 -43.42
C SER TH 59 -78.74 -50.61 -43.53
N GLY TH 60 -79.98 -50.44 -43.06
CA GLY TH 60 -80.65 -49.16 -43.19
C GLY TH 60 -79.98 -48.07 -42.39
N VAL TH 61 -79.43 -48.40 -41.22
CA VAL TH 61 -78.73 -47.40 -40.44
C VAL TH 61 -77.43 -47.03 -41.10
N GLU TH 62 -76.79 -47.99 -41.76
CA GLU TH 62 -75.51 -47.74 -42.38
C GLU TH 62 -75.64 -46.83 -43.59
N ALA TH 63 -76.72 -46.97 -44.36
CA ALA TH 63 -76.95 -46.09 -45.50
C ALA TH 63 -77.38 -44.69 -45.06
N ALA TH 64 -78.26 -44.61 -44.07
CA ALA TH 64 -78.79 -43.32 -43.66
C ALA TH 64 -77.74 -42.49 -42.94
N LYS TH 65 -76.94 -43.10 -42.08
CA LYS TH 65 -75.90 -42.39 -41.36
C LYS TH 65 -74.90 -41.75 -42.31
N ARG TH 66 -74.90 -42.18 -43.58
CA ARG TH 66 -73.89 -41.76 -44.53
C ARG TH 66 -74.17 -40.37 -45.08
N ILE TH 67 -75.44 -39.98 -45.15
CA ILE TH 67 -75.83 -38.68 -45.69
C ILE TH 67 -76.50 -37.79 -44.66
N GLY TH 68 -76.99 -38.34 -43.55
CA GLY TH 68 -77.67 -37.53 -42.57
C GLY TH 68 -77.42 -38.01 -41.17
N LYS TH 69 -78.35 -37.77 -40.25
CA LYS TH 69 -78.17 -38.14 -38.86
C LYS TH 69 -79.18 -39.21 -38.48
N VAL TH 70 -78.67 -40.33 -37.99
CA VAL TH 70 -79.50 -41.40 -37.44
C VAL TH 70 -79.57 -41.19 -35.93
N VAL TH 71 -80.78 -40.90 -35.44
CA VAL TH 71 -80.94 -40.57 -34.04
C VAL TH 71 -80.95 -41.83 -33.18
N SER TH 72 -81.68 -42.85 -33.61
CA SER TH 72 -81.75 -44.09 -32.86
C SER TH 72 -82.29 -45.20 -33.75
N SER TH 73 -81.96 -46.43 -33.38
CA SER TH 73 -82.47 -47.62 -34.04
C SER TH 73 -82.78 -48.67 -32.99
N ARG TH 74 -83.65 -49.61 -33.34
CA ARG TH 74 -84.13 -50.57 -32.36
C ARG TH 74 -84.87 -51.68 -33.06
N VAL TH 75 -84.71 -52.91 -32.57
CA VAL TH 75 -85.46 -54.07 -33.04
C VAL TH 75 -86.20 -54.67 -31.86
N ILE TH 76 -87.50 -54.84 -32.01
CA ILE TH 76 -88.33 -55.54 -31.02
C ILE TH 76 -88.63 -56.91 -31.59
N ALA TH 77 -88.12 -57.95 -30.95
CA ALA TH 77 -88.23 -59.29 -31.52
C ALA TH 77 -89.66 -59.80 -31.47
N ARG TH 78 -90.44 -59.39 -30.48
CA ARG TH 78 -91.83 -59.83 -30.36
C ARG TH 78 -92.60 -58.76 -29.62
N PRO TH 79 -93.25 -57.85 -30.35
CA PRO TH 79 -93.98 -56.77 -29.69
C PRO TH 79 -95.26 -57.28 -29.07
N HIS TH 80 -95.68 -56.59 -28.02
CA HIS TH 80 -96.97 -56.85 -27.41
C HIS TH 80 -98.08 -56.51 -28.39
N ASN TH 81 -99.21 -57.20 -28.25
CA ASN TH 81 -100.33 -56.95 -29.16
C ASN TH 81 -100.85 -55.53 -29.04
N ASP TH 82 -100.73 -54.92 -27.87
CA ASP TH 82 -101.13 -53.53 -27.71
C ASP TH 82 -100.28 -52.60 -28.55
N ILE TH 83 -98.99 -52.92 -28.68
CA ILE TH 83 -98.11 -52.10 -29.50
C ILE TH 83 -98.52 -52.11 -30.95
N GLU TH 84 -99.18 -53.16 -31.41
CA GLU TH 84 -99.67 -53.19 -32.80
C GLU TH 84 -101.05 -52.56 -32.91
N LYS TH 85 -101.20 -51.41 -32.25
CA LYS TH 85 -102.30 -50.49 -32.45
C LYS TH 85 -101.81 -49.05 -32.42
N ILE TH 86 -100.58 -48.82 -32.01
CA ILE TH 86 -99.94 -47.51 -32.06
C ILE TH 86 -99.20 -47.32 -33.36
N ALA TH 87 -98.49 -48.34 -33.81
CA ALA TH 87 -97.81 -48.28 -35.10
C ALA TH 87 -98.82 -48.28 -36.24
N GLY TH 88 -99.59 -49.35 -36.36
CA GLY TH 88 -100.61 -49.43 -37.39
C GLY TH 88 -101.94 -48.86 -36.95
N MET UH 1 45.59 -99.07 -8.86
CA MET UH 1 46.55 -99.22 -9.94
C MET UH 1 47.01 -100.66 -10.04
N ILE UH 2 47.63 -101.01 -11.17
CA ILE UH 2 48.25 -102.31 -11.35
C ILE UH 2 49.57 -102.12 -12.08
N LEU UH 3 50.53 -103.00 -11.77
CA LEU UH 3 51.76 -103.03 -12.53
C LEU UH 3 51.52 -103.72 -13.86
N ALA UH 4 51.97 -103.08 -14.93
CA ALA UH 4 51.77 -103.63 -16.27
C ALA UH 4 52.92 -103.22 -17.14
N LYS UH 5 52.99 -103.83 -18.32
CA LYS UH 5 54.05 -103.59 -19.27
C LYS UH 5 53.45 -103.26 -20.63
N VAL UH 6 53.95 -102.21 -21.26
CA VAL UH 6 53.45 -101.84 -22.57
C VAL UH 6 53.96 -102.84 -23.60
N THR UH 7 53.04 -103.43 -24.37
CA THR UH 7 53.37 -104.48 -25.31
C THR UH 7 52.96 -104.20 -26.73
N GLY UH 8 52.43 -103.01 -27.03
CA GLY UH 8 52.03 -102.70 -28.38
C GLY UH 8 51.26 -101.40 -28.42
N HIS UH 9 50.51 -101.21 -29.51
CA HIS UH 9 49.65 -100.04 -29.63
C HIS UH 9 48.53 -100.38 -30.58
N VAL UH 10 47.52 -99.51 -30.60
CA VAL UH 10 46.31 -99.70 -31.39
C VAL UH 10 46.08 -98.45 -32.23
N VAL UH 11 45.83 -98.64 -33.52
CA VAL UH 11 45.55 -97.54 -34.44
C VAL UH 11 44.07 -97.59 -34.79
N ALA UH 12 43.32 -96.61 -34.32
CA ALA UH 12 41.88 -96.53 -34.54
C ALA UH 12 41.56 -95.19 -35.18
N THR UH 13 40.93 -95.21 -36.34
CA THR UH 13 40.59 -93.99 -37.07
C THR UH 13 39.19 -93.51 -36.78
N GLN UH 14 38.20 -94.40 -36.84
CA GLN UH 14 36.81 -94.07 -36.56
C GLN UH 14 36.57 -94.25 -35.07
N LYS UH 15 36.52 -93.15 -34.33
CA LYS UH 15 36.36 -93.22 -32.90
C LYS UH 15 35.69 -91.96 -32.39
N CYS UH 16 35.34 -91.98 -31.11
CA CYS UH 16 34.63 -90.85 -30.50
C CYS UH 16 35.54 -89.64 -30.43
N ASP UH 17 34.99 -88.55 -29.89
CA ASP UH 17 35.72 -87.29 -29.80
C ASP UH 17 36.44 -87.13 -28.47
N GLU UH 18 36.00 -87.84 -27.43
CA GLU UH 18 36.71 -87.81 -26.16
C GLU UH 18 38.08 -88.46 -26.25
N LEU UH 19 38.40 -89.10 -27.37
CA LEU UH 19 39.66 -89.80 -27.54
C LEU UH 19 40.56 -89.19 -28.61
N ARG UH 20 40.21 -88.03 -29.15
CA ARG UH 20 41.01 -87.43 -30.21
C ARG UH 20 42.33 -86.93 -29.67
N GLY UH 21 43.42 -87.28 -30.36
CA GLY UH 21 44.74 -86.79 -29.98
C GLY UH 21 45.30 -87.44 -28.74
N SER UH 22 45.35 -88.77 -28.73
CA SER UH 22 45.90 -89.49 -27.59
C SER UH 22 46.39 -90.84 -28.09
N ASN UH 23 47.32 -91.42 -27.33
CA ASN UH 23 47.87 -92.71 -27.67
C ASN UH 23 46.98 -93.80 -27.11
N LEU UH 24 47.03 -94.98 -27.72
CA LEU UH 24 46.28 -96.13 -27.24
C LEU UH 24 47.21 -97.32 -27.18
N LEU UH 25 47.66 -97.66 -25.98
CA LEU UH 25 48.67 -98.69 -25.77
C LEU UH 25 48.03 -99.99 -25.31
N LEU UH 26 48.61 -101.10 -25.72
CA LEU UH 26 48.26 -102.40 -25.16
C LEU UH 26 49.05 -102.60 -23.88
N ILE UH 27 48.35 -103.00 -22.82
CA ILE UH 27 48.87 -102.96 -21.47
C ILE UH 27 48.65 -104.35 -20.89
N THR UH 28 49.74 -105.08 -20.65
CA THR UH 28 49.64 -106.44 -20.17
C THR UH 28 50.02 -106.52 -18.70
N ARG UH 29 49.13 -107.06 -17.89
CA ARG UH 29 49.41 -107.21 -16.47
C ARG UH 29 50.47 -108.27 -16.24
N LEU UH 30 51.46 -107.95 -15.41
CA LEU UH 30 52.59 -108.85 -15.17
C LEU UH 30 52.56 -109.37 -13.75
N ASP UH 31 53.06 -110.61 -13.59
CA ASP UH 31 52.93 -111.34 -12.33
C ASP UH 31 54.05 -111.02 -11.35
N ASP UH 32 54.15 -111.78 -10.26
CA ASP UH 32 55.07 -111.45 -9.17
C ASP UH 32 56.53 -111.77 -9.48
N LYS UH 33 56.84 -112.19 -10.70
CA LYS UH 33 58.21 -112.31 -11.16
C LYS UH 33 58.54 -111.25 -12.21
N GLN UH 34 57.70 -110.23 -12.32
CA GLN UH 34 57.82 -109.22 -13.37
C GLN UH 34 57.84 -109.87 -14.76
N GLN UH 35 56.79 -110.63 -15.03
CA GLN UH 35 56.66 -111.37 -16.27
C GLN UH 35 55.20 -111.27 -16.72
N PRO UH 36 54.93 -110.93 -17.97
CA PRO UH 36 53.55 -110.78 -18.42
C PRO UH 36 52.75 -112.06 -18.30
N MET UH 37 51.45 -111.90 -18.05
CA MET UH 37 50.53 -113.01 -17.91
C MET UH 37 49.84 -113.29 -19.24
N LYS UH 38 48.92 -114.25 -19.22
CA LYS UH 38 48.18 -114.65 -20.42
C LYS UH 38 46.75 -114.14 -20.32
N ASP UH 39 46.25 -113.58 -21.41
CA ASP UH 39 44.87 -113.10 -21.50
C ASP UH 39 44.59 -112.03 -20.46
N GLN UH 40 45.49 -111.05 -20.37
CA GLN UH 40 45.36 -109.99 -19.37
C GLN UH 40 45.70 -108.64 -19.98
N THR UH 41 45.22 -108.36 -21.17
CA THR UH 41 45.57 -107.16 -21.91
C THR UH 41 44.41 -106.19 -21.97
N TRP UH 42 44.69 -104.93 -21.65
CA TRP UH 42 43.74 -103.85 -21.78
C TRP UH 42 44.32 -102.78 -22.69
N VAL UH 43 43.47 -101.84 -23.07
CA VAL UH 43 43.89 -100.71 -23.89
C VAL UH 43 43.84 -99.46 -23.03
N ALA UH 44 44.96 -98.76 -22.93
CA ALA UH 44 45.08 -97.63 -22.02
C ALA UH 44 45.46 -96.38 -22.80
N VAL UH 45 44.84 -95.25 -22.44
CA VAL UH 45 45.17 -93.98 -23.04
C VAL UH 45 46.42 -93.45 -22.34
N ASP UH 46 47.54 -93.46 -23.06
CA ASP UH 46 48.78 -92.96 -22.47
C ASP UH 46 48.61 -91.51 -22.03
N ASN UH 47 49.27 -91.17 -20.93
CA ASN UH 47 49.13 -89.83 -20.37
C ASN UH 47 50.45 -89.19 -19.97
N VAL UH 48 51.53 -89.95 -19.83
CA VAL UH 48 52.82 -89.41 -19.39
C VAL UH 48 53.93 -89.68 -20.39
N GLY UH 49 53.65 -90.37 -21.49
CA GLY UH 49 54.67 -90.60 -22.48
C GLY UH 49 55.42 -91.91 -22.32
N ALA UH 50 54.69 -93.01 -22.27
CA ALA UH 50 55.29 -94.33 -22.19
C ALA UH 50 55.37 -94.96 -23.56
N GLY UH 51 56.38 -95.81 -23.76
CA GLY UH 51 56.57 -96.48 -25.02
C GLY UH 51 56.69 -97.97 -24.84
N MET UH 52 57.23 -98.67 -25.85
CA MET UH 52 57.27 -100.12 -25.77
C MET UH 52 58.21 -100.59 -24.67
N HIS UH 53 57.89 -101.75 -24.10
CA HIS UH 53 58.73 -102.47 -23.14
C HIS UH 53 58.84 -101.79 -21.79
N ASP UH 54 58.14 -100.69 -21.57
CA ASP UH 54 58.27 -99.93 -20.33
C ASP UH 54 57.26 -100.44 -19.30
N ILE UH 55 57.71 -100.57 -18.06
CA ILE UH 55 56.82 -100.98 -16.98
C ILE UH 55 56.10 -99.75 -16.45
N VAL UH 56 54.78 -99.76 -16.53
CA VAL UH 56 53.99 -98.59 -16.19
C VAL UH 56 52.99 -98.93 -15.10
N LEU UH 57 52.19 -97.95 -14.71
CA LEU UH 57 51.26 -98.06 -13.59
C LEU UH 57 49.89 -97.64 -14.11
N ALA UH 58 49.11 -98.61 -14.56
CA ALA UH 58 47.84 -98.33 -15.24
C ALA UH 58 46.72 -98.20 -14.23
N GLU UH 59 45.96 -97.11 -14.34
CA GLU UH 59 44.90 -96.82 -13.40
C GLU UH 59 43.54 -97.12 -14.02
N GLU UH 60 42.57 -97.44 -13.17
CA GLU UH 60 41.24 -97.81 -13.61
C GLU UH 60 40.40 -96.57 -13.92
N TYR UH 61 39.08 -96.75 -13.97
CA TYR UH 61 38.16 -95.91 -14.73
C TYR UH 61 38.50 -94.42 -14.76
N PHE UH 62 38.47 -93.74 -13.62
CA PHE UH 62 38.40 -92.28 -13.64
C PHE UH 62 39.79 -91.68 -13.55
N ALA UH 63 40.25 -91.10 -14.65
CA ALA UH 63 41.46 -90.29 -14.67
C ALA UH 63 41.33 -89.06 -15.55
N LEU UH 64 40.10 -88.66 -15.88
CA LEU UH 64 39.83 -87.47 -16.68
C LEU UH 64 40.51 -87.53 -18.05
N ASN UH 65 40.09 -88.51 -18.84
CA ASN UH 65 40.68 -88.73 -20.15
C ASN UH 65 39.64 -89.13 -21.19
N TYR UH 69 34.49 -88.05 -18.00
CA TYR UH 69 35.62 -88.72 -18.61
C TYR UH 69 36.14 -89.84 -17.72
N LYS UH 70 36.09 -91.07 -18.24
CA LYS UH 70 36.46 -92.23 -17.42
C LYS UH 70 37.31 -93.24 -18.17
N ALA UH 71 38.22 -92.81 -19.02
CA ALA UH 71 39.06 -93.76 -19.75
C ALA UH 71 40.19 -94.28 -18.86
N MET UH 72 40.55 -95.53 -19.10
CA MET UH 72 41.63 -96.19 -18.36
C MET UH 72 42.94 -95.68 -18.91
N SER UH 73 43.73 -94.99 -18.08
CA SER UH 73 44.95 -94.35 -18.54
C SER UH 73 46.15 -94.81 -17.74
N VAL UH 74 47.32 -94.48 -18.25
CA VAL UH 74 48.60 -94.72 -17.58
C VAL UH 74 48.97 -93.46 -16.83
N VAL UH 75 49.37 -93.61 -15.57
CA VAL UH 75 49.57 -92.46 -14.70
C VAL UH 75 50.98 -92.38 -14.12
N ALA UH 76 51.84 -93.35 -14.40
CA ALA UH 76 53.18 -93.32 -13.84
C ALA UH 76 54.06 -94.31 -14.57
N ILE UH 77 55.33 -93.94 -14.76
CA ILE UH 77 56.35 -94.83 -15.29
C ILE UH 77 57.24 -95.25 -14.13
N VAL UH 78 57.42 -96.55 -13.96
CA VAL UH 78 57.98 -97.10 -12.74
C VAL UH 78 59.48 -97.28 -12.91
N GLU UH 79 60.25 -96.78 -11.95
CA GLU UH 79 61.70 -96.93 -11.92
C GLU UH 79 62.12 -98.22 -11.23
N LYS UH 80 61.72 -98.40 -9.98
CA LYS UH 80 62.12 -99.54 -9.17
C LYS UH 80 60.90 -100.17 -8.52
N VAL UH 81 60.89 -101.50 -8.49
CA VAL UH 81 59.85 -102.27 -7.80
C VAL UH 81 60.58 -103.11 -6.76
N PHE UH 82 60.65 -102.61 -5.54
CA PHE UH 82 61.25 -103.35 -4.45
C PHE UH 82 60.19 -104.26 -3.84
N ARG UH 83 60.47 -105.57 -3.80
CA ARG UH 83 59.46 -106.55 -3.43
C ARG UH 83 60.13 -107.71 -2.70
N ASP UH 84 59.83 -107.86 -1.42
CA ASP UH 84 60.27 -109.03 -0.68
C ASP UH 84 59.46 -109.17 0.61
N GLU VH 3 60.29 -71.74 -71.58
CA GLU VH 3 59.03 -71.88 -70.88
C GLU VH 3 58.87 -70.80 -69.83
N ALA VH 4 57.65 -70.61 -69.34
CA ALA VH 4 57.39 -69.56 -68.37
C ALA VH 4 57.97 -69.94 -67.01
N LEU VH 5 57.69 -69.10 -66.01
CA LEU VH 5 58.24 -69.29 -64.69
C LEU VH 5 57.26 -68.76 -63.66
N GLY VH 6 56.99 -69.55 -62.63
CA GLY VH 6 56.03 -69.17 -61.61
C GLY VH 6 56.64 -69.24 -60.23
N LEU VH 7 56.27 -68.28 -59.38
CA LEU VH 7 56.90 -68.11 -58.09
C LEU VH 7 55.86 -67.84 -57.03
N ILE VH 8 55.98 -68.53 -55.89
CA ILE VH 8 55.18 -68.24 -54.71
C ILE VH 8 56.13 -68.12 -53.53
N GLU VH 9 55.84 -67.19 -52.63
CA GLU VH 9 56.66 -66.95 -51.45
C GLU VH 9 55.76 -66.95 -50.22
N THR VH 10 56.16 -67.70 -49.20
CA THR VH 10 55.36 -67.86 -48.01
C THR VH 10 56.23 -67.71 -46.77
N LYS VH 11 55.58 -67.49 -45.64
CA LYS VH 11 56.24 -67.52 -44.35
C LYS VH 11 56.10 -68.91 -43.76
N GLY VH 12 57.22 -69.57 -43.54
CA GLY VH 12 57.17 -70.91 -43.01
C GLY VH 12 57.29 -71.96 -44.10
N LEU VH 13 57.77 -73.14 -43.72
CA LEU VH 13 58.00 -74.18 -44.71
C LEU VH 13 56.74 -74.98 -45.00
N VAL VH 14 55.87 -75.16 -44.00
CA VAL VH 14 54.68 -75.99 -44.20
C VAL VH 14 53.78 -75.36 -45.26
N ALA VH 15 53.54 -74.07 -45.15
CA ALA VH 15 52.67 -73.40 -46.10
C ALA VH 15 53.23 -73.51 -47.51
N CYS VH 16 54.53 -73.66 -47.65
CA CYS VH 16 55.14 -73.73 -48.98
C CYS VH 16 55.03 -75.12 -49.58
N ILE VH 17 55.13 -76.16 -48.77
CA ILE VH 17 54.99 -77.51 -49.29
C ILE VH 17 53.56 -77.78 -49.71
N GLU VH 18 52.60 -77.23 -48.98
CA GLU VH 18 51.20 -77.29 -49.41
C GLU VH 18 51.03 -76.57 -50.75
N ALA VH 19 51.61 -75.39 -50.88
CA ALA VH 19 51.49 -74.63 -52.13
C ALA VH 19 52.14 -75.36 -53.28
N ALA VH 20 53.32 -75.94 -53.07
CA ALA VH 20 54.02 -76.61 -54.16
C ALA VH 20 53.36 -77.92 -54.54
N ASP VH 21 52.57 -78.50 -53.64
CA ASP VH 21 51.82 -79.71 -53.99
C ASP VH 21 50.60 -79.36 -54.82
N ALA VH 22 49.86 -78.33 -54.42
CA ALA VH 22 48.70 -77.90 -55.19
C ALA VH 22 49.11 -77.46 -56.59
N MET VH 23 50.19 -76.69 -56.70
CA MET VH 23 50.67 -76.26 -58.01
C MET VH 23 50.93 -77.46 -58.91
N CYS VH 24 51.54 -78.50 -58.39
CA CYS VH 24 51.95 -79.60 -59.23
C CYS VH 24 50.77 -80.48 -59.64
N LYS VH 25 49.71 -80.51 -58.84
CA LYS VH 25 48.53 -81.30 -59.17
C LYS VH 25 47.61 -80.57 -60.14
N ALA VH 26 47.56 -79.23 -60.06
CA ALA VH 26 46.55 -78.45 -60.75
C ALA VH 26 46.83 -78.24 -62.22
N ALA VH 27 48.04 -78.49 -62.70
CA ALA VH 27 48.35 -78.26 -64.11
C ALA VH 27 49.65 -78.97 -64.44
N ASN VH 28 49.97 -79.00 -65.72
CA ASN VH 28 51.17 -79.69 -66.21
C ASN VH 28 52.38 -78.76 -66.09
N VAL VH 29 52.89 -78.65 -64.86
CA VAL VH 29 54.08 -77.87 -64.57
C VAL VH 29 55.05 -78.75 -63.80
N GLU VH 30 56.33 -78.39 -63.87
CA GLU VH 30 57.39 -79.13 -63.22
C GLU VH 30 58.03 -78.29 -62.14
N LEU VH 31 58.36 -78.91 -61.01
CA LEU VH 31 58.89 -78.20 -59.85
C LEU VH 31 60.39 -78.04 -59.99
N ILE VH 32 60.87 -76.80 -59.94
CA ILE VH 32 62.30 -76.55 -60.07
C ILE VH 32 63.01 -76.79 -58.75
N GLY VH 33 62.57 -76.12 -57.68
CA GLY VH 33 63.14 -76.36 -56.38
C GLY VH 33 62.68 -75.31 -55.39
N TYR VH 34 63.15 -75.46 -54.16
CA TYR VH 34 62.91 -74.51 -53.09
C TYR VH 34 64.14 -73.66 -52.88
N GLU VH 35 63.93 -72.49 -52.26
CA GLU VH 35 65.04 -71.61 -51.94
C GLU VH 35 64.57 -70.67 -50.83
N ASN VH 36 65.06 -70.88 -49.62
CA ASN VH 36 64.72 -70.01 -48.50
C ASN VH 36 65.84 -69.02 -48.25
N VAL VH 37 65.47 -67.75 -48.12
CA VAL VH 37 66.44 -66.67 -47.96
C VAL VH 37 66.20 -66.05 -46.59
N GLY VH 38 66.88 -66.57 -45.58
CA GLY VH 38 66.81 -65.93 -44.29
C GLY VH 38 65.46 -66.04 -43.63
N SER VH 39 64.95 -64.90 -43.16
CA SER VH 39 63.95 -64.90 -42.10
C SER VH 39 62.64 -65.49 -42.56
N GLY VH 40 62.44 -66.78 -42.26
CA GLY VH 40 61.21 -67.50 -42.50
C GLY VH 40 60.56 -67.33 -43.85
N LEU VH 41 61.34 -67.16 -44.91
CA LEU VH 41 60.78 -66.95 -46.25
C LEU VH 41 61.26 -68.08 -47.15
N VAL VH 42 60.33 -68.93 -47.58
CA VAL VH 42 60.62 -70.00 -48.51
C VAL VH 42 59.89 -69.72 -49.81
N THR VH 43 60.51 -70.08 -50.93
CA THR VH 43 59.98 -69.80 -52.26
C THR VH 43 60.07 -71.06 -53.10
N ALA VH 44 58.98 -71.38 -53.79
CA ALA VH 44 58.92 -72.51 -54.71
C ALA VH 44 58.82 -71.98 -56.14
N MET VH 45 59.49 -72.65 -57.06
CA MET VH 45 59.55 -72.23 -58.46
C MET VH 45 59.10 -73.36 -59.35
N VAL VH 46 58.16 -73.06 -60.25
CA VAL VH 46 57.66 -74.02 -61.23
C VAL VH 46 57.85 -73.44 -62.62
N LYS VH 47 57.91 -74.32 -63.61
CA LYS VH 47 58.06 -73.89 -64.99
C LYS VH 47 57.20 -74.75 -65.91
N GLY VH 48 56.78 -74.15 -67.01
CA GLY VH 48 55.89 -74.81 -67.95
C GLY VH 48 55.35 -73.79 -68.93
N ASP VH 49 54.33 -74.19 -69.67
CA ASP VH 49 53.74 -73.26 -70.63
C ASP VH 49 53.01 -72.15 -69.91
N VAL VH 50 52.74 -71.07 -70.64
CA VAL VH 50 52.24 -69.85 -70.00
C VAL VH 50 50.83 -70.03 -69.48
N GLY VH 51 49.99 -70.76 -70.21
CA GLY VH 51 48.64 -71.00 -69.73
C GLY VH 51 48.59 -71.99 -68.58
N ALA VH 52 49.48 -72.98 -68.60
CA ALA VH 52 49.57 -73.92 -67.49
C ALA VH 52 50.13 -73.24 -66.25
N VAL VH 53 51.25 -72.56 -66.39
CA VAL VH 53 51.90 -71.94 -65.23
C VAL VH 53 50.98 -70.91 -64.60
N ASN VH 54 50.23 -70.19 -65.42
CA ASN VH 54 49.28 -69.23 -64.88
C ASN VH 54 48.18 -69.93 -64.08
N ALA VH 55 47.82 -71.14 -64.50
CA ALA VH 55 46.77 -71.88 -63.82
C ALA VH 55 47.29 -72.58 -62.58
N ALA VH 56 48.58 -72.85 -62.51
CA ALA VH 56 49.14 -73.49 -61.32
C ALA VH 56 49.33 -72.48 -60.20
N VAL VH 57 49.69 -71.25 -60.54
CA VAL VH 57 50.05 -70.29 -59.50
C VAL VH 57 48.82 -69.81 -58.74
N ASP VH 58 47.69 -69.62 -59.43
CA ASP VH 58 46.52 -69.14 -58.72
C ASP VH 58 45.88 -70.23 -57.88
N SER VH 59 46.12 -71.50 -58.20
CA SER VH 59 45.66 -72.57 -57.33
C SER VH 59 46.59 -72.75 -56.15
N GLY VH 60 47.90 -72.68 -56.38
CA GLY VH 60 48.85 -72.80 -55.29
C GLY VH 60 48.75 -71.68 -54.29
N VAL VH 61 48.45 -70.46 -54.75
CA VAL VH 61 48.24 -69.35 -53.82
C VAL VH 61 46.99 -69.59 -53.00
N GLU VH 62 45.99 -70.22 -53.61
CA GLU VH 62 44.71 -70.45 -52.94
C GLU VH 62 44.87 -71.44 -51.80
N ALA VH 63 45.73 -72.45 -51.96
CA ALA VH 63 45.91 -73.46 -50.94
C ALA VH 63 46.76 -72.96 -49.79
N ALA VH 64 47.91 -72.34 -50.10
CA ALA VH 64 48.79 -71.88 -49.04
C ALA VH 64 48.17 -70.73 -48.26
N LYS VH 65 47.34 -69.92 -48.91
CA LYS VH 65 46.62 -68.86 -48.19
C LYS VH 65 45.68 -69.41 -47.15
N ARG VH 66 45.35 -70.69 -47.24
CA ARG VH 66 44.39 -71.31 -46.33
C ARG VH 66 45.00 -71.52 -44.96
N ILE VH 67 46.26 -71.94 -44.90
CA ILE VH 67 46.89 -72.33 -43.64
C ILE VH 67 48.08 -71.44 -43.27
N GLY VH 68 48.52 -70.55 -44.16
CA GLY VH 68 49.64 -69.71 -43.84
C GLY VH 68 49.55 -68.35 -44.49
N LYS VH 69 50.68 -67.66 -44.59
CA LYS VH 69 50.74 -66.35 -45.22
C LYS VH 69 51.44 -66.50 -46.57
N VAL VH 70 50.75 -66.09 -47.63
CA VAL VH 70 51.37 -65.96 -48.94
C VAL VH 70 51.85 -64.52 -49.07
N VAL VH 71 53.15 -64.35 -49.23
CA VAL VH 71 53.73 -63.02 -49.29
C VAL VH 71 53.65 -62.43 -50.70
N SER VH 72 54.04 -63.20 -51.70
CA SER VH 72 54.05 -62.71 -53.07
C SER VH 72 53.89 -63.86 -54.04
N SER VH 73 53.35 -63.55 -55.22
CA SER VH 73 53.29 -64.49 -56.32
C SER VH 73 53.49 -63.74 -57.62
N ARG VH 74 53.99 -64.44 -58.62
CA ARG VH 74 54.36 -63.76 -59.85
C ARG VH 74 54.60 -64.78 -60.95
N VAL VH 75 54.18 -64.47 -62.16
CA VAL VH 75 54.44 -65.28 -63.35
C VAL VH 75 55.27 -64.45 -64.31
N ILE VH 76 56.31 -65.04 -64.86
CA ILE VH 76 57.17 -64.41 -65.85
C ILE VH 76 56.98 -65.15 -67.16
N ALA VH 77 56.40 -64.47 -68.15
CA ALA VH 77 55.96 -65.17 -69.36
C ALA VH 77 57.14 -65.59 -70.23
N ARG VH 78 58.21 -64.81 -70.25
CA ARG VH 78 59.43 -65.19 -70.96
C ARG VH 78 60.62 -64.74 -70.14
N PRO VH 79 61.19 -65.62 -69.32
CA PRO VH 79 62.36 -65.25 -68.54
C PRO VH 79 63.57 -65.08 -69.44
N HIS VH 80 64.36 -64.05 -69.14
CA HIS VH 80 65.55 -63.78 -69.94
C HIS VH 80 66.56 -64.91 -69.79
N ASN VH 81 67.29 -65.17 -70.88
CA ASN VH 81 68.19 -66.31 -70.91
C ASN VH 81 69.21 -66.26 -69.79
N ASP VH 82 69.67 -65.05 -69.44
CA ASP VH 82 70.65 -64.90 -68.37
C ASP VH 82 70.12 -65.44 -67.06
N ILE VH 83 68.83 -65.25 -66.80
CA ILE VH 83 68.24 -65.66 -65.55
C ILE VH 83 67.93 -67.16 -65.58
N GLU WH 3 53.98 -93.20 -49.84
CA GLU WH 3 53.36 -93.18 -48.51
C GLU WH 3 53.04 -91.76 -48.10
N ALA WH 4 52.12 -91.60 -47.15
CA ALA WH 4 51.66 -90.28 -46.74
C ALA WH 4 52.78 -89.49 -46.09
N LEU WH 5 52.50 -88.26 -45.70
CA LEU WH 5 53.54 -87.36 -45.21
C LEU WH 5 52.92 -86.34 -44.28
N GLY WH 6 53.46 -86.22 -43.08
CA GLY WH 6 52.93 -85.31 -42.09
C GLY WH 6 53.96 -84.31 -41.63
N LEU WH 7 53.50 -83.10 -41.33
CA LEU WH 7 54.38 -82.00 -40.96
C LEU WH 7 53.84 -81.28 -39.74
N ILE WH 8 54.72 -80.98 -38.80
CA ILE WH 8 54.41 -80.08 -37.70
C ILE WH 8 55.47 -78.99 -37.69
N GLU WH 9 55.03 -77.74 -37.53
CA GLU WH 9 55.94 -76.60 -37.49
C GLU WH 9 55.78 -75.89 -36.17
N THR WH 10 56.90 -75.72 -35.46
CA THR WH 10 56.88 -75.17 -34.11
C THR WH 10 57.91 -74.06 -34.00
N LYS WH 11 57.70 -73.20 -33.01
CA LYS WH 11 58.62 -72.10 -32.72
C LYS WH 11 59.59 -72.56 -31.63
N GLY WH 12 60.84 -72.77 -32.01
CA GLY WH 12 61.82 -73.27 -31.08
C GLY WH 12 62.05 -74.76 -31.26
N LEU WH 13 63.26 -75.20 -30.92
CA LEU WH 13 63.62 -76.59 -31.13
C LEU WH 13 63.07 -77.52 -30.06
N VAL WH 14 62.95 -77.04 -28.82
CA VAL WH 14 62.50 -77.91 -27.74
C VAL WH 14 61.08 -78.40 -28.01
N ALA WH 15 60.19 -77.48 -28.41
CA ALA WH 15 58.83 -77.90 -28.71
C ALA WH 15 58.75 -78.87 -29.88
N CYS WH 16 59.78 -78.90 -30.72
CA CYS WH 16 59.76 -79.81 -31.86
C CYS WH 16 60.24 -81.21 -31.49
N ILE WH 17 61.09 -81.33 -30.47
CA ILE WH 17 61.49 -82.67 -30.04
C ILE WH 17 60.41 -83.32 -29.21
N GLU WH 18 59.64 -82.54 -28.45
CA GLU WH 18 58.47 -83.09 -27.80
C GLU WH 18 57.43 -83.53 -28.82
N ALA WH 19 57.20 -82.72 -29.86
CA ALA WH 19 56.28 -83.12 -30.91
C ALA WH 19 56.75 -84.38 -31.62
N ALA WH 20 58.04 -84.46 -31.94
CA ALA WH 20 58.54 -85.63 -32.65
C ALA WH 20 58.54 -86.88 -31.77
N ASP WH 21 58.64 -86.70 -30.46
CA ASP WH 21 58.61 -87.85 -29.57
C ASP WH 21 57.19 -88.41 -29.46
N ALA WH 22 56.20 -87.53 -29.36
CA ALA WH 22 54.82 -87.99 -29.33
C ALA WH 22 54.42 -88.63 -30.64
N MET WH 23 54.90 -88.09 -31.76
CA MET WH 23 54.58 -88.67 -33.06
C MET WH 23 55.13 -90.07 -33.18
N CYS WH 24 56.38 -90.29 -32.77
CA CYS WH 24 57.01 -91.58 -32.99
C CYS WH 24 56.49 -92.66 -32.07
N LYS WH 25 55.86 -92.30 -30.96
CA LYS WH 25 55.28 -93.28 -30.06
C LYS WH 25 53.83 -93.60 -30.38
N ALA WH 26 53.15 -92.71 -31.11
CA ALA WH 26 51.72 -92.85 -31.32
C ALA WH 26 51.38 -93.86 -32.40
N ALA WH 27 52.27 -94.10 -33.34
CA ALA WH 27 51.98 -95.03 -34.42
C ALA WH 27 53.29 -95.49 -35.03
N ASN WH 28 53.18 -96.30 -36.09
CA ASN WH 28 54.35 -96.90 -36.73
C ASN WH 28 54.73 -96.06 -37.93
N VAL WH 29 55.36 -94.92 -37.65
CA VAL WH 29 55.86 -94.02 -38.68
C VAL WH 29 57.35 -93.88 -38.50
N GLU WH 30 58.06 -93.65 -39.60
CA GLU WH 30 59.49 -93.39 -39.56
C GLU WH 30 59.72 -91.89 -39.68
N LEU WH 31 60.60 -91.38 -38.84
CA LEU WH 31 60.87 -89.95 -38.76
C LEU WH 31 61.98 -89.58 -39.73
N ILE WH 32 61.71 -88.59 -40.59
CA ILE WH 32 62.63 -88.23 -41.66
C ILE WH 32 63.72 -87.30 -41.17
N GLY WH 33 63.36 -86.19 -40.55
CA GLY WH 33 64.36 -85.29 -40.01
C GLY WH 33 63.81 -83.88 -39.89
N TYR WH 34 64.59 -83.05 -39.21
CA TYR WH 34 64.21 -81.67 -38.96
C TYR WH 34 64.68 -80.78 -40.10
N GLU WH 35 64.14 -79.56 -40.12
CA GLU WH 35 64.53 -78.57 -41.12
C GLU WH 35 64.11 -77.21 -40.60
N ASN WH 36 65.06 -76.37 -40.23
CA ASN WH 36 64.76 -75.04 -39.72
C ASN WH 36 65.07 -74.01 -40.80
N VAL WH 37 64.16 -73.07 -40.98
CA VAL WH 37 64.21 -72.10 -42.06
C VAL WH 37 64.51 -70.69 -41.56
N GLY WH 38 64.88 -70.56 -40.29
CA GLY WH 38 65.14 -69.26 -39.72
C GLY WH 38 63.92 -68.65 -39.07
N SER WH 39 64.17 -67.63 -38.27
CA SER WH 39 63.17 -66.95 -37.46
C SER WH 39 62.62 -67.82 -36.34
N GLY WH 40 63.32 -68.89 -36.01
CA GLY WH 40 62.89 -69.76 -34.92
C GLY WH 40 61.94 -70.85 -35.31
N LEU WH 41 61.65 -71.02 -36.60
CA LEU WH 41 60.69 -72.02 -37.05
C LEU WH 41 61.42 -73.32 -37.35
N VAL WH 42 61.00 -74.40 -36.68
CA VAL WH 42 61.57 -75.72 -36.89
C VAL WH 42 60.42 -76.65 -37.29
N THR WH 43 60.71 -77.58 -38.20
CA THR WH 43 59.70 -78.46 -38.77
C THR WH 43 60.17 -79.90 -38.68
N ALA WH 44 59.29 -80.78 -38.23
CA ALA WH 44 59.54 -82.22 -38.19
C ALA WH 44 58.67 -82.90 -39.24
N MET WH 45 59.21 -83.93 -39.88
CA MET WH 45 58.55 -84.58 -41.00
C MET WH 45 58.58 -86.09 -40.78
N VAL WH 46 57.41 -86.72 -40.83
CA VAL WH 46 57.28 -88.16 -40.72
C VAL WH 46 56.64 -88.70 -41.99
N LYS WH 47 56.73 -90.01 -42.16
CA LYS WH 47 56.12 -90.63 -43.33
C LYS WH 47 55.72 -92.06 -43.01
N GLY WH 48 54.58 -92.48 -43.55
CA GLY WH 48 54.07 -93.81 -43.32
C GLY WH 48 52.70 -93.92 -43.93
N ASP WH 49 51.98 -94.98 -43.57
CA ASP WH 49 50.62 -95.15 -44.04
C ASP WH 49 49.74 -94.01 -43.53
N VAL WH 50 48.66 -93.73 -44.27
CA VAL WH 50 47.88 -92.53 -44.01
C VAL WH 50 47.03 -92.65 -42.74
N GLY WH 51 46.71 -93.87 -42.30
CA GLY WH 51 46.04 -94.02 -41.03
C GLY WH 51 46.98 -93.80 -39.85
N ALA WH 52 48.24 -94.20 -40.00
CA ALA WH 52 49.23 -93.98 -38.96
C ALA WH 52 49.66 -92.52 -38.92
N VAL WH 53 49.94 -91.94 -40.08
CA VAL WH 53 50.41 -90.55 -40.13
C VAL WH 53 49.35 -89.61 -39.60
N ASN WH 54 48.08 -89.91 -39.89
CA ASN WH 54 47.01 -89.07 -39.37
C ASN WH 54 46.95 -89.14 -37.86
N ALA WH 55 47.19 -90.32 -37.28
CA ALA WH 55 47.14 -90.47 -35.84
C ALA WH 55 48.34 -89.82 -35.17
N ALA WH 56 49.50 -89.89 -35.81
CA ALA WH 56 50.71 -89.33 -35.22
C ALA WH 56 50.65 -87.80 -35.18
N VAL WH 57 50.23 -87.18 -36.28
CA VAL WH 57 50.24 -85.72 -36.33
C VAL WH 57 49.25 -85.13 -35.33
N ASP WH 58 48.10 -85.78 -35.14
CA ASP WH 58 47.15 -85.29 -34.16
C ASP WH 58 47.71 -85.40 -32.75
N SER WH 59 48.48 -86.45 -32.48
CA SER WH 59 49.06 -86.63 -31.16
C SER WH 59 50.21 -85.66 -30.94
N GLY WH 60 51.08 -85.51 -31.94
CA GLY WH 60 52.20 -84.62 -31.81
C GLY WH 60 51.79 -83.17 -31.66
N VAL WH 61 50.68 -82.77 -32.27
CA VAL WH 61 50.23 -81.40 -32.15
C VAL WH 61 49.80 -81.10 -30.73
N GLU WH 62 49.08 -82.02 -30.10
CA GLU WH 62 48.57 -81.76 -28.76
C GLU WH 62 49.68 -81.75 -27.72
N ALA WH 63 50.73 -82.56 -27.92
CA ALA WH 63 51.82 -82.57 -26.97
C ALA WH 63 52.69 -81.32 -27.07
N ALA WH 64 53.04 -80.92 -28.29
CA ALA WH 64 53.83 -79.71 -28.46
C ALA WH 64 53.03 -78.47 -28.09
N LYS WH 65 51.72 -78.48 -28.32
CA LYS WH 65 50.88 -77.35 -27.92
C LYS WH 65 50.95 -77.12 -26.42
N ARG WH 66 51.24 -78.16 -25.66
CA ARG WH 66 51.21 -78.06 -24.20
C ARG WH 66 52.38 -77.24 -23.66
N ILE WH 67 53.53 -77.29 -24.32
CA ILE WH 67 54.76 -76.71 -23.80
C ILE WH 67 55.37 -75.67 -24.72
N GLY WH 68 54.73 -75.37 -25.82
CA GLY WH 68 55.26 -74.39 -26.74
C GLY WH 68 54.19 -73.89 -27.67
N LYS WH 69 54.63 -73.29 -28.77
CA LYS WH 69 53.71 -72.78 -29.78
C LYS WH 69 53.80 -73.66 -31.01
N VAL WH 70 52.67 -74.20 -31.43
CA VAL WH 70 52.57 -74.92 -32.69
C VAL WH 70 52.07 -73.94 -33.73
N VAL WH 71 52.86 -73.75 -34.79
CA VAL WH 71 52.50 -72.76 -35.80
C VAL WH 71 51.55 -73.36 -36.82
N SER WH 72 51.82 -74.59 -37.26
CA SER WH 72 51.06 -75.17 -38.36
C SER WH 72 51.27 -76.67 -38.36
N SER WH 73 50.28 -77.39 -38.90
CA SER WH 73 50.36 -78.83 -39.08
C SER WH 73 49.63 -79.21 -40.35
N ARG WH 74 49.96 -80.37 -40.90
CA ARG WH 74 49.43 -80.74 -42.19
C ARG WH 74 49.73 -82.20 -42.47
N VAL WH 75 48.75 -82.89 -43.06
CA VAL WH 75 48.95 -84.25 -43.58
C VAL WH 75 48.72 -84.21 -45.08
N ILE WH 76 49.62 -84.83 -45.83
CA ILE WH 76 49.51 -84.94 -47.28
C ILE WH 76 49.33 -86.42 -47.59
N ALA WH 77 48.13 -86.80 -48.04
CA ALA WH 77 47.81 -88.22 -48.15
C ALA WH 77 48.52 -88.86 -49.34
N ARG WH 78 48.38 -88.27 -50.54
CA ARG WH 78 49.11 -88.74 -51.70
C ARG WH 78 50.04 -87.64 -52.18
N PRO WH 79 51.29 -87.63 -51.72
CA PRO WH 79 52.22 -86.60 -52.17
C PRO WH 79 52.71 -86.89 -53.58
N HIS WH 80 52.92 -85.82 -54.33
CA HIS WH 80 53.36 -85.98 -55.71
C HIS WH 80 54.81 -86.46 -55.77
N ASN WH 81 55.15 -87.14 -56.85
CA ASN WH 81 56.47 -87.73 -56.98
C ASN WH 81 57.55 -86.67 -57.15
N ASP WH 82 57.19 -85.50 -57.67
CA ASP WH 82 58.13 -84.38 -57.74
C ASP WH 82 58.47 -83.87 -56.35
N ILE WH 83 57.57 -84.04 -55.40
CA ILE WH 83 57.81 -83.61 -54.04
C ILE WH 83 58.57 -84.67 -53.27
N GLU XH 3 35.37 -102.00 -48.10
CA GLU XH 3 36.12 -100.80 -47.77
C GLU XH 3 35.18 -99.65 -47.47
N ALA XH 4 35.74 -98.54 -46.99
CA ALA XH 4 34.93 -97.44 -46.51
C ALA XH 4 34.18 -96.78 -47.66
N LEU XH 5 33.34 -95.83 -47.32
CA LEU XH 5 32.46 -95.19 -48.29
C LEU XH 5 32.29 -93.73 -47.93
N GLY XH 6 32.58 -92.83 -48.88
CA GLY XH 6 32.45 -91.42 -48.63
C GLY XH 6 31.48 -90.74 -49.57
N LEU XH 7 30.65 -89.85 -49.04
CA LEU XH 7 29.57 -89.22 -49.79
C LEU XH 7 29.63 -87.72 -49.62
N ILE XH 8 29.47 -86.99 -50.72
CA ILE XH 8 29.29 -85.55 -50.70
C ILE XH 8 28.05 -85.23 -51.51
N GLU XH 9 27.25 -84.28 -51.04
CA GLU XH 9 26.02 -83.91 -51.72
C GLU XH 9 25.97 -82.40 -51.89
N THR XH 10 25.69 -81.96 -53.12
CA THR XH 10 25.76 -80.56 -53.48
C THR XH 10 24.51 -80.18 -54.27
N LYS XH 11 24.29 -78.88 -54.37
CA LYS XH 11 23.27 -78.34 -55.27
C LYS XH 11 23.91 -78.02 -56.61
N GLY XH 12 23.49 -78.70 -57.66
CA GLY XH 12 24.06 -78.41 -58.96
C GLY XH 12 25.22 -79.31 -59.29
N LEU XH 13 25.47 -79.47 -60.59
CA LEU XH 13 26.48 -80.41 -61.05
C LEU XH 13 27.88 -79.84 -61.01
N VAL XH 14 28.03 -78.52 -61.15
CA VAL XH 14 29.37 -77.97 -61.22
C VAL XH 14 30.08 -78.12 -59.88
N ALA XH 15 29.38 -77.84 -58.77
CA ALA XH 15 30.00 -78.01 -57.47
C ALA XH 15 30.33 -79.46 -57.17
N CYS XH 16 29.69 -80.41 -57.87
CA CYS XH 16 29.97 -81.81 -57.62
C CYS XH 16 31.12 -82.33 -58.47
N ILE XH 17 31.40 -81.69 -59.61
CA ILE XH 17 32.58 -82.08 -60.37
C ILE XH 17 33.83 -81.50 -59.73
N GLU XH 18 33.71 -80.35 -59.09
CA GLU XH 18 34.86 -79.82 -58.35
C GLU XH 18 35.13 -80.64 -57.10
N ALA XH 19 34.06 -81.10 -56.43
CA ALA XH 19 34.25 -81.98 -55.28
C ALA XH 19 34.85 -83.32 -55.70
N ALA XH 20 34.37 -83.87 -56.81
CA ALA XH 20 34.87 -85.17 -57.23
C ALA XH 20 36.31 -85.07 -57.72
N ASP XH 21 36.68 -83.94 -58.31
CA ASP XH 21 38.06 -83.77 -58.77
C ASP XH 21 39.01 -83.63 -57.60
N ALA XH 22 38.64 -82.83 -56.60
CA ALA XH 22 39.50 -82.65 -55.44
C ALA XH 22 39.66 -83.95 -54.66
N MET XH 23 38.60 -84.74 -54.58
CA MET XH 23 38.67 -86.00 -53.83
C MET XH 23 39.66 -86.95 -54.47
N CYS XH 24 39.57 -87.13 -55.79
CA CYS XH 24 40.44 -88.10 -56.45
C CYS XH 24 41.89 -87.67 -56.46
N LYS XH 25 42.17 -86.38 -56.30
CA LYS XH 25 43.54 -85.91 -56.28
C LYS XH 25 44.19 -86.08 -54.91
N ALA XH 26 43.40 -85.91 -53.85
CA ALA XH 26 43.94 -85.74 -52.51
C ALA XH 26 44.06 -87.02 -51.72
N ALA XH 27 43.83 -88.18 -52.34
CA ALA XH 27 43.96 -89.45 -51.65
C ALA XH 27 43.83 -90.58 -52.67
N ASN XH 28 44.18 -91.78 -52.24
CA ASN XH 28 44.09 -92.96 -53.10
C ASN XH 28 42.72 -93.60 -52.92
N VAL XH 29 41.74 -93.03 -53.62
CA VAL XH 29 40.36 -93.50 -53.57
C VAL XH 29 39.92 -93.81 -54.99
N GLU XH 30 38.78 -94.49 -55.09
CA GLU XH 30 38.18 -94.84 -56.37
C GLU XH 30 36.82 -94.19 -56.46
N LEU XH 31 36.57 -93.49 -57.57
CA LEU XH 31 35.29 -92.83 -57.77
C LEU XH 31 34.28 -93.83 -58.33
N ILE XH 32 33.15 -93.97 -57.66
CA ILE XH 32 32.13 -94.92 -58.09
C ILE XH 32 31.20 -94.28 -59.11
N GLY XH 33 30.70 -93.08 -58.83
CA GLY XH 33 29.88 -92.39 -59.80
C GLY XH 33 29.03 -91.31 -59.13
N TYR XH 34 28.25 -90.65 -59.96
CA TYR XH 34 27.29 -89.66 -59.52
C TYR XH 34 25.90 -90.26 -59.50
N GLU XH 35 25.01 -89.65 -58.72
CA GLU XH 35 23.64 -90.13 -58.62
C GLU XH 35 22.78 -88.96 -58.15
N ASN XH 36 22.03 -88.37 -59.05
CA ASN XH 36 21.17 -87.24 -58.73
C ASN XH 36 19.74 -87.70 -58.51
N VAL XH 37 19.01 -86.93 -57.72
CA VAL XH 37 17.66 -87.30 -57.31
C VAL XH 37 16.69 -86.16 -57.57
N GLY XH 38 17.01 -85.30 -58.53
CA GLY XH 38 16.15 -84.17 -58.82
C GLY XH 38 16.26 -83.09 -57.77
N SER XH 39 15.63 -81.93 -58.02
CA SER XH 39 15.78 -80.71 -57.23
C SER XH 39 17.20 -80.17 -57.25
N GLY XH 40 18.04 -80.64 -58.17
CA GLY XH 40 19.39 -80.17 -58.27
C GLY XH 40 20.37 -80.79 -57.31
N LEU XH 41 19.94 -81.75 -56.49
CA LEU XH 41 20.85 -82.43 -55.59
C LEU XH 41 21.60 -83.50 -56.35
N VAL XH 42 22.93 -83.43 -56.34
CA VAL XH 42 23.78 -84.42 -56.96
C VAL XH 42 24.74 -84.93 -55.89
N THR XH 43 25.08 -86.21 -55.97
CA THR XH 43 25.87 -86.88 -54.94
C THR XH 43 27.02 -87.63 -55.59
N ALA XH 44 28.22 -87.49 -55.02
CA ALA XH 44 29.40 -88.20 -55.45
C ALA XH 44 29.74 -89.28 -54.43
N MET XH 45 30.23 -90.42 -54.90
CA MET XH 45 30.54 -91.55 -54.03
C MET XH 45 31.95 -92.03 -54.33
N VAL XH 46 32.81 -92.00 -53.32
CA VAL XH 46 34.17 -92.52 -53.42
C VAL XH 46 34.29 -93.74 -52.54
N LYS XH 47 35.32 -94.54 -52.79
CA LYS XH 47 35.47 -95.80 -52.09
C LYS XH 47 36.95 -96.13 -51.93
N GLY XH 48 37.36 -96.44 -50.71
CA GLY XH 48 38.74 -96.80 -50.45
C GLY XH 48 38.93 -97.15 -49.00
N ASP XH 49 40.19 -97.23 -48.59
CA ASP XH 49 40.49 -97.47 -47.18
C ASP XH 49 39.98 -96.32 -46.32
N VAL XH 50 39.82 -96.61 -45.02
CA VAL XH 50 39.14 -95.66 -44.14
C VAL XH 50 39.95 -94.37 -44.01
N GLY XH 51 41.27 -94.51 -43.86
CA GLY XH 51 42.10 -93.33 -43.70
C GLY XH 51 42.13 -92.46 -44.94
N ALA XH 52 42.20 -93.10 -46.11
CA ALA XH 52 42.17 -92.36 -47.36
C ALA XH 52 40.83 -91.70 -47.57
N VAL XH 53 39.74 -92.46 -47.47
CA VAL XH 53 38.40 -91.93 -47.70
C VAL XH 53 38.12 -90.78 -46.75
N ASN XH 54 38.53 -90.91 -45.50
CA ASN XH 54 38.37 -89.81 -44.57
C ASN XH 54 39.01 -88.54 -45.13
N ALA XH 55 40.30 -88.63 -45.47
CA ALA XH 55 41.03 -87.47 -45.97
C ALA XH 55 40.41 -86.90 -47.24
N ALA XH 56 39.96 -87.77 -48.14
CA ALA XH 56 39.38 -87.30 -49.39
C ALA XH 56 38.15 -86.43 -49.15
N VAL XH 57 37.23 -86.91 -48.31
CA VAL XH 57 35.99 -86.18 -48.09
C VAL XH 57 36.25 -84.81 -47.48
N ASP XH 58 37.27 -84.69 -46.63
CA ASP XH 58 37.58 -83.40 -46.04
C ASP XH 58 38.02 -82.40 -47.11
N SER XH 59 38.90 -82.85 -48.02
CA SER XH 59 39.36 -81.95 -49.07
C SER XH 59 38.27 -81.68 -50.09
N GLY XH 60 37.46 -82.69 -50.41
CA GLY XH 60 36.42 -82.51 -51.40
C GLY XH 60 35.36 -81.53 -50.96
N VAL XH 61 35.01 -81.54 -49.68
CA VAL XH 61 34.03 -80.58 -49.18
C VAL XH 61 34.63 -79.19 -49.15
N GLU XH 62 35.93 -79.09 -48.92
CA GLU XH 62 36.58 -77.80 -48.84
C GLU XH 62 36.65 -77.11 -50.20
N ALA XH 63 36.87 -77.89 -51.26
CA ALA XH 63 36.89 -77.33 -52.60
C ALA XH 63 35.49 -77.00 -53.10
N ALA XH 64 34.53 -77.89 -52.86
CA ALA XH 64 33.19 -77.68 -53.38
C ALA XH 64 32.49 -76.52 -52.68
N LYS XH 65 32.63 -76.43 -51.37
CA LYS XH 65 32.04 -75.33 -50.62
C LYS XH 65 32.52 -73.98 -51.11
N ARG XH 66 33.63 -73.96 -51.84
CA ARG XH 66 34.28 -72.72 -52.24
C ARG XH 66 33.54 -72.05 -53.38
N ILE XH 67 32.87 -72.82 -54.23
CA ILE XH 67 32.17 -72.27 -55.38
C ILE XH 67 30.68 -72.52 -55.34
N GLY XH 68 30.19 -73.51 -54.60
CA GLY XH 68 28.79 -73.82 -54.57
C GLY XH 68 28.33 -74.18 -53.17
N LYS XH 69 27.29 -74.98 -53.04
CA LYS XH 69 26.73 -75.33 -51.74
C LYS XH 69 26.90 -76.81 -51.50
N VAL XH 70 27.55 -77.16 -50.40
CA VAL XH 70 27.69 -78.54 -49.97
C VAL XH 70 26.56 -78.83 -48.98
N VAL XH 71 25.67 -79.72 -49.34
CA VAL XH 71 24.49 -79.97 -48.52
C VAL XH 71 24.83 -80.88 -47.34
N SER XH 72 25.58 -81.95 -47.59
CA SER XH 72 25.96 -82.87 -46.53
C SER XH 72 27.11 -83.73 -46.98
N SER XH 73 27.86 -84.25 -46.00
CA SER XH 73 28.95 -85.16 -46.23
C SER XH 73 28.94 -86.22 -45.15
N ARG XH 74 29.54 -87.37 -45.45
CA ARG XH 74 29.44 -88.50 -44.54
C ARG XH 74 30.44 -89.56 -44.96
N VAL XH 75 31.05 -90.22 -43.97
CA VAL XH 75 31.92 -91.37 -44.20
C VAL XH 75 31.36 -92.55 -43.43
N ILE XH 76 31.16 -93.66 -44.13
CA ILE XH 76 30.78 -94.92 -43.51
C ILE XH 76 32.01 -95.81 -43.51
N ALA XH 77 32.52 -96.14 -42.32
CA ALA XH 77 33.78 -96.85 -42.24
C ALA XH 77 33.65 -98.30 -42.69
N ARG XH 78 32.50 -98.91 -42.43
CA ARG XH 78 32.27 -100.30 -42.81
C ARG XH 78 30.80 -100.46 -43.18
N PRO XH 79 30.46 -100.30 -44.45
CA PRO XH 79 29.06 -100.42 -44.85
C PRO XH 79 28.59 -101.86 -44.83
N HIS XH 80 27.30 -102.03 -44.56
CA HIS XH 80 26.69 -103.33 -44.64
C HIS XH 80 26.71 -103.82 -46.09
N ASN XH 81 26.73 -105.13 -46.27
CA ASN XH 81 26.78 -105.68 -47.62
C ASN XH 81 25.53 -105.34 -48.42
N ASP XH 82 24.39 -105.16 -47.73
CA ASP XH 82 23.18 -104.75 -48.44
C ASP XH 82 23.33 -103.36 -49.03
N ILE XH 83 24.05 -102.48 -48.33
CA ILE XH 83 24.26 -101.13 -48.85
C ILE XH 83 25.06 -101.15 -50.14
N GLU XH 84 25.89 -102.16 -50.36
CA GLU XH 84 26.63 -102.24 -51.62
C GLU XH 84 25.82 -102.98 -52.68
N LYS XH 85 24.55 -102.61 -52.76
CA LYS XH 85 23.67 -102.92 -53.87
C LYS XH 85 22.81 -101.74 -54.22
N ILE XH 86 22.79 -100.71 -53.37
CA ILE XH 86 22.08 -99.47 -53.65
C ILE XH 86 22.98 -98.47 -54.33
N ALA XH 87 24.23 -98.37 -53.87
CA ALA XH 87 25.20 -97.51 -54.53
C ALA XH 87 25.59 -98.08 -55.89
N GLY XH 88 26.19 -99.26 -55.90
CA GLY XH 88 26.57 -99.92 -57.14
C GLY XH 88 25.47 -100.76 -57.74
N MET YH 1 -92.43 15.60 -56.81
CA MET YH 1 -92.36 15.23 -58.22
C MET YH 1 -93.65 15.58 -58.92
N ILE YH 2 -93.62 15.61 -60.24
CA ILE YH 2 -94.80 15.80 -61.06
C ILE YH 2 -94.73 14.85 -62.26
N LEU YH 3 -95.90 14.40 -62.71
CA LEU YH 3 -95.96 13.64 -63.95
C LEU YH 3 -95.84 14.59 -65.13
N ALA YH 4 -94.96 14.26 -66.06
CA ALA YH 4 -94.73 15.10 -67.20
C ALA YH 4 -94.35 14.24 -68.39
N LYS YH 5 -94.33 14.85 -69.56
CA LYS YH 5 -94.04 14.17 -70.80
C LYS YH 5 -92.94 14.92 -71.54
N VAL YH 6 -91.93 14.20 -72.02
CA VAL YH 6 -90.86 14.84 -72.76
C VAL YH 6 -91.38 15.24 -74.14
N THR YH 7 -91.21 16.51 -74.49
CA THR YH 7 -91.76 17.05 -75.73
C THR YH 7 -90.73 17.70 -76.62
N GLY YH 8 -89.45 17.65 -76.29
CA GLY YH 8 -88.44 18.25 -77.12
C GLY YH 8 -87.09 18.25 -76.42
N HIS YH 9 -86.20 19.10 -76.90
CA HIS YH 9 -84.90 19.28 -76.26
C HIS YH 9 -84.38 20.67 -76.60
N VAL YH 10 -83.34 21.06 -75.89
CA VAL YH 10 -82.75 22.39 -76.01
C VAL YH 10 -81.25 22.23 -76.25
N VAL YH 11 -80.73 22.93 -77.24
CA VAL YH 11 -79.30 22.91 -77.57
C VAL YH 11 -78.72 24.25 -77.16
N ALA YH 12 -77.88 24.24 -76.13
CA ALA YH 12 -77.26 25.45 -75.60
C ALA YH 12 -75.76 25.24 -75.58
N THR YH 13 -75.03 26.14 -76.25
CA THR YH 13 -73.59 26.06 -76.36
C THR YH 13 -72.87 26.88 -75.30
N GLN YH 14 -73.27 28.13 -75.12
CA GLN YH 14 -72.68 29.01 -74.12
C GLN YH 14 -73.45 28.82 -72.82
N LYS YH 15 -72.86 28.10 -71.87
CA LYS YH 15 -73.54 27.81 -70.62
C LYS YH 15 -72.51 27.60 -69.53
N CYS YH 16 -73.01 27.48 -68.30
CA CYS YH 16 -72.15 27.32 -67.15
C CYS YH 16 -71.45 25.96 -67.20
N ASP YH 17 -70.62 25.71 -66.18
CA ASP YH 17 -69.87 24.48 -66.10
C ASP YH 17 -70.57 23.40 -65.30
N GLU YH 18 -71.50 23.77 -64.43
CA GLU YH 18 -72.28 22.79 -63.71
C GLU YH 18 -73.22 22.00 -64.63
N LEU YH 19 -73.33 22.40 -65.89
CA LEU YH 19 -74.24 21.77 -66.84
C LEU YH 19 -73.51 21.09 -67.99
N ARG YH 20 -72.19 20.96 -67.94
CA ARG YH 20 -71.46 20.36 -69.04
C ARG YH 20 -71.72 18.87 -69.10
N GLY YH 21 -72.02 18.37 -70.30
CA GLY YH 21 -72.22 16.95 -70.49
C GLY YH 21 -73.51 16.41 -69.92
N SER YH 22 -74.62 17.00 -70.29
CA SER YH 22 -75.93 16.56 -69.82
C SER YH 22 -76.97 16.96 -70.84
N ASN YH 23 -78.09 16.25 -70.83
CA ASN YH 23 -79.18 16.54 -71.73
C ASN YH 23 -80.06 17.63 -71.14
N LEU YH 24 -80.77 18.34 -72.00
CA LEU YH 24 -81.70 19.37 -71.56
C LEU YH 24 -83.02 19.17 -72.30
N LEU YH 25 -84.00 18.59 -71.61
CA LEU YH 25 -85.25 18.22 -72.22
C LEU YH 25 -86.35 19.22 -71.88
N LEU YH 26 -87.27 19.41 -72.82
CA LEU YH 26 -88.48 20.16 -72.54
C LEU YH 26 -89.49 19.21 -71.92
N ILE YH 27 -90.08 19.64 -70.81
CA ILE YH 27 -90.84 18.77 -69.93
C ILE YH 27 -92.20 19.45 -69.73
N THR YH 28 -93.25 18.84 -70.26
CA THR YH 28 -94.58 19.44 -70.20
C THR YH 28 -95.44 18.70 -69.19
N ARG YH 29 -95.99 19.43 -68.23
CA ARG YH 29 -96.85 18.83 -67.23
C ARG YH 29 -98.17 18.42 -67.86
N LEU YH 30 -98.60 17.19 -67.56
CA LEU YH 30 -99.81 16.63 -68.15
C LEU YH 30 -100.90 16.47 -67.11
N ASP YH 31 -102.16 16.62 -67.55
CA ASP YH 31 -103.30 16.68 -66.66
C ASP YH 31 -103.84 15.30 -66.29
N ASP YH 32 -105.01 15.25 -65.66
CA ASP YH 32 -105.54 13.99 -65.11
C ASP YH 32 -106.12 13.07 -66.17
N LYS YH 33 -106.00 13.41 -67.44
CA LYS YH 33 -106.31 12.48 -68.52
C LYS YH 33 -105.07 12.03 -69.26
N GLN YH 34 -103.90 12.24 -68.67
CA GLN YH 34 -102.61 11.99 -69.31
C GLN YH 34 -102.52 12.72 -70.65
N GLN YH 35 -102.69 14.04 -70.57
CA GLN YH 35 -102.67 14.89 -71.75
C GLN YH 35 -101.94 16.17 -71.39
N PRO YH 36 -100.99 16.62 -72.20
CA PRO YH 36 -100.21 17.81 -71.85
C PRO YH 36 -101.08 19.05 -71.72
N MET YH 37 -100.65 19.95 -70.84
CA MET YH 37 -101.35 21.20 -70.59
C MET YH 37 -100.74 22.31 -71.43
N LYS YH 38 -101.25 23.53 -71.24
CA LYS YH 38 -100.80 24.69 -71.97
C LYS YH 38 -99.97 25.59 -71.06
N ASP YH 39 -98.83 26.06 -71.57
CA ASP YH 39 -97.96 26.99 -70.84
C ASP YH 39 -97.46 26.36 -69.54
N GLN YH 40 -96.98 25.12 -69.63
CA GLN YH 40 -96.54 24.40 -68.45
C GLN YH 40 -95.24 23.65 -68.74
N THR YH 41 -94.30 24.29 -69.42
CA THR YH 41 -93.08 23.64 -69.87
C THR YH 41 -91.89 24.13 -69.08
N TRP YH 42 -91.08 23.20 -68.60
CA TRP YH 42 -89.83 23.49 -67.95
C TRP YH 42 -88.70 22.79 -68.68
N VAL YH 43 -87.47 23.13 -68.33
CA VAL YH 43 -86.28 22.49 -68.89
C VAL YH 43 -85.64 21.66 -67.81
N ALA YH 44 -85.46 20.37 -68.08
CA ALA YH 44 -84.98 19.44 -67.07
C ALA YH 44 -83.71 18.76 -67.56
N VAL YH 45 -82.74 18.61 -66.65
CA VAL YH 45 -81.52 17.91 -66.94
C VAL YH 45 -81.80 16.41 -66.83
N ASP YH 46 -81.84 15.72 -67.97
CA ASP YH 46 -82.07 14.29 -67.95
C ASP YH 46 -81.03 13.59 -67.09
N ASN YH 47 -81.46 12.53 -66.40
CA ASN YH 47 -80.57 11.82 -65.49
C ASN YH 47 -80.64 10.31 -65.63
N VAL YH 48 -81.68 9.75 -66.24
CA VAL YH 48 -81.85 8.31 -66.37
C VAL YH 48 -81.96 7.85 -67.81
N GLY YH 49 -81.94 8.75 -68.78
CA GLY YH 49 -81.99 8.35 -70.16
C GLY YH 49 -83.38 8.33 -70.74
N ALA YH 50 -84.09 9.44 -70.65
CA ALA YH 50 -85.41 9.56 -71.24
C ALA YH 50 -85.32 10.24 -72.61
N GLY YH 51 -86.25 9.90 -73.49
CA GLY YH 51 -86.28 10.46 -74.81
C GLY YH 51 -87.63 11.03 -75.14
N MET YH 52 -87.92 11.24 -76.42
CA MET YH 52 -89.17 11.89 -76.78
C MET YH 52 -90.36 11.00 -76.46
N HIS YH 53 -91.48 11.65 -76.15
CA HIS YH 53 -92.79 11.02 -75.97
C HIS YH 53 -92.89 10.18 -74.71
N ASP YH 54 -91.86 10.14 -73.88
CA ASP YH 54 -91.85 9.28 -72.71
C ASP YH 54 -92.42 10.03 -71.52
N ILE YH 55 -93.25 9.35 -70.74
CA ILE YH 55 -93.81 9.93 -69.52
C ILE YH 55 -92.81 9.75 -68.39
N VAL YH 56 -92.37 10.86 -67.82
CA VAL YH 56 -91.29 10.82 -66.82
C VAL YH 56 -91.77 11.45 -65.54
N LEU YH 57 -90.88 11.51 -64.54
CA LEU YH 57 -91.20 11.96 -63.20
C LEU YH 57 -90.17 13.04 -62.85
N ALA YH 58 -90.51 14.29 -63.11
CA ALA YH 58 -89.57 15.40 -62.99
C ALA YH 58 -89.58 15.93 -61.57
N GLU YH 59 -88.39 16.06 -60.99
CA GLU YH 59 -88.24 16.50 -59.60
C GLU YH 59 -87.77 17.94 -59.55
N GLU YH 60 -88.12 18.61 -58.47
CA GLU YH 60 -87.81 20.02 -58.28
C GLU YH 60 -86.38 20.20 -57.80
N TYR YH 61 -86.08 21.37 -57.24
CA TYR YH 61 -84.74 21.95 -57.19
C TYR YH 61 -83.61 20.96 -56.96
N PHE YH 62 -83.56 20.30 -55.82
CA PHE YH 62 -82.32 19.65 -55.39
C PHE YH 62 -82.31 18.19 -55.82
N ALA YH 63 -81.46 17.89 -56.80
CA ALA YH 63 -81.17 16.51 -57.18
C ALA YH 63 -79.69 16.30 -57.51
N LEU YH 64 -78.82 17.20 -57.08
CA LEU YH 64 -77.37 17.09 -57.27
C LEU YH 64 -77.02 17.00 -58.75
N ASN YH 65 -77.33 18.07 -59.47
CA ASN YH 65 -77.09 18.10 -60.92
C ASN YH 65 -76.62 19.47 -61.38
N TYR YH 69 -75.55 22.15 -55.93
CA TYR YH 69 -76.19 21.74 -57.18
C TYR YH 69 -77.70 21.59 -57.00
N LYS YH 70 -78.46 22.39 -57.75
CA LYS YH 70 -79.90 22.40 -57.57
C LYS YH 70 -80.68 22.44 -58.88
N ALA YH 71 -80.20 21.74 -59.92
CA ALA YH 71 -80.92 21.76 -61.19
C ALA YH 71 -82.11 20.80 -61.14
N MET YH 72 -83.16 21.19 -61.86
CA MET YH 72 -84.40 20.40 -61.95
C MET YH 72 -84.13 19.25 -62.91
N SER YH 73 -84.20 18.02 -62.41
CA SER YH 73 -83.84 16.86 -63.20
C SER YH 73 -84.97 15.85 -63.25
N VAL YH 74 -84.83 14.89 -64.16
CA VAL YH 74 -85.74 13.77 -64.29
C VAL YH 74 -85.16 12.61 -63.50
N VAL YH 75 -86.00 11.96 -62.68
CA VAL YH 75 -85.52 10.95 -61.74
C VAL YH 75 -86.17 9.60 -61.93
N ALA YH 76 -87.11 9.46 -62.85
CA ALA YH 76 -87.77 8.17 -63.02
C ALA YH 76 -88.53 8.16 -64.34
N ILE YH 77 -88.53 7.01 -64.99
CA ILE YH 77 -89.35 6.78 -66.18
C ILE YH 77 -90.52 5.90 -65.76
N VAL YH 78 -91.72 6.33 -66.08
CA VAL YH 78 -92.92 5.75 -65.49
C VAL YH 78 -93.47 4.68 -66.41
N GLU YH 79 -93.74 3.50 -65.85
CA GLU YH 79 -94.34 2.39 -66.57
C GLU YH 79 -95.86 2.45 -66.56
N LYS YH 80 -96.46 2.47 -65.37
CA LYS YH 80 -97.90 2.45 -65.22
C LYS YH 80 -98.35 3.54 -64.26
N VAL YH 81 -99.45 4.20 -64.60
CA VAL YH 81 -100.08 5.19 -63.74
C VAL YH 81 -101.49 4.69 -63.47
N PHE YH 82 -101.67 3.99 -62.35
CA PHE YH 82 -102.98 3.53 -61.94
C PHE YH 82 -103.68 4.65 -61.18
N ARG YH 83 -104.86 5.05 -61.64
CA ARG YH 83 -105.52 6.24 -61.12
C ARG YH 83 -107.04 6.02 -61.16
N ASP YH 84 -107.66 5.94 -60.00
CA ASP YH 84 -109.10 5.91 -59.92
C ASP YH 84 -109.58 6.24 -58.50
N GLU ZH 3 -45.47 10.25 -108.42
CA GLU ZH 3 -45.48 11.11 -107.24
C GLU ZH 3 -45.03 10.32 -106.02
N ALA ZH 4 -44.70 11.02 -104.94
CA ALA ZH 4 -44.18 10.37 -103.75
C ALA ZH 4 -45.30 9.68 -103.00
N LEU ZH 5 -44.98 9.17 -101.80
CA LEU ZH 5 -45.93 8.40 -101.03
C LEU ZH 5 -45.66 8.58 -99.54
N GLY ZH 6 -46.70 8.90 -98.79
CA GLY ZH 6 -46.55 9.13 -97.36
C GLY ZH 6 -47.44 8.22 -96.57
N LEU ZH 7 -46.96 7.80 -95.40
CA LEU ZH 7 -47.60 6.77 -94.61
C LEU ZH 7 -47.53 7.11 -93.13
N ILE ZH 8 -48.67 7.06 -92.45
CA ILE ZH 8 -48.73 7.16 -91.00
C ILE ZH 8 -49.48 5.95 -90.48
N GLU ZH 9 -49.04 5.42 -89.34
CA GLU ZH 9 -49.68 4.28 -88.72
C GLU ZH 9 -49.95 4.58 -87.26
N THR ZH 10 -51.18 4.32 -86.83
CA THR ZH 10 -51.61 4.67 -85.48
C THR ZH 10 -52.35 3.49 -84.86
N LYS ZH 11 -52.48 3.53 -83.54
CA LYS ZH 11 -53.29 2.58 -82.80
C LYS ZH 11 -54.67 3.20 -82.58
N GLY ZH 12 -55.68 2.60 -83.18
CA GLY ZH 12 -57.02 3.13 -83.06
C GLY ZH 12 -57.44 3.89 -84.29
N LEU ZH 13 -58.75 3.96 -84.52
CA LEU ZH 13 -59.24 4.62 -85.72
C LEU ZH 13 -59.34 6.12 -85.55
N VAL ZH 14 -59.67 6.59 -84.35
CA VAL ZH 14 -59.86 8.02 -84.15
C VAL ZH 14 -58.56 8.76 -84.42
N ALA ZH 15 -57.45 8.26 -83.88
CA ALA ZH 15 -56.17 8.94 -84.06
C ALA ZH 15 -55.77 8.99 -85.52
N CYS ZH 16 -56.27 8.07 -86.34
CA CYS ZH 16 -55.90 8.07 -87.75
C CYS ZH 16 -56.74 9.06 -88.55
N ILE ZH 17 -58.01 9.23 -88.20
CA ILE ZH 17 -58.84 10.20 -88.91
C ILE ZH 17 -58.39 11.62 -88.60
N GLU ZH 18 -57.93 11.86 -87.38
CA GLU ZH 18 -57.34 13.15 -87.07
C GLU ZH 18 -56.07 13.38 -87.88
N ALA ZH 19 -55.24 12.34 -88.01
CA ALA ZH 19 -54.00 12.47 -88.76
C ALA ZH 19 -54.27 12.69 -90.24
N ALA ZH 20 -55.25 11.97 -90.80
CA ALA ZH 20 -55.52 12.09 -92.23
C ALA ZH 20 -56.21 13.40 -92.55
N ASP ZH 21 -56.84 14.04 -91.57
CA ASP ZH 21 -57.42 15.36 -91.82
C ASP ZH 21 -56.35 16.44 -91.76
N ALA ZH 22 -55.45 16.34 -90.80
CA ALA ZH 22 -54.35 17.30 -90.73
C ALA ZH 22 -53.48 17.23 -91.98
N MET ZH 23 -53.20 16.03 -92.46
CA MET ZH 23 -52.40 15.89 -93.68
C MET ZH 23 -53.06 16.58 -94.85
N CYS ZH 24 -54.36 16.35 -95.05
CA CYS ZH 24 -55.03 16.89 -96.22
C CYS ZH 24 -55.12 18.41 -96.19
N LYS ZH 25 -55.15 19.01 -94.99
CA LYS ZH 25 -55.26 20.45 -94.88
C LYS ZH 25 -53.91 21.14 -95.02
N ALA ZH 26 -52.83 20.47 -94.60
CA ALA ZH 26 -51.53 21.12 -94.46
C ALA ZH 26 -50.76 21.24 -95.76
N ALA ZH 27 -51.13 20.53 -96.81
CA ALA ZH 27 -50.40 20.63 -98.07
C ALA ZH 27 -51.26 20.07 -99.19
N ASN ZH 28 -50.77 20.23 -100.42
CA ASN ZH 28 -51.51 19.78 -101.59
C ASN ZH 28 -51.20 18.31 -101.86
N VAL ZH 29 -51.81 17.45 -101.06
CA VAL ZH 29 -51.70 16.01 -101.21
C VAL ZH 29 -53.12 15.44 -101.27
N GLU ZH 30 -53.25 14.28 -101.88
CA GLU ZH 30 -54.54 13.62 -102.01
C GLU ZH 30 -54.53 12.32 -101.23
N LEU ZH 31 -55.67 11.96 -100.64
CA LEU ZH 31 -55.76 10.81 -99.76
C LEU ZH 31 -56.06 9.57 -100.58
N ILE ZH 32 -55.22 8.55 -100.42
CA ILE ZH 32 -55.41 7.30 -101.17
C ILE ZH 32 -56.46 6.43 -100.50
N GLY ZH 33 -56.26 6.11 -99.23
CA GLY ZH 33 -57.24 5.33 -98.50
C GLY ZH 33 -56.69 4.89 -97.16
N TYR ZH 34 -57.55 4.18 -96.43
CA TYR ZH 34 -57.18 3.55 -95.17
C TYR ZH 34 -56.98 2.06 -95.37
N GLU ZH 35 -56.28 1.44 -94.43
CA GLU ZH 35 -56.06 0.01 -94.48
C GLU ZH 35 -55.66 -0.46 -93.08
N ASN ZH 36 -56.55 -1.17 -92.40
CA ASN ZH 36 -56.21 -1.73 -91.10
C ASN ZH 36 -55.82 -3.19 -91.23
N VAL ZH 37 -54.74 -3.56 -90.56
CA VAL ZH 37 -54.19 -4.91 -90.62
C VAL ZH 37 -54.25 -5.46 -89.19
N GLY ZH 38 -55.37 -6.08 -88.85
CA GLY ZH 38 -55.43 -6.74 -87.57
C GLY ZH 38 -55.39 -5.79 -86.41
N SER ZH 39 -54.55 -6.11 -85.42
CA SER ZH 39 -54.73 -5.62 -84.06
C SER ZH 39 -54.55 -4.11 -83.95
N GLY ZH 40 -55.68 -3.41 -83.89
CA GLY ZH 40 -55.73 -1.97 -83.69
C GLY ZH 40 -54.73 -1.12 -84.45
N LEU ZH 41 -54.42 -1.47 -85.68
CA LEU ZH 41 -53.44 -0.72 -86.46
C LEU ZH 41 -54.11 -0.25 -87.74
N VAL ZH 42 -54.27 1.06 -87.89
CA VAL ZH 42 -54.83 1.66 -89.09
C VAL ZH 42 -53.75 2.53 -89.72
N THR ZH 43 -53.74 2.56 -91.05
CA THR ZH 43 -52.73 3.28 -91.80
C THR ZH 43 -53.40 4.13 -92.87
N ALA ZH 44 -53.01 5.39 -92.97
CA ALA ZH 44 -53.46 6.29 -94.01
C ALA ZH 44 -52.34 6.54 -95.00
N MET ZH 45 -52.69 6.65 -96.27
CA MET ZH 45 -51.71 6.84 -97.34
C MET ZH 45 -52.07 8.06 -98.16
N VAL ZH 46 -51.09 8.95 -98.36
CA VAL ZH 46 -51.28 10.14 -99.17
C VAL ZH 46 -50.22 10.16 -100.25
N LYS ZH 47 -50.50 10.87 -101.33
CA LYS ZH 47 -49.54 10.99 -102.42
C LYS ZH 47 -49.54 12.40 -102.98
N GLY ZH 48 -48.40 12.78 -103.55
CA GLY ZH 48 -48.22 14.13 -104.05
C GLY ZH 48 -46.75 14.36 -104.32
N ASP ZH 49 -46.40 15.61 -104.55
CA ASP ZH 49 -45.00 15.93 -104.79
C ASP ZH 49 -44.18 15.70 -103.52
N VAL ZH 50 -42.86 15.64 -103.70
CA VAL ZH 50 -41.99 15.23 -102.60
C VAL ZH 50 -41.93 16.29 -101.51
N GLY ZH 51 -41.88 17.56 -101.90
CA GLY ZH 51 -41.86 18.61 -100.91
C GLY ZH 51 -43.19 18.78 -100.20
N ALA ZH 52 -44.29 18.55 -100.92
CA ALA ZH 52 -45.60 18.61 -100.30
C ALA ZH 52 -45.81 17.43 -99.37
N VAL ZH 53 -45.56 16.21 -99.85
CA VAL ZH 53 -45.81 15.02 -99.04
C VAL ZH 53 -44.97 15.05 -97.78
N ASN ZH 54 -43.73 15.52 -97.88
CA ASN ZH 54 -42.89 15.64 -96.70
C ASN ZH 54 -43.50 16.61 -95.70
N ALA ZH 55 -44.16 17.65 -96.19
CA ALA ZH 55 -44.76 18.65 -95.31
C ALA ZH 55 -46.08 18.18 -94.73
N ALA ZH 56 -46.75 17.24 -95.41
CA ALA ZH 56 -48.00 16.72 -94.88
C ALA ZH 56 -47.77 15.72 -93.78
N VAL ZH 57 -46.71 14.92 -93.88
CA VAL ZH 57 -46.51 13.82 -92.94
C VAL ZH 57 -46.09 14.34 -91.58
N ASP ZH 58 -45.22 15.35 -91.54
CA ASP ZH 58 -44.78 15.85 -90.24
C ASP ZH 58 -45.89 16.64 -89.55
N SER ZH 59 -46.85 17.16 -90.32
CA SER ZH 59 -48.00 17.81 -89.71
C SER ZH 59 -49.00 16.77 -89.20
N GLY ZH 60 -49.25 15.73 -89.98
CA GLY ZH 60 -50.18 14.70 -89.57
C GLY ZH 60 -49.68 13.89 -88.39
N VAL ZH 61 -48.37 13.67 -88.30
CA VAL ZH 61 -47.83 12.97 -87.15
C VAL ZH 61 -47.99 13.82 -85.90
N GLU ZH 62 -47.89 15.13 -86.05
CA GLU ZH 62 -47.95 16.03 -84.92
C GLU ZH 62 -49.34 16.08 -84.32
N ALA ZH 63 -50.37 15.93 -85.15
CA ALA ZH 63 -51.76 15.98 -84.68
C ALA ZH 63 -52.16 14.66 -84.02
N ALA ZH 64 -51.89 13.55 -84.68
CA ALA ZH 64 -52.28 12.26 -84.12
C ALA ZH 64 -51.51 11.94 -82.85
N LYS ZH 65 -50.27 12.39 -82.75
CA LYS ZH 65 -49.49 12.22 -81.54
C LYS ZH 65 -50.12 12.93 -80.35
N ARG ZH 66 -51.04 13.86 -80.61
CA ARG ZH 66 -51.65 14.64 -79.54
C ARG ZH 66 -52.67 13.82 -78.77
N ILE ZH 67 -53.46 13.01 -79.47
CA ILE ZH 67 -54.56 12.29 -78.86
C ILE ZH 67 -54.38 10.77 -78.88
N GLY ZH 68 -53.39 10.26 -79.60
CA GLY ZH 68 -53.20 8.83 -79.66
C GLY ZH 68 -51.75 8.43 -79.80
N LYS ZH 69 -51.51 7.21 -80.26
CA LYS ZH 69 -50.16 6.71 -80.47
C LYS ZH 69 -49.88 6.66 -81.95
N VAL ZH 70 -48.84 7.36 -82.38
CA VAL ZH 70 -48.33 7.22 -83.74
C VAL ZH 70 -47.23 6.16 -83.70
N VAL ZH 71 -47.42 5.09 -84.45
CA VAL ZH 71 -46.49 3.97 -84.41
C VAL ZH 71 -45.33 4.17 -85.36
N SER ZH 72 -45.61 4.58 -86.60
CA SER ZH 72 -44.57 4.76 -87.60
C SER ZH 72 -45.01 5.78 -88.63
N SER ZH 73 -44.03 6.43 -89.24
CA SER ZH 73 -44.28 7.30 -90.37
C SER ZH 73 -43.12 7.17 -91.35
N ARG ZH 74 -43.39 7.43 -92.62
CA ARG ZH 74 -42.39 7.17 -93.65
C ARG ZH 74 -42.81 7.84 -94.94
N VAL ZH 75 -41.84 8.43 -95.63
CA VAL ZH 75 -42.05 9.01 -96.95
C VAL ZH 75 -41.19 8.25 -97.94
N ILE ZH 76 -41.77 7.89 -99.08
CA ILE ZH 76 -41.06 7.21 -100.15
C ILE ZH 76 -41.00 8.16 -101.33
N ALA ZH 77 -39.79 8.58 -101.69
CA ALA ZH 77 -39.64 9.66 -102.65
C ALA ZH 77 -39.99 9.23 -104.06
N ARG ZH 78 -39.66 7.99 -104.42
CA ARG ZH 78 -40.06 7.44 -105.72
C ARG ZH 78 -40.47 5.99 -105.48
N PRO ZH 79 -41.77 5.72 -105.35
CA PRO ZH 79 -42.21 4.34 -105.18
C PRO ZH 79 -42.04 3.58 -106.47
N HIS ZH 80 -41.63 2.32 -106.35
CA HIS ZH 80 -41.41 1.49 -107.52
C HIS ZH 80 -42.73 1.20 -108.21
N ASN ZH 81 -42.68 1.10 -109.54
CA ASN ZH 81 -43.90 0.97 -110.34
C ASN ZH 81 -44.71 -0.25 -109.91
N ASP ZH 82 -44.02 -1.33 -109.52
CA ASP ZH 82 -44.71 -2.53 -109.09
C ASP ZH 82 -45.60 -2.26 -107.88
N ILE ZH 83 -45.13 -1.43 -106.97
CA ILE ZH 83 -45.86 -1.14 -105.74
C ILE ZH 83 -46.97 -0.14 -106.02
N GLU AI 3 -71.02 18.98 -93.02
CA GLU AI 3 -71.44 19.01 -91.64
C GLU AI 3 -70.38 18.43 -90.73
N ALA AI 4 -70.42 18.76 -89.46
CA ALA AI 4 -69.39 18.36 -88.52
C ALA AI 4 -69.39 16.85 -88.36
N LEU AI 5 -68.46 16.34 -87.55
CA LEU AI 5 -68.29 14.92 -87.41
C LEU AI 5 -67.69 14.63 -86.04
N GLY AI 6 -68.29 13.71 -85.32
CA GLY AI 6 -67.83 13.37 -83.97
C GLY AI 6 -67.57 11.89 -83.84
N LEU AI 7 -66.56 11.56 -83.06
CA LEU AI 7 -66.13 10.18 -82.88
C LEU AI 7 -65.94 9.88 -81.40
N ILE AI 8 -66.37 8.70 -80.99
CA ILE AI 8 -66.06 8.16 -79.68
C ILE AI 8 -65.50 6.76 -79.88
N GLU AI 9 -64.42 6.45 -79.18
CA GLU AI 9 -63.78 5.14 -79.27
C GLU AI 9 -63.80 4.48 -77.90
N THR AI 10 -64.35 3.27 -77.84
CA THR AI 10 -64.54 2.57 -76.58
C THR AI 10 -64.00 1.16 -76.69
N LYS AI 11 -63.65 0.59 -75.55
CA LYS AI 11 -63.19 -0.79 -75.47
C LYS AI 11 -64.39 -1.68 -75.19
N GLY AI 12 -64.78 -2.46 -76.18
CA GLY AI 12 -65.95 -3.30 -76.04
C GLY AI 12 -67.17 -2.69 -76.71
N LEU AI 13 -68.08 -3.56 -77.16
CA LEU AI 13 -69.23 -3.09 -77.91
C LEU AI 13 -70.32 -2.52 -77.01
N VAL AI 14 -70.48 -3.04 -75.80
CA VAL AI 14 -71.56 -2.58 -74.94
C VAL AI 14 -71.39 -1.12 -74.59
N ALA AI 15 -70.18 -0.72 -74.19
CA ALA AI 15 -69.92 0.68 -73.88
C ALA AI 15 -70.14 1.58 -75.08
N CYS AI 16 -70.08 1.04 -76.29
CA CYS AI 16 -70.28 1.84 -77.48
C CYS AI 16 -71.76 2.04 -77.79
N ILE AI 17 -72.61 1.08 -77.43
CA ILE AI 17 -74.04 1.27 -77.65
C ILE AI 17 -74.62 2.21 -76.60
N GLU AI 18 -74.09 2.18 -75.39
CA GLU AI 18 -74.49 3.19 -74.41
C GLU AI 18 -74.06 4.57 -74.85
N ALA AI 19 -72.83 4.70 -75.36
CA ALA AI 19 -72.38 5.99 -75.85
C ALA AI 19 -73.23 6.48 -77.00
N ALA AI 20 -73.60 5.60 -77.93
CA ALA AI 20 -74.36 6.03 -79.09
C ALA AI 20 -75.81 6.31 -78.73
N ASP AI 21 -76.32 5.73 -77.65
CA ASP AI 21 -77.67 6.04 -77.23
C ASP AI 21 -77.74 7.43 -76.60
N ALA AI 22 -76.73 7.78 -75.80
CA ALA AI 22 -76.69 9.11 -75.20
C ALA AI 22 -76.46 10.17 -76.27
N MET AI 23 -75.66 9.86 -77.29
CA MET AI 23 -75.40 10.83 -78.35
C MET AI 23 -76.67 11.13 -79.13
N CYS AI 24 -77.46 10.11 -79.43
CA CYS AI 24 -78.63 10.31 -80.29
C CYS AI 24 -79.79 10.95 -79.57
N LYS AI 25 -79.81 10.93 -78.24
CA LYS AI 25 -80.84 11.60 -77.47
C LYS AI 25 -80.48 13.02 -77.11
N ALA AI 26 -79.20 13.37 -77.14
CA ALA AI 26 -78.74 14.66 -76.64
C ALA AI 26 -78.95 15.79 -77.63
N ALA AI 27 -79.01 15.49 -78.92
CA ALA AI 27 -79.17 16.52 -79.93
C ALA AI 27 -79.69 15.89 -81.21
N ASN AI 28 -79.81 16.71 -82.24
CA ASN AI 28 -80.38 16.27 -83.51
C ASN AI 28 -79.24 15.90 -84.46
N VAL AI 29 -78.67 14.73 -84.24
CA VAL AI 29 -77.59 14.21 -85.06
C VAL AI 29 -78.02 12.87 -85.63
N GLU AI 30 -77.55 12.57 -86.82
CA GLU AI 30 -77.79 11.27 -87.45
C GLU AI 30 -76.58 10.39 -87.23
N LEU AI 31 -76.82 9.15 -86.82
CA LEU AI 31 -75.75 8.22 -86.52
C LEU AI 31 -75.34 7.47 -87.78
N ILE AI 32 -74.05 7.44 -88.06
CA ILE AI 32 -73.54 6.85 -89.29
C ILE AI 32 -73.35 5.35 -89.16
N GLY AI 33 -72.61 4.91 -88.16
CA GLY AI 33 -72.45 3.48 -87.95
C GLY AI 33 -71.18 3.18 -87.21
N TYR AI 34 -71.06 1.92 -86.78
CA TYR AI 34 -69.92 1.45 -86.02
C TYR AI 34 -68.83 0.93 -86.94
N GLU AI 35 -67.62 0.85 -86.40
CA GLU AI 35 -66.47 0.32 -87.12
C GLU AI 35 -65.47 -0.17 -86.08
N ASN AI 36 -65.25 -1.47 -86.00
CA ASN AI 36 -64.24 -2.01 -85.11
C ASN AI 36 -62.98 -2.35 -85.89
N VAL AI 37 -61.83 -2.07 -85.27
CA VAL AI 37 -60.54 -2.26 -85.90
C VAL AI 37 -59.73 -3.35 -85.22
N GLY AI 38 -60.35 -4.11 -84.33
CA GLY AI 38 -59.66 -5.17 -83.63
C GLY AI 38 -59.06 -4.70 -82.32
N SER AI 39 -58.66 -5.68 -81.52
CA SER AI 39 -58.16 -5.48 -80.16
C SER AI 39 -59.22 -4.95 -79.21
N GLY AI 40 -60.49 -5.07 -79.59
CA GLY AI 40 -61.58 -4.66 -78.74
C GLY AI 40 -62.01 -3.23 -78.89
N LEU AI 41 -61.46 -2.50 -79.85
CA LEU AI 41 -61.77 -1.08 -80.02
C LEU AI 41 -62.92 -0.93 -80.99
N VAL AI 42 -64.01 -0.30 -80.55
CA VAL AI 42 -65.17 -0.02 -81.36
C VAL AI 42 -65.39 1.49 -81.38
N THR AI 43 -65.77 2.02 -82.53
CA THR AI 43 -65.90 3.46 -82.74
C THR AI 43 -67.28 3.77 -83.30
N ALA AI 44 -67.93 4.78 -82.73
CA ALA AI 44 -69.21 5.27 -83.21
C ALA AI 44 -69.01 6.65 -83.83
N MET AI 45 -69.73 6.92 -84.91
CA MET AI 45 -69.54 8.14 -85.69
C MET AI 45 -70.89 8.78 -85.94
N VAL AI 46 -71.01 10.06 -85.57
CA VAL AI 46 -72.22 10.84 -85.81
C VAL AI 46 -71.88 12.03 -86.68
N LYS AI 47 -72.90 12.65 -87.24
CA LYS AI 47 -72.69 13.83 -88.06
C LYS AI 47 -73.89 14.75 -87.97
N GLY AI 48 -73.61 16.05 -87.98
CA GLY AI 48 -74.65 17.04 -87.89
C GLY AI 48 -74.03 18.42 -87.79
N ASP AI 49 -74.82 19.39 -87.38
CA ASP AI 49 -74.30 20.74 -87.17
C ASP AI 49 -73.34 20.74 -85.99
N VAL AI 50 -72.41 21.70 -86.01
CA VAL AI 50 -71.29 21.67 -85.08
C VAL AI 50 -71.71 22.01 -83.66
N GLY AI 51 -72.84 22.69 -83.47
CA GLY AI 51 -73.34 22.92 -82.14
C GLY AI 51 -74.00 21.69 -81.57
N ALA AI 52 -74.66 20.93 -82.44
CA ALA AI 52 -75.31 19.69 -82.01
C ALA AI 52 -74.28 18.59 -81.78
N VAL AI 53 -73.31 18.47 -82.68
CA VAL AI 53 -72.32 17.41 -82.57
C VAL AI 53 -71.45 17.63 -81.34
N ASN AI 54 -71.16 18.88 -81.01
CA ASN AI 54 -70.37 19.17 -79.83
C ASN AI 54 -71.12 18.75 -78.57
N ALA AI 55 -72.43 18.95 -78.55
CA ALA AI 55 -73.21 18.58 -77.38
C ALA AI 55 -73.37 17.08 -77.27
N ALA AI 56 -73.50 16.39 -78.41
CA ALA AI 56 -73.70 14.95 -78.39
C ALA AI 56 -72.46 14.22 -77.89
N VAL AI 57 -71.28 14.62 -78.37
CA VAL AI 57 -70.06 13.91 -78.01
C VAL AI 57 -69.74 14.11 -76.54
N ASP AI 58 -70.05 15.28 -76.00
CA ASP AI 58 -69.79 15.50 -74.58
C ASP AI 58 -70.71 14.65 -73.72
N SER AI 59 -71.94 14.44 -74.16
CA SER AI 59 -72.87 13.61 -73.41
C SER AI 59 -72.53 12.14 -73.56
N GLY AI 60 -72.21 11.71 -74.78
CA GLY AI 60 -71.86 10.32 -75.00
C GLY AI 60 -70.62 9.89 -74.26
N VAL AI 61 -69.66 10.80 -74.10
CA VAL AI 61 -68.44 10.44 -73.40
C VAL AI 61 -68.72 10.19 -71.93
N GLU AI 62 -69.56 11.02 -71.32
CA GLU AI 62 -69.83 10.87 -69.89
C GLU AI 62 -70.65 9.63 -69.60
N ALA AI 63 -71.57 9.25 -70.49
CA ALA AI 63 -72.38 8.06 -70.25
C ALA AI 63 -71.58 6.78 -70.42
N ALA AI 64 -70.78 6.69 -71.50
CA ALA AI 64 -69.96 5.51 -71.69
C ALA AI 64 -68.86 5.41 -70.65
N LYS AI 65 -68.35 6.55 -70.18
CA LYS AI 65 -67.35 6.53 -69.12
C LYS AI 65 -67.88 5.88 -67.87
N ARG AI 66 -69.19 5.94 -67.66
CA ARG AI 66 -69.79 5.43 -66.43
C ARG AI 66 -69.74 3.92 -66.35
N ILE AI 67 -69.85 3.22 -67.49
CA ILE AI 67 -70.01 1.78 -67.52
C ILE AI 67 -68.91 1.07 -68.28
N GLY AI 68 -67.93 1.79 -68.78
CA GLY AI 68 -66.85 1.17 -69.53
C GLY AI 68 -65.67 2.09 -69.60
N LYS AI 69 -64.77 1.78 -70.52
CA LYS AI 69 -63.59 2.59 -70.75
C LYS AI 69 -63.77 3.34 -72.06
N VAL AI 70 -63.64 4.67 -72.00
CA VAL AI 70 -63.62 5.50 -73.20
C VAL AI 70 -62.17 5.77 -73.55
N VAL AI 71 -61.76 5.37 -74.74
CA VAL AI 71 -60.37 5.49 -75.13
C VAL AI 71 -60.07 6.88 -75.66
N SER AI 72 -60.95 7.41 -76.52
CA SER AI 72 -60.68 8.66 -77.20
C SER AI 72 -61.99 9.25 -77.70
N SER AI 73 -62.01 10.56 -77.85
CA SER AI 73 -63.14 11.28 -78.43
C SER AI 73 -62.61 12.47 -79.21
N ARG AI 74 -63.43 12.94 -80.15
CA ARG AI 74 -62.94 13.98 -81.05
C ARG AI 74 -64.10 14.55 -81.84
N VAL AI 75 -64.09 15.86 -82.04
CA VAL AI 75 -65.02 16.54 -82.94
C VAL AI 75 -64.21 17.18 -84.05
N ILE AI 76 -64.66 17.02 -85.28
CA ILE AI 76 -64.04 17.63 -86.45
C ILE AI 76 -65.05 18.58 -87.05
N ALA AI 77 -64.79 19.88 -86.93
CA ALA AI 77 -65.80 20.87 -87.25
C ALA AI 77 -65.98 21.03 -88.76
N ARG AI 78 -64.89 21.19 -89.50
CA ARG AI 78 -64.93 21.26 -90.96
C ARG AI 78 -64.08 20.12 -91.51
N PRO AI 79 -64.69 18.96 -91.76
CA PRO AI 79 -63.91 17.84 -92.30
C PRO AI 79 -63.63 18.04 -93.77
N HIS AI 80 -62.45 17.60 -94.18
CA HIS AI 80 -62.04 17.75 -95.57
C HIS AI 80 -62.88 16.84 -96.47
N ASN AI 81 -63.03 17.27 -97.72
CA ASN AI 81 -63.89 16.53 -98.64
C ASN AI 81 -63.29 15.18 -99.02
N ASP AI 82 -61.96 15.06 -98.97
CA ASP AI 82 -61.33 13.76 -99.17
C ASP AI 82 -61.68 12.79 -98.06
N ILE AI 83 -61.98 13.31 -96.87
CA ILE AI 83 -62.33 12.47 -95.75
C ILE AI 83 -63.81 12.12 -95.81
N GLU BI 3 -73.14 37.74 -84.87
CA GLU BI 3 -72.52 36.45 -84.66
C GLU BI 3 -71.41 36.54 -83.64
N ALA BI 4 -70.90 35.40 -83.19
CA ALA BI 4 -69.95 35.37 -82.10
C ALA BI 4 -68.63 36.02 -82.51
N LEU BI 5 -67.72 36.12 -81.55
CA LEU BI 5 -66.46 36.82 -81.75
C LEU BI 5 -65.36 36.11 -80.97
N GLY BI 6 -64.30 35.73 -81.67
CA GLY BI 6 -63.19 35.06 -81.02
C GLY BI 6 -61.89 35.80 -81.13
N LEU BI 7 -61.13 35.87 -80.03
CA LEU BI 7 -59.92 36.67 -79.96
C LEU BI 7 -58.77 35.84 -79.43
N ILE BI 8 -57.60 35.98 -80.04
CA ILE BI 8 -56.36 35.40 -79.55
C ILE BI 8 -55.31 36.49 -79.54
N GLU BI 9 -54.52 36.54 -78.48
CA GLU BI 9 -53.49 37.56 -78.33
C GLU BI 9 -52.15 36.90 -78.05
N THR BI 10 -51.14 37.28 -78.83
CA THR BI 10 -49.83 36.66 -78.78
C THR BI 10 -48.75 37.72 -78.73
N LYS BI 11 -47.55 37.28 -78.37
CA LYS BI 11 -46.36 38.12 -78.47
C LYS BI 11 -45.69 37.87 -79.81
N GLY BI 12 -45.63 38.89 -80.65
CA GLY BI 12 -44.97 38.68 -81.93
C GLY BI 12 -45.95 38.31 -83.02
N LEU BI 13 -45.56 38.62 -84.25
CA LEU BI 13 -46.45 38.42 -85.37
C LEU BI 13 -46.46 36.99 -85.87
N VAL BI 14 -45.36 36.26 -85.72
CA VAL BI 14 -45.29 34.91 -86.28
C VAL BI 14 -46.25 33.99 -85.55
N ALA BI 15 -46.30 34.07 -84.22
CA ALA BI 15 -47.23 33.23 -83.48
C ALA BI 15 -48.68 33.57 -83.82
N CYS BI 16 -48.93 34.79 -84.32
CA CYS BI 16 -50.30 35.17 -84.64
C CYS BI 16 -50.69 34.77 -86.05
N ILE BI 17 -49.74 34.64 -86.96
CA ILE BI 17 -50.08 34.12 -88.28
C ILE BI 17 -50.31 32.61 -88.22
N GLU BI 18 -49.66 31.93 -87.28
CA GLU BI 18 -49.93 30.52 -87.11
C GLU BI 18 -51.27 30.29 -86.43
N ALA BI 19 -51.62 31.14 -85.46
CA ALA BI 19 -52.94 31.03 -84.83
C ALA BI 19 -54.03 31.36 -85.83
N ALA BI 20 -53.84 32.37 -86.66
CA ALA BI 20 -54.87 32.74 -87.61
C ALA BI 20 -55.02 31.71 -88.72
N ASP BI 21 -53.93 31.03 -89.07
CA ASP BI 21 -54.02 29.99 -90.08
C ASP BI 21 -54.75 28.76 -89.55
N ALA BI 22 -54.43 28.35 -88.33
CA ALA BI 22 -55.10 27.20 -87.74
C ALA BI 22 -56.59 27.47 -87.54
N MET BI 23 -56.94 28.68 -87.10
CA MET BI 23 -58.33 29.02 -86.87
C MET BI 23 -59.14 28.91 -88.16
N CYS BI 24 -58.63 29.49 -89.24
CA CYS BI 24 -59.39 29.48 -90.50
C CYS BI 24 -59.51 28.10 -91.10
N LYS BI 25 -58.62 27.18 -90.74
CA LYS BI 25 -58.68 25.83 -91.29
C LYS BI 25 -59.66 24.95 -90.53
N ALA BI 26 -59.78 25.16 -89.22
CA ALA BI 26 -60.43 24.21 -88.34
C ALA BI 26 -61.90 24.50 -88.11
N ALA BI 27 -62.49 25.46 -88.80
CA ALA BI 27 -63.90 25.77 -88.63
C ALA BI 27 -64.31 26.76 -89.70
N ASN BI 28 -65.62 26.92 -89.86
CA ASN BI 28 -66.17 27.85 -90.85
C ASN BI 28 -66.32 29.22 -90.19
N VAL BI 29 -65.21 29.96 -90.17
CA VAL BI 29 -65.17 31.29 -89.58
C VAL BI 29 -64.61 32.25 -90.61
N GLU BI 30 -64.80 33.54 -90.35
CA GLU BI 30 -64.29 34.61 -91.19
C GLU BI 30 -63.26 35.40 -90.41
N LEU BI 31 -62.10 35.63 -91.01
CA LEU BI 31 -61.06 36.41 -90.36
C LEU BI 31 -61.29 37.89 -90.60
N ILE BI 32 -61.37 38.66 -89.52
CA ILE BI 32 -61.61 40.09 -89.62
C ILE BI 32 -60.32 40.86 -89.83
N GLY BI 33 -59.30 40.57 -89.04
CA GLY BI 33 -58.01 41.18 -89.26
C GLY BI 33 -57.18 41.16 -87.99
N TYR BI 34 -55.98 41.71 -88.12
CA TYR BI 34 -55.05 41.86 -87.01
C TYR BI 34 -55.12 43.27 -86.47
N GLU BI 35 -54.69 43.43 -85.22
CA GLU BI 35 -54.69 44.75 -84.58
C GLU BI 35 -53.66 44.71 -83.46
N ASN BI 36 -52.50 45.31 -83.69
CA ASN BI 36 -51.45 45.35 -82.70
C ASN BI 36 -51.47 46.67 -81.94
N VAL BI 37 -50.96 46.63 -80.72
CA VAL BI 37 -51.02 47.78 -79.82
C VAL BI 37 -49.64 48.07 -79.24
N GLY BI 38 -48.59 47.70 -79.96
CA GLY BI 38 -47.24 47.92 -79.47
C GLY BI 38 -46.90 46.95 -78.35
N SER BI 39 -45.64 47.01 -77.94
CA SER BI 39 -45.03 46.04 -77.03
C SER BI 39 -45.01 44.63 -77.61
N GLY BI 40 -45.24 44.48 -78.90
CA GLY BI 40 -45.22 43.18 -79.52
C GLY BI 40 -46.49 42.38 -79.38
N LEU BI 41 -47.53 42.93 -78.77
CA LEU BI 41 -48.80 42.25 -78.66
C LEU BI 41 -49.58 42.40 -79.95
N VAL BI 42 -49.93 41.27 -80.57
CA VAL BI 42 -50.76 41.25 -81.76
C VAL BI 42 -51.98 40.40 -81.46
N THR BI 43 -53.11 40.78 -82.06
CA THR BI 43 -54.40 40.15 -81.78
C THR BI 43 -55.09 39.78 -83.08
N ALA BI 44 -55.64 38.57 -83.14
CA ALA BI 44 -56.42 38.11 -84.27
C ALA BI 44 -57.88 38.03 -83.88
N MET BI 45 -58.77 38.38 -84.81
CA MET BI 45 -60.20 38.40 -84.54
C MET BI 45 -60.92 37.61 -85.62
N VAL BI 46 -61.62 36.55 -85.22
CA VAL BI 46 -62.44 35.76 -86.12
C VAL BI 46 -63.91 36.00 -85.77
N LYS BI 47 -64.78 35.64 -86.70
CA LYS BI 47 -66.20 35.92 -86.55
C LYS BI 47 -67.01 34.83 -87.21
N GLY BI 48 -68.02 34.32 -86.51
CA GLY BI 48 -68.86 33.29 -87.08
C GLY BI 48 -69.88 32.82 -86.06
N ASP BI 49 -70.53 31.72 -86.37
CA ASP BI 49 -71.49 31.12 -85.42
C ASP BI 49 -70.76 30.69 -84.15
N VAL BI 50 -71.52 30.55 -83.07
CA VAL BI 50 -70.92 30.34 -81.76
C VAL BI 50 -70.18 29.02 -81.70
N GLY BI 51 -70.78 27.96 -82.25
CA GLY BI 51 -70.14 26.66 -82.20
C GLY BI 51 -68.86 26.61 -83.02
N ALA BI 52 -68.90 27.21 -84.21
CA ALA BI 52 -67.70 27.28 -85.03
C ALA BI 52 -66.62 28.11 -84.36
N VAL BI 53 -66.97 29.32 -83.94
CA VAL BI 53 -66.00 30.23 -83.34
C VAL BI 53 -65.40 29.61 -82.09
N ASN BI 54 -66.21 28.92 -81.30
CA ASN BI 54 -65.67 28.22 -80.15
C ASN BI 54 -64.58 27.26 -80.57
N ALA BI 55 -64.90 26.35 -81.50
CA ALA BI 55 -63.94 25.34 -81.97
C ALA BI 55 -62.68 25.97 -82.53
N ALA BI 56 -62.84 27.04 -83.33
CA ALA BI 56 -61.69 27.68 -83.94
C ALA BI 56 -60.71 28.18 -82.89
N VAL BI 57 -61.21 28.88 -81.87
CA VAL BI 57 -60.31 29.47 -80.88
C VAL BI 57 -59.55 28.39 -80.13
N ASP BI 58 -60.15 27.23 -79.93
CA ASP BI 58 -59.44 26.15 -79.24
C ASP BI 58 -58.28 25.63 -80.07
N SER BI 59 -58.50 25.44 -81.37
CA SER BI 59 -57.42 24.96 -82.23
C SER BI 59 -56.39 26.04 -82.45
N GLY BI 60 -56.81 27.29 -82.62
CA GLY BI 60 -55.88 28.36 -82.86
C GLY BI 60 -54.92 28.59 -81.70
N VAL BI 61 -55.41 28.43 -80.47
CA VAL BI 61 -54.54 28.59 -79.33
C VAL BI 61 -53.59 27.42 -79.21
N GLU BI 62 -54.02 26.24 -79.63
CA GLU BI 62 -53.18 25.06 -79.52
C GLU BI 62 -52.02 25.11 -80.51
N ALA BI 63 -52.26 25.66 -81.70
CA ALA BI 63 -51.18 25.80 -82.67
C ALA BI 63 -50.23 26.93 -82.31
N ALA BI 64 -50.76 28.06 -81.85
CA ALA BI 64 -49.93 29.21 -81.57
C ALA BI 64 -49.06 28.98 -80.35
N LYS BI 65 -49.63 28.38 -79.30
CA LYS BI 65 -48.87 28.10 -78.08
C LYS BI 65 -47.67 27.21 -78.35
N ARG BI 66 -47.65 26.55 -79.50
CA ARG BI 66 -46.66 25.53 -79.78
C ARG BI 66 -45.33 26.13 -80.22
N ILE BI 67 -45.36 27.31 -80.84
CA ILE BI 67 -44.16 27.98 -81.29
C ILE BI 67 -43.90 29.30 -80.58
N GLY BI 68 -44.90 29.91 -79.97
CA GLY BI 68 -44.74 31.21 -79.33
C GLY BI 68 -45.53 31.31 -78.06
N LYS BI 69 -45.91 32.51 -77.65
CA LYS BI 69 -46.61 32.71 -76.40
C LYS BI 69 -48.01 33.24 -76.68
N VAL BI 70 -49.01 32.53 -76.16
CA VAL BI 70 -50.41 32.98 -76.25
C VAL BI 70 -50.73 33.71 -74.96
N VAL BI 71 -51.01 35.01 -75.08
CA VAL BI 71 -51.22 35.83 -73.89
C VAL BI 71 -52.63 35.64 -73.34
N SER BI 72 -53.62 35.63 -74.22
CA SER BI 72 -55.00 35.44 -73.78
C SER BI 72 -55.88 35.07 -74.96
N SER BI 73 -56.99 34.40 -74.65
CA SER BI 73 -58.00 34.04 -75.63
C SER BI 73 -59.36 34.24 -75.01
N ARG BI 74 -60.38 34.39 -75.85
CA ARG BI 74 -61.70 34.74 -75.37
C ARG BI 74 -62.71 34.58 -76.48
N VAL BI 75 -63.91 34.12 -76.13
CA VAL BI 75 -65.03 34.05 -77.07
C VAL BI 75 -66.20 34.85 -76.48
N ILE BI 76 -66.70 35.79 -77.26
CA ILE BI 76 -67.90 36.54 -76.91
C ILE BI 76 -69.04 35.97 -77.74
N ALA BI 77 -70.01 35.34 -77.09
CA ALA BI 77 -71.07 34.66 -77.83
C ALA BI 77 -71.98 35.64 -78.55
N ARG BI 78 -72.14 36.84 -78.01
CA ARG BI 78 -72.98 37.86 -78.63
C ARG BI 78 -72.44 39.23 -78.24
N PRO BI 79 -71.65 39.86 -79.10
CA PRO BI 79 -71.15 41.18 -78.76
C PRO BI 79 -72.25 42.22 -78.86
N HIS BI 80 -72.13 43.24 -78.02
CA HIS BI 80 -73.00 44.40 -78.13
C HIS BI 80 -72.75 45.09 -79.47
N ASN BI 81 -73.77 45.76 -79.98
CA ASN BI 81 -73.62 46.43 -81.26
C ASN BI 81 -72.56 47.52 -81.21
N ASP BI 82 -72.35 48.12 -80.05
CA ASP BI 82 -71.30 49.12 -79.91
C ASP BI 82 -69.93 48.50 -80.10
N ILE BI 83 -69.76 47.25 -79.66
CA ILE BI 83 -68.48 46.58 -79.81
C ILE BI 83 -68.14 46.34 -81.28
N GLU BI 84 -69.15 46.23 -82.15
CA GLU BI 84 -68.87 46.11 -83.57
C GLU BI 84 -68.72 47.47 -84.24
N LYS BI 85 -67.96 48.34 -83.58
CA LYS BI 85 -67.42 49.56 -84.15
C LYS BI 85 -65.99 49.80 -83.70
N ILE BI 86 -65.53 49.06 -82.69
CA ILE BI 86 -64.15 49.10 -82.25
C ILE BI 86 -63.31 48.06 -82.98
N ALA BI 87 -63.88 46.88 -83.21
CA ALA BI 87 -63.18 45.87 -83.99
C ALA BI 87 -63.15 46.25 -85.46
N GLY BI 88 -64.31 46.36 -86.09
CA GLY BI 88 -64.38 46.76 -87.48
C GLY BI 88 -64.45 48.26 -87.67
N MET CI 1 69.27 84.61 3.00
CA MET CI 1 69.62 85.18 1.71
C MET CI 1 70.67 86.26 1.88
N ILE CI 2 71.30 86.64 0.78
CA ILE CI 2 72.24 87.76 0.75
C ILE CI 2 72.01 88.55 -0.51
N LEU CI 3 72.24 89.86 -0.43
CA LEU CI 3 72.25 90.70 -1.62
C LEU CI 3 73.53 90.49 -2.39
N ALA CI 4 73.42 90.25 -3.69
CA ALA CI 4 74.58 90.00 -4.51
C ALA CI 4 74.30 90.52 -5.91
N LYS CI 5 75.36 90.56 -6.71
CA LYS CI 5 75.29 91.07 -8.07
C LYS CI 5 75.90 90.04 -9.01
N VAL CI 6 75.20 89.75 -10.11
CA VAL CI 6 75.72 88.80 -11.08
C VAL CI 6 76.87 89.46 -11.84
N THR CI 7 78.02 88.79 -11.86
CA THR CI 7 79.22 89.34 -12.45
C THR CI 7 79.85 88.47 -13.53
N GLY CI 8 79.21 87.36 -13.91
CA GLY CI 8 79.77 86.52 -14.94
C GLY CI 8 78.99 85.22 -15.03
N HIS CI 9 79.62 84.22 -15.64
CA HIS CI 9 79.03 82.89 -15.72
C HIS CI 9 80.14 81.88 -15.88
N VAL CI 10 79.78 80.61 -15.71
CA VAL CI 10 80.72 79.50 -15.74
C VAL CI 10 80.22 78.47 -16.73
N VAL CI 11 81.09 78.00 -17.61
CA VAL CI 11 80.75 76.98 -18.60
C VAL CI 11 81.46 75.70 -18.19
N ALA CI 12 80.68 74.70 -17.77
CA ALA CI 12 81.20 73.43 -17.31
C ALA CI 12 80.54 72.33 -18.11
N THR CI 13 81.35 71.49 -18.77
CA THR CI 13 80.85 70.42 -19.61
C THR CI 13 80.77 69.09 -18.87
N GLN CI 14 81.83 68.72 -18.18
CA GLN CI 14 81.90 67.47 -17.41
C GLN CI 14 81.37 67.78 -16.01
N LYS CI 15 80.14 67.37 -15.73
CA LYS CI 15 79.54 67.67 -14.44
C LYS CI 15 78.51 66.61 -14.12
N CYS CI 16 77.99 66.67 -12.90
CA CYS CI 16 77.02 65.70 -12.43
C CYS CI 16 75.71 65.85 -13.18
N ASP CI 17 74.75 65.00 -12.84
CA ASP CI 17 73.45 64.99 -13.49
C ASP CI 17 72.43 65.85 -12.78
N GLU CI 18 72.62 66.13 -11.50
CA GLU CI 18 71.74 67.03 -10.78
C GLU CI 18 71.85 68.47 -11.28
N LEU CI 19 72.81 68.75 -12.15
CA LEU CI 19 73.04 70.10 -12.65
C LEU CI 19 72.80 70.24 -14.15
N ARG CI 20 72.24 69.23 -14.80
CA ARG CI 20 72.03 69.30 -16.24
C ARG CI 20 70.92 70.29 -16.57
N GLY CI 21 71.19 71.17 -17.53
CA GLY CI 21 70.18 72.10 -17.99
C GLY CI 21 69.89 73.23 -17.02
N SER CI 22 70.94 73.94 -16.60
CA SER CI 22 70.77 75.06 -15.69
C SER CI 22 71.94 76.01 -15.89
N ASN CI 23 71.72 77.26 -15.50
CA ASN CI 23 72.75 78.28 -15.62
C ASN CI 23 73.64 78.23 -14.40
N LEU CI 24 74.87 78.71 -14.55
CA LEU CI 24 75.81 78.78 -13.44
C LEU CI 24 76.44 80.18 -13.44
N LEU CI 25 75.96 81.04 -12.55
CA LEU CI 25 76.36 82.43 -12.52
C LEU CI 25 77.37 82.69 -11.43
N LEU CI 26 78.28 83.62 -11.67
CA LEU CI 26 79.16 84.12 -10.64
C LEU CI 26 78.42 85.21 -9.88
N ILE CI 27 78.45 85.11 -8.55
CA ILE CI 27 77.57 85.89 -7.68
C ILE CI 27 78.48 86.57 -6.66
N THR CI 28 78.59 87.89 -6.73
CA THR CI 28 79.48 88.63 -5.85
C THR CI 28 78.68 89.36 -4.79
N ARG CI 29 79.01 89.12 -3.53
CA ARG CI 29 78.33 89.80 -2.44
C ARG CI 29 78.72 91.28 -2.41
N LEU CI 30 77.73 92.15 -2.28
CA LEU CI 30 77.96 93.58 -2.32
C LEU CI 30 77.69 94.21 -0.96
N ASP CI 31 78.43 95.28 -0.66
CA ASP CI 31 78.44 95.87 0.67
C ASP CI 31 77.32 96.90 0.86
N ASP CI 32 77.36 97.66 1.96
CA ASP CI 32 76.25 98.54 2.32
C ASP CI 32 76.19 99.81 1.49
N LYS CI 33 77.04 99.95 0.48
CA LYS CI 33 76.90 101.02 -0.51
C LYS CI 33 76.47 100.49 -1.86
N GLN CI 34 75.97 99.26 -1.90
CA GLN CI 34 75.64 98.56 -3.14
C GLN CI 34 76.84 98.53 -4.09
N GLN CI 35 77.95 97.97 -3.58
CA GLN CI 35 79.19 97.90 -4.31
C GLN CI 35 79.82 96.54 -4.03
N PRO CI 36 80.26 95.82 -5.06
CA PRO CI 36 80.80 94.47 -4.84
C PRO CI 36 82.04 94.50 -3.95
N MET CI 37 82.21 93.42 -3.19
CA MET CI 37 83.34 93.26 -2.29
C MET CI 37 84.45 92.46 -2.98
N LYS CI 38 85.52 92.20 -2.23
CA LYS CI 38 86.67 91.47 -2.74
C LYS CI 38 86.68 90.07 -2.17
N ASP CI 39 86.94 89.08 -3.03
CA ASP CI 39 87.05 87.68 -2.61
C ASP CI 39 85.77 87.19 -1.96
N GLN CI 40 84.64 87.46 -2.62
CA GLN CI 40 83.33 87.09 -2.08
C GLN CI 40 82.44 86.54 -3.16
N THR CI 41 82.97 85.67 -4.02
CA THR CI 41 82.26 85.18 -5.18
C THR CI 41 81.88 83.72 -4.99
N TRP CI 42 80.62 83.40 -5.26
CA TRP CI 42 80.14 82.03 -5.27
C TRP CI 42 79.54 81.74 -6.64
N VAL CI 43 79.25 80.46 -6.87
CA VAL CI 43 78.61 80.02 -8.09
C VAL CI 43 77.19 79.59 -7.76
N ALA CI 44 76.21 80.18 -8.42
CA ALA CI 44 74.81 79.95 -8.10
C ALA CI 44 74.07 79.43 -9.31
N VAL CI 45 73.20 78.46 -9.09
CA VAL CI 45 72.36 77.93 -10.15
C VAL CI 45 71.17 78.87 -10.33
N ASP CI 46 71.17 79.62 -11.43
CA ASP CI 46 70.07 80.54 -11.68
C ASP CI 46 68.74 79.78 -11.70
N ASN CI 47 67.71 80.45 -11.21
CA ASN CI 47 66.40 79.82 -11.11
C ASN CI 47 65.25 80.68 -11.59
N VAL CI 48 65.43 81.99 -11.73
CA VAL CI 48 64.37 82.90 -12.14
C VAL CI 48 64.72 83.69 -13.40
N GLY CI 49 65.90 83.51 -13.96
CA GLY CI 49 66.24 84.20 -15.18
C GLY CI 49 66.97 85.51 -14.97
N ALA CI 50 68.07 85.48 -14.23
CA ALA CI 50 68.89 86.65 -14.02
C ALA CI 50 70.06 86.67 -14.99
N GLY CI 51 70.50 87.88 -15.35
CA GLY CI 51 71.61 88.02 -16.26
C GLY CI 51 72.68 88.93 -15.70
N MET CI 52 73.56 89.45 -16.54
CA MET CI 52 74.67 90.23 -16.04
C MET CI 52 74.19 91.54 -15.43
N HIS CI 53 74.94 92.01 -14.43
CA HIS CI 53 74.77 93.32 -13.80
C HIS CI 53 73.51 93.42 -12.95
N ASP CI 54 72.75 92.34 -12.79
CA ASP CI 54 71.49 92.41 -12.07
C ASP CI 54 71.73 92.11 -10.60
N ILE CI 55 71.07 92.87 -9.73
CA ILE CI 55 71.15 92.64 -8.29
C ILE CI 55 70.13 91.57 -7.92
N VAL CI 56 70.62 90.47 -7.37
CA VAL CI 56 69.77 89.32 -7.11
C VAL CI 56 69.83 88.97 -5.63
N LEU CI 57 69.11 87.92 -5.25
CA LEU CI 57 68.94 87.50 -3.86
C LEU CI 57 69.32 86.03 -3.78
N ALA CI 58 70.58 85.75 -3.49
CA ALA CI 58 71.10 84.39 -3.56
C ALA CI 58 70.86 83.67 -2.24
N GLU CI 59 70.31 82.47 -2.32
CA GLU CI 59 69.95 81.69 -1.14
C GLU CI 59 70.94 80.56 -0.94
N GLU CI 60 71.08 80.15 0.31
CA GLU CI 60 72.05 79.13 0.69
C GLU CI 60 71.49 77.74 0.43
N TYR CI 61 72.08 76.72 1.06
CA TYR CI 61 72.09 75.34 0.58
C TYR CI 61 70.80 74.87 -0.07
N PHE CI 62 69.70 74.81 0.66
CA PHE CI 62 68.56 74.01 0.22
C PHE CI 62 67.56 74.88 -0.54
N ALA CI 63 67.50 74.67 -1.87
CA ALA CI 63 66.46 75.27 -2.69
C ALA CI 63 65.96 74.30 -3.77
N LEU CI 64 66.19 72.99 -3.59
CA LEU CI 64 65.72 71.95 -4.51
C LEU CI 64 66.23 72.19 -5.93
N ASN CI 65 67.54 72.13 -6.07
CA ASN CI 65 68.18 72.37 -7.37
C ASN CI 65 69.36 71.44 -7.61
N TYR CI 69 68.61 67.51 -2.94
CA TYR CI 69 69.08 68.61 -3.76
C TYR CI 69 69.37 69.84 -2.90
N LYS CI 70 70.63 70.28 -2.90
CA LYS CI 70 71.03 71.37 -2.03
C LYS CI 70 71.94 72.39 -2.71
N ALA CI 71 71.71 72.70 -3.98
CA ALA CI 71 72.56 73.66 -4.67
C ALA CI 71 72.16 75.09 -4.29
N MET CI 72 73.15 75.96 -4.25
CA MET CI 72 72.97 77.37 -3.93
C MET CI 72 72.40 78.05 -5.16
N SER CI 73 71.18 78.57 -5.05
CA SER CI 73 70.49 79.13 -6.20
C SER CI 73 70.07 80.56 -5.95
N VAL CI 74 69.68 81.23 -7.03
CA VAL CI 74 69.12 82.57 -7.00
C VAL CI 74 67.61 82.44 -6.94
N VAL CI 75 66.97 83.19 -6.04
CA VAL CI 75 65.54 83.01 -5.78
C VAL CI 75 64.74 84.28 -5.98
N ALA CI 76 65.37 85.41 -6.31
CA ALA CI 76 64.63 86.64 -6.47
C ALA CI 76 65.50 87.67 -7.17
N ILE CI 77 64.88 88.47 -8.03
CA ILE CI 77 65.52 89.63 -8.65
C ILE CI 77 64.99 90.87 -7.97
N VAL CI 78 65.89 91.71 -7.50
CA VAL CI 78 65.54 92.77 -6.58
C VAL CI 78 65.28 94.06 -7.36
N GLU CI 79 64.14 94.70 -7.08
CA GLU CI 79 63.78 95.98 -7.68
C GLU CI 79 64.33 97.15 -6.89
N LYS CI 80 63.98 97.24 -5.61
CA LYS CI 80 64.36 98.36 -4.77
C LYS CI 80 64.95 97.86 -3.46
N VAL CI 81 66.01 98.51 -3.01
CA VAL CI 81 66.62 98.23 -1.71
C VAL CI 81 66.55 99.53 -0.91
N PHE CI 82 65.52 99.67 -0.11
CA PHE CI 82 65.37 100.83 0.76
C PHE CI 82 66.16 100.56 2.04
N ARG CI 83 67.08 101.46 2.36
CA ARG CI 83 68.03 101.22 3.46
C ARG CI 83 68.37 102.55 4.12
N ASP CI 84 67.96 102.73 5.36
CA ASP CI 84 68.38 103.87 6.15
C ASP CI 84 68.13 103.63 7.64
N GLU DI 3 73.45 65.99 -64.31
CA GLU DI 3 73.65 65.30 -63.05
C GLU DI 3 72.31 64.91 -62.44
N ALA DI 4 72.33 63.92 -61.56
CA ALA DI 4 71.10 63.42 -60.95
C ALA DI 4 70.56 64.45 -59.96
N LEU DI 5 69.48 64.08 -59.29
CA LEU DI 5 68.80 64.99 -58.39
C LEU DI 5 68.18 64.21 -57.23
N GLY DI 6 68.40 64.67 -56.02
CA GLY DI 6 67.90 63.97 -54.85
C GLY DI 6 67.07 64.89 -53.97
N LEU DI 7 66.00 64.34 -53.41
CA LEU DI 7 65.01 65.12 -52.70
C LEU DI 7 64.60 64.42 -51.42
N ILE DI 8 64.60 65.15 -50.32
CA ILE DI 8 64.03 64.68 -49.06
C ILE DI 8 63.05 65.74 -48.56
N GLU DI 9 61.93 65.28 -48.00
CA GLU DI 9 60.91 66.16 -47.48
C GLU DI 9 60.60 65.76 -46.05
N THR DI 10 60.59 66.75 -45.14
CA THR DI 10 60.38 66.50 -43.73
C THR DI 10 59.38 67.48 -43.17
N LYS DI 11 58.86 67.15 -41.98
CA LYS DI 11 58.02 68.06 -41.22
C LYS DI 11 58.90 68.82 -40.23
N GLY DI 12 58.94 70.13 -40.36
CA GLY DI 12 59.77 70.93 -39.48
C GLY DI 12 61.11 71.23 -40.09
N LEU DI 13 61.72 72.33 -39.64
CA LEU DI 13 62.98 72.76 -40.24
C LEU DI 13 64.17 72.03 -39.63
N VAL DI 14 64.10 71.67 -38.36
CA VAL DI 14 65.25 71.05 -37.72
C VAL DI 14 65.56 69.71 -38.36
N ALA DI 15 64.53 68.87 -38.54
CA ALA DI 15 64.75 67.58 -39.15
C ALA DI 15 65.33 67.70 -40.56
N CYS DI 16 65.12 68.83 -41.22
CA CYS DI 16 65.63 69.00 -42.56
C CYS DI 16 67.09 69.43 -42.56
N ILE DI 17 67.51 70.25 -41.60
CA ILE DI 17 68.91 70.65 -41.53
C ILE DI 17 69.78 69.48 -41.13
N GLU DI 18 69.27 68.61 -40.26
CA GLU DI 18 69.99 67.37 -39.96
C GLU DI 18 70.13 66.52 -41.20
N ALA DI 19 69.06 66.38 -41.98
CA ALA DI 19 69.12 65.57 -43.20
C ALA DI 19 70.09 66.15 -44.21
N ALA DI 20 70.06 67.47 -44.40
CA ALA DI 20 70.92 68.08 -45.40
C ALA DI 20 72.38 68.08 -44.99
N ASP DI 21 72.65 67.96 -43.68
CA ASP DI 21 74.03 67.85 -43.25
C ASP DI 21 74.56 66.44 -43.46
N ALA DI 22 73.74 65.44 -43.15
CA ALA DI 22 74.15 64.06 -43.37
C ALA DI 22 74.37 63.78 -44.84
N MET DI 23 73.51 64.33 -45.70
CA MET DI 23 73.68 64.13 -47.14
C MET DI 23 75.02 64.70 -47.61
N CYS DI 24 75.35 65.91 -47.18
CA CYS DI 24 76.56 66.54 -47.67
C CYS DI 24 77.82 65.85 -47.17
N LYS DI 25 77.76 65.20 -46.01
CA LYS DI 25 78.92 64.52 -45.48
C LYS DI 25 79.10 63.13 -46.08
N ALA DI 26 78.00 62.47 -46.42
CA ALA DI 26 78.04 61.05 -46.76
C ALA DI 26 78.49 60.76 -48.18
N ALA DI 27 78.54 61.76 -49.06
CA ALA DI 27 78.95 61.51 -50.44
C ALA DI 27 79.29 62.84 -51.09
N ASN DI 28 79.83 62.76 -52.30
CA ASN DI 28 80.24 63.95 -53.04
C ASN DI 28 79.06 64.51 -53.80
N VAL DI 29 78.20 65.22 -53.07
CA VAL DI 29 77.03 65.88 -53.63
C VAL DI 29 77.02 67.33 -53.18
N GLU DI 30 76.39 68.18 -53.96
CA GLU DI 30 76.33 69.60 -53.68
C GLU DI 30 74.90 70.02 -53.36
N LEU DI 31 74.74 70.89 -52.37
CA LEU DI 31 73.43 71.28 -51.89
C LEU DI 31 72.88 72.40 -52.75
N ILE DI 32 71.67 72.21 -53.30
CA ILE DI 32 71.07 73.23 -54.15
C ILE DI 32 70.37 74.29 -53.31
N GLY DI 33 69.48 73.88 -52.42
CA GLY DI 33 68.83 74.84 -51.56
C GLY DI 33 67.66 74.21 -50.84
N TYR DI 34 67.02 75.02 -50.01
CA TYR DI 34 65.80 74.63 -49.31
C TYR DI 34 64.60 75.28 -49.97
N GLU DI 35 63.42 74.71 -49.70
CA GLU DI 35 62.18 75.27 -50.23
C GLU DI 35 61.03 74.72 -49.41
N ASN DI 36 60.40 75.57 -48.60
CA ASN DI 36 59.22 75.16 -47.85
C ASN DI 36 57.95 75.62 -48.56
N VAL DI 37 56.97 74.74 -48.61
CA VAL DI 37 55.71 75.00 -49.28
C VAL DI 37 54.62 74.87 -48.22
N GLY DI 38 54.32 75.98 -47.54
CA GLY DI 38 53.20 75.95 -46.64
C GLY DI 38 53.44 75.09 -45.42
N SER DI 39 52.47 74.24 -45.11
CA SER DI 39 52.30 73.73 -43.75
C SER DI 39 53.43 72.81 -43.33
N GLY DI 40 54.40 73.37 -42.62
CA GLY DI 40 55.49 72.63 -42.02
C GLY DI 40 56.20 71.63 -42.90
N LEU DI 41 56.37 71.93 -44.18
CA LEU DI 41 57.02 70.99 -45.08
C LEU DI 41 58.21 71.68 -45.71
N VAL DI 42 59.42 71.24 -45.35
CA VAL DI 42 60.64 71.76 -45.92
C VAL DI 42 61.29 70.66 -46.75
N THR DI 43 61.91 71.04 -47.86
CA THR DI 43 62.53 70.10 -48.79
C THR DI 43 63.94 70.56 -49.11
N ALA DI 44 64.89 69.64 -49.06
CA ALA DI 44 66.26 69.90 -49.44
C ALA DI 44 66.58 69.18 -50.73
N MET DI 45 67.38 69.81 -51.59
CA MET DI 45 67.70 69.27 -52.90
C MET DI 45 69.21 69.21 -53.08
N VAL DI 46 69.72 68.06 -53.50
CA VAL DI 46 71.13 67.86 -53.77
C VAL DI 46 71.29 67.35 -55.19
N LYS DI 47 72.49 67.53 -55.75
CA LYS DI 47 72.75 67.06 -57.09
C LYS DI 47 74.17 66.54 -57.21
N GLY DI 48 74.35 65.54 -58.06
CA GLY DI 48 75.63 64.90 -58.25
C GLY DI 48 75.46 63.67 -59.11
N ASP DI 49 76.50 62.86 -59.18
CA ASP DI 49 76.43 61.62 -59.96
C ASP DI 49 75.37 60.69 -59.37
N VAL DI 50 74.95 59.72 -60.18
CA VAL DI 50 73.82 58.89 -59.79
C VAL DI 50 74.19 57.97 -58.63
N GLY DI 51 75.40 57.42 -58.64
CA GLY DI 51 75.81 56.57 -57.55
C GLY DI 51 76.05 57.35 -56.26
N ALA DI 52 76.55 58.57 -56.39
CA ALA DI 52 76.74 59.42 -55.22
C ALA DI 52 75.41 59.88 -54.65
N VAL DI 53 74.53 60.40 -55.52
CA VAL DI 53 73.26 60.93 -55.05
C VAL DI 53 72.42 59.85 -54.41
N ASN DI 54 72.47 58.64 -54.96
CA ASN DI 54 71.74 57.53 -54.38
C ASN DI 54 72.27 57.20 -52.99
N ALA DI 55 73.57 57.40 -52.77
CA ALA DI 55 74.17 57.09 -51.48
C ALA DI 55 73.93 58.21 -50.48
N ALA DI 56 73.75 59.44 -50.96
CA ALA DI 56 73.50 60.55 -50.04
C ALA DI 56 72.07 60.53 -49.53
N VAL DI 57 71.12 60.09 -50.34
CA VAL DI 57 69.72 60.19 -49.96
C VAL DI 57 69.39 59.16 -48.88
N ASP DI 58 69.89 57.94 -49.00
CA ASP DI 58 69.53 56.93 -48.02
C ASP DI 58 70.23 57.17 -46.68
N SER DI 59 71.34 57.91 -46.69
CA SER DI 59 71.94 58.31 -45.42
C SER DI 59 71.20 59.48 -44.82
N GLY DI 60 70.80 60.45 -45.65
CA GLY DI 60 70.07 61.59 -45.15
C GLY DI 60 68.68 61.25 -44.65
N VAL DI 61 68.03 60.25 -45.25
CA VAL DI 61 66.74 59.81 -44.75
C VAL DI 61 66.91 59.15 -43.39
N GLU DI 62 68.02 58.46 -43.21
CA GLU DI 62 68.25 57.70 -41.99
C GLU DI 62 68.51 58.62 -40.80
N ALA DI 63 69.12 59.77 -41.05
CA ALA DI 63 69.42 60.72 -39.98
C ALA DI 63 68.17 61.51 -39.59
N ALA DI 64 67.43 62.03 -40.57
CA ALA DI 64 66.25 62.82 -40.26
C ALA DI 64 65.15 61.96 -39.67
N LYS DI 65 65.06 60.69 -40.08
CA LYS DI 65 64.09 59.78 -39.50
C LYS DI 65 64.32 59.58 -38.01
N ARG DI 66 65.51 59.91 -37.52
CA ARG DI 66 65.85 59.68 -36.14
C ARG DI 66 65.16 60.67 -35.21
N ILE DI 67 65.10 61.93 -35.61
CA ILE DI 67 64.58 62.99 -34.75
C ILE DI 67 63.30 63.61 -35.26
N GLY DI 68 62.87 63.30 -36.48
CA GLY DI 68 61.67 63.89 -37.01
C GLY DI 68 60.93 62.95 -37.94
N LYS DI 69 60.05 63.51 -38.76
CA LYS DI 69 59.28 62.73 -39.72
C LYS DI 69 59.83 63.01 -41.12
N VAL DI 70 60.27 61.96 -41.80
CA VAL DI 70 60.61 62.05 -43.21
C VAL DI 70 59.36 61.68 -43.99
N VAL DI 71 58.88 62.61 -44.81
CA VAL DI 71 57.63 62.41 -45.53
C VAL DI 71 57.86 61.66 -46.83
N SER DI 72 58.88 62.04 -47.60
CA SER DI 72 59.13 61.40 -48.88
C SER DI 72 60.58 61.62 -49.28
N SER DI 73 61.10 60.70 -50.08
CA SER DI 73 62.42 60.82 -50.66
C SER DI 73 62.38 60.28 -52.08
N ARG DI 74 63.28 60.77 -52.92
CA ARG DI 74 63.21 60.41 -54.33
C ARG DI 74 64.50 60.84 -55.02
N VAL DI 75 65.00 59.97 -55.90
CA VAL DI 75 66.15 60.28 -56.74
C VAL DI 75 65.70 60.26 -58.19
N ILE DI 76 66.09 61.28 -58.94
CA ILE DI 76 65.79 61.38 -60.36
C ILE DI 76 67.10 61.24 -61.11
N ALA DI 77 67.22 60.15 -61.88
CA ALA DI 77 68.52 59.80 -62.45
C ALA DI 77 68.92 60.74 -63.57
N ARG DI 78 67.97 61.20 -64.37
CA ARG DI 78 68.24 62.21 -65.38
C ARG DI 78 67.07 63.19 -65.41
N PRO DI 79 67.20 64.33 -64.72
CA PRO DI 79 66.12 65.31 -64.75
C PRO DI 79 66.03 65.97 -66.10
N HIS DI 80 64.80 66.18 -66.56
CA HIS DI 80 64.59 66.80 -67.86
C HIS DI 80 65.11 68.23 -67.85
N ASN DI 81 65.60 68.66 -69.01
CA ASN DI 81 66.26 69.96 -69.10
C ASN DI 81 65.34 71.09 -68.66
N ASP DI 82 64.05 70.98 -68.97
CA ASP DI 82 63.10 72.03 -68.60
C ASP DI 82 63.02 72.20 -67.10
N ILE DI 83 63.14 71.11 -66.35
CA ILE DI 83 63.04 71.17 -64.90
C ILE DI 83 64.37 71.64 -64.31
N GLU EI 3 81.98 77.43 -36.62
CA GLU EI 3 81.55 77.30 -35.24
C GLU EI 3 80.31 76.44 -35.14
N ALA EI 4 80.15 75.76 -34.01
CA ALA EI 4 79.03 74.86 -33.82
C ALA EI 4 77.72 75.62 -33.83
N LEU EI 5 76.63 74.87 -34.05
CA LEU EI 5 75.33 75.47 -34.31
C LEU EI 5 74.22 74.74 -33.58
N GLY EI 6 73.42 75.43 -32.78
CA GLY EI 6 72.34 74.82 -32.05
C GLY EI 6 71.01 75.30 -32.59
N LEU EI 7 70.02 74.41 -32.62
CA LEU EI 7 68.69 74.71 -33.07
C LEU EI 7 67.68 74.21 -32.05
N ILE EI 8 66.65 75.01 -31.83
CA ILE EI 8 65.48 74.60 -31.04
C ILE EI 8 64.22 75.02 -31.77
N GLU EI 9 63.32 74.06 -32.05
CA GLU EI 9 62.09 74.34 -32.77
C GLU EI 9 60.90 73.99 -31.90
N THR EI 10 59.96 74.94 -31.82
CA THR EI 10 58.87 74.91 -30.86
C THR EI 10 57.53 75.31 -31.49
N LYS EI 11 56.46 74.89 -30.85
CA LYS EI 11 55.11 75.26 -31.27
C LYS EI 11 54.72 76.59 -30.64
N GLY EI 12 54.73 77.65 -31.44
CA GLY EI 12 54.38 78.98 -30.97
C GLY EI 12 55.59 79.88 -30.82
N LEU EI 13 55.33 81.19 -30.81
CA LEU EI 13 56.41 82.18 -30.72
C LEU EI 13 56.78 82.55 -29.29
N VAL EI 14 55.85 82.46 -28.35
CA VAL EI 14 56.18 82.78 -26.98
C VAL EI 14 57.17 81.76 -26.41
N ALA EI 15 56.94 80.48 -26.69
CA ALA EI 15 57.87 79.45 -26.23
C ALA EI 15 59.24 79.64 -26.84
N CYS EI 16 59.29 80.02 -28.12
CA CYS EI 16 60.58 80.21 -28.77
C CYS EI 16 61.31 81.42 -28.22
N ILE EI 17 60.59 82.48 -27.90
CA ILE EI 17 61.24 83.66 -27.33
C ILE EI 17 61.77 83.35 -25.93
N GLU EI 18 61.04 82.56 -25.16
CA GLU EI 18 61.51 82.14 -23.84
C GLU EI 18 62.77 81.27 -23.97
N ALA EI 19 62.75 80.33 -24.93
CA ALA EI 19 63.91 79.48 -25.17
C ALA EI 19 65.12 80.30 -25.59
N ALA EI 20 64.92 81.28 -26.46
CA ALA EI 20 66.03 82.10 -26.93
C ALA EI 20 66.61 82.94 -25.82
N ASP EI 21 65.76 83.49 -24.94
CA ASP EI 21 66.25 84.26 -23.81
C ASP EI 21 67.10 83.38 -22.90
N ALA EI 22 66.63 82.18 -22.62
CA ALA EI 22 67.38 81.23 -21.80
C ALA EI 22 68.71 80.88 -22.46
N MET EI 23 68.69 80.65 -23.77
CA MET EI 23 69.93 80.30 -24.48
C MET EI 23 70.93 81.43 -24.42
N CYS EI 24 70.49 82.65 -24.66
CA CYS EI 24 71.40 83.80 -24.70
C CYS EI 24 71.96 84.08 -23.32
N LYS EI 25 71.21 83.77 -22.27
CA LYS EI 25 71.75 83.97 -20.93
C LYS EI 25 72.70 82.86 -20.50
N ALA EI 26 72.46 81.61 -20.91
CA ALA EI 26 73.31 80.54 -20.40
C ALA EI 26 74.78 80.65 -20.79
N ALA EI 27 75.09 81.14 -21.98
CA ALA EI 27 76.47 81.09 -22.43
C ALA EI 27 76.74 82.22 -23.41
N ASN EI 28 77.96 82.24 -23.93
CA ASN EI 28 78.41 83.32 -24.82
C ASN EI 28 78.21 82.86 -26.27
N VAL EI 29 76.95 82.89 -26.69
CA VAL EI 29 76.57 82.55 -28.05
C VAL EI 29 75.88 83.75 -28.67
N GLU EI 30 76.01 83.88 -29.99
CA GLU EI 30 75.32 84.93 -30.72
C GLU EI 30 74.10 84.36 -31.39
N LEU EI 31 72.96 85.01 -31.21
CA LEU EI 31 71.71 84.52 -31.74
C LEU EI 31 71.53 84.99 -33.19
N ILE EI 32 71.24 84.05 -34.08
CA ILE EI 32 71.18 84.35 -35.50
C ILE EI 32 69.82 84.91 -35.91
N GLY EI 33 68.75 84.19 -35.63
CA GLY EI 33 67.43 84.69 -35.97
C GLY EI 33 66.40 83.59 -36.00
N TYR EI 34 65.16 84.01 -36.19
CA TYR EI 34 64.02 83.12 -36.14
C TYR EI 34 63.63 82.63 -37.52
N GLU EI 35 63.03 81.45 -37.55
CA GLU EI 35 62.47 80.96 -38.80
C GLU EI 35 61.15 80.25 -38.53
N ASN EI 36 60.08 80.64 -39.22
CA ASN EI 36 58.84 79.89 -39.13
C ASN EI 36 58.51 79.27 -40.48
N VAL EI 37 58.15 78.00 -40.46
CA VAL EI 37 57.86 77.24 -41.66
C VAL EI 37 56.39 76.92 -41.78
N GLY EI 38 55.56 77.55 -40.96
CA GLY EI 38 54.13 77.29 -40.98
C GLY EI 38 53.73 76.15 -40.07
N SER EI 39 52.43 76.06 -39.84
CA SER EI 39 51.82 75.10 -38.92
C SER EI 39 52.14 75.40 -37.46
N GLY EI 40 52.65 76.59 -37.17
CA GLY EI 40 52.93 76.99 -35.82
C GLY EI 40 54.33 76.67 -35.33
N LEU EI 41 55.19 76.13 -36.18
CA LEU EI 41 56.55 75.76 -35.78
C LEU EI 41 57.49 76.92 -36.02
N VAL EI 42 58.27 77.28 -34.99
CA VAL EI 42 59.23 78.37 -35.08
C VAL EI 42 60.54 77.84 -34.54
N THR EI 43 61.63 78.08 -35.25
CA THR EI 43 62.93 77.56 -34.87
C THR EI 43 63.83 78.74 -34.55
N ALA EI 44 64.47 78.67 -33.38
CA ALA EI 44 65.51 79.61 -33.02
C ALA EI 44 66.85 78.92 -33.25
N MET EI 45 67.86 79.71 -33.59
CA MET EI 45 69.15 79.21 -34.07
C MET EI 45 70.27 80.04 -33.49
N VAL EI 46 71.21 79.38 -32.82
CA VAL EI 46 72.35 80.05 -32.21
C VAL EI 46 73.64 79.45 -32.76
N LYS EI 47 74.70 80.25 -32.76
CA LYS EI 47 75.99 79.76 -33.21
C LYS EI 47 77.09 80.20 -32.27
N GLY EI 48 78.03 79.29 -32.02
CA GLY EI 48 79.23 79.62 -31.27
C GLY EI 48 80.07 78.38 -31.02
N ASP EI 49 81.06 78.55 -30.14
CA ASP EI 49 81.90 77.43 -29.71
C ASP EI 49 81.02 76.30 -29.18
N VAL EI 50 81.54 75.08 -29.26
CA VAL EI 50 80.66 73.91 -29.18
C VAL EI 50 80.22 73.62 -27.75
N GLY EI 51 81.12 73.75 -26.78
CA GLY EI 51 80.70 73.57 -25.40
C GLY EI 51 79.69 74.61 -24.97
N ALA EI 52 79.94 75.87 -25.34
CA ALA EI 52 78.99 76.93 -25.10
C ALA EI 52 77.64 76.60 -25.70
N VAL EI 53 77.62 76.13 -26.95
CA VAL EI 53 76.36 75.89 -27.62
C VAL EI 53 75.62 74.73 -26.99
N ASN EI 54 76.33 73.68 -26.58
CA ASN EI 54 75.73 72.55 -25.91
C ASN EI 54 75.01 73.01 -24.64
N ALA EI 55 75.72 73.80 -23.84
CA ALA EI 55 75.16 74.33 -22.59
C ALA EI 55 73.92 75.16 -22.87
N ALA EI 56 74.00 76.04 -23.88
CA ALA EI 56 72.90 76.93 -24.17
C ALA EI 56 71.67 76.17 -24.63
N VAL EI 57 71.86 75.15 -25.47
CA VAL EI 57 70.71 74.45 -26.02
C VAL EI 57 70.01 73.67 -24.92
N ASP EI 58 70.78 73.09 -23.98
CA ASP EI 58 70.16 72.36 -22.89
C ASP EI 58 69.34 73.29 -22.00
N SER EI 59 69.90 74.47 -21.69
CA SER EI 59 69.20 75.45 -20.89
C SER EI 59 67.92 75.88 -21.58
N GLY EI 60 67.99 76.13 -22.89
CA GLY EI 60 66.83 76.62 -23.60
C GLY EI 60 65.74 75.59 -23.72
N VAL EI 61 66.09 74.32 -23.93
CA VAL EI 61 65.08 73.30 -24.05
C VAL EI 61 64.31 73.19 -22.76
N GLU EI 62 65.01 73.25 -21.63
CA GLU EI 62 64.36 73.13 -20.33
C GLU EI 62 63.45 74.32 -20.07
N ALA EI 63 63.91 75.54 -20.38
CA ALA EI 63 63.11 76.73 -20.14
C ALA EI 63 61.90 76.77 -21.04
N ALA EI 64 61.98 76.21 -22.25
CA ALA EI 64 60.82 76.23 -23.11
C ALA EI 64 59.87 75.08 -22.87
N LYS EI 65 60.33 73.94 -22.35
CA LYS EI 65 59.39 72.90 -21.99
C LYS EI 65 58.56 73.31 -20.80
N ARG EI 66 59.17 74.12 -19.92
CA ARG EI 66 58.42 74.60 -18.76
C ARG EI 66 57.10 75.29 -19.16
N ILE EI 67 57.08 75.99 -20.30
CA ILE EI 67 55.95 76.85 -20.63
C ILE EI 67 55.34 76.56 -22.00
N GLY EI 68 55.80 75.55 -22.73
CA GLY EI 68 54.97 75.14 -23.83
C GLY EI 68 55.45 73.82 -24.39
N LYS EI 69 55.37 73.65 -25.69
CA LYS EI 69 55.80 72.40 -26.33
C LYS EI 69 57.10 72.65 -27.07
N VAL EI 70 58.13 71.88 -26.72
CA VAL EI 70 59.36 71.83 -27.48
C VAL EI 70 59.27 70.63 -28.43
N VAL EI 71 59.25 70.92 -29.72
CA VAL EI 71 59.17 69.83 -30.70
C VAL EI 71 60.53 69.18 -30.89
N SER EI 72 61.59 69.98 -30.97
CA SER EI 72 62.86 69.40 -31.39
C SER EI 72 64.06 70.24 -30.96
N SER EI 73 65.17 69.56 -30.68
CA SER EI 73 66.42 70.22 -30.36
C SER EI 73 67.58 69.50 -31.04
N ARG EI 74 68.60 70.28 -31.38
CA ARG EI 74 69.75 69.70 -32.07
C ARG EI 74 70.98 70.59 -31.93
N VAL EI 75 72.15 69.95 -31.91
CA VAL EI 75 73.43 70.63 -32.00
C VAL EI 75 74.24 69.99 -33.13
N ILE EI 76 74.87 70.80 -33.96
CA ILE EI 76 75.73 70.31 -35.01
C ILE EI 76 77.11 70.85 -34.71
N ALA EI 77 78.06 69.96 -34.43
CA ALA EI 77 79.35 70.40 -33.92
C ALA EI 77 80.23 70.98 -35.03
N ARG EI 78 80.37 70.25 -36.13
CA ARG EI 78 81.08 70.75 -37.29
C ARG EI 78 80.11 70.83 -38.46
N PRO EI 79 79.46 71.97 -38.68
CA PRO EI 79 78.53 72.08 -39.81
C PRO EI 79 79.29 72.21 -41.11
N HIS EI 80 78.71 71.63 -42.16
CA HIS EI 80 79.35 71.68 -43.47
C HIS EI 80 79.30 73.10 -44.03
N ASN EI 81 80.28 73.41 -44.88
CA ASN EI 81 80.37 74.77 -45.41
C ASN EI 81 79.25 75.08 -46.39
N ASP EI 82 78.69 74.04 -47.03
CA ASP EI 82 77.52 74.25 -47.87
C ASP EI 82 76.31 74.66 -47.04
N ILE EI 83 76.30 74.31 -45.77
CA ILE EI 83 75.18 74.62 -44.90
C ILE EI 83 75.36 76.00 -44.27
N GLU FI 3 94.42 66.93 -23.65
CA GLU FI 3 93.05 67.09 -24.11
C GLU FI 3 92.24 65.84 -23.84
N ALA FI 4 90.93 65.94 -23.98
CA ALA FI 4 90.04 64.85 -23.60
C ALA FI 4 90.17 63.69 -24.58
N LEU FI 5 89.74 62.53 -24.11
CA LEU FI 5 89.96 61.27 -24.81
C LEU FI 5 88.69 60.43 -24.83
N GLY FI 6 88.20 60.06 -26.01
CA GLY FI 6 87.02 59.24 -26.13
C GLY FI 6 87.40 57.85 -26.63
N LEU FI 7 86.78 56.84 -26.04
CA LEU FI 7 87.01 55.45 -26.38
C LEU FI 7 85.69 54.82 -26.77
N ILE FI 8 85.71 54.07 -27.86
CA ILE FI 8 84.60 53.20 -28.25
C ILE FI 8 85.13 51.82 -28.56
N GLU FI 9 84.61 50.79 -27.90
CA GLU FI 9 85.06 49.43 -28.10
C GLU FI 9 83.89 48.58 -28.54
N THR FI 10 84.10 47.82 -29.62
CA THR FI 10 83.06 47.05 -30.29
C THR FI 10 83.55 45.63 -30.54
N LYS FI 11 82.65 44.82 -31.11
CA LYS FI 11 82.93 43.46 -31.54
C LYS FI 11 83.10 43.46 -33.06
N GLY FI 12 84.30 43.13 -33.51
CA GLY FI 12 84.57 43.09 -34.94
C GLY FI 12 85.06 44.42 -35.47
N LEU FI 13 85.66 44.36 -36.65
CA LEU FI 13 86.33 45.52 -37.22
C LEU FI 13 85.41 46.41 -38.04
N VAL FI 14 84.34 45.86 -38.61
CA VAL FI 14 83.46 46.68 -39.44
C VAL FI 14 82.71 47.71 -38.60
N ALA FI 15 82.18 47.27 -37.45
CA ALA FI 15 81.49 48.20 -36.57
C ALA FI 15 82.45 49.30 -36.10
N CYS FI 16 83.70 48.92 -35.81
CA CYS FI 16 84.65 49.92 -35.32
C CYS FI 16 85.04 50.89 -36.42
N ILE FI 17 85.18 50.43 -37.65
CA ILE FI 17 85.51 51.34 -38.75
C ILE FI 17 84.36 52.31 -38.98
N GLU FI 18 83.13 51.82 -38.89
CA GLU FI 18 81.98 52.70 -39.05
C GLU FI 18 81.90 53.74 -37.94
N ALA FI 19 82.16 53.31 -36.70
CA ALA FI 19 82.17 54.24 -35.58
C ALA FI 19 83.26 55.27 -35.73
N ALA FI 20 84.45 54.88 -36.17
CA ALA FI 20 85.55 55.82 -36.34
C ALA FI 20 85.24 56.85 -37.42
N ASP FI 21 84.64 56.40 -38.52
CA ASP FI 21 84.24 57.31 -39.59
C ASP FI 21 83.23 58.32 -39.08
N ALA FI 22 82.23 57.85 -38.33
CA ALA FI 22 81.21 58.75 -37.81
C ALA FI 22 81.80 59.75 -36.84
N MET FI 23 82.73 59.31 -35.98
CA MET FI 23 83.35 60.20 -35.02
C MET FI 23 84.16 61.28 -35.72
N CYS FI 24 84.94 60.90 -36.72
CA CYS FI 24 85.76 61.87 -37.42
C CYS FI 24 84.92 62.84 -38.22
N LYS FI 25 83.74 62.40 -38.68
CA LYS FI 25 82.87 63.34 -39.38
C LYS FI 25 82.20 64.32 -38.43
N ALA FI 26 81.65 63.85 -37.31
CA ALA FI 26 80.73 64.69 -36.56
C ALA FI 26 81.37 65.65 -35.57
N ALA FI 27 82.68 65.86 -35.61
CA ALA FI 27 83.31 66.81 -34.69
C ALA FI 27 84.77 66.99 -35.08
N ASN FI 28 85.38 68.02 -34.51
CA ASN FI 28 86.79 68.32 -34.77
C ASN FI 28 87.65 67.56 -33.77
N VAL FI 29 87.87 66.28 -34.07
CA VAL FI 29 88.67 65.40 -33.24
C VAL FI 29 89.77 64.79 -34.09
N GLU FI 30 90.76 64.23 -33.43
CA GLU FI 30 91.87 63.54 -34.08
C GLU FI 30 91.80 62.06 -33.73
N LEU FI 31 91.93 61.21 -34.74
CA LEU FI 31 91.89 59.77 -34.53
C LEU FI 31 93.28 59.28 -34.16
N ILE FI 32 93.42 58.72 -32.96
CA ILE FI 32 94.70 58.15 -32.55
C ILE FI 32 94.90 56.78 -33.19
N GLY FI 33 93.94 55.88 -33.01
CA GLY FI 33 93.96 54.67 -33.79
C GLY FI 33 93.18 53.53 -33.16
N TYR FI 34 93.42 52.35 -33.72
CA TYR FI 34 92.75 51.12 -33.33
C TYR FI 34 93.64 50.28 -32.44
N GLU FI 35 92.99 49.61 -31.50
CA GLU FI 35 93.66 48.63 -30.65
C GLU FI 35 92.79 47.39 -30.54
N ASN FI 36 93.34 46.24 -30.88
CA ASN FI 36 92.52 45.06 -30.71
C ASN FI 36 93.14 44.14 -29.66
N VAL FI 37 92.26 43.49 -28.92
CA VAL FI 37 92.68 42.65 -27.80
C VAL FI 37 92.17 41.22 -27.93
N GLY FI 38 92.00 40.75 -29.15
CA GLY FI 38 91.52 39.39 -29.35
C GLY FI 38 90.10 39.21 -28.89
N SER FI 39 89.54 38.03 -29.13
CA SER FI 39 88.11 37.76 -28.91
C SER FI 39 87.23 38.65 -29.77
N GLY FI 40 87.80 39.30 -30.78
CA GLY FI 40 87.05 40.21 -31.61
C GLY FI 40 86.84 41.59 -31.02
N LEU FI 41 87.36 41.85 -29.82
CA LEU FI 41 87.21 43.17 -29.22
C LEU FI 41 88.22 44.12 -29.84
N VAL FI 42 87.71 45.24 -30.35
CA VAL FI 42 88.51 46.27 -31.00
C VAL FI 42 88.05 47.62 -30.49
N THR FI 43 88.99 48.48 -30.07
CA THR FI 43 88.69 49.78 -29.52
C THR FI 43 89.25 50.83 -30.47
N ALA FI 44 88.52 51.93 -30.62
CA ALA FI 44 88.96 53.09 -31.36
C ALA FI 44 89.15 54.23 -30.39
N MET FI 45 90.20 55.04 -30.59
CA MET FI 45 90.45 56.14 -29.66
C MET FI 45 90.53 57.47 -30.41
N VAL FI 46 89.79 58.47 -29.92
CA VAL FI 46 89.84 59.82 -30.47
C VAL FI 46 90.28 60.80 -29.40
N LYS FI 47 90.91 61.88 -29.83
CA LYS FI 47 91.48 62.86 -28.93
C LYS FI 47 91.12 64.26 -29.37
N GLY FI 48 90.63 65.08 -28.45
CA GLY FI 48 90.39 66.47 -28.73
C GLY FI 48 89.76 67.19 -27.55
N ASP FI 49 89.36 68.44 -27.79
CA ASP FI 49 88.68 69.22 -26.76
C ASP FI 49 87.47 68.48 -26.25
N VAL FI 50 87.01 68.89 -25.06
CA VAL FI 50 86.11 68.04 -24.28
C VAL FI 50 84.74 67.94 -24.92
N GLY FI 51 84.14 69.09 -25.26
CA GLY FI 51 82.81 69.05 -25.86
C GLY FI 51 82.84 68.43 -27.24
N ALA FI 52 83.89 68.73 -28.00
CA ALA FI 52 84.10 68.07 -29.28
C ALA FI 52 84.06 66.56 -29.11
N VAL FI 53 84.82 66.03 -28.15
CA VAL FI 53 84.94 64.60 -27.99
C VAL FI 53 83.65 64.00 -27.47
N ASN FI 54 82.96 64.71 -26.59
CA ASN FI 54 81.67 64.24 -26.10
C ASN FI 54 80.72 64.01 -27.26
N ALA FI 55 80.59 65.02 -28.13
CA ALA FI 55 79.74 64.94 -29.30
C ALA FI 55 80.18 63.83 -30.24
N ALA FI 56 81.49 63.70 -30.45
CA ALA FI 56 81.98 62.71 -31.37
C ALA FI 56 81.66 61.31 -30.89
N VAL FI 57 81.83 61.05 -29.59
CA VAL FI 57 81.60 59.72 -29.07
C VAL FI 57 80.13 59.36 -29.13
N ASP FI 58 79.26 60.34 -28.86
CA ASP FI 58 77.82 60.10 -28.97
C ASP FI 58 77.47 59.66 -30.39
N SER FI 59 77.97 60.43 -31.36
CA SER FI 59 77.68 60.14 -32.77
C SER FI 59 78.28 58.82 -33.21
N GLY FI 60 79.49 58.49 -32.74
CA GLY FI 60 80.10 57.24 -33.13
C GLY FI 60 79.35 56.04 -32.61
N VAL FI 61 78.88 56.11 -31.36
CA VAL FI 61 78.16 54.99 -30.79
C VAL FI 61 76.84 54.80 -31.51
N GLU FI 62 76.18 55.90 -31.87
CA GLU FI 62 74.89 55.78 -32.52
C GLU FI 62 75.05 55.21 -33.92
N ALA FI 63 76.15 55.54 -34.59
CA ALA FI 63 76.43 54.95 -35.89
C ALA FI 63 76.82 53.49 -35.77
N ALA FI 64 77.59 53.12 -34.75
CA ALA FI 64 78.09 51.75 -34.69
C ALA FI 64 77.01 50.75 -34.31
N LYS FI 65 76.27 51.00 -33.22
CA LYS FI 65 75.22 50.09 -32.77
C LYS FI 65 74.23 49.74 -33.87
N ARG FI 66 74.15 50.58 -34.90
CA ARG FI 66 73.17 50.39 -35.96
C ARG FI 66 73.46 49.16 -36.79
N ILE FI 67 74.73 48.80 -36.94
CA ILE FI 67 75.13 47.63 -37.72
C ILE FI 67 75.79 46.57 -36.87
N GLY FI 68 76.29 46.89 -35.69
CA GLY FI 68 77.00 45.91 -34.89
C GLY FI 68 76.67 46.01 -33.42
N LYS FI 69 77.59 45.54 -32.60
CA LYS FI 69 77.44 45.56 -31.16
C LYS FI 69 78.48 46.52 -30.59
N VAL FI 70 78.01 47.56 -29.90
CA VAL FI 70 78.88 48.47 -29.18
C VAL FI 70 79.00 47.95 -27.76
N VAL FI 71 80.16 47.40 -27.43
CA VAL FI 71 80.36 46.88 -26.07
C VAL FI 71 80.46 48.02 -25.08
N SER FI 72 81.18 49.08 -25.43
CA SER FI 72 81.48 50.09 -24.42
C SER FI 72 81.85 51.44 -25.01
N SER FI 73 81.50 52.50 -24.28
CA SER FI 73 81.85 53.86 -24.65
C SER FI 73 82.23 54.66 -23.41
N ARG FI 74 83.21 55.54 -23.60
CA ARG FI 74 83.72 56.30 -22.47
C ARG FI 74 84.40 57.59 -22.93
N VAL FI 75 84.35 58.62 -22.08
CA VAL FI 75 85.07 59.86 -22.30
C VAL FI 75 85.81 60.22 -21.01
N ILE FI 76 87.11 60.46 -21.11
CA ILE FI 76 87.92 60.95 -20.00
C ILE FI 76 88.24 62.39 -20.30
N ALA FI 77 87.75 63.31 -19.45
CA ALA FI 77 87.88 64.73 -19.73
C ALA FI 77 89.33 65.19 -19.64
N ARG FI 78 90.06 64.71 -18.63
CA ARG FI 78 91.47 65.05 -18.47
C ARG FI 78 92.21 63.80 -18.03
N PRO FI 79 92.84 63.09 -18.96
CA PRO FI 79 93.57 61.88 -18.57
C PRO FI 79 94.87 62.22 -17.87
N HIS FI 80 95.28 61.34 -16.98
CA HIS FI 80 96.58 61.46 -16.35
C HIS FI 80 97.67 61.31 -17.40
N ASN FI 81 98.82 61.93 -17.14
CA ASN FI 81 99.92 61.86 -18.10
C ASN FI 81 100.43 60.45 -18.29
N ASP FI 82 100.21 59.55 -17.33
CA ASP FI 82 100.66 58.17 -17.48
C ASP FI 82 99.82 57.43 -18.51
N ILE FI 83 98.53 57.72 -18.57
CA ILE FI 83 97.64 57.07 -19.53
C ILE FI 83 98.04 57.38 -20.97
N GLU FI 84 98.74 58.50 -21.18
CA GLU FI 84 99.20 58.92 -22.49
C GLU FI 84 100.53 58.27 -22.86
N LYS FI 85 100.87 57.18 -22.20
CA LYS FI 85 101.90 56.26 -22.66
C LYS FI 85 101.36 54.85 -22.84
N ILE FI 86 100.18 54.55 -22.31
CA ILE FI 86 99.47 53.35 -22.68
C ILE FI 86 98.70 53.55 -23.97
N ALA FI 87 98.08 54.72 -24.15
CA ALA FI 87 97.29 54.97 -25.34
C ALA FI 87 98.20 55.05 -26.56
N GLY FI 88 99.08 56.04 -26.56
CA GLY FI 88 100.03 56.21 -27.65
C GLY FI 88 101.38 55.59 -27.38
#